data_7X30
#
_entry.id   7X30
#
loop_
_entity.id
_entity.type
_entity.pdbx_description
1 polymer 'Major structural protein ORF12'
2 polymer 'Hoc-like protein ORF90'
#
loop_
_entity_poly.entity_id
_entity_poly.type
_entity_poly.pdbx_seq_one_letter_code
_entity_poly.pdbx_strand_id
1 'polypeptide(L)'
;MLNPNRIKDEFSVRLEDIENSINESYNLSTIGGDFAAIATDDAVFESYKDQLLEGFDAAEGEALAGMLDNTREEILMESS
MGPIQPYASLSMPILVKLWARLALTEALPTQVANKPNFTVPILTPYVVDADGNKHALPESINNTPETLVGLVQIKEDIAV
EGGKVTDYDLFTGLKEGKEVRKGIDRLDRKFKIVEAKWSDSFDERTSAAGFVELGSNVVKLQDNDTLVGQIKYPTNGDGE
VETDTILGKVDVSSGELTLTSASGKLTDVKVKGYVASEQHTSATNVELGLTRKDVVIDTAQHIEATVPLEVIQDMKATYD
IDGVARLSETMSQLSSQKVDLDIIEFLDHEYKETDAKYHFSFDVFPHSDYSAHPKDWLEGLREVIDHTTQSMKNDYKLYD
VQFVIVGNPLDVRLIPNVSWTFNGGDRNADAYSNGIKINYSLGAASGTANYRIIGSDLVRQGELTIIAIPQQDNYKTFMF
YPYTFNVVNGGGYLNTRNPNVPNMMMTRRYTVESFVPIIGRITIKNNNGSVYAR
;
A,a,b,c,d,e,f,g,h,i,j,k,l,m,n,o,p,q,r,s,t,u,v,w,x,y,z
2 'polypeptide(L)'
;MATTNYFKVKLLDEKLIPFLGLGERGPRENVILSSNDLASLKQAGWTVTDVQPLPETGKIKYDRRTVYFKSEGETGKFIN
VPFYINPVDARDVLGLLKFDLIKLSDKSVVKTYTAKDIKSEILSLPTSDLEVNEEYELKLYFPKDASENYDIAISEGHKN
LFERVKDSVFIKVKEYGKFTGRLVQLQQDINVLKESALPLDKILGYKDFDTKEVTPVAKENLLQLLSVNVSDESYARYQA
DKNRLLFFSKTGEILVKVIERSIQDNIVNFNIRILDEETIQNEIDKKIEYSVYDPKDGKFESINQTKSITVTPETVNIEA
EQTQKLEVTTEPEGRKVSFELKDGSEFASVDNNGNITGISEGTANVTVKSDDVSKNVEVNVSRLKTKSLTVTPEEVNIDA
ESTQQLDVKIQPSTNSVSYSITEGSEYASVNNSGLVTAKAAGTAKVKVTSDSVSKDVSVTISTSQVEETPEETTTE
;
P,Q,R,S
#
# COMPACT_ATOMS: atom_id res chain seq x y z
N MET A 81 -4.76 -214.51 -47.14
CA MET A 81 -4.50 -215.39 -46.00
C MET A 81 -5.40 -215.04 -44.82
N GLY A 82 -5.26 -215.79 -43.75
CA GLY A 82 -5.99 -215.57 -42.52
C GLY A 82 -5.70 -214.25 -41.82
N PRO A 83 -4.48 -214.06 -41.34
CA PRO A 83 -4.17 -212.83 -40.58
C PRO A 83 -4.19 -211.54 -41.40
N ILE A 84 -4.24 -211.61 -42.73
CA ILE A 84 -4.37 -210.40 -43.53
C ILE A 84 -5.78 -209.85 -43.37
N GLN A 85 -5.89 -208.60 -42.95
CA GLN A 85 -7.20 -207.97 -42.85
C GLN A 85 -7.69 -207.60 -44.24
N PRO A 86 -8.90 -207.98 -44.62
CA PRO A 86 -9.39 -207.70 -45.98
C PRO A 86 -9.74 -206.23 -46.14
N TYR A 87 -9.15 -205.60 -47.16
CA TYR A 87 -9.33 -204.18 -47.42
C TYR A 87 -10.17 -204.03 -48.68
N ALA A 88 -11.34 -203.42 -48.54
CA ALA A 88 -12.28 -203.25 -49.65
C ALA A 88 -11.96 -201.93 -50.34
N SER A 89 -11.25 -202.02 -51.46
CA SER A 89 -10.94 -200.83 -52.24
C SER A 89 -12.19 -200.34 -52.99
N LEU A 90 -12.07 -199.14 -53.56
CA LEU A 90 -13.18 -198.50 -54.23
C LEU A 90 -13.16 -198.81 -55.72
N SER A 91 -14.35 -199.05 -56.27
CA SER A 91 -14.52 -199.25 -57.70
C SER A 91 -14.70 -197.90 -58.39
N MET A 92 -14.31 -197.85 -59.67
CA MET A 92 -14.27 -196.56 -60.36
C MET A 92 -15.65 -196.03 -60.76
N PRO A 93 -16.50 -196.75 -61.59
CA PRO A 93 -17.71 -196.09 -62.10
C PRO A 93 -18.79 -196.02 -61.04
N ILE A 94 -19.20 -194.80 -60.69
CA ILE A 94 -20.18 -194.60 -59.64
C ILE A 94 -21.56 -194.94 -60.19
N LEU A 95 -22.25 -195.87 -59.54
CA LEU A 95 -23.57 -196.26 -59.97
C LEU A 95 -24.60 -195.22 -59.53
N VAL A 96 -25.50 -194.88 -60.45
CA VAL A 96 -26.54 -193.89 -60.20
C VAL A 96 -27.88 -194.63 -60.25
N LYS A 97 -28.47 -194.86 -59.08
CA LYS A 97 -29.78 -195.50 -59.03
C LYS A 97 -30.84 -194.51 -59.51
N LEU A 98 -31.14 -194.56 -60.81
CA LEU A 98 -32.03 -193.62 -61.47
C LEU A 98 -32.75 -194.37 -62.58
N TRP A 99 -33.32 -193.63 -63.52
CA TRP A 99 -34.00 -194.22 -64.66
C TRP A 99 -33.10 -194.17 -65.90
N ALA A 100 -33.68 -194.57 -67.02
CA ALA A 100 -33.09 -194.31 -68.34
C ALA A 100 -34.17 -194.00 -69.36
N ARG A 101 -35.26 -193.36 -68.93
CA ARG A 101 -36.41 -193.18 -69.81
C ARG A 101 -36.12 -192.10 -70.85
N LEU A 102 -36.94 -192.10 -71.90
CA LEU A 102 -36.84 -191.16 -73.00
C LEU A 102 -37.79 -189.99 -72.75
N ALA A 103 -37.29 -188.78 -73.02
CA ALA A 103 -38.11 -187.59 -72.85
C ALA A 103 -39.16 -187.49 -73.95
N LEU A 104 -40.37 -187.12 -73.58
CA LEU A 104 -41.44 -186.93 -74.56
C LEU A 104 -41.26 -185.66 -75.38
N THR A 105 -40.29 -184.81 -74.99
CA THR A 105 -39.94 -183.65 -75.80
C THR A 105 -39.34 -184.04 -77.15
N GLU A 106 -38.71 -185.22 -77.23
CA GLU A 106 -38.32 -185.75 -78.54
C GLU A 106 -39.53 -186.24 -79.32
N ALA A 107 -40.66 -186.48 -78.66
CA ALA A 107 -41.91 -186.89 -79.31
C ALA A 107 -42.83 -185.69 -79.52
N LEU A 108 -42.26 -184.53 -79.82
CA LEU A 108 -42.99 -183.29 -80.01
C LEU A 108 -42.07 -182.32 -80.73
N PRO A 109 -42.60 -181.49 -81.64
CA PRO A 109 -41.74 -180.49 -82.27
C PRO A 109 -41.34 -179.42 -81.29
N THR A 110 -40.12 -178.90 -81.48
CA THR A 110 -39.52 -177.95 -80.55
C THR A 110 -39.16 -176.69 -81.31
N GLN A 111 -39.65 -175.56 -80.84
CA GLN A 111 -39.26 -174.25 -81.35
C GLN A 111 -38.84 -173.40 -80.15
N VAL A 112 -37.61 -172.89 -80.19
CA VAL A 112 -37.11 -172.10 -79.08
C VAL A 112 -37.78 -170.72 -79.10
N ALA A 113 -38.18 -170.26 -77.92
CA ALA A 113 -38.88 -168.99 -77.78
C ALA A 113 -37.94 -167.95 -77.18
N ASN A 114 -37.88 -166.77 -77.81
CA ASN A 114 -37.06 -165.68 -77.33
C ASN A 114 -37.80 -164.76 -76.39
N LYS A 115 -39.06 -164.47 -76.66
CA LYS A 115 -39.81 -163.68 -75.69
C LYS A 115 -40.72 -164.58 -74.89
N PRO A 116 -40.90 -164.32 -73.59
CA PRO A 116 -41.77 -165.16 -72.77
C PRO A 116 -43.25 -164.88 -72.94
N ASN A 117 -43.62 -163.90 -73.76
CA ASN A 117 -45.04 -163.61 -73.97
C ASN A 117 -45.16 -163.11 -75.42
N PHE A 118 -45.48 -164.03 -76.32
CA PHE A 118 -45.56 -163.74 -77.75
C PHE A 118 -46.87 -164.28 -78.30
N THR A 119 -47.21 -163.81 -79.50
CA THR A 119 -48.43 -164.23 -80.18
C THR A 119 -48.06 -164.93 -81.48
N VAL A 120 -48.98 -165.79 -81.93
CA VAL A 120 -48.82 -166.52 -83.18
C VAL A 120 -50.05 -166.23 -84.04
N PRO A 121 -49.89 -165.71 -85.25
CA PRO A 121 -51.05 -165.45 -86.10
C PRO A 121 -51.44 -166.67 -86.92
N ILE A 122 -52.75 -166.91 -87.04
CA ILE A 122 -53.22 -167.95 -87.95
C ILE A 122 -53.83 -167.29 -89.17
N LEU A 123 -53.25 -167.54 -90.34
CA LEU A 123 -53.66 -166.89 -91.57
C LEU A 123 -54.54 -167.84 -92.37
N THR A 124 -55.85 -167.58 -92.40
CA THR A 124 -56.73 -168.43 -93.19
C THR A 124 -57.31 -167.64 -94.36
N PRO A 125 -57.52 -168.30 -95.49
CA PRO A 125 -58.23 -167.64 -96.60
C PRO A 125 -59.73 -167.75 -96.42
N TYR A 126 -60.49 -167.16 -97.34
CA TYR A 126 -61.94 -167.16 -97.25
C TYR A 126 -62.51 -167.07 -98.65
N VAL A 127 -63.48 -167.92 -98.93
CA VAL A 127 -64.21 -167.84 -100.18
C VAL A 127 -65.45 -166.99 -99.94
N VAL A 128 -65.90 -166.30 -100.98
CA VAL A 128 -67.00 -165.35 -100.89
C VAL A 128 -68.18 -165.91 -101.66
N ASP A 129 -69.32 -166.02 -101.00
CA ASP A 129 -70.54 -166.48 -101.64
C ASP A 129 -71.08 -165.38 -102.55
N ALA A 130 -72.03 -165.75 -103.41
CA ALA A 130 -72.62 -164.79 -104.33
C ALA A 130 -73.48 -163.76 -103.61
N ASP A 131 -74.03 -164.10 -102.44
CA ASP A 131 -74.82 -163.15 -101.67
C ASP A 131 -73.97 -162.37 -100.66
N GLY A 132 -72.65 -162.31 -100.86
CA GLY A 132 -71.78 -161.57 -99.99
C GLY A 132 -71.33 -162.30 -98.74
N ASN A 133 -71.77 -163.54 -98.53
CA ASN A 133 -71.36 -164.30 -97.37
C ASN A 133 -69.93 -164.79 -97.52
N LYS A 134 -69.36 -165.26 -96.41
CA LYS A 134 -67.99 -165.72 -96.37
C LYS A 134 -67.93 -167.14 -95.82
N HIS A 135 -67.08 -167.97 -96.42
CA HIS A 135 -66.86 -169.32 -95.96
C HIS A 135 -65.37 -169.61 -95.97
N ALA A 136 -64.92 -170.40 -95.01
CA ALA A 136 -63.51 -170.75 -94.91
C ALA A 136 -63.11 -171.67 -96.04
N LEU A 137 -61.87 -171.56 -96.48
CA LEU A 137 -61.38 -172.33 -97.62
C LEU A 137 -61.20 -173.84 -97.37
N PRO A 138 -60.78 -174.32 -96.18
CA PRO A 138 -60.84 -175.77 -95.96
C PRO A 138 -62.25 -176.34 -95.99
N GLU A 139 -63.17 -175.78 -95.21
CA GLU A 139 -64.57 -176.19 -95.28
C GLU A 139 -65.28 -175.29 -96.30
N SER A 140 -64.98 -175.56 -97.57
CA SER A 140 -65.58 -174.85 -98.69
C SER A 140 -66.18 -175.80 -99.71
N ILE A 141 -66.28 -177.09 -99.38
CA ILE A 141 -66.73 -178.10 -100.32
C ILE A 141 -67.98 -178.82 -99.80
N ASN A 142 -67.97 -179.22 -98.52
CA ASN A 142 -68.88 -180.28 -98.09
C ASN A 142 -70.30 -179.78 -97.82
N ASN A 143 -70.49 -178.94 -96.81
CA ASN A 143 -71.85 -178.68 -96.32
C ASN A 143 -72.56 -177.57 -97.10
N THR A 144 -72.07 -176.33 -96.99
CA THR A 144 -72.77 -175.20 -97.57
C THR A 144 -72.53 -174.90 -99.06
N PRO A 145 -71.29 -174.68 -99.53
CA PRO A 145 -71.14 -173.88 -100.75
C PRO A 145 -71.24 -174.68 -102.05
N GLU A 146 -71.62 -173.95 -103.10
CA GLU A 146 -71.60 -174.44 -104.46
C GLU A 146 -70.93 -173.44 -105.39
N THR A 147 -70.17 -172.49 -104.83
CA THR A 147 -69.47 -171.47 -105.59
C THR A 147 -68.15 -171.96 -106.17
N LEU A 148 -67.83 -173.24 -106.01
CA LEU A 148 -66.63 -173.82 -106.59
C LEU A 148 -66.91 -174.44 -107.97
N VAL A 149 -68.06 -174.12 -108.57
CA VAL A 149 -68.41 -174.70 -109.87
C VAL A 149 -67.66 -174.05 -111.02
N GLY A 150 -67.00 -172.92 -110.79
CA GLY A 150 -66.18 -172.29 -111.81
C GLY A 150 -67.00 -171.54 -112.84
N LEU A 151 -67.66 -172.28 -113.73
CA LEU A 151 -68.46 -171.65 -114.82
C LEU A 151 -69.96 -171.74 -114.49
N VAL A 152 -70.78 -170.97 -115.22
CA VAL A 152 -72.25 -170.97 -114.96
C VAL A 152 -72.91 -171.99 -115.89
N GLN A 153 -73.29 -173.16 -115.36
CA GLN A 153 -73.95 -174.21 -116.19
C GLN A 153 -75.32 -173.69 -116.66
N ILE A 154 -75.63 -173.88 -117.94
CA ILE A 154 -76.92 -173.37 -118.51
C ILE A 154 -78.06 -174.34 -118.23
N LYS A 155 -79.30 -173.88 -118.41
CA LYS A 155 -80.48 -174.72 -118.19
C LYS A 155 -80.41 -175.95 -119.09
N GLU A 156 -80.59 -177.12 -118.48
CA GLU A 156 -80.31 -178.37 -119.18
C GLU A 156 -81.35 -178.74 -120.21
N ASP A 157 -82.61 -178.39 -120.00
CA ASP A 157 -83.70 -178.88 -120.83
C ASP A 157 -84.06 -177.86 -121.92
N ILE A 158 -84.34 -178.38 -123.10
CA ILE A 158 -84.78 -177.56 -124.23
C ILE A 158 -85.86 -178.33 -124.99
N ALA A 159 -86.98 -177.66 -125.26
CA ALA A 159 -88.14 -178.29 -125.87
C ALA A 159 -88.15 -178.05 -127.37
N VAL A 160 -88.28 -179.13 -128.14
CA VAL A 160 -88.39 -179.05 -129.60
C VAL A 160 -89.83 -179.27 -130.07
N GLU A 161 -90.77 -179.53 -129.14
CA GLU A 161 -92.22 -179.54 -129.27
C GLU A 161 -92.80 -180.40 -130.40
N GLY A 162 -91.99 -181.27 -130.99
CA GLY A 162 -92.44 -182.00 -132.16
C GLY A 162 -91.93 -181.34 -133.42
N GLY A 163 -90.92 -181.95 -134.03
CA GLY A 163 -90.33 -181.42 -135.22
C GLY A 163 -89.09 -180.60 -134.94
N LYS A 164 -89.18 -179.28 -135.12
CA LYS A 164 -88.01 -178.41 -135.10
C LYS A 164 -88.35 -177.13 -134.36
N VAL A 165 -87.37 -176.59 -133.65
CA VAL A 165 -87.49 -175.26 -133.05
C VAL A 165 -86.23 -174.48 -133.43
N THR A 166 -86.40 -173.21 -133.76
CA THR A 166 -85.31 -172.37 -134.21
C THR A 166 -85.14 -171.17 -133.28
N ASP A 167 -83.88 -170.69 -133.23
CA ASP A 167 -83.47 -169.47 -132.51
C ASP A 167 -83.81 -169.55 -131.03
N TYR A 168 -83.61 -170.73 -130.44
CA TYR A 168 -83.87 -170.91 -129.02
C TYR A 168 -82.77 -170.24 -128.20
N ASP A 169 -83.18 -169.36 -127.29
CA ASP A 169 -82.22 -168.73 -126.40
C ASP A 169 -81.76 -169.73 -125.35
N LEU A 170 -80.46 -169.97 -125.29
CA LEU A 170 -79.91 -170.96 -124.38
C LEU A 170 -79.63 -170.41 -122.99
N PHE A 171 -80.03 -169.18 -122.71
CA PHE A 171 -79.77 -168.54 -121.42
C PHE A 171 -81.05 -168.26 -120.64
N THR A 172 -82.14 -168.95 -120.94
CA THR A 172 -83.36 -168.76 -120.18
C THR A 172 -83.26 -169.41 -118.81
N GLY A 173 -83.91 -168.81 -117.83
CA GLY A 173 -83.87 -169.27 -116.45
C GLY A 173 -82.70 -168.74 -115.65
N LEU A 174 -81.61 -168.38 -116.31
CA LEU A 174 -80.43 -167.87 -115.62
C LEU A 174 -80.61 -166.39 -115.32
N LYS A 175 -80.26 -165.99 -114.11
CA LYS A 175 -80.52 -164.63 -113.66
C LYS A 175 -79.56 -163.64 -114.30
N GLU A 176 -80.09 -162.47 -114.63
CA GLU A 176 -79.32 -161.45 -115.34
C GLU A 176 -78.37 -160.74 -114.40
N GLY A 177 -77.21 -160.34 -114.93
CA GLY A 177 -76.26 -159.55 -114.18
C GLY A 177 -75.27 -160.37 -113.40
N LYS A 178 -75.75 -161.16 -112.44
CA LYS A 178 -74.85 -161.92 -111.58
C LYS A 178 -74.37 -163.20 -112.24
N GLU A 179 -75.14 -163.74 -113.18
CA GLU A 179 -74.74 -164.94 -113.92
C GLU A 179 -74.56 -164.64 -115.40
N VAL A 180 -75.57 -164.09 -116.05
CA VAL A 180 -75.51 -163.81 -117.48
C VAL A 180 -75.52 -162.31 -117.71
N ARG A 181 -75.07 -161.92 -118.90
CA ARG A 181 -75.06 -160.53 -119.35
C ARG A 181 -75.35 -160.58 -120.85
N LYS A 182 -76.62 -160.43 -121.20
CA LYS A 182 -77.09 -160.75 -122.55
C LYS A 182 -76.53 -159.78 -123.59
N GLY A 183 -76.17 -160.32 -124.74
CA GLY A 183 -75.53 -159.57 -125.80
C GLY A 183 -74.01 -159.53 -125.70
N ILE A 184 -73.47 -159.48 -124.49
CA ILE A 184 -72.03 -159.50 -124.27
C ILE A 184 -71.53 -160.90 -123.95
N ASP A 185 -72.42 -161.82 -123.60
CA ASP A 185 -72.05 -163.18 -123.23
C ASP A 185 -71.62 -163.99 -124.44
N ARG A 186 -71.23 -165.24 -124.16
CA ARG A 186 -70.83 -166.18 -125.21
C ARG A 186 -70.98 -167.59 -124.66
N LEU A 187 -71.75 -168.42 -125.35
CA LEU A 187 -71.72 -169.84 -125.08
C LEU A 187 -70.38 -170.40 -125.51
N ASP A 188 -69.70 -171.12 -124.63
CA ASP A 188 -68.39 -171.63 -124.98
C ASP A 188 -68.50 -172.85 -125.90
N ARG A 189 -67.36 -173.28 -126.41
CA ARG A 189 -67.31 -174.33 -127.43
C ARG A 189 -67.18 -175.73 -126.85
N LYS A 190 -67.69 -175.94 -125.64
CA LYS A 190 -67.82 -177.28 -125.07
C LYS A 190 -69.29 -177.68 -124.95
N PHE A 191 -70.09 -177.23 -125.92
CA PHE A 191 -71.51 -177.53 -125.90
C PHE A 191 -71.77 -178.96 -126.36
N LYS A 192 -72.36 -179.75 -125.46
CA LYS A 192 -72.64 -181.15 -125.75
C LYS A 192 -74.06 -181.44 -125.29
N ILE A 193 -74.78 -182.25 -126.06
CA ILE A 193 -76.08 -182.74 -125.60
C ILE A 193 -75.88 -184.14 -125.04
N VAL A 194 -76.67 -184.48 -124.02
CA VAL A 194 -76.52 -185.74 -123.34
C VAL A 194 -77.70 -186.69 -123.56
N GLU A 195 -78.93 -186.17 -123.67
CA GLU A 195 -80.08 -186.99 -123.95
C GLU A 195 -80.78 -186.51 -125.22
N ALA A 196 -81.73 -187.31 -125.67
CA ALA A 196 -82.60 -186.94 -126.79
C ALA A 196 -83.87 -187.76 -126.64
N LYS A 197 -84.98 -187.11 -126.28
CA LYS A 197 -86.24 -187.81 -126.08
C LYS A 197 -87.11 -187.63 -127.31
N TRP A 198 -87.46 -188.74 -127.96
CA TRP A 198 -88.32 -188.73 -129.12
C TRP A 198 -89.77 -188.85 -128.65
N SER A 199 -90.70 -189.16 -129.56
CA SER A 199 -92.12 -189.22 -129.23
C SER A 199 -92.40 -190.32 -128.23
N ASP A 200 -92.13 -191.57 -128.60
CA ASP A 200 -91.98 -192.63 -127.61
C ASP A 200 -90.84 -193.54 -128.10
N SER A 201 -89.70 -193.44 -127.43
CA SER A 201 -88.66 -194.42 -127.72
C SER A 201 -88.68 -195.50 -126.65
N PHE A 202 -88.19 -195.15 -125.47
CA PHE A 202 -87.88 -196.06 -124.38
C PHE A 202 -87.32 -195.21 -123.26
N ASP A 203 -87.13 -195.84 -122.10
CA ASP A 203 -86.38 -195.23 -121.02
C ASP A 203 -85.26 -196.19 -120.64
N GLU A 204 -84.05 -195.64 -120.44
CA GLU A 204 -82.93 -196.49 -120.08
C GLU A 204 -83.02 -196.95 -118.63
N ARG A 205 -83.50 -196.08 -117.75
CA ARG A 205 -83.56 -196.41 -116.33
C ARG A 205 -84.75 -197.30 -116.02
N THR A 206 -85.96 -196.82 -116.34
CA THR A 206 -87.18 -197.58 -116.17
C THR A 206 -87.42 -198.42 -117.44
N SER A 207 -88.64 -198.94 -117.58
CA SER A 207 -89.00 -199.73 -118.76
C SER A 207 -90.01 -199.02 -119.66
N ALA A 208 -90.47 -197.83 -119.30
CA ALA A 208 -91.46 -197.11 -120.08
C ALA A 208 -90.77 -196.31 -121.19
N ALA A 209 -91.52 -195.39 -121.80
CA ALA A 209 -90.96 -194.51 -122.82
C ALA A 209 -90.48 -193.21 -122.17
N GLY A 210 -89.36 -192.70 -122.64
CA GLY A 210 -88.75 -191.53 -122.03
C GLY A 210 -87.48 -191.08 -122.72
N PHE A 211 -86.45 -190.81 -121.92
CA PHE A 211 -85.20 -190.26 -122.44
C PHE A 211 -84.29 -191.35 -122.98
N VAL A 212 -83.26 -190.92 -123.71
CA VAL A 212 -82.28 -191.81 -124.32
C VAL A 212 -80.91 -191.34 -123.88
N GLU A 213 -80.23 -192.14 -123.07
CA GLU A 213 -78.86 -191.83 -122.68
C GLU A 213 -77.92 -192.13 -123.84
N LEU A 214 -77.21 -191.11 -124.31
CA LEU A 214 -76.30 -191.25 -125.46
C LEU A 214 -74.94 -191.69 -124.95
N GLY A 215 -74.82 -192.98 -124.69
CA GLY A 215 -73.55 -193.52 -124.23
C GLY A 215 -72.51 -193.55 -125.34
N SER A 216 -71.54 -192.64 -125.25
CA SER A 216 -70.51 -192.37 -126.28
C SER A 216 -71.13 -192.02 -127.64
N ASN A 217 -72.36 -191.49 -127.62
CA ASN A 217 -73.05 -191.03 -128.81
C ASN A 217 -73.44 -189.56 -128.69
N VAL A 218 -72.74 -188.82 -127.84
CA VAL A 218 -73.07 -187.42 -127.59
C VAL A 218 -72.68 -186.58 -128.79
N VAL A 219 -73.45 -185.52 -129.02
CA VAL A 219 -73.23 -184.63 -130.16
C VAL A 219 -72.48 -183.42 -129.61
N LYS A 220 -71.15 -183.50 -129.65
CA LYS A 220 -70.34 -182.37 -129.26
C LYS A 220 -70.20 -181.39 -130.41
N LEU A 221 -69.70 -180.19 -130.10
CA LEU A 221 -69.61 -179.14 -131.10
C LEU A 221 -68.47 -179.42 -132.06
N GLN A 222 -68.80 -179.54 -133.35
CA GLN A 222 -67.80 -179.77 -134.37
C GLN A 222 -67.23 -178.42 -134.83
N ASP A 223 -66.49 -178.43 -135.93
CA ASP A 223 -65.84 -177.22 -136.41
C ASP A 223 -66.85 -176.26 -137.02
N ASN A 224 -66.63 -174.96 -136.76
CA ASN A 224 -67.51 -173.86 -137.17
C ASN A 224 -68.93 -174.08 -136.65
N ASP A 225 -69.02 -174.52 -135.39
CA ASP A 225 -70.25 -174.60 -134.59
C ASP A 225 -71.32 -175.51 -135.19
N THR A 226 -70.93 -176.46 -136.03
CA THR A 226 -71.87 -177.45 -136.53
C THR A 226 -72.08 -178.53 -135.49
N LEU A 227 -73.30 -179.01 -135.37
CA LEU A 227 -73.70 -179.96 -134.33
C LEU A 227 -74.50 -181.10 -134.94
N VAL A 228 -73.99 -181.67 -136.04
CA VAL A 228 -74.67 -182.76 -136.71
C VAL A 228 -74.32 -184.08 -136.04
N GLY A 229 -75.14 -185.10 -136.27
CA GLY A 229 -74.89 -186.41 -135.71
C GLY A 229 -76.02 -187.42 -135.88
N GLN A 230 -75.66 -188.66 -136.16
CA GLN A 230 -76.62 -189.76 -136.27
C GLN A 230 -76.76 -190.47 -134.93
N ILE A 231 -77.93 -191.04 -134.69
CA ILE A 231 -78.23 -191.67 -133.40
C ILE A 231 -79.30 -192.75 -133.61
N LYS A 232 -79.07 -193.91 -132.99
CA LYS A 232 -80.06 -194.97 -132.98
C LYS A 232 -81.00 -194.80 -131.79
N TYR A 233 -82.14 -195.48 -131.86
CA TYR A 233 -83.00 -195.59 -130.69
C TYR A 233 -82.46 -196.72 -129.82
N PRO A 234 -82.77 -196.72 -128.52
CA PRO A 234 -82.51 -197.94 -127.73
C PRO A 234 -83.40 -199.07 -128.23
N THR A 235 -84.72 -198.88 -128.16
CA THR A 235 -85.74 -199.74 -128.74
C THR A 235 -87.03 -198.91 -128.65
N ASN A 236 -88.01 -199.24 -129.50
CA ASN A 236 -89.39 -198.85 -129.25
C ASN A 236 -90.15 -199.88 -128.41
N GLY A 237 -89.87 -201.17 -128.59
CA GLY A 237 -90.43 -202.23 -127.75
C GLY A 237 -89.44 -202.89 -126.81
N ASP A 238 -88.95 -204.08 -127.16
CA ASP A 238 -87.98 -204.81 -126.34
C ASP A 238 -86.99 -205.54 -127.26
N GLY A 239 -85.85 -204.89 -127.52
CA GLY A 239 -84.80 -205.44 -128.36
C GLY A 239 -85.14 -205.69 -129.82
N GLU A 240 -85.96 -204.84 -130.45
CA GLU A 240 -86.23 -205.03 -131.88
C GLU A 240 -86.13 -203.77 -132.74
N VAL A 241 -86.14 -202.56 -132.19
CA VAL A 241 -86.19 -201.34 -133.01
C VAL A 241 -84.87 -200.60 -132.83
N GLU A 242 -84.12 -200.44 -133.93
CA GLU A 242 -82.87 -199.68 -133.94
C GLU A 242 -82.92 -198.60 -135.01
N THR A 243 -84.02 -197.85 -135.04
CA THR A 243 -84.22 -196.88 -136.11
C THR A 243 -83.32 -195.66 -135.94
N ASP A 244 -83.06 -194.97 -137.04
CA ASP A 244 -82.09 -193.91 -137.10
C ASP A 244 -82.76 -192.59 -137.47
N THR A 245 -82.24 -191.50 -136.89
CA THR A 245 -82.56 -190.17 -137.34
C THR A 245 -81.33 -189.30 -137.07
N ILE A 246 -81.21 -188.23 -137.86
CA ILE A 246 -80.04 -187.35 -137.80
C ILE A 246 -80.46 -186.07 -137.12
N LEU A 247 -79.71 -185.68 -136.09
CA LEU A 247 -79.92 -184.41 -135.40
C LEU A 247 -78.92 -183.39 -135.95
N GLY A 248 -79.23 -182.88 -137.14
CA GLY A 248 -78.37 -181.90 -137.76
C GLY A 248 -78.54 -180.52 -137.16
N LYS A 249 -78.10 -180.35 -135.92
CA LYS A 249 -78.26 -179.13 -135.16
C LYS A 249 -77.25 -178.08 -135.64
N VAL A 250 -77.57 -176.82 -135.38
CA VAL A 250 -76.62 -175.73 -135.58
C VAL A 250 -76.93 -174.66 -134.55
N ASP A 251 -75.89 -173.92 -134.15
CA ASP A 251 -76.03 -172.89 -133.12
C ASP A 251 -74.96 -171.84 -133.33
N VAL A 252 -75.24 -170.63 -132.86
CA VAL A 252 -74.27 -169.55 -132.87
C VAL A 252 -73.72 -169.39 -131.45
N SER A 253 -72.40 -169.29 -131.35
CA SER A 253 -71.78 -169.16 -130.03
C SER A 253 -71.93 -167.74 -129.49
N SER A 254 -71.51 -166.75 -130.28
CA SER A 254 -71.55 -165.37 -129.82
C SER A 254 -72.97 -164.82 -129.71
N GLY A 255 -73.91 -165.41 -130.44
CA GLY A 255 -75.28 -164.95 -130.38
C GLY A 255 -76.16 -165.82 -129.51
N GLU A 256 -75.57 -166.89 -128.97
CA GLU A 256 -76.12 -167.87 -128.02
C GLU A 256 -77.47 -168.48 -128.39
N LEU A 257 -77.86 -168.40 -129.66
CA LEU A 257 -79.07 -169.07 -130.11
C LEU A 257 -78.73 -170.41 -130.73
N THR A 258 -79.63 -171.38 -130.57
CA THR A 258 -79.47 -172.66 -131.23
C THR A 258 -80.63 -172.91 -132.19
N LEU A 259 -80.40 -173.82 -133.13
CA LEU A 259 -81.36 -174.12 -134.18
C LEU A 259 -81.41 -175.63 -134.35
N THR A 260 -82.63 -176.17 -134.35
CA THR A 260 -82.80 -177.62 -134.36
C THR A 260 -83.30 -178.14 -135.70
N SER A 261 -82.89 -179.36 -136.00
CA SER A 261 -83.37 -180.07 -137.19
C SER A 261 -83.40 -181.56 -136.87
N ALA A 262 -84.61 -182.11 -136.72
CA ALA A 262 -84.78 -183.51 -136.39
C ALA A 262 -85.69 -184.16 -137.43
N SER A 263 -85.13 -185.07 -138.22
CA SER A 263 -85.90 -185.82 -139.21
C SER A 263 -86.61 -186.98 -138.51
N GLY A 264 -87.69 -186.63 -137.80
CA GLY A 264 -88.41 -187.63 -137.04
C GLY A 264 -89.46 -187.09 -136.08
N LYS A 265 -89.43 -187.56 -134.85
CA LYS A 265 -90.49 -187.34 -133.87
C LYS A 265 -89.89 -186.94 -132.52
N LEU A 266 -88.96 -186.00 -132.54
CA LEU A 266 -88.29 -185.57 -131.33
C LEU A 266 -89.21 -184.73 -130.45
N THR A 267 -89.01 -184.83 -129.13
CA THR A 267 -89.84 -184.11 -128.18
C THR A 267 -89.05 -183.10 -127.36
N ASP A 268 -87.92 -183.50 -126.77
CA ASP A 268 -87.04 -182.56 -126.07
C ASP A 268 -85.63 -183.13 -126.02
N VAL A 269 -84.67 -182.24 -125.76
CA VAL A 269 -83.25 -182.56 -125.69
C VAL A 269 -82.72 -182.10 -124.33
N LYS A 270 -81.81 -182.88 -123.75
CA LYS A 270 -81.02 -182.44 -122.61
C LYS A 270 -79.65 -182.01 -123.10
N VAL A 271 -79.20 -180.83 -122.65
CA VAL A 271 -77.93 -180.25 -123.07
C VAL A 271 -77.04 -180.06 -121.85
N LYS A 272 -75.78 -179.75 -122.12
CA LYS A 272 -74.79 -179.47 -121.08
C LYS A 272 -73.84 -178.40 -121.61
N GLY A 273 -74.07 -177.16 -121.22
CA GLY A 273 -73.22 -176.06 -121.66
C GLY A 273 -73.00 -175.07 -120.53
N TYR A 274 -72.03 -174.19 -120.75
CA TYR A 274 -71.65 -173.19 -119.76
C TYR A 274 -71.54 -171.82 -120.43
N VAL A 275 -71.28 -170.81 -119.61
CA VAL A 275 -70.98 -169.47 -120.07
C VAL A 275 -69.47 -169.32 -120.07
N ALA A 276 -68.92 -168.77 -121.16
CA ALA A 276 -67.48 -168.84 -121.40
C ALA A 276 -66.69 -168.00 -120.40
N SER A 277 -67.25 -166.85 -119.98
CA SER A 277 -66.70 -166.00 -118.93
C SER A 277 -65.29 -165.48 -119.26
N GLU A 278 -65.06 -165.19 -120.54
CA GLU A 278 -63.88 -164.41 -120.89
C GLU A 278 -64.12 -162.92 -120.66
N GLN A 279 -65.35 -162.48 -120.80
CA GLN A 279 -65.73 -161.09 -120.61
C GLN A 279 -66.07 -160.75 -119.17
N HIS A 280 -65.83 -161.70 -118.24
CA HIS A 280 -65.76 -161.45 -116.80
C HIS A 280 -67.08 -160.96 -116.22
N THR A 281 -68.18 -161.65 -116.53
CA THR A 281 -69.46 -161.28 -115.94
C THR A 281 -69.58 -161.77 -114.51
N SER A 282 -68.99 -162.91 -114.19
CA SER A 282 -69.04 -163.48 -112.85
C SER A 282 -67.71 -164.15 -112.54
N ALA A 283 -67.34 -164.13 -111.26
CA ALA A 283 -66.10 -164.72 -110.81
C ALA A 283 -66.24 -165.11 -109.35
N THR A 284 -65.13 -165.56 -108.77
CA THR A 284 -65.05 -165.89 -107.35
C THR A 284 -64.06 -164.96 -106.68
N ASN A 285 -64.35 -164.60 -105.44
CA ASN A 285 -63.52 -163.69 -104.68
C ASN A 285 -62.91 -164.41 -103.49
N VAL A 286 -61.62 -164.17 -103.26
CA VAL A 286 -60.89 -164.75 -102.14
C VAL A 286 -60.46 -163.64 -101.21
N GLU A 287 -60.41 -163.94 -99.92
CA GLU A 287 -60.05 -162.98 -98.89
C GLU A 287 -58.91 -163.55 -98.04
N LEU A 288 -58.59 -162.85 -96.96
CA LEU A 288 -57.54 -163.29 -96.03
C LEU A 288 -58.01 -162.99 -94.61
N GLY A 289 -58.41 -164.02 -93.89
CA GLY A 289 -58.69 -163.87 -92.48
C GLY A 289 -57.42 -163.95 -91.65
N LEU A 290 -57.47 -163.38 -90.46
CA LEU A 290 -56.30 -163.37 -89.60
C LEU A 290 -56.75 -163.30 -88.14
N THR A 291 -56.09 -164.09 -87.30
CA THR A 291 -56.36 -164.12 -85.87
C THR A 291 -55.07 -164.48 -85.17
N ARG A 292 -54.74 -163.78 -84.09
CA ARG A 292 -53.55 -164.10 -83.32
C ARG A 292 -53.89 -165.02 -82.17
N LYS A 293 -53.02 -165.97 -81.91
CA LYS A 293 -53.10 -166.81 -80.73
C LYS A 293 -51.91 -166.50 -79.83
N ASP A 294 -52.19 -166.15 -78.59
CA ASP A 294 -51.17 -165.73 -77.64
C ASP A 294 -50.51 -166.92 -76.98
N VAL A 295 -49.23 -166.77 -76.63
CA VAL A 295 -48.49 -167.78 -75.87
C VAL A 295 -47.86 -167.07 -74.69
N VAL A 296 -48.17 -167.54 -73.48
CA VAL A 296 -47.58 -167.01 -72.27
C VAL A 296 -46.66 -168.09 -71.68
N ILE A 297 -45.52 -167.67 -71.18
CA ILE A 297 -44.54 -168.56 -70.56
C ILE A 297 -44.30 -168.01 -69.15
N ASP A 298 -45.00 -168.57 -68.17
CA ASP A 298 -44.93 -168.04 -66.81
C ASP A 298 -43.71 -168.62 -66.10
N THR A 299 -43.65 -168.41 -64.79
CA THR A 299 -42.55 -168.89 -63.98
C THR A 299 -42.83 -170.31 -63.51
N ALA A 300 -41.81 -171.15 -63.53
CA ALA A 300 -41.94 -172.52 -63.07
C ALA A 300 -41.40 -172.66 -61.66
N GLN A 301 -41.42 -173.88 -61.15
CA GLN A 301 -40.95 -174.12 -59.80
C GLN A 301 -39.43 -174.14 -59.76
N HIS A 302 -38.88 -173.80 -58.61
CA HIS A 302 -37.44 -173.81 -58.38
C HIS A 302 -37.07 -175.10 -57.66
N ILE A 303 -36.02 -175.74 -58.14
CA ILE A 303 -35.52 -176.96 -57.53
C ILE A 303 -34.43 -176.58 -56.52
N GLU A 304 -34.70 -176.85 -55.25
CA GLU A 304 -33.90 -176.33 -54.15
C GLU A 304 -32.95 -177.41 -53.66
N ALA A 305 -31.65 -177.15 -53.77
CA ALA A 305 -30.63 -178.09 -53.32
C ALA A 305 -29.51 -177.34 -52.62
N THR A 306 -29.27 -177.67 -51.35
CA THR A 306 -28.26 -176.98 -50.56
C THR A 306 -26.88 -177.53 -50.84
N VAL A 307 -25.92 -176.63 -50.95
CA VAL A 307 -24.52 -176.99 -51.19
C VAL A 307 -23.68 -176.52 -50.02
N PRO A 308 -23.53 -177.31 -48.96
CA PRO A 308 -22.64 -176.91 -47.87
C PRO A 308 -21.19 -177.10 -48.26
N LEU A 309 -20.32 -176.31 -47.63
CA LEU A 309 -18.90 -176.41 -47.91
C LEU A 309 -18.30 -177.69 -47.32
N GLU A 310 -18.74 -178.07 -46.13
CA GLU A 310 -18.21 -179.26 -45.47
C GLU A 310 -18.68 -180.56 -46.09
N VAL A 311 -19.65 -180.53 -46.99
CA VAL A 311 -20.11 -181.72 -47.70
C VAL A 311 -19.34 -181.90 -49.00
N ILE A 312 -19.05 -180.80 -49.70
CA ILE A 312 -18.33 -180.84 -50.96
C ILE A 312 -16.90 -181.33 -50.77
N GLN A 313 -16.24 -180.93 -49.68
CA GLN A 313 -14.88 -181.38 -49.41
C GLN A 313 -14.82 -182.86 -49.09
N ASP A 314 -15.92 -183.47 -48.67
CA ASP A 314 -15.95 -184.90 -48.39
C ASP A 314 -16.19 -185.72 -49.65
N MET A 315 -17.20 -185.34 -50.44
CA MET A 315 -17.53 -186.08 -51.64
C MET A 315 -16.47 -185.94 -52.73
N LYS A 316 -15.73 -184.84 -52.74
CA LYS A 316 -14.63 -184.70 -53.68
C LYS A 316 -13.42 -185.54 -53.27
N ALA A 317 -13.15 -185.63 -51.97
CA ALA A 317 -11.97 -186.35 -51.50
C ALA A 317 -12.20 -187.85 -51.47
N THR A 318 -13.28 -188.28 -50.82
CA THR A 318 -13.48 -189.71 -50.58
C THR A 318 -13.95 -190.44 -51.84
N TYR A 319 -15.12 -190.07 -52.34
CA TYR A 319 -15.76 -190.81 -53.42
C TYR A 319 -15.45 -190.26 -54.81
N ASP A 320 -14.75 -189.13 -54.89
CA ASP A 320 -14.50 -188.38 -56.14
C ASP A 320 -15.79 -188.05 -56.88
N ILE A 321 -16.82 -187.72 -56.14
CA ILE A 321 -17.99 -187.05 -56.70
C ILE A 321 -17.65 -185.57 -56.82
N ASP A 322 -18.03 -184.96 -57.95
CA ASP A 322 -17.84 -183.52 -58.11
C ASP A 322 -18.70 -182.73 -57.15
N GLY A 323 -19.84 -183.27 -56.74
CA GLY A 323 -20.66 -182.60 -55.75
C GLY A 323 -21.53 -181.53 -56.36
N VAL A 324 -20.94 -180.38 -56.69
CA VAL A 324 -21.73 -179.26 -57.19
C VAL A 324 -22.22 -179.51 -58.61
N ALA A 325 -21.50 -180.31 -59.41
CA ALA A 325 -21.98 -180.66 -60.73
C ALA A 325 -23.01 -181.77 -60.67
N ARG A 326 -22.73 -182.85 -59.94
CA ARG A 326 -23.62 -183.99 -59.89
C ARG A 326 -24.93 -183.68 -59.15
N LEU A 327 -24.92 -182.72 -58.23
CA LEU A 327 -26.17 -182.29 -57.64
C LEU A 327 -27.02 -181.51 -58.63
N SER A 328 -26.38 -180.85 -59.60
CA SER A 328 -27.13 -180.11 -60.60
C SER A 328 -27.79 -181.04 -61.60
N GLU A 329 -27.21 -182.21 -61.85
CA GLU A 329 -27.81 -183.11 -62.83
C GLU A 329 -29.02 -183.82 -62.25
N THR A 330 -28.95 -184.28 -61.01
CA THR A 330 -30.14 -184.84 -60.37
C THR A 330 -31.17 -183.76 -60.05
N MET A 331 -30.77 -182.49 -60.03
CA MET A 331 -31.75 -181.42 -60.12
C MET A 331 -32.37 -181.37 -61.50
N SER A 332 -31.53 -181.46 -62.54
CA SER A 332 -32.00 -181.40 -63.92
C SER A 332 -32.83 -182.60 -64.31
N GLN A 333 -32.49 -183.79 -63.81
CA GLN A 333 -33.34 -184.95 -64.01
C GLN A 333 -34.68 -184.82 -63.29
N LEU A 334 -34.73 -184.07 -62.20
CA LEU A 334 -36.03 -183.81 -61.58
C LEU A 334 -36.84 -182.79 -62.37
N SER A 335 -36.18 -181.82 -63.00
CA SER A 335 -36.89 -180.87 -63.83
C SER A 335 -37.39 -181.52 -65.12
N SER A 336 -36.65 -182.49 -65.64
CA SER A 336 -37.09 -183.19 -66.84
C SER A 336 -38.27 -184.09 -66.57
N GLN A 337 -38.49 -184.50 -65.31
CA GLN A 337 -39.70 -185.23 -64.98
C GLN A 337 -40.90 -184.28 -64.91
N LYS A 338 -40.69 -183.05 -64.45
CA LYS A 338 -41.80 -182.10 -64.36
C LYS A 338 -42.24 -181.63 -65.73
N VAL A 339 -41.32 -181.58 -66.70
CA VAL A 339 -41.69 -181.27 -68.08
C VAL A 339 -42.53 -182.41 -68.65
N ASP A 340 -42.10 -183.65 -68.42
CA ASP A 340 -42.78 -184.80 -68.98
C ASP A 340 -44.11 -185.07 -68.30
N LEU A 341 -44.27 -184.67 -67.03
CA LEU A 341 -45.58 -184.76 -66.39
C LEU A 341 -46.51 -183.65 -66.84
N ASP A 342 -45.98 -182.56 -67.40
CA ASP A 342 -46.84 -181.50 -67.90
C ASP A 342 -47.42 -181.87 -69.26
N ILE A 343 -46.69 -182.65 -70.06
CA ILE A 343 -47.18 -183.08 -71.36
C ILE A 343 -48.36 -184.03 -71.20
N ILE A 344 -48.30 -184.91 -70.20
CA ILE A 344 -49.37 -185.89 -69.99
C ILE A 344 -50.64 -185.21 -69.51
N GLU A 345 -50.52 -184.18 -68.66
CA GLU A 345 -51.69 -183.40 -68.28
C GLU A 345 -52.16 -182.53 -69.45
N PHE A 346 -51.25 -182.14 -70.33
CA PHE A 346 -51.65 -181.37 -71.52
C PHE A 346 -52.49 -182.23 -72.46
N LEU A 347 -52.00 -183.44 -72.76
CA LEU A 347 -52.76 -184.32 -73.65
C LEU A 347 -54.00 -184.89 -72.99
N ASP A 348 -54.07 -184.86 -71.66
CA ASP A 348 -55.34 -185.09 -70.98
C ASP A 348 -56.29 -183.93 -71.22
N HIS A 349 -55.80 -182.69 -71.21
CA HIS A 349 -56.64 -181.51 -71.35
C HIS A 349 -57.09 -181.27 -72.78
N GLU A 350 -56.20 -181.44 -73.76
CA GLU A 350 -56.59 -181.23 -75.15
C GLU A 350 -57.48 -182.34 -75.69
N TYR A 351 -57.43 -183.53 -75.09
CA TYR A 351 -58.36 -184.57 -75.50
C TYR A 351 -59.75 -184.32 -74.95
N LYS A 352 -59.84 -183.86 -73.70
CA LYS A 352 -61.14 -183.67 -73.06
C LYS A 352 -61.92 -182.51 -73.64
N GLU A 353 -61.25 -181.56 -74.29
CA GLU A 353 -61.95 -180.47 -74.97
C GLU A 353 -62.41 -180.85 -76.37
N THR A 354 -62.04 -182.03 -76.86
CA THR A 354 -62.56 -182.54 -78.13
C THR A 354 -63.79 -183.42 -77.96
N ASP A 355 -64.04 -183.90 -76.73
CA ASP A 355 -65.24 -184.64 -76.35
C ASP A 355 -65.40 -185.94 -77.14
N ALA A 356 -64.37 -186.79 -77.03
CA ALA A 356 -64.36 -188.16 -77.57
C ALA A 356 -64.59 -188.19 -79.08
N LYS A 357 -63.85 -187.34 -79.79
CA LYS A 357 -63.98 -187.31 -81.24
C LYS A 357 -63.37 -188.53 -81.89
N TYR A 358 -62.31 -189.08 -81.30
CA TYR A 358 -61.62 -190.24 -81.83
C TYR A 358 -61.35 -191.25 -80.72
N HIS A 359 -62.36 -191.51 -79.89
CA HIS A 359 -62.22 -192.41 -78.76
C HIS A 359 -62.71 -193.80 -79.13
N PHE A 360 -61.87 -194.81 -78.89
CA PHE A 360 -62.19 -196.19 -79.23
C PHE A 360 -61.76 -197.12 -78.10
N SER A 361 -62.62 -198.09 -77.78
CA SER A 361 -62.41 -198.99 -76.65
C SER A 361 -62.10 -200.38 -77.20
N PHE A 362 -60.81 -200.69 -77.31
CA PHE A 362 -60.35 -201.95 -77.87
C PHE A 362 -60.19 -202.97 -76.74
N ASP A 363 -61.10 -203.93 -76.68
CA ASP A 363 -60.98 -205.03 -75.73
C ASP A 363 -59.91 -205.99 -76.22
N VAL A 364 -59.25 -206.66 -75.29
CA VAL A 364 -58.18 -207.60 -75.63
C VAL A 364 -58.67 -209.03 -75.61
N PHE A 365 -59.39 -209.42 -74.58
CA PHE A 365 -60.09 -210.70 -74.55
C PHE A 365 -61.16 -210.67 -75.62
N PRO A 366 -61.09 -211.51 -76.66
CA PRO A 366 -61.93 -211.31 -77.86
C PRO A 366 -63.42 -211.56 -77.65
N HIS A 367 -64.20 -211.26 -78.68
CA HIS A 367 -65.64 -211.36 -78.63
C HIS A 367 -66.08 -212.82 -78.65
N SER A 368 -67.39 -213.03 -78.45
CA SER A 368 -67.93 -214.38 -78.45
C SER A 368 -67.97 -214.96 -79.85
N ASP A 369 -68.31 -214.14 -80.85
CA ASP A 369 -68.63 -214.66 -82.17
C ASP A 369 -67.40 -214.94 -83.02
N TYR A 370 -66.25 -214.36 -82.70
CA TYR A 370 -65.08 -214.57 -83.55
C TYR A 370 -64.37 -215.87 -83.20
N SER A 371 -64.16 -216.12 -81.90
CA SER A 371 -63.58 -217.35 -81.36
C SER A 371 -62.18 -217.62 -81.92
N ALA A 372 -61.28 -216.69 -81.66
CA ALA A 372 -59.91 -216.78 -82.13
C ALA A 372 -58.94 -216.72 -80.94
N HIS A 373 -57.68 -216.67 -81.24
CA HIS A 373 -56.56 -216.58 -80.32
C HIS A 373 -56.23 -215.12 -80.04
N PRO A 374 -55.70 -214.80 -78.85
CA PRO A 374 -55.30 -213.42 -78.59
C PRO A 374 -53.93 -213.04 -79.15
N LYS A 375 -53.36 -213.86 -80.03
CA LYS A 375 -52.11 -213.49 -80.68
C LYS A 375 -52.34 -212.79 -82.01
N ASP A 376 -53.39 -213.17 -82.74
CA ASP A 376 -53.75 -212.48 -83.98
C ASP A 376 -54.93 -211.55 -83.81
N TRP A 377 -55.66 -211.65 -82.70
CA TRP A 377 -56.67 -210.64 -82.37
C TRP A 377 -56.01 -209.29 -82.06
N LEU A 378 -54.78 -209.32 -81.55
CA LEU A 378 -54.05 -208.10 -81.24
C LEU A 378 -53.59 -207.34 -82.48
N GLU A 379 -53.59 -207.97 -83.65
CA GLU A 379 -53.38 -207.24 -84.88
C GLU A 379 -54.66 -206.61 -85.41
N GLY A 380 -55.79 -206.93 -84.80
CA GLY A 380 -57.00 -206.15 -85.02
C GLY A 380 -57.00 -204.81 -84.35
N LEU A 381 -56.06 -204.59 -83.42
CA LEU A 381 -55.84 -203.26 -82.86
C LEU A 381 -55.34 -202.29 -83.92
N ARG A 382 -54.54 -202.77 -84.87
CA ARG A 382 -54.07 -201.92 -85.96
C ARG A 382 -55.20 -201.56 -86.92
N GLU A 383 -56.27 -202.35 -86.97
CA GLU A 383 -57.46 -201.93 -87.69
C GLU A 383 -58.18 -200.81 -86.95
N VAL A 384 -58.03 -200.72 -85.63
CA VAL A 384 -58.65 -199.65 -84.85
C VAL A 384 -57.78 -198.41 -84.83
N ILE A 385 -56.46 -198.59 -84.74
CA ILE A 385 -55.53 -197.46 -84.70
C ILE A 385 -55.52 -196.72 -86.03
N ASP A 386 -55.40 -197.45 -87.14
CA ASP A 386 -55.36 -196.83 -88.44
C ASP A 386 -56.70 -196.24 -88.87
N HIS A 387 -57.81 -196.69 -88.28
CA HIS A 387 -59.10 -196.11 -88.59
C HIS A 387 -59.21 -194.70 -88.03
N THR A 388 -58.66 -194.46 -86.84
CA THR A 388 -58.59 -193.11 -86.32
C THR A 388 -57.51 -192.31 -87.04
N THR A 389 -56.44 -192.97 -87.45
CA THR A 389 -55.33 -192.31 -88.10
C THR A 389 -55.73 -191.74 -89.46
N GLN A 390 -56.56 -192.47 -90.20
CA GLN A 390 -57.06 -191.95 -91.47
C GLN A 390 -58.24 -191.02 -91.28
N SER A 391 -58.94 -191.11 -90.15
CA SER A 391 -60.02 -190.17 -89.87
C SER A 391 -59.52 -188.80 -89.45
N MET A 392 -58.26 -188.68 -89.09
CA MET A 392 -57.65 -187.38 -88.82
C MET A 392 -57.05 -186.76 -90.07
N LYS A 393 -56.61 -187.57 -91.03
CA LYS A 393 -56.18 -187.06 -92.31
C LYS A 393 -57.35 -186.65 -93.20
N ASN A 394 -58.53 -187.21 -92.96
CA ASN A 394 -59.70 -186.94 -93.77
C ASN A 394 -60.50 -185.76 -93.24
N ASP A 395 -60.76 -185.73 -91.94
CA ASP A 395 -61.62 -184.70 -91.36
C ASP A 395 -60.91 -183.35 -91.21
N TYR A 396 -59.58 -183.34 -91.30
CA TYR A 396 -58.82 -182.09 -91.22
C TYR A 396 -58.09 -181.76 -92.50
N LYS A 397 -58.17 -182.64 -93.52
CA LYS A 397 -57.57 -182.46 -94.84
C LYS A 397 -56.06 -182.30 -94.77
N LEU A 398 -55.41 -183.15 -93.98
CA LEU A 398 -53.95 -183.26 -93.94
C LEU A 398 -53.52 -184.51 -94.70
N TYR A 399 -52.28 -184.50 -95.19
CA TYR A 399 -51.82 -185.67 -95.92
C TYR A 399 -50.45 -186.18 -95.49
N ASP A 400 -49.56 -185.28 -95.07
CA ASP A 400 -48.23 -185.68 -94.57
C ASP A 400 -48.15 -185.38 -93.08
N VAL A 401 -48.65 -186.29 -92.29
CA VAL A 401 -48.72 -186.12 -90.85
C VAL A 401 -48.22 -187.39 -90.16
N GLN A 402 -47.29 -187.22 -89.22
CA GLN A 402 -46.78 -188.32 -88.44
C GLN A 402 -47.58 -188.44 -87.16
N PHE A 403 -47.81 -189.66 -86.74
CA PHE A 403 -48.74 -189.94 -85.64
C PHE A 403 -47.93 -190.56 -84.51
N VAL A 404 -47.34 -189.72 -83.68
CA VAL A 404 -46.63 -190.20 -82.50
C VAL A 404 -47.64 -190.76 -81.51
N ILE A 405 -47.36 -191.96 -81.02
CA ILE A 405 -48.28 -192.69 -80.15
C ILE A 405 -47.57 -192.88 -78.83
N VAL A 406 -47.79 -191.99 -77.90
CA VAL A 406 -47.24 -192.15 -76.57
C VAL A 406 -48.24 -192.93 -75.73
N GLY A 407 -47.73 -193.68 -74.76
CA GLY A 407 -48.59 -194.55 -73.98
C GLY A 407 -47.75 -195.44 -73.09
N ASN A 408 -48.46 -196.21 -72.27
CA ASN A 408 -47.81 -197.11 -71.33
C ASN A 408 -47.09 -198.23 -72.10
N PRO A 409 -45.84 -198.54 -71.75
CA PRO A 409 -45.12 -199.61 -72.44
C PRO A 409 -45.66 -201.01 -72.17
N LEU A 410 -46.57 -201.18 -71.22
CA LEU A 410 -47.36 -202.40 -71.15
C LEU A 410 -48.40 -202.49 -72.25
N ASP A 411 -48.74 -201.36 -72.88
CA ASP A 411 -49.67 -201.32 -73.99
C ASP A 411 -49.03 -200.89 -75.30
N VAL A 412 -47.84 -200.28 -75.27
CA VAL A 412 -47.06 -200.05 -76.48
C VAL A 412 -46.63 -201.37 -77.10
N ARG A 413 -46.43 -202.40 -76.26
CA ARG A 413 -46.05 -203.73 -76.70
C ARG A 413 -47.09 -204.37 -77.62
N LEU A 414 -48.37 -203.97 -77.48
CA LEU A 414 -49.44 -204.59 -78.23
C LEU A 414 -49.40 -204.29 -79.72
N ILE A 415 -48.73 -203.22 -80.14
CA ILE A 415 -48.67 -202.90 -81.56
C ILE A 415 -47.67 -203.79 -82.30
N PRO A 416 -46.35 -203.91 -81.91
CA PRO A 416 -45.54 -204.93 -82.58
C PRO A 416 -45.69 -206.26 -81.87
N ASN A 417 -46.71 -207.03 -82.23
CA ASN A 417 -47.16 -208.14 -81.39
C ASN A 417 -46.17 -209.31 -81.40
N VAL A 418 -45.94 -209.91 -82.57
CA VAL A 418 -45.18 -211.17 -82.61
C VAL A 418 -44.03 -211.09 -83.59
N SER A 419 -43.48 -209.89 -83.79
CA SER A 419 -42.35 -209.72 -84.70
C SER A 419 -41.04 -210.17 -84.05
N TYR A 440 -35.30 -197.23 -80.58
CA TYR A 440 -35.37 -196.26 -79.50
C TYR A 440 -36.61 -195.37 -79.63
N SER A 441 -37.05 -195.15 -80.87
CA SER A 441 -38.30 -194.44 -81.13
C SER A 441 -39.37 -195.29 -81.78
N LEU A 442 -39.00 -196.46 -82.34
CA LEU A 442 -39.92 -197.44 -82.92
C LEU A 442 -40.74 -196.83 -84.06
N GLY A 443 -40.03 -196.52 -85.13
CA GLY A 443 -40.67 -196.09 -86.36
C GLY A 443 -41.43 -197.24 -87.00
N ALA A 444 -42.76 -197.16 -86.98
CA ALA A 444 -43.63 -198.24 -87.44
C ALA A 444 -44.52 -197.73 -88.56
N ALA A 445 -44.10 -197.94 -89.80
CA ALA A 445 -44.87 -197.47 -90.95
C ALA A 445 -46.04 -198.40 -91.23
N SER A 446 -47.22 -197.80 -91.44
CA SER A 446 -48.42 -198.54 -91.82
C SER A 446 -48.67 -198.48 -93.32
N GLY A 447 -47.65 -198.21 -94.10
CA GLY A 447 -47.80 -198.04 -95.54
C GLY A 447 -48.17 -196.64 -95.97
N THR A 448 -49.24 -196.08 -95.38
CA THR A 448 -49.69 -194.76 -95.77
C THR A 448 -48.98 -193.65 -95.00
N ALA A 449 -48.81 -193.83 -93.69
CA ALA A 449 -48.20 -192.80 -92.85
C ALA A 449 -47.49 -193.48 -91.69
N ASN A 450 -46.19 -193.21 -91.55
CA ASN A 450 -45.40 -193.81 -90.49
C ASN A 450 -45.71 -193.21 -89.13
N TYR A 451 -45.39 -193.96 -88.09
CA TYR A 451 -45.66 -193.58 -86.71
C TYR A 451 -44.36 -193.38 -85.97
N ARG A 452 -44.47 -193.10 -84.66
CA ARG A 452 -43.32 -193.10 -83.76
C ARG A 452 -43.86 -193.39 -82.37
N ILE A 453 -43.78 -194.65 -81.95
CA ILE A 453 -44.44 -195.11 -80.73
C ILE A 453 -43.48 -194.94 -79.56
N ILE A 454 -43.93 -194.24 -78.53
CA ILE A 454 -43.11 -193.93 -77.36
C ILE A 454 -43.74 -194.55 -76.12
N GLY A 455 -42.93 -195.18 -75.30
CA GLY A 455 -43.31 -195.61 -73.96
C GLY A 455 -42.51 -194.82 -72.94
N SER A 456 -43.19 -194.32 -71.91
CA SER A 456 -42.56 -193.34 -71.04
C SER A 456 -42.75 -193.56 -69.55
N ASP A 457 -43.46 -194.61 -69.12
CA ASP A 457 -43.64 -195.08 -67.75
C ASP A 457 -44.43 -194.13 -66.84
N LEU A 458 -44.85 -192.96 -67.32
CA LEU A 458 -45.54 -191.99 -66.49
C LEU A 458 -47.04 -191.97 -66.72
N VAL A 459 -47.46 -192.18 -67.97
CA VAL A 459 -48.88 -192.23 -68.29
C VAL A 459 -49.48 -193.52 -67.75
N ARG A 460 -50.71 -193.45 -67.23
CA ARG A 460 -51.34 -194.59 -66.60
C ARG A 460 -51.69 -195.67 -67.62
N GLN A 461 -52.04 -196.84 -67.09
CA GLN A 461 -52.21 -198.03 -67.91
C GLN A 461 -53.56 -198.04 -68.60
N GLY A 462 -53.56 -198.45 -69.87
CA GLY A 462 -54.79 -198.68 -70.59
C GLY A 462 -55.24 -197.58 -71.51
N GLU A 463 -54.42 -196.56 -71.74
CA GLU A 463 -54.83 -195.42 -72.55
C GLU A 463 -53.68 -195.03 -73.48
N LEU A 464 -53.93 -195.12 -74.78
CA LEU A 464 -53.02 -194.64 -75.80
C LEU A 464 -53.50 -193.27 -76.27
N THR A 465 -52.56 -192.46 -76.76
CA THR A 465 -52.89 -191.16 -77.31
C THR A 465 -52.11 -190.96 -78.61
N ILE A 466 -52.81 -190.51 -79.64
CA ILE A 466 -52.24 -190.34 -80.97
C ILE A 466 -52.20 -188.85 -81.27
N ILE A 467 -51.03 -188.35 -81.62
CA ILE A 467 -50.79 -186.93 -81.84
C ILE A 467 -50.27 -186.74 -83.25
N ALA A 468 -50.92 -185.88 -84.02
CA ALA A 468 -50.50 -185.62 -85.40
C ALA A 468 -49.46 -184.51 -85.44
N ILE A 469 -48.39 -184.74 -86.20
CA ILE A 469 -47.30 -183.80 -86.36
C ILE A 469 -47.17 -183.45 -87.84
N PRO A 470 -47.46 -182.22 -88.25
CA PRO A 470 -47.40 -181.89 -89.67
C PRO A 470 -45.99 -181.58 -90.13
N GLN A 471 -45.71 -181.92 -91.38
CA GLN A 471 -44.41 -181.61 -91.98
C GLN A 471 -44.40 -180.28 -92.71
N GLN A 472 -45.56 -179.68 -92.93
CA GLN A 472 -45.58 -178.30 -93.42
C GLN A 472 -45.27 -177.36 -92.27
N ASP A 473 -44.30 -176.46 -92.48
CA ASP A 473 -43.85 -175.57 -91.43
C ASP A 473 -44.89 -174.52 -91.06
N ASN A 474 -45.86 -174.26 -91.94
CA ASN A 474 -46.93 -173.30 -91.67
C ASN A 474 -48.18 -173.98 -91.14
N TYR A 475 -48.00 -175.06 -90.38
CA TYR A 475 -49.13 -175.76 -89.79
C TYR A 475 -48.66 -176.41 -88.50
N LYS A 476 -49.23 -175.97 -87.37
CA LYS A 476 -48.83 -176.44 -86.06
C LYS A 476 -50.03 -177.09 -85.39
N THR A 477 -49.88 -178.34 -84.98
CA THR A 477 -50.91 -179.01 -84.20
C THR A 477 -50.64 -178.88 -82.71
N PHE A 478 -49.49 -179.39 -82.27
CA PHE A 478 -48.98 -179.17 -80.93
C PHE A 478 -47.56 -178.67 -81.07
N MET A 479 -47.10 -177.91 -80.09
CA MET A 479 -45.78 -177.32 -80.19
C MET A 479 -45.23 -177.06 -78.79
N PHE A 480 -44.00 -177.49 -78.57
CA PHE A 480 -43.30 -177.28 -77.31
C PHE A 480 -42.43 -176.05 -77.41
N TYR A 481 -42.57 -175.15 -76.44
CA TYR A 481 -41.79 -173.91 -76.41
C TYR A 481 -40.90 -173.89 -75.18
N PRO A 482 -39.67 -174.35 -75.26
CA PRO A 482 -38.74 -174.22 -74.13
C PRO A 482 -38.12 -172.82 -74.11
N TYR A 483 -38.47 -172.04 -73.10
CA TYR A 483 -38.00 -170.66 -73.06
C TYR A 483 -36.58 -170.57 -72.54
N THR A 484 -36.37 -170.95 -71.28
CA THR A 484 -35.04 -170.82 -70.69
C THR A 484 -34.86 -171.90 -69.64
N PHE A 485 -33.59 -172.15 -69.32
CA PHE A 485 -33.22 -173.22 -68.41
C PHE A 485 -31.83 -172.87 -67.87
N ASN A 486 -31.76 -172.47 -66.61
CA ASN A 486 -30.48 -172.02 -66.07
C ASN A 486 -30.45 -172.27 -64.57
N VAL A 487 -29.23 -172.37 -64.05
CA VAL A 487 -28.99 -172.59 -62.64
C VAL A 487 -28.27 -171.35 -62.11
N VAL A 488 -28.42 -171.10 -60.81
CA VAL A 488 -27.70 -170.03 -60.14
C VAL A 488 -26.98 -170.61 -58.93
N ASN A 489 -25.68 -170.33 -58.81
CA ASN A 489 -24.84 -170.89 -57.77
C ASN A 489 -24.64 -169.83 -56.69
N GLY A 490 -25.17 -170.09 -55.50
CA GLY A 490 -25.18 -169.07 -54.47
C GLY A 490 -26.10 -167.93 -54.87
N GLY A 491 -25.51 -166.79 -55.19
CA GLY A 491 -26.21 -165.69 -55.83
C GLY A 491 -27.28 -165.01 -55.00
N GLY A 492 -27.39 -165.31 -53.71
CA GLY A 492 -28.36 -164.68 -52.86
C GLY A 492 -29.69 -165.40 -52.73
N TYR A 493 -29.95 -166.40 -53.57
CA TYR A 493 -31.19 -167.15 -53.47
C TYR A 493 -31.13 -168.07 -52.26
N LEU A 494 -31.79 -167.68 -51.17
CA LEU A 494 -31.77 -168.48 -49.96
C LEU A 494 -32.60 -169.75 -50.13
N ASN A 495 -32.32 -170.72 -49.28
CA ASN A 495 -33.08 -171.96 -49.27
C ASN A 495 -34.35 -171.77 -48.46
N THR A 496 -35.18 -172.82 -48.42
CA THR A 496 -36.45 -172.78 -47.71
C THR A 496 -36.48 -173.70 -46.49
N ARG A 497 -35.59 -174.67 -46.40
CA ARG A 497 -35.52 -175.57 -45.25
C ARG A 497 -34.45 -175.16 -44.27
N ASN A 498 -33.20 -175.05 -44.72
CA ASN A 498 -32.09 -174.57 -43.91
C ASN A 498 -31.50 -173.35 -44.60
N PRO A 499 -31.99 -172.15 -44.27
CA PRO A 499 -31.56 -170.92 -44.97
C PRO A 499 -30.29 -170.30 -44.40
N ASN A 500 -29.28 -171.12 -44.16
CA ASN A 500 -27.99 -170.64 -43.69
C ASN A 500 -26.84 -171.04 -44.59
N VAL A 501 -26.85 -172.26 -45.10
CA VAL A 501 -25.79 -172.80 -45.95
C VAL A 501 -25.93 -172.19 -47.34
N PRO A 502 -24.91 -172.25 -48.20
CA PRO A 502 -25.08 -171.85 -49.60
C PRO A 502 -26.08 -172.72 -50.33
N ASN A 503 -26.68 -172.14 -51.36
CA ASN A 503 -27.75 -172.78 -52.10
C ASN A 503 -27.41 -172.80 -53.59
N MET A 504 -28.09 -173.69 -54.31
CA MET A 504 -27.96 -173.79 -55.77
C MET A 504 -29.37 -173.96 -56.31
N MET A 505 -29.95 -172.85 -56.76
CA MET A 505 -31.32 -172.84 -57.26
C MET A 505 -31.32 -173.04 -58.77
N MET A 506 -32.24 -173.86 -59.25
CA MET A 506 -32.36 -174.13 -60.67
C MET A 506 -33.81 -173.99 -61.10
N THR A 507 -34.03 -173.31 -62.22
CA THR A 507 -35.36 -173.13 -62.77
C THR A 507 -35.35 -173.52 -64.25
N ARG A 508 -36.56 -173.68 -64.81
CA ARG A 508 -36.69 -174.12 -66.19
C ARG A 508 -38.04 -173.62 -66.71
N ARG A 509 -38.01 -172.54 -67.48
CA ARG A 509 -39.22 -171.92 -67.99
C ARG A 509 -39.54 -172.46 -69.38
N TYR A 510 -40.79 -172.85 -69.58
CA TYR A 510 -41.22 -173.51 -70.80
C TYR A 510 -42.74 -173.45 -70.86
N THR A 511 -43.27 -173.77 -72.04
CA THR A 511 -44.70 -174.03 -72.18
C THR A 511 -44.92 -174.96 -73.36
N VAL A 512 -46.05 -175.65 -73.34
CA VAL A 512 -46.49 -176.51 -74.43
C VAL A 512 -47.86 -176.02 -74.86
N GLU A 513 -48.04 -175.85 -76.17
CA GLU A 513 -49.25 -175.22 -76.68
C GLU A 513 -49.87 -176.03 -77.79
N SER A 514 -51.20 -175.97 -77.85
CA SER A 514 -52.00 -176.65 -78.87
C SER A 514 -52.70 -175.59 -79.70
N PHE A 515 -52.47 -175.61 -81.00
CA PHE A 515 -53.16 -174.71 -81.91
C PHE A 515 -54.42 -175.34 -82.48
N VAL A 516 -54.31 -176.51 -83.11
CA VAL A 516 -55.46 -177.31 -83.46
C VAL A 516 -55.41 -178.60 -82.64
N PRO A 517 -56.53 -179.08 -82.12
CA PRO A 517 -56.52 -180.29 -81.27
C PRO A 517 -56.77 -181.61 -81.99
N ILE A 518 -55.76 -182.08 -82.72
CA ILE A 518 -55.83 -183.38 -83.38
C ILE A 518 -55.28 -184.41 -82.40
N ILE A 519 -56.18 -185.14 -81.74
CA ILE A 519 -55.79 -186.09 -80.72
C ILE A 519 -56.89 -187.15 -80.60
N GLY A 520 -56.47 -188.40 -80.43
CA GLY A 520 -57.41 -189.49 -80.23
C GLY A 520 -56.91 -190.44 -79.17
N ARG A 521 -57.86 -191.07 -78.47
CA ARG A 521 -57.57 -191.95 -77.36
C ARG A 521 -58.05 -193.35 -77.69
N ILE A 522 -57.18 -194.34 -77.48
CA ILE A 522 -57.53 -195.75 -77.67
C ILE A 522 -57.53 -196.39 -76.29
N THR A 523 -58.71 -196.53 -75.71
CA THR A 523 -58.84 -197.15 -74.39
C THR A 523 -58.65 -198.66 -74.51
N ILE A 524 -57.67 -199.18 -73.80
CA ILE A 524 -57.37 -200.61 -73.80
C ILE A 524 -57.78 -201.18 -72.45
N LYS A 525 -58.86 -201.94 -72.44
CA LYS A 525 -59.34 -202.60 -71.23
C LYS A 525 -59.09 -204.09 -71.32
N ASN A 526 -59.15 -204.74 -70.15
CA ASN A 526 -58.81 -206.17 -69.96
C ASN A 526 -57.42 -206.48 -70.49
N ASN A 527 -56.44 -205.70 -70.03
CA ASN A 527 -55.06 -205.85 -70.46
C ASN A 527 -54.25 -206.79 -69.58
N ASN A 528 -54.79 -207.19 -68.42
CA ASN A 528 -54.10 -208.16 -67.58
C ASN A 528 -54.02 -209.52 -68.28
N GLY A 529 -55.06 -209.88 -69.00
CA GLY A 529 -54.99 -211.00 -69.91
C GLY A 529 -54.66 -210.54 -71.33
N SER A 530 -53.49 -209.95 -71.51
CA SER A 530 -53.11 -209.48 -72.83
C SER A 530 -52.69 -210.65 -73.72
N VAL A 531 -51.62 -211.34 -73.34
CA VAL A 531 -51.21 -212.56 -74.01
C VAL A 531 -51.32 -213.78 -73.10
N TYR A 532 -51.25 -213.60 -71.79
CA TYR A 532 -51.48 -214.69 -70.84
C TYR A 532 -52.91 -214.60 -70.31
N ALA A 533 -53.85 -214.93 -71.19
CA ALA A 533 -55.27 -214.81 -70.87
C ALA A 533 -55.96 -216.15 -70.76
N ARG A 534 -55.93 -216.95 -71.81
CA ARG A 534 -56.67 -218.20 -71.88
C ARG A 534 -56.09 -219.08 -72.99
N MET B 81 -66.42 -98.26 -133.72
CA MET B 81 -67.33 -97.34 -134.37
C MET B 81 -68.77 -97.82 -134.23
N GLY B 82 -68.93 -99.08 -133.81
CA GLY B 82 -70.24 -99.63 -133.56
C GLY B 82 -70.60 -100.84 -134.41
N PRO B 83 -70.40 -100.77 -135.73
CA PRO B 83 -70.40 -102.00 -136.54
C PRO B 83 -69.01 -102.59 -136.68
N ILE B 84 -68.41 -102.96 -135.54
CA ILE B 84 -67.03 -103.40 -135.53
C ILE B 84 -66.98 -104.81 -134.95
N GLN B 85 -67.99 -105.16 -134.12
CA GLN B 85 -68.09 -106.41 -133.36
C GLN B 85 -66.84 -106.59 -132.51
N PRO B 86 -66.77 -105.91 -131.36
CA PRO B 86 -65.54 -105.88 -130.57
C PRO B 86 -65.18 -107.23 -129.99
N TYR B 87 -63.89 -107.55 -130.03
CA TYR B 87 -63.37 -108.84 -129.60
C TYR B 87 -62.63 -108.65 -128.28
N ALA B 88 -63.20 -109.19 -127.20
CA ALA B 88 -62.58 -109.12 -125.89
C ALA B 88 -61.38 -110.05 -125.85
N SER B 89 -60.18 -109.48 -125.81
CA SER B 89 -58.96 -110.28 -125.83
C SER B 89 -58.71 -110.91 -124.46
N LEU B 90 -57.56 -111.59 -124.34
CA LEU B 90 -57.22 -112.32 -123.14
C LEU B 90 -55.90 -111.81 -122.58
N SER B 91 -55.92 -111.44 -121.30
CA SER B 91 -54.69 -111.12 -120.60
C SER B 91 -53.99 -112.40 -120.16
N MET B 92 -52.68 -112.27 -119.91
CA MET B 92 -51.86 -113.47 -119.73
C MET B 92 -52.09 -114.20 -118.41
N PRO B 93 -51.84 -113.59 -117.23
CA PRO B 93 -51.80 -114.44 -116.02
C PRO B 93 -53.20 -114.79 -115.50
N ILE B 94 -53.37 -116.05 -115.15
CA ILE B 94 -54.66 -116.54 -114.70
C ILE B 94 -54.87 -116.09 -113.27
N LEU B 95 -56.06 -115.56 -112.97
CA LEU B 95 -56.35 -115.14 -111.60
C LEU B 95 -56.65 -116.38 -110.77
N VAL B 96 -55.79 -116.66 -109.81
CA VAL B 96 -55.87 -117.86 -109.02
C VAL B 96 -56.41 -117.50 -107.63
N LYS B 97 -56.93 -118.50 -106.93
CA LYS B 97 -57.34 -118.33 -105.55
C LYS B 97 -56.11 -118.42 -104.65
N LEU B 98 -56.31 -118.17 -103.36
CA LEU B 98 -55.21 -118.14 -102.41
C LEU B 98 -55.55 -118.97 -101.18
N TRP B 99 -54.59 -119.81 -100.79
CA TRP B 99 -54.74 -120.69 -99.64
C TRP B 99 -54.11 -120.07 -98.40
N ALA B 100 -54.42 -120.65 -97.25
CA ALA B 100 -53.82 -120.20 -96.01
C ALA B 100 -52.39 -120.72 -95.90
N ARG B 101 -51.61 -120.06 -95.05
CA ARG B 101 -50.25 -120.50 -94.79
C ARG B 101 -50.27 -121.71 -93.86
N LEU B 102 -49.37 -122.65 -94.11
CA LEU B 102 -49.38 -123.94 -93.43
C LEU B 102 -48.03 -124.15 -92.76
N ALA B 103 -48.00 -124.05 -91.44
CA ALA B 103 -46.78 -124.29 -90.69
C ALA B 103 -47.00 -125.12 -89.43
N LEU B 104 -48.21 -125.62 -89.21
CA LEU B 104 -48.51 -126.35 -87.99
C LEU B 104 -47.88 -127.73 -87.96
N THR B 105 -47.49 -128.27 -89.12
CA THR B 105 -46.74 -129.52 -89.14
C THR B 105 -45.35 -129.33 -88.57
N GLU B 106 -44.79 -128.13 -88.64
CA GLU B 106 -43.51 -127.82 -88.04
C GLU B 106 -43.62 -127.50 -86.56
N ALA B 107 -44.83 -127.39 -86.02
CA ALA B 107 -44.97 -127.18 -84.59
C ALA B 107 -44.59 -128.43 -83.82
N LEU B 108 -45.31 -129.51 -84.03
CA LEU B 108 -45.11 -130.73 -83.26
C LEU B 108 -43.89 -131.51 -83.77
N PRO B 109 -43.21 -132.23 -82.86
CA PRO B 109 -42.03 -133.00 -83.28
C PRO B 109 -42.40 -134.24 -84.08
N THR B 110 -42.52 -134.08 -85.39
CA THR B 110 -42.95 -135.16 -86.27
C THR B 110 -41.92 -136.28 -86.31
N GLN B 111 -42.41 -137.51 -86.25
CA GLN B 111 -41.60 -138.71 -86.42
C GLN B 111 -42.32 -139.64 -87.38
N VAL B 112 -41.60 -140.14 -88.38
CA VAL B 112 -42.20 -140.97 -89.41
C VAL B 112 -42.53 -142.34 -88.82
N ALA B 113 -43.81 -142.68 -88.80
CA ALA B 113 -44.23 -143.98 -88.30
C ALA B 113 -43.91 -145.08 -89.29
N ASN B 114 -43.80 -146.30 -88.79
CA ASN B 114 -43.62 -147.48 -89.62
C ASN B 114 -44.84 -148.39 -89.56
N LYS B 115 -45.23 -148.75 -88.41
CA LYS B 115 -46.43 -149.55 -88.25
C LYS B 115 -47.64 -148.64 -88.09
N PRO B 116 -48.80 -149.04 -88.62
CA PRO B 116 -50.01 -148.25 -88.41
C PRO B 116 -50.61 -148.41 -87.04
N ASN B 117 -50.13 -149.37 -86.25
CA ASN B 117 -50.66 -149.60 -84.91
C ASN B 117 -49.50 -150.05 -84.05
N PHE B 118 -48.97 -149.13 -83.24
CA PHE B 118 -47.88 -149.44 -82.33
C PHE B 118 -48.21 -148.92 -80.94
N THR B 119 -47.49 -149.43 -79.96
CA THR B 119 -47.61 -148.95 -78.59
C THR B 119 -46.29 -148.41 -78.09
N VAL B 120 -46.38 -147.47 -77.18
CA VAL B 120 -45.23 -146.94 -76.44
C VAL B 120 -45.43 -147.28 -74.97
N PRO B 121 -44.42 -147.80 -74.29
CA PRO B 121 -44.54 -148.05 -72.86
C PRO B 121 -44.00 -146.88 -72.06
N ILE B 122 -44.51 -146.73 -70.84
CA ILE B 122 -43.97 -145.77 -69.90
C ILE B 122 -43.32 -146.54 -68.77
N LEU B 123 -42.31 -145.94 -68.15
CA LEU B 123 -41.53 -146.61 -67.12
C LEU B 123 -41.61 -145.77 -65.85
N THR B 124 -42.48 -146.17 -64.94
CA THR B 124 -42.51 -145.47 -63.67
C THR B 124 -41.86 -146.31 -62.59
N PRO B 125 -41.14 -145.69 -61.67
CA PRO B 125 -40.62 -146.41 -60.51
C PRO B 125 -41.65 -146.37 -59.38
N TYR B 126 -41.31 -147.02 -58.28
CA TYR B 126 -42.20 -147.07 -57.14
C TYR B 126 -41.39 -147.19 -55.87
N VAL B 127 -42.05 -146.89 -54.76
CA VAL B 127 -41.58 -147.26 -53.43
C VAL B 127 -42.72 -147.93 -52.70
N VAL B 128 -42.39 -148.87 -51.84
CA VAL B 128 -43.33 -149.42 -50.88
C VAL B 128 -42.89 -148.97 -49.50
N ASP B 129 -43.84 -148.53 -48.68
CA ASP B 129 -43.55 -148.11 -47.33
C ASP B 129 -43.48 -149.34 -46.43
N ALA B 130 -43.46 -149.11 -45.12
CA ALA B 130 -43.25 -150.20 -44.17
C ALA B 130 -44.48 -151.10 -44.05
N ASP B 131 -45.65 -150.59 -44.42
CA ASP B 131 -46.85 -151.41 -44.29
C ASP B 131 -47.01 -152.38 -45.44
N GLY B 132 -46.87 -151.90 -46.68
CA GLY B 132 -47.12 -152.75 -47.83
C GLY B 132 -47.78 -152.02 -48.96
N ASN B 133 -48.05 -150.73 -48.79
CA ASN B 133 -48.69 -149.94 -49.83
C ASN B 133 -47.64 -149.34 -50.75
N LYS B 134 -47.95 -149.29 -52.04
CA LYS B 134 -47.04 -148.79 -53.05
C LYS B 134 -47.33 -147.33 -53.35
N HIS B 135 -46.28 -146.58 -53.67
CA HIS B 135 -46.40 -145.17 -54.01
C HIS B 135 -45.56 -144.88 -55.25
N ALA B 136 -46.11 -144.04 -56.12
CA ALA B 136 -45.37 -143.60 -57.31
C ALA B 136 -44.18 -142.75 -56.89
N LEU B 137 -42.99 -143.09 -57.40
CA LEU B 137 -41.77 -142.52 -56.84
C LEU B 137 -41.53 -141.06 -57.19
N PRO B 138 -41.40 -140.65 -58.46
CA PRO B 138 -40.89 -139.29 -58.70
C PRO B 138 -41.89 -138.17 -58.44
N GLU B 139 -43.11 -138.47 -57.98
CA GLU B 139 -44.05 -137.43 -57.61
C GLU B 139 -44.40 -137.43 -56.13
N SER B 140 -44.44 -138.59 -55.46
CA SER B 140 -44.77 -138.61 -54.05
C SER B 140 -43.61 -138.16 -53.18
N ILE B 141 -42.38 -138.27 -53.66
CA ILE B 141 -41.29 -137.57 -53.01
C ILE B 141 -41.15 -136.23 -53.69
N ASN B 142 -42.10 -135.33 -53.45
CA ASN B 142 -41.96 -133.93 -53.84
C ASN B 142 -42.54 -132.97 -52.83
N ASN B 143 -43.48 -133.38 -52.00
CA ASN B 143 -43.91 -132.54 -50.88
C ASN B 143 -42.81 -132.50 -49.84
N THR B 144 -42.70 -131.37 -49.16
CA THR B 144 -41.65 -131.20 -48.17
C THR B 144 -41.83 -132.05 -46.90
N PRO B 145 -43.05 -132.16 -46.26
CA PRO B 145 -43.12 -133.07 -45.10
C PRO B 145 -43.09 -134.54 -45.50
N GLU B 146 -41.89 -135.04 -45.76
CA GLU B 146 -41.72 -136.42 -46.21
C GLU B 146 -41.96 -137.39 -45.07
N THR B 147 -42.51 -138.55 -45.42
CA THR B 147 -42.86 -139.58 -44.44
C THR B 147 -42.30 -140.95 -44.74
N LEU B 148 -42.04 -141.29 -46.01
CA LEU B 148 -41.79 -142.68 -46.37
C LEU B 148 -40.37 -143.11 -46.05
N VAL B 149 -39.38 -142.50 -46.68
CA VAL B 149 -38.00 -142.90 -46.48
C VAL B 149 -37.45 -142.23 -45.23
N GLY B 150 -36.73 -142.99 -44.43
CA GLY B 150 -36.17 -142.51 -43.19
C GLY B 150 -36.24 -143.60 -42.13
N LEU B 151 -35.47 -143.41 -41.06
CA LEU B 151 -35.40 -144.40 -40.00
C LEU B 151 -36.70 -144.43 -39.21
N VAL B 152 -36.96 -145.59 -38.59
CA VAL B 152 -38.12 -145.74 -37.74
C VAL B 152 -37.88 -144.97 -36.44
N GLN B 153 -38.88 -144.23 -36.00
CA GLN B 153 -38.77 -143.40 -34.81
C GLN B 153 -39.39 -144.12 -33.63
N ILE B 154 -38.71 -144.06 -32.49
CA ILE B 154 -39.15 -144.72 -31.27
C ILE B 154 -40.34 -143.95 -30.68
N LYS B 155 -40.98 -144.55 -29.67
CA LYS B 155 -42.11 -143.91 -29.01
C LYS B 155 -41.67 -142.64 -28.31
N GLU B 156 -42.52 -141.61 -28.39
CA GLU B 156 -42.10 -140.26 -28.03
C GLU B 156 -42.02 -140.05 -26.53
N ASP B 157 -43.13 -140.24 -25.82
CA ASP B 157 -43.17 -139.90 -24.42
C ASP B 157 -42.54 -140.99 -23.56
N ILE B 158 -42.11 -140.60 -22.36
CA ILE B 158 -41.61 -141.53 -21.34
C ILE B 158 -42.28 -141.15 -20.03
N ALA B 159 -43.09 -142.06 -19.49
CA ALA B 159 -43.83 -141.80 -18.26
C ALA B 159 -42.94 -142.18 -17.08
N VAL B 160 -42.18 -141.19 -16.61
CA VAL B 160 -41.28 -141.39 -15.47
C VAL B 160 -42.06 -141.18 -14.17
N GLU B 161 -41.95 -142.13 -13.26
CA GLU B 161 -42.69 -142.10 -12.01
C GLU B 161 -41.73 -141.91 -10.84
N GLY B 162 -42.07 -140.98 -9.95
CA GLY B 162 -41.23 -140.74 -8.79
C GLY B 162 -39.97 -139.96 -9.06
N GLY B 163 -39.92 -139.23 -10.17
CA GLY B 163 -38.79 -138.39 -10.50
C GLY B 163 -37.67 -139.07 -11.25
N LYS B 164 -37.56 -140.40 -11.14
CA LYS B 164 -36.53 -141.12 -11.85
C LYS B 164 -37.01 -142.54 -12.12
N VAL B 165 -36.67 -143.06 -13.29
CA VAL B 165 -36.78 -144.48 -13.59
C VAL B 165 -35.48 -144.94 -14.22
N THR B 166 -35.15 -146.20 -13.99
CA THR B 166 -33.94 -146.78 -14.53
C THR B 166 -34.27 -148.00 -15.37
N ASP B 167 -33.42 -148.25 -16.36
CA ASP B 167 -33.49 -149.42 -17.24
C ASP B 167 -34.81 -149.51 -17.99
N TYR B 168 -35.38 -148.36 -18.34
CA TYR B 168 -36.66 -148.32 -19.02
C TYR B 168 -36.46 -148.57 -20.50
N ASP B 169 -37.23 -149.49 -21.06
CA ASP B 169 -37.05 -149.93 -22.43
C ASP B 169 -37.50 -148.85 -23.39
N LEU B 170 -36.58 -148.40 -24.26
CA LEU B 170 -36.90 -147.34 -25.20
C LEU B 170 -37.70 -147.84 -26.40
N PHE B 171 -37.68 -149.14 -26.67
CA PHE B 171 -38.34 -149.67 -27.85
C PHE B 171 -39.76 -150.15 -27.57
N THR B 172 -40.35 -149.69 -26.47
CA THR B 172 -41.70 -150.09 -26.09
C THR B 172 -42.70 -149.38 -27.00
N GLY B 173 -43.32 -150.13 -27.91
CA GLY B 173 -44.23 -149.57 -28.87
C GLY B 173 -43.94 -150.02 -30.28
N LEU B 174 -42.65 -150.18 -30.60
CA LEU B 174 -42.28 -150.75 -31.88
C LEU B 174 -42.54 -152.25 -31.88
N LYS B 175 -42.82 -152.78 -33.07
CA LYS B 175 -43.17 -154.19 -33.20
C LYS B 175 -41.93 -154.99 -33.60
N GLU B 176 -41.80 -156.18 -33.01
CA GLU B 176 -40.66 -157.04 -33.27
C GLU B 176 -40.72 -157.59 -34.68
N GLY B 177 -39.56 -157.65 -35.33
CA GLY B 177 -39.45 -158.19 -36.67
C GLY B 177 -39.57 -157.18 -37.79
N LYS B 178 -40.68 -156.45 -37.83
CA LYS B 178 -40.92 -155.53 -38.94
C LYS B 178 -40.19 -154.21 -38.73
N GLU B 179 -40.19 -153.68 -37.51
CA GLU B 179 -39.57 -152.39 -37.25
C GLU B 179 -38.25 -152.53 -36.50
N VAL B 180 -38.21 -153.40 -35.50
CA VAL B 180 -37.05 -153.51 -34.63
C VAL B 180 -36.87 -154.98 -34.25
N ARG B 181 -35.63 -155.35 -33.94
CA ARG B 181 -35.30 -156.69 -33.47
C ARG B 181 -34.60 -156.54 -32.12
N LYS B 182 -35.34 -156.84 -31.05
CA LYS B 182 -34.83 -156.62 -29.71
C LYS B 182 -33.74 -157.62 -29.38
N GLY B 183 -32.69 -157.14 -28.71
CA GLY B 183 -31.50 -157.91 -28.48
C GLY B 183 -30.48 -157.83 -29.58
N ILE B 184 -30.87 -157.36 -30.76
CA ILE B 184 -29.98 -157.22 -31.91
C ILE B 184 -29.85 -155.76 -32.33
N ASP B 185 -30.97 -155.07 -32.44
CA ASP B 185 -30.95 -153.67 -32.87
C ASP B 185 -30.47 -152.77 -31.74
N ARG B 186 -29.78 -151.70 -32.13
CA ARG B 186 -29.27 -150.70 -31.21
C ARG B 186 -29.96 -149.38 -31.46
N LEU B 187 -29.75 -148.46 -30.53
CA LEU B 187 -30.32 -147.12 -30.64
C LEU B 187 -29.50 -146.25 -31.58
N ASP B 188 -30.16 -145.28 -32.19
CA ASP B 188 -29.49 -144.22 -32.91
C ASP B 188 -28.72 -143.35 -31.92
N ARG B 189 -27.55 -142.89 -32.31
CA ARG B 189 -26.78 -142.00 -31.45
C ARG B 189 -27.08 -140.53 -31.71
N LYS B 190 -28.16 -140.22 -32.43
CA LYS B 190 -28.71 -138.88 -32.50
C LYS B 190 -29.85 -138.69 -31.51
N PHE B 191 -29.81 -139.42 -30.40
CA PHE B 191 -30.88 -139.39 -29.42
C PHE B 191 -30.86 -138.08 -28.64
N LYS B 192 -32.04 -137.49 -28.48
CA LYS B 192 -32.18 -136.27 -27.71
C LYS B 192 -33.59 -136.19 -27.17
N ILE B 193 -33.76 -135.38 -26.12
CA ILE B 193 -35.08 -135.13 -25.57
C ILE B 193 -35.52 -133.73 -26.01
N VAL B 194 -36.80 -133.58 -26.26
CA VAL B 194 -37.34 -132.34 -26.82
C VAL B 194 -38.30 -131.64 -25.87
N GLU B 195 -39.08 -132.38 -25.08
CA GLU B 195 -40.03 -131.76 -24.17
C GLU B 195 -40.01 -132.52 -22.87
N ALA B 196 -39.89 -131.79 -21.76
CA ALA B 196 -39.95 -132.38 -20.44
C ALA B 196 -41.03 -131.66 -19.63
N LYS B 197 -41.67 -132.41 -18.74
CA LYS B 197 -42.78 -131.90 -17.95
C LYS B 197 -42.50 -132.20 -16.49
N TRP B 198 -42.28 -131.16 -15.70
CA TRP B 198 -42.03 -131.30 -14.28
C TRP B 198 -43.35 -131.30 -13.51
N SER B 199 -43.27 -131.27 -12.19
CA SER B 199 -44.47 -131.35 -11.37
C SER B 199 -45.25 -130.03 -11.39
N ASP B 200 -44.55 -128.90 -11.46
CA ASP B 200 -45.17 -127.59 -11.62
C ASP B 200 -44.50 -126.89 -12.81
N SER B 201 -45.01 -127.12 -14.00
CA SER B 201 -44.46 -126.52 -15.20
C SER B 201 -45.49 -125.59 -15.83
N PHE B 202 -44.99 -124.64 -16.60
CA PHE B 202 -45.82 -123.84 -17.49
C PHE B 202 -45.44 -124.18 -18.92
N ASP B 203 -46.41 -124.07 -19.83
CA ASP B 203 -46.25 -124.61 -21.17
C ASP B 203 -45.76 -123.59 -22.19
N GLU B 204 -46.21 -122.34 -22.08
CA GLU B 204 -45.85 -121.20 -22.92
C GLU B 204 -46.23 -121.34 -24.40
N ARG B 205 -46.93 -122.41 -24.76
CA ARG B 205 -47.57 -122.54 -26.06
C ARG B 205 -49.08 -122.60 -25.91
N THR B 206 -49.56 -123.42 -25.00
CA THR B 206 -50.86 -123.21 -24.38
C THR B 206 -50.64 -122.61 -22.99
N SER B 207 -51.66 -121.93 -22.49
CA SER B 207 -51.54 -121.19 -21.24
C SER B 207 -52.03 -122.03 -20.06
N ALA B 208 -51.34 -123.14 -19.83
CA ALA B 208 -51.69 -124.06 -18.76
C ALA B 208 -50.43 -124.84 -18.37
N ALA B 209 -50.61 -125.79 -17.46
CA ALA B 209 -49.52 -126.67 -17.07
C ALA B 209 -49.32 -127.75 -18.13
N GLY B 210 -48.07 -128.12 -18.35
CA GLY B 210 -47.76 -129.12 -19.35
C GLY B 210 -46.27 -129.26 -19.65
N PHE B 211 -45.95 -129.45 -20.91
CA PHE B 211 -44.57 -129.70 -21.31
C PHE B 211 -43.86 -128.39 -21.60
N VAL B 212 -42.53 -128.46 -21.66
CA VAL B 212 -41.70 -127.31 -21.96
C VAL B 212 -40.91 -127.61 -23.21
N GLU B 213 -41.19 -126.87 -24.29
CA GLU B 213 -40.41 -126.99 -25.50
C GLU B 213 -39.05 -126.38 -25.24
N LEU B 214 -38.09 -127.22 -24.87
CA LEU B 214 -36.77 -126.74 -24.46
C LEU B 214 -35.79 -126.66 -25.63
N GLY B 215 -36.17 -125.89 -26.65
CA GLY B 215 -35.30 -125.67 -27.78
C GLY B 215 -34.09 -124.83 -27.42
N SER B 216 -32.97 -125.11 -28.09
CA SER B 216 -31.61 -124.63 -27.82
C SER B 216 -31.12 -124.95 -26.42
N ASN B 217 -31.77 -125.90 -25.74
CA ASN B 217 -31.37 -126.43 -24.44
C ASN B 217 -31.54 -127.94 -24.44
N VAL B 218 -31.53 -128.53 -25.63
CA VAL B 218 -31.88 -129.95 -25.77
C VAL B 218 -30.76 -130.82 -25.23
N VAL B 219 -31.14 -131.99 -24.73
CA VAL B 219 -30.23 -132.88 -24.03
C VAL B 219 -29.83 -133.96 -25.02
N LYS B 220 -28.74 -133.72 -25.73
CA LYS B 220 -28.23 -134.69 -26.69
C LYS B 220 -27.32 -135.70 -26.00
N LEU B 221 -27.09 -136.81 -26.70
CA LEU B 221 -26.16 -137.83 -26.21
C LEU B 221 -24.73 -137.29 -26.28
N GLN B 222 -24.10 -137.17 -25.12
CA GLN B 222 -22.76 -136.60 -25.01
C GLN B 222 -21.74 -137.73 -25.09
N ASP B 223 -20.50 -137.44 -24.68
CA ASP B 223 -19.44 -138.44 -24.60
C ASP B 223 -19.85 -139.62 -23.72
N ASN B 224 -19.71 -140.82 -24.29
CA ASN B 224 -20.02 -142.10 -23.63
C ASN B 224 -21.47 -142.17 -23.16
N ASP B 225 -22.37 -141.70 -24.02
CA ASP B 225 -23.81 -141.99 -23.96
C ASP B 225 -24.47 -141.45 -22.69
N THR B 226 -24.03 -140.29 -22.23
CA THR B 226 -24.65 -139.65 -21.08
C THR B 226 -25.57 -138.53 -21.53
N LEU B 227 -26.52 -138.19 -20.68
CA LEU B 227 -27.49 -137.13 -20.95
C LEU B 227 -27.50 -136.20 -19.74
N VAL B 228 -26.76 -135.09 -19.83
CA VAL B 228 -26.75 -134.09 -18.78
C VAL B 228 -27.46 -132.85 -19.30
N GLY B 229 -28.16 -132.16 -18.40
CA GLY B 229 -28.88 -130.98 -18.81
C GLY B 229 -29.06 -129.96 -17.71
N GLN B 230 -28.63 -128.73 -17.98
CA GLN B 230 -28.84 -127.61 -17.07
C GLN B 230 -30.11 -126.86 -17.48
N ILE B 231 -31.21 -127.60 -17.52
CA ILE B 231 -32.45 -127.08 -18.09
C ILE B 231 -33.14 -126.17 -17.08
N LYS B 232 -33.56 -125.00 -17.55
CA LYS B 232 -34.18 -123.96 -16.75
C LYS B 232 -35.61 -123.76 -17.23
N TYR B 233 -36.55 -124.33 -16.51
CA TYR B 233 -37.91 -124.26 -17.03
C TYR B 233 -38.72 -123.21 -16.28
N PRO B 234 -39.66 -122.56 -16.96
CA PRO B 234 -40.58 -121.67 -16.27
C PRO B 234 -41.74 -122.42 -15.68
N THR B 235 -42.32 -121.86 -14.63
CA THR B 235 -43.44 -122.47 -13.95
C THR B 235 -44.67 -121.59 -13.85
N ASN B 236 -44.55 -120.28 -14.08
CA ASN B 236 -45.67 -119.38 -13.99
C ASN B 236 -45.68 -118.48 -15.21
N GLY B 237 -46.84 -118.37 -15.85
CA GLY B 237 -46.96 -117.50 -17.00
C GLY B 237 -47.06 -116.03 -16.69
N ASP B 238 -47.09 -115.66 -15.42
CA ASP B 238 -47.19 -114.27 -15.00
C ASP B 238 -46.00 -113.82 -14.18
N GLY B 239 -45.53 -114.63 -13.23
CA GLY B 239 -44.42 -114.25 -12.40
C GLY B 239 -43.09 -114.73 -12.94
N GLU B 240 -43.12 -115.86 -13.64
CA GLU B 240 -41.94 -116.55 -14.20
C GLU B 240 -40.91 -116.84 -13.10
N VAL B 241 -41.33 -117.71 -12.16
CA VAL B 241 -40.51 -118.00 -10.99
C VAL B 241 -39.26 -118.78 -11.38
N GLU B 242 -39.33 -119.53 -12.49
CA GLU B 242 -38.17 -120.06 -13.22
C GLU B 242 -37.36 -121.05 -12.37
N THR B 243 -38.04 -122.14 -12.00
CA THR B 243 -37.40 -123.20 -11.25
C THR B 243 -36.35 -123.90 -12.10
N ASP B 244 -35.23 -124.24 -11.48
CA ASP B 244 -34.18 -124.99 -12.14
C ASP B 244 -34.18 -126.43 -11.65
N THR B 245 -33.80 -127.33 -12.55
CA THR B 245 -33.71 -128.76 -12.26
C THR B 245 -32.69 -129.34 -13.22
N ILE B 246 -31.86 -130.26 -12.75
CA ILE B 246 -30.85 -130.88 -13.59
C ILE B 246 -31.35 -132.24 -14.03
N LEU B 247 -31.14 -132.55 -15.32
CA LEU B 247 -31.55 -133.81 -15.92
C LEU B 247 -30.29 -134.60 -16.25
N GLY B 248 -29.85 -135.43 -15.31
CA GLY B 248 -28.67 -136.25 -15.50
C GLY B 248 -29.06 -137.69 -15.79
N LYS B 249 -28.74 -138.16 -17.00
CA LYS B 249 -29.10 -139.50 -17.42
C LYS B 249 -27.93 -140.17 -18.11
N VAL B 250 -27.96 -141.50 -18.14
CA VAL B 250 -27.13 -142.29 -19.02
C VAL B 250 -28.07 -143.17 -19.83
N ASP B 251 -27.59 -143.66 -20.97
CA ASP B 251 -28.48 -144.27 -21.94
C ASP B 251 -27.68 -145.29 -22.78
N VAL B 252 -27.84 -146.57 -22.45
CA VAL B 252 -27.11 -147.62 -23.16
C VAL B 252 -27.71 -147.81 -24.55
N SER B 253 -26.85 -147.84 -25.56
CA SER B 253 -27.33 -147.98 -26.94
C SER B 253 -27.76 -149.41 -27.23
N SER B 254 -26.84 -150.37 -27.05
CA SER B 254 -27.15 -151.76 -27.39
C SER B 254 -28.08 -152.41 -26.39
N GLY B 255 -28.26 -151.82 -25.20
CA GLY B 255 -29.20 -152.34 -24.24
C GLY B 255 -30.61 -151.81 -24.39
N GLU B 256 -30.79 -150.77 -25.23
CA GLU B 256 -32.02 -149.98 -25.41
C GLU B 256 -32.77 -149.72 -24.11
N LEU B 257 -32.03 -149.28 -23.10
CA LEU B 257 -32.55 -149.02 -21.77
C LEU B 257 -32.16 -147.61 -21.37
N THR B 258 -33.08 -146.87 -20.77
CA THR B 258 -32.80 -145.51 -20.35
C THR B 258 -32.81 -145.40 -18.83
N LEU B 259 -32.16 -144.36 -18.34
CA LEU B 259 -31.83 -144.18 -16.92
C LEU B 259 -32.14 -142.75 -16.50
N THR B 260 -33.39 -142.33 -16.73
CA THR B 260 -33.83 -140.98 -16.42
C THR B 260 -33.66 -140.68 -14.94
N SER B 261 -33.09 -139.52 -14.64
CA SER B 261 -32.92 -139.08 -13.26
C SER B 261 -32.92 -137.56 -13.21
N ALA B 262 -33.75 -137.00 -12.34
CA ALA B 262 -33.85 -135.57 -12.15
C ALA B 262 -33.51 -135.22 -10.71
N SER B 263 -32.79 -134.11 -10.53
CA SER B 263 -32.42 -133.68 -9.19
C SER B 263 -33.62 -133.11 -8.44
N GLY B 264 -34.54 -132.45 -9.14
CA GLY B 264 -35.72 -131.91 -8.53
C GLY B 264 -36.87 -132.89 -8.59
N LYS B 265 -37.91 -132.58 -9.37
CA LYS B 265 -39.05 -133.48 -9.50
C LYS B 265 -39.58 -133.41 -10.93
N LEU B 266 -39.45 -134.51 -11.65
CA LEU B 266 -39.94 -134.66 -13.01
C LEU B 266 -41.25 -135.44 -13.01
N THR B 267 -42.04 -135.25 -14.07
CA THR B 267 -43.21 -136.09 -14.24
C THR B 267 -43.27 -136.79 -15.58
N ASP B 268 -42.96 -136.08 -16.67
CA ASP B 268 -42.97 -136.64 -18.02
C ASP B 268 -41.74 -136.16 -18.77
N VAL B 269 -41.41 -136.87 -19.84
CA VAL B 269 -40.36 -136.41 -20.76
C VAL B 269 -40.62 -136.99 -22.15
N LYS B 270 -40.50 -136.15 -23.18
CA LYS B 270 -40.58 -136.58 -24.56
C LYS B 270 -39.19 -136.65 -25.16
N VAL B 271 -38.95 -137.65 -26.00
CA VAL B 271 -37.67 -137.84 -26.65
C VAL B 271 -37.86 -137.80 -28.15
N LYS B 272 -36.74 -137.78 -28.87
CA LYS B 272 -36.72 -137.89 -30.32
C LYS B 272 -35.52 -138.75 -30.67
N GLY B 273 -35.74 -140.04 -30.78
CA GLY B 273 -34.69 -140.98 -31.12
C GLY B 273 -35.16 -141.97 -32.16
N TYR B 274 -34.21 -142.48 -32.91
CA TYR B 274 -34.48 -143.47 -33.95
C TYR B 274 -33.82 -144.79 -33.61
N VAL B 275 -33.98 -145.75 -34.49
CA VAL B 275 -33.29 -147.03 -34.42
C VAL B 275 -32.24 -147.05 -35.52
N ALA B 276 -31.01 -147.42 -35.15
CA ALA B 276 -29.91 -147.44 -36.11
C ALA B 276 -30.11 -148.56 -37.13
N SER B 277 -29.39 -148.44 -38.25
CA SER B 277 -29.66 -149.30 -39.39
C SER B 277 -28.44 -150.08 -39.86
N GLU B 278 -27.39 -150.19 -39.04
CA GLU B 278 -26.36 -151.16 -39.39
C GLU B 278 -26.86 -152.58 -39.16
N GLN B 279 -27.66 -152.78 -38.12
CA GLN B 279 -28.44 -154.00 -37.97
C GLN B 279 -29.59 -153.89 -38.95
N HIS B 280 -29.43 -154.46 -40.14
CA HIS B 280 -30.30 -154.22 -41.28
C HIS B 280 -31.63 -154.91 -41.07
N THR B 281 -32.51 -154.24 -40.34
CA THR B 281 -33.81 -154.81 -39.99
C THR B 281 -34.97 -154.21 -40.77
N SER B 282 -34.79 -153.03 -41.35
CA SER B 282 -35.87 -152.36 -42.07
C SER B 282 -35.26 -151.33 -43.00
N ALA B 283 -35.76 -151.28 -44.22
CA ALA B 283 -35.28 -150.35 -45.22
C ALA B 283 -36.41 -150.06 -46.20
N THR B 284 -36.09 -149.32 -47.26
CA THR B 284 -37.06 -148.96 -48.28
C THR B 284 -36.80 -149.81 -49.51
N ASN B 285 -37.86 -150.43 -50.02
CA ASN B 285 -37.78 -151.24 -51.23
C ASN B 285 -38.25 -150.44 -52.42
N VAL B 286 -37.51 -150.51 -53.51
CA VAL B 286 -37.82 -149.76 -54.72
C VAL B 286 -38.13 -150.76 -55.83
N GLU B 287 -39.40 -150.81 -56.24
CA GLU B 287 -39.83 -151.70 -57.30
C GLU B 287 -39.72 -150.99 -58.65
N LEU B 288 -40.35 -151.56 -59.67
CA LEU B 288 -40.38 -150.97 -60.99
C LEU B 288 -41.72 -151.29 -61.64
N GLY B 289 -42.28 -150.31 -62.35
CA GLY B 289 -43.60 -150.46 -62.92
C GLY B 289 -43.59 -150.03 -64.38
N LEU B 290 -44.62 -150.48 -65.10
CA LEU B 290 -44.70 -150.20 -66.53
C LEU B 290 -46.15 -150.28 -66.97
N THR B 291 -46.52 -149.38 -67.88
CA THR B 291 -47.81 -149.42 -68.57
C THR B 291 -47.61 -148.91 -69.97
N ARG B 292 -48.23 -149.56 -70.95
CA ARG B 292 -48.11 -149.16 -72.34
C ARG B 292 -49.32 -148.33 -72.75
N LYS B 293 -49.12 -147.51 -73.78
CA LYS B 293 -50.16 -146.65 -74.32
C LYS B 293 -50.29 -146.93 -75.82
N ASP B 294 -51.53 -147.00 -76.30
CA ASP B 294 -51.80 -147.43 -77.67
C ASP B 294 -51.80 -146.25 -78.63
N VAL B 295 -51.33 -146.50 -79.85
CA VAL B 295 -51.37 -145.52 -80.93
C VAL B 295 -51.83 -146.27 -82.18
N VAL B 296 -52.93 -145.80 -82.79
CA VAL B 296 -53.48 -146.44 -83.97
C VAL B 296 -53.65 -145.39 -85.08
N ILE B 297 -53.18 -145.74 -86.28
CA ILE B 297 -53.26 -144.84 -87.42
C ILE B 297 -54.19 -145.44 -88.46
N ASP B 298 -55.47 -145.05 -88.43
CA ASP B 298 -56.42 -145.66 -89.34
C ASP B 298 -56.45 -144.87 -90.65
N THR B 299 -57.43 -145.19 -91.49
CA THR B 299 -57.47 -144.69 -92.86
C THR B 299 -57.90 -143.23 -92.90
N ALA B 300 -57.51 -142.56 -93.97
CA ALA B 300 -57.86 -141.17 -94.21
C ALA B 300 -58.91 -141.09 -95.30
N GLN B 301 -59.27 -139.87 -95.67
CA GLN B 301 -60.26 -139.66 -96.71
C GLN B 301 -59.60 -139.64 -98.08
N HIS B 302 -60.18 -140.40 -99.00
CA HIS B 302 -59.76 -140.34 -100.40
C HIS B 302 -60.20 -139.01 -100.99
N ILE B 303 -59.27 -138.27 -101.58
CA ILE B 303 -59.60 -137.12 -102.40
C ILE B 303 -59.29 -137.50 -103.85
N GLU B 304 -60.28 -137.36 -104.72
CA GLU B 304 -60.15 -137.84 -106.08
C GLU B 304 -60.46 -136.72 -107.06
N ALA B 305 -60.02 -136.92 -108.31
CA ALA B 305 -60.20 -135.92 -109.35
C ALA B 305 -60.41 -136.62 -110.68
N THR B 306 -61.53 -136.34 -111.31
CA THR B 306 -61.83 -136.92 -112.62
C THR B 306 -61.07 -136.16 -113.70
N VAL B 307 -60.24 -136.87 -114.45
CA VAL B 307 -59.43 -136.21 -115.48
C VAL B 307 -59.65 -136.91 -116.84
N PRO B 308 -60.58 -136.41 -117.64
CA PRO B 308 -60.73 -136.91 -119.01
C PRO B 308 -59.60 -136.43 -119.91
N LEU B 309 -59.55 -137.01 -121.11
CA LEU B 309 -58.62 -136.56 -122.12
C LEU B 309 -59.11 -135.31 -122.84
N GLU B 310 -60.43 -135.16 -122.98
CA GLU B 310 -60.96 -134.03 -123.73
C GLU B 310 -60.85 -132.73 -122.96
N VAL B 311 -60.85 -132.78 -121.62
CA VAL B 311 -60.80 -131.53 -120.87
C VAL B 311 -59.37 -131.16 -120.51
N ILE B 312 -58.42 -132.04 -120.75
CA ILE B 312 -57.02 -131.66 -120.62
C ILE B 312 -56.61 -130.82 -121.82
N GLN B 313 -57.05 -131.21 -123.01
CA GLN B 313 -56.55 -130.57 -124.22
C GLN B 313 -57.22 -129.23 -124.48
N ASP B 314 -58.43 -129.01 -123.99
CA ASP B 314 -59.05 -127.71 -124.23
C ASP B 314 -58.55 -126.66 -123.24
N MET B 315 -58.21 -127.07 -122.03
CA MET B 315 -57.66 -126.16 -121.04
C MET B 315 -56.19 -125.87 -121.27
N LYS B 316 -55.46 -126.81 -121.84
CA LYS B 316 -54.06 -126.56 -122.17
C LYS B 316 -53.94 -125.62 -123.36
N ALA B 317 -54.80 -125.79 -124.36
CA ALA B 317 -54.68 -124.99 -125.58
C ALA B 317 -55.18 -123.57 -125.39
N THR B 318 -56.36 -123.39 -124.80
CA THR B 318 -56.96 -122.06 -124.75
C THR B 318 -56.33 -121.20 -123.67
N TYR B 319 -56.43 -121.63 -122.40
CA TYR B 319 -56.08 -120.78 -121.27
C TYR B 319 -54.66 -120.98 -120.77
N ASP B 320 -53.92 -121.96 -121.30
CA ASP B 320 -52.64 -122.43 -120.76
C ASP B 320 -52.81 -122.82 -119.29
N ILE B 321 -53.60 -123.86 -119.09
CA ILE B 321 -53.83 -124.43 -117.76
C ILE B 321 -53.28 -125.85 -117.78
N ASP B 322 -52.31 -126.12 -116.92
CA ASP B 322 -51.76 -127.46 -116.77
C ASP B 322 -52.74 -128.22 -115.89
N GLY B 323 -53.72 -128.88 -116.55
CA GLY B 323 -54.86 -129.44 -115.85
C GLY B 323 -54.54 -130.60 -114.92
N VAL B 324 -53.43 -131.29 -115.16
CA VAL B 324 -53.00 -132.35 -114.26
C VAL B 324 -52.16 -131.80 -113.11
N ALA B 325 -51.50 -130.66 -113.30
CA ALA B 325 -50.76 -130.02 -112.22
C ALA B 325 -51.63 -129.14 -111.34
N ARG B 326 -52.58 -128.39 -111.91
CA ARG B 326 -53.49 -127.60 -111.10
C ARG B 326 -54.49 -128.46 -110.34
N LEU B 327 -54.69 -129.71 -110.76
CA LEU B 327 -55.45 -130.64 -109.95
C LEU B 327 -54.61 -131.22 -108.83
N SER B 328 -53.34 -131.52 -109.10
CA SER B 328 -52.48 -132.12 -108.08
C SER B 328 -52.10 -131.11 -107.02
N GLU B 329 -51.87 -129.85 -107.41
CA GLU B 329 -51.60 -128.80 -106.43
C GLU B 329 -52.81 -128.52 -105.56
N THR B 330 -54.02 -128.70 -106.11
CA THR B 330 -55.22 -128.45 -105.33
C THR B 330 -55.43 -129.54 -104.29
N MET B 331 -55.29 -130.79 -104.69
CA MET B 331 -55.45 -131.89 -103.75
C MET B 331 -54.34 -131.93 -102.72
N SER B 332 -53.13 -131.50 -103.10
CA SER B 332 -52.06 -131.39 -102.12
C SER B 332 -52.29 -130.24 -101.17
N GLN B 333 -52.99 -129.20 -101.58
CA GLN B 333 -53.35 -128.11 -100.69
C GLN B 333 -54.65 -128.34 -99.95
N LEU B 334 -55.51 -129.23 -100.46
CA LEU B 334 -56.72 -129.59 -99.73
C LEU B 334 -56.42 -130.56 -98.60
N SER B 335 -55.47 -131.47 -98.80
CA SER B 335 -55.11 -132.43 -97.77
C SER B 335 -54.19 -131.81 -96.71
N SER B 336 -53.25 -130.96 -97.12
CA SER B 336 -52.37 -130.32 -96.16
C SER B 336 -53.09 -129.23 -95.36
N GLN B 337 -54.21 -128.73 -95.84
CA GLN B 337 -55.06 -127.89 -95.01
C GLN B 337 -56.08 -128.71 -94.24
N LYS B 338 -56.25 -129.98 -94.58
CA LYS B 338 -57.05 -130.86 -93.74
C LYS B 338 -56.27 -131.28 -92.51
N VAL B 339 -54.96 -131.47 -92.66
CA VAL B 339 -54.13 -131.95 -91.57
C VAL B 339 -53.81 -130.85 -90.55
N ASP B 340 -53.97 -129.59 -90.92
CA ASP B 340 -53.77 -128.50 -89.98
C ASP B 340 -55.06 -127.98 -89.37
N LEU B 341 -56.19 -128.57 -89.70
CA LEU B 341 -57.47 -128.16 -89.13
C LEU B 341 -58.03 -129.16 -88.15
N ASP B 342 -57.42 -130.33 -88.01
CA ASP B 342 -57.76 -131.24 -86.93
C ASP B 342 -56.70 -131.26 -85.84
N ILE B 343 -55.50 -130.78 -86.15
CA ILE B 343 -54.52 -130.43 -85.12
C ILE B 343 -55.13 -129.39 -84.18
N ILE B 344 -55.79 -128.39 -84.76
CA ILE B 344 -56.46 -127.36 -83.96
C ILE B 344 -57.67 -127.95 -83.25
N GLU B 345 -58.30 -128.98 -83.83
CA GLU B 345 -59.26 -129.75 -83.07
C GLU B 345 -58.58 -130.54 -81.97
N PHE B 346 -57.37 -131.06 -82.24
CA PHE B 346 -56.67 -131.87 -81.25
C PHE B 346 -56.17 -131.04 -80.09
N LEU B 347 -55.49 -129.92 -80.38
CA LEU B 347 -54.95 -129.08 -79.33
C LEU B 347 -56.02 -128.36 -78.54
N ASP B 348 -57.22 -128.22 -79.09
CA ASP B 348 -58.35 -127.74 -78.29
C ASP B 348 -59.00 -128.86 -77.51
N HIS B 349 -58.91 -130.09 -78.00
CA HIS B 349 -59.51 -131.20 -77.26
C HIS B 349 -58.58 -131.71 -76.16
N GLU B 350 -57.28 -131.82 -76.46
CA GLU B 350 -56.34 -132.32 -75.48
C GLU B 350 -56.06 -131.31 -74.37
N TYR B 351 -56.28 -130.02 -74.62
CA TYR B 351 -56.20 -129.04 -73.55
C TYR B 351 -57.38 -129.18 -72.60
N LYS B 352 -58.53 -129.61 -73.11
CA LYS B 352 -59.71 -129.79 -72.27
C LYS B 352 -59.53 -130.96 -71.30
N GLU B 353 -58.67 -131.91 -71.63
CA GLU B 353 -58.44 -133.04 -70.75
C GLU B 353 -57.64 -132.66 -69.51
N THR B 354 -56.91 -131.54 -69.56
CA THR B 354 -56.19 -131.07 -68.38
C THR B 354 -57.09 -130.30 -67.42
N ASP B 355 -58.32 -129.96 -67.84
CA ASP B 355 -59.28 -129.17 -67.08
C ASP B 355 -58.71 -127.83 -66.66
N ALA B 356 -58.00 -127.18 -67.60
CA ALA B 356 -57.49 -125.82 -67.49
C ALA B 356 -56.52 -125.67 -66.31
N LYS B 357 -55.45 -126.46 -66.36
CA LYS B 357 -54.45 -126.37 -65.31
C LYS B 357 -53.57 -125.14 -65.48
N TYR B 358 -53.31 -124.75 -66.72
CA TYR B 358 -52.42 -123.62 -67.01
C TYR B 358 -53.15 -122.54 -67.78
N HIS B 359 -54.45 -122.40 -67.55
CA HIS B 359 -55.24 -121.40 -68.23
C HIS B 359 -55.02 -120.05 -67.55
N PHE B 360 -54.32 -119.16 -68.22
CA PHE B 360 -54.12 -117.82 -67.73
C PHE B 360 -54.86 -116.84 -68.64
N SER B 361 -54.72 -115.56 -68.34
CA SER B 361 -55.42 -114.54 -69.10
C SER B 361 -54.54 -113.31 -69.22
N PHE B 362 -54.86 -112.47 -70.19
CA PHE B 362 -54.14 -111.20 -70.38
C PHE B 362 -55.10 -110.23 -71.06
N ASP B 363 -55.58 -109.25 -70.31
CA ASP B 363 -56.49 -108.26 -70.87
C ASP B 363 -55.71 -107.24 -71.69
N VAL B 364 -56.13 -107.06 -72.94
CA VAL B 364 -55.50 -106.03 -73.76
C VAL B 364 -55.95 -104.65 -73.30
N PHE B 365 -57.19 -104.53 -72.86
CA PHE B 365 -57.60 -103.36 -72.09
C PHE B 365 -56.80 -103.35 -70.79
N PRO B 366 -56.00 -102.32 -70.53
CA PRO B 366 -55.21 -102.30 -69.30
C PRO B 366 -56.10 -102.10 -68.08
N HIS B 367 -55.49 -102.23 -66.91
CA HIS B 367 -56.23 -102.13 -65.67
C HIS B 367 -56.76 -100.72 -65.46
N SER B 368 -57.75 -100.61 -64.58
CA SER B 368 -58.40 -99.33 -64.30
C SER B 368 -57.46 -98.33 -63.65
N ASP B 369 -56.37 -98.80 -63.04
CA ASP B 369 -55.34 -97.97 -62.46
C ASP B 369 -54.00 -98.24 -63.13
N TYR B 370 -53.99 -98.33 -64.45
CA TYR B 370 -52.70 -98.50 -65.14
C TYR B 370 -52.12 -97.15 -65.51
N SER B 371 -52.89 -96.33 -66.22
CA SER B 371 -52.63 -94.90 -66.40
C SER B 371 -51.32 -94.62 -67.12
N ALA B 372 -51.09 -95.34 -68.21
CA ALA B 372 -49.97 -95.10 -69.11
C ALA B 372 -50.38 -95.59 -70.49
N HIS B 373 -49.41 -95.75 -71.37
CA HIS B 373 -49.71 -96.12 -72.75
C HIS B 373 -50.12 -97.59 -72.83
N PRO B 374 -51.25 -97.91 -73.46
CA PRO B 374 -51.64 -99.33 -73.61
C PRO B 374 -50.76 -100.12 -74.57
N LYS B 375 -49.94 -99.46 -75.37
CA LYS B 375 -48.99 -100.18 -76.21
C LYS B 375 -47.90 -100.86 -75.38
N ASP B 376 -47.49 -100.25 -74.27
CA ASP B 376 -46.53 -100.85 -73.37
C ASP B 376 -47.18 -101.73 -72.33
N TRP B 377 -48.51 -101.78 -72.30
CA TRP B 377 -49.20 -102.79 -71.51
C TRP B 377 -49.06 -104.17 -72.13
N LEU B 378 -48.81 -104.23 -73.43
CA LEU B 378 -48.65 -105.48 -74.16
C LEU B 378 -47.28 -106.11 -73.96
N GLU B 379 -46.38 -105.45 -73.24
CA GLU B 379 -45.20 -106.16 -72.76
C GLU B 379 -45.58 -107.19 -71.71
N GLY B 380 -46.65 -106.95 -70.95
CA GLY B 380 -47.15 -107.87 -69.96
C GLY B 380 -47.58 -109.22 -70.47
N LEU B 381 -47.85 -109.36 -71.78
CA LEU B 381 -48.12 -110.67 -72.35
C LEU B 381 -46.91 -111.58 -72.26
N ARG B 382 -45.70 -111.02 -72.39
CA ARG B 382 -44.49 -111.81 -72.23
C ARG B 382 -44.29 -112.30 -70.82
N GLU B 383 -44.85 -111.62 -69.82
CA GLU B 383 -44.72 -112.02 -68.44
C GLU B 383 -45.90 -112.85 -67.95
N VAL B 384 -46.82 -113.19 -68.85
CA VAL B 384 -47.72 -114.30 -68.62
C VAL B 384 -47.24 -115.57 -69.31
N ILE B 385 -46.56 -115.43 -70.44
CA ILE B 385 -45.97 -116.59 -71.12
C ILE B 385 -44.85 -117.18 -70.27
N ASP B 386 -43.93 -116.34 -69.79
CA ASP B 386 -42.84 -116.80 -68.95
C ASP B 386 -43.32 -117.30 -67.60
N HIS B 387 -44.46 -116.81 -67.11
CA HIS B 387 -45.06 -117.39 -65.92
C HIS B 387 -45.72 -118.72 -66.23
N THR B 388 -46.17 -118.92 -67.46
CA THR B 388 -46.77 -120.20 -67.83
C THR B 388 -45.71 -121.27 -68.00
N THR B 389 -44.64 -120.95 -68.72
CA THR B 389 -43.65 -121.95 -69.07
C THR B 389 -42.82 -122.37 -67.87
N GLN B 390 -42.51 -121.43 -66.98
CA GLN B 390 -41.85 -121.82 -65.74
C GLN B 390 -42.78 -122.60 -64.82
N SER B 391 -44.09 -122.41 -64.95
CA SER B 391 -45.02 -123.26 -64.23
C SER B 391 -45.14 -124.63 -64.88
N MET B 392 -44.81 -124.75 -66.17
CA MET B 392 -44.70 -126.08 -66.78
C MET B 392 -43.51 -126.83 -66.22
N LYS B 393 -42.35 -126.19 -66.17
CA LYS B 393 -41.11 -126.82 -65.76
C LYS B 393 -41.01 -127.00 -64.24
N ASN B 394 -42.01 -126.62 -63.48
CA ASN B 394 -42.05 -126.88 -62.06
C ASN B 394 -43.08 -127.92 -61.67
N ASP B 395 -43.87 -128.40 -62.63
CA ASP B 395 -44.79 -129.51 -62.37
C ASP B 395 -44.38 -130.79 -63.06
N TYR B 396 -43.55 -130.70 -64.10
CA TYR B 396 -43.09 -131.87 -64.83
C TYR B 396 -41.58 -132.00 -64.85
N LYS B 397 -40.87 -131.05 -64.22
CA LYS B 397 -39.42 -131.12 -63.97
C LYS B 397 -38.62 -131.19 -65.26
N LEU B 398 -39.13 -130.57 -66.32
CA LEU B 398 -38.53 -130.64 -67.63
C LEU B 398 -37.61 -129.46 -67.84
N TYR B 399 -36.34 -129.72 -68.12
CA TYR B 399 -35.34 -128.66 -68.18
C TYR B 399 -34.66 -128.52 -69.53
N ASP B 400 -34.84 -129.46 -70.45
CA ASP B 400 -34.31 -129.37 -71.81
C ASP B 400 -35.51 -129.41 -72.74
N VAL B 401 -36.09 -128.24 -73.01
CA VAL B 401 -37.38 -128.17 -73.67
C VAL B 401 -37.45 -126.87 -74.47
N GLN B 402 -38.05 -126.96 -75.65
CA GLN B 402 -38.40 -125.78 -76.43
C GLN B 402 -39.91 -125.64 -76.46
N PHE B 403 -40.39 -124.43 -76.22
CA PHE B 403 -41.82 -124.15 -76.22
C PHE B 403 -42.23 -123.53 -77.55
N VAL B 404 -43.43 -123.83 -77.99
CA VAL B 404 -44.02 -123.19 -79.16
C VAL B 404 -45.33 -122.55 -78.75
N ILE B 405 -45.63 -121.41 -79.36
CA ILE B 405 -46.84 -120.65 -79.07
C ILE B 405 -47.57 -120.46 -80.39
N VAL B 406 -48.71 -121.12 -80.55
CA VAL B 406 -49.51 -120.96 -81.74
C VAL B 406 -50.63 -119.98 -81.44
N GLY B 407 -51.14 -119.36 -82.49
CA GLY B 407 -52.15 -118.33 -82.34
C GLY B 407 -52.24 -117.52 -83.62
N ASN B 408 -53.24 -116.63 -83.63
CA ASN B 408 -53.45 -115.79 -84.79
C ASN B 408 -52.32 -114.77 -84.90
N PRO B 409 -51.99 -114.35 -86.12
CA PRO B 409 -51.06 -113.21 -86.27
C PRO B 409 -51.62 -111.90 -85.77
N LEU B 410 -52.91 -111.82 -85.46
CA LEU B 410 -53.41 -110.73 -84.62
C LEU B 410 -52.82 -110.82 -83.22
N ASP B 411 -52.87 -111.99 -82.61
CA ASP B 411 -52.42 -112.18 -81.25
C ASP B 411 -50.93 -112.47 -81.14
N VAL B 412 -50.31 -113.00 -82.19
CA VAL B 412 -48.85 -113.11 -82.22
C VAL B 412 -48.21 -111.74 -82.37
N ARG B 413 -48.93 -110.77 -82.95
CA ARG B 413 -48.42 -109.41 -83.14
C ARG B 413 -48.13 -108.71 -81.81
N LEU B 414 -48.88 -109.04 -80.76
CA LEU B 414 -48.67 -108.40 -79.47
C LEU B 414 -47.39 -108.83 -78.78
N ILE B 415 -46.75 -109.90 -79.22
CA ILE B 415 -45.55 -110.40 -78.54
C ILE B 415 -44.31 -109.56 -78.89
N PRO B 416 -43.92 -109.32 -80.19
CA PRO B 416 -42.72 -108.50 -80.39
C PRO B 416 -42.98 -107.03 -80.17
N ASN B 417 -44.18 -106.57 -80.56
CA ASN B 417 -44.66 -105.20 -80.38
C ASN B 417 -43.71 -104.19 -81.00
N VAL B 418 -43.27 -104.48 -82.22
CA VAL B 418 -42.23 -103.68 -82.86
C VAL B 418 -42.81 -102.36 -83.33
N SER B 419 -41.96 -101.35 -83.41
CA SER B 419 -42.35 -100.01 -83.82
C SER B 419 -42.03 -99.80 -85.29
N TRP B 420 -42.63 -98.74 -85.85
CA TRP B 420 -42.51 -98.46 -87.26
C TRP B 420 -41.18 -97.79 -87.58
N THR B 421 -40.73 -97.94 -88.82
CA THR B 421 -39.63 -97.14 -89.34
C THR B 421 -40.15 -96.38 -90.55
N PHE B 422 -39.53 -95.25 -90.86
CA PHE B 422 -39.95 -94.41 -91.96
C PHE B 422 -38.78 -94.11 -92.88
N ASN B 423 -39.09 -93.85 -94.14
CA ASN B 423 -38.08 -93.55 -95.14
C ASN B 423 -38.66 -92.70 -96.27
N ASN B 434 -41.08 -107.10 -99.39
CA ASN B 434 -40.22 -108.24 -99.09
C ASN B 434 -39.37 -107.98 -97.86
N GLY B 435 -39.25 -108.98 -97.00
CA GLY B 435 -38.53 -108.87 -95.76
C GLY B 435 -39.39 -108.79 -94.52
N ILE B 436 -40.67 -109.16 -94.60
CA ILE B 436 -41.59 -109.08 -93.48
C ILE B 436 -42.09 -110.49 -93.21
N LYS B 437 -41.62 -111.07 -92.10
CA LYS B 437 -42.04 -112.40 -91.68
C LYS B 437 -42.28 -112.52 -90.18
N ILE B 438 -42.04 -111.45 -89.41
CA ILE B 438 -41.97 -111.57 -87.95
C ILE B 438 -43.33 -111.73 -87.30
N ASN B 439 -44.42 -111.60 -88.04
CA ASN B 439 -45.74 -111.82 -87.48
C ASN B 439 -46.23 -113.24 -87.70
N TYR B 440 -45.46 -114.05 -88.39
CA TYR B 440 -45.94 -115.39 -88.74
C TYR B 440 -45.06 -116.49 -88.14
N SER B 441 -43.75 -116.34 -88.17
CA SER B 441 -42.86 -117.33 -87.57
C SER B 441 -41.68 -116.57 -86.95
N LEU B 442 -41.51 -116.73 -85.64
CA LEU B 442 -40.47 -115.99 -84.94
C LEU B 442 -39.96 -116.83 -83.77
N GLY B 443 -38.68 -116.63 -83.43
CA GLY B 443 -38.09 -117.29 -82.29
C GLY B 443 -37.71 -116.31 -81.21
N ALA B 444 -38.25 -116.50 -80.01
CA ALA B 444 -38.07 -115.60 -78.88
C ALA B 444 -37.20 -116.29 -77.84
N ALA B 445 -36.10 -115.64 -77.46
CA ALA B 445 -35.19 -116.17 -76.46
C ALA B 445 -35.35 -115.34 -75.20
N SER B 446 -36.14 -115.84 -74.26
CA SER B 446 -36.33 -115.19 -72.97
C SER B 446 -35.21 -115.61 -72.02
N GLY B 447 -35.34 -115.24 -70.76
CA GLY B 447 -34.50 -115.81 -69.73
C GLY B 447 -35.07 -117.08 -69.13
N THR B 448 -36.26 -117.46 -69.55
CA THR B 448 -36.99 -118.60 -69.02
C THR B 448 -37.00 -119.80 -69.95
N ALA B 449 -37.16 -119.57 -71.24
CA ALA B 449 -37.13 -120.65 -72.23
C ALA B 449 -36.73 -120.07 -73.58
N ASN B 450 -36.67 -120.92 -74.60
CA ASN B 450 -36.53 -120.49 -75.98
C ASN B 450 -37.85 -120.78 -76.68
N TYR B 451 -38.45 -119.75 -77.24
CA TYR B 451 -39.76 -119.88 -77.85
C TYR B 451 -39.64 -119.97 -79.36
N ARG B 452 -40.72 -120.45 -79.98
CA ARG B 452 -40.82 -120.50 -81.43
C ARG B 452 -42.31 -120.30 -81.75
N ILE B 453 -42.70 -119.06 -82.00
CA ILE B 453 -44.10 -118.73 -82.14
C ILE B 453 -44.53 -118.95 -83.59
N ILE B 454 -45.69 -119.56 -83.77
CA ILE B 454 -46.20 -119.92 -85.08
C ILE B 454 -47.52 -119.20 -85.26
N GLY B 455 -47.51 -118.14 -86.07
CA GLY B 455 -48.69 -117.34 -86.26
C GLY B 455 -49.56 -117.68 -87.45
N SER B 456 -50.23 -118.83 -87.45
CA SER B 456 -51.10 -119.17 -88.56
C SER B 456 -52.53 -118.71 -88.29
N ASP B 457 -53.19 -118.25 -89.35
CA ASP B 457 -54.50 -117.63 -89.25
C ASP B 457 -55.65 -118.62 -89.17
N LEU B 458 -55.36 -119.92 -89.15
CA LEU B 458 -56.41 -120.92 -89.12
C LEU B 458 -57.04 -121.10 -87.75
N VAL B 459 -56.46 -120.52 -86.72
CA VAL B 459 -56.95 -120.69 -85.36
C VAL B 459 -58.01 -119.63 -85.07
N ARG B 460 -58.81 -119.87 -84.03
CA ARG B 460 -59.80 -118.90 -83.63
C ARG B 460 -59.15 -117.81 -82.79
N GLN B 461 -59.79 -116.66 -82.73
CA GLN B 461 -59.19 -115.46 -82.17
C GLN B 461 -59.35 -115.40 -80.66
N GLY B 462 -58.28 -115.00 -79.98
CA GLY B 462 -58.32 -114.71 -78.57
C GLY B 462 -57.73 -115.75 -77.65
N GLU B 463 -57.00 -116.74 -78.18
CA GLU B 463 -56.40 -117.77 -77.35
C GLU B 463 -55.02 -118.10 -77.91
N LEU B 464 -53.97 -117.80 -77.15
CA LEU B 464 -52.65 -118.35 -77.42
C LEU B 464 -52.56 -119.74 -76.79
N THR B 465 -51.65 -120.55 -77.32
CA THR B 465 -51.52 -121.94 -76.88
C THR B 465 -50.05 -122.30 -76.79
N ILE B 466 -49.57 -122.58 -75.58
CA ILE B 466 -48.17 -122.86 -75.33
C ILE B 466 -47.99 -124.37 -75.18
N ILE B 467 -47.08 -124.94 -75.96
CA ILE B 467 -46.86 -126.38 -76.02
C ILE B 467 -45.38 -126.66 -75.82
N ALA B 468 -45.08 -127.56 -74.89
CA ALA B 468 -43.69 -127.92 -74.59
C ALA B 468 -43.23 -129.06 -75.48
N ILE B 469 -42.00 -128.94 -75.98
CA ILE B 469 -41.40 -129.98 -76.82
C ILE B 469 -40.02 -130.33 -76.26
N PRO B 470 -39.82 -131.56 -75.79
CA PRO B 470 -38.56 -131.89 -75.12
C PRO B 470 -37.45 -132.23 -76.09
N GLN B 471 -36.22 -131.99 -75.63
CA GLN B 471 -35.04 -132.27 -76.43
C GLN B 471 -34.70 -133.76 -76.45
N GLN B 472 -34.87 -134.44 -75.32
CA GLN B 472 -34.44 -135.82 -75.20
C GLN B 472 -35.40 -136.74 -75.94
N ASP B 473 -34.84 -137.79 -76.54
CA ASP B 473 -35.64 -138.78 -77.26
C ASP B 473 -36.37 -139.71 -76.30
N ASN B 474 -35.96 -139.75 -75.03
CA ASN B 474 -36.59 -140.62 -74.05
C ASN B 474 -38.00 -140.13 -73.73
N TYR B 475 -38.19 -138.83 -73.63
CA TYR B 475 -39.44 -138.25 -73.13
C TYR B 475 -40.19 -137.58 -74.27
N LYS B 476 -41.44 -137.97 -74.47
CA LYS B 476 -42.27 -137.46 -75.54
C LYS B 476 -43.63 -137.08 -74.98
N THR B 477 -44.16 -135.95 -75.42
CA THR B 477 -45.42 -135.47 -74.87
C THR B 477 -46.47 -135.14 -75.91
N PHE B 478 -46.07 -134.74 -77.12
CA PHE B 478 -47.02 -134.40 -78.17
C PHE B 478 -46.40 -134.82 -79.49
N MET B 479 -47.01 -135.80 -80.15
CA MET B 479 -46.40 -136.44 -81.30
C MET B 479 -47.34 -136.42 -82.49
N PHE B 480 -46.83 -135.93 -83.62
CA PHE B 480 -47.50 -136.06 -84.90
C PHE B 480 -46.86 -137.20 -85.66
N TYR B 481 -47.66 -138.13 -86.16
CA TYR B 481 -47.16 -139.30 -86.86
C TYR B 481 -47.64 -139.30 -88.30
N PRO B 482 -46.85 -138.81 -89.25
CA PRO B 482 -47.23 -138.92 -90.66
C PRO B 482 -46.95 -140.33 -91.16
N TYR B 483 -48.02 -141.10 -91.37
CA TYR B 483 -47.86 -142.51 -91.72
C TYR B 483 -47.46 -142.67 -93.18
N THR B 484 -48.32 -142.26 -94.11
CA THR B 484 -48.03 -142.42 -95.52
C THR B 484 -48.79 -141.38 -96.32
N PHE B 485 -48.34 -141.20 -97.56
CA PHE B 485 -48.95 -140.24 -98.48
C PHE B 485 -48.68 -140.76 -99.88
N ASN B 486 -49.69 -141.37 -100.49
CA ASN B 486 -49.54 -142.02 -101.78
C ASN B 486 -50.53 -141.41 -102.77
N VAL B 487 -50.04 -141.11 -103.97
CA VAL B 487 -50.89 -140.66 -105.07
C VAL B 487 -50.91 -141.76 -106.12
N VAL B 488 -52.03 -141.91 -106.82
CA VAL B 488 -52.12 -142.79 -107.96
C VAL B 488 -52.72 -142.01 -109.11
N ASN B 489 -52.44 -142.47 -110.32
CA ASN B 489 -53.00 -141.93 -111.55
C ASN B 489 -53.81 -143.05 -112.20
N GLY B 490 -55.08 -143.15 -111.82
CA GLY B 490 -55.86 -144.31 -112.19
C GLY B 490 -55.41 -145.52 -111.41
N GLY B 491 -54.75 -146.46 -112.09
CA GLY B 491 -54.15 -147.59 -111.40
C GLY B 491 -55.14 -148.58 -110.82
N GLY B 492 -56.34 -148.65 -111.37
CA GLY B 492 -57.36 -149.55 -110.87
C GLY B 492 -58.36 -148.91 -109.93
N TYR B 493 -58.04 -147.74 -109.39
CA TYR B 493 -58.95 -147.03 -108.50
C TYR B 493 -59.92 -146.22 -109.37
N LEU B 494 -61.20 -146.58 -109.32
CA LEU B 494 -62.20 -145.95 -110.16
C LEU B 494 -62.61 -144.60 -109.59
N ASN B 495 -63.57 -143.97 -110.25
CA ASN B 495 -64.17 -142.75 -109.76
C ASN B 495 -65.53 -143.07 -109.14
N THR B 496 -65.91 -142.28 -108.15
CA THR B 496 -67.20 -142.47 -107.51
C THR B 496 -68.34 -141.90 -108.33
N ARG B 497 -68.13 -140.76 -108.99
CA ARG B 497 -69.20 -140.14 -109.77
C ARG B 497 -69.35 -140.77 -111.14
N ASN B 498 -68.32 -140.67 -111.98
CA ASN B 498 -68.35 -141.25 -113.32
C ASN B 498 -67.21 -142.23 -113.46
N PRO B 499 -67.45 -143.53 -113.29
CA PRO B 499 -66.35 -144.50 -113.29
C PRO B 499 -65.76 -144.82 -114.66
N ASN B 500 -66.26 -144.22 -115.73
CA ASN B 500 -65.75 -144.51 -117.06
C ASN B 500 -64.54 -143.66 -117.43
N VAL B 501 -64.04 -142.85 -116.51
CA VAL B 501 -63.00 -141.87 -116.81
C VAL B 501 -61.77 -142.23 -115.97
N PRO B 502 -60.55 -142.03 -116.48
CA PRO B 502 -59.36 -142.20 -115.65
C PRO B 502 -59.35 -141.25 -114.45
N ASN B 503 -59.18 -141.82 -113.27
CA ASN B 503 -59.26 -141.11 -112.01
C ASN B 503 -57.87 -140.65 -111.56
N MET B 504 -57.83 -139.99 -110.40
CA MET B 504 -56.57 -139.58 -109.78
C MET B 504 -56.84 -139.48 -108.29
N MET B 505 -56.36 -140.46 -107.53
CA MET B 505 -56.62 -140.55 -106.10
C MET B 505 -55.43 -140.00 -105.31
N MET B 506 -55.73 -139.47 -104.13
CA MET B 506 -54.70 -139.05 -103.19
C MET B 506 -55.17 -139.41 -101.79
N THR B 507 -54.24 -139.89 -100.96
CA THR B 507 -54.57 -140.31 -99.61
C THR B 507 -53.39 -140.00 -98.71
N ARG B 508 -53.66 -139.36 -97.57
CA ARG B 508 -52.64 -138.95 -96.62
C ARG B 508 -52.99 -139.54 -95.26
N ARG B 509 -52.53 -140.76 -95.00
CA ARG B 509 -52.77 -141.37 -93.70
C ARG B 509 -51.78 -140.82 -92.69
N TYR B 510 -52.27 -140.56 -91.48
CA TYR B 510 -51.55 -139.81 -90.47
C TYR B 510 -52.30 -139.96 -89.15
N THR B 511 -51.61 -139.63 -88.06
CA THR B 511 -52.29 -139.40 -86.79
C THR B 511 -51.47 -138.42 -85.99
N VAL B 512 -52.11 -137.86 -84.97
CA VAL B 512 -51.45 -137.03 -83.96
C VAL B 512 -51.88 -137.55 -82.60
N GLU B 513 -50.94 -137.59 -81.65
CA GLU B 513 -51.23 -138.20 -80.36
C GLU B 513 -50.35 -137.60 -79.28
N SER B 514 -50.97 -137.33 -78.14
CA SER B 514 -50.29 -136.88 -76.94
C SER B 514 -50.08 -138.04 -75.98
N PHE B 515 -49.06 -137.91 -75.14
CA PHE B 515 -48.77 -138.90 -74.12
C PHE B 515 -49.05 -138.37 -72.72
N VAL B 516 -48.46 -137.25 -72.36
CA VAL B 516 -48.81 -136.51 -71.16
C VAL B 516 -49.03 -135.05 -71.55
N PRO B 517 -50.19 -134.47 -71.31
CA PRO B 517 -50.53 -133.16 -71.88
C PRO B 517 -49.87 -132.02 -71.12
N ILE B 518 -48.87 -131.40 -71.74
CA ILE B 518 -48.35 -130.13 -71.25
C ILE B 518 -48.78 -129.07 -72.25
N ILE B 519 -49.83 -128.33 -71.91
CA ILE B 519 -50.41 -127.36 -72.83
C ILE B 519 -51.12 -126.29 -72.01
N GLY B 520 -50.82 -125.03 -72.31
CA GLY B 520 -51.44 -123.92 -71.60
C GLY B 520 -52.08 -122.96 -72.56
N ARG B 521 -53.17 -122.35 -72.11
CA ARG B 521 -53.99 -121.48 -72.96
C ARG B 521 -54.14 -120.13 -72.28
N ILE B 522 -53.58 -119.09 -72.90
CA ILE B 522 -53.70 -117.73 -72.39
C ILE B 522 -54.88 -117.07 -73.10
N THR B 523 -55.97 -116.87 -72.36
CA THR B 523 -57.16 -116.24 -72.93
C THR B 523 -56.91 -114.76 -73.09
N ILE B 524 -56.50 -114.35 -74.29
CA ILE B 524 -56.34 -112.93 -74.60
C ILE B 524 -57.71 -112.35 -74.89
N LYS B 525 -58.17 -111.45 -74.03
CA LYS B 525 -59.50 -110.88 -74.18
C LYS B 525 -59.42 -109.41 -74.55
N ASN B 526 -60.52 -108.93 -75.13
CA ASN B 526 -60.68 -107.55 -75.61
C ASN B 526 -59.61 -107.16 -76.63
N ASN B 527 -59.20 -108.10 -77.47
CA ASN B 527 -58.28 -107.80 -78.58
C ASN B 527 -59.11 -107.72 -79.85
N ASN B 528 -59.75 -106.57 -80.06
CA ASN B 528 -60.48 -106.32 -81.29
C ASN B 528 -60.10 -104.96 -81.87
N GLY B 529 -58.94 -104.43 -81.52
CA GLY B 529 -58.47 -103.17 -82.03
C GLY B 529 -59.16 -101.94 -81.49
N SER B 530 -60.09 -102.09 -80.55
CA SER B 530 -60.85 -100.98 -80.01
C SER B 530 -60.28 -100.46 -78.70
N VAL B 531 -58.98 -100.69 -78.46
CA VAL B 531 -58.37 -100.21 -77.22
C VAL B 531 -58.12 -98.71 -77.29
N TYR B 532 -57.88 -98.19 -78.50
CA TYR B 532 -57.79 -96.76 -78.72
C TYR B 532 -59.10 -96.17 -79.22
N ALA B 533 -60.22 -96.83 -78.96
CA ALA B 533 -61.52 -96.31 -79.38
C ALA B 533 -62.59 -96.52 -78.32
N ARG B 534 -62.24 -97.06 -77.16
CA ARG B 534 -63.22 -97.30 -76.11
C ARG B 534 -63.59 -96.00 -75.41
N MET C 81 -57.41 -154.60 -93.19
CA MET C 81 -58.83 -154.29 -93.16
C MET C 81 -59.66 -155.45 -92.65
N GLY C 82 -60.75 -155.12 -91.96
CA GLY C 82 -61.80 -156.06 -91.66
C GLY C 82 -61.42 -157.15 -90.68
N PRO C 83 -61.36 -158.40 -91.15
CA PRO C 83 -61.08 -159.52 -90.26
C PRO C 83 -59.62 -159.65 -89.86
N ILE C 84 -58.72 -158.82 -90.38
CA ILE C 84 -57.33 -158.83 -89.93
C ILE C 84 -57.29 -158.25 -88.52
N GLN C 85 -56.92 -159.08 -87.55
CA GLN C 85 -56.84 -158.61 -86.17
C GLN C 85 -55.61 -157.72 -86.01
N PRO C 86 -55.76 -156.54 -85.42
CA PRO C 86 -54.61 -155.62 -85.33
C PRO C 86 -53.62 -156.04 -84.26
N TYR C 87 -52.35 -155.95 -84.61
CA TYR C 87 -51.26 -156.24 -83.69
C TYR C 87 -50.50 -154.95 -83.42
N ALA C 88 -50.26 -154.67 -82.16
CA ALA C 88 -49.66 -153.41 -81.73
C ALA C 88 -48.22 -153.67 -81.32
N SER C 89 -47.28 -153.07 -82.06
CA SER C 89 -45.87 -153.29 -81.83
C SER C 89 -45.36 -152.36 -80.72
N LEU C 90 -44.04 -152.32 -80.55
CA LEU C 90 -43.41 -151.60 -79.46
C LEU C 90 -42.36 -150.66 -80.00
N SER C 91 -42.27 -149.47 -79.41
CA SER C 91 -41.27 -148.48 -79.78
C SER C 91 -40.10 -148.55 -78.82
N MET C 92 -38.90 -148.33 -79.34
CA MET C 92 -37.66 -148.54 -78.60
C MET C 92 -37.36 -147.53 -77.49
N PRO C 93 -37.74 -146.25 -77.59
CA PRO C 93 -37.72 -145.42 -76.36
C PRO C 93 -38.75 -145.90 -75.35
N ILE C 94 -38.50 -145.56 -74.09
CA ILE C 94 -39.16 -146.22 -72.97
C ILE C 94 -39.95 -145.27 -72.08
N LEU C 95 -39.85 -143.95 -72.30
CA LEU C 95 -40.67 -142.91 -71.65
C LEU C 95 -40.52 -142.92 -70.12
N VAL C 96 -39.31 -142.58 -69.67
CA VAL C 96 -39.05 -142.52 -68.25
C VAL C 96 -39.79 -141.33 -67.62
N LYS C 97 -39.96 -141.38 -66.30
CA LYS C 97 -40.42 -140.22 -65.57
C LYS C 97 -39.27 -139.26 -65.36
N LEU C 98 -39.61 -138.01 -65.03
CA LEU C 98 -38.62 -136.96 -64.93
C LEU C 98 -38.30 -136.63 -63.48
N TRP C 99 -37.07 -136.21 -63.24
CA TRP C 99 -36.55 -136.01 -61.91
C TRP C 99 -36.06 -134.57 -61.75
N ALA C 100 -36.21 -134.05 -60.54
CA ALA C 100 -35.94 -132.66 -60.28
C ALA C 100 -34.43 -132.40 -60.23
N ARG C 101 -34.06 -131.18 -60.64
CA ARG C 101 -32.68 -130.77 -60.57
C ARG C 101 -32.29 -130.54 -59.12
N LEU C 102 -31.05 -130.88 -58.79
CA LEU C 102 -30.57 -130.84 -57.41
C LEU C 102 -29.42 -129.86 -57.33
N ALA C 103 -29.67 -128.69 -56.71
CA ALA C 103 -28.64 -127.69 -56.49
C ALA C 103 -28.50 -127.30 -55.03
N LEU C 104 -29.32 -127.83 -54.14
CA LEU C 104 -29.29 -127.44 -52.73
C LEU C 104 -28.11 -128.04 -51.98
N THR C 105 -27.36 -128.95 -52.60
CA THR C 105 -26.08 -129.37 -52.02
C THR C 105 -24.98 -128.34 -52.23
N GLU C 106 -25.25 -127.29 -53.01
CA GLU C 106 -24.32 -126.17 -53.16
C GLU C 106 -24.83 -124.91 -52.46
N ALA C 107 -26.10 -124.87 -52.08
CA ALA C 107 -26.64 -123.72 -51.37
C ALA C 107 -26.10 -123.58 -49.95
N LEU C 108 -25.50 -124.62 -49.41
CA LEU C 108 -24.93 -124.63 -48.09
C LEU C 108 -23.42 -124.87 -48.16
N PRO C 109 -22.64 -124.40 -47.20
CA PRO C 109 -21.19 -124.67 -47.26
C PRO C 109 -20.93 -126.11 -46.88
N THR C 110 -20.16 -126.79 -47.74
CA THR C 110 -19.95 -128.22 -47.62
C THR C 110 -18.57 -128.49 -47.05
N GLN C 111 -18.52 -129.19 -45.92
CA GLN C 111 -17.28 -129.68 -45.35
C GLN C 111 -17.37 -131.20 -45.35
N VAL C 112 -16.54 -131.85 -46.17
CA VAL C 112 -16.53 -133.30 -46.25
C VAL C 112 -15.95 -133.87 -44.96
N ALA C 113 -16.82 -134.39 -44.11
CA ALA C 113 -16.42 -134.83 -42.78
C ALA C 113 -15.68 -136.15 -42.87
N ASN C 114 -14.47 -136.18 -42.32
CA ASN C 114 -13.68 -137.40 -42.25
C ASN C 114 -14.00 -138.22 -41.01
N LYS C 115 -14.83 -137.70 -40.11
CA LYS C 115 -15.13 -138.39 -38.87
C LYS C 115 -16.64 -138.50 -38.69
N PRO C 116 -17.13 -139.65 -38.22
CA PRO C 116 -18.55 -139.77 -37.92
C PRO C 116 -18.97 -139.03 -36.67
N ASN C 117 -18.02 -138.68 -35.80
CA ASN C 117 -18.33 -137.94 -34.59
C ASN C 117 -17.19 -136.98 -34.33
N PHE C 118 -17.49 -135.69 -34.29
CA PHE C 118 -16.47 -134.68 -34.08
C PHE C 118 -17.13 -133.43 -33.51
N THR C 119 -16.36 -132.67 -32.76
CA THR C 119 -16.83 -131.46 -32.11
C THR C 119 -16.18 -130.22 -32.73
N VAL C 120 -16.77 -129.08 -32.44
CA VAL C 120 -16.18 -127.79 -32.76
C VAL C 120 -16.16 -126.98 -31.46
N PRO C 121 -15.04 -126.32 -31.15
CA PRO C 121 -15.03 -125.44 -29.98
C PRO C 121 -15.74 -124.14 -30.30
N ILE C 122 -16.19 -123.46 -29.24
CA ILE C 122 -16.81 -122.14 -29.35
C ILE C 122 -16.16 -121.26 -28.30
N LEU C 123 -15.34 -120.30 -28.74
CA LEU C 123 -14.61 -119.43 -27.82
C LEU C 123 -15.43 -118.17 -27.59
N THR C 124 -15.98 -118.05 -26.38
CA THR C 124 -16.68 -116.83 -26.04
C THR C 124 -15.92 -116.06 -24.96
N PRO C 125 -15.79 -114.74 -25.11
CA PRO C 125 -15.26 -113.92 -24.01
C PRO C 125 -16.33 -113.72 -22.94
N TYR C 126 -15.91 -113.11 -21.84
CA TYR C 126 -16.80 -112.93 -20.70
C TYR C 126 -16.37 -111.70 -19.92
N VAL C 127 -17.27 -111.23 -19.08
CA VAL C 127 -16.98 -110.18 -18.10
C VAL C 127 -17.64 -110.60 -16.79
N VAL C 128 -16.85 -110.75 -15.74
CA VAL C 128 -17.41 -111.06 -14.43
C VAL C 128 -17.95 -109.78 -13.82
N ASP C 129 -19.23 -109.80 -13.45
CA ASP C 129 -19.91 -108.58 -13.05
C ASP C 129 -19.41 -108.01 -11.72
N ALA C 130 -19.75 -108.65 -10.62
CA ALA C 130 -19.17 -108.28 -9.32
C ALA C 130 -18.87 -109.47 -8.43
N ASP C 131 -19.59 -110.58 -8.56
CA ASP C 131 -19.44 -111.74 -7.70
C ASP C 131 -19.63 -113.03 -8.48
N GLY C 132 -19.29 -113.01 -9.76
CA GLY C 132 -19.70 -114.08 -10.65
C GLY C 132 -20.73 -113.57 -11.62
N ASN C 133 -21.82 -114.33 -11.79
CA ASN C 133 -22.95 -114.16 -12.75
C ASN C 133 -22.54 -113.44 -14.03
N LYS C 134 -21.53 -114.00 -14.69
CA LYS C 134 -20.88 -113.38 -15.84
C LYS C 134 -21.81 -113.35 -17.03
N HIS C 135 -21.52 -112.45 -17.95
CA HIS C 135 -22.29 -112.27 -19.17
C HIS C 135 -21.33 -112.20 -20.34
N ALA C 136 -21.79 -112.67 -21.49
CA ALA C 136 -20.96 -112.73 -22.68
C ALA C 136 -20.64 -111.33 -23.17
N LEU C 137 -19.51 -111.19 -23.82
CA LEU C 137 -19.04 -109.87 -24.18
C LEU C 137 -19.78 -109.22 -25.35
N PRO C 138 -19.92 -109.83 -26.54
CA PRO C 138 -20.53 -109.06 -27.65
C PRO C 138 -22.02 -108.81 -27.50
N GLU C 139 -22.72 -109.51 -26.61
CA GLU C 139 -24.13 -109.24 -26.45
C GLU C 139 -24.38 -108.03 -25.55
N SER C 140 -23.53 -107.82 -24.55
CA SER C 140 -23.83 -106.83 -23.53
C SER C 140 -23.49 -105.41 -23.99
N ILE C 141 -22.34 -105.21 -24.61
CA ILE C 141 -21.94 -103.87 -25.07
C ILE C 141 -22.50 -103.73 -26.48
N ASN C 142 -23.81 -103.51 -26.56
CA ASN C 142 -24.45 -103.30 -27.84
C ASN C 142 -25.61 -102.31 -27.77
N ASN C 143 -25.79 -101.62 -26.65
CA ASN C 143 -26.93 -100.74 -26.47
C ASN C 143 -26.47 -99.40 -25.92
N THR C 144 -27.41 -98.45 -25.87
CA THR C 144 -27.09 -97.14 -25.31
C THR C 144 -26.84 -97.16 -23.80
N PRO C 145 -27.70 -97.76 -22.92
CA PRO C 145 -27.28 -97.68 -21.51
C PRO C 145 -26.30 -98.77 -21.13
N GLU C 146 -25.03 -98.52 -21.43
CA GLU C 146 -23.96 -99.46 -21.10
C GLU C 146 -23.62 -99.29 -19.64
N THR C 147 -24.40 -99.97 -18.79
CA THR C 147 -24.24 -99.90 -17.35
C THR C 147 -23.40 -101.04 -16.80
N LEU C 148 -22.74 -101.81 -17.67
CA LEU C 148 -22.01 -102.99 -17.25
C LEU C 148 -20.50 -102.81 -17.27
N VAL C 149 -19.99 -101.91 -18.10
CA VAL C 149 -18.57 -101.59 -18.15
C VAL C 149 -18.42 -100.10 -17.91
N GLY C 150 -17.74 -99.76 -16.83
CA GLY C 150 -17.53 -98.37 -16.48
C GLY C 150 -17.19 -98.22 -15.02
N LEU C 151 -16.96 -96.96 -14.64
CA LEU C 151 -16.58 -96.63 -13.28
C LEU C 151 -17.76 -96.78 -12.34
N VAL C 152 -17.47 -96.94 -11.05
CA VAL C 152 -18.47 -97.33 -10.07
C VAL C 152 -19.30 -96.11 -9.69
N GLN C 153 -20.55 -96.09 -10.15
CA GLN C 153 -21.41 -94.94 -9.91
C GLN C 153 -21.88 -94.89 -8.46
N ILE C 154 -21.90 -93.68 -7.90
CA ILE C 154 -22.39 -93.46 -6.55
C ILE C 154 -23.92 -93.40 -6.58
N LYS C 155 -24.53 -93.39 -5.40
CA LYS C 155 -25.98 -93.27 -5.31
C LYS C 155 -26.44 -91.90 -5.82
N GLU C 156 -27.64 -91.88 -6.39
CA GLU C 156 -28.08 -90.69 -7.14
C GLU C 156 -28.70 -89.65 -6.23
N ASP C 157 -29.64 -90.06 -5.37
CA ASP C 157 -30.36 -89.10 -4.56
C ASP C 157 -29.53 -88.64 -3.37
N ILE C 158 -29.84 -87.44 -2.89
CA ILE C 158 -29.08 -86.80 -1.83
C ILE C 158 -29.94 -86.50 -0.61
N ALA C 159 -31.18 -86.04 -0.84
CA ALA C 159 -32.15 -85.63 0.19
C ALA C 159 -31.60 -84.47 1.02
N VAL C 160 -31.45 -83.33 0.33
CA VAL C 160 -31.04 -82.08 0.94
C VAL C 160 -32.18 -81.57 1.83
N GLU C 161 -32.01 -81.71 3.14
CA GLU C 161 -33.10 -81.46 4.07
C GLU C 161 -33.02 -80.04 4.61
N GLY C 162 -34.07 -79.26 4.39
CA GLY C 162 -34.09 -77.90 4.87
C GLY C 162 -33.31 -76.92 4.04
N GLY C 163 -33.13 -77.20 2.74
CA GLY C 163 -32.45 -76.29 1.85
C GLY C 163 -30.94 -76.42 1.83
N LYS C 164 -30.36 -77.17 2.76
CA LYS C 164 -28.92 -77.31 2.84
C LYS C 164 -28.58 -78.59 3.58
N VAL C 165 -27.40 -79.13 3.32
CA VAL C 165 -26.89 -80.24 4.11
C VAL C 165 -25.75 -79.73 5.00
N THR C 166 -25.64 -80.30 6.19
CA THR C 166 -24.48 -80.03 7.03
C THR C 166 -23.26 -80.72 6.44
N ASP C 167 -23.33 -82.04 6.31
CA ASP C 167 -22.38 -82.82 5.53
C ASP C 167 -23.07 -84.14 5.19
N TYR C 168 -22.60 -84.76 4.13
CA TYR C 168 -23.19 -86.00 3.64
C TYR C 168 -22.10 -86.81 2.98
N ASP C 169 -22.02 -88.10 3.33
CA ASP C 169 -21.04 -88.96 2.71
C ASP C 169 -21.54 -89.34 1.31
N LEU C 170 -20.75 -89.01 0.29
CA LEU C 170 -21.12 -89.38 -1.06
C LEU C 170 -20.99 -90.88 -1.30
N PHE C 171 -20.17 -91.57 -0.51
CA PHE C 171 -19.83 -92.95 -0.79
C PHE C 171 -20.74 -93.93 -0.07
N THR C 172 -21.84 -93.46 0.51
CA THR C 172 -22.77 -94.36 1.17
C THR C 172 -23.52 -95.20 0.14
N GLY C 173 -23.96 -96.38 0.57
CA GLY C 173 -24.57 -97.36 -0.31
C GLY C 173 -23.56 -98.25 -1.02
N LEU C 174 -22.39 -97.73 -1.35
CA LEU C 174 -21.31 -98.53 -1.88
C LEU C 174 -20.77 -99.44 -0.79
N LYS C 175 -20.14 -100.54 -1.20
CA LYS C 175 -19.70 -101.57 -0.28
C LYS C 175 -18.18 -101.54 -0.17
N GLU C 176 -17.71 -101.67 1.07
CA GLU C 176 -16.29 -101.47 1.37
C GLU C 176 -15.44 -102.60 0.80
N GLY C 177 -14.31 -102.23 0.21
CA GLY C 177 -13.34 -103.18 -0.32
C GLY C 177 -13.59 -103.64 -1.74
N LYS C 178 -14.85 -103.95 -2.07
CA LYS C 178 -15.14 -104.50 -3.39
C LYS C 178 -15.18 -103.41 -4.46
N GLU C 179 -15.76 -102.26 -4.14
CA GLU C 179 -15.78 -101.14 -5.07
C GLU C 179 -15.28 -99.83 -4.47
N VAL C 180 -15.29 -99.67 -3.16
CA VAL C 180 -14.70 -98.50 -2.51
C VAL C 180 -13.79 -98.99 -1.39
N ARG C 181 -12.62 -98.38 -1.27
CA ARG C 181 -11.69 -98.64 -0.17
C ARG C 181 -11.57 -97.31 0.56
N LYS C 182 -12.50 -97.08 1.50
CA LYS C 182 -12.75 -95.75 2.03
C LYS C 182 -11.59 -95.25 2.86
N GLY C 183 -11.11 -94.05 2.53
CA GLY C 183 -9.88 -93.51 3.07
C GLY C 183 -8.74 -93.53 2.08
N ILE C 184 -8.87 -94.28 0.98
CA ILE C 184 -7.83 -94.40 -0.04
C ILE C 184 -8.30 -93.87 -1.39
N ASP C 185 -9.41 -94.39 -1.88
CA ASP C 185 -9.91 -93.95 -3.17
C ASP C 185 -10.81 -92.73 -3.02
N ARG C 186 -10.94 -91.97 -4.11
CA ARG C 186 -11.51 -90.64 -4.07
C ARG C 186 -12.58 -90.50 -5.14
N LEU C 187 -13.23 -89.34 -5.13
CA LEU C 187 -14.16 -88.94 -6.17
C LEU C 187 -13.39 -88.48 -7.40
N ASP C 188 -14.09 -88.11 -8.46
CA ASP C 188 -13.46 -87.66 -9.68
C ASP C 188 -13.62 -86.15 -9.83
N ARG C 189 -13.01 -85.62 -10.88
CA ARG C 189 -13.24 -84.23 -11.26
C ARG C 189 -14.45 -84.08 -12.18
N LYS C 190 -15.02 -85.19 -12.63
CA LYS C 190 -16.22 -85.15 -13.48
C LYS C 190 -17.47 -85.36 -12.65
N PHE C 191 -17.73 -84.42 -11.76
CA PHE C 191 -18.96 -84.42 -10.98
C PHE C 191 -20.05 -83.66 -11.74
N LYS C 192 -21.29 -83.97 -11.41
CA LYS C 192 -22.42 -83.42 -12.15
C LYS C 192 -23.69 -83.58 -11.32
N ILE C 193 -24.47 -82.51 -11.23
CA ILE C 193 -25.84 -82.58 -10.74
C ILE C 193 -26.75 -82.45 -11.95
N VAL C 194 -27.64 -83.40 -12.13
CA VAL C 194 -28.51 -83.42 -13.30
C VAL C 194 -29.96 -83.07 -12.98
N GLU C 195 -30.41 -83.24 -11.74
CA GLU C 195 -31.79 -82.97 -11.38
C GLU C 195 -31.84 -82.31 -10.02
N ALA C 196 -32.95 -81.63 -9.76
CA ALA C 196 -33.13 -80.90 -8.52
C ALA C 196 -34.62 -80.70 -8.29
N LYS C 197 -35.10 -81.08 -7.12
CA LYS C 197 -36.52 -80.98 -6.79
C LYS C 197 -36.68 -80.03 -5.61
N TRP C 198 -37.12 -78.81 -5.91
CA TRP C 198 -37.59 -77.90 -4.88
C TRP C 198 -38.99 -78.31 -4.42
N SER C 199 -39.50 -77.66 -3.38
CA SER C 199 -40.87 -77.94 -2.99
C SER C 199 -41.84 -77.30 -3.96
N ASP C 200 -41.56 -76.09 -4.42
CA ASP C 200 -42.35 -75.42 -5.43
C ASP C 200 -41.84 -75.74 -6.83
N SER C 201 -41.73 -77.01 -7.16
CA SER C 201 -41.16 -77.44 -8.42
C SER C 201 -42.25 -77.91 -9.37
N PHE C 202 -41.85 -78.11 -10.62
CA PHE C 202 -42.67 -78.82 -11.59
C PHE C 202 -41.78 -79.68 -12.46
N ASP C 203 -42.28 -80.87 -12.80
CA ASP C 203 -41.43 -81.88 -13.42
C ASP C 203 -41.12 -81.54 -14.87
N GLU C 204 -42.11 -81.02 -15.61
CA GLU C 204 -42.06 -80.73 -17.06
C GLU C 204 -41.79 -81.96 -17.91
N ARG C 205 -41.94 -83.16 -17.35
CA ARG C 205 -42.08 -84.40 -18.11
C ARG C 205 -43.41 -85.06 -17.80
N THR C 206 -43.74 -85.22 -16.54
CA THR C 206 -45.10 -85.46 -16.10
C THR C 206 -45.66 -84.16 -15.52
N SER C 207 -46.97 -84.12 -15.36
CA SER C 207 -47.63 -82.92 -14.86
C SER C 207 -47.76 -82.97 -13.34
N ALA C 208 -46.60 -82.96 -12.67
CA ALA C 208 -46.56 -83.04 -11.23
C ALA C 208 -45.37 -82.25 -10.71
N ALA C 209 -45.37 -82.03 -9.40
CA ALA C 209 -44.24 -81.38 -8.75
C ALA C 209 -43.10 -82.38 -8.58
N GLY C 210 -42.20 -82.44 -9.54
CA GLY C 210 -41.12 -83.40 -9.47
C GLY C 210 -39.76 -82.79 -9.76
N PHE C 211 -38.83 -83.62 -10.21
CA PHE C 211 -37.47 -83.16 -10.45
C PHE C 211 -37.40 -82.33 -11.72
N VAL C 212 -36.71 -81.20 -11.64
CA VAL C 212 -36.38 -80.43 -12.84
C VAL C 212 -35.12 -81.02 -13.43
N GLU C 213 -35.25 -81.61 -14.62
CA GLU C 213 -34.06 -82.04 -15.36
C GLU C 213 -33.32 -80.81 -15.85
N LEU C 214 -32.11 -80.61 -15.37
CA LEU C 214 -31.32 -79.45 -15.74
C LEU C 214 -30.87 -79.63 -17.18
N GLY C 215 -31.57 -79.00 -18.11
CA GLY C 215 -31.21 -79.10 -19.50
C GLY C 215 -30.14 -78.09 -19.84
N SER C 216 -28.88 -78.57 -19.86
CA SER C 216 -27.65 -77.86 -20.21
C SER C 216 -27.28 -76.75 -19.23
N ASN C 217 -28.12 -76.46 -18.26
CA ASN C 217 -27.72 -75.68 -17.08
C ASN C 217 -27.39 -76.61 -15.92
N VAL C 218 -26.55 -77.61 -16.18
CA VAL C 218 -26.12 -78.50 -15.13
C VAL C 218 -24.99 -77.82 -14.35
N VAL C 219 -24.99 -78.02 -13.04
CA VAL C 219 -23.91 -77.52 -12.20
C VAL C 219 -22.86 -78.61 -12.11
N LYS C 220 -21.75 -78.40 -12.80
CA LYS C 220 -20.65 -79.35 -12.84
C LYS C 220 -19.50 -78.81 -12.01
N LEU C 221 -18.47 -79.65 -11.82
CA LEU C 221 -17.35 -79.30 -10.96
C LEU C 221 -16.49 -78.27 -11.66
N GLN C 222 -16.47 -77.05 -11.11
CA GLN C 222 -15.65 -75.99 -11.64
C GLN C 222 -14.23 -76.13 -11.10
N ASP C 223 -13.41 -75.10 -11.27
CA ASP C 223 -12.03 -75.15 -10.81
C ASP C 223 -11.98 -75.07 -9.28
N ASN C 224 -10.95 -75.73 -8.73
CA ASN C 224 -10.74 -75.90 -7.28
C ASN C 224 -11.93 -76.55 -6.59
N ASP C 225 -12.56 -77.50 -7.30
CA ASP C 225 -13.44 -78.52 -6.72
C ASP C 225 -14.70 -77.92 -6.09
N THR C 226 -15.39 -77.06 -6.84
CA THR C 226 -16.59 -76.43 -6.33
C THR C 226 -17.66 -76.41 -7.42
N LEU C 227 -18.92 -76.38 -7.00
CA LEU C 227 -20.03 -76.17 -7.89
C LEU C 227 -20.59 -74.77 -7.69
N VAL C 228 -21.09 -74.18 -8.77
CA VAL C 228 -21.81 -72.92 -8.71
C VAL C 228 -22.75 -72.87 -9.91
N GLY C 229 -23.87 -72.17 -9.76
CA GLY C 229 -24.75 -71.97 -10.90
C GLY C 229 -26.17 -71.59 -10.52
N GLN C 230 -26.73 -70.65 -11.25
CA GLN C 230 -28.12 -70.26 -11.08
C GLN C 230 -28.96 -70.99 -12.12
N ILE C 231 -30.11 -71.48 -11.69
CA ILE C 231 -30.98 -72.27 -12.54
C ILE C 231 -32.42 -71.78 -12.36
N LYS C 232 -33.19 -71.88 -13.44
CA LYS C 232 -34.50 -71.25 -13.56
C LYS C 232 -35.53 -72.36 -13.64
N TYR C 233 -36.07 -72.74 -12.49
CA TYR C 233 -36.95 -73.89 -12.60
C TYR C 233 -38.40 -73.44 -12.79
N PRO C 234 -39.17 -74.18 -13.57
CA PRO C 234 -40.60 -73.88 -13.69
C PRO C 234 -41.36 -74.34 -12.46
N THR C 235 -42.18 -73.43 -11.92
CA THR C 235 -42.99 -73.72 -10.75
C THR C 235 -44.39 -74.21 -11.10
N ASN C 236 -45.15 -73.40 -11.81
CA ASN C 236 -46.53 -73.72 -12.14
C ASN C 236 -46.60 -74.48 -13.45
N GLY C 237 -47.44 -75.50 -13.49
CA GLY C 237 -47.72 -76.22 -14.71
C GLY C 237 -48.41 -75.34 -15.73
N ASP C 238 -47.72 -75.12 -16.87
CA ASP C 238 -48.13 -74.32 -18.03
C ASP C 238 -48.20 -72.82 -17.73
N GLY C 239 -47.97 -72.42 -16.49
CA GLY C 239 -47.75 -71.02 -16.18
C GLY C 239 -46.27 -70.82 -15.91
N GLU C 240 -45.56 -70.27 -16.90
CA GLU C 240 -44.11 -70.15 -16.82
C GLU C 240 -43.78 -68.96 -15.92
N VAL C 241 -43.84 -69.20 -14.62
CA VAL C 241 -43.53 -68.12 -13.67
C VAL C 241 -42.06 -68.12 -13.27
N GLU C 242 -41.36 -69.26 -13.40
CA GLU C 242 -39.90 -69.36 -13.45
C GLU C 242 -39.23 -68.82 -12.18
N THR C 243 -39.45 -69.53 -11.09
CA THR C 243 -38.78 -69.19 -9.84
C THR C 243 -37.28 -69.49 -9.95
N ASP C 244 -36.47 -68.52 -9.57
CA ASP C 244 -35.02 -68.63 -9.64
C ASP C 244 -34.46 -69.09 -8.31
N THR C 245 -33.38 -69.88 -8.39
CA THR C 245 -32.64 -70.31 -7.20
C THR C 245 -31.24 -70.68 -7.64
N ILE C 246 -30.23 -70.16 -6.94
CA ILE C 246 -28.85 -70.48 -7.23
C ILE C 246 -28.45 -71.73 -6.45
N LEU C 247 -27.39 -72.38 -6.90
CA LEU C 247 -26.89 -73.59 -6.25
C LEU C 247 -25.38 -73.49 -6.14
N GLY C 248 -24.86 -73.68 -4.93
CA GLY C 248 -23.43 -73.71 -4.73
C GLY C 248 -22.99 -74.84 -3.83
N LYS C 249 -21.74 -75.26 -3.98
CA LYS C 249 -21.28 -76.50 -3.39
C LYS C 249 -19.77 -76.56 -3.43
N VAL C 250 -19.19 -77.22 -2.44
CA VAL C 250 -17.78 -77.59 -2.47
C VAL C 250 -17.70 -79.10 -2.37
N ASP C 251 -16.60 -79.68 -2.87
CA ASP C 251 -16.45 -81.12 -2.91
C ASP C 251 -14.98 -81.45 -2.75
N VAL C 252 -14.56 -81.80 -1.54
CA VAL C 252 -13.20 -82.32 -1.37
C VAL C 252 -13.15 -83.72 -1.94
N SER C 253 -12.15 -83.98 -2.79
CA SER C 253 -12.09 -85.26 -3.49
C SER C 253 -11.70 -86.39 -2.54
N SER C 254 -10.69 -86.16 -1.71
CA SER C 254 -10.24 -87.21 -0.79
C SER C 254 -11.23 -87.42 0.34
N GLY C 255 -11.93 -86.36 0.75
CA GLY C 255 -12.86 -86.44 1.86
C GLY C 255 -14.28 -86.81 1.51
N GLU C 256 -14.63 -86.75 0.20
CA GLU C 256 -15.97 -86.96 -0.38
C GLU C 256 -17.10 -86.35 0.46
N LEU C 257 -16.87 -85.12 0.92
CA LEU C 257 -17.86 -84.41 1.70
C LEU C 257 -18.81 -83.63 0.79
N THR C 258 -20.04 -83.51 1.23
CA THR C 258 -21.10 -82.85 0.48
C THR C 258 -21.54 -81.59 1.20
N LEU C 259 -21.46 -80.45 0.52
CA LEU C 259 -21.84 -79.16 1.09
C LEU C 259 -22.78 -78.42 0.15
N THR C 260 -24.06 -78.76 0.15
CA THR C 260 -25.02 -78.05 -0.70
C THR C 260 -25.76 -77.02 0.14
N SER C 261 -26.07 -75.90 -0.49
CA SER C 261 -27.12 -75.03 0.03
C SER C 261 -27.78 -74.33 -1.15
N ALA C 262 -29.06 -74.02 -0.97
CA ALA C 262 -29.80 -73.21 -1.92
C ALA C 262 -30.26 -71.95 -1.21
N SER C 263 -30.36 -70.87 -1.98
CA SER C 263 -30.91 -69.64 -1.45
C SER C 263 -32.41 -69.75 -1.22
N GLY C 264 -33.09 -70.65 -1.92
CA GLY C 264 -34.48 -70.91 -1.66
C GLY C 264 -34.67 -72.12 -0.78
N LYS C 265 -35.25 -73.19 -1.32
CA LYS C 265 -35.50 -74.39 -0.52
C LYS C 265 -35.41 -75.63 -1.41
N LEU C 266 -34.31 -76.36 -1.24
CA LEU C 266 -34.18 -77.66 -1.92
C LEU C 266 -34.86 -78.74 -1.09
N THR C 267 -35.09 -79.87 -1.72
CA THR C 267 -35.50 -81.06 -1.00
C THR C 267 -34.60 -82.26 -1.29
N ASP C 268 -34.13 -82.39 -2.52
CA ASP C 268 -33.19 -83.42 -2.94
C ASP C 268 -32.65 -83.05 -4.31
N VAL C 269 -31.47 -83.58 -4.64
CA VAL C 269 -30.89 -83.44 -5.96
C VAL C 269 -30.43 -84.82 -6.42
N LYS C 270 -30.13 -84.92 -7.71
CA LYS C 270 -29.62 -86.15 -8.30
C LYS C 270 -28.22 -85.86 -8.81
N VAL C 271 -27.23 -86.57 -8.27
CA VAL C 271 -25.84 -86.34 -8.61
C VAL C 271 -25.38 -87.40 -9.61
N LYS C 272 -24.78 -86.96 -10.70
CA LYS C 272 -24.21 -87.88 -11.67
C LYS C 272 -22.69 -87.93 -11.49
N GLY C 273 -22.30 -88.60 -10.41
CA GLY C 273 -20.90 -88.76 -10.10
C GLY C 273 -20.57 -90.22 -9.86
N TYR C 274 -19.28 -90.51 -9.81
CA TYR C 274 -18.82 -91.87 -9.60
C TYR C 274 -17.52 -91.85 -8.83
N VAL C 275 -16.93 -93.03 -8.66
CA VAL C 275 -15.73 -93.22 -7.86
C VAL C 275 -14.55 -93.39 -8.80
N ALA C 276 -13.48 -92.62 -8.56
CA ALA C 276 -12.29 -92.71 -9.39
C ALA C 276 -11.57 -94.03 -9.18
N SER C 277 -11.16 -94.66 -10.27
CA SER C 277 -10.23 -95.77 -10.19
C SER C 277 -8.80 -95.28 -10.38
N GLU C 278 -8.45 -94.26 -9.59
CA GLU C 278 -7.07 -93.80 -9.53
C GLU C 278 -6.23 -94.78 -8.74
N GLN C 279 -6.58 -94.96 -7.47
CA GLN C 279 -6.12 -96.13 -6.74
C GLN C 279 -6.88 -97.35 -7.23
N HIS C 280 -6.14 -98.42 -7.53
CA HIS C 280 -6.69 -99.58 -8.23
C HIS C 280 -7.58 -100.39 -7.28
N THR C 281 -8.76 -99.85 -7.01
CA THR C 281 -9.66 -100.46 -6.04
C THR C 281 -10.70 -101.37 -6.67
N SER C 282 -10.99 -101.20 -7.95
CA SER C 282 -11.93 -102.04 -8.68
C SER C 282 -11.71 -101.82 -10.17
N ALA C 283 -11.95 -102.87 -10.94
CA ALA C 283 -11.87 -102.79 -12.39
C ALA C 283 -12.75 -103.88 -12.98
N THR C 284 -12.79 -103.95 -14.31
CA THR C 284 -13.52 -104.98 -15.02
C THR C 284 -12.54 -106.08 -15.40
N ASN C 285 -12.82 -107.31 -14.96
CA ASN C 285 -12.01 -108.46 -15.33
C ASN C 285 -12.70 -109.23 -16.43
N VAL C 286 -11.94 -109.58 -17.46
CA VAL C 286 -12.45 -110.39 -18.55
C VAL C 286 -11.91 -111.81 -18.39
N GLU C 287 -12.64 -112.76 -18.94
CA GLU C 287 -12.25 -114.17 -18.90
C GLU C 287 -12.30 -114.74 -20.31
N LEU C 288 -12.18 -116.05 -20.41
CA LEU C 288 -12.25 -116.76 -21.69
C LEU C 288 -13.07 -118.03 -21.47
N GLY C 289 -14.37 -117.95 -21.74
CA GLY C 289 -15.18 -119.15 -21.78
C GLY C 289 -14.92 -119.94 -23.04
N LEU C 290 -15.22 -121.24 -22.97
CA LEU C 290 -14.97 -122.14 -24.09
C LEU C 290 -15.86 -123.36 -23.95
N THR C 291 -16.75 -123.55 -24.91
CA THR C 291 -17.64 -124.70 -24.93
C THR C 291 -17.55 -125.39 -26.28
N ARG C 292 -18.06 -126.60 -26.34
CA ARG C 292 -17.98 -127.40 -27.55
C ARG C 292 -19.37 -127.84 -27.99
N LYS C 293 -19.56 -127.87 -29.30
CA LYS C 293 -20.78 -128.39 -29.91
C LYS C 293 -20.43 -129.63 -30.73
N ASP C 294 -21.15 -130.71 -30.48
CA ASP C 294 -20.82 -132.01 -31.06
C ASP C 294 -21.63 -132.26 -32.31
N VAL C 295 -20.99 -132.85 -33.32
CA VAL C 295 -21.61 -133.21 -34.59
C VAL C 295 -21.51 -134.72 -34.74
N VAL C 296 -22.63 -135.38 -34.93
CA VAL C 296 -22.66 -136.83 -35.07
C VAL C 296 -23.14 -137.21 -36.46
N ILE C 297 -22.53 -138.25 -37.02
CA ILE C 297 -22.98 -138.83 -38.27
C ILE C 297 -23.34 -140.27 -37.95
N ASP C 298 -24.59 -140.53 -37.62
CA ASP C 298 -24.96 -141.92 -37.41
C ASP C 298 -25.71 -142.40 -38.65
N THR C 299 -26.28 -143.59 -38.57
CA THR C 299 -26.76 -144.28 -39.77
C THR C 299 -28.02 -143.63 -40.32
N ALA C 300 -28.23 -143.82 -41.62
CA ALA C 300 -29.44 -143.42 -42.31
C ALA C 300 -30.16 -144.66 -42.81
N GLN C 301 -31.34 -144.45 -43.40
CA GLN C 301 -32.14 -145.56 -43.89
C GLN C 301 -31.52 -146.11 -45.17
N HIS C 302 -31.52 -147.44 -45.28
CA HIS C 302 -30.99 -148.07 -46.47
C HIS C 302 -32.03 -148.08 -47.58
N ILE C 303 -31.55 -148.17 -48.81
CA ILE C 303 -32.40 -148.27 -49.99
C ILE C 303 -32.17 -149.65 -50.58
N GLU C 304 -33.21 -150.49 -50.53
CA GLU C 304 -33.12 -151.83 -51.06
C GLU C 304 -33.91 -151.94 -52.36
N ALA C 305 -33.54 -152.93 -53.17
CA ALA C 305 -34.27 -153.25 -54.38
C ALA C 305 -33.95 -154.69 -54.73
N THR C 306 -34.95 -155.56 -54.66
CA THR C 306 -34.74 -156.97 -54.94
C THR C 306 -34.51 -157.20 -56.43
N VAL C 307 -33.56 -158.07 -56.74
CA VAL C 307 -33.26 -158.43 -58.12
C VAL C 307 -33.51 -159.93 -58.22
N PRO C 308 -34.71 -160.37 -58.60
CA PRO C 308 -34.94 -161.79 -58.81
C PRO C 308 -34.48 -162.19 -60.20
N LEU C 309 -34.37 -163.51 -60.41
CA LEU C 309 -33.89 -163.98 -61.70
C LEU C 309 -34.97 -163.88 -62.76
N GLU C 310 -36.22 -164.19 -62.41
CA GLU C 310 -37.29 -164.19 -63.39
C GLU C 310 -37.72 -162.79 -63.81
N VAL C 311 -37.42 -161.78 -63.00
CA VAL C 311 -37.83 -160.42 -63.34
C VAL C 311 -36.84 -159.80 -64.31
N ILE C 312 -35.55 -160.10 -64.17
CA ILE C 312 -34.55 -159.49 -65.04
C ILE C 312 -34.61 -160.10 -66.43
N GLN C 313 -34.70 -161.43 -66.53
CA GLN C 313 -34.71 -162.08 -67.83
C GLN C 313 -36.05 -161.96 -68.55
N ASP C 314 -37.05 -161.31 -67.95
CA ASP C 314 -38.26 -160.94 -68.67
C ASP C 314 -38.24 -159.50 -69.13
N MET C 315 -37.78 -158.57 -68.29
CA MET C 315 -37.70 -157.17 -68.70
C MET C 315 -36.60 -156.95 -69.72
N LYS C 316 -35.55 -157.77 -69.68
CA LYS C 316 -34.53 -157.71 -70.73
C LYS C 316 -35.08 -158.27 -72.04
N ALA C 317 -35.94 -159.28 -71.96
CA ALA C 317 -36.48 -159.91 -73.16
C ALA C 317 -37.55 -159.04 -73.81
N THR C 318 -38.61 -158.74 -73.07
CA THR C 318 -39.76 -158.07 -73.66
C THR C 318 -39.50 -156.59 -73.92
N TYR C 319 -39.24 -155.82 -72.86
CA TYR C 319 -39.19 -154.37 -72.96
C TYR C 319 -37.77 -153.82 -73.06
N ASP C 320 -36.77 -154.70 -73.18
CA ASP C 320 -35.35 -154.34 -73.32
C ASP C 320 -34.85 -153.47 -72.17
N ILE C 321 -35.29 -153.77 -70.95
CA ILE C 321 -34.92 -152.99 -69.78
C ILE C 321 -33.71 -153.64 -69.12
N ASP C 322 -32.66 -152.86 -68.89
CA ASP C 322 -31.55 -153.29 -68.04
C ASP C 322 -32.05 -153.27 -66.60
N GLY C 323 -32.34 -154.45 -66.06
CA GLY C 323 -33.06 -154.53 -64.80
C GLY C 323 -32.27 -154.17 -63.56
N VAL C 324 -30.96 -154.03 -63.69
CA VAL C 324 -30.11 -153.61 -62.59
C VAL C 324 -29.58 -152.18 -62.81
N ALA C 325 -29.32 -151.83 -64.07
CA ALA C 325 -28.86 -150.47 -64.38
C ALA C 325 -30.01 -149.47 -64.40
N ARG C 326 -31.25 -149.91 -64.22
CA ARG C 326 -32.37 -149.01 -64.02
C ARG C 326 -32.85 -149.00 -62.58
N LEU C 327 -32.65 -150.10 -61.85
CA LEU C 327 -33.00 -150.10 -60.45
C LEU C 327 -31.95 -149.36 -59.61
N SER C 328 -30.69 -149.38 -60.04
CA SER C 328 -29.66 -148.68 -59.29
C SER C 328 -29.75 -147.17 -59.47
N GLU C 329 -30.13 -146.72 -60.67
CA GLU C 329 -30.24 -145.28 -60.88
C GLU C 329 -31.52 -144.71 -60.31
N THR C 330 -32.55 -145.54 -60.12
CA THR C 330 -33.73 -145.08 -59.41
C THR C 330 -33.62 -145.27 -57.92
N MET C 331 -32.54 -145.90 -57.45
CA MET C 331 -32.18 -145.90 -56.04
C MET C 331 -31.36 -144.65 -55.70
N SER C 332 -30.41 -144.32 -56.57
CA SER C 332 -29.54 -143.18 -56.34
C SER C 332 -30.31 -141.87 -56.42
N GLN C 333 -31.26 -141.77 -57.35
CA GLN C 333 -32.06 -140.56 -57.46
C GLN C 333 -33.06 -140.42 -56.32
N LEU C 334 -33.43 -141.52 -55.67
CA LEU C 334 -34.28 -141.41 -54.49
C LEU C 334 -33.46 -140.94 -53.29
N SER C 335 -32.24 -141.45 -53.15
CA SER C 335 -31.40 -141.03 -52.03
C SER C 335 -30.93 -139.59 -52.19
N SER C 336 -30.58 -139.19 -53.42
CA SER C 336 -30.09 -137.84 -53.65
C SER C 336 -31.19 -136.79 -53.53
N GLN C 337 -32.45 -137.18 -53.69
CA GLN C 337 -33.54 -136.25 -53.41
C GLN C 337 -33.86 -136.17 -51.93
N LYS C 338 -33.63 -137.24 -51.18
CA LYS C 338 -33.79 -137.20 -49.73
C LYS C 338 -32.72 -136.35 -49.06
N VAL C 339 -31.59 -136.14 -49.75
CA VAL C 339 -30.64 -135.13 -49.30
C VAL C 339 -31.26 -133.74 -49.36
N ASP C 340 -31.85 -133.39 -50.50
CA ASP C 340 -32.43 -132.07 -50.71
C ASP C 340 -33.84 -131.94 -50.16
N LEU C 341 -34.36 -132.96 -49.50
CA LEU C 341 -35.55 -132.79 -48.69
C LEU C 341 -35.26 -132.84 -47.21
N ASP C 342 -34.04 -133.21 -46.82
CA ASP C 342 -33.54 -132.99 -45.47
C ASP C 342 -32.77 -131.70 -45.37
N ILE C 343 -32.88 -130.83 -46.36
CA ILE C 343 -32.36 -129.48 -46.31
C ILE C 343 -33.50 -128.47 -46.24
N ILE C 344 -34.52 -128.64 -47.08
CA ILE C 344 -35.69 -127.76 -47.03
C ILE C 344 -36.47 -127.99 -45.75
N GLU C 345 -36.55 -129.23 -45.28
CA GLU C 345 -37.11 -129.48 -43.96
C GLU C 345 -36.20 -128.98 -42.86
N PHE C 346 -34.90 -128.91 -43.12
CA PHE C 346 -33.96 -128.41 -42.12
C PHE C 346 -34.09 -126.91 -41.94
N LEU C 347 -34.18 -126.16 -43.04
CA LEU C 347 -34.38 -124.72 -42.93
C LEU C 347 -35.80 -124.37 -42.51
N ASP C 348 -36.75 -125.28 -42.72
CA ASP C 348 -38.10 -125.06 -42.20
C ASP C 348 -38.11 -125.12 -40.68
N HIS C 349 -37.47 -126.16 -40.11
CA HIS C 349 -37.43 -126.29 -38.66
C HIS C 349 -36.55 -125.23 -38.03
N GLU C 350 -35.56 -124.74 -38.77
CA GLU C 350 -34.69 -123.70 -38.22
C GLU C 350 -35.35 -122.33 -38.20
N TYR C 351 -36.02 -121.95 -39.29
CA TYR C 351 -36.66 -120.64 -39.36
C TYR C 351 -37.82 -120.53 -38.39
N LYS C 352 -38.42 -121.65 -38.01
CA LYS C 352 -39.42 -121.64 -36.94
C LYS C 352 -38.77 -121.33 -35.59
N GLU C 353 -37.50 -121.67 -35.41
CA GLU C 353 -36.82 -121.31 -34.16
C GLU C 353 -36.41 -119.85 -34.15
N THR C 354 -36.12 -119.28 -35.32
CA THR C 354 -35.84 -117.86 -35.46
C THR C 354 -37.07 -117.02 -35.10
N ASP C 355 -38.27 -117.55 -35.36
CA ASP C 355 -39.57 -116.97 -34.98
C ASP C 355 -39.78 -115.60 -35.64
N ALA C 356 -39.68 -115.61 -36.97
CA ALA C 356 -40.08 -114.51 -37.85
C ALA C 356 -39.31 -113.23 -37.55
N LYS C 357 -38.00 -113.36 -37.31
CA LYS C 357 -37.18 -112.18 -37.10
C LYS C 357 -36.98 -111.42 -38.40
N TYR C 358 -36.97 -112.12 -39.53
CA TYR C 358 -36.76 -111.50 -40.83
C TYR C 358 -37.86 -111.90 -41.79
N HIS C 359 -39.09 -111.86 -41.32
CA HIS C 359 -40.24 -112.22 -42.13
C HIS C 359 -40.79 -110.98 -42.84
N PHE C 360 -39.99 -110.47 -43.76
CA PHE C 360 -40.48 -109.42 -44.63
C PHE C 360 -41.39 -110.03 -45.69
N SER C 361 -42.19 -109.17 -46.31
CA SER C 361 -43.18 -109.65 -47.27
C SER C 361 -43.05 -108.87 -48.57
N PHE C 362 -43.83 -109.30 -49.55
CA PHE C 362 -43.84 -108.68 -50.86
C PHE C 362 -45.19 -108.95 -51.52
N ASP C 363 -45.63 -108.00 -52.33
CA ASP C 363 -46.85 -108.18 -53.11
C ASP C 363 -46.55 -107.90 -54.56
N VAL C 364 -46.88 -108.87 -55.41
CA VAL C 364 -46.71 -108.70 -56.85
C VAL C 364 -47.80 -107.80 -57.42
N PHE C 365 -49.01 -107.90 -56.88
CA PHE C 365 -50.07 -106.93 -57.14
C PHE C 365 -49.65 -105.59 -56.56
N PRO C 366 -49.45 -104.56 -57.36
CA PRO C 366 -48.99 -103.28 -56.82
C PRO C 366 -50.11 -102.57 -56.07
N HIS C 367 -49.73 -101.48 -55.44
CA HIS C 367 -50.69 -100.67 -54.71
C HIS C 367 -51.63 -99.97 -55.68
N SER C 368 -52.77 -99.53 -55.16
CA SER C 368 -53.80 -98.94 -56.00
C SER C 368 -53.35 -97.61 -56.59
N ASP C 369 -52.59 -96.83 -55.84
CA ASP C 369 -52.02 -95.59 -56.37
C ASP C 369 -50.60 -95.81 -56.85
N TYR C 370 -50.42 -96.75 -57.78
CA TYR C 370 -49.13 -96.96 -58.38
C TYR C 370 -49.11 -96.49 -59.83
N SER C 371 -49.99 -97.04 -60.66
CA SER C 371 -50.28 -96.55 -62.02
C SER C 371 -49.04 -96.47 -62.91
N ALA C 372 -48.37 -97.61 -63.04
CA ALA C 372 -47.28 -97.74 -64.00
C ALA C 372 -47.27 -99.20 -64.46
N HIS C 373 -46.20 -99.57 -65.15
CA HIS C 373 -46.09 -100.94 -65.62
C HIS C 373 -45.77 -101.86 -64.45
N PRO C 374 -46.51 -102.94 -64.25
CA PRO C 374 -46.19 -103.87 -63.15
C PRO C 374 -44.90 -104.65 -63.33
N LYS C 375 -44.27 -104.60 -64.50
CA LYS C 375 -42.95 -105.19 -64.64
C LYS C 375 -41.90 -104.39 -63.89
N ASP C 376 -42.10 -103.09 -63.74
CA ASP C 376 -41.19 -102.27 -62.95
C ASP C 376 -41.51 -102.32 -61.47
N TRP C 377 -42.72 -102.69 -61.09
CA TRP C 377 -43.04 -102.90 -59.69
C TRP C 377 -42.30 -104.09 -59.11
N LEU C 378 -41.98 -105.08 -59.93
CA LEU C 378 -41.23 -106.25 -59.50
C LEU C 378 -39.76 -105.96 -59.24
N GLU C 379 -39.29 -104.76 -59.55
CA GLU C 379 -37.97 -104.32 -59.10
C GLU C 379 -37.90 -104.15 -57.59
N GLY C 380 -39.04 -103.98 -56.93
CA GLY C 380 -39.05 -103.82 -55.48
C GLY C 380 -38.59 -105.04 -54.71
N LEU C 381 -38.58 -106.21 -55.37
CA LEU C 381 -38.00 -107.40 -54.76
C LEU C 381 -36.49 -107.26 -54.59
N ARG C 382 -35.83 -106.42 -55.38
CA ARG C 382 -34.42 -106.15 -55.22
C ARG C 382 -34.11 -105.27 -54.02
N GLU C 383 -35.12 -104.74 -53.33
CA GLU C 383 -34.88 -103.93 -52.14
C GLU C 383 -35.75 -104.37 -50.96
N VAL C 384 -36.30 -105.57 -51.01
CA VAL C 384 -36.75 -106.23 -49.81
C VAL C 384 -35.68 -107.27 -49.47
N ILE C 385 -35.00 -107.76 -50.52
CA ILE C 385 -33.86 -108.64 -50.32
C ILE C 385 -32.70 -107.86 -49.71
N ASP C 386 -32.38 -106.69 -50.28
CA ASP C 386 -31.33 -105.84 -49.73
C ASP C 386 -31.69 -105.28 -48.36
N HIS C 387 -32.98 -105.18 -48.05
CA HIS C 387 -33.40 -104.79 -46.71
C HIS C 387 -33.30 -105.93 -45.72
N THR C 388 -33.54 -107.16 -46.18
CA THR C 388 -33.46 -108.32 -45.30
C THR C 388 -32.03 -108.66 -44.94
N THR C 389 -31.12 -108.56 -45.91
CA THR C 389 -29.74 -108.96 -45.66
C THR C 389 -29.04 -107.98 -44.74
N GLN C 390 -29.31 -106.69 -44.89
CA GLN C 390 -28.71 -105.72 -44.01
C GLN C 390 -29.28 -105.79 -42.60
N SER C 391 -30.54 -106.19 -42.46
CA SER C 391 -31.08 -106.43 -41.13
C SER C 391 -30.47 -107.67 -40.49
N MET C 392 -29.92 -108.59 -41.30
CA MET C 392 -29.16 -109.71 -40.77
C MET C 392 -27.75 -109.30 -40.38
N LYS C 393 -27.10 -108.46 -41.19
CA LYS C 393 -25.76 -107.98 -40.87
C LYS C 393 -25.74 -106.99 -39.71
N ASN C 394 -26.89 -106.49 -39.28
CA ASN C 394 -26.92 -105.59 -38.13
C ASN C 394 -27.09 -106.32 -36.82
N ASP C 395 -27.87 -107.40 -36.81
CA ASP C 395 -28.09 -108.15 -35.59
C ASP C 395 -27.03 -109.20 -35.33
N TYR C 396 -26.15 -109.47 -36.30
CA TYR C 396 -25.15 -110.50 -36.15
C TYR C 396 -23.76 -110.02 -36.53
N LYS C 397 -23.64 -108.80 -37.06
CA LYS C 397 -22.38 -108.05 -37.17
C LYS C 397 -21.38 -108.72 -38.12
N LEU C 398 -21.87 -109.52 -39.06
CA LEU C 398 -21.00 -110.08 -40.09
C LEU C 398 -20.73 -109.02 -41.14
N TYR C 399 -19.48 -108.98 -41.63
CA TYR C 399 -19.10 -108.04 -42.66
C TYR C 399 -18.38 -108.70 -43.83
N ASP C 400 -18.32 -110.03 -43.86
CA ASP C 400 -17.79 -110.74 -45.03
C ASP C 400 -18.72 -111.93 -45.30
N VAL C 401 -19.78 -111.67 -46.06
CA VAL C 401 -20.81 -112.65 -46.36
C VAL C 401 -20.99 -112.67 -47.87
N GLN C 402 -21.35 -113.83 -48.40
CA GLN C 402 -22.12 -113.86 -49.65
C GLN C 402 -23.40 -114.62 -49.35
N PHE C 403 -24.52 -113.91 -49.34
CA PHE C 403 -25.80 -114.51 -49.07
C PHE C 403 -26.22 -115.40 -50.24
N VAL C 404 -27.03 -116.42 -49.96
CA VAL C 404 -27.65 -117.23 -50.99
C VAL C 404 -29.14 -117.24 -50.75
N ILE C 405 -29.91 -117.30 -51.83
CA ILE C 405 -31.36 -117.24 -51.77
C ILE C 405 -31.89 -118.49 -52.44
N VAL C 406 -32.30 -119.47 -51.63
CA VAL C 406 -33.03 -120.60 -52.16
C VAL C 406 -34.49 -120.19 -52.35
N GLY C 407 -35.04 -120.50 -53.51
CA GLY C 407 -36.43 -120.15 -53.78
C GLY C 407 -36.95 -120.92 -54.98
N ASN C 408 -38.27 -120.95 -55.07
CA ASN C 408 -38.93 -121.54 -56.23
C ASN C 408 -38.64 -120.69 -57.46
N PRO C 409 -38.38 -121.31 -58.61
CA PRO C 409 -37.99 -120.53 -59.80
C PRO C 409 -39.09 -119.68 -60.39
N LEU C 410 -40.33 -119.79 -59.93
CA LEU C 410 -41.31 -118.76 -60.20
C LEU C 410 -40.93 -117.46 -59.50
N ASP C 411 -40.58 -117.57 -58.22
CA ASP C 411 -40.24 -116.39 -57.44
C ASP C 411 -38.82 -115.90 -57.72
N VAL C 412 -37.92 -116.80 -58.12
CA VAL C 412 -36.58 -116.41 -58.50
C VAL C 412 -36.62 -115.61 -59.80
N ARG C 413 -37.58 -115.92 -60.66
CA ARG C 413 -37.73 -115.22 -61.94
C ARG C 413 -38.09 -113.75 -61.77
N LEU C 414 -38.68 -113.38 -60.63
CA LEU C 414 -39.05 -111.99 -60.40
C LEU C 414 -37.85 -111.10 -60.14
N ILE C 415 -36.71 -111.67 -59.77
CA ILE C 415 -35.53 -110.88 -59.45
C ILE C 415 -34.85 -110.28 -60.67
N PRO C 416 -34.37 -111.03 -61.69
CA PRO C 416 -33.59 -110.35 -62.73
C PRO C 416 -34.43 -109.54 -63.71
N ASN C 417 -35.59 -110.06 -64.13
CA ASN C 417 -36.54 -109.41 -65.03
C ASN C 417 -35.90 -109.02 -66.36
N VAL C 418 -35.33 -110.01 -67.03
CA VAL C 418 -34.73 -109.78 -68.33
C VAL C 418 -35.84 -109.76 -69.38
N SER C 419 -35.72 -108.85 -70.34
CA SER C 419 -36.68 -108.80 -71.42
C SER C 419 -36.30 -109.80 -72.51
N TRP C 420 -37.22 -110.01 -73.44
CA TRP C 420 -37.05 -111.04 -74.45
C TRP C 420 -36.13 -110.55 -75.55
N THR C 421 -35.55 -111.50 -76.28
CA THR C 421 -34.71 -111.23 -77.44
C THR C 421 -35.22 -112.05 -78.61
N PHE C 422 -35.41 -111.39 -79.75
CA PHE C 422 -35.95 -112.03 -80.94
C PHE C 422 -34.86 -112.16 -81.98
N ASN C 423 -34.71 -113.36 -82.55
CA ASN C 423 -33.59 -113.68 -83.41
C ASN C 423 -34.06 -114.35 -84.70
N GLY C 424 -35.20 -113.91 -85.22
CA GLY C 424 -35.77 -114.55 -86.39
C GLY C 424 -36.34 -115.91 -86.06
N GLY C 425 -35.82 -116.95 -86.71
CA GLY C 425 -36.28 -118.30 -86.45
C GLY C 425 -36.26 -119.16 -87.70
N ASP C 426 -35.63 -120.33 -87.60
CA ASP C 426 -35.37 -121.15 -88.78
C ASP C 426 -35.72 -122.60 -88.53
N ARG C 427 -35.69 -123.01 -87.25
CA ARG C 427 -35.98 -124.34 -86.67
C ARG C 427 -34.85 -125.34 -86.97
N ASN C 428 -33.92 -124.99 -87.85
CA ASN C 428 -32.73 -125.80 -88.08
C ASN C 428 -31.50 -125.19 -87.43
N ALA C 429 -31.50 -123.88 -87.23
CA ALA C 429 -30.62 -123.21 -86.28
C ALA C 429 -31.32 -123.10 -84.93
N ASP C 430 -31.74 -124.27 -84.42
CA ASP C 430 -32.64 -124.37 -83.29
C ASP C 430 -31.87 -124.24 -81.98
N ALA C 431 -32.62 -124.08 -80.88
CA ALA C 431 -32.04 -123.96 -79.55
C ALA C 431 -33.02 -124.58 -78.57
N TYR C 432 -32.63 -125.73 -78.01
CA TYR C 432 -33.48 -126.43 -77.04
C TYR C 432 -33.07 -126.01 -75.62
N SER C 433 -33.35 -124.74 -75.33
CA SER C 433 -33.02 -124.08 -74.06
C SER C 433 -31.52 -124.15 -73.77
N ASN C 434 -30.74 -123.51 -74.65
CA ASN C 434 -29.29 -123.54 -74.50
C ASN C 434 -28.82 -122.56 -73.44
N GLY C 435 -29.08 -121.28 -73.63
CA GLY C 435 -28.63 -120.27 -72.68
C GLY C 435 -29.65 -119.97 -71.61
N ILE C 436 -30.26 -121.01 -71.04
CA ILE C 436 -31.28 -120.86 -70.03
C ILE C 436 -30.73 -121.40 -68.72
N LYS C 437 -30.26 -120.51 -67.86
CA LYS C 437 -29.83 -120.90 -66.52
C LYS C 437 -30.25 -119.93 -65.43
N ILE C 438 -30.70 -118.72 -65.76
CA ILE C 438 -30.79 -117.66 -64.75
C ILE C 438 -32.01 -117.79 -63.86
N ASN C 439 -32.95 -118.65 -64.17
CA ASN C 439 -34.03 -118.93 -63.23
C ASN C 439 -33.67 -120.03 -62.25
N TYR C 440 -32.50 -120.61 -62.37
CA TYR C 440 -32.02 -121.64 -61.47
C TYR C 440 -30.73 -121.26 -60.77
N SER C 441 -29.78 -120.67 -61.49
CA SER C 441 -28.51 -120.26 -60.92
C SER C 441 -28.18 -118.86 -61.39
N LEU C 442 -27.91 -117.96 -60.45
CA LEU C 442 -27.72 -116.57 -60.80
C LEU C 442 -26.89 -115.90 -59.71
N GLY C 443 -25.92 -115.08 -60.13
CA GLY C 443 -25.07 -114.38 -59.18
C GLY C 443 -25.27 -112.87 -59.25
N ALA C 444 -25.84 -112.31 -58.20
CA ALA C 444 -26.14 -110.89 -58.14
C ALA C 444 -25.17 -110.19 -57.19
N ALA C 445 -24.87 -108.93 -57.49
CA ALA C 445 -23.96 -108.12 -56.69
C ALA C 445 -24.59 -106.76 -56.49
N SER C 446 -25.36 -106.62 -55.42
CA SER C 446 -26.03 -105.35 -55.13
C SER C 446 -25.09 -104.44 -54.36
N GLY C 447 -25.63 -103.35 -53.83
CA GLY C 447 -24.82 -102.42 -53.05
C GLY C 447 -24.61 -102.87 -51.63
N THR C 448 -25.58 -103.58 -51.07
CA THR C 448 -25.48 -103.99 -49.67
C THR C 448 -24.66 -105.26 -49.53
N ALA C 449 -24.92 -106.27 -50.34
CA ALA C 449 -24.19 -107.53 -50.25
C ALA C 449 -24.12 -108.16 -51.64
N ASN C 450 -23.30 -109.20 -51.75
CA ASN C 450 -23.31 -110.02 -52.94
C ASN C 450 -24.20 -111.23 -52.73
N TYR C 451 -24.70 -111.78 -53.84
CA TYR C 451 -25.73 -112.80 -53.76
C TYR C 451 -25.38 -113.97 -54.67
N ARG C 452 -26.04 -115.08 -54.41
CA ARG C 452 -25.92 -116.27 -55.26
C ARG C 452 -27.26 -116.98 -55.18
N ILE C 453 -28.14 -116.71 -56.14
CA ILE C 453 -29.51 -117.17 -56.08
C ILE C 453 -29.58 -118.59 -56.61
N ILE C 454 -30.23 -119.47 -55.86
CA ILE C 454 -30.36 -120.88 -56.21
C ILE C 454 -31.83 -121.18 -56.43
N GLY C 455 -32.20 -121.50 -57.67
CA GLY C 455 -33.57 -121.85 -58.00
C GLY C 455 -33.71 -123.36 -58.07
N SER C 456 -34.68 -123.88 -57.31
CA SER C 456 -34.92 -125.32 -57.29
C SER C 456 -36.40 -125.54 -56.99
N ASP C 457 -37.06 -126.33 -57.81
CA ASP C 457 -38.51 -126.48 -57.72
C ASP C 457 -38.96 -127.39 -56.59
N LEU C 458 -38.03 -127.96 -55.82
CA LEU C 458 -38.43 -128.82 -54.71
C LEU C 458 -39.04 -128.01 -53.58
N VAL C 459 -38.59 -126.79 -53.38
CA VAL C 459 -39.13 -125.92 -52.34
C VAL C 459 -40.52 -125.46 -52.77
N ARG C 460 -41.39 -125.28 -51.78
CA ARG C 460 -42.74 -124.82 -52.05
C ARG C 460 -42.71 -123.38 -52.53
N GLN C 461 -43.57 -123.08 -53.50
CA GLN C 461 -43.61 -121.74 -54.06
C GLN C 461 -44.34 -120.79 -53.11
N GLY C 462 -43.85 -119.55 -53.05
CA GLY C 462 -44.50 -118.53 -52.25
C GLY C 462 -43.56 -117.84 -51.29
N GLU C 463 -42.38 -118.42 -51.07
CA GLU C 463 -41.42 -117.91 -50.11
C GLU C 463 -40.11 -117.61 -50.80
N LEU C 464 -39.21 -116.97 -50.06
CA LEU C 464 -37.84 -116.71 -50.52
C LEU C 464 -36.96 -116.72 -49.28
N THR C 465 -36.15 -117.76 -49.13
CA THR C 465 -35.37 -117.96 -47.92
C THR C 465 -33.95 -117.49 -48.17
N ILE C 466 -33.49 -116.55 -47.35
CA ILE C 466 -32.14 -115.99 -47.46
C ILE C 466 -31.25 -116.62 -46.40
N ILE C 467 -30.08 -117.08 -46.83
CA ILE C 467 -29.13 -117.81 -45.99
C ILE C 467 -27.79 -117.08 -46.06
N ALA C 468 -27.21 -116.81 -44.89
CA ALA C 468 -25.93 -116.10 -44.83
C ALA C 468 -24.78 -117.09 -44.82
N ILE C 469 -23.80 -116.87 -45.70
CA ILE C 469 -22.61 -117.71 -45.79
C ILE C 469 -21.37 -116.87 -45.52
N PRO C 470 -20.70 -117.05 -44.40
CA PRO C 470 -19.52 -116.22 -44.11
C PRO C 470 -18.28 -116.72 -44.82
N GLN C 471 -17.41 -115.77 -45.16
CA GLN C 471 -16.12 -116.13 -45.74
C GLN C 471 -15.15 -116.61 -44.67
N GLN C 472 -15.26 -116.05 -43.47
CA GLN C 472 -14.32 -116.34 -42.40
C GLN C 472 -14.48 -117.78 -41.91
N ASP C 473 -13.36 -118.49 -41.82
CA ASP C 473 -13.40 -119.89 -41.42
C ASP C 473 -13.71 -120.07 -39.95
N ASN C 474 -13.49 -119.04 -39.13
CA ASN C 474 -13.87 -119.07 -37.73
C ASN C 474 -15.38 -119.17 -37.60
N TYR C 475 -16.09 -118.13 -38.04
CA TYR C 475 -17.52 -118.07 -37.88
C TYR C 475 -18.20 -118.99 -38.89
N LYS C 476 -18.99 -119.93 -38.39
CA LYS C 476 -19.74 -120.85 -39.22
C LYS C 476 -21.20 -120.77 -38.83
N THR C 477 -22.06 -120.40 -39.78
CA THR C 477 -23.49 -120.44 -39.50
C THR C 477 -24.05 -121.84 -39.71
N PHE C 478 -24.03 -122.31 -40.95
CA PHE C 478 -24.53 -123.63 -41.30
C PHE C 478 -23.42 -124.43 -41.95
N MET C 479 -23.58 -125.74 -41.98
CA MET C 479 -22.62 -126.58 -42.67
C MET C 479 -23.32 -127.87 -43.09
N PHE C 480 -22.92 -128.36 -44.26
CA PHE C 480 -23.40 -129.62 -44.79
C PHE C 480 -22.22 -130.60 -44.73
N TYR C 481 -22.37 -131.66 -43.96
CA TYR C 481 -21.31 -132.66 -43.86
C TYR C 481 -21.75 -133.94 -44.57
N PRO C 482 -21.32 -134.18 -45.79
CA PRO C 482 -21.60 -135.47 -46.42
C PRO C 482 -20.53 -136.49 -46.06
N TYR C 483 -20.91 -137.56 -45.37
CA TYR C 483 -19.91 -138.51 -44.91
C TYR C 483 -19.51 -139.46 -46.03
N THR C 484 -20.44 -140.29 -46.49
CA THR C 484 -20.14 -141.26 -47.52
C THR C 484 -21.43 -141.64 -48.24
N PHE C 485 -21.27 -142.36 -49.34
CA PHE C 485 -22.40 -142.80 -50.17
C PHE C 485 -22.00 -144.16 -50.74
N ASN C 486 -22.55 -145.23 -50.17
CA ASN C 486 -22.11 -146.57 -50.52
C ASN C 486 -23.26 -147.36 -51.13
N VAL C 487 -22.88 -148.32 -51.97
CA VAL C 487 -23.81 -149.26 -52.58
C VAL C 487 -23.23 -150.65 -52.46
N VAL C 488 -24.08 -151.63 -52.17
CA VAL C 488 -23.65 -153.02 -51.96
C VAL C 488 -24.48 -153.89 -52.88
N ASN C 489 -23.87 -154.35 -53.97
CA ASN C 489 -24.52 -155.29 -54.86
C ASN C 489 -24.31 -156.69 -54.34
N GLY C 490 -25.38 -157.34 -53.90
CA GLY C 490 -25.25 -158.61 -53.21
C GLY C 490 -24.64 -158.39 -51.85
N GLY C 491 -23.43 -158.93 -51.64
CA GLY C 491 -22.67 -158.63 -50.44
C GLY C 491 -23.21 -159.19 -49.16
N GLY C 492 -24.15 -160.13 -49.23
CA GLY C 492 -24.70 -160.74 -48.04
C GLY C 492 -25.78 -159.93 -47.34
N TYR C 493 -26.11 -158.75 -47.84
CA TYR C 493 -27.18 -157.95 -47.24
C TYR C 493 -28.52 -158.56 -47.65
N LEU C 494 -29.25 -159.10 -46.69
CA LEU C 494 -30.53 -159.71 -47.02
C LEU C 494 -31.59 -158.65 -47.22
N ASN C 495 -32.73 -159.09 -47.74
CA ASN C 495 -33.88 -158.20 -47.87
C ASN C 495 -34.65 -158.19 -46.55
N THR C 496 -35.67 -157.34 -46.49
CA THR C 496 -36.50 -157.21 -45.30
C THR C 496 -37.88 -157.81 -45.47
N ARG C 497 -38.50 -157.66 -46.64
CA ARG C 497 -39.79 -158.28 -46.87
C ARG C 497 -39.65 -159.74 -47.26
N ASN C 498 -39.00 -159.99 -48.40
CA ASN C 498 -38.73 -161.35 -48.86
C ASN C 498 -37.22 -161.56 -48.87
N PRO C 499 -36.63 -162.07 -47.79
CA PRO C 499 -35.17 -162.20 -47.72
C PRO C 499 -34.59 -163.30 -48.58
N ASN C 500 -35.40 -164.09 -49.26
CA ASN C 500 -34.92 -165.20 -50.07
C ASN C 500 -34.37 -164.76 -51.42
N VAL C 501 -34.45 -163.47 -51.74
CA VAL C 501 -34.14 -162.97 -53.08
C VAL C 501 -32.94 -162.02 -52.96
N PRO C 502 -31.99 -162.04 -53.90
CA PRO C 502 -30.87 -161.09 -53.83
C PRO C 502 -31.32 -159.65 -54.07
N ASN C 503 -30.65 -158.72 -53.37
CA ASN C 503 -31.03 -157.32 -53.40
C ASN C 503 -29.78 -156.46 -53.40
N MET C 504 -29.98 -155.14 -53.39
CA MET C 504 -28.89 -154.17 -53.42
C MET C 504 -29.13 -153.12 -52.34
N MET C 505 -28.20 -153.01 -51.41
CA MET C 505 -28.27 -151.95 -50.40
C MET C 505 -27.64 -150.67 -50.94
N MET C 506 -28.15 -149.54 -50.46
CA MET C 506 -27.57 -148.24 -50.74
C MET C 506 -27.92 -147.31 -49.58
N THR C 507 -26.93 -146.55 -49.11
CA THR C 507 -27.18 -145.56 -48.07
C THR C 507 -26.26 -144.37 -48.27
N ARG C 508 -26.68 -143.23 -47.73
CA ARG C 508 -25.86 -142.03 -47.72
C ARG C 508 -25.95 -141.39 -46.34
N ARG C 509 -24.81 -140.97 -45.81
CA ARG C 509 -24.70 -140.45 -44.46
C ARG C 509 -24.39 -138.97 -44.53
N TYR C 510 -25.26 -138.17 -43.91
CA TYR C 510 -25.19 -136.71 -43.99
C TYR C 510 -25.82 -136.15 -42.72
N THR C 511 -25.25 -135.04 -42.24
CA THR C 511 -25.66 -134.45 -40.97
C THR C 511 -25.68 -132.92 -41.04
N VAL C 512 -26.40 -132.37 -42.03
CA VAL C 512 -26.46 -130.92 -42.19
C VAL C 512 -27.05 -130.26 -40.94
N GLU C 513 -26.19 -129.50 -40.25
CA GLU C 513 -26.45 -128.99 -38.91
C GLU C 513 -26.11 -127.52 -38.88
N SER C 514 -26.68 -126.83 -37.91
CA SER C 514 -26.57 -125.38 -37.81
C SER C 514 -25.94 -124.98 -36.49
N PHE C 515 -25.14 -123.91 -36.53
CA PHE C 515 -24.57 -123.33 -35.31
C PHE C 515 -25.36 -122.10 -34.89
N VAL C 516 -25.44 -121.09 -35.75
CA VAL C 516 -26.22 -119.89 -35.47
C VAL C 516 -27.25 -119.68 -36.57
N PRO C 517 -28.51 -119.47 -36.21
CA PRO C 517 -29.56 -119.28 -37.24
C PRO C 517 -29.57 -117.87 -37.77
N ILE C 518 -29.13 -117.71 -39.01
CA ILE C 518 -29.27 -116.46 -39.76
C ILE C 518 -30.09 -116.82 -40.99
N ILE C 519 -31.41 -116.67 -40.90
CA ILE C 519 -32.31 -117.17 -41.94
C ILE C 519 -33.56 -116.31 -41.94
N GLY C 520 -34.01 -115.92 -43.14
CA GLY C 520 -35.17 -115.07 -43.26
C GLY C 520 -36.00 -115.38 -44.49
N ARG C 521 -37.32 -115.41 -44.33
CA ARG C 521 -38.24 -115.88 -45.35
C ARG C 521 -39.05 -114.71 -45.87
N ILE C 522 -38.93 -114.42 -47.17
CA ILE C 522 -39.66 -113.33 -47.80
C ILE C 522 -40.93 -113.92 -48.40
N THR C 523 -42.08 -113.58 -47.81
CA THR C 523 -43.35 -114.10 -48.27
C THR C 523 -43.84 -113.28 -49.46
N ILE C 524 -43.97 -113.91 -50.61
CA ILE C 524 -44.41 -113.26 -51.84
C ILE C 524 -45.88 -113.61 -52.05
N LYS C 525 -46.72 -112.59 -52.19
CA LYS C 525 -48.15 -112.80 -52.38
C LYS C 525 -48.57 -112.50 -53.81
N ASN C 526 -49.57 -113.26 -54.28
CA ASN C 526 -50.26 -113.06 -55.55
C ASN C 526 -49.31 -113.15 -56.74
N ASN C 527 -48.35 -114.07 -56.67
CA ASN C 527 -47.52 -114.40 -57.83
C ASN C 527 -48.09 -115.64 -58.51
N ASN C 528 -49.27 -115.45 -59.12
CA ASN C 528 -49.95 -116.52 -59.82
C ASN C 528 -50.33 -116.11 -61.24
N GLY C 529 -49.64 -115.12 -61.80
CA GLY C 529 -49.90 -114.69 -63.16
C GLY C 529 -51.19 -113.92 -63.36
N SER C 530 -51.88 -113.54 -62.29
CA SER C 530 -53.13 -112.81 -62.41
C SER C 530 -52.92 -111.30 -62.34
N VAL C 531 -51.74 -110.81 -62.70
CA VAL C 531 -51.46 -109.38 -62.59
C VAL C 531 -52.17 -108.60 -63.68
N TYR C 532 -52.18 -109.13 -64.89
CA TYR C 532 -52.72 -108.42 -66.04
C TYR C 532 -54.14 -108.85 -66.37
N ALA C 533 -54.84 -109.47 -65.43
CA ALA C 533 -56.20 -109.90 -65.66
C ALA C 533 -57.13 -109.60 -64.49
N ARG C 534 -56.65 -108.96 -63.44
CA ARG C 534 -57.48 -108.62 -62.29
C ARG C 534 -58.43 -107.48 -62.63
N MET D 81 -20.34 -149.69 -33.96
CA MET D 81 -21.40 -150.44 -33.29
C MET D 81 -21.64 -149.87 -31.90
N GLY D 82 -22.42 -150.58 -31.10
CA GLY D 82 -22.78 -150.15 -29.77
C GLY D 82 -21.66 -150.16 -28.75
N PRO D 83 -21.13 -151.35 -28.42
CA PRO D 83 -20.07 -151.42 -27.40
C PRO D 83 -18.75 -150.77 -27.79
N ILE D 84 -18.55 -150.38 -29.04
CA ILE D 84 -17.47 -149.45 -29.36
C ILE D 84 -17.82 -148.11 -28.72
N GLN D 85 -16.95 -147.64 -27.82
CA GLN D 85 -17.20 -146.38 -27.14
C GLN D 85 -16.98 -145.23 -28.11
N PRO D 86 -17.94 -144.33 -28.27
CA PRO D 86 -17.77 -143.23 -29.22
C PRO D 86 -16.77 -142.20 -28.71
N TYR D 87 -16.05 -141.61 -29.65
CA TYR D 87 -15.07 -140.59 -29.33
C TYR D 87 -15.19 -139.47 -30.35
N ALA D 88 -15.59 -138.30 -29.90
CA ALA D 88 -15.78 -137.15 -30.76
C ALA D 88 -14.48 -136.37 -30.84
N SER D 89 -14.01 -136.13 -32.05
CA SER D 89 -12.75 -135.42 -32.26
C SER D 89 -12.95 -133.92 -32.13
N LEU D 90 -11.93 -133.15 -32.51
CA LEU D 90 -11.97 -131.69 -32.44
C LEU D 90 -11.60 -131.13 -33.79
N SER D 91 -12.52 -130.35 -34.37
CA SER D 91 -12.21 -129.67 -35.62
C SER D 91 -11.27 -128.50 -35.37
N MET D 92 -10.68 -127.98 -36.46
CA MET D 92 -9.58 -127.03 -36.32
C MET D 92 -10.00 -125.65 -35.82
N PRO D 93 -10.87 -124.88 -36.50
CA PRO D 93 -11.04 -123.49 -36.08
C PRO D 93 -11.90 -123.36 -34.83
N ILE D 94 -11.70 -122.23 -34.12
CA ILE D 94 -12.16 -122.10 -32.74
C ILE D 94 -13.54 -121.45 -32.65
N LEU D 95 -14.07 -120.92 -33.76
CA LEU D 95 -15.43 -120.38 -33.87
C LEU D 95 -15.65 -119.23 -32.88
N VAL D 96 -14.90 -118.15 -33.13
CA VAL D 96 -14.90 -116.99 -32.26
C VAL D 96 -16.16 -116.17 -32.52
N LYS D 97 -16.60 -115.43 -31.50
CA LYS D 97 -17.71 -114.49 -31.66
C LYS D 97 -17.26 -113.28 -32.48
N LEU D 98 -18.23 -112.45 -32.84
CA LEU D 98 -18.00 -111.34 -33.76
C LEU D 98 -18.31 -110.01 -33.10
N TRP D 99 -17.45 -109.03 -33.34
CA TRP D 99 -17.63 -107.69 -32.81
C TRP D 99 -18.30 -106.80 -33.84
N ALA D 100 -18.57 -105.57 -33.44
CA ALA D 100 -19.16 -104.59 -34.35
C ALA D 100 -18.05 -103.84 -35.09
N ARG D 101 -18.46 -102.94 -35.96
CA ARG D 101 -17.53 -102.11 -36.71
C ARG D 101 -17.50 -100.72 -36.10
N LEU D 102 -16.30 -100.19 -35.92
CA LEU D 102 -16.10 -98.96 -35.18
C LEU D 102 -15.46 -97.91 -36.08
N ALA D 103 -16.25 -96.94 -36.51
CA ALA D 103 -15.76 -95.83 -37.33
C ALA D 103 -16.15 -94.47 -36.77
N LEU D 104 -16.77 -94.43 -35.60
CA LEU D 104 -17.26 -93.18 -35.02
C LEU D 104 -16.14 -92.29 -34.49
N THR D 105 -14.94 -92.83 -34.29
CA THR D 105 -13.81 -92.00 -33.89
C THR D 105 -13.39 -91.06 -35.01
N GLU D 106 -13.50 -91.51 -36.25
CA GLU D 106 -13.21 -90.67 -37.40
C GLU D 106 -14.43 -89.87 -37.85
N ALA D 107 -15.54 -89.96 -37.12
CA ALA D 107 -16.68 -89.11 -37.41
C ALA D 107 -16.48 -87.72 -36.82
N LEU D 108 -16.36 -87.64 -35.50
CA LEU D 108 -16.14 -86.37 -34.83
C LEU D 108 -14.69 -85.93 -35.04
N PRO D 109 -14.44 -84.61 -35.13
CA PRO D 109 -13.06 -84.16 -35.30
C PRO D 109 -12.28 -84.30 -34.01
N THR D 110 -11.05 -84.79 -34.13
CA THR D 110 -10.25 -85.10 -32.96
C THR D 110 -9.07 -84.17 -32.84
N GLN D 111 -8.56 -84.09 -31.62
CA GLN D 111 -7.35 -83.33 -31.30
C GLN D 111 -6.83 -83.89 -30.00
N VAL D 112 -5.61 -84.42 -30.01
CA VAL D 112 -5.06 -85.06 -28.81
C VAL D 112 -4.75 -84.00 -27.77
N ALA D 113 -5.26 -84.20 -26.56
CA ALA D 113 -5.07 -83.23 -25.49
C ALA D 113 -3.77 -83.49 -24.77
N ASN D 114 -3.02 -82.42 -24.51
CA ASN D 114 -1.78 -82.55 -23.75
C ASN D 114 -2.01 -82.39 -22.26
N LYS D 115 -2.99 -81.60 -21.86
CA LYS D 115 -3.28 -81.41 -20.45
C LYS D 115 -4.65 -81.96 -20.12
N PRO D 116 -4.81 -82.64 -18.97
CA PRO D 116 -6.10 -83.24 -18.64
C PRO D 116 -7.14 -82.25 -18.18
N ASN D 117 -6.78 -80.98 -17.99
CA ASN D 117 -7.74 -79.98 -17.55
C ASN D 117 -7.33 -78.65 -18.17
N PHE D 118 -8.09 -78.21 -19.17
CA PHE D 118 -7.85 -76.91 -19.80
C PHE D 118 -9.19 -76.22 -20.06
N THR D 119 -9.10 -74.93 -20.30
CA THR D 119 -10.25 -74.13 -20.69
C THR D 119 -10.07 -73.57 -22.09
N VAL D 120 -11.15 -73.01 -22.61
CA VAL D 120 -11.16 -72.41 -23.94
C VAL D 120 -11.98 -71.12 -23.86
N PRO D 121 -11.50 -70.02 -24.43
CA PRO D 121 -12.26 -68.77 -24.35
C PRO D 121 -13.20 -68.56 -25.50
N ILE D 122 -14.45 -68.20 -25.21
CA ILE D 122 -15.40 -67.81 -26.24
C ILE D 122 -15.64 -66.30 -26.11
N LEU D 123 -15.84 -65.65 -27.25
CA LEU D 123 -15.86 -64.20 -27.30
C LEU D 123 -17.12 -63.72 -28.02
N THR D 124 -18.00 -63.04 -27.29
CA THR D 124 -19.21 -62.55 -27.92
C THR D 124 -19.37 -61.03 -27.79
N PRO D 125 -19.61 -60.33 -28.88
CA PRO D 125 -19.88 -58.89 -28.81
C PRO D 125 -21.30 -58.64 -28.33
N TYR D 126 -21.59 -57.36 -28.10
CA TYR D 126 -22.90 -56.97 -27.61
C TYR D 126 -23.27 -55.61 -28.17
N VAL D 127 -24.55 -55.28 -28.02
CA VAL D 127 -25.02 -53.90 -27.99
C VAL D 127 -25.72 -53.71 -26.66
N VAL D 128 -25.77 -52.47 -26.17
CA VAL D 128 -26.25 -52.24 -24.82
C VAL D 128 -27.60 -51.57 -24.75
N ASP D 129 -28.18 -51.20 -25.90
CA ASP D 129 -29.51 -50.60 -26.07
C ASP D 129 -29.60 -49.20 -25.42
N ALA D 130 -28.49 -48.67 -24.91
CA ALA D 130 -28.35 -47.34 -24.29
C ALA D 130 -29.29 -47.11 -23.11
N ASP D 131 -29.84 -48.17 -22.51
CA ASP D 131 -30.70 -48.03 -21.34
C ASP D 131 -30.48 -49.14 -20.33
N GLY D 132 -29.33 -49.81 -20.37
CA GLY D 132 -29.19 -51.01 -19.58
C GLY D 132 -28.82 -52.27 -20.34
N ASN D 133 -29.78 -53.18 -20.47
CA ASN D 133 -29.54 -54.58 -20.78
C ASN D 133 -28.84 -54.80 -22.13
N LYS D 134 -28.07 -55.87 -22.20
CA LYS D 134 -27.27 -56.19 -23.37
C LYS D 134 -27.97 -57.19 -24.27
N HIS D 135 -27.54 -57.23 -25.53
CA HIS D 135 -28.05 -58.17 -26.52
C HIS D 135 -26.87 -58.71 -27.30
N ALA D 136 -26.87 -60.03 -27.53
CA ALA D 136 -25.79 -60.66 -28.29
C ALA D 136 -25.83 -60.18 -29.74
N LEU D 137 -24.66 -59.86 -30.28
CA LEU D 137 -24.63 -59.05 -31.49
C LEU D 137 -25.00 -59.79 -32.78
N PRO D 138 -24.31 -60.87 -33.21
CA PRO D 138 -24.63 -61.40 -34.54
C PRO D 138 -25.94 -62.17 -34.60
N GLU D 139 -26.58 -62.39 -33.45
CA GLU D 139 -27.92 -62.95 -33.39
C GLU D 139 -28.98 -61.87 -33.52
N SER D 140 -28.75 -60.69 -32.94
CA SER D 140 -29.82 -59.69 -32.82
C SER D 140 -30.11 -59.00 -34.14
N ILE D 141 -29.08 -58.69 -34.93
CA ILE D 141 -29.29 -58.03 -36.23
C ILE D 141 -29.50 -59.14 -37.24
N ASN D 142 -30.72 -59.66 -37.26
CA ASN D 142 -31.03 -60.75 -38.18
C ASN D 142 -32.32 -60.52 -38.94
N ASN D 143 -33.33 -59.94 -38.32
CA ASN D 143 -34.66 -59.82 -38.89
C ASN D 143 -34.87 -58.43 -39.47
N THR D 144 -35.87 -58.32 -40.35
CA THR D 144 -36.20 -57.06 -41.00
C THR D 144 -36.75 -55.96 -40.07
N PRO D 145 -37.36 -56.24 -38.91
CA PRO D 145 -37.43 -55.19 -37.89
C PRO D 145 -36.05 -54.87 -37.34
N GLU D 146 -35.77 -53.58 -37.23
CA GLU D 146 -34.44 -53.08 -36.88
C GLU D 146 -34.52 -52.02 -35.81
N THR D 147 -35.24 -52.33 -34.72
CA THR D 147 -35.42 -51.39 -33.63
C THR D 147 -34.12 -51.13 -32.86
N LEU D 148 -33.16 -52.05 -32.91
CA LEU D 148 -31.94 -51.89 -32.13
C LEU D 148 -31.04 -50.83 -32.73
N VAL D 149 -30.64 -51.00 -33.98
CA VAL D 149 -29.71 -50.11 -34.65
C VAL D 149 -30.50 -49.24 -35.62
N GLY D 150 -30.23 -47.94 -35.60
CA GLY D 150 -30.90 -47.02 -36.49
C GLY D 150 -31.31 -45.74 -35.78
N LEU D 151 -31.86 -44.79 -36.53
CA LEU D 151 -32.26 -43.52 -35.95
C LEU D 151 -33.51 -43.71 -35.09
N VAL D 152 -33.74 -42.74 -34.21
CA VAL D 152 -34.91 -42.77 -33.33
C VAL D 152 -36.13 -42.45 -34.18
N GLN D 153 -36.96 -43.45 -34.42
CA GLN D 153 -38.16 -43.25 -35.22
C GLN D 153 -39.20 -42.48 -34.43
N ILE D 154 -39.72 -41.41 -35.01
CA ILE D 154 -40.70 -40.54 -34.36
C ILE D 154 -42.05 -41.24 -34.29
N LYS D 155 -42.98 -40.67 -33.54
CA LYS D 155 -44.29 -41.28 -33.35
C LYS D 155 -45.08 -41.31 -34.64
N GLU D 156 -45.72 -42.46 -34.90
CA GLU D 156 -46.35 -42.70 -36.19
C GLU D 156 -47.63 -41.90 -36.37
N ASP D 157 -48.57 -42.06 -35.43
CA ASP D 157 -49.90 -41.51 -35.60
C ASP D 157 -49.92 -40.01 -35.35
N ILE D 158 -50.70 -39.31 -36.16
CA ILE D 158 -50.97 -37.89 -36.00
C ILE D 158 -52.45 -37.66 -36.25
N ALA D 159 -53.16 -37.15 -35.26
CA ALA D 159 -54.56 -36.82 -35.41
C ALA D 159 -54.69 -35.43 -36.03
N VAL D 160 -55.58 -35.32 -37.01
CA VAL D 160 -55.80 -34.08 -37.74
C VAL D 160 -57.27 -33.71 -37.54
N GLU D 161 -57.52 -32.78 -36.64
CA GLU D 161 -58.88 -32.32 -36.42
C GLU D 161 -59.23 -31.29 -37.48
N GLY D 162 -60.36 -31.50 -38.16
CA GLY D 162 -60.88 -30.52 -39.09
C GLY D 162 -60.08 -30.34 -40.36
N GLY D 163 -59.23 -31.31 -40.70
CA GLY D 163 -58.41 -31.20 -41.88
C GLY D 163 -57.24 -30.25 -41.76
N LYS D 164 -56.98 -29.70 -40.57
CA LYS D 164 -55.88 -28.76 -40.40
C LYS D 164 -55.45 -28.77 -38.93
N VAL D 165 -54.19 -29.11 -38.69
CA VAL D 165 -53.55 -28.86 -37.42
C VAL D 165 -52.71 -27.61 -37.59
N THR D 166 -52.55 -26.86 -36.51
CA THR D 166 -51.79 -25.61 -36.53
C THR D 166 -50.60 -25.79 -35.60
N ASP D 167 -49.42 -25.98 -36.20
CA ASP D 167 -48.15 -26.18 -35.50
C ASP D 167 -48.21 -27.37 -34.55
N TYR D 168 -48.38 -28.55 -35.14
CA TYR D 168 -48.35 -29.78 -34.36
C TYR D 168 -46.90 -30.16 -34.09
N ASP D 169 -46.63 -30.52 -32.83
CA ASP D 169 -45.27 -30.86 -32.43
C ASP D 169 -44.98 -32.30 -32.83
N LEU D 170 -43.84 -32.50 -33.49
CA LEU D 170 -43.50 -33.84 -33.97
C LEU D 170 -42.76 -34.68 -32.94
N PHE D 171 -41.91 -34.07 -32.12
CA PHE D 171 -41.13 -34.83 -31.14
C PHE D 171 -42.01 -35.02 -29.91
N THR D 172 -43.00 -35.90 -30.06
CA THR D 172 -44.04 -36.08 -29.05
C THR D 172 -44.06 -37.54 -28.63
N GLY D 173 -44.03 -37.78 -27.33
CA GLY D 173 -43.99 -39.12 -26.79
C GLY D 173 -42.60 -39.66 -26.57
N LEU D 174 -41.62 -39.14 -27.31
CA LEU D 174 -40.24 -39.55 -27.10
C LEU D 174 -39.72 -38.95 -25.79
N LYS D 175 -38.98 -39.78 -25.04
CA LYS D 175 -38.57 -39.39 -23.70
C LYS D 175 -37.48 -38.31 -23.75
N GLU D 176 -37.57 -37.39 -22.81
CA GLU D 176 -36.70 -36.22 -22.80
C GLU D 176 -35.29 -36.59 -22.38
N GLY D 177 -34.31 -35.99 -23.02
CA GLY D 177 -32.91 -36.14 -22.65
C GLY D 177 -32.11 -37.22 -23.33
N LYS D 178 -32.61 -38.45 -23.34
CA LYS D 178 -31.85 -39.54 -23.93
C LYS D 178 -32.26 -39.83 -25.37
N GLU D 179 -33.55 -39.71 -25.70
CA GLU D 179 -33.99 -39.86 -27.07
C GLU D 179 -33.95 -38.55 -27.83
N VAL D 180 -34.54 -37.50 -27.27
CA VAL D 180 -34.52 -36.16 -27.86
C VAL D 180 -34.16 -35.16 -26.77
N ARG D 181 -33.52 -34.08 -27.18
CA ARG D 181 -33.29 -32.92 -26.33
C ARG D 181 -33.84 -31.71 -27.08
N LYS D 182 -35.01 -31.23 -26.65
CA LYS D 182 -35.77 -30.25 -27.41
C LYS D 182 -35.03 -28.93 -27.49
N GLY D 183 -34.80 -28.46 -28.72
CA GLY D 183 -33.99 -27.30 -28.97
C GLY D 183 -32.62 -27.61 -29.54
N ILE D 184 -32.23 -28.88 -29.61
CA ILE D 184 -30.91 -29.23 -30.13
C ILE D 184 -31.05 -30.03 -31.41
N ASP D 185 -31.65 -31.21 -31.32
CA ASP D 185 -31.69 -32.12 -32.47
C ASP D 185 -32.86 -31.78 -33.37
N ARG D 186 -32.59 -31.71 -34.66
CA ARG D 186 -33.61 -31.39 -35.64
C ARG D 186 -34.34 -32.64 -36.09
N LEU D 187 -35.40 -32.42 -36.86
CA LEU D 187 -35.98 -33.50 -37.64
C LEU D 187 -35.09 -33.76 -38.86
N ASP D 188 -35.20 -34.97 -39.42
CA ASP D 188 -34.42 -35.28 -40.60
C ASP D 188 -35.09 -34.68 -41.85
N ARG D 189 -34.35 -34.74 -42.95
CA ARG D 189 -34.87 -34.35 -44.25
C ARG D 189 -35.60 -35.50 -44.95
N LYS D 190 -35.64 -36.67 -44.34
CA LYS D 190 -36.33 -37.83 -44.89
C LYS D 190 -37.73 -37.99 -44.32
N PHE D 191 -38.38 -36.88 -43.99
CA PHE D 191 -39.75 -36.93 -43.49
C PHE D 191 -40.71 -37.28 -44.62
N LYS D 192 -41.66 -38.15 -44.33
CA LYS D 192 -42.54 -38.67 -45.36
C LYS D 192 -43.81 -39.22 -44.71
N ILE D 193 -44.96 -38.85 -45.27
CA ILE D 193 -46.21 -39.43 -44.81
C ILE D 193 -46.49 -40.66 -45.65
N VAL D 194 -47.16 -41.64 -45.05
CA VAL D 194 -47.35 -42.91 -45.73
C VAL D 194 -48.83 -43.28 -45.79
N GLU D 195 -49.54 -43.10 -44.69
CA GLU D 195 -50.94 -43.49 -44.62
C GLU D 195 -51.77 -42.32 -44.12
N ALA D 196 -52.78 -41.94 -44.90
CA ALA D 196 -53.73 -40.92 -44.50
C ALA D 196 -55.09 -41.57 -44.34
N LYS D 197 -56.05 -40.78 -43.86
CA LYS D 197 -57.42 -41.26 -43.72
C LYS D 197 -58.34 -40.06 -43.76
N TRP D 198 -59.16 -39.96 -44.81
CA TRP D 198 -60.15 -38.91 -44.92
C TRP D 198 -61.43 -39.36 -44.21
N SER D 199 -62.47 -38.52 -44.24
CA SER D 199 -63.70 -38.90 -43.57
C SER D 199 -64.48 -39.91 -44.37
N ASP D 200 -64.69 -39.65 -45.66
CA ASP D 200 -65.34 -40.61 -46.55
C ASP D 200 -64.30 -41.48 -47.25
N SER D 201 -63.55 -42.21 -46.44
CA SER D 201 -62.42 -42.97 -46.93
C SER D 201 -62.76 -44.47 -46.98
N PHE D 202 -61.76 -45.26 -47.34
CA PHE D 202 -61.89 -46.71 -47.38
C PHE D 202 -60.50 -47.32 -47.21
N ASP D 203 -60.47 -48.55 -46.71
CA ASP D 203 -59.19 -49.12 -46.27
C ASP D 203 -58.39 -49.70 -47.43
N GLU D 204 -59.04 -50.46 -48.32
CA GLU D 204 -58.45 -51.25 -49.41
C GLU D 204 -57.47 -52.32 -48.91
N ARG D 205 -57.45 -52.61 -47.63
CA ARG D 205 -56.75 -53.75 -47.06
C ARG D 205 -57.68 -54.59 -46.20
N THR D 206 -58.58 -53.95 -45.47
CA THR D 206 -59.81 -54.54 -44.98
C THR D 206 -60.98 -53.90 -45.72
N SER D 207 -62.18 -54.42 -45.46
CA SER D 207 -63.38 -53.85 -46.08
C SER D 207 -64.05 -52.89 -45.09
N ALA D 208 -63.36 -51.77 -44.85
CA ALA D 208 -63.85 -50.78 -43.91
C ALA D 208 -63.35 -49.41 -44.36
N ALA D 209 -63.74 -48.38 -43.59
CA ALA D 209 -63.35 -47.01 -43.88
C ALA D 209 -62.12 -46.64 -43.04
N GLY D 210 -61.03 -47.33 -43.30
CA GLY D 210 -59.80 -47.17 -42.56
C GLY D 210 -58.84 -46.22 -43.25
N PHE D 211 -57.57 -46.60 -43.27
CA PHE D 211 -56.51 -45.76 -43.80
C PHE D 211 -56.25 -46.08 -45.27
N VAL D 212 -55.68 -45.10 -45.96
CA VAL D 212 -55.27 -45.26 -47.35
C VAL D 212 -53.75 -45.22 -47.37
N GLU D 213 -53.14 -46.37 -47.62
CA GLU D 213 -51.70 -46.43 -47.80
C GLU D 213 -51.33 -45.84 -49.15
N LEU D 214 -50.45 -44.84 -49.14
CA LEU D 214 -50.08 -44.16 -50.38
C LEU D 214 -49.12 -45.04 -51.17
N GLY D 215 -49.64 -45.75 -52.16
CA GLY D 215 -48.81 -46.61 -52.97
C GLY D 215 -48.14 -45.85 -54.09
N SER D 216 -46.83 -45.60 -53.91
CA SER D 216 -45.94 -44.87 -54.83
C SER D 216 -46.45 -43.47 -55.18
N ASN D 217 -47.27 -42.88 -54.32
CA ASN D 217 -47.64 -41.47 -54.41
C ASN D 217 -47.53 -40.85 -53.04
N VAL D 218 -46.44 -41.15 -52.34
CA VAL D 218 -46.23 -40.64 -51.00
C VAL D 218 -45.86 -39.17 -51.07
N VAL D 219 -46.27 -38.42 -50.04
CA VAL D 219 -45.94 -37.01 -49.92
C VAL D 219 -44.68 -36.94 -49.09
N LYS D 220 -43.54 -36.94 -49.78
CA LYS D 220 -42.24 -36.86 -49.13
C LYS D 220 -41.72 -35.44 -49.21
N LEU D 221 -40.92 -35.02 -48.16
CA LEU D 221 -40.45 -33.65 -47.97
C LEU D 221 -39.54 -33.24 -49.12
N GLN D 222 -40.05 -32.37 -49.98
CA GLN D 222 -39.30 -31.89 -51.13
C GLN D 222 -38.46 -30.68 -50.73
N ASP D 223 -37.96 -29.96 -51.72
CA ASP D 223 -37.11 -28.80 -51.49
C ASP D 223 -37.88 -27.67 -50.79
N ASN D 224 -37.11 -26.80 -50.13
CA ASN D 224 -37.57 -25.70 -49.28
C ASN D 224 -38.42 -26.16 -48.10
N ASP D 225 -38.26 -27.43 -47.70
CA ASP D 225 -39.00 -28.09 -46.63
C ASP D 225 -40.51 -28.02 -46.83
N THR D 226 -40.95 -27.99 -48.08
CA THR D 226 -42.37 -28.05 -48.41
C THR D 226 -42.79 -29.50 -48.56
N LEU D 227 -44.01 -29.70 -48.50
CA LEU D 227 -44.60 -31.04 -48.44
C LEU D 227 -45.93 -30.98 -49.20
N VAL D 228 -45.88 -31.29 -50.48
CA VAL D 228 -47.05 -31.13 -51.34
C VAL D 228 -47.27 -32.42 -52.12
N GLY D 229 -48.54 -32.70 -52.43
CA GLY D 229 -48.88 -33.89 -53.17
C GLY D 229 -50.38 -34.06 -53.37
N GLN D 230 -50.77 -34.49 -54.57
CA GLN D 230 -52.16 -34.73 -54.89
C GLN D 230 -52.46 -36.21 -54.75
N ILE D 231 -53.46 -36.55 -53.95
CA ILE D 231 -53.77 -37.92 -53.59
C ILE D 231 -55.15 -38.27 -54.13
N LYS D 232 -55.27 -39.43 -54.75
CA LYS D 232 -56.53 -39.95 -55.27
C LYS D 232 -56.97 -41.08 -54.35
N TYR D 233 -57.76 -40.75 -53.33
CA TYR D 233 -58.06 -41.84 -52.42
C TYR D 233 -59.40 -42.48 -52.77
N PRO D 234 -59.50 -43.80 -52.67
CA PRO D 234 -60.76 -44.48 -53.02
C PRO D 234 -61.78 -44.32 -51.90
N THR D 235 -62.95 -43.79 -52.26
CA THR D 235 -64.02 -43.58 -51.30
C THR D 235 -64.65 -44.91 -50.89
N ASN D 236 -64.93 -45.77 -51.86
CA ASN D 236 -65.50 -47.07 -51.61
C ASN D 236 -64.74 -48.12 -52.39
N GLY D 237 -64.64 -49.33 -51.82
CA GLY D 237 -63.99 -50.43 -52.50
C GLY D 237 -64.77 -50.98 -53.67
N ASP D 238 -66.06 -50.69 -53.74
CA ASP D 238 -66.90 -51.07 -54.87
C ASP D 238 -67.59 -49.89 -55.52
N GLY D 239 -67.93 -48.85 -54.76
CA GLY D 239 -68.52 -47.66 -55.36
C GLY D 239 -67.54 -46.91 -56.22
N GLU D 240 -66.27 -46.85 -55.80
CA GLU D 240 -65.13 -46.41 -56.60
C GLU D 240 -65.28 -44.97 -57.09
N VAL D 241 -65.35 -44.05 -56.12
CA VAL D 241 -65.48 -42.64 -56.48
C VAL D 241 -64.12 -42.05 -56.82
N GLU D 242 -63.10 -42.40 -56.02
CA GLU D 242 -61.73 -41.89 -56.12
C GLU D 242 -61.71 -40.36 -56.04
N THR D 243 -62.13 -39.86 -54.88
CA THR D 243 -62.07 -38.44 -54.61
C THR D 243 -60.61 -37.99 -54.54
N ASP D 244 -60.33 -36.83 -55.12
CA ASP D 244 -58.98 -36.29 -55.12
C ASP D 244 -58.85 -35.19 -54.09
N THR D 245 -57.74 -35.20 -53.36
CA THR D 245 -57.44 -34.16 -52.38
C THR D 245 -55.95 -33.90 -52.43
N ILE D 246 -55.56 -32.64 -52.33
CA ILE D 246 -54.16 -32.22 -52.37
C ILE D 246 -53.72 -31.90 -50.95
N LEU D 247 -52.55 -32.40 -50.58
CA LEU D 247 -52.02 -32.28 -49.22
C LEU D 247 -51.07 -31.10 -49.15
N GLY D 248 -51.62 -29.93 -48.86
CA GLY D 248 -50.79 -28.75 -48.65
C GLY D 248 -50.18 -28.79 -47.26
N LYS D 249 -48.86 -28.88 -47.19
CA LYS D 249 -48.17 -29.01 -45.92
C LYS D 249 -46.83 -28.29 -45.99
N VAL D 250 -46.44 -27.65 -44.89
CA VAL D 250 -45.07 -27.20 -44.68
C VAL D 250 -44.65 -27.74 -43.33
N ASP D 251 -43.36 -27.99 -43.18
CA ASP D 251 -42.85 -28.64 -41.98
C ASP D 251 -41.42 -28.18 -41.72
N VAL D 252 -41.22 -27.51 -40.60
CA VAL D 252 -39.91 -26.96 -40.27
C VAL D 252 -39.08 -28.06 -39.60
N SER D 253 -37.77 -28.05 -39.88
CA SER D 253 -36.84 -29.02 -39.34
C SER D 253 -36.31 -28.63 -37.96
N SER D 254 -35.90 -27.36 -37.80
CA SER D 254 -35.32 -26.94 -36.52
C SER D 254 -36.38 -26.84 -35.44
N GLY D 255 -37.52 -26.23 -35.75
CA GLY D 255 -38.58 -26.10 -34.78
C GLY D 255 -39.41 -27.34 -34.55
N GLU D 256 -39.19 -28.38 -35.37
CA GLU D 256 -39.89 -29.68 -35.37
C GLU D 256 -41.42 -29.54 -35.36
N LEU D 257 -41.93 -28.51 -36.03
CA LEU D 257 -43.37 -28.38 -36.24
C LEU D 257 -43.76 -28.89 -37.61
N THR D 258 -44.81 -29.69 -37.65
CA THR D 258 -45.53 -29.97 -38.89
C THR D 258 -46.77 -29.10 -38.94
N LEU D 259 -47.36 -29.01 -40.11
CA LEU D 259 -48.43 -28.05 -40.36
C LEU D 259 -49.18 -28.51 -41.59
N THR D 260 -50.45 -28.89 -41.43
CA THR D 260 -51.18 -29.50 -42.53
C THR D 260 -52.34 -28.63 -42.99
N SER D 261 -52.77 -28.91 -44.23
CA SER D 261 -53.93 -28.28 -44.81
C SER D 261 -54.50 -29.25 -45.84
N ALA D 262 -55.69 -29.77 -45.57
CA ALA D 262 -56.40 -30.62 -46.51
C ALA D 262 -57.45 -29.80 -47.23
N SER D 263 -57.52 -29.96 -48.56
CA SER D 263 -58.52 -29.25 -49.32
C SER D 263 -59.91 -29.84 -49.14
N GLY D 264 -60.00 -31.11 -48.75
CA GLY D 264 -61.27 -31.71 -48.44
C GLY D 264 -61.51 -31.81 -46.95
N LYS D 265 -61.39 -33.01 -46.40
CA LYS D 265 -61.58 -33.21 -44.96
C LYS D 265 -60.73 -34.40 -44.52
N LEU D 266 -59.76 -34.14 -43.64
CA LEU D 266 -58.92 -35.18 -43.10
C LEU D 266 -59.35 -35.54 -41.69
N THR D 267 -58.91 -36.69 -41.24
CA THR D 267 -59.20 -37.09 -39.87
C THR D 267 -57.94 -37.44 -39.10
N ASP D 268 -56.99 -38.13 -39.73
CA ASP D 268 -55.69 -38.40 -39.16
C ASP D 268 -54.74 -38.78 -40.29
N VAL D 269 -53.49 -39.03 -39.94
CA VAL D 269 -52.45 -39.31 -40.92
C VAL D 269 -51.34 -40.05 -40.19
N LYS D 270 -50.60 -40.88 -40.93
CA LYS D 270 -49.46 -41.61 -40.38
C LYS D 270 -48.21 -41.18 -41.11
N VAL D 271 -47.22 -40.72 -40.35
CA VAL D 271 -46.00 -40.20 -40.92
C VAL D 271 -44.85 -41.13 -40.58
N LYS D 272 -43.81 -41.09 -41.40
CA LYS D 272 -42.61 -41.89 -41.19
C LYS D 272 -41.43 -40.92 -41.13
N GLY D 273 -41.04 -40.55 -39.91
CA GLY D 273 -39.94 -39.63 -39.73
C GLY D 273 -38.97 -40.14 -38.69
N TYR D 274 -37.76 -39.61 -38.73
CA TYR D 274 -36.72 -39.95 -37.78
C TYR D 274 -36.20 -38.69 -37.11
N VAL D 275 -35.68 -38.85 -35.90
CA VAL D 275 -34.95 -37.78 -35.24
C VAL D 275 -33.52 -37.80 -35.75
N ALA D 276 -32.99 -36.63 -36.10
CA ALA D 276 -31.69 -36.56 -36.74
C ALA D 276 -30.57 -36.90 -35.76
N SER D 277 -29.56 -37.59 -36.27
CA SER D 277 -28.39 -37.95 -35.48
C SER D 277 -27.21 -37.07 -35.83
N GLU D 278 -27.48 -35.79 -36.08
CA GLU D 278 -26.42 -34.82 -36.35
C GLU D 278 -25.55 -34.59 -35.11
N GLN D 279 -26.15 -34.64 -33.93
CA GLN D 279 -25.43 -34.59 -32.68
C GLN D 279 -25.71 -35.86 -31.90
N HIS D 280 -24.79 -36.21 -31.00
CA HIS D 280 -24.93 -37.45 -30.24
C HIS D 280 -26.00 -37.37 -29.17
N THR D 281 -27.26 -37.27 -29.56
CA THR D 281 -28.33 -37.38 -28.58
C THR D 281 -28.45 -38.82 -28.09
N SER D 282 -28.33 -39.78 -29.03
CA SER D 282 -28.27 -41.19 -28.68
C SER D 282 -27.55 -41.92 -29.80
N ALA D 283 -26.71 -42.86 -29.44
CA ALA D 283 -26.06 -43.76 -30.38
C ALA D 283 -26.17 -45.18 -29.83
N THR D 284 -25.51 -46.11 -30.49
CA THR D 284 -25.50 -47.50 -30.06
C THR D 284 -24.10 -47.88 -29.65
N ASN D 285 -23.94 -48.26 -28.39
CA ASN D 285 -22.65 -48.63 -27.83
C ASN D 285 -22.48 -50.13 -27.89
N VAL D 286 -21.29 -50.57 -28.28
CA VAL D 286 -20.99 -51.99 -28.47
C VAL D 286 -19.94 -52.42 -27.44
N GLU D 287 -20.37 -53.16 -26.43
CA GLU D 287 -19.46 -53.72 -25.45
C GLU D 287 -19.10 -55.14 -25.81
N LEU D 288 -17.97 -55.61 -25.30
CA LEU D 288 -17.53 -56.97 -25.53
C LEU D 288 -17.98 -57.86 -24.39
N GLY D 289 -17.50 -59.10 -24.39
CA GLY D 289 -17.87 -60.06 -23.37
C GLY D 289 -17.14 -61.36 -23.59
N LEU D 290 -16.72 -62.00 -22.50
CA LEU D 290 -15.93 -63.23 -22.62
C LEU D 290 -16.24 -64.12 -21.44
N THR D 291 -16.81 -65.28 -21.71
CA THR D 291 -16.84 -66.37 -20.74
C THR D 291 -16.03 -67.53 -21.31
N ARG D 292 -15.89 -68.58 -20.52
CA ARG D 292 -15.02 -69.68 -20.91
C ARG D 292 -15.75 -71.01 -20.70
N LYS D 293 -15.22 -72.03 -21.35
CA LYS D 293 -15.73 -73.39 -21.25
C LYS D 293 -14.61 -74.29 -20.78
N ASP D 294 -14.88 -75.10 -19.77
CA ASP D 294 -13.85 -75.93 -19.12
C ASP D 294 -13.90 -77.34 -19.66
N VAL D 295 -12.74 -77.86 -20.05
CA VAL D 295 -12.59 -79.24 -20.47
C VAL D 295 -11.82 -79.97 -19.37
N VAL D 296 -12.37 -81.09 -18.90
CA VAL D 296 -11.73 -81.91 -17.89
C VAL D 296 -11.67 -83.34 -18.40
N ILE D 297 -10.51 -83.98 -18.27
CA ILE D 297 -10.31 -85.36 -18.67
C ILE D 297 -10.14 -86.20 -17.41
N ASP D 298 -11.01 -87.18 -17.25
CA ASP D 298 -11.05 -88.01 -16.05
C ASP D 298 -10.34 -89.33 -16.31
N THR D 299 -9.78 -89.90 -15.25
CA THR D 299 -9.24 -91.25 -15.30
C THR D 299 -10.36 -92.24 -15.59
N ALA D 300 -10.16 -93.07 -16.59
CA ALA D 300 -11.19 -93.98 -17.07
C ALA D 300 -11.21 -95.25 -16.22
N GLN D 301 -11.95 -96.25 -16.68
CA GLN D 301 -12.06 -97.52 -15.98
C GLN D 301 -10.98 -98.48 -16.48
N HIS D 302 -10.27 -99.09 -15.55
CA HIS D 302 -9.25 -100.06 -15.91
C HIS D 302 -9.91 -101.35 -16.39
N ILE D 303 -9.24 -102.03 -17.31
CA ILE D 303 -9.66 -103.32 -17.80
C ILE D 303 -8.64 -104.35 -17.35
N GLU D 304 -9.09 -105.33 -16.56
CA GLU D 304 -8.21 -106.32 -15.98
C GLU D 304 -8.34 -107.66 -16.70
N ALA D 305 -7.28 -108.44 -16.63
CA ALA D 305 -7.27 -109.82 -17.12
C ALA D 305 -6.13 -110.55 -16.45
N THR D 306 -6.47 -111.55 -15.64
CA THR D 306 -5.47 -112.33 -14.93
C THR D 306 -4.92 -113.44 -15.82
N VAL D 307 -3.63 -113.71 -15.70
CA VAL D 307 -2.97 -114.69 -16.55
C VAL D 307 -2.19 -115.71 -15.72
N PRO D 308 -2.84 -116.68 -15.09
CA PRO D 308 -2.11 -117.65 -14.28
C PRO D 308 -1.36 -118.64 -15.16
N LEU D 309 -0.33 -119.26 -14.58
CA LEU D 309 0.44 -120.23 -15.32
C LEU D 309 -0.25 -121.58 -15.42
N GLU D 310 -1.19 -121.86 -14.52
CA GLU D 310 -1.97 -123.08 -14.56
C GLU D 310 -3.13 -123.02 -15.56
N VAL D 311 -3.20 -121.97 -16.38
CA VAL D 311 -4.29 -121.78 -17.33
C VAL D 311 -3.77 -121.65 -18.75
N ILE D 312 -2.71 -120.85 -18.94
CA ILE D 312 -2.18 -120.56 -20.28
C ILE D 312 -1.59 -121.80 -20.94
N GLN D 313 -0.93 -122.65 -20.16
CA GLN D 313 -0.37 -123.87 -20.73
C GLN D 313 -1.45 -124.89 -21.09
N ASP D 314 -2.60 -124.84 -20.41
CA ASP D 314 -3.72 -125.69 -20.80
C ASP D 314 -4.40 -125.19 -22.06
N MET D 315 -4.58 -123.87 -22.17
CA MET D 315 -5.21 -123.31 -23.37
C MET D 315 -4.32 -123.37 -24.58
N LYS D 316 -3.01 -123.47 -24.40
CA LYS D 316 -2.08 -123.59 -25.52
C LYS D 316 -1.97 -125.02 -26.01
N ALA D 317 -2.01 -125.99 -25.10
CA ALA D 317 -1.80 -127.37 -25.49
C ALA D 317 -3.09 -128.03 -25.98
N THR D 318 -4.20 -127.80 -25.28
CA THR D 318 -5.42 -128.54 -25.58
C THR D 318 -6.14 -127.98 -26.79
N TYR D 319 -6.55 -126.72 -26.73
CA TYR D 319 -7.34 -126.10 -27.78
C TYR D 319 -6.54 -125.20 -28.71
N ASP D 320 -5.23 -125.04 -28.44
CA ASP D 320 -4.33 -124.14 -29.17
C ASP D 320 -4.86 -122.71 -29.20
N ILE D 321 -5.07 -122.16 -28.00
CA ILE D 321 -5.51 -120.78 -27.83
C ILE D 321 -4.40 -120.03 -27.12
N ASP D 322 -3.94 -118.94 -27.73
CA ASP D 322 -3.04 -118.03 -27.06
C ASP D 322 -3.80 -117.34 -25.93
N GLY D 323 -3.24 -117.37 -24.74
CA GLY D 323 -3.89 -116.71 -23.62
C GLY D 323 -3.77 -115.21 -23.66
N VAL D 324 -2.56 -114.72 -23.91
CA VAL D 324 -2.31 -113.29 -23.77
C VAL D 324 -2.63 -112.51 -25.05
N ALA D 325 -2.89 -113.19 -26.17
CA ALA D 325 -3.37 -112.48 -27.35
C ALA D 325 -4.90 -112.40 -27.33
N ARG D 326 -5.56 -113.52 -27.06
CA ARG D 326 -7.02 -113.55 -27.02
C ARG D 326 -7.61 -112.98 -25.75
N LEU D 327 -6.79 -112.45 -24.85
CA LEU D 327 -7.28 -111.64 -23.75
C LEU D 327 -6.97 -110.16 -23.92
N SER D 328 -5.80 -109.83 -24.47
CA SER D 328 -5.46 -108.43 -24.70
C SER D 328 -6.32 -107.82 -25.80
N GLU D 329 -6.52 -108.56 -26.88
CA GLU D 329 -7.42 -108.11 -27.93
C GLU D 329 -8.88 -108.28 -27.55
N THR D 330 -9.17 -109.00 -26.48
CA THR D 330 -10.49 -108.95 -25.85
C THR D 330 -10.66 -107.67 -25.05
N MET D 331 -9.61 -107.23 -24.37
CA MET D 331 -9.66 -105.94 -23.68
C MET D 331 -9.63 -104.80 -24.68
N SER D 332 -8.77 -104.87 -25.70
CA SER D 332 -8.55 -103.76 -26.61
C SER D 332 -9.76 -103.44 -27.47
N GLN D 333 -10.65 -104.40 -27.71
CA GLN D 333 -11.92 -104.07 -28.32
C GLN D 333 -12.93 -103.59 -27.29
N LEU D 334 -12.79 -104.01 -26.04
CA LEU D 334 -13.71 -103.56 -25.01
C LEU D 334 -13.51 -102.10 -24.67
N SER D 335 -12.29 -101.58 -24.81
CA SER D 335 -12.08 -100.15 -24.71
C SER D 335 -12.67 -99.44 -25.93
N SER D 336 -12.37 -99.96 -27.13
CA SER D 336 -12.79 -99.30 -28.36
C SER D 336 -14.29 -99.38 -28.59
N GLN D 337 -14.96 -100.38 -28.03
CA GLN D 337 -16.42 -100.39 -28.07
C GLN D 337 -16.98 -99.34 -27.12
N LYS D 338 -16.30 -99.10 -26.00
CA LYS D 338 -16.79 -98.15 -25.01
C LYS D 338 -16.66 -96.71 -25.51
N VAL D 339 -15.61 -96.40 -26.25
CA VAL D 339 -15.40 -95.03 -26.70
C VAL D 339 -16.33 -94.68 -27.87
N ASP D 340 -16.85 -95.69 -28.55
CA ASP D 340 -17.85 -95.47 -29.58
C ASP D 340 -19.25 -95.81 -29.12
N LEU D 341 -19.45 -96.09 -27.85
CA LEU D 341 -20.79 -96.24 -27.31
C LEU D 341 -21.22 -95.07 -26.45
N ASP D 342 -20.29 -94.25 -25.98
CA ASP D 342 -20.72 -93.03 -25.31
C ASP D 342 -20.92 -91.88 -26.30
N ILE D 343 -20.19 -91.91 -27.41
CA ILE D 343 -20.38 -90.94 -28.49
C ILE D 343 -21.82 -90.99 -29.00
N ILE D 344 -22.38 -92.19 -29.10
CA ILE D 344 -23.79 -92.34 -29.43
C ILE D 344 -24.67 -91.76 -28.34
N GLU D 345 -24.32 -92.02 -27.07
CA GLU D 345 -25.07 -91.43 -25.97
C GLU D 345 -24.83 -89.93 -25.86
N PHE D 346 -23.63 -89.46 -26.25
CA PHE D 346 -23.36 -88.03 -26.21
C PHE D 346 -24.08 -87.31 -27.32
N LEU D 347 -24.08 -87.87 -28.53
CA LEU D 347 -24.81 -87.27 -29.64
C LEU D 347 -26.31 -87.43 -29.50
N ASP D 348 -26.78 -88.42 -28.73
CA ASP D 348 -28.18 -88.45 -28.34
C ASP D 348 -28.47 -87.31 -27.39
N HIS D 349 -27.61 -87.11 -26.39
CA HIS D 349 -27.88 -86.13 -25.35
C HIS D 349 -27.71 -84.71 -25.87
N GLU D 350 -26.80 -84.50 -26.81
CA GLU D 350 -26.60 -83.14 -27.31
C GLU D 350 -27.68 -82.69 -28.28
N TYR D 351 -28.31 -83.63 -28.99
CA TYR D 351 -29.50 -83.27 -29.76
C TYR D 351 -30.65 -82.91 -28.84
N LYS D 352 -30.73 -83.57 -27.68
CA LYS D 352 -31.77 -83.28 -26.70
C LYS D 352 -31.63 -81.89 -26.09
N GLU D 353 -30.44 -81.32 -26.10
CA GLU D 353 -30.24 -79.96 -25.60
C GLU D 353 -30.59 -78.90 -26.63
N THR D 354 -30.54 -79.22 -27.91
CA THR D 354 -31.02 -78.29 -28.92
C THR D 354 -32.54 -78.24 -29.00
N ASP D 355 -33.21 -79.26 -28.45
CA ASP D 355 -34.67 -79.36 -28.36
C ASP D 355 -35.32 -79.30 -29.74
N ALA D 356 -34.81 -80.16 -30.64
CA ALA D 356 -35.34 -80.40 -31.98
C ALA D 356 -35.37 -79.12 -32.81
N LYS D 357 -34.21 -78.46 -32.91
CA LYS D 357 -34.12 -77.27 -33.73
C LYS D 357 -34.16 -77.62 -35.22
N TYR D 358 -33.58 -78.76 -35.57
CA TYR D 358 -33.60 -79.26 -36.95
C TYR D 358 -34.08 -80.70 -36.89
N HIS D 359 -35.39 -80.88 -36.86
CA HIS D 359 -36.02 -82.19 -36.80
C HIS D 359 -36.99 -82.26 -37.98
N PHE D 360 -36.48 -82.71 -39.11
CA PHE D 360 -37.24 -82.74 -40.35
C PHE D 360 -37.43 -84.19 -40.77
N SER D 361 -38.67 -84.64 -40.81
CA SER D 361 -38.96 -86.05 -41.00
C SER D 361 -38.82 -86.44 -42.47
N PHE D 362 -39.05 -87.73 -42.73
CA PHE D 362 -39.09 -88.29 -44.07
C PHE D 362 -39.91 -89.56 -44.01
N ASP D 363 -40.65 -89.83 -45.08
CA ASP D 363 -41.51 -91.00 -45.14
C ASP D 363 -41.10 -91.87 -46.30
N VAL D 364 -40.76 -93.12 -46.01
CA VAL D 364 -40.47 -94.07 -47.07
C VAL D 364 -41.74 -94.44 -47.82
N PHE D 365 -42.84 -94.56 -47.10
CA PHE D 365 -44.16 -94.66 -47.70
C PHE D 365 -44.45 -93.39 -48.48
N PRO D 366 -44.58 -93.44 -49.80
CA PRO D 366 -44.80 -92.21 -50.57
C PRO D 366 -46.21 -91.69 -50.36
N HIS D 367 -46.43 -90.47 -50.86
CA HIS D 367 -47.70 -89.78 -50.67
C HIS D 367 -48.80 -90.51 -51.43
N SER D 368 -50.04 -90.30 -50.97
CA SER D 368 -51.21 -91.02 -51.46
C SER D 368 -51.54 -90.74 -52.92
N ASP D 369 -50.92 -89.75 -53.53
CA ASP D 369 -51.00 -89.53 -54.96
C ASP D 369 -49.61 -89.34 -55.56
N TYR D 370 -48.64 -90.12 -55.09
CA TYR D 370 -47.33 -90.08 -55.73
C TYR D 370 -47.37 -90.80 -57.07
N SER D 371 -47.81 -92.05 -57.06
CA SER D 371 -48.22 -92.80 -58.26
C SER D 371 -47.06 -93.00 -59.24
N ALA D 372 -45.95 -93.51 -58.71
CA ALA D 372 -44.83 -93.98 -59.50
C ALA D 372 -44.08 -95.02 -58.67
N HIS D 373 -42.88 -95.36 -59.09
CA HIS D 373 -42.10 -96.38 -58.41
C HIS D 373 -41.56 -95.83 -57.10
N PRO D 374 -41.80 -96.49 -55.97
CA PRO D 374 -41.31 -95.98 -54.68
C PRO D 374 -39.79 -96.07 -54.51
N LYS D 375 -39.07 -96.74 -55.40
CA LYS D 375 -37.61 -96.68 -55.35
C LYS D 375 -37.12 -95.28 -55.74
N ASP D 376 -37.75 -94.67 -56.74
CA ASP D 376 -37.40 -93.31 -57.11
C ASP D 376 -37.89 -92.28 -56.10
N TRP D 377 -38.84 -92.67 -55.24
CA TRP D 377 -39.30 -91.79 -54.16
C TRP D 377 -38.21 -91.54 -53.13
N LEU D 378 -37.25 -92.44 -52.99
CA LEU D 378 -36.16 -92.32 -52.05
C LEU D 378 -35.09 -91.32 -52.48
N GLU D 379 -35.26 -90.66 -53.63
CA GLU D 379 -34.46 -89.51 -53.95
C GLU D 379 -34.81 -88.32 -53.04
N GLY D 380 -36.01 -88.32 -52.46
CA GLY D 380 -36.42 -87.27 -51.55
C GLY D 380 -35.61 -87.19 -50.27
N LEU D 381 -34.99 -88.29 -49.86
CA LEU D 381 -34.11 -88.24 -48.71
C LEU D 381 -32.83 -87.46 -49.01
N ARG D 382 -32.45 -87.38 -50.29
CA ARG D 382 -31.34 -86.51 -50.66
C ARG D 382 -31.74 -85.04 -50.71
N GLU D 383 -33.01 -84.72 -50.55
CA GLU D 383 -33.41 -83.32 -50.48
C GLU D 383 -33.93 -82.91 -49.11
N VAL D 384 -34.42 -83.87 -48.30
CA VAL D 384 -34.70 -83.54 -46.91
C VAL D 384 -33.41 -83.28 -46.15
N ILE D 385 -32.40 -84.11 -46.40
CA ILE D 385 -31.07 -83.90 -45.80
C ILE D 385 -30.47 -82.60 -46.32
N ASP D 386 -30.66 -82.31 -47.60
CA ASP D 386 -30.18 -81.06 -48.17
C ASP D 386 -30.99 -79.86 -47.70
N HIS D 387 -32.19 -80.09 -47.15
CA HIS D 387 -32.98 -78.97 -46.63
C HIS D 387 -32.52 -78.56 -45.24
N THR D 388 -32.20 -79.54 -44.39
CA THR D 388 -31.72 -79.20 -43.05
C THR D 388 -30.31 -78.65 -43.09
N THR D 389 -29.48 -79.15 -44.01
CA THR D 389 -28.08 -78.73 -44.03
C THR D 389 -27.91 -77.30 -44.52
N GLN D 390 -28.94 -76.71 -45.13
CA GLN D 390 -28.97 -75.29 -45.41
C GLN D 390 -29.62 -74.53 -44.28
N SER D 391 -30.53 -75.17 -43.55
CA SER D 391 -31.13 -74.52 -42.38
C SER D 391 -30.13 -74.37 -41.25
N MET D 392 -29.11 -75.23 -41.18
CA MET D 392 -28.02 -75.02 -40.25
C MET D 392 -27.09 -73.92 -40.70
N LYS D 393 -26.74 -73.89 -41.98
CA LYS D 393 -25.83 -72.87 -42.50
C LYS D 393 -26.47 -71.49 -42.60
N ASN D 394 -27.79 -71.40 -42.45
CA ASN D 394 -28.46 -70.11 -42.41
C ASN D 394 -28.59 -69.56 -41.01
N ASP D 395 -28.84 -70.44 -40.02
CA ASP D 395 -29.01 -69.96 -38.65
C ASP D 395 -27.67 -69.65 -38.01
N TYR D 396 -26.79 -70.64 -37.93
CA TYR D 396 -25.49 -70.42 -37.31
C TYR D 396 -24.49 -69.74 -38.24
N LYS D 397 -24.84 -69.59 -39.52
CA LYS D 397 -24.15 -68.73 -40.48
C LYS D 397 -22.69 -69.12 -40.69
N LEU D 398 -22.48 -70.41 -40.96
CA LEU D 398 -21.15 -70.95 -41.18
C LEU D 398 -21.06 -71.56 -42.57
N TYR D 399 -19.96 -71.30 -43.26
CA TYR D 399 -19.78 -71.72 -44.64
C TYR D 399 -18.54 -72.54 -44.89
N ASP D 400 -17.62 -72.61 -43.92
CA ASP D 400 -16.44 -73.47 -44.02
C ASP D 400 -16.78 -74.76 -43.29
N VAL D 401 -17.64 -75.57 -43.90
CA VAL D 401 -18.26 -76.68 -43.19
C VAL D 401 -18.03 -77.97 -43.98
N GLN D 402 -17.88 -79.07 -43.26
CA GLN D 402 -18.13 -80.39 -43.79
C GLN D 402 -19.11 -81.09 -42.87
N PHE D 403 -20.15 -81.67 -43.43
CA PHE D 403 -21.18 -82.33 -42.65
C PHE D 403 -20.92 -83.83 -42.65
N VAL D 404 -21.30 -84.49 -41.56
CA VAL D 404 -21.33 -85.94 -41.51
C VAL D 404 -22.75 -86.37 -41.22
N ILE D 405 -23.09 -87.57 -41.68
CA ILE D 405 -24.39 -88.17 -41.43
C ILE D 405 -24.15 -89.53 -40.78
N VAL D 406 -24.63 -89.70 -39.56
CA VAL D 406 -24.38 -90.90 -38.78
C VAL D 406 -25.71 -91.58 -38.50
N GLY D 407 -25.83 -92.83 -38.90
CA GLY D 407 -27.00 -93.63 -38.61
C GLY D 407 -26.72 -95.10 -38.80
N ASN D 408 -27.78 -95.91 -38.87
CA ASN D 408 -27.64 -97.31 -39.19
C ASN D 408 -27.15 -97.48 -40.61
N PRO D 409 -26.59 -98.63 -40.98
CA PRO D 409 -26.36 -98.89 -42.40
C PRO D 409 -27.58 -99.48 -43.07
N LEU D 410 -28.76 -99.05 -42.65
CA LEU D 410 -30.04 -99.56 -43.09
C LEU D 410 -30.89 -98.36 -43.44
N ASP D 411 -30.66 -97.27 -42.72
CA ASP D 411 -31.25 -95.98 -42.99
C ASP D 411 -30.28 -95.07 -43.70
N VAL D 412 -29.22 -95.62 -44.27
CA VAL D 412 -28.29 -94.84 -45.07
C VAL D 412 -28.19 -95.53 -46.41
N ARG D 413 -28.78 -96.72 -46.49
CA ARG D 413 -28.91 -97.43 -47.76
C ARG D 413 -29.76 -96.64 -48.76
N LEU D 414 -30.71 -95.85 -48.23
CA LEU D 414 -31.56 -95.02 -49.07
C LEU D 414 -30.81 -93.84 -49.68
N ILE D 415 -29.61 -93.53 -49.20
CA ILE D 415 -28.90 -92.35 -49.69
C ILE D 415 -28.27 -92.57 -51.07
N PRO D 416 -27.47 -93.65 -51.35
CA PRO D 416 -27.01 -93.79 -52.75
C PRO D 416 -28.07 -94.37 -53.65
N ASN D 417 -28.89 -95.28 -53.11
CA ASN D 417 -30.00 -95.95 -53.80
C ASN D 417 -29.54 -96.62 -55.09
N VAL D 418 -28.47 -97.38 -54.96
CA VAL D 418 -27.81 -98.00 -56.11
C VAL D 418 -28.59 -99.23 -56.53
N SER D 419 -28.57 -99.54 -57.83
CA SER D 419 -29.28 -100.68 -58.38
C SER D 419 -28.44 -101.94 -58.22
N TRP D 420 -28.93 -103.05 -58.76
CA TRP D 420 -28.24 -104.33 -58.66
C TRP D 420 -27.33 -104.52 -59.87
N THR D 421 -26.67 -105.68 -59.92
CA THR D 421 -25.81 -106.06 -61.03
C THR D 421 -25.70 -107.57 -61.03
N PHE D 422 -25.99 -108.19 -62.16
CA PHE D 422 -26.07 -109.64 -62.27
C PHE D 422 -24.88 -110.20 -63.03
N ASN D 423 -24.49 -111.41 -62.67
CA ASN D 423 -23.39 -112.12 -63.31
C ASN D 423 -23.60 -113.62 -63.08
N GLY D 424 -22.55 -114.40 -63.36
CA GLY D 424 -22.65 -115.85 -63.27
C GLY D 424 -22.65 -116.33 -61.83
N GLY D 425 -23.61 -117.18 -61.50
CA GLY D 425 -23.77 -117.68 -60.15
C GLY D 425 -23.11 -119.01 -59.85
N ASP D 426 -21.79 -119.06 -59.94
CA ASP D 426 -21.03 -120.26 -59.61
C ASP D 426 -20.44 -120.15 -58.20
N ARG D 427 -19.90 -121.27 -57.72
CA ARG D 427 -19.29 -121.26 -56.39
C ARG D 427 -17.79 -121.04 -56.43
N ASN D 428 -17.14 -121.35 -57.56
CA ASN D 428 -15.69 -121.28 -57.59
C ASN D 428 -15.20 -119.85 -57.74
N ALA D 429 -15.88 -119.05 -58.56
CA ALA D 429 -15.61 -117.61 -58.66
C ALA D 429 -16.45 -116.84 -57.65
N ASP D 430 -16.28 -117.19 -56.37
CA ASP D 430 -17.12 -116.67 -55.31
C ASP D 430 -16.68 -115.26 -54.93
N ALA D 431 -17.62 -114.32 -54.91
CA ALA D 431 -17.35 -112.94 -54.54
C ALA D 431 -17.85 -112.75 -53.11
N TYR D 432 -16.98 -113.06 -52.15
CA TYR D 432 -17.30 -112.96 -50.72
C TYR D 432 -17.05 -111.54 -50.26
N SER D 433 -18.05 -110.66 -50.49
CA SER D 433 -18.08 -109.28 -49.98
C SER D 433 -16.87 -108.47 -50.47
N ASN D 434 -16.52 -108.65 -51.73
CA ASN D 434 -15.29 -108.06 -52.26
C ASN D 434 -15.38 -106.55 -52.42
N GLY D 435 -16.57 -106.01 -52.70
CA GLY D 435 -16.67 -104.59 -52.94
C GLY D 435 -17.88 -103.91 -52.31
N ILE D 436 -18.36 -104.40 -51.18
CA ILE D 436 -19.49 -103.78 -50.50
C ILE D 436 -18.94 -102.88 -49.39
N LYS D 437 -18.93 -101.58 -49.66
CA LYS D 437 -18.54 -100.60 -48.65
C LYS D 437 -19.41 -99.37 -48.62
N ILE D 438 -20.20 -99.08 -49.67
CA ILE D 438 -20.95 -97.83 -49.73
C ILE D 438 -22.14 -97.80 -48.80
N ASN D 439 -22.50 -98.92 -48.20
CA ASN D 439 -23.56 -98.93 -47.20
C ASN D 439 -23.05 -98.53 -45.82
N TYR D 440 -21.73 -98.39 -45.65
CA TYR D 440 -21.15 -98.09 -44.34
C TYR D 440 -20.39 -96.78 -44.30
N SER D 441 -19.78 -96.36 -45.40
CA SER D 441 -18.99 -95.13 -45.42
C SER D 441 -19.03 -94.58 -46.84
N LEU D 442 -19.65 -93.42 -47.00
CA LEU D 442 -19.92 -92.88 -48.33
C LEU D 442 -19.47 -91.42 -48.40
N GLY D 443 -18.74 -91.08 -49.45
CA GLY D 443 -18.31 -89.71 -49.67
C GLY D 443 -19.25 -88.91 -50.55
N ALA D 444 -20.41 -88.53 -50.02
CA ALA D 444 -21.37 -87.76 -50.81
C ALA D 444 -20.90 -86.33 -51.00
N ALA D 445 -21.36 -85.71 -52.09
CA ALA D 445 -21.02 -84.32 -52.41
C ALA D 445 -22.23 -83.69 -53.10
N SER D 446 -23.08 -83.04 -52.32
CA SER D 446 -24.31 -82.45 -52.85
C SER D 446 -24.01 -81.08 -53.45
N GLY D 447 -25.07 -80.33 -53.75
CA GLY D 447 -24.88 -78.99 -54.28
C GLY D 447 -24.64 -77.94 -53.21
N THR D 448 -25.11 -78.19 -52.00
CA THR D 448 -24.99 -77.24 -50.90
C THR D 448 -24.02 -77.67 -49.82
N ALA D 449 -23.85 -78.97 -49.61
CA ALA D 449 -23.00 -79.46 -48.52
C ALA D 449 -22.12 -80.59 -49.02
N ASN D 450 -20.85 -80.56 -48.64
CA ASN D 450 -19.94 -81.68 -48.84
C ASN D 450 -20.10 -82.61 -47.65
N TYR D 451 -20.37 -83.88 -47.93
CA TYR D 451 -20.68 -84.83 -46.87
C TYR D 451 -19.55 -85.81 -46.65
N ARG D 452 -19.62 -86.50 -45.52
CA ARG D 452 -18.80 -87.67 -45.25
C ARG D 452 -19.64 -88.59 -44.38
N ILE D 453 -20.32 -89.51 -45.02
CA ILE D 453 -21.36 -90.29 -44.35
C ILE D 453 -20.72 -91.47 -43.63
N ILE D 454 -21.19 -91.72 -42.41
CA ILE D 454 -20.72 -92.84 -41.59
C ILE D 454 -21.92 -93.68 -41.21
N GLY D 455 -21.86 -94.97 -41.50
CA GLY D 455 -22.92 -95.87 -41.10
C GLY D 455 -22.44 -96.94 -40.15
N SER D 456 -23.09 -97.05 -38.99
CA SER D 456 -22.71 -98.03 -37.98
C SER D 456 -23.97 -98.62 -37.36
N ASP D 457 -23.92 -99.93 -37.09
CA ASP D 457 -25.10 -100.66 -36.66
C ASP D 457 -25.38 -100.55 -35.17
N LEU D 458 -24.62 -99.76 -34.44
CA LEU D 458 -24.84 -99.66 -33.00
C LEU D 458 -25.97 -98.71 -32.65
N VAL D 459 -26.29 -97.76 -33.53
CA VAL D 459 -27.33 -96.79 -33.22
C VAL D 459 -28.70 -97.41 -33.42
N ARG D 460 -29.71 -96.73 -32.88
CA ARG D 460 -31.07 -97.24 -32.99
C ARG D 460 -31.64 -96.90 -34.37
N GLN D 461 -32.63 -97.67 -34.79
CA GLN D 461 -33.17 -97.61 -36.13
C GLN D 461 -34.30 -96.59 -36.21
N GLY D 462 -34.35 -95.86 -37.32
CA GLY D 462 -35.46 -94.96 -37.59
C GLY D 462 -35.09 -93.50 -37.54
N GLU D 463 -33.80 -93.21 -37.32
CA GLU D 463 -33.35 -91.83 -37.19
C GLU D 463 -32.06 -91.67 -37.97
N LEU D 464 -31.74 -90.42 -38.29
CA LEU D 464 -30.43 -90.02 -38.78
C LEU D 464 -29.92 -88.87 -37.93
N THR D 465 -28.62 -88.60 -38.03
CA THR D 465 -28.01 -87.50 -37.29
C THR D 465 -27.08 -86.76 -38.23
N ILE D 466 -27.21 -85.44 -38.29
CA ILE D 466 -26.36 -84.60 -39.12
C ILE D 466 -25.56 -83.69 -38.22
N ILE D 467 -24.24 -83.69 -38.40
CA ILE D 467 -23.32 -82.95 -37.54
C ILE D 467 -22.45 -82.06 -38.42
N ALA D 468 -22.42 -80.77 -38.11
CA ALA D 468 -21.54 -79.84 -38.80
C ALA D 468 -20.17 -79.86 -38.16
N ILE D 469 -19.14 -79.86 -39.00
CA ILE D 469 -17.75 -79.82 -38.55
C ILE D 469 -17.06 -78.66 -39.27
N PRO D 470 -16.85 -77.55 -38.57
CA PRO D 470 -16.14 -76.42 -39.20
C PRO D 470 -14.64 -76.69 -39.20
N GLN D 471 -14.00 -76.43 -40.32
CA GLN D 471 -12.57 -76.65 -40.45
C GLN D 471 -11.78 -75.35 -40.40
N GLN D 472 -12.26 -74.40 -39.61
CA GLN D 472 -11.48 -73.24 -39.20
C GLN D 472 -11.32 -73.29 -37.69
N ASP D 473 -10.15 -72.88 -37.20
CA ASP D 473 -9.81 -73.07 -35.80
C ASP D 473 -10.56 -72.14 -34.85
N ASN D 474 -11.20 -71.10 -35.36
CA ASN D 474 -11.97 -70.21 -34.49
C ASN D 474 -13.22 -70.90 -33.98
N TYR D 475 -14.07 -71.37 -34.88
CA TYR D 475 -15.33 -71.98 -34.49
C TYR D 475 -15.13 -73.47 -34.23
N LYS D 476 -15.80 -73.97 -33.20
CA LYS D 476 -15.71 -75.37 -32.81
C LYS D 476 -17.06 -75.82 -32.28
N THR D 477 -17.61 -76.87 -32.85
CA THR D 477 -18.91 -77.41 -32.43
C THR D 477 -18.75 -78.64 -31.56
N PHE D 478 -18.11 -79.67 -32.08
CA PHE D 478 -17.80 -80.87 -31.32
C PHE D 478 -16.31 -81.15 -31.44
N MET D 479 -15.78 -81.82 -30.42
CA MET D 479 -14.38 -82.21 -30.45
C MET D 479 -14.21 -83.43 -29.56
N PHE D 480 -13.48 -84.41 -30.06
CA PHE D 480 -13.15 -85.62 -29.32
C PHE D 480 -11.71 -85.50 -28.83
N TYR D 481 -11.51 -85.59 -27.52
CA TYR D 481 -10.21 -85.38 -26.91
C TYR D 481 -9.69 -86.68 -26.34
N PRO D 482 -8.83 -87.40 -27.06
CA PRO D 482 -8.21 -88.59 -26.47
C PRO D 482 -6.93 -88.26 -25.71
N TYR D 483 -6.90 -88.52 -24.40
CA TYR D 483 -5.74 -88.09 -23.63
C TYR D 483 -4.58 -89.08 -23.75
N THR D 484 -4.75 -90.28 -23.19
CA THR D 484 -3.68 -91.26 -23.16
C THR D 484 -4.25 -92.65 -23.46
N PHE D 485 -3.34 -93.58 -23.72
CA PHE D 485 -3.65 -94.99 -23.81
C PHE D 485 -2.56 -95.74 -23.08
N ASN D 486 -2.90 -96.34 -21.94
CA ASN D 486 -1.92 -96.98 -21.08
C ASN D 486 -2.26 -98.46 -20.93
N VAL D 487 -1.30 -99.32 -21.26
CA VAL D 487 -1.39 -100.74 -21.01
C VAL D 487 -0.13 -101.16 -20.27
N VAL D 488 -0.26 -102.10 -19.34
CA VAL D 488 0.87 -102.64 -18.61
C VAL D 488 0.76 -104.16 -18.57
N ASN D 489 1.90 -104.83 -18.70
CA ASN D 489 1.95 -106.29 -18.61
C ASN D 489 2.41 -106.68 -17.21
N GLY D 490 1.53 -106.42 -16.25
CA GLY D 490 1.89 -106.58 -14.86
C GLY D 490 2.33 -105.25 -14.28
N GLY D 491 3.63 -105.06 -14.13
CA GLY D 491 4.18 -103.76 -13.77
C GLY D 491 3.87 -103.28 -12.37
N GLY D 492 3.61 -104.19 -11.44
CA GLY D 492 3.34 -103.84 -10.08
C GLY D 492 1.87 -103.71 -9.73
N TYR D 493 0.98 -103.70 -10.71
CA TYR D 493 -0.44 -103.63 -10.44
C TYR D 493 -0.97 -105.00 -10.03
N LEU D 494 -1.99 -105.00 -9.17
CA LEU D 494 -2.54 -106.22 -8.63
C LEU D 494 -4.00 -106.37 -9.03
N ASN D 495 -4.49 -107.59 -8.97
CA ASN D 495 -5.89 -107.87 -9.27
C ASN D 495 -6.79 -107.35 -8.16
N THR D 496 -8.05 -107.11 -8.53
CA THR D 496 -9.08 -106.82 -7.56
C THR D 496 -9.64 -108.07 -6.89
N ARG D 497 -9.72 -109.18 -7.61
CA ARG D 497 -10.41 -110.37 -7.11
C ARG D 497 -9.47 -111.46 -6.63
N ASN D 498 -8.30 -111.63 -7.25
CA ASN D 498 -7.32 -112.61 -6.79
C ASN D 498 -5.94 -112.07 -7.11
N PRO D 499 -5.35 -111.32 -6.18
CA PRO D 499 -4.11 -110.59 -6.50
C PRO D 499 -2.85 -111.44 -6.46
N ASN D 500 -2.95 -112.74 -6.15
CA ASN D 500 -1.75 -113.56 -6.07
C ASN D 500 -1.16 -113.85 -7.45
N VAL D 501 -1.98 -113.81 -8.49
CA VAL D 501 -1.58 -114.20 -9.84
C VAL D 501 -1.39 -112.94 -10.70
N PRO D 502 -0.57 -112.98 -11.76
CA PRO D 502 -0.26 -111.75 -12.50
C PRO D 502 -1.45 -111.20 -13.27
N ASN D 503 -1.26 -110.01 -13.84
CA ASN D 503 -2.35 -109.23 -14.40
C ASN D 503 -2.02 -108.67 -15.77
N MET D 504 -3.05 -108.07 -16.37
CA MET D 504 -2.96 -107.35 -17.63
C MET D 504 -3.93 -106.19 -17.54
N MET D 505 -3.42 -104.99 -17.28
CA MET D 505 -4.25 -103.83 -17.05
C MET D 505 -4.16 -102.91 -18.26
N MET D 506 -5.27 -102.27 -18.59
CA MET D 506 -5.31 -101.35 -19.72
C MET D 506 -6.34 -100.26 -19.43
N THR D 507 -5.97 -99.02 -19.77
CA THR D 507 -6.83 -97.88 -19.53
C THR D 507 -6.62 -96.87 -20.65
N ARG D 508 -7.71 -96.28 -21.12
CA ARG D 508 -7.64 -95.26 -22.16
C ARG D 508 -8.33 -94.00 -21.64
N ARG D 509 -7.54 -92.97 -21.33
CA ARG D 509 -8.09 -91.71 -20.86
C ARG D 509 -8.53 -90.85 -22.04
N TYR D 510 -9.74 -90.33 -21.97
CA TYR D 510 -10.34 -89.58 -23.08
C TYR D 510 -11.55 -88.83 -22.57
N THR D 511 -11.97 -87.84 -23.36
CA THR D 511 -13.27 -87.20 -23.17
C THR D 511 -13.72 -86.61 -24.50
N VAL D 512 -15.00 -86.21 -24.55
CA VAL D 512 -15.58 -85.56 -25.71
C VAL D 512 -16.50 -84.46 -25.22
N GLU D 513 -16.38 -83.27 -25.80
CA GLU D 513 -17.12 -82.10 -25.32
C GLU D 513 -17.75 -81.37 -26.49
N SER D 514 -18.69 -80.48 -26.14
CA SER D 514 -19.54 -79.78 -27.10
C SER D 514 -19.55 -78.31 -26.74
N PHE D 515 -18.98 -77.48 -27.61
CA PHE D 515 -18.95 -76.05 -27.34
C PHE D 515 -20.25 -75.38 -27.79
N VAL D 516 -20.65 -75.59 -29.04
CA VAL D 516 -21.96 -75.19 -29.52
C VAL D 516 -22.57 -76.34 -30.32
N PRO D 517 -23.79 -76.76 -30.02
CA PRO D 517 -24.37 -77.91 -30.73
C PRO D 517 -25.01 -77.48 -32.04
N ILE D 518 -24.42 -77.92 -33.16
CA ILE D 518 -25.08 -77.85 -34.45
C ILE D 518 -25.39 -79.28 -34.87
N ILE D 519 -26.57 -79.76 -34.52
CA ILE D 519 -26.92 -81.16 -34.76
C ILE D 519 -28.40 -81.23 -35.15
N GLY D 520 -28.68 -81.99 -36.20
CA GLY D 520 -30.04 -82.17 -36.65
C GLY D 520 -30.36 -83.65 -36.82
N ARG D 521 -31.65 -83.94 -36.82
CA ARG D 521 -32.12 -85.33 -36.80
C ARG D 521 -33.19 -85.52 -37.86
N ILE D 522 -32.87 -86.31 -38.89
CA ILE D 522 -33.89 -86.76 -39.84
C ILE D 522 -34.69 -87.90 -39.21
N THR D 523 -36.00 -87.87 -39.40
CA THR D 523 -36.89 -88.89 -38.87
C THR D 523 -37.40 -89.71 -40.05
N ILE D 524 -36.72 -90.81 -40.35
CA ILE D 524 -37.15 -91.69 -41.42
C ILE D 524 -38.30 -92.55 -40.88
N LYS D 525 -39.47 -92.39 -41.47
CA LYS D 525 -40.67 -93.09 -41.02
C LYS D 525 -41.00 -94.23 -41.96
N ASN D 526 -41.56 -95.31 -41.38
CA ASN D 526 -42.07 -96.48 -42.10
C ASN D 526 -41.00 -97.17 -42.93
N ASN D 527 -39.78 -97.24 -42.40
CA ASN D 527 -38.68 -97.95 -43.05
C ASN D 527 -38.56 -99.33 -42.40
N ASN D 528 -39.43 -100.23 -42.82
CA ASN D 528 -39.36 -101.61 -42.34
C ASN D 528 -39.63 -102.61 -43.46
N GLY D 529 -39.42 -102.21 -44.71
CA GLY D 529 -39.67 -103.09 -45.83
C GLY D 529 -41.13 -103.35 -46.11
N SER D 530 -42.03 -102.49 -45.60
CA SER D 530 -43.45 -102.66 -45.77
C SER D 530 -44.02 -101.77 -46.86
N VAL D 531 -43.15 -101.17 -47.67
CA VAL D 531 -43.63 -100.30 -48.74
C VAL D 531 -44.23 -101.13 -49.88
N TYR D 532 -43.81 -102.38 -50.02
CA TYR D 532 -44.40 -103.27 -51.00
C TYR D 532 -45.39 -104.26 -50.41
N ALA D 533 -45.32 -104.52 -49.12
CA ALA D 533 -46.23 -105.47 -48.48
C ALA D 533 -47.59 -104.88 -48.19
N ARG D 534 -47.73 -103.56 -48.21
CA ARG D 534 -48.98 -102.91 -47.87
C ARG D 534 -50.04 -103.13 -48.94
N MET E 81 -3.86 -86.52 -8.19
CA MET E 81 -4.93 -87.10 -7.38
C MET E 81 -5.17 -86.32 -6.10
N GLY E 82 -6.43 -86.33 -5.65
CA GLY E 82 -6.80 -86.07 -4.28
C GLY E 82 -6.41 -84.72 -3.70
N PRO E 83 -5.39 -84.72 -2.83
CA PRO E 83 -4.95 -83.46 -2.22
C PRO E 83 -4.28 -82.49 -3.17
N ILE E 84 -3.85 -82.93 -4.35
CA ILE E 84 -3.42 -81.99 -5.36
C ILE E 84 -4.64 -81.28 -5.91
N GLN E 85 -4.44 -80.08 -6.43
CA GLN E 85 -5.59 -79.38 -6.97
C GLN E 85 -5.33 -79.01 -8.43
N PRO E 86 -6.35 -79.07 -9.28
CA PRO E 86 -6.10 -78.92 -10.72
C PRO E 86 -5.89 -77.47 -11.12
N TYR E 87 -5.28 -77.30 -12.28
CA TYR E 87 -5.06 -76.00 -12.88
C TYR E 87 -5.55 -76.05 -14.31
N ALA E 88 -6.69 -75.41 -14.56
CA ALA E 88 -7.29 -75.41 -15.88
C ALA E 88 -6.51 -74.46 -16.78
N SER E 89 -5.78 -75.02 -17.75
CA SER E 89 -4.97 -74.20 -18.63
C SER E 89 -5.85 -73.51 -19.68
N LEU E 90 -5.21 -72.73 -20.54
CA LEU E 90 -5.91 -71.93 -21.54
C LEU E 90 -5.44 -72.37 -22.93
N SER E 91 -6.36 -72.89 -23.73
CA SER E 91 -6.05 -73.26 -25.10
C SER E 91 -5.89 -72.01 -25.95
N MET E 92 -5.17 -72.18 -27.08
CA MET E 92 -4.72 -71.01 -27.83
C MET E 92 -5.83 -70.29 -28.59
N PRO E 93 -6.56 -70.92 -29.54
CA PRO E 93 -7.44 -70.09 -30.40
C PRO E 93 -8.73 -69.70 -29.70
N ILE E 94 -9.08 -68.42 -29.84
CA ILE E 94 -10.25 -67.87 -29.17
C ILE E 94 -11.47 -68.16 -30.01
N LEU E 95 -12.47 -68.79 -29.39
CA LEU E 95 -13.72 -69.07 -30.09
C LEU E 95 -14.49 -67.78 -30.33
N VAL E 96 -14.79 -67.50 -31.59
CA VAL E 96 -15.44 -66.26 -31.97
C VAL E 96 -16.88 -66.56 -32.40
N LYS E 97 -17.66 -65.50 -32.51
CA LYS E 97 -18.99 -65.61 -33.08
C LYS E 97 -18.90 -65.59 -34.60
N LEU E 98 -19.98 -65.99 -35.24
CA LEU E 98 -20.04 -66.08 -36.70
C LEU E 98 -20.98 -65.02 -37.24
N TRP E 99 -20.57 -64.38 -38.32
CA TRP E 99 -21.33 -63.31 -38.95
C TRP E 99 -21.83 -63.76 -40.32
N ALA E 100 -22.90 -63.13 -40.77
CA ALA E 100 -23.43 -63.43 -42.09
C ALA E 100 -22.52 -62.87 -43.17
N ARG E 101 -22.50 -63.54 -44.31
CA ARG E 101 -21.82 -63.05 -45.49
C ARG E 101 -22.74 -62.10 -46.23
N LEU E 102 -22.18 -61.02 -46.76
CA LEU E 102 -22.96 -59.93 -47.32
C LEU E 102 -22.70 -59.80 -48.81
N ALA E 103 -23.77 -59.77 -49.59
CA ALA E 103 -23.66 -59.58 -51.04
C ALA E 103 -24.71 -58.63 -51.60
N LEU E 104 -25.59 -58.08 -50.78
CA LEU E 104 -26.69 -57.27 -51.28
C LEU E 104 -26.25 -55.89 -51.75
N THR E 105 -25.04 -55.46 -51.42
CA THR E 105 -24.50 -54.26 -52.04
C THR E 105 -24.12 -54.49 -53.50
N GLU E 106 -23.91 -55.75 -53.89
CA GLU E 106 -23.52 -56.06 -55.25
C GLU E 106 -24.69 -56.25 -56.19
N ALA E 107 -25.89 -56.50 -55.65
CA ALA E 107 -27.09 -56.63 -56.47
C ALA E 107 -27.45 -55.32 -57.14
N LEU E 108 -27.72 -54.31 -56.35
CA LEU E 108 -28.14 -53.02 -56.88
C LEU E 108 -26.92 -52.26 -57.39
N PRO E 109 -27.06 -51.53 -58.49
CA PRO E 109 -25.91 -50.81 -59.03
C PRO E 109 -25.57 -49.58 -58.20
N THR E 110 -24.28 -49.28 -58.12
CA THR E 110 -23.78 -48.28 -57.20
C THR E 110 -22.91 -47.27 -57.95
N GLN E 111 -23.32 -46.02 -57.92
CA GLN E 111 -22.45 -44.91 -58.27
C GLN E 111 -22.38 -44.00 -57.06
N VAL E 112 -21.16 -43.59 -56.69
CA VAL E 112 -20.95 -42.81 -55.49
C VAL E 112 -21.50 -41.41 -55.68
N ALA E 113 -22.09 -40.86 -54.62
CA ALA E 113 -22.69 -39.54 -54.66
C ALA E 113 -21.73 -38.50 -54.12
N ASN E 114 -21.92 -37.27 -54.58
CA ASN E 114 -21.13 -36.14 -54.09
C ASN E 114 -21.98 -35.14 -53.33
N LYS E 115 -23.12 -34.75 -53.88
CA LYS E 115 -23.97 -33.89 -53.07
C LYS E 115 -24.99 -34.74 -52.31
N PRO E 116 -25.32 -34.38 -51.07
CA PRO E 116 -26.32 -35.18 -50.34
C PRO E 116 -27.74 -34.93 -50.84
N ASN E 117 -28.00 -33.79 -51.46
CA ASN E 117 -29.30 -33.48 -52.00
C ASN E 117 -29.15 -33.15 -53.47
N PHE E 118 -29.71 -33.98 -54.34
CA PHE E 118 -29.60 -33.78 -55.77
C PHE E 118 -30.78 -34.44 -56.45
N THR E 119 -31.19 -33.86 -57.57
CA THR E 119 -32.38 -34.32 -58.28
C THR E 119 -32.02 -34.72 -59.71
N VAL E 120 -32.93 -35.48 -60.31
CA VAL E 120 -32.73 -36.06 -61.64
C VAL E 120 -34.01 -35.81 -62.46
N PRO E 121 -33.90 -35.38 -63.71
CA PRO E 121 -35.11 -35.09 -64.49
C PRO E 121 -35.71 -36.33 -65.14
N ILE E 122 -36.99 -36.20 -65.49
CA ILE E 122 -37.75 -37.21 -66.20
C ILE E 122 -38.27 -36.56 -67.46
N LEU E 123 -37.88 -37.07 -68.61
CA LEU E 123 -38.43 -36.57 -69.87
C LEU E 123 -39.58 -37.46 -70.32
N THR E 124 -40.67 -36.85 -70.77
CA THR E 124 -41.79 -37.61 -71.27
C THR E 124 -42.51 -36.86 -72.37
N PRO E 125 -42.97 -37.55 -73.40
CA PRO E 125 -43.78 -36.88 -74.43
C PRO E 125 -45.27 -36.94 -74.11
N TYR E 126 -46.08 -36.32 -74.96
CA TYR E 126 -47.52 -36.29 -74.76
C TYR E 126 -48.21 -36.21 -76.11
N VAL E 127 -49.54 -36.34 -76.09
CA VAL E 127 -50.39 -35.98 -77.21
C VAL E 127 -51.59 -35.23 -76.66
N VAL E 128 -52.12 -34.30 -77.45
CA VAL E 128 -53.23 -33.46 -77.01
C VAL E 128 -54.58 -34.07 -77.40
N ASP E 129 -54.57 -35.12 -78.22
CA ASP E 129 -55.68 -35.98 -78.62
C ASP E 129 -56.72 -35.26 -79.47
N ALA E 130 -56.38 -34.08 -80.02
CA ALA E 130 -57.22 -33.27 -80.90
C ALA E 130 -58.55 -32.86 -80.26
N ASP E 131 -58.63 -32.81 -78.94
CA ASP E 131 -59.82 -32.32 -78.26
C ASP E 131 -59.52 -31.45 -77.05
N GLY E 132 -58.25 -31.18 -76.75
CA GLY E 132 -57.88 -30.36 -75.62
C GLY E 132 -57.36 -31.12 -74.43
N ASN E 133 -57.43 -32.44 -74.42
CA ASN E 133 -56.95 -33.24 -73.30
C ASN E 133 -55.46 -33.46 -73.42
N LYS E 134 -54.92 -34.39 -72.63
CA LYS E 134 -53.49 -34.71 -72.69
C LYS E 134 -53.27 -36.13 -72.18
N HIS E 135 -52.56 -36.93 -72.98
CA HIS E 135 -52.26 -38.31 -72.63
C HIS E 135 -50.77 -38.57 -72.75
N ALA E 136 -50.23 -39.37 -71.84
CA ALA E 136 -48.84 -39.76 -71.91
C ALA E 136 -48.61 -40.66 -73.12
N LEU E 137 -47.51 -40.42 -73.82
CA LEU E 137 -47.41 -40.97 -75.17
C LEU E 137 -47.09 -42.46 -75.25
N PRO E 138 -46.02 -43.01 -74.64
CA PRO E 138 -45.74 -44.43 -74.87
C PRO E 138 -46.69 -45.37 -74.16
N GLU E 139 -47.50 -44.86 -73.23
CA GLU E 139 -48.54 -45.66 -72.60
C GLU E 139 -49.80 -45.70 -73.47
N SER E 140 -50.13 -44.60 -74.13
CA SER E 140 -51.40 -44.49 -74.83
C SER E 140 -51.43 -45.34 -76.10
N ILE E 141 -50.33 -45.36 -76.86
CA ILE E 141 -50.27 -46.19 -78.07
C ILE E 141 -49.74 -47.55 -77.63
N ASN E 142 -50.62 -48.32 -77.00
CA ASN E 142 -50.30 -49.68 -76.63
C ASN E 142 -51.50 -50.61 -76.74
N ASN E 143 -52.64 -50.13 -77.19
CA ASN E 143 -53.85 -50.93 -77.29
C ASN E 143 -54.35 -50.91 -78.72
N THR E 144 -54.90 -52.04 -79.16
CA THR E 144 -55.34 -52.20 -80.54
C THR E 144 -56.60 -51.43 -80.96
N PRO E 145 -57.63 -51.18 -80.11
CA PRO E 145 -58.68 -50.25 -80.57
C PRO E 145 -58.41 -48.80 -80.18
N GLU E 146 -57.27 -48.28 -80.63
CA GLU E 146 -56.95 -46.90 -80.34
C GLU E 146 -57.76 -45.96 -81.24
N THR E 147 -57.84 -44.71 -80.82
CA THR E 147 -58.61 -43.70 -81.55
C THR E 147 -57.92 -42.35 -81.59
N LEU E 148 -56.69 -42.24 -81.11
CA LEU E 148 -56.03 -40.94 -81.01
C LEU E 148 -55.58 -40.46 -82.39
N VAL E 149 -54.72 -41.20 -83.03
CA VAL E 149 -54.20 -40.84 -84.35
C VAL E 149 -54.93 -41.67 -85.39
N GLY E 150 -55.30 -41.03 -86.48
CA GLY E 150 -56.09 -41.65 -87.53
C GLY E 150 -57.02 -40.61 -88.12
N LEU E 151 -57.54 -40.92 -89.30
CA LEU E 151 -58.42 -39.98 -89.98
C LEU E 151 -59.79 -39.94 -89.30
N VAL E 152 -60.55 -38.90 -89.64
CA VAL E 152 -61.88 -38.73 -89.08
C VAL E 152 -62.81 -39.71 -89.78
N GLN E 153 -63.30 -40.71 -89.05
CA GLN E 153 -64.23 -41.67 -89.62
C GLN E 153 -65.59 -41.02 -89.77
N ILE E 154 -66.16 -41.11 -90.96
CA ILE E 154 -67.45 -40.48 -91.28
C ILE E 154 -68.58 -41.21 -90.58
N LYS E 155 -69.77 -40.62 -90.63
CA LYS E 155 -70.95 -41.23 -90.02
C LYS E 155 -71.28 -42.54 -90.70
N GLU E 156 -71.62 -43.54 -89.88
CA GLU E 156 -71.69 -44.92 -90.35
C GLU E 156 -72.99 -45.22 -91.08
N ASP E 157 -74.11 -44.79 -90.50
CA ASP E 157 -75.41 -45.16 -91.02
C ASP E 157 -75.78 -44.25 -92.18
N ILE E 158 -76.48 -44.82 -93.16
CA ILE E 158 -77.12 -44.07 -94.24
C ILE E 158 -78.52 -44.66 -94.40
N ALA E 159 -79.54 -43.84 -94.19
CA ALA E 159 -80.92 -44.27 -94.30
C ALA E 159 -81.42 -44.04 -95.72
N VAL E 160 -82.02 -45.08 -96.31
CA VAL E 160 -82.52 -45.03 -97.68
C VAL E 160 -84.03 -45.20 -97.65
N GLU E 161 -84.73 -44.52 -98.56
CA GLU E 161 -86.19 -44.58 -98.58
C GLU E 161 -86.76 -45.59 -99.57
N GLY E 162 -86.24 -45.64 -100.79
CA GLY E 162 -86.78 -46.53 -101.80
C GLY E 162 -85.71 -47.07 -102.74
N GLY E 163 -84.47 -47.01 -102.32
CA GLY E 163 -83.36 -47.33 -103.20
C GLY E 163 -82.80 -46.16 -103.95
N LYS E 164 -83.01 -44.95 -103.46
CA LYS E 164 -82.62 -43.75 -104.21
C LYS E 164 -82.37 -42.63 -103.21
N VAL E 165 -81.10 -42.39 -102.89
CA VAL E 165 -80.68 -41.28 -102.04
C VAL E 165 -79.70 -40.38 -102.78
N THR E 166 -79.96 -40.14 -104.06
CA THR E 166 -79.29 -39.08 -104.79
C THR E 166 -79.42 -37.74 -104.05
N ASP E 167 -78.35 -36.95 -104.11
CA ASP E 167 -78.13 -35.76 -103.28
C ASP E 167 -78.21 -36.10 -101.78
N TYR E 168 -77.27 -36.92 -101.33
CA TYR E 168 -77.11 -37.20 -99.91
C TYR E 168 -75.69 -36.90 -99.49
N ASP E 169 -75.56 -36.10 -98.43
CA ASP E 169 -74.27 -35.68 -97.92
C ASP E 169 -73.70 -36.74 -96.99
N LEU E 170 -72.40 -36.95 -97.06
CA LEU E 170 -71.76 -37.93 -96.19
C LEU E 170 -71.13 -37.30 -94.96
N PHE E 171 -71.12 -35.97 -94.87
CA PHE E 171 -70.46 -35.26 -93.77
C PHE E 171 -71.47 -34.73 -92.76
N THR E 172 -72.53 -35.48 -92.49
CA THR E 172 -73.64 -34.95 -91.68
C THR E 172 -73.26 -34.85 -90.22
N GLY E 173 -72.97 -35.97 -89.57
CA GLY E 173 -72.71 -35.96 -88.15
C GLY E 173 -71.27 -35.69 -87.80
N LEU E 174 -70.73 -34.57 -88.27
CA LEU E 174 -69.35 -34.20 -88.01
C LEU E 174 -69.29 -32.76 -87.52
N LYS E 175 -68.28 -32.48 -86.71
CA LYS E 175 -68.08 -31.12 -86.22
C LYS E 175 -67.51 -30.24 -87.32
N GLU E 176 -67.73 -28.95 -87.18
CA GLU E 176 -67.24 -27.96 -88.13
C GLU E 176 -65.96 -27.32 -87.62
N GLY E 177 -64.98 -27.22 -88.50
CA GLY E 177 -63.70 -26.64 -88.12
C GLY E 177 -62.76 -27.62 -87.45
N LYS E 178 -63.22 -28.22 -86.35
CA LYS E 178 -62.37 -29.16 -85.62
C LYS E 178 -62.26 -30.49 -86.36
N GLU E 179 -63.34 -30.94 -86.99
CA GLU E 179 -63.36 -32.21 -87.70
C GLU E 179 -63.33 -32.04 -89.20
N VAL E 180 -64.27 -31.28 -89.76
CA VAL E 180 -64.39 -31.15 -91.20
C VAL E 180 -64.73 -29.69 -91.52
N ARG E 181 -64.33 -29.24 -92.70
CA ARG E 181 -64.61 -27.89 -93.18
C ARG E 181 -65.35 -28.02 -94.50
N LYS E 182 -66.68 -27.85 -94.45
CA LYS E 182 -67.53 -28.15 -95.59
C LYS E 182 -67.25 -27.21 -96.76
N GLY E 183 -66.90 -27.80 -97.90
CA GLY E 183 -66.47 -27.05 -99.05
C GLY E 183 -64.98 -26.89 -99.17
N ILE E 184 -64.20 -27.34 -98.19
CA ILE E 184 -62.75 -27.24 -98.22
C ILE E 184 -62.09 -28.60 -98.42
N ASP E 185 -62.37 -29.55 -97.54
CA ASP E 185 -61.79 -30.88 -97.66
C ASP E 185 -62.80 -31.85 -98.27
N ARG E 186 -62.33 -33.04 -98.59
CA ARG E 186 -63.11 -33.97 -99.38
C ARG E 186 -63.26 -35.33 -98.72
N LEU E 187 -63.86 -36.27 -99.44
CA LEU E 187 -63.91 -37.66 -99.02
C LEU E 187 -62.56 -38.32 -99.33
N ASP E 188 -62.48 -39.62 -99.15
CA ASP E 188 -61.26 -40.36 -99.41
C ASP E 188 -61.49 -41.36 -100.53
N ARG E 189 -60.42 -41.65 -101.27
CA ARG E 189 -60.50 -42.68 -102.30
C ARG E 189 -60.62 -44.06 -101.70
N LYS E 190 -60.17 -44.25 -100.45
CA LYS E 190 -60.34 -45.50 -99.73
C LYS E 190 -61.71 -45.51 -99.06
N PHE E 191 -62.73 -45.69 -99.89
CA PHE E 191 -64.12 -45.73 -99.46
C PHE E 191 -64.71 -47.08 -99.82
N LYS E 192 -65.65 -47.54 -99.00
CA LYS E 192 -66.38 -48.76 -99.28
C LYS E 192 -67.69 -48.75 -98.51
N ILE E 193 -68.55 -49.69 -98.83
CA ILE E 193 -69.72 -49.99 -98.01
C ILE E 193 -69.51 -51.37 -97.41
N VAL E 194 -70.03 -51.58 -96.21
CA VAL E 194 -69.76 -52.82 -95.48
C VAL E 194 -71.02 -53.58 -95.11
N GLU E 195 -72.16 -52.93 -94.94
CA GLU E 195 -73.39 -53.63 -94.58
C GLU E 195 -74.54 -52.98 -95.33
N ALA E 196 -75.43 -53.81 -95.86
CA ALA E 196 -76.59 -53.29 -96.57
C ALA E 196 -77.80 -54.09 -96.14
N LYS E 197 -78.87 -53.39 -95.80
CA LYS E 197 -80.11 -54.03 -95.36
C LYS E 197 -81.18 -53.82 -96.41
N TRP E 198 -81.76 -54.92 -96.88
CA TRP E 198 -82.89 -54.88 -97.79
C TRP E 198 -84.18 -55.05 -97.01
N SER E 199 -85.30 -54.82 -97.68
CA SER E 199 -86.59 -54.94 -97.03
C SER E 199 -87.03 -56.38 -96.85
N ASP E 200 -86.29 -57.35 -97.37
CA ASP E 200 -86.56 -58.76 -97.14
C ASP E 200 -85.31 -59.51 -96.70
N SER E 201 -84.25 -58.81 -96.33
CA SER E 201 -82.99 -59.45 -96.04
C SER E 201 -83.00 -60.09 -94.66
N PHE E 202 -81.94 -60.83 -94.36
CA PHE E 202 -81.77 -61.49 -93.09
C PHE E 202 -80.38 -61.16 -92.54
N ASP E 203 -80.22 -61.27 -91.23
CA ASP E 203 -78.99 -60.79 -90.64
C ASP E 203 -77.87 -61.82 -90.69
N GLU E 204 -78.19 -63.08 -90.37
CA GLU E 204 -77.32 -64.25 -90.32
C GLU E 204 -76.21 -64.20 -89.27
N ARG E 205 -76.15 -63.13 -88.46
CA ARG E 205 -75.38 -63.14 -87.23
C ARG E 205 -76.30 -63.28 -86.04
N THR E 206 -77.30 -62.41 -85.93
CA THR E 206 -78.51 -62.74 -85.18
C THR E 206 -79.54 -63.30 -86.14
N SER E 207 -80.54 -63.97 -85.57
CA SER E 207 -81.60 -64.58 -86.38
C SER E 207 -82.74 -63.60 -86.62
N ALA E 208 -82.44 -62.48 -87.25
CA ALA E 208 -83.41 -61.42 -87.49
C ALA E 208 -83.32 -60.93 -88.92
N ALA E 209 -84.29 -60.12 -89.29
CA ALA E 209 -84.32 -59.48 -90.61
C ALA E 209 -83.66 -58.12 -90.48
N GLY E 210 -82.37 -58.05 -90.78
CA GLY E 210 -81.64 -56.82 -90.62
C GLY E 210 -80.55 -56.59 -91.64
N PHE E 211 -79.38 -56.13 -91.17
CA PHE E 211 -78.28 -55.80 -92.06
C PHE E 211 -77.56 -57.05 -92.51
N VAL E 212 -76.92 -56.97 -93.67
CA VAL E 212 -76.20 -58.10 -94.25
C VAL E 212 -74.73 -57.71 -94.31
N GLU E 213 -73.90 -58.44 -93.57
CA GLU E 213 -72.46 -58.23 -93.68
C GLU E 213 -71.97 -58.77 -95.01
N LEU E 214 -71.22 -57.95 -95.75
CA LEU E 214 -70.78 -58.31 -97.09
C LEU E 214 -69.36 -58.86 -97.01
N GLY E 215 -69.26 -60.13 -96.64
CA GLY E 215 -67.99 -60.82 -96.58
C GLY E 215 -67.39 -61.02 -97.96
N SER E 216 -66.30 -60.28 -98.23
CA SER E 216 -65.64 -60.16 -99.54
C SER E 216 -66.59 -59.66 -100.63
N ASN E 217 -67.69 -59.00 -100.25
CA ASN E 217 -68.58 -58.33 -101.18
C ASN E 217 -68.66 -56.85 -100.86
N VAL E 218 -67.64 -56.32 -100.18
CA VAL E 218 -67.59 -54.90 -99.87
C VAL E 218 -67.42 -54.12 -101.17
N VAL E 219 -68.34 -53.19 -101.42
CA VAL E 219 -68.37 -52.48 -102.68
C VAL E 219 -67.38 -51.33 -102.55
N LYS E 220 -66.18 -51.52 -103.08
CA LYS E 220 -65.13 -50.51 -102.95
C LYS E 220 -65.30 -49.42 -104.00
N LEU E 221 -64.66 -48.28 -103.74
CA LEU E 221 -64.69 -47.16 -104.69
C LEU E 221 -63.74 -47.48 -105.84
N GLN E 222 -64.31 -47.94 -106.94
CA GLN E 222 -63.53 -48.35 -108.11
C GLN E 222 -63.15 -47.12 -108.93
N ASP E 223 -62.71 -47.37 -110.17
CA ASP E 223 -62.33 -46.30 -111.09
C ASP E 223 -63.52 -45.41 -111.42
N ASN E 224 -63.21 -44.15 -111.72
CA ASN E 224 -64.18 -43.10 -112.06
C ASN E 224 -65.20 -42.87 -110.96
N ASP E 225 -64.78 -43.11 -109.71
CA ASP E 225 -65.58 -42.92 -108.50
C ASP E 225 -66.88 -43.70 -108.54
N THR E 226 -66.78 -44.96 -108.95
CA THR E 226 -67.94 -45.83 -109.11
C THR E 226 -67.98 -46.87 -107.99
N LEU E 227 -69.19 -47.28 -107.64
CA LEU E 227 -69.42 -48.32 -106.66
C LEU E 227 -70.39 -49.35 -107.21
N VAL E 228 -70.09 -49.89 -108.39
CA VAL E 228 -70.87 -51.01 -108.92
C VAL E 228 -70.69 -52.23 -108.04
N GLY E 229 -71.79 -52.92 -107.74
CA GLY E 229 -71.72 -54.05 -106.84
C GLY E 229 -72.83 -55.07 -107.04
N GLN E 230 -72.44 -56.33 -107.21
CA GLN E 230 -73.38 -57.43 -107.37
C GLN E 230 -73.44 -58.18 -106.04
N ILE E 231 -74.56 -58.03 -105.34
CA ILE E 231 -74.70 -58.56 -103.98
C ILE E 231 -75.81 -59.60 -103.96
N LYS E 232 -75.45 -60.82 -103.56
CA LYS E 232 -76.41 -61.90 -103.40
C LYS E 232 -76.76 -61.98 -101.92
N TYR E 233 -77.77 -61.23 -101.50
CA TYR E 233 -78.03 -61.28 -100.07
C TYR E 233 -78.96 -62.44 -99.73
N PRO E 234 -78.73 -63.12 -98.63
CA PRO E 234 -79.72 -64.09 -98.15
C PRO E 234 -80.94 -63.37 -97.58
N THR E 235 -82.09 -64.03 -97.71
CA THR E 235 -83.35 -63.45 -97.28
C THR E 235 -83.87 -64.04 -95.99
N ASN E 236 -83.60 -65.31 -95.72
CA ASN E 236 -84.00 -65.94 -94.47
C ASN E 236 -83.06 -67.09 -94.18
N GLY E 237 -82.87 -67.37 -92.89
CA GLY E 237 -82.01 -68.45 -92.47
C GLY E 237 -82.59 -69.84 -92.61
N ASP E 238 -83.85 -69.95 -93.01
CA ASP E 238 -84.50 -71.25 -93.16
C ASP E 238 -84.98 -71.54 -94.57
N GLY E 239 -85.43 -70.55 -95.31
CA GLY E 239 -85.89 -70.76 -96.67
C GLY E 239 -84.76 -70.61 -97.67
N GLU E 240 -83.90 -69.60 -97.45
CA GLU E 240 -82.72 -69.31 -98.25
C GLU E 240 -83.07 -69.06 -99.71
N VAL E 241 -83.84 -67.99 -99.92
CA VAL E 241 -84.22 -67.60 -101.27
C VAL E 241 -83.02 -67.00 -102.01
N GLU E 242 -82.22 -66.20 -101.30
CA GLU E 242 -81.01 -65.54 -101.81
C GLU E 242 -81.32 -64.67 -103.03
N THR E 243 -82.14 -63.65 -102.80
CA THR E 243 -82.47 -62.71 -103.86
C THR E 243 -81.25 -61.85 -104.20
N ASP E 244 -81.04 -61.61 -105.49
CA ASP E 244 -79.92 -60.83 -106.00
C ASP E 244 -80.34 -59.38 -106.18
N THR E 245 -79.38 -58.47 -106.01
CA THR E 245 -79.63 -57.05 -106.21
C THR E 245 -78.35 -56.38 -106.68
N ILE E 246 -78.44 -55.62 -107.77
CA ILE E 246 -77.34 -54.84 -108.30
C ILE E 246 -77.34 -53.47 -107.61
N LEU E 247 -76.16 -53.03 -107.18
CA LEU E 247 -76.00 -51.72 -106.55
C LEU E 247 -75.17 -50.83 -107.47
N GLY E 248 -75.85 -49.93 -108.18
CA GLY E 248 -75.19 -48.95 -109.04
C GLY E 248 -75.10 -47.62 -108.35
N LYS E 249 -73.89 -47.10 -108.22
CA LYS E 249 -73.62 -45.90 -107.44
C LYS E 249 -72.57 -45.05 -108.14
N VAL E 250 -72.47 -43.79 -107.71
CA VAL E 250 -71.36 -42.90 -108.05
C VAL E 250 -71.17 -41.93 -106.88
N ASP E 251 -69.91 -41.61 -106.59
CA ASP E 251 -69.56 -40.90 -105.35
C ASP E 251 -68.55 -39.80 -105.68
N VAL E 252 -69.02 -38.56 -105.78
CA VAL E 252 -68.10 -37.46 -106.01
C VAL E 252 -67.27 -37.21 -104.75
N SER E 253 -65.97 -37.01 -104.94
CA SER E 253 -65.07 -36.87 -103.80
C SER E 253 -65.12 -35.45 -103.25
N SER E 254 -64.80 -34.47 -104.09
CA SER E 254 -64.77 -33.07 -103.66
C SER E 254 -66.16 -32.55 -103.33
N GLY E 255 -67.20 -33.11 -103.94
CA GLY E 255 -68.57 -32.74 -103.65
C GLY E 255 -69.19 -33.49 -102.50
N GLU E 256 -68.44 -34.41 -101.87
CA GLU E 256 -68.81 -35.21 -100.68
C GLU E 256 -70.22 -35.79 -100.73
N LEU E 257 -70.64 -36.22 -101.91
CA LEU E 257 -72.02 -36.59 -102.14
C LEU E 257 -72.10 -38.02 -102.66
N THR E 258 -73.17 -38.72 -102.26
CA THR E 258 -73.44 -40.06 -102.77
C THR E 258 -74.73 -40.05 -103.58
N LEU E 259 -74.79 -41.01 -104.50
CA LEU E 259 -75.98 -41.28 -105.31
C LEU E 259 -76.14 -42.78 -105.39
N THR E 260 -77.28 -43.28 -104.95
CA THR E 260 -77.51 -44.71 -104.79
C THR E 260 -78.67 -45.13 -105.67
N SER E 261 -78.46 -46.17 -106.47
CA SER E 261 -79.53 -46.82 -107.20
C SER E 261 -79.40 -48.32 -107.04
N ALA E 262 -80.52 -48.97 -106.70
CA ALA E 262 -80.58 -50.41 -106.61
C ALA E 262 -81.78 -50.91 -107.39
N SER E 263 -81.61 -52.04 -108.05
CA SER E 263 -82.70 -52.68 -108.79
C SER E 263 -83.50 -53.56 -107.83
N GLY E 264 -84.15 -52.90 -106.89
CA GLY E 264 -84.86 -53.60 -105.84
C GLY E 264 -85.22 -52.68 -104.70
N LYS E 265 -85.05 -53.15 -103.46
CA LYS E 265 -85.56 -52.40 -102.33
C LYS E 265 -84.48 -51.51 -101.70
N LEU E 266 -83.46 -52.14 -101.11
CA LEU E 266 -82.32 -51.50 -100.45
C LEU E 266 -82.75 -50.42 -99.45
N THR E 267 -83.37 -50.87 -98.36
CA THR E 267 -83.90 -49.91 -97.41
C THR E 267 -82.81 -49.25 -96.56
N ASP E 268 -81.63 -49.87 -96.45
CA ASP E 268 -80.55 -49.30 -95.66
C ASP E 268 -79.21 -49.67 -96.27
N VAL E 269 -78.18 -48.93 -95.89
CA VAL E 269 -76.80 -49.19 -96.30
C VAL E 269 -75.89 -48.60 -95.23
N LYS E 270 -74.79 -49.30 -94.95
CA LYS E 270 -73.83 -48.89 -93.93
C LYS E 270 -72.46 -48.77 -94.57
N VAL E 271 -71.89 -47.57 -94.52
CA VAL E 271 -70.67 -47.27 -95.25
C VAL E 271 -69.51 -47.22 -94.26
N LYS E 272 -68.31 -47.09 -94.81
CA LYS E 272 -67.10 -46.90 -93.99
C LYS E 272 -66.13 -46.05 -94.82
N GLY E 273 -66.06 -44.76 -94.49
CA GLY E 273 -65.19 -43.85 -95.21
C GLY E 273 -64.51 -42.89 -94.25
N TYR E 274 -63.52 -42.18 -94.78
CA TYR E 274 -62.70 -41.29 -93.99
C TYR E 274 -62.64 -39.93 -94.65
N VAL E 275 -62.55 -38.89 -93.82
CA VAL E 275 -62.27 -37.55 -94.31
C VAL E 275 -60.78 -37.47 -94.62
N ALA E 276 -60.45 -37.12 -95.85
CA ALA E 276 -59.05 -37.09 -96.26
C ALA E 276 -58.33 -35.93 -95.60
N SER E 277 -57.04 -36.12 -95.36
CA SER E 277 -56.23 -35.15 -94.64
C SER E 277 -55.23 -34.46 -95.56
N GLU E 278 -55.61 -34.24 -96.82
CA GLU E 278 -54.75 -33.48 -97.72
C GLU E 278 -54.97 -31.99 -97.59
N GLN E 279 -56.15 -31.58 -97.13
CA GLN E 279 -56.47 -30.17 -96.94
C GLN E 279 -56.13 -29.68 -95.54
N HIS E 280 -55.70 -30.60 -94.66
CA HIS E 280 -55.08 -30.30 -93.38
C HIS E 280 -56.03 -29.52 -92.45
N THR E 281 -57.16 -30.16 -92.15
CA THR E 281 -58.12 -29.58 -91.23
C THR E 281 -58.03 -30.16 -89.83
N SER E 282 -57.26 -31.22 -89.63
CA SER E 282 -57.17 -31.88 -88.34
C SER E 282 -55.90 -32.70 -88.30
N ALA E 283 -55.13 -32.54 -87.23
CA ALA E 283 -53.95 -33.35 -87.00
C ALA E 283 -53.87 -33.66 -85.52
N THR E 284 -52.88 -34.48 -85.16
CA THR E 284 -52.59 -34.79 -83.76
C THR E 284 -51.16 -34.36 -83.50
N ASN E 285 -50.99 -33.43 -82.56
CA ASN E 285 -49.68 -32.88 -82.24
C ASN E 285 -49.15 -33.46 -80.93
N VAL E 286 -47.82 -33.46 -80.82
CA VAL E 286 -47.14 -33.98 -79.66
C VAL E 286 -46.58 -32.81 -78.86
N GLU E 287 -46.55 -32.96 -77.54
CA GLU E 287 -45.98 -31.95 -76.66
C GLU E 287 -45.01 -32.64 -75.71
N LEU E 288 -43.97 -31.92 -75.33
CA LEU E 288 -42.96 -32.46 -74.44
C LEU E 288 -43.30 -32.11 -73.00
N GLY E 289 -42.89 -32.99 -72.08
CA GLY E 289 -43.15 -32.77 -70.67
C GLY E 289 -41.93 -33.11 -69.85
N LEU E 290 -41.93 -32.64 -68.60
CA LEU E 290 -40.78 -32.86 -67.75
C LEU E 290 -41.19 -32.79 -66.29
N THR E 291 -40.55 -33.63 -65.48
CA THR E 291 -40.63 -33.53 -64.03
C THR E 291 -39.31 -34.03 -63.47
N ARG E 292 -39.16 -33.88 -62.16
CA ARG E 292 -37.89 -34.19 -61.50
C ARG E 292 -38.12 -35.11 -60.31
N LYS E 293 -37.26 -36.10 -60.17
CA LYS E 293 -37.23 -36.97 -59.00
C LYS E 293 -36.05 -36.55 -58.13
N ASP E 294 -36.29 -36.39 -56.84
CA ASP E 294 -35.30 -35.85 -55.91
C ASP E 294 -34.74 -36.95 -55.01
N VAL E 295 -33.46 -36.82 -54.67
CA VAL E 295 -32.78 -37.76 -53.79
C VAL E 295 -32.25 -36.98 -52.60
N VAL E 296 -32.61 -37.43 -51.40
CA VAL E 296 -32.08 -36.88 -50.16
C VAL E 296 -31.25 -37.97 -49.49
N ILE E 297 -30.04 -37.62 -49.09
CA ILE E 297 -29.16 -38.54 -48.37
C ILE E 297 -29.15 -38.12 -46.91
N ASP E 298 -29.45 -39.07 -46.03
CA ASP E 298 -29.72 -38.78 -44.64
C ASP E 298 -28.52 -39.13 -43.77
N THR E 299 -28.38 -38.39 -42.67
CA THR E 299 -27.45 -38.75 -41.61
C THR E 299 -27.88 -40.05 -40.97
N ALA E 300 -26.93 -40.95 -40.74
CA ALA E 300 -27.24 -42.27 -40.20
C ALA E 300 -26.85 -42.34 -38.74
N GLN E 301 -27.17 -43.47 -38.13
CA GLN E 301 -26.90 -43.67 -36.71
C GLN E 301 -25.42 -43.94 -36.49
N HIS E 302 -24.87 -43.34 -35.43
CA HIS E 302 -23.47 -43.57 -35.09
C HIS E 302 -23.30 -44.88 -34.33
N ILE E 303 -22.25 -45.61 -34.68
CA ILE E 303 -21.80 -46.74 -33.89
C ILE E 303 -20.62 -46.27 -33.08
N GLU E 304 -20.64 -46.51 -31.78
CA GLU E 304 -19.57 -46.05 -30.91
C GLU E 304 -19.17 -47.14 -29.94
N ALA E 305 -17.93 -47.07 -29.47
CA ALA E 305 -17.40 -48.04 -28.53
C ALA E 305 -16.39 -47.37 -27.64
N THR E 306 -16.53 -47.55 -26.32
CA THR E 306 -15.63 -46.94 -25.38
C THR E 306 -14.31 -47.68 -25.31
N VAL E 307 -13.27 -46.93 -25.00
CA VAL E 307 -11.92 -47.48 -24.89
C VAL E 307 -11.25 -47.07 -23.57
N PRO E 308 -11.66 -47.65 -22.44
CA PRO E 308 -10.97 -47.35 -21.18
C PRO E 308 -9.59 -48.00 -21.17
N LEU E 309 -8.63 -47.29 -20.59
CA LEU E 309 -7.23 -47.70 -20.63
C LEU E 309 -6.95 -48.91 -19.75
N GLU E 310 -7.81 -49.19 -18.78
CA GLU E 310 -7.70 -50.42 -17.99
C GLU E 310 -7.99 -51.66 -18.84
N VAL E 311 -8.96 -51.56 -19.75
CA VAL E 311 -9.39 -52.72 -20.51
C VAL E 311 -8.36 -53.09 -21.57
N ILE E 312 -7.76 -52.09 -22.20
CA ILE E 312 -6.76 -52.36 -23.24
C ILE E 312 -5.48 -52.91 -22.63
N GLN E 313 -5.20 -52.57 -21.37
CA GLN E 313 -4.04 -53.16 -20.72
C GLN E 313 -4.33 -54.57 -20.23
N ASP E 314 -5.56 -54.84 -19.78
CA ASP E 314 -5.87 -56.18 -19.27
C ASP E 314 -6.08 -57.18 -20.40
N MET E 315 -6.81 -56.79 -21.45
CA MET E 315 -7.12 -57.72 -22.52
C MET E 315 -5.91 -58.04 -23.38
N LYS E 316 -4.95 -57.11 -23.49
CA LYS E 316 -3.73 -57.41 -24.21
C LYS E 316 -2.83 -58.36 -23.42
N ALA E 317 -2.87 -58.31 -22.10
CA ALA E 317 -2.00 -59.15 -21.29
C ALA E 317 -2.62 -60.51 -20.99
N THR E 318 -3.92 -60.55 -20.69
CA THR E 318 -4.51 -61.81 -20.24
C THR E 318 -4.81 -62.73 -21.41
N TYR E 319 -5.66 -62.30 -22.33
CA TYR E 319 -6.10 -63.13 -23.44
C TYR E 319 -5.49 -62.74 -24.78
N ASP E 320 -4.55 -61.78 -24.77
CA ASP E 320 -3.95 -61.19 -25.97
C ASP E 320 -5.00 -60.58 -26.91
N ILE E 321 -6.10 -60.09 -26.35
CA ILE E 321 -7.15 -59.47 -27.16
C ILE E 321 -6.79 -58.02 -27.42
N ASP E 322 -6.76 -57.64 -28.70
CA ASP E 322 -6.66 -56.23 -29.07
C ASP E 322 -8.03 -55.63 -28.79
N GLY E 323 -8.14 -54.90 -27.67
CA GLY E 323 -9.41 -54.30 -27.29
C GLY E 323 -9.87 -53.19 -28.22
N VAL E 324 -8.96 -52.62 -29.02
CA VAL E 324 -9.33 -51.58 -29.96
C VAL E 324 -9.82 -52.19 -31.27
N ALA E 325 -8.98 -52.99 -31.92
CA ALA E 325 -9.27 -53.48 -33.26
C ALA E 325 -10.39 -54.51 -33.28
N ARG E 326 -10.50 -55.35 -32.25
CA ARG E 326 -11.65 -56.25 -32.16
C ARG E 326 -12.92 -55.51 -31.80
N LEU E 327 -12.82 -54.30 -31.27
CA LEU E 327 -13.99 -53.44 -31.16
C LEU E 327 -14.26 -52.68 -32.44
N SER E 328 -13.23 -52.47 -33.27
CA SER E 328 -13.45 -51.81 -34.56
C SER E 328 -14.16 -52.73 -35.53
N GLU E 329 -13.75 -54.00 -35.58
CA GLU E 329 -14.46 -54.97 -36.42
C GLU E 329 -15.83 -55.28 -35.85
N THR E 330 -16.03 -55.06 -34.56
CA THR E 330 -17.36 -55.09 -33.99
C THR E 330 -18.20 -53.93 -34.51
N MET E 331 -17.58 -52.77 -34.69
CA MET E 331 -18.31 -51.62 -35.21
C MET E 331 -18.48 -51.71 -36.72
N SER E 332 -17.47 -52.22 -37.42
CA SER E 332 -17.51 -52.23 -38.88
C SER E 332 -18.49 -53.28 -39.40
N GLN E 333 -18.49 -54.46 -38.80
CA GLN E 333 -19.42 -55.49 -39.24
C GLN E 333 -20.85 -55.20 -38.82
N LEU E 334 -21.06 -54.44 -37.75
CA LEU E 334 -22.42 -54.03 -37.41
C LEU E 334 -22.92 -52.96 -38.37
N SER E 335 -22.04 -52.08 -38.81
CA SER E 335 -22.45 -51.04 -39.74
C SER E 335 -22.67 -51.59 -41.15
N SER E 336 -21.78 -52.46 -41.61
CA SER E 336 -21.91 -52.99 -42.96
C SER E 336 -23.04 -54.01 -43.09
N GLN E 337 -23.45 -54.63 -41.98
CA GLN E 337 -24.67 -55.42 -41.99
C GLN E 337 -25.91 -54.54 -41.96
N LYS E 338 -25.81 -53.39 -41.29
CA LYS E 338 -26.93 -52.44 -41.22
C LYS E 338 -27.25 -51.86 -42.59
N VAL E 339 -26.26 -51.80 -43.49
CA VAL E 339 -26.51 -51.41 -44.87
C VAL E 339 -27.43 -52.41 -45.56
N ASP E 340 -27.20 -53.70 -45.34
CA ASP E 340 -27.96 -54.72 -46.05
C ASP E 340 -29.29 -55.07 -45.39
N LEU E 341 -29.49 -54.71 -44.12
CA LEU E 341 -30.83 -54.78 -43.58
C LEU E 341 -31.73 -53.73 -44.20
N ASP E 342 -31.17 -52.56 -44.51
CA ASP E 342 -31.97 -51.49 -45.09
C ASP E 342 -32.22 -51.69 -46.57
N ILE E 343 -31.37 -52.46 -47.25
CA ILE E 343 -31.66 -52.82 -48.64
C ILE E 343 -32.87 -53.75 -48.70
N ILE E 344 -32.95 -54.69 -47.76
CA ILE E 344 -34.08 -55.62 -47.71
C ILE E 344 -35.35 -54.89 -47.33
N GLU E 345 -35.27 -53.95 -46.37
CA GLU E 345 -36.42 -53.15 -46.03
C GLU E 345 -36.78 -52.18 -47.14
N PHE E 346 -35.81 -51.81 -48.00
CA PHE E 346 -36.11 -51.00 -49.16
C PHE E 346 -36.92 -51.79 -50.18
N LEU E 347 -36.44 -52.99 -50.55
CA LEU E 347 -37.13 -53.82 -51.52
C LEU E 347 -38.46 -54.36 -50.99
N ASP E 348 -38.60 -54.48 -49.68
CA ASP E 348 -39.91 -54.82 -49.12
C ASP E 348 -40.87 -53.64 -49.27
N HIS E 349 -40.39 -52.43 -49.00
CA HIS E 349 -41.26 -51.26 -49.11
C HIS E 349 -41.51 -50.89 -50.56
N GLU E 350 -40.53 -51.08 -51.42
CA GLU E 350 -40.72 -50.75 -52.83
C GLU E 350 -41.61 -51.74 -53.55
N TYR E 351 -41.71 -52.98 -53.07
CA TYR E 351 -42.68 -53.90 -53.62
C TYR E 351 -44.10 -53.48 -53.27
N LYS E 352 -44.30 -52.91 -52.08
CA LYS E 352 -45.60 -52.40 -51.71
C LYS E 352 -45.99 -51.14 -52.47
N GLU E 353 -45.04 -50.49 -53.14
CA GLU E 353 -45.35 -49.36 -54.01
C GLU E 353 -45.94 -49.78 -55.35
N THR E 354 -45.99 -51.08 -55.65
CA THR E 354 -46.48 -51.57 -56.93
C THR E 354 -47.84 -52.23 -56.84
N ASP E 355 -48.21 -52.74 -55.66
CA ASP E 355 -49.47 -53.44 -55.38
C ASP E 355 -49.65 -54.66 -56.30
N ALA E 356 -48.66 -55.55 -56.19
CA ALA E 356 -48.67 -56.90 -56.77
C ALA E 356 -48.81 -56.88 -58.29
N LYS E 357 -48.01 -56.03 -58.95
CA LYS E 357 -48.02 -56.02 -60.41
C LYS E 357 -47.33 -57.25 -60.99
N TYR E 358 -46.35 -57.80 -60.28
CA TYR E 358 -45.61 -58.97 -60.72
C TYR E 358 -45.51 -59.98 -59.59
N HIS E 359 -46.64 -60.25 -58.95
CA HIS E 359 -46.71 -61.21 -57.86
C HIS E 359 -47.27 -62.52 -58.39
N PHE E 360 -46.51 -63.61 -58.24
CA PHE E 360 -46.92 -64.89 -58.78
C PHE E 360 -46.51 -66.00 -57.83
N SER E 361 -47.48 -66.78 -57.40
CA SER E 361 -47.25 -67.82 -56.40
C SER E 361 -46.55 -69.02 -57.04
N PHE E 362 -45.99 -69.88 -56.18
CA PHE E 362 -45.43 -71.15 -56.61
C PHE E 362 -45.51 -72.11 -55.42
N ASP E 363 -46.51 -72.98 -55.43
CA ASP E 363 -46.64 -73.97 -54.38
C ASP E 363 -45.57 -75.04 -54.56
N VAL E 364 -44.74 -75.23 -53.54
CA VAL E 364 -43.68 -76.23 -53.64
C VAL E 364 -44.24 -77.63 -53.43
N PHE E 365 -45.44 -77.74 -52.86
CA PHE E 365 -46.20 -78.97 -52.95
C PHE E 365 -46.59 -79.19 -54.41
N PRO E 366 -46.61 -80.44 -54.88
CA PRO E 366 -47.18 -80.71 -56.19
C PRO E 366 -48.68 -80.50 -56.18
N HIS E 367 -49.24 -80.38 -57.38
CA HIS E 367 -50.69 -80.28 -57.50
C HIS E 367 -51.33 -81.60 -57.10
N SER E 368 -52.62 -81.53 -56.75
CA SER E 368 -53.35 -82.69 -56.26
C SER E 368 -53.55 -83.77 -57.32
N ASP E 369 -53.29 -83.47 -58.59
CA ASP E 369 -53.32 -84.45 -59.66
C ASP E 369 -52.00 -84.48 -60.41
N TYR E 370 -50.89 -84.16 -59.73
CA TYR E 370 -49.60 -84.17 -60.40
C TYR E 370 -49.10 -85.59 -60.62
N SER E 371 -48.88 -86.31 -59.52
CA SER E 371 -48.59 -87.75 -59.49
C SER E 371 -47.31 -88.10 -60.27
N ALA E 372 -46.22 -87.46 -59.90
CA ALA E 372 -44.90 -87.87 -60.35
C ALA E 372 -43.91 -87.50 -59.24
N HIS E 373 -42.63 -87.47 -59.56
CA HIS E 373 -41.63 -87.16 -58.57
C HIS E 373 -41.68 -85.68 -58.19
N PRO E 374 -41.84 -85.35 -56.91
CA PRO E 374 -41.92 -83.93 -56.52
C PRO E 374 -40.63 -83.15 -56.68
N LYS E 375 -39.50 -83.81 -56.90
CA LYS E 375 -38.25 -83.09 -57.13
C LYS E 375 -38.23 -82.46 -58.51
N ASP E 376 -38.73 -83.14 -59.53
CA ASP E 376 -38.78 -82.58 -60.86
C ASP E 376 -39.92 -81.60 -61.05
N TRP E 377 -40.90 -81.59 -60.14
CA TRP E 377 -41.91 -80.55 -60.09
C TRP E 377 -41.30 -79.20 -59.71
N LEU E 378 -40.13 -79.19 -59.09
CA LEU E 378 -39.44 -77.95 -58.74
C LEU E 378 -38.71 -77.33 -59.92
N GLU E 379 -38.77 -77.94 -61.11
CA GLU E 379 -38.37 -77.24 -62.30
C GLU E 379 -39.35 -76.12 -62.63
N GLY E 380 -40.61 -76.26 -62.22
CA GLY E 380 -41.64 -75.28 -62.52
C GLY E 380 -41.42 -73.91 -61.92
N LEU E 381 -40.53 -73.80 -60.93
CA LEU E 381 -40.14 -72.49 -60.42
C LEU E 381 -39.41 -71.68 -61.50
N ARG E 382 -38.67 -72.34 -62.37
CA ARG E 382 -37.98 -71.67 -63.46
C ARG E 382 -38.93 -71.12 -64.52
N GLU E 383 -40.18 -71.56 -64.55
CA GLU E 383 -41.15 -71.00 -65.48
C GLU E 383 -41.97 -69.90 -64.86
N VAL E 384 -42.24 -69.96 -63.55
CA VAL E 384 -42.87 -68.83 -62.87
C VAL E 384 -41.90 -67.67 -62.79
N ILE E 385 -40.60 -67.94 -62.72
CA ILE E 385 -39.61 -66.87 -62.76
C ILE E 385 -39.58 -66.23 -64.14
N ASP E 386 -39.51 -67.04 -65.19
CA ASP E 386 -39.47 -66.52 -66.56
C ASP E 386 -40.80 -65.94 -66.99
N HIS E 387 -41.89 -66.21 -66.28
CA HIS E 387 -43.15 -65.55 -66.58
C HIS E 387 -43.13 -64.08 -66.18
N THR E 388 -42.62 -63.76 -64.99
CA THR E 388 -42.58 -62.37 -64.57
C THR E 388 -41.57 -61.57 -65.37
N THR E 389 -40.43 -62.19 -65.68
CA THR E 389 -39.35 -61.51 -66.40
C THR E 389 -39.79 -61.09 -67.79
N GLN E 390 -40.51 -61.98 -68.49
CA GLN E 390 -41.10 -61.58 -69.76
C GLN E 390 -42.26 -60.62 -69.56
N SER E 391 -42.97 -60.74 -68.44
CA SER E 391 -44.01 -59.76 -68.13
C SER E 391 -43.41 -58.40 -67.77
N MET E 392 -42.22 -58.39 -67.19
CA MET E 392 -41.56 -57.13 -66.89
C MET E 392 -40.92 -56.51 -68.11
N LYS E 393 -40.48 -57.31 -69.07
CA LYS E 393 -39.94 -56.79 -70.31
C LYS E 393 -41.01 -56.40 -71.31
N ASN E 394 -42.28 -56.67 -71.01
CA ASN E 394 -43.39 -56.31 -71.87
C ASN E 394 -44.14 -55.08 -71.41
N ASP E 395 -44.45 -54.98 -70.12
CA ASP E 395 -45.16 -53.82 -69.62
C ASP E 395 -44.24 -52.61 -69.42
N TYR E 396 -42.93 -52.78 -69.55
CA TYR E 396 -42.01 -51.67 -69.45
C TYR E 396 -41.15 -51.50 -70.69
N LYS E 397 -41.27 -52.39 -71.68
CA LYS E 397 -40.76 -52.22 -73.04
C LYS E 397 -39.25 -52.10 -73.11
N LEU E 398 -38.54 -52.65 -72.13
CA LEU E 398 -37.09 -52.59 -72.08
C LEU E 398 -36.51 -53.97 -72.39
N TYR E 399 -35.45 -53.97 -73.20
CA TYR E 399 -34.88 -55.21 -73.71
C TYR E 399 -33.39 -55.35 -73.42
N ASP E 400 -32.83 -54.48 -72.59
CA ASP E 400 -31.41 -54.52 -72.22
C ASP E 400 -31.37 -54.60 -70.69
N VAL E 401 -31.41 -55.81 -70.16
CA VAL E 401 -31.64 -56.03 -68.75
C VAL E 401 -30.60 -56.97 -68.19
N GLN E 402 -30.53 -56.98 -66.86
CA GLN E 402 -29.84 -58.05 -66.12
C GLN E 402 -30.70 -58.30 -64.88
N PHE E 403 -31.56 -59.30 -64.96
CA PHE E 403 -32.48 -59.58 -63.86
C PHE E 403 -31.72 -60.19 -62.70
N VAL E 404 -31.94 -59.66 -61.51
CA VAL E 404 -31.26 -60.12 -60.30
C VAL E 404 -32.29 -60.73 -59.38
N ILE E 405 -32.01 -61.93 -58.88
CA ILE E 405 -32.92 -62.66 -58.01
C ILE E 405 -32.29 -62.73 -56.64
N VAL E 406 -32.85 -62.00 -55.68
CA VAL E 406 -32.40 -62.04 -54.30
C VAL E 406 -33.41 -62.84 -53.49
N GLY E 407 -32.92 -63.84 -52.76
CA GLY E 407 -33.79 -64.66 -51.95
C GLY E 407 -32.97 -65.49 -50.99
N ASN E 408 -33.69 -66.20 -50.12
CA ASN E 408 -33.04 -67.04 -49.13
C ASN E 408 -32.46 -68.27 -49.80
N PRO E 409 -31.26 -68.71 -49.39
CA PRO E 409 -30.67 -69.92 -49.99
C PRO E 409 -31.43 -71.20 -49.70
N LEU E 410 -32.34 -71.19 -48.72
CA LEU E 410 -33.32 -72.25 -48.59
C LEU E 410 -34.34 -72.26 -49.73
N ASP E 411 -34.53 -71.14 -50.41
CA ASP E 411 -35.41 -71.04 -51.56
C ASP E 411 -34.66 -70.91 -52.88
N VAL E 412 -33.43 -70.39 -52.85
CA VAL E 412 -32.59 -70.34 -54.04
C VAL E 412 -32.14 -71.74 -54.45
N ARG E 413 -32.12 -72.68 -53.50
CA ARG E 413 -31.73 -74.05 -53.76
C ARG E 413 -32.69 -74.76 -54.72
N LEU E 414 -33.93 -74.29 -54.82
CA LEU E 414 -34.89 -74.91 -55.73
C LEU E 414 -34.64 -74.56 -57.19
N ILE E 415 -33.84 -73.54 -57.47
CA ILE E 415 -33.58 -73.14 -58.85
C ILE E 415 -32.63 -74.11 -59.57
N PRO E 416 -31.39 -74.42 -59.09
CA PRO E 416 -30.52 -75.25 -59.93
C PRO E 416 -30.89 -76.72 -59.90
N ASN E 417 -31.37 -77.19 -58.75
CA ASN E 417 -31.88 -78.56 -58.54
C ASN E 417 -30.83 -79.61 -58.87
N VAL E 418 -29.66 -79.44 -58.28
CA VAL E 418 -28.51 -80.29 -58.58
C VAL E 418 -28.66 -81.61 -57.82
N SER E 419 -28.27 -82.72 -58.44
CA SER E 419 -28.28 -84.02 -57.80
C SER E 419 -26.91 -84.28 -57.17
N TRP E 420 -26.86 -85.33 -56.36
CA TRP E 420 -25.65 -85.65 -55.60
C TRP E 420 -24.70 -86.45 -56.46
N THR E 421 -23.40 -86.25 -56.24
CA THR E 421 -22.37 -87.06 -56.87
C THR E 421 -21.52 -87.70 -55.76
N PHE E 422 -21.60 -89.03 -55.67
CA PHE E 422 -20.95 -89.74 -54.58
C PHE E 422 -19.52 -90.10 -54.94
N ASN E 423 -18.69 -90.27 -53.92
CA ASN E 423 -17.33 -90.76 -54.09
C ASN E 423 -16.94 -91.56 -52.84
N GLY E 424 -15.65 -91.81 -52.69
CA GLY E 424 -15.19 -92.62 -51.58
C GLY E 424 -15.24 -91.86 -50.27
N GLY E 425 -15.65 -92.54 -49.21
CA GLY E 425 -15.80 -91.95 -47.90
C GLY E 425 -14.48 -91.75 -47.18
N ASP E 426 -13.69 -90.78 -47.64
CA ASP E 426 -12.36 -90.53 -47.12
C ASP E 426 -12.39 -89.32 -46.19
N ARG E 427 -11.60 -89.38 -45.13
CA ARG E 427 -11.48 -88.28 -44.17
C ARG E 427 -10.16 -87.53 -44.30
N ASN E 428 -9.10 -88.18 -44.76
CA ASN E 428 -7.83 -87.49 -44.93
C ASN E 428 -7.89 -86.54 -46.12
N ALA E 429 -8.22 -87.08 -47.30
CA ALA E 429 -8.50 -86.26 -48.48
C ALA E 429 -9.87 -85.63 -48.26
N ASP E 430 -9.89 -84.47 -47.62
CA ASP E 430 -11.11 -83.89 -47.07
C ASP E 430 -11.45 -82.60 -47.79
N ALA E 431 -12.64 -82.55 -48.37
CA ALA E 431 -13.21 -81.31 -48.86
C ALA E 431 -14.22 -80.79 -47.85
N TYR E 432 -14.13 -79.49 -47.54
CA TYR E 432 -15.01 -78.87 -46.54
C TYR E 432 -15.65 -77.66 -47.21
N SER E 433 -16.76 -77.91 -47.91
CA SER E 433 -17.43 -76.95 -48.79
C SER E 433 -16.44 -76.24 -49.71
N ASN E 434 -15.67 -77.05 -50.43
CA ASN E 434 -14.60 -76.52 -51.28
C ASN E 434 -15.16 -75.83 -52.51
N GLY E 435 -15.90 -76.57 -53.33
CA GLY E 435 -16.44 -76.02 -54.55
C GLY E 435 -17.92 -75.73 -54.46
N ILE E 436 -18.36 -75.18 -53.33
CA ILE E 436 -19.77 -74.95 -53.09
C ILE E 436 -20.00 -73.44 -53.04
N LYS E 437 -20.55 -72.92 -54.13
CA LYS E 437 -21.01 -71.54 -54.19
C LYS E 437 -22.33 -71.41 -54.92
N ILE E 438 -22.90 -72.51 -55.42
CA ILE E 438 -24.08 -72.48 -56.27
C ILE E 438 -25.30 -72.03 -55.49
N ASN E 439 -25.42 -72.46 -54.24
CA ASN E 439 -26.57 -72.11 -53.43
C ASN E 439 -26.60 -70.65 -52.99
N TYR E 440 -25.51 -69.91 -53.18
CA TYR E 440 -25.44 -68.53 -52.74
C TYR E 440 -25.27 -67.55 -53.89
N SER E 441 -24.32 -67.77 -54.78
CA SER E 441 -24.08 -66.88 -55.91
C SER E 441 -24.00 -67.72 -57.17
N LEU E 442 -24.97 -67.55 -58.06
CA LEU E 442 -25.04 -68.33 -59.29
C LEU E 442 -25.55 -67.46 -60.42
N GLY E 443 -24.92 -67.59 -61.59
CA GLY E 443 -25.40 -66.89 -62.76
C GLY E 443 -26.13 -67.80 -63.73
N ALA E 444 -27.44 -67.73 -63.75
CA ALA E 444 -28.23 -68.49 -64.69
C ALA E 444 -28.30 -67.76 -66.03
N ALA E 445 -28.78 -68.45 -67.05
CA ALA E 445 -28.96 -67.86 -68.36
C ALA E 445 -30.13 -68.58 -69.04
N SER E 446 -31.32 -68.00 -68.94
CA SER E 446 -32.51 -68.64 -69.47
C SER E 446 -32.69 -68.27 -70.94
N GLY E 447 -33.84 -68.62 -71.49
CA GLY E 447 -34.21 -68.15 -72.81
C GLY E 447 -34.97 -66.85 -72.80
N THR E 448 -35.37 -66.40 -71.62
CA THR E 448 -36.11 -65.14 -71.46
C THR E 448 -35.19 -63.97 -71.16
N ALA E 449 -34.24 -64.15 -70.24
CA ALA E 449 -33.24 -63.12 -69.94
C ALA E 449 -32.05 -63.79 -69.28
N ASN E 450 -30.94 -63.04 -69.22
CA ASN E 450 -29.82 -63.45 -68.39
C ASN E 450 -30.14 -63.14 -66.94
N TYR E 451 -29.49 -63.86 -66.04
CA TYR E 451 -29.81 -63.76 -64.63
C TYR E 451 -28.55 -63.67 -63.80
N ARG E 452 -28.75 -63.27 -62.54
CA ARG E 452 -27.73 -63.39 -61.52
C ARG E 452 -28.48 -63.55 -60.20
N ILE E 453 -28.60 -64.77 -59.73
CA ILE E 453 -29.34 -65.02 -58.50
C ILE E 453 -28.40 -64.84 -57.32
N ILE E 454 -28.94 -64.36 -56.20
CA ILE E 454 -28.16 -64.03 -55.02
C ILE E 454 -28.83 -64.69 -53.82
N GLY E 455 -28.14 -65.64 -53.20
CA GLY E 455 -28.59 -66.24 -51.97
C GLY E 455 -27.94 -65.51 -50.81
N SER E 456 -28.76 -64.92 -49.96
CA SER E 456 -28.28 -64.18 -48.81
C SER E 456 -29.11 -64.58 -47.61
N ASP E 457 -28.48 -65.20 -46.63
CA ASP E 457 -29.22 -65.93 -45.60
C ASP E 457 -29.89 -65.03 -44.57
N LEU E 458 -29.68 -63.72 -44.61
CA LEU E 458 -30.33 -62.81 -43.69
C LEU E 458 -31.56 -62.14 -44.31
N VAL E 459 -32.04 -62.64 -45.44
CA VAL E 459 -33.34 -62.23 -45.93
C VAL E 459 -34.36 -63.25 -45.43
N ARG E 460 -35.62 -62.84 -45.34
CA ARG E 460 -36.67 -63.72 -44.86
C ARG E 460 -36.92 -64.85 -45.84
N GLN E 461 -37.23 -66.02 -45.30
CA GLN E 461 -37.46 -67.20 -46.11
C GLN E 461 -38.96 -67.31 -46.42
N GLY E 462 -39.25 -67.77 -47.63
CA GLY E 462 -40.62 -67.92 -48.11
C GLY E 462 -40.97 -67.07 -49.31
N GLU E 463 -40.11 -66.13 -49.68
CA GLU E 463 -40.35 -65.28 -50.84
C GLU E 463 -39.10 -65.25 -51.72
N LEU E 464 -39.30 -64.83 -52.95
CA LEU E 464 -38.22 -64.44 -53.83
C LEU E 464 -38.45 -62.99 -54.24
N THR E 465 -37.46 -62.41 -54.91
CA THR E 465 -37.56 -61.02 -55.33
C THR E 465 -36.81 -60.87 -56.65
N ILE E 466 -37.51 -60.39 -57.66
CA ILE E 466 -36.93 -60.26 -58.99
C ILE E 466 -36.82 -58.79 -59.36
N ILE E 467 -35.63 -58.23 -59.24
CA ILE E 467 -35.41 -56.86 -59.68
C ILE E 467 -34.71 -56.89 -61.03
N ALA E 468 -34.80 -55.79 -61.76
CA ALA E 468 -34.40 -55.74 -63.17
C ALA E 468 -33.57 -54.49 -63.44
N ILE E 469 -32.27 -54.58 -63.25
CA ILE E 469 -31.42 -53.43 -63.54
C ILE E 469 -31.21 -53.35 -65.05
N PRO E 470 -31.16 -52.15 -65.62
CA PRO E 470 -30.88 -52.01 -67.04
C PRO E 470 -29.40 -51.80 -67.30
N GLN E 471 -29.06 -51.76 -68.59
CA GLN E 471 -27.69 -51.47 -69.00
C GLN E 471 -27.49 -50.01 -69.36
N GLN E 472 -28.47 -49.42 -70.04
CA GLN E 472 -28.32 -48.06 -70.54
C GLN E 472 -28.39 -47.04 -69.41
N ASP E 473 -27.59 -45.98 -69.54
CA ASP E 473 -27.49 -44.99 -68.47
C ASP E 473 -28.70 -44.07 -68.41
N ASN E 474 -29.42 -43.91 -69.53
CA ASN E 474 -30.57 -43.01 -69.56
C ASN E 474 -31.86 -43.69 -69.08
N TYR E 475 -31.74 -44.77 -68.32
CA TYR E 475 -32.90 -45.41 -67.72
C TYR E 475 -32.43 -46.17 -66.49
N LYS E 476 -32.82 -45.71 -65.31
CA LYS E 476 -32.48 -46.38 -64.06
C LYS E 476 -33.76 -46.74 -63.32
N THR E 477 -33.67 -47.79 -62.51
CA THR E 477 -34.80 -48.26 -61.72
C THR E 477 -34.47 -48.33 -60.23
N PHE E 478 -33.23 -48.62 -59.87
CA PHE E 478 -32.78 -48.71 -58.49
C PHE E 478 -31.32 -48.33 -58.44
N MET E 479 -30.98 -47.42 -57.54
CA MET E 479 -29.60 -46.99 -57.42
C MET E 479 -29.21 -46.90 -55.96
N PHE E 480 -28.10 -47.52 -55.61
CA PHE E 480 -27.53 -47.46 -54.28
C PHE E 480 -26.57 -46.28 -54.21
N TYR E 481 -26.82 -45.36 -53.30
CA TYR E 481 -26.04 -44.12 -53.21
C TYR E 481 -25.31 -44.09 -51.88
N PRO E 482 -24.07 -44.58 -51.81
CA PRO E 482 -23.31 -44.46 -50.57
C PRO E 482 -22.58 -43.13 -50.47
N TYR E 483 -22.89 -42.34 -49.46
CA TYR E 483 -22.32 -41.00 -49.38
C TYR E 483 -20.92 -41.02 -48.79
N THR E 484 -20.80 -41.34 -47.51
CA THR E 484 -19.52 -41.30 -46.82
C THR E 484 -19.45 -42.45 -45.82
N PHE E 485 -18.23 -42.65 -45.30
CA PHE E 485 -17.99 -43.58 -44.21
C PHE E 485 -16.98 -42.91 -43.28
N ASN E 486 -17.47 -42.39 -42.16
CA ASN E 486 -16.66 -41.55 -41.28
C ASN E 486 -16.37 -42.28 -39.98
N VAL E 487 -15.08 -42.38 -39.65
CA VAL E 487 -14.64 -42.91 -38.37
C VAL E 487 -14.00 -41.77 -37.58
N VAL E 488 -14.24 -41.76 -36.27
CA VAL E 488 -13.73 -40.72 -35.38
C VAL E 488 -13.07 -41.42 -34.20
N ASN E 489 -11.75 -41.33 -34.11
CA ASN E 489 -11.01 -41.86 -32.98
C ASN E 489 -10.72 -40.69 -32.03
N GLY E 490 -11.37 -40.70 -30.87
CA GLY E 490 -11.29 -39.55 -29.99
C GLY E 490 -12.06 -38.38 -30.57
N GLY E 491 -11.33 -37.36 -31.03
CA GLY E 491 -11.94 -36.28 -31.78
C GLY E 491 -12.68 -35.24 -30.96
N GLY E 492 -13.55 -35.68 -30.07
CA GLY E 492 -14.35 -34.77 -29.27
C GLY E 492 -15.76 -35.28 -29.12
N TYR E 493 -16.11 -36.30 -29.91
CA TYR E 493 -17.43 -36.90 -29.83
C TYR E 493 -17.50 -37.77 -28.58
N LEU E 494 -18.30 -37.36 -27.61
CA LEU E 494 -18.40 -38.10 -26.37
C LEU E 494 -19.30 -39.32 -26.53
N ASN E 495 -19.19 -40.22 -25.56
CA ASN E 495 -20.10 -41.34 -25.46
C ASN E 495 -21.45 -40.87 -24.92
N THR E 496 -22.45 -41.74 -25.00
CA THR E 496 -23.77 -41.41 -24.49
C THR E 496 -23.95 -41.91 -23.06
N ARG E 497 -23.57 -43.16 -22.79
CA ARG E 497 -23.77 -43.72 -21.46
C ARG E 497 -22.72 -43.23 -20.48
N ASN E 498 -21.45 -43.50 -20.76
CA ASN E 498 -20.34 -43.07 -19.91
C ASN E 498 -19.53 -42.04 -20.66
N PRO E 499 -19.80 -40.74 -20.47
CA PRO E 499 -19.08 -39.72 -21.23
C PRO E 499 -17.69 -39.42 -20.73
N ASN E 500 -17.33 -39.87 -19.52
CA ASN E 500 -16.04 -39.51 -18.96
C ASN E 500 -14.91 -40.26 -19.65
N VAL E 501 -15.11 -41.55 -19.90
CA VAL E 501 -14.14 -42.39 -20.59
C VAL E 501 -14.12 -42.02 -22.06
N PRO E 502 -13.02 -42.22 -22.78
CA PRO E 502 -13.00 -41.94 -24.22
C PRO E 502 -13.78 -43.00 -24.99
N ASN E 503 -14.11 -42.66 -26.24
CA ASN E 503 -14.84 -43.58 -27.09
C ASN E 503 -14.57 -43.28 -28.55
N MET E 504 -14.37 -44.34 -29.33
CA MET E 504 -14.31 -44.21 -30.77
C MET E 504 -15.71 -44.05 -31.33
N MET E 505 -15.79 -43.53 -32.56
CA MET E 505 -17.07 -43.31 -33.21
C MET E 505 -16.94 -43.63 -34.69
N MET E 506 -17.99 -44.24 -35.24
CA MET E 506 -18.00 -44.66 -36.63
C MET E 506 -19.41 -44.51 -37.17
N THR E 507 -19.54 -43.81 -38.30
CA THR E 507 -20.81 -43.69 -38.98
C THR E 507 -20.60 -43.85 -40.49
N ARG E 508 -21.68 -44.17 -41.18
CA ARG E 508 -21.63 -44.42 -42.62
C ARG E 508 -22.90 -43.85 -43.23
N ARG E 509 -22.75 -42.85 -44.09
CA ARG E 509 -23.88 -42.16 -44.68
C ARG E 509 -24.16 -42.73 -46.05
N TYR E 510 -25.44 -42.96 -46.33
CA TYR E 510 -25.89 -43.63 -47.54
C TYR E 510 -27.39 -43.44 -47.66
N THR E 511 -27.88 -43.68 -48.88
CA THR E 511 -29.30 -43.91 -49.10
C THR E 511 -29.43 -44.78 -50.34
N VAL E 512 -30.60 -45.39 -50.49
CA VAL E 512 -30.94 -46.13 -51.69
C VAL E 512 -32.32 -45.68 -52.14
N GLU E 513 -32.48 -45.45 -53.44
CA GLU E 513 -33.70 -44.88 -53.97
C GLU E 513 -34.08 -45.58 -55.27
N SER E 514 -35.26 -45.23 -55.77
CA SER E 514 -35.83 -45.82 -56.96
C SER E 514 -36.34 -44.72 -57.87
N PHE E 515 -36.44 -45.03 -59.15
CA PHE E 515 -37.10 -44.13 -60.10
C PHE E 515 -38.31 -44.78 -60.74
N VAL E 516 -38.16 -45.95 -61.34
CA VAL E 516 -39.29 -46.77 -61.75
C VAL E 516 -39.25 -48.06 -60.94
N PRO E 517 -40.34 -48.46 -60.30
CA PRO E 517 -40.34 -49.72 -59.56
C PRO E 517 -40.56 -50.92 -60.46
N ILE E 518 -39.50 -51.66 -60.76
CA ILE E 518 -39.60 -52.90 -61.53
C ILE E 518 -39.13 -54.00 -60.59
N ILE E 519 -40.06 -54.61 -59.87
CA ILE E 519 -39.72 -55.58 -58.84
C ILE E 519 -40.87 -56.56 -58.70
N GLY E 520 -40.55 -57.84 -58.71
CA GLY E 520 -41.55 -58.89 -58.63
C GLY E 520 -41.22 -59.87 -57.53
N ARG E 521 -42.25 -60.30 -56.80
CA ARG E 521 -42.09 -61.15 -55.64
C ARG E 521 -42.77 -62.49 -55.90
N ILE E 522 -41.97 -63.55 -55.93
CA ILE E 522 -42.48 -64.91 -56.07
C ILE E 522 -42.64 -65.47 -54.66
N THR E 523 -43.87 -65.57 -54.18
CA THR E 523 -44.08 -66.25 -52.92
C THR E 523 -44.05 -67.76 -53.14
N ILE E 524 -43.56 -68.48 -52.14
CA ILE E 524 -43.39 -69.93 -52.22
C ILE E 524 -44.06 -70.52 -51.00
N LYS E 525 -45.20 -71.17 -51.20
CA LYS E 525 -45.90 -71.77 -50.09
C LYS E 525 -45.29 -73.12 -49.72
N ASN E 526 -45.47 -73.50 -48.46
CA ASN E 526 -45.22 -74.85 -47.93
C ASN E 526 -43.76 -75.28 -48.04
N ASN E 527 -42.82 -74.36 -48.17
CA ASN E 527 -41.41 -74.75 -48.29
C ASN E 527 -40.75 -74.88 -46.93
N ASN E 528 -41.25 -75.82 -46.13
CA ASN E 528 -40.61 -76.20 -44.88
C ASN E 528 -39.84 -77.50 -45.01
N GLY E 529 -39.54 -77.93 -46.24
CA GLY E 529 -38.83 -79.16 -46.45
C GLY E 529 -39.60 -80.42 -46.13
N SER E 530 -40.92 -80.33 -46.02
CA SER E 530 -41.76 -81.46 -45.65
C SER E 530 -42.64 -81.90 -46.81
N VAL E 531 -42.09 -81.93 -48.02
CA VAL E 531 -42.87 -82.37 -49.17
C VAL E 531 -42.83 -83.88 -49.28
N TYR E 532 -41.81 -84.51 -48.70
CA TYR E 532 -41.76 -85.96 -48.66
C TYR E 532 -42.21 -86.50 -47.31
N ALA E 533 -42.05 -85.71 -46.26
CA ALA E 533 -42.48 -86.12 -44.93
C ALA E 533 -43.98 -86.06 -44.78
N ARG E 534 -44.67 -85.37 -45.68
CA ARG E 534 -46.11 -85.26 -45.66
C ARG E 534 -46.76 -86.60 -46.01
N MET F 81 -27.72 -29.03 -41.77
CA MET F 81 -28.37 -28.60 -40.54
C MET F 81 -29.72 -27.96 -40.88
N GLY F 82 -30.58 -27.88 -39.87
CA GLY F 82 -31.90 -27.28 -39.97
C GLY F 82 -31.99 -25.88 -40.54
N PRO F 83 -31.28 -24.90 -39.96
CA PRO F 83 -31.30 -23.55 -40.54
C PRO F 83 -30.61 -23.43 -41.88
N ILE F 84 -29.79 -24.40 -42.28
CA ILE F 84 -29.23 -24.40 -43.62
C ILE F 84 -30.31 -24.82 -44.60
N GLN F 85 -30.58 -23.98 -45.58
CA GLN F 85 -31.60 -24.30 -46.57
C GLN F 85 -31.03 -25.26 -47.60
N PRO F 86 -31.65 -26.42 -47.81
CA PRO F 86 -31.08 -27.42 -48.73
C PRO F 86 -31.26 -27.02 -50.18
N TYR F 87 -30.35 -27.51 -51.02
CA TYR F 87 -30.33 -27.18 -52.44
C TYR F 87 -30.10 -28.46 -53.22
N ALA F 88 -31.11 -28.88 -53.99
CA ALA F 88 -31.04 -30.12 -54.76
C ALA F 88 -30.39 -29.82 -56.10
N SER F 89 -29.20 -30.36 -56.33
CA SER F 89 -28.51 -30.11 -57.58
C SER F 89 -29.11 -30.96 -58.70
N LEU F 90 -28.73 -30.65 -59.92
CA LEU F 90 -29.23 -31.34 -61.11
C LEU F 90 -28.17 -32.32 -61.60
N SER F 91 -28.50 -33.60 -61.59
CA SER F 91 -27.55 -34.60 -62.04
C SER F 91 -27.45 -34.60 -63.57
N MET F 92 -26.45 -35.33 -64.07
CA MET F 92 -26.10 -35.21 -65.48
C MET F 92 -27.10 -35.87 -66.44
N PRO F 93 -27.43 -37.21 -66.35
CA PRO F 93 -28.23 -37.80 -67.42
C PRO F 93 -29.70 -37.40 -67.37
N ILE F 94 -30.48 -37.81 -68.37
CA ILE F 94 -31.80 -37.22 -68.59
C ILE F 94 -32.95 -38.17 -68.28
N LEU F 95 -32.71 -39.48 -68.20
CA LEU F 95 -33.67 -40.50 -67.73
C LEU F 95 -34.94 -40.51 -68.60
N VAL F 96 -34.73 -40.90 -69.86
CA VAL F 96 -35.74 -40.84 -70.90
C VAL F 96 -36.71 -42.02 -70.77
N LYS F 97 -37.87 -41.93 -71.41
CA LYS F 97 -38.84 -43.01 -71.45
C LYS F 97 -38.40 -44.09 -72.43
N LEU F 98 -39.21 -45.14 -72.58
CA LEU F 98 -38.85 -46.28 -73.40
C LEU F 98 -39.98 -46.64 -74.35
N TRP F 99 -39.63 -46.87 -75.60
CA TRP F 99 -40.58 -47.27 -76.63
C TRP F 99 -40.57 -48.78 -76.79
N ALA F 100 -41.48 -49.27 -77.63
CA ALA F 100 -41.47 -50.67 -78.02
C ALA F 100 -40.54 -50.85 -79.21
N ARG F 101 -40.46 -52.09 -79.69
CA ARG F 101 -39.63 -52.39 -80.85
C ARG F 101 -40.49 -52.55 -82.10
N LEU F 102 -39.86 -52.37 -83.24
CA LEU F 102 -40.54 -52.48 -84.53
C LEU F 102 -40.21 -53.86 -85.11
N ALA F 103 -41.17 -54.77 -85.02
CA ALA F 103 -40.97 -56.13 -85.48
C ALA F 103 -42.02 -56.61 -86.45
N LEU F 104 -43.01 -55.80 -86.81
CA LEU F 104 -44.11 -56.27 -87.64
C LEU F 104 -44.05 -55.74 -89.06
N THR F 105 -43.08 -54.90 -89.38
CA THR F 105 -42.88 -54.46 -90.76
C THR F 105 -42.13 -55.49 -91.59
N GLU F 106 -41.70 -56.60 -90.99
CA GLU F 106 -41.13 -57.71 -91.72
C GLU F 106 -41.98 -58.97 -91.58
N ALA F 107 -43.05 -58.91 -90.79
CA ALA F 107 -44.00 -60.02 -90.73
C ALA F 107 -44.74 -60.16 -92.05
N LEU F 108 -45.48 -59.13 -92.43
CA LEU F 108 -46.10 -59.11 -93.74
C LEU F 108 -45.05 -58.79 -94.80
N PRO F 109 -45.19 -59.34 -96.01
CA PRO F 109 -44.19 -59.05 -97.05
C PRO F 109 -44.32 -57.63 -97.57
N THR F 110 -43.19 -56.97 -97.72
CA THR F 110 -43.18 -55.57 -98.12
C THR F 110 -43.15 -55.46 -99.64
N GLN F 111 -43.70 -54.37 -100.14
CA GLN F 111 -43.61 -54.04 -101.56
C GLN F 111 -43.75 -52.53 -101.67
N VAL F 112 -42.64 -51.85 -101.93
CA VAL F 112 -42.66 -50.40 -102.04
C VAL F 112 -43.41 -50.01 -103.31
N ALA F 113 -44.32 -49.05 -103.19
CA ALA F 113 -45.22 -48.71 -104.27
C ALA F 113 -44.87 -47.35 -104.85
N ASN F 114 -44.71 -47.30 -106.16
CA ASN F 114 -44.42 -46.05 -106.84
C ASN F 114 -45.66 -45.26 -107.19
N LYS F 115 -46.75 -45.94 -107.52
CA LYS F 115 -47.99 -45.26 -107.81
C LYS F 115 -48.94 -45.38 -106.63
N PRO F 116 -49.69 -44.33 -106.31
CA PRO F 116 -50.64 -44.41 -105.19
C PRO F 116 -51.94 -45.13 -105.54
N ASN F 117 -52.10 -45.57 -106.77
CA ASN F 117 -53.32 -46.26 -107.19
C ASN F 117 -52.95 -47.22 -108.30
N PHE F 118 -53.19 -48.52 -108.08
CA PHE F 118 -52.88 -49.52 -109.07
C PHE F 118 -53.77 -50.73 -108.84
N THR F 119 -53.74 -51.66 -109.78
CA THR F 119 -54.58 -52.84 -109.75
C THR F 119 -53.74 -54.09 -109.90
N VAL F 120 -54.31 -55.20 -109.44
CA VAL F 120 -53.79 -56.52 -109.74
C VAL F 120 -54.86 -57.25 -110.57
N PRO F 121 -54.48 -58.01 -111.58
CA PRO F 121 -55.43 -58.89 -112.24
C PRO F 121 -55.48 -60.22 -111.51
N ILE F 122 -56.60 -60.93 -111.68
CA ILE F 122 -56.66 -62.32 -111.25
C ILE F 122 -57.19 -63.17 -112.39
N LEU F 123 -56.36 -64.07 -112.91
CA LEU F 123 -56.77 -64.98 -113.95
C LEU F 123 -57.50 -66.16 -113.33
N THR F 124 -58.65 -66.51 -113.89
CA THR F 124 -59.36 -67.70 -113.43
C THR F 124 -60.02 -68.44 -114.59
N PRO F 125 -59.85 -69.75 -114.68
CA PRO F 125 -60.50 -70.50 -115.75
C PRO F 125 -61.94 -70.83 -115.41
N TYR F 126 -62.69 -71.22 -116.43
CA TYR F 126 -64.11 -71.50 -116.28
C TYR F 126 -64.48 -72.76 -117.05
N VAL F 127 -65.65 -73.29 -116.73
CA VAL F 127 -66.26 -74.41 -117.44
C VAL F 127 -67.74 -74.09 -117.63
N VAL F 128 -68.21 -74.18 -118.87
CA VAL F 128 -69.50 -73.62 -119.25
C VAL F 128 -70.65 -74.61 -119.11
N ASP F 129 -70.39 -75.78 -118.50
CA ASP F 129 -71.35 -76.78 -118.04
C ASP F 129 -72.03 -77.52 -119.20
N ALA F 130 -71.75 -77.11 -120.45
CA ALA F 130 -72.54 -77.44 -121.65
C ALA F 130 -74.03 -77.14 -121.44
N ASP F 131 -74.34 -76.09 -120.68
CA ASP F 131 -75.70 -75.65 -120.47
C ASP F 131 -75.82 -74.14 -120.44
N GLY F 132 -74.73 -73.40 -120.63
CA GLY F 132 -74.79 -71.95 -120.70
C GLY F 132 -74.05 -71.21 -119.61
N ASN F 133 -74.18 -71.66 -118.36
CA ASN F 133 -73.60 -70.95 -117.24
C ASN F 133 -72.17 -71.41 -116.97
N LYS F 134 -71.30 -70.44 -116.70
CA LYS F 134 -69.92 -70.73 -116.40
C LYS F 134 -69.77 -71.20 -114.97
N HIS F 135 -68.65 -71.85 -114.69
CA HIS F 135 -68.35 -72.37 -113.36
C HIS F 135 -66.87 -72.15 -113.10
N ALA F 136 -66.55 -71.47 -112.00
CA ALA F 136 -65.16 -71.21 -111.65
C ALA F 136 -64.44 -72.53 -111.37
N LEU F 137 -63.35 -72.76 -112.11
CA LEU F 137 -62.87 -74.13 -112.30
C LEU F 137 -62.21 -74.74 -111.05
N PRO F 138 -61.08 -74.25 -110.53
CA PRO F 138 -60.35 -75.05 -109.55
C PRO F 138 -60.99 -75.10 -108.18
N GLU F 139 -62.08 -74.37 -107.97
CA GLU F 139 -62.92 -74.55 -106.80
C GLU F 139 -63.99 -75.61 -107.03
N SER F 140 -64.60 -75.63 -108.21
CA SER F 140 -65.79 -76.44 -108.43
C SER F 140 -65.46 -77.93 -108.47
N ILE F 141 -64.34 -78.31 -109.06
CA ILE F 141 -63.90 -79.71 -109.05
C ILE F 141 -63.05 -79.88 -107.79
N ASN F 142 -63.72 -79.95 -106.66
CA ASN F 142 -63.06 -80.25 -105.39
C ASN F 142 -63.91 -81.11 -104.47
N ASN F 143 -65.11 -81.51 -104.89
CA ASN F 143 -65.97 -82.37 -104.12
C ASN F 143 -66.09 -83.71 -104.82
N THR F 144 -66.45 -84.74 -104.03
CA THR F 144 -66.36 -86.11 -104.55
C THR F 144 -67.41 -86.42 -105.61
N PRO F 145 -68.74 -86.23 -105.38
CA PRO F 145 -69.63 -86.60 -106.51
C PRO F 145 -69.86 -85.44 -107.47
N GLU F 146 -68.82 -85.09 -108.23
CA GLU F 146 -68.91 -84.01 -109.19
C GLU F 146 -69.44 -84.53 -110.51
N THR F 147 -70.36 -83.78 -111.12
CA THR F 147 -71.04 -84.20 -112.35
C THR F 147 -70.80 -83.23 -113.50
N LEU F 148 -69.79 -82.37 -113.41
CA LEU F 148 -69.59 -81.37 -114.45
C LEU F 148 -68.93 -81.98 -115.69
N VAL F 149 -67.73 -82.50 -115.54
CA VAL F 149 -67.06 -83.17 -116.64
C VAL F 149 -67.45 -84.64 -116.63
N GLY F 150 -67.87 -85.13 -117.78
CA GLY F 150 -68.24 -86.54 -117.90
C GLY F 150 -69.12 -86.75 -119.10
N LEU F 151 -69.42 -88.02 -119.35
CA LEU F 151 -70.24 -88.39 -120.49
C LEU F 151 -71.71 -88.10 -120.22
N VAL F 152 -72.52 -88.32 -121.24
CA VAL F 152 -73.94 -87.99 -121.20
C VAL F 152 -74.72 -89.17 -120.66
N GLN F 153 -75.52 -88.94 -119.63
CA GLN F 153 -76.37 -89.98 -119.10
C GLN F 153 -77.57 -90.22 -120.01
N ILE F 154 -78.25 -91.33 -119.79
CA ILE F 154 -79.48 -91.64 -120.49
C ILE F 154 -80.61 -91.73 -119.48
N LYS F 155 -81.83 -91.88 -120.00
CA LYS F 155 -82.97 -92.15 -119.13
C LYS F 155 -82.83 -93.55 -118.56
N GLU F 156 -83.08 -93.67 -117.25
CA GLU F 156 -82.80 -94.91 -116.53
C GLU F 156 -84.02 -95.81 -116.40
N ASP F 157 -85.18 -95.25 -116.05
CA ASP F 157 -86.38 -96.05 -115.84
C ASP F 157 -86.91 -96.54 -117.18
N ILE F 158 -86.77 -97.83 -117.42
CA ILE F 158 -87.26 -98.48 -118.64
C ILE F 158 -88.34 -99.47 -118.23
N ALA F 159 -89.58 -99.15 -118.56
CA ALA F 159 -90.68 -100.09 -118.34
C ALA F 159 -90.64 -101.17 -119.41
N VAL F 160 -91.01 -102.39 -119.00
CA VAL F 160 -91.10 -103.52 -119.92
C VAL F 160 -92.52 -103.98 -120.14
N GLU F 161 -93.51 -103.29 -119.54
CA GLU F 161 -94.96 -103.42 -119.77
C GLU F 161 -95.51 -104.84 -119.56
N GLY F 162 -94.72 -105.75 -118.98
CA GLY F 162 -95.15 -107.12 -118.84
C GLY F 162 -94.36 -108.09 -119.68
N GLY F 163 -93.40 -108.76 -119.06
CA GLY F 163 -92.64 -109.79 -119.73
C GLY F 163 -91.41 -109.29 -120.48
N LYS F 164 -91.61 -108.66 -121.63
CA LYS F 164 -90.51 -108.41 -122.54
C LYS F 164 -90.67 -107.06 -123.21
N VAL F 165 -89.59 -106.60 -123.84
CA VAL F 165 -89.57 -105.37 -124.61
C VAL F 165 -89.30 -105.70 -126.06
N THR F 166 -90.12 -105.16 -126.96
CA THR F 166 -89.80 -105.13 -128.38
C THR F 166 -89.33 -103.71 -128.70
N ASP F 167 -88.00 -103.53 -128.69
CA ASP F 167 -87.30 -102.38 -129.27
C ASP F 167 -87.68 -101.05 -128.59
N TYR F 168 -87.28 -100.94 -127.33
CA TYR F 168 -87.33 -99.66 -126.62
C TYR F 168 -86.12 -98.83 -127.00
N ASP F 169 -86.36 -97.59 -127.41
CA ASP F 169 -85.26 -96.70 -127.76
C ASP F 169 -84.58 -96.19 -126.50
N LEU F 170 -83.25 -96.33 -126.48
CA LEU F 170 -82.48 -95.94 -125.31
C LEU F 170 -82.31 -94.44 -125.18
N PHE F 171 -82.47 -93.68 -126.27
CA PHE F 171 -82.14 -92.27 -126.26
C PHE F 171 -83.36 -91.39 -126.06
N THR F 172 -84.49 -91.97 -125.67
CA THR F 172 -85.66 -91.17 -125.36
C THR F 172 -85.44 -90.38 -124.08
N GLY F 173 -86.08 -89.21 -124.00
CA GLY F 173 -85.86 -88.33 -122.87
C GLY F 173 -84.76 -87.33 -123.13
N LEU F 174 -83.71 -87.76 -123.82
CA LEU F 174 -82.63 -86.86 -124.17
C LEU F 174 -83.08 -85.92 -125.29
N LYS F 175 -82.38 -84.79 -125.41
CA LYS F 175 -82.74 -83.78 -126.38
C LYS F 175 -81.85 -83.86 -127.61
N GLU F 176 -82.39 -83.40 -128.73
CA GLU F 176 -81.70 -83.48 -130.01
C GLU F 176 -80.63 -82.40 -130.13
N GLY F 177 -79.79 -82.54 -131.14
CA GLY F 177 -78.88 -81.49 -131.53
C GLY F 177 -77.64 -81.42 -130.66
N LYS F 178 -77.80 -80.89 -129.45
CA LYS F 178 -76.64 -80.69 -128.59
C LYS F 178 -76.32 -81.93 -127.77
N GLU F 179 -77.33 -82.61 -127.24
CA GLU F 179 -77.07 -83.71 -126.33
C GLU F 179 -76.75 -85.00 -127.09
N VAL F 180 -77.64 -85.40 -128.00
CA VAL F 180 -77.44 -86.58 -128.82
C VAL F 180 -78.08 -86.34 -130.18
N ARG F 181 -77.40 -86.75 -131.23
CA ARG F 181 -77.92 -86.69 -132.60
C ARG F 181 -78.27 -88.10 -133.03
N LYS F 182 -79.56 -88.37 -133.16
CA LYS F 182 -80.06 -89.70 -133.49
C LYS F 182 -79.68 -90.07 -134.91
N GLY F 183 -78.97 -91.17 -135.07
CA GLY F 183 -78.53 -91.60 -136.38
C GLY F 183 -77.02 -91.59 -136.51
N ILE F 184 -76.37 -90.57 -135.95
CA ILE F 184 -74.92 -90.48 -135.98
C ILE F 184 -74.29 -90.90 -134.66
N ASP F 185 -75.06 -91.00 -133.59
CA ASP F 185 -74.52 -91.28 -132.27
C ASP F 185 -74.84 -92.70 -131.84
N ARG F 186 -73.85 -93.35 -131.23
CA ARG F 186 -73.95 -94.73 -130.80
C ARG F 186 -73.89 -94.79 -129.28
N LEU F 187 -74.33 -95.91 -128.74
CA LEU F 187 -74.27 -96.13 -127.32
C LEU F 187 -72.84 -96.43 -126.89
N ASP F 188 -72.53 -96.07 -125.64
CA ASP F 188 -71.30 -96.50 -125.00
C ASP F 188 -71.36 -98.01 -124.74
N ARG F 189 -70.18 -98.64 -124.73
CA ARG F 189 -70.07 -100.07 -124.47
C ARG F 189 -69.85 -100.37 -123.00
N LYS F 190 -70.20 -99.43 -122.12
CA LYS F 190 -70.25 -99.67 -120.68
C LYS F 190 -71.68 -99.71 -120.19
N PHE F 191 -72.61 -100.12 -121.04
CA PHE F 191 -74.01 -100.22 -120.67
C PHE F 191 -74.20 -101.38 -119.71
N LYS F 192 -74.88 -101.11 -118.59
CA LYS F 192 -75.20 -102.16 -117.65
C LYS F 192 -76.49 -101.81 -116.92
N ILE F 193 -77.15 -102.83 -116.40
CA ILE F 193 -78.36 -102.67 -115.63
C ILE F 193 -78.00 -102.77 -114.15
N VAL F 194 -78.30 -101.72 -113.39
CA VAL F 194 -77.97 -101.69 -111.97
C VAL F 194 -79.17 -102.02 -111.09
N GLU F 195 -80.37 -102.08 -111.66
CA GLU F 195 -81.56 -102.36 -110.86
C GLU F 195 -82.64 -102.91 -111.78
N ALA F 196 -83.39 -103.88 -111.25
CA ALA F 196 -84.51 -104.43 -111.97
C ALA F 196 -85.63 -104.69 -110.98
N LYS F 197 -86.85 -104.79 -111.50
CA LYS F 197 -88.02 -105.01 -110.67
C LYS F 197 -88.94 -106.01 -111.33
N TRP F 198 -89.21 -107.11 -110.64
CA TRP F 198 -90.13 -108.12 -111.12
C TRP F 198 -91.50 -107.81 -110.54
N SER F 199 -92.46 -108.71 -110.75
CA SER F 199 -93.81 -108.43 -110.27
C SER F 199 -93.95 -108.61 -108.77
N ASP F 200 -93.01 -109.32 -108.13
CA ASP F 200 -93.09 -109.57 -106.69
C ASP F 200 -91.73 -109.41 -106.03
N SER F 201 -90.99 -108.37 -106.39
CA SER F 201 -89.64 -108.19 -105.84
C SER F 201 -89.72 -107.60 -104.44
N PHE F 202 -88.56 -107.28 -103.88
CA PHE F 202 -88.47 -106.61 -102.60
C PHE F 202 -87.23 -105.72 -102.60
N ASP F 203 -87.42 -104.46 -102.18
CA ASP F 203 -86.37 -103.46 -102.35
C ASP F 203 -85.18 -103.72 -101.43
N GLU F 204 -85.46 -104.05 -100.16
CA GLU F 204 -84.53 -104.46 -99.10
C GLU F 204 -83.64 -103.33 -98.59
N ARG F 205 -83.65 -102.19 -99.27
CA ARG F 205 -83.10 -100.96 -98.69
C ARG F 205 -84.21 -100.17 -98.01
N THR F 206 -85.37 -100.11 -98.64
CA THR F 206 -86.64 -99.88 -97.97
C THR F 206 -87.44 -101.18 -97.97
N SER F 207 -88.40 -101.27 -97.06
CA SER F 207 -89.21 -102.47 -96.95
C SER F 207 -90.46 -102.32 -97.81
N ALA F 208 -90.24 -102.38 -99.12
CA ALA F 208 -91.33 -102.22 -100.07
C ALA F 208 -91.08 -103.11 -101.27
N ALA F 209 -92.16 -103.48 -101.94
CA ALA F 209 -92.10 -104.39 -103.07
C ALA F 209 -91.59 -103.65 -104.30
N GLY F 210 -90.46 -104.10 -104.85
CA GLY F 210 -89.98 -103.58 -106.12
C GLY F 210 -88.58 -103.00 -106.10
N PHE F 211 -87.90 -103.10 -107.25
CA PHE F 211 -86.59 -102.51 -107.50
C PHE F 211 -85.52 -103.02 -106.53
N VAL F 212 -85.25 -104.32 -106.59
CA VAL F 212 -84.14 -104.86 -105.83
C VAL F 212 -82.84 -104.43 -106.49
N GLU F 213 -81.96 -103.83 -105.71
CA GLU F 213 -80.63 -103.48 -106.20
C GLU F 213 -79.81 -104.76 -106.21
N LEU F 214 -79.60 -105.31 -107.40
CA LEU F 214 -78.72 -106.45 -107.56
C LEU F 214 -77.27 -106.03 -107.32
N GLY F 215 -76.64 -106.65 -106.32
CA GLY F 215 -75.24 -106.39 -106.02
C GLY F 215 -74.37 -107.49 -106.57
N SER F 216 -73.38 -107.09 -107.37
CA SER F 216 -72.44 -107.96 -108.09
C SER F 216 -73.14 -108.93 -109.04
N ASN F 217 -74.35 -108.61 -109.46
CA ASN F 217 -75.08 -109.35 -110.48
C ASN F 217 -75.43 -108.46 -111.66
N VAL F 218 -74.65 -107.41 -111.88
CA VAL F 218 -74.88 -106.49 -112.97
C VAL F 218 -74.66 -107.20 -114.30
N VAL F 219 -75.46 -106.83 -115.28
CA VAL F 219 -75.37 -107.41 -116.61
C VAL F 219 -74.77 -106.36 -117.54
N LYS F 220 -73.44 -106.36 -117.63
CA LYS F 220 -72.78 -105.41 -118.50
C LYS F 220 -72.76 -105.93 -119.92
N LEU F 221 -72.36 -105.05 -120.84
CA LEU F 221 -72.35 -105.37 -122.26
C LEU F 221 -71.22 -106.34 -122.55
N GLN F 222 -71.57 -107.62 -122.73
CA GLN F 222 -70.59 -108.66 -123.00
C GLN F 222 -70.22 -108.66 -124.47
N ASP F 223 -69.55 -109.72 -124.91
CA ASP F 223 -69.28 -109.90 -126.33
C ASP F 223 -70.58 -110.16 -127.08
N ASN F 224 -70.57 -109.81 -128.37
CA ASN F 224 -71.71 -109.78 -129.31
C ASN F 224 -72.79 -108.78 -128.91
N ASP F 225 -72.47 -107.85 -127.99
CA ASP F 225 -73.36 -106.79 -127.51
C ASP F 225 -74.68 -107.34 -126.98
N THR F 226 -74.58 -108.14 -125.93
CA THR F 226 -75.75 -108.76 -125.36
C THR F 226 -75.64 -108.81 -123.85
N LEU F 227 -76.80 -108.91 -123.20
CA LEU F 227 -76.88 -108.98 -121.75
C LEU F 227 -77.54 -110.30 -121.36
N VAL F 228 -76.87 -111.04 -120.50
CA VAL F 228 -77.41 -112.29 -119.97
C VAL F 228 -77.11 -112.34 -118.48
N GLY F 229 -78.09 -112.80 -117.70
CA GLY F 229 -77.90 -112.87 -116.27
C GLY F 229 -78.98 -113.64 -115.54
N GLN F 230 -78.57 -114.56 -114.68
CA GLN F 230 -79.47 -115.25 -113.78
C GLN F 230 -79.47 -114.47 -112.46
N ILE F 231 -80.58 -113.81 -112.16
CA ILE F 231 -80.65 -112.90 -111.03
C ILE F 231 -81.49 -113.53 -109.93
N LYS F 232 -80.94 -113.58 -108.73
CA LYS F 232 -81.61 -114.19 -107.59
C LYS F 232 -82.29 -113.07 -106.80
N TYR F 233 -83.53 -112.75 -107.20
CA TYR F 233 -84.07 -111.65 -106.42
C TYR F 233 -84.83 -112.17 -105.20
N PRO F 234 -84.63 -111.55 -104.05
CA PRO F 234 -85.42 -111.93 -102.87
C PRO F 234 -86.84 -111.45 -103.00
N THR F 235 -87.78 -112.36 -103.18
CA THR F 235 -89.15 -112.00 -103.46
C THR F 235 -90.00 -111.86 -102.20
N ASN F 236 -89.38 -111.95 -101.03
CA ASN F 236 -90.11 -111.77 -99.78
C ASN F 236 -89.17 -111.13 -98.77
N GLY F 237 -89.69 -110.16 -98.02
CA GLY F 237 -88.86 -109.43 -97.08
C GLY F 237 -88.45 -110.21 -95.85
N ASP F 238 -89.21 -111.24 -95.50
CA ASP F 238 -88.91 -112.06 -94.33
C ASP F 238 -88.55 -113.49 -94.66
N GLY F 239 -89.19 -114.09 -95.67
CA GLY F 239 -88.90 -115.46 -96.01
C GLY F 239 -87.69 -115.61 -96.91
N GLU F 240 -87.48 -114.65 -97.83
CA GLU F 240 -86.45 -114.67 -98.86
C GLU F 240 -86.54 -115.95 -99.70
N VAL F 241 -87.68 -116.08 -100.39
CA VAL F 241 -87.99 -117.30 -101.14
C VAL F 241 -87.09 -117.42 -102.37
N GLU F 242 -86.62 -116.28 -102.90
CA GLU F 242 -85.58 -116.19 -103.93
C GLU F 242 -86.00 -116.91 -105.22
N THR F 243 -86.97 -116.30 -105.89
CA THR F 243 -87.30 -116.71 -107.25
C THR F 243 -86.18 -116.25 -108.19
N ASP F 244 -85.67 -117.19 -108.98
CA ASP F 244 -84.64 -116.89 -109.97
C ASP F 244 -85.29 -116.56 -111.31
N THR F 245 -84.63 -115.68 -112.08
CA THR F 245 -85.13 -115.31 -113.40
C THR F 245 -83.94 -114.98 -114.30
N ILE F 246 -83.90 -115.60 -115.47
CA ILE F 246 -82.86 -115.37 -116.46
C ILE F 246 -83.25 -114.16 -117.30
N LEU F 247 -82.31 -113.25 -117.51
CA LEU F 247 -82.55 -112.02 -118.27
C LEU F 247 -81.81 -112.07 -119.59
N GLY F 248 -82.46 -112.65 -120.60
CA GLY F 248 -81.90 -112.63 -121.94
C GLY F 248 -82.12 -111.27 -122.59
N LYS F 249 -81.06 -110.66 -123.10
CA LYS F 249 -81.17 -109.31 -123.64
C LYS F 249 -80.09 -109.09 -124.70
N VAL F 250 -80.46 -108.43 -125.80
CA VAL F 250 -79.52 -108.06 -126.85
C VAL F 250 -79.63 -106.56 -127.06
N ASP F 251 -78.48 -105.89 -127.08
CA ASP F 251 -78.39 -104.46 -127.30
C ASP F 251 -77.70 -104.21 -128.64
N VAL F 252 -78.05 -103.09 -129.27
CA VAL F 252 -77.33 -102.65 -130.47
C VAL F 252 -76.84 -101.23 -130.24
N SER F 253 -75.55 -101.01 -130.51
CA SER F 253 -74.93 -99.72 -130.22
C SER F 253 -75.35 -98.67 -131.24
N SER F 254 -75.18 -98.97 -132.53
CA SER F 254 -75.54 -98.04 -133.58
C SER F 254 -77.05 -97.91 -133.75
N GLY F 255 -77.83 -98.85 -133.22
CA GLY F 255 -79.27 -98.79 -133.33
C GLY F 255 -79.94 -98.23 -132.09
N GLU F 256 -79.14 -98.00 -131.05
CA GLU F 256 -79.51 -97.53 -129.70
C GLU F 256 -80.83 -98.13 -129.20
N LEU F 257 -80.83 -99.45 -129.13
CA LEU F 257 -82.07 -100.20 -128.97
C LEU F 257 -81.79 -101.45 -128.16
N THR F 258 -82.65 -101.72 -127.16
CA THR F 258 -82.56 -102.94 -126.38
C THR F 258 -83.72 -103.87 -126.70
N LEU F 259 -83.51 -105.15 -126.41
CA LEU F 259 -84.55 -106.17 -126.56
C LEU F 259 -84.59 -106.95 -125.26
N THR F 260 -85.35 -106.45 -124.30
CA THR F 260 -85.47 -107.10 -123.01
C THR F 260 -86.35 -108.33 -123.16
N SER F 261 -85.87 -109.47 -122.66
CA SER F 261 -86.67 -110.66 -122.53
C SER F 261 -86.45 -111.24 -121.13
N ALA F 262 -87.54 -111.65 -120.50
CA ALA F 262 -87.48 -112.24 -119.17
C ALA F 262 -88.12 -113.61 -119.20
N SER F 263 -87.41 -114.61 -118.67
CA SER F 263 -87.98 -115.94 -118.55
C SER F 263 -89.09 -115.99 -117.52
N GLY F 264 -89.05 -115.12 -116.51
CA GLY F 264 -90.13 -115.04 -115.54
C GLY F 264 -91.10 -113.92 -115.85
N LYS F 265 -91.08 -112.87 -115.02
CA LYS F 265 -92.01 -111.74 -115.21
C LYS F 265 -91.33 -110.46 -114.72
N LEU F 266 -90.81 -109.69 -115.66
CA LEU F 266 -90.26 -108.39 -115.31
C LEU F 266 -91.35 -107.33 -115.33
N THR F 267 -91.11 -106.26 -114.61
CA THR F 267 -92.02 -105.12 -114.65
C THR F 267 -91.36 -103.86 -115.17
N ASP F 268 -90.16 -103.54 -114.69
CA ASP F 268 -89.30 -102.49 -115.23
C ASP F 268 -87.89 -102.70 -114.72
N VAL F 269 -86.92 -102.15 -115.45
CA VAL F 269 -85.53 -102.18 -115.02
C VAL F 269 -85.06 -100.75 -114.85
N LYS F 270 -83.84 -100.58 -114.35
CA LYS F 270 -83.22 -99.26 -114.24
C LYS F 270 -81.80 -99.42 -114.79
N VAL F 271 -81.62 -99.04 -116.05
CA VAL F 271 -80.33 -99.20 -116.69
C VAL F 271 -79.41 -98.05 -116.31
N LYS F 272 -78.13 -98.20 -116.64
CA LYS F 272 -77.17 -97.14 -116.40
C LYS F 272 -76.08 -97.27 -117.47
N GLY F 273 -76.17 -96.43 -118.49
CA GLY F 273 -75.18 -96.42 -119.56
C GLY F 273 -75.01 -95.04 -120.15
N TYR F 274 -73.78 -94.72 -120.56
CA TYR F 274 -73.53 -93.40 -121.11
C TYR F 274 -73.81 -93.38 -122.61
N VAL F 275 -73.50 -92.25 -123.23
CA VAL F 275 -73.57 -92.08 -124.67
C VAL F 275 -72.14 -91.94 -125.17
N ALA F 276 -71.78 -92.75 -126.17
CA ALA F 276 -70.41 -92.77 -126.65
C ALA F 276 -70.06 -91.46 -127.35
N SER F 277 -68.77 -91.16 -127.36
CA SER F 277 -68.28 -89.87 -127.83
C SER F 277 -67.09 -90.05 -128.74
N GLU F 278 -67.21 -90.96 -129.71
CA GLU F 278 -66.18 -91.09 -130.73
C GLU F 278 -66.18 -89.87 -131.65
N GLN F 279 -67.35 -89.27 -131.85
CA GLN F 279 -67.49 -88.03 -132.59
C GLN F 279 -68.02 -86.94 -131.67
N HIS F 280 -67.86 -85.70 -132.11
CA HIS F 280 -68.30 -84.57 -131.32
C HIS F 280 -69.81 -84.43 -131.39
N THR F 281 -70.46 -84.59 -130.24
CA THR F 281 -71.83 -84.16 -130.07
C THR F 281 -71.96 -83.12 -128.97
N SER F 282 -71.36 -83.39 -127.82
CA SER F 282 -71.28 -82.43 -126.73
C SER F 282 -70.01 -82.73 -125.95
N ALA F 283 -69.27 -81.67 -125.63
CA ALA F 283 -68.05 -81.83 -124.85
C ALA F 283 -67.83 -80.56 -124.07
N THR F 284 -67.46 -80.71 -122.80
CA THR F 284 -67.26 -79.57 -121.93
C THR F 284 -65.99 -78.82 -122.33
N ASN F 285 -66.15 -77.58 -122.75
CA ASN F 285 -65.01 -76.73 -123.05
C ASN F 285 -64.83 -75.66 -121.98
N VAL F 286 -63.68 -75.02 -122.03
CA VAL F 286 -63.24 -74.10 -120.99
C VAL F 286 -63.16 -72.69 -121.57
N GLU F 287 -63.57 -71.72 -120.77
CA GLU F 287 -63.37 -70.32 -121.08
C GLU F 287 -62.36 -69.76 -120.08
N LEU F 288 -62.07 -68.47 -120.19
CA LEU F 288 -61.20 -67.84 -119.21
C LEU F 288 -61.97 -66.80 -118.42
N GLY F 289 -61.27 -66.08 -117.54
CA GLY F 289 -61.93 -65.06 -116.75
C GLY F 289 -60.90 -64.18 -116.08
N LEU F 290 -61.18 -62.88 -116.03
CA LEU F 290 -60.20 -61.93 -115.51
C LEU F 290 -60.98 -60.72 -114.98
N THR F 291 -61.11 -60.63 -113.66
CA THR F 291 -61.46 -59.38 -113.05
C THR F 291 -60.21 -58.77 -112.42
N ARG F 292 -60.37 -57.62 -111.79
CA ARG F 292 -59.22 -56.89 -111.24
C ARG F 292 -59.54 -56.42 -109.84
N LYS F 293 -58.58 -56.57 -108.93
CA LYS F 293 -58.67 -56.02 -107.59
C LYS F 293 -57.80 -54.76 -107.54
N ASP F 294 -58.35 -53.69 -106.96
CA ASP F 294 -57.72 -52.39 -106.99
C ASP F 294 -57.05 -52.09 -105.65
N VAL F 295 -55.89 -51.45 -105.72
CA VAL F 295 -55.16 -51.03 -104.53
C VAL F 295 -55.03 -49.50 -104.59
N VAL F 296 -55.54 -48.83 -103.55
CA VAL F 296 -55.42 -47.38 -103.44
C VAL F 296 -54.60 -47.06 -102.21
N ILE F 297 -53.77 -46.02 -102.31
CA ILE F 297 -52.99 -45.54 -101.18
C ILE F 297 -53.50 -44.14 -100.88
N ASP F 298 -54.26 -44.01 -99.80
CA ASP F 298 -54.88 -42.74 -99.46
C ASP F 298 -53.89 -41.87 -98.69
N THR F 299 -54.37 -40.74 -98.18
CA THR F 299 -53.57 -39.85 -97.36
C THR F 299 -53.78 -40.21 -95.89
N ALA F 300 -52.68 -40.31 -95.15
CA ALA F 300 -52.75 -40.72 -93.76
C ALA F 300 -52.81 -39.50 -92.85
N GLN F 301 -52.85 -39.75 -91.55
CA GLN F 301 -53.01 -38.67 -90.58
C GLN F 301 -51.69 -37.94 -90.37
N HIS F 302 -51.77 -36.62 -90.36
CA HIS F 302 -50.58 -35.79 -90.15
C HIS F 302 -50.17 -35.81 -88.68
N ILE F 303 -48.86 -35.68 -88.47
CA ILE F 303 -48.28 -35.54 -87.14
C ILE F 303 -47.50 -34.23 -87.11
N GLU F 304 -47.83 -33.37 -86.15
CA GLU F 304 -47.23 -32.04 -86.06
C GLU F 304 -46.67 -31.81 -84.67
N ALA F 305 -45.99 -30.66 -84.51
CA ALA F 305 -45.40 -30.27 -83.23
C ALA F 305 -45.11 -28.78 -83.27
N THR F 306 -45.70 -28.02 -82.33
CA THR F 306 -45.49 -26.59 -82.29
C THR F 306 -44.14 -26.24 -81.68
N VAL F 307 -43.46 -25.27 -82.28
CA VAL F 307 -42.16 -24.81 -81.79
C VAL F 307 -42.14 -23.31 -81.53
N PRO F 308 -42.61 -22.86 -80.37
CA PRO F 308 -42.43 -21.45 -79.99
C PRO F 308 -40.98 -21.20 -79.61
N LEU F 309 -40.49 -19.99 -79.94
CA LEU F 309 -39.08 -19.68 -79.75
C LEU F 309 -38.68 -19.52 -78.30
N GLU F 310 -39.60 -19.13 -77.42
CA GLU F 310 -39.28 -19.00 -76.01
C GLU F 310 -39.58 -20.27 -75.24
N VAL F 311 -39.94 -21.34 -75.94
CA VAL F 311 -39.90 -22.69 -75.39
C VAL F 311 -38.59 -23.38 -75.76
N ILE F 312 -38.06 -23.08 -76.95
CA ILE F 312 -36.75 -23.58 -77.34
C ILE F 312 -35.67 -22.93 -76.50
N GLN F 313 -35.82 -21.65 -76.18
CA GLN F 313 -34.83 -20.96 -75.35
C GLN F 313 -34.88 -21.44 -73.91
N ASP F 314 -36.08 -21.67 -73.38
CA ASP F 314 -36.22 -22.10 -71.99
C ASP F 314 -35.72 -23.52 -71.76
N MET F 315 -35.67 -24.35 -72.81
CA MET F 315 -35.17 -25.71 -72.65
C MET F 315 -33.68 -25.80 -72.97
N LYS F 316 -33.20 -25.00 -73.92
CA LYS F 316 -31.78 -24.99 -74.24
C LYS F 316 -30.97 -24.40 -73.10
N ALA F 317 -31.51 -23.39 -72.42
CA ALA F 317 -30.78 -22.78 -71.32
C ALA F 317 -30.80 -23.66 -70.08
N THR F 318 -31.99 -24.07 -69.64
CA THR F 318 -32.14 -24.71 -68.33
C THR F 318 -31.62 -26.14 -68.33
N TYR F 319 -32.21 -27.00 -69.17
CA TYR F 319 -31.88 -28.41 -69.16
C TYR F 319 -30.97 -28.83 -70.30
N ASP F 320 -30.68 -27.91 -71.22
CA ASP F 320 -29.98 -28.19 -72.49
C ASP F 320 -30.68 -29.30 -73.27
N ILE F 321 -31.95 -29.06 -73.54
CA ILE F 321 -32.77 -29.96 -74.34
C ILE F 321 -33.00 -29.31 -75.69
N ASP F 322 -32.61 -30.00 -76.76
CA ASP F 322 -32.89 -29.53 -78.11
C ASP F 322 -34.38 -29.69 -78.36
N GLY F 323 -35.12 -28.59 -78.37
CA GLY F 323 -36.55 -28.65 -78.52
C GLY F 323 -37.01 -29.07 -79.91
N VAL F 324 -36.25 -28.73 -80.95
CA VAL F 324 -36.66 -29.09 -82.30
C VAL F 324 -36.07 -30.42 -82.76
N ALA F 325 -35.33 -31.12 -81.91
CA ALA F 325 -34.89 -32.47 -82.22
C ALA F 325 -35.63 -33.52 -81.42
N ARG F 326 -35.85 -33.30 -80.12
CA ARG F 326 -36.65 -34.25 -79.33
C ARG F 326 -38.10 -34.25 -79.76
N LEU F 327 -38.61 -33.10 -80.22
CA LEU F 327 -39.94 -33.11 -80.82
C LEU F 327 -39.90 -33.75 -82.20
N SER F 328 -38.77 -33.68 -82.88
CA SER F 328 -38.64 -34.37 -84.16
C SER F 328 -38.53 -35.88 -83.96
N GLU F 329 -38.00 -36.32 -82.82
CA GLU F 329 -37.89 -37.76 -82.58
C GLU F 329 -39.22 -38.34 -82.13
N THR F 330 -39.95 -37.62 -81.28
CA THR F 330 -41.19 -38.19 -80.76
C THR F 330 -42.32 -38.18 -81.77
N MET F 331 -42.15 -37.47 -82.90
CA MET F 331 -43.00 -37.70 -84.05
C MET F 331 -42.55 -38.93 -84.81
N SER F 332 -41.23 -39.13 -84.92
CA SER F 332 -40.70 -40.30 -85.62
C SER F 332 -40.95 -41.58 -84.85
N GLN F 333 -40.94 -41.53 -83.52
CA GLN F 333 -41.32 -42.69 -82.74
C GLN F 333 -42.82 -42.93 -82.78
N LEU F 334 -43.60 -41.89 -83.01
CA LEU F 334 -45.05 -42.06 -83.06
C LEU F 334 -45.49 -42.65 -84.39
N SER F 335 -44.91 -42.23 -85.50
CA SER F 335 -45.36 -42.73 -86.79
C SER F 335 -44.84 -44.14 -87.04
N SER F 336 -43.63 -44.45 -86.56
CA SER F 336 -43.08 -45.79 -86.76
C SER F 336 -43.83 -46.81 -85.90
N GLN F 337 -44.34 -46.38 -84.75
CA GLN F 337 -45.26 -47.22 -83.99
C GLN F 337 -46.65 -47.24 -84.61
N LYS F 338 -47.00 -46.20 -85.37
CA LYS F 338 -48.29 -46.18 -86.03
C LYS F 338 -48.34 -47.12 -87.23
N VAL F 339 -47.18 -47.51 -87.76
CA VAL F 339 -47.13 -48.58 -88.76
C VAL F 339 -47.58 -49.89 -88.15
N ASP F 340 -46.94 -50.30 -87.05
CA ASP F 340 -47.23 -51.59 -86.44
C ASP F 340 -48.58 -51.62 -85.75
N LEU F 341 -49.06 -50.47 -85.26
CA LEU F 341 -50.39 -50.43 -84.67
C LEU F 341 -51.49 -50.49 -85.72
N ASP F 342 -51.18 -50.26 -86.98
CA ASP F 342 -52.11 -50.48 -88.08
C ASP F 342 -51.85 -51.77 -88.83
N ILE F 343 -51.03 -52.66 -88.29
CA ILE F 343 -50.92 -54.01 -88.79
C ILE F 343 -51.67 -54.98 -87.88
N ILE F 344 -51.66 -54.74 -86.57
CA ILE F 344 -52.38 -55.61 -85.65
C ILE F 344 -53.88 -55.41 -85.73
N GLU F 345 -54.34 -54.18 -85.96
CA GLU F 345 -55.77 -53.98 -86.15
C GLU F 345 -56.22 -54.48 -87.51
N PHE F 346 -55.29 -54.55 -88.46
CA PHE F 346 -55.57 -55.08 -89.78
C PHE F 346 -55.91 -56.57 -89.70
N LEU F 347 -55.04 -57.35 -89.05
CA LEU F 347 -55.29 -58.77 -88.89
C LEU F 347 -56.45 -59.06 -87.93
N ASP F 348 -56.84 -58.09 -87.11
CA ASP F 348 -58.11 -58.21 -86.40
C ASP F 348 -59.27 -58.17 -87.37
N HIS F 349 -59.16 -57.32 -88.40
CA HIS F 349 -60.26 -57.14 -89.33
C HIS F 349 -60.38 -58.33 -90.30
N GLU F 350 -59.25 -58.91 -90.71
CA GLU F 350 -59.34 -60.03 -91.65
C GLU F 350 -59.75 -61.32 -90.96
N TYR F 351 -59.32 -61.52 -89.72
CA TYR F 351 -59.79 -62.69 -88.99
C TYR F 351 -61.27 -62.58 -88.70
N LYS F 352 -61.77 -61.38 -88.49
CA LYS F 352 -63.20 -61.18 -88.37
C LYS F 352 -63.92 -61.34 -89.71
N GLU F 353 -63.18 -61.20 -90.82
CA GLU F 353 -63.80 -61.42 -92.12
C GLU F 353 -64.00 -62.91 -92.40
N THR F 354 -63.09 -63.76 -91.93
CA THR F 354 -63.15 -65.18 -92.23
C THR F 354 -64.22 -65.92 -91.45
N ASP F 355 -64.70 -65.35 -90.34
CA ASP F 355 -65.69 -65.96 -89.44
C ASP F 355 -65.18 -67.30 -88.89
N ALA F 356 -64.09 -67.21 -88.12
CA ALA F 356 -63.65 -68.26 -87.18
C ALA F 356 -63.32 -69.57 -87.88
N LYS F 357 -62.67 -69.47 -89.04
CA LYS F 357 -62.40 -70.66 -89.83
C LYS F 357 -61.29 -71.50 -89.23
N TYR F 358 -60.26 -70.87 -88.69
CA TYR F 358 -59.11 -71.57 -88.14
C TYR F 358 -58.87 -71.14 -86.70
N HIS F 359 -59.93 -71.08 -85.92
CA HIS F 359 -59.84 -70.67 -84.51
C HIS F 359 -59.76 -71.94 -83.67
N PHE F 360 -58.54 -72.40 -83.44
CA PHE F 360 -58.29 -73.58 -82.63
C PHE F 360 -57.66 -73.16 -81.31
N SER F 361 -58.27 -73.57 -80.21
CA SER F 361 -57.95 -73.05 -78.90
C SER F 361 -56.81 -73.85 -78.27
N PHE F 362 -56.49 -73.51 -77.02
CA PHE F 362 -55.45 -74.18 -76.25
C PHE F 362 -55.74 -73.95 -74.78
N ASP F 363 -55.03 -74.67 -73.92
CA ASP F 363 -55.13 -74.47 -72.49
C ASP F 363 -53.76 -74.70 -71.89
N VAL F 364 -53.21 -73.69 -71.21
CA VAL F 364 -51.95 -73.88 -70.51
C VAL F 364 -52.17 -74.71 -69.26
N PHE F 365 -53.33 -74.58 -68.64
CA PHE F 365 -53.74 -75.50 -67.60
C PHE F 365 -53.98 -76.85 -68.26
N PRO F 366 -53.29 -77.91 -67.84
CA PRO F 366 -53.51 -79.21 -68.47
C PRO F 366 -54.84 -79.81 -68.03
N HIS F 367 -55.18 -80.92 -68.67
CA HIS F 367 -56.42 -81.60 -68.34
C HIS F 367 -56.34 -82.22 -66.95
N SER F 368 -57.50 -82.52 -66.39
CA SER F 368 -57.57 -83.06 -65.04
C SER F 368 -56.93 -84.43 -64.95
N ASP F 369 -57.14 -85.26 -65.97
CA ASP F 369 -56.46 -86.54 -66.08
C ASP F 369 -55.26 -86.43 -67.02
N TYR F 370 -54.34 -85.52 -66.70
CA TYR F 370 -53.08 -85.43 -67.41
C TYR F 370 -51.93 -86.03 -66.61
N SER F 371 -51.76 -85.59 -65.35
CA SER F 371 -50.97 -86.30 -64.34
C SER F 371 -49.50 -86.44 -64.73
N ALA F 372 -48.91 -85.35 -65.18
CA ALA F 372 -47.49 -85.31 -65.45
C ALA F 372 -47.01 -83.88 -65.24
N HIS F 373 -45.82 -83.57 -65.74
CA HIS F 373 -45.25 -82.26 -65.55
C HIS F 373 -45.93 -81.25 -66.46
N PRO F 374 -46.30 -80.08 -65.97
CA PRO F 374 -47.01 -79.12 -66.82
C PRO F 374 -46.12 -78.33 -67.77
N LYS F 375 -44.86 -78.70 -67.91
CA LYS F 375 -44.01 -78.03 -68.89
C LYS F 375 -43.98 -78.73 -70.23
N ASP F 376 -43.95 -80.06 -70.26
CA ASP F 376 -44.02 -80.74 -71.56
C ASP F 376 -45.44 -80.85 -72.08
N TRP F 377 -46.43 -80.41 -71.31
CA TRP F 377 -47.76 -80.18 -71.86
C TRP F 377 -47.74 -79.03 -72.87
N LEU F 378 -46.81 -78.09 -72.73
CA LEU F 378 -46.67 -76.99 -73.68
C LEU F 378 -46.08 -77.43 -75.01
N GLU F 379 -45.60 -78.67 -75.13
CA GLU F 379 -45.34 -79.23 -76.44
C GLU F 379 -46.61 -79.42 -77.25
N GLY F 380 -47.75 -79.60 -76.57
CA GLY F 380 -49.03 -79.72 -77.25
C GLY F 380 -49.46 -78.49 -78.02
N LEU F 381 -48.88 -77.33 -77.72
CA LEU F 381 -49.11 -76.16 -78.56
C LEU F 381 -48.42 -76.28 -79.91
N ARG F 382 -47.34 -77.05 -80.00
CA ARG F 382 -46.63 -77.21 -81.26
C ARG F 382 -47.34 -78.13 -82.23
N GLU F 383 -48.46 -78.74 -81.85
CA GLU F 383 -49.27 -79.45 -82.81
C GLU F 383 -50.63 -78.82 -83.02
N VAL F 384 -51.07 -77.92 -82.14
CA VAL F 384 -52.24 -77.09 -82.47
C VAL F 384 -51.84 -76.06 -83.53
N ILE F 385 -50.58 -75.63 -83.53
CA ILE F 385 -50.06 -74.83 -84.63
C ILE F 385 -50.09 -75.63 -85.93
N ASP F 386 -49.54 -76.84 -85.89
CA ASP F 386 -49.42 -77.66 -87.10
C ASP F 386 -50.78 -78.15 -87.57
N HIS F 387 -51.73 -78.34 -86.67
CA HIS F 387 -53.07 -78.68 -87.11
C HIS F 387 -53.79 -77.47 -87.69
N THR F 388 -53.53 -76.27 -87.18
CA THR F 388 -54.08 -75.07 -87.79
C THR F 388 -53.39 -74.77 -89.11
N THR F 389 -52.09 -75.07 -89.19
CA THR F 389 -51.33 -74.88 -90.41
C THR F 389 -51.81 -75.80 -91.52
N GLN F 390 -51.89 -77.10 -91.24
CA GLN F 390 -52.28 -78.07 -92.26
C GLN F 390 -53.74 -77.91 -92.65
N SER F 391 -54.58 -77.37 -91.78
CA SER F 391 -55.95 -77.07 -92.17
C SER F 391 -56.02 -75.86 -93.10
N MET F 392 -54.96 -75.04 -93.16
CA MET F 392 -54.95 -73.95 -94.11
C MET F 392 -54.52 -74.42 -95.49
N LYS F 393 -53.50 -75.27 -95.57
CA LYS F 393 -53.04 -75.80 -96.84
C LYS F 393 -54.02 -76.78 -97.47
N ASN F 394 -54.98 -77.30 -96.71
CA ASN F 394 -56.02 -78.14 -97.28
C ASN F 394 -57.09 -77.31 -97.97
N ASP F 395 -57.56 -76.26 -97.31
CA ASP F 395 -58.66 -75.47 -97.84
C ASP F 395 -58.22 -74.45 -98.88
N TYR F 396 -56.92 -74.28 -99.08
CA TYR F 396 -56.44 -73.36 -100.10
C TYR F 396 -55.49 -74.01 -101.09
N LYS F 397 -55.17 -75.30 -100.91
CA LYS F 397 -54.44 -76.13 -101.87
C LYS F 397 -53.06 -75.56 -102.18
N LEU F 398 -52.43 -75.02 -101.15
CA LEU F 398 -51.23 -74.21 -101.31
C LEU F 398 -50.08 -74.89 -100.59
N TYR F 399 -49.03 -75.21 -101.33
CA TYR F 399 -47.95 -76.05 -100.83
C TYR F 399 -46.59 -75.36 -100.85
N ASP F 400 -46.53 -74.06 -101.11
CA ASP F 400 -45.27 -73.33 -101.13
C ASP F 400 -45.43 -72.12 -100.21
N VAL F 401 -45.14 -72.32 -98.94
CA VAL F 401 -45.48 -71.35 -97.90
C VAL F 401 -44.35 -71.13 -96.92
N GLN F 402 -44.51 -70.12 -96.08
CA GLN F 402 -43.75 -70.01 -94.83
C GLN F 402 -44.64 -69.25 -93.86
N PHE F 403 -45.32 -70.00 -92.99
CA PHE F 403 -46.28 -69.43 -92.06
C PHE F 403 -45.54 -68.62 -91.00
N VAL F 404 -45.80 -67.32 -90.94
CA VAL F 404 -45.28 -66.51 -89.84
C VAL F 404 -46.31 -66.50 -88.73
N ILE F 405 -45.82 -66.51 -87.50
CA ILE F 405 -46.67 -66.60 -86.31
C ILE F 405 -46.41 -65.37 -85.47
N VAL F 406 -47.35 -64.43 -85.49
CA VAL F 406 -47.22 -63.17 -84.77
C VAL F 406 -48.02 -63.28 -83.49
N GLY F 407 -47.38 -63.03 -82.36
CA GLY F 407 -48.08 -63.05 -81.09
C GLY F 407 -47.26 -62.40 -80.00
N ASN F 408 -47.84 -62.39 -78.81
CA ASN F 408 -47.16 -61.81 -77.65
C ASN F 408 -45.96 -62.67 -77.28
N PRO F 409 -44.84 -62.05 -76.88
CA PRO F 409 -43.71 -62.82 -76.37
C PRO F 409 -43.99 -63.55 -75.06
N LEU F 410 -45.03 -63.17 -74.34
CA LEU F 410 -45.52 -63.98 -73.23
C LEU F 410 -46.14 -65.28 -73.69
N ASP F 411 -46.57 -65.36 -74.96
CA ASP F 411 -47.12 -66.58 -75.52
C ASP F 411 -46.21 -67.23 -76.55
N VAL F 412 -45.31 -66.47 -77.17
CA VAL F 412 -44.29 -67.05 -78.03
C VAL F 412 -43.32 -67.89 -77.22
N ARG F 413 -43.08 -67.49 -75.97
CA ARG F 413 -42.20 -68.21 -75.04
C ARG F 413 -42.67 -69.63 -74.74
N LEU F 414 -43.96 -69.92 -74.92
CA LEU F 414 -44.45 -71.28 -74.72
C LEU F 414 -44.01 -72.24 -75.79
N ILE F 415 -43.56 -71.76 -76.94
CA ILE F 415 -43.15 -72.63 -78.05
C ILE F 415 -41.81 -73.31 -77.78
N PRO F 416 -40.66 -72.63 -77.53
CA PRO F 416 -39.40 -73.38 -77.52
C PRO F 416 -39.16 -74.20 -76.26
N ASN F 417 -39.62 -73.69 -75.11
CA ASN F 417 -39.51 -74.34 -73.80
C ASN F 417 -38.06 -74.67 -73.45
N VAL F 418 -37.15 -73.78 -73.81
CA VAL F 418 -35.73 -74.07 -73.64
C VAL F 418 -35.37 -73.96 -72.16
N SER F 419 -34.48 -74.84 -71.72
CA SER F 419 -34.11 -74.89 -70.32
C SER F 419 -32.98 -73.91 -70.03
N TRP F 420 -32.67 -73.75 -68.76
CA TRP F 420 -31.69 -72.77 -68.34
C TRP F 420 -30.29 -73.35 -68.46
N THR F 421 -29.30 -72.47 -68.33
CA THR F 421 -27.90 -72.91 -68.20
C THR F 421 -27.23 -72.05 -67.13
N PHE F 422 -26.78 -72.71 -66.07
CA PHE F 422 -26.13 -72.00 -64.97
C PHE F 422 -24.62 -72.03 -65.16
N ASN F 423 -24.01 -70.86 -65.12
CA ASN F 423 -22.57 -70.82 -65.38
C ASN F 423 -21.77 -70.17 -64.26
N GLY F 424 -22.26 -69.07 -63.69
CA GLY F 424 -21.50 -68.38 -62.66
C GLY F 424 -21.92 -66.93 -62.50
N GLY F 425 -22.00 -66.47 -61.26
CA GLY F 425 -22.57 -65.16 -60.98
C GLY F 425 -21.56 -64.07 -60.72
N ASP F 426 -20.52 -64.01 -61.54
CA ASP F 426 -19.49 -62.99 -61.37
C ASP F 426 -20.01 -61.63 -61.84
N ARG F 427 -19.73 -60.60 -61.04
CA ARG F 427 -20.13 -59.24 -61.41
C ARG F 427 -19.32 -58.70 -62.57
N ASN F 428 -18.03 -59.03 -62.63
CA ASN F 428 -17.22 -58.59 -63.76
C ASN F 428 -17.59 -59.32 -65.04
N ALA F 429 -18.14 -60.54 -64.93
CA ALA F 429 -18.70 -61.25 -66.06
C ALA F 429 -20.22 -61.05 -66.08
N ASP F 430 -20.62 -59.82 -66.38
CA ASP F 430 -22.02 -59.43 -66.41
C ASP F 430 -22.43 -59.19 -67.86
N ALA F 431 -23.33 -60.02 -68.37
CA ALA F 431 -23.84 -59.89 -69.74
C ALA F 431 -25.28 -59.40 -69.65
N TYR F 432 -25.48 -58.13 -69.98
CA TYR F 432 -26.82 -57.53 -69.91
C TYR F 432 -27.63 -57.99 -71.11
N SER F 433 -28.17 -59.20 -70.99
CA SER F 433 -29.08 -59.82 -71.97
C SER F 433 -28.45 -59.89 -73.36
N ASN F 434 -27.30 -60.54 -73.43
CA ASN F 434 -26.52 -60.57 -74.66
C ASN F 434 -27.13 -61.52 -75.68
N GLY F 435 -27.19 -62.80 -75.35
CA GLY F 435 -27.68 -63.80 -76.27
C GLY F 435 -29.17 -63.98 -76.32
N ILE F 436 -29.94 -63.06 -75.75
CA ILE F 436 -31.38 -63.20 -75.66
C ILE F 436 -32.00 -62.64 -76.94
N LYS F 437 -32.48 -63.52 -77.81
CA LYS F 437 -33.24 -63.10 -78.98
C LYS F 437 -34.44 -63.97 -79.30
N ILE F 438 -34.58 -65.15 -78.69
CA ILE F 438 -35.51 -66.15 -79.22
C ILE F 438 -36.97 -65.90 -78.83
N ASN F 439 -37.24 -65.00 -77.88
CA ASN F 439 -38.62 -64.74 -77.54
C ASN F 439 -39.27 -63.71 -78.45
N TYR F 440 -38.53 -63.15 -79.39
CA TYR F 440 -39.03 -62.14 -80.31
C TYR F 440 -38.89 -62.52 -81.77
N SER F 441 -37.80 -63.19 -82.14
CA SER F 441 -37.54 -63.55 -83.53
C SER F 441 -36.91 -64.93 -83.55
N LEU F 442 -37.68 -65.95 -83.93
CA LEU F 442 -37.22 -67.32 -83.93
C LEU F 442 -37.75 -68.03 -85.16
N GLY F 443 -36.89 -68.84 -85.79
CA GLY F 443 -37.30 -69.61 -86.94
C GLY F 443 -37.46 -71.07 -86.60
N ALA F 444 -38.67 -71.60 -86.76
CA ALA F 444 -38.96 -73.00 -86.49
C ALA F 444 -39.19 -73.73 -87.79
N ALA F 445 -38.92 -75.04 -87.78
CA ALA F 445 -39.06 -75.86 -88.97
C ALA F 445 -39.64 -77.21 -88.56
N SER F 446 -40.96 -77.32 -88.58
CA SER F 446 -41.63 -78.56 -88.23
C SER F 446 -41.67 -79.47 -89.45
N GLY F 447 -42.45 -80.54 -89.37
CA GLY F 447 -42.67 -81.42 -90.49
C GLY F 447 -43.87 -81.10 -91.33
N THR F 448 -44.67 -80.11 -90.93
CA THR F 448 -45.84 -79.71 -91.69
C THR F 448 -45.65 -78.40 -92.44
N ALA F 449 -44.78 -77.51 -91.97
CA ALA F 449 -44.46 -76.28 -92.67
C ALA F 449 -43.09 -75.79 -92.20
N ASN F 450 -42.70 -74.62 -92.69
CA ASN F 450 -41.57 -73.87 -92.17
C ASN F 450 -42.10 -72.59 -91.56
N TYR F 451 -41.61 -72.25 -90.37
CA TYR F 451 -42.17 -71.16 -89.61
C TYR F 451 -41.15 -70.05 -89.43
N ARG F 452 -41.65 -68.87 -89.12
CA ARG F 452 -40.83 -67.75 -88.69
C ARG F 452 -41.68 -66.95 -87.70
N ILE F 453 -41.56 -67.28 -86.43
CA ILE F 453 -42.42 -66.68 -85.42
C ILE F 453 -41.87 -65.30 -85.06
N ILE F 454 -42.78 -64.37 -84.77
CA ILE F 454 -42.42 -62.98 -84.52
C ILE F 454 -43.11 -62.58 -83.22
N GLY F 455 -42.31 -62.29 -82.20
CA GLY F 455 -42.83 -61.84 -80.92
C GLY F 455 -42.59 -60.36 -80.74
N SER F 456 -43.66 -59.64 -80.40
CA SER F 456 -43.57 -58.22 -80.13
C SER F 456 -44.73 -57.85 -79.22
N ASP F 457 -44.44 -57.15 -78.13
CA ASP F 457 -45.41 -56.91 -77.07
C ASP F 457 -46.48 -55.89 -77.44
N LEU F 458 -46.55 -55.37 -78.66
CA LEU F 458 -47.62 -54.44 -79.00
C LEU F 458 -48.96 -55.16 -79.10
N VAL F 459 -48.96 -56.41 -79.52
CA VAL F 459 -50.19 -57.19 -79.60
C VAL F 459 -50.57 -57.63 -78.20
N ARG F 460 -51.87 -57.70 -77.94
CA ARG F 460 -52.36 -58.13 -76.63
C ARG F 460 -52.07 -59.61 -76.41
N GLN F 461 -51.76 -59.97 -75.18
CA GLN F 461 -51.47 -61.34 -74.84
C GLN F 461 -52.76 -62.16 -74.83
N GLY F 462 -52.67 -63.40 -75.32
CA GLY F 462 -53.79 -64.31 -75.27
C GLY F 462 -54.06 -65.02 -76.58
N GLU F 463 -53.64 -64.43 -77.69
CA GLU F 463 -53.91 -64.97 -79.00
C GLU F 463 -52.61 -65.19 -79.75
N LEU F 464 -52.68 -66.03 -80.78
CA LEU F 464 -51.55 -66.30 -81.66
C LEU F 464 -52.05 -66.32 -83.09
N THR F 465 -51.64 -65.33 -83.87
CA THR F 465 -52.07 -65.20 -85.25
C THR F 465 -51.06 -65.84 -86.19
N ILE F 466 -51.56 -66.64 -87.12
CA ILE F 466 -50.72 -67.28 -88.13
C ILE F 466 -51.07 -66.71 -89.49
N ILE F 467 -50.05 -66.32 -90.24
CA ILE F 467 -50.22 -65.70 -91.55
C ILE F 467 -49.43 -66.51 -92.56
N ALA F 468 -50.07 -66.91 -93.64
CA ALA F 468 -49.39 -67.60 -94.73
C ALA F 468 -48.77 -66.60 -95.69
N ILE F 469 -47.56 -66.90 -96.14
CA ILE F 469 -46.88 -66.10 -97.15
C ILE F 469 -46.40 -67.03 -98.25
N PRO F 470 -46.95 -66.94 -99.46
CA PRO F 470 -46.49 -67.82 -100.54
C PRO F 470 -45.17 -67.35 -101.12
N GLN F 471 -44.42 -68.31 -101.67
CA GLN F 471 -43.09 -68.00 -102.20
C GLN F 471 -43.19 -67.29 -103.53
N GLN F 472 -43.96 -67.85 -104.46
CA GLN F 472 -43.97 -67.36 -105.83
C GLN F 472 -44.68 -66.03 -105.93
N ASP F 473 -44.31 -65.27 -106.96
CA ASP F 473 -44.88 -63.94 -107.14
C ASP F 473 -46.29 -63.97 -107.70
N ASN F 474 -46.74 -65.12 -108.21
CA ASN F 474 -48.10 -65.27 -108.70
C ASN F 474 -49.10 -65.12 -107.56
N TYR F 475 -49.10 -66.07 -106.63
CA TYR F 475 -50.08 -66.02 -105.56
C TYR F 475 -49.66 -65.01 -104.51
N LYS F 476 -50.66 -64.36 -103.91
CA LYS F 476 -50.39 -63.31 -102.94
C LYS F 476 -51.52 -63.28 -101.92
N THR F 477 -51.18 -63.48 -100.65
CA THR F 477 -52.18 -63.51 -99.59
C THR F 477 -52.36 -62.15 -98.94
N PHE F 478 -51.28 -61.64 -98.34
CA PHE F 478 -51.27 -60.32 -97.75
C PHE F 478 -50.08 -59.55 -98.32
N MET F 479 -50.18 -58.23 -98.29
CA MET F 479 -49.08 -57.41 -98.78
C MET F 479 -49.14 -56.06 -98.10
N PHE F 480 -47.97 -55.55 -97.74
CA PHE F 480 -47.82 -54.25 -97.13
C PHE F 480 -47.21 -53.30 -98.15
N TYR F 481 -47.87 -52.18 -98.39
CA TYR F 481 -47.46 -51.22 -99.42
C TYR F 481 -47.08 -49.90 -98.78
N PRO F 482 -45.81 -49.64 -98.53
CA PRO F 482 -45.42 -48.30 -98.08
C PRO F 482 -45.26 -47.34 -99.24
N TYR F 483 -45.93 -46.20 -99.20
CA TYR F 483 -45.85 -45.28 -100.33
C TYR F 483 -44.74 -44.26 -100.13
N THR F 484 -44.84 -43.44 -99.09
CA THR F 484 -43.91 -42.34 -98.91
C THR F 484 -43.87 -41.92 -97.46
N PHE F 485 -42.80 -41.21 -97.11
CA PHE F 485 -42.53 -40.73 -95.77
C PHE F 485 -42.11 -39.27 -95.92
N ASN F 486 -43.06 -38.35 -95.77
CA ASN F 486 -42.84 -36.96 -96.10
C ASN F 486 -42.72 -36.11 -94.84
N VAL F 487 -41.68 -35.29 -94.79
CA VAL F 487 -41.53 -34.28 -93.75
C VAL F 487 -41.50 -32.91 -94.40
N VAL F 488 -42.02 -31.92 -93.69
CA VAL F 488 -41.92 -30.52 -94.08
C VAL F 488 -41.73 -29.71 -92.80
N ASN F 489 -40.59 -29.04 -92.69
CA ASN F 489 -40.29 -28.19 -91.55
C ASN F 489 -40.55 -26.75 -91.94
N GLY F 490 -41.38 -26.06 -91.17
CA GLY F 490 -41.83 -24.74 -91.55
C GLY F 490 -42.72 -24.79 -92.75
N GLY F 491 -42.21 -24.34 -93.90
CA GLY F 491 -42.90 -24.51 -95.16
C GLY F 491 -44.10 -23.62 -95.38
N GLY F 492 -45.09 -23.71 -94.50
CA GLY F 492 -46.32 -22.96 -94.64
C GLY F 492 -47.51 -23.77 -94.17
N TYR F 493 -47.28 -25.02 -93.83
CA TYR F 493 -48.32 -25.88 -93.28
C TYR F 493 -48.72 -25.37 -91.91
N LEU F 494 -49.93 -24.86 -91.81
CA LEU F 494 -50.39 -24.20 -90.59
C LEU F 494 -50.69 -25.24 -89.52
N ASN F 495 -50.51 -24.85 -88.26
CA ASN F 495 -50.88 -25.74 -87.19
C ASN F 495 -52.37 -25.65 -86.91
N THR F 496 -52.94 -26.75 -86.42
CA THR F 496 -54.39 -26.86 -86.25
C THR F 496 -54.86 -26.27 -84.92
N ARG F 497 -54.09 -26.47 -83.85
CA ARG F 497 -54.50 -26.02 -82.53
C ARG F 497 -54.11 -24.56 -82.29
N ASN F 498 -52.81 -24.28 -82.37
CA ASN F 498 -52.28 -22.92 -82.25
C ASN F 498 -51.75 -22.54 -83.63
N PRO F 499 -52.55 -21.86 -84.45
CA PRO F 499 -52.06 -21.48 -85.78
C PRO F 499 -51.01 -20.38 -85.75
N ASN F 500 -50.97 -19.57 -84.69
CA ASN F 500 -50.09 -18.40 -84.65
C ASN F 500 -48.62 -18.74 -84.50
N VAL F 501 -48.31 -19.94 -84.03
CA VAL F 501 -46.92 -20.33 -83.76
C VAL F 501 -46.43 -21.20 -84.92
N PRO F 502 -45.13 -21.29 -85.16
CA PRO F 502 -44.64 -22.22 -86.17
C PRO F 502 -44.77 -23.66 -85.72
N ASN F 503 -44.67 -24.57 -86.69
CA ASN F 503 -44.74 -25.99 -86.39
C ASN F 503 -44.07 -26.77 -87.50
N MET F 504 -43.54 -27.93 -87.12
CA MET F 504 -43.01 -28.89 -88.08
C MET F 504 -44.11 -29.92 -88.36
N MET F 505 -44.12 -30.44 -89.58
CA MET F 505 -45.19 -31.30 -90.05
C MET F 505 -44.61 -32.60 -90.60
N MET F 506 -45.29 -33.71 -90.33
CA MET F 506 -44.79 -35.03 -90.68
C MET F 506 -45.92 -36.00 -90.98
N THR F 507 -45.84 -36.65 -92.14
CA THR F 507 -46.83 -37.63 -92.56
C THR F 507 -46.13 -38.84 -93.13
N ARG F 508 -46.90 -39.93 -93.30
CA ARG F 508 -46.35 -41.20 -93.75
C ARG F 508 -47.48 -41.98 -94.40
N ARG F 509 -47.42 -42.12 -95.72
CA ARG F 509 -48.50 -42.72 -96.49
C ARG F 509 -48.17 -44.19 -96.77
N TYR F 510 -49.13 -45.06 -96.49
CA TYR F 510 -48.98 -46.49 -96.68
C TYR F 510 -50.36 -47.10 -96.84
N THR F 511 -50.39 -48.38 -97.18
CA THR F 511 -51.62 -49.15 -97.12
C THR F 511 -51.28 -50.62 -96.95
N VAL F 512 -52.22 -51.35 -96.36
CA VAL F 512 -52.13 -52.79 -96.21
C VAL F 512 -53.32 -53.42 -96.93
N GLU F 513 -53.06 -54.49 -97.66
CA GLU F 513 -54.10 -55.10 -98.47
C GLU F 513 -54.06 -56.62 -98.33
N SER F 514 -55.19 -57.23 -98.68
CA SER F 514 -55.40 -58.66 -98.49
C SER F 514 -56.13 -59.18 -99.72
N PHE F 515 -55.40 -59.86 -100.61
CA PHE F 515 -56.03 -60.43 -101.79
C PHE F 515 -56.81 -61.68 -101.42
N VAL F 516 -56.29 -62.49 -100.50
CA VAL F 516 -57.02 -63.64 -99.98
C VAL F 516 -56.72 -63.79 -98.49
N PRO F 517 -57.75 -63.88 -97.65
CA PRO F 517 -57.51 -63.89 -96.20
C PRO F 517 -57.16 -65.26 -95.62
N ILE F 518 -55.89 -65.64 -95.67
CA ILE F 518 -55.44 -66.86 -95.02
C ILE F 518 -54.88 -66.47 -93.67
N ILE F 519 -55.65 -66.71 -92.61
CA ILE F 519 -55.30 -66.25 -91.28
C ILE F 519 -55.96 -67.18 -90.25
N GLY F 520 -55.21 -67.53 -89.21
CA GLY F 520 -55.74 -68.34 -88.14
C GLY F 520 -55.30 -67.80 -86.79
N ARG F 521 -56.22 -67.80 -85.84
CA ARG F 521 -55.99 -67.25 -84.51
C ARG F 521 -56.09 -68.38 -83.49
N ILE F 522 -55.04 -68.53 -82.68
CA ILE F 522 -54.97 -69.56 -81.66
C ILE F 522 -55.25 -68.91 -80.32
N THR F 523 -56.44 -69.14 -79.78
CA THR F 523 -56.77 -68.68 -78.44
C THR F 523 -55.98 -69.50 -77.42
N ILE F 524 -55.20 -68.82 -76.58
CA ILE F 524 -54.42 -69.47 -75.55
C ILE F 524 -55.06 -69.13 -74.22
N LYS F 525 -55.72 -70.11 -73.61
CA LYS F 525 -56.44 -69.86 -72.37
C LYS F 525 -55.48 -69.86 -71.19
N ASN F 526 -55.79 -68.99 -70.21
CA ASN F 526 -55.17 -68.78 -68.90
C ASN F 526 -53.65 -68.95 -68.84
N ASN F 527 -52.93 -68.21 -69.69
CA ASN F 527 -51.48 -68.16 -69.61
C ASN F 527 -51.11 -67.01 -68.68
N ASN F 528 -51.19 -67.28 -67.37
CA ASN F 528 -50.86 -66.27 -66.37
C ASN F 528 -50.02 -66.84 -65.25
N GLY F 529 -49.27 -67.91 -65.52
CA GLY F 529 -48.31 -68.44 -64.57
C GLY F 529 -48.89 -69.14 -63.35
N SER F 530 -50.21 -69.32 -63.28
CA SER F 530 -50.83 -69.95 -62.13
C SER F 530 -50.92 -71.46 -62.28
N VAL F 531 -50.27 -72.04 -63.28
CA VAL F 531 -50.31 -73.48 -63.46
C VAL F 531 -49.48 -74.19 -62.40
N TYR F 532 -48.39 -73.58 -61.94
CA TYR F 532 -47.54 -74.17 -60.92
C TYR F 532 -47.94 -73.74 -59.53
N ALA F 533 -49.08 -73.08 -59.36
CA ALA F 533 -49.53 -72.61 -58.07
C ALA F 533 -50.96 -73.00 -57.75
N ARG F 534 -51.65 -73.65 -58.67
CA ARG F 534 -53.05 -74.01 -58.45
C ARG F 534 -53.17 -75.28 -57.62
CA MET G 81 -56.12 -34.35 -105.71
C MET G 81 -57.56 -34.83 -105.72
N GLY G 82 -58.48 -33.91 -105.42
CA GLY G 82 -59.89 -34.21 -105.42
C GLY G 82 -60.48 -34.44 -106.80
N PRO G 83 -60.56 -33.40 -107.62
CA PRO G 83 -61.14 -33.56 -108.97
C PRO G 83 -60.23 -34.24 -109.98
N ILE G 84 -59.01 -34.61 -109.59
CA ILE G 84 -58.17 -35.41 -110.48
C ILE G 84 -58.72 -36.83 -110.53
N GLN G 85 -58.96 -37.32 -111.73
CA GLN G 85 -59.46 -38.68 -111.86
C GLN G 85 -58.32 -39.67 -111.65
N PRO G 86 -58.52 -40.67 -110.78
CA PRO G 86 -57.44 -41.61 -110.50
C PRO G 86 -57.28 -42.63 -111.63
N TYR G 87 -56.03 -42.84 -112.01
CA TYR G 87 -55.70 -43.79 -113.07
C TYR G 87 -54.91 -44.92 -112.43
N ALA G 88 -55.58 -46.03 -112.17
CA ALA G 88 -54.94 -47.20 -111.59
C ALA G 88 -54.09 -47.89 -112.65
N SER G 89 -52.82 -48.12 -112.34
CA SER G 89 -51.94 -48.79 -113.28
C SER G 89 -52.08 -50.30 -113.13
N LEU G 90 -51.23 -51.05 -113.81
CA LEU G 90 -51.30 -52.50 -113.82
C LEU G 90 -49.99 -53.07 -113.28
N SER G 91 -50.07 -53.80 -112.18
CA SER G 91 -48.91 -54.51 -111.69
C SER G 91 -48.63 -55.72 -112.58
N MET G 92 -47.37 -56.13 -112.61
CA MET G 92 -46.94 -57.11 -113.61
C MET G 92 -47.43 -58.55 -113.40
N PRO G 93 -47.47 -59.15 -112.20
CA PRO G 93 -47.99 -60.52 -112.10
C PRO G 93 -49.50 -60.61 -112.30
N ILE G 94 -49.94 -61.81 -112.64
CA ILE G 94 -51.31 -62.06 -113.09
C ILE G 94 -52.14 -62.77 -112.03
N LEU G 95 -51.51 -63.27 -110.97
CA LEU G 95 -52.16 -63.84 -109.78
C LEU G 95 -53.04 -65.05 -110.15
N VAL G 96 -52.37 -66.10 -110.60
CA VAL G 96 -53.07 -67.30 -111.03
C VAL G 96 -53.68 -68.02 -109.83
N LYS G 97 -54.67 -68.86 -110.12
CA LYS G 97 -55.27 -69.68 -109.09
C LYS G 97 -54.38 -70.87 -108.78
N LEU G 98 -54.71 -71.57 -107.69
CA LEU G 98 -53.89 -72.67 -107.20
C LEU G 98 -54.63 -73.99 -107.38
N TRP G 99 -53.98 -74.93 -108.06
CA TRP G 99 -54.54 -76.26 -108.21
C TRP G 99 -54.10 -77.15 -107.04
N ALA G 100 -54.73 -78.31 -106.95
CA ALA G 100 -54.36 -79.28 -105.94
C ALA G 100 -53.15 -80.08 -106.42
N ARG G 101 -52.50 -80.76 -105.48
CA ARG G 101 -51.51 -81.76 -105.87
C ARG G 101 -52.24 -83.03 -106.25
N LEU G 102 -51.60 -83.83 -107.09
CA LEU G 102 -52.26 -84.97 -107.71
C LEU G 102 -51.33 -86.17 -107.63
N ALA G 103 -51.67 -87.12 -106.76
CA ALA G 103 -50.84 -88.31 -106.58
C ALA G 103 -51.63 -89.59 -106.48
N LEU G 104 -52.94 -89.57 -106.73
CA LEU G 104 -53.75 -90.76 -106.53
C LEU G 104 -53.61 -91.78 -107.65
N THR G 105 -53.08 -91.38 -108.81
CA THR G 105 -52.73 -92.38 -109.82
C THR G 105 -51.56 -93.22 -109.37
N GLU G 106 -50.69 -92.68 -108.52
CA GLU G 106 -49.57 -93.43 -107.95
C GLU G 106 -50.02 -94.30 -106.78
N ALA G 107 -51.26 -94.17 -106.34
CA ALA G 107 -51.77 -95.03 -105.26
C ALA G 107 -52.17 -96.40 -105.80
N LEU G 108 -53.11 -96.42 -106.73
CA LEU G 108 -53.54 -97.68 -107.33
C LEU G 108 -52.46 -98.18 -108.29
N PRO G 109 -52.31 -99.50 -108.40
CA PRO G 109 -51.27 -100.05 -109.30
C PRO G 109 -51.62 -99.82 -110.75
N THR G 110 -50.68 -99.25 -111.50
CA THR G 110 -50.91 -98.89 -112.89
C THR G 110 -50.38 -100.00 -113.79
N GLN G 111 -51.16 -100.36 -114.78
CA GLN G 111 -50.73 -101.28 -115.83
C GLN G 111 -51.30 -100.74 -117.14
N VAL G 112 -50.42 -100.24 -118.00
CA VAL G 112 -50.85 -99.54 -119.20
C VAL G 112 -51.43 -100.55 -120.19
N ALA G 113 -52.63 -100.27 -120.67
CA ALA G 113 -53.34 -101.22 -121.52
C ALA G 113 -53.11 -100.93 -122.99
N ASN G 114 -52.92 -101.98 -123.77
CA ASN G 114 -52.79 -101.90 -125.21
C ASN G 114 -54.11 -102.13 -125.93
N LYS G 115 -54.80 -103.20 -125.60
CA LYS G 115 -56.12 -103.34 -126.19
C LYS G 115 -57.15 -102.61 -125.34
N PRO G 116 -58.15 -101.96 -125.96
CA PRO G 116 -59.19 -101.29 -125.18
C PRO G 116 -60.26 -102.21 -124.65
N ASN G 117 -60.15 -103.51 -124.87
CA ASN G 117 -61.17 -104.46 -124.42
C ASN G 117 -60.46 -105.80 -124.23
N PHE G 118 -60.27 -106.19 -122.97
CA PHE G 118 -59.60 -107.45 -122.66
C PHE G 118 -60.32 -108.11 -121.48
N THR G 119 -59.91 -109.32 -121.16
CA THR G 119 -60.52 -110.10 -120.10
C THR G 119 -59.44 -110.67 -119.20
N VAL G 120 -59.77 -110.84 -117.93
CA VAL G 120 -58.92 -111.58 -117.00
C VAL G 120 -59.66 -112.87 -116.66
N PRO G 121 -59.01 -114.01 -116.75
CA PRO G 121 -59.67 -115.26 -116.37
C PRO G 121 -59.44 -115.61 -114.91
N ILE G 122 -60.49 -116.02 -114.20
CA ILE G 122 -60.42 -116.28 -112.77
C ILE G 122 -60.55 -117.78 -112.55
N LEU G 123 -59.45 -118.43 -112.20
CA LEU G 123 -59.45 -119.86 -111.93
C LEU G 123 -59.83 -120.12 -110.49
N THR G 124 -60.70 -121.11 -110.28
CA THR G 124 -61.06 -121.52 -108.93
C THR G 124 -61.36 -123.01 -108.88
N PRO G 125 -60.92 -123.72 -107.84
CA PRO G 125 -61.31 -125.11 -107.66
C PRO G 125 -62.69 -125.24 -107.03
N TYR G 126 -63.21 -126.46 -107.09
CA TYR G 126 -64.53 -126.77 -106.56
C TYR G 126 -64.54 -128.17 -105.95
N VAL G 127 -65.58 -128.45 -105.17
CA VAL G 127 -65.82 -129.79 -104.65
C VAL G 127 -67.31 -130.08 -104.78
N VAL G 128 -67.68 -131.03 -105.65
CA VAL G 128 -69.04 -131.54 -105.66
C VAL G 128 -69.19 -132.49 -104.48
N ASP G 129 -70.29 -132.34 -103.74
CA ASP G 129 -70.54 -133.29 -102.66
C ASP G 129 -71.28 -134.51 -103.17
N ALA G 130 -72.53 -134.32 -103.58
CA ALA G 130 -73.29 -135.42 -104.14
C ALA G 130 -74.19 -135.05 -105.31
N ASP G 131 -74.63 -133.79 -105.44
CA ASP G 131 -75.76 -133.49 -106.31
C ASP G 131 -75.45 -132.30 -107.23
N GLY G 132 -74.18 -132.01 -107.48
CA GLY G 132 -73.84 -130.87 -108.29
C GLY G 132 -73.83 -129.55 -107.56
N ASN G 133 -73.94 -129.57 -106.23
CA ASN G 133 -73.91 -128.36 -105.41
C ASN G 133 -72.46 -128.04 -105.02
N LYS G 134 -71.66 -127.72 -106.02
CA LYS G 134 -70.22 -127.59 -105.84
C LYS G 134 -69.89 -126.30 -105.10
N HIS G 135 -69.15 -126.43 -104.01
CA HIS G 135 -68.70 -125.27 -103.24
C HIS G 135 -67.29 -124.88 -103.67
N ALA G 136 -67.02 -123.59 -103.62
CA ALA G 136 -65.67 -123.10 -103.89
C ALA G 136 -64.76 -123.53 -102.75
N LEU G 137 -63.58 -124.01 -103.12
CA LEU G 137 -62.73 -124.72 -102.17
C LEU G 137 -62.00 -123.86 -101.13
N PRO G 138 -61.21 -122.82 -101.48
CA PRO G 138 -60.41 -122.16 -100.43
C PRO G 138 -61.23 -121.31 -99.49
N GLU G 139 -62.44 -120.93 -99.87
CA GLU G 139 -63.36 -120.32 -98.91
C GLU G 139 -64.01 -121.35 -98.02
N SER G 140 -64.05 -122.62 -98.44
CA SER G 140 -64.81 -123.61 -97.70
C SER G 140 -64.08 -124.04 -96.44
N ILE G 141 -62.88 -124.61 -96.59
CA ILE G 141 -62.20 -125.27 -95.46
C ILE G 141 -61.51 -124.18 -94.66
N ASN G 142 -62.29 -123.50 -93.83
CA ASN G 142 -61.73 -122.40 -93.05
C ASN G 142 -61.87 -122.58 -91.55
N ASN G 143 -63.08 -122.76 -90.99
CA ASN G 143 -63.14 -122.83 -89.54
C ASN G 143 -63.17 -124.27 -89.01
N THR G 144 -64.26 -125.03 -89.26
CA THR G 144 -64.41 -126.49 -89.15
C THR G 144 -65.54 -127.06 -90.02
N PRO G 145 -65.61 -126.84 -91.36
CA PRO G 145 -66.65 -127.52 -92.13
C PRO G 145 -66.18 -128.83 -92.71
N GLU G 146 -65.78 -129.77 -91.85
CA GLU G 146 -65.19 -131.02 -92.31
C GLU G 146 -66.24 -132.09 -92.55
N THR G 147 -67.52 -131.72 -92.62
CA THR G 147 -68.53 -132.65 -93.11
C THR G 147 -68.41 -132.86 -94.61
N LEU G 148 -67.81 -131.91 -95.32
CA LEU G 148 -67.56 -132.06 -96.74
C LEU G 148 -66.26 -132.83 -96.97
N VAL G 149 -65.17 -132.30 -96.43
CA VAL G 149 -63.85 -132.93 -96.53
C VAL G 149 -63.64 -133.69 -95.23
N GLY G 150 -63.79 -135.01 -95.28
CA GLY G 150 -63.61 -135.82 -94.10
C GLY G 150 -64.25 -137.17 -94.29
N LEU G 151 -64.00 -138.04 -93.30
CA LEU G 151 -64.60 -139.36 -93.32
C LEU G 151 -66.09 -139.27 -93.03
N VAL G 152 -66.82 -140.27 -93.53
CA VAL G 152 -68.28 -140.26 -93.42
C VAL G 152 -68.67 -140.63 -92.00
N GLN G 153 -69.42 -139.74 -91.33
CA GLN G 153 -69.86 -140.00 -89.99
C GLN G 153 -70.97 -141.04 -89.98
N ILE G 154 -71.23 -141.59 -88.79
CA ILE G 154 -72.34 -142.52 -88.61
C ILE G 154 -73.39 -141.87 -87.72
N LYS G 155 -74.50 -142.56 -87.50
CA LYS G 155 -75.57 -142.02 -86.68
C LYS G 155 -75.16 -141.97 -85.21
N GLU G 156 -75.47 -140.86 -84.55
CA GLU G 156 -74.99 -140.64 -83.20
C GLU G 156 -75.86 -141.33 -82.16
N ASP G 157 -77.17 -141.04 -82.18
CA ASP G 157 -78.06 -141.56 -81.15
C ASP G 157 -78.34 -143.04 -81.39
N ILE G 158 -78.01 -143.85 -80.39
CA ILE G 158 -78.28 -145.29 -80.41
C ILE G 158 -79.14 -145.61 -79.20
N ALA G 159 -80.42 -145.85 -79.43
CA ALA G 159 -81.37 -146.10 -78.35
C ALA G 159 -81.13 -147.48 -77.76
N VAL G 160 -80.84 -147.53 -76.45
CA VAL G 160 -80.58 -148.79 -75.77
C VAL G 160 -81.73 -149.13 -74.84
N GLU G 161 -82.68 -149.90 -75.33
CA GLU G 161 -83.81 -150.32 -74.51
C GLU G 161 -83.38 -151.39 -73.52
N GLY G 162 -84.07 -151.43 -72.38
CA GLY G 162 -83.95 -152.54 -71.44
C GLY G 162 -82.61 -152.74 -70.78
N GLY G 163 -81.74 -151.73 -70.83
CA GLY G 163 -80.38 -151.86 -70.33
C GLY G 163 -79.38 -152.30 -71.38
N LYS G 164 -79.80 -153.24 -72.24
CA LYS G 164 -78.92 -153.74 -73.30
C LYS G 164 -79.73 -153.95 -74.57
N VAL G 165 -79.12 -153.61 -75.71
CA VAL G 165 -79.70 -153.91 -77.00
C VAL G 165 -78.68 -154.72 -77.78
N THR G 166 -79.18 -155.61 -78.63
CA THR G 166 -78.32 -156.53 -79.37
C THR G 166 -78.52 -156.36 -80.87
N ASP G 167 -77.42 -156.56 -81.60
CA ASP G 167 -77.38 -156.53 -83.07
C ASP G 167 -77.85 -155.19 -83.64
N TYR G 168 -77.28 -154.10 -83.13
CA TYR G 168 -77.62 -152.78 -83.67
C TYR G 168 -76.75 -152.47 -84.87
N ASP G 169 -77.39 -152.09 -85.96
CA ASP G 169 -76.68 -151.74 -87.19
C ASP G 169 -76.19 -150.30 -87.09
N LEU G 170 -74.89 -150.10 -87.25
CA LEU G 170 -74.29 -148.78 -87.14
C LEU G 170 -74.45 -147.94 -88.40
N PHE G 171 -74.99 -148.51 -89.48
CA PHE G 171 -75.16 -147.79 -90.74
C PHE G 171 -76.60 -147.33 -90.94
N THR G 172 -77.42 -147.35 -89.89
CA THR G 172 -78.83 -147.01 -89.99
C THR G 172 -78.97 -145.51 -90.17
N GLY G 173 -79.13 -145.07 -91.40
CA GLY G 173 -79.26 -143.65 -91.70
C GLY G 173 -78.47 -143.22 -92.91
N LEU G 174 -77.34 -143.86 -93.14
CA LEU G 174 -76.52 -143.54 -94.31
C LEU G 174 -77.17 -144.13 -95.56
N LYS G 175 -77.22 -143.31 -96.61
CA LYS G 175 -77.85 -143.75 -97.86
C LYS G 175 -76.94 -144.72 -98.60
N GLU G 176 -77.51 -145.83 -99.04
CA GLU G 176 -76.78 -146.93 -99.65
C GLU G 176 -76.22 -146.52 -101.01
N GLY G 177 -74.99 -146.95 -101.28
CA GLY G 177 -74.39 -146.76 -102.58
C GLY G 177 -73.55 -145.50 -102.68
N LYS G 178 -74.17 -144.35 -102.45
CA LYS G 178 -73.44 -143.10 -102.53
C LYS G 178 -72.56 -142.87 -101.32
N GLU G 179 -73.05 -143.18 -100.12
CA GLU G 179 -72.28 -143.06 -98.89
C GLU G 179 -71.60 -144.35 -98.50
N VAL G 180 -72.37 -145.43 -98.32
CA VAL G 180 -71.84 -146.68 -97.80
C VAL G 180 -72.41 -147.83 -98.62
N ARG G 181 -71.66 -148.92 -98.66
CA ARG G 181 -72.09 -150.16 -99.31
C ARG G 181 -72.22 -151.22 -98.22
N LYS G 182 -73.44 -151.72 -98.02
CA LYS G 182 -73.73 -152.63 -96.92
C LYS G 182 -73.10 -154.00 -97.18
N GLY G 183 -72.25 -154.43 -96.27
CA GLY G 183 -71.52 -155.69 -96.40
C GLY G 183 -70.19 -155.55 -97.10
N ILE G 184 -70.07 -154.59 -98.01
CA ILE G 184 -68.83 -154.38 -98.72
C ILE G 184 -67.89 -153.50 -97.91
N ASP G 185 -68.39 -152.37 -97.44
CA ASP G 185 -67.57 -151.44 -96.68
C ASP G 185 -67.53 -151.83 -95.21
N ARG G 186 -66.52 -151.31 -94.51
CA ARG G 186 -66.23 -151.68 -93.15
C ARG G 186 -66.15 -150.45 -92.26
N LEU G 187 -66.15 -150.70 -90.95
CA LEU G 187 -66.11 -149.64 -89.96
C LEU G 187 -64.67 -149.22 -89.67
N ASP G 188 -64.51 -147.95 -89.35
CA ASP G 188 -63.24 -147.42 -88.89
C ASP G 188 -62.92 -147.96 -87.50
N ARG G 189 -61.64 -148.07 -87.20
CA ARG G 189 -61.20 -148.63 -85.92
C ARG G 189 -61.03 -147.58 -84.83
N LYS G 190 -61.12 -146.29 -85.16
CA LYS G 190 -61.11 -145.24 -84.14
C LYS G 190 -62.53 -144.88 -83.76
N PHE G 191 -63.27 -145.89 -83.31
CA PHE G 191 -64.69 -145.77 -82.98
C PHE G 191 -64.82 -145.75 -81.47
N LYS G 192 -65.27 -144.62 -80.93
CA LYS G 192 -65.44 -144.44 -79.50
C LYS G 192 -66.82 -143.86 -79.23
N ILE G 193 -67.29 -144.02 -78.00
CA ILE G 193 -68.49 -143.35 -77.55
C ILE G 193 -68.06 -142.13 -76.76
N VAL G 194 -68.86 -141.06 -76.83
CA VAL G 194 -68.43 -139.79 -76.25
C VAL G 194 -69.42 -139.30 -75.21
N GLU G 195 -70.67 -139.76 -75.29
CA GLU G 195 -71.73 -139.25 -74.43
C GLU G 195 -72.70 -140.39 -74.15
N ALA G 196 -72.72 -140.86 -72.91
CA ALA G 196 -73.68 -141.89 -72.53
C ALA G 196 -74.86 -141.24 -71.81
N LYS G 197 -75.88 -142.05 -71.52
CA LYS G 197 -77.09 -141.54 -70.88
C LYS G 197 -77.74 -142.71 -70.14
N TRP G 198 -77.57 -142.74 -68.82
CA TRP G 198 -78.22 -143.76 -68.01
C TRP G 198 -79.65 -143.34 -67.70
N SER G 199 -80.33 -144.14 -66.87
CA SER G 199 -81.69 -143.80 -66.49
C SER G 199 -81.73 -142.62 -65.53
N ASP G 200 -80.83 -142.59 -64.56
CA ASP G 200 -80.74 -141.51 -63.57
C ASP G 200 -79.38 -140.84 -63.80
N SER G 201 -79.38 -139.67 -64.44
CA SER G 201 -78.15 -139.03 -64.86
C SER G 201 -78.18 -137.52 -64.61
N PHE G 202 -77.01 -136.90 -64.73
CA PHE G 202 -76.83 -135.47 -64.57
C PHE G 202 -75.82 -134.97 -65.62
N ASP G 203 -76.01 -133.75 -66.09
CA ASP G 203 -75.41 -133.35 -67.37
C ASP G 203 -74.32 -132.29 -67.25
N GLU G 204 -74.33 -131.47 -66.19
CA GLU G 204 -73.46 -130.29 -65.99
C GLU G 204 -73.58 -129.22 -67.07
N ARG G 205 -74.59 -129.31 -67.93
CA ARG G 205 -74.83 -128.31 -68.96
C ARG G 205 -76.21 -127.68 -68.79
N THR G 206 -77.24 -128.52 -68.66
CA THR G 206 -78.60 -128.06 -68.44
C THR G 206 -79.17 -128.53 -67.11
N SER G 207 -78.39 -129.30 -66.34
CA SER G 207 -78.75 -129.79 -65.01
C SER G 207 -80.03 -130.63 -65.02
N ALA G 208 -80.07 -131.61 -65.93
CA ALA G 208 -81.26 -132.44 -66.08
C ALA G 208 -80.90 -133.92 -66.13
N ALA G 209 -81.88 -134.77 -66.47
CA ALA G 209 -81.65 -136.20 -66.64
C ALA G 209 -81.44 -136.47 -68.13
N GLY G 210 -80.25 -136.12 -68.61
CA GLY G 210 -79.86 -136.30 -69.98
C GLY G 210 -78.47 -136.90 -70.08
N PHE G 211 -77.74 -136.45 -71.09
CA PHE G 211 -76.45 -137.05 -71.41
C PHE G 211 -75.35 -136.50 -70.52
N VAL G 212 -74.48 -137.41 -70.08
CA VAL G 212 -73.24 -137.03 -69.41
C VAL G 212 -72.20 -136.72 -70.48
N GLU G 213 -71.09 -136.12 -70.08
CA GLU G 213 -69.95 -135.92 -70.95
C GLU G 213 -68.78 -136.74 -70.42
N LEU G 214 -68.01 -137.30 -71.35
CA LEU G 214 -66.87 -138.14 -71.00
C LEU G 214 -65.60 -137.47 -71.49
N GLY G 215 -64.71 -137.14 -70.58
CA GLY G 215 -63.44 -136.52 -70.93
C GLY G 215 -62.27 -137.31 -70.38
N SER G 216 -61.41 -137.80 -71.27
CA SER G 216 -60.26 -138.69 -70.97
C SER G 216 -60.69 -139.97 -70.27
N ASN G 217 -61.96 -140.36 -70.42
CA ASN G 217 -62.46 -141.64 -69.94
C ASN G 217 -63.48 -142.21 -70.92
N VAL G 218 -63.35 -141.86 -72.21
CA VAL G 218 -64.26 -142.37 -73.22
C VAL G 218 -63.98 -143.85 -73.46
N VAL G 219 -65.04 -144.56 -73.85
CA VAL G 219 -64.91 -145.99 -74.12
C VAL G 219 -64.52 -146.14 -75.59
N LYS G 220 -63.22 -146.24 -75.85
CA LYS G 220 -62.70 -146.37 -77.20
C LYS G 220 -62.37 -147.82 -77.51
N LEU G 221 -62.17 -148.11 -78.79
CA LEU G 221 -62.07 -149.48 -79.27
C LEU G 221 -60.64 -149.98 -79.10
N GLN G 222 -60.45 -150.94 -78.20
CA GLN G 222 -59.16 -151.55 -77.95
C GLN G 222 -58.99 -152.79 -78.81
N ASP G 223 -58.01 -153.63 -78.45
CA ASP G 223 -57.74 -154.92 -79.09
C ASP G 223 -58.98 -155.80 -79.08
N ASN G 224 -59.06 -156.68 -80.10
CA ASN G 224 -60.14 -157.64 -80.36
C ASN G 224 -61.48 -156.94 -80.66
N ASP G 225 -61.42 -155.63 -80.93
CA ASP G 225 -62.56 -154.75 -81.18
C ASP G 225 -63.61 -154.80 -80.06
N THR G 226 -63.19 -155.11 -78.84
CA THR G 226 -64.12 -155.04 -77.72
C THR G 226 -64.14 -153.62 -77.18
N LEU G 227 -65.16 -153.34 -76.38
CA LEU G 227 -65.47 -151.97 -76.01
C LEU G 227 -65.88 -151.91 -74.54
N VAL G 228 -65.10 -152.56 -73.69
CA VAL G 228 -65.37 -152.50 -72.26
C VAL G 228 -64.77 -151.20 -71.71
N GLY G 229 -65.38 -150.69 -70.65
CA GLY G 229 -64.93 -149.44 -70.08
C GLY G 229 -65.59 -149.10 -68.76
N GLN G 230 -64.77 -148.72 -67.78
CA GLN G 230 -65.24 -148.30 -66.47
C GLN G 230 -65.48 -146.80 -66.48
N ILE G 231 -66.65 -146.38 -66.00
CA ILE G 231 -67.03 -144.98 -66.09
C ILE G 231 -67.79 -144.60 -64.83
N LYS G 232 -67.47 -143.43 -64.28
CA LYS G 232 -68.22 -142.80 -63.21
C LYS G 232 -69.05 -141.66 -63.77
N TYR G 233 -70.16 -141.38 -63.11
CA TYR G 233 -71.07 -140.31 -63.54
C TYR G 233 -71.93 -139.91 -62.35
N PRO G 234 -72.23 -138.62 -62.20
CA PRO G 234 -73.21 -138.22 -61.19
C PRO G 234 -74.62 -138.55 -61.64
N THR G 235 -75.47 -138.81 -60.65
CA THR G 235 -76.82 -139.29 -60.93
C THR G 235 -77.91 -138.28 -60.60
N ASN G 236 -77.76 -137.47 -59.56
CA ASN G 236 -78.82 -136.57 -59.12
C ASN G 236 -78.46 -135.10 -59.23
N GLY G 237 -77.18 -134.74 -59.16
CA GLY G 237 -76.77 -133.36 -59.14
C GLY G 237 -76.55 -132.80 -57.74
N ASP G 238 -77.25 -133.34 -56.76
CA ASP G 238 -76.98 -133.06 -55.36
C ASP G 238 -76.28 -134.23 -54.66
N GLY G 239 -76.28 -135.40 -55.27
CA GLY G 239 -75.61 -136.55 -54.72
C GLY G 239 -74.16 -136.64 -55.16
N GLU G 240 -73.94 -136.50 -56.48
CA GLU G 240 -72.68 -136.71 -57.22
C GLU G 240 -71.89 -137.90 -56.67
N VAL G 241 -72.53 -139.08 -56.70
CA VAL G 241 -71.96 -140.27 -56.07
C VAL G 241 -70.91 -140.96 -56.93
N GLU G 242 -70.79 -140.56 -58.21
CA GLU G 242 -69.83 -141.12 -59.18
C GLU G 242 -69.99 -142.64 -59.32
N THR G 243 -71.13 -143.05 -59.86
CA THR G 243 -71.48 -144.47 -59.97
C THR G 243 -70.55 -145.16 -60.96
N ASP G 244 -69.68 -146.02 -60.44
CA ASP G 244 -68.73 -146.78 -61.26
C ASP G 244 -69.49 -147.96 -61.87
N THR G 245 -70.07 -147.72 -63.04
CA THR G 245 -70.75 -148.76 -63.78
C THR G 245 -69.94 -149.15 -65.02
N ILE G 246 -70.14 -150.37 -65.47
CA ILE G 246 -69.37 -150.94 -66.55
C ILE G 246 -70.23 -150.96 -67.82
N LEU G 247 -69.56 -150.91 -68.96
CA LEU G 247 -70.20 -150.98 -70.27
C LEU G 247 -69.54 -152.14 -71.01
N GLY G 248 -70.04 -153.35 -70.78
CA GLY G 248 -69.50 -154.53 -71.42
C GLY G 248 -69.94 -154.63 -72.87
N LYS G 249 -69.36 -153.76 -73.70
CA LYS G 249 -69.77 -153.59 -75.08
C LYS G 249 -68.84 -154.37 -76.00
N VAL G 250 -69.40 -154.97 -77.04
CA VAL G 250 -68.65 -155.70 -78.06
C VAL G 250 -69.12 -155.18 -79.41
N ASP G 251 -68.18 -154.82 -80.28
CA ASP G 251 -68.50 -154.34 -81.61
C ASP G 251 -67.68 -155.08 -82.65
N VAL G 252 -68.33 -155.48 -83.75
CA VAL G 252 -67.66 -156.12 -84.86
C VAL G 252 -67.41 -155.08 -85.95
N SER G 253 -66.22 -155.10 -86.54
CA SER G 253 -65.86 -154.07 -87.51
C SER G 253 -66.55 -154.31 -88.85
N SER G 254 -66.46 -155.53 -89.37
CA SER G 254 -66.95 -155.79 -90.72
C SER G 254 -68.46 -155.91 -90.78
N GLY G 255 -69.10 -156.34 -89.69
CA GLY G 255 -70.54 -156.56 -89.70
C GLY G 255 -71.35 -155.36 -89.24
N GLU G 256 -70.69 -154.46 -88.50
CA GLU G 256 -71.30 -153.27 -87.88
C GLU G 256 -72.50 -153.64 -87.01
N LEU G 257 -72.25 -154.56 -86.10
CA LEU G 257 -73.22 -154.95 -85.08
C LEU G 257 -72.59 -154.66 -83.73
N THR G 258 -73.08 -153.62 -83.05
CA THR G 258 -72.59 -153.33 -81.70
C THR G 258 -73.45 -154.13 -80.73
N LEU G 259 -72.78 -154.85 -79.83
CA LEU G 259 -73.44 -155.72 -78.86
C LEU G 259 -73.34 -155.04 -77.51
N THR G 260 -74.46 -154.54 -77.01
CA THR G 260 -74.44 -153.70 -75.82
C THR G 260 -74.76 -154.50 -74.57
N SER G 261 -74.19 -154.04 -73.46
CA SER G 261 -74.49 -154.56 -72.13
C SER G 261 -74.01 -153.53 -71.12
N ALA G 262 -74.76 -153.41 -70.03
CA ALA G 262 -74.38 -152.51 -68.95
C ALA G 262 -74.96 -153.03 -67.65
N SER G 263 -74.15 -153.01 -66.59
CA SER G 263 -74.62 -153.47 -65.29
C SER G 263 -75.65 -152.52 -64.69
N GLY G 264 -75.62 -151.24 -65.07
CA GLY G 264 -76.62 -150.29 -64.63
C GLY G 264 -77.85 -150.31 -65.51
N LYS G 265 -78.46 -149.14 -65.67
CA LYS G 265 -79.69 -148.97 -66.45
C LYS G 265 -79.43 -147.90 -67.50
N LEU G 266 -79.00 -148.33 -68.69
CA LEU G 266 -78.75 -147.40 -69.79
C LEU G 266 -80.05 -147.05 -70.50
N THR G 267 -80.03 -145.90 -71.16
CA THR G 267 -81.16 -145.48 -71.99
C THR G 267 -80.77 -145.30 -73.46
N ASP G 268 -79.74 -144.51 -73.75
CA ASP G 268 -79.20 -144.41 -75.09
C ASP G 268 -77.76 -143.91 -75.01
N VAL G 269 -76.99 -144.19 -76.05
CA VAL G 269 -75.57 -143.88 -76.10
C VAL G 269 -75.28 -143.09 -77.37
N LYS G 270 -74.63 -141.95 -77.22
CA LYS G 270 -74.17 -141.16 -78.36
C LYS G 270 -72.73 -141.55 -78.68
N VAL G 271 -72.49 -141.95 -79.92
CA VAL G 271 -71.20 -142.47 -80.33
C VAL G 271 -70.56 -141.53 -81.34
N LYS G 272 -69.28 -141.76 -81.60
CA LYS G 272 -68.52 -141.06 -82.63
C LYS G 272 -67.86 -142.15 -83.48
N GLY G 273 -68.45 -142.42 -84.64
CA GLY G 273 -67.94 -143.46 -85.52
C GLY G 273 -67.82 -142.95 -86.94
N TYR G 274 -66.82 -143.46 -87.63
CA TYR G 274 -66.58 -143.13 -89.03
C TYR G 274 -66.95 -144.32 -89.90
N VAL G 275 -66.70 -144.17 -91.20
CA VAL G 275 -66.82 -145.27 -92.16
C VAL G 275 -65.46 -145.40 -92.83
N ALA G 276 -64.83 -146.55 -92.67
CA ALA G 276 -63.47 -146.74 -93.16
C ALA G 276 -63.43 -146.72 -94.68
N SER G 277 -62.33 -146.25 -95.21
CA SER G 277 -62.27 -145.85 -96.61
C SER G 277 -61.12 -146.51 -97.33
N GLU G 278 -60.84 -147.78 -97.02
CA GLU G 278 -60.02 -148.58 -97.91
C GLU G 278 -60.87 -149.22 -98.99
N GLN G 279 -62.05 -149.72 -98.62
CA GLN G 279 -63.05 -150.11 -99.61
C GLN G 279 -63.63 -148.84 -100.20
N HIS G 280 -62.99 -148.32 -101.25
CA HIS G 280 -63.23 -146.96 -101.73
C HIS G 280 -64.60 -146.88 -102.38
N THR G 281 -65.55 -146.28 -101.68
CA THR G 281 -66.90 -146.10 -102.19
C THR G 281 -67.42 -144.68 -102.05
N SER G 282 -66.68 -143.79 -101.40
CA SER G 282 -67.08 -142.41 -101.25
C SER G 282 -65.84 -141.55 -101.11
N ALA G 283 -65.80 -140.47 -101.87
CA ALA G 283 -64.65 -139.57 -101.88
C ALA G 283 -65.16 -138.16 -102.07
N THR G 284 -64.24 -137.20 -102.05
CA THR G 284 -64.55 -135.80 -102.32
C THR G 284 -63.90 -135.43 -103.64
N ASN G 285 -64.72 -135.24 -104.67
CA ASN G 285 -64.20 -134.93 -105.99
C ASN G 285 -63.74 -133.47 -106.04
N VAL G 286 -62.78 -133.20 -106.91
CA VAL G 286 -62.19 -131.88 -107.06
C VAL G 286 -62.24 -131.50 -108.53
N GLU G 287 -62.85 -130.36 -108.83
CA GLU G 287 -63.04 -129.90 -110.19
C GLU G 287 -62.31 -128.58 -110.39
N LEU G 288 -62.50 -127.98 -111.54
CA LEU G 288 -61.99 -126.65 -111.81
C LEU G 288 -63.16 -125.71 -112.06
N GLY G 289 -62.84 -124.49 -112.44
CA GLY G 289 -63.85 -123.50 -112.71
C GLY G 289 -63.19 -122.24 -113.19
N LEU G 290 -63.72 -121.64 -114.26
CA LEU G 290 -63.04 -120.50 -114.86
C LEU G 290 -64.10 -119.57 -115.42
N THR G 291 -64.26 -118.43 -114.77
CA THR G 291 -65.02 -117.33 -115.35
C THR G 291 -64.06 -116.28 -115.89
N ARG G 292 -64.62 -115.27 -116.55
CA ARG G 292 -63.79 -114.20 -117.10
C ARG G 292 -64.42 -112.86 -116.77
N LYS G 293 -63.70 -112.05 -116.03
CA LYS G 293 -64.13 -110.68 -115.78
C LYS G 293 -63.84 -109.83 -117.00
N ASP G 294 -64.82 -109.02 -117.40
CA ASP G 294 -64.75 -108.24 -118.63
C ASP G 294 -64.29 -106.83 -118.32
N VAL G 295 -63.22 -106.39 -119.00
CA VAL G 295 -62.69 -105.04 -118.87
C VAL G 295 -62.83 -104.35 -120.22
N VAL G 296 -63.47 -103.18 -120.23
CA VAL G 296 -63.67 -102.41 -121.45
C VAL G 296 -63.25 -100.97 -121.18
N ILE G 297 -62.46 -100.42 -122.09
CA ILE G 297 -62.04 -99.02 -122.00
C ILE G 297 -62.63 -98.32 -123.21
N ASP G 298 -63.82 -97.74 -123.05
CA ASP G 298 -64.45 -97.03 -124.14
C ASP G 298 -64.04 -95.56 -124.06
N THR G 299 -64.69 -94.69 -124.84
CA THR G 299 -64.29 -93.30 -124.91
C THR G 299 -64.71 -92.54 -123.65
N ALA G 300 -63.92 -91.53 -123.32
CA ALA G 300 -64.24 -90.59 -122.27
C ALA G 300 -64.66 -89.27 -122.90
N GLN G 301 -65.08 -88.33 -122.06
CA GLN G 301 -65.58 -87.05 -122.54
C GLN G 301 -64.42 -86.19 -123.04
N HIS G 302 -64.61 -85.56 -124.19
CA HIS G 302 -63.61 -84.64 -124.71
C HIS G 302 -63.61 -83.36 -123.89
N ILE G 303 -62.44 -82.72 -123.82
CA ILE G 303 -62.27 -81.43 -123.19
C ILE G 303 -61.57 -80.55 -124.21
N GLU G 304 -62.28 -79.57 -124.73
CA GLU G 304 -61.76 -78.75 -125.81
C GLU G 304 -61.69 -77.29 -125.37
N ALA G 305 -61.29 -76.41 -126.28
CA ALA G 305 -61.20 -74.99 -125.96
C ALA G 305 -61.34 -74.19 -127.24
N THR G 306 -62.16 -73.14 -127.17
CA THR G 306 -62.45 -72.26 -128.30
C THR G 306 -61.35 -71.21 -128.39
N VAL G 307 -60.72 -71.11 -129.55
CA VAL G 307 -59.63 -70.17 -129.76
C VAL G 307 -60.02 -69.27 -130.93
N PRO G 308 -60.64 -68.12 -130.67
CA PRO G 308 -60.91 -67.18 -131.76
C PRO G 308 -59.72 -66.28 -132.03
N LEU G 309 -59.80 -65.55 -133.14
CA LEU G 309 -58.69 -64.68 -133.52
C LEU G 309 -58.66 -63.42 -132.67
N GLU G 310 -59.81 -62.85 -132.36
CA GLU G 310 -59.85 -61.60 -131.60
C GLU G 310 -59.64 -61.82 -130.11
N VAL G 311 -60.09 -62.95 -129.56
CA VAL G 311 -59.94 -63.20 -128.13
C VAL G 311 -58.50 -63.52 -127.78
N ILE G 312 -57.75 -64.09 -128.71
CA ILE G 312 -56.32 -64.25 -128.48
C ILE G 312 -55.60 -62.92 -128.63
N GLN G 313 -56.01 -62.10 -129.60
CA GLN G 313 -55.27 -60.89 -129.92
C GLN G 313 -55.45 -59.81 -128.85
N ASP G 314 -56.66 -59.63 -128.32
CA ASP G 314 -56.85 -58.57 -127.33
C ASP G 314 -56.27 -58.94 -125.98
N MET G 315 -56.27 -60.22 -125.63
CA MET G 315 -55.68 -60.65 -124.37
C MET G 315 -54.15 -60.68 -124.43
N LYS G 316 -53.57 -60.89 -125.61
CA LYS G 316 -52.13 -60.82 -125.74
C LYS G 316 -51.63 -59.39 -125.70
N ALA G 317 -52.34 -58.47 -126.36
CA ALA G 317 -51.88 -57.09 -126.42
C ALA G 317 -52.08 -56.35 -125.10
N THR G 318 -53.14 -56.67 -124.35
CA THR G 318 -53.42 -55.93 -123.13
C THR G 318 -52.61 -56.45 -121.96
N TYR G 319 -52.82 -57.71 -121.59
CA TYR G 319 -52.30 -58.26 -120.35
C TYR G 319 -51.06 -59.12 -120.51
N ASP G 320 -50.62 -59.37 -121.75
CA ASP G 320 -49.59 -60.37 -122.10
C ASP G 320 -49.99 -61.73 -121.54
N ILE G 321 -51.09 -62.26 -122.08
CA ILE G 321 -51.58 -63.57 -121.73
C ILE G 321 -51.57 -64.43 -122.98
N ASP G 322 -50.81 -65.53 -122.95
CA ASP G 322 -50.81 -66.48 -124.05
C ASP G 322 -52.05 -67.34 -123.89
N GLY G 323 -53.05 -67.09 -124.73
CA GLY G 323 -54.33 -67.77 -124.60
C GLY G 323 -54.31 -69.23 -124.96
N VAL G 324 -53.49 -69.61 -125.95
CA VAL G 324 -53.39 -71.02 -126.30
C VAL G 324 -52.50 -71.79 -125.34
N ALA G 325 -51.70 -71.08 -124.54
CA ALA G 325 -50.92 -71.73 -123.49
C ALA G 325 -51.68 -71.81 -122.18
N ARG G 326 -52.48 -70.79 -121.88
CA ARG G 326 -53.26 -70.81 -120.65
C ARG G 326 -54.44 -71.76 -120.75
N LEU G 327 -54.96 -71.97 -121.96
CA LEU G 327 -56.06 -72.91 -122.10
C LEU G 327 -55.57 -74.36 -122.16
N SER G 328 -54.36 -74.58 -122.68
CA SER G 328 -53.84 -75.94 -122.75
C SER G 328 -53.44 -76.45 -121.36
N GLU G 329 -52.84 -75.57 -120.55
CA GLU G 329 -52.56 -75.95 -119.16
C GLU G 329 -53.83 -76.05 -118.33
N THR G 330 -54.90 -75.39 -118.77
CA THR G 330 -56.18 -75.54 -118.09
C THR G 330 -56.81 -76.89 -118.44
N MET G 331 -56.80 -77.24 -119.72
CA MET G 331 -57.38 -78.52 -120.14
C MET G 331 -56.59 -79.70 -119.63
N SER G 332 -55.27 -79.54 -119.45
CA SER G 332 -54.47 -80.62 -118.90
C SER G 332 -54.79 -80.83 -117.42
N GLN G 333 -54.84 -79.74 -116.65
CA GLN G 333 -55.13 -79.85 -115.23
C GLN G 333 -56.56 -80.24 -114.95
N LEU G 334 -57.50 -79.87 -115.82
CA LEU G 334 -58.87 -80.33 -115.66
C LEU G 334 -59.01 -81.82 -115.94
N SER G 335 -58.30 -82.31 -116.96
CA SER G 335 -58.33 -83.74 -117.25
C SER G 335 -57.58 -84.54 -116.19
N SER G 336 -56.46 -83.99 -115.71
CA SER G 336 -55.68 -84.70 -114.69
C SER G 336 -56.39 -84.74 -113.35
N GLN G 337 -57.15 -83.72 -113.00
CA GLN G 337 -57.94 -83.77 -111.78
C GLN G 337 -59.17 -84.65 -111.95
N LYS G 338 -59.64 -84.81 -113.19
CA LYS G 338 -60.81 -85.64 -113.44
C LYS G 338 -60.53 -87.12 -113.18
N VAL G 339 -59.29 -87.57 -113.43
CA VAL G 339 -58.99 -88.97 -113.21
C VAL G 339 -58.72 -89.26 -111.75
N ASP G 340 -58.58 -88.24 -110.90
CA ASP G 340 -58.35 -88.47 -109.49
C ASP G 340 -59.61 -88.30 -108.65
N LEU G 341 -60.56 -87.49 -109.10
CA LEU G 341 -61.88 -87.54 -108.48
C LEU G 341 -62.58 -88.85 -108.79
N ASP G 342 -62.28 -89.47 -109.92
CA ASP G 342 -62.82 -90.78 -110.22
C ASP G 342 -62.15 -91.89 -109.43
N ILE G 343 -60.87 -91.73 -109.08
CA ILE G 343 -60.23 -92.70 -108.20
C ILE G 343 -60.81 -92.60 -106.79
N ILE G 344 -61.08 -91.38 -106.33
CA ILE G 344 -61.69 -91.19 -105.02
C ILE G 344 -63.11 -91.75 -105.00
N GLU G 345 -63.90 -91.44 -106.03
CA GLU G 345 -65.25 -91.96 -106.14
C GLU G 345 -65.26 -93.47 -106.39
N PHE G 346 -64.17 -94.02 -106.93
CA PHE G 346 -64.04 -95.46 -107.02
C PHE G 346 -63.96 -96.09 -105.64
N LEU G 347 -63.05 -95.58 -104.79
CA LEU G 347 -62.65 -96.26 -103.56
C LEU G 347 -63.76 -96.28 -102.52
N ASP G 348 -64.42 -95.15 -102.28
CA ASP G 348 -65.48 -95.13 -101.28
C ASP G 348 -66.72 -95.86 -101.76
N HIS G 349 -66.87 -96.05 -103.07
CA HIS G 349 -67.94 -96.90 -103.58
C HIS G 349 -67.65 -98.36 -103.29
N GLU G 350 -66.39 -98.78 -103.46
CA GLU G 350 -66.05 -100.19 -103.23
C GLU G 350 -66.12 -100.53 -101.75
N TYR G 351 -65.85 -99.57 -100.88
CA TYR G 351 -66.00 -99.81 -99.45
C TYR G 351 -67.47 -99.97 -99.06
N LYS G 352 -68.36 -99.29 -99.78
CA LYS G 352 -69.79 -99.46 -99.52
C LYS G 352 -70.28 -100.83 -99.95
N GLU G 353 -69.67 -101.40 -100.99
CA GLU G 353 -70.09 -102.73 -101.44
C GLU G 353 -69.57 -103.85 -100.53
N THR G 354 -68.53 -103.60 -99.75
CA THR G 354 -68.04 -104.59 -98.79
C THR G 354 -68.84 -104.58 -97.49
N ASP G 355 -69.71 -103.58 -97.30
CA ASP G 355 -70.61 -103.45 -96.15
C ASP G 355 -69.83 -103.38 -94.83
N ALA G 356 -68.75 -102.59 -94.83
CA ALA G 356 -67.95 -102.22 -93.66
C ALA G 356 -67.37 -103.46 -92.97
N LYS G 357 -66.52 -104.15 -93.72
CA LYS G 357 -65.86 -105.32 -93.15
C LYS G 357 -64.74 -104.93 -92.18
N TYR G 358 -64.03 -103.86 -92.50
CA TYR G 358 -62.87 -103.42 -91.71
C TYR G 358 -63.09 -102.01 -91.18
N HIS G 359 -64.25 -101.77 -90.61
CA HIS G 359 -64.59 -100.49 -89.99
C HIS G 359 -63.98 -100.47 -88.59
N PHE G 360 -62.86 -99.79 -88.45
CA PHE G 360 -62.12 -99.74 -87.19
C PHE G 360 -61.90 -98.30 -86.78
N SER G 361 -62.34 -97.94 -85.59
CA SER G 361 -62.25 -96.56 -85.13
C SER G 361 -60.95 -96.32 -84.38
N PHE G 362 -60.46 -95.08 -84.46
CA PHE G 362 -59.36 -94.60 -83.65
C PHE G 362 -59.74 -93.25 -83.07
N ASP G 363 -59.41 -93.04 -81.80
CA ASP G 363 -59.75 -91.81 -81.11
C ASP G 363 -58.49 -90.99 -80.86
N VAL G 364 -58.53 -89.71 -81.22
CA VAL G 364 -57.43 -88.82 -80.88
C VAL G 364 -57.52 -88.44 -79.41
N PHE G 365 -58.73 -88.33 -78.88
CA PHE G 365 -58.94 -88.12 -77.46
C PHE G 365 -58.47 -89.35 -76.69
N PRO G 366 -57.55 -89.21 -75.74
CA PRO G 366 -57.15 -90.37 -74.94
C PRO G 366 -58.24 -90.79 -73.99
N HIS G 367 -58.04 -91.95 -73.37
CA HIS G 367 -59.03 -92.50 -72.47
C HIS G 367 -59.08 -91.69 -71.17
N SER G 368 -60.16 -91.90 -70.40
CA SER G 368 -60.39 -91.15 -69.18
C SER G 368 -59.38 -91.46 -68.09
N ASP G 369 -58.64 -92.55 -68.20
CA ASP G 369 -57.56 -92.86 -67.28
C ASP G 369 -56.27 -93.10 -68.04
N TYR G 370 -56.00 -92.27 -69.04
CA TYR G 370 -54.74 -92.40 -69.76
C TYR G 370 -53.62 -91.71 -69.00
N SER G 371 -53.77 -90.39 -68.78
CA SER G 371 -52.91 -89.58 -67.90
C SER G 371 -51.44 -89.62 -68.31
N ALA G 372 -51.19 -89.24 -69.55
CA ALA G 372 -49.85 -88.90 -70.00
C ALA G 372 -50.03 -87.86 -71.09
N HIS G 373 -49.00 -87.65 -71.89
CA HIS G 373 -49.08 -86.68 -72.97
C HIS G 373 -50.01 -87.20 -74.06
N PRO G 374 -51.00 -86.41 -74.49
CA PRO G 374 -51.86 -86.84 -75.61
C PRO G 374 -51.14 -86.92 -76.95
N LYS G 375 -49.96 -86.32 -77.08
CA LYS G 375 -49.14 -86.56 -78.26
C LYS G 375 -48.66 -88.00 -78.33
N ASP G 376 -48.49 -88.64 -77.17
CA ASP G 376 -48.09 -90.04 -77.15
C ASP G 376 -49.26 -90.96 -77.46
N TRP G 377 -50.49 -90.48 -77.31
CA TRP G 377 -51.66 -91.27 -77.66
C TRP G 377 -51.79 -91.50 -79.16
N LEU G 378 -51.14 -90.66 -79.97
CA LEU G 378 -51.16 -90.85 -81.42
C LEU G 378 -50.19 -91.92 -81.88
N GLU G 379 -49.45 -92.54 -80.97
CA GLU G 379 -48.74 -93.78 -81.27
C GLU G 379 -49.72 -94.94 -81.44
N GLY G 380 -50.91 -94.82 -80.87
CA GLY G 380 -51.91 -95.86 -80.96
C GLY G 380 -52.59 -95.95 -82.30
N LEU G 381 -52.44 -94.94 -83.16
CA LEU G 381 -53.00 -95.02 -84.50
C LEU G 381 -52.29 -96.07 -85.34
N ARG G 382 -50.99 -96.24 -85.11
CA ARG G 382 -50.23 -97.24 -85.84
C ARG G 382 -50.60 -98.65 -85.45
N GLU G 383 -51.13 -98.86 -84.25
CA GLU G 383 -51.54 -100.18 -83.82
C GLU G 383 -52.99 -100.48 -84.16
N VAL G 384 -53.72 -99.50 -84.70
CA VAL G 384 -54.98 -99.76 -85.36
C VAL G 384 -54.80 -99.98 -86.85
N ILE G 385 -53.83 -99.31 -87.47
CA ILE G 385 -53.45 -99.60 -88.85
C ILE G 385 -52.97 -101.04 -88.98
N ASP G 386 -52.15 -101.49 -88.02
CA ASP G 386 -51.66 -102.86 -88.06
C ASP G 386 -52.73 -103.86 -87.64
N HIS G 387 -53.76 -103.41 -86.92
CA HIS G 387 -54.81 -104.34 -86.53
C HIS G 387 -55.78 -104.61 -87.67
N THR G 388 -55.80 -103.76 -88.70
CA THR G 388 -56.63 -104.05 -89.86
C THR G 388 -55.82 -104.61 -91.02
N THR G 389 -54.55 -104.22 -91.12
CA THR G 389 -53.66 -104.84 -92.08
C THR G 389 -53.50 -106.33 -91.81
N GLN G 390 -53.37 -106.70 -90.54
CA GLN G 390 -53.39 -108.11 -90.17
C GLN G 390 -54.76 -108.73 -90.30
N SER G 391 -55.83 -107.93 -90.27
CA SER G 391 -57.17 -108.47 -90.42
C SER G 391 -57.50 -108.83 -91.86
N MET G 392 -56.98 -108.08 -92.84
CA MET G 392 -57.16 -108.46 -94.23
C MET G 392 -56.36 -109.68 -94.60
N LYS G 393 -55.25 -109.95 -93.92
CA LYS G 393 -54.47 -111.14 -94.15
C LYS G 393 -55.04 -112.36 -93.45
N ASN G 394 -56.19 -112.22 -92.79
CA ASN G 394 -56.87 -113.35 -92.18
C ASN G 394 -58.17 -113.71 -92.90
N ASP G 395 -58.73 -112.81 -93.70
CA ASP G 395 -59.89 -113.13 -94.51
C ASP G 395 -59.53 -113.42 -95.95
N TYR G 396 -58.36 -112.94 -96.41
CA TYR G 396 -57.95 -113.17 -97.79
C TYR G 396 -56.65 -113.94 -97.92
N LYS G 397 -55.93 -114.15 -96.80
CA LYS G 397 -54.88 -115.15 -96.67
C LYS G 397 -53.72 -114.94 -97.64
N LEU G 398 -53.41 -113.69 -97.94
CA LEU G 398 -52.31 -113.36 -98.83
C LEU G 398 -51.23 -112.64 -98.04
N TYR G 399 -49.96 -112.89 -98.42
CA TYR G 399 -48.82 -112.46 -97.64
C TYR G 399 -47.76 -111.77 -98.51
N ASP G 400 -48.17 -111.16 -99.62
CA ASP G 400 -47.18 -110.60 -100.53
C ASP G 400 -47.62 -109.19 -100.91
N VAL G 401 -47.92 -108.37 -99.90
CA VAL G 401 -48.60 -107.10 -100.10
C VAL G 401 -47.70 -105.96 -99.66
N GLN G 402 -47.74 -104.87 -100.41
CA GLN G 402 -47.21 -103.59 -99.95
C GLN G 402 -48.40 -102.63 -99.96
N PHE G 403 -48.97 -102.39 -98.78
CA PHE G 403 -50.19 -101.63 -98.65
C PHE G 403 -49.96 -100.16 -98.96
N VAL G 404 -51.05 -99.44 -99.19
CA VAL G 404 -51.03 -97.99 -99.29
C VAL G 404 -52.08 -97.43 -98.36
N ILE G 405 -51.81 -96.22 -97.86
CA ILE G 405 -52.71 -95.52 -96.95
C ILE G 405 -53.02 -94.18 -97.59
N VAL G 406 -54.22 -94.04 -98.13
CA VAL G 406 -54.66 -92.79 -98.74
C VAL G 406 -55.62 -92.12 -97.77
N GLY G 407 -55.29 -90.90 -97.38
CA GLY G 407 -56.15 -90.17 -96.47
C GLY G 407 -55.88 -88.68 -96.56
N ASN G 408 -56.62 -87.93 -95.77
CA ASN G 408 -56.43 -86.49 -95.71
C ASN G 408 -55.11 -86.17 -95.02
N PRO G 409 -54.40 -85.14 -95.48
CA PRO G 409 -53.15 -84.76 -94.81
C PRO G 409 -53.34 -84.23 -93.41
N LEU G 410 -54.53 -83.77 -93.06
CA LEU G 410 -54.84 -83.51 -91.66
C LEU G 410 -54.90 -84.80 -90.86
N ASP G 411 -55.30 -85.90 -91.49
CA ASP G 411 -55.45 -87.18 -90.82
C ASP G 411 -54.15 -87.96 -90.80
N VAL G 412 -53.36 -87.89 -91.87
CA VAL G 412 -52.12 -88.65 -91.94
C VAL G 412 -51.00 -87.96 -91.18
N ARG G 413 -51.22 -86.73 -90.72
CA ARG G 413 -50.24 -86.02 -89.91
C ARG G 413 -50.03 -86.68 -88.55
N LEU G 414 -51.03 -87.41 -88.05
CA LEU G 414 -50.90 -88.09 -86.77
C LEU G 414 -49.95 -89.27 -86.81
N ILE G 415 -49.65 -89.79 -88.00
CA ILE G 415 -48.83 -91.00 -88.12
C ILE G 415 -47.34 -90.74 -87.86
N PRO G 416 -46.62 -89.80 -88.55
CA PRO G 416 -45.17 -89.71 -88.31
C PRO G 416 -44.83 -89.08 -86.96
N ASN G 417 -45.53 -88.01 -86.61
CA ASN G 417 -45.39 -87.30 -85.32
C ASN G 417 -43.98 -86.79 -85.10
N VAL G 418 -43.42 -86.17 -86.13
CA VAL G 418 -42.07 -85.63 -86.02
C VAL G 418 -42.11 -84.36 -85.17
N SER G 419 -40.98 -84.05 -84.53
CA SER G 419 -40.90 -82.90 -83.64
C SER G 419 -40.35 -81.70 -84.41
N TRP G 420 -40.07 -80.62 -83.69
CA TRP G 420 -39.66 -79.35 -84.28
C TRP G 420 -38.16 -79.17 -84.13
N THR G 421 -37.56 -78.48 -85.11
CA THR G 421 -36.18 -78.02 -85.00
C THR G 421 -36.15 -76.52 -85.27
N PHE G 422 -35.29 -75.81 -84.55
CA PHE G 422 -35.29 -74.36 -84.54
C PHE G 422 -34.00 -73.81 -85.12
N ASN G 423 -34.06 -72.55 -85.54
CA ASN G 423 -32.90 -71.80 -86.01
C ASN G 423 -33.22 -70.31 -85.90
N GLY G 424 -32.24 -69.49 -86.27
CA GLY G 424 -32.43 -68.05 -86.26
C GLY G 424 -33.38 -67.56 -87.33
N GLY G 425 -34.47 -66.93 -86.92
CA GLY G 425 -35.53 -66.55 -87.84
C GLY G 425 -35.39 -65.19 -88.49
N ASP G 426 -34.44 -65.07 -89.42
CA ASP G 426 -34.31 -63.89 -90.25
C ASP G 426 -35.01 -64.08 -91.58
N ARG G 427 -35.45 -62.98 -92.18
CA ARG G 427 -36.27 -63.06 -93.39
C ARG G 427 -35.44 -63.29 -94.65
N ASN G 428 -34.15 -62.92 -94.66
CA ASN G 428 -33.37 -63.10 -95.87
C ASN G 428 -32.92 -64.56 -96.04
N ALA G 429 -32.34 -65.16 -95.00
CA ALA G 429 -32.02 -66.58 -95.01
C ALA G 429 -33.32 -67.33 -94.78
N ASP G 430 -34.06 -67.55 -95.86
CA ASP G 430 -35.41 -68.08 -95.79
C ASP G 430 -35.50 -69.41 -96.52
N ALA G 431 -36.53 -70.17 -96.17
CA ALA G 431 -36.77 -71.47 -96.81
C ALA G 431 -38.28 -71.68 -96.85
N TYR G 432 -38.90 -71.37 -97.98
CA TYR G 432 -40.34 -71.52 -98.15
C TYR G 432 -40.66 -73.00 -98.43
N SER G 433 -40.60 -73.80 -97.36
CA SER G 433 -40.84 -75.25 -97.38
C SER G 433 -39.97 -75.95 -98.43
N ASN G 434 -38.66 -75.91 -98.20
CA ASN G 434 -37.72 -76.45 -99.17
C ASN G 434 -37.76 -77.97 -99.22
N GLY G 435 -38.02 -78.62 -98.09
CA GLY G 435 -38.03 -80.07 -98.04
C GLY G 435 -39.18 -80.62 -97.23
N ILE G 436 -40.19 -79.79 -96.98
CA ILE G 436 -41.34 -80.18 -96.18
C ILE G 436 -42.26 -81.01 -97.08
N LYS G 437 -42.12 -82.33 -97.00
CA LYS G 437 -42.89 -83.20 -97.88
C LYS G 437 -43.48 -84.42 -97.18
N ILE G 438 -43.10 -84.73 -95.94
CA ILE G 438 -43.49 -85.99 -95.32
C ILE G 438 -44.93 -86.03 -94.87
N ASN G 439 -45.65 -84.90 -94.95
CA ASN G 439 -47.06 -84.92 -94.61
C ASN G 439 -47.94 -85.32 -95.78
N TYR G 440 -47.36 -85.56 -96.96
CA TYR G 440 -48.10 -85.92 -98.16
C TYR G 440 -47.72 -87.28 -98.71
N SER G 441 -46.43 -87.60 -98.77
CA SER G 441 -45.96 -88.88 -99.28
C SER G 441 -44.83 -89.36 -98.38
N LEU G 442 -44.96 -90.57 -97.86
CA LEU G 442 -43.97 -91.12 -96.96
C LEU G 442 -44.02 -92.64 -97.02
N GLY G 443 -42.85 -93.28 -96.96
CA GLY G 443 -42.77 -94.71 -96.92
C GLY G 443 -42.56 -95.21 -95.51
N ALA G 444 -43.51 -95.99 -95.02
CA ALA G 444 -43.44 -96.59 -93.70
C ALA G 444 -43.15 -98.08 -93.82
N ALA G 445 -42.75 -98.68 -92.70
CA ALA G 445 -42.44 -100.11 -92.67
C ALA G 445 -42.71 -100.61 -91.26
N SER G 446 -43.88 -101.22 -91.07
CA SER G 446 -44.23 -101.80 -89.78
C SER G 446 -43.70 -103.22 -89.71
N GLY G 447 -44.14 -103.97 -88.71
CA GLY G 447 -43.74 -105.36 -88.59
C GLY G 447 -44.73 -106.31 -89.22
N THR G 448 -45.92 -105.82 -89.53
CA THR G 448 -46.92 -106.64 -90.20
C THR G 448 -46.82 -106.56 -91.71
N ALA G 449 -46.53 -105.37 -92.24
CA ALA G 449 -46.37 -105.18 -93.68
C ALA G 449 -45.57 -103.92 -93.90
N ASN G 450 -45.20 -103.69 -95.16
CA ASN G 450 -44.70 -102.39 -95.57
C ASN G 450 -45.88 -101.48 -95.86
N TYR G 451 -45.57 -100.20 -96.12
CA TYR G 451 -46.62 -99.24 -96.37
C TYR G 451 -46.13 -98.20 -97.37
N ARG G 452 -47.09 -97.46 -97.92
CA ARG G 452 -46.79 -96.29 -98.74
C ARG G 452 -47.95 -95.32 -98.52
N ILE G 453 -47.79 -94.44 -97.55
CA ILE G 453 -48.89 -93.55 -97.19
C ILE G 453 -48.93 -92.38 -98.16
N ILE G 454 -50.14 -91.91 -98.43
CA ILE G 454 -50.36 -90.84 -99.41
C ILE G 454 -51.37 -89.87 -98.83
N GLY G 455 -50.97 -88.61 -98.72
CA GLY G 455 -51.87 -87.58 -98.25
C GLY G 455 -52.32 -86.68 -99.38
N SER G 456 -53.59 -86.75 -99.72
CA SER G 456 -54.18 -85.92 -100.77
C SER G 456 -55.37 -85.18 -100.19
N ASP G 457 -55.36 -83.87 -100.31
CA ASP G 457 -56.38 -83.01 -99.70
C ASP G 457 -57.74 -83.11 -100.39
N LEU G 458 -57.81 -83.69 -101.59
CA LEU G 458 -59.10 -83.91 -102.23
C LEU G 458 -59.90 -85.00 -101.53
N VAL G 459 -59.24 -85.87 -100.78
CA VAL G 459 -59.93 -86.84 -99.94
C VAL G 459 -60.52 -86.09 -98.76
N ARG G 460 -61.72 -86.49 -98.34
CA ARG G 460 -62.37 -85.89 -97.20
C ARG G 460 -61.61 -86.19 -95.91
N GLN G 461 -61.80 -85.33 -94.93
CA GLN G 461 -61.08 -85.41 -93.66
C GLN G 461 -61.87 -86.25 -92.66
N GLY G 462 -61.12 -86.96 -91.81
CA GLY G 462 -61.72 -87.81 -90.81
C GLY G 462 -61.78 -89.27 -91.16
N GLU G 463 -61.13 -89.69 -92.24
CA GLU G 463 -61.12 -91.09 -92.64
C GLU G 463 -59.70 -91.48 -93.04
N LEU G 464 -59.48 -92.79 -93.14
CA LEU G 464 -58.23 -93.33 -93.62
C LEU G 464 -58.51 -94.61 -94.38
N THR G 465 -58.10 -94.66 -95.64
CA THR G 465 -58.32 -95.81 -96.48
C THR G 465 -57.04 -96.63 -96.58
N ILE G 466 -57.19 -97.95 -96.52
CA ILE G 466 -56.08 -98.88 -96.63
C ILE G 466 -56.38 -99.82 -97.78
N ILE G 467 -55.55 -99.78 -98.82
CA ILE G 467 -55.75 -100.57 -100.02
C ILE G 467 -54.59 -101.54 -100.16
N ALA G 468 -54.90 -102.80 -100.43
CA ALA G 468 -53.89 -103.84 -100.57
C ALA G 468 -53.41 -103.92 -102.01
N ILE G 469 -52.09 -103.90 -102.19
CA ILE G 469 -51.48 -104.09 -103.50
C ILE G 469 -50.63 -105.36 -103.46
N PRO G 470 -51.06 -106.45 -104.08
CA PRO G 470 -50.21 -107.65 -104.13
C PRO G 470 -49.08 -107.46 -105.12
N GLN G 471 -47.88 -107.88 -104.72
CA GLN G 471 -46.75 -107.84 -105.63
C GLN G 471 -46.69 -109.06 -106.54
N GLN G 472 -47.66 -109.98 -106.44
CA GLN G 472 -47.73 -111.10 -107.34
C GLN G 472 -48.29 -110.68 -108.69
N ASP G 473 -48.24 -111.60 -109.64
CA ASP G 473 -48.90 -111.42 -110.93
C ASP G 473 -50.17 -112.24 -111.05
N ASN G 474 -50.38 -113.24 -110.20
CA ASN G 474 -51.57 -114.06 -110.26
C ASN G 474 -52.76 -113.41 -109.56
N TYR G 475 -52.52 -112.63 -108.52
CA TYR G 475 -53.59 -112.02 -107.75
C TYR G 475 -53.67 -110.54 -108.06
N LYS G 476 -54.90 -110.03 -108.15
CA LYS G 476 -55.14 -108.64 -108.46
C LYS G 476 -56.38 -108.19 -107.70
N THR G 477 -56.23 -107.19 -106.84
CA THR G 477 -57.37 -106.64 -106.10
C THR G 477 -57.97 -105.42 -106.79
N PHE G 478 -57.16 -104.38 -106.96
CA PHE G 478 -57.54 -103.18 -107.69
C PHE G 478 -56.55 -102.96 -108.82
N MET G 479 -56.99 -102.25 -109.85
CA MET G 479 -56.09 -101.94 -110.95
C MET G 479 -56.58 -100.68 -111.65
N PHE G 480 -55.63 -99.81 -111.98
CA PHE G 480 -55.90 -98.62 -112.77
C PHE G 480 -55.36 -98.86 -114.17
N TYR G 481 -56.16 -98.54 -115.18
CA TYR G 481 -55.87 -98.88 -116.57
C TYR G 481 -55.83 -97.61 -117.41
N PRO G 482 -54.68 -96.95 -117.49
CA PRO G 482 -54.57 -95.77 -118.35
C PRO G 482 -54.37 -96.18 -119.81
N TYR G 483 -55.40 -95.95 -120.63
CA TYR G 483 -55.32 -96.40 -122.02
C TYR G 483 -54.53 -95.41 -122.87
N THR G 484 -55.03 -94.19 -123.02
CA THR G 484 -54.41 -93.23 -123.92
C THR G 484 -54.84 -91.82 -123.53
N PHE G 485 -54.16 -90.84 -124.13
CA PHE G 485 -54.40 -89.43 -123.86
C PHE G 485 -54.09 -88.69 -125.15
N ASN G 486 -55.14 -88.25 -125.84
CA ASN G 486 -55.01 -87.65 -127.16
C ASN G 486 -55.32 -86.16 -127.10
N VAL G 487 -54.46 -85.37 -127.72
CA VAL G 487 -54.67 -83.94 -127.88
C VAL G 487 -54.56 -83.62 -129.36
N VAL G 488 -55.45 -82.76 -129.85
CA VAL G 488 -55.38 -82.31 -131.22
C VAL G 488 -55.62 -80.80 -131.29
N ASN G 489 -54.74 -80.09 -132.00
CA ASN G 489 -54.84 -78.64 -132.15
C ASN G 489 -55.43 -78.36 -133.53
N GLY G 490 -56.70 -77.95 -133.55
CA GLY G 490 -57.39 -77.81 -134.82
C GLY G 490 -57.68 -79.17 -135.41
N GLY G 491 -57.39 -79.32 -136.70
CA GLY G 491 -57.41 -80.61 -137.36
C GLY G 491 -58.77 -81.27 -137.50
N GLY G 492 -59.75 -80.53 -137.99
CA GLY G 492 -61.01 -81.14 -138.36
C GLY G 492 -62.04 -81.32 -137.27
N TYR G 493 -61.59 -81.50 -136.03
CA TYR G 493 -62.52 -81.71 -134.92
C TYR G 493 -63.17 -80.37 -134.59
N LEU G 494 -64.41 -80.21 -135.01
CA LEU G 494 -65.10 -78.95 -134.83
C LEU G 494 -65.57 -78.80 -133.39
N ASN G 495 -65.87 -77.55 -133.04
CA ASN G 495 -66.40 -77.26 -131.71
C ASN G 495 -67.86 -77.68 -131.62
N THR G 496 -68.30 -77.94 -130.39
CA THR G 496 -69.68 -78.32 -130.15
C THR G 496 -70.56 -77.14 -129.76
N ARG G 497 -69.99 -76.10 -129.16
CA ARG G 497 -70.77 -74.92 -128.81
C ARG G 497 -70.93 -73.99 -130.01
N ASN G 498 -69.82 -73.51 -130.56
CA ASN G 498 -69.82 -72.63 -131.72
C ASN G 498 -68.90 -73.22 -132.77
N PRO G 499 -69.44 -73.86 -133.80
CA PRO G 499 -68.58 -74.58 -134.76
C PRO G 499 -67.85 -73.67 -135.72
N ASN G 500 -68.21 -72.39 -135.82
CA ASN G 500 -67.67 -71.51 -136.84
C ASN G 500 -66.27 -70.99 -136.51
N VAL G 501 -65.73 -71.31 -135.35
CA VAL G 501 -64.44 -70.79 -134.91
C VAL G 501 -63.51 -71.98 -134.70
N PRO G 502 -62.20 -71.76 -134.82
CA PRO G 502 -61.24 -72.86 -134.59
C PRO G 502 -61.24 -73.33 -133.15
N ASN G 503 -60.75 -74.55 -132.97
CA ASN G 503 -60.98 -75.30 -131.74
C ASN G 503 -59.84 -76.28 -131.52
N MET G 504 -59.19 -76.19 -130.36
CA MET G 504 -58.23 -77.21 -129.93
C MET G 504 -58.92 -78.15 -128.96
N MET G 505 -58.57 -79.43 -129.04
CA MET G 505 -59.29 -80.48 -128.34
C MET G 505 -58.31 -81.35 -127.57
N MET G 506 -58.82 -82.05 -126.56
CA MET G 506 -58.01 -82.92 -125.71
C MET G 506 -58.91 -83.97 -125.08
N THR G 507 -58.49 -85.24 -125.13
CA THR G 507 -59.22 -86.31 -124.48
C THR G 507 -58.25 -87.28 -123.84
N ARG G 508 -58.78 -88.13 -122.98
CA ARG G 508 -57.95 -89.08 -122.24
C ARG G 508 -58.80 -90.26 -121.81
N ARG G 509 -58.47 -91.45 -122.29
CA ARG G 509 -59.25 -92.65 -122.03
C ARG G 509 -58.56 -93.51 -121.00
N TYR G 510 -59.34 -94.04 -120.07
CA TYR G 510 -58.84 -94.77 -118.90
C TYR G 510 -60.02 -95.47 -118.25
N THR G 511 -59.72 -96.42 -117.37
CA THR G 511 -60.74 -97.03 -116.54
C THR G 511 -60.11 -97.61 -115.28
N VAL G 512 -60.96 -97.91 -114.31
CA VAL G 512 -60.56 -98.58 -113.07
C VAL G 512 -61.43 -99.81 -112.91
N GLU G 513 -60.91 -100.81 -112.21
CA GLU G 513 -61.65 -102.04 -112.00
C GLU G 513 -61.20 -102.73 -110.72
N SER G 514 -62.16 -103.36 -110.05
CA SER G 514 -61.94 -104.06 -108.79
C SER G 514 -62.37 -105.50 -108.97
N PHE G 515 -61.39 -106.41 -109.03
CA PHE G 515 -61.71 -107.83 -109.13
C PHE G 515 -62.14 -108.38 -107.78
N VAL G 516 -61.28 -108.24 -106.77
CA VAL G 516 -61.65 -108.53 -105.39
C VAL G 516 -61.43 -107.28 -104.55
N PRO G 517 -62.39 -106.83 -103.77
CA PRO G 517 -62.21 -105.60 -102.98
C PRO G 517 -61.51 -105.91 -101.66
N ILE G 518 -60.27 -105.47 -101.54
CA ILE G 518 -59.59 -105.48 -100.25
C ILE G 518 -59.33 -104.04 -99.84
N ILE G 519 -60.26 -103.45 -99.09
CA ILE G 519 -60.13 -102.08 -98.63
C ILE G 519 -60.58 -102.02 -97.17
N GLY G 520 -60.07 -101.03 -96.46
CA GLY G 520 -60.41 -100.86 -95.06
C GLY G 520 -60.45 -99.39 -94.69
N ARG G 521 -61.32 -99.08 -93.74
CA ARG G 521 -61.63 -97.71 -93.39
C ARG G 521 -61.32 -97.48 -91.91
N ILE G 522 -60.53 -96.45 -91.63
CA ILE G 522 -60.22 -96.06 -90.26
C ILE G 522 -60.89 -94.71 -90.01
N THR G 523 -61.85 -94.68 -89.09
CA THR G 523 -62.56 -93.45 -88.77
C THR G 523 -61.85 -92.77 -87.61
N ILE G 524 -60.97 -91.83 -87.95
CA ILE G 524 -60.28 -91.04 -86.93
C ILE G 524 -61.28 -90.08 -86.30
N LYS G 525 -61.57 -90.29 -85.03
CA LYS G 525 -62.52 -89.43 -84.32
C LYS G 525 -61.79 -88.30 -83.62
N ASN G 526 -62.47 -87.16 -83.53
CA ASN G 526 -62.06 -85.99 -82.74
C ASN G 526 -60.72 -85.42 -83.19
N ASN G 527 -60.45 -85.44 -84.49
CA ASN G 527 -59.25 -84.80 -85.03
C ASN G 527 -59.61 -83.39 -85.51
N ASN G 528 -60.09 -82.59 -84.57
CA ASN G 528 -60.46 -81.21 -84.84
C ASN G 528 -59.60 -80.23 -84.06
N GLY G 529 -58.43 -80.68 -83.59
CA GLY G 529 -57.51 -79.82 -82.87
C GLY G 529 -57.86 -79.54 -81.43
N SER G 530 -59.07 -79.84 -80.98
CA SER G 530 -59.48 -79.53 -79.61
C SER G 530 -59.21 -80.69 -78.66
N VAL G 531 -58.00 -81.24 -78.71
CA VAL G 531 -57.59 -82.22 -77.72
C VAL G 531 -56.93 -81.54 -76.53
N TYR G 532 -56.53 -80.28 -76.67
CA TYR G 532 -55.91 -79.53 -75.59
C TYR G 532 -56.82 -78.43 -75.04
N ALA G 533 -58.07 -78.36 -75.49
CA ALA G 533 -59.04 -77.41 -74.95
C ALA G 533 -60.31 -78.19 -74.68
N ARG G 534 -60.40 -78.80 -73.50
CA ARG G 534 -61.55 -79.60 -73.12
C ARG G 534 -61.64 -79.74 -71.61
N MET H 81 -54.49 32.79 -110.20
CA MET H 81 -55.83 33.35 -110.28
C MET H 81 -56.86 32.31 -109.87
N GLY H 82 -58.13 32.70 -109.92
CA GLY H 82 -59.25 31.82 -109.64
C GLY H 82 -59.34 30.55 -110.47
N PRO H 83 -59.52 30.67 -111.80
CA PRO H 83 -59.70 29.46 -112.62
C PRO H 83 -58.46 28.58 -112.73
N ILE H 84 -57.27 29.09 -112.41
CA ILE H 84 -56.11 28.22 -112.36
C ILE H 84 -56.18 27.39 -111.10
N GLN H 85 -56.19 26.06 -111.26
CA GLN H 85 -56.33 25.16 -110.13
C GLN H 85 -55.03 25.13 -109.32
N PRO H 86 -55.09 25.31 -108.00
CA PRO H 86 -53.88 25.30 -107.19
C PRO H 86 -53.35 23.89 -107.00
N TYR H 87 -52.04 23.81 -106.80
CA TYR H 87 -51.35 22.53 -106.62
C TYR H 87 -50.40 22.66 -105.44
N ALA H 88 -50.77 22.05 -104.33
CA ALA H 88 -49.90 22.04 -103.16
C ALA H 88 -48.80 21.00 -103.35
N SER H 89 -47.56 21.46 -103.42
CA SER H 89 -46.42 20.57 -103.62
C SER H 89 -46.06 19.88 -102.30
N LEU H 90 -44.96 19.14 -102.30
CA LEU H 90 -44.54 18.36 -101.15
C LEU H 90 -43.14 18.79 -100.76
N SER H 91 -43.02 19.54 -99.68
CA SER H 91 -41.71 19.87 -99.13
C SER H 91 -41.08 18.61 -98.54
N MET H 92 -39.74 18.54 -98.62
CA MET H 92 -39.06 17.26 -98.50
C MET H 92 -39.06 16.67 -97.08
N PRO H 93 -38.49 17.31 -96.04
CA PRO H 93 -38.26 16.56 -94.79
C PRO H 93 -39.53 16.43 -93.96
N ILE H 94 -39.78 15.20 -93.50
CA ILE H 94 -40.99 14.87 -92.76
C ILE H 94 -40.85 15.35 -91.33
N LEU H 95 -41.97 15.72 -90.71
CA LEU H 95 -41.99 16.13 -89.31
C LEU H 95 -42.38 14.91 -88.47
N VAL H 96 -41.39 14.11 -88.11
CA VAL H 96 -41.63 12.93 -87.30
C VAL H 96 -41.82 13.34 -85.84
N LYS H 97 -42.70 12.61 -85.14
CA LYS H 97 -42.86 12.81 -83.71
C LYS H 97 -41.58 12.43 -82.97
N LEU H 98 -41.42 13.00 -81.77
CA LEU H 98 -40.16 12.96 -81.06
C LEU H 98 -40.26 12.09 -79.82
N TRP H 99 -39.25 11.27 -79.59
CA TRP H 99 -39.26 10.27 -78.54
C TRP H 99 -38.63 10.81 -77.26
N ALA H 100 -38.78 10.05 -76.18
CA ALA H 100 -38.12 10.39 -74.93
C ALA H 100 -36.66 9.95 -74.96
N ARG H 101 -35.91 10.43 -73.99
CA ARG H 101 -34.50 10.09 -73.83
C ARG H 101 -34.36 9.02 -72.76
N LEU H 102 -33.56 8.00 -73.03
CA LEU H 102 -33.44 6.85 -72.15
C LEU H 102 -32.06 6.84 -71.52
N ALA H 103 -32.01 6.90 -70.19
CA ALA H 103 -30.75 6.85 -69.48
C ALA H 103 -30.76 5.94 -68.26
N LEU H 104 -31.88 5.31 -67.93
CA LEU H 104 -31.98 4.52 -66.71
C LEU H 104 -31.38 3.13 -66.85
N THR H 105 -30.90 2.75 -68.04
CA THR H 105 -30.25 1.47 -68.19
C THR H 105 -28.88 1.43 -67.53
N GLU H 106 -28.25 2.59 -67.33
CA GLU H 106 -27.01 2.66 -66.58
C GLU H 106 -27.25 3.28 -65.21
N ALA H 107 -28.48 3.23 -64.72
CA ALA H 107 -28.74 3.48 -63.31
C ALA H 107 -28.45 2.23 -62.49
N LEU H 108 -29.12 1.13 -62.83
CA LEU H 108 -28.97 -0.11 -62.11
C LEU H 108 -27.81 -0.93 -62.68
N PRO H 109 -27.15 -1.74 -61.85
CA PRO H 109 -26.07 -2.58 -62.37
C PRO H 109 -26.62 -3.78 -63.13
N THR H 110 -26.05 -3.99 -64.31
CA THR H 110 -26.56 -5.02 -65.23
C THR H 110 -25.49 -6.05 -65.50
N GLN H 111 -25.80 -7.31 -65.18
CA GLN H 111 -25.08 -8.46 -65.71
C GLN H 111 -26.13 -9.35 -66.36
N VAL H 112 -25.84 -9.86 -67.55
CA VAL H 112 -26.86 -10.57 -68.31
C VAL H 112 -27.13 -11.93 -67.68
N ALA H 113 -28.38 -12.37 -67.75
CA ALA H 113 -28.73 -13.67 -67.20
C ALA H 113 -28.63 -14.73 -68.28
N ASN H 114 -28.19 -15.92 -67.88
CA ASN H 114 -28.11 -17.05 -68.79
C ASN H 114 -29.23 -18.06 -68.55
N LYS H 115 -29.45 -18.39 -67.37
CA LYS H 115 -30.61 -19.19 -67.05
C LYS H 115 -31.80 -18.30 -66.78
N PRO H 116 -33.01 -18.70 -67.15
CA PRO H 116 -34.21 -17.93 -66.80
C PRO H 116 -34.68 -18.11 -65.37
N ASN H 117 -34.00 -18.94 -64.59
CA ASN H 117 -34.42 -19.20 -63.21
C ASN H 117 -33.19 -19.62 -62.42
N PHE H 118 -32.69 -18.73 -61.58
CA PHE H 118 -31.49 -19.02 -60.79
C PHE H 118 -31.67 -18.47 -59.38
N THR H 119 -30.73 -18.80 -58.50
CA THR H 119 -30.81 -18.46 -57.09
C THR H 119 -29.49 -17.88 -56.62
N VAL H 120 -29.56 -17.04 -55.60
CA VAL H 120 -28.39 -16.61 -54.84
C VAL H 120 -28.60 -16.98 -53.38
N PRO H 121 -27.58 -17.47 -52.70
CA PRO H 121 -27.74 -17.77 -51.27
C PRO H 121 -27.29 -16.64 -50.38
N ILE H 122 -28.02 -16.38 -49.30
CA ILE H 122 -27.59 -15.44 -48.26
C ILE H 122 -27.38 -16.23 -46.98
N LEU H 123 -26.45 -15.79 -46.15
CA LEU H 123 -26.15 -16.49 -44.91
C LEU H 123 -26.06 -15.51 -43.75
N THR H 124 -26.78 -15.81 -42.67
CA THR H 124 -26.86 -14.94 -41.51
C THR H 124 -26.37 -15.71 -40.29
N PRO H 125 -25.36 -15.23 -39.57
CA PRO H 125 -24.98 -15.87 -38.31
C PRO H 125 -25.99 -15.56 -37.22
N TYR H 126 -25.83 -16.24 -36.08
CA TYR H 126 -26.81 -16.18 -35.01
C TYR H 126 -26.10 -16.15 -33.66
N VAL H 127 -26.88 -15.95 -32.61
CA VAL H 127 -26.53 -16.34 -31.25
C VAL H 127 -27.70 -17.13 -30.70
N VAL H 128 -27.42 -17.97 -29.69
CA VAL H 128 -28.45 -18.88 -29.20
C VAL H 128 -29.11 -18.38 -27.92
N ASP H 129 -28.74 -17.21 -27.40
CA ASP H 129 -29.39 -16.45 -26.32
C ASP H 129 -29.26 -17.13 -24.95
N ALA H 130 -28.73 -18.36 -24.89
CA ALA H 130 -28.67 -19.27 -23.74
C ALA H 130 -30.05 -19.61 -23.17
N ASP H 131 -31.13 -19.31 -23.92
CA ASP H 131 -32.48 -19.72 -23.57
C ASP H 131 -33.09 -20.61 -24.64
N GLY H 132 -32.31 -21.03 -25.62
CA GLY H 132 -32.82 -21.83 -26.73
C GLY H 132 -33.15 -21.10 -28.01
N ASN H 133 -33.87 -19.98 -27.91
CA ASN H 133 -34.25 -19.23 -29.09
C ASN H 133 -33.06 -18.49 -29.68
N LYS H 134 -33.11 -18.25 -30.98
CA LYS H 134 -31.99 -17.63 -31.68
C LYS H 134 -32.47 -16.44 -32.50
N HIS H 135 -31.55 -15.51 -32.75
CA HIS H 135 -31.83 -14.36 -33.59
C HIS H 135 -30.55 -13.91 -34.26
N ALA H 136 -30.71 -13.05 -35.27
CA ALA H 136 -29.64 -12.72 -36.20
C ALA H 136 -28.53 -11.94 -35.50
N LEU H 137 -27.30 -12.22 -35.92
CA LEU H 137 -26.14 -11.74 -35.19
C LEU H 137 -25.83 -10.26 -35.39
N PRO H 138 -25.72 -9.70 -36.62
CA PRO H 138 -25.37 -8.26 -36.66
C PRO H 138 -26.53 -7.37 -36.25
N GLU H 139 -27.76 -7.77 -36.50
CA GLU H 139 -28.90 -6.96 -36.06
C GLU H 139 -29.43 -7.44 -34.72
N SER H 140 -28.52 -7.70 -33.78
CA SER H 140 -28.87 -7.80 -32.36
C SER H 140 -27.83 -7.19 -31.44
N ILE H 141 -26.63 -6.91 -31.92
CA ILE H 141 -25.54 -6.38 -31.11
C ILE H 141 -25.19 -4.96 -31.52
N ASN H 142 -26.08 -4.30 -32.25
CA ASN H 142 -25.88 -2.91 -32.62
C ASN H 142 -26.64 -1.95 -31.71
N ASN H 143 -27.30 -2.46 -30.69
CA ASN H 143 -27.97 -1.64 -29.69
C ASN H 143 -27.12 -1.62 -28.42
N THR H 144 -26.95 -0.43 -27.87
CA THR H 144 -26.07 -0.21 -26.73
C THR H 144 -26.47 -0.89 -25.42
N PRO H 145 -27.76 -1.19 -25.12
CA PRO H 145 -28.00 -2.15 -24.02
C PRO H 145 -27.69 -3.59 -24.39
N GLU H 146 -26.44 -3.98 -24.28
CA GLU H 146 -26.04 -5.35 -24.60
C GLU H 146 -26.54 -6.31 -23.52
N THR H 147 -27.32 -7.31 -23.93
CA THR H 147 -27.88 -8.28 -23.00
C THR H 147 -27.41 -9.71 -23.23
N LEU H 148 -26.91 -10.04 -24.41
CA LEU H 148 -26.65 -11.43 -24.76
C LEU H 148 -25.26 -11.87 -24.29
N VAL H 149 -24.23 -11.24 -24.82
CA VAL H 149 -22.86 -11.63 -24.50
C VAL H 149 -22.47 -10.98 -23.18
N GLY H 150 -21.92 -11.78 -22.28
CA GLY H 150 -21.55 -11.29 -20.96
C GLY H 150 -21.70 -12.36 -19.91
N LEU H 151 -21.24 -12.07 -18.69
CA LEU H 151 -21.33 -13.04 -17.61
C LEU H 151 -22.73 -13.03 -17.02
N VAL H 152 -22.96 -13.92 -16.08
CA VAL H 152 -24.26 -14.02 -15.43
C VAL H 152 -24.32 -13.00 -14.32
N GLN H 153 -25.43 -12.26 -14.25
CA GLN H 153 -25.65 -11.30 -13.19
C GLN H 153 -26.27 -12.01 -11.99
N ILE H 154 -25.71 -11.77 -10.81
CA ILE H 154 -26.24 -12.34 -9.59
C ILE H 154 -27.45 -11.52 -9.15
N LYS H 155 -28.19 -12.03 -8.18
CA LYS H 155 -29.36 -11.33 -7.68
C LYS H 155 -28.96 -10.03 -6.99
N GLU H 156 -29.68 -8.95 -7.30
CA GLU H 156 -29.29 -7.62 -6.83
C GLU H 156 -29.57 -7.44 -5.35
N ASP H 157 -30.75 -7.87 -4.90
CA ASP H 157 -31.17 -7.64 -3.52
C ASP H 157 -30.39 -8.56 -2.58
N ILE H 158 -29.81 -7.96 -1.54
CA ILE H 158 -29.35 -8.68 -0.35
C ILE H 158 -30.03 -8.00 0.83
N ALA H 159 -31.05 -8.65 1.37
CA ALA H 159 -31.84 -8.06 2.45
C ALA H 159 -31.14 -8.34 3.77
N VAL H 160 -30.21 -7.45 4.12
CA VAL H 160 -29.42 -7.65 5.33
C VAL H 160 -30.20 -7.18 6.57
N GLU H 161 -30.54 -8.13 7.44
CA GLU H 161 -31.32 -7.83 8.63
C GLU H 161 -30.40 -7.37 9.74
N GLY H 162 -30.70 -6.19 10.30
CA GLY H 162 -29.96 -5.66 11.42
C GLY H 162 -28.53 -5.29 11.12
N GLY H 163 -28.18 -5.15 9.85
CA GLY H 163 -26.80 -4.91 9.48
C GLY H 163 -25.89 -6.10 9.71
N LYS H 164 -26.43 -7.29 9.90
CA LYS H 164 -25.67 -8.40 10.47
C LYS H 164 -25.99 -9.74 9.82
N VAL H 165 -26.01 -9.83 8.49
CA VAL H 165 -26.13 -11.16 7.90
C VAL H 165 -24.74 -11.77 7.75
N THR H 166 -24.68 -13.07 8.00
CA THR H 166 -23.47 -13.84 7.89
C THR H 166 -23.75 -15.03 6.99
N ASP H 167 -22.78 -15.33 6.13
CA ASP H 167 -22.81 -16.47 5.20
C ASP H 167 -24.02 -16.40 4.27
N TYR H 168 -24.16 -15.27 3.59
CA TYR H 168 -25.29 -15.09 2.69
C TYR H 168 -25.05 -15.84 1.39
N ASP H 169 -26.05 -16.59 0.97
CA ASP H 169 -26.02 -17.34 -0.29
C ASP H 169 -26.08 -16.32 -1.42
N LEU H 170 -24.96 -16.14 -2.12
CA LEU H 170 -24.93 -15.16 -3.20
C LEU H 170 -25.53 -15.68 -4.48
N PHE H 171 -25.53 -17.00 -4.69
CA PHE H 171 -26.12 -17.56 -5.90
C PHE H 171 -27.58 -17.95 -5.68
N THR H 172 -28.35 -17.01 -5.16
CA THR H 172 -29.76 -17.22 -4.87
C THR H 172 -30.58 -16.69 -6.03
N GLY H 173 -31.57 -17.48 -6.47
CA GLY H 173 -32.35 -17.13 -7.62
C GLY H 173 -31.79 -17.60 -8.95
N LEU H 174 -30.49 -17.89 -9.01
CA LEU H 174 -29.93 -18.50 -10.20
C LEU H 174 -30.33 -19.96 -10.24
N LYS H 175 -30.87 -20.41 -11.37
CA LYS H 175 -31.29 -21.79 -11.52
C LYS H 175 -30.05 -22.66 -11.68
N GLU H 176 -30.12 -23.88 -11.17
CA GLU H 176 -28.98 -24.77 -11.21
C GLU H 176 -28.70 -25.24 -12.64
N GLY H 177 -27.45 -25.59 -12.90
CA GLY H 177 -27.05 -26.20 -14.16
C GLY H 177 -26.64 -25.24 -15.27
N LYS H 178 -27.61 -24.60 -15.92
CA LYS H 178 -27.27 -23.89 -17.15
C LYS H 178 -26.69 -22.51 -16.91
N GLU H 179 -26.77 -21.98 -15.69
CA GLU H 179 -26.02 -20.75 -15.44
C GLU H 179 -25.25 -20.75 -14.12
N VAL H 180 -25.50 -21.67 -13.21
CA VAL H 180 -24.71 -21.78 -11.99
C VAL H 180 -24.53 -23.26 -11.67
N ARG H 181 -23.37 -23.58 -11.09
CA ARG H 181 -23.07 -24.92 -10.60
C ARG H 181 -22.49 -24.77 -9.20
N LYS H 182 -23.37 -24.81 -8.19
CA LYS H 182 -23.00 -24.50 -6.82
C LYS H 182 -22.01 -25.52 -6.28
N GLY H 183 -20.88 -25.03 -5.77
CA GLY H 183 -19.77 -25.86 -5.36
C GLY H 183 -18.67 -25.99 -6.39
N ILE H 184 -18.90 -25.52 -7.62
CA ILE H 184 -17.94 -25.63 -8.70
C ILE H 184 -17.43 -24.25 -9.14
N ASP H 185 -18.34 -23.31 -9.33
CA ASP H 185 -17.98 -22.00 -9.86
C ASP H 185 -17.82 -20.98 -8.74
N ARG H 186 -17.08 -19.91 -9.03
CA ARG H 186 -16.75 -18.89 -8.07
C ARG H 186 -17.32 -17.54 -8.51
N LEU H 187 -17.48 -16.66 -7.52
CA LEU H 187 -17.79 -15.27 -7.81
C LEU H 187 -16.60 -14.61 -8.48
N ASP H 188 -16.89 -13.62 -9.32
CA ASP H 188 -15.82 -12.87 -9.93
C ASP H 188 -15.26 -11.86 -8.95
N ARG H 189 -14.04 -11.41 -9.21
CA ARG H 189 -13.44 -10.34 -8.39
C ARG H 189 -13.70 -8.97 -9.02
N LYS H 190 -14.95 -8.75 -9.40
CA LYS H 190 -15.44 -7.48 -9.92
C LYS H 190 -16.69 -7.09 -9.14
N PHE H 191 -17.02 -7.89 -8.12
CA PHE H 191 -18.16 -7.65 -7.24
C PHE H 191 -18.02 -6.32 -6.53
N LYS H 192 -19.15 -5.64 -6.36
CA LYS H 192 -19.19 -4.38 -5.66
C LYS H 192 -20.62 -4.15 -5.20
N ILE H 193 -20.79 -3.21 -4.27
CA ILE H 193 -22.12 -2.76 -3.91
C ILE H 193 -22.32 -1.37 -4.52
N VAL H 194 -23.56 -1.10 -4.92
CA VAL H 194 -23.90 0.13 -5.60
C VAL H 194 -24.92 0.95 -4.83
N GLU H 195 -25.98 0.32 -4.33
CA GLU H 195 -27.01 1.02 -3.58
C GLU H 195 -27.17 0.33 -2.23
N ALA H 196 -27.05 1.10 -1.16
CA ALA H 196 -27.24 0.60 0.19
C ALA H 196 -28.28 1.46 0.89
N LYS H 197 -29.28 0.83 1.47
CA LYS H 197 -30.38 1.54 2.12
C LYS H 197 -30.36 1.23 3.61
N TRP H 198 -30.26 2.27 4.43
CA TRP H 198 -30.29 2.11 5.87
C TRP H 198 -31.72 2.23 6.39
N SER H 199 -31.85 2.18 7.72
CA SER H 199 -33.15 2.40 8.33
C SER H 199 -33.52 3.87 8.41
N ASP H 200 -32.60 4.78 8.11
CA ASP H 200 -32.85 6.20 8.18
C ASP H 200 -32.25 6.91 6.98
N SER H 201 -32.43 6.34 5.79
CA SER H 201 -31.86 6.94 4.60
C SER H 201 -32.79 7.97 3.98
N PHE H 202 -32.37 8.46 2.82
CA PHE H 202 -33.18 9.27 1.93
C PHE H 202 -32.91 8.78 0.52
N ASP H 203 -33.93 8.76 -0.32
CA ASP H 203 -33.79 8.11 -1.62
C ASP H 203 -32.93 8.93 -2.58
N GLU H 204 -32.96 10.26 -2.42
CA GLU H 204 -32.32 11.34 -3.19
C GLU H 204 -32.65 11.34 -4.68
N ARG H 205 -33.55 10.46 -5.12
CA ARG H 205 -34.18 10.51 -6.42
C ARG H 205 -35.67 10.70 -6.30
N THR H 206 -36.28 10.08 -5.30
CA THR H 206 -37.61 10.42 -4.82
C THR H 206 -37.48 11.02 -3.43
N SER H 207 -38.58 11.59 -2.94
CA SER H 207 -38.60 12.23 -1.63
C SER H 207 -39.04 11.28 -0.53
N ALA H 208 -38.33 10.15 -0.42
CA ALA H 208 -38.67 9.14 0.57
C ALA H 208 -37.38 8.53 1.11
N ALA H 209 -37.52 7.63 2.07
CA ALA H 209 -36.40 6.88 2.63
C ALA H 209 -36.17 5.68 1.74
N GLY H 210 -35.16 5.76 0.87
CA GLY H 210 -34.89 4.68 -0.05
C GLY H 210 -33.43 4.32 -0.14
N PHE H 211 -32.98 3.92 -1.33
CA PHE H 211 -31.62 3.47 -1.52
C PHE H 211 -30.72 4.69 -1.71
N VAL H 212 -29.52 4.64 -1.14
CA VAL H 212 -28.52 5.67 -1.34
C VAL H 212 -27.58 5.17 -2.44
N GLU H 213 -27.73 5.74 -3.62
CA GLU H 213 -26.87 5.37 -4.74
C GLU H 213 -25.46 5.90 -4.49
N LEU H 214 -24.52 5.00 -4.23
CA LEU H 214 -23.16 5.39 -3.86
C LEU H 214 -22.41 5.84 -5.11
N GLY H 215 -22.24 7.15 -5.27
CA GLY H 215 -21.57 7.71 -6.42
C GLY H 215 -20.09 7.88 -6.15
N SER H 216 -19.28 7.14 -6.92
CA SER H 216 -17.81 7.17 -6.90
C SER H 216 -17.22 6.79 -5.53
N ASN H 217 -17.99 6.11 -4.70
CA ASN H 217 -17.49 5.56 -3.44
C ASN H 217 -18.04 4.16 -3.24
N VAL H 218 -18.05 3.38 -4.32
CA VAL H 218 -18.59 2.03 -4.25
C VAL H 218 -17.62 1.13 -3.51
N VAL H 219 -18.16 0.31 -2.61
CA VAL H 219 -17.34 -0.63 -1.86
C VAL H 219 -17.05 -1.81 -2.79
N LYS H 220 -15.83 -1.87 -3.29
CA LYS H 220 -15.41 -2.87 -4.25
C LYS H 220 -14.43 -3.84 -3.62
N LEU H 221 -14.11 -4.90 -4.36
CA LEU H 221 -13.18 -5.91 -3.89
C LEU H 221 -11.76 -5.35 -3.87
N GLN H 222 -11.23 -5.13 -2.66
CA GLN H 222 -9.84 -4.78 -2.50
C GLN H 222 -9.03 -6.06 -2.33
N ASP H 223 -7.78 -5.93 -1.89
CA ASP H 223 -6.96 -7.10 -1.63
C ASP H 223 -7.47 -7.85 -0.40
N ASN H 224 -7.01 -9.12 -0.28
CA ASN H 224 -7.47 -10.13 0.69
C ASN H 224 -8.97 -10.45 0.53
N ASP H 225 -9.53 -10.12 -0.63
CA ASP H 225 -10.91 -10.44 -1.03
C ASP H 225 -11.95 -9.93 -0.02
N THR H 226 -11.78 -8.68 0.40
CA THR H 226 -12.65 -8.09 1.39
C THR H 226 -13.24 -6.78 0.88
N LEU H 227 -14.24 -6.29 1.61
CA LEU H 227 -15.03 -5.12 1.20
C LEU H 227 -15.07 -4.14 2.37
N VAL H 228 -14.26 -3.09 2.31
CA VAL H 228 -14.24 -2.06 3.32
C VAL H 228 -14.53 -0.72 2.63
N GLY H 229 -15.37 0.10 3.27
CA GLY H 229 -15.71 1.39 2.72
C GLY H 229 -16.44 2.27 3.71
N GLN H 230 -15.96 3.51 3.87
CA GLN H 230 -16.56 4.47 4.77
C GLN H 230 -17.32 5.50 3.95
N ILE H 231 -18.63 5.57 4.17
CA ILE H 231 -19.53 6.40 3.37
C ILE H 231 -20.50 7.13 4.28
N LYS H 232 -21.06 8.22 3.75
CA LYS H 232 -22.06 9.01 4.44
C LYS H 232 -23.31 9.10 3.58
N TYR H 233 -24.47 9.01 4.23
CA TYR H 233 -25.74 9.02 3.54
C TYR H 233 -26.65 10.08 4.13
N PRO H 234 -27.42 10.78 3.30
CA PRO H 234 -28.33 11.79 3.84
C PRO H 234 -29.53 11.17 4.54
N THR H 235 -29.79 11.63 5.76
CA THR H 235 -30.94 11.16 6.51
C THR H 235 -32.21 11.90 6.10
N ASN H 236 -32.18 13.22 6.15
CA ASN H 236 -33.27 14.05 5.68
C ASN H 236 -32.97 14.53 4.27
N GLY H 237 -34.03 14.86 3.54
CA GLY H 237 -33.86 15.43 2.21
C GLY H 237 -33.33 16.84 2.25
N ASP H 238 -34.14 17.78 2.72
CA ASP H 238 -33.72 19.17 2.82
C ASP H 238 -32.94 19.45 4.09
N GLY H 239 -32.84 18.48 5.01
CA GLY H 239 -32.06 18.69 6.21
C GLY H 239 -30.57 18.64 5.97
N GLU H 240 -30.14 17.80 5.02
CA GLU H 240 -28.73 17.55 4.68
C GLU H 240 -27.94 17.12 5.92
N VAL H 241 -28.33 15.96 6.44
CA VAL H 241 -27.76 15.47 7.69
C VAL H 241 -26.42 14.80 7.46
N GLU H 242 -26.35 13.93 6.45
CA GLU H 242 -25.17 13.15 6.07
C GLU H 242 -24.65 12.33 7.25
N THR H 243 -25.48 11.38 7.68
CA THR H 243 -25.10 10.48 8.76
C THR H 243 -24.02 9.51 8.27
N ASP H 244 -22.97 9.36 9.07
CA ASP H 244 -21.88 8.47 8.76
C ASP H 244 -22.26 7.06 9.19
N THR H 245 -21.96 6.08 8.33
CA THR H 245 -21.93 4.68 8.73
C THR H 245 -20.97 3.98 7.79
N ILE H 246 -19.93 3.38 8.37
CA ILE H 246 -19.01 2.54 7.61
C ILE H 246 -19.59 1.12 7.57
N LEU H 247 -19.44 0.46 6.43
CA LEU H 247 -19.70 -0.97 6.33
C LEU H 247 -18.41 -1.66 5.94
N GLY H 248 -18.06 -2.69 6.70
CA GLY H 248 -16.90 -3.50 6.39
C GLY H 248 -17.30 -4.96 6.42
N LYS H 249 -16.87 -5.70 5.40
CA LYS H 249 -17.23 -7.10 5.31
C LYS H 249 -16.17 -7.80 4.46
N VAL H 250 -16.19 -9.12 4.50
CA VAL H 250 -15.33 -9.94 3.65
C VAL H 250 -16.22 -10.97 2.97
N ASP H 251 -15.89 -11.30 1.73
CA ASP H 251 -16.59 -12.35 1.00
C ASP H 251 -15.59 -13.38 0.51
N VAL H 252 -16.09 -14.60 0.31
CA VAL H 252 -15.28 -15.69 -0.23
C VAL H 252 -15.67 -15.92 -1.68
N SER H 253 -14.67 -16.04 -2.55
CA SER H 253 -14.93 -16.19 -3.97
C SER H 253 -15.49 -17.56 -4.30
N SER H 254 -14.81 -18.62 -3.86
CA SER H 254 -15.26 -19.97 -4.17
C SER H 254 -16.51 -20.34 -3.38
N GLY H 255 -16.58 -19.92 -2.12
CA GLY H 255 -17.68 -20.32 -1.27
C GLY H 255 -18.96 -19.53 -1.43
N GLU H 256 -18.96 -18.50 -2.28
CA GLU H 256 -20.09 -17.59 -2.59
C GLU H 256 -20.82 -17.06 -1.35
N LEU H 257 -20.09 -16.80 -0.28
CA LEU H 257 -20.71 -16.24 0.92
C LEU H 257 -20.17 -14.84 1.19
N THR H 258 -21.06 -13.96 1.65
CA THR H 258 -20.69 -12.64 2.14
C THR H 258 -20.89 -12.60 3.65
N LEU H 259 -20.27 -11.62 4.28
CA LEU H 259 -20.26 -11.48 5.74
C LEU H 259 -20.62 -10.05 6.12
N THR H 260 -21.74 -9.56 5.59
CA THR H 260 -22.11 -8.15 5.66
C THR H 260 -22.30 -7.67 7.09
N SER H 261 -21.53 -6.66 7.48
CA SER H 261 -21.53 -6.10 8.82
C SER H 261 -21.43 -4.59 8.74
N ALA H 262 -22.38 -3.90 9.35
CA ALA H 262 -22.40 -2.44 9.36
C ALA H 262 -22.68 -1.96 10.77
N SER H 263 -21.98 -0.90 11.17
CA SER H 263 -22.09 -0.40 12.54
C SER H 263 -23.41 0.31 12.79
N GLY H 264 -24.02 0.87 11.75
CA GLY H 264 -25.26 1.59 11.91
C GLY H 264 -26.49 0.71 11.87
N LYS H 265 -27.50 1.14 11.12
CA LYS H 265 -28.79 0.44 11.04
C LYS H 265 -29.06 0.19 9.56
N LEU H 266 -28.51 -0.89 9.02
CA LEU H 266 -28.63 -1.19 7.61
C LEU H 266 -29.79 -2.15 7.37
N THR H 267 -30.46 -1.98 6.22
CA THR H 267 -31.68 -2.73 5.94
C THR H 267 -31.57 -3.63 4.72
N ASP H 268 -30.98 -3.16 3.63
CA ASP H 268 -30.61 -4.01 2.50
C ASP H 268 -29.52 -3.30 1.72
N VAL H 269 -28.99 -4.00 0.72
CA VAL H 269 -27.95 -3.44 -0.13
C VAL H 269 -28.08 -4.07 -1.51
N LYS H 270 -27.90 -3.26 -2.55
CA LYS H 270 -27.97 -3.75 -3.93
C LYS H 270 -26.57 -3.88 -4.49
N VAL H 271 -26.25 -5.06 -5.01
CA VAL H 271 -24.88 -5.40 -5.37
C VAL H 271 -24.80 -5.61 -6.88
N LYS H 272 -23.57 -5.68 -7.37
CA LYS H 272 -23.29 -5.90 -8.78
C LYS H 272 -22.11 -6.85 -8.89
N GLY H 273 -22.41 -8.14 -9.04
CA GLY H 273 -21.37 -9.15 -9.14
C GLY H 273 -21.68 -10.13 -10.25
N TYR H 274 -20.62 -10.77 -10.74
CA TYR H 274 -20.71 -11.70 -11.85
C TYR H 274 -20.29 -13.09 -11.39
N VAL H 275 -20.99 -14.10 -11.87
CA VAL H 275 -20.52 -15.48 -11.74
C VAL H 275 -19.43 -15.69 -12.79
N ALA H 276 -18.20 -15.89 -12.33
CA ALA H 276 -17.06 -15.92 -13.24
C ALA H 276 -17.07 -17.17 -14.11
N SER H 277 -16.47 -17.05 -15.28
CA SER H 277 -16.49 -18.12 -16.28
C SER H 277 -15.09 -18.66 -16.50
N GLU H 278 -14.36 -18.92 -15.42
CA GLU H 278 -13.10 -19.64 -15.51
C GLU H 278 -13.31 -21.02 -16.13
N GLN H 279 -14.37 -21.71 -15.71
CA GLN H 279 -14.81 -22.92 -16.36
C GLN H 279 -16.08 -22.63 -17.16
N HIS H 280 -16.69 -23.67 -17.70
CA HIS H 280 -17.95 -23.54 -18.40
C HIS H 280 -19.09 -23.71 -17.43
N THR H 281 -20.00 -22.75 -17.44
CA THR H 281 -21.32 -23.00 -16.91
C THR H 281 -22.32 -22.46 -17.92
N SER H 282 -21.88 -21.46 -18.68
CA SER H 282 -22.64 -20.94 -19.81
C SER H 282 -21.66 -20.29 -20.79
N ALA H 283 -22.11 -20.18 -22.03
CA ALA H 283 -21.41 -19.46 -23.08
C ALA H 283 -22.46 -19.05 -24.11
N THR H 284 -22.00 -18.58 -25.27
CA THR H 284 -22.89 -18.27 -26.38
C THR H 284 -22.40 -19.01 -27.62
N ASN H 285 -23.33 -19.65 -28.32
CA ASN H 285 -23.02 -20.41 -29.52
C ASN H 285 -23.52 -19.66 -30.74
N VAL H 286 -22.75 -19.73 -31.83
CA VAL H 286 -22.93 -18.84 -32.96
C VAL H 286 -23.13 -19.58 -34.28
N GLU H 287 -23.79 -20.73 -34.24
CA GLU H 287 -23.92 -21.54 -35.45
C GLU H 287 -24.80 -20.86 -36.49
N LEU H 288 -24.44 -21.07 -37.76
CA LEU H 288 -24.88 -20.23 -38.85
C LEU H 288 -26.28 -20.61 -39.33
N GLY H 289 -26.67 -20.05 -40.46
CA GLY H 289 -27.94 -20.33 -41.10
C GLY H 289 -27.92 -19.76 -42.50
N LEU H 290 -28.79 -20.30 -43.35
CA LEU H 290 -28.75 -19.92 -44.76
C LEU H 290 -30.15 -19.96 -45.35
N THR H 291 -30.39 -19.05 -46.29
CA THR H 291 -31.61 -19.04 -47.09
C THR H 291 -31.23 -18.58 -48.48
N ARG H 292 -31.88 -19.13 -49.49
CA ARG H 292 -31.62 -18.67 -50.84
C ARG H 292 -32.71 -17.74 -51.32
N LYS H 293 -32.42 -17.02 -52.40
CA LYS H 293 -33.33 -16.02 -52.96
C LYS H 293 -33.59 -16.36 -54.42
N ASP H 294 -34.86 -16.47 -54.79
CA ASP H 294 -35.23 -16.93 -56.12
C ASP H 294 -35.30 -15.78 -57.10
N VAL H 295 -34.80 -16.00 -58.30
CA VAL H 295 -34.88 -15.02 -59.39
C VAL H 295 -35.42 -15.76 -60.60
N VAL H 296 -36.55 -15.30 -61.13
CA VAL H 296 -37.22 -15.96 -62.24
C VAL H 296 -37.47 -14.93 -63.34
N ILE H 297 -37.18 -15.32 -64.58
CA ILE H 297 -37.44 -14.50 -65.76
C ILE H 297 -38.40 -15.27 -66.65
N ASP H 298 -39.53 -14.65 -67.00
CA ASP H 298 -40.45 -15.33 -67.91
C ASP H 298 -40.82 -14.41 -69.07
N THR H 299 -41.81 -14.82 -69.86
CA THR H 299 -42.08 -14.19 -71.14
C THR H 299 -42.68 -12.80 -70.97
N ALA H 300 -42.36 -11.92 -71.91
CA ALA H 300 -42.91 -10.58 -71.97
C ALA H 300 -43.70 -10.44 -73.27
N GLN H 301 -44.24 -9.24 -73.48
CA GLN H 301 -45.16 -9.02 -74.59
C GLN H 301 -44.42 -8.93 -75.91
N HIS H 302 -45.03 -9.49 -76.95
CA HIS H 302 -44.49 -9.36 -78.30
C HIS H 302 -44.94 -8.04 -78.90
N ILE H 303 -43.99 -7.22 -79.32
CA ILE H 303 -44.29 -6.03 -80.09
C ILE H 303 -44.13 -6.39 -81.56
N GLU H 304 -45.22 -6.27 -82.33
CA GLU H 304 -45.20 -6.77 -83.69
C GLU H 304 -45.92 -5.79 -84.62
N ALA H 305 -45.41 -5.70 -85.85
CA ALA H 305 -45.96 -4.81 -86.86
C ALA H 305 -46.18 -5.61 -88.12
N THR H 306 -47.38 -5.50 -88.69
CA THR H 306 -47.70 -6.24 -89.90
C THR H 306 -47.25 -5.48 -91.13
N VAL H 307 -46.83 -6.24 -92.14
CA VAL H 307 -46.26 -5.68 -93.37
C VAL H 307 -47.02 -6.24 -94.57
N PRO H 308 -47.98 -5.51 -95.10
CA PRO H 308 -48.57 -5.89 -96.39
C PRO H 308 -47.78 -5.34 -97.57
N LEU H 309 -47.71 -6.14 -98.63
CA LEU H 309 -47.09 -5.69 -99.86
C LEU H 309 -47.91 -4.62 -100.56
N GLU H 310 -49.21 -4.53 -100.25
CA GLU H 310 -50.08 -3.54 -100.87
C GLU H 310 -49.91 -2.14 -100.27
N VAL H 311 -49.10 -1.96 -99.23
CA VAL H 311 -48.89 -0.65 -98.63
C VAL H 311 -47.41 -0.26 -98.61
N ILE H 312 -46.50 -1.22 -98.73
CA ILE H 312 -45.09 -0.88 -98.69
C ILE H 312 -44.63 -0.36 -100.04
N GLN H 313 -45.18 -0.91 -101.13
CA GLN H 313 -44.73 -0.56 -102.47
C GLN H 313 -45.11 0.89 -102.82
N ASP H 314 -46.26 1.35 -102.36
CA ASP H 314 -46.63 2.73 -102.68
C ASP H 314 -45.91 3.73 -101.79
N MET H 315 -45.71 3.39 -100.51
CA MET H 315 -45.04 4.31 -99.59
C MET H 315 -43.55 4.47 -99.91
N LYS H 316 -42.96 3.50 -100.60
CA LYS H 316 -41.62 3.70 -101.12
C LYS H 316 -41.64 4.64 -102.32
N ALA H 317 -42.77 4.72 -103.02
CA ALA H 317 -42.89 5.53 -104.23
C ALA H 317 -43.60 6.86 -104.00
N THR H 318 -44.65 6.89 -103.19
CA THR H 318 -45.39 8.13 -103.01
C THR H 318 -44.65 9.08 -102.08
N TYR H 319 -44.13 8.57 -100.97
CA TYR H 319 -43.51 9.41 -99.95
C TYR H 319 -42.04 9.12 -99.72
N ASP H 320 -41.47 8.14 -100.42
CA ASP H 320 -40.06 7.72 -100.31
C ASP H 320 -39.69 7.28 -98.90
N ILE H 321 -40.66 6.78 -98.14
CA ILE H 321 -40.40 6.25 -96.82
C ILE H 321 -40.23 4.74 -96.92
N ASP H 322 -39.65 4.17 -95.89
CA ASP H 322 -39.29 2.75 -95.87
C ASP H 322 -40.13 2.13 -94.75
N GLY H 323 -41.26 1.54 -95.11
CA GLY H 323 -42.23 1.09 -94.13
C GLY H 323 -41.78 -0.08 -93.26
N VAL H 324 -40.91 -0.94 -93.79
CA VAL H 324 -40.44 -2.05 -92.97
C VAL H 324 -39.33 -1.58 -92.02
N ALA H 325 -38.50 -0.61 -92.45
CA ALA H 325 -37.47 -0.08 -91.58
C ALA H 325 -38.05 0.89 -90.56
N ARG H 326 -39.02 1.72 -90.95
CA ARG H 326 -39.64 2.66 -90.03
C ARG H 326 -40.53 1.96 -89.02
N LEU H 327 -40.91 0.72 -89.25
CA LEU H 327 -41.56 -0.07 -88.21
C LEU H 327 -40.57 -0.88 -87.40
N SER H 328 -39.43 -1.25 -87.99
CA SER H 328 -38.40 -1.96 -87.25
C SER H 328 -37.71 -1.07 -86.23
N GLU H 329 -37.68 0.24 -86.46
CA GLU H 329 -37.11 1.18 -85.51
C GLU H 329 -38.16 1.82 -84.62
N THR H 330 -39.44 1.61 -84.92
CA THR H 330 -40.51 2.05 -84.05
C THR H 330 -40.78 1.04 -82.95
N MET H 331 -40.75 -0.25 -83.30
CA MET H 331 -40.87 -1.30 -82.30
C MET H 331 -39.68 -1.29 -81.35
N SER H 332 -38.49 -1.04 -81.87
CA SER H 332 -37.30 -1.01 -81.04
C SER H 332 -37.30 0.18 -80.09
N GLN H 333 -37.89 1.30 -80.51
CA GLN H 333 -38.07 2.43 -79.60
C GLN H 333 -39.29 2.29 -78.71
N LEU H 334 -40.16 1.31 -78.99
CA LEU H 334 -41.27 1.06 -78.11
C LEU H 334 -40.89 0.06 -77.01
N SER H 335 -40.09 -0.94 -77.37
CA SER H 335 -39.64 -1.90 -76.37
C SER H 335 -38.63 -1.27 -75.42
N SER H 336 -37.79 -0.37 -75.93
CA SER H 336 -36.80 0.28 -75.10
C SER H 336 -37.42 1.22 -74.09
N GLN H 337 -38.46 1.96 -74.47
CA GLN H 337 -39.20 2.76 -73.51
C GLN H 337 -40.11 1.92 -72.63
N LYS H 338 -40.42 0.69 -73.05
CA LYS H 338 -41.12 -0.22 -72.16
C LYS H 338 -40.23 -0.69 -71.03
N VAL H 339 -38.91 -0.74 -71.27
CA VAL H 339 -37.97 -1.15 -70.24
C VAL H 339 -37.91 -0.11 -69.13
N ASP H 340 -37.63 1.15 -69.49
CA ASP H 340 -37.41 2.19 -68.50
C ASP H 340 -38.69 2.67 -67.83
N LEU H 341 -39.85 2.31 -68.38
CA LEU H 341 -41.10 2.50 -67.66
C LEU H 341 -41.35 1.38 -66.66
N ASP H 342 -40.71 0.22 -66.85
CA ASP H 342 -40.76 -0.85 -65.88
C ASP H 342 -39.70 -0.73 -64.80
N ILE H 343 -38.66 0.06 -65.05
CA ILE H 343 -37.69 0.37 -64.00
C ILE H 343 -38.30 1.35 -63.01
N ILE H 344 -38.94 2.41 -63.53
CA ILE H 344 -39.52 3.45 -62.70
C ILE H 344 -40.68 2.90 -61.86
N GLU H 345 -41.50 2.03 -62.46
CA GLU H 345 -42.57 1.38 -61.72
C GLU H 345 -42.02 0.42 -60.68
N PHE H 346 -40.84 -0.15 -60.93
CA PHE H 346 -40.22 -1.03 -59.95
C PHE H 346 -39.66 -0.24 -58.77
N LEU H 347 -39.01 0.89 -59.05
CA LEU H 347 -38.52 1.72 -57.97
C LEU H 347 -39.65 2.42 -57.23
N ASP H 348 -40.77 2.67 -57.91
CA ASP H 348 -41.98 3.10 -57.21
C ASP H 348 -42.53 1.98 -56.35
N HIS H 349 -42.33 0.73 -56.76
CA HIS H 349 -42.80 -0.38 -55.96
C HIS H 349 -41.91 -0.58 -54.74
N GLU H 350 -40.60 -0.75 -54.96
CA GLU H 350 -39.69 -1.15 -53.89
C GLU H 350 -39.49 -0.10 -52.82
N TYR H 351 -39.81 1.17 -53.09
CA TYR H 351 -39.88 2.13 -52.02
C TYR H 351 -41.08 1.84 -51.12
N LYS H 352 -42.20 1.48 -51.73
CA LYS H 352 -43.43 1.27 -50.97
C LYS H 352 -43.40 0.00 -50.13
N GLU H 353 -42.49 -0.92 -50.41
CA GLU H 353 -42.36 -2.11 -49.56
C GLU H 353 -41.69 -1.79 -48.24
N THR H 354 -40.86 -0.74 -48.20
CA THR H 354 -40.12 -0.38 -47.00
C THR H 354 -40.97 0.38 -45.98
N ASP H 355 -42.20 0.74 -46.34
CA ASP H 355 -43.12 1.53 -45.51
C ASP H 355 -42.50 2.87 -45.11
N ALA H 356 -41.90 3.54 -46.09
CA ALA H 356 -41.39 4.91 -45.98
C ALA H 356 -40.34 5.06 -44.89
N LYS H 357 -39.25 4.30 -45.04
CA LYS H 357 -38.17 4.37 -44.07
C LYS H 357 -37.39 5.68 -44.21
N TYR H 358 -37.18 6.13 -45.45
CA TYR H 358 -36.46 7.38 -45.72
C TYR H 358 -37.36 8.27 -46.55
N HIS H 359 -38.19 9.07 -45.88
CA HIS H 359 -39.14 9.96 -46.53
C HIS H 359 -38.92 11.38 -46.07
N PHE H 360 -37.67 11.81 -46.11
CA PHE H 360 -37.33 13.16 -45.71
C PHE H 360 -37.75 14.15 -46.79
N SER H 361 -38.40 15.23 -46.38
CA SER H 361 -38.96 16.19 -47.32
C SER H 361 -38.06 17.40 -47.46
N PHE H 362 -38.38 18.24 -48.45
CA PHE H 362 -37.65 19.50 -48.68
C PHE H 362 -38.61 20.47 -49.35
N ASP H 363 -39.13 21.41 -48.58
CA ASP H 363 -40.03 22.41 -49.14
C ASP H 363 -39.23 23.45 -49.92
N VAL H 364 -39.60 23.65 -51.18
CA VAL H 364 -38.94 24.68 -51.98
C VAL H 364 -39.39 26.06 -51.54
N PHE H 365 -40.64 26.18 -51.11
CA PHE H 365 -41.07 27.37 -50.41
C PHE H 365 -40.27 27.53 -49.13
N PRO H 366 -39.65 28.68 -48.89
CA PRO H 366 -38.89 28.87 -47.65
C PRO H 366 -39.81 28.93 -46.45
N HIS H 367 -39.19 28.81 -45.27
CA HIS H 367 -39.94 28.91 -44.03
C HIS H 367 -40.42 30.34 -43.82
N SER H 368 -41.41 30.48 -42.95
CA SER H 368 -42.01 31.78 -42.67
C SER H 368 -41.03 32.73 -42.00
N ASP H 369 -39.97 32.22 -41.38
CA ASP H 369 -38.92 33.05 -40.84
C ASP H 369 -37.59 32.71 -41.49
N TYR H 370 -37.57 32.60 -42.81
CA TYR H 370 -36.28 32.43 -43.47
C TYR H 370 -35.71 33.77 -43.90
N SER H 371 -36.50 34.56 -44.62
CA SER H 371 -36.25 35.99 -44.82
C SER H 371 -34.93 36.29 -45.54
N ALA H 372 -34.67 35.54 -46.61
CA ALA H 372 -33.51 35.81 -47.45
C ALA H 372 -33.85 35.39 -48.88
N HIS H 373 -32.83 35.24 -49.71
CA HIS H 373 -33.03 34.87 -51.10
C HIS H 373 -33.51 33.43 -51.21
N PRO H 374 -34.66 33.17 -51.83
CA PRO H 374 -35.13 31.78 -51.97
C PRO H 374 -34.34 30.94 -52.95
N LYS H 375 -33.44 31.54 -53.74
CA LYS H 375 -32.57 30.75 -54.59
C LYS H 375 -31.58 29.94 -53.76
N ASP H 376 -31.01 30.53 -52.72
CA ASP H 376 -30.07 29.84 -51.86
C ASP H 376 -30.74 28.96 -50.83
N TRP H 377 -32.08 28.99 -50.78
CA TRP H 377 -32.82 28.00 -50.00
C TRP H 377 -32.72 26.61 -50.60
N LEU H 378 -32.45 26.54 -51.91
CA LEU H 378 -32.24 25.26 -52.60
C LEU H 378 -30.89 24.63 -52.28
N GLU H 379 -29.98 25.37 -51.66
CA GLU H 379 -28.77 24.75 -51.11
C GLU H 379 -29.10 23.81 -49.97
N GLY H 380 -30.21 24.04 -49.25
CA GLY H 380 -30.68 23.13 -48.25
C GLY H 380 -31.12 21.76 -48.74
N LEU H 381 -31.36 21.61 -50.04
CA LEU H 381 -31.64 20.30 -50.60
C LEU H 381 -30.44 19.37 -50.48
N ARG H 382 -29.23 19.92 -50.59
CA ARG H 382 -28.02 19.10 -50.54
C ARG H 382 -27.78 18.52 -49.15
N GLU H 383 -28.31 19.16 -48.11
CA GLU H 383 -28.16 18.64 -46.76
C GLU H 383 -29.34 17.77 -46.35
N VAL H 384 -30.35 17.63 -47.20
CA VAL H 384 -31.31 16.55 -47.07
C VAL H 384 -30.86 15.30 -47.84
N ILE H 385 -30.17 15.47 -48.96
CA ILE H 385 -29.60 14.34 -49.67
C ILE H 385 -28.53 13.67 -48.82
N ASP H 386 -27.62 14.46 -48.27
CA ASP H 386 -26.58 13.91 -47.41
C ASP H 386 -27.12 13.39 -46.09
N HIS H 387 -28.26 13.90 -45.63
CA HIS H 387 -28.89 13.33 -44.45
C HIS H 387 -29.52 11.99 -44.76
N THR H 388 -30.12 11.85 -45.95
CA THR H 388 -30.71 10.57 -46.32
C THR H 388 -29.64 9.54 -46.64
N THR H 389 -28.53 9.99 -47.21
CA THR H 389 -27.44 9.09 -47.54
C THR H 389 -26.76 8.55 -46.29
N GLN H 390 -26.44 9.44 -45.35
CA GLN H 390 -25.79 9.00 -44.12
C GLN H 390 -26.74 8.20 -43.25
N SER H 391 -28.03 8.40 -43.39
CA SER H 391 -29.00 7.52 -42.73
C SER H 391 -29.05 6.14 -43.36
N MET H 392 -28.58 5.99 -44.60
CA MET H 392 -28.53 4.69 -45.25
C MET H 392 -27.24 3.94 -44.95
N LYS H 393 -26.12 4.63 -44.77
CA LYS H 393 -24.86 3.99 -44.40
C LYS H 393 -24.76 3.73 -42.91
N ASN H 394 -25.84 3.89 -42.16
CA ASN H 394 -25.86 3.58 -40.75
C ASN H 394 -26.75 2.37 -40.51
N ASP H 395 -27.91 2.35 -41.15
CA ASP H 395 -28.84 1.25 -40.99
C ASP H 395 -28.42 0.01 -41.74
N TYR H 396 -27.53 0.11 -42.72
CA TYR H 396 -27.03 -1.05 -43.42
C TYR H 396 -25.51 -1.17 -43.38
N LYS H 397 -24.79 -0.19 -42.83
CA LYS H 397 -23.38 -0.29 -42.44
C LYS H 397 -22.46 -0.57 -43.63
N LEU H 398 -22.78 0.01 -44.77
CA LEU H 398 -22.00 -0.17 -45.98
C LEU H 398 -21.29 1.13 -46.33
N TYR H 399 -20.06 1.01 -46.87
CA TYR H 399 -19.18 2.16 -47.01
C TYR H 399 -18.54 2.24 -48.40
N ASP H 400 -19.07 1.55 -49.40
CA ASP H 400 -18.45 1.46 -50.72
C ASP H 400 -19.49 1.69 -51.81
N VAL H 401 -20.23 2.79 -51.70
CA VAL H 401 -21.45 2.95 -52.45
C VAL H 401 -21.25 4.01 -53.54
N GLN H 402 -22.09 3.92 -54.57
CA GLN H 402 -22.14 4.85 -55.70
C GLN H 402 -23.59 5.33 -55.85
N PHE H 403 -24.10 5.95 -54.78
CA PHE H 403 -25.46 6.50 -54.66
C PHE H 403 -25.90 7.24 -55.91
N VAL H 404 -26.97 6.77 -56.54
CA VAL H 404 -27.53 7.45 -57.69
C VAL H 404 -28.92 7.94 -57.33
N ILE H 405 -29.26 9.11 -57.82
CA ILE H 405 -30.54 9.73 -57.57
C ILE H 405 -31.21 9.96 -58.92
N VAL H 406 -32.20 9.14 -59.25
CA VAL H 406 -33.01 9.41 -60.42
C VAL H 406 -34.11 10.38 -60.01
N GLY H 407 -34.43 11.31 -60.90
CA GLY H 407 -35.48 12.28 -60.63
C GLY H 407 -35.79 13.07 -61.87
N ASN H 408 -36.92 13.75 -61.84
CA ASN H 408 -37.30 14.60 -62.95
C ASN H 408 -36.38 15.81 -63.00
N PRO H 409 -35.92 16.21 -64.20
CA PRO H 409 -34.97 17.33 -64.28
C PRO H 409 -35.55 18.70 -63.93
N LEU H 410 -36.83 18.79 -63.62
CA LEU H 410 -37.32 19.95 -62.89
C LEU H 410 -36.80 19.95 -61.46
N ASP H 411 -36.65 18.76 -60.88
CA ASP H 411 -36.19 18.63 -59.50
C ASP H 411 -34.69 18.38 -59.42
N VAL H 412 -34.09 17.79 -60.45
CA VAL H 412 -32.64 17.66 -60.50
C VAL H 412 -32.00 19.03 -60.70
N ARG H 413 -32.73 19.97 -61.30
CA ARG H 413 -32.24 21.33 -61.52
C ARG H 413 -31.95 22.08 -60.22
N LEU H 414 -32.62 21.71 -59.12
CA LEU H 414 -32.39 22.39 -57.85
C LEU H 414 -31.06 22.01 -57.23
N ILE H 415 -30.44 20.92 -57.65
CA ILE H 415 -29.23 20.42 -57.01
C ILE H 415 -27.98 21.23 -57.40
N PRO H 416 -27.65 21.47 -58.69
CA PRO H 416 -26.44 22.28 -58.92
C PRO H 416 -26.67 23.76 -58.71
N ASN H 417 -27.88 24.24 -59.05
CA ASN H 417 -28.32 25.62 -58.83
C ASN H 417 -27.40 26.63 -59.51
N VAL H 418 -27.03 26.32 -60.75
CA VAL H 418 -26.01 27.09 -61.45
C VAL H 418 -26.59 28.44 -61.89
N SER H 419 -25.75 29.47 -61.86
CA SER H 419 -26.13 30.79 -62.33
C SER H 419 -25.91 30.90 -63.83
N TRP H 420 -26.48 31.95 -64.41
CA TRP H 420 -26.40 32.17 -65.84
C TRP H 420 -25.06 32.77 -66.23
N THR H 421 -24.82 32.87 -67.53
CA THR H 421 -23.78 33.72 -68.05
C THR H 421 -24.28 34.33 -69.36
N PHE H 422 -23.67 35.45 -69.74
CA PHE H 422 -24.20 36.27 -70.82
C PHE H 422 -23.12 36.52 -71.87
N ASN H 423 -23.57 36.72 -73.10
CA ASN H 423 -22.69 37.09 -74.20
C ASN H 423 -23.51 37.82 -75.25
N GLY H 424 -22.83 38.27 -76.30
CA GLY H 424 -23.48 38.98 -77.39
C GLY H 424 -24.37 38.10 -78.23
N GLY H 425 -25.68 38.32 -78.14
CA GLY H 425 -26.63 37.45 -78.81
C GLY H 425 -26.91 37.77 -80.26
N ASP H 426 -26.63 36.82 -81.14
CA ASP H 426 -26.94 36.94 -82.55
C ASP H 426 -27.24 35.55 -83.10
N ARG H 427 -28.13 35.48 -84.08
CA ARG H 427 -28.51 34.19 -84.64
C ARG H 427 -27.43 33.60 -85.53
N ASN H 428 -26.42 34.38 -85.90
CA ASN H 428 -25.34 33.87 -86.74
C ASN H 428 -24.39 32.96 -85.97
N ALA H 429 -24.37 33.06 -84.64
CA ALA H 429 -23.47 32.26 -83.82
C ALA H 429 -24.20 31.71 -82.61
N ASP H 430 -25.46 31.34 -82.77
CA ASP H 430 -26.19 30.77 -81.65
C ASP H 430 -25.84 29.30 -81.48
N ALA H 431 -25.97 28.81 -80.25
CA ALA H 431 -25.60 27.44 -79.89
C ALA H 431 -26.85 26.71 -79.45
N TYR H 432 -27.34 25.81 -80.30
CA TYR H 432 -28.62 25.13 -80.06
C TYR H 432 -28.50 24.12 -78.94
N SER H 433 -28.58 24.61 -77.69
CA SER H 433 -28.44 23.81 -76.46
C SER H 433 -27.12 23.03 -76.45
N ASN H 434 -26.07 23.65 -76.99
CA ASN H 434 -24.76 23.06 -76.97
C ASN H 434 -24.13 23.27 -75.60
N GLY H 435 -23.49 22.23 -75.07
CA GLY H 435 -22.96 22.28 -73.74
C GLY H 435 -23.98 22.18 -72.64
N ILE H 436 -25.23 21.88 -72.96
CA ILE H 436 -26.28 21.72 -71.96
C ILE H 436 -26.37 20.22 -71.66
N LYS H 437 -25.79 19.82 -70.54
CA LYS H 437 -25.87 18.43 -70.10
C LYS H 437 -26.17 18.26 -68.62
N ILE H 438 -25.96 19.29 -67.80
CA ILE H 438 -25.93 19.09 -66.35
C ILE H 438 -27.31 18.97 -65.72
N ASN H 439 -28.37 19.14 -66.48
CA ASN H 439 -29.70 18.89 -65.92
C ASN H 439 -30.12 17.43 -66.09
N TYR H 440 -29.32 16.61 -66.74
CA TYR H 440 -29.65 15.21 -66.96
C TYR H 440 -28.62 14.24 -66.41
N SER H 441 -27.35 14.58 -66.42
CA SER H 441 -26.31 13.66 -65.94
C SER H 441 -25.13 14.47 -65.44
N LEU H 442 -24.84 14.36 -64.15
CA LEU H 442 -23.65 14.99 -63.59
C LEU H 442 -23.25 14.25 -62.33
N GLY H 443 -21.95 14.29 -62.03
CA GLY H 443 -21.40 13.61 -60.86
C GLY H 443 -21.16 14.61 -59.74
N ALA H 444 -21.71 14.30 -58.58
CA ALA H 444 -21.67 15.19 -57.42
C ALA H 444 -20.99 14.48 -56.28
N ALA H 445 -19.78 14.90 -55.95
CA ALA H 445 -18.98 14.29 -54.89
C ALA H 445 -19.11 15.14 -53.63
N SER H 446 -20.07 14.81 -52.78
CA SER H 446 -20.23 15.53 -51.53
C SER H 446 -19.25 14.98 -50.48
N GLY H 447 -19.40 15.42 -49.25
CA GLY H 447 -18.56 14.90 -48.18
C GLY H 447 -19.01 13.59 -47.60
N THR H 448 -20.24 13.17 -47.93
CA THR H 448 -20.81 11.93 -47.41
C THR H 448 -20.70 10.78 -48.41
N ALA H 449 -20.89 11.05 -49.69
CA ALA H 449 -20.83 9.99 -50.69
C ALA H 449 -20.42 10.61 -52.02
N ASN H 450 -20.53 9.82 -53.09
CA ASN H 450 -20.27 10.27 -54.44
C ASN H 450 -21.53 10.04 -55.26
N TYR H 451 -22.26 11.10 -55.53
CA TYR H 451 -23.54 10.98 -56.22
C TYR H 451 -23.35 11.01 -57.73
N ARG H 452 -24.17 10.23 -58.41
CA ARG H 452 -24.14 10.05 -59.86
C ARG H 452 -25.54 10.22 -60.41
N ILE H 453 -26.17 11.34 -60.06
CA ILE H 453 -27.59 11.53 -60.25
C ILE H 453 -27.96 11.64 -61.73
N ILE H 454 -29.22 11.33 -62.03
CA ILE H 454 -29.70 11.12 -63.39
C ILE H 454 -31.04 11.81 -63.54
N GLY H 455 -31.17 12.66 -64.57
CA GLY H 455 -32.41 13.32 -64.88
C GLY H 455 -33.06 12.69 -66.10
N SER H 456 -34.35 12.35 -65.97
CA SER H 456 -35.10 11.70 -67.02
C SER H 456 -36.52 12.22 -67.03
N ASP H 457 -37.08 12.40 -68.22
CA ASP H 457 -38.40 13.00 -68.33
C ASP H 457 -39.53 12.05 -67.97
N LEU H 458 -39.25 10.75 -67.91
CA LEU H 458 -40.32 9.77 -67.73
C LEU H 458 -40.82 9.71 -66.29
N VAL H 459 -39.96 9.99 -65.32
CA VAL H 459 -40.35 9.91 -63.92
C VAL H 459 -41.21 11.12 -63.57
N ARG H 460 -42.23 10.89 -62.76
CA ARG H 460 -43.15 11.94 -62.37
C ARG H 460 -42.45 12.98 -61.52
N GLN H 461 -42.68 14.26 -61.83
CA GLN H 461 -42.05 15.34 -61.09
C GLN H 461 -42.61 15.42 -59.68
N GLY H 462 -41.72 15.62 -58.71
CA GLY H 462 -42.13 15.77 -57.34
C GLY H 462 -41.35 14.91 -56.36
N GLU H 463 -40.71 13.86 -56.86
CA GLU H 463 -39.95 12.95 -56.02
C GLU H 463 -38.51 12.87 -56.49
N LEU H 464 -37.63 12.46 -55.59
CA LEU H 464 -36.19 12.45 -55.81
C LEU H 464 -35.57 11.16 -55.26
N THR H 465 -36.09 10.01 -55.71
CA THR H 465 -35.67 8.71 -55.20
C THR H 465 -34.17 8.45 -55.36
N ILE H 466 -33.56 7.89 -54.31
CA ILE H 466 -32.12 7.62 -54.25
C ILE H 466 -31.89 6.12 -54.22
N ILE H 467 -30.96 5.65 -55.04
CA ILE H 467 -30.65 4.23 -55.15
C ILE H 467 -29.19 4.05 -54.70
N ALA H 468 -28.93 3.00 -53.94
CA ALA H 468 -27.60 2.71 -53.42
C ALA H 468 -27.07 1.44 -54.06
N ILE H 469 -25.83 1.48 -54.54
CA ILE H 469 -25.21 0.28 -55.13
C ILE H 469 -23.78 0.10 -54.62
N PRO H 470 -23.44 -1.06 -54.08
CA PRO H 470 -22.08 -1.30 -53.62
C PRO H 470 -21.19 -1.79 -54.74
N GLN H 471 -19.87 -1.70 -54.51
CA GLN H 471 -18.92 -2.28 -55.44
C GLN H 471 -18.52 -3.70 -55.06
N GLN H 472 -18.80 -4.12 -53.84
CA GLN H 472 -18.57 -5.50 -53.46
C GLN H 472 -19.62 -6.38 -54.14
N ASP H 473 -19.15 -7.46 -54.76
CA ASP H 473 -20.09 -8.40 -55.36
C ASP H 473 -20.73 -9.30 -54.32
N ASN H 474 -20.18 -9.34 -53.10
CA ASN H 474 -20.77 -10.10 -52.01
C ASN H 474 -22.02 -9.46 -51.44
N TYR H 475 -22.33 -8.23 -51.83
CA TYR H 475 -23.54 -7.55 -51.39
C TYR H 475 -24.23 -6.96 -52.61
N LYS H 476 -25.51 -7.24 -52.76
CA LYS H 476 -26.27 -6.75 -53.91
C LYS H 476 -27.55 -6.09 -53.40
N THR H 477 -27.81 -4.87 -53.87
CA THR H 477 -28.98 -4.12 -53.48
C THR H 477 -30.07 -4.16 -54.55
N PHE H 478 -29.74 -3.73 -55.77
CA PHE H 478 -30.64 -3.79 -56.89
C PHE H 478 -29.90 -4.39 -58.08
N MET H 479 -30.65 -4.97 -59.00
CA MET H 479 -30.03 -5.62 -60.16
C MET H 479 -31.02 -5.66 -61.30
N PHE H 480 -30.53 -5.37 -62.51
CA PHE H 480 -31.30 -5.48 -63.73
C PHE H 480 -30.77 -6.66 -64.53
N TYR H 481 -31.67 -7.50 -65.03
CA TYR H 481 -31.31 -8.78 -65.65
C TYR H 481 -31.88 -8.85 -67.06
N PRO H 482 -31.16 -8.37 -68.06
CA PRO H 482 -31.64 -8.46 -69.44
C PRO H 482 -31.35 -9.85 -70.03
N TYR H 483 -32.40 -10.62 -70.26
CA TYR H 483 -32.19 -12.01 -70.67
C TYR H 483 -31.87 -12.13 -72.15
N THR H 484 -32.85 -11.81 -73.01
CA THR H 484 -32.68 -11.95 -74.46
C THR H 484 -33.38 -10.81 -75.16
N PHE H 485 -33.14 -10.72 -76.46
CA PHE H 485 -33.78 -9.71 -77.31
C PHE H 485 -33.97 -10.36 -78.67
N ASN H 486 -35.18 -10.85 -78.92
CA ASN H 486 -35.47 -11.65 -80.10
C ASN H 486 -36.37 -10.89 -81.05
N VAL H 487 -36.01 -10.93 -82.33
CA VAL H 487 -36.82 -10.35 -83.40
C VAL H 487 -36.85 -11.34 -84.55
N VAL H 488 -38.05 -11.59 -85.09
CA VAL H 488 -38.21 -12.50 -86.21
C VAL H 488 -38.90 -11.76 -87.35
N ASN H 489 -38.45 -11.99 -88.57
CA ASN H 489 -39.03 -11.42 -89.77
C ASN H 489 -39.80 -12.54 -90.47
N GLY H 490 -41.13 -12.49 -90.39
CA GLY H 490 -41.93 -13.61 -90.83
C GLY H 490 -41.73 -14.78 -89.88
N GLY H 491 -41.03 -15.80 -90.34
CA GLY H 491 -40.61 -16.89 -89.48
C GLY H 491 -41.72 -17.78 -88.97
N GLY H 492 -42.84 -17.85 -89.69
CA GLY H 492 -43.95 -18.69 -89.28
C GLY H 492 -44.84 -18.12 -88.21
N TYR H 493 -44.52 -16.95 -87.67
CA TYR H 493 -45.34 -16.34 -86.64
C TYR H 493 -46.45 -15.53 -87.29
N LEU H 494 -47.69 -15.83 -86.93
CA LEU H 494 -48.81 -15.13 -87.55
C LEU H 494 -49.06 -13.81 -86.84
N ASN H 495 -50.16 -13.17 -87.20
CA ASN H 495 -50.54 -11.91 -86.62
C ASN H 495 -51.76 -12.10 -85.74
N THR H 496 -51.92 -11.22 -84.76
CA THR H 496 -53.05 -11.31 -83.86
C THR H 496 -54.34 -10.90 -84.56
N ARG H 497 -54.30 -9.83 -85.36
CA ARG H 497 -55.52 -9.26 -85.92
C ARG H 497 -55.85 -9.84 -87.28
N ASN H 498 -54.96 -9.67 -88.26
CA ASN H 498 -55.17 -10.21 -89.60
C ASN H 498 -54.06 -11.21 -89.90
N PRO H 499 -54.32 -12.51 -89.81
CA PRO H 499 -53.23 -13.49 -89.92
C PRO H 499 -52.79 -13.80 -91.33
N ASN H 500 -53.51 -13.34 -92.36
CA ASN H 500 -53.18 -13.72 -93.74
C ASN H 500 -51.92 -13.02 -94.21
N VAL H 501 -51.73 -11.77 -93.77
CA VAL H 501 -50.64 -10.92 -94.24
C VAL H 501 -49.36 -11.27 -93.47
N PRO H 502 -48.17 -11.23 -94.10
CA PRO H 502 -46.91 -11.46 -93.37
C PRO H 502 -46.68 -10.45 -92.25
N ASN H 503 -45.82 -10.85 -91.33
CA ASN H 503 -45.80 -10.25 -90.00
C ASN H 503 -44.39 -10.23 -89.44
N MET H 504 -43.89 -9.04 -89.13
CA MET H 504 -42.72 -8.94 -88.27
C MET H 504 -43.14 -9.18 -86.82
N MET H 505 -42.17 -9.52 -85.99
CA MET H 505 -42.43 -9.70 -84.57
C MET H 505 -41.13 -9.49 -83.80
N MET H 506 -41.26 -8.95 -82.60
CA MET H 506 -40.10 -8.63 -81.76
C MET H 506 -40.52 -8.72 -80.30
N THR H 507 -39.60 -9.22 -79.47
CA THR H 507 -39.86 -9.29 -78.05
C THR H 507 -38.56 -9.07 -77.29
N ARG H 508 -38.71 -8.84 -75.99
CA ARG H 508 -37.58 -8.64 -75.10
C ARG H 508 -38.03 -8.97 -73.68
N ARG H 509 -37.33 -9.87 -73.03
CA ARG H 509 -37.69 -10.34 -71.70
C ARG H 509 -36.59 -9.99 -70.72
N TYR H 510 -36.98 -9.59 -69.52
CA TYR H 510 -36.04 -9.12 -68.51
C TYR H 510 -36.69 -9.28 -67.15
N THR H 511 -35.93 -8.97 -66.10
CA THR H 511 -36.50 -8.79 -64.78
C THR H 511 -35.67 -7.77 -64.03
N VAL H 512 -36.27 -7.21 -62.99
CA VAL H 512 -35.61 -6.31 -62.07
C VAL H 512 -35.74 -6.90 -60.68
N GLU H 513 -34.65 -6.87 -59.92
CA GLU H 513 -34.64 -7.57 -58.65
C GLU H 513 -34.14 -6.67 -57.53
N SER H 514 -34.57 -7.00 -56.32
CA SER H 514 -34.24 -6.25 -55.11
C SER H 514 -33.97 -7.29 -54.02
N PHE H 515 -32.69 -7.55 -53.78
CA PHE H 515 -32.35 -8.49 -52.72
C PHE H 515 -32.52 -7.84 -51.35
N VAL H 516 -32.00 -6.64 -51.18
CA VAL H 516 -32.30 -5.83 -50.00
C VAL H 516 -32.71 -4.45 -50.50
N PRO H 517 -33.78 -3.88 -49.98
CA PRO H 517 -34.18 -2.54 -50.43
C PRO H 517 -33.47 -1.42 -49.69
N ILE H 518 -32.60 -0.69 -50.38
CA ILE H 518 -31.99 0.52 -49.84
C ILE H 518 -32.39 1.64 -50.80
N ILE H 519 -33.47 2.33 -50.46
CA ILE H 519 -34.07 3.32 -51.35
C ILE H 519 -34.73 4.40 -50.50
N GLY H 520 -34.52 5.67 -50.89
CA GLY H 520 -35.12 6.76 -50.16
C GLY H 520 -35.68 7.84 -51.06
N ARG H 521 -36.89 8.29 -50.77
CA ARG H 521 -37.60 9.25 -51.60
C ARG H 521 -37.61 10.61 -50.91
N ILE H 522 -37.17 11.65 -51.62
CA ILE H 522 -37.21 13.02 -51.12
C ILE H 522 -38.38 13.70 -51.81
N THR H 523 -39.49 13.84 -51.11
CA THR H 523 -40.67 14.48 -51.68
C THR H 523 -40.51 16.00 -51.77
N ILE H 524 -39.94 16.45 -52.90
CA ILE H 524 -39.71 17.86 -53.14
C ILE H 524 -41.05 18.56 -53.31
N LYS H 525 -41.37 19.46 -52.40
CA LYS H 525 -42.71 20.03 -52.26
C LYS H 525 -42.73 21.45 -52.80
N ASN H 526 -43.81 21.77 -53.51
CA ASN H 526 -44.09 23.10 -54.08
C ASN H 526 -42.97 23.55 -55.02
N ASN H 527 -42.76 22.77 -56.07
CA ASN H 527 -41.80 23.10 -57.13
C ASN H 527 -42.52 23.52 -58.41
N ASN H 528 -43.68 24.15 -58.28
CA ASN H 528 -44.48 24.55 -59.43
C ASN H 528 -44.12 25.94 -59.94
N GLY H 529 -42.91 26.42 -59.66
CA GLY H 529 -42.46 27.70 -60.17
C GLY H 529 -43.08 28.92 -59.52
N SER H 530 -43.96 28.75 -58.53
CA SER H 530 -44.63 29.87 -57.89
C SER H 530 -43.90 30.34 -56.65
N VAL H 531 -42.58 30.15 -56.59
CA VAL H 531 -41.80 30.66 -55.46
C VAL H 531 -41.73 32.18 -55.51
N TYR H 532 -41.33 32.72 -56.65
CA TYR H 532 -41.35 34.17 -56.86
C TYR H 532 -42.66 34.61 -57.49
N ALA H 533 -43.77 34.11 -56.95
CA ALA H 533 -45.09 34.61 -57.33
C ALA H 533 -46.04 34.71 -56.16
N ARG H 534 -45.74 34.10 -55.02
CA ARG H 534 -46.68 34.06 -53.91
C ARG H 534 -46.57 35.32 -53.06
N MET I 81 -42.02 -24.30 -71.06
CA MET I 81 -43.46 -24.22 -71.23
C MET I 81 -44.17 -24.50 -69.92
N GLY I 82 -45.44 -24.88 -70.00
CA GLY I 82 -46.25 -25.19 -68.84
C GLY I 82 -45.84 -26.42 -68.08
N PRO I 83 -46.01 -27.61 -68.68
CA PRO I 83 -45.70 -28.85 -67.95
C PRO I 83 -44.22 -29.11 -67.72
N ILE I 84 -43.33 -28.31 -68.32
CA ILE I 84 -41.91 -28.44 -68.01
C ILE I 84 -41.66 -27.85 -66.63
N GLN I 85 -41.18 -28.69 -65.72
CA GLN I 85 -40.94 -28.24 -64.35
C GLN I 85 -39.66 -27.42 -64.30
N PRO I 86 -39.69 -26.22 -63.72
CA PRO I 86 -38.51 -25.36 -63.75
C PRO I 86 -37.47 -25.79 -62.72
N TYR I 87 -36.22 -25.46 -63.02
CA TYR I 87 -35.10 -25.78 -62.16
C TYR I 87 -34.34 -24.50 -61.85
N ALA I 88 -34.29 -24.14 -60.57
CA ALA I 88 -33.57 -22.95 -60.13
C ALA I 88 -32.11 -23.31 -59.89
N SER I 89 -31.21 -22.78 -60.71
CA SER I 89 -29.79 -23.06 -60.57
C SER I 89 -29.22 -22.17 -59.48
N LEU I 90 -27.90 -22.21 -59.29
CA LEU I 90 -27.24 -21.57 -58.17
C LEU I 90 -26.17 -20.61 -58.68
N SER I 91 -26.40 -19.31 -58.49
CA SER I 91 -25.39 -18.32 -58.86
C SER I 91 -24.28 -18.31 -57.82
N MET I 92 -23.04 -18.31 -58.29
CA MET I 92 -21.86 -18.57 -57.47
C MET I 92 -21.47 -17.50 -56.44
N PRO I 93 -21.52 -16.18 -56.70
CA PRO I 93 -21.17 -15.24 -55.61
C PRO I 93 -22.23 -15.23 -54.53
N ILE I 94 -21.85 -15.69 -53.34
CA ILE I 94 -22.76 -15.82 -52.22
C ILE I 94 -22.92 -14.48 -51.54
N LEU I 95 -24.17 -14.11 -51.25
CA LEU I 95 -24.42 -12.89 -50.52
C LEU I 95 -24.20 -13.09 -49.04
N VAL I 96 -23.73 -12.05 -48.36
CA VAL I 96 -23.31 -12.15 -46.97
C VAL I 96 -23.67 -10.85 -46.28
N LYS I 97 -24.06 -10.96 -45.00
CA LYS I 97 -24.27 -9.79 -44.17
C LYS I 97 -22.93 -9.08 -43.93
N LEU I 98 -23.01 -7.80 -43.59
CA LEU I 98 -21.83 -6.98 -43.43
C LEU I 98 -21.93 -6.19 -42.14
N TRP I 99 -20.76 -5.97 -41.52
CA TRP I 99 -20.66 -5.58 -40.13
C TRP I 99 -20.31 -4.11 -39.99
N ALA I 100 -20.39 -3.62 -38.75
CA ALA I 100 -20.04 -2.25 -38.46
C ALA I 100 -18.54 -2.06 -38.48
N ARG I 101 -18.10 -0.87 -38.88
CA ARG I 101 -16.70 -0.52 -38.78
C ARG I 101 -16.37 -0.11 -37.36
N LEU I 102 -15.21 -0.54 -36.88
CA LEU I 102 -14.83 -0.41 -35.49
C LEU I 102 -13.66 0.57 -35.37
N ALA I 103 -13.87 1.63 -34.58
CA ALA I 103 -12.85 2.66 -34.41
C ALA I 103 -12.71 3.16 -32.99
N LEU I 104 -13.41 2.57 -32.03
CA LEU I 104 -13.40 3.11 -30.67
C LEU I 104 -12.28 2.54 -29.80
N THR I 105 -11.38 1.75 -30.38
CA THR I 105 -10.17 1.38 -29.65
C THR I 105 -9.13 2.49 -29.70
N GLU I 106 -9.35 3.52 -30.50
CA GLU I 106 -8.49 4.70 -30.55
C GLU I 106 -9.14 5.90 -29.90
N ALA I 107 -10.36 5.77 -29.40
CA ALA I 107 -11.04 6.86 -28.72
C ALA I 107 -10.51 7.09 -27.31
N LEU I 108 -9.68 6.18 -26.78
CA LEU I 108 -9.14 6.29 -25.44
C LEU I 108 -7.89 5.43 -25.41
N PRO I 109 -6.84 5.81 -24.67
CA PRO I 109 -5.54 5.17 -24.85
C PRO I 109 -5.50 3.77 -24.28
N THR I 110 -4.66 2.94 -24.90
CA THR I 110 -4.65 1.49 -24.70
C THR I 110 -3.25 1.07 -24.32
N GLN I 111 -2.98 1.01 -23.02
CA GLN I 111 -1.75 0.38 -22.53
C GLN I 111 -2.07 -1.07 -22.20
N VAL I 112 -1.29 -1.98 -22.77
CA VAL I 112 -1.49 -3.40 -22.54
C VAL I 112 -1.07 -3.73 -21.11
N ALA I 113 -1.68 -4.76 -20.54
CA ALA I 113 -1.50 -5.10 -19.14
C ALA I 113 -0.89 -6.48 -19.02
N ASN I 114 0.25 -6.56 -18.34
CA ASN I 114 0.91 -7.85 -18.15
C ASN I 114 0.32 -8.59 -16.96
N LYS I 115 0.33 -7.96 -15.80
CA LYS I 115 -0.35 -8.55 -14.67
C LYS I 115 -1.86 -8.35 -14.81
N PRO I 116 -2.67 -9.29 -14.33
CA PRO I 116 -4.12 -9.11 -14.38
C PRO I 116 -4.70 -8.38 -13.18
N ASN I 117 -3.86 -7.93 -12.26
CA ASN I 117 -4.33 -7.25 -11.06
C ASN I 117 -3.18 -6.38 -10.58
N PHE I 118 -3.34 -5.07 -10.70
CA PHE I 118 -2.32 -4.14 -10.23
C PHE I 118 -3.00 -2.88 -9.71
N THR I 119 -2.22 -2.06 -9.03
CA THR I 119 -2.71 -0.81 -8.45
C THR I 119 -1.84 0.35 -8.92
N VAL I 120 -2.46 1.51 -9.03
CA VAL I 120 -1.73 2.74 -9.25
C VAL I 120 -1.86 3.59 -7.99
N PRO I 121 -0.82 4.31 -7.60
CA PRO I 121 -0.93 5.23 -6.46
C PRO I 121 -1.25 6.65 -6.93
N ILE I 122 -1.93 7.38 -6.05
CA ILE I 122 -2.17 8.81 -6.24
C ILE I 122 -1.60 9.54 -5.04
N LEU I 123 -1.08 10.74 -5.27
CA LEU I 123 -0.34 11.48 -4.26
C LEU I 123 -0.99 12.85 -4.09
N THR I 124 -1.70 13.05 -2.99
CA THR I 124 -2.30 14.36 -2.80
C THR I 124 -1.75 15.05 -1.56
N PRO I 125 -1.50 16.35 -1.63
CA PRO I 125 -1.07 17.10 -0.45
C PRO I 125 -2.27 17.44 0.44
N TYR I 126 -1.96 18.06 1.58
CA TYR I 126 -2.98 18.37 2.57
C TYR I 126 -2.60 19.64 3.32
N VAL I 127 -3.49 20.05 4.23
CA VAL I 127 -3.25 21.13 5.18
C VAL I 127 -3.72 20.66 6.54
N VAL I 128 -3.71 21.54 7.54
CA VAL I 128 -4.10 21.14 8.89
C VAL I 128 -5.19 22.02 9.49
N ASP I 129 -5.40 23.25 8.98
CA ASP I 129 -6.44 24.20 9.41
C ASP I 129 -6.26 24.64 10.88
N ALA I 130 -5.10 24.36 11.47
CA ALA I 130 -4.70 24.68 12.85
C ALA I 130 -5.66 24.12 13.90
N ASP I 131 -6.43 23.08 13.58
CA ASP I 131 -7.26 22.42 14.57
C ASP I 131 -7.32 20.91 14.40
N GLY I 132 -6.59 20.35 13.44
CA GLY I 132 -6.47 18.90 13.34
C GLY I 132 -6.88 18.29 12.02
N ASN I 133 -7.96 18.76 11.41
CA ASN I 133 -8.48 18.11 10.22
C ASN I 133 -7.79 18.61 8.96
N LYS I 134 -7.74 17.74 7.95
CA LYS I 134 -7.04 18.01 6.72
C LYS I 134 -8.02 18.39 5.61
N HIS I 135 -7.50 19.06 4.59
CA HIS I 135 -8.25 19.36 3.39
C HIS I 135 -7.36 19.10 2.18
N ALA I 136 -7.99 18.71 1.07
CA ALA I 136 -7.25 18.50 -0.16
C ALA I 136 -6.72 19.83 -0.68
N LEU I 137 -5.46 19.83 -1.09
CA LEU I 137 -4.81 21.12 -1.25
C LEU I 137 -5.15 21.85 -2.56
N PRO I 138 -5.10 21.27 -3.76
CA PRO I 138 -5.47 22.07 -4.93
C PRO I 138 -6.96 22.31 -5.09
N GLU I 139 -7.79 21.68 -4.27
CA GLU I 139 -9.23 21.94 -4.26
C GLU I 139 -9.58 23.17 -3.45
N SER I 140 -9.26 23.16 -2.15
CA SER I 140 -9.69 24.20 -1.22
C SER I 140 -8.98 25.53 -1.44
N ILE I 141 -7.95 25.57 -2.28
CA ILE I 141 -7.26 26.81 -2.60
C ILE I 141 -7.87 27.48 -3.82
N ASN I 142 -8.30 26.70 -4.82
CA ASN I 142 -8.86 27.26 -6.06
C ASN I 142 -10.29 27.76 -5.83
N ASN I 143 -10.40 28.79 -5.00
CA ASN I 143 -11.66 29.44 -4.65
C ASN I 143 -11.33 30.86 -4.24
N THR I 144 -11.97 31.83 -4.88
CA THR I 144 -11.66 33.24 -4.60
C THR I 144 -12.00 33.75 -3.19
N PRO I 145 -13.02 33.22 -2.43
CA PRO I 145 -13.02 33.72 -1.03
C PRO I 145 -12.10 32.91 -0.13
N GLU I 146 -10.80 33.17 -0.26
CA GLU I 146 -9.78 32.37 0.41
C GLU I 146 -9.73 32.72 1.90
N THR I 147 -10.17 31.78 2.73
CA THR I 147 -10.16 31.98 4.18
C THR I 147 -9.60 30.80 4.96
N LEU I 148 -9.22 29.71 4.29
CA LEU I 148 -8.74 28.52 5.02
C LEU I 148 -7.35 28.76 5.56
N VAL I 149 -6.48 29.39 4.79
CA VAL I 149 -5.08 29.51 5.12
C VAL I 149 -4.68 30.98 5.05
N GLY I 150 -3.88 31.41 6.03
CA GLY I 150 -3.46 32.77 6.15
C GLY I 150 -3.26 33.12 7.61
N LEU I 151 -3.29 34.41 7.91
CA LEU I 151 -3.08 34.83 9.29
C LEU I 151 -4.36 34.66 10.10
N VAL I 152 -4.21 34.78 11.41
CA VAL I 152 -5.32 34.59 12.32
C VAL I 152 -6.19 35.84 12.33
N GLN I 153 -7.50 35.67 12.23
CA GLN I 153 -8.42 36.78 12.33
C GLN I 153 -8.56 37.20 13.79
N ILE I 154 -8.70 38.50 14.02
CA ILE I 154 -8.77 39.00 15.38
C ILE I 154 -10.17 38.81 15.95
N LYS I 155 -11.13 39.53 15.40
CA LYS I 155 -12.53 39.57 15.82
C LYS I 155 -13.23 40.53 14.87
N GLU I 156 -14.56 40.50 14.91
CA GLU I 156 -15.35 41.54 14.26
C GLU I 156 -15.78 42.61 15.25
N ASP I 157 -16.55 42.24 16.26
CA ASP I 157 -17.21 43.21 17.11
C ASP I 157 -16.27 43.75 18.17
N ILE I 158 -16.37 45.06 18.42
CA ILE I 158 -15.79 45.71 19.58
C ILE I 158 -16.87 46.62 20.14
N ALA I 159 -17.45 46.24 21.28
CA ALA I 159 -18.56 46.98 21.85
C ALA I 159 -18.06 48.28 22.45
N VAL I 160 -18.42 49.40 21.84
CA VAL I 160 -17.97 50.73 22.25
C VAL I 160 -19.15 51.43 22.92
N GLU I 161 -19.17 51.43 24.24
CA GLU I 161 -20.20 52.11 24.99
C GLU I 161 -19.78 53.56 25.19
N GLY I 162 -20.69 54.49 24.90
CA GLY I 162 -20.45 55.89 25.19
C GLY I 162 -19.40 56.55 24.34
N GLY I 163 -19.09 55.98 23.17
CA GLY I 163 -18.12 56.58 22.29
C GLY I 163 -16.68 56.35 22.68
N LYS I 164 -16.40 55.48 23.64
CA LYS I 164 -15.03 55.25 24.07
C LYS I 164 -14.90 53.88 24.73
N VAL I 165 -13.77 53.23 24.49
CA VAL I 165 -13.39 52.05 25.25
C VAL I 165 -12.10 52.39 26.02
N THR I 166 -11.91 51.68 27.14
CA THR I 166 -10.79 51.91 28.04
C THR I 166 -9.93 50.65 28.07
N ASP I 167 -8.86 50.67 27.27
CA ASP I 167 -7.82 49.63 27.24
C ASP I 167 -8.41 48.26 26.89
N TYR I 168 -9.22 48.24 25.84
CA TYR I 168 -9.90 47.01 25.44
C TYR I 168 -8.92 46.04 24.78
N ASP I 169 -9.05 44.77 25.14
CA ASP I 169 -8.16 43.74 24.64
C ASP I 169 -8.64 43.29 23.27
N LEU I 170 -7.75 43.40 22.28
CA LEU I 170 -8.06 42.90 20.96
C LEU I 170 -7.98 41.38 20.90
N PHE I 171 -7.16 40.76 21.74
CA PHE I 171 -7.01 39.31 21.75
C PHE I 171 -8.04 38.65 22.66
N THR I 172 -9.32 38.97 22.44
CA THR I 172 -10.41 38.42 23.21
C THR I 172 -11.11 37.36 22.38
N GLY I 173 -11.28 36.17 22.95
CA GLY I 173 -11.87 35.05 22.25
C GLY I 173 -10.87 34.17 21.53
N LEU I 174 -9.74 34.75 21.09
CA LEU I 174 -8.65 33.97 20.53
C LEU I 174 -8.01 33.13 21.62
N LYS I 175 -8.23 31.83 21.59
CA LYS I 175 -7.79 30.97 22.69
C LYS I 175 -6.30 30.72 22.64
N GLU I 176 -5.76 30.29 23.78
CA GLU I 176 -4.34 30.22 24.03
C GLU I 176 -3.68 29.11 23.23
N GLY I 177 -2.36 29.14 23.18
CA GLY I 177 -1.58 28.04 22.66
C GLY I 177 -1.45 28.00 21.15
N LYS I 178 -2.54 27.71 20.46
CA LYS I 178 -2.50 27.50 19.03
C LYS I 178 -2.78 28.75 18.22
N GLU I 179 -3.24 29.82 18.85
CA GLU I 179 -3.54 31.05 18.14
C GLU I 179 -2.69 32.22 18.60
N VAL I 180 -2.65 32.48 19.91
CA VAL I 180 -1.99 33.67 20.44
C VAL I 180 -1.42 33.33 21.80
N ARG I 181 -0.26 33.88 22.10
CA ARG I 181 0.38 33.74 23.41
C ARG I 181 0.52 35.12 24.02
N LYS I 182 -0.17 35.36 25.13
CA LYS I 182 -0.26 36.69 25.72
C LYS I 182 1.10 37.15 26.23
N GLY I 183 1.50 38.33 25.79
CA GLY I 183 2.81 38.86 26.12
C GLY I 183 3.95 38.28 25.31
N ILE I 184 3.66 37.50 24.27
CA ILE I 184 4.73 36.89 23.47
C ILE I 184 4.65 37.41 22.04
N ASP I 185 3.53 37.20 21.36
CA ASP I 185 3.37 37.74 20.02
C ASP I 185 2.47 38.97 20.04
N ARG I 186 2.77 39.89 19.13
CA ARG I 186 2.10 41.17 19.08
C ARG I 186 0.90 41.11 18.14
N LEU I 187 0.26 42.26 17.95
CA LEU I 187 -0.67 42.46 16.85
C LEU I 187 0.08 43.20 15.75
N ASP I 188 -0.35 43.02 14.51
CA ASP I 188 0.42 43.53 13.39
C ASP I 188 0.20 45.03 13.18
N ARG I 189 0.89 45.56 12.18
CA ARG I 189 0.69 46.96 11.81
C ARG I 189 -0.39 47.14 10.76
N LYS I 190 -0.90 46.06 10.17
CA LYS I 190 -1.96 46.16 9.18
C LYS I 190 -3.33 46.03 9.84
N PHE I 191 -3.54 46.84 10.86
CA PHE I 191 -4.83 46.93 11.51
C PHE I 191 -5.69 47.94 10.77
N LYS I 192 -6.97 47.64 10.65
CA LYS I 192 -7.93 48.52 10.02
C LYS I 192 -9.26 48.42 10.75
N ILE I 193 -10.06 49.46 10.61
CA ILE I 193 -11.49 49.37 10.86
C ILE I 193 -12.18 49.49 9.52
N VAL I 194 -13.27 48.76 9.34
CA VAL I 194 -13.88 48.63 8.03
C VAL I 194 -15.35 48.97 8.11
N GLU I 195 -15.88 49.00 9.33
CA GLU I 195 -17.30 49.18 9.55
C GLU I 195 -17.53 49.73 10.94
N ALA I 196 -18.55 50.59 11.07
CA ALA I 196 -18.88 51.17 12.36
C ALA I 196 -20.38 51.43 12.40
N LYS I 197 -20.89 51.62 13.62
CA LYS I 197 -22.30 51.89 13.81
C LYS I 197 -22.47 52.91 14.91
N TRP I 198 -23.07 54.05 14.58
CA TRP I 198 -23.36 55.11 15.52
C TRP I 198 -24.74 54.87 16.09
N SER I 199 -25.25 55.84 16.85
CA SER I 199 -26.59 55.67 17.40
C SER I 199 -27.69 56.05 16.40
N ASP I 200 -27.33 56.54 15.22
CA ASP I 200 -28.29 56.76 14.15
C ASP I 200 -27.57 56.59 12.81
N SER I 201 -27.65 55.39 12.25
CA SER I 201 -26.89 55.09 11.06
C SER I 201 -27.69 54.13 10.18
N PHE I 202 -27.60 54.31 8.87
CA PHE I 202 -28.22 53.40 7.93
C PHE I 202 -27.16 52.63 7.16
N ASP I 203 -27.44 51.35 6.93
CA ASP I 203 -26.46 50.47 6.30
C ASP I 203 -26.29 50.78 4.82
N GLU I 204 -27.40 51.08 4.13
CA GLU I 204 -27.48 51.25 2.67
C GLU I 204 -27.04 49.99 1.91
N ARG I 205 -27.12 48.85 2.56
CA ARG I 205 -27.07 47.51 1.98
C ARG I 205 -28.22 46.66 2.49
N THR I 206 -28.61 46.84 3.74
CA THR I 206 -29.76 46.18 4.36
C THR I 206 -30.55 47.22 5.17
N SER I 207 -30.86 48.34 4.51
CA SER I 207 -31.11 49.67 5.09
C SER I 207 -32.06 49.71 6.28
N ALA I 208 -31.50 50.03 7.44
CA ALA I 208 -32.19 50.07 8.73
C ALA I 208 -31.21 50.73 9.71
N ALA I 209 -31.59 50.74 10.99
CA ALA I 209 -30.70 51.26 12.01
C ALA I 209 -29.55 50.29 12.25
N GLY I 210 -28.50 50.37 11.43
CA GLY I 210 -27.43 49.41 11.49
C GLY I 210 -26.05 50.03 11.30
N PHE I 211 -25.16 49.29 10.64
CA PHE I 211 -23.76 49.69 10.55
C PHE I 211 -23.58 50.72 9.45
N VAL I 212 -22.33 51.07 9.15
CA VAL I 212 -21.98 51.97 8.04
C VAL I 212 -20.78 51.38 7.33
N GLU I 213 -20.92 51.14 6.02
CA GLU I 213 -19.78 50.76 5.20
C GLU I 213 -18.82 51.93 5.10
N LEU I 214 -17.58 51.73 5.54
CA LEU I 214 -16.54 52.75 5.41
C LEU I 214 -15.83 52.53 4.08
N GLY I 215 -16.53 52.88 3.00
CA GLY I 215 -16.00 52.67 1.66
C GLY I 215 -14.90 53.66 1.35
N SER I 216 -13.65 53.16 1.27
CA SER I 216 -12.44 53.88 0.87
C SER I 216 -12.01 54.99 1.83
N ASN I 217 -12.74 55.18 2.92
CA ASN I 217 -12.34 56.05 4.01
C ASN I 217 -12.16 55.23 5.28
N VAL I 218 -11.53 54.06 5.13
CA VAL I 218 -11.14 53.27 6.30
C VAL I 218 -10.05 54.01 7.07
N VAL I 219 -9.90 53.62 8.32
CA VAL I 219 -8.88 54.20 9.19
C VAL I 219 -7.78 53.16 9.35
N LYS I 220 -6.74 53.28 8.54
CA LYS I 220 -5.59 52.40 8.63
C LYS I 220 -4.62 52.91 9.68
N LEU I 221 -3.70 52.03 10.09
CA LEU I 221 -2.79 52.36 11.17
C LEU I 221 -1.70 53.30 10.68
N GLN I 222 -1.64 54.48 11.28
CA GLN I 222 -0.66 55.49 10.90
C GLN I 222 0.64 55.28 11.67
N ASP I 223 1.52 56.28 11.65
CA ASP I 223 2.69 56.27 12.51
C ASP I 223 2.26 56.43 13.96
N ASN I 224 3.12 55.94 14.86
CA ASN I 224 2.92 55.86 16.32
C ASN I 224 1.70 54.99 16.67
N ASP I 225 1.27 54.15 15.73
CA ASP I 225 0.18 53.18 15.89
C ASP I 225 -1.12 53.85 16.33
N THR I 226 -1.46 54.96 15.67
CA THR I 226 -2.68 55.69 15.98
C THR I 226 -3.64 55.58 14.80
N LEU I 227 -4.91 55.83 15.10
CA LEU I 227 -5.99 55.71 14.13
C LEU I 227 -6.86 56.95 14.24
N VAL I 228 -6.73 57.85 13.27
CA VAL I 228 -7.54 59.06 13.18
C VAL I 228 -8.26 59.06 11.84
N GLY I 229 -9.55 59.34 11.86
CA GLY I 229 -10.29 59.42 10.62
C GLY I 229 -11.50 60.33 10.70
N GLN I 230 -11.58 61.30 9.80
CA GLN I 230 -12.74 62.17 9.70
C GLN I 230 -13.66 61.59 8.63
N ILE I 231 -14.78 61.01 9.06
CA ILE I 231 -15.66 60.30 8.16
C ILE I 231 -17.06 60.87 8.24
N LYS I 232 -17.83 60.65 7.18
CA LYS I 232 -19.19 61.16 7.05
C LYS I 232 -20.11 59.94 6.92
N TYR I 233 -20.81 59.62 8.00
CA TYR I 233 -21.74 58.51 7.90
C TYR I 233 -23.13 59.02 7.51
N PRO I 234 -23.86 58.26 6.71
CA PRO I 234 -25.25 58.63 6.42
C PRO I 234 -26.15 58.39 7.63
N THR I 235 -27.16 59.22 7.75
CA THR I 235 -28.11 59.05 8.83
C THR I 235 -29.51 58.69 8.35
N ASN I 236 -29.99 59.35 7.30
CA ASN I 236 -31.32 59.13 6.75
C ASN I 236 -31.19 58.73 5.29
N GLY I 237 -31.99 57.76 4.87
CA GLY I 237 -31.95 57.26 3.52
C GLY I 237 -32.64 58.19 2.55
N ASP I 238 -33.85 58.62 2.90
CA ASP I 238 -34.59 59.59 2.12
C ASP I 238 -34.28 61.02 2.55
N GLY I 239 -33.37 61.21 3.51
CA GLY I 239 -33.03 62.55 3.96
C GLY I 239 -31.64 62.97 3.56
N GLU I 240 -30.71 62.02 3.55
CA GLU I 240 -29.29 62.22 3.25
C GLU I 240 -28.69 63.28 4.18
N VAL I 241 -28.77 62.99 5.48
CA VAL I 241 -28.35 63.94 6.49
C VAL I 241 -26.84 64.09 6.51
N GLU I 242 -26.13 62.94 6.45
CA GLU I 242 -24.67 62.85 6.38
C GLU I 242 -24.01 63.54 7.57
N THR I 243 -24.27 63.01 8.75
CA THR I 243 -23.67 63.54 9.96
C THR I 243 -22.18 63.23 9.99
N ASP I 244 -21.38 64.23 10.33
CA ASP I 244 -19.94 64.09 10.41
C ASP I 244 -19.51 63.75 11.83
N THR I 245 -18.35 63.10 11.93
CA THR I 245 -17.80 62.66 13.19
C THR I 245 -16.31 62.38 12.98
N ILE I 246 -15.65 61.89 14.03
CA ILE I 246 -14.24 61.52 13.95
C ILE I 246 -13.97 60.42 14.96
N LEU I 247 -13.05 59.54 14.61
CA LEU I 247 -12.66 58.41 15.45
C LEU I 247 -11.17 58.56 15.76
N GLY I 248 -10.87 59.09 16.94
CA GLY I 248 -9.49 59.18 17.40
C GLY I 248 -9.14 57.95 18.20
N LYS I 249 -8.15 57.21 17.75
CA LYS I 249 -7.86 55.91 18.32
C LYS I 249 -6.35 55.69 18.36
N VAL I 250 -5.92 54.92 19.35
CA VAL I 250 -4.53 54.49 19.47
C VAL I 250 -4.55 53.06 20.01
N ASP I 251 -3.51 52.30 19.68
CA ASP I 251 -3.35 50.97 20.22
C ASP I 251 -1.86 50.62 20.24
N VAL I 252 -1.38 50.15 21.38
CA VAL I 252 -0.02 49.61 21.44
C VAL I 252 -0.03 48.18 20.91
N SER I 253 0.85 47.92 19.94
CA SER I 253 0.79 46.65 19.22
C SER I 253 1.32 45.51 20.07
N SER I 254 2.52 45.66 20.63
CA SER I 254 3.08 44.65 21.50
C SER I 254 2.31 44.58 22.82
N GLY I 255 1.78 45.71 23.27
CA GLY I 255 0.90 45.73 24.42
C GLY I 255 -0.52 45.33 24.15
N GLU I 256 -0.88 45.13 22.88
CA GLU I 256 -2.09 44.47 22.36
C GLU I 256 -3.43 45.08 22.81
N LEU I 257 -3.41 46.24 23.45
CA LEU I 257 -4.64 46.86 23.93
C LEU I 257 -5.00 48.04 23.04
N THR I 258 -6.29 48.17 22.73
CA THR I 258 -6.76 49.28 21.92
C THR I 258 -7.39 50.36 22.80
N LEU I 259 -7.64 51.52 22.19
CA LEU I 259 -8.06 52.68 22.96
C LEU I 259 -8.84 53.63 22.05
N THR I 260 -10.16 53.55 22.12
CA THR I 260 -11.08 54.27 21.24
C THR I 260 -11.63 55.49 21.95
N SER I 261 -11.71 56.61 21.23
CA SER I 261 -12.56 57.71 21.66
C SER I 261 -13.14 58.37 20.41
N ALA I 262 -14.30 58.99 20.58
CA ALA I 262 -14.97 59.65 19.48
C ALA I 262 -15.84 60.77 20.02
N SER I 263 -15.88 61.89 19.28
CA SER I 263 -16.61 63.06 19.74
C SER I 263 -18.12 62.89 19.62
N GLY I 264 -18.59 62.02 18.73
CA GLY I 264 -20.02 61.85 18.54
C GLY I 264 -20.61 60.80 19.45
N LYS I 265 -21.17 59.75 18.85
CA LYS I 265 -21.91 58.75 19.62
C LYS I 265 -21.68 57.38 18.96
N LEU I 266 -20.93 56.52 19.63
CA LEU I 266 -20.59 55.22 19.06
C LEU I 266 -21.32 54.11 19.79
N THR I 267 -21.58 53.05 19.06
CA THR I 267 -22.12 51.82 19.65
C THR I 267 -21.16 50.66 19.52
N ASP I 268 -20.57 50.46 18.33
CA ASP I 268 -19.52 49.48 18.11
C ASP I 268 -18.82 49.80 16.80
N VAL I 269 -17.63 49.23 16.64
CA VAL I 269 -16.84 49.36 15.43
C VAL I 269 -16.40 47.96 15.03
N LYS I 270 -16.74 47.56 13.80
CA LYS I 270 -16.34 46.26 13.28
C LYS I 270 -14.94 46.42 12.67
N VAL I 271 -13.96 45.79 13.29
CA VAL I 271 -12.58 45.98 12.92
C VAL I 271 -12.10 44.76 12.15
N LYS I 272 -10.90 44.87 11.58
CA LYS I 272 -10.30 43.77 10.82
C LYS I 272 -8.79 43.92 10.86
N GLY I 273 -8.13 43.04 11.60
CA GLY I 273 -6.69 42.98 11.63
C GLY I 273 -6.25 41.54 11.78
N TYR I 274 -4.96 41.30 11.98
CA TYR I 274 -4.48 39.94 12.17
C TYR I 274 -3.50 39.92 13.34
N VAL I 275 -2.97 38.74 13.62
CA VAL I 275 -1.88 38.56 14.58
C VAL I 275 -0.60 38.49 13.78
N ALA I 276 0.38 39.33 14.14
CA ALA I 276 1.67 39.34 13.48
C ALA I 276 2.39 38.02 13.76
N SER I 277 2.67 37.27 12.70
CA SER I 277 3.28 35.96 12.84
C SER I 277 4.81 36.09 12.81
N GLU I 278 5.33 36.78 13.82
CA GLU I 278 6.76 36.73 14.07
C GLU I 278 7.08 35.66 15.10
N GLN I 279 6.49 35.75 16.28
CA GLN I 279 6.58 34.69 17.26
C GLN I 279 5.69 33.55 16.79
N HIS I 280 6.28 32.37 16.57
CA HIS I 280 5.57 31.20 16.06
C HIS I 280 4.50 30.75 17.03
N THR I 281 3.24 30.93 16.66
CA THR I 281 2.15 30.51 17.54
C THR I 281 1.13 29.79 16.67
N SER I 282 1.14 30.12 15.38
CA SER I 282 0.25 29.48 14.42
C SER I 282 0.90 29.57 13.06
N ALA I 283 1.37 28.43 12.56
CA ALA I 283 1.80 28.30 11.19
C ALA I 283 0.91 27.28 10.49
N THR I 284 1.16 27.05 9.21
CA THR I 284 0.39 26.10 8.43
C THR I 284 1.27 24.94 8.00
N ASN I 285 0.74 23.73 8.15
CA ASN I 285 1.47 22.52 7.82
C ASN I 285 0.92 21.90 6.55
N VAL I 286 1.81 21.26 5.79
CA VAL I 286 1.43 20.49 4.62
C VAL I 286 2.01 19.09 4.76
N GLU I 287 1.26 18.10 4.31
CA GLU I 287 1.69 16.72 4.38
C GLU I 287 1.17 15.98 3.16
N LEU I 288 1.85 14.89 2.82
CA LEU I 288 1.51 14.08 1.65
C LEU I 288 0.58 12.96 2.09
N GLY I 289 -0.49 12.77 1.32
CA GLY I 289 -1.39 11.65 1.52
C GLY I 289 -1.38 10.79 0.28
N LEU I 290 -1.51 9.49 0.46
CA LEU I 290 -1.36 8.56 -0.66
C LEU I 290 -2.36 7.43 -0.51
N THR I 291 -3.16 7.21 -1.56
CA THR I 291 -4.03 6.06 -1.64
C THR I 291 -3.80 5.37 -2.97
N ARG I 292 -4.40 4.19 -3.12
CA ARG I 292 -4.20 3.37 -4.30
C ARG I 292 -5.55 2.94 -4.87
N LYS I 293 -5.56 2.66 -6.17
CA LYS I 293 -6.76 2.25 -6.89
C LYS I 293 -6.45 1.03 -7.73
N ASP I 294 -7.31 0.01 -7.64
CA ASP I 294 -7.05 -1.29 -8.24
C ASP I 294 -7.65 -1.40 -9.64
N VAL I 295 -6.91 -2.09 -10.52
CA VAL I 295 -7.23 -2.21 -11.95
C VAL I 295 -7.38 -3.71 -12.22
N VAL I 296 -8.09 -4.42 -11.32
CA VAL I 296 -8.31 -5.85 -11.47
C VAL I 296 -8.96 -6.19 -12.80
N ILE I 297 -8.36 -7.13 -13.52
CA ILE I 297 -8.88 -7.65 -14.78
C ILE I 297 -9.33 -9.08 -14.52
N ASP I 298 -10.42 -9.49 -15.15
CA ASP I 298 -11.02 -10.77 -14.82
C ASP I 298 -11.46 -11.49 -16.09
N THR I 299 -11.95 -12.71 -15.89
CA THR I 299 -12.39 -13.55 -16.99
C THR I 299 -13.70 -13.03 -17.53
N ALA I 300 -13.70 -12.61 -18.79
CA ALA I 300 -14.91 -12.19 -19.46
C ALA I 300 -15.57 -13.41 -20.10
N GLN I 301 -16.70 -13.18 -20.76
CA GLN I 301 -17.48 -14.28 -21.34
C GLN I 301 -16.81 -14.80 -22.59
N HIS I 302 -16.61 -16.11 -22.64
CA HIS I 302 -16.03 -16.77 -23.79
C HIS I 302 -17.14 -17.21 -24.73
N ILE I 303 -16.92 -17.04 -26.03
CA ILE I 303 -17.89 -17.43 -27.02
C ILE I 303 -17.41 -18.72 -27.67
N GLU I 304 -18.35 -19.55 -28.10
CA GLU I 304 -18.01 -20.85 -28.66
C GLU I 304 -18.86 -21.09 -29.90
N ALA I 305 -18.50 -22.13 -30.64
CA ALA I 305 -19.23 -22.52 -31.85
C ALA I 305 -19.27 -24.04 -31.89
N THR I 306 -20.40 -24.62 -31.51
CA THR I 306 -20.61 -26.06 -31.57
C THR I 306 -20.58 -26.56 -33.02
N VAL I 307 -19.66 -27.45 -33.32
CA VAL I 307 -19.39 -27.88 -34.68
C VAL I 307 -19.41 -29.41 -34.75
N PRO I 308 -20.46 -29.99 -35.31
CA PRO I 308 -20.44 -31.43 -35.60
C PRO I 308 -19.61 -31.76 -36.84
N LEU I 309 -19.54 -33.05 -37.18
CA LEU I 309 -18.79 -33.52 -38.34
C LEU I 309 -19.64 -33.59 -39.60
N GLU I 310 -20.89 -34.02 -39.48
CA GLU I 310 -21.79 -34.18 -40.61
C GLU I 310 -22.49 -32.90 -41.01
N VAL I 311 -21.99 -31.75 -40.57
CA VAL I 311 -22.53 -30.47 -40.99
C VAL I 311 -21.42 -29.75 -41.73
N ILE I 312 -20.19 -30.21 -41.56
CA ILE I 312 -19.05 -29.65 -42.29
C ILE I 312 -18.98 -30.20 -43.70
N GLN I 313 -19.18 -31.50 -43.86
CA GLN I 313 -19.23 -32.09 -45.18
C GLN I 313 -20.52 -31.72 -45.90
N ASP I 314 -21.58 -31.40 -45.16
CA ASP I 314 -22.81 -30.96 -45.79
C ASP I 314 -22.72 -29.54 -46.34
N MET I 315 -21.81 -28.73 -45.83
CA MET I 315 -21.56 -27.41 -46.41
C MET I 315 -20.46 -27.43 -47.45
N LYS I 316 -19.48 -28.33 -47.31
CA LYS I 316 -18.44 -28.44 -48.31
C LYS I 316 -18.95 -29.04 -49.60
N ALA I 317 -19.98 -29.87 -49.52
CA ALA I 317 -20.52 -30.51 -50.73
C ALA I 317 -21.43 -29.56 -51.49
N THR I 318 -22.48 -29.07 -50.85
CA THR I 318 -23.51 -28.33 -51.56
C THR I 318 -23.05 -26.92 -51.91
N TYR I 319 -22.74 -26.11 -50.91
CA TYR I 319 -22.46 -24.70 -51.13
C TYR I 319 -20.99 -24.37 -51.22
N ASP I 320 -20.10 -25.33 -50.95
CA ASP I 320 -18.66 -25.12 -50.78
C ASP I 320 -18.40 -24.04 -49.72
N ILE I 321 -19.02 -24.21 -48.56
CA ILE I 321 -18.82 -23.31 -47.44
C ILE I 321 -17.89 -23.98 -46.45
N ASP I 322 -16.80 -23.31 -46.11
CA ASP I 322 -15.95 -23.75 -45.02
C ASP I 322 -16.72 -23.52 -43.72
N GLY I 323 -16.95 -24.59 -42.97
CA GLY I 323 -17.77 -24.49 -41.79
C GLY I 323 -17.09 -23.85 -40.60
N VAL I 324 -15.76 -23.88 -40.55
CA VAL I 324 -15.05 -23.33 -39.40
C VAL I 324 -14.38 -21.99 -39.72
N ALA I 325 -14.04 -21.72 -40.98
CA ALA I 325 -13.57 -20.40 -41.34
C ALA I 325 -14.71 -19.40 -41.54
N ARG I 326 -15.94 -19.87 -41.55
CA ARG I 326 -17.10 -19.00 -41.44
C ARG I 326 -17.62 -18.94 -40.02
N LEU I 327 -17.02 -19.69 -39.12
CA LEU I 327 -17.35 -19.62 -37.71
C LEU I 327 -16.26 -18.97 -36.88
N SER I 328 -15.01 -18.98 -37.35
CA SER I 328 -13.97 -18.23 -36.68
C SER I 328 -14.18 -16.73 -36.86
N GLU I 329 -14.39 -16.29 -38.10
CA GLU I 329 -14.59 -14.88 -38.36
C GLU I 329 -15.97 -14.42 -37.89
N THR I 330 -16.90 -15.35 -37.72
CA THR I 330 -18.14 -15.02 -37.02
C THR I 330 -17.87 -14.73 -35.55
N MET I 331 -17.03 -15.55 -34.93
CA MET I 331 -16.65 -15.31 -33.54
C MET I 331 -15.73 -14.10 -33.42
N SER I 332 -14.77 -13.96 -34.33
CA SER I 332 -13.80 -12.88 -34.25
C SER I 332 -14.41 -11.51 -34.48
N GLN I 333 -15.54 -11.44 -35.19
CA GLN I 333 -16.27 -10.20 -35.30
C GLN I 333 -17.23 -9.98 -34.15
N LEU I 334 -17.68 -11.06 -33.50
CA LEU I 334 -18.53 -10.89 -32.34
C LEU I 334 -17.73 -10.42 -31.13
N SER I 335 -16.52 -10.93 -30.95
CA SER I 335 -15.70 -10.48 -29.82
C SER I 335 -15.19 -9.07 -30.05
N SER I 336 -14.94 -8.70 -31.31
CA SER I 336 -14.46 -7.37 -31.60
C SER I 336 -15.54 -6.31 -31.41
N GLN I 337 -16.78 -6.63 -31.73
CA GLN I 337 -17.88 -5.71 -31.48
C GLN I 337 -18.39 -5.79 -30.04
N LYS I 338 -18.05 -6.84 -29.31
CA LYS I 338 -18.37 -6.87 -27.88
C LYS I 338 -17.50 -5.90 -27.10
N VAL I 339 -16.26 -5.70 -27.56
CA VAL I 339 -15.38 -4.74 -26.92
C VAL I 339 -15.88 -3.32 -27.13
N ASP I 340 -16.20 -2.96 -28.36
CA ASP I 340 -16.59 -1.60 -28.67
C ASP I 340 -18.00 -1.26 -28.24
N LEU I 341 -18.85 -2.26 -28.06
CA LEU I 341 -20.14 -2.00 -27.43
C LEU I 341 -20.00 -1.81 -25.93
N ASP I 342 -18.96 -2.39 -25.32
CA ASP I 342 -18.68 -2.17 -23.92
C ASP I 342 -18.07 -0.80 -23.67
N ILE I 343 -17.30 -0.29 -24.62
CA ILE I 343 -16.71 1.04 -24.50
C ILE I 343 -17.80 2.10 -24.48
N ILE I 344 -18.79 1.97 -25.35
CA ILE I 344 -19.94 2.88 -25.34
C ILE I 344 -20.74 2.71 -24.06
N GLU I 345 -20.87 1.48 -23.57
CA GLU I 345 -21.51 1.28 -22.26
C GLU I 345 -20.67 1.84 -21.13
N PHE I 346 -19.35 1.85 -21.30
CA PHE I 346 -18.48 2.41 -20.26
C PHE I 346 -18.62 3.92 -20.21
N LEU I 347 -18.62 4.58 -21.36
CA LEU I 347 -18.77 6.03 -21.39
C LEU I 347 -20.21 6.47 -21.15
N ASP I 348 -21.17 5.56 -21.22
CA ASP I 348 -22.54 5.93 -20.87
C ASP I 348 -22.69 5.97 -19.36
N HIS I 349 -22.25 4.92 -18.67
CA HIS I 349 -22.44 4.86 -17.23
C HIS I 349 -21.48 5.77 -16.50
N GLU I 350 -20.23 5.85 -16.94
CA GLU I 350 -19.25 6.70 -16.29
C GLU I 350 -19.27 8.14 -16.80
N TYR I 351 -20.33 8.53 -17.51
CA TYR I 351 -20.73 9.92 -17.60
C TYR I 351 -21.83 10.27 -16.62
N LYS I 352 -22.73 9.32 -16.35
CA LYS I 352 -23.83 9.54 -15.42
C LYS I 352 -23.36 9.72 -13.98
N GLU I 353 -22.15 9.27 -13.66
CA GLU I 353 -21.59 9.51 -12.33
C GLU I 353 -20.93 10.88 -12.20
N THR I 354 -20.93 11.68 -13.27
CA THR I 354 -20.55 13.08 -13.17
C THR I 354 -21.75 13.98 -12.96
N ASP I 355 -22.96 13.40 -12.93
CA ASP I 355 -24.22 14.10 -12.65
C ASP I 355 -24.49 15.24 -13.64
N ALA I 356 -24.15 14.97 -14.91
CA ALA I 356 -24.35 15.90 -16.03
C ALA I 356 -23.67 17.25 -15.80
N LYS I 357 -22.39 17.20 -15.42
CA LYS I 357 -21.65 18.43 -15.15
C LYS I 357 -21.32 19.20 -16.41
N TYR I 358 -21.35 18.55 -17.56
CA TYR I 358 -21.05 19.22 -18.83
C TYR I 358 -22.10 18.89 -19.87
N HIS I 359 -23.36 18.92 -19.47
CA HIS I 359 -24.46 18.63 -20.38
C HIS I 359 -24.91 19.93 -21.02
N PHE I 360 -24.31 20.26 -22.16
CA PHE I 360 -24.61 21.48 -22.88
C PHE I 360 -25.32 21.11 -24.19
N SER I 361 -26.57 21.51 -24.31
CA SER I 361 -27.42 21.08 -25.41
C SER I 361 -27.17 21.91 -26.66
N PHE I 362 -27.85 21.55 -27.74
CA PHE I 362 -27.73 22.23 -29.02
C PHE I 362 -28.97 21.90 -29.85
N ASP I 363 -29.42 22.88 -30.64
CA ASP I 363 -30.57 22.70 -31.49
C ASP I 363 -30.17 22.87 -32.95
N VAL I 364 -30.73 22.02 -33.80
CA VAL I 364 -30.48 22.10 -35.24
C VAL I 364 -31.53 23.02 -35.84
N PHE I 365 -32.72 23.00 -35.27
CA PHE I 365 -33.72 24.02 -35.59
C PHE I 365 -33.18 25.36 -35.10
N PRO I 366 -33.00 26.33 -35.97
CA PRO I 366 -32.57 27.65 -35.51
C PRO I 366 -33.69 28.33 -34.74
N HIS I 367 -33.32 29.38 -34.02
CA HIS I 367 -34.26 30.10 -33.19
C HIS I 367 -35.30 30.82 -34.06
N SER I 368 -36.46 31.11 -33.47
CA SER I 368 -37.60 31.66 -34.17
C SER I 368 -37.36 33.07 -34.70
N ASP I 369 -36.27 33.71 -34.34
CA ASP I 369 -35.84 34.97 -34.92
C ASP I 369 -34.42 34.85 -35.45
N TYR I 370 -34.13 33.79 -36.19
CA TYR I 370 -32.81 33.66 -36.79
C TYR I 370 -32.78 34.27 -38.20
N SER I 371 -33.64 33.78 -39.08
CA SER I 371 -33.92 34.37 -40.40
C SER I 371 -32.67 34.44 -41.28
N ALA I 372 -32.00 33.31 -41.41
CA ALA I 372 -30.94 33.15 -42.41
C ALA I 372 -30.91 31.69 -42.80
N HIS I 373 -29.84 31.27 -43.45
CA HIS I 373 -29.75 29.90 -43.93
C HIS I 373 -29.44 28.96 -42.77
N PRO I 374 -30.24 27.91 -42.55
CA PRO I 374 -29.92 26.94 -41.49
C PRO I 374 -28.72 26.06 -41.77
N LYS I 375 -28.12 26.14 -42.97
CA LYS I 375 -26.85 25.47 -43.20
C LYS I 375 -25.73 26.11 -42.39
N ASP I 376 -25.77 27.42 -42.22
CA ASP I 376 -24.76 28.12 -41.42
C ASP I 376 -25.08 28.13 -39.94
N TRP I 377 -26.29 27.74 -39.54
CA TRP I 377 -26.59 27.58 -38.12
C TRP I 377 -25.84 26.39 -37.52
N LEU I 378 -25.46 25.41 -38.34
CA LEU I 378 -24.67 24.28 -37.88
C LEU I 378 -23.22 24.66 -37.56
N GLU I 379 -22.78 25.85 -37.96
CA GLU I 379 -21.50 26.36 -37.50
C GLU I 379 -21.51 26.64 -36.01
N GLY I 380 -22.67 26.92 -35.43
CA GLY I 380 -22.80 27.12 -34.00
C GLY I 380 -22.60 25.88 -33.16
N LEU I 381 -22.52 24.69 -33.78
CA LEU I 381 -22.16 23.50 -33.03
C LEU I 381 -20.73 23.59 -32.50
N ARG I 382 -19.84 24.22 -33.26
CA ARG I 382 -18.46 24.39 -32.87
C ARG I 382 -18.26 25.30 -31.67
N GLU I 383 -19.28 26.06 -31.26
CA GLU I 383 -19.18 26.92 -30.09
C GLU I 383 -19.94 26.36 -28.91
N VAL I 384 -20.43 25.13 -29.00
CA VAL I 384 -20.90 24.40 -27.83
C VAL I 384 -19.83 23.35 -27.55
N ILE I 385 -19.14 22.93 -28.62
CA ILE I 385 -18.00 22.04 -28.47
C ILE I 385 -16.85 22.77 -27.77
N ASP I 386 -16.52 23.96 -28.25
CA ASP I 386 -15.47 24.76 -27.64
C ASP I 386 -15.89 25.36 -26.30
N HIS I 387 -17.17 25.32 -25.98
CA HIS I 387 -17.67 25.76 -24.68
C HIS I 387 -17.61 24.66 -23.63
N THR I 388 -17.91 23.41 -24.02
CA THR I 388 -17.67 22.29 -23.12
C THR I 388 -16.18 22.09 -22.88
N THR I 389 -15.36 22.37 -23.90
CA THR I 389 -13.93 22.14 -23.80
C THR I 389 -13.28 23.10 -22.80
N GLN I 390 -13.58 24.39 -22.92
CA GLN I 390 -13.07 25.35 -21.97
C GLN I 390 -13.71 25.22 -20.60
N SER I 391 -14.90 24.63 -20.50
CA SER I 391 -15.49 24.37 -19.20
C SER I 391 -14.83 23.19 -18.49
N MET I 392 -14.14 22.33 -19.22
CA MET I 392 -13.44 21.21 -18.61
C MET I 392 -12.00 21.53 -18.25
N LYS I 393 -11.38 22.49 -18.94
CA LYS I 393 -10.05 22.94 -18.57
C LYS I 393 -10.08 23.99 -17.46
N ASN I 394 -11.25 24.28 -16.91
CA ASN I 394 -11.38 25.21 -15.81
C ASN I 394 -11.76 24.54 -14.50
N ASP I 395 -12.38 23.37 -14.54
CA ASP I 395 -12.65 22.61 -13.33
C ASP I 395 -11.66 21.49 -13.10
N TYR I 396 -10.71 21.29 -14.01
CA TYR I 396 -9.68 20.29 -13.83
C TYR I 396 -8.28 20.78 -14.11
N LYS I 397 -8.14 21.99 -14.63
CA LYS I 397 -6.88 22.76 -14.65
C LYS I 397 -5.79 22.10 -15.49
N LEU I 398 -6.17 21.31 -16.47
CA LEU I 398 -5.21 20.65 -17.35
C LEU I 398 -5.20 21.34 -18.70
N TYR I 399 -4.01 21.43 -19.31
CA TYR I 399 -3.82 22.21 -20.52
C TYR I 399 -3.11 21.41 -21.60
N ASP I 400 -3.09 20.09 -21.50
CA ASP I 400 -2.39 19.22 -22.43
C ASP I 400 -3.33 18.19 -23.03
N VAL I 401 -4.50 18.64 -23.45
CA VAL I 401 -5.58 17.74 -23.84
C VAL I 401 -5.48 17.35 -25.30
N GLN I 402 -6.18 16.26 -25.63
CA GLN I 402 -6.45 15.82 -27.00
C GLN I 402 -7.92 15.41 -27.07
N PHE I 403 -8.80 16.36 -26.74
CA PHE I 403 -10.25 16.15 -26.68
C PHE I 403 -10.81 15.46 -27.91
N VAL I 404 -11.30 14.24 -27.73
CA VAL I 404 -11.85 13.45 -28.82
C VAL I 404 -13.36 13.48 -28.73
N ILE I 405 -14.01 13.38 -29.89
CA ILE I 405 -15.46 13.43 -29.98
C ILE I 405 -15.93 12.16 -30.67
N VAL I 406 -16.73 11.37 -29.98
CA VAL I 406 -17.38 10.20 -30.57
C VAL I 406 -18.85 10.56 -30.75
N GLY I 407 -19.41 10.13 -31.88
CA GLY I 407 -20.79 10.47 -32.17
C GLY I 407 -21.24 9.79 -33.44
N ASN I 408 -22.56 9.79 -33.61
CA ASN I 408 -23.16 9.19 -34.79
C ASN I 408 -22.78 9.99 -36.02
N PRO I 409 -22.58 9.34 -37.17
CA PRO I 409 -22.22 10.07 -38.39
C PRO I 409 -23.31 10.98 -38.92
N LEU I 410 -24.55 10.85 -38.45
CA LEU I 410 -25.54 11.89 -38.68
C LEU I 410 -25.17 13.15 -37.90
N ASP I 411 -24.75 12.98 -36.64
CA ASP I 411 -24.51 14.11 -35.76
C ASP I 411 -23.17 14.76 -36.03
N VAL I 412 -22.13 13.97 -36.30
CA VAL I 412 -20.79 14.52 -36.48
C VAL I 412 -20.62 15.13 -37.86
N ARG I 413 -21.59 14.93 -38.75
CA ARG I 413 -21.55 15.54 -40.07
C ARG I 413 -21.71 17.06 -39.99
N LEU I 414 -22.37 17.56 -38.95
CA LEU I 414 -22.59 18.98 -38.81
C LEU I 414 -21.33 19.73 -38.37
N ILE I 415 -20.29 19.03 -37.95
CA ILE I 415 -19.06 19.66 -37.49
C ILE I 415 -18.22 20.18 -38.65
N PRO I 416 -17.87 19.40 -39.73
CA PRO I 416 -17.07 20.03 -40.79
C PRO I 416 -17.91 20.94 -41.69
N ASN I 417 -19.19 20.61 -41.83
CA ASN I 417 -20.18 21.39 -42.60
C ASN I 417 -19.73 21.61 -44.05
N VAL I 418 -19.19 20.55 -44.65
CA VAL I 418 -18.55 20.69 -45.96
C VAL I 418 -19.63 20.82 -47.04
N SER I 419 -19.26 21.47 -48.14
CA SER I 419 -20.15 21.70 -49.26
C SER I 419 -19.80 20.76 -50.41
N TRP I 420 -20.69 20.70 -51.39
CA TRP I 420 -20.56 19.75 -52.47
C TRP I 420 -19.59 20.27 -53.53
N THR I 421 -19.08 19.35 -54.33
CA THR I 421 -18.43 19.71 -55.58
C THR I 421 -19.01 18.85 -56.70
N PHE I 422 -18.93 19.37 -57.92
CA PHE I 422 -19.57 18.73 -59.06
C PHE I 422 -18.54 18.48 -60.14
N ASN I 423 -18.81 17.48 -60.96
CA ASN I 423 -17.92 17.11 -62.04
C ASN I 423 -18.76 16.48 -63.14
N GLY I 424 -18.11 16.15 -64.25
CA GLY I 424 -18.79 15.48 -65.35
C GLY I 424 -19.16 14.06 -65.01
N GLY I 425 -20.46 13.76 -65.07
CA GLY I 425 -20.94 12.45 -64.69
C GLY I 425 -20.70 11.39 -65.75
N ASP I 426 -19.45 10.95 -65.89
CA ASP I 426 -19.17 9.82 -66.75
C ASP I 426 -19.64 8.54 -66.08
N ARG I 427 -20.16 7.62 -66.88
CA ARG I 427 -20.80 6.43 -66.33
C ARG I 427 -19.81 5.32 -66.02
N ASN I 428 -18.57 5.42 -66.49
CA ASN I 428 -17.56 4.39 -66.25
C ASN I 428 -16.59 4.75 -65.14
N ALA I 429 -16.33 6.03 -64.92
CA ALA I 429 -15.32 6.47 -63.96
C ALA I 429 -15.94 6.86 -62.63
N ASP I 430 -16.99 6.16 -62.21
CA ASP I 430 -17.61 6.43 -60.92
C ASP I 430 -16.76 5.86 -59.81
N ALA I 431 -16.75 6.54 -58.68
CA ALA I 431 -15.88 6.22 -57.55
C ALA I 431 -16.73 5.80 -56.36
N TYR I 432 -16.72 4.51 -56.06
CA TYR I 432 -17.54 3.94 -54.98
C TYR I 432 -16.93 4.34 -53.64
N SER I 433 -17.24 5.57 -53.22
CA SER I 433 -16.78 6.18 -51.97
C SER I 433 -15.25 6.15 -51.86
N ASN I 434 -14.60 6.80 -52.81
CA ASN I 434 -13.15 6.75 -52.89
C ASN I 434 -12.47 7.78 -52.01
N GLY I 435 -13.06 8.95 -51.83
CA GLY I 435 -12.41 10.00 -51.08
C GLY I 435 -13.14 10.40 -49.82
N ILE I 436 -14.19 9.66 -49.48
CA ILE I 436 -15.02 10.01 -48.33
C ILE I 436 -14.40 9.41 -47.09
N LYS I 437 -13.83 10.28 -46.25
CA LYS I 437 -13.34 9.86 -44.94
C LYS I 437 -13.58 10.90 -43.85
N ILE I 438 -14.24 12.02 -44.16
CA ILE I 438 -14.37 13.12 -43.22
C ILE I 438 -15.66 13.05 -42.43
N ASN I 439 -16.38 11.95 -42.52
CA ASN I 439 -17.56 11.73 -41.70
C ASN I 439 -17.33 10.66 -40.65
N TYR I 440 -16.14 10.10 -40.60
CA TYR I 440 -15.81 9.04 -39.66
C TYR I 440 -14.54 9.33 -38.88
N SER I 441 -13.55 9.97 -39.49
CA SER I 441 -12.26 10.20 -38.85
C SER I 441 -11.71 11.51 -39.37
N LEU I 442 -11.80 12.56 -38.56
CA LEU I 442 -11.43 13.90 -38.98
C LEU I 442 -10.69 14.58 -37.85
N GLY I 443 -9.66 15.35 -38.21
CA GLY I 443 -8.95 16.15 -37.23
C GLY I 443 -9.41 17.59 -37.27
N ALA I 444 -9.51 18.19 -36.08
CA ALA I 444 -9.96 19.56 -35.97
C ALA I 444 -9.06 20.31 -35.00
N ALA I 445 -8.82 21.58 -35.31
CA ALA I 445 -7.91 22.41 -34.50
C ALA I 445 -8.60 23.75 -34.29
N SER I 446 -9.26 23.89 -33.14
CA SER I 446 -9.92 25.15 -32.82
C SER I 446 -8.92 26.12 -32.22
N GLY I 447 -9.41 27.25 -31.73
CA GLY I 447 -8.57 28.15 -30.97
C GLY I 447 -8.64 27.77 -29.51
N THR I 448 -9.66 27.01 -29.14
CA THR I 448 -9.84 26.60 -27.75
C THR I 448 -8.94 25.42 -27.41
N ALA I 449 -9.10 24.30 -28.11
CA ALA I 449 -8.18 23.18 -27.98
C ALA I 449 -8.20 22.39 -29.29
N ASN I 450 -7.25 21.47 -29.41
CA ASN I 450 -7.23 20.60 -30.57
C ASN I 450 -8.21 19.45 -30.39
N TYR I 451 -8.52 18.79 -31.51
CA TYR I 451 -9.53 17.75 -31.50
C TYR I 451 -9.10 16.61 -32.41
N ARG I 452 -9.72 15.45 -32.19
CA ARG I 452 -9.64 14.33 -33.11
C ARG I 452 -10.97 13.60 -32.98
N ILE I 453 -11.89 13.89 -33.88
CA ILE I 453 -13.25 13.37 -33.75
C ILE I 453 -13.33 11.98 -34.36
N ILE I 454 -14.30 11.21 -33.89
CA ILE I 454 -14.47 9.82 -34.29
C ILE I 454 -15.94 9.62 -34.67
N GLY I 455 -16.19 9.23 -35.90
CA GLY I 455 -17.54 8.93 -36.33
C GLY I 455 -17.79 7.44 -36.40
N SER I 456 -18.76 6.96 -35.65
CA SER I 456 -19.11 5.54 -35.64
C SER I 456 -20.61 5.40 -35.55
N ASP I 457 -21.15 4.46 -36.32
CA ASP I 457 -22.59 4.24 -36.40
C ASP I 457 -23.12 3.39 -35.25
N LEU I 458 -22.25 2.93 -34.35
CA LEU I 458 -22.70 2.11 -33.23
C LEU I 458 -23.40 2.93 -32.16
N VAL I 459 -22.95 4.16 -31.93
CA VAL I 459 -23.60 5.01 -30.94
C VAL I 459 -24.93 5.51 -31.49
N ARG I 460 -25.83 5.85 -30.58
CA ARG I 460 -27.15 6.32 -30.98
C ARG I 460 -27.08 7.76 -31.44
N GLN I 461 -27.93 8.08 -32.40
CA GLN I 461 -28.03 9.45 -32.90
C GLN I 461 -28.66 10.36 -31.86
N GLY I 462 -28.12 11.57 -31.75
CA GLY I 462 -28.70 12.59 -30.89
C GLY I 462 -27.79 13.10 -29.80
N GLU I 463 -26.59 12.54 -29.64
CA GLU I 463 -25.71 12.96 -28.55
C GLU I 463 -24.25 12.85 -29.00
N LEU I 464 -23.51 13.94 -28.86
CA LEU I 464 -22.06 13.85 -28.97
C LEU I 464 -21.48 13.49 -27.61
N THR I 465 -20.17 13.25 -27.57
CA THR I 465 -19.51 12.89 -26.32
C THR I 465 -18.07 13.35 -26.38
N ILE I 466 -17.68 14.21 -25.45
CA ILE I 466 -16.33 14.76 -25.38
C ILE I 466 -15.55 14.00 -24.32
N ILE I 467 -14.29 13.71 -24.61
CA ILE I 467 -13.43 12.93 -23.71
C ILE I 467 -12.06 13.58 -23.66
N ALA I 468 -11.58 13.87 -22.46
CA ALA I 468 -10.24 14.42 -22.30
C ALA I 468 -9.20 13.31 -22.34
N ILE I 469 -8.14 13.53 -23.10
CA ILE I 469 -6.97 12.64 -23.08
C ILE I 469 -5.74 13.52 -22.90
N PRO I 470 -5.07 13.45 -21.76
CA PRO I 470 -3.86 14.26 -21.55
C PRO I 470 -2.59 13.52 -21.95
N GLN I 471 -1.59 14.29 -22.36
CA GLN I 471 -0.33 13.71 -22.78
C GLN I 471 0.63 13.47 -21.63
N GLN I 472 0.35 14.01 -20.45
CA GLN I 472 1.18 13.74 -19.29
C GLN I 472 0.90 12.31 -18.81
N ASP I 473 1.97 11.52 -18.67
CA ASP I 473 1.82 10.15 -18.19
C ASP I 473 1.41 10.09 -16.73
N ASN I 474 1.60 11.17 -15.98
CA ASN I 474 1.15 11.21 -14.60
C ASN I 474 -0.36 11.22 -14.52
N TYR I 475 -0.99 12.24 -15.08
CA TYR I 475 -2.45 12.33 -15.03
C TYR I 475 -3.06 11.31 -15.97
N LYS I 476 -4.21 10.76 -15.57
CA LYS I 476 -4.86 9.71 -16.34
C LYS I 476 -6.37 9.92 -16.23
N THR I 477 -7.02 10.09 -17.38
CA THR I 477 -8.46 10.33 -17.40
C THR I 477 -9.24 9.03 -17.66
N PHE I 478 -8.98 8.40 -18.80
CA PHE I 478 -9.64 7.16 -19.19
C PHE I 478 -8.59 6.24 -19.77
N MET I 479 -8.70 4.95 -19.47
CA MET I 479 -7.72 4.01 -19.99
C MET I 479 -8.36 2.67 -20.26
N PHE I 480 -8.06 2.12 -21.44
CA PHE I 480 -8.49 0.79 -21.84
C PHE I 480 -7.36 -0.19 -21.62
N TYR I 481 -7.65 -1.29 -20.93
CA TYR I 481 -6.63 -2.27 -20.57
C TYR I 481 -7.00 -3.62 -21.19
N PRO I 482 -6.44 -3.94 -22.36
CA PRO I 482 -6.66 -5.27 -22.94
C PRO I 482 -5.66 -6.26 -22.37
N TYR I 483 -6.15 -7.27 -21.67
CA TYR I 483 -5.24 -8.22 -21.02
C TYR I 483 -4.73 -9.25 -22.02
N THR I 484 -5.61 -10.09 -22.54
CA THR I 484 -5.20 -11.15 -23.45
C THR I 484 -6.39 -11.60 -24.29
N PHE I 485 -6.08 -12.42 -25.29
CA PHE I 485 -7.08 -12.90 -26.24
C PHE I 485 -6.51 -14.15 -26.87
N ASN I 486 -7.12 -15.30 -26.59
CA ASN I 486 -6.61 -16.56 -27.11
C ASN I 486 -7.75 -17.49 -27.48
N VAL I 487 -7.48 -18.33 -28.48
CA VAL I 487 -8.46 -19.24 -29.06
C VAL I 487 -8.08 -20.66 -28.62
N VAL I 488 -9.07 -21.44 -28.21
CA VAL I 488 -8.86 -22.84 -27.86
C VAL I 488 -9.32 -23.66 -29.06
N ASN I 489 -8.36 -24.24 -29.76
CA ASN I 489 -8.63 -24.94 -31.02
C ASN I 489 -9.16 -26.34 -30.72
N GLY I 490 -10.47 -26.41 -30.46
CA GLY I 490 -11.16 -27.67 -30.42
C GLY I 490 -10.96 -28.51 -29.17
N GLY I 491 -9.74 -28.99 -28.95
CA GLY I 491 -9.50 -29.94 -27.88
C GLY I 491 -9.57 -29.28 -26.52
N GLY I 492 -9.87 -30.09 -25.51
CA GLY I 492 -9.99 -29.58 -24.17
C GLY I 492 -11.40 -29.23 -23.75
N TYR I 493 -11.76 -27.96 -23.92
CA TYR I 493 -13.00 -27.42 -23.38
C TYR I 493 -14.22 -28.02 -24.06
N LEU I 494 -15.22 -28.38 -23.26
CA LEU I 494 -16.46 -28.95 -23.78
C LEU I 494 -17.41 -27.83 -24.17
N ASN I 495 -18.67 -28.19 -24.40
CA ASN I 495 -19.72 -27.25 -24.75
C ASN I 495 -20.77 -27.23 -23.65
N THR I 496 -21.48 -26.10 -23.54
CA THR I 496 -22.52 -25.95 -22.55
C THR I 496 -23.91 -26.26 -23.09
N ARG I 497 -24.19 -25.90 -24.34
CA ARG I 497 -25.51 -26.18 -24.91
C ARG I 497 -25.66 -27.66 -25.25
N ASN I 498 -24.65 -28.24 -25.90
CA ASN I 498 -24.66 -29.65 -26.25
C ASN I 498 -23.24 -30.18 -26.10
N PRO I 499 -22.95 -30.87 -25.00
CA PRO I 499 -21.56 -31.23 -24.71
C PRO I 499 -21.02 -32.38 -25.54
N ASN I 500 -21.86 -33.12 -26.26
CA ASN I 500 -21.44 -34.37 -26.85
C ASN I 500 -20.62 -34.21 -28.13
N VAL I 501 -20.48 -33.00 -28.66
CA VAL I 501 -19.81 -32.80 -29.94
C VAL I 501 -18.65 -31.85 -29.72
N PRO I 502 -17.63 -31.88 -30.59
CA PRO I 502 -16.52 -30.93 -30.46
C PRO I 502 -16.96 -29.51 -30.79
N ASN I 503 -16.21 -28.55 -30.25
CA ASN I 503 -16.54 -27.15 -30.43
C ASN I 503 -15.28 -26.31 -30.31
N MET I 504 -15.28 -25.18 -31.02
CA MET I 504 -14.23 -24.19 -30.89
C MET I 504 -14.51 -23.28 -29.70
N MET I 505 -13.53 -22.47 -29.36
CA MET I 505 -13.61 -21.65 -28.16
C MET I 505 -12.73 -20.42 -28.32
N MET I 506 -13.26 -19.27 -27.93
CA MET I 506 -12.48 -18.04 -27.98
C MET I 506 -12.94 -17.12 -26.87
N THR I 507 -11.97 -16.50 -26.19
CA THR I 507 -12.26 -15.56 -25.11
C THR I 507 -11.42 -14.30 -25.28
N ARG I 508 -11.87 -13.24 -24.63
CA ARG I 508 -11.22 -11.94 -24.71
C ARG I 508 -11.17 -11.35 -23.32
N ARG I 509 -9.98 -11.27 -22.74
CA ARG I 509 -9.79 -10.73 -21.40
C ARG I 509 -9.34 -9.28 -21.51
N TYR I 510 -10.09 -8.39 -20.87
CA TYR I 510 -9.92 -6.96 -21.00
C TYR I 510 -10.71 -6.27 -19.90
N THR I 511 -10.34 -5.03 -19.60
CA THR I 511 -11.19 -4.16 -18.82
C THR I 511 -10.88 -2.72 -19.20
N VAL I 512 -11.78 -1.84 -18.83
CA VAL I 512 -11.61 -0.41 -19.06
C VAL I 512 -11.93 0.31 -17.76
N GLU I 513 -11.15 1.35 -17.45
CA GLU I 513 -11.19 1.98 -16.15
C GLU I 513 -11.25 3.49 -16.26
N SER I 514 -11.80 4.12 -15.23
CA SER I 514 -11.98 5.56 -15.15
C SER I 514 -11.28 6.05 -13.89
N PHE I 515 -10.15 6.72 -14.05
CA PHE I 515 -9.44 7.26 -12.90
C PHE I 515 -10.06 8.57 -12.44
N VAL I 516 -10.25 9.51 -13.35
CA VAL I 516 -11.06 10.70 -13.11
C VAL I 516 -11.94 10.95 -14.33
N PRO I 517 -13.26 11.07 -14.17
CA PRO I 517 -14.15 11.17 -15.33
C PRO I 517 -14.35 12.55 -15.93
N ILE I 518 -13.44 12.96 -16.81
CA ILE I 518 -13.64 14.19 -17.60
C ILE I 518 -14.36 13.74 -18.87
N ILE I 519 -15.69 13.80 -18.82
CA ILE I 519 -16.49 13.43 -19.98
C ILE I 519 -17.75 14.30 -20.02
N GLY I 520 -18.02 14.86 -21.19
CA GLY I 520 -19.17 15.71 -21.38
C GLY I 520 -20.01 15.24 -22.53
N ARG I 521 -21.29 15.60 -22.48
CA ARG I 521 -22.29 15.14 -23.45
C ARG I 521 -22.99 16.33 -24.06
N ILE I 522 -23.00 16.40 -25.39
CA ILE I 522 -23.65 17.46 -26.13
C ILE I 522 -24.90 16.88 -26.76
N THR I 523 -26.06 17.22 -26.21
CA THR I 523 -27.33 16.71 -26.70
C THR I 523 -27.72 17.50 -27.95
N ILE I 524 -27.57 16.89 -29.12
CA ILE I 524 -28.02 17.51 -30.37
C ILE I 524 -29.50 17.22 -30.52
N LYS I 525 -30.29 18.28 -30.65
CA LYS I 525 -31.74 18.17 -30.66
C LYS I 525 -32.27 18.50 -32.05
N ASN I 526 -33.32 17.77 -32.45
CA ASN I 526 -34.06 17.99 -33.70
C ASN I 526 -33.17 17.85 -34.92
N ASN I 527 -32.41 16.77 -34.98
CA ASN I 527 -31.57 16.45 -36.13
C ASN I 527 -32.15 15.22 -36.81
N ASN I 528 -33.12 15.44 -37.70
CA ASN I 528 -33.68 14.35 -38.48
C ASN I 528 -33.89 14.75 -39.93
N GLY I 529 -33.28 15.85 -40.37
CA GLY I 529 -33.43 16.30 -41.73
C GLY I 529 -34.77 16.94 -42.04
N SER I 530 -35.56 17.24 -41.01
CA SER I 530 -36.89 17.78 -41.19
C SER I 530 -36.94 19.27 -40.90
N VAL I 531 -35.81 19.97 -41.10
CA VAL I 531 -35.80 21.41 -40.91
C VAL I 531 -36.53 22.10 -42.06
N TYR I 532 -36.45 21.55 -43.27
CA TYR I 532 -37.20 22.08 -44.40
C TYR I 532 -38.55 21.38 -44.56
N ALA I 533 -39.27 21.22 -43.46
CA ALA I 533 -40.63 20.72 -43.52
C ALA I 533 -41.58 21.43 -42.57
N ARG I 534 -41.06 22.20 -41.60
CA ARG I 534 -41.88 22.84 -40.59
C ARG I 534 -42.60 24.06 -41.14
N MET J 81 -7.89 -17.83 -10.04
CA MET J 81 -8.46 -18.95 -9.31
C MET J 81 -8.91 -18.49 -7.93
N GLY J 82 -9.99 -19.09 -7.45
CA GLY J 82 -10.58 -18.81 -6.16
C GLY J 82 -9.66 -18.86 -4.94
N PRO J 83 -9.10 -20.04 -4.62
CA PRO J 83 -8.32 -20.17 -3.38
C PRO J 83 -6.97 -19.48 -3.42
N ILE J 84 -6.51 -19.05 -4.59
CA ILE J 84 -5.26 -18.32 -4.69
C ILE J 84 -5.53 -16.88 -4.29
N GLN J 85 -4.81 -16.41 -3.28
CA GLN J 85 -4.97 -15.03 -2.84
C GLN J 85 -4.36 -14.10 -3.88
N PRO J 86 -5.12 -13.13 -4.38
CA PRO J 86 -4.58 -12.24 -5.42
C PRO J 86 -3.63 -11.22 -4.82
N TYR J 87 -2.66 -10.81 -5.64
CA TYR J 87 -1.67 -9.83 -5.21
C TYR J 87 -1.61 -8.73 -6.27
N ALA J 88 -2.02 -7.53 -5.89
CA ALA J 88 -2.02 -6.38 -6.78
C ALA J 88 -0.61 -5.79 -6.82
N SER J 89 -0.08 -5.59 -8.02
CA SER J 89 1.24 -5.01 -8.18
C SER J 89 1.15 -3.49 -8.13
N LEU J 90 2.24 -2.82 -8.50
CA LEU J 90 2.34 -1.37 -8.40
C LEU J 90 2.84 -0.83 -9.73
N SER J 91 2.01 -0.01 -10.38
CA SER J 91 2.37 0.54 -11.68
C SER J 91 3.29 1.75 -11.51
N MET J 92 4.09 2.01 -12.54
CA MET J 92 5.18 2.97 -12.41
C MET J 92 4.79 4.45 -12.35
N PRO J 93 3.80 4.98 -13.09
CA PRO J 93 3.43 6.38 -12.88
C PRO J 93 2.81 6.64 -11.53
N ILE J 94 2.94 7.90 -11.07
CA ILE J 94 2.66 8.25 -9.68
C ILE J 94 1.38 9.07 -9.53
N LEU J 95 0.81 9.60 -10.64
CA LEU J 95 -0.52 10.21 -10.72
C LEU J 95 -0.67 11.41 -9.77
N VAL J 96 0.06 12.46 -10.11
CA VAL J 96 0.05 13.71 -9.35
C VAL J 96 -1.27 14.44 -9.51
N LYS J 97 -1.48 15.46 -8.68
CA LYS J 97 -2.58 16.39 -8.84
C LYS J 97 -2.18 17.46 -9.87
N LEU J 98 -3.09 18.40 -10.11
CA LEU J 98 -2.86 19.43 -11.12
C LEU J 98 -3.09 20.80 -10.52
N TRP J 99 -2.10 21.68 -10.68
CA TRP J 99 -2.17 23.05 -10.19
C TRP J 99 -2.65 23.98 -11.29
N ALA J 100 -3.20 25.12 -10.88
CA ALA J 100 -3.71 26.09 -11.81
C ALA J 100 -2.57 26.85 -12.49
N ARG J 101 -2.91 27.57 -13.54
CA ARG J 101 -1.96 28.45 -14.21
C ARG J 101 -1.94 29.80 -13.51
N LEU J 102 -0.75 30.31 -13.24
CA LEU J 102 -0.58 31.56 -12.52
C LEU J 102 -0.01 32.60 -13.47
N ALA J 103 -0.79 33.64 -13.75
CA ALA J 103 -0.37 34.72 -14.63
C ALA J 103 -0.72 36.10 -14.11
N LEU J 104 -1.37 36.21 -12.97
CA LEU J 104 -1.80 37.50 -12.47
C LEU J 104 -0.67 38.34 -11.89
N THR J 105 0.49 37.73 -11.64
CA THR J 105 1.67 38.53 -11.29
C THR J 105 2.16 39.32 -12.48
N GLU J 106 1.88 38.84 -13.70
CA GLU J 106 2.21 39.60 -14.89
C GLU J 106 1.20 40.73 -15.15
N ALA J 107 0.06 40.72 -14.47
CA ALA J 107 -0.97 41.71 -14.73
C ALA J 107 -0.57 43.07 -14.16
N LEU J 108 -0.42 43.15 -12.85
CA LEU J 108 -0.13 44.44 -12.23
C LEU J 108 1.35 44.77 -12.37
N PRO J 109 1.68 46.05 -12.56
CA PRO J 109 3.09 46.45 -12.55
C PRO J 109 3.64 46.36 -11.15
N THR J 110 4.93 46.05 -11.06
CA THR J 110 5.54 45.73 -9.78
C THR J 110 6.89 46.41 -9.65
N GLN J 111 7.29 46.65 -8.40
CA GLN J 111 8.61 47.16 -8.09
C GLN J 111 8.94 46.72 -6.67
N VAL J 112 10.16 46.22 -6.48
CA VAL J 112 10.55 45.64 -5.20
C VAL J 112 10.75 46.75 -4.18
N ALA J 113 10.16 46.56 -3.01
CA ALA J 113 10.22 47.53 -1.92
C ALA J 113 11.44 47.21 -1.06
N ASN J 114 12.41 48.12 -1.04
CA ASN J 114 13.57 47.95 -0.17
C ASN J 114 13.27 48.35 1.26
N LYS J 115 12.18 49.05 1.51
CA LYS J 115 11.76 49.38 2.85
C LYS J 115 10.38 48.80 3.12
N PRO J 116 10.17 48.20 4.29
CA PRO J 116 8.86 47.61 4.60
C PRO J 116 7.79 48.62 4.97
N ASN J 117 8.09 49.91 4.97
CA ASN J 117 7.10 50.93 5.28
C ASN J 117 7.57 52.23 4.64
N PHE J 118 6.75 52.80 3.75
CA PHE J 118 7.07 54.08 3.15
C PHE J 118 5.78 54.81 2.80
N THR J 119 5.93 55.99 2.21
CA THR J 119 4.81 56.83 1.83
C THR J 119 5.03 57.40 0.44
N VAL J 120 3.93 57.78 -0.21
CA VAL J 120 3.95 58.43 -1.50
C VAL J 120 3.32 59.81 -1.35
N PRO J 121 3.88 60.86 -1.91
CA PRO J 121 3.25 62.18 -1.81
C PRO J 121 2.33 62.48 -2.98
N ILE J 122 1.14 63.00 -2.72
CA ILE J 122 0.20 63.33 -3.79
C ILE J 122 0.06 64.83 -3.93
N LEU J 123 0.77 65.41 -4.89
CA LEU J 123 0.69 66.84 -5.12
C LEU J 123 -0.58 67.18 -5.88
N THR J 124 -1.38 68.10 -5.33
CA THR J 124 -2.61 68.52 -5.99
C THR J 124 -2.80 70.03 -5.89
N PRO J 125 -3.28 70.66 -6.95
CA PRO J 125 -3.52 72.11 -6.89
C PRO J 125 -4.91 72.44 -6.37
N TYR J 126 -5.18 73.73 -6.18
CA TYR J 126 -6.46 74.18 -5.65
C TYR J 126 -6.78 75.56 -6.22
N VAL J 127 -8.06 75.92 -6.18
CA VAL J 127 -8.51 77.26 -6.46
C VAL J 127 -9.38 77.71 -5.30
N VAL J 128 -9.05 78.87 -4.72
CA VAL J 128 -9.70 79.32 -3.49
C VAL J 128 -11.11 79.83 -3.68
N ASP J 129 -11.62 79.87 -4.92
CA ASP J 129 -12.99 80.21 -5.34
C ASP J 129 -13.24 81.73 -5.23
N ALA J 130 -12.29 82.46 -4.63
CA ALA J 130 -12.37 83.90 -4.30
C ALA J 130 -13.60 84.27 -3.47
N ASP J 131 -14.20 83.29 -2.77
CA ASP J 131 -15.28 83.57 -1.83
C ASP J 131 -15.14 82.73 -0.56
N GLY J 132 -13.95 82.23 -0.26
CA GLY J 132 -13.78 81.36 0.88
C GLY J 132 -13.06 80.06 0.57
N ASN J 133 -13.79 78.96 0.66
CA ASN J 133 -13.21 77.62 0.63
C ASN J 133 -12.60 77.29 -0.73
N LYS J 134 -11.71 76.31 -0.73
CA LYS J 134 -10.97 75.92 -1.91
C LYS J 134 -11.60 74.70 -2.58
N HIS J 135 -11.43 74.62 -3.89
CA HIS J 135 -11.85 73.47 -4.68
C HIS J 135 -10.64 72.83 -5.33
N ALA J 136 -10.68 71.51 -5.46
CA ALA J 136 -9.63 70.79 -6.17
C ALA J 136 -9.67 71.14 -7.64
N LEU J 137 -8.51 71.43 -8.21
CA LEU J 137 -8.50 72.13 -9.50
C LEU J 137 -8.90 71.27 -10.71
N PRO J 138 -8.20 70.21 -11.11
CA PRO J 138 -8.46 69.64 -12.44
C PRO J 138 -9.73 68.81 -12.53
N GLU J 139 -10.52 68.74 -11.47
CA GLU J 139 -11.84 68.12 -11.48
C GLU J 139 -12.95 69.14 -11.27
N SER J 140 -12.63 70.42 -11.28
CA SER J 140 -13.63 71.47 -11.15
C SER J 140 -13.60 72.47 -12.29
N ILE J 141 -12.75 72.27 -13.28
CA ILE J 141 -12.72 73.13 -14.46
C ILE J 141 -12.94 72.26 -15.69
N ASN J 142 -13.70 71.18 -15.52
CA ASN J 142 -13.99 70.27 -16.61
C ASN J 142 -15.41 70.41 -17.14
N ASN J 143 -16.35 70.86 -16.31
CA ASN J 143 -17.71 71.07 -16.76
C ASN J 143 -17.82 72.42 -17.46
N THR J 144 -18.41 72.42 -18.66
CA THR J 144 -18.46 73.63 -19.48
C THR J 144 -19.31 74.79 -18.95
N PRO J 145 -20.38 74.60 -18.12
CA PRO J 145 -20.87 75.87 -17.52
C PRO J 145 -20.03 76.30 -16.31
N GLU J 146 -18.92 76.96 -16.61
CA GLU J 146 -17.97 77.36 -15.58
C GLU J 146 -18.51 78.49 -14.73
N THR J 147 -18.16 78.45 -13.44
CA THR J 147 -18.48 79.53 -12.51
C THR J 147 -17.28 79.93 -11.68
N LEU J 148 -16.27 79.08 -11.56
CA LEU J 148 -15.13 79.30 -10.68
C LEU J 148 -14.26 80.45 -11.14
N VAL J 149 -13.66 80.31 -12.31
CA VAL J 149 -12.83 81.36 -12.88
C VAL J 149 -13.64 82.13 -13.92
N GLY J 150 -13.56 83.44 -13.86
CA GLY J 150 -14.34 84.29 -14.75
C GLY J 150 -14.70 85.58 -14.05
N LEU J 151 -15.16 86.54 -14.83
CA LEU J 151 -15.47 87.86 -14.32
C LEU J 151 -16.74 87.83 -13.48
N VAL J 152 -17.02 88.94 -12.80
CA VAL J 152 -18.14 89.02 -11.88
C VAL J 152 -19.42 89.23 -12.69
N GLN J 153 -20.40 88.37 -12.48
CA GLN J 153 -21.70 88.56 -13.11
C GLN J 153 -22.45 89.67 -12.39
N ILE J 154 -23.00 90.60 -13.16
CA ILE J 154 -23.88 91.61 -12.59
C ILE J 154 -25.27 91.00 -12.45
N LYS J 155 -26.15 91.69 -11.74
CA LYS J 155 -27.54 91.23 -11.63
C LYS J 155 -28.24 91.39 -12.97
N GLU J 156 -28.98 90.35 -13.37
CA GLU J 156 -29.55 90.31 -14.70
C GLU J 156 -30.88 91.07 -14.77
N ASP J 157 -31.72 90.92 -13.77
CA ASP J 157 -33.06 91.47 -13.82
C ASP J 157 -33.03 92.98 -13.60
N ILE J 158 -33.56 93.72 -14.58
CA ILE J 158 -33.70 95.17 -14.49
C ILE J 158 -35.16 95.48 -14.74
N ALA J 159 -35.91 95.78 -13.68
CA ALA J 159 -37.33 96.08 -13.82
C ALA J 159 -37.49 97.47 -14.43
N VAL J 160 -37.87 97.51 -15.70
CA VAL J 160 -38.01 98.76 -16.43
C VAL J 160 -39.51 99.09 -16.44
N GLU J 161 -39.94 99.86 -15.45
CA GLU J 161 -41.33 100.24 -15.33
C GLU J 161 -41.59 101.51 -16.13
N GLY J 162 -42.65 101.48 -16.95
CA GLY J 162 -42.98 102.62 -17.78
C GLY J 162 -42.19 102.74 -19.05
N GLY J 163 -41.48 101.68 -19.44
CA GLY J 163 -40.67 101.71 -20.65
C GLY J 163 -39.36 102.44 -20.55
N LYS J 164 -39.03 102.98 -19.37
CA LYS J 164 -37.79 103.73 -19.19
C LYS J 164 -37.45 103.76 -17.71
N VAL J 165 -36.15 103.70 -17.41
CA VAL J 165 -35.65 104.02 -16.09
C VAL J 165 -34.57 105.08 -16.25
N THR J 166 -34.47 105.95 -15.26
CA THR J 166 -33.52 107.05 -15.28
C THR J 166 -32.44 106.76 -14.25
N ASP J 167 -31.22 106.54 -14.73
CA ASP J 167 -30.03 106.29 -13.92
C ASP J 167 -30.19 105.06 -13.03
N TYR J 168 -30.29 103.90 -13.67
CA TYR J 168 -30.29 102.64 -12.94
C TYR J 168 -28.87 102.19 -12.68
N ASP J 169 -28.54 101.96 -11.41
CA ASP J 169 -27.20 101.52 -11.03
C ASP J 169 -27.07 100.03 -11.34
N LEU J 170 -26.08 99.67 -12.16
CA LEU J 170 -25.92 98.28 -12.53
C LEU J 170 -25.29 97.44 -11.43
N PHE J 171 -24.59 98.06 -10.49
CA PHE J 171 -23.92 97.29 -9.45
C PHE J 171 -24.83 97.11 -8.24
N THR J 172 -26.06 96.65 -8.49
CA THR J 172 -27.06 96.50 -7.46
C THR J 172 -27.10 95.04 -7.01
N GLY J 173 -27.08 94.84 -5.70
CA GLY J 173 -27.05 93.50 -5.14
C GLY J 173 -25.68 92.87 -5.08
N LEU J 174 -24.67 93.47 -5.70
CA LEU J 174 -23.32 92.96 -5.60
C LEU J 174 -22.73 93.27 -4.23
N LYS J 175 -21.70 92.52 -3.86
CA LYS J 175 -21.06 92.65 -2.56
C LYS J 175 -19.92 93.65 -2.63
N GLU J 176 -19.88 94.55 -1.67
CA GLU J 176 -18.87 95.61 -1.66
C GLU J 176 -17.51 95.04 -1.28
N GLY J 177 -16.48 95.49 -1.99
CA GLY J 177 -15.12 95.12 -1.65
C GLY J 177 -14.61 93.87 -2.34
N LYS J 178 -15.13 92.71 -1.93
CA LYS J 178 -14.62 91.45 -2.44
C LYS J 178 -15.10 91.15 -3.86
N GLU J 179 -16.19 91.79 -4.31
CA GLU J 179 -16.66 91.64 -5.67
C GLU J 179 -16.51 92.94 -6.45
N VAL J 180 -17.04 94.03 -5.94
CA VAL J 180 -16.95 95.34 -6.59
C VAL J 180 -16.67 96.38 -5.52
N ARG J 181 -15.95 97.42 -5.89
CA ARG J 181 -15.70 98.56 -5.01
C ARG J 181 -16.31 99.77 -5.71
N LYS J 182 -17.53 100.13 -5.30
CA LYS J 182 -18.37 101.08 -6.02
C LYS J 182 -17.72 102.46 -5.99
N GLY J 183 -17.14 102.86 -7.11
CA GLY J 183 -16.48 104.13 -7.20
C GLY J 183 -15.20 104.10 -8.01
N ILE J 184 -14.52 102.96 -8.08
CA ILE J 184 -13.22 102.87 -8.73
C ILE J 184 -13.26 101.96 -9.96
N ASP J 185 -13.89 100.79 -9.87
CA ASP J 185 -13.91 99.87 -10.99
C ASP J 185 -15.10 100.13 -11.88
N ARG J 186 -14.93 99.88 -13.17
CA ARG J 186 -15.88 100.28 -14.19
C ARG J 186 -16.76 99.11 -14.60
N LEU J 187 -17.61 99.33 -15.59
CA LEU J 187 -18.31 98.28 -16.29
C LEU J 187 -17.48 97.85 -17.49
N ASP J 188 -17.77 96.65 -17.99
CA ASP J 188 -17.06 96.11 -19.12
C ASP J 188 -17.80 96.45 -20.41
N ARG J 189 -17.04 96.56 -21.50
CA ARG J 189 -17.60 96.94 -22.79
C ARG J 189 -18.13 95.75 -23.58
N LYS J 190 -18.30 94.59 -22.95
CA LYS J 190 -19.02 93.48 -23.55
C LYS J 190 -20.44 93.38 -23.01
N PHE J 191 -20.98 94.50 -22.53
CA PHE J 191 -22.33 94.52 -21.99
C PHE J 191 -23.34 94.39 -23.12
N LYS J 192 -24.31 93.51 -22.94
CA LYS J 192 -25.37 93.35 -23.92
C LYS J 192 -26.62 92.86 -23.20
N ILE J 193 -27.78 93.20 -23.74
CA ILE J 193 -29.04 92.67 -23.24
C ILE J 193 -29.35 91.43 -24.06
N VAL J 194 -30.00 90.46 -23.42
CA VAL J 194 -30.19 89.16 -24.05
C VAL J 194 -31.65 88.76 -24.03
N GLU J 195 -32.41 89.28 -23.07
CA GLU J 195 -33.80 88.88 -22.89
C GLU J 195 -34.61 90.08 -22.46
N ALA J 196 -35.57 90.47 -23.28
CA ALA J 196 -36.46 91.59 -22.97
C ALA J 196 -37.88 91.10 -22.90
N LYS J 197 -38.64 91.61 -21.94
CA LYS J 197 -40.04 91.23 -21.76
C LYS J 197 -40.91 92.47 -21.88
N TRP J 198 -41.75 92.50 -22.91
CA TRP J 198 -42.72 93.56 -23.09
C TRP J 198 -43.97 93.25 -22.28
N SER J 199 -44.97 94.14 -22.37
CA SER J 199 -46.21 93.92 -21.63
C SER J 199 -47.18 93.02 -22.36
N ASP J 200 -46.86 92.61 -23.60
CA ASP J 200 -47.81 91.86 -24.41
C ASP J 200 -47.13 90.74 -25.19
N SER J 201 -45.96 90.31 -24.76
CA SER J 201 -45.18 89.39 -25.58
C SER J 201 -45.44 87.95 -25.19
N PHE J 202 -44.70 87.03 -25.81
CA PHE J 202 -44.82 85.60 -25.58
C PHE J 202 -43.44 84.97 -25.56
N ASP J 203 -43.29 83.92 -24.75
CA ASP J 203 -41.96 83.37 -24.51
C ASP J 203 -41.49 82.47 -25.65
N GLU J 204 -42.39 81.65 -26.20
CA GLU J 204 -42.13 80.57 -27.17
C GLU J 204 -41.18 79.50 -26.61
N ARG J 205 -41.01 79.46 -25.30
CA ARG J 205 -40.47 78.32 -24.57
C ARG J 205 -41.49 77.77 -23.59
N THR J 206 -42.07 78.65 -22.78
CA THR J 206 -43.31 78.38 -22.07
C THR J 206 -44.41 79.12 -22.82
N SER J 207 -45.47 78.40 -23.19
CA SER J 207 -46.49 78.98 -24.06
C SER J 207 -47.39 79.96 -23.31
N ALA J 208 -46.83 81.10 -22.92
CA ALA J 208 -47.55 82.13 -22.18
C ALA J 208 -46.77 83.43 -22.33
N ALA J 209 -47.19 84.46 -21.58
CA ALA J 209 -46.54 85.76 -21.66
C ALA J 209 -45.22 85.73 -20.89
N GLY J 210 -44.15 86.16 -21.56
CA GLY J 210 -42.86 86.14 -20.93
C GLY J 210 -41.74 86.82 -21.71
N PHE J 211 -40.52 86.34 -21.52
CA PHE J 211 -39.35 86.97 -22.09
C PHE J 211 -39.25 86.69 -23.58
N VAL J 212 -38.27 87.32 -24.23
CA VAL J 212 -37.93 87.05 -25.61
C VAL J 212 -36.43 86.84 -25.69
N GLU J 213 -36.01 85.63 -26.02
CA GLU J 213 -34.62 85.40 -26.35
C GLU J 213 -34.29 86.13 -27.65
N LEU J 214 -33.50 87.19 -27.55
CA LEU J 214 -33.14 87.98 -28.73
C LEU J 214 -32.07 87.21 -29.49
N GLY J 215 -32.51 86.29 -30.34
CA GLY J 215 -31.59 85.48 -31.11
C GLY J 215 -30.91 86.24 -32.22
N SER J 216 -29.60 86.42 -32.09
CA SER J 216 -28.69 87.10 -33.04
C SER J 216 -29.14 88.51 -33.40
N ASN J 217 -29.91 89.17 -32.53
CA ASN J 217 -30.17 90.59 -32.63
C ASN J 217 -30.09 91.22 -31.23
N VAL J 218 -29.06 90.83 -30.49
CA VAL J 218 -28.86 91.37 -29.14
C VAL J 218 -28.42 92.82 -29.23
N VAL J 219 -28.86 93.61 -28.26
CA VAL J 219 -28.51 95.02 -28.21
C VAL J 219 -27.22 95.13 -27.39
N LYS J 220 -26.12 95.44 -28.06
CA LYS J 220 -24.80 95.55 -27.43
C LYS J 220 -24.24 96.94 -27.64
N LEU J 221 -23.24 97.28 -26.84
CA LEU J 221 -22.57 98.58 -26.92
C LEU J 221 -21.76 98.67 -28.20
N GLN J 222 -22.25 99.46 -29.16
CA GLN J 222 -21.59 99.53 -30.45
C GLN J 222 -20.42 100.52 -30.44
N ASP J 223 -20.72 101.80 -30.22
CA ASP J 223 -19.72 102.86 -30.35
C ASP J 223 -20.15 104.03 -29.48
N ASN J 224 -19.16 104.65 -28.81
CA ASN J 224 -19.37 105.73 -27.84
C ASN J 224 -20.34 105.33 -26.73
N ASP J 225 -20.32 104.03 -26.37
CA ASP J 225 -21.10 103.44 -25.28
C ASP J 225 -22.60 103.66 -25.44
N THR J 226 -23.08 103.65 -26.68
CA THR J 226 -24.51 103.70 -26.94
C THR J 226 -25.04 102.28 -27.06
N LEU J 227 -26.32 102.11 -26.77
CA LEU J 227 -26.96 100.80 -26.71
C LEU J 227 -28.26 100.88 -27.50
N VAL J 228 -28.16 100.71 -28.81
CA VAL J 228 -29.31 100.92 -29.68
C VAL J 228 -29.62 99.61 -30.41
N GLY J 229 -30.89 99.39 -30.67
CA GLY J 229 -31.32 98.18 -31.32
C GLY J 229 -32.81 98.16 -31.62
N GLN J 230 -33.16 97.63 -32.79
CA GLN J 230 -34.54 97.54 -33.22
C GLN J 230 -34.89 96.06 -33.39
N ILE J 231 -35.88 95.61 -32.63
CA ILE J 231 -36.25 94.20 -32.59
C ILE J 231 -37.76 94.08 -32.61
N LYS J 232 -38.25 93.05 -33.30
CA LYS J 232 -39.67 92.74 -33.33
C LYS J 232 -39.95 91.56 -32.41
N TYR J 233 -40.86 91.76 -31.48
CA TYR J 233 -41.07 90.64 -30.59
C TYR J 233 -42.31 89.87 -30.99
N PRO J 234 -42.30 88.54 -30.85
CA PRO J 234 -43.51 87.75 -31.13
C PRO J 234 -44.55 88.00 -30.04
N THR J 235 -45.56 88.77 -30.38
CA THR J 235 -46.59 89.14 -29.41
C THR J 235 -47.76 88.17 -29.39
N ASN J 236 -47.71 87.12 -30.20
CA ASN J 236 -48.70 86.07 -30.10
C ASN J 236 -48.11 84.78 -30.65
N GLY J 237 -48.43 83.66 -30.01
CA GLY J 237 -47.94 82.38 -30.45
C GLY J 237 -48.58 81.88 -31.73
N ASP J 238 -49.85 82.22 -31.97
CA ASP J 238 -50.53 81.79 -33.18
C ASP J 238 -50.94 82.95 -34.08
N GLY J 239 -51.36 84.07 -33.50
CA GLY J 239 -51.69 85.23 -34.30
C GLY J 239 -50.47 85.86 -34.95
N GLU J 240 -49.39 86.01 -34.18
CA GLU J 240 -48.05 86.41 -34.65
C GLU J 240 -48.08 87.78 -35.33
N VAL J 241 -48.52 88.78 -34.56
CA VAL J 241 -48.64 90.14 -35.08
C VAL J 241 -47.24 90.75 -35.25
N GLU J 242 -46.29 90.37 -34.38
CA GLU J 242 -44.89 90.78 -34.41
C GLU J 242 -44.74 92.30 -34.31
N THR J 243 -45.16 92.83 -33.17
CA THR J 243 -45.03 94.26 -32.91
C THR J 243 -43.56 94.63 -32.72
N ASP J 244 -43.17 95.75 -33.31
CA ASP J 244 -41.80 96.23 -33.23
C ASP J 244 -41.65 97.26 -32.11
N THR J 245 -40.42 97.41 -31.63
CA THR J 245 -40.10 98.40 -30.61
C THR J 245 -38.62 98.74 -30.70
N ILE J 246 -38.32 100.04 -30.86
CA ILE J 246 -36.95 100.53 -30.76
C ILE J 246 -36.51 100.46 -29.31
N LEU J 247 -35.33 99.91 -29.06
CA LEU J 247 -34.72 99.93 -27.73
C LEU J 247 -33.51 100.85 -27.80
N GLY J 248 -33.76 102.14 -27.59
CA GLY J 248 -32.69 103.13 -27.56
C GLY J 248 -32.19 103.35 -26.16
N LYS J 249 -30.93 103.02 -25.90
CA LYS J 249 -30.37 103.14 -24.56
C LYS J 249 -28.99 103.77 -24.65
N VAL J 250 -28.59 104.41 -23.55
CA VAL J 250 -27.20 104.82 -23.37
C VAL J 250 -26.75 104.32 -22.00
N ASP J 251 -25.46 104.04 -21.89
CA ASP J 251 -24.92 103.42 -20.68
C ASP J 251 -23.50 103.88 -20.47
N VAL J 252 -23.24 104.51 -19.34
CA VAL J 252 -21.88 104.97 -19.01
C VAL J 252 -21.10 103.83 -18.38
N SER J 253 -19.88 103.61 -18.88
CA SER J 253 -19.07 102.51 -18.37
C SER J 253 -18.46 102.86 -17.02
N SER J 254 -18.05 104.11 -16.83
CA SER J 254 -17.39 104.52 -15.60
C SER J 254 -18.39 104.61 -14.46
N GLY J 255 -19.43 105.41 -14.63
CA GLY J 255 -20.39 105.67 -13.61
C GLY J 255 -21.41 104.58 -13.35
N GLU J 256 -21.36 103.48 -14.12
CA GLU J 256 -22.24 102.29 -14.04
C GLU J 256 -23.74 102.64 -13.97
N LEU J 257 -24.16 103.70 -14.63
CA LEU J 257 -25.58 103.95 -14.79
C LEU J 257 -26.04 103.59 -16.18
N THR J 258 -27.31 103.20 -16.29
CA THR J 258 -27.98 103.04 -17.57
C THR J 258 -29.08 104.07 -17.72
N LEU J 259 -29.31 104.47 -18.97
CA LEU J 259 -30.52 105.16 -19.36
C LEU J 259 -31.16 104.32 -20.44
N THR J 260 -32.45 104.02 -20.31
CA THR J 260 -33.14 103.27 -21.34
C THR J 260 -34.37 104.02 -21.82
N SER J 261 -34.85 103.60 -22.98
CA SER J 261 -36.04 104.15 -23.60
C SER J 261 -36.59 103.15 -24.61
N ALA J 262 -37.90 102.92 -24.56
CA ALA J 262 -38.60 102.17 -25.58
C ALA J 262 -39.67 103.05 -26.20
N SER J 263 -39.87 102.92 -27.50
CA SER J 263 -40.90 103.71 -28.17
C SER J 263 -42.30 103.25 -27.83
N GLY J 264 -42.47 102.01 -27.39
CA GLY J 264 -43.77 101.53 -26.94
C GLY J 264 -43.86 101.44 -25.44
N LYS J 265 -43.78 100.22 -24.92
CA LYS J 265 -43.85 99.99 -23.48
C LYS J 265 -43.03 98.76 -23.14
N LEU J 266 -42.67 98.64 -21.86
CA LEU J 266 -41.84 97.54 -21.40
C LEU J 266 -42.26 97.12 -20.00
N THR J 267 -41.75 95.97 -19.58
CA THR J 267 -41.83 95.53 -18.19
C THR J 267 -40.46 95.35 -17.57
N ASP J 268 -39.57 94.61 -18.21
CA ASP J 268 -38.19 94.46 -17.74
C ASP J 268 -37.29 94.09 -18.90
N VAL J 269 -36.03 93.83 -18.59
CA VAL J 269 -35.05 93.32 -19.54
C VAL J 269 -33.94 92.63 -18.77
N LYS J 270 -33.56 91.43 -19.20
CA LYS J 270 -32.41 90.74 -18.63
C LYS J 270 -31.15 91.14 -19.38
N VAL J 271 -30.07 91.35 -18.64
CA VAL J 271 -28.82 91.80 -19.22
C VAL J 271 -27.74 90.80 -18.85
N LYS J 272 -26.63 90.85 -19.58
CA LYS J 272 -25.48 90.00 -19.31
C LYS J 272 -24.23 90.85 -19.47
N GLY J 273 -23.79 91.44 -18.35
CA GLY J 273 -22.60 92.25 -18.34
C GLY J 273 -21.68 91.83 -17.20
N TYR J 274 -20.43 92.24 -17.32
CA TYR J 274 -19.40 91.88 -16.35
C TYR J 274 -18.86 93.14 -15.69
N VAL J 275 -18.57 93.04 -14.40
CA VAL J 275 -17.72 94.03 -13.75
C VAL J 275 -16.33 93.88 -14.33
N ALA J 276 -15.84 94.92 -14.99
CA ALA J 276 -14.55 94.86 -15.66
C ALA J 276 -13.42 94.77 -14.66
N SER J 277 -12.46 93.90 -14.94
CA SER J 277 -11.25 93.82 -14.12
C SER J 277 -10.17 94.75 -14.65
N GLU J 278 -10.54 96.02 -14.83
CA GLU J 278 -9.59 97.04 -15.24
C GLU J 278 -8.59 97.30 -14.13
N GLN J 279 -9.02 97.15 -12.90
CA GLN J 279 -8.18 97.32 -11.72
C GLN J 279 -8.31 96.08 -10.86
N HIS J 280 -7.20 95.69 -10.22
CA HIS J 280 -7.06 94.36 -9.64
C HIS J 280 -7.90 94.19 -8.38
N THR J 281 -9.23 94.19 -8.56
CA THR J 281 -10.13 94.22 -7.42
C THR J 281 -10.45 92.82 -6.93
N SER J 282 -10.72 91.89 -7.83
CA SER J 282 -11.03 90.51 -7.47
C SER J 282 -10.46 89.58 -8.51
N ALA J 283 -9.57 88.69 -8.09
CA ALA J 283 -8.98 87.71 -9.00
C ALA J 283 -9.19 86.30 -8.48
N THR J 284 -8.58 85.31 -9.12
CA THR J 284 -8.69 83.92 -8.71
C THR J 284 -7.31 83.44 -8.28
N ASN J 285 -7.18 83.10 -6.99
CA ASN J 285 -5.91 82.63 -6.45
C ASN J 285 -5.83 81.12 -6.57
N VAL J 286 -4.70 80.64 -7.09
CA VAL J 286 -4.43 79.21 -7.19
C VAL J 286 -3.36 78.86 -6.16
N GLU J 287 -3.58 77.78 -5.43
CA GLU J 287 -2.64 77.35 -4.40
C GLU J 287 -2.39 75.87 -4.52
N LEU J 288 -1.34 75.40 -3.84
CA LEU J 288 -0.95 74.01 -3.90
C LEU J 288 -1.58 73.24 -2.75
N GLY J 289 -1.15 72.00 -2.56
CA GLY J 289 -1.65 71.14 -1.52
C GLY J 289 -1.00 69.78 -1.61
N LEU J 290 -0.92 69.06 -0.49
CA LEU J 290 -0.20 67.80 -0.51
C LEU J 290 -0.71 66.91 0.62
N THR J 291 -0.74 65.61 0.35
CA THR J 291 -1.06 64.60 1.35
C THR J 291 -0.09 63.44 1.12
N ARG J 292 -0.05 62.50 2.05
CA ARG J 292 0.79 61.33 1.90
C ARG J 292 -0.05 60.08 2.12
N LYS J 293 0.22 59.05 1.31
CA LYS J 293 -0.46 57.78 1.41
C LYS J 293 0.54 56.72 1.84
N ASP J 294 0.22 56.00 2.91
CA ASP J 294 1.16 55.04 3.48
C ASP J 294 1.09 53.70 2.77
N VAL J 295 2.23 53.01 2.77
CA VAL J 295 2.32 51.64 2.29
C VAL J 295 3.05 50.85 3.35
N VAL J 296 2.39 49.84 3.92
CA VAL J 296 2.96 49.00 4.96
C VAL J 296 2.96 47.56 4.47
N ILE J 297 4.09 46.89 4.62
CA ILE J 297 4.23 45.48 4.27
C ILE J 297 4.44 44.72 5.57
N ASP J 298 3.45 43.93 5.96
CA ASP J 298 3.52 43.20 7.21
C ASP J 298 4.05 41.79 6.98
N THR J 299 4.42 41.15 8.08
CA THR J 299 4.80 39.75 8.05
C THR J 299 3.60 38.88 7.68
N ALA J 300 3.81 37.93 6.78
CA ALA J 300 2.76 37.04 6.34
C ALA J 300 2.84 35.72 7.08
N GLN J 301 1.97 34.79 6.69
CA GLN J 301 1.90 33.49 7.33
C GLN J 301 3.06 32.60 6.88
N HIS J 302 3.66 31.89 7.83
CA HIS J 302 4.69 30.92 7.50
C HIS J 302 4.06 29.64 6.98
N ILE J 303 4.66 29.09 5.94
CA ILE J 303 4.35 27.74 5.46
C ILE J 303 5.50 26.84 5.87
N GLU J 304 5.19 25.74 6.53
CA GLU J 304 6.24 24.87 7.04
C GLU J 304 5.78 23.42 6.99
N ALA J 305 6.71 22.52 6.68
CA ALA J 305 6.42 21.10 6.49
C ALA J 305 7.22 20.30 7.50
N THR J 306 6.50 19.62 8.41
CA THR J 306 7.13 18.74 9.37
C THR J 306 7.74 17.53 8.67
N VAL J 307 9.00 17.25 8.95
CA VAL J 307 9.69 16.12 8.33
C VAL J 307 10.38 15.25 9.38
N PRO J 308 9.75 14.14 9.78
CA PRO J 308 10.46 13.15 10.61
C PRO J 308 11.45 12.32 9.80
N LEU J 309 12.05 11.31 10.45
CA LEU J 309 13.02 10.46 9.78
C LEU J 309 12.37 9.24 9.14
N GLU J 310 11.46 8.58 9.87
CA GLU J 310 10.85 7.36 9.37
C GLU J 310 9.88 7.62 8.22
N VAL J 311 9.37 8.85 8.09
CA VAL J 311 8.56 9.18 6.93
C VAL J 311 9.44 9.28 5.68
N ILE J 312 10.73 9.54 5.85
CA ILE J 312 11.62 9.63 4.71
C ILE J 312 12.20 8.26 4.37
N GLN J 313 12.49 7.43 5.37
CA GLN J 313 12.98 6.09 5.11
C GLN J 313 11.93 5.20 4.48
N ASP J 314 10.67 5.39 4.86
CA ASP J 314 9.60 4.55 4.32
C ASP J 314 9.26 4.91 2.89
N MET J 315 9.08 6.21 2.61
CA MET J 315 8.68 6.64 1.28
C MET J 315 9.79 6.47 0.25
N LYS J 316 11.05 6.50 0.71
CA LYS J 316 12.15 6.22 -0.22
C LYS J 316 12.21 4.73 -0.55
N ALA J 317 11.79 3.87 0.37
CA ALA J 317 11.89 2.43 0.17
C ALA J 317 10.63 1.85 -0.45
N THR J 318 9.46 2.33 -0.02
CA THR J 318 8.21 1.72 -0.48
C THR J 318 7.81 2.23 -1.86
N TYR J 319 7.97 3.54 -2.10
CA TYR J 319 7.47 4.15 -3.32
C TYR J 319 8.50 4.90 -4.14
N ASP J 320 9.71 5.13 -3.61
CA ASP J 320 10.72 6.03 -4.19
C ASP J 320 10.14 7.42 -4.42
N ILE J 321 9.70 8.04 -3.33
CA ILE J 321 9.29 9.43 -3.33
C ILE J 321 9.96 10.12 -2.15
N ASP J 322 10.30 11.39 -2.33
CA ASP J 322 10.94 12.15 -1.27
C ASP J 322 9.91 13.03 -0.57
N GLY J 323 9.98 13.04 0.75
CA GLY J 323 9.19 13.98 1.51
C GLY J 323 9.84 15.32 1.69
N VAL J 324 11.06 15.48 1.19
CA VAL J 324 11.80 16.73 1.34
C VAL J 324 11.89 17.42 -0.01
N ALA J 325 11.60 16.70 -1.08
CA ALA J 325 11.63 17.24 -2.42
C ALA J 325 10.26 17.32 -3.07
N ARG J 326 9.23 16.80 -2.40
CA ARG J 326 7.86 16.97 -2.85
C ARG J 326 7.05 17.88 -1.96
N LEU J 327 7.32 17.87 -0.65
CA LEU J 327 6.70 18.85 0.24
C LEU J 327 7.27 20.24 -0.01
N SER J 328 8.50 20.33 -0.49
CA SER J 328 9.10 21.64 -0.78
C SER J 328 8.46 22.28 -2.00
N GLU J 329 8.31 21.52 -3.09
CA GLU J 329 7.64 22.03 -4.28
C GLU J 329 6.13 22.19 -4.07
N THR J 330 5.57 21.52 -3.07
CA THR J 330 4.21 21.80 -2.64
C THR J 330 4.13 23.09 -1.84
N MET J 331 5.10 23.32 -0.96
CA MET J 331 5.16 24.56 -0.19
C MET J 331 5.34 25.77 -1.09
N SER J 332 6.08 25.62 -2.18
CA SER J 332 6.27 26.74 -3.10
C SER J 332 4.99 27.06 -3.85
N GLN J 333 4.27 26.03 -4.32
CA GLN J 333 3.08 26.25 -5.11
C GLN J 333 1.92 26.74 -4.27
N LEU J 334 1.88 26.37 -2.99
CA LEU J 334 0.85 26.93 -2.11
C LEU J 334 1.13 28.39 -1.82
N SER J 335 2.40 28.75 -1.63
CA SER J 335 2.76 30.14 -1.42
C SER J 335 2.65 30.96 -2.69
N SER J 336 2.83 30.34 -3.85
CA SER J 336 2.71 31.04 -5.12
C SER J 336 1.27 31.28 -5.53
N GLN J 337 0.31 30.70 -4.83
CA GLN J 337 -1.10 30.94 -5.12
C GLN J 337 -1.76 31.86 -4.10
N LYS J 338 -1.11 32.14 -2.98
CA LYS J 338 -1.56 33.23 -2.12
C LYS J 338 -1.45 34.56 -2.84
N VAL J 339 -0.35 34.76 -3.58
CA VAL J 339 -0.13 36.02 -4.28
C VAL J 339 -0.92 36.12 -5.57
N ASP J 340 -1.63 35.07 -5.98
CA ASP J 340 -2.53 35.16 -7.11
C ASP J 340 -3.98 34.95 -6.72
N LEU J 341 -4.26 34.72 -5.44
CA LEU J 341 -5.61 34.86 -4.92
C LEU J 341 -5.80 36.14 -4.13
N ASP J 342 -4.71 36.75 -3.65
CA ASP J 342 -4.83 38.06 -3.03
C ASP J 342 -5.22 39.11 -4.05
N ILE J 343 -4.73 38.98 -5.28
CA ILE J 343 -5.01 39.95 -6.33
C ILE J 343 -6.48 39.88 -6.72
N ILE J 344 -7.04 38.66 -6.79
CA ILE J 344 -8.45 38.50 -7.14
C ILE J 344 -9.34 39.06 -6.04
N GLU J 345 -8.98 38.84 -4.78
CA GLU J 345 -9.69 39.51 -3.70
C GLU J 345 -9.42 41.01 -3.67
N PHE J 346 -8.29 41.45 -4.21
CA PHE J 346 -8.00 42.88 -4.24
C PHE J 346 -8.89 43.61 -5.23
N LEU J 347 -8.89 43.16 -6.49
CA LEU J 347 -9.69 43.80 -7.52
C LEU J 347 -11.19 43.65 -7.28
N ASP J 348 -11.61 42.56 -6.64
CA ASP J 348 -13.00 42.48 -6.20
C ASP J 348 -13.30 43.47 -5.10
N HIS J 349 -12.30 43.78 -4.27
CA HIS J 349 -12.50 44.78 -3.23
C HIS J 349 -12.41 46.19 -3.80
N GLU J 350 -11.50 46.42 -4.75
CA GLU J 350 -11.30 47.77 -5.26
C GLU J 350 -12.43 48.20 -6.18
N TYR J 351 -13.02 47.26 -6.92
CA TYR J 351 -14.20 47.60 -7.72
C TYR J 351 -15.39 47.93 -6.83
N LYS J 352 -15.48 47.30 -5.67
CA LYS J 352 -16.56 47.60 -4.74
C LYS J 352 -16.40 48.96 -4.09
N GLU J 353 -15.18 49.52 -4.07
CA GLU J 353 -14.99 50.85 -3.51
C GLU J 353 -15.50 51.93 -4.45
N THR J 354 -15.44 51.72 -5.76
CA THR J 354 -15.89 52.72 -6.71
C THR J 354 -17.42 52.77 -6.85
N ASP J 355 -18.12 51.78 -6.30
CA ASP J 355 -19.57 51.63 -6.38
C ASP J 355 -20.04 51.57 -7.84
N ALA J 356 -19.37 50.72 -8.61
CA ALA J 356 -19.77 50.33 -9.97
C ALA J 356 -19.85 51.52 -10.92
N LYS J 357 -18.74 52.25 -11.00
CA LYS J 357 -18.72 53.44 -11.86
C LYS J 357 -18.63 53.04 -13.33
N TYR J 358 -17.83 52.04 -13.65
CA TYR J 358 -17.69 51.55 -15.01
C TYR J 358 -18.27 50.13 -15.05
N HIS J 359 -19.57 50.05 -15.25
CA HIS J 359 -20.30 48.77 -15.22
C HIS J 359 -21.14 48.70 -16.49
N PHE J 360 -20.63 48.01 -17.50
CA PHE J 360 -21.26 47.95 -18.81
C PHE J 360 -21.55 46.49 -19.13
N SER J 361 -22.83 46.13 -19.12
CA SER J 361 -23.24 44.75 -19.32
C SER J 361 -23.18 44.37 -20.79
N PHE J 362 -22.83 43.12 -21.06
CA PHE J 362 -22.90 42.53 -22.38
C PHE J 362 -23.80 41.31 -22.32
N ASP J 363 -24.51 41.05 -23.41
CA ASP J 363 -25.41 39.91 -23.50
C ASP J 363 -24.97 39.01 -24.64
N VAL J 364 -24.61 37.77 -24.31
CA VAL J 364 -24.30 36.78 -25.33
C VAL J 364 -25.55 36.41 -26.10
N PHE J 365 -26.69 36.42 -25.45
CA PHE J 365 -27.98 36.29 -26.13
C PHE J 365 -28.18 37.53 -26.97
N PRO J 366 -28.37 37.40 -28.30
CA PRO J 366 -28.61 38.59 -29.11
C PRO J 366 -30.00 39.13 -28.86
N HIS J 367 -30.21 40.35 -29.33
CA HIS J 367 -31.48 41.02 -29.13
C HIS J 367 -32.57 40.35 -29.98
N SER J 368 -33.82 40.53 -29.56
CA SER J 368 -34.98 39.83 -30.12
C SER J 368 -35.24 40.11 -31.58
N ASP J 369 -34.62 41.12 -32.18
CA ASP J 369 -34.68 41.29 -33.62
C ASP J 369 -33.27 41.45 -34.20
N TYR J 370 -32.30 40.72 -33.65
CA TYR J 370 -30.98 40.72 -34.26
C TYR J 370 -30.99 39.97 -35.58
N SER J 371 -31.33 38.67 -35.52
CA SER J 371 -31.65 37.84 -36.69
C SER J 371 -30.48 37.70 -37.66
N ALA J 372 -29.35 37.25 -37.13
CA ALA J 372 -28.24 36.77 -37.94
C ALA J 372 -27.55 35.68 -37.12
N HIS J 373 -26.34 35.31 -37.51
CA HIS J 373 -25.63 34.27 -36.79
C HIS J 373 -25.13 34.80 -35.45
N PRO J 374 -25.39 34.09 -34.34
CA PRO J 374 -24.96 34.59 -33.03
C PRO J 374 -23.46 34.50 -32.77
N LYS J 375 -22.67 34.04 -33.73
CA LYS J 375 -21.22 34.14 -33.56
C LYS J 375 -20.75 35.58 -33.72
N ASP J 376 -21.21 36.26 -34.77
CA ASP J 376 -20.78 37.62 -35.04
C ASP J 376 -21.46 38.64 -34.15
N TRP J 377 -22.45 38.22 -33.35
CA TRP J 377 -22.94 39.08 -32.29
C TRP J 377 -21.89 39.28 -31.20
N LEU J 378 -21.00 38.31 -31.03
CA LEU J 378 -19.91 38.40 -30.07
C LEU J 378 -18.77 39.29 -30.54
N GLU J 379 -18.90 39.92 -31.71
CA GLU J 379 -18.04 41.04 -32.05
C GLU J 379 -18.50 42.32 -31.38
N GLY J 380 -19.68 42.32 -30.76
CA GLY J 380 -20.10 43.44 -29.95
C GLY J 380 -19.30 43.62 -28.70
N LEU J 381 -18.73 42.54 -28.15
CA LEU J 381 -17.90 42.62 -26.95
C LEU J 381 -16.62 43.41 -27.19
N ARG J 382 -16.16 43.48 -28.44
CA ARG J 382 -14.98 44.29 -28.75
C ARG J 382 -15.26 45.78 -28.63
N GLU J 383 -16.53 46.20 -28.74
CA GLU J 383 -16.84 47.61 -28.63
C GLU J 383 -17.64 47.94 -27.38
N VAL J 384 -17.88 46.96 -26.51
CA VAL J 384 -18.21 47.28 -25.13
C VAL J 384 -16.92 47.44 -24.33
N ILE J 385 -15.84 46.78 -24.74
CA ILE J 385 -14.53 47.05 -24.18
C ILE J 385 -14.09 48.47 -24.51
N ASP J 386 -14.18 48.85 -25.79
CA ASP J 386 -13.71 50.17 -26.20
C ASP J 386 -14.63 51.29 -25.74
N HIS J 387 -15.89 50.98 -25.44
CA HIS J 387 -16.75 52.02 -24.90
C HIS J 387 -16.43 52.32 -23.44
N THR J 388 -16.07 51.30 -22.66
CA THR J 388 -15.67 51.55 -21.29
C THR J 388 -14.20 51.90 -21.16
N THR J 389 -13.41 51.65 -22.19
CA THR J 389 -12.03 52.12 -22.20
C THR J 389 -11.98 53.62 -22.38
N GLN J 390 -12.69 54.14 -23.38
CA GLN J 390 -12.74 55.57 -23.60
C GLN J 390 -13.48 56.29 -22.49
N SER J 391 -14.35 55.60 -21.75
CA SER J 391 -14.95 56.18 -20.56
C SER J 391 -13.91 56.39 -19.45
N MET J 392 -12.87 55.55 -19.42
CA MET J 392 -11.81 55.75 -18.44
C MET J 392 -10.91 56.90 -18.85
N LYS J 393 -10.49 56.95 -20.11
CA LYS J 393 -9.62 58.00 -20.59
C LYS J 393 -10.31 59.35 -20.72
N ASN J 394 -11.62 59.41 -20.54
CA ASN J 394 -12.33 60.68 -20.51
C ASN J 394 -12.38 61.26 -19.10
N ASP J 395 -12.65 60.43 -18.09
CA ASP J 395 -12.77 60.95 -16.74
C ASP J 395 -11.41 61.22 -16.11
N TYR J 396 -10.52 60.23 -16.18
CA TYR J 396 -9.20 60.36 -15.57
C TYR J 396 -8.20 61.03 -16.48
N LYS J 397 -8.62 61.42 -17.69
CA LYS J 397 -7.85 62.25 -18.63
C LYS J 397 -6.54 61.59 -19.02
N LEU J 398 -6.54 60.26 -19.07
CA LEU J 398 -5.36 59.52 -19.42
C LEU J 398 -5.20 59.47 -20.93
N TYR J 399 -3.97 59.67 -21.39
CA TYR J 399 -3.68 59.54 -22.80
C TYR J 399 -2.47 58.67 -23.07
N ASP J 400 -1.84 58.11 -22.04
CA ASP J 400 -0.80 57.10 -22.18
C ASP J 400 -1.14 56.04 -21.14
N VAL J 401 -1.99 55.09 -21.51
CA VAL J 401 -2.32 53.95 -20.68
C VAL J 401 -2.36 52.72 -21.56
N GLN J 402 -1.61 51.70 -21.19
CA GLN J 402 -1.85 50.35 -21.68
C GLN J 402 -2.80 49.65 -20.73
N PHE J 403 -3.82 48.99 -21.28
CA PHE J 403 -4.85 48.35 -20.48
C PHE J 403 -4.60 46.84 -20.41
N VAL J 404 -5.09 46.22 -19.35
CA VAL J 404 -5.04 44.77 -19.21
C VAL J 404 -6.44 44.29 -18.83
N ILE J 405 -6.82 43.15 -19.39
CA ILE J 405 -8.16 42.59 -19.21
C ILE J 405 -7.99 41.19 -18.62
N VAL J 406 -8.31 41.04 -17.35
CA VAL J 406 -8.32 39.72 -16.73
C VAL J 406 -9.74 39.20 -16.68
N GLY J 407 -9.88 37.89 -16.80
CA GLY J 407 -11.20 37.27 -16.80
C GLY J 407 -11.06 35.79 -17.03
N ASN J 408 -12.21 35.11 -16.90
CA ASN J 408 -12.25 33.67 -17.08
C ASN J 408 -11.94 33.31 -18.54
N PRO J 409 -11.18 32.24 -18.78
CA PRO J 409 -10.91 31.83 -20.16
C PRO J 409 -12.13 31.32 -20.89
N LEU J 410 -13.18 30.91 -20.16
CA LEU J 410 -14.45 30.64 -20.80
C LEU J 410 -15.11 31.92 -21.27
N ASP J 411 -14.84 33.04 -20.59
CA ASP J 411 -15.45 34.32 -20.94
C ASP J 411 -14.61 35.14 -21.90
N VAL J 412 -13.28 34.99 -21.85
CA VAL J 412 -12.43 35.80 -22.72
C VAL J 412 -12.22 35.11 -24.06
N ARG J 413 -12.78 33.91 -24.24
CA ARG J 413 -12.80 33.25 -25.53
C ARG J 413 -13.61 34.03 -26.56
N LEU J 414 -14.56 34.85 -26.12
CA LEU J 414 -15.40 35.64 -27.00
C LEU J 414 -14.68 36.82 -27.63
N ILE J 415 -13.46 37.13 -27.22
CA ILE J 415 -12.76 38.30 -27.74
C ILE J 415 -12.21 38.06 -29.16
N PRO J 416 -11.44 36.97 -29.47
CA PRO J 416 -10.99 36.85 -30.87
C PRO J 416 -12.05 36.26 -31.80
N ASN J 417 -12.89 35.37 -31.28
CA ASN J 417 -13.86 34.58 -32.05
C ASN J 417 -13.21 33.87 -33.23
N VAL J 418 -12.07 33.22 -32.96
CA VAL J 418 -11.34 32.54 -34.01
C VAL J 418 -12.08 31.27 -34.41
N SER J 419 -12.22 31.04 -35.71
CA SER J 419 -12.93 29.89 -36.21
C SER J 419 -11.99 28.68 -36.29
N TRP J 420 -12.56 27.53 -36.61
CA TRP J 420 -11.84 26.27 -36.56
C TRP J 420 -10.98 26.10 -37.82
N THR J 421 -10.20 25.03 -37.83
CA THR J 421 -9.57 24.55 -39.04
C THR J 421 -9.47 23.03 -38.93
N PHE J 422 -9.35 22.36 -40.07
CA PHE J 422 -9.47 20.92 -40.11
C PHE J 422 -8.27 20.29 -40.79
N ASN J 423 -8.03 19.02 -40.45
CA ASN J 423 -6.97 18.22 -41.03
C ASN J 423 -7.33 16.75 -40.86
N GLY J 424 -6.36 15.87 -41.13
CA GLY J 424 -6.61 14.45 -41.01
C GLY J 424 -6.49 13.99 -39.56
N GLY J 425 -7.51 13.25 -39.11
CA GLY J 425 -7.54 12.79 -37.73
C GLY J 425 -6.88 11.43 -37.52
N ASP J 426 -5.58 11.37 -37.73
CA ASP J 426 -4.84 10.13 -37.56
C ASP J 426 -4.29 10.02 -36.15
N ARG J 427 -4.23 8.79 -35.64
CA ARG J 427 -3.69 8.54 -34.31
C ARG J 427 -2.18 8.74 -34.25
N ASN J 428 -1.49 8.65 -35.40
CA ASN J 428 -0.04 8.76 -35.43
C ASN J 428 0.45 10.18 -35.14
N ALA J 429 -0.39 11.19 -35.36
CA ALA J 429 -0.02 12.58 -35.11
C ALA J 429 -1.15 13.24 -34.31
N ASP J 430 -0.99 13.25 -32.99
CA ASP J 430 -1.92 13.93 -32.09
C ASP J 430 -1.20 15.13 -31.48
N ALA J 431 -1.70 16.33 -31.77
CA ALA J 431 -1.08 17.55 -31.28
C ALA J 431 -1.77 17.95 -29.98
N TYR J 432 -1.17 17.58 -28.86
CA TYR J 432 -1.77 17.78 -27.54
C TYR J 432 -1.62 19.24 -27.14
N SER J 433 -2.51 20.07 -27.71
CA SER J 433 -2.58 21.51 -27.48
C SER J 433 -1.25 22.20 -27.80
N ASN J 434 -0.74 21.88 -28.99
CA ASN J 434 0.58 22.37 -29.38
C ASN J 434 0.56 23.85 -29.73
N GLY J 435 -0.42 24.28 -30.52
CA GLY J 435 -0.55 25.68 -30.89
C GLY J 435 -1.55 26.46 -30.07
N ILE J 436 -2.12 25.89 -29.03
CA ILE J 436 -3.15 26.56 -28.25
C ILE J 436 -2.48 27.58 -27.34
N LYS J 437 -2.66 28.87 -27.63
CA LYS J 437 -2.24 29.89 -26.69
C LYS J 437 -3.31 30.95 -26.47
N ILE J 438 -4.13 31.23 -27.49
CA ILE J 438 -5.01 32.39 -27.39
C ILE J 438 -6.31 32.05 -26.68
N ASN J 439 -6.19 31.76 -25.40
CA ASN J 439 -7.33 31.80 -24.50
C ASN J 439 -6.90 32.22 -23.11
N TYR J 440 -5.62 32.51 -22.90
CA TYR J 440 -5.06 32.78 -21.58
C TYR J 440 -4.20 34.03 -21.64
N SER J 441 -3.63 34.31 -22.80
CA SER J 441 -2.67 35.40 -22.94
C SER J 441 -2.74 35.88 -24.39
N LEU J 442 -3.41 37.00 -24.60
CA LEU J 442 -3.70 37.50 -25.93
C LEU J 442 -3.34 38.98 -26.01
N GLY J 443 -2.81 39.39 -27.15
CA GLY J 443 -2.57 40.80 -27.38
C GLY J 443 -3.60 41.41 -28.30
N ALA J 444 -3.84 42.70 -28.10
CA ALA J 444 -4.86 43.38 -28.89
C ALA J 444 -4.37 44.78 -29.21
N ALA J 445 -4.92 45.33 -30.29
CA ALA J 445 -4.59 46.70 -30.69
C ALA J 445 -5.83 47.26 -31.38
N SER J 446 -6.66 47.94 -30.61
CA SER J 446 -7.85 48.58 -31.15
C SER J 446 -7.48 49.95 -31.71
N GLY J 447 -8.49 50.75 -32.05
CA GLY J 447 -8.22 52.13 -32.39
C GLY J 447 -8.28 53.07 -31.20
N THR J 448 -8.75 52.58 -30.06
CA THR J 448 -8.89 53.38 -28.86
C THR J 448 -7.89 53.06 -27.78
N ALA J 449 -7.33 51.85 -27.77
CA ALA J 449 -6.33 51.45 -26.79
C ALA J 449 -5.59 50.24 -27.30
N ASN J 450 -4.48 49.93 -26.63
CA ASN J 450 -3.83 48.64 -26.72
C ASN J 450 -4.22 47.82 -25.50
N TYR J 451 -4.17 46.50 -25.63
CA TYR J 451 -4.58 45.61 -24.56
C TYR J 451 -3.59 44.46 -24.44
N ARG J 452 -3.53 43.90 -23.23
CA ARG J 452 -2.61 42.82 -22.91
C ARG J 452 -3.37 41.73 -22.16
N ILE J 453 -4.46 41.28 -22.79
CA ILE J 453 -5.47 40.35 -22.27
C ILE J 453 -4.91 39.13 -21.55
N ILE J 454 -5.40 38.88 -20.35
CA ILE J 454 -4.92 37.81 -19.49
C ILE J 454 -6.11 36.92 -19.14
N GLY J 455 -5.95 35.61 -19.35
CA GLY J 455 -6.98 34.67 -18.97
C GLY J 455 -6.48 33.63 -17.99
N SER J 456 -7.12 33.56 -16.82
CA SER J 456 -6.79 32.55 -15.82
C SER J 456 -8.09 32.04 -15.21
N ASP J 457 -8.15 30.75 -14.94
CA ASP J 457 -9.38 30.10 -14.50
C ASP J 457 -9.67 30.32 -13.02
N LEU J 458 -8.81 31.05 -12.30
CA LEU J 458 -9.04 31.24 -10.88
C LEU J 458 -10.13 32.27 -10.62
N VAL J 459 -10.25 33.26 -11.48
CA VAL J 459 -11.29 34.26 -11.34
C VAL J 459 -12.61 33.66 -11.82
N ARG J 460 -13.70 34.03 -11.13
CA ARG J 460 -15.01 33.47 -11.42
C ARG J 460 -15.52 33.90 -12.79
N GLN J 461 -16.20 32.99 -13.47
CA GLN J 461 -16.79 33.28 -14.76
C GLN J 461 -18.02 34.16 -14.58
N GLY J 462 -18.18 35.12 -15.48
CA GLY J 462 -19.35 35.98 -15.44
C GLY J 462 -19.05 37.44 -15.68
N GLU J 463 -17.82 37.87 -15.38
CA GLU J 463 -17.47 39.28 -15.47
C GLU J 463 -16.06 39.42 -15.98
N LEU J 464 -15.78 40.57 -16.57
CA LEU J 464 -14.43 40.94 -16.96
C LEU J 464 -13.91 42.02 -16.01
N THR J 465 -12.63 42.34 -16.13
CA THR J 465 -12.02 43.34 -15.28
C THR J 465 -10.92 44.04 -16.06
N ILE J 466 -11.00 45.36 -16.15
CA ILE J 466 -10.10 46.16 -16.97
C ILE J 466 -9.33 47.10 -16.07
N ILE J 467 -8.00 47.00 -16.11
CA ILE J 467 -7.11 47.76 -15.24
C ILE J 467 -6.28 48.69 -16.10
N ALA J 468 -6.15 49.94 -15.67
CA ALA J 468 -5.35 50.94 -16.36
C ALA J 468 -3.94 50.96 -15.80
N ILE J 469 -2.95 50.87 -16.67
CA ILE J 469 -1.54 50.91 -16.28
C ILE J 469 -0.85 51.98 -17.10
N PRO J 470 -0.57 53.13 -16.50
CA PRO J 470 0.11 54.20 -17.24
C PRO J 470 1.63 54.07 -17.12
N GLN J 471 2.32 54.33 -18.23
CA GLN J 471 3.77 54.26 -18.21
C GLN J 471 4.40 55.51 -17.62
N GLN J 472 3.65 56.60 -17.48
CA GLN J 472 4.16 57.78 -16.79
C GLN J 472 4.31 57.46 -15.32
N ASP J 473 5.56 57.51 -14.82
CA ASP J 473 5.87 57.05 -13.48
C ASP J 473 5.33 57.98 -12.39
N ASN J 474 4.93 59.20 -12.74
CA ASN J 474 4.34 60.10 -11.76
C ASN J 474 2.95 59.61 -11.35
N TYR J 475 2.16 59.15 -12.31
CA TYR J 475 0.83 58.65 -12.01
C TYR J 475 0.88 57.14 -11.79
N LYS J 476 0.17 56.68 -10.77
CA LYS J 476 0.17 55.27 -10.44
C LYS J 476 -1.24 54.83 -10.08
N THR J 477 -1.62 53.63 -10.52
CA THR J 477 -2.98 53.12 -10.37
C THR J 477 -3.04 51.90 -9.47
N PHE J 478 -2.30 50.85 -9.79
CA PHE J 478 -2.24 49.64 -8.97
C PHE J 478 -0.81 49.15 -9.00
N MET J 479 -0.18 49.10 -7.83
CA MET J 479 1.20 48.63 -7.74
C MET J 479 1.28 47.43 -6.82
N PHE J 480 2.06 46.44 -7.22
CA PHE J 480 2.28 45.23 -6.46
C PHE J 480 3.68 45.26 -5.86
N TYR J 481 3.75 45.11 -4.54
CA TYR J 481 5.01 45.25 -3.82
C TYR J 481 5.44 43.93 -3.22
N PRO J 482 6.34 43.20 -3.84
CA PRO J 482 6.93 42.03 -3.17
C PRO J 482 8.11 42.41 -2.32
N TYR J 483 8.01 42.22 -1.00
CA TYR J 483 9.09 42.67 -0.13
C TYR J 483 10.23 41.67 -0.10
N THR J 484 9.97 40.45 0.37
CA THR J 484 11.05 39.47 0.54
C THR J 484 10.48 38.07 0.39
N PHE J 485 11.40 37.12 0.30
CA PHE J 485 11.07 35.70 0.14
C PHE J 485 12.09 34.91 0.96
N ASN J 486 11.68 34.47 2.15
CA ASN J 486 12.58 33.88 3.11
C ASN J 486 12.24 32.42 3.34
N VAL J 487 13.26 31.56 3.33
CA VAL J 487 13.09 30.13 3.55
C VAL J 487 14.26 29.65 4.40
N VAL J 488 13.97 28.85 5.42
CA VAL J 488 14.98 28.30 6.32
C VAL J 488 14.86 26.77 6.33
N ASN J 489 16.00 26.09 6.48
CA ASN J 489 16.02 24.64 6.60
C ASN J 489 16.18 24.31 8.08
N GLY J 490 15.10 24.47 8.82
CA GLY J 490 15.12 24.31 10.26
C GLY J 490 15.67 25.55 10.93
N GLY J 491 16.99 25.72 10.91
CA GLY J 491 17.68 26.93 11.33
C GLY J 491 17.42 27.40 12.75
N GLY J 492 16.98 26.50 13.62
CA GLY J 492 16.58 26.86 14.96
C GLY J 492 15.09 27.11 15.12
N TYR J 493 14.39 27.40 14.02
CA TYR J 493 12.95 27.55 14.07
C TYR J 493 12.30 26.20 14.32
N LEU J 494 11.37 26.16 15.26
CA LEU J 494 10.70 24.91 15.61
C LEU J 494 9.45 24.75 14.76
N ASN J 495 8.61 23.79 15.16
CA ASN J 495 7.31 23.56 14.55
C ASN J 495 6.21 24.01 15.49
N THR J 496 5.06 24.35 14.93
CA THR J 496 3.93 24.77 15.75
C THR J 496 3.18 23.57 16.32
N ARG J 497 2.96 22.54 15.52
CA ARG J 497 2.16 21.40 15.96
C ARG J 497 2.98 20.42 16.79
N ASN J 498 4.01 19.84 16.19
CA ASN J 498 4.89 18.91 16.88
C ASN J 498 6.30 19.49 16.89
N PRO J 499 6.70 20.16 17.98
CA PRO J 499 8.00 20.84 17.98
C PRO J 499 9.20 19.92 18.09
N ASN J 500 8.99 18.64 18.42
CA ASN J 500 10.12 17.75 18.70
C ASN J 500 10.85 17.30 17.45
N VAL J 501 10.33 17.57 16.26
CA VAL J 501 10.87 17.04 15.01
C VAL J 501 11.25 18.21 14.10
N PRO J 502 12.20 18.04 13.17
CA PRO J 502 12.58 19.17 12.32
C PRO J 502 11.52 19.50 11.28
N ASN J 503 11.62 20.72 10.72
CA ASN J 503 10.70 21.17 9.71
C ASN J 503 11.37 22.24 8.85
N MET J 504 10.88 22.38 7.63
CA MET J 504 11.38 23.37 6.68
C MET J 504 10.35 24.49 6.57
N MET J 505 10.68 25.65 7.13
CA MET J 505 9.77 26.80 7.16
C MET J 505 10.09 27.75 6.01
N MET J 506 9.05 28.40 5.49
CA MET J 506 9.21 29.43 4.48
C MET J 506 8.03 30.39 4.56
N THR J 507 8.28 31.62 4.13
CA THR J 507 7.22 32.61 3.98
C THR J 507 7.70 33.67 2.99
N ARG J 508 6.76 34.50 2.54
CA ARG J 508 7.09 35.63 1.68
C ARG J 508 6.26 36.82 2.12
N ARG J 509 6.90 37.98 2.20
CA ARG J 509 6.23 39.21 2.61
C ARG J 509 5.95 40.05 1.38
N TYR J 510 4.71 40.54 1.28
CA TYR J 510 4.24 41.22 0.09
C TYR J 510 2.98 41.99 0.43
N THR J 511 2.70 43.00 -0.38
CA THR J 511 1.39 43.65 -0.38
C THR J 511 1.17 44.27 -1.75
N VAL J 512 -0.08 44.67 -1.99
CA VAL J 512 -0.46 45.30 -3.23
C VAL J 512 -1.42 46.44 -2.91
N GLU J 513 -1.19 47.61 -3.51
CA GLU J 513 -1.87 48.82 -3.09
C GLU J 513 -2.54 49.51 -4.27
N SER J 514 -3.53 50.34 -3.94
CA SER J 514 -4.33 51.07 -4.93
C SER J 514 -4.33 52.54 -4.53
N PHE J 515 -3.63 53.37 -5.31
CA PHE J 515 -3.66 54.79 -5.04
C PHE J 515 -4.96 55.42 -5.55
N VAL J 516 -5.25 55.23 -6.83
CA VAL J 516 -6.53 55.64 -7.40
C VAL J 516 -7.11 54.47 -8.18
N PRO J 517 -8.35 54.05 -7.92
CA PRO J 517 -8.91 52.88 -8.60
C PRO J 517 -9.47 53.25 -9.97
N ILE J 518 -8.79 52.79 -11.02
CA ILE J 518 -9.32 52.87 -12.37
C ILE J 518 -9.63 51.45 -12.84
N ILE J 519 -10.85 51.00 -12.60
CA ILE J 519 -11.22 49.60 -12.80
C ILE J 519 -12.64 49.54 -13.33
N GLY J 520 -12.89 48.64 -14.29
CA GLY J 520 -14.21 48.49 -14.85
C GLY J 520 -14.58 47.02 -14.94
N ARG J 521 -15.88 46.77 -14.97
CA ARG J 521 -16.38 45.40 -14.92
C ARG J 521 -17.43 45.23 -16.01
N ILE J 522 -17.15 44.34 -16.96
CA ILE J 522 -18.08 44.04 -18.04
C ILE J 522 -18.84 42.77 -17.66
N THR J 523 -20.09 42.93 -17.27
CA THR J 523 -20.92 41.80 -16.84
C THR J 523 -21.40 41.05 -18.07
N ILE J 524 -20.68 39.98 -18.41
CA ILE J 524 -21.07 39.12 -19.53
C ILE J 524 -22.22 38.25 -19.07
N LYS J 525 -23.38 38.43 -19.68
CA LYS J 525 -24.57 37.70 -19.27
C LYS J 525 -24.86 36.55 -20.22
N ASN J 526 -25.36 35.44 -19.64
CA ASN J 526 -25.84 34.26 -20.38
C ASN J 526 -24.74 33.63 -21.22
N ASN J 527 -23.60 33.36 -20.60
CA ASN J 527 -22.48 32.71 -21.27
C ASN J 527 -22.36 31.25 -20.84
N ASN J 528 -23.48 30.59 -20.59
CA ASN J 528 -23.51 29.19 -20.23
C ASN J 528 -23.58 28.28 -21.45
N GLY J 529 -23.35 28.81 -22.65
CA GLY J 529 -23.41 28.00 -23.85
C GLY J 529 -24.79 27.64 -24.32
N SER J 530 -25.84 28.18 -23.70
CA SER J 530 -27.21 27.89 -24.08
C SER J 530 -27.76 28.90 -25.07
N VAL J 531 -26.88 29.53 -25.85
CA VAL J 531 -27.33 30.48 -26.87
C VAL J 531 -27.97 29.79 -28.06
N TYR J 532 -27.72 28.49 -28.24
CA TYR J 532 -28.31 27.73 -29.33
C TYR J 532 -29.40 26.78 -28.89
N ALA J 533 -29.47 26.44 -27.60
CA ALA J 533 -30.50 25.54 -27.13
C ALA J 533 -31.81 26.23 -26.80
N ARG J 534 -31.85 27.55 -26.84
CA ARG J 534 -33.05 28.30 -26.53
C ARG J 534 -34.08 28.16 -27.64
N MET K 81 10.05 44.34 15.54
CA MET K 81 9.19 43.77 16.56
C MET K 81 8.12 44.78 16.98
N GLY K 82 7.58 44.58 18.16
CA GLY K 82 6.49 45.41 18.67
C GLY K 82 6.88 46.77 19.18
N PRO K 83 7.66 46.85 20.27
CA PRO K 83 7.97 48.16 20.87
C PRO K 83 8.91 49.02 20.03
N ILE K 84 9.49 48.50 18.96
CA ILE K 84 10.23 49.35 18.04
C ILE K 84 9.24 50.22 17.28
N GLN K 85 9.46 51.52 17.29
CA GLN K 85 8.54 52.45 16.65
C GLN K 85 8.70 52.38 15.13
N PRO K 86 7.62 52.21 14.38
CA PRO K 86 7.75 52.10 12.92
C PRO K 86 7.98 53.46 12.29
N TYR K 87 8.80 53.47 11.23
CA TYR K 87 9.15 54.71 10.54
C TYR K 87 8.78 54.57 9.08
N ALA K 88 7.91 55.44 8.60
CA ALA K 88 7.42 55.41 7.23
C ALA K 88 8.23 56.39 6.39
N SER K 89 9.05 55.85 5.49
CA SER K 89 9.95 56.66 4.67
C SER K 89 9.17 57.37 3.56
N LEU K 90 9.89 58.08 2.70
CA LEU K 90 9.29 58.86 1.62
C LEU K 90 9.86 58.39 0.30
N SER K 91 8.98 57.90 -0.58
CA SER K 91 9.40 57.43 -1.89
C SER K 91 9.74 58.60 -2.80
N MET K 92 10.50 58.31 -3.84
CA MET K 92 11.06 59.36 -4.68
C MET K 92 10.07 59.99 -5.67
N PRO K 93 9.37 59.26 -6.55
CA PRO K 93 8.59 59.97 -7.58
C PRO K 93 7.27 60.48 -7.01
N ILE K 94 7.05 61.79 -7.13
CA ILE K 94 5.89 62.42 -6.50
C ILE K 94 4.67 62.23 -7.38
N LEU K 95 3.55 61.89 -6.77
CA LEU K 95 2.33 61.66 -7.54
C LEU K 95 1.65 62.98 -7.87
N VAL K 96 1.13 63.06 -9.09
CA VAL K 96 0.57 64.31 -9.62
C VAL K 96 -0.77 64.00 -10.28
N LYS K 97 -1.63 65.01 -10.34
CA LYS K 97 -2.87 64.90 -11.07
C LYS K 97 -2.61 65.06 -12.57
N LEU K 98 -3.61 64.74 -13.38
CA LEU K 98 -3.45 64.72 -14.83
C LEU K 98 -4.46 65.65 -15.49
N TRP K 99 -4.03 66.28 -16.58
CA TRP K 99 -4.79 67.31 -17.26
C TRP K 99 -5.26 66.82 -18.62
N ALA K 100 -6.28 67.49 -19.14
CA ALA K 100 -6.78 67.19 -20.48
C ALA K 100 -5.88 67.83 -21.52
N ARG K 101 -5.56 67.08 -22.57
CA ARG K 101 -4.85 67.66 -23.69
C ARG K 101 -5.77 68.61 -24.43
N LEU K 102 -5.22 69.72 -24.89
CA LEU K 102 -6.00 70.81 -25.44
C LEU K 102 -5.72 70.89 -26.93
N ALA K 103 -6.52 70.16 -27.71
CA ALA K 103 -6.43 70.15 -29.15
C ALA K 103 -7.65 70.82 -29.76
N LEU K 104 -8.08 71.92 -29.14
CA LEU K 104 -9.32 72.58 -29.50
C LEU K 104 -9.13 73.99 -30.05
N THR K 105 -8.04 74.67 -29.70
CA THR K 105 -7.80 76.02 -30.17
C THR K 105 -7.51 76.11 -31.65
N GLU K 106 -7.11 75.01 -32.27
CA GLU K 106 -6.81 74.98 -33.69
C GLU K 106 -8.04 74.75 -34.56
N ALA K 107 -9.23 74.64 -33.96
CA ALA K 107 -10.45 74.52 -34.75
C ALA K 107 -10.76 75.81 -35.48
N LEU K 108 -10.99 76.86 -34.75
CA LEU K 108 -11.35 78.14 -35.34
C LEU K 108 -10.11 78.85 -35.88
N PRO K 109 -10.22 79.54 -37.00
CA PRO K 109 -9.06 80.27 -37.54
C PRO K 109 -8.76 81.51 -36.72
N THR K 110 -7.48 81.91 -36.73
CA THR K 110 -6.98 82.91 -35.81
C THR K 110 -6.22 83.98 -36.57
N GLN K 111 -6.64 85.23 -36.40
CA GLN K 111 -5.82 86.39 -36.73
C GLN K 111 -5.55 87.12 -35.44
N VAL K 112 -4.27 87.42 -35.18
CA VAL K 112 -3.91 88.14 -33.97
C VAL K 112 -4.35 89.59 -34.10
N ALA K 113 -5.23 90.02 -33.23
CA ALA K 113 -5.80 91.36 -33.28
C ALA K 113 -4.79 92.36 -32.73
N ASN K 114 -4.40 93.33 -33.54
CA ASN K 114 -3.47 94.35 -33.11
C ASN K 114 -4.14 95.56 -32.50
N LYS K 115 -5.47 95.56 -32.41
CA LYS K 115 -6.22 96.62 -31.78
C LYS K 115 -7.35 95.97 -30.99
N PRO K 116 -7.68 96.50 -29.81
CA PRO K 116 -8.71 95.85 -28.99
C PRO K 116 -10.13 96.14 -29.42
N ASN K 117 -10.34 96.95 -30.46
CA ASN K 117 -11.68 97.25 -30.93
C ASN K 117 -11.58 97.64 -32.40
N PHE K 118 -12.26 96.89 -33.26
CA PHE K 118 -12.34 97.25 -34.67
C PHE K 118 -13.69 96.81 -35.21
N THR K 119 -13.97 97.22 -36.44
CA THR K 119 -15.15 96.80 -37.17
C THR K 119 -14.74 96.21 -38.51
N VAL K 120 -15.62 95.39 -39.07
CA VAL K 120 -15.40 94.86 -40.41
C VAL K 120 -16.70 95.03 -41.18
N PRO K 121 -16.66 95.54 -42.40
CA PRO K 121 -17.91 95.83 -43.12
C PRO K 121 -18.42 94.67 -43.95
N ILE K 122 -19.72 94.42 -43.90
CA ILE K 122 -20.35 93.50 -44.83
C ILE K 122 -21.00 94.32 -45.93
N LEU K 123 -21.29 93.66 -47.05
CA LEU K 123 -21.76 94.37 -48.23
C LEU K 123 -22.84 93.55 -48.91
N THR K 124 -24.03 94.13 -49.05
CA THR K 124 -25.12 93.41 -49.70
C THR K 124 -25.83 94.27 -50.73
N PRO K 125 -26.14 93.73 -51.90
CA PRO K 125 -26.94 94.46 -52.87
C PRO K 125 -28.43 94.20 -52.67
N TYR K 126 -29.23 95.04 -53.32
CA TYR K 126 -30.67 95.01 -53.15
C TYR K 126 -31.34 95.07 -54.52
N VAL K 127 -32.65 94.90 -54.51
CA VAL K 127 -33.51 95.21 -55.65
C VAL K 127 -34.76 95.89 -55.11
N VAL K 128 -35.15 96.99 -55.75
CA VAL K 128 -36.12 97.89 -55.15
C VAL K 128 -37.54 97.54 -55.58
N ASP K 129 -37.70 96.37 -56.22
CA ASP K 129 -38.95 95.69 -56.57
C ASP K 129 -39.70 96.38 -57.73
N ALA K 130 -39.29 97.59 -58.08
CA ALA K 130 -40.10 98.56 -58.86
C ALA K 130 -41.53 98.67 -58.35
N ASP K 131 -41.70 98.62 -57.03
CA ASP K 131 -42.98 98.87 -56.37
C ASP K 131 -42.81 99.70 -55.10
N GLY K 132 -41.63 100.20 -54.81
CA GLY K 132 -41.38 100.77 -53.50
C GLY K 132 -40.20 100.14 -52.79
N ASN K 133 -40.50 99.35 -51.76
CA ASN K 133 -39.50 98.83 -50.84
C ASN K 133 -38.51 97.88 -51.52
N LYS K 134 -37.41 97.62 -50.81
CA LYS K 134 -36.32 96.83 -51.35
C LYS K 134 -35.97 95.70 -50.39
N HIS K 135 -35.25 94.70 -50.93
CA HIS K 135 -34.83 93.55 -50.14
C HIS K 135 -33.60 92.94 -50.80
N ALA K 136 -32.98 92.02 -50.07
CA ALA K 136 -31.61 91.58 -50.38
C ALA K 136 -31.54 90.79 -51.67
N LEU K 137 -30.45 90.99 -52.41
CA LEU K 137 -30.31 90.42 -53.74
C LEU K 137 -30.00 88.92 -53.77
N PRO K 138 -28.88 88.41 -53.23
CA PRO K 138 -28.55 87.01 -53.52
C PRO K 138 -29.35 85.99 -52.72
N GLU K 139 -30.27 86.45 -51.88
CA GLU K 139 -31.22 85.58 -51.19
C GLU K 139 -32.54 85.46 -51.94
N SER K 140 -33.08 86.57 -52.42
CA SER K 140 -34.44 86.59 -52.97
C SER K 140 -34.51 86.13 -54.42
N ILE K 141 -33.41 85.66 -55.01
CA ILE K 141 -33.47 85.09 -56.35
C ILE K 141 -32.99 83.66 -56.30
N ASN K 142 -33.27 82.98 -55.19
CA ASN K 142 -32.93 81.58 -55.03
C ASN K 142 -34.14 80.69 -54.89
N ASN K 143 -35.33 81.18 -55.22
CA ASN K 143 -36.56 80.40 -55.14
C ASN K 143 -37.28 80.48 -56.48
N THR K 144 -37.73 79.32 -56.97
CA THR K 144 -38.36 79.21 -58.28
C THR K 144 -39.71 79.90 -58.47
N PRO K 145 -40.56 80.16 -57.43
CA PRO K 145 -41.62 81.14 -57.66
C PRO K 145 -41.04 82.54 -57.77
N GLU K 146 -41.02 83.08 -58.98
CA GLU K 146 -40.24 84.27 -59.29
C GLU K 146 -41.16 85.47 -59.55
N THR K 147 -40.93 86.55 -58.79
CA THR K 147 -41.69 87.77 -58.96
C THR K 147 -40.85 89.00 -59.27
N LEU K 148 -39.53 88.96 -59.05
CA LEU K 148 -38.75 90.19 -59.05
C LEU K 148 -38.40 90.65 -60.47
N VAL K 149 -37.63 89.86 -61.17
CA VAL K 149 -37.18 90.22 -62.51
C VAL K 149 -38.14 89.62 -63.52
N GLY K 150 -38.45 90.38 -64.56
CA GLY K 150 -39.33 89.92 -65.62
C GLY K 150 -40.23 91.04 -66.08
N LEU K 151 -40.80 90.85 -67.26
CA LEU K 151 -41.71 91.84 -67.83
C LEU K 151 -43.02 91.89 -67.06
N VAL K 152 -43.72 93.01 -67.21
CA VAL K 152 -45.00 93.18 -66.54
C VAL K 152 -46.04 92.30 -67.23
N GLN K 153 -46.62 91.38 -66.49
CA GLN K 153 -47.63 90.48 -67.04
C GLN K 153 -48.96 91.20 -67.12
N ILE K 154 -49.69 90.99 -68.21
CA ILE K 154 -50.98 91.60 -68.42
C ILE K 154 -52.03 90.87 -67.60
N LYS K 155 -53.19 91.53 -67.40
CA LYS K 155 -54.26 90.89 -66.66
C LYS K 155 -54.75 89.65 -67.40
N GLU K 156 -54.93 88.56 -66.67
CA GLU K 156 -55.04 87.24 -67.27
C GLU K 156 -56.44 86.96 -67.79
N ASP K 157 -57.46 87.21 -66.98
CA ASP K 157 -58.82 86.80 -67.32
C ASP K 157 -59.41 87.76 -68.34
N ILE K 158 -60.30 87.23 -69.18
CA ILE K 158 -61.01 87.98 -70.21
C ILE K 158 -62.43 87.42 -70.30
N ALA K 159 -63.42 88.31 -70.27
CA ALA K 159 -64.80 87.91 -70.51
C ALA K 159 -65.15 88.11 -71.97
N VAL K 160 -65.66 87.06 -72.56
CA VAL K 160 -66.05 87.07 -73.96
C VAL K 160 -67.56 86.84 -73.99
N GLU K 161 -68.33 87.92 -74.11
CA GLU K 161 -69.77 87.80 -74.22
C GLU K 161 -70.18 87.68 -75.68
N GLY K 162 -71.00 86.67 -75.99
CA GLY K 162 -71.46 86.45 -77.34
C GLY K 162 -70.50 85.72 -78.24
N GLY K 163 -69.46 85.10 -77.68
CA GLY K 163 -68.48 84.38 -78.46
C GLY K 163 -67.50 85.25 -79.21
N LYS K 164 -67.58 86.56 -79.07
CA LYS K 164 -66.67 87.46 -79.75
C LYS K 164 -66.54 88.76 -78.95
N VAL K 165 -65.36 89.36 -78.99
CA VAL K 165 -65.20 90.73 -78.52
C VAL K 165 -64.68 91.56 -79.68
N THR K 166 -65.00 92.85 -79.64
CA THR K 166 -64.61 93.79 -80.69
C THR K 166 -63.60 94.76 -80.10
N ASP K 167 -62.31 94.46 -80.29
CA ASP K 167 -61.17 95.31 -79.94
C ASP K 167 -61.13 95.59 -78.43
N TYR K 168 -61.04 94.51 -77.68
CA TYR K 168 -60.92 94.60 -76.23
C TYR K 168 -59.53 95.08 -75.85
N ASP K 169 -59.47 95.98 -74.88
CA ASP K 169 -58.20 96.57 -74.45
C ASP K 169 -57.44 95.57 -73.58
N LEU K 170 -56.29 95.13 -74.06
CA LEU K 170 -55.48 94.18 -73.31
C LEU K 170 -54.74 94.85 -72.16
N PHE K 171 -54.47 96.15 -72.28
CA PHE K 171 -53.74 96.87 -71.24
C PHE K 171 -54.70 97.44 -70.20
N THR K 172 -55.54 96.57 -69.65
CA THR K 172 -56.58 96.95 -68.70
C THR K 172 -56.25 96.33 -67.35
N GLY K 173 -56.49 97.11 -66.28
CA GLY K 173 -56.14 96.66 -64.95
C GLY K 173 -54.69 96.81 -64.61
N LEU K 174 -53.93 97.57 -65.40
CA LEU K 174 -52.53 97.86 -65.11
C LEU K 174 -52.42 99.29 -64.62
N LYS K 175 -51.51 99.51 -63.67
CA LYS K 175 -51.27 100.85 -63.15
C LYS K 175 -50.53 101.66 -64.20
N GLU K 176 -51.18 102.71 -64.69
CA GLU K 176 -50.65 103.50 -65.78
C GLU K 176 -49.52 104.39 -65.30
N GLY K 177 -48.41 104.38 -66.02
CA GLY K 177 -47.30 105.26 -65.72
C GLY K 177 -46.04 104.52 -65.34
N LYS K 178 -46.18 103.49 -64.51
CA LYS K 178 -45.03 102.67 -64.13
C LYS K 178 -45.08 101.27 -64.71
N GLU K 179 -46.27 100.76 -65.02
CA GLU K 179 -46.37 99.45 -65.67
C GLU K 179 -46.61 99.57 -67.17
N VAL K 180 -47.33 100.61 -67.60
CA VAL K 180 -47.60 100.82 -69.01
C VAL K 180 -47.72 102.32 -69.26
N ARG K 181 -47.07 102.80 -70.32
CA ARG K 181 -47.29 104.14 -70.84
C ARG K 181 -48.20 103.97 -72.06
N LYS K 182 -49.51 104.14 -71.85
CA LYS K 182 -50.52 103.72 -72.81
C LYS K 182 -50.42 104.51 -74.11
N GLY K 183 -50.34 103.78 -75.22
CA GLY K 183 -50.15 104.37 -76.51
C GLY K 183 -48.70 104.51 -76.92
N ILE K 184 -47.76 104.23 -76.01
CA ILE K 184 -46.35 104.37 -76.32
C ILE K 184 -45.73 102.99 -76.45
N ASP K 185 -45.75 102.21 -75.37
CA ASP K 185 -45.13 100.89 -75.41
C ASP K 185 -46.14 99.85 -75.88
N ARG K 186 -45.63 98.83 -76.54
CA ARG K 186 -46.46 97.87 -77.26
C ARG K 186 -46.66 96.61 -76.42
N LEU K 187 -47.33 95.64 -77.03
CA LEU K 187 -47.43 94.30 -76.49
C LEU K 187 -46.28 93.45 -77.02
N ASP K 188 -45.88 92.47 -76.23
CA ASP K 188 -44.81 91.58 -76.66
C ASP K 188 -45.38 90.50 -77.57
N ARG K 189 -44.48 89.89 -78.34
CA ARG K 189 -44.86 88.81 -79.24
C ARG K 189 -44.71 87.44 -78.59
N LYS K 190 -45.29 87.31 -77.39
CA LYS K 190 -45.40 86.04 -76.70
C LYS K 190 -46.82 85.82 -76.21
N PHE K 191 -47.79 86.48 -76.82
CA PHE K 191 -49.18 86.37 -76.41
C PHE K 191 -49.73 85.02 -76.82
N LYS K 192 -50.18 84.24 -75.84
CA LYS K 192 -50.91 83.01 -76.11
C LYS K 192 -51.99 82.84 -75.07
N ILE K 193 -53.04 82.17 -75.44
CA ILE K 193 -54.09 81.84 -74.50
C ILE K 193 -53.77 80.49 -73.89
N VAL K 194 -54.23 80.27 -72.67
CA VAL K 194 -53.88 79.04 -71.95
C VAL K 194 -55.08 78.29 -71.40
N GLU K 195 -56.22 78.94 -71.17
CA GLU K 195 -57.39 78.28 -70.59
C GLU K 195 -58.62 78.93 -71.20
N ALA K 196 -59.19 78.27 -72.20
CA ALA K 196 -60.47 78.70 -72.72
C ALA K 196 -61.61 78.10 -71.90
N LYS K 197 -62.81 78.66 -72.08
CA LYS K 197 -63.98 78.17 -71.37
C LYS K 197 -65.20 78.40 -72.23
N TRP K 198 -65.91 77.34 -72.54
CA TRP K 198 -67.17 77.41 -73.28
C TRP K 198 -68.34 77.22 -72.31
N SER K 199 -69.55 77.41 -72.82
CA SER K 199 -70.72 77.23 -71.99
C SER K 199 -71.09 75.77 -71.82
N ASP K 200 -70.53 74.88 -72.64
CA ASP K 200 -70.76 73.44 -72.55
C ASP K 200 -69.44 72.73 -72.29
N SER K 201 -68.65 73.30 -71.39
CA SER K 201 -67.32 72.80 -71.13
C SER K 201 -67.29 71.91 -69.88
N PHE K 202 -66.10 71.39 -69.61
CA PHE K 202 -65.82 70.65 -68.39
C PHE K 202 -64.37 70.90 -68.03
N ASP K 203 -64.07 70.87 -66.74
CA ASP K 203 -62.76 71.33 -66.29
C ASP K 203 -61.68 70.25 -66.44
N GLU K 204 -61.99 69.03 -65.96
CA GLU K 204 -61.13 67.85 -65.79
C GLU K 204 -60.06 68.03 -64.71
N ARG K 205 -59.98 69.22 -64.12
CA ARG K 205 -59.14 69.46 -62.96
C ARG K 205 -59.97 69.52 -61.69
N THR K 206 -61.17 70.08 -61.79
CA THR K 206 -62.28 69.78 -60.90
C THR K 206 -63.38 69.15 -61.74
N SER K 207 -64.42 68.67 -61.06
CA SER K 207 -65.55 68.06 -61.77
C SER K 207 -66.67 69.10 -61.91
N ALA K 208 -66.45 70.04 -62.82
CA ALA K 208 -67.40 71.12 -63.03
C ALA K 208 -67.21 71.68 -64.42
N ALA K 209 -68.22 72.43 -64.87
CA ALA K 209 -68.17 73.14 -66.14
C ALA K 209 -67.28 74.36 -65.95
N GLY K 210 -65.99 74.17 -66.15
CA GLY K 210 -65.01 75.23 -65.91
C GLY K 210 -64.18 75.50 -67.13
N PHE K 211 -62.88 75.67 -66.90
CA PHE K 211 -61.95 76.02 -67.96
C PHE K 211 -61.28 74.78 -68.51
N VAL K 212 -61.09 74.73 -69.82
CA VAL K 212 -60.30 73.68 -70.44
C VAL K 212 -58.85 74.15 -70.47
N GLU K 213 -57.99 73.48 -69.72
CA GLU K 213 -56.56 73.73 -69.82
C GLU K 213 -56.07 73.20 -71.16
N LEU K 214 -55.68 74.11 -72.05
CA LEU K 214 -55.32 73.75 -73.43
C LEU K 214 -53.98 73.05 -73.40
N GLY K 215 -54.02 71.75 -73.19
CA GLY K 215 -52.81 70.95 -73.12
C GLY K 215 -52.22 70.70 -74.49
N SER K 216 -51.10 71.38 -74.78
CA SER K 216 -50.32 71.26 -76.02
C SER K 216 -51.10 71.66 -77.26
N ASN K 217 -52.21 72.38 -77.10
CA ASN K 217 -52.94 73.01 -78.19
C ASN K 217 -53.25 74.44 -77.83
N VAL K 218 -52.28 75.13 -77.23
CA VAL K 218 -52.43 76.54 -76.94
C VAL K 218 -52.44 77.34 -78.23
N VAL K 219 -53.29 78.35 -78.27
CA VAL K 219 -53.45 79.19 -79.45
C VAL K 219 -52.44 80.32 -79.29
N LYS K 220 -51.25 80.12 -79.84
CA LYS K 220 -50.20 81.13 -79.73
C LYS K 220 -50.19 82.02 -80.96
N LEU K 221 -49.36 83.06 -80.90
CA LEU K 221 -49.37 84.12 -81.90
C LEU K 221 -48.67 83.64 -83.18
N GLN K 222 -49.40 83.66 -84.30
CA GLN K 222 -48.87 83.25 -85.58
C GLN K 222 -48.19 84.43 -86.26
N ASP K 223 -47.86 84.29 -87.55
CA ASP K 223 -47.27 85.38 -88.30
C ASP K 223 -48.30 86.45 -88.62
N ASN K 224 -47.83 87.69 -88.72
CA ASN K 224 -48.64 88.91 -88.84
C ASN K 224 -49.63 89.08 -87.70
N ASP K 225 -49.27 88.53 -86.53
CA ASP K 225 -49.95 88.73 -85.25
C ASP K 225 -51.41 88.30 -85.30
N THR K 226 -51.62 87.01 -85.56
CA THR K 226 -52.96 86.44 -85.56
C THR K 226 -52.98 85.18 -84.71
N LEU K 227 -54.18 84.80 -84.28
CA LEU K 227 -54.38 83.61 -83.45
C LEU K 227 -55.40 82.71 -84.12
N VAL K 228 -54.97 81.52 -84.53
CA VAL K 228 -55.85 80.51 -85.08
C VAL K 228 -55.60 79.20 -84.35
N GLY K 229 -56.65 78.39 -84.18
CA GLY K 229 -56.49 77.16 -83.43
C GLY K 229 -57.70 76.26 -83.38
N GLN K 230 -57.47 74.94 -83.50
CA GLN K 230 -58.51 73.94 -83.41
C GLN K 230 -58.49 73.31 -82.03
N ILE K 231 -59.57 73.45 -81.29
CA ILE K 231 -59.64 73.01 -79.90
C ILE K 231 -60.68 71.90 -79.79
N LYS K 232 -60.29 70.80 -79.14
CA LYS K 232 -61.19 69.68 -78.86
C LYS K 232 -61.50 69.72 -77.36
N TYR K 233 -62.58 70.42 -77.00
CA TYR K 233 -62.83 70.54 -75.58
C TYR K 233 -63.89 69.54 -75.15
N PRO K 234 -63.72 68.91 -73.99
CA PRO K 234 -64.73 67.98 -73.49
C PRO K 234 -65.96 68.71 -72.97
N THR K 235 -67.02 67.94 -72.77
CA THR K 235 -68.26 68.43 -72.20
C THR K 235 -68.60 67.76 -70.87
N ASN K 236 -68.42 66.46 -70.78
CA ASN K 236 -68.58 65.73 -69.52
C ASN K 236 -67.28 65.00 -69.23
N GLY K 237 -66.87 64.99 -67.97
CA GLY K 237 -65.68 64.26 -67.57
C GLY K 237 -65.85 62.75 -67.63
N ASP K 238 -67.09 62.27 -67.65
CA ASP K 238 -67.39 60.86 -67.80
C ASP K 238 -68.13 60.54 -69.10
N GLY K 239 -68.62 61.56 -69.80
CA GLY K 239 -69.39 61.34 -71.01
C GLY K 239 -68.54 61.36 -72.26
N GLU K 240 -67.51 62.21 -72.26
CA GLU K 240 -66.50 62.33 -73.32
C GLU K 240 -67.16 62.68 -74.67
N VAL K 241 -67.72 63.89 -74.72
CA VAL K 241 -68.41 64.32 -75.93
C VAL K 241 -67.42 64.90 -76.94
N GLU K 242 -66.49 65.74 -76.47
CA GLU K 242 -65.41 66.34 -77.26
C GLU K 242 -65.94 67.17 -78.43
N THR K 243 -66.64 68.25 -78.07
CA THR K 243 -67.06 69.23 -79.05
C THR K 243 -65.84 70.01 -79.55
N ASP K 244 -65.88 70.39 -80.82
CA ASP K 244 -64.82 71.20 -81.43
C ASP K 244 -65.31 72.63 -81.61
N THR K 245 -64.36 73.57 -81.57
CA THR K 245 -64.62 74.97 -81.85
C THR K 245 -63.30 75.61 -82.26
N ILE K 246 -63.31 76.33 -83.38
CA ILE K 246 -62.11 76.95 -83.94
C ILE K 246 -62.09 78.41 -83.54
N LEU K 247 -60.97 78.85 -82.97
CA LEU K 247 -60.80 80.23 -82.53
C LEU K 247 -60.02 80.99 -83.59
N GLY K 248 -60.63 82.03 -84.16
CA GLY K 248 -59.93 82.90 -85.08
C GLY K 248 -59.76 84.28 -84.52
N LYS K 249 -58.53 84.71 -84.26
CA LYS K 249 -58.26 86.02 -83.70
C LYS K 249 -57.10 86.69 -84.41
N VAL K 250 -57.12 88.02 -84.40
CA VAL K 250 -55.98 88.82 -84.82
C VAL K 250 -55.71 89.83 -83.72
N ASP K 251 -54.43 90.05 -83.42
CA ASP K 251 -54.04 91.04 -82.43
C ASP K 251 -53.17 92.10 -83.09
N VAL K 252 -53.14 93.28 -82.49
CA VAL K 252 -52.22 94.33 -82.88
C VAL K 252 -51.25 94.55 -81.73
N SER K 253 -49.95 94.47 -82.04
CA SER K 253 -48.94 94.57 -81.00
C SER K 253 -48.85 96.00 -80.46
N SER K 254 -48.86 96.98 -81.35
CA SER K 254 -48.82 98.38 -80.92
C SER K 254 -50.13 98.81 -80.29
N GLY K 255 -51.24 98.57 -80.98
CA GLY K 255 -52.54 99.05 -80.56
C GLY K 255 -53.20 98.33 -79.43
N GLU K 256 -52.60 97.22 -78.94
CA GLU K 256 -52.98 96.47 -77.72
C GLU K 256 -54.45 95.99 -77.71
N LEU K 257 -54.99 95.63 -78.86
CA LEU K 257 -56.36 95.13 -78.95
C LEU K 257 -56.39 93.64 -79.33
N THR K 258 -57.47 92.97 -78.92
CA THR K 258 -57.71 91.58 -79.25
C THR K 258 -59.08 91.40 -79.91
N LEU K 259 -59.20 90.33 -80.69
CA LEU K 259 -60.29 90.14 -81.65
C LEU K 259 -60.86 88.72 -81.58
N THR K 260 -61.36 88.30 -80.41
CA THR K 260 -61.90 86.95 -80.27
C THR K 260 -63.07 86.71 -81.21
N SER K 261 -63.16 85.48 -81.71
CA SER K 261 -64.24 85.07 -82.60
C SER K 261 -64.32 83.55 -82.53
N ALA K 262 -65.45 83.03 -82.07
CA ALA K 262 -65.63 81.60 -81.92
C ALA K 262 -66.94 81.18 -82.59
N SER K 263 -66.85 80.17 -83.43
CA SER K 263 -68.03 79.59 -84.08
C SER K 263 -68.77 78.74 -83.07
N GLY K 264 -69.54 79.40 -82.22
CA GLY K 264 -70.21 78.75 -81.14
C GLY K 264 -70.40 79.65 -79.94
N LYS K 265 -70.25 79.09 -78.74
CA LYS K 265 -70.55 79.78 -77.48
C LYS K 265 -69.31 79.72 -76.58
N LEU K 266 -68.42 80.68 -76.75
CA LEU K 266 -67.23 80.81 -75.92
C LEU K 266 -67.44 81.95 -74.93
N THR K 267 -67.37 81.64 -73.64
CA THR K 267 -67.75 82.64 -72.66
C THR K 267 -66.56 83.32 -71.99
N ASP K 268 -65.40 82.69 -71.98
CA ASP K 268 -64.23 83.25 -71.30
C ASP K 268 -62.97 82.68 -71.91
N VAL K 269 -61.86 83.38 -71.72
CA VAL K 269 -60.56 82.91 -72.15
C VAL K 269 -59.52 83.49 -71.18
N LYS K 270 -58.53 82.66 -70.85
CA LYS K 270 -57.42 83.06 -70.00
C LYS K 270 -56.18 83.17 -70.86
N VAL K 271 -55.52 84.33 -70.82
CA VAL K 271 -54.37 84.61 -71.66
C VAL K 271 -53.13 84.74 -70.79
N LYS K 272 -51.98 84.73 -71.45
CA LYS K 272 -50.69 84.90 -70.80
C LYS K 272 -49.84 85.78 -71.69
N GLY K 273 -49.76 87.07 -71.36
CA GLY K 273 -48.99 87.99 -72.16
C GLY K 273 -48.26 88.97 -71.28
N TYR K 274 -47.17 89.50 -71.82
CA TYR K 274 -46.38 90.53 -71.16
C TYR K 274 -46.34 91.77 -72.04
N VAL K 275 -46.14 92.93 -71.41
CA VAL K 275 -45.84 94.12 -72.18
C VAL K 275 -44.40 94.06 -72.64
N ALA K 276 -44.09 94.76 -73.73
CA ALA K 276 -42.76 94.71 -74.29
C ALA K 276 -41.87 95.76 -73.64
N SER K 277 -40.57 95.52 -73.67
CA SER K 277 -39.63 96.39 -72.96
C SER K 277 -38.38 96.64 -73.80
N GLU K 278 -38.58 96.94 -75.09
CA GLU K 278 -37.53 97.65 -75.82
C GLU K 278 -37.72 99.16 -75.67
N GLN K 279 -38.88 99.57 -75.18
CA GLN K 279 -39.12 100.95 -74.77
C GLN K 279 -39.23 100.96 -73.25
N HIS K 280 -38.50 101.87 -72.61
CA HIS K 280 -38.44 101.95 -71.16
C HIS K 280 -39.77 102.36 -70.54
N THR K 281 -40.42 101.44 -69.85
CA THR K 281 -41.53 101.78 -68.97
C THR K 281 -41.25 101.37 -67.54
N SER K 282 -40.78 100.14 -67.34
CA SER K 282 -40.35 99.68 -66.03
C SER K 282 -39.06 98.91 -66.18
N ALA K 283 -38.26 98.92 -65.12
CA ALA K 283 -37.06 98.12 -65.03
C ALA K 283 -36.87 97.76 -63.56
N THR K 284 -35.74 97.14 -63.27
CA THR K 284 -35.40 96.77 -61.90
C THR K 284 -34.05 97.38 -61.55
N ASN K 285 -34.03 98.18 -60.49
CA ASN K 285 -32.80 98.81 -60.03
C ASN K 285 -32.11 97.94 -59.00
N VAL K 286 -30.79 97.92 -59.06
CA VAL K 286 -29.96 97.31 -58.03
C VAL K 286 -29.23 98.42 -57.28
N GLU K 287 -29.12 98.27 -55.97
CA GLU K 287 -28.47 99.26 -55.13
C GLU K 287 -27.67 98.56 -54.06
N LEU K 288 -26.45 99.06 -53.80
CA LEU K 288 -25.59 98.46 -52.81
C LEU K 288 -26.05 98.82 -51.41
N GLY K 289 -25.46 98.17 -50.42
CA GLY K 289 -25.78 98.42 -49.04
C GLY K 289 -24.69 97.89 -48.14
N LEU K 290 -24.25 98.71 -47.18
CA LEU K 290 -23.11 98.37 -46.35
C LEU K 290 -23.51 98.42 -44.88
N THR K 291 -22.93 97.52 -44.10
CA THR K 291 -23.14 97.47 -42.66
C THR K 291 -21.86 96.90 -42.06
N ARG K 292 -21.43 97.47 -40.94
CA ARG K 292 -20.23 97.02 -40.26
C ARG K 292 -20.60 96.17 -39.04
N LYS K 293 -19.70 95.25 -38.70
CA LYS K 293 -19.88 94.36 -37.55
C LYS K 293 -18.77 94.63 -36.55
N ASP K 294 -19.14 94.90 -35.31
CA ASP K 294 -18.21 95.37 -34.29
C ASP K 294 -17.54 94.19 -33.58
N VAL K 295 -16.26 94.35 -33.28
CA VAL K 295 -15.50 93.41 -32.46
C VAL K 295 -14.93 94.20 -31.29
N VAL K 296 -14.99 93.63 -30.09
CA VAL K 296 -14.43 94.28 -28.91
C VAL K 296 -13.70 93.24 -28.06
N ILE K 297 -12.46 93.55 -27.70
CA ILE K 297 -11.68 92.76 -26.76
C ILE K 297 -11.44 93.62 -25.54
N ASP K 298 -11.44 93.01 -24.37
CA ASP K 298 -11.53 93.77 -23.12
C ASP K 298 -10.76 93.02 -22.04
N THR K 299 -11.04 93.37 -20.79
CA THR K 299 -10.34 92.77 -19.66
C THR K 299 -10.80 91.33 -19.46
N ALA K 300 -9.86 90.50 -19.00
CA ALA K 300 -10.13 89.13 -18.63
C ALA K 300 -9.73 88.93 -17.18
N GLN K 301 -10.04 87.75 -16.65
CA GLN K 301 -9.81 87.47 -15.25
C GLN K 301 -8.34 87.20 -15.00
N HIS K 302 -7.80 87.80 -13.94
CA HIS K 302 -6.40 87.62 -13.58
C HIS K 302 -6.22 86.32 -12.81
N ILE K 303 -5.25 85.52 -13.24
CA ILE K 303 -4.82 84.34 -12.49
C ILE K 303 -3.61 84.73 -11.68
N GLU K 304 -3.64 84.45 -10.39
CA GLU K 304 -2.58 84.90 -9.51
C GLU K 304 -2.32 83.85 -8.44
N ALA K 305 -1.16 83.96 -7.80
CA ALA K 305 -0.76 83.02 -6.76
C ALA K 305 0.28 83.70 -5.89
N THR K 306 0.06 83.67 -4.57
CA THR K 306 0.98 84.31 -3.64
C THR K 306 2.19 83.43 -3.39
N VAL K 307 3.30 84.07 -3.04
CA VAL K 307 4.53 83.36 -2.73
C VAL K 307 5.18 83.89 -1.46
N PRO K 308 4.76 83.41 -0.28
CA PRO K 308 5.52 83.70 0.94
C PRO K 308 6.90 83.05 0.89
N LEU K 309 7.84 83.66 1.62
CA LEU K 309 9.24 83.26 1.49
C LEU K 309 9.53 81.92 2.15
N GLU K 310 8.87 81.63 3.27
CA GLU K 310 9.19 80.42 4.02
C GLU K 310 8.56 79.18 3.39
N VAL K 311 7.41 79.31 2.73
CA VAL K 311 6.83 78.13 2.08
C VAL K 311 7.58 77.83 0.79
N ILE K 312 8.25 78.83 0.21
CA ILE K 312 9.28 78.55 -0.78
C ILE K 312 10.43 77.78 -0.13
N GLN K 313 10.81 78.17 1.09
CA GLN K 313 11.95 77.54 1.74
C GLN K 313 11.61 76.19 2.33
N ASP K 314 10.39 76.03 2.86
CA ASP K 314 10.02 74.77 3.50
C ASP K 314 9.82 73.67 2.46
N MET K 315 9.08 73.95 1.40
CA MET K 315 8.82 72.95 0.39
C MET K 315 10.03 72.67 -0.49
N LYS K 316 10.99 73.58 -0.54
CA LYS K 316 12.28 73.23 -1.13
C LYS K 316 13.08 72.32 -0.22
N ALA K 317 12.93 72.48 1.09
CA ALA K 317 13.69 71.65 2.03
C ALA K 317 13.03 70.30 2.23
N THR K 318 11.71 70.28 2.46
CA THR K 318 11.05 69.03 2.83
C THR K 318 10.87 68.12 1.62
N TYR K 319 10.12 68.58 0.61
CA TYR K 319 9.77 67.75 -0.52
C TYR K 319 10.51 68.09 -1.79
N ASP K 320 11.37 69.12 -1.76
CA ASP K 320 12.17 69.59 -2.90
C ASP K 320 11.31 70.05 -4.09
N ILE K 321 10.08 70.44 -3.82
CA ILE K 321 9.24 71.04 -4.84
C ILE K 321 9.40 72.56 -4.78
N ASP K 322 8.97 73.22 -5.84
CA ASP K 322 9.00 74.68 -5.88
C ASP K 322 7.59 75.24 -5.69
N GLY K 323 7.53 76.53 -5.43
CA GLY K 323 6.27 77.25 -5.44
C GLY K 323 6.36 78.37 -6.45
N VAL K 324 7.58 78.65 -6.89
CA VAL K 324 7.84 79.63 -7.95
C VAL K 324 7.79 78.97 -9.32
N ALA K 325 7.78 77.64 -9.37
CA ALA K 325 7.77 76.95 -10.65
C ALA K 325 6.56 76.03 -10.76
N ARG K 326 6.04 75.57 -9.62
CA ARG K 326 4.84 74.75 -9.66
C ARG K 326 3.58 75.60 -9.76
N LEU K 327 3.56 76.74 -9.08
CA LEU K 327 2.44 77.65 -9.27
C LEU K 327 2.55 78.42 -10.56
N SER K 328 3.74 78.45 -11.17
CA SER K 328 3.91 79.11 -12.46
C SER K 328 3.40 78.28 -13.63
N GLU K 329 3.37 76.96 -13.50
CA GLU K 329 2.77 76.13 -14.54
C GLU K 329 1.30 75.89 -14.30
N THR K 330 0.83 75.98 -13.05
CA THR K 330 -0.58 75.81 -12.76
C THR K 330 -1.39 77.01 -13.22
N MET K 331 -0.79 78.21 -13.21
CA MET K 331 -1.43 79.34 -13.85
C MET K 331 -1.40 79.20 -15.37
N SER K 332 -0.33 78.59 -15.90
CA SER K 332 -0.20 78.35 -17.33
C SER K 332 -1.03 77.18 -17.81
N GLN K 333 -1.61 76.40 -16.89
CA GLN K 333 -2.56 75.35 -17.24
C GLN K 333 -3.98 75.69 -16.85
N LEU K 334 -4.18 76.72 -16.04
CA LEU K 334 -5.54 77.22 -15.83
C LEU K 334 -5.94 78.20 -16.92
N SER K 335 -4.97 78.93 -17.47
CA SER K 335 -5.26 79.84 -18.56
C SER K 335 -5.57 79.09 -19.85
N SER K 336 -4.79 78.04 -20.14
CA SER K 336 -4.98 77.28 -21.37
C SER K 336 -6.22 76.40 -21.35
N GLN K 337 -6.83 76.18 -20.19
CA GLN K 337 -8.11 75.50 -20.12
C GLN K 337 -9.28 76.46 -19.94
N LYS K 338 -9.03 77.69 -19.49
CA LYS K 338 -10.08 78.70 -19.48
C LYS K 338 -10.45 79.11 -20.90
N VAL K 339 -9.49 79.06 -21.82
CA VAL K 339 -9.73 79.53 -23.18
C VAL K 339 -10.53 78.50 -23.97
N ASP K 340 -10.38 77.21 -23.65
CA ASP K 340 -11.11 76.18 -24.38
C ASP K 340 -12.54 76.06 -23.87
N LEU K 341 -12.75 76.21 -22.58
CA LEU K 341 -14.10 76.12 -22.05
C LEU K 341 -14.92 77.37 -22.29
N ASP K 342 -14.30 78.42 -22.85
CA ASP K 342 -15.04 79.54 -23.42
C ASP K 342 -15.45 79.27 -24.86
N ILE K 343 -14.61 78.54 -25.61
CA ILE K 343 -14.94 78.19 -26.99
C ILE K 343 -16.09 77.18 -27.01
N ILE K 344 -16.07 76.23 -26.08
CA ILE K 344 -17.17 75.26 -25.97
C ILE K 344 -18.47 75.95 -25.58
N GLU K 345 -18.40 76.89 -24.64
CA GLU K 345 -19.56 77.70 -24.32
C GLU K 345 -19.95 78.64 -25.44
N PHE K 346 -19.01 78.98 -26.32
CA PHE K 346 -19.34 79.83 -27.48
C PHE K 346 -20.17 79.06 -28.49
N LEU K 347 -19.78 77.81 -28.79
CA LEU K 347 -20.53 77.02 -29.75
C LEU K 347 -21.88 76.59 -29.20
N ASP K 348 -21.98 76.41 -27.88
CA ASP K 348 -23.29 76.24 -27.26
C ASP K 348 -24.13 77.50 -27.40
N HIS K 349 -23.50 78.66 -27.25
CA HIS K 349 -24.23 79.92 -27.37
C HIS K 349 -24.59 80.21 -28.82
N GLU K 350 -23.72 79.83 -29.76
CA GLU K 350 -23.97 80.15 -31.16
C GLU K 350 -25.01 79.24 -31.79
N TYR K 351 -25.03 77.96 -31.42
CA TYR K 351 -26.03 77.05 -31.95
C TYR K 351 -27.42 77.39 -31.43
N LYS K 352 -27.51 77.98 -30.25
CA LYS K 352 -28.79 78.47 -29.75
C LYS K 352 -29.29 79.68 -30.52
N GLU K 353 -28.41 80.40 -31.20
CA GLU K 353 -28.83 81.56 -31.98
C GLU K 353 -29.43 81.17 -33.32
N THR K 354 -28.98 80.06 -33.92
CA THR K 354 -29.56 79.62 -35.18
C THR K 354 -30.94 79.00 -34.99
N ASP K 355 -31.26 78.59 -33.76
CA ASP K 355 -32.56 78.01 -33.37
C ASP K 355 -32.86 76.74 -34.18
N ALA K 356 -31.92 75.80 -34.10
CA ALA K 356 -32.04 74.43 -34.62
C ALA K 356 -32.29 74.42 -36.14
N LYS K 357 -31.37 75.04 -36.86
CA LYS K 357 -31.45 75.00 -38.31
C LYS K 357 -30.83 73.73 -38.88
N TYR K 358 -29.85 73.16 -38.20
CA TYR K 358 -29.17 71.95 -38.66
C TYR K 358 -29.08 70.95 -37.53
N HIS K 359 -30.21 70.72 -36.86
CA HIS K 359 -30.33 69.73 -35.81
C HIS K 359 -30.83 68.44 -36.43
N PHE K 360 -29.98 67.42 -36.45
CA PHE K 360 -30.32 66.15 -37.07
C PHE K 360 -29.87 65.02 -36.16
N SER K 361 -30.82 64.32 -35.56
CA SER K 361 -30.53 63.31 -34.56
C SER K 361 -29.95 62.06 -35.20
N PHE K 362 -29.47 61.16 -34.35
CA PHE K 362 -28.90 59.88 -34.79
C PHE K 362 -29.02 58.91 -33.64
N ASP K 363 -29.70 57.78 -33.87
CA ASP K 363 -29.89 56.78 -32.84
C ASP K 363 -28.88 55.66 -33.02
N VAL K 364 -28.09 55.41 -31.99
CA VAL K 364 -27.14 54.30 -32.05
C VAL K 364 -27.88 52.99 -31.80
N PHE K 365 -28.91 53.01 -30.98
CA PHE K 365 -29.94 51.97 -30.99
C PHE K 365 -30.53 51.92 -32.38
N PRO K 366 -30.43 50.81 -33.11
CA PRO K 366 -30.92 50.79 -34.49
C PRO K 366 -32.44 50.79 -34.55
N HIS K 367 -32.98 50.88 -35.76
CA HIS K 367 -34.42 50.88 -35.94
C HIS K 367 -35.01 49.52 -35.56
N SER K 368 -36.32 49.51 -35.30
CA SER K 368 -37.00 48.30 -34.84
C SER K 368 -37.10 47.22 -35.90
N ASP K 369 -36.66 47.47 -37.13
CA ASP K 369 -36.57 46.46 -38.16
C ASP K 369 -35.24 46.58 -38.91
N TYR K 370 -34.16 46.83 -38.18
CA TYR K 370 -32.87 46.86 -38.85
C TYR K 370 -32.34 45.45 -39.07
N SER K 371 -32.23 44.67 -37.99
CA SER K 371 -32.03 43.23 -38.03
C SER K 371 -30.74 42.82 -38.73
N ALA K 372 -29.63 43.41 -38.29
CA ALA K 372 -28.30 42.99 -38.69
C ALA K 372 -27.36 43.30 -37.54
N HIS K 373 -26.07 43.31 -37.82
CA HIS K 373 -25.10 43.67 -36.80
C HIS K 373 -25.21 45.16 -36.49
N PRO K 374 -25.39 45.54 -35.22
CA PRO K 374 -25.53 46.97 -34.90
C PRO K 374 -24.26 47.76 -35.04
N LYS K 375 -23.11 47.11 -35.21
CA LYS K 375 -21.90 47.84 -35.52
C LYS K 375 -21.96 48.45 -36.92
N ASP K 376 -22.59 47.77 -37.87
CA ASP K 376 -22.74 48.32 -39.20
C ASP K 376 -23.81 49.39 -39.28
N TRP K 377 -24.69 49.46 -38.28
CA TRP K 377 -25.64 50.57 -38.17
C TRP K 377 -24.94 51.89 -37.93
N LEU K 378 -23.74 51.87 -37.36
CA LEU K 378 -22.93 53.06 -37.12
C LEU K 378 -22.34 53.63 -38.39
N GLU K 379 -22.43 52.93 -39.52
CA GLU K 379 -22.07 53.50 -40.81
C GLU K 379 -23.03 54.61 -41.22
N GLY K 380 -24.26 54.58 -40.71
CA GLY K 380 -25.22 55.64 -40.98
C GLY K 380 -24.86 56.98 -40.36
N LEU K 381 -23.91 56.99 -39.42
CA LEU K 381 -23.43 58.26 -38.91
C LEU K 381 -22.66 59.02 -39.98
N ARG K 382 -21.83 58.32 -40.76
CA ARG K 382 -21.07 58.98 -41.82
C ARG K 382 -21.94 59.41 -42.99
N GLU K 383 -23.21 59.01 -43.04
CA GLU K 383 -24.14 59.49 -44.04
C GLU K 383 -25.13 60.49 -43.50
N VAL K 384 -25.21 60.64 -42.17
CA VAL K 384 -25.95 61.74 -41.59
C VAL K 384 -25.05 62.93 -41.28
N ILE K 385 -23.74 62.75 -41.29
CA ILE K 385 -22.82 63.89 -41.28
C ILE K 385 -22.88 64.60 -42.63
N ASP K 386 -22.79 63.84 -43.72
CA ASP K 386 -22.79 64.41 -45.06
C ASP K 386 -24.11 65.05 -45.44
N HIS K 387 -25.20 64.67 -44.75
CA HIS K 387 -26.48 65.31 -45.05
C HIS K 387 -26.55 66.72 -44.47
N THR K 388 -26.01 66.91 -43.26
CA THR K 388 -25.94 68.26 -42.70
C THR K 388 -24.94 69.10 -43.46
N THR K 389 -23.88 68.49 -43.97
CA THR K 389 -22.84 69.21 -44.70
C THR K 389 -23.37 69.80 -45.99
N GLN K 390 -24.07 68.99 -46.79
CA GLN K 390 -24.68 69.50 -48.01
C GLN K 390 -25.83 70.44 -47.73
N SER K 391 -26.46 70.33 -46.55
CA SER K 391 -27.45 71.32 -46.16
C SER K 391 -26.83 72.68 -45.89
N MET K 392 -25.59 72.71 -45.39
CA MET K 392 -24.90 73.98 -45.20
C MET K 392 -24.30 74.51 -46.48
N LYS K 393 -23.81 73.62 -47.35
CA LYS K 393 -23.23 74.06 -48.61
C LYS K 393 -24.26 74.54 -49.62
N ASN K 394 -25.55 74.32 -49.37
CA ASN K 394 -26.59 74.73 -50.30
C ASN K 394 -27.43 75.88 -49.79
N ASP K 395 -27.64 75.99 -48.48
CA ASP K 395 -28.39 77.13 -47.96
C ASP K 395 -27.54 78.39 -47.93
N TYR K 396 -26.22 78.25 -47.91
CA TYR K 396 -25.32 79.39 -47.82
C TYR K 396 -24.38 79.49 -49.01
N LYS K 397 -24.56 78.63 -50.02
CA LYS K 397 -23.88 78.69 -51.31
C LYS K 397 -22.35 78.58 -51.20
N LEU K 398 -21.89 77.89 -50.16
CA LEU K 398 -20.47 77.73 -49.93
C LEU K 398 -19.92 76.56 -50.74
N TYR K 399 -18.74 76.75 -51.33
CA TYR K 399 -18.16 75.73 -52.18
C TYR K 399 -16.67 75.47 -51.96
N ASP K 400 -16.05 76.05 -50.93
CA ASP K 400 -14.67 75.71 -50.57
C ASP K 400 -14.55 75.84 -49.06
N VAL K 401 -14.84 74.74 -48.35
CA VAL K 401 -15.03 74.75 -46.91
C VAL K 401 -14.13 73.65 -46.33
N GLN K 402 -13.85 73.76 -45.03
CA GLN K 402 -13.03 72.83 -44.27
C GLN K 402 -13.82 72.41 -43.02
N PHE K 403 -14.98 71.79 -43.25
CA PHE K 403 -15.90 71.35 -42.19
C PHE K 403 -15.21 70.52 -41.11
N VAL K 404 -15.14 71.07 -39.90
CA VAL K 404 -14.58 70.35 -38.77
C VAL K 404 -15.72 69.90 -37.87
N ILE K 405 -15.50 68.80 -37.17
CA ILE K 405 -16.50 68.25 -36.25
C ILE K 405 -15.82 68.13 -34.90
N VAL K 406 -16.17 69.00 -33.98
CA VAL K 406 -15.73 68.87 -32.60
C VAL K 406 -16.75 68.04 -31.85
N GLY K 407 -16.28 67.27 -30.90
CA GLY K 407 -17.17 66.41 -30.15
C GLY K 407 -16.40 65.50 -29.23
N ASN K 408 -17.16 64.83 -28.37
CA ASN K 408 -16.61 63.90 -27.40
C ASN K 408 -15.96 62.72 -28.12
N PRO K 409 -14.77 62.28 -27.69
CA PRO K 409 -14.13 61.13 -28.34
C PRO K 409 -14.86 59.83 -28.12
N LEU K 410 -15.74 59.75 -27.14
CA LEU K 410 -16.66 58.62 -27.04
C LEU K 410 -17.67 58.61 -28.19
N ASP K 411 -18.02 59.77 -28.72
CA ASP K 411 -18.89 59.87 -29.89
C ASP K 411 -18.13 59.96 -31.20
N VAL K 412 -16.89 60.44 -31.16
CA VAL K 412 -16.03 60.43 -32.35
C VAL K 412 -15.64 59.01 -32.72
N ARG K 413 -15.59 58.12 -31.72
CA ARG K 413 -15.22 56.72 -31.93
C ARG K 413 -16.17 55.98 -32.87
N LEU K 414 -17.43 56.44 -32.96
CA LEU K 414 -18.38 55.81 -33.87
C LEU K 414 -18.06 56.08 -35.33
N ILE K 415 -17.29 57.10 -35.63
CA ILE K 415 -17.03 57.49 -37.02
C ILE K 415 -16.04 56.56 -37.74
N PRO K 416 -14.79 56.27 -37.24
CA PRO K 416 -13.89 55.46 -38.07
C PRO K 416 -14.26 53.99 -38.10
N ASN K 417 -14.83 53.49 -36.99
CA ASN K 417 -15.33 52.11 -36.85
C ASN K 417 -14.26 51.07 -37.14
N VAL K 418 -13.04 51.33 -36.68
CA VAL K 418 -11.94 50.41 -36.95
C VAL K 418 -12.09 49.16 -36.11
N SER K 419 -11.49 48.07 -36.58
CA SER K 419 -11.58 46.79 -35.92
C SER K 419 -10.30 46.52 -35.14
N TRP K 420 -10.21 45.33 -34.57
CA TRP K 420 -9.10 44.97 -33.70
C TRP K 420 -8.00 44.27 -34.50
N THR K 421 -6.79 44.31 -33.97
CA THR K 421 -5.64 43.64 -34.56
C THR K 421 -4.95 42.86 -33.44
N PHE K 422 -5.04 41.54 -33.52
CA PHE K 422 -4.54 40.71 -32.44
C PHE K 422 -3.12 40.25 -32.73
N ASN K 423 -2.40 39.91 -31.66
CA ASN K 423 -1.05 39.38 -31.75
C ASN K 423 -0.77 38.60 -30.48
N GLY K 424 0.44 38.05 -30.40
CA GLY K 424 0.86 37.34 -29.21
C GLY K 424 1.39 38.27 -28.16
N GLY K 425 0.48 38.96 -27.46
CA GLY K 425 0.89 40.00 -26.54
C GLY K 425 1.48 39.46 -25.25
N ASP K 426 2.41 40.23 -24.70
CA ASP K 426 3.11 39.86 -23.48
C ASP K 426 3.67 41.11 -22.84
N ARG K 427 4.04 40.99 -21.56
CA ARG K 427 4.69 42.08 -20.83
C ARG K 427 6.21 41.99 -21.00
N ASN K 428 6.63 42.01 -22.26
CA ASN K 428 8.04 42.12 -22.60
C ASN K 428 8.22 43.19 -23.65
N ALA K 429 7.21 43.36 -24.50
CA ALA K 429 7.20 44.33 -25.58
C ALA K 429 5.87 45.06 -25.62
N ASP K 430 5.44 45.54 -24.45
CA ASP K 430 4.15 46.21 -24.33
C ASP K 430 4.20 47.60 -24.93
N ALA K 431 3.09 48.01 -25.55
CA ALA K 431 2.99 49.29 -26.23
C ALA K 431 1.94 50.13 -25.52
N TYR K 432 2.41 51.07 -24.69
CA TYR K 432 1.54 51.87 -23.83
C TYR K 432 0.92 52.99 -24.65
N SER K 433 -0.10 52.64 -25.43
CA SER K 433 -0.80 53.55 -26.36
C SER K 433 0.19 54.19 -27.34
N ASN K 434 0.73 53.34 -28.20
CA ASN K 434 1.89 53.66 -29.01
C ASN K 434 1.52 53.67 -30.48
N GLY K 435 0.48 54.41 -30.82
CA GLY K 435 -0.12 54.35 -32.13
C GLY K 435 -1.60 54.61 -32.05
N ILE K 436 -2.11 54.73 -30.83
CA ILE K 436 -3.50 55.13 -30.62
C ILE K 436 -3.58 56.63 -30.88
N LYS K 437 -4.09 57.01 -32.05
CA LYS K 437 -4.27 58.43 -32.32
C LYS K 437 -5.66 58.73 -32.89
N ILE K 438 -6.29 57.79 -33.60
CA ILE K 438 -7.55 58.14 -34.23
C ILE K 438 -8.72 57.90 -33.28
N ASN K 439 -8.81 58.75 -32.28
CA ASN K 439 -10.01 58.97 -31.51
C ASN K 439 -10.17 60.44 -31.15
N TYR K 440 -9.12 61.25 -31.34
CA TYR K 440 -9.12 62.66 -31.03
C TYR K 440 -8.84 63.54 -32.24
N SER K 441 -8.13 63.03 -33.23
CA SER K 441 -7.79 63.84 -34.40
C SER K 441 -7.58 62.92 -35.60
N LEU K 442 -8.42 63.07 -36.62
CA LEU K 442 -8.25 62.34 -37.86
C LEU K 442 -8.93 63.11 -38.98
N GLY K 443 -8.36 63.00 -40.19
CA GLY K 443 -8.87 63.71 -41.34
C GLY K 443 -9.65 62.77 -42.24
N ALA K 444 -10.92 63.10 -42.45
CA ALA K 444 -11.87 62.22 -43.12
C ALA K 444 -12.31 62.85 -44.43
N ALA K 445 -11.60 62.52 -45.50
CA ALA K 445 -11.99 63.05 -46.81
C ALA K 445 -13.20 62.29 -47.36
N SER K 446 -14.40 62.82 -47.14
CA SER K 446 -15.61 62.16 -47.60
C SER K 446 -15.82 62.44 -49.08
N GLY K 447 -16.99 62.07 -49.59
CA GLY K 447 -17.29 62.32 -50.99
C GLY K 447 -17.96 63.65 -51.20
N THR K 448 -18.54 64.21 -50.14
CA THR K 448 -19.26 65.47 -50.21
C THR K 448 -18.52 66.63 -49.58
N ALA K 449 -17.45 66.38 -48.82
CA ALA K 449 -16.63 67.43 -48.22
C ALA K 449 -15.31 66.82 -47.79
N ASN K 450 -14.51 67.64 -47.12
CA ASN K 450 -13.34 67.21 -46.38
C ASN K 450 -13.56 67.49 -44.91
N TYR K 451 -12.86 66.75 -44.05
CA TYR K 451 -13.11 66.86 -42.63
C TYR K 451 -11.81 66.88 -41.84
N ARG K 452 -11.83 67.63 -40.75
CA ARG K 452 -10.71 67.83 -39.84
C ARG K 452 -11.25 67.64 -38.43
N ILE K 453 -11.91 66.50 -38.20
CA ILE K 453 -12.68 66.35 -36.97
C ILE K 453 -11.77 66.23 -35.75
N ILE K 454 -12.30 66.65 -34.61
CA ILE K 454 -11.52 66.92 -33.42
C ILE K 454 -12.24 66.30 -32.22
N GLY K 455 -11.53 65.44 -31.50
CA GLY K 455 -12.06 64.82 -30.30
C GLY K 455 -11.35 65.35 -29.06
N SER K 456 -12.15 65.72 -28.07
CA SER K 456 -11.61 66.22 -26.81
C SER K 456 -12.67 65.99 -25.74
N ASP K 457 -12.25 65.47 -24.59
CA ASP K 457 -13.21 65.05 -23.57
C ASP K 457 -13.78 66.21 -22.77
N LEU K 458 -13.42 67.45 -23.07
CA LEU K 458 -13.97 68.57 -22.32
C LEU K 458 -15.43 68.84 -22.68
N VAL K 459 -15.80 68.62 -23.93
CA VAL K 459 -17.18 68.83 -24.37
C VAL K 459 -18.00 67.65 -23.91
N ARG K 460 -19.27 67.90 -23.59
CA ARG K 460 -20.17 66.88 -23.08
C ARG K 460 -20.43 65.81 -24.14
N GLN K 461 -20.64 64.59 -23.67
CA GLN K 461 -20.92 63.48 -24.56
C GLN K 461 -22.41 63.43 -24.87
N GLY K 462 -22.74 63.26 -26.14
CA GLY K 462 -24.13 63.15 -26.55
C GLY K 462 -24.48 64.03 -27.74
N GLU K 463 -23.48 64.61 -28.37
CA GLU K 463 -23.70 65.43 -29.56
C GLU K 463 -22.40 65.55 -30.34
N LEU K 464 -22.53 65.88 -31.61
CA LEU K 464 -21.42 66.30 -32.46
C LEU K 464 -21.75 67.69 -32.98
N THR K 465 -20.73 68.52 -33.18
CA THR K 465 -20.92 69.89 -33.60
C THR K 465 -20.08 70.17 -34.83
N ILE K 466 -20.71 70.58 -35.92
CA ILE K 466 -20.03 70.82 -37.18
C ILE K 466 -19.84 72.31 -37.38
N ILE K 467 -18.59 72.73 -37.55
CA ILE K 467 -18.23 74.12 -37.81
C ILE K 467 -17.69 74.20 -39.23
N ALA K 468 -18.09 75.25 -39.95
CA ALA K 468 -17.67 75.47 -41.32
C ALA K 468 -16.62 76.56 -41.38
N ILE K 469 -15.52 76.30 -42.08
CA ILE K 469 -14.46 77.28 -42.26
C ILE K 469 -14.21 77.47 -43.75
N PRO K 470 -14.55 78.62 -44.32
CA PRO K 470 -14.31 78.85 -45.74
C PRO K 470 -12.86 79.22 -46.00
N GLN K 471 -12.42 78.93 -47.23
CA GLN K 471 -11.02 79.17 -47.59
C GLN K 471 -10.75 80.64 -47.86
N GLN K 472 -11.63 81.31 -48.58
CA GLN K 472 -11.41 82.70 -48.96
C GLN K 472 -11.59 83.62 -47.77
N ASP K 473 -10.87 84.74 -47.79
CA ASP K 473 -10.93 85.70 -46.70
C ASP K 473 -12.13 86.63 -46.78
N ASN K 474 -12.83 86.65 -47.92
CA ASN K 474 -13.99 87.52 -48.07
C ASN K 474 -15.13 87.04 -47.17
N TYR K 475 -15.45 85.76 -47.22
CA TYR K 475 -16.44 85.18 -46.33
C TYR K 475 -15.74 84.65 -45.09
N LYS K 476 -16.29 84.98 -43.92
CA LYS K 476 -15.74 84.51 -42.65
C LYS K 476 -16.90 84.04 -41.80
N THR K 477 -16.80 82.81 -41.30
CA THR K 477 -17.84 82.24 -40.47
C THR K 477 -17.58 82.43 -38.99
N PHE K 478 -16.47 81.89 -38.50
CA PHE K 478 -16.09 81.99 -37.11
C PHE K 478 -14.64 82.45 -37.02
N MET K 479 -14.34 83.30 -36.07
CA MET K 479 -12.98 83.79 -35.90
C MET K 479 -12.65 83.86 -34.42
N PHE K 480 -11.46 83.37 -34.10
CA PHE K 480 -10.89 83.48 -32.76
C PHE K 480 -9.87 84.59 -32.77
N TYR K 481 -9.99 85.52 -31.82
CA TYR K 481 -9.17 86.73 -31.78
C TYR K 481 -8.35 86.75 -30.50
N PRO K 482 -7.11 86.28 -30.54
CA PRO K 482 -6.24 86.41 -29.37
C PRO K 482 -5.56 87.76 -29.35
N TYR K 483 -5.84 88.57 -28.33
CA TYR K 483 -5.25 89.90 -28.26
C TYR K 483 -3.85 89.86 -27.69
N THR K 484 -3.73 89.46 -26.42
CA THR K 484 -2.44 89.50 -25.74
C THR K 484 -2.43 88.52 -24.58
N PHE K 485 -1.24 88.28 -24.06
CA PHE K 485 -1.02 87.38 -22.94
C PHE K 485 0.03 88.02 -22.04
N ASN K 486 -0.40 88.61 -20.94
CA ASN K 486 0.46 89.37 -20.06
C ASN K 486 0.63 88.67 -18.73
N VAL K 487 1.88 88.62 -18.27
CA VAL K 487 2.22 88.00 -16.98
C VAL K 487 3.16 88.95 -16.23
N VAL K 488 2.90 89.15 -14.95
CA VAL K 488 3.72 89.99 -14.10
C VAL K 488 4.01 89.24 -12.79
N ASN K 489 5.23 89.37 -12.30
CA ASN K 489 5.63 88.80 -11.03
C ASN K 489 6.03 89.95 -10.11
N GLY K 490 5.30 90.10 -9.00
CA GLY K 490 5.44 91.27 -8.17
C GLY K 490 4.91 92.48 -8.90
N GLY K 491 5.80 93.39 -9.28
CA GLY K 491 5.47 94.49 -10.17
C GLY K 491 4.52 95.53 -9.63
N GLY K 492 4.27 95.55 -8.33
CA GLY K 492 3.34 96.48 -7.74
C GLY K 492 1.91 96.02 -7.72
N TYR K 493 1.58 94.89 -8.35
CA TYR K 493 0.22 94.37 -8.33
C TYR K 493 0.03 93.59 -7.04
N LEU K 494 -0.84 94.10 -6.18
CA LEU K 494 -1.12 93.42 -4.92
C LEU K 494 -2.00 92.20 -5.17
N ASN K 495 -2.18 91.42 -4.11
CA ASN K 495 -3.07 90.28 -4.15
C ASN K 495 -4.47 90.73 -3.72
N THR K 496 -5.45 89.85 -3.89
CA THR K 496 -6.83 90.16 -3.56
C THR K 496 -7.15 89.91 -2.10
N ARG K 497 -6.88 88.70 -1.60
CA ARG K 497 -7.27 88.33 -0.24
C ARG K 497 -6.15 88.51 0.77
N ASN K 498 -4.90 88.53 0.34
CA ASN K 498 -3.77 88.78 1.22
C ASN K 498 -2.83 89.78 0.55
N PRO K 499 -3.08 91.07 0.73
CA PRO K 499 -2.27 92.08 0.02
C PRO K 499 -0.85 92.21 0.52
N ASN K 500 -0.54 91.68 1.70
CA ASN K 500 0.75 91.90 2.34
C ASN K 500 1.87 91.03 1.78
N VAL K 501 1.55 89.98 1.04
CA VAL K 501 2.55 89.02 0.57
C VAL K 501 2.67 89.18 -0.94
N PRO K 502 3.87 89.10 -1.51
CA PRO K 502 4.01 89.22 -2.96
C PRO K 502 3.37 88.07 -3.72
N ASN K 503 2.85 88.40 -4.90
CA ASN K 503 2.18 87.42 -5.75
C ASN K 503 2.53 87.68 -7.20
N MET K 504 2.70 86.60 -7.95
CA MET K 504 2.77 86.69 -9.39
C MET K 504 1.36 86.69 -9.96
N MET K 505 1.23 87.25 -11.15
CA MET K 505 -0.09 87.43 -11.76
C MET K 505 -0.01 87.18 -13.25
N MET K 506 -1.07 86.59 -13.79
CA MET K 506 -1.12 86.22 -15.19
C MET K 506 -2.50 86.51 -15.74
N THR K 507 -2.56 87.14 -16.91
CA THR K 507 -3.82 87.37 -17.59
C THR K 507 -3.67 87.00 -19.06
N ARG K 508 -4.81 86.78 -19.71
CA ARG K 508 -4.83 86.43 -21.13
C ARG K 508 -6.06 87.10 -21.74
N ARG K 509 -5.84 88.16 -22.51
CA ARG K 509 -6.91 88.91 -23.13
C ARG K 509 -7.15 88.42 -24.54
N TYR K 510 -8.40 88.09 -24.84
CA TYR K 510 -8.79 87.52 -26.13
C TYR K 510 -10.29 87.65 -26.25
N THR K 511 -10.80 87.31 -27.44
CA THR K 511 -12.21 87.12 -27.66
C THR K 511 -12.41 86.15 -28.81
N VAL K 512 -13.62 85.64 -28.92
CA VAL K 512 -14.03 84.83 -30.07
C VAL K 512 -15.34 85.40 -30.59
N GLU K 513 -15.50 85.42 -31.90
CA GLU K 513 -16.61 86.14 -32.52
C GLU K 513 -17.10 85.41 -33.75
N SER K 514 -18.38 85.57 -34.03
CA SER K 514 -19.04 84.93 -35.16
C SER K 514 -19.63 85.99 -36.08
N PHE K 515 -19.43 85.83 -37.38
CA PHE K 515 -20.06 86.71 -38.35
C PHE K 515 -21.31 86.06 -38.94
N VAL K 516 -21.16 84.85 -39.49
CA VAL K 516 -22.29 84.03 -39.88
C VAL K 516 -22.23 82.70 -39.14
N PRO K 517 -23.31 82.25 -38.52
CA PRO K 517 -23.25 81.03 -37.71
C PRO K 517 -23.53 79.75 -38.48
N ILE K 518 -22.55 79.22 -39.20
CA ILE K 518 -22.72 77.94 -39.91
C ILE K 518 -22.33 76.86 -38.91
N ILE K 519 -23.30 76.45 -38.10
CA ILE K 519 -23.06 75.49 -37.04
C ILE K 519 -24.22 74.51 -37.01
N GLY K 520 -23.89 73.22 -36.91
CA GLY K 520 -24.91 72.19 -36.86
C GLY K 520 -24.59 71.17 -35.79
N ARG K 521 -25.64 70.74 -35.11
CA ARG K 521 -25.51 69.82 -33.98
C ARG K 521 -26.19 68.50 -34.32
N ILE K 522 -25.45 67.40 -34.19
CA ILE K 522 -25.97 66.07 -34.46
C ILE K 522 -26.17 65.38 -33.12
N THR K 523 -27.42 65.23 -32.71
CA THR K 523 -27.74 64.60 -31.43
C THR K 523 -27.53 63.11 -31.57
N ILE K 524 -26.36 62.64 -31.16
CA ILE K 524 -26.11 61.20 -31.10
C ILE K 524 -26.84 60.65 -29.88
N LYS K 525 -27.88 59.88 -30.12
CA LYS K 525 -28.77 59.42 -29.05
C LYS K 525 -28.46 57.98 -28.68
N ASN K 526 -28.66 57.68 -27.39
CA ASN K 526 -28.58 56.32 -26.83
C ASN K 526 -27.19 55.71 -27.00
N ASN K 527 -26.16 56.53 -26.89
CA ASN K 527 -24.78 56.06 -26.97
C ASN K 527 -24.22 56.00 -25.55
N ASN K 528 -24.51 54.90 -24.87
CA ASN K 528 -23.97 54.69 -23.53
C ASN K 528 -23.59 53.23 -23.32
N GLY K 529 -23.20 52.54 -24.39
CA GLY K 529 -22.76 51.17 -24.27
C GLY K 529 -23.84 50.15 -23.97
N SER K 530 -25.11 50.52 -24.14
CA SER K 530 -26.22 49.63 -23.86
C SER K 530 -26.82 49.04 -25.12
N VAL K 531 -26.09 49.07 -26.25
CA VAL K 531 -26.61 48.50 -27.48
C VAL K 531 -26.61 46.98 -27.41
N TYR K 532 -25.68 46.38 -26.67
CA TYR K 532 -25.59 44.93 -26.55
C TYR K 532 -26.10 44.44 -25.20
N ALA K 533 -26.97 45.20 -24.56
CA ALA K 533 -27.54 44.78 -23.29
C ALA K 533 -29.03 44.98 -23.19
N ARG K 534 -29.67 45.62 -24.18
CA ARG K 534 -31.09 45.86 -24.16
C ARG K 534 -31.87 44.58 -24.43
N MET L 81 -9.38 102.03 -20.02
CA MET L 81 -9.94 102.81 -18.93
C MET L 81 -11.36 103.25 -19.30
N GLY L 82 -12.17 103.48 -18.27
CA GLY L 82 -13.55 103.89 -18.41
C GLY L 82 -13.84 105.13 -19.23
N PRO L 83 -13.43 106.32 -18.78
CA PRO L 83 -13.87 107.55 -19.43
C PRO L 83 -13.19 107.87 -20.76
N ILE L 84 -12.46 106.94 -21.34
CA ILE L 84 -11.88 107.14 -22.66
C ILE L 84 -12.87 106.62 -23.70
N GLN L 85 -13.23 107.47 -24.64
CA GLN L 85 -14.13 107.08 -25.71
C GLN L 85 -13.47 106.08 -26.63
N PRO L 86 -14.04 104.90 -26.83
CA PRO L 86 -13.38 103.88 -27.65
C PRO L 86 -13.55 104.18 -29.12
N TYR L 87 -12.54 103.79 -29.90
CA TYR L 87 -12.51 104.02 -31.34
C TYR L 87 -12.44 102.68 -32.05
N ALA L 88 -13.45 102.38 -32.85
CA ALA L 88 -13.54 101.12 -33.58
C ALA L 88 -12.90 101.33 -34.94
N SER L 89 -11.80 100.62 -35.19
CA SER L 89 -11.06 100.75 -36.44
C SER L 89 -11.75 99.97 -37.56
N LEU L 90 -11.06 99.84 -38.69
CA LEU L 90 -11.64 99.19 -39.87
C LEU L 90 -10.71 98.09 -40.34
N SER L 91 -11.21 96.85 -40.32
CA SER L 91 -10.45 95.74 -40.88
C SER L 91 -10.50 95.80 -42.40
N MET L 92 -9.37 95.44 -43.04
CA MET L 92 -9.22 95.72 -44.46
C MET L 92 -10.04 94.79 -45.38
N PRO L 93 -10.01 93.45 -45.26
CA PRO L 93 -10.81 92.66 -46.20
C PRO L 93 -12.30 92.76 -45.90
N ILE L 94 -13.07 93.12 -46.92
CA ILE L 94 -14.48 93.45 -46.75
C ILE L 94 -15.33 92.20 -46.94
N LEU L 95 -16.28 92.00 -46.04
CA LEU L 95 -17.15 90.85 -46.14
C LEU L 95 -18.20 91.06 -47.23
N VAL L 96 -18.49 89.99 -47.97
CA VAL L 96 -19.43 90.03 -49.07
C VAL L 96 -20.46 88.93 -48.88
N LYS L 97 -21.59 89.09 -49.55
CA LYS L 97 -22.53 87.99 -49.69
C LYS L 97 -22.02 87.02 -50.74
N LEU L 98 -22.55 85.81 -50.71
CA LEU L 98 -22.04 84.71 -51.52
C LEU L 98 -23.08 84.34 -52.57
N TRP L 99 -22.63 84.15 -53.80
CA TRP L 99 -23.51 83.85 -54.92
C TRP L 99 -23.65 82.35 -55.13
N ALA L 100 -24.66 81.99 -55.90
CA ALA L 100 -24.91 80.59 -56.20
C ALA L 100 -23.99 80.12 -57.32
N ARG L 101 -24.06 78.82 -57.60
CA ARG L 101 -23.31 78.22 -58.69
C ARG L 101 -24.23 78.09 -59.90
N LEU L 102 -23.78 78.58 -61.05
CA LEU L 102 -24.57 78.59 -62.27
C LEU L 102 -23.93 77.64 -63.27
N ALA L 103 -24.40 76.40 -63.27
CA ALA L 103 -24.03 75.40 -64.28
C ALA L 103 -25.26 74.75 -64.90
N LEU L 104 -26.45 75.24 -64.57
CA LEU L 104 -27.69 74.63 -65.06
C LEU L 104 -27.94 74.92 -66.53
N THR L 105 -27.27 75.92 -67.10
CA THR L 105 -27.41 76.23 -68.51
C THR L 105 -26.68 75.24 -69.41
N GLU L 106 -25.91 74.33 -68.84
CA GLU L 106 -25.22 73.29 -69.58
C GLU L 106 -26.10 72.09 -69.91
N ALA L 107 -27.30 72.03 -69.34
CA ALA L 107 -28.20 70.91 -69.59
C ALA L 107 -28.73 70.93 -71.02
N LEU L 108 -29.42 71.99 -71.40
CA LEU L 108 -30.00 72.07 -72.73
C LEU L 108 -28.95 72.49 -73.74
N PRO L 109 -29.01 71.97 -74.96
CA PRO L 109 -28.02 72.36 -75.98
C PRO L 109 -28.30 73.75 -76.51
N THR L 110 -27.22 74.47 -76.80
CA THR L 110 -27.29 75.89 -77.11
C THR L 110 -26.85 76.12 -78.55
N GLN L 111 -27.79 76.51 -79.40
CA GLN L 111 -27.47 77.09 -80.70
C GLN L 111 -27.88 78.56 -80.66
N VAL L 112 -26.92 79.44 -80.92
CA VAL L 112 -27.18 80.87 -80.87
C VAL L 112 -28.09 81.27 -82.04
N ALA L 113 -29.10 82.07 -81.73
CA ALA L 113 -30.03 82.53 -82.76
C ALA L 113 -29.44 83.72 -83.50
N ASN L 114 -29.58 83.71 -84.82
CA ASN L 114 -29.15 84.83 -85.63
C ASN L 114 -30.30 85.70 -86.10
N LYS L 115 -31.54 85.25 -85.89
CA LYS L 115 -32.73 86.02 -86.18
C LYS L 115 -33.70 85.87 -85.00
N PRO L 116 -34.45 86.92 -84.67
CA PRO L 116 -35.39 86.83 -83.55
C PRO L 116 -36.64 86.03 -83.84
N ASN L 117 -36.81 85.52 -85.06
CA ASN L 117 -38.00 84.77 -85.43
C ASN L 117 -37.65 83.83 -86.55
N PHE L 118 -37.76 82.53 -86.31
CA PHE L 118 -37.62 81.56 -87.38
C PHE L 118 -38.52 80.37 -87.08
N THR L 119 -38.65 79.49 -88.07
CA THR L 119 -39.52 78.32 -87.99
C THR L 119 -38.73 77.07 -88.30
N VAL L 120 -39.18 75.95 -87.74
CA VAL L 120 -38.65 74.63 -88.05
C VAL L 120 -39.79 73.81 -88.64
N PRO L 121 -39.63 73.22 -89.81
CA PRO L 121 -40.67 72.35 -90.36
C PRO L 121 -40.60 70.94 -89.78
N ILE L 122 -41.76 70.31 -89.70
CA ILE L 122 -41.83 68.91 -89.29
C ILE L 122 -42.50 68.12 -90.41
N LEU L 123 -41.89 67.00 -90.78
CA LEU L 123 -42.36 66.18 -91.90
C LEU L 123 -42.94 64.90 -91.33
N THR L 124 -44.27 64.85 -91.24
CA THR L 124 -44.93 63.65 -90.74
C THR L 124 -45.67 62.92 -91.86
N PRO L 125 -45.39 61.64 -92.08
CA PRO L 125 -46.13 60.89 -93.08
C PRO L 125 -47.51 60.48 -92.56
N TYR L 126 -48.38 60.15 -93.51
CA TYR L 126 -49.73 59.72 -93.21
C TYR L 126 -50.06 58.48 -94.03
N VAL L 127 -51.17 57.85 -93.67
CA VAL L 127 -51.82 56.86 -94.52
C VAL L 127 -53.26 57.32 -94.74
N VAL L 128 -53.69 57.30 -95.99
CA VAL L 128 -54.92 58.00 -96.36
C VAL L 128 -56.16 57.19 -95.98
N ASP L 129 -56.00 55.86 -95.86
CA ASP L 129 -56.98 54.85 -95.40
C ASP L 129 -58.07 54.58 -96.44
N ALA L 130 -58.10 55.39 -97.52
CA ALA L 130 -59.05 55.29 -98.64
C ALA L 130 -60.51 55.30 -98.19
N ASP L 131 -60.79 55.95 -97.06
CA ASP L 131 -62.14 56.03 -96.51
C ASP L 131 -62.44 57.44 -96.02
N GLY L 132 -61.79 58.44 -96.60
CA GLY L 132 -61.89 59.79 -96.09
C GLY L 132 -60.72 60.19 -95.23
N ASN L 133 -60.88 60.08 -93.91
CA ASN L 133 -59.91 60.58 -92.96
C ASN L 133 -58.60 59.80 -93.01
N LYS L 134 -57.52 60.48 -92.64
CA LYS L 134 -56.18 59.90 -92.62
C LYS L 134 -55.71 59.76 -91.17
N HIS L 135 -54.57 59.10 -91.01
CA HIS L 135 -53.97 58.87 -89.70
C HIS L 135 -52.49 59.15 -89.78
N ALA L 136 -51.93 59.70 -88.70
CA ALA L 136 -50.49 59.95 -88.63
C ALA L 136 -49.75 58.63 -88.57
N LEU L 137 -48.77 58.45 -89.46
CA LEU L 137 -48.28 57.12 -89.76
C LEU L 137 -47.49 56.42 -88.65
N PRO L 138 -46.31 56.88 -88.22
CA PRO L 138 -45.45 56.00 -87.42
C PRO L 138 -45.88 55.85 -85.96
N GLU L 139 -47.02 56.42 -85.57
CA GLU L 139 -47.60 56.21 -84.25
C GLU L 139 -48.85 55.36 -84.28
N SER L 140 -49.61 55.37 -85.38
CA SER L 140 -50.85 54.61 -85.47
C SER L 140 -50.61 53.15 -85.85
N ILE L 141 -49.38 52.78 -86.18
CA ILE L 141 -49.05 51.39 -86.46
C ILE L 141 -48.10 50.90 -85.38
N ASN L 142 -48.27 51.43 -84.17
CA ASN L 142 -47.50 50.96 -83.02
C ASN L 142 -48.31 50.12 -82.06
N ASN L 143 -49.63 50.33 -81.99
CA ASN L 143 -50.50 49.39 -81.33
C ASN L 143 -50.64 48.13 -82.19
N THR L 144 -50.49 46.97 -81.57
CA THR L 144 -50.44 45.74 -82.34
C THR L 144 -51.72 45.24 -83.03
N PRO L 145 -53.00 45.56 -82.61
CA PRO L 145 -54.11 45.13 -83.48
C PRO L 145 -54.21 46.01 -84.71
N GLU L 146 -53.78 45.48 -85.85
CA GLU L 146 -53.71 46.25 -87.08
C GLU L 146 -55.05 46.19 -87.81
N THR L 147 -55.53 47.34 -88.25
CA THR L 147 -56.81 47.40 -88.94
C THR L 147 -56.65 48.17 -90.25
N LEU L 148 -55.71 49.11 -90.28
CA LEU L 148 -55.55 49.99 -91.43
C LEU L 148 -54.95 49.25 -92.62
N VAL L 149 -53.79 48.69 -92.44
CA VAL L 149 -53.07 48.03 -93.52
C VAL L 149 -53.41 46.55 -93.51
N GLY L 150 -53.80 46.03 -94.68
CA GLY L 150 -54.20 44.65 -94.81
C GLY L 150 -55.37 44.50 -95.77
N LEU L 151 -55.63 43.25 -96.12
CA LEU L 151 -56.65 42.91 -97.10
C LEU L 151 -58.03 43.23 -96.54
N VAL L 152 -58.99 43.39 -97.46
CA VAL L 152 -60.34 43.76 -97.09
C VAL L 152 -61.02 42.58 -96.40
N GLN L 153 -61.54 42.83 -95.20
CA GLN L 153 -62.28 41.79 -94.50
C GLN L 153 -63.65 41.64 -95.12
N ILE L 154 -64.05 40.39 -95.39
CA ILE L 154 -65.41 40.11 -95.81
C ILE L 154 -66.29 40.07 -94.58
N LYS L 155 -67.60 40.05 -94.78
CA LYS L 155 -68.53 39.99 -93.65
C LYS L 155 -68.43 38.65 -92.95
N GLU L 156 -68.30 38.68 -91.63
CA GLU L 156 -68.03 37.46 -90.88
C GLU L 156 -69.27 36.58 -90.73
N ASP L 157 -70.41 37.19 -90.44
CA ASP L 157 -71.59 36.40 -90.10
C ASP L 157 -72.27 35.84 -91.35
N ILE L 158 -72.68 34.59 -91.27
CA ILE L 158 -73.41 33.91 -92.34
C ILE L 158 -74.52 33.08 -91.70
N ALA L 159 -75.75 33.26 -92.17
CA ALA L 159 -76.86 32.44 -91.71
C ALA L 159 -76.99 31.20 -92.58
N VAL L 160 -77.51 30.13 -91.98
CA VAL L 160 -77.64 28.84 -92.66
C VAL L 160 -79.11 28.45 -92.69
N GLU L 161 -79.88 28.98 -91.73
CA GLU L 161 -81.36 29.00 -91.66
C GLU L 161 -82.02 27.64 -91.93
N GLY L 162 -81.32 26.55 -91.69
CA GLY L 162 -81.77 25.25 -92.14
C GLY L 162 -80.75 24.18 -91.81
N GLY L 163 -80.37 23.40 -92.81
CA GLY L 163 -79.26 22.50 -92.62
C GLY L 163 -78.14 22.78 -93.59
N LYS L 164 -78.36 23.70 -94.52
CA LYS L 164 -77.43 23.87 -95.62
C LYS L 164 -77.64 25.23 -96.26
N VAL L 165 -76.63 25.66 -97.02
CA VAL L 165 -76.72 26.85 -97.87
C VAL L 165 -76.08 26.53 -99.21
N THR L 166 -76.84 26.70 -100.29
CA THR L 166 -76.28 26.71 -101.63
C THR L 166 -76.19 28.16 -102.10
N ASP L 167 -75.06 28.48 -102.72
CA ASP L 167 -74.83 29.72 -103.47
C ASP L 167 -74.99 30.98 -102.61
N TYR L 168 -74.09 31.12 -101.64
CA TYR L 168 -74.05 32.33 -100.81
C TYR L 168 -72.93 33.24 -101.29
N ASP L 169 -73.30 34.43 -101.74
CA ASP L 169 -72.31 35.43 -102.14
C ASP L 169 -71.58 35.94 -100.91
N LEU L 170 -70.25 35.84 -100.93
CA LEU L 170 -69.44 36.28 -99.82
C LEU L 170 -69.21 37.79 -99.82
N PHE L 171 -69.66 38.50 -100.84
CA PHE L 171 -69.58 39.95 -100.90
C PHE L 171 -70.99 40.45 -100.64
N THR L 172 -71.35 40.55 -99.37
CA THR L 172 -72.73 40.83 -98.96
C THR L 172 -72.73 42.00 -97.98
N GLY L 173 -72.15 43.11 -98.41
CA GLY L 173 -72.08 44.29 -97.59
C GLY L 173 -70.81 45.07 -97.83
N LEU L 174 -69.89 44.47 -98.57
CA LEU L 174 -68.74 45.21 -99.07
C LEU L 174 -69.18 46.14 -100.19
N LYS L 175 -68.76 47.39 -100.10
CA LYS L 175 -69.27 48.42 -101.01
C LYS L 175 -68.69 48.26 -102.40
N GLU L 176 -69.52 48.49 -103.40
CA GLU L 176 -69.16 48.25 -104.79
C GLU L 176 -68.22 49.35 -105.28
N GLY L 177 -67.17 48.94 -105.97
CA GLY L 177 -66.22 49.87 -106.55
C GLY L 177 -65.06 50.25 -105.64
N LYS L 178 -65.34 50.54 -104.38
CA LYS L 178 -64.29 50.98 -103.48
C LYS L 178 -63.43 49.83 -103.00
N GLU L 179 -64.04 48.68 -102.71
CA GLU L 179 -63.27 47.51 -102.29
C GLU L 179 -63.54 46.25 -103.10
N VAL L 180 -64.70 46.12 -103.73
CA VAL L 180 -64.98 44.98 -104.59
C VAL L 180 -65.32 45.46 -105.98
N ARG L 181 -65.08 44.60 -106.96
CA ARG L 181 -65.51 44.84 -108.33
C ARG L 181 -66.06 43.51 -108.84
N LYS L 182 -67.39 43.40 -108.91
CA LYS L 182 -68.11 42.15 -109.13
C LYS L 182 -67.71 41.43 -110.41
N GLY L 183 -67.08 40.27 -110.25
CA GLY L 183 -66.57 39.50 -111.36
C GLY L 183 -65.14 39.83 -111.73
N ILE L 184 -64.63 40.98 -111.30
CA ILE L 184 -63.27 41.36 -111.65
C ILE L 184 -62.28 40.77 -110.67
N ASP L 185 -62.47 41.01 -109.37
CA ASP L 185 -61.56 40.49 -108.36
C ASP L 185 -62.05 39.13 -107.86
N ARG L 186 -61.28 38.54 -106.95
CA ARG L 186 -61.59 37.24 -106.41
C ARG L 186 -61.38 37.28 -104.90
N LEU L 187 -61.45 36.11 -104.28
CA LEU L 187 -61.16 35.94 -102.87
C LEU L 187 -59.91 35.12 -102.71
N ASP L 188 -59.09 35.47 -101.72
CA ASP L 188 -57.80 34.82 -101.55
C ASP L 188 -57.97 33.45 -100.92
N ARG L 189 -57.03 32.57 -101.20
CA ARG L 189 -57.13 31.17 -100.83
C ARG L 189 -56.80 30.90 -99.36
N LYS L 190 -56.66 31.92 -98.52
CA LYS L 190 -56.54 31.75 -97.09
C LYS L 190 -57.90 31.82 -96.38
N PHE L 191 -58.97 31.50 -97.09
CA PHE L 191 -60.29 31.47 -96.50
C PHE L 191 -60.41 30.35 -95.48
N LYS L 192 -61.09 30.64 -94.38
CA LYS L 192 -61.36 29.64 -93.34
C LYS L 192 -62.52 30.13 -92.49
N ILE L 193 -63.17 29.20 -91.82
CA ILE L 193 -64.18 29.52 -90.84
C ILE L 193 -63.55 29.38 -89.46
N VAL L 194 -64.12 30.08 -88.48
CA VAL L 194 -63.55 30.07 -87.14
C VAL L 194 -64.61 29.70 -86.11
N GLU L 195 -65.88 29.93 -86.43
CA GLU L 195 -66.96 29.70 -85.48
C GLU L 195 -68.18 29.19 -86.21
N ALA L 196 -69.01 28.42 -85.50
CA ALA L 196 -70.24 27.88 -86.06
C ALA L 196 -71.21 27.60 -84.94
N LYS L 197 -72.42 28.13 -85.05
CA LYS L 197 -73.44 27.99 -84.02
C LYS L 197 -74.43 26.92 -84.47
N TRP L 198 -74.42 25.77 -83.81
CA TRP L 198 -75.37 24.72 -84.09
C TRP L 198 -76.70 25.01 -83.41
N SER L 199 -77.70 24.21 -83.73
CA SER L 199 -79.02 24.37 -83.13
C SER L 199 -79.11 23.80 -81.73
N ASP L 200 -78.08 23.09 -81.28
CA ASP L 200 -78.02 22.61 -79.90
C ASP L 200 -76.64 22.83 -79.30
N SER L 201 -75.87 23.76 -79.85
CA SER L 201 -74.50 23.99 -79.39
C SER L 201 -74.51 24.73 -78.06
N PHE L 202 -73.31 24.97 -77.54
CA PHE L 202 -73.15 25.61 -76.24
C PHE L 202 -71.79 26.29 -76.22
N ASP L 203 -71.79 27.60 -76.00
CA ASP L 203 -70.55 28.34 -75.95
C ASP L 203 -69.81 28.07 -74.65
N GLU L 204 -68.52 28.33 -74.65
CA GLU L 204 -67.73 28.30 -73.43
C GLU L 204 -67.21 29.67 -73.03
N ARG L 205 -67.26 30.64 -73.94
CA ARG L 205 -67.00 32.03 -73.56
C ARG L 205 -68.10 32.54 -72.64
N THR L 206 -69.32 32.56 -73.14
CA THR L 206 -70.49 32.66 -72.26
C THR L 206 -71.02 31.27 -71.99
N SER L 207 -71.82 31.14 -70.95
CA SER L 207 -72.43 29.86 -70.59
C SER L 207 -73.85 29.78 -71.13
N ALA L 208 -73.96 29.79 -72.46
CA ALA L 208 -75.26 29.72 -73.11
C ALA L 208 -75.09 29.11 -74.49
N ALA L 209 -76.21 28.83 -75.13
CA ALA L 209 -76.21 28.24 -76.46
C ALA L 209 -75.79 29.28 -77.48
N GLY L 210 -74.56 29.21 -77.94
CA GLY L 210 -74.02 30.16 -78.89
C GLY L 210 -73.05 29.50 -79.82
N PHE L 211 -72.08 30.28 -80.29
CA PHE L 211 -71.06 29.76 -81.19
C PHE L 211 -70.04 28.93 -80.43
N VAL L 212 -69.22 28.20 -81.17
CA VAL L 212 -68.06 27.52 -80.60
C VAL L 212 -66.83 27.91 -81.40
N GLU L 213 -65.78 28.33 -80.69
CA GLU L 213 -64.54 28.64 -81.36
C GLU L 213 -63.82 27.35 -81.72
N LEU L 214 -63.46 27.22 -83.00
CA LEU L 214 -62.80 26.01 -83.47
C LEU L 214 -61.33 26.10 -83.07
N GLY L 215 -60.99 25.46 -81.96
CA GLY L 215 -59.61 25.44 -81.53
C GLY L 215 -58.85 24.30 -82.17
N SER L 216 -57.93 24.64 -83.08
CA SER L 216 -57.08 23.72 -83.85
C SER L 216 -57.88 22.72 -84.69
N ASN L 217 -59.13 23.04 -85.02
CA ASN L 217 -59.91 22.27 -85.97
C ASN L 217 -60.70 23.21 -86.86
N VAL L 218 -60.07 24.30 -87.29
CA VAL L 218 -60.70 25.20 -88.25
C VAL L 218 -60.77 24.52 -89.61
N VAL L 219 -61.73 24.96 -90.42
CA VAL L 219 -61.98 24.37 -91.72
C VAL L 219 -61.30 25.27 -92.73
N LYS L 220 -60.05 24.98 -93.02
CA LYS L 220 -59.29 25.78 -93.98
C LYS L 220 -59.60 25.36 -95.40
N LEU L 221 -59.30 26.25 -96.34
CA LEU L 221 -59.53 25.98 -97.76
C LEU L 221 -58.52 24.94 -98.24
N GLN L 222 -58.99 23.73 -98.51
CA GLN L 222 -58.14 22.63 -98.92
C GLN L 222 -57.87 22.70 -100.42
N ASP L 223 -57.32 21.63 -100.97
CA ASP L 223 -56.98 21.59 -102.39
C ASP L 223 -58.24 21.55 -103.26
N ASN L 224 -58.14 22.18 -104.43
CA ASN L 224 -59.26 22.43 -105.36
C ASN L 224 -60.42 23.17 -104.70
N ASP L 225 -60.08 24.03 -103.72
CA ASP L 225 -60.99 25.01 -103.13
C ASP L 225 -62.19 24.38 -102.44
N THR L 226 -61.99 23.20 -101.85
CA THR L 226 -63.04 22.58 -101.05
C THR L 226 -62.91 23.02 -99.59
N LEU L 227 -63.80 22.51 -98.76
CA LEU L 227 -63.88 22.95 -97.37
C LEU L 227 -64.50 21.81 -96.58
N VAL L 228 -63.66 21.04 -95.88
CA VAL L 228 -64.12 19.80 -95.25
C VAL L 228 -63.48 19.68 -93.88
N GLY L 229 -64.26 19.18 -92.92
CA GLY L 229 -63.77 18.94 -91.58
C GLY L 229 -64.85 18.50 -90.63
N GLN L 230 -64.56 17.53 -89.76
CA GLN L 230 -65.51 17.10 -88.76
C GLN L 230 -65.29 17.87 -87.48
N ILE L 231 -66.38 18.34 -86.88
CA ILE L 231 -66.33 19.22 -85.73
C ILE L 231 -66.99 18.54 -84.56
N LYS L 232 -66.29 18.51 -83.42
CA LYS L 232 -66.84 17.99 -82.18
C LYS L 232 -67.35 19.16 -81.34
N TYR L 233 -68.57 19.58 -81.64
CA TYR L 233 -69.09 20.68 -80.83
C TYR L 233 -69.73 20.14 -79.56
N PRO L 234 -69.59 20.83 -78.44
CA PRO L 234 -70.15 20.35 -77.18
C PRO L 234 -71.53 20.90 -76.88
N THR L 235 -72.11 20.36 -75.82
CA THR L 235 -73.31 20.86 -75.18
C THR L 235 -72.87 21.23 -73.74
N ASN L 236 -73.84 21.45 -72.86
CA ASN L 236 -73.65 22.09 -71.55
C ASN L 236 -72.66 21.39 -70.62
N GLY L 237 -72.31 22.07 -69.53
CA GLY L 237 -71.18 21.76 -68.66
C GLY L 237 -71.26 20.44 -67.93
N ASP L 238 -72.42 19.80 -67.89
CA ASP L 238 -72.51 18.43 -67.40
C ASP L 238 -72.84 17.43 -68.49
N GLY L 239 -73.73 17.80 -69.42
CA GLY L 239 -74.04 16.95 -70.54
C GLY L 239 -73.20 17.31 -71.74
N GLU L 240 -71.88 17.15 -71.62
CA GLU L 240 -70.96 17.37 -72.73
C GLU L 240 -71.06 16.16 -73.64
N VAL L 241 -72.11 16.13 -74.45
CA VAL L 241 -72.43 14.93 -75.22
C VAL L 241 -71.51 14.77 -76.42
N GLU L 242 -70.83 15.84 -76.83
CA GLU L 242 -69.85 15.87 -77.93
C GLU L 242 -70.47 15.34 -79.22
N THR L 243 -71.47 16.05 -79.71
CA THR L 243 -72.07 15.69 -80.98
C THR L 243 -71.13 16.03 -82.11
N ASP L 244 -70.87 15.06 -82.97
CA ASP L 244 -70.05 15.30 -84.16
C ASP L 244 -70.94 15.74 -85.31
N THR L 245 -70.38 16.54 -86.19
CA THR L 245 -71.08 16.99 -87.39
C THR L 245 -70.06 17.22 -88.49
N ILE L 246 -70.26 16.57 -89.62
CA ILE L 246 -69.39 16.79 -90.78
C ILE L 246 -69.79 18.10 -91.44
N LEU L 247 -68.85 18.70 -92.16
CA LEU L 247 -69.01 20.04 -92.72
C LEU L 247 -68.54 20.08 -94.16
N GLY L 248 -69.05 19.16 -94.98
CA GLY L 248 -68.80 19.18 -96.41
C GLY L 248 -69.22 20.47 -97.08
N LYS L 249 -68.26 21.16 -97.70
CA LYS L 249 -68.49 22.50 -98.20
C LYS L 249 -67.49 22.78 -99.31
N VAL L 250 -67.90 23.65 -100.24
CA VAL L 250 -67.04 24.06 -101.34
C VAL L 250 -67.46 25.46 -101.76
N ASP L 251 -66.51 26.22 -102.30
CA ASP L 251 -66.80 27.52 -102.88
C ASP L 251 -65.86 27.77 -104.04
N VAL L 252 -66.39 28.31 -105.13
CA VAL L 252 -65.54 28.71 -106.24
C VAL L 252 -64.86 30.02 -105.89
N SER L 253 -63.56 30.09 -106.11
CA SER L 253 -62.83 31.32 -105.84
C SER L 253 -62.75 32.22 -107.07
N SER L 254 -63.87 32.39 -107.74
CA SER L 254 -64.03 33.41 -108.78
C SER L 254 -65.32 34.19 -108.65
N GLY L 255 -66.42 33.53 -108.28
CA GLY L 255 -67.70 34.20 -108.12
C GLY L 255 -68.11 34.25 -106.67
N GLU L 256 -67.41 33.45 -105.85
CA GLU L 256 -67.52 33.40 -104.39
C GLU L 256 -68.94 33.05 -103.94
N LEU L 257 -69.32 31.81 -104.24
CA LEU L 257 -70.57 31.23 -103.78
C LEU L 257 -70.24 29.99 -102.97
N THR L 258 -70.51 30.05 -101.66
CA THR L 258 -70.22 28.91 -100.79
C THR L 258 -71.36 27.90 -100.84
N LEU L 259 -71.01 26.62 -100.91
CA LEU L 259 -71.98 25.54 -100.85
C LEU L 259 -71.92 24.92 -99.44
N THR L 260 -72.56 25.59 -98.50
CA THR L 260 -72.55 25.13 -97.12
C THR L 260 -73.46 23.92 -96.95
N SER L 261 -72.93 22.84 -96.39
CA SER L 261 -73.73 21.67 -96.09
C SER L 261 -73.20 21.02 -94.82
N ALA L 262 -74.11 20.62 -93.95
CA ALA L 262 -73.76 19.92 -92.73
C ALA L 262 -74.76 18.81 -92.49
N SER L 263 -74.27 17.68 -91.97
CA SER L 263 -75.13 16.56 -91.65
C SER L 263 -76.01 16.91 -90.46
N GLY L 264 -77.26 17.24 -90.73
CA GLY L 264 -78.18 17.61 -89.68
C GLY L 264 -78.37 19.11 -89.55
N LYS L 265 -78.53 19.56 -88.32
CA LYS L 265 -78.86 20.94 -88.00
C LYS L 265 -77.62 21.82 -88.01
N LEU L 266 -77.83 23.11 -88.28
CA LEU L 266 -76.85 24.18 -88.16
C LEU L 266 -77.61 25.50 -88.31
N THR L 267 -77.30 26.48 -87.46
CA THR L 267 -77.93 27.79 -87.56
C THR L 267 -77.03 28.82 -88.23
N ASP L 268 -75.85 29.08 -87.69
CA ASP L 268 -75.00 30.16 -88.15
C ASP L 268 -73.55 29.68 -88.22
N VAL L 269 -72.77 30.35 -89.07
CA VAL L 269 -71.35 30.05 -89.23
C VAL L 269 -70.62 31.36 -89.48
N LYS L 270 -69.42 31.47 -88.91
CA LYS L 270 -68.64 32.69 -88.97
C LYS L 270 -67.37 32.43 -89.76
N VAL L 271 -67.07 33.29 -90.72
CA VAL L 271 -65.98 33.08 -91.66
C VAL L 271 -64.94 34.17 -91.48
N LYS L 272 -63.73 33.89 -91.96
CA LYS L 272 -62.60 34.80 -91.79
C LYS L 272 -61.80 34.93 -93.08
N GLY L 273 -62.51 35.17 -94.19
CA GLY L 273 -61.85 35.30 -95.48
C GLY L 273 -61.47 36.73 -95.81
N TYR L 274 -60.80 36.88 -96.96
CA TYR L 274 -60.30 38.16 -97.40
C TYR L 274 -60.79 38.49 -98.80
N VAL L 275 -60.25 39.54 -99.42
CA VAL L 275 -60.50 39.86 -100.82
C VAL L 275 -59.14 40.00 -101.47
N ALA L 276 -58.86 39.14 -102.44
CA ALA L 276 -57.52 39.06 -103.01
C ALA L 276 -57.20 40.28 -103.87
N SER L 277 -55.95 40.72 -103.80
CA SER L 277 -55.48 41.90 -104.51
C SER L 277 -54.57 41.53 -105.67
N GLU L 278 -54.84 40.38 -106.32
CA GLU L 278 -54.18 40.09 -107.58
C GLU L 278 -54.66 41.05 -108.66
N GLN L 279 -55.95 41.34 -108.67
CA GLN L 279 -56.48 42.47 -109.41
C GLN L 279 -56.38 43.70 -108.53
N HIS L 280 -55.78 44.76 -109.06
CA HIS L 280 -55.43 45.94 -108.27
C HIS L 280 -56.66 46.76 -107.94
N THR L 281 -57.52 46.26 -107.06
CA THR L 281 -58.77 46.93 -106.75
C THR L 281 -58.60 47.99 -105.67
N SER L 282 -58.07 47.61 -104.51
CA SER L 282 -57.88 48.56 -103.42
C SER L 282 -56.53 48.31 -102.75
N ALA L 283 -55.93 49.41 -102.30
CA ALA L 283 -54.65 49.37 -101.62
C ALA L 283 -54.62 50.48 -100.59
N THR L 284 -53.44 50.77 -100.06
CA THR L 284 -53.26 51.81 -99.07
C THR L 284 -52.46 52.95 -99.67
N ASN L 285 -53.01 54.16 -99.60
CA ASN L 285 -52.34 55.36 -100.07
C ASN L 285 -51.60 56.01 -98.90
N VAL L 286 -50.37 56.43 -99.16
CA VAL L 286 -49.59 57.17 -98.17
C VAL L 286 -49.21 58.51 -98.75
N GLU L 287 -49.01 59.48 -97.87
CA GLU L 287 -48.72 60.84 -98.29
C GLU L 287 -47.90 61.53 -97.22
N LEU L 288 -47.36 62.69 -97.57
CA LEU L 288 -46.49 63.46 -96.69
C LEU L 288 -47.18 64.74 -96.27
N GLY L 289 -47.45 64.88 -94.98
CA GLY L 289 -47.94 66.11 -94.43
C GLY L 289 -46.82 66.92 -93.81
N LEU L 290 -47.07 68.22 -93.65
CA LEU L 290 -46.02 69.11 -93.15
C LEU L 290 -46.64 70.33 -92.51
N THR L 291 -46.28 70.59 -91.26
CA THR L 291 -46.53 71.87 -90.61
C THR L 291 -45.20 72.45 -90.16
N ARG L 292 -45.24 73.64 -89.58
CA ARG L 292 -44.04 74.31 -89.11
C ARG L 292 -44.28 74.80 -87.69
N LYS L 293 -43.24 74.72 -86.86
CA LYS L 293 -43.28 75.24 -85.50
C LYS L 293 -42.41 76.49 -85.42
N ASP L 294 -42.96 77.55 -84.85
CA ASP L 294 -42.31 78.85 -84.82
C ASP L 294 -41.69 79.12 -83.45
N VAL L 295 -40.52 79.74 -83.45
CA VAL L 295 -39.93 80.30 -82.25
C VAL L 295 -39.87 81.81 -82.42
N VAL L 296 -39.83 82.52 -81.28
CA VAL L 296 -39.72 83.97 -81.30
C VAL L 296 -38.94 84.45 -80.08
N ILE L 297 -37.88 85.20 -80.33
CA ILE L 297 -37.10 85.79 -79.24
C ILE L 297 -37.59 87.20 -79.00
N ASP L 298 -37.98 87.49 -77.79
CA ASP L 298 -38.61 88.77 -77.46
C ASP L 298 -37.72 89.56 -76.51
N THR L 299 -38.26 90.69 -76.05
CA THR L 299 -37.51 91.55 -75.15
C THR L 299 -37.51 91.00 -73.74
N ALA L 300 -36.43 91.27 -73.01
CA ALA L 300 -36.31 90.89 -71.62
C ALA L 300 -36.30 92.15 -70.76
N GLN L 301 -36.52 91.95 -69.46
CA GLN L 301 -36.59 93.08 -68.55
C GLN L 301 -35.20 93.66 -68.31
N HIS L 302 -35.10 94.98 -68.36
CA HIS L 302 -33.82 95.64 -68.18
C HIS L 302 -33.42 95.68 -66.72
N ILE L 303 -32.14 95.46 -66.47
CA ILE L 303 -31.56 95.61 -65.13
C ILE L 303 -30.61 96.80 -65.21
N GLU L 304 -31.03 97.92 -64.65
CA GLU L 304 -30.25 99.14 -64.74
C GLU L 304 -29.95 99.70 -63.35
N ALA L 305 -28.71 100.13 -63.17
CA ALA L 305 -28.23 100.65 -61.89
C ALA L 305 -27.94 102.12 -62.05
N THR L 306 -28.60 102.94 -61.25
CA THR L 306 -28.31 104.37 -61.26
C THR L 306 -27.01 104.65 -60.54
N VAL L 307 -26.36 105.74 -60.93
CA VAL L 307 -25.05 106.10 -60.39
C VAL L 307 -24.92 107.62 -60.34
N PRO L 308 -25.20 108.24 -59.21
CA PRO L 308 -24.95 109.68 -59.05
C PRO L 308 -23.46 109.90 -58.77
N LEU L 309 -23.09 111.17 -58.63
CA LEU L 309 -21.74 111.52 -58.20
C LEU L 309 -21.71 111.88 -56.72
N GLU L 310 -22.87 111.93 -56.07
CA GLU L 310 -22.92 112.10 -54.62
C GLU L 310 -22.34 110.88 -53.92
N VAL L 311 -22.61 109.68 -54.45
CA VAL L 311 -22.32 108.45 -53.75
C VAL L 311 -21.17 107.66 -54.37
N ILE L 312 -20.52 108.19 -55.40
CA ILE L 312 -19.29 107.56 -55.89
C ILE L 312 -18.09 108.09 -55.12
N GLN L 313 -18.02 109.40 -54.93
CA GLN L 313 -16.95 110.01 -54.14
C GLN L 313 -17.01 109.60 -52.68
N ASP L 314 -18.19 109.27 -52.17
CA ASP L 314 -18.28 108.82 -50.79
C ASP L 314 -17.84 107.38 -50.64
N MET L 315 -17.99 106.56 -51.68
CA MET L 315 -17.54 105.19 -51.58
C MET L 315 -16.07 105.05 -51.96
N LYS L 316 -15.58 105.91 -52.83
CA LYS L 316 -14.16 105.85 -53.20
C LYS L 316 -13.28 106.35 -52.07
N ALA L 317 -13.78 107.28 -51.25
CA ALA L 317 -12.96 107.88 -50.20
C ALA L 317 -13.07 107.12 -48.89
N THR L 318 -14.28 106.77 -48.45
CA THR L 318 -14.45 106.14 -47.16
C THR L 318 -14.01 104.68 -47.19
N TYR L 319 -14.63 103.89 -48.05
CA TYR L 319 -14.39 102.45 -48.06
C TYR L 319 -13.57 101.96 -49.24
N ASP L 320 -13.18 102.86 -50.17
CA ASP L 320 -12.47 102.53 -51.41
C ASP L 320 -13.23 101.49 -52.22
N ILE L 321 -14.53 101.68 -52.36
CA ILE L 321 -15.40 100.83 -53.15
C ILE L 321 -15.71 101.55 -54.45
N ASP L 322 -15.28 100.97 -55.57
CA ASP L 322 -15.64 101.48 -56.89
C ASP L 322 -17.08 101.08 -57.19
N GLY L 323 -18.00 102.03 -57.05
CA GLY L 323 -19.42 101.76 -57.16
C GLY L 323 -19.91 101.45 -58.56
N VAL L 324 -19.13 101.74 -59.59
CA VAL L 324 -19.51 101.35 -60.94
C VAL L 324 -19.05 99.94 -61.29
N ALA L 325 -17.97 99.45 -60.66
CA ALA L 325 -17.51 98.09 -60.88
C ALA L 325 -18.05 97.12 -59.85
N ARG L 326 -18.61 97.62 -58.75
CA ARG L 326 -19.34 96.78 -57.81
C ARG L 326 -20.82 96.70 -58.14
N LEU L 327 -21.30 97.54 -59.05
CA LEU L 327 -22.64 97.39 -59.60
C LEU L 327 -22.64 96.76 -60.99
N SER L 328 -21.49 96.73 -61.66
CA SER L 328 -21.40 96.02 -62.92
C SER L 328 -21.48 94.52 -62.70
N GLU L 329 -20.65 93.98 -61.81
CA GLU L 329 -20.70 92.56 -61.50
C GLU L 329 -21.88 92.20 -60.63
N THR L 330 -22.53 93.17 -59.99
CA THR L 330 -23.79 92.92 -59.32
C THR L 330 -24.90 92.67 -60.34
N MET L 331 -24.92 93.47 -61.41
CA MET L 331 -25.91 93.27 -62.46
C MET L 331 -25.67 92.01 -63.24
N SER L 332 -24.41 91.70 -63.53
CA SER L 332 -24.09 90.52 -64.34
C SER L 332 -24.38 89.23 -63.59
N GLN L 333 -24.24 89.23 -62.27
CA GLN L 333 -24.58 88.06 -61.49
C GLN L 333 -26.07 87.96 -61.19
N LEU L 334 -26.84 88.99 -61.52
CA LEU L 334 -28.29 88.89 -61.55
C LEU L 334 -28.80 88.50 -62.93
N SER L 335 -28.12 88.95 -63.99
CA SER L 335 -28.48 88.54 -65.34
C SER L 335 -28.19 87.07 -65.56
N SER L 336 -27.02 86.59 -65.14
CA SER L 336 -26.64 85.21 -65.34
C SER L 336 -27.37 84.25 -64.42
N GLN L 337 -28.02 84.75 -63.37
CA GLN L 337 -28.86 83.90 -62.54
C GLN L 337 -30.30 83.88 -63.02
N LYS L 338 -30.79 84.99 -63.56
CA LYS L 338 -32.15 85.03 -64.10
C LYS L 338 -32.30 84.16 -65.34
N VAL L 339 -31.20 83.90 -66.06
CA VAL L 339 -31.23 82.90 -67.12
C VAL L 339 -31.47 81.51 -66.54
N ASP L 340 -30.76 81.13 -65.48
CA ASP L 340 -30.88 79.82 -64.89
C ASP L 340 -32.08 79.68 -63.97
N LEU L 341 -32.81 80.77 -63.70
CA LEU L 341 -34.08 80.65 -63.03
C LEU L 341 -35.24 80.51 -64.00
N ASP L 342 -35.05 80.93 -65.25
CA ASP L 342 -36.07 80.78 -66.27
C ASP L 342 -36.04 79.42 -66.94
N ILE L 343 -35.15 78.54 -66.50
CA ILE L 343 -35.13 77.16 -66.97
C ILE L 343 -35.82 76.23 -65.99
N ILE L 344 -35.60 76.44 -64.68
CA ILE L 344 -36.24 75.60 -63.68
C ILE L 344 -37.74 75.85 -63.65
N GLU L 345 -38.18 77.08 -63.89
CA GLU L 345 -39.61 77.31 -64.03
C GLU L 345 -40.11 76.91 -65.42
N PHE L 346 -39.20 76.74 -66.38
CA PHE L 346 -39.59 76.21 -67.68
C PHE L 346 -39.88 74.72 -67.60
N LEU L 347 -38.99 73.97 -66.94
CA LEU L 347 -39.18 72.53 -66.82
C LEU L 347 -40.32 72.18 -65.87
N ASP L 348 -40.62 73.05 -64.90
CA ASP L 348 -41.79 72.83 -64.06
C ASP L 348 -43.06 73.05 -64.85
N HIS L 349 -43.09 74.10 -65.69
CA HIS L 349 -44.25 74.34 -66.53
C HIS L 349 -44.40 73.28 -67.60
N GLU L 350 -43.28 72.76 -68.11
CA GLU L 350 -43.33 71.78 -69.19
C GLU L 350 -43.76 70.40 -68.70
N TYR L 351 -43.22 69.96 -67.57
CA TYR L 351 -43.64 68.68 -67.00
C TYR L 351 -45.12 68.70 -66.61
N LYS L 352 -45.63 69.87 -66.23
CA LYS L 352 -47.06 70.02 -66.00
C LYS L 352 -47.87 69.83 -67.28
N GLU L 353 -47.27 70.10 -68.43
CA GLU L 353 -47.96 69.88 -69.70
C GLU L 353 -47.98 68.42 -70.13
N THR L 354 -47.23 67.54 -69.47
CA THR L 354 -47.30 66.11 -69.76
C THR L 354 -48.28 65.37 -68.86
N ASP L 355 -48.76 66.02 -67.79
CA ASP L 355 -49.70 65.45 -66.82
C ASP L 355 -49.18 64.17 -66.19
N ALA L 356 -47.90 64.19 -65.82
CA ALA L 356 -47.20 63.13 -65.09
C ALA L 356 -47.22 61.80 -65.86
N LYS L 357 -46.71 61.85 -67.09
CA LYS L 357 -46.58 60.63 -67.87
C LYS L 357 -45.42 59.79 -67.36
N TYR L 358 -44.27 60.41 -67.10
CA TYR L 358 -43.13 59.76 -66.49
C TYR L 358 -42.98 60.35 -65.09
N HIS L 359 -43.72 59.79 -64.13
CA HIS L 359 -43.63 60.22 -62.75
C HIS L 359 -43.50 58.98 -61.88
N PHE L 360 -42.33 58.80 -61.29
CA PHE L 360 -42.00 57.59 -60.56
C PHE L 360 -41.44 57.99 -59.21
N SER L 361 -42.08 57.55 -58.14
CA SER L 361 -41.69 57.97 -56.82
C SER L 361 -40.50 57.16 -56.32
N PHE L 362 -39.99 57.56 -55.17
CA PHE L 362 -38.90 56.85 -54.49
C PHE L 362 -38.98 57.22 -53.02
N ASP L 363 -38.51 56.30 -52.18
CA ASP L 363 -38.50 56.51 -50.74
C ASP L 363 -37.08 56.30 -50.22
N VAL L 364 -36.56 57.30 -49.51
CA VAL L 364 -35.30 57.11 -48.79
C VAL L 364 -35.54 56.22 -47.59
N PHE L 365 -36.69 56.33 -46.96
CA PHE L 365 -37.11 55.39 -45.94
C PHE L 365 -37.33 54.03 -46.59
N PRO L 366 -36.62 52.99 -46.20
CA PRO L 366 -36.89 51.66 -46.77
C PRO L 366 -38.22 51.12 -46.26
N HIS L 367 -38.68 50.06 -46.92
CA HIS L 367 -39.97 49.49 -46.63
C HIS L 367 -40.00 48.87 -45.24
N SER L 368 -41.21 48.70 -44.70
CA SER L 368 -41.41 48.23 -43.34
C SER L 368 -40.93 46.80 -43.12
N ASP L 369 -40.67 46.05 -44.20
CA ASP L 369 -39.92 44.81 -44.13
C ASP L 369 -38.79 44.92 -45.14
N TYR L 370 -37.70 45.56 -44.72
CA TYR L 370 -36.49 45.59 -45.53
C TYR L 370 -35.31 44.96 -44.82
N SER L 371 -35.10 45.30 -43.55
CA SER L 371 -34.26 44.52 -42.63
C SER L 371 -32.80 44.45 -43.06
N ALA L 372 -32.29 45.56 -43.58
CA ALA L 372 -30.88 45.64 -43.90
C ALA L 372 -30.43 47.09 -43.71
N HIS L 373 -29.26 47.40 -44.22
CA HIS L 373 -28.67 48.71 -44.01
C HIS L 373 -29.31 49.72 -44.96
N PRO L 374 -29.87 50.82 -44.43
CA PRO L 374 -30.58 51.79 -45.29
C PRO L 374 -29.68 52.59 -46.20
N LYS L 375 -28.35 52.52 -46.03
CA LYS L 375 -27.47 53.12 -47.01
C LYS L 375 -27.44 52.33 -48.31
N ASP L 376 -27.66 51.02 -48.24
CA ASP L 376 -27.75 50.20 -49.45
C ASP L 376 -29.15 50.17 -50.03
N TRP L 377 -30.15 50.72 -49.34
CA TRP L 377 -31.45 50.94 -49.95
C TRP L 377 -31.40 52.01 -51.01
N LEU L 378 -30.40 52.90 -50.95
CA LEU L 378 -30.23 53.96 -51.92
C LEU L 378 -29.62 53.49 -53.23
N GLU L 379 -29.30 52.21 -53.35
CA GLU L 379 -28.96 51.66 -54.66
C GLU L 379 -30.17 51.60 -55.57
N GLY L 380 -31.36 51.44 -54.99
CA GLY L 380 -32.60 51.37 -55.74
C GLY L 380 -33.00 52.62 -56.48
N LEU L 381 -32.41 53.77 -56.15
CA LEU L 381 -32.67 54.98 -56.92
C LEU L 381 -32.12 54.87 -58.33
N ARG L 382 -31.04 54.10 -58.51
CA ARG L 382 -30.53 53.84 -59.85
C ARG L 382 -31.46 52.94 -60.65
N GLU L 383 -32.32 52.18 -59.99
CA GLU L 383 -33.25 51.33 -60.69
C GLU L 383 -34.58 52.00 -60.97
N VAL L 384 -34.96 53.01 -60.21
CA VAL L 384 -36.09 53.82 -60.60
C VAL L 384 -35.72 54.76 -61.74
N ILE L 385 -34.47 55.23 -61.76
CA ILE L 385 -34.02 56.10 -62.84
C ILE L 385 -33.96 55.34 -64.16
N ASP L 386 -33.39 54.13 -64.14
CA ASP L 386 -33.35 53.30 -65.34
C ASP L 386 -34.73 52.79 -65.75
N HIS L 387 -35.70 52.86 -64.85
CA HIS L 387 -37.07 52.52 -65.24
C HIS L 387 -37.68 53.61 -66.11
N THR L 388 -37.44 54.89 -65.79
CA THR L 388 -38.00 55.96 -66.60
C THR L 388 -37.28 56.08 -67.93
N THR L 389 -35.97 55.82 -67.93
CA THR L 389 -35.16 55.96 -69.14
C THR L 389 -35.59 54.97 -70.21
N GLN L 390 -35.77 53.71 -69.83
CA GLN L 390 -36.30 52.73 -70.77
C GLN L 390 -37.75 53.01 -71.11
N SER L 391 -38.52 53.57 -70.18
CA SER L 391 -39.90 53.91 -70.48
C SER L 391 -40.00 55.14 -71.37
N MET L 392 -38.99 56.01 -71.33
CA MET L 392 -38.97 57.12 -72.28
C MET L 392 -38.55 56.64 -73.66
N LYS L 393 -37.56 55.76 -73.73
CA LYS L 393 -37.13 55.22 -75.01
C LYS L 393 -38.15 54.26 -75.60
N ASN L 394 -39.07 53.73 -74.79
CA ASN L 394 -40.14 52.90 -75.33
C ASN L 394 -41.18 53.76 -76.03
N ASP L 395 -41.72 54.76 -75.34
CA ASP L 395 -42.84 55.51 -75.87
C ASP L 395 -42.43 56.59 -76.86
N TYR L 396 -41.15 56.69 -77.19
CA TYR L 396 -40.71 57.64 -78.20
C TYR L 396 -39.81 57.03 -79.24
N LYS L 397 -39.50 55.73 -79.13
CA LYS L 397 -38.73 54.95 -80.11
C LYS L 397 -37.35 55.57 -80.35
N LEU L 398 -36.75 56.08 -79.29
CA LEU L 398 -35.53 56.87 -79.36
C LEU L 398 -34.38 56.03 -78.83
N TYR L 399 -33.30 55.97 -79.60
CA TYR L 399 -32.20 55.08 -79.29
C TYR L 399 -30.84 55.74 -79.25
N ASP L 400 -30.58 56.72 -80.10
CA ASP L 400 -29.32 57.45 -80.07
C ASP L 400 -29.50 58.73 -79.26
N VAL L 401 -29.55 58.54 -77.94
CA VAL L 401 -29.94 59.60 -77.02
C VAL L 401 -28.99 59.59 -75.83
N GLN L 402 -28.90 60.74 -75.17
CA GLN L 402 -28.17 60.87 -73.93
C GLN L 402 -29.03 61.65 -72.94
N PHE L 403 -28.91 61.31 -71.67
CA PHE L 403 -29.77 61.89 -70.65
C PHE L 403 -28.98 62.81 -69.73
N VAL L 404 -29.68 63.80 -69.19
CA VAL L 404 -29.15 64.66 -68.14
C VAL L 404 -30.12 64.62 -66.97
N ILE L 405 -29.59 64.67 -65.76
CA ILE L 405 -30.40 64.62 -64.55
C ILE L 405 -30.05 65.85 -63.73
N VAL L 406 -30.94 66.82 -63.72
CA VAL L 406 -30.75 68.04 -62.94
C VAL L 406 -31.48 67.88 -61.62
N GLY L 407 -30.74 68.04 -60.52
CA GLY L 407 -31.37 67.89 -59.22
C GLY L 407 -30.57 68.59 -58.15
N ASN L 408 -31.17 68.62 -56.96
CA ASN L 408 -30.52 69.20 -55.81
C ASN L 408 -29.38 68.29 -55.35
N PRO L 409 -28.20 68.84 -55.05
CA PRO L 409 -27.11 67.99 -54.53
C PRO L 409 -27.38 67.32 -53.20
N LEU L 410 -28.43 67.70 -52.49
CA LEU L 410 -28.92 66.88 -51.39
C LEU L 410 -29.52 65.57 -51.90
N ASP L 411 -29.99 65.54 -53.15
CA ASP L 411 -30.57 64.34 -53.74
C ASP L 411 -29.66 63.66 -54.75
N VAL L 412 -28.85 64.43 -55.50
CA VAL L 412 -27.86 63.86 -56.41
C VAL L 412 -26.75 63.12 -55.66
N ARG L 413 -26.57 63.43 -54.36
CA ARG L 413 -25.63 62.69 -53.51
C ARG L 413 -25.98 61.21 -53.41
N LEU L 414 -27.26 60.87 -53.50
CA LEU L 414 -27.71 59.49 -53.40
C LEU L 414 -27.34 58.63 -54.59
N ILE L 415 -26.91 59.21 -55.71
CA ILE L 415 -26.66 58.43 -56.91
C ILE L 415 -25.34 57.66 -56.81
N PRO L 416 -24.14 58.24 -56.48
CA PRO L 416 -22.97 57.37 -56.39
C PRO L 416 -22.90 56.60 -55.08
N ASN L 417 -23.48 57.18 -54.03
CA ASN L 417 -23.53 56.62 -52.67
C ASN L 417 -22.13 56.26 -52.16
N VAL L 418 -21.22 57.22 -52.31
CA VAL L 418 -19.80 56.99 -52.04
C VAL L 418 -19.56 56.91 -50.54
N SER L 419 -18.60 56.08 -50.15
CA SER L 419 -18.19 55.94 -48.75
C SER L 419 -16.96 56.81 -48.48
N TRP L 420 -16.60 56.90 -47.21
CA TRP L 420 -15.57 57.81 -46.76
C TRP L 420 -14.18 57.18 -46.92
N THR L 421 -13.16 58.02 -46.77
CA THR L 421 -11.80 57.56 -46.56
C THR L 421 -11.13 58.50 -45.57
N PHE L 422 -10.09 58.00 -44.91
CA PHE L 422 -9.57 58.67 -43.73
C PHE L 422 -8.07 58.87 -43.85
N ASN L 423 -7.58 59.87 -43.12
CA ASN L 423 -6.14 60.12 -42.98
C ASN L 423 -5.92 60.87 -41.68
N GLY L 424 -4.67 61.25 -41.44
CA GLY L 424 -4.31 61.99 -40.24
C GLY L 424 -4.61 63.48 -40.35
N GLY L 425 -5.50 63.97 -39.50
CA GLY L 425 -5.97 65.34 -39.62
C GLY L 425 -5.01 66.32 -38.96
N ASP L 426 -4.46 67.23 -39.75
CA ASP L 426 -3.59 68.28 -39.24
C ASP L 426 -3.66 69.48 -40.17
N ARG L 427 -3.35 70.66 -39.64
CA ARG L 427 -3.61 71.91 -40.34
C ARG L 427 -2.64 72.17 -41.49
N ASN L 428 -1.51 71.49 -41.56
CA ASN L 428 -0.61 71.71 -42.70
C ASN L 428 -1.16 71.06 -43.97
N ALA L 429 -1.69 69.85 -43.85
CA ALA L 429 -2.36 69.17 -44.96
C ALA L 429 -3.84 69.51 -44.92
N ASP L 430 -4.14 70.77 -45.24
CA ASP L 430 -5.49 71.31 -45.16
C ASP L 430 -6.01 71.48 -46.59
N ALA L 431 -6.91 70.60 -47.00
CA ALA L 431 -7.46 70.60 -48.35
C ALA L 431 -8.89 71.12 -48.28
N TYR L 432 -9.04 72.42 -48.50
CA TYR L 432 -10.35 73.10 -48.44
C TYR L 432 -11.16 72.72 -49.67
N SER L 433 -11.75 71.53 -49.61
CA SER L 433 -12.57 70.94 -50.67
C SER L 433 -11.80 70.87 -52.00
N ASN L 434 -10.62 70.27 -51.92
CA ASN L 434 -9.72 70.20 -53.07
C ASN L 434 -10.16 69.18 -54.10
N GLY L 435 -10.93 68.17 -53.72
CA GLY L 435 -11.33 67.16 -54.66
C GLY L 435 -12.81 66.83 -54.58
N ILE L 436 -13.61 67.79 -54.15
CA ILE L 436 -15.04 67.59 -53.96
C ILE L 436 -15.75 68.15 -55.20
N LYS L 437 -16.11 67.26 -56.11
CA LYS L 437 -16.87 67.68 -57.29
C LYS L 437 -18.01 66.74 -57.67
N ILE L 438 -18.06 65.51 -57.13
CA ILE L 438 -19.00 64.51 -57.61
C ILE L 438 -20.43 64.76 -57.17
N ASN L 439 -20.65 65.70 -56.26
CA ASN L 439 -22.01 66.02 -55.87
C ASN L 439 -22.62 67.11 -56.73
N TYR L 440 -21.92 67.56 -57.76
CA TYR L 440 -22.41 68.62 -58.64
C TYR L 440 -22.37 68.24 -60.10
N SER L 441 -21.36 67.50 -60.54
CA SER L 441 -21.22 67.18 -61.97
C SER L 441 -20.56 65.81 -62.07
N LEU L 442 -21.37 64.80 -62.34
CA LEU L 442 -20.94 63.42 -62.40
C LEU L 442 -21.42 62.77 -63.69
N GLY L 443 -20.56 61.98 -64.31
CA GLY L 443 -20.97 61.27 -65.51
C GLY L 443 -21.19 59.79 -65.27
N ALA L 444 -22.44 59.37 -65.20
CA ALA L 444 -22.76 57.97 -64.97
C ALA L 444 -22.93 57.25 -66.30
N ALA L 445 -22.98 55.92 -66.22
CA ALA L 445 -23.18 55.10 -67.40
C ALA L 445 -23.85 53.80 -66.95
N SER L 446 -25.17 53.72 -67.13
CA SER L 446 -25.91 52.54 -66.73
C SER L 446 -25.88 51.50 -67.85
N GLY L 447 -26.70 50.48 -67.73
CA GLY L 447 -26.82 49.50 -68.78
C GLY L 447 -27.90 49.85 -69.78
N THR L 448 -28.73 50.84 -69.43
CA THR L 448 -29.83 51.23 -70.29
C THR L 448 -29.56 52.49 -71.09
N ALA L 449 -28.78 53.43 -70.54
CA ALA L 449 -28.33 54.61 -71.26
C ALA L 449 -27.16 55.22 -70.51
N ASN L 450 -26.51 56.18 -71.15
CA ASN L 450 -25.53 56.99 -70.48
C ASN L 450 -26.23 58.10 -69.70
N TYR L 451 -25.46 58.80 -68.87
CA TYR L 451 -26.05 59.80 -67.99
C TYR L 451 -25.06 60.93 -67.77
N ARG L 452 -25.60 62.12 -67.55
CA ARG L 452 -24.82 63.33 -67.39
C ARG L 452 -25.38 64.17 -66.25
N ILE L 453 -25.51 63.56 -65.07
CA ILE L 453 -26.22 64.17 -63.96
C ILE L 453 -25.56 65.46 -63.49
N ILE L 454 -26.39 66.40 -63.04
CA ILE L 454 -25.97 67.77 -62.76
C ILE L 454 -26.57 68.16 -61.41
N GLY L 455 -25.70 68.49 -60.45
CA GLY L 455 -26.14 68.96 -59.16
C GLY L 455 -26.05 70.46 -59.09
N SER L 456 -27.17 71.12 -58.80
CA SER L 456 -27.22 72.56 -58.69
C SER L 456 -28.31 72.91 -57.69
N ASP L 457 -27.94 73.67 -56.67
CA ASP L 457 -28.82 73.93 -55.53
C ASP L 457 -29.88 74.99 -55.79
N LEU L 458 -29.97 75.50 -57.02
CA LEU L 458 -31.03 76.46 -57.33
C LEU L 458 -32.39 75.79 -57.37
N VAL L 459 -32.43 74.51 -57.68
CA VAL L 459 -33.69 73.78 -57.77
C VAL L 459 -34.16 73.48 -56.36
N ARG L 460 -35.42 73.05 -56.23
CA ARG L 460 -35.94 72.73 -54.92
C ARG L 460 -35.46 71.34 -54.49
N GLN L 461 -35.73 71.03 -53.23
CA GLN L 461 -35.35 69.74 -52.68
C GLN L 461 -36.50 68.75 -52.78
N GLY L 462 -36.18 67.52 -53.17
CA GLY L 462 -37.14 66.45 -53.21
C GLY L 462 -37.48 65.94 -54.59
N GLU L 463 -36.84 66.45 -55.64
CA GLU L 463 -37.15 66.02 -57.00
C GLU L 463 -35.87 65.76 -57.77
N LEU L 464 -35.99 64.92 -58.79
CA LEU L 464 -35.02 64.83 -59.86
C LEU L 464 -35.75 65.17 -61.16
N THR L 465 -35.00 65.65 -62.14
CA THR L 465 -35.57 65.98 -63.44
C THR L 465 -34.70 65.35 -64.52
N ILE L 466 -35.27 64.44 -65.29
CA ILE L 466 -34.55 63.71 -66.31
C ILE L 466 -34.98 64.24 -67.67
N ILE L 467 -34.01 64.47 -68.55
CA ILE L 467 -34.25 65.09 -69.85
C ILE L 467 -33.48 64.30 -70.90
N ALA L 468 -34.16 63.94 -71.98
CA ALA L 468 -33.51 63.25 -73.08
C ALA L 468 -32.89 64.26 -74.04
N ILE L 469 -31.68 63.97 -74.50
CA ILE L 469 -30.98 64.79 -75.49
C ILE L 469 -30.48 63.86 -76.59
N PRO L 470 -31.04 63.95 -77.79
CA PRO L 470 -30.59 63.08 -78.88
C PRO L 470 -29.45 63.71 -79.66
N GLN L 471 -28.62 62.86 -80.27
CA GLN L 471 -27.55 63.36 -81.12
C GLN L 471 -27.98 63.43 -82.57
N GLN L 472 -29.15 64.00 -82.81
CA GLN L 472 -29.72 64.06 -84.15
C GLN L 472 -30.31 65.44 -84.35
N ASP L 473 -29.73 66.19 -85.29
CA ASP L 473 -30.32 67.48 -85.67
C ASP L 473 -31.66 67.32 -86.38
N ASN L 474 -31.98 66.12 -86.87
CA ASN L 474 -33.28 65.82 -87.43
C ASN L 474 -34.32 65.49 -86.36
N TYR L 475 -33.97 65.61 -85.08
CA TYR L 475 -34.96 65.38 -84.02
C TYR L 475 -34.52 66.18 -82.79
N LYS L 476 -35.15 67.33 -82.59
CA LYS L 476 -34.86 68.19 -81.44
C LYS L 476 -36.00 68.08 -80.43
N THR L 477 -35.66 68.16 -79.15
CA THR L 477 -36.64 68.16 -78.09
C THR L 477 -36.45 69.28 -77.08
N PHE L 478 -35.25 69.85 -77.02
CA PHE L 478 -34.95 70.96 -76.13
C PHE L 478 -33.89 71.82 -76.79
N MET L 479 -34.14 73.12 -76.89
CA MET L 479 -33.15 74.03 -77.41
C MET L 479 -33.15 75.29 -76.56
N PHE L 480 -31.96 75.75 -76.20
CA PHE L 480 -31.78 77.06 -75.60
C PHE L 480 -31.31 78.02 -76.68
N TYR L 481 -31.97 79.17 -76.77
CA TYR L 481 -31.73 80.14 -77.84
C TYR L 481 -31.30 81.47 -77.23
N PRO L 482 -30.03 81.64 -76.92
CA PRO L 482 -29.58 82.95 -76.44
C PRO L 482 -29.28 83.89 -77.59
N TYR L 483 -30.05 84.98 -77.71
CA TYR L 483 -29.89 85.84 -78.88
C TYR L 483 -28.76 86.86 -78.69
N THR L 484 -28.91 87.78 -77.75
CA THR L 484 -27.97 88.89 -77.62
C THR L 484 -27.54 89.06 -76.18
N PHE L 485 -26.58 89.96 -75.97
CA PHE L 485 -26.17 90.41 -74.64
C PHE L 485 -25.70 91.85 -74.81
N ASN L 486 -26.61 92.80 -74.57
CA ASN L 486 -26.38 94.20 -74.89
C ASN L 486 -26.24 95.00 -73.61
N VAL L 487 -25.09 95.63 -73.44
CA VAL L 487 -24.91 96.63 -72.41
C VAL L 487 -24.95 98.01 -73.06
N VAL L 488 -25.38 99.01 -72.30
CA VAL L 488 -25.35 100.40 -72.74
C VAL L 488 -24.78 101.23 -71.58
N ASN L 489 -23.62 101.83 -71.81
CA ASN L 489 -22.94 102.61 -70.79
C ASN L 489 -23.36 104.07 -70.91
N GLY L 490 -24.63 104.32 -70.59
CA GLY L 490 -25.16 105.68 -70.60
C GLY L 490 -25.35 106.25 -71.98
N GLY L 491 -26.11 105.56 -72.82
CA GLY L 491 -26.38 106.02 -74.15
C GLY L 491 -27.71 106.74 -74.26
N GLY L 492 -28.04 107.54 -73.25
CA GLY L 492 -29.28 108.28 -73.25
C GLY L 492 -30.49 107.52 -72.72
N TYR L 493 -30.33 106.24 -72.39
CA TYR L 493 -31.43 105.48 -71.80
C TYR L 493 -31.68 105.97 -70.40
N LEU L 494 -32.73 106.76 -70.21
CA LEU L 494 -33.03 107.35 -68.92
C LEU L 494 -33.52 106.28 -67.94
N ASN L 495 -33.42 106.60 -66.67
CA ASN L 495 -33.91 105.71 -65.64
C ASN L 495 -35.42 105.75 -65.58
N THR L 496 -36.00 104.67 -65.05
CA THR L 496 -37.45 104.63 -64.87
C THR L 496 -37.87 105.44 -63.66
N ARG L 497 -37.25 105.19 -62.51
CA ARG L 497 -37.53 105.91 -61.29
C ARG L 497 -36.35 106.84 -60.99
N ASN L 498 -36.66 108.11 -60.70
CA ASN L 498 -35.73 109.22 -60.57
C ASN L 498 -34.83 109.31 -61.80
N PRO L 499 -35.36 109.77 -62.94
CA PRO L 499 -34.59 109.75 -64.18
C PRO L 499 -33.56 110.86 -64.30
N ASN L 500 -33.42 111.74 -63.31
CA ASN L 500 -32.53 112.88 -63.39
C ASN L 500 -31.06 112.52 -63.28
N VAL L 501 -30.72 111.28 -63.02
CA VAL L 501 -29.34 110.86 -62.76
C VAL L 501 -28.99 109.81 -63.79
N PRO L 502 -27.71 109.69 -64.16
CA PRO L 502 -27.32 108.68 -65.15
C PRO L 502 -27.41 107.27 -64.61
N ASN L 503 -27.49 106.32 -65.54
CA ASN L 503 -27.58 104.91 -65.18
C ASN L 503 -27.03 104.07 -66.31
N MET L 504 -26.27 103.04 -65.95
CA MET L 504 -25.87 102.03 -66.91
C MET L 504 -26.89 100.90 -66.89
N MET L 505 -26.98 100.17 -68.00
CA MET L 505 -28.06 99.23 -68.24
C MET L 505 -27.56 98.08 -69.08
N MET L 506 -28.04 96.88 -68.78
CA MET L 506 -27.74 95.71 -69.58
C MET L 506 -28.99 94.85 -69.71
N THR L 507 -29.10 94.18 -70.85
CA THR L 507 -30.24 93.32 -71.14
C THR L 507 -29.80 92.26 -72.14
N ARG L 508 -30.12 91.00 -71.86
CA ARG L 508 -29.86 89.91 -72.78
C ARG L 508 -31.19 89.31 -73.21
N ARG L 509 -31.37 89.14 -74.52
CA ARG L 509 -32.56 88.54 -75.07
C ARG L 509 -32.32 87.07 -75.37
N TYR L 510 -33.29 86.24 -75.02
CA TYR L 510 -33.15 84.79 -75.14
C TYR L 510 -34.52 84.16 -75.03
N THR L 511 -34.60 82.90 -75.45
CA THR L 511 -35.77 82.08 -75.21
C THR L 511 -35.34 80.63 -75.16
N VAL L 512 -36.21 79.79 -74.59
CA VAL L 512 -36.00 78.35 -74.53
C VAL L 512 -37.30 77.70 -75.00
N GLU L 513 -37.17 76.71 -75.88
CA GLU L 513 -38.34 76.15 -76.55
C GLU L 513 -38.23 74.63 -76.56
N SER L 514 -39.34 73.96 -76.24
CA SER L 514 -39.42 72.51 -76.25
C SER L 514 -40.30 72.07 -77.41
N PHE L 515 -39.70 71.44 -78.41
CA PHE L 515 -40.46 70.99 -79.57
C PHE L 515 -41.34 69.79 -79.21
N VAL L 516 -40.76 68.77 -78.60
CA VAL L 516 -41.49 67.63 -78.07
C VAL L 516 -41.08 67.43 -76.62
N PRO L 517 -42.02 67.32 -75.68
CA PRO L 517 -41.62 67.19 -74.28
C PRO L 517 -41.27 65.77 -73.87
N ILE L 518 -40.00 65.54 -73.52
CA ILE L 518 -39.57 64.29 -72.92
C ILE L 518 -38.93 64.66 -71.59
N ILE L 519 -39.67 64.52 -70.50
CA ILE L 519 -39.18 64.91 -69.19
C ILE L 519 -39.86 64.04 -68.15
N GLY L 520 -39.17 63.83 -67.03
CA GLY L 520 -39.68 62.96 -65.98
C GLY L 520 -39.20 63.43 -64.62
N ARG L 521 -40.08 63.27 -63.64
CA ARG L 521 -39.83 63.75 -62.29
C ARG L 521 -39.86 62.60 -61.30
N ILE L 522 -38.93 62.62 -60.34
CA ILE L 522 -38.75 61.55 -59.37
C ILE L 522 -38.91 62.17 -57.98
N THR L 523 -40.06 61.96 -57.35
CA THR L 523 -40.25 62.41 -55.98
C THR L 523 -39.44 61.52 -55.05
N ILE L 524 -38.38 62.06 -54.48
CA ILE L 524 -37.54 61.32 -53.54
C ILE L 524 -38.03 61.67 -52.15
N LYS L 525 -39.00 60.90 -51.66
CA LYS L 525 -39.66 61.22 -50.41
C LYS L 525 -38.77 60.91 -49.21
N ASN L 526 -38.96 61.69 -48.14
CA ASN L 526 -38.29 61.51 -46.84
C ASN L 526 -36.77 61.57 -46.95
N ASN L 527 -36.27 62.58 -47.68
CA ASN L 527 -34.85 62.87 -47.73
C ASN L 527 -34.45 63.92 -46.70
N ASN L 528 -35.16 63.99 -45.57
CA ASN L 528 -34.83 64.96 -44.55
C ASN L 528 -33.57 64.60 -43.78
N GLY L 529 -33.12 63.35 -43.86
CA GLY L 529 -31.93 62.92 -43.18
C GLY L 529 -32.16 62.20 -41.88
N SER L 530 -33.41 61.92 -41.52
CA SER L 530 -33.74 61.25 -40.27
C SER L 530 -34.01 59.76 -40.48
N VAL L 531 -33.33 59.14 -41.43
CA VAL L 531 -33.56 57.73 -41.70
C VAL L 531 -32.91 56.86 -40.61
N TYR L 532 -31.80 57.32 -40.06
CA TYR L 532 -31.12 56.60 -38.99
C TYR L 532 -31.59 57.02 -37.61
N ALA L 533 -32.60 57.90 -37.54
CA ALA L 533 -33.08 58.35 -36.24
C ALA L 533 -34.60 58.34 -36.15
N ARG L 534 -35.29 57.69 -37.08
CA ARG L 534 -36.74 57.63 -37.03
C ARG L 534 -37.21 56.65 -35.97
N MET M 81 -40.27 96.48 -84.07
CA MET M 81 -41.20 97.21 -83.23
C MET M 81 -42.62 96.73 -83.46
N GLY M 82 -43.60 97.60 -83.23
CA GLY M 82 -44.99 97.29 -83.40
C GLY M 82 -45.44 97.10 -84.83
N PRO M 83 -45.46 98.18 -85.64
CA PRO M 83 -46.00 98.07 -87.00
C PRO M 83 -45.10 97.32 -87.98
N ILE M 84 -43.87 96.98 -87.61
CA ILE M 84 -43.04 96.17 -88.48
C ILE M 84 -43.55 94.74 -88.47
N GLN M 85 -43.88 94.22 -89.64
CA GLN M 85 -44.44 92.88 -89.74
C GLN M 85 -43.36 91.83 -89.52
N PRO M 86 -43.58 90.85 -88.66
CA PRO M 86 -42.56 89.83 -88.42
C PRO M 86 -42.45 88.84 -89.57
N TYR M 87 -41.22 88.49 -89.90
CA TYR M 87 -40.96 87.50 -90.94
C TYR M 87 -40.29 86.30 -90.29
N ALA M 88 -41.03 85.19 -90.20
CA ALA M 88 -40.51 83.96 -89.63
C ALA M 88 -39.66 83.27 -90.68
N SER M 89 -38.34 83.24 -90.48
CA SER M 89 -37.44 82.62 -91.43
C SER M 89 -37.51 81.10 -91.31
N LEU M 90 -36.76 80.42 -92.16
CA LEU M 90 -36.79 78.97 -92.24
C LEU M 90 -35.44 78.41 -91.78
N SER M 91 -35.46 77.65 -90.68
CA SER M 91 -34.25 77.02 -90.20
C SER M 91 -33.88 75.85 -91.09
N MET M 92 -32.58 75.53 -91.12
CA MET M 92 -32.08 74.60 -92.12
C MET M 92 -32.45 73.14 -91.86
N PRO M 93 -32.16 72.52 -90.71
CA PRO M 93 -32.54 71.11 -90.55
C PRO M 93 -34.02 70.96 -90.23
N ILE M 94 -34.55 69.81 -90.62
CA ILE M 94 -35.99 69.55 -90.54
C ILE M 94 -36.22 68.39 -89.59
N LEU M 95 -37.14 68.57 -88.64
CA LEU M 95 -37.46 67.51 -87.70
C LEU M 95 -38.31 66.45 -88.37
N VAL M 96 -37.94 65.19 -88.18
CA VAL M 96 -38.66 64.07 -88.76
C VAL M 96 -39.31 63.28 -87.65
N LYS M 97 -40.29 62.47 -88.03
CA LYS M 97 -40.84 61.50 -87.09
C LYS M 97 -39.86 60.35 -86.91
N LEU M 98 -40.04 59.62 -85.82
CA LEU M 98 -39.04 58.66 -85.38
C LEU M 98 -39.64 57.26 -85.41
N TRP M 99 -39.00 56.37 -86.16
CA TRP M 99 -39.48 55.01 -86.39
C TRP M 99 -38.86 54.04 -85.40
N ALA M 100 -39.60 52.97 -85.12
CA ALA M 100 -39.12 51.96 -84.19
C ALA M 100 -38.04 51.09 -84.83
N ARG M 101 -37.24 50.45 -83.99
CA ARG M 101 -36.21 49.54 -84.45
C ARG M 101 -36.80 48.14 -84.59
N LEU M 102 -36.33 47.41 -85.59
CA LEU M 102 -36.92 46.13 -85.99
C LEU M 102 -35.85 45.05 -86.01
N ALA M 103 -35.63 44.42 -84.87
CA ALA M 103 -34.88 43.17 -84.78
C ALA M 103 -35.79 41.99 -84.51
N LEU M 104 -37.10 42.17 -84.72
CA LEU M 104 -38.09 41.17 -84.35
C LEU M 104 -38.15 40.02 -85.34
N THR M 105 -37.81 40.27 -86.62
CA THR M 105 -37.86 39.22 -87.62
C THR M 105 -36.74 38.21 -87.49
N GLU M 106 -35.79 38.44 -86.58
CA GLU M 106 -34.72 37.52 -86.25
C GLU M 106 -35.18 36.38 -85.34
N ALA M 107 -36.36 36.50 -84.74
CA ALA M 107 -36.81 35.50 -83.78
C ALA M 107 -37.22 34.20 -84.47
N LEU M 108 -38.16 34.28 -85.41
CA LEU M 108 -38.65 33.09 -86.07
C LEU M 108 -37.63 32.61 -87.10
N PRO M 109 -37.46 31.30 -87.26
CA PRO M 109 -36.47 30.80 -88.22
C PRO M 109 -37.01 30.95 -89.64
N THR M 110 -36.16 31.45 -90.52
CA THR M 110 -36.60 31.95 -91.83
C THR M 110 -35.95 31.14 -92.94
N GLN M 111 -36.77 30.44 -93.71
CA GLN M 111 -36.36 29.84 -94.98
C GLN M 111 -37.32 30.37 -96.03
N VAL M 112 -36.79 30.79 -97.18
CA VAL M 112 -37.65 31.36 -98.21
C VAL M 112 -38.46 30.25 -98.88
N ALA M 113 -39.69 30.59 -99.24
CA ALA M 113 -40.58 29.67 -99.93
C ALA M 113 -40.50 29.95 -101.43
N ASN M 114 -40.35 28.89 -102.22
CA ASN M 114 -40.30 29.04 -103.66
C ASN M 114 -41.63 28.77 -104.34
N LYS M 115 -42.62 28.28 -103.60
CA LYS M 115 -43.93 28.00 -104.16
C LYS M 115 -44.99 28.55 -103.20
N PRO M 116 -46.04 29.16 -103.73
CA PRO M 116 -47.06 29.75 -102.86
C PRO M 116 -47.98 28.75 -102.19
N ASN M 117 -47.86 27.46 -102.50
CA ASN M 117 -48.71 26.44 -101.89
C ASN M 117 -47.90 25.14 -101.85
N PHE M 118 -47.52 24.72 -100.66
CA PHE M 118 -46.87 23.43 -100.47
C PHE M 118 -47.43 22.77 -99.22
N THR M 119 -47.13 21.49 -99.08
CA THR M 119 -47.55 20.70 -97.94
C THR M 119 -46.33 20.03 -97.33
N VAL M 120 -46.31 19.93 -96.00
CA VAL M 120 -45.27 19.17 -95.31
C VAL M 120 -45.96 17.99 -94.65
N PRO M 121 -45.37 16.80 -94.67
CA PRO M 121 -46.02 15.66 -94.03
C PRO M 121 -45.57 15.46 -92.59
N ILE M 122 -46.45 14.88 -91.77
CA ILE M 122 -46.08 14.45 -90.43
C ILE M 122 -46.22 12.93 -90.37
N LEU M 123 -45.25 12.27 -89.76
CA LEU M 123 -45.23 10.82 -89.66
C LEU M 123 -45.40 10.45 -88.19
N THR M 124 -46.62 10.09 -87.82
CA THR M 124 -46.90 9.71 -86.44
C THR M 124 -47.14 8.19 -86.35
N PRO M 125 -46.32 7.47 -85.60
CA PRO M 125 -46.61 6.05 -85.39
C PRO M 125 -47.76 5.89 -84.41
N TYR M 126 -48.33 4.69 -84.41
CA TYR M 126 -49.50 4.42 -83.61
C TYR M 126 -49.30 3.13 -82.83
N VAL M 127 -50.25 2.83 -81.95
CA VAL M 127 -50.38 1.52 -81.33
C VAL M 127 -51.86 1.18 -81.41
N VAL M 128 -52.15 -0.12 -81.48
CA VAL M 128 -53.52 -0.59 -81.64
C VAL M 128 -54.00 -1.17 -80.32
N ASP M 129 -55.17 -0.73 -79.90
CA ASP M 129 -55.84 -1.21 -78.71
C ASP M 129 -56.37 -2.62 -79.00
N ALA M 130 -56.87 -3.34 -77.97
CA ALA M 130 -57.47 -4.65 -78.16
C ALA M 130 -58.61 -4.66 -79.16
N ASP M 131 -59.49 -3.65 -79.15
CA ASP M 131 -60.52 -3.54 -80.18
C ASP M 131 -60.20 -2.48 -81.22
N GLY M 132 -58.98 -1.95 -81.24
CA GLY M 132 -58.58 -1.07 -82.31
C GLY M 132 -58.95 0.40 -82.14
N ASN M 133 -58.49 1.03 -81.07
CA ASN M 133 -58.79 2.43 -80.85
C ASN M 133 -57.70 3.36 -81.39
N LYS M 134 -56.55 2.80 -81.79
CA LYS M 134 -55.50 3.50 -82.55
C LYS M 134 -54.94 4.70 -81.79
N HIS M 135 -54.30 4.41 -80.65
CA HIS M 135 -53.68 5.46 -79.85
C HIS M 135 -52.41 5.95 -80.50
N ALA M 136 -52.14 7.24 -80.34
CA ALA M 136 -50.87 7.80 -80.80
C ALA M 136 -49.74 7.28 -79.92
N LEU M 137 -48.63 6.91 -80.54
CA LEU M 137 -47.63 6.14 -79.82
C LEU M 137 -46.77 6.94 -78.84
N PRO M 138 -46.04 8.01 -79.21
CA PRO M 138 -45.09 8.58 -78.23
C PRO M 138 -45.75 9.40 -77.14
N GLU M 139 -47.06 9.62 -77.20
CA GLU M 139 -47.75 10.27 -76.10
C GLU M 139 -48.25 9.27 -75.07
N SER M 140 -48.83 8.16 -75.51
CA SER M 140 -49.54 7.25 -74.62
C SER M 140 -48.62 6.42 -73.74
N ILE M 141 -47.31 6.43 -73.99
CA ILE M 141 -46.38 5.65 -73.17
C ILE M 141 -45.46 6.60 -72.42
N ASN M 142 -45.97 7.78 -72.06
CA ASN M 142 -45.20 8.70 -71.24
C ASN M 142 -45.76 8.83 -69.83
N ASN M 143 -46.67 7.93 -69.44
CA ASN M 143 -47.20 7.88 -68.09
C ASN M 143 -46.64 6.65 -67.37
N THR M 144 -46.25 6.85 -66.11
CA THR M 144 -45.67 5.76 -65.32
C THR M 144 -46.64 4.61 -64.99
N PRO M 145 -47.99 4.79 -64.95
CA PRO M 145 -48.84 3.60 -65.14
C PRO M 145 -49.10 3.39 -66.62
N GLU M 146 -48.59 2.29 -67.15
CA GLU M 146 -48.77 1.95 -68.56
C GLU M 146 -49.59 0.68 -68.67
N THR M 147 -50.66 0.73 -69.45
CA THR M 147 -51.49 -0.43 -69.70
C THR M 147 -51.54 -0.82 -71.18
N LEU M 148 -50.96 -0.03 -72.06
CA LEU M 148 -51.05 -0.29 -73.49
C LEU M 148 -50.14 -1.46 -73.88
N VAL M 149 -48.85 -1.31 -73.67
CA VAL M 149 -47.91 -2.39 -73.88
C VAL M 149 -47.76 -3.16 -72.57
N GLY M 150 -47.92 -4.46 -72.64
CA GLY M 150 -47.78 -5.30 -71.47
C GLY M 150 -48.59 -6.56 -71.61
N LEU M 151 -48.38 -7.46 -70.67
CA LEU M 151 -49.07 -8.75 -70.66
C LEU M 151 -50.47 -8.58 -70.09
N VAL M 152 -51.30 -9.57 -70.38
CA VAL M 152 -52.69 -9.55 -69.91
C VAL M 152 -52.72 -9.91 -68.43
N GLN M 153 -53.37 -9.07 -67.64
CA GLN M 153 -53.54 -9.36 -66.23
C GLN M 153 -54.82 -10.14 -66.01
N ILE M 154 -54.95 -10.71 -64.81
CA ILE M 154 -56.09 -11.54 -64.48
C ILE M 154 -56.95 -10.85 -63.44
N LYS M 155 -58.09 -11.45 -63.11
CA LYS M 155 -58.92 -10.96 -62.02
C LYS M 155 -58.20 -11.18 -60.70
N GLU M 156 -58.26 -10.18 -59.82
CA GLU M 156 -57.47 -10.21 -58.59
C GLU M 156 -58.25 -10.77 -57.40
N ASP M 157 -59.47 -10.30 -57.19
CA ASP M 157 -60.22 -10.65 -55.99
C ASP M 157 -60.71 -12.09 -56.07
N ILE M 158 -60.26 -12.92 -55.13
CA ILE M 158 -60.60 -14.33 -55.06
C ILE M 158 -61.26 -14.56 -53.72
N ALA M 159 -62.58 -14.75 -53.72
CA ALA M 159 -63.34 -14.92 -52.49
C ALA M 159 -63.11 -16.32 -51.95
N VAL M 160 -62.02 -16.46 -51.20
CA VAL M 160 -61.62 -17.75 -50.63
C VAL M 160 -62.53 -18.06 -49.45
N GLU M 161 -63.48 -18.97 -49.64
CA GLU M 161 -64.46 -19.29 -48.61
C GLU M 161 -63.89 -20.30 -47.63
N GLY M 162 -63.95 -19.98 -46.35
CA GLY M 162 -63.43 -20.85 -45.32
C GLY M 162 -61.92 -20.95 -45.27
N GLY M 163 -61.21 -20.03 -45.92
CA GLY M 163 -59.77 -20.10 -45.99
C GLY M 163 -59.24 -21.28 -46.78
N LYS M 164 -60.03 -21.81 -47.71
CA LYS M 164 -59.67 -23.04 -48.42
C LYS M 164 -60.49 -23.10 -49.69
N VAL M 165 -59.81 -23.10 -50.84
CA VAL M 165 -60.47 -23.28 -52.13
C VAL M 165 -59.89 -24.50 -52.82
N THR M 166 -60.75 -25.24 -53.50
CA THR M 166 -60.40 -26.49 -54.18
C THR M 166 -60.52 -26.25 -55.67
N ASP M 167 -59.36 -26.09 -56.33
CA ASP M 167 -59.24 -25.90 -57.78
C ASP M 167 -60.03 -24.68 -58.25
N TYR M 168 -59.60 -23.52 -57.79
CA TYR M 168 -60.15 -22.27 -58.31
C TYR M 168 -59.45 -21.91 -59.60
N ASP M 169 -60.23 -21.53 -60.60
CA ASP M 169 -59.69 -21.17 -61.90
C ASP M 169 -59.27 -19.72 -61.90
N LEU M 170 -58.07 -19.45 -62.42
CA LEU M 170 -57.52 -18.11 -62.45
C LEU M 170 -57.87 -17.36 -63.72
N PHE M 171 -58.63 -17.97 -64.62
CA PHE M 171 -58.95 -17.35 -65.90
C PHE M 171 -60.39 -16.88 -65.95
N THR M 172 -61.08 -16.83 -64.82
CA THR M 172 -62.43 -16.29 -64.80
C THR M 172 -62.40 -14.79 -65.00
N GLY M 173 -63.39 -14.28 -65.74
CA GLY M 173 -63.48 -12.86 -66.02
C GLY M 173 -62.57 -12.36 -67.12
N LEU M 174 -61.79 -13.22 -67.75
CA LEU M 174 -60.97 -12.82 -68.87
C LEU M 174 -61.77 -12.89 -70.15
N LYS M 175 -61.16 -12.44 -71.25
CA LYS M 175 -61.81 -12.43 -72.55
C LYS M 175 -61.33 -13.61 -73.36
N GLU M 176 -62.26 -14.48 -73.77
CA GLU M 176 -61.91 -15.70 -74.47
C GLU M 176 -61.52 -15.40 -75.90
N GLY M 177 -60.40 -15.95 -76.33
CA GLY M 177 -59.95 -15.82 -77.71
C GLY M 177 -59.11 -14.61 -77.98
N LYS M 178 -59.58 -13.45 -77.56
CA LYS M 178 -58.86 -12.21 -77.82
C LYS M 178 -57.77 -11.94 -76.79
N GLU M 179 -57.87 -12.52 -75.60
CA GLU M 179 -56.85 -12.32 -74.58
C GLU M 179 -56.31 -13.65 -74.08
N VAL M 180 -57.16 -14.68 -74.08
CA VAL M 180 -56.78 -15.99 -73.56
C VAL M 180 -57.60 -17.04 -74.31
N ARG M 181 -57.00 -18.22 -74.47
CA ARG M 181 -57.68 -19.38 -75.04
C ARG M 181 -57.46 -20.54 -74.10
N LYS M 182 -58.51 -20.93 -73.38
CA LYS M 182 -58.38 -21.90 -72.31
C LYS M 182 -58.01 -23.28 -72.85
N GLY M 183 -56.96 -23.86 -72.29
CA GLY M 183 -56.37 -25.07 -72.83
C GLY M 183 -55.27 -24.84 -73.84
N ILE M 184 -54.85 -23.60 -74.05
CA ILE M 184 -53.78 -23.34 -75.02
C ILE M 184 -52.63 -22.63 -74.32
N ASP M 185 -52.89 -21.47 -73.74
CA ASP M 185 -51.83 -20.67 -73.11
C ASP M 185 -51.83 -20.87 -71.60
N ARG M 186 -50.64 -20.81 -71.02
CA ARG M 186 -50.45 -21.10 -69.61
C ARG M 186 -50.51 -19.81 -68.79
N LEU M 187 -50.31 -19.96 -67.49
CA LEU M 187 -50.18 -18.81 -66.60
C LEU M 187 -48.72 -18.38 -66.54
N ASP M 188 -48.52 -17.07 -66.32
CA ASP M 188 -47.18 -16.54 -66.17
C ASP M 188 -46.56 -17.02 -64.86
N ARG M 189 -45.26 -17.26 -64.90
CA ARG M 189 -44.54 -17.73 -63.72
C ARG M 189 -44.12 -16.60 -62.79
N LYS M 190 -44.54 -15.36 -63.07
CA LYS M 190 -44.37 -14.25 -62.14
C LYS M 190 -45.57 -14.06 -61.24
N PHE M 191 -46.35 -15.12 -61.04
CA PHE M 191 -47.55 -15.05 -60.22
C PHE M 191 -47.19 -14.93 -58.74
N LYS M 192 -47.87 -14.03 -58.05
CA LYS M 192 -47.71 -13.86 -56.61
C LYS M 192 -48.95 -13.18 -56.08
N ILE M 193 -49.13 -13.25 -54.77
CA ILE M 193 -50.23 -12.57 -54.11
C ILE M 193 -49.67 -11.32 -53.44
N VAL M 194 -50.48 -10.26 -53.45
CA VAL M 194 -50.05 -8.97 -52.93
C VAL M 194 -50.99 -8.43 -51.87
N GLU M 195 -52.11 -9.09 -51.61
CA GLU M 195 -53.03 -8.70 -50.56
C GLU M 195 -53.80 -9.94 -50.12
N ALA M 196 -54.06 -10.04 -48.83
CA ALA M 196 -54.81 -11.17 -48.28
C ALA M 196 -55.58 -10.69 -47.07
N LYS M 197 -56.91 -10.78 -47.11
CA LYS M 197 -57.75 -10.31 -46.03
C LYS M 197 -58.19 -11.48 -45.18
N TRP M 198 -57.89 -11.43 -43.89
CA TRP M 198 -58.32 -12.46 -42.97
C TRP M 198 -59.66 -12.08 -42.35
N SER M 199 -60.15 -12.94 -41.46
CA SER M 199 -61.39 -12.65 -40.76
C SER M 199 -61.21 -11.53 -39.76
N ASP M 200 -60.27 -11.70 -38.83
CA ASP M 200 -59.94 -10.66 -37.85
C ASP M 200 -58.78 -9.81 -38.35
N SER M 201 -59.00 -9.19 -39.50
CA SER M 201 -57.95 -8.48 -40.20
C SER M 201 -57.96 -7.00 -39.83
N PHE M 202 -56.99 -6.26 -40.36
CA PHE M 202 -56.96 -4.81 -40.21
C PHE M 202 -56.21 -4.19 -41.37
N ASP M 203 -56.79 -3.13 -41.94
CA ASP M 203 -56.28 -2.57 -43.20
C ASP M 203 -55.00 -1.79 -43.01
N GLU M 204 -54.96 -0.92 -41.98
CA GLU M 204 -53.87 0.01 -41.67
C GLU M 204 -53.59 1.01 -42.80
N ARG M 205 -54.53 1.19 -43.71
CA ARG M 205 -54.54 2.27 -44.69
C ARG M 205 -55.86 3.02 -44.70
N THR M 206 -56.97 2.32 -44.51
CA THR M 206 -58.26 2.94 -44.22
C THR M 206 -58.62 2.80 -42.75
N SER M 207 -57.79 2.10 -41.97
CA SER M 207 -57.96 1.87 -40.53
C SER M 207 -59.30 1.18 -40.23
N ALA M 208 -59.46 0.00 -40.82
CA ALA M 208 -60.66 -0.80 -40.62
C ALA M 208 -60.29 -2.26 -40.83
N ALA M 209 -61.25 -3.14 -40.56
CA ALA M 209 -61.02 -4.58 -40.73
C ALA M 209 -60.97 -4.92 -42.21
N GLY M 210 -59.79 -4.81 -42.80
CA GLY M 210 -59.68 -4.89 -44.25
C GLY M 210 -58.47 -5.59 -44.80
N PHE M 211 -57.79 -4.91 -45.70
CA PHE M 211 -56.86 -5.52 -46.65
C PHE M 211 -55.43 -5.35 -46.17
N VAL M 212 -54.83 -6.43 -45.69
CA VAL M 212 -53.42 -6.41 -45.30
C VAL M 212 -52.55 -6.54 -46.55
N GLU M 213 -51.85 -5.46 -46.89
CA GLU M 213 -50.89 -5.52 -47.97
C GLU M 213 -49.59 -6.14 -47.46
N LEU M 214 -49.35 -7.39 -47.84
CA LEU M 214 -48.17 -8.14 -47.38
C LEU M 214 -46.95 -7.89 -48.26
N GLY M 215 -46.65 -6.60 -48.49
CA GLY M 215 -45.66 -6.23 -49.49
C GLY M 215 -44.24 -6.59 -49.14
N SER M 216 -43.91 -6.64 -47.85
CA SER M 216 -42.60 -7.10 -47.43
C SER M 216 -42.42 -8.58 -47.71
N ASN M 217 -43.27 -9.41 -47.11
CA ASN M 217 -43.25 -10.86 -47.31
C ASN M 217 -44.36 -11.26 -48.29
N VAL M 218 -44.12 -10.97 -49.58
CA VAL M 218 -45.05 -11.43 -50.60
C VAL M 218 -44.86 -12.93 -50.79
N VAL M 219 -45.93 -13.59 -51.22
CA VAL M 219 -45.91 -15.04 -51.40
C VAL M 219 -45.70 -15.29 -52.89
N LYS M 220 -44.45 -15.54 -53.26
CA LYS M 220 -44.09 -15.67 -54.66
C LYS M 220 -44.16 -17.12 -55.10
N LEU M 221 -44.01 -17.35 -56.40
CA LEU M 221 -44.02 -18.69 -56.96
C LEU M 221 -42.63 -19.31 -56.74
N GLN M 222 -42.57 -20.30 -55.86
CA GLN M 222 -41.32 -21.01 -55.60
C GLN M 222 -41.18 -22.16 -56.59
N ASP M 223 -40.29 -23.10 -56.29
CA ASP M 223 -40.03 -24.24 -57.15
C ASP M 223 -41.27 -25.14 -57.23
N ASN M 224 -41.45 -25.73 -58.42
CA ASN M 224 -42.55 -26.65 -58.75
C ASN M 224 -43.93 -26.01 -58.56
N ASP M 225 -43.99 -24.69 -58.77
CA ASP M 225 -45.21 -23.89 -58.68
C ASP M 225 -45.88 -24.03 -57.31
N THR M 226 -45.08 -23.84 -56.27
CA THR M 226 -45.54 -23.92 -54.89
C THR M 226 -45.39 -22.55 -54.26
N LEU M 227 -46.32 -22.21 -53.35
CA LEU M 227 -46.33 -20.89 -52.72
C LEU M 227 -46.48 -21.07 -51.22
N VAL M 228 -45.50 -20.58 -50.46
CA VAL M 228 -45.53 -20.64 -49.01
C VAL M 228 -45.24 -19.27 -48.44
N GLY M 229 -45.71 -19.03 -47.21
CA GLY M 229 -45.46 -17.77 -46.55
C GLY M 229 -46.06 -17.69 -45.16
N GLN M 230 -45.30 -17.11 -44.22
CA GLN M 230 -45.74 -16.95 -42.84
C GLN M 230 -45.92 -15.46 -42.60
N ILE M 231 -47.17 -15.02 -42.44
CA ILE M 231 -47.52 -13.62 -42.58
C ILE M 231 -47.95 -13.05 -41.24
N LYS M 232 -47.44 -11.85 -40.93
CA LYS M 232 -47.68 -11.19 -39.65
C LYS M 232 -48.80 -10.19 -39.87
N TYR M 233 -50.06 -10.67 -39.77
CA TYR M 233 -51.05 -9.63 -40.04
C TYR M 233 -51.58 -9.03 -38.74
N PRO M 234 -51.81 -7.71 -38.70
CA PRO M 234 -52.32 -7.08 -37.47
C PRO M 234 -53.80 -7.38 -37.29
N THR M 235 -54.14 -7.89 -36.11
CA THR M 235 -55.55 -8.13 -35.80
C THR M 235 -56.30 -6.82 -35.60
N ASN M 236 -55.67 -5.86 -34.95
CA ASN M 236 -56.24 -4.53 -34.80
C ASN M 236 -55.10 -3.53 -34.82
N GLY M 237 -55.30 -2.42 -35.53
CA GLY M 237 -54.24 -1.44 -35.69
C GLY M 237 -53.88 -0.74 -34.40
N ASP M 238 -54.87 -0.49 -33.56
CA ASP M 238 -54.62 -0.02 -32.21
C ASP M 238 -54.52 -1.18 -31.22
N GLY M 239 -54.79 -2.40 -31.67
CA GLY M 239 -54.63 -3.57 -30.82
C GLY M 239 -53.23 -4.13 -30.90
N GLU M 240 -52.70 -4.21 -32.12
CA GLU M 240 -51.34 -4.66 -32.44
C GLU M 240 -51.08 -6.07 -31.91
N VAL M 241 -52.00 -6.97 -32.21
CA VAL M 241 -51.95 -8.33 -31.70
C VAL M 241 -51.04 -9.21 -32.56
N GLU M 242 -51.03 -8.96 -33.88
CA GLU M 242 -50.15 -9.61 -34.86
C GLU M 242 -50.34 -11.13 -34.87
N THR M 243 -51.53 -11.54 -35.28
CA THR M 243 -51.85 -12.95 -35.42
C THR M 243 -51.12 -13.52 -36.63
N ASP M 244 -50.83 -14.82 -36.59
CA ASP M 244 -50.10 -15.48 -37.67
C ASP M 244 -51.02 -16.45 -38.42
N THR M 245 -50.74 -16.58 -39.71
CA THR M 245 -51.37 -17.59 -40.55
C THR M 245 -50.40 -17.92 -41.68
N ILE M 246 -50.19 -19.21 -41.91
CA ILE M 246 -49.22 -19.71 -42.86
C ILE M 246 -49.96 -20.10 -44.14
N LEU M 247 -49.41 -19.71 -45.29
CA LEU M 247 -50.07 -19.82 -46.58
C LEU M 247 -49.59 -21.07 -47.31
N GLY M 248 -50.17 -22.21 -46.97
CA GLY M 248 -49.94 -23.42 -47.73
C GLY M 248 -50.68 -23.32 -49.05
N LYS M 249 -49.94 -23.33 -50.16
CA LYS M 249 -50.55 -23.00 -51.44
C LYS M 249 -49.80 -23.65 -52.59
N VAL M 250 -50.53 -24.29 -53.49
CA VAL M 250 -49.98 -24.82 -54.72
C VAL M 250 -50.88 -24.36 -55.86
N ASP M 251 -50.31 -24.33 -57.07
CA ASP M 251 -51.07 -24.05 -58.27
C ASP M 251 -50.40 -24.75 -59.43
N VAL M 252 -51.14 -24.90 -60.53
CA VAL M 252 -50.60 -25.48 -61.75
C VAL M 252 -50.64 -24.40 -62.82
N SER M 253 -49.53 -24.27 -63.56
CA SER M 253 -49.44 -23.24 -64.58
C SER M 253 -50.01 -23.69 -65.92
N SER M 254 -49.84 -24.96 -66.26
CA SER M 254 -50.39 -25.47 -67.52
C SER M 254 -51.84 -25.87 -67.40
N GLY M 255 -52.31 -26.14 -66.18
CA GLY M 255 -53.70 -26.49 -65.97
C GLY M 255 -54.51 -25.27 -65.58
N GLU M 256 -53.79 -24.26 -65.05
CA GLU M 256 -54.33 -22.96 -64.67
C GLU M 256 -55.43 -23.08 -63.60
N LEU M 257 -55.03 -23.67 -62.48
CA LEU M 257 -55.87 -23.70 -61.28
C LEU M 257 -55.07 -23.11 -60.13
N THR M 258 -55.65 -23.08 -58.93
CA THR M 258 -54.91 -22.68 -57.74
C THR M 258 -55.54 -23.34 -56.53
N LEU M 259 -54.73 -23.53 -55.49
CA LEU M 259 -55.15 -24.19 -54.26
C LEU M 259 -54.74 -23.34 -53.07
N THR M 260 -55.55 -22.35 -52.72
CA THR M 260 -55.25 -21.51 -51.57
C THR M 260 -55.84 -22.16 -50.34
N SER M 261 -55.02 -22.33 -49.31
CA SER M 261 -55.41 -22.95 -48.07
C SER M 261 -54.70 -22.24 -46.92
N ALA M 262 -55.43 -22.01 -45.84
CA ALA M 262 -54.92 -21.24 -44.71
C ALA M 262 -54.88 -22.08 -43.45
N SER M 263 -53.86 -21.84 -42.63
CA SER M 263 -53.81 -22.41 -41.30
C SER M 263 -54.75 -21.69 -40.34
N GLY M 264 -55.20 -20.48 -40.68
CA GLY M 264 -56.16 -19.76 -39.88
C GLY M 264 -57.48 -19.60 -40.62
N LYS M 265 -57.91 -18.35 -40.82
CA LYS M 265 -59.19 -18.05 -41.48
C LYS M 265 -58.97 -16.93 -42.49
N LEU M 266 -58.68 -17.29 -43.73
CA LEU M 266 -58.67 -16.33 -44.80
C LEU M 266 -60.09 -15.99 -45.23
N THR M 267 -60.23 -14.85 -45.87
CA THR M 267 -61.50 -14.51 -46.48
C THR M 267 -61.37 -14.18 -47.97
N ASP M 268 -60.34 -13.44 -48.36
CA ASP M 268 -60.09 -13.17 -49.77
C ASP M 268 -58.63 -12.83 -49.96
N VAL M 269 -58.17 -13.01 -51.20
CA VAL M 269 -56.78 -12.75 -51.59
C VAL M 269 -56.80 -11.98 -52.90
N LYS M 270 -56.07 -10.88 -52.96
CA LYS M 270 -55.87 -10.14 -54.20
C LYS M 270 -54.57 -10.62 -54.83
N VAL M 271 -54.69 -11.42 -55.88
CA VAL M 271 -53.51 -11.93 -56.56
C VAL M 271 -53.06 -10.92 -57.61
N LYS M 272 -51.83 -11.11 -58.09
CA LYS M 272 -51.33 -10.32 -59.23
C LYS M 272 -50.55 -11.30 -60.12
N GLY M 273 -51.21 -11.79 -61.15
CA GLY M 273 -50.60 -12.72 -62.07
C GLY M 273 -50.91 -12.36 -63.51
N TYR M 274 -49.92 -12.54 -64.37
CA TYR M 274 -50.12 -12.29 -65.78
C TYR M 274 -50.51 -13.58 -66.48
N VAL M 275 -50.87 -13.46 -67.76
CA VAL M 275 -51.09 -14.59 -68.63
C VAL M 275 -49.91 -14.65 -69.58
N ALA M 276 -49.23 -15.80 -69.60
CA ALA M 276 -47.97 -15.92 -70.33
C ALA M 276 -48.21 -15.86 -71.83
N SER M 277 -47.34 -15.14 -72.51
CA SER M 277 -47.46 -14.90 -73.95
C SER M 277 -46.61 -15.87 -74.75
N GLU M 278 -46.43 -17.09 -74.25
CA GLU M 278 -45.65 -18.08 -74.97
C GLU M 278 -46.39 -18.63 -76.18
N GLN M 279 -47.71 -18.53 -76.19
CA GLN M 279 -48.53 -19.14 -77.22
C GLN M 279 -49.02 -18.14 -78.25
N HIS M 280 -48.58 -16.88 -78.16
CA HIS M 280 -48.86 -15.81 -79.12
C HIS M 280 -50.37 -15.58 -79.27
N THR M 281 -51.08 -15.60 -78.14
CA THR M 281 -52.51 -15.39 -78.17
C THR M 281 -52.86 -13.94 -78.51
N SER M 282 -52.19 -12.99 -77.87
CA SER M 282 -52.40 -11.58 -78.15
C SER M 282 -51.07 -10.87 -78.14
N ALA M 283 -51.03 -9.72 -78.79
CA ALA M 283 -49.81 -8.92 -78.88
C ALA M 283 -50.21 -7.47 -79.10
N THR M 284 -49.21 -6.64 -79.37
CA THR M 284 -49.42 -5.23 -79.65
C THR M 284 -49.11 -4.95 -81.11
N ASN M 285 -50.00 -4.23 -81.77
CA ASN M 285 -49.84 -3.87 -83.17
C ASN M 285 -49.48 -2.40 -83.29
N VAL M 286 -48.39 -2.13 -84.01
CA VAL M 286 -48.03 -0.75 -84.34
C VAL M 286 -48.06 -0.59 -85.84
N GLU M 287 -48.33 0.65 -86.27
CA GLU M 287 -48.40 0.98 -87.69
C GLU M 287 -48.17 2.47 -87.84
N LEU M 288 -47.96 2.90 -89.07
CA LEU M 288 -47.67 4.29 -89.36
C LEU M 288 -48.92 5.00 -89.83
N GLY M 289 -49.06 6.27 -89.41
CA GLY M 289 -50.07 7.15 -89.93
C GLY M 289 -49.42 8.37 -90.57
N LEU M 290 -50.19 9.09 -91.36
CA LEU M 290 -49.65 10.25 -92.04
C LEU M 290 -50.75 11.23 -92.38
N THR M 291 -50.51 12.49 -92.05
CA THR M 291 -51.34 13.60 -92.48
C THR M 291 -50.40 14.69 -92.94
N ARG M 292 -50.93 15.69 -93.62
CA ARG M 292 -50.09 16.78 -94.13
C ARG M 292 -50.58 18.11 -93.59
N LYS M 293 -49.66 19.07 -93.55
CA LYS M 293 -49.94 20.42 -93.08
C LYS M 293 -49.94 21.36 -94.27
N ASP M 294 -51.03 22.11 -94.44
CA ASP M 294 -51.23 22.95 -95.60
C ASP M 294 -50.62 24.32 -95.35
N VAL M 295 -49.76 24.76 -96.26
CA VAL M 295 -49.18 26.09 -96.24
C VAL M 295 -49.57 26.78 -97.54
N VAL M 296 -50.31 27.87 -97.44
CA VAL M 296 -50.73 28.65 -98.60
C VAL M 296 -50.36 30.10 -98.36
N ILE M 297 -49.78 30.75 -99.37
CA ILE M 297 -49.30 32.12 -99.27
C ILE M 297 -50.28 33.02 -100.01
N ASP M 298 -50.85 33.99 -99.29
CA ASP M 298 -51.87 34.86 -99.85
C ASP M 298 -51.24 35.93 -100.73
N THR M 299 -52.08 36.78 -101.28
CA THR M 299 -51.64 37.97 -102.03
C THR M 299 -51.89 39.16 -101.12
N ALA M 300 -50.81 39.71 -100.55
CA ALA M 300 -50.94 40.78 -99.59
C ALA M 300 -51.24 42.11 -100.29
N GLN M 301 -51.59 43.11 -99.49
CA GLN M 301 -52.02 44.40 -100.00
C GLN M 301 -50.83 45.19 -100.52
N HIS M 302 -51.13 46.19 -101.34
CA HIS M 302 -50.13 47.06 -101.93
C HIS M 302 -50.05 48.38 -101.18
N ILE M 303 -48.94 49.08 -101.38
CA ILE M 303 -48.71 50.38 -100.78
C ILE M 303 -48.61 51.38 -101.92
N GLU M 304 -49.49 52.39 -101.90
CA GLU M 304 -49.63 53.31 -103.00
C GLU M 304 -49.15 54.71 -102.62
N ALA M 305 -48.65 55.44 -103.61
CA ALA M 305 -48.18 56.81 -103.41
C ALA M 305 -48.29 57.54 -104.74
N THR M 306 -49.33 58.37 -104.87
CA THR M 306 -49.53 59.15 -106.09
C THR M 306 -48.48 60.25 -106.20
N VAL M 307 -47.98 60.46 -107.40
CA VAL M 307 -46.92 61.42 -107.64
C VAL M 307 -47.32 62.45 -108.70
N PRO M 308 -48.20 63.39 -108.39
CA PRO M 308 -48.62 64.37 -109.40
C PRO M 308 -47.57 65.45 -109.60
N LEU M 309 -47.54 65.97 -110.83
CA LEU M 309 -46.56 67.00 -111.18
C LEU M 309 -46.88 68.34 -110.55
N GLU M 310 -48.13 68.55 -110.13
CA GLU M 310 -48.53 69.74 -109.40
C GLU M 310 -48.15 69.67 -107.92
N VAL M 311 -47.48 68.60 -107.48
CA VAL M 311 -47.08 68.42 -106.09
C VAL M 311 -45.57 68.29 -105.96
N ILE M 312 -44.95 67.47 -106.82
CA ILE M 312 -43.51 67.22 -106.75
C ILE M 312 -42.71 68.47 -107.07
N GLN M 313 -43.19 69.30 -107.98
CA GLN M 313 -42.50 70.55 -108.31
C GLN M 313 -42.57 71.58 -107.20
N ASP M 314 -43.57 71.48 -106.31
CA ASP M 314 -43.71 72.44 -105.22
C ASP M 314 -42.84 72.07 -104.02
N MET M 315 -42.89 70.80 -103.61
CA MET M 315 -42.10 70.36 -102.45
C MET M 315 -40.61 70.37 -102.75
N LYS M 316 -40.24 70.26 -104.03
CA LYS M 316 -38.83 70.43 -104.40
C LYS M 316 -38.42 71.89 -104.34
N ALA M 317 -39.36 72.81 -104.55
CA ALA M 317 -39.04 74.23 -104.61
C ALA M 317 -39.06 74.89 -103.24
N THR M 318 -40.15 74.76 -102.51
CA THR M 318 -40.32 75.55 -101.29
C THR M 318 -39.50 74.98 -100.13
N TYR M 319 -39.81 73.76 -99.70
CA TYR M 319 -39.09 73.17 -98.58
C TYR M 319 -37.87 72.37 -99.01
N ASP M 320 -37.71 72.12 -100.31
CA ASP M 320 -36.62 71.33 -100.90
C ASP M 320 -36.54 69.93 -100.30
N ILE M 321 -37.65 69.22 -100.36
CA ILE M 321 -37.71 67.81 -100.01
C ILE M 321 -38.02 67.04 -101.30
N ASP M 322 -37.36 65.89 -101.46
CA ASP M 322 -37.59 65.06 -102.63
C ASP M 322 -38.87 64.26 -102.40
N GLY M 323 -39.90 64.53 -103.20
CA GLY M 323 -41.19 63.90 -102.98
C GLY M 323 -41.21 62.42 -103.28
N VAL M 324 -40.53 62.00 -104.35
CA VAL M 324 -40.52 60.59 -104.71
C VAL M 324 -39.50 59.79 -103.93
N ALA M 325 -38.52 60.45 -103.30
CA ALA M 325 -37.54 59.76 -102.48
C ALA M 325 -37.92 59.68 -101.01
N ARG M 326 -38.65 60.66 -100.50
CA ARG M 326 -39.15 60.61 -99.13
C ARG M 326 -40.47 59.87 -99.05
N LEU M 327 -40.96 59.33 -100.15
CA LEU M 327 -42.10 58.44 -100.14
C LEU M 327 -41.71 56.98 -100.24
N SER M 328 -40.65 56.68 -101.01
CA SER M 328 -40.14 55.31 -101.06
C SER M 328 -39.50 54.92 -99.74
N GLU M 329 -38.89 55.87 -99.03
CA GLU M 329 -38.43 55.62 -97.67
C GLU M 329 -39.58 55.47 -96.70
N THR M 330 -40.76 55.97 -97.03
CA THR M 330 -41.93 55.82 -96.20
C THR M 330 -42.65 54.50 -96.46
N MET M 331 -42.76 54.12 -97.74
CA MET M 331 -43.45 52.88 -98.10
C MET M 331 -42.67 51.66 -97.64
N SER M 332 -41.34 51.72 -97.72
CA SER M 332 -40.52 50.60 -97.26
C SER M 332 -40.56 50.47 -95.74
N GLN M 333 -40.59 51.59 -95.04
CA GLN M 333 -40.69 51.55 -93.58
C GLN M 333 -42.09 51.23 -93.09
N LEU M 334 -43.09 51.24 -93.97
CA LEU M 334 -44.39 50.73 -93.59
C LEU M 334 -44.46 49.22 -93.77
N SER M 335 -43.86 48.72 -94.85
CA SER M 335 -43.92 47.29 -95.13
C SER M 335 -43.09 46.48 -94.15
N SER M 336 -41.92 46.99 -93.78
CA SER M 336 -41.09 46.31 -92.80
C SER M 336 -41.71 46.38 -91.41
N GLN M 337 -42.42 47.46 -91.11
CA GLN M 337 -43.13 47.56 -89.85
C GLN M 337 -44.31 46.60 -89.81
N LYS M 338 -44.97 46.40 -90.96
CA LYS M 338 -46.12 45.52 -91.04
C LYS M 338 -45.75 44.06 -90.82
N VAL M 339 -44.51 43.67 -91.18
CA VAL M 339 -44.05 42.31 -90.94
C VAL M 339 -43.90 42.05 -89.45
N ASP M 340 -43.34 43.01 -88.73
CA ASP M 340 -43.14 42.83 -87.30
C ASP M 340 -44.35 43.23 -86.48
N LEU M 341 -45.51 43.35 -87.10
CA LEU M 341 -46.74 43.59 -86.36
C LEU M 341 -47.67 42.39 -86.33
N ASP M 342 -47.77 41.64 -87.43
CA ASP M 342 -48.56 40.42 -87.33
C ASP M 342 -47.80 39.29 -86.67
N ILE M 343 -46.45 39.36 -86.69
CA ILE M 343 -45.63 38.40 -85.95
C ILE M 343 -45.94 38.48 -84.46
N ILE M 344 -46.10 39.71 -83.95
CA ILE M 344 -46.60 39.89 -82.59
C ILE M 344 -48.01 39.34 -82.47
N GLU M 345 -48.86 39.61 -83.47
CA GLU M 345 -50.21 39.06 -83.47
C GLU M 345 -50.21 37.56 -83.66
N PHE M 346 -49.18 37.02 -84.33
CA PHE M 346 -49.07 35.57 -84.49
C PHE M 346 -48.71 34.89 -83.17
N LEU M 347 -47.71 35.42 -82.46
CA LEU M 347 -47.33 34.86 -81.18
C LEU M 347 -48.39 35.16 -80.12
N ASP M 348 -49.13 36.26 -80.28
CA ASP M 348 -50.31 36.46 -79.45
C ASP M 348 -51.40 35.45 -79.77
N HIS M 349 -51.46 34.98 -81.00
CA HIS M 349 -52.47 34.00 -81.36
C HIS M 349 -52.11 32.61 -80.87
N GLU M 350 -50.85 32.20 -81.06
CA GLU M 350 -50.46 30.81 -80.78
C GLU M 350 -50.47 30.50 -79.30
N TYR M 351 -50.30 31.51 -78.45
CA TYR M 351 -50.43 31.28 -77.02
C TYR M 351 -51.88 31.03 -76.63
N LYS M 352 -52.82 31.59 -77.39
CA LYS M 352 -54.23 31.41 -77.06
C LYS M 352 -54.73 29.99 -77.32
N GLU M 353 -54.11 29.26 -78.24
CA GLU M 353 -54.50 27.87 -78.49
C GLU M 353 -53.73 26.87 -77.64
N THR M 354 -52.69 27.31 -76.94
CA THR M 354 -52.07 26.45 -75.94
C THR M 354 -52.83 26.44 -74.62
N ASP M 355 -53.85 27.31 -74.50
CA ASP M 355 -54.77 27.36 -73.36
C ASP M 355 -54.04 27.64 -72.06
N ALA M 356 -53.03 28.51 -72.14
CA ALA M 356 -52.18 28.93 -71.02
C ALA M 356 -51.52 27.74 -70.33
N LYS M 357 -50.85 26.91 -71.12
CA LYS M 357 -50.16 25.75 -70.57
C LYS M 357 -48.90 26.18 -69.81
N TYR M 358 -48.00 26.87 -70.50
CA TYR M 358 -46.78 27.37 -69.88
C TYR M 358 -46.94 28.85 -69.54
N HIS M 359 -47.69 29.09 -68.46
CA HIS M 359 -47.98 30.43 -67.97
C HIS M 359 -47.50 30.50 -66.53
N PHE M 360 -46.25 30.86 -66.34
CA PHE M 360 -45.64 30.92 -65.02
C PHE M 360 -45.37 32.38 -64.68
N SER M 361 -46.06 32.89 -63.67
CA SER M 361 -46.04 34.30 -63.36
C SER M 361 -44.79 34.67 -62.57
N PHE M 362 -44.67 35.95 -62.25
CA PHE M 362 -43.52 36.50 -61.55
C PHE M 362 -43.94 37.82 -60.93
N ASP M 363 -43.30 38.16 -59.82
CA ASP M 363 -43.63 39.39 -59.11
C ASP M 363 -42.34 40.17 -58.82
N VAL M 364 -42.29 41.41 -59.29
CA VAL M 364 -41.17 42.27 -58.93
C VAL M 364 -41.29 42.70 -57.48
N PHE M 365 -42.51 42.84 -56.99
CA PHE M 365 -42.76 43.00 -55.57
C PHE M 365 -42.35 41.73 -54.86
N PRO M 366 -41.38 41.78 -53.94
CA PRO M 366 -40.95 40.54 -53.27
C PRO M 366 -41.96 40.06 -52.26
N HIS M 367 -41.70 38.91 -51.65
CA HIS M 367 -42.59 38.38 -50.64
C HIS M 367 -42.51 39.23 -49.37
N SER M 368 -43.47 39.01 -48.47
CA SER M 368 -43.51 39.74 -47.21
C SER M 368 -42.30 39.40 -46.35
N ASP M 369 -41.97 38.13 -46.24
CA ASP M 369 -40.76 37.72 -45.54
C ASP M 369 -39.62 37.48 -46.53
N TYR M 370 -39.29 38.51 -47.30
CA TYR M 370 -38.06 38.47 -48.08
C TYR M 370 -36.95 39.28 -47.41
N SER M 371 -37.18 40.58 -47.22
CA SER M 371 -36.38 41.47 -46.38
C SER M 371 -34.91 41.50 -46.80
N ALA M 372 -34.68 41.87 -48.05
CA ALA M 372 -33.36 42.20 -48.55
C ALA M 372 -33.54 43.21 -49.66
N HIS M 373 -32.47 43.44 -50.42
CA HIS M 373 -32.54 44.41 -51.50
C HIS M 373 -33.37 43.86 -52.65
N PRO M 374 -34.44 44.54 -53.08
CA PRO M 374 -35.27 44.02 -54.17
C PRO M 374 -34.59 44.02 -55.52
N LYS M 375 -33.47 44.72 -55.68
CA LYS M 375 -32.66 44.54 -56.87
C LYS M 375 -31.99 43.18 -56.91
N ASP M 376 -31.79 42.55 -55.76
CA ASP M 376 -31.30 41.18 -55.71
C ASP M 376 -32.41 40.16 -55.82
N TRP M 377 -33.66 40.59 -55.68
CA TRP M 377 -34.80 39.69 -55.87
C TRP M 377 -35.00 39.35 -57.35
N LEU M 378 -34.43 40.15 -58.25
CA LEU M 378 -34.60 39.95 -59.69
C LEU M 378 -33.77 38.82 -60.26
N GLU M 379 -33.07 38.05 -59.42
CA GLU M 379 -32.55 36.77 -59.88
C GLU M 379 -33.66 35.75 -60.02
N GLY M 380 -34.79 35.97 -59.34
CA GLY M 380 -35.93 35.06 -59.43
C GLY M 380 -36.57 35.01 -60.80
N LEU M 381 -36.35 36.02 -61.64
CA LEU M 381 -36.79 35.93 -63.02
C LEU M 381 -36.01 34.87 -63.78
N ARG M 382 -34.71 34.73 -63.49
CA ARG M 382 -33.90 33.75 -64.17
C ARG M 382 -34.23 32.31 -63.79
N GLU M 383 -34.95 32.11 -62.69
CA GLU M 383 -35.43 30.78 -62.33
C GLU M 383 -36.75 30.44 -62.99
N VAL M 384 -37.68 31.40 -63.06
CA VAL M 384 -38.96 31.16 -63.72
C VAL M 384 -38.76 30.95 -65.22
N ILE M 385 -37.78 31.62 -65.81
CA ILE M 385 -37.42 31.35 -67.19
C ILE M 385 -36.87 29.94 -67.34
N ASP M 386 -35.96 29.55 -66.44
CA ASP M 386 -35.43 28.19 -66.47
C ASP M 386 -36.43 27.16 -65.98
N HIS M 387 -37.50 27.57 -65.31
CA HIS M 387 -38.55 26.62 -64.96
C HIS M 387 -39.51 26.36 -66.10
N THR M 388 -39.72 27.35 -66.97
CA THR M 388 -40.56 27.14 -68.14
C THR M 388 -39.81 26.40 -69.24
N THR M 389 -38.49 26.61 -69.29
CA THR M 389 -37.68 25.92 -70.29
C THR M 389 -37.68 24.41 -70.04
N GLN M 390 -37.46 24.00 -68.80
CA GLN M 390 -37.51 22.59 -68.47
C GLN M 390 -38.92 22.11 -68.20
N SER M 391 -39.93 22.94 -68.39
CA SER M 391 -41.30 22.47 -68.51
C SER M 391 -41.70 22.18 -69.94
N MET M 392 -41.02 22.79 -70.91
CA MET M 392 -41.27 22.47 -72.31
C MET M 392 -40.47 21.26 -72.75
N LYS M 393 -39.20 21.19 -72.35
CA LYS M 393 -38.35 20.07 -72.72
C LYS M 393 -38.75 18.78 -72.03
N ASN M 394 -39.51 18.85 -70.95
CA ASN M 394 -40.03 17.66 -70.30
C ASN M 394 -41.39 17.23 -70.84
N ASP M 395 -42.01 18.04 -71.68
CA ASP M 395 -43.28 17.67 -72.28
C ASP M 395 -43.21 17.44 -73.77
N TYR M 396 -42.15 17.87 -74.45
CA TYR M 396 -41.98 17.59 -75.86
C TYR M 396 -40.66 16.89 -76.17
N LYS M 397 -39.79 16.72 -75.17
CA LYS M 397 -38.63 15.82 -75.22
C LYS M 397 -37.64 16.20 -76.31
N LEU M 398 -37.50 17.49 -76.55
CA LEU M 398 -36.57 18.01 -77.56
C LEU M 398 -35.36 18.64 -76.88
N TYR M 399 -34.17 18.40 -77.43
CA TYR M 399 -32.92 18.71 -76.74
C TYR M 399 -31.92 19.36 -77.68
N ASP M 400 -32.37 20.20 -78.60
CA ASP M 400 -31.49 20.89 -79.52
C ASP M 400 -31.95 22.33 -79.74
N VAL M 401 -32.30 23.00 -78.64
CA VAL M 401 -33.17 24.16 -78.72
C VAL M 401 -32.36 25.43 -78.51
N GLN M 402 -32.88 26.53 -79.07
CA GLN M 402 -32.29 27.86 -79.01
C GLN M 402 -33.41 28.83 -78.60
N PHE M 403 -34.00 28.58 -77.42
CA PHE M 403 -35.08 29.36 -76.84
C PHE M 403 -34.83 30.86 -76.93
N VAL M 404 -35.67 31.57 -77.67
CA VAL M 404 -35.56 33.02 -77.80
C VAL M 404 -36.64 33.66 -76.94
N ILE M 405 -36.27 34.74 -76.26
CA ILE M 405 -37.17 35.42 -75.35
C ILE M 405 -37.41 36.81 -75.92
N VAL M 406 -38.52 36.97 -76.62
CA VAL M 406 -38.91 38.27 -77.11
C VAL M 406 -39.90 38.91 -76.12
N GLY M 407 -39.60 40.14 -75.73
CA GLY M 407 -40.47 40.86 -74.82
C GLY M 407 -40.16 42.33 -74.85
N ASN M 408 -40.88 43.08 -74.03
CA ASN M 408 -40.66 44.49 -73.91
C ASN M 408 -39.30 44.75 -73.26
N PRO M 409 -38.54 45.74 -73.72
CA PRO M 409 -37.23 46.01 -73.12
C PRO M 409 -37.30 46.60 -71.72
N LEU M 410 -38.48 46.96 -71.21
CA LEU M 410 -38.61 47.20 -69.78
C LEU M 410 -38.58 45.92 -68.98
N ASP M 411 -38.86 44.78 -69.60
CA ASP M 411 -38.81 43.49 -68.93
C ASP M 411 -37.59 42.68 -69.31
N VAL M 412 -36.92 43.03 -70.41
CA VAL M 412 -35.61 42.46 -70.70
C VAL M 412 -34.58 43.00 -69.72
N ARG M 413 -34.80 44.20 -69.19
CA ARG M 413 -33.89 44.86 -68.26
C ARG M 413 -33.73 44.09 -66.95
N LEU M 414 -34.74 43.33 -66.54
CA LEU M 414 -34.66 42.59 -65.30
C LEU M 414 -33.77 41.37 -65.38
N ILE M 415 -33.39 40.93 -66.57
CA ILE M 415 -32.54 39.75 -66.72
C ILE M 415 -31.07 40.03 -66.39
N PRO M 416 -30.34 41.00 -67.03
CA PRO M 416 -28.90 41.07 -66.74
C PRO M 416 -28.55 41.73 -65.42
N ASN M 417 -29.32 42.76 -65.04
CA ASN M 417 -29.16 43.55 -63.81
C ASN M 417 -27.75 44.15 -63.74
N VAL M 418 -27.45 45.00 -64.71
CA VAL M 418 -26.14 45.60 -64.82
C VAL M 418 -26.02 46.76 -63.84
N SER M 419 -24.86 46.86 -63.20
CA SER M 419 -24.59 47.95 -62.28
C SER M 419 -24.20 49.21 -63.05
N TRP M 420 -23.80 50.25 -62.31
CA TRP M 420 -23.47 51.54 -62.89
C TRP M 420 -21.97 51.80 -62.79
N THR M 421 -21.44 52.50 -63.77
CA THR M 421 -20.10 53.06 -63.71
C THR M 421 -20.19 54.57 -63.66
N PHE M 422 -19.08 55.22 -63.31
CA PHE M 422 -19.06 56.66 -63.16
C PHE M 422 -17.76 57.23 -63.70
N ASN M 423 -17.84 58.46 -64.21
CA ASN M 423 -16.68 59.21 -64.68
C ASN M 423 -17.06 60.70 -64.65
N GLY M 424 -16.26 61.52 -65.32
CA GLY M 424 -16.50 62.95 -65.38
C GLY M 424 -17.52 63.37 -66.42
N GLY M 425 -18.58 64.06 -65.99
CA GLY M 425 -19.66 64.45 -66.87
C GLY M 425 -19.51 65.78 -67.55
N ASP M 426 -18.64 65.87 -68.56
CA ASP M 426 -18.44 67.09 -69.33
C ASP M 426 -18.98 66.94 -70.75
N ARG M 427 -18.99 68.06 -71.47
CA ARG M 427 -19.63 68.10 -72.79
C ARG M 427 -18.76 67.47 -73.87
N ASN M 428 -17.47 67.81 -73.88
CA ASN M 428 -16.58 67.32 -74.93
C ASN M 428 -16.34 65.82 -74.85
N ALA M 429 -16.56 65.20 -73.70
CA ALA M 429 -16.53 63.75 -73.54
C ALA M 429 -17.91 63.30 -73.12
N ASP M 430 -18.79 63.09 -74.09
CA ASP M 430 -20.14 62.61 -73.85
C ASP M 430 -20.50 61.59 -74.92
N ALA M 431 -21.01 60.46 -74.51
CA ALA M 431 -21.41 59.39 -75.40
C ALA M 431 -22.92 59.27 -75.36
N TYR M 432 -23.56 59.49 -76.51
CA TYR M 432 -25.02 59.46 -76.59
C TYR M 432 -25.48 58.02 -76.79
N SER M 433 -25.24 57.21 -75.75
CA SER M 433 -25.48 55.77 -75.73
C SER M 433 -24.80 55.07 -76.90
N ASN M 434 -23.48 55.12 -76.92
CA ASN M 434 -22.73 54.52 -78.03
C ASN M 434 -22.46 53.03 -77.82
N GLY M 435 -22.39 52.59 -76.57
CA GLY M 435 -22.11 51.21 -76.28
C GLY M 435 -23.23 50.56 -75.49
N ILE M 436 -24.46 50.93 -75.82
CA ILE M 436 -25.63 50.46 -75.07
C ILE M 436 -26.43 49.55 -76.00
N LYS M 437 -26.34 48.24 -75.76
CA LYS M 437 -27.11 47.27 -76.52
C LYS M 437 -27.64 46.14 -75.65
N ILE M 438 -27.43 46.20 -74.33
CA ILE M 438 -27.74 45.10 -73.44
C ILE M 438 -29.25 44.94 -73.30
N ASN M 439 -29.99 46.05 -73.29
CA ASN M 439 -31.42 45.98 -73.07
C ASN M 439 -32.22 45.61 -74.30
N TYR M 440 -31.56 45.37 -75.44
CA TYR M 440 -32.28 45.04 -76.67
C TYR M 440 -31.90 43.68 -77.23
N SER M 441 -30.60 43.38 -77.32
CA SER M 441 -30.12 42.14 -77.90
C SER M 441 -29.04 41.55 -77.01
N LEU M 442 -29.24 40.33 -76.56
CA LEU M 442 -28.31 39.69 -75.65
C LEU M 442 -28.47 38.18 -75.73
N GLY M 443 -27.37 37.47 -75.54
CA GLY M 443 -27.39 36.02 -75.48
C GLY M 443 -27.07 35.53 -74.09
N ALA M 444 -27.97 34.74 -73.51
CA ALA M 444 -27.89 34.36 -72.10
C ALA M 444 -27.74 32.84 -72.02
N ALA M 445 -26.51 32.37 -71.99
CA ALA M 445 -26.25 30.93 -71.89
C ALA M 445 -26.44 30.50 -70.44
N SER M 446 -27.63 29.99 -70.13
CA SER M 446 -27.89 29.50 -68.78
C SER M 446 -27.34 28.09 -68.63
N GLY M 447 -27.68 27.44 -67.52
CA GLY M 447 -27.25 26.07 -67.30
C GLY M 447 -28.16 25.02 -67.87
N THR M 448 -29.42 25.38 -68.15
CA THR M 448 -30.39 24.42 -68.64
C THR M 448 -30.74 24.61 -70.10
N ALA M 449 -30.36 25.73 -70.70
CA ALA M 449 -30.60 26.00 -72.11
C ALA M 449 -29.59 27.04 -72.58
N ASN M 450 -29.73 27.47 -73.83
CA ASN M 450 -29.02 28.63 -74.33
C ASN M 450 -30.06 29.58 -74.89
N TYR M 451 -30.09 30.79 -74.37
CA TYR M 451 -31.13 31.75 -74.72
C TYR M 451 -30.60 32.79 -75.70
N ARG M 452 -31.54 33.51 -76.29
CA ARG M 452 -31.23 34.67 -77.11
C ARG M 452 -32.39 35.66 -76.92
N ILE M 453 -32.25 36.56 -75.97
CA ILE M 453 -33.33 37.48 -75.65
C ILE M 453 -33.35 38.60 -76.67
N ILE M 454 -34.54 39.08 -76.99
CA ILE M 454 -34.73 40.09 -78.02
C ILE M 454 -35.69 41.14 -77.47
N GLY M 455 -35.26 42.39 -77.44
CA GLY M 455 -36.10 43.45 -76.94
C GLY M 455 -36.60 44.35 -78.03
N SER M 456 -37.92 44.46 -78.17
CA SER M 456 -38.52 45.36 -79.14
C SER M 456 -39.66 46.11 -78.48
N ASP M 457 -39.78 47.39 -78.82
CA ASP M 457 -40.73 48.28 -78.16
C ASP M 457 -42.18 48.01 -78.55
N LEU M 458 -42.40 47.31 -79.66
CA LEU M 458 -43.76 47.04 -80.11
C LEU M 458 -44.47 46.02 -79.23
N VAL M 459 -43.73 45.21 -78.48
CA VAL M 459 -44.33 44.25 -77.58
C VAL M 459 -44.95 44.99 -76.41
N ARG M 460 -46.13 44.54 -75.99
CA ARG M 460 -46.80 45.13 -74.83
C ARG M 460 -45.99 44.83 -73.57
N GLN M 461 -45.85 45.84 -72.71
CA GLN M 461 -45.07 45.69 -71.51
C GLN M 461 -45.85 44.90 -70.47
N GLY M 462 -45.13 44.07 -69.72
CA GLY M 462 -45.74 43.27 -68.66
C GLY M 462 -45.66 41.78 -68.86
N GLU M 463 -45.25 41.29 -70.04
CA GLU M 463 -45.25 39.86 -70.28
C GLU M 463 -44.07 39.48 -71.15
N LEU M 464 -43.44 38.36 -70.82
CA LEU M 464 -42.38 37.77 -71.61
C LEU M 464 -42.94 36.60 -72.40
N THR M 465 -42.20 36.17 -73.42
CA THR M 465 -42.60 35.05 -74.26
C THR M 465 -41.39 34.19 -74.55
N ILE M 466 -41.52 32.89 -74.32
CA ILE M 466 -40.48 31.92 -74.65
C ILE M 466 -40.88 31.24 -75.95
N ILE M 467 -39.93 31.14 -76.89
CA ILE M 467 -40.18 30.52 -78.18
C ILE M 467 -39.08 29.51 -78.43
N ALA M 468 -39.47 28.26 -78.66
CA ALA M 468 -38.51 27.17 -78.83
C ALA M 468 -38.15 27.02 -80.30
N ILE M 469 -36.85 27.03 -80.59
CA ILE M 469 -36.35 26.85 -81.95
C ILE M 469 -35.47 25.61 -82.01
N PRO M 470 -35.90 24.53 -82.63
CA PRO M 470 -35.08 23.32 -82.68
C PRO M 470 -34.03 23.36 -83.79
N GLN M 471 -32.97 22.58 -83.56
CA GLN M 471 -31.84 22.57 -84.50
C GLN M 471 -32.08 21.61 -85.66
N GLN M 472 -32.71 20.48 -85.38
CA GLN M 472 -32.88 19.46 -86.41
C GLN M 472 -33.92 19.90 -87.42
N ASP M 473 -33.70 19.53 -88.69
CA ASP M 473 -34.65 19.85 -89.74
C ASP M 473 -35.85 18.93 -89.73
N ASN M 474 -35.81 17.85 -88.95
CA ASN M 474 -36.96 16.97 -88.79
C ASN M 474 -38.09 17.69 -88.08
N TYR M 475 -37.85 18.16 -86.87
CA TYR M 475 -38.88 18.77 -86.05
C TYR M 475 -38.95 20.26 -86.34
N LYS M 476 -40.17 20.81 -86.29
CA LYS M 476 -40.41 22.21 -86.62
C LYS M 476 -41.53 22.75 -85.77
N THR M 477 -41.35 23.96 -85.23
CA THR M 477 -42.33 24.59 -84.36
C THR M 477 -42.96 25.82 -85.01
N PHE M 478 -42.15 26.78 -85.44
CA PHE M 478 -42.62 27.97 -86.11
C PHE M 478 -41.76 28.20 -87.34
N MET M 479 -42.33 28.84 -88.35
CA MET M 479 -41.58 29.17 -89.55
C MET M 479 -42.05 30.51 -90.09
N PHE M 480 -41.13 31.22 -90.73
CA PHE M 480 -41.44 32.42 -91.47
C PHE M 480 -41.01 32.22 -92.91
N TYR M 481 -41.99 32.13 -93.82
CA TYR M 481 -41.69 31.97 -95.24
C TYR M 481 -41.95 33.30 -95.95
N PRO M 482 -40.93 34.07 -96.28
CA PRO M 482 -41.12 35.23 -97.15
C PRO M 482 -41.07 34.81 -98.61
N TYR M 483 -42.20 34.93 -99.30
CA TYR M 483 -42.26 34.42 -100.67
C TYR M 483 -41.58 35.38 -101.63
N THR M 484 -42.09 36.60 -101.75
CA THR M 484 -41.57 37.53 -102.74
C THR M 484 -41.68 38.95 -102.23
N PHE M 485 -41.02 39.86 -102.96
CA PHE M 485 -41.03 41.28 -102.63
C PHE M 485 -40.82 42.03 -103.94
N ASN M 486 -41.89 42.65 -104.44
CA ASN M 486 -41.85 43.34 -105.72
C ASN M 486 -42.25 44.79 -105.53
N VAL M 487 -41.47 45.69 -106.12
CA VAL M 487 -41.81 47.09 -106.22
C VAL M 487 -42.13 47.40 -107.67
N VAL M 488 -43.11 48.30 -107.88
CA VAL M 488 -43.51 48.73 -109.21
C VAL M 488 -43.55 50.25 -109.17
N ASN M 489 -42.50 50.89 -109.68
CA ASN M 489 -42.45 52.35 -109.66
C ASN M 489 -43.33 52.94 -110.76
N GLY M 490 -43.17 52.45 -111.99
CA GLY M 490 -44.02 52.87 -113.07
C GLY M 490 -45.13 51.87 -113.31
N GLY M 491 -45.18 51.29 -114.49
CA GLY M 491 -46.11 50.21 -114.79
C GLY M 491 -47.53 50.69 -114.98
N GLY M 492 -48.35 49.77 -115.50
CA GLY M 492 -49.75 50.06 -115.74
C GLY M 492 -50.65 49.95 -114.53
N TYR M 493 -50.09 49.68 -113.35
CA TYR M 493 -50.89 49.56 -112.13
C TYR M 493 -51.34 50.95 -111.73
N LEU M 494 -52.58 51.29 -112.05
CA LEU M 494 -53.12 52.60 -111.73
C LEU M 494 -53.46 52.68 -110.25
N ASN M 495 -53.74 53.89 -109.79
CA ASN M 495 -54.12 54.08 -108.41
C ASN M 495 -55.55 53.64 -108.18
N THR M 496 -55.91 53.52 -106.91
CA THR M 496 -57.25 53.07 -106.55
C THR M 496 -58.21 54.23 -106.35
N ARG M 497 -57.71 55.36 -105.86
CA ARG M 497 -58.56 56.52 -105.58
C ARG M 497 -58.55 57.52 -106.73
N ASN M 498 -57.38 58.02 -107.10
CA ASN M 498 -57.22 58.93 -108.23
C ASN M 498 -56.44 58.22 -109.32
N PRO M 499 -57.11 57.55 -110.25
CA PRO M 499 -56.40 56.79 -111.28
C PRO M 499 -55.76 57.64 -112.36
N ASN M 500 -56.05 58.94 -112.42
CA ASN M 500 -55.52 59.76 -113.50
C ASN M 500 -54.06 60.15 -113.28
N VAL M 501 -53.59 60.15 -112.05
CA VAL M 501 -52.23 60.56 -111.73
C VAL M 501 -51.34 59.32 -111.65
N PRO M 502 -50.04 59.43 -111.91
CA PRO M 502 -49.14 58.27 -111.75
C PRO M 502 -48.94 57.93 -110.28
N ASN M 503 -48.43 56.74 -110.04
CA ASN M 503 -48.33 56.24 -108.67
C ASN M 503 -47.23 55.21 -108.57
N MET M 504 -46.85 54.92 -107.33
CA MET M 504 -45.88 53.88 -107.01
C MET M 504 -46.60 52.73 -106.32
N MET M 505 -46.00 51.55 -106.41
CA MET M 505 -46.63 50.36 -105.86
C MET M 505 -45.55 49.39 -105.38
N MET M 506 -45.79 48.78 -104.23
CA MET M 506 -44.90 47.75 -103.73
C MET M 506 -45.72 46.76 -102.91
N THR M 507 -45.30 45.50 -102.95
CA THR M 507 -46.03 44.42 -102.30
C THR M 507 -45.04 43.32 -101.93
N ARG M 508 -45.12 42.85 -100.69
CA ARG M 508 -44.36 41.69 -100.26
C ARG M 508 -45.34 40.62 -99.83
N ARG M 509 -44.96 39.36 -100.02
CA ARG M 509 -45.82 38.21 -99.71
C ARG M 509 -45.10 37.30 -98.73
N TYR M 510 -45.67 37.16 -97.54
CA TYR M 510 -45.16 36.30 -96.48
C TYR M 510 -46.30 35.46 -95.93
N THR M 511 -45.95 34.46 -95.12
CA THR M 511 -46.93 33.75 -94.31
C THR M 511 -46.23 33.17 -93.10
N VAL M 512 -46.84 33.34 -91.92
CA VAL M 512 -46.38 32.71 -90.68
C VAL M 512 -47.20 31.46 -90.41
N GLU M 513 -46.54 30.45 -89.84
CA GLU M 513 -47.17 29.15 -89.60
C GLU M 513 -46.70 28.59 -88.28
N SER M 514 -47.58 27.85 -87.62
CA SER M 514 -47.27 27.13 -86.40
C SER M 514 -47.62 25.66 -86.62
N PHE M 515 -46.60 24.84 -86.87
CA PHE M 515 -46.82 23.40 -86.98
C PHE M 515 -47.22 22.82 -85.64
N VAL M 516 -46.43 23.08 -84.60
CA VAL M 516 -46.77 22.71 -83.23
C VAL M 516 -46.42 23.88 -82.31
N PRO M 517 -47.34 24.33 -81.47
CA PRO M 517 -47.06 25.52 -80.64
C PRO M 517 -46.29 25.17 -79.38
N ILE M 518 -45.07 25.69 -79.27
CA ILE M 518 -44.31 25.67 -78.03
C ILE M 518 -44.05 27.13 -77.69
N ILE M 519 -44.81 27.67 -76.73
CA ILE M 519 -44.76 29.09 -76.43
C ILE M 519 -44.99 29.30 -74.93
N GLY M 520 -44.18 30.16 -74.34
CA GLY M 520 -44.27 30.47 -72.93
C GLY M 520 -44.78 31.88 -72.68
N ARG M 521 -45.10 32.14 -71.41
CA ARG M 521 -45.71 33.42 -71.04
C ARG M 521 -45.39 33.69 -69.58
N ILE M 522 -44.47 34.62 -69.34
CA ILE M 522 -44.09 35.03 -68.00
C ILE M 522 -44.85 36.29 -67.68
N THR M 523 -45.81 36.22 -66.75
CA THR M 523 -46.55 37.39 -66.34
C THR M 523 -45.74 38.12 -65.28
N ILE M 524 -44.93 39.09 -65.72
CA ILE M 524 -44.21 39.94 -64.80
C ILE M 524 -45.18 40.94 -64.19
N LYS M 525 -45.34 40.90 -62.87
CA LYS M 525 -46.29 41.76 -62.19
C LYS M 525 -45.57 42.87 -61.44
N ASN M 526 -46.21 44.05 -61.43
CA ASN M 526 -45.75 45.25 -60.71
C ASN M 526 -44.37 45.70 -61.17
N ASN M 527 -44.15 45.68 -62.48
CA ASN M 527 -42.91 46.23 -63.05
C ASN M 527 -43.17 47.65 -63.53
N ASN M 528 -43.54 48.50 -62.57
CA ASN M 528 -43.79 49.90 -62.86
C ASN M 528 -42.91 50.80 -61.99
N GLY M 529 -41.78 50.27 -61.53
CA GLY M 529 -40.86 51.03 -60.70
C GLY M 529 -41.36 51.37 -59.31
N SER M 530 -42.46 50.76 -58.87
CA SER M 530 -43.08 51.11 -57.61
C SER M 530 -42.64 50.21 -56.46
N VAL M 531 -41.55 49.47 -56.63
CA VAL M 531 -41.12 48.58 -55.55
C VAL M 531 -40.40 49.38 -54.46
N TYR M 532 -39.71 50.46 -54.82
CA TYR M 532 -39.00 51.28 -53.86
C TYR M 532 -39.86 52.40 -53.28
N ALA M 533 -41.15 52.42 -53.59
CA ALA M 533 -42.05 53.43 -53.06
C ALA M 533 -43.37 52.79 -52.67
N ARG M 534 -43.31 51.63 -52.03
CA ARG M 534 -44.50 50.88 -51.68
C ARG M 534 -45.25 51.51 -50.51
N MET N 81 -12.84 -55.91 -17.53
CA MET N 81 -14.22 -55.47 -17.34
C MET N 81 -15.04 -56.53 -16.61
N GLY N 82 -16.23 -56.13 -16.17
CA GLY N 82 -17.18 -56.99 -15.49
C GLY N 82 -17.59 -58.27 -16.21
N PRO N 83 -18.15 -58.16 -17.43
CA PRO N 83 -18.54 -59.38 -18.15
C PRO N 83 -17.38 -60.24 -18.61
N ILE N 84 -16.18 -59.70 -18.72
CA ILE N 84 -15.02 -60.49 -19.15
C ILE N 84 -14.56 -61.33 -17.97
N GLN N 85 -14.70 -62.64 -18.10
CA GLN N 85 -14.36 -63.55 -17.01
C GLN N 85 -12.84 -63.66 -16.87
N PRO N 86 -12.30 -63.45 -15.68
CA PRO N 86 -10.84 -63.46 -15.51
C PRO N 86 -10.28 -64.88 -15.50
N TYR N 87 -9.00 -64.96 -15.84
CA TYR N 87 -8.28 -66.23 -15.91
C TYR N 87 -6.99 -66.08 -15.14
N ALA N 88 -6.85 -66.84 -14.04
CA ALA N 88 -5.68 -66.79 -13.19
C ALA N 88 -4.57 -67.64 -13.81
N SER N 89 -3.50 -66.99 -14.25
CA SER N 89 -2.42 -67.70 -14.91
C SER N 89 -1.53 -68.39 -13.87
N LEU N 90 -0.38 -68.90 -14.32
CA LEU N 90 0.50 -69.68 -13.45
C LEU N 90 1.92 -69.17 -13.58
N SER N 91 2.51 -68.79 -12.45
CA SER N 91 3.91 -68.37 -12.44
C SER N 91 4.83 -69.58 -12.34
N MET N 92 6.11 -69.37 -12.69
CA MET N 92 6.97 -70.50 -13.02
C MET N 92 7.44 -71.30 -11.80
N PRO N 93 8.12 -70.73 -10.78
CA PRO N 93 8.73 -71.58 -9.76
C PRO N 93 7.70 -72.16 -8.79
N ILE N 94 8.08 -73.26 -8.15
CA ILE N 94 7.12 -74.17 -7.54
C ILE N 94 6.88 -73.92 -6.05
N LEU N 95 7.74 -73.12 -5.39
CA LEU N 95 7.63 -72.70 -3.99
C LEU N 95 7.57 -73.91 -3.05
N VAL N 96 8.66 -74.64 -3.03
CA VAL N 96 8.76 -75.83 -2.19
C VAL N 96 9.00 -75.39 -0.74
N LYS N 97 8.57 -76.22 0.21
CA LYS N 97 8.93 -76.02 1.60
C LYS N 97 10.37 -76.41 1.82
N LEU N 98 10.97 -75.85 2.87
CA LEU N 98 12.39 -75.96 3.09
C LEU N 98 12.72 -76.94 4.21
N TRP N 99 13.83 -77.63 4.07
CA TRP N 99 14.29 -78.66 4.98
C TRP N 99 15.46 -78.16 5.81
N ALA N 100 15.73 -78.88 6.89
CA ALA N 100 16.83 -78.52 7.76
C ALA N 100 18.17 -78.90 7.12
N ARG N 101 19.25 -78.34 7.66
CA ARG N 101 20.60 -78.72 7.28
C ARG N 101 21.09 -79.82 8.20
N LEU N 102 21.82 -80.77 7.64
CA LEU N 102 22.18 -82.00 8.33
C LEU N 102 23.70 -82.11 8.37
N ALA N 103 24.30 -81.52 9.41
CA ALA N 103 25.73 -81.63 9.65
C ALA N 103 26.02 -82.38 10.94
N LEU N 104 25.01 -83.03 11.52
CA LEU N 104 25.17 -83.65 12.84
C LEU N 104 25.89 -84.98 12.78
N THR N 105 25.89 -85.65 11.63
CA THR N 105 26.66 -86.88 11.48
C THR N 105 28.16 -86.63 11.50
N GLU N 106 28.59 -85.40 11.24
CA GLU N 106 29.99 -85.03 11.32
C GLU N 106 30.50 -84.98 12.75
N ALA N 107 29.61 -84.90 13.74
CA ALA N 107 30.03 -84.89 15.13
C ALA N 107 30.55 -86.25 15.57
N LEU N 108 29.70 -87.26 15.55
CA LEU N 108 30.11 -88.58 16.01
C LEU N 108 31.01 -89.23 14.95
N PRO N 109 32.03 -89.97 15.36
CA PRO N 109 32.90 -90.63 14.38
C PRO N 109 32.20 -91.80 13.73
N THR N 110 32.36 -91.90 12.41
CA THR N 110 31.65 -92.88 11.60
C THR N 110 32.59 -93.99 11.18
N GLN N 111 32.16 -95.24 11.36
CA GLN N 111 32.87 -96.40 10.89
C GLN N 111 31.91 -97.23 10.07
N VAL N 112 32.24 -97.46 8.80
CA VAL N 112 31.39 -98.25 7.91
C VAL N 112 31.45 -99.70 8.35
N ALA N 113 30.28 -100.31 8.56
CA ALA N 113 30.22 -101.65 9.12
C ALA N 113 30.08 -102.67 8.00
N ASN N 114 31.09 -103.52 7.85
CA ASN N 114 31.02 -104.57 6.85
C ASN N 114 30.21 -105.77 7.29
N LYS N 115 29.85 -105.84 8.57
CA LYS N 115 29.09 -106.96 9.08
C LYS N 115 27.99 -106.45 10.00
N PRO N 116 26.82 -107.10 10.01
CA PRO N 116 25.70 -106.61 10.83
C PRO N 116 25.81 -106.96 12.30
N ASN N 117 26.82 -107.71 12.70
CA ASN N 117 26.96 -108.12 14.10
C ASN N 117 28.42 -108.42 14.36
N PHE N 118 29.05 -107.62 15.22
CA PHE N 118 30.43 -107.88 15.60
C PHE N 118 30.63 -107.54 17.06
N THR N 119 31.65 -108.13 17.65
CA THR N 119 32.05 -107.84 19.01
C THR N 119 33.37 -107.09 19.01
N VAL N 120 33.70 -106.50 20.14
CA VAL N 120 34.99 -105.88 20.34
C VAL N 120 35.43 -106.16 21.77
N PRO N 121 36.66 -106.61 21.99
CA PRO N 121 37.10 -106.94 23.35
C PRO N 121 37.41 -105.69 24.17
N ILE N 122 37.49 -105.90 25.48
CA ILE N 122 37.85 -104.86 26.44
C ILE N 122 38.83 -105.49 27.42
N LEU N 123 40.08 -105.02 27.40
CA LEU N 123 41.16 -105.63 28.18
C LEU N 123 41.28 -104.90 29.52
N THR N 124 40.95 -105.59 30.60
CA THR N 124 40.98 -105.01 31.94
C THR N 124 41.94 -105.77 32.84
N PRO N 125 42.95 -105.13 33.41
CA PRO N 125 43.80 -105.83 34.39
C PRO N 125 43.11 -106.01 35.73
N TYR N 126 43.75 -106.72 36.66
CA TYR N 126 43.13 -107.03 37.94
C TYR N 126 44.20 -107.14 39.01
N VAL N 127 43.82 -107.19 40.20
CA VAL N 127 44.63 -107.40 41.40
C VAL N 127 43.80 -108.25 42.36
N VAL N 128 44.39 -109.31 42.92
CA VAL N 128 43.63 -110.23 43.74
C VAL N 128 43.72 -109.87 45.22
N ASP N 129 44.91 -110.04 45.80
CA ASP N 129 45.41 -109.40 47.02
C ASP N 129 44.75 -109.83 48.34
N ALA N 130 43.57 -110.47 48.33
CA ALA N 130 42.93 -110.80 49.60
C ALA N 130 42.73 -112.30 49.79
N ASP N 131 41.85 -112.93 49.02
CA ASP N 131 41.64 -114.37 49.11
C ASP N 131 41.38 -115.03 47.77
N GLY N 132 41.00 -114.28 46.66
CA GLY N 132 40.47 -114.80 45.42
C GLY N 132 39.52 -113.84 44.74
N ASN N 133 39.05 -112.83 45.48
CA ASN N 133 38.29 -111.76 44.84
C ASN N 133 39.24 -110.85 44.08
N LYS N 134 38.72 -110.21 43.05
CA LYS N 134 39.53 -109.39 42.16
C LYS N 134 39.01 -107.95 42.14
N HIS N 135 39.92 -107.02 41.83
CA HIS N 135 39.58 -105.60 41.74
C HIS N 135 40.16 -105.06 40.44
N ALA N 136 39.34 -104.29 39.71
CA ALA N 136 39.81 -103.65 38.48
C ALA N 136 40.88 -102.63 38.81
N LEU N 137 41.91 -102.57 37.98
CA LEU N 137 43.16 -101.99 38.47
C LEU N 137 43.13 -100.45 38.53
N PRO N 138 42.93 -99.67 37.44
CA PRO N 138 42.87 -98.22 37.66
C PRO N 138 41.48 -97.73 38.02
N GLU N 139 40.77 -98.45 38.87
CA GLU N 139 39.52 -97.98 39.45
C GLU N 139 39.47 -98.18 40.95
N SER N 140 40.42 -98.91 41.53
CA SER N 140 40.54 -99.01 42.98
C SER N 140 41.84 -98.43 43.50
N ILE N 141 42.81 -98.12 42.63
CA ILE N 141 44.04 -97.47 43.04
C ILE N 141 44.01 -95.98 42.79
N ASN N 142 42.93 -95.45 42.22
CA ASN N 142 42.80 -94.02 42.02
C ASN N 142 42.07 -93.35 43.18
N ASN N 143 42.55 -93.63 44.39
CA ASN N 143 42.01 -93.05 45.61
C ASN N 143 43.14 -92.90 46.61
N THR N 144 42.98 -91.93 47.50
CA THR N 144 44.02 -91.66 48.49
C THR N 144 44.16 -92.72 49.59
N PRO N 145 43.08 -93.35 50.15
CA PRO N 145 43.45 -94.40 51.14
C PRO N 145 43.79 -95.71 50.44
N GLU N 146 45.03 -95.80 49.99
CA GLU N 146 45.50 -97.00 49.31
C GLU N 146 45.69 -98.12 50.32
N THR N 147 44.93 -99.20 50.17
CA THR N 147 44.99 -100.31 51.11
C THR N 147 45.29 -101.63 50.41
N LEU N 148 45.83 -101.60 49.20
CA LEU N 148 46.08 -102.81 48.45
C LEU N 148 47.56 -103.10 48.23
N VAL N 149 48.27 -102.17 47.58
CA VAL N 149 49.63 -102.46 47.14
C VAL N 149 50.61 -102.49 48.33
N GLY N 150 50.29 -101.78 49.40
CA GLY N 150 51.16 -101.73 50.56
C GLY N 150 51.28 -103.06 51.28
N LEU N 151 52.32 -103.15 52.11
CA LEU N 151 52.73 -104.38 52.77
C LEU N 151 51.70 -104.84 53.78
N VAL N 152 51.84 -106.09 54.21
CA VAL N 152 50.94 -106.64 55.22
C VAL N 152 51.25 -105.99 56.56
N GLN N 153 50.21 -105.52 57.24
CA GLN N 153 50.36 -104.76 58.46
C GLN N 153 50.06 -105.64 59.66
N ILE N 154 50.83 -105.46 60.73
CA ILE N 154 50.62 -106.17 61.99
C ILE N 154 49.40 -105.60 62.69
N LYS N 155 48.94 -106.28 63.74
CA LYS N 155 47.82 -105.78 64.52
C LYS N 155 48.20 -104.48 65.21
N GLU N 156 47.34 -103.48 65.10
CA GLU N 156 47.69 -102.14 65.54
C GLU N 156 47.70 -102.03 67.06
N ASP N 157 46.64 -102.49 67.70
CA ASP N 157 46.51 -102.35 69.15
C ASP N 157 47.42 -103.33 69.87
N ILE N 158 48.06 -102.86 70.94
CA ILE N 158 48.86 -103.69 71.83
C ILE N 158 48.45 -103.36 73.25
N ALA N 159 47.97 -104.36 73.98
CA ALA N 159 47.65 -104.16 75.38
C ALA N 159 48.91 -104.25 76.23
N VAL N 160 48.91 -103.52 77.35
CA VAL N 160 50.04 -103.47 78.25
C VAL N 160 49.50 -103.55 79.67
N GLU N 161 49.98 -104.51 80.45
CA GLU N 161 49.52 -104.71 81.82
C GLU N 161 50.64 -104.33 82.78
N GLY N 162 50.43 -103.26 83.53
CA GLY N 162 51.39 -102.83 84.51
C GLY N 162 52.53 -102.00 83.98
N GLY N 163 52.30 -101.23 82.92
CA GLY N 163 53.33 -100.36 82.38
C GLY N 163 54.37 -101.05 81.53
N LYS N 164 54.31 -102.37 81.37
CA LYS N 164 55.27 -103.09 80.57
C LYS N 164 54.67 -104.42 80.13
N VAL N 165 55.06 -104.86 78.95
CA VAL N 165 54.93 -106.26 78.54
C VAL N 165 56.27 -106.72 78.02
N THR N 166 56.69 -107.90 78.44
CA THR N 166 57.90 -108.50 77.95
C THR N 166 57.56 -109.72 77.09
N ASP N 167 58.33 -109.89 76.02
CA ASP N 167 58.19 -110.99 75.06
C ASP N 167 56.79 -111.06 74.45
N TYR N 168 56.17 -109.91 74.23
CA TYR N 168 54.85 -109.88 73.60
C TYR N 168 55.01 -110.11 72.10
N ASP N 169 54.17 -111.00 71.57
CA ASP N 169 54.27 -111.38 70.16
C ASP N 169 53.70 -110.28 69.28
N LEU N 170 54.45 -109.89 68.26
CA LEU N 170 54.00 -108.86 67.35
C LEU N 170 53.32 -109.41 66.10
N PHE N 171 53.57 -110.67 65.76
CA PHE N 171 52.94 -111.29 64.61
C PHE N 171 51.62 -111.96 64.94
N THR N 172 51.07 -111.68 66.12
CA THR N 172 49.84 -112.32 66.53
C THR N 172 48.64 -111.74 65.79
N GLY N 173 47.61 -112.56 65.65
CA GLY N 173 46.42 -112.18 64.90
C GLY N 173 46.54 -112.46 63.42
N LEU N 174 47.75 -112.48 62.90
CA LEU N 174 47.97 -112.68 61.48
C LEU N 174 47.85 -114.17 61.13
N LYS N 175 47.48 -114.44 59.88
CA LYS N 175 47.11 -115.78 59.46
C LYS N 175 48.36 -116.50 59.02
N GLU N 176 48.77 -117.52 59.77
CA GLU N 176 50.05 -118.16 59.53
C GLU N 176 50.00 -119.02 58.29
N GLY N 177 50.94 -118.77 57.37
CA GLY N 177 51.07 -119.61 56.19
C GLY N 177 51.14 -118.84 54.89
N LYS N 178 50.33 -117.78 54.77
CA LYS N 178 50.27 -117.03 53.52
C LYS N 178 50.89 -115.64 53.65
N GLU N 179 50.64 -114.93 54.75
CA GLU N 179 51.21 -113.60 54.93
C GLU N 179 52.26 -113.56 56.02
N VAL N 180 52.35 -114.58 56.85
CA VAL N 180 53.36 -114.65 57.91
C VAL N 180 53.80 -116.11 58.05
N ARG N 181 55.10 -116.31 58.16
CA ARG N 181 55.70 -117.63 58.37
C ARG N 181 56.62 -117.51 59.57
N LYS N 182 56.11 -117.88 60.75
CA LYS N 182 56.80 -117.69 62.01
C LYS N 182 58.10 -118.48 62.10
N GLY N 183 59.21 -117.78 62.20
CA GLY N 183 60.53 -118.37 62.18
C GLY N 183 61.27 -118.20 60.87
N ILE N 184 60.62 -117.61 59.87
CA ILE N 184 61.22 -117.45 58.55
C ILE N 184 61.32 -115.98 58.15
N ASP N 185 60.25 -115.23 58.33
CA ASP N 185 60.18 -113.85 57.86
C ASP N 185 60.81 -112.90 58.88
N ARG N 186 60.58 -111.61 58.69
CA ARG N 186 61.27 -110.57 59.46
C ARG N 186 60.37 -109.35 59.57
N LEU N 187 60.27 -108.79 60.76
CA LEU N 187 59.57 -107.53 60.92
C LEU N 187 60.40 -106.39 60.34
N ASP N 188 59.74 -105.44 59.71
CA ASP N 188 60.46 -104.41 58.97
C ASP N 188 61.00 -103.34 59.90
N ARG N 189 62.09 -102.70 59.48
CA ARG N 189 62.72 -101.69 60.29
C ARG N 189 61.95 -100.37 60.31
N LYS N 190 61.01 -100.19 59.38
CA LYS N 190 60.09 -99.05 59.43
C LYS N 190 59.01 -99.39 60.44
N PHE N 191 59.31 -99.15 61.70
CA PHE N 191 58.41 -99.45 62.80
C PHE N 191 58.32 -98.22 63.68
N LYS N 192 57.11 -97.85 64.07
CA LYS N 192 56.91 -96.69 64.94
C LYS N 192 55.61 -96.88 65.70
N ILE N 193 55.36 -95.96 66.64
CA ILE N 193 54.18 -95.96 67.47
C ILE N 193 53.46 -94.64 67.26
N VAL N 194 52.20 -94.70 66.84
CA VAL N 194 51.46 -93.49 66.48
C VAL N 194 50.56 -93.03 67.62
N GLU N 195 50.16 -93.95 68.49
CA GLU N 195 49.25 -93.60 69.57
C GLU N 195 49.64 -94.40 70.81
N ALA N 196 49.33 -93.82 71.97
CA ALA N 196 49.61 -94.49 73.23
C ALA N 196 48.62 -93.96 74.25
N LYS N 197 47.95 -94.87 74.96
CA LYS N 197 46.97 -94.50 75.96
C LYS N 197 47.57 -94.72 77.33
N TRP N 198 47.86 -93.61 78.04
CA TRP N 198 48.34 -93.71 79.40
C TRP N 198 47.16 -93.86 80.35
N SER N 199 47.44 -94.05 81.63
CA SER N 199 46.37 -94.29 82.59
C SER N 199 45.59 -93.02 82.88
N ASP N 200 46.29 -91.95 83.28
CA ASP N 200 45.67 -90.65 83.50
C ASP N 200 45.85 -89.77 82.26
N SER N 201 45.31 -90.22 81.15
CA SER N 201 45.58 -89.60 79.87
C SER N 201 44.37 -88.80 79.39
N PHE N 202 44.51 -88.20 78.21
CA PHE N 202 43.44 -87.44 77.60
C PHE N 202 43.52 -87.57 76.09
N ASP N 203 42.37 -87.66 75.45
CA ASP N 203 42.29 -87.96 74.03
C ASP N 203 42.56 -86.75 73.14
N GLU N 204 42.15 -85.55 73.59
CA GLU N 204 42.25 -84.27 72.91
C GLU N 204 41.45 -84.20 71.61
N ARG N 205 40.60 -85.18 71.33
CA ARG N 205 39.58 -85.05 70.32
C ARG N 205 38.22 -85.52 70.84
N THR N 206 38.20 -86.37 71.86
CA THR N 206 37.04 -86.59 72.68
C THR N 206 37.43 -86.24 74.10
N SER N 207 36.45 -85.83 74.91
CA SER N 207 36.72 -85.46 76.29
C SER N 207 36.72 -86.72 77.15
N ALA N 208 37.79 -87.51 77.00
CA ALA N 208 37.91 -88.77 77.72
C ALA N 208 39.38 -89.14 77.80
N ALA N 209 39.66 -90.18 78.57
CA ALA N 209 41.02 -90.71 78.70
C ALA N 209 41.27 -91.69 77.56
N GLY N 210 41.49 -91.13 76.38
CA GLY N 210 41.72 -91.90 75.19
C GLY N 210 43.19 -91.99 74.82
N PHE N 211 43.44 -92.28 73.56
CA PHE N 211 44.80 -92.36 73.06
C PHE N 211 45.35 -90.98 72.76
N VAL N 212 46.66 -90.88 72.68
CA VAL N 212 47.33 -89.62 72.39
C VAL N 212 48.05 -89.77 71.07
N GLU N 213 47.62 -89.02 70.07
CA GLU N 213 48.34 -88.95 68.81
C GLU N 213 49.68 -88.26 69.05
N LEU N 214 50.76 -89.01 68.90
CA LEU N 214 52.08 -88.44 69.10
C LEU N 214 52.44 -87.54 67.93
N GLY N 215 52.08 -86.27 68.01
CA GLY N 215 52.32 -85.37 66.91
C GLY N 215 53.78 -84.95 66.85
N SER N 216 54.51 -85.52 65.89
CA SER N 216 55.94 -85.30 65.65
C SER N 216 56.81 -85.62 66.87
N ASN N 217 56.33 -86.50 67.76
CA ASN N 217 57.17 -87.07 68.80
C ASN N 217 56.90 -88.56 68.93
N VAL N 218 56.71 -89.21 67.77
CA VAL N 218 56.57 -90.65 67.74
C VAL N 218 57.89 -91.31 68.15
N VAL N 219 57.80 -92.47 68.75
CA VAL N 219 58.98 -93.27 68.95
C VAL N 219 59.17 -94.13 67.72
N LYS N 220 60.42 -94.36 67.34
CA LYS N 220 60.74 -95.04 66.10
C LYS N 220 61.90 -96.00 66.35
N LEU N 221 62.06 -96.94 65.43
CA LEU N 221 63.13 -97.94 65.54
C LEU N 221 64.46 -97.26 65.27
N GLN N 222 65.22 -97.03 66.33
CA GLN N 222 66.52 -96.39 66.24
C GLN N 222 67.59 -97.43 65.88
N ASP N 223 68.85 -97.08 66.05
CA ASP N 223 69.93 -98.02 65.84
C ASP N 223 69.89 -99.12 66.90
N ASN N 224 70.41 -100.30 66.52
CA ASN N 224 70.39 -101.53 67.30
C ASN N 224 68.95 -101.97 67.64
N ASP N 225 68.02 -101.58 66.78
CA ASP N 225 66.61 -102.01 66.80
C ASP N 225 65.92 -101.71 68.13
N THR N 226 66.07 -100.47 68.59
CA THR N 226 65.45 -100.05 69.82
C THR N 226 64.66 -98.77 69.59
N LEU N 227 63.82 -98.43 70.55
CA LEU N 227 62.97 -97.25 70.49
C LEU N 227 62.98 -96.56 71.84
N VAL N 228 63.42 -95.30 71.86
CA VAL N 228 63.36 -94.47 73.05
C VAL N 228 62.58 -93.21 72.73
N GLY N 229 61.93 -92.66 73.74
CA GLY N 229 61.20 -91.43 73.55
C GLY N 229 60.62 -90.85 74.82
N GLN N 230 60.84 -89.56 75.04
CA GLN N 230 60.27 -88.84 76.17
C GLN N 230 59.01 -88.14 75.69
N ILE N 231 57.85 -88.59 76.18
CA ILE N 231 56.56 -88.17 75.66
C ILE N 231 55.84 -87.33 76.70
N LYS N 232 55.26 -86.22 76.26
CA LYS N 232 54.54 -85.29 77.13
C LYS N 232 53.06 -85.42 76.82
N TYR N 233 52.39 -86.32 77.54
CA TYR N 233 50.98 -86.45 77.20
C TYR N 233 50.11 -85.59 78.12
N PRO N 234 49.08 -84.95 77.60
CA PRO N 234 48.18 -84.18 78.45
C PRO N 234 47.29 -85.09 79.28
N THR N 235 46.75 -84.52 80.35
CA THR N 235 45.90 -85.24 81.28
C THR N 235 44.47 -84.73 81.29
N ASN N 236 44.27 -83.42 81.34
CA ASN N 236 42.95 -82.82 81.26
C ASN N 236 42.82 -82.01 79.98
N GLY N 237 41.58 -81.76 79.59
CA GLY N 237 41.32 -80.81 78.52
C GLY N 237 41.61 -79.40 78.97
N ASP N 238 40.80 -78.87 79.87
CA ASP N 238 41.11 -77.59 80.50
C ASP N 238 41.73 -77.80 81.88
N GLY N 239 42.77 -78.60 81.94
CA GLY N 239 43.67 -78.49 83.06
C GLY N 239 45.04 -78.30 82.47
N GLU N 240 45.21 -78.90 81.28
CA GLU N 240 46.45 -79.02 80.51
C GLU N 240 47.64 -79.32 81.43
N VAL N 241 47.59 -80.51 82.01
CA VAL N 241 48.46 -80.85 83.13
C VAL N 241 49.80 -81.32 82.59
N GLU N 242 49.76 -82.14 81.54
CA GLU N 242 50.92 -82.75 80.88
C GLU N 242 51.83 -83.49 81.86
N THR N 243 51.31 -84.60 82.36
CA THR N 243 52.17 -85.59 82.99
C THR N 243 53.17 -86.10 81.98
N ASP N 244 54.45 -86.09 82.34
CA ASP N 244 55.50 -86.54 81.44
C ASP N 244 55.94 -87.94 81.79
N THR N 245 56.47 -88.64 80.80
CA THR N 245 56.91 -90.02 80.94
C THR N 245 57.88 -90.35 79.83
N ILE N 246 58.37 -91.60 79.84
CA ILE N 246 59.36 -92.05 78.88
C ILE N 246 58.98 -93.46 78.43
N LEU N 247 59.52 -93.86 77.28
CA LEU N 247 59.20 -95.15 76.67
C LEU N 247 60.49 -95.82 76.22
N GLY N 248 61.09 -96.60 77.12
CA GLY N 248 62.26 -97.38 76.77
C GLY N 248 61.84 -98.77 76.34
N LYS N 249 62.23 -99.13 75.12
CA LYS N 249 61.84 -100.43 74.57
C LYS N 249 62.79 -100.84 73.46
N VAL N 250 62.87 -102.15 73.24
CA VAL N 250 63.69 -102.75 72.20
C VAL N 250 62.85 -103.77 71.45
N ASP N 251 63.01 -103.82 70.14
CA ASP N 251 62.38 -104.85 69.32
C ASP N 251 63.46 -105.74 68.72
N VAL N 252 63.07 -106.95 68.36
CA VAL N 252 63.96 -107.86 67.64
C VAL N 252 63.30 -108.19 66.31
N SER N 253 64.02 -107.91 65.22
CA SER N 253 63.44 -108.10 63.90
C SER N 253 63.41 -109.57 63.52
N SER N 254 64.44 -110.32 63.90
CA SER N 254 64.44 -111.76 63.65
C SER N 254 63.42 -112.46 64.52
N GLY N 255 63.51 -112.24 65.84
CA GLY N 255 62.72 -112.88 66.86
C GLY N 255 61.31 -112.38 67.05
N GLU N 256 60.87 -111.42 66.22
CA GLU N 256 59.49 -110.90 66.11
C GLU N 256 58.84 -110.51 67.46
N LEU N 257 59.65 -110.11 68.44
CA LEU N 257 59.16 -109.91 69.79
C LEU N 257 59.37 -108.48 70.22
N THR N 258 58.41 -107.93 70.96
CA THR N 258 58.55 -106.60 71.53
C THR N 258 58.72 -106.68 73.04
N LEU N 259 59.40 -105.67 73.58
CA LEU N 259 59.65 -105.60 75.02
C LEU N 259 59.54 -104.12 75.42
N THR N 260 58.35 -103.72 75.85
CA THR N 260 58.13 -102.33 76.21
C THR N 260 58.34 -102.10 77.70
N SER N 261 58.61 -100.85 78.05
CA SER N 261 58.73 -100.43 79.44
C SER N 261 58.43 -98.95 79.52
N ALA N 262 57.62 -98.57 80.49
CA ALA N 262 57.39 -97.18 80.83
C ALA N 262 57.92 -96.91 82.23
N SER N 263 58.31 -95.66 82.48
CA SER N 263 58.78 -95.28 83.80
C SER N 263 57.64 -95.25 84.82
N GLY N 264 56.45 -94.86 84.39
CA GLY N 264 55.33 -94.80 85.30
C GLY N 264 54.27 -95.84 85.00
N LYS N 265 53.19 -95.43 84.35
CA LYS N 265 52.04 -96.30 84.14
C LYS N 265 51.44 -96.00 82.77
N LEU N 266 51.01 -97.06 82.07
CA LEU N 266 50.18 -96.91 80.90
C LEU N 266 49.36 -98.18 80.73
N THR N 267 48.35 -98.10 79.87
CA THR N 267 47.45 -99.21 79.61
C THR N 267 47.54 -99.75 78.20
N ASP N 268 47.31 -98.91 77.18
CA ASP N 268 47.28 -99.38 75.81
C ASP N 268 48.33 -98.63 75.01
N VAL N 269 48.65 -99.18 73.83
CA VAL N 269 49.57 -98.55 72.90
C VAL N 269 49.25 -99.10 71.51
N LYS N 270 49.47 -98.27 70.49
CA LYS N 270 49.12 -98.61 69.12
C LYS N 270 50.33 -98.39 68.22
N VAL N 271 50.69 -99.42 67.47
CA VAL N 271 51.90 -99.41 66.67
C VAL N 271 51.53 -99.35 65.20
N LYS N 272 52.54 -99.15 64.36
CA LYS N 272 52.39 -99.17 62.91
C LYS N 272 53.63 -99.83 62.32
N GLY N 273 53.56 -101.14 62.11
CA GLY N 273 54.69 -101.88 61.59
C GLY N 273 54.26 -102.86 60.51
N TYR N 274 55.21 -103.21 59.67
CA TYR N 274 54.98 -104.09 58.54
C TYR N 274 55.89 -105.30 58.62
N VAL N 275 55.52 -106.34 57.87
CA VAL N 275 56.34 -107.53 57.74
C VAL N 275 57.19 -107.36 56.48
N ALA N 276 58.51 -107.40 56.65
CA ALA N 276 59.42 -107.09 55.55
C ALA N 276 59.48 -108.23 54.56
N SER N 277 59.20 -107.93 53.29
CA SER N 277 59.26 -108.91 52.22
C SER N 277 60.62 -108.88 51.53
N GLU N 278 61.70 -108.95 52.31
CA GLU N 278 63.00 -109.19 51.71
C GLU N 278 63.10 -110.62 51.24
N GLN N 279 62.58 -111.55 52.04
CA GLN N 279 62.25 -112.89 51.55
C GLN N 279 60.80 -112.87 51.04
N HIS N 280 60.56 -113.64 49.99
CA HIS N 280 59.30 -113.57 49.26
C HIS N 280 58.24 -114.39 49.99
N THR N 281 57.26 -113.72 50.58
CA THR N 281 56.15 -114.44 51.20
C THR N 281 54.79 -114.08 50.60
N SER N 282 54.41 -112.80 50.58
CA SER N 282 53.01 -112.44 50.39
C SER N 282 52.82 -111.24 49.47
N ALA N 283 53.49 -111.22 48.32
CA ALA N 283 53.29 -110.09 47.43
C ALA N 283 51.95 -110.22 46.69
N THR N 284 51.56 -109.14 46.01
CA THR N 284 50.19 -108.93 45.57
C THR N 284 50.07 -109.09 44.06
N ASN N 285 49.60 -110.26 43.62
CA ASN N 285 49.61 -110.63 42.21
C ASN N 285 48.63 -109.83 41.38
N VAL N 286 48.94 -109.70 40.08
CA VAL N 286 48.07 -109.05 39.11
C VAL N 286 47.66 -110.08 38.06
N GLU N 287 46.63 -109.74 37.29
CA GLU N 287 46.00 -110.68 36.37
C GLU N 287 45.59 -109.94 35.10
N LEU N 288 44.77 -110.61 34.28
CA LEU N 288 44.19 -110.04 33.07
C LEU N 288 42.77 -110.57 32.93
N GLY N 289 41.85 -109.68 32.60
CA GLY N 289 40.42 -109.99 32.68
C GLY N 289 39.57 -109.66 31.49
N LEU N 290 40.06 -109.95 30.28
CA LEU N 290 39.43 -109.47 29.05
C LEU N 290 38.02 -110.01 28.85
N THR N 291 37.10 -109.10 28.53
CA THR N 291 35.74 -109.42 28.13
C THR N 291 35.43 -108.65 26.85
N ARG N 292 34.35 -109.04 26.19
CA ARG N 292 33.99 -108.44 24.91
C ARG N 292 32.64 -107.76 24.99
N LYS N 293 32.41 -106.82 24.08
CA LYS N 293 31.16 -106.10 23.98
C LYS N 293 30.68 -106.15 22.54
N ASP N 294 29.39 -106.45 22.35
CA ASP N 294 28.83 -106.76 21.05
C ASP N 294 28.11 -105.57 20.44
N VAL N 295 28.20 -105.44 19.12
CA VAL N 295 27.55 -104.38 18.37
C VAL N 295 26.61 -105.05 17.37
N VAL N 296 25.32 -105.03 17.66
CA VAL N 296 24.31 -105.61 16.78
C VAL N 296 23.66 -104.50 15.98
N ILE N 297 23.43 -104.74 14.69
CA ILE N 297 22.77 -103.80 13.81
C ILE N 297 21.41 -104.39 13.46
N ASP N 298 20.35 -103.77 13.95
CA ASP N 298 19.01 -104.29 13.77
C ASP N 298 18.48 -103.94 12.38
N THR N 299 17.23 -104.34 12.14
CA THR N 299 16.51 -103.88 10.97
C THR N 299 15.81 -102.56 11.30
N ALA N 300 15.86 -101.63 10.37
CA ALA N 300 15.30 -100.31 10.58
C ALA N 300 14.01 -100.16 9.78
N GLN N 301 13.30 -99.07 10.05
CA GLN N 301 12.03 -98.81 9.39
C GLN N 301 12.25 -98.37 7.96
N HIS N 302 11.46 -98.92 7.05
CA HIS N 302 11.54 -98.64 5.63
C HIS N 302 10.41 -97.70 5.25
N ILE N 303 10.73 -96.75 4.37
CA ILE N 303 9.76 -95.77 3.90
C ILE N 303 9.58 -95.95 2.41
N GLU N 304 8.41 -95.56 1.92
CA GLU N 304 8.00 -95.96 0.59
C GLU N 304 6.90 -95.04 0.12
N ALA N 305 6.58 -95.13 -1.17
CA ALA N 305 5.51 -94.32 -1.74
C ALA N 305 4.90 -95.05 -2.93
N THR N 306 3.57 -95.12 -2.95
CA THR N 306 2.86 -95.71 -4.07
C THR N 306 2.88 -94.75 -5.24
N VAL N 307 3.26 -95.23 -6.41
CA VAL N 307 3.31 -94.43 -7.61
C VAL N 307 2.37 -94.95 -8.68
N PRO N 308 1.11 -94.50 -8.71
CA PRO N 308 0.21 -94.87 -9.80
C PRO N 308 0.61 -94.19 -11.10
N LEU N 309 0.29 -94.86 -12.21
CA LEU N 309 0.62 -94.31 -13.52
C LEU N 309 -0.24 -93.10 -13.86
N GLU N 310 -1.41 -92.97 -13.23
CA GLU N 310 -2.33 -91.89 -13.53
C GLU N 310 -2.12 -90.67 -12.65
N VAL N 311 -1.12 -90.72 -11.77
CA VAL N 311 -0.70 -89.55 -11.03
C VAL N 311 0.56 -88.94 -11.63
N ILE N 312 1.49 -89.77 -12.10
CA ILE N 312 2.70 -89.25 -12.70
C ILE N 312 2.39 -88.67 -14.08
N GLN N 313 1.32 -89.14 -14.72
CA GLN N 313 0.98 -88.66 -16.05
C GLN N 313 0.43 -87.24 -16.05
N ASP N 314 -0.47 -86.90 -15.11
CA ASP N 314 -1.04 -85.57 -15.11
C ASP N 314 -0.28 -84.57 -14.24
N MET N 315 0.53 -85.03 -13.29
CA MET N 315 1.38 -84.10 -12.56
C MET N 315 2.52 -83.59 -13.43
N LYS N 316 3.05 -84.44 -14.30
CA LYS N 316 4.02 -83.98 -15.28
C LYS N 316 3.37 -83.11 -16.35
N ALA N 317 2.08 -83.33 -16.61
CA ALA N 317 1.39 -82.54 -17.62
C ALA N 317 0.98 -81.18 -17.08
N THR N 318 0.32 -81.15 -15.92
CA THR N 318 -0.24 -79.91 -15.42
C THR N 318 0.84 -78.99 -14.86
N TYR N 319 1.61 -79.47 -13.88
CA TYR N 319 2.54 -78.62 -13.15
C TYR N 319 3.99 -78.88 -13.49
N ASP N 320 4.28 -79.86 -14.36
CA ASP N 320 5.64 -80.35 -14.65
C ASP N 320 6.37 -80.77 -13.37
N ILE N 321 5.74 -81.64 -12.61
CA ILE N 321 6.33 -82.27 -11.44
C ILE N 321 6.29 -83.76 -11.70
N ASP N 322 7.44 -84.38 -11.96
CA ASP N 322 7.46 -85.83 -12.11
C ASP N 322 7.28 -86.46 -10.73
N GLY N 323 6.41 -87.45 -10.65
CA GLY N 323 6.08 -88.02 -9.36
C GLY N 323 7.03 -89.12 -8.90
N VAL N 324 8.13 -89.29 -9.61
CA VAL N 324 9.12 -90.29 -9.27
C VAL N 324 10.32 -89.66 -8.60
N ALA N 325 10.95 -88.68 -9.24
CA ALA N 325 12.15 -88.07 -8.70
C ALA N 325 11.87 -86.98 -7.69
N ARG N 326 10.73 -86.30 -7.79
CA ARG N 326 10.31 -85.34 -6.77
C ARG N 326 9.64 -85.99 -5.59
N LEU N 327 9.51 -87.31 -5.60
CA LEU N 327 8.97 -88.05 -4.48
C LEU N 327 10.01 -88.94 -3.81
N SER N 328 11.02 -89.40 -4.54
CA SER N 328 12.12 -90.11 -3.90
C SER N 328 13.04 -89.17 -3.16
N GLU N 329 13.14 -87.91 -3.58
CA GLU N 329 14.03 -86.98 -2.90
C GLU N 329 13.44 -86.53 -1.57
N THR N 330 12.10 -86.44 -1.48
CA THR N 330 11.50 -86.21 -0.18
C THR N 330 11.52 -87.47 0.65
N MET N 331 11.53 -88.63 -0.02
CA MET N 331 11.73 -89.88 0.68
C MET N 331 13.18 -89.99 1.17
N SER N 332 14.14 -89.59 0.33
CA SER N 332 15.54 -89.58 0.73
C SER N 332 15.85 -88.56 1.81
N GLN N 333 15.03 -87.53 1.98
CA GLN N 333 15.25 -86.55 3.04
C GLN N 333 14.53 -86.90 4.32
N LEU N 334 13.47 -87.71 4.26
CA LEU N 334 12.91 -88.23 5.49
C LEU N 334 13.81 -89.29 6.10
N SER N 335 14.48 -90.09 5.26
CA SER N 335 15.41 -91.09 5.77
C SER N 335 16.65 -90.44 6.35
N SER N 336 17.22 -89.45 5.65
CA SER N 336 18.47 -88.86 6.08
C SER N 336 18.30 -87.97 7.31
N GLN N 337 17.11 -87.44 7.53
CA GLN N 337 16.84 -86.72 8.78
C GLN N 337 16.50 -87.66 9.91
N LYS N 338 15.96 -88.84 9.60
CA LYS N 338 15.65 -89.82 10.63
C LYS N 338 16.93 -90.38 11.27
N VAL N 339 18.02 -90.46 10.52
CA VAL N 339 19.27 -90.92 11.11
C VAL N 339 19.88 -89.83 11.98
N ASP N 340 19.53 -88.56 11.76
CA ASP N 340 19.97 -87.49 12.64
C ASP N 340 19.04 -87.25 13.81
N LEU N 341 17.76 -87.58 13.66
CA LEU N 341 16.81 -87.46 14.75
C LEU N 341 16.87 -88.65 15.68
N ASP N 342 17.63 -89.69 15.31
CA ASP N 342 17.87 -90.82 16.18
C ASP N 342 19.11 -90.64 17.04
N ILE N 343 20.11 -89.87 16.56
CA ILE N 343 21.30 -89.60 17.35
C ILE N 343 20.94 -88.78 18.58
N ILE N 344 20.15 -87.72 18.39
CA ILE N 344 19.74 -86.89 19.51
C ILE N 344 18.77 -87.66 20.41
N GLU N 345 17.99 -88.56 19.82
CA GLU N 345 17.21 -89.52 20.61
C GLU N 345 18.12 -90.46 21.38
N PHE N 346 19.23 -90.86 20.78
CA PHE N 346 20.14 -91.79 21.44
C PHE N 346 20.84 -91.13 22.63
N LEU N 347 21.42 -89.95 22.43
CA LEU N 347 22.18 -89.28 23.47
C LEU N 347 21.31 -88.85 24.64
N ASP N 348 20.03 -88.54 24.40
CA ASP N 348 19.13 -88.21 25.51
C ASP N 348 18.85 -89.43 26.36
N HIS N 349 18.70 -90.60 25.74
CA HIS N 349 18.57 -91.82 26.51
C HIS N 349 19.90 -92.22 27.12
N GLU N 350 20.99 -91.99 26.41
CA GLU N 350 22.32 -92.36 26.88
C GLU N 350 22.82 -91.45 27.99
N TYR N 351 22.33 -90.21 28.06
CA TYR N 351 22.70 -89.37 29.19
C TYR N 351 21.85 -89.68 30.42
N LYS N 352 20.60 -90.07 30.23
CA LYS N 352 19.71 -90.32 31.35
C LYS N 352 20.08 -91.58 32.12
N GLU N 353 20.80 -92.51 31.50
CA GLU N 353 21.22 -93.70 32.23
C GLU N 353 22.44 -93.45 33.10
N THR N 354 23.17 -92.35 32.89
CA THR N 354 24.27 -91.98 33.77
C THR N 354 23.82 -91.27 35.03
N ASP N 355 22.50 -91.00 35.15
CA ASP N 355 21.86 -90.38 36.31
C ASP N 355 22.44 -88.99 36.61
N ALA N 356 22.54 -88.19 35.53
CA ALA N 356 22.85 -86.76 35.59
C ALA N 356 24.21 -86.50 36.24
N LYS N 357 25.23 -87.18 35.75
CA LYS N 357 26.56 -87.04 36.31
C LYS N 357 27.18 -85.69 35.98
N TYR N 358 26.73 -85.03 34.93
CA TYR N 358 27.23 -83.71 34.55
C TYR N 358 26.02 -82.87 34.16
N HIS N 359 25.43 -82.20 35.14
CA HIS N 359 24.28 -81.34 34.88
C HIS N 359 24.63 -79.92 35.29
N PHE N 360 25.81 -79.46 34.86
CA PHE N 360 26.27 -78.11 35.19
C PHE N 360 25.45 -77.10 34.42
N SER N 361 24.52 -76.43 35.10
CA SER N 361 23.56 -75.54 34.47
C SER N 361 24.09 -74.12 34.43
N PHE N 362 23.77 -73.41 33.35
CA PHE N 362 24.08 -72.00 33.17
C PHE N 362 22.78 -71.21 33.11
N ASP N 363 22.84 -69.96 33.53
CA ASP N 363 21.68 -69.08 33.47
C ASP N 363 22.02 -67.86 32.63
N VAL N 364 21.18 -67.60 31.63
CA VAL N 364 21.31 -66.39 30.82
C VAL N 364 20.84 -65.17 31.57
N PHE N 365 19.78 -65.31 32.35
CA PHE N 365 19.29 -64.25 33.21
C PHE N 365 20.33 -64.02 34.29
N PRO N 366 20.98 -62.85 34.33
CA PRO N 366 22.08 -62.67 35.27
C PRO N 366 21.57 -62.51 36.68
N HIS N 367 22.53 -62.34 37.57
CA HIS N 367 22.30 -62.37 38.99
C HIS N 367 21.75 -61.02 39.45
N SER N 368 21.05 -61.04 40.59
CA SER N 368 20.47 -59.80 41.10
C SER N 368 21.55 -58.85 41.59
N ASP N 369 22.59 -59.36 42.21
CA ASP N 369 23.78 -58.57 42.46
C ASP N 369 24.84 -58.84 41.39
N TYR N 370 24.47 -58.67 40.12
CA TYR N 370 25.45 -58.71 39.05
C TYR N 370 25.78 -57.31 38.54
N SER N 371 24.76 -56.53 38.20
CA SER N 371 24.85 -55.07 38.02
C SER N 371 25.85 -54.68 36.92
N ALA N 372 25.80 -55.40 35.81
CA ALA N 372 26.58 -55.04 34.65
C ALA N 372 25.80 -55.46 33.41
N HIS N 373 26.48 -55.48 32.27
CA HIS N 373 25.81 -55.80 31.02
C HIS N 373 25.49 -57.29 30.94
N PRO N 374 24.25 -57.66 30.62
CA PRO N 374 23.97 -59.10 30.42
C PRO N 374 24.61 -59.67 29.16
N LYS N 375 25.04 -58.83 28.23
CA LYS N 375 25.82 -59.33 27.10
C LYS N 375 27.20 -59.81 27.55
N ASP N 376 27.76 -59.20 28.58
CA ASP N 376 29.03 -59.65 29.12
C ASP N 376 28.88 -60.67 30.23
N TRP N 377 27.65 -61.03 30.59
CA TRP N 377 27.40 -62.16 31.48
C TRP N 377 27.53 -63.48 30.74
N LEU N 378 27.48 -63.46 29.41
CA LEU N 378 27.51 -64.66 28.60
C LEU N 378 28.93 -65.18 28.34
N GLU N 379 29.96 -64.51 28.84
CA GLU N 379 31.27 -65.16 28.90
C GLU N 379 31.36 -66.14 30.05
N GLY N 380 30.39 -66.16 30.94
CA GLY N 380 30.35 -67.17 31.97
C GLY N 380 29.98 -68.55 31.43
N LEU N 381 29.34 -68.59 30.26
CA LEU N 381 29.04 -69.87 29.63
C LEU N 381 30.31 -70.56 29.16
N ARG N 382 31.36 -69.79 28.83
CA ARG N 382 32.63 -70.38 28.45
C ARG N 382 33.38 -70.97 29.64
N GLU N 383 32.90 -70.77 30.87
CA GLU N 383 33.55 -71.32 32.05
C GLU N 383 32.81 -72.54 32.57
N VAL N 384 31.52 -72.67 32.29
CA VAL N 384 30.78 -73.87 32.67
C VAL N 384 31.11 -74.96 31.67
N ILE N 385 31.46 -74.57 30.45
CA ILE N 385 31.91 -75.54 29.46
C ILE N 385 33.28 -76.07 29.82
N ASP N 386 34.19 -75.18 30.22
CA ASP N 386 35.53 -75.60 30.58
C ASP N 386 35.56 -76.35 31.90
N HIS N 387 34.59 -76.10 32.77
CA HIS N 387 34.47 -76.90 33.98
C HIS N 387 33.86 -78.26 33.69
N THR N 388 32.94 -78.34 32.73
CA THR N 388 32.39 -79.62 32.33
C THR N 388 33.42 -80.45 31.58
N THR N 389 34.26 -79.79 30.79
CA THR N 389 35.31 -80.48 30.05
C THR N 389 36.37 -81.04 30.99
N GLN N 390 36.84 -80.22 31.93
CA GLN N 390 37.89 -80.66 32.83
C GLN N 390 37.40 -81.67 33.86
N SER N 391 36.12 -81.62 34.22
CA SER N 391 35.57 -82.65 35.09
C SER N 391 35.43 -83.99 34.40
N MET N 392 35.39 -84.02 33.07
CA MET N 392 35.34 -85.26 32.33
C MET N 392 36.72 -85.76 31.89
N LYS N 393 37.74 -84.91 31.96
CA LYS N 393 39.11 -85.36 31.82
C LYS N 393 39.73 -85.77 33.15
N ASN N 394 38.91 -85.99 34.17
CA ASN N 394 39.38 -86.41 35.48
C ASN N 394 38.82 -87.77 35.88
N ASP N 395 37.53 -87.98 35.71
CA ASP N 395 36.93 -89.26 36.06
C ASP N 395 37.23 -90.33 35.02
N TYR N 396 37.63 -89.94 33.82
CA TYR N 396 37.95 -90.91 32.78
C TYR N 396 39.38 -90.82 32.32
N LYS N 397 40.20 -89.94 32.92
CA LYS N 397 41.65 -89.85 32.76
C LYS N 397 42.08 -89.57 31.32
N LEU N 398 41.20 -88.94 30.55
CA LEU N 398 41.46 -88.66 29.15
C LEU N 398 42.38 -87.47 28.99
N TYR N 399 43.18 -87.49 27.93
CA TYR N 399 44.11 -86.40 27.68
C TYR N 399 44.23 -86.00 26.22
N ASP N 400 43.50 -86.62 25.29
CA ASP N 400 43.68 -86.34 23.87
C ASP N 400 42.34 -86.22 23.17
N VAL N 401 41.46 -85.40 23.72
CA VAL N 401 40.05 -85.42 23.36
C VAL N 401 39.76 -84.32 22.35
N GLN N 402 38.67 -84.48 21.62
CA GLN N 402 38.12 -83.49 20.69
C GLN N 402 36.67 -83.21 21.07
N PHE N 403 36.48 -82.74 22.31
CA PHE N 403 35.18 -82.39 22.88
C PHE N 403 34.34 -81.54 21.94
N VAL N 404 33.23 -82.10 21.46
CA VAL N 404 32.35 -81.40 20.55
C VAL N 404 31.15 -80.89 21.34
N ILE N 405 30.62 -79.76 20.92
CA ILE N 405 29.47 -79.15 21.57
C ILE N 405 28.35 -79.09 20.54
N VAL N 406 27.42 -80.02 20.61
CA VAL N 406 26.23 -79.98 19.79
C VAL N 406 25.14 -79.28 20.59
N GLY N 407 24.30 -78.52 19.90
CA GLY N 407 23.26 -77.77 20.60
C GLY N 407 22.54 -76.87 19.63
N ASN N 408 21.45 -76.29 20.14
CA ASN N 408 20.62 -75.42 19.33
C ASN N 408 21.37 -74.13 19.01
N PRO N 409 21.28 -73.65 17.77
CA PRO N 409 21.98 -72.40 17.42
C PRO N 409 21.43 -71.17 18.11
N LEU N 410 20.25 -71.25 18.73
CA LEU N 410 19.83 -70.18 19.64
C LEU N 410 20.66 -70.18 20.91
N ASP N 411 21.27 -71.32 21.26
CA ASP N 411 22.15 -71.42 22.41
C ASP N 411 23.63 -71.46 22.03
N VAL N 412 23.97 -71.88 20.82
CA VAL N 412 25.34 -71.77 20.34
C VAL N 412 25.73 -70.31 20.16
N ARG N 413 24.76 -69.44 19.85
CA ARG N 413 25.00 -68.02 19.65
C ARG N 413 25.55 -67.32 20.88
N LEU N 414 25.29 -67.85 22.07
CA LEU N 414 25.82 -67.26 23.30
C LEU N 414 27.32 -67.47 23.46
N ILE N 415 27.91 -68.43 22.75
CA ILE N 415 29.32 -68.76 22.93
C ILE N 415 30.26 -67.72 22.30
N PRO N 416 30.15 -67.30 21.03
CA PRO N 416 31.15 -66.34 20.54
C PRO N 416 30.91 -64.92 21.02
N ASN N 417 29.64 -64.52 21.24
CA ASN N 417 29.25 -63.18 21.68
C ASN N 417 29.81 -62.10 20.77
N VAL N 418 29.60 -62.26 19.47
CA VAL N 418 30.22 -61.40 18.49
C VAL N 418 29.50 -60.05 18.47
N SER N 419 30.25 -58.98 18.28
CA SER N 419 29.69 -57.65 18.14
C SER N 419 29.34 -57.39 16.68
N TRP N 420 28.45 -56.43 16.47
CA TRP N 420 28.03 -56.10 15.13
C TRP N 420 29.08 -55.23 14.44
N THR N 421 29.05 -55.23 13.12
CA THR N 421 29.81 -54.28 12.34
C THR N 421 28.88 -53.64 11.33
N PHE N 422 29.21 -52.42 10.93
CA PHE N 422 28.29 -51.58 10.18
C PHE N 422 28.95 -51.07 8.91
N ASN N 423 28.16 -50.99 7.85
CA ASN N 423 28.60 -50.41 6.59
C ASN N 423 27.43 -49.66 5.98
N GLY N 424 27.71 -48.94 4.90
CA GLY N 424 26.66 -48.26 4.17
C GLY N 424 25.74 -49.23 3.47
N GLY N 425 24.51 -49.37 3.98
CA GLY N 425 23.57 -50.33 3.43
C GLY N 425 23.04 -49.94 2.07
N ASP N 426 23.49 -50.63 1.03
CA ASP N 426 23.05 -50.38 -0.32
C ASP N 426 21.99 -51.40 -0.73
N ARG N 427 21.11 -50.99 -1.64
CA ARG N 427 20.03 -51.86 -2.09
C ARG N 427 20.57 -53.00 -2.95
N ASN N 428 21.48 -52.69 -3.87
CA ASN N 428 21.99 -53.67 -4.81
C ASN N 428 23.30 -54.30 -4.37
N ALA N 429 23.79 -53.98 -3.18
CA ALA N 429 25.02 -54.57 -2.65
C ALA N 429 24.75 -55.36 -1.37
N ASP N 430 23.63 -56.08 -1.33
CA ASP N 430 23.31 -56.90 -0.18
C ASP N 430 23.98 -58.26 -0.27
N ALA N 431 24.33 -58.81 0.87
CA ALA N 431 24.96 -60.12 0.98
C ALA N 431 23.98 -61.06 1.66
N TYR N 432 23.38 -61.96 0.89
CA TYR N 432 22.34 -62.86 1.39
C TYR N 432 22.99 -63.93 2.25
N SER N 433 23.33 -63.54 3.47
CA SER N 433 24.06 -64.35 4.46
C SER N 433 25.35 -64.91 3.89
N ASN N 434 26.13 -64.02 3.27
CA ASN N 434 27.41 -64.36 2.68
C ASN N 434 28.49 -64.10 3.73
N GLY N 435 28.82 -65.13 4.50
CA GLY N 435 29.82 -64.99 5.55
C GLY N 435 29.23 -65.26 6.91
N ILE N 436 28.11 -65.96 6.95
CA ILE N 436 27.42 -66.30 8.19
C ILE N 436 27.53 -67.80 8.37
N LYS N 437 28.51 -68.24 9.15
CA LYS N 437 28.66 -69.65 9.44
C LYS N 437 29.00 -69.95 10.89
N ILE N 438 29.36 -68.95 11.70
CA ILE N 438 29.85 -69.22 13.04
C ILE N 438 28.75 -69.58 14.02
N ASN N 439 27.49 -69.42 13.65
CA ASN N 439 26.40 -69.82 14.51
C ASN N 439 26.04 -71.30 14.35
N TYR N 440 26.64 -71.97 13.37
CA TYR N 440 26.37 -73.38 13.10
C TYR N 440 27.61 -74.25 13.19
N SER N 441 28.73 -73.81 12.63
CA SER N 441 29.98 -74.55 12.72
C SER N 441 31.04 -73.62 13.26
N LEU N 442 31.74 -74.05 14.31
CA LEU N 442 32.67 -73.19 15.00
C LEU N 442 33.66 -74.06 15.77
N GLY N 443 34.92 -73.64 15.76
CA GLY N 443 35.95 -74.34 16.50
C GLY N 443 36.62 -73.45 17.52
N ALA N 444 36.60 -73.86 18.78
CA ALA N 444 37.15 -73.07 19.87
C ALA N 444 38.36 -73.78 20.45
N ALA N 445 39.41 -73.03 20.71
CA ALA N 445 40.61 -73.55 21.35
C ALA N 445 40.73 -72.86 22.71
N SER N 446 40.20 -73.51 23.74
CA SER N 446 40.21 -72.93 25.07
C SER N 446 41.48 -73.34 25.80
N GLY N 447 41.53 -73.08 27.11
CA GLY N 447 42.69 -73.46 27.90
C GLY N 447 42.68 -74.89 28.38
N THR N 448 41.51 -75.53 28.42
CA THR N 448 41.41 -76.90 28.89
C THR N 448 41.37 -77.92 27.78
N ALA N 449 40.72 -77.62 26.66
CA ALA N 449 40.67 -78.50 25.52
C ALA N 449 40.32 -77.70 24.28
N ASN N 450 40.55 -78.31 23.12
CA ASN N 450 40.02 -77.77 21.89
C ASN N 450 38.55 -78.18 21.75
N TYR N 451 37.85 -77.51 20.86
CA TYR N 451 36.42 -77.76 20.69
C TYR N 451 36.06 -77.82 19.22
N ARG N 452 34.84 -78.29 18.98
CA ARG N 452 34.24 -78.30 17.65
C ARG N 452 32.74 -78.16 17.86
N ILE N 453 32.24 -76.92 17.81
CA ILE N 453 30.86 -76.65 18.20
C ILE N 453 29.97 -76.83 16.97
N ILE N 454 28.95 -77.67 17.13
CA ILE N 454 28.03 -78.01 16.05
C ILE N 454 26.69 -77.38 16.35
N GLY N 455 26.19 -76.55 15.44
CA GLY N 455 24.89 -75.94 15.61
C GLY N 455 23.85 -76.56 14.70
N SER N 456 22.96 -77.37 15.27
CA SER N 456 21.87 -77.98 14.54
C SER N 456 20.57 -77.62 15.24
N ASP N 457 19.58 -77.21 14.46
CA ASP N 457 18.32 -76.73 15.01
C ASP N 457 17.34 -77.85 15.31
N LEU N 458 17.74 -79.11 15.12
CA LEU N 458 16.86 -80.23 15.40
C LEU N 458 16.80 -80.57 16.88
N VAL N 459 17.87 -80.29 17.62
CA VAL N 459 17.83 -80.50 19.06
C VAL N 459 17.00 -79.38 19.70
N ARG N 460 16.30 -79.75 20.78
CA ARG N 460 15.44 -78.81 21.48
C ARG N 460 16.27 -77.70 22.12
N GLN N 461 15.83 -76.46 21.93
CA GLN N 461 16.50 -75.32 22.53
C GLN N 461 16.31 -75.31 24.04
N GLY N 462 17.35 -74.92 24.74
CA GLY N 462 17.36 -74.92 26.19
C GLY N 462 18.39 -75.83 26.80
N GLU N 463 19.41 -76.24 26.03
CA GLU N 463 20.37 -77.22 26.48
C GLU N 463 21.66 -77.09 25.69
N LEU N 464 22.70 -77.74 26.17
CA LEU N 464 23.90 -78.02 25.40
C LEU N 464 24.32 -79.45 25.67
N THR N 465 25.23 -79.96 24.84
CA THR N 465 25.69 -81.33 24.98
C THR N 465 27.15 -81.42 24.59
N ILE N 466 27.98 -81.89 25.52
CA ILE N 466 29.41 -82.06 25.29
C ILE N 466 29.69 -83.55 25.18
N ILE N 467 30.42 -83.93 24.14
CA ILE N 467 30.68 -85.32 23.81
C ILE N 467 32.18 -85.50 23.62
N ALA N 468 32.75 -86.49 24.29
CA ALA N 468 34.17 -86.78 24.18
C ALA N 468 34.47 -87.64 22.96
N ILE N 469 35.51 -87.26 22.24
CA ILE N 469 36.04 -88.07 21.14
C ILE N 469 37.54 -88.24 21.33
N PRO N 470 38.03 -89.44 21.61
CA PRO N 470 39.46 -89.63 21.77
C PRO N 470 40.17 -89.66 20.42
N GLN N 471 41.49 -89.55 20.47
CA GLN N 471 42.27 -89.56 19.24
C GLN N 471 42.70 -90.96 18.87
N GLN N 472 43.24 -91.72 19.82
CA GLN N 472 43.75 -93.03 19.53
C GLN N 472 42.60 -94.02 19.33
N ASP N 473 42.87 -95.06 18.55
CA ASP N 473 41.84 -96.02 18.19
C ASP N 473 41.64 -97.08 19.26
N ASN N 474 42.44 -97.07 20.33
CA ASN N 474 42.22 -98.01 21.42
C ASN N 474 40.98 -97.62 22.21
N TYR N 475 40.98 -96.43 22.78
CA TYR N 475 39.83 -95.98 23.55
C TYR N 475 38.74 -95.47 22.61
N LYS N 476 37.49 -95.70 23.00
CA LYS N 476 36.35 -95.39 22.13
C LYS N 476 35.16 -94.99 23.00
N THR N 477 34.75 -93.73 22.92
CA THR N 477 33.54 -93.32 23.63
C THR N 477 32.28 -93.60 22.82
N PHE N 478 32.15 -92.94 21.67
CA PHE N 478 30.98 -93.10 20.81
C PHE N 478 31.43 -93.53 19.44
N MET N 479 30.52 -94.18 18.72
CA MET N 479 30.79 -94.55 17.34
C MET N 479 29.46 -94.61 16.59
N PHE N 480 29.50 -94.21 15.33
CA PHE N 480 28.34 -94.29 14.45
C PHE N 480 28.62 -95.35 13.40
N TYR N 481 27.65 -96.23 13.17
CA TYR N 481 27.83 -97.40 12.30
C TYR N 481 26.80 -97.40 11.18
N PRO N 482 27.07 -96.73 10.07
CA PRO N 482 26.16 -96.80 8.92
C PRO N 482 26.35 -98.11 8.18
N TYR N 483 25.37 -99.01 8.31
CA TYR N 483 25.53 -100.34 7.75
C TYR N 483 25.23 -100.36 6.25
N THR N 484 23.98 -100.07 5.88
CA THR N 484 23.59 -100.17 4.48
C THR N 484 22.44 -99.23 4.21
N PHE N 485 22.20 -99.00 2.93
CA PHE N 485 21.15 -98.08 2.48
C PHE N 485 20.82 -98.48 1.05
N ASN N 486 19.65 -99.08 0.84
CA ASN N 486 19.28 -99.57 -0.48
C ASN N 486 17.87 -99.12 -0.82
N VAL N 487 17.73 -98.47 -1.97
CA VAL N 487 16.43 -98.12 -2.53
C VAL N 487 16.04 -99.22 -3.51
N VAL N 488 14.77 -99.61 -3.50
CA VAL N 488 14.25 -100.62 -4.40
C VAL N 488 13.01 -100.05 -5.10
N ASN N 489 13.00 -100.13 -6.42
CA ASN N 489 11.91 -99.59 -7.23
C ASN N 489 11.08 -100.74 -7.77
N GLY N 490 9.84 -100.85 -7.30
CA GLY N 490 9.04 -102.02 -7.58
C GLY N 490 9.59 -103.20 -6.82
N GLY N 491 10.23 -104.14 -7.53
CA GLY N 491 10.91 -105.24 -6.90
C GLY N 491 10.05 -106.26 -6.22
N GLY N 492 8.73 -106.20 -6.40
CA GLY N 492 7.84 -107.18 -5.82
C GLY N 492 7.55 -107.00 -4.35
N TYR N 493 7.92 -105.86 -3.76
CA TYR N 493 7.60 -105.62 -2.37
C TYR N 493 6.16 -105.14 -2.26
N LEU N 494 5.37 -105.85 -1.47
CA LEU N 494 3.98 -105.49 -1.22
C LEU N 494 3.91 -104.17 -0.46
N ASN N 495 2.92 -103.36 -0.79
CA ASN N 495 2.68 -102.11 -0.08
C ASN N 495 1.60 -102.32 0.98
N THR N 496 1.78 -101.65 2.11
CA THR N 496 0.91 -101.87 3.26
C THR N 496 -0.28 -100.93 3.31
N ARG N 497 -0.21 -99.76 2.67
CA ARG N 497 -1.36 -98.88 2.60
C ARG N 497 -2.44 -99.47 1.70
N ASN N 498 -2.11 -99.67 0.43
CA ASN N 498 -2.92 -100.49 -0.45
C ASN N 498 -1.98 -101.34 -1.28
N PRO N 499 -2.24 -102.64 -1.38
CA PRO N 499 -1.30 -103.51 -2.11
C PRO N 499 -1.38 -103.38 -3.62
N ASN N 500 -2.49 -102.86 -4.14
CA ASN N 500 -2.80 -102.95 -5.56
C ASN N 500 -2.07 -101.94 -6.43
N VAL N 501 -1.22 -101.10 -5.85
CA VAL N 501 -0.59 -100.00 -6.58
C VAL N 501 0.91 -100.28 -6.63
N PRO N 502 1.60 -99.98 -7.73
CA PRO N 502 3.07 -100.10 -7.75
C PRO N 502 3.73 -99.17 -6.75
N ASN N 503 4.91 -99.57 -6.28
CA ASN N 503 5.42 -99.05 -5.02
C ASN N 503 6.94 -99.06 -5.03
N MET N 504 7.55 -97.88 -5.03
CA MET N 504 8.97 -97.75 -4.76
C MET N 504 9.20 -97.70 -3.25
N MET N 505 10.39 -98.13 -2.83
CA MET N 505 10.65 -98.35 -1.40
C MET N 505 12.12 -98.12 -1.11
N MET N 506 12.41 -97.67 0.10
CA MET N 506 13.77 -97.34 0.49
C MET N 506 13.94 -97.52 1.98
N THR N 507 15.09 -98.06 2.38
CA THR N 507 15.42 -98.22 3.80
C THR N 507 16.90 -97.94 4.01
N ARG N 508 17.29 -97.87 5.28
CA ARG N 508 18.64 -97.53 5.65
C ARG N 508 18.93 -98.15 7.01
N ARG N 509 19.85 -99.10 7.06
CA ARG N 509 20.21 -99.78 8.30
C ARG N 509 21.43 -99.13 8.91
N TYR N 510 21.38 -98.92 10.22
CA TYR N 510 22.45 -98.25 10.95
C TYR N 510 22.31 -98.61 12.42
N THR N 511 23.36 -98.31 13.17
CA THR N 511 23.25 -98.33 14.62
C THR N 511 24.22 -97.31 15.20
N VAL N 512 23.94 -96.93 16.43
CA VAL N 512 24.80 -96.06 17.22
C VAL N 512 25.22 -96.81 18.47
N GLU N 513 26.43 -96.55 18.95
CA GLU N 513 26.98 -97.32 20.05
C GLU N 513 27.85 -96.45 20.94
N SER N 514 27.60 -96.54 22.24
CA SER N 514 28.37 -95.86 23.26
C SER N 514 29.04 -96.91 24.14
N PHE N 515 30.35 -97.06 24.00
CA PHE N 515 31.08 -97.98 24.86
C PHE N 515 31.20 -97.42 26.28
N VAL N 516 31.80 -96.25 26.42
CA VAL N 516 31.83 -95.57 27.71
C VAL N 516 30.95 -94.31 27.63
N PRO N 517 30.12 -94.07 28.63
CA PRO N 517 29.21 -92.91 28.59
C PRO N 517 29.81 -91.60 29.09
N ILE N 518 30.58 -90.96 28.23
CA ILE N 518 31.19 -89.66 28.54
C ILE N 518 30.37 -88.61 27.79
N ILE N 519 29.39 -88.04 28.48
CA ILE N 519 28.57 -86.99 27.89
C ILE N 519 28.25 -85.98 28.99
N GLY N 520 28.11 -84.72 28.58
CA GLY N 520 27.88 -83.65 29.52
C GLY N 520 26.75 -82.75 29.11
N ARG N 521 25.81 -82.51 30.01
CA ARG N 521 24.57 -81.80 29.70
C ARG N 521 24.51 -80.49 30.45
N ILE N 522 24.51 -79.38 29.72
CA ILE N 522 24.42 -78.04 30.30
C ILE N 522 23.01 -77.52 30.07
N THR N 523 22.29 -77.26 31.16
CA THR N 523 20.98 -76.63 31.07
C THR N 523 21.17 -75.13 30.88
N ILE N 524 20.58 -74.59 29.82
CA ILE N 524 20.67 -73.17 29.52
C ILE N 524 19.34 -72.55 29.93
N LYS N 525 19.32 -71.94 31.10
CA LYS N 525 18.10 -71.40 31.67
C LYS N 525 17.81 -70.00 31.13
N ASN N 526 16.55 -69.78 30.77
CA ASN N 526 15.98 -68.47 30.42
C ASN N 526 16.68 -67.84 29.21
N ASN N 527 16.70 -68.58 28.10
CA ASN N 527 17.23 -68.08 26.84
C ASN N 527 16.13 -67.68 25.89
N ASN N 528 15.04 -67.11 26.41
CA ASN N 528 13.92 -66.71 25.58
C ASN N 528 14.10 -65.33 24.95
N GLY N 529 15.27 -64.72 25.13
CA GLY N 529 15.49 -63.38 24.64
C GLY N 529 14.93 -62.27 25.51
N SER N 530 14.33 -62.63 26.65
CA SER N 530 13.71 -61.66 27.53
C SER N 530 14.66 -61.16 28.61
N VAL N 531 15.97 -61.18 28.34
CA VAL N 531 16.92 -60.64 29.32
C VAL N 531 16.87 -59.12 29.36
N TYR N 532 16.35 -58.47 28.32
CA TYR N 532 16.31 -57.02 28.23
C TYR N 532 14.91 -56.46 28.31
N ALA N 533 13.92 -57.29 28.59
CA ALA N 533 12.54 -56.84 28.62
C ALA N 533 11.89 -57.01 29.98
N ARG N 534 12.67 -57.20 31.03
CA ARG N 534 12.14 -57.46 32.35
C ARG N 534 11.76 -56.17 33.06
N MET O 81 17.58 -112.72 9.40
CA MET O 81 16.52 -113.72 9.43
C MET O 81 16.40 -114.30 10.84
N GLY O 82 15.21 -114.79 11.17
CA GLY O 82 14.92 -115.30 12.50
C GLY O 82 15.72 -116.52 12.93
N PRO O 83 15.47 -117.68 12.32
CA PRO O 83 16.17 -118.91 12.76
C PRO O 83 17.55 -119.05 12.12
N ILE O 84 18.41 -118.07 12.37
CA ILE O 84 19.79 -118.08 11.92
C ILE O 84 20.65 -117.62 13.07
N GLN O 85 21.67 -118.42 13.42
CA GLN O 85 22.53 -118.12 14.55
C GLN O 85 23.36 -116.87 14.29
N PRO O 86 23.21 -115.82 15.08
CA PRO O 86 23.93 -114.57 14.81
C PRO O 86 25.38 -114.65 15.24
N TYR O 87 26.24 -115.15 14.36
CA TYR O 87 27.67 -115.21 14.65
C TYR O 87 28.24 -113.80 14.68
N ALA O 88 28.67 -113.37 15.85
CA ALA O 88 29.18 -112.01 16.04
C ALA O 88 30.69 -112.04 15.84
N SER O 89 31.17 -111.29 14.86
CA SER O 89 32.59 -111.30 14.55
C SER O 89 33.38 -110.51 15.59
N LEU O 90 34.68 -110.43 15.36
CA LEU O 90 35.60 -109.77 16.27
C LEU O 90 36.29 -108.64 15.53
N SER O 91 36.02 -107.41 15.94
CA SER O 91 36.67 -106.28 15.30
C SER O 91 38.09 -106.11 15.83
N MET O 92 38.82 -105.16 15.22
CA MET O 92 40.28 -105.17 15.34
C MET O 92 40.81 -104.80 16.73
N PRO O 93 40.61 -103.59 17.27
CA PRO O 93 41.39 -103.18 18.44
C PRO O 93 40.87 -103.81 19.73
N ILE O 94 41.59 -103.57 20.82
CA ILE O 94 41.43 -104.33 22.06
C ILE O 94 40.78 -103.51 23.17
N LEU O 95 40.71 -102.17 23.03
CA LEU O 95 40.05 -101.25 23.96
C LEU O 95 40.66 -101.34 25.36
N VAL O 96 41.92 -100.92 25.46
CA VAL O 96 42.62 -100.95 26.73
C VAL O 96 42.01 -99.95 27.71
N LYS O 97 42.13 -100.27 28.99
CA LYS O 97 41.73 -99.34 30.04
C LYS O 97 42.75 -98.20 30.11
N LEU O 98 42.29 -97.04 30.53
CA LEU O 98 43.08 -95.82 30.46
C LEU O 98 43.64 -95.46 31.83
N TRP O 99 44.93 -95.14 31.87
CA TRP O 99 45.66 -94.88 33.10
C TRP O 99 45.92 -93.39 33.28
N ALA O 100 46.21 -93.02 34.54
CA ALA O 100 46.45 -91.63 34.87
C ALA O 100 47.83 -91.19 34.42
N ARG O 101 48.03 -89.88 34.39
CA ARG O 101 49.33 -89.30 34.11
C ARG O 101 50.00 -88.88 35.42
N LEU O 102 51.33 -88.96 35.43
CA LEU O 102 52.09 -88.77 36.64
C LEU O 102 53.13 -87.68 36.45
N ALA O 103 53.17 -86.74 37.38
CA ALA O 103 54.19 -85.70 37.39
C ALA O 103 54.71 -85.39 38.78
N LEU O 104 54.33 -86.16 39.80
CA LEU O 104 54.64 -85.80 41.18
C LEU O 104 56.05 -86.17 41.59
N THR O 105 56.79 -86.88 40.75
CA THR O 105 58.22 -87.02 41.01
C THR O 105 58.96 -85.72 40.75
N GLU O 106 58.42 -84.88 39.88
CA GLU O 106 58.96 -83.55 39.65
C GLU O 106 58.59 -82.56 40.75
N ALA O 107 57.63 -82.90 41.60
CA ALA O 107 57.22 -81.97 42.66
C ALA O 107 58.25 -81.92 43.77
N LEU O 108 58.45 -83.03 44.45
CA LEU O 108 59.41 -83.06 45.54
C LEU O 108 60.82 -83.20 44.99
N PRO O 109 61.82 -82.64 45.66
CA PRO O 109 63.20 -82.81 45.19
C PRO O 109 63.68 -84.23 45.44
N THR O 110 64.37 -84.78 44.47
CA THR O 110 64.70 -86.20 44.43
C THR O 110 66.20 -86.37 44.62
N GLN O 111 66.61 -86.73 45.82
CA GLN O 111 67.98 -87.13 46.09
C GLN O 111 68.04 -88.64 46.07
N VAL O 112 68.80 -89.19 45.13
CA VAL O 112 68.88 -90.64 45.00
C VAL O 112 69.76 -91.19 46.12
N ALA O 113 69.27 -92.21 46.80
CA ALA O 113 70.02 -92.77 47.91
C ALA O 113 71.09 -93.72 47.39
N ASN O 114 72.12 -93.91 48.21
CA ASN O 114 73.15 -94.89 47.94
C ASN O 114 73.32 -95.87 49.09
N LYS O 115 72.68 -95.64 50.23
CA LYS O 115 72.70 -96.54 51.36
C LYS O 115 71.30 -96.66 51.93
N PRO O 116 70.89 -97.85 52.36
CA PRO O 116 69.50 -98.03 52.82
C PRO O 116 69.20 -97.38 54.15
N ASN O 117 70.22 -97.00 54.92
CA ASN O 117 70.01 -96.39 56.22
C ASN O 117 71.11 -95.38 56.46
N PHE O 118 70.74 -94.13 56.64
CA PHE O 118 71.71 -93.08 56.92
C PHE O 118 71.03 -91.98 57.70
N THR O 119 71.85 -91.11 58.29
CA THR O 119 71.37 -90.04 59.15
C THR O 119 71.86 -88.70 58.64
N VAL O 120 71.13 -87.65 59.00
CA VAL O 120 71.59 -86.29 58.77
C VAL O 120 71.53 -85.57 60.11
N PRO O 121 72.54 -84.79 60.46
CA PRO O 121 72.47 -84.01 61.70
C PRO O 121 71.64 -82.75 61.51
N ILE O 122 71.34 -82.11 62.64
CA ILE O 122 70.77 -80.77 62.65
C ILE O 122 71.52 -79.98 63.73
N LEU O 123 71.98 -78.78 63.37
CA LEU O 123 72.82 -77.99 64.27
C LEU O 123 72.03 -76.80 64.81
N THR O 124 71.74 -76.82 66.11
CA THR O 124 70.96 -75.77 66.73
C THR O 124 71.79 -75.10 67.81
N PRO O 125 71.85 -73.77 67.83
CA PRO O 125 72.46 -73.06 68.96
C PRO O 125 71.48 -72.99 70.12
N TYR O 126 71.93 -72.37 71.20
CA TYR O 126 71.12 -72.34 72.42
C TYR O 126 71.44 -71.10 73.24
N VAL O 127 70.51 -70.78 74.14
CA VAL O 127 70.71 -69.79 75.20
C VAL O 127 70.27 -70.45 76.50
N VAL O 128 71.11 -70.36 77.54
CA VAL O 128 70.98 -71.23 78.70
C VAL O 128 70.19 -70.62 79.84
N ASP O 129 69.61 -69.42 79.66
CA ASP O 129 68.67 -68.76 80.55
C ASP O 129 69.29 -68.37 81.91
N ALA O 130 70.62 -68.55 82.07
CA ALA O 130 71.40 -68.23 83.27
C ALA O 130 70.90 -68.94 84.54
N ASP O 131 70.10 -70.00 84.41
CA ASP O 131 69.69 -70.79 85.57
C ASP O 131 69.70 -72.29 85.33
N GLY O 132 69.84 -72.76 84.09
CA GLY O 132 69.97 -74.18 83.86
C GLY O 132 69.27 -74.74 82.64
N ASN O 133 68.16 -74.14 82.22
CA ASN O 133 67.40 -74.66 81.10
C ASN O 133 67.80 -73.97 79.80
N LYS O 134 68.04 -74.77 78.77
CA LYS O 134 68.45 -74.22 77.49
C LYS O 134 67.23 -73.69 76.73
N HIS O 135 67.50 -72.75 75.84
CA HIS O 135 66.47 -72.18 74.98
C HIS O 135 67.06 -72.09 73.58
N ALA O 136 66.37 -72.71 72.60
CA ALA O 136 66.86 -72.73 71.23
C ALA O 136 66.89 -71.32 70.66
N LEU O 137 67.94 -71.02 69.87
CA LEU O 137 68.28 -69.61 69.62
C LEU O 137 67.26 -68.88 68.74
N PRO O 138 67.10 -69.20 67.45
CA PRO O 138 66.42 -68.23 66.58
C PRO O 138 64.91 -68.19 66.73
N GLU O 139 64.30 -69.12 67.45
CA GLU O 139 62.87 -69.06 67.71
C GLU O 139 62.56 -68.51 69.08
N SER O 140 63.51 -67.87 69.74
CA SER O 140 63.25 -67.15 70.97
C SER O 140 63.66 -65.69 70.91
N ILE O 141 64.32 -65.26 69.84
CA ILE O 141 64.75 -63.88 69.67
C ILE O 141 63.99 -63.26 68.53
N ASN O 142 62.78 -63.76 68.27
CA ASN O 142 61.94 -63.25 67.21
C ASN O 142 60.74 -62.46 67.72
N ASN O 143 60.10 -62.92 68.77
CA ASN O 143 59.03 -62.13 69.39
C ASN O 143 59.65 -61.01 70.21
N THR O 144 59.13 -59.81 70.03
CA THR O 144 59.81 -58.60 70.50
C THR O 144 59.90 -58.44 72.01
N PRO O 145 58.83 -58.59 72.82
CA PRO O 145 59.08 -58.27 74.24
C PRO O 145 59.67 -59.45 74.99
N GLU O 146 60.97 -59.61 74.85
CA GLU O 146 61.68 -60.75 75.39
C GLU O 146 62.43 -60.37 76.65
N THR O 147 62.78 -61.40 77.42
CA THR O 147 63.65 -61.24 78.57
C THR O 147 64.94 -62.04 78.44
N LEU O 148 65.21 -62.60 77.26
CA LEU O 148 66.30 -63.57 77.13
C LEU O 148 67.66 -62.87 77.13
N VAL O 149 67.88 -61.97 76.19
CA VAL O 149 69.12 -61.24 76.06
C VAL O 149 68.91 -59.84 76.63
N GLY O 150 69.86 -59.38 77.43
CA GLY O 150 69.77 -58.05 77.98
C GLY O 150 70.24 -57.98 79.41
N LEU O 151 70.37 -56.77 79.94
CA LEU O 151 70.82 -56.58 81.31
C LEU O 151 69.75 -57.03 82.30
N VAL O 152 70.20 -57.38 83.51
CA VAL O 152 69.31 -57.89 84.53
C VAL O 152 68.45 -56.74 85.07
N GLN O 153 67.14 -56.89 84.92
CA GLN O 153 66.22 -55.86 85.38
C GLN O 153 66.03 -55.93 86.88
N ILE O 154 65.98 -54.76 87.52
CA ILE O 154 65.77 -54.66 88.95
C ILE O 154 64.29 -54.88 89.25
N LYS O 155 63.96 -55.06 90.52
CA LYS O 155 62.56 -55.21 90.91
C LYS O 155 61.84 -53.88 90.73
N GLU O 156 60.54 -53.96 90.43
CA GLU O 156 59.80 -52.79 89.97
C GLU O 156 59.00 -52.08 91.05
N ASP O 157 58.51 -52.81 92.05
CA ASP O 157 57.61 -52.20 93.04
C ASP O 157 58.43 -51.46 94.09
N ILE O 158 58.30 -50.13 94.10
CA ILE O 158 58.97 -49.24 95.04
C ILE O 158 57.88 -48.46 95.77
N ALA O 159 56.90 -49.17 96.31
CA ALA O 159 55.87 -48.60 97.19
C ALA O 159 56.46 -47.63 98.22
N VAL O 160 55.86 -46.45 98.31
CA VAL O 160 56.42 -45.31 99.06
C VAL O 160 55.44 -44.93 100.17
N GLU O 161 55.84 -45.16 101.40
CA GLU O 161 54.97 -44.82 102.52
C GLU O 161 55.22 -43.39 102.96
N GLY O 162 54.17 -42.57 102.90
CA GLY O 162 54.25 -41.21 103.40
C GLY O 162 54.76 -40.19 102.40
N GLY O 163 54.74 -40.52 101.11
CA GLY O 163 55.18 -39.61 100.07
C GLY O 163 56.68 -39.50 99.91
N LYS O 164 57.45 -40.13 100.78
CA LYS O 164 58.91 -40.15 100.69
C LYS O 164 59.41 -41.42 101.36
N VAL O 165 60.41 -42.06 100.76
CA VAL O 165 61.25 -42.98 101.48
C VAL O 165 62.70 -42.57 101.24
N THR O 166 63.55 -42.88 102.20
CA THR O 166 64.98 -42.62 102.12
C THR O 166 65.68 -43.94 102.40
N ASP O 167 66.88 -44.09 101.84
CA ASP O 167 67.73 -45.27 102.00
C ASP O 167 67.06 -46.54 101.49
N TYR O 168 66.37 -46.45 100.36
CA TYR O 168 65.78 -47.64 99.77
C TYR O 168 66.81 -48.32 98.87
N ASP O 169 66.99 -49.62 99.05
CA ASP O 169 67.93 -50.40 98.26
C ASP O 169 67.26 -50.85 96.99
N LEU O 170 67.87 -50.54 95.84
CA LEU O 170 67.29 -50.93 94.57
C LEU O 170 67.57 -52.37 94.20
N PHE O 171 68.54 -53.02 94.83
CA PHE O 171 68.86 -54.40 94.51
C PHE O 171 68.09 -55.35 95.42
N THR O 172 66.78 -55.15 95.49
CA THR O 172 65.91 -55.91 96.38
C THR O 172 65.26 -57.03 95.58
N GLY O 173 65.29 -58.24 96.13
CA GLY O 173 64.71 -59.40 95.48
C GLY O 173 65.65 -60.13 94.54
N LEU O 174 66.64 -59.44 93.99
CA LEU O 174 67.68 -60.10 93.21
C LEU O 174 68.55 -60.94 94.14
N LYS O 175 68.61 -62.24 93.88
CA LYS O 175 69.32 -63.15 94.79
C LYS O 175 70.82 -62.98 94.64
N GLU O 176 71.52 -63.19 95.75
CA GLU O 176 72.92 -62.83 95.81
C GLU O 176 73.79 -63.90 95.15
N GLY O 177 74.81 -63.45 94.43
CA GLY O 177 75.84 -64.33 93.95
C GLY O 177 75.98 -64.42 92.44
N LYS O 178 74.88 -64.47 91.70
CA LYS O 178 74.97 -64.69 90.26
C LYS O 178 74.03 -63.82 89.45
N GLU O 179 73.37 -62.84 90.05
CA GLU O 179 72.73 -61.80 89.26
C GLU O 179 73.07 -60.42 89.82
N VAL O 180 73.49 -60.39 91.08
CA VAL O 180 73.94 -59.15 91.71
C VAL O 180 75.01 -59.52 92.74
N ARG O 181 76.00 -58.65 92.88
CA ARG O 181 77.07 -58.82 93.85
C ARG O 181 77.16 -57.54 94.65
N LYS O 182 76.65 -57.56 95.87
CA LYS O 182 76.47 -56.35 96.68
C LYS O 182 77.81 -55.71 97.03
N GLY O 183 77.94 -54.44 96.64
CA GLY O 183 79.17 -53.71 96.82
C GLY O 183 80.12 -53.82 95.66
N ILE O 184 79.81 -54.64 94.68
CA ILE O 184 80.70 -54.91 93.55
C ILE O 184 80.14 -54.33 92.27
N ASP O 185 78.91 -54.67 91.90
CA ASP O 185 78.30 -54.08 90.71
C ASP O 185 77.45 -52.87 91.06
N ARG O 186 77.17 -52.05 90.06
CA ARG O 186 76.52 -50.77 90.24
C ARG O 186 75.18 -50.73 89.51
N LEU O 187 74.39 -49.74 89.87
CA LEU O 187 73.18 -49.43 89.13
C LEU O 187 73.55 -48.82 87.78
N ASP O 188 72.62 -48.91 86.84
CA ASP O 188 72.80 -48.42 85.49
C ASP O 188 72.42 -46.95 85.40
N ARG O 189 73.09 -46.24 84.49
CA ARG O 189 72.70 -44.87 84.15
C ARG O 189 71.74 -44.83 82.96
N LYS O 190 70.71 -45.68 83.01
CA LYS O 190 69.60 -45.65 82.06
C LYS O 190 68.31 -45.88 82.82
N PHE O 191 68.23 -45.31 84.01
CA PHE O 191 67.19 -45.59 84.98
C PHE O 191 66.03 -44.62 84.80
N LYS O 192 64.80 -45.14 84.87
CA LYS O 192 63.61 -44.36 84.59
C LYS O 192 62.53 -44.67 85.61
N ILE O 193 61.71 -43.67 85.92
CA ILE O 193 60.44 -43.89 86.58
C ILE O 193 59.38 -43.83 85.49
N VAL O 194 58.90 -45.01 85.09
CA VAL O 194 58.00 -45.09 83.94
C VAL O 194 56.54 -45.10 84.33
N GLU O 195 56.21 -45.35 85.60
CA GLU O 195 54.83 -45.54 85.98
C GLU O 195 54.71 -45.29 87.48
N ALA O 196 53.76 -44.44 87.86
CA ALA O 196 53.67 -44.01 89.24
C ALA O 196 52.21 -43.96 89.64
N LYS O 197 51.97 -43.97 90.95
CA LYS O 197 50.62 -43.97 91.50
C LYS O 197 50.52 -42.97 92.63
N TRP O 198 49.57 -42.05 92.51
CA TRP O 198 49.29 -41.08 93.56
C TRP O 198 48.18 -41.62 94.45
N SER O 199 47.77 -40.82 95.42
CA SER O 199 46.74 -41.25 96.35
C SER O 199 45.34 -40.83 95.92
N ASP O 200 45.23 -40.18 94.76
CA ASP O 200 43.94 -39.82 94.17
C ASP O 200 43.95 -40.08 92.68
N SER O 201 44.79 -41.01 92.23
CA SER O 201 45.11 -41.15 90.83
C SER O 201 44.00 -41.86 90.07
N PHE O 202 44.15 -41.92 88.76
CA PHE O 202 43.21 -42.62 87.88
C PHE O 202 44.02 -43.33 86.80
N ASP O 203 43.59 -44.52 86.41
CA ASP O 203 44.45 -45.43 85.67
C ASP O 203 44.55 -45.05 84.20
N GLU O 204 43.40 -44.80 83.54
CA GLU O 204 43.12 -44.81 82.10
C GLU O 204 43.29 -46.19 81.48
N ARG O 205 43.57 -47.23 82.27
CA ARG O 205 43.73 -48.60 81.83
C ARG O 205 42.71 -49.51 82.50
N THR O 206 42.62 -49.42 83.83
CA THR O 206 41.40 -49.74 84.55
C THR O 206 40.66 -48.40 84.70
N SER O 207 39.58 -48.35 85.45
CA SER O 207 38.88 -47.10 85.69
C SER O 207 38.70 -46.87 87.17
N ALA O 208 39.78 -47.06 87.93
CA ALA O 208 39.76 -46.86 89.36
C ALA O 208 41.06 -46.17 89.76
N ALA O 209 41.29 -46.09 91.08
CA ALA O 209 42.51 -45.51 91.61
C ALA O 209 43.66 -46.47 91.37
N GLY O 210 44.42 -46.23 90.29
CA GLY O 210 45.54 -47.08 89.98
C GLY O 210 46.76 -46.28 89.55
N PHE O 211 47.68 -46.94 88.86
CA PHE O 211 48.89 -46.28 88.44
C PHE O 211 48.63 -45.39 87.24
N VAL O 212 49.48 -44.37 87.06
CA VAL O 212 49.51 -43.62 85.82
C VAL O 212 50.64 -44.19 84.98
N GLU O 213 50.30 -44.73 83.82
CA GLU O 213 51.30 -45.10 82.82
C GLU O 213 51.75 -43.82 82.12
N LEU O 214 52.66 -43.11 82.78
CA LEU O 214 53.07 -41.79 82.31
C LEU O 214 54.02 -41.93 81.13
N GLY O 215 53.75 -41.17 80.08
CA GLY O 215 54.62 -41.13 78.92
C GLY O 215 54.80 -39.70 78.47
N SER O 216 55.91 -39.46 77.76
CA SER O 216 56.46 -38.16 77.37
C SER O 216 56.76 -37.25 78.56
N ASN O 217 56.78 -37.79 79.77
CA ASN O 217 57.25 -37.11 80.96
C ASN O 217 58.03 -38.08 81.83
N VAL O 218 58.56 -39.15 81.25
CA VAL O 218 59.37 -40.11 81.99
C VAL O 218 60.66 -39.42 82.43
N VAL O 219 61.02 -39.64 83.69
CA VAL O 219 62.11 -38.89 84.29
C VAL O 219 63.38 -39.73 84.22
N LYS O 220 64.51 -39.04 84.04
CA LYS O 220 65.76 -39.69 83.71
C LYS O 220 66.86 -39.17 84.61
N LEU O 221 68.04 -39.79 84.50
CA LEU O 221 69.23 -39.37 85.22
C LEU O 221 69.84 -38.19 84.49
N GLN O 222 69.73 -37.00 85.06
CA GLN O 222 70.09 -35.79 84.34
C GLN O 222 71.61 -35.57 84.33
N ASP O 223 72.23 -35.39 85.51
CA ASP O 223 73.69 -35.45 85.60
C ASP O 223 74.07 -36.39 86.75
N ASN O 224 74.00 -37.69 86.45
CA ASN O 224 74.60 -38.82 87.18
C ASN O 224 73.97 -39.11 88.55
N ASP O 225 73.19 -38.17 89.09
CA ASP O 225 72.41 -38.45 90.29
C ASP O 225 71.03 -37.83 90.30
N THR O 226 70.79 -36.75 89.56
CA THR O 226 69.56 -35.99 89.70
C THR O 226 68.44 -36.59 88.89
N LEU O 227 67.24 -36.56 89.48
CA LEU O 227 66.09 -37.30 89.00
C LEU O 227 64.85 -36.42 89.10
N VAL O 228 64.96 -35.18 88.64
CA VAL O 228 63.89 -34.20 88.77
C VAL O 228 62.82 -34.48 87.72
N GLY O 229 61.57 -34.11 88.03
CA GLY O 229 60.47 -34.28 87.11
C GLY O 229 59.19 -33.57 87.51
N GLN O 230 58.56 -32.92 86.54
CA GLN O 230 57.29 -32.21 86.75
C GLN O 230 56.19 -33.03 86.08
N ILE O 231 55.32 -33.63 86.88
CA ILE O 231 54.35 -34.61 86.41
C ILE O 231 52.95 -34.06 86.60
N LYS O 232 52.12 -34.16 85.58
CA LYS O 232 50.69 -33.88 85.65
C LYS O 232 49.94 -35.19 85.54
N TYR O 233 49.31 -35.61 86.63
CA TYR O 233 48.62 -36.89 86.58
C TYR O 233 47.11 -36.69 86.56
N PRO O 234 46.38 -37.52 85.83
CA PRO O 234 44.91 -37.37 85.78
C PRO O 234 44.27 -37.83 87.07
N THR O 235 43.55 -36.93 87.72
CA THR O 235 42.86 -37.27 88.96
C THR O 235 41.58 -38.05 88.69
N ASN O 236 40.78 -37.61 87.72
CA ASN O 236 39.55 -38.29 87.37
C ASN O 236 39.42 -38.35 85.87
N GLY O 237 38.85 -39.46 85.38
CA GLY O 237 38.69 -39.64 83.95
C GLY O 237 37.44 -39.00 83.42
N ASP O 238 36.37 -39.01 84.23
CA ASP O 238 35.08 -38.48 83.79
C ASP O 238 35.13 -36.97 83.67
N GLY O 239 35.32 -36.28 84.80
CA GLY O 239 35.40 -34.81 84.80
C GLY O 239 36.76 -34.34 84.30
N GLU O 240 37.62 -35.28 83.88
CA GLU O 240 38.99 -34.96 83.42
C GLU O 240 39.65 -33.90 84.30
N VAL O 241 39.73 -34.17 85.61
CA VAL O 241 40.47 -33.25 86.51
C VAL O 241 41.90 -33.78 86.57
N GLU O 242 42.90 -32.90 86.70
CA GLU O 242 44.26 -33.39 86.86
C GLU O 242 44.99 -32.54 87.87
N THR O 243 46.10 -33.08 88.37
CA THR O 243 46.85 -32.45 89.45
C THR O 243 48.32 -32.54 89.13
N ASP O 244 49.07 -31.49 89.49
CA ASP O 244 50.50 -31.44 89.27
C ASP O 244 51.24 -31.82 90.54
N THR O 245 52.31 -32.59 90.38
CA THR O 245 53.16 -32.98 91.49
C THR O 245 54.57 -33.20 90.96
N ILE O 246 55.54 -32.67 91.67
CA ILE O 246 56.94 -32.75 91.30
C ILE O 246 57.55 -33.96 92.00
N LEU O 247 58.52 -34.60 91.33
CA LEU O 247 59.13 -35.84 91.79
C LEU O 247 60.62 -35.67 91.94
N GLY O 248 61.03 -34.62 92.67
CA GLY O 248 62.41 -34.39 93.02
C GLY O 248 63.05 -35.58 93.73
N LYS O 249 64.18 -36.02 93.21
CA LYS O 249 64.72 -37.31 93.60
C LYS O 249 66.21 -37.32 93.28
N VAL O 250 66.95 -38.15 94.01
CA VAL O 250 68.38 -38.32 93.78
C VAL O 250 68.76 -39.75 94.17
N ASP O 251 69.69 -40.32 93.40
CA ASP O 251 70.15 -41.68 93.62
C ASP O 251 71.65 -41.76 93.45
N VAL O 252 72.23 -42.90 93.82
CA VAL O 252 73.65 -43.17 93.65
C VAL O 252 73.81 -44.54 93.03
N SER O 253 74.70 -44.65 92.05
CA SER O 253 74.83 -45.88 91.29
C SER O 253 75.49 -46.97 92.11
N SER O 254 76.69 -46.71 92.63
CA SER O 254 77.41 -47.72 93.39
C SER O 254 76.74 -48.01 94.72
N GLY O 255 76.18 -46.98 95.35
CA GLY O 255 75.44 -47.16 96.57
C GLY O 255 74.02 -47.67 96.40
N GLU O 256 73.58 -47.89 95.15
CA GLU O 256 72.30 -48.46 94.70
C GLU O 256 71.08 -47.94 95.44
N LEU O 257 71.07 -46.66 95.79
CA LEU O 257 70.04 -46.11 96.64
C LEU O 257 68.99 -45.40 95.81
N THR O 258 67.88 -45.04 96.45
CA THR O 258 66.97 -44.05 95.92
C THR O 258 66.34 -43.31 97.09
N LEU O 259 66.11 -42.03 96.90
CA LEU O 259 65.69 -41.11 97.96
C LEU O 259 64.47 -40.32 97.54
N THR O 260 63.41 -41.04 97.16
CA THR O 260 62.20 -40.44 96.61
C THR O 260 61.52 -39.46 97.56
N SER O 261 60.91 -38.44 96.98
CA SER O 261 60.21 -37.40 97.73
C SER O 261 59.24 -36.73 96.78
N ALA O 262 57.95 -36.83 97.07
CA ALA O 262 56.92 -36.20 96.28
C ALA O 262 56.35 -35.01 97.05
N SER O 263 56.25 -33.87 96.40
CA SER O 263 55.69 -32.68 97.04
C SER O 263 54.19 -32.83 97.17
N GLY O 264 53.76 -33.49 98.25
CA GLY O 264 52.36 -33.79 98.46
C GLY O 264 52.15 -35.27 98.73
N LYS O 265 51.11 -35.83 98.12
CA LYS O 265 50.79 -37.23 98.32
C LYS O 265 51.38 -38.08 97.21
N LEU O 266 51.64 -39.35 97.53
CA LEU O 266 52.05 -40.40 96.62
C LEU O 266 51.95 -41.72 97.39
N THR O 267 51.67 -42.79 96.67
CA THR O 267 51.66 -44.11 97.30
C THR O 267 52.71 -45.04 96.69
N ASP O 268 52.71 -45.27 95.40
CA ASP O 268 53.59 -46.28 94.82
C ASP O 268 54.34 -45.71 93.61
N VAL O 269 55.51 -46.29 93.36
CA VAL O 269 56.33 -45.99 92.19
C VAL O 269 56.71 -47.31 91.52
N LYS O 270 56.64 -47.35 90.20
CA LYS O 270 57.14 -48.48 89.42
C LYS O 270 58.21 -47.98 88.46
N VAL O 271 59.47 -48.26 88.80
CA VAL O 271 60.61 -47.86 87.97
C VAL O 271 60.94 -48.94 86.95
N LYS O 272 61.81 -48.60 85.99
CA LYS O 272 62.34 -49.57 85.05
C LYS O 272 63.84 -49.31 84.95
N GLY O 273 64.64 -50.11 85.64
CA GLY O 273 66.07 -49.92 85.63
C GLY O 273 66.79 -51.26 85.58
N TYR O 274 68.02 -51.20 85.10
CA TYR O 274 68.87 -52.38 84.96
C TYR O 274 70.02 -52.34 85.95
N VAL O 275 70.65 -53.49 86.12
CA VAL O 275 71.92 -53.60 86.82
C VAL O 275 73.01 -53.61 85.77
N ALA O 276 73.93 -52.65 85.86
CA ALA O 276 74.95 -52.47 84.83
C ALA O 276 75.93 -53.64 84.84
N SER O 277 76.48 -53.94 83.67
CA SER O 277 77.28 -55.12 83.45
C SER O 277 78.67 -54.76 82.94
N GLU O 278 79.29 -53.75 83.56
CA GLU O 278 80.70 -53.48 83.28
C GLU O 278 81.57 -54.59 83.85
N GLN O 279 81.16 -55.18 84.95
CA GLN O 279 81.79 -56.34 85.54
C GLN O 279 80.95 -57.58 85.30
N HIS O 280 81.62 -58.72 85.15
CA HIS O 280 80.94 -59.97 84.84
C HIS O 280 80.17 -60.46 86.05
N THR O 281 78.88 -60.33 86.01
CA THR O 281 78.01 -60.92 87.01
C THR O 281 76.98 -61.83 86.38
N SER O 282 76.41 -61.45 85.24
CA SER O 282 75.51 -62.31 84.48
C SER O 282 75.73 -61.99 83.00
N ALA O 283 76.44 -62.87 82.31
CA ALA O 283 76.57 -62.79 80.87
C ALA O 283 75.77 -63.92 80.23
N THR O 284 75.20 -63.62 79.08
CA THR O 284 74.42 -64.60 78.34
C THR O 284 75.37 -65.55 77.64
N ASN O 285 75.20 -66.84 77.91
CA ASN O 285 76.06 -67.89 77.37
C ASN O 285 75.32 -68.58 76.24
N VAL O 286 75.96 -68.64 75.08
CA VAL O 286 75.44 -69.43 73.97
C VAL O 286 76.22 -70.73 73.90
N GLU O 287 75.59 -71.76 73.36
CA GLU O 287 76.23 -73.05 73.21
C GLU O 287 75.56 -73.79 72.07
N LEU O 288 76.25 -74.77 71.50
CA LEU O 288 75.74 -75.51 70.36
C LEU O 288 74.92 -76.69 70.85
N GLY O 289 74.41 -77.47 69.90
CA GLY O 289 73.61 -78.64 70.19
C GLY O 289 73.30 -79.35 68.88
N LEU O 290 73.48 -80.66 68.83
CA LEU O 290 73.47 -81.34 67.54
C LEU O 290 72.82 -82.71 67.71
N THR O 291 71.56 -82.81 67.33
CA THR O 291 70.89 -84.08 67.19
C THR O 291 70.93 -84.53 65.75
N ARG O 292 70.56 -85.79 65.52
CA ARG O 292 70.55 -86.35 64.17
C ARG O 292 69.19 -86.95 63.89
N LYS O 293 68.66 -86.67 62.70
CA LYS O 293 67.47 -87.33 62.21
C LYS O 293 67.87 -88.49 61.31
N ASP O 294 67.26 -89.65 61.54
CA ASP O 294 67.54 -90.84 60.75
C ASP O 294 66.52 -90.99 59.63
N VAL O 295 66.96 -91.53 58.51
CA VAL O 295 66.08 -92.03 57.47
C VAL O 295 66.44 -93.49 57.22
N VAL O 296 65.43 -94.34 57.16
CA VAL O 296 65.62 -95.75 56.90
C VAL O 296 64.73 -96.15 55.74
N ILE O 297 65.32 -96.79 54.74
CA ILE O 297 64.63 -97.19 53.53
C ILE O 297 64.31 -98.67 53.67
N ASP O 298 63.04 -98.99 53.82
CA ASP O 298 62.61 -100.35 54.12
C ASP O 298 62.61 -101.20 52.85
N THR O 299 62.04 -102.39 52.95
CA THR O 299 61.81 -103.25 51.80
C THR O 299 60.36 -103.14 51.39
N ALA O 300 60.12 -102.70 50.15
CA ALA O 300 58.77 -102.57 49.66
C ALA O 300 58.23 -103.94 49.25
N GLN O 301 56.98 -103.98 48.82
CA GLN O 301 56.38 -105.23 48.37
C GLN O 301 56.62 -105.42 46.88
N HIS O 302 56.51 -106.67 46.46
CA HIS O 302 56.72 -107.04 45.08
C HIS O 302 55.39 -107.06 44.34
N ILE O 303 55.47 -107.14 43.01
CA ILE O 303 54.26 -107.11 42.20
C ILE O 303 53.82 -108.52 41.80
N GLU O 304 54.77 -109.36 41.36
CA GLU O 304 54.62 -110.83 41.33
C GLU O 304 53.48 -111.27 40.41
N ALA O 305 53.66 -111.02 39.12
CA ALA O 305 52.70 -111.50 38.13
C ALA O 305 53.02 -112.94 37.74
N THR O 306 52.03 -113.81 37.89
CA THR O 306 52.19 -115.21 37.52
C THR O 306 51.86 -115.42 36.04
N VAL O 307 52.53 -116.40 35.44
CA VAL O 307 52.40 -116.64 34.01
C VAL O 307 52.61 -118.12 33.68
N PRO O 308 51.53 -118.89 33.56
CA PRO O 308 51.66 -120.28 33.14
C PRO O 308 51.72 -120.41 31.64
N LEU O 309 51.90 -121.63 31.13
CA LEU O 309 51.94 -121.88 29.69
C LEU O 309 50.55 -122.12 29.11
N GLU O 310 49.62 -122.64 29.91
CA GLU O 310 48.28 -122.95 29.44
C GLU O 310 47.44 -121.70 29.18
N VAL O 311 47.95 -120.51 29.49
CA VAL O 311 47.23 -119.27 29.27
C VAL O 311 47.80 -118.49 28.09
N ILE O 312 49.12 -118.43 27.97
CA ILE O 312 49.75 -117.57 26.97
C ILE O 312 49.57 -118.12 25.56
N GLN O 313 49.42 -119.44 25.42
CA GLN O 313 49.07 -119.98 24.11
C GLN O 313 47.62 -119.69 23.75
N ASP O 314 46.76 -119.51 24.76
CA ASP O 314 45.36 -119.22 24.49
C ASP O 314 45.18 -117.78 24.00
N MET O 315 45.69 -116.81 24.76
CA MET O 315 45.47 -115.41 24.44
C MET O 315 46.27 -114.95 23.22
N LYS O 316 47.35 -115.67 22.87
CA LYS O 316 48.01 -115.41 21.61
C LYS O 316 47.18 -115.92 20.43
N ALA O 317 46.54 -117.07 20.60
CA ALA O 317 45.76 -117.64 19.50
C ALA O 317 44.41 -116.97 19.36
N THR O 318 43.73 -116.72 20.48
CA THR O 318 42.35 -116.23 20.40
C THR O 318 42.30 -114.75 20.05
N TYR O 319 42.84 -113.90 20.93
CA TYR O 319 42.70 -112.46 20.78
C TYR O 319 43.98 -111.78 20.32
N ASP O 320 45.05 -112.54 20.05
CA ASP O 320 46.37 -112.04 19.67
C ASP O 320 46.93 -111.06 20.71
N ILE O 321 47.15 -111.57 21.91
CA ILE O 321 47.63 -110.78 23.03
C ILE O 321 49.00 -111.31 23.42
N ASP O 322 49.98 -110.40 23.48
CA ASP O 322 51.23 -110.69 24.16
C ASP O 322 50.90 -110.82 25.64
N GLY O 323 51.02 -112.04 26.17
CA GLY O 323 50.58 -112.29 27.53
C GLY O 323 51.47 -111.70 28.60
N VAL O 324 52.71 -111.36 28.28
CA VAL O 324 53.63 -110.82 29.27
C VAL O 324 53.88 -109.32 29.08
N ALA O 325 53.76 -108.79 27.85
CA ALA O 325 53.89 -107.35 27.66
C ALA O 325 52.57 -106.62 27.86
N ARG O 326 51.51 -107.33 28.22
CA ARG O 326 50.34 -106.72 28.81
C ARG O 326 50.24 -107.03 30.30
N LEU O 327 51.22 -107.76 30.81
CA LEU O 327 51.38 -107.97 32.24
C LEU O 327 52.55 -107.19 32.82
N SER O 328 53.65 -107.05 32.06
CA SER O 328 54.78 -106.28 32.55
C SER O 328 54.46 -104.79 32.63
N GLU O 329 53.66 -104.29 31.68
CA GLU O 329 53.27 -102.89 31.78
C GLU O 329 52.14 -102.72 32.78
N THR O 330 51.39 -103.78 33.04
CA THR O 330 50.50 -103.77 34.18
C THR O 330 51.30 -103.75 35.49
N MET O 331 52.41 -104.48 35.53
CA MET O 331 53.33 -104.39 36.66
C MET O 331 53.95 -103.00 36.75
N SER O 332 54.54 -102.53 35.65
CA SER O 332 55.33 -101.30 35.66
C SER O 332 54.49 -100.04 35.75
N GLN O 333 53.18 -100.11 35.59
CA GLN O 333 52.33 -98.96 35.85
C GLN O 333 51.75 -98.96 37.24
N LEU O 334 51.47 -100.13 37.80
CA LEU O 334 50.97 -100.19 39.17
C LEU O 334 52.05 -99.79 40.16
N SER O 335 53.30 -100.20 39.91
CA SER O 335 54.39 -99.79 40.78
C SER O 335 54.69 -98.31 40.62
N SER O 336 54.57 -97.79 39.40
CA SER O 336 54.83 -96.38 39.18
C SER O 336 53.67 -95.51 39.63
N GLN O 337 52.46 -96.07 39.72
CA GLN O 337 51.35 -95.32 40.27
C GLN O 337 51.48 -95.19 41.78
N LYS O 338 51.86 -96.28 42.45
CA LYS O 338 51.99 -96.29 43.90
C LYS O 338 53.09 -95.36 44.39
N VAL O 339 54.18 -95.23 43.63
CA VAL O 339 55.26 -94.33 44.05
C VAL O 339 54.89 -92.87 43.85
N ASP O 340 53.88 -92.57 43.05
CA ASP O 340 53.34 -91.22 42.93
C ASP O 340 52.01 -91.07 43.63
N LEU O 341 51.44 -92.15 44.15
CA LEU O 341 50.35 -92.08 45.09
C LEU O 341 50.84 -92.06 46.53
N ASP O 342 52.06 -92.55 46.78
CA ASP O 342 52.63 -92.46 48.12
C ASP O 342 52.86 -91.01 48.53
N ILE O 343 53.22 -90.15 47.58
CA ILE O 343 53.46 -88.74 47.85
C ILE O 343 52.16 -88.07 48.29
N ILE O 344 51.04 -88.44 47.68
CA ILE O 344 49.76 -87.81 48.01
C ILE O 344 49.29 -88.25 49.39
N GLU O 345 49.41 -89.55 49.69
CA GLU O 345 49.03 -90.00 51.02
C GLU O 345 50.07 -89.65 52.08
N PHE O 346 51.25 -89.18 51.65
CA PHE O 346 52.20 -88.60 52.58
C PHE O 346 51.80 -87.19 52.97
N LEU O 347 51.57 -86.34 51.96
CA LEU O 347 51.46 -84.90 52.18
C LEU O 347 50.18 -84.51 52.92
N ASP O 348 49.11 -85.30 52.81
CA ASP O 348 47.90 -84.92 53.53
C ASP O 348 48.01 -85.32 54.99
N HIS O 349 48.70 -86.42 55.28
CA HIS O 349 48.95 -86.79 56.67
C HIS O 349 50.01 -85.90 57.28
N GLU O 350 51.03 -85.55 56.50
CA GLU O 350 52.09 -84.67 56.96
C GLU O 350 51.59 -83.24 57.16
N TYR O 351 50.53 -82.85 56.46
CA TYR O 351 49.89 -81.57 56.76
C TYR O 351 49.06 -81.67 58.03
N LYS O 352 48.49 -82.85 58.30
CA LYS O 352 47.55 -83.02 59.40
C LYS O 352 48.21 -82.87 60.77
N GLU O 353 49.51 -83.08 60.87
CA GLU O 353 50.19 -82.92 62.14
C GLU O 353 50.59 -81.48 62.44
N THR O 354 50.50 -80.58 61.45
CA THR O 354 50.81 -79.18 61.68
C THR O 354 49.63 -78.40 62.26
N ASP O 355 48.45 -79.03 62.35
CA ASP O 355 47.23 -78.46 62.92
C ASP O 355 46.81 -77.18 62.20
N ALA O 356 46.85 -77.23 60.87
CA ALA O 356 46.22 -76.26 59.97
C ALA O 356 46.79 -74.85 60.16
N LYS O 357 48.12 -74.76 60.20
CA LYS O 357 48.77 -73.49 60.44
C LYS O 357 48.69 -72.56 59.26
N TYR O 358 48.43 -73.08 58.06
CA TYR O 358 48.32 -72.28 56.84
C TYR O 358 47.09 -72.69 56.06
N HIS O 359 45.95 -72.76 56.74
CA HIS O 359 44.70 -73.14 56.11
C HIS O 359 43.94 -71.88 55.71
N PHE O 360 44.33 -71.31 54.58
CA PHE O 360 43.73 -70.09 54.06
C PHE O 360 42.74 -70.47 52.97
N SER O 361 41.45 -70.36 53.28
CA SER O 361 40.43 -70.80 52.34
C SER O 361 40.20 -69.77 51.24
N PHE O 362 39.40 -70.17 50.26
CA PHE O 362 39.02 -69.32 49.14
C PHE O 362 37.65 -69.75 48.67
N ASP O 363 36.83 -68.79 48.23
CA ASP O 363 35.50 -69.07 47.74
C ASP O 363 35.40 -68.68 46.27
N VAL O 364 34.74 -69.53 45.48
CA VAL O 364 34.49 -69.23 44.08
C VAL O 364 33.24 -68.36 43.93
N PHE O 365 32.23 -68.62 44.75
CA PHE O 365 31.06 -67.76 44.82
C PHE O 365 31.51 -66.41 45.36
N PRO O 366 31.32 -65.32 44.62
CA PRO O 366 31.74 -64.00 45.13
C PRO O 366 30.83 -63.56 46.27
N HIS O 367 31.28 -62.51 46.96
CA HIS O 367 30.50 -61.97 48.05
C HIS O 367 29.23 -61.31 47.52
N SER O 368 28.24 -61.17 48.40
CA SER O 368 26.90 -60.74 48.01
C SER O 368 26.83 -59.27 47.65
N ASP O 369 27.94 -58.55 47.65
CA ASP O 369 28.01 -57.21 47.10
C ASP O 369 29.20 -57.07 46.16
N TYR O 370 29.54 -58.14 45.42
CA TYR O 370 30.65 -58.04 44.50
C TYR O 370 30.24 -57.33 43.23
N SER O 371 29.09 -57.71 42.66
CA SER O 371 28.42 -56.99 41.57
C SER O 371 29.30 -56.78 40.34
N ALA O 372 30.02 -57.82 39.95
CA ALA O 372 30.80 -57.78 38.73
C ALA O 372 30.90 -59.20 38.17
N HIS O 373 31.67 -59.37 37.13
CA HIS O 373 31.73 -60.64 36.43
C HIS O 373 32.58 -61.63 37.21
N PRO O 374 32.06 -62.81 37.57
CA PRO O 374 32.83 -63.74 38.41
C PRO O 374 34.01 -64.41 37.72
N LYS O 375 34.21 -64.18 36.41
CA LYS O 375 35.46 -64.60 35.79
C LYS O 375 36.63 -63.79 36.32
N ASP O 376 36.39 -62.54 36.70
CA ASP O 376 37.43 -61.71 37.28
C ASP O 376 37.56 -61.89 38.79
N TRP O 377 36.56 -62.48 39.44
CA TRP O 377 36.66 -62.79 40.86
C TRP O 377 37.66 -63.91 41.12
N LEU O 378 37.95 -64.74 40.13
CA LEU O 378 38.94 -65.80 40.25
C LEU O 378 40.36 -65.28 40.24
N GLU O 379 40.57 -63.99 39.97
CA GLU O 379 41.87 -63.37 40.21
C GLU O 379 42.20 -63.32 41.69
N GLY O 380 41.18 -63.27 42.56
CA GLY O 380 41.40 -63.21 43.99
C GLY O 380 42.02 -64.45 44.60
N LEU O 381 42.02 -65.57 43.87
CA LEU O 381 42.70 -66.76 44.34
C LEU O 381 44.22 -66.57 44.33
N ARG O 382 44.73 -65.75 43.41
CA ARG O 382 46.16 -65.56 43.29
C ARG O 382 46.75 -64.87 44.52
N GLU O 383 46.01 -63.92 45.10
CA GLU O 383 46.48 -63.25 46.30
C GLU O 383 45.97 -63.91 47.58
N VAL O 384 45.53 -65.16 47.50
CA VAL O 384 45.40 -65.98 48.69
C VAL O 384 46.56 -66.96 48.64
N ILE O 385 46.99 -67.30 47.42
CA ILE O 385 48.24 -68.04 47.27
C ILE O 385 49.42 -67.17 47.66
N ASP O 386 49.48 -65.95 47.13
CA ASP O 386 50.55 -65.02 47.46
C ASP O 386 50.51 -64.56 48.91
N HIS O 387 49.40 -64.73 49.60
CA HIS O 387 49.31 -64.50 51.02
C HIS O 387 49.75 -65.71 51.83
N THR O 388 49.56 -66.92 51.29
CA THR O 388 49.91 -68.12 52.04
C THR O 388 51.40 -68.41 51.97
N THR O 389 52.02 -68.19 50.81
CA THR O 389 53.46 -68.39 50.70
C THR O 389 54.24 -67.36 51.48
N GLN O 390 53.73 -66.13 51.51
CA GLN O 390 54.41 -65.07 52.25
C GLN O 390 54.25 -65.26 53.75
N SER O 391 53.15 -65.85 54.19
CA SER O 391 53.02 -66.19 55.60
C SER O 391 53.93 -67.34 55.98
N MET O 392 54.33 -68.16 55.02
CA MET O 392 55.26 -69.26 55.28
C MET O 392 56.70 -68.84 55.11
N LYS O 393 56.97 -67.75 54.39
CA LYS O 393 58.28 -67.14 54.40
C LYS O 393 58.49 -66.22 55.59
N ASN O 394 57.48 -66.05 56.43
CA ASN O 394 57.57 -65.18 57.59
C ASN O 394 57.64 -65.92 58.91
N ASP O 395 57.10 -67.13 59.01
CA ASP O 395 57.25 -67.91 60.23
C ASP O 395 58.39 -68.90 60.14
N TYR O 396 58.95 -69.12 58.96
CA TYR O 396 60.10 -69.98 58.80
C TYR O 396 61.29 -69.23 58.21
N LYS O 397 61.12 -67.94 57.91
CA LYS O 397 62.19 -66.96 57.77
C LYS O 397 63.12 -67.21 56.59
N LEU O 398 62.73 -68.08 55.66
CA LEU O 398 63.59 -68.45 54.54
C LEU O 398 63.16 -67.70 53.29
N TYR O 399 64.14 -67.37 52.44
CA TYR O 399 63.92 -66.45 51.34
C TYR O 399 64.25 -67.00 49.97
N ASP O 400 65.21 -67.93 49.85
CA ASP O 400 65.60 -68.45 48.54
C ASP O 400 64.79 -69.72 48.27
N VAL O 401 63.51 -69.51 47.98
CA VAL O 401 62.55 -70.58 47.91
C VAL O 401 62.01 -70.65 46.49
N GLN O 402 61.58 -71.84 46.07
CA GLN O 402 60.78 -71.99 44.87
C GLN O 402 59.57 -72.84 45.23
N PHE O 403 58.43 -72.20 45.46
CA PHE O 403 57.23 -72.92 45.86
C PHE O 403 56.67 -73.71 44.69
N VAL O 404 56.08 -74.87 45.00
CA VAL O 404 55.28 -75.59 44.04
C VAL O 404 53.88 -75.77 44.61
N ILE O 405 52.90 -75.85 43.72
CA ILE O 405 51.50 -76.02 44.08
C ILE O 405 51.01 -77.29 43.40
N VAL O 406 50.55 -78.24 44.20
CA VAL O 406 49.96 -79.48 43.68
C VAL O 406 48.48 -79.46 44.01
N GLY O 407 47.66 -79.69 42.99
CA GLY O 407 46.22 -79.69 43.16
C GLY O 407 45.51 -80.32 41.99
N ASN O 408 44.20 -80.44 42.15
CA ASN O 408 43.35 -80.98 41.11
C ASN O 408 43.25 -79.99 39.95
N PRO O 409 43.18 -80.48 38.70
CA PRO O 409 43.10 -79.56 37.57
C PRO O 409 41.78 -78.80 37.46
N LEU O 410 40.77 -79.14 38.25
CA LEU O 410 39.62 -78.26 38.39
C LEU O 410 39.98 -76.97 39.11
N ASP O 411 41.01 -77.00 39.96
CA ASP O 411 41.44 -75.83 40.72
C ASP O 411 42.69 -75.18 40.15
N VAL O 412 43.54 -75.91 39.44
CA VAL O 412 44.64 -75.30 38.71
C VAL O 412 44.12 -74.45 37.57
N ARG O 413 42.95 -74.81 37.03
CA ARG O 413 42.32 -74.04 35.95
C ARG O 413 41.96 -72.64 36.40
N LEU O 414 41.67 -72.44 37.68
CA LEU O 414 41.30 -71.12 38.18
C LEU O 414 42.47 -70.15 38.23
N ILE O 415 43.70 -70.64 38.13
CA ILE O 415 44.87 -69.78 38.28
C ILE O 415 45.14 -68.93 37.04
N PRO O 416 45.33 -69.48 35.80
CA PRO O 416 45.74 -68.57 34.71
C PRO O 416 44.59 -67.75 34.13
N ASN O 417 43.37 -68.27 34.21
CA ASN O 417 42.14 -67.62 33.72
C ASN O 417 42.25 -67.23 32.25
N VAL O 418 42.76 -68.17 31.45
CA VAL O 418 42.99 -67.90 30.04
C VAL O 418 41.66 -67.91 29.29
N SER O 419 41.50 -66.96 28.38
CA SER O 419 40.28 -66.81 27.60
C SER O 419 40.33 -67.67 26.35
N TRP O 420 39.19 -67.79 25.70
CA TRP O 420 39.04 -68.66 24.55
C TRP O 420 39.57 -67.99 23.28
N THR O 421 39.70 -68.77 22.22
CA THR O 421 39.94 -68.25 20.89
C THR O 421 39.21 -69.12 19.89
N PHE O 422 38.85 -68.54 18.75
CA PHE O 422 37.97 -69.21 17.81
C PHE O 422 38.63 -69.33 16.44
N ASN O 423 38.14 -70.27 15.65
CA ASN O 423 38.69 -70.54 14.34
C ASN O 423 37.54 -71.03 13.45
N GLY O 424 37.90 -71.67 12.33
CA GLY O 424 36.90 -72.07 11.36
C GLY O 424 36.01 -73.21 11.82
N GLY O 425 36.60 -74.21 12.47
CA GLY O 425 35.81 -75.32 12.98
C GLY O 425 35.52 -76.43 12.00
N ASP O 426 36.47 -76.71 11.11
CA ASP O 426 36.32 -77.82 10.18
C ASP O 426 36.64 -79.15 10.86
N ARG O 427 36.56 -80.23 10.08
CA ARG O 427 36.86 -81.55 10.61
C ARG O 427 38.19 -82.10 10.13
N ASN O 428 38.64 -81.71 8.93
CA ASN O 428 39.89 -82.25 8.42
C ASN O 428 41.10 -81.70 9.16
N ALA O 429 41.05 -80.42 9.54
CA ALA O 429 42.08 -79.83 10.40
C ALA O 429 41.54 -79.88 11.82
N ASP O 430 41.82 -80.99 12.50
CA ASP O 430 41.25 -81.26 13.82
C ASP O 430 42.38 -81.48 14.82
N ALA O 431 42.82 -80.41 15.46
CA ALA O 431 43.81 -80.50 16.52
C ALA O 431 43.12 -80.93 17.80
N TYR O 432 43.34 -82.19 18.19
CA TYR O 432 42.65 -82.77 19.34
C TYR O 432 43.13 -82.13 20.63
N SER O 433 44.41 -82.33 20.95
CA SER O 433 45.00 -81.77 22.16
C SER O 433 46.36 -81.15 21.87
N ASN O 434 46.65 -80.91 20.59
CA ASN O 434 47.91 -80.29 20.21
C ASN O 434 47.90 -78.82 20.57
N GLY O 435 48.40 -78.50 21.76
CA GLY O 435 48.46 -77.11 22.16
C GLY O 435 48.07 -76.89 23.61
N ILE O 436 47.19 -77.72 24.15
CA ILE O 436 46.73 -77.54 25.52
C ILE O 436 47.78 -78.10 26.47
N LYS O 437 48.31 -77.24 27.34
CA LYS O 437 49.16 -77.73 28.42
C LYS O 437 48.92 -77.04 29.75
N ILE O 438 48.37 -75.83 29.81
CA ILE O 438 48.39 -75.10 31.08
C ILE O 438 47.17 -75.47 31.90
N ASN O 439 47.16 -76.71 32.37
CA ASN O 439 46.27 -77.13 33.43
C ASN O 439 46.95 -78.15 34.31
N TYR O 440 48.13 -78.64 33.92
CA TYR O 440 48.91 -79.61 34.66
C TYR O 440 50.33 -79.17 34.90
N SER O 441 50.85 -78.25 34.10
CA SER O 441 52.21 -77.73 34.24
C SER O 441 52.15 -76.23 33.96
N LEU O 442 52.24 -75.42 35.01
CA LEU O 442 52.08 -73.98 34.90
C LEU O 442 53.15 -73.29 35.74
N GLY O 443 54.12 -72.67 35.07
CA GLY O 443 55.16 -71.92 35.74
C GLY O 443 54.77 -70.49 36.05
N ALA O 444 54.00 -70.30 37.11
CA ALA O 444 53.67 -68.96 37.54
C ALA O 444 54.87 -68.28 38.17
N ALA O 445 54.85 -66.95 38.16
CA ALA O 445 55.93 -66.16 38.75
C ALA O 445 55.34 -64.83 39.22
N SER O 446 55.05 -64.73 40.50
CA SER O 446 54.41 -63.55 41.06
C SER O 446 55.46 -62.54 41.52
N GLY O 447 55.03 -61.53 42.26
CA GLY O 447 55.95 -60.59 42.86
C GLY O 447 56.27 -60.97 44.28
N THR O 448 55.54 -61.96 44.81
CA THR O 448 55.76 -62.45 46.16
C THR O 448 56.75 -63.61 46.17
N ALA O 449 56.59 -64.56 45.25
CA ALA O 449 57.51 -65.68 45.11
C ALA O 449 57.45 -66.16 43.67
N ASN O 450 58.23 -67.20 43.39
CA ASN O 450 58.13 -67.93 42.14
C ASN O 450 57.37 -69.22 42.38
N TYR O 451 56.71 -69.72 41.34
CA TYR O 451 55.80 -70.84 41.48
C TYR O 451 56.05 -71.87 40.40
N ARG O 452 55.55 -73.07 40.65
CA ARG O 452 55.56 -74.15 39.67
C ARG O 452 54.37 -75.03 39.98
N ILE O 453 53.24 -74.77 39.31
CA ILE O 453 51.99 -75.42 39.65
C ILE O 453 51.91 -76.76 38.93
N ILE O 454 51.52 -77.80 39.66
CA ILE O 454 51.46 -79.16 39.13
C ILE O 454 50.03 -79.66 39.28
N GLY O 455 49.37 -79.91 38.16
CA GLY O 455 48.02 -80.43 38.19
C GLY O 455 47.99 -81.94 38.14
N SER O 456 47.34 -82.55 39.13
CA SER O 456 47.26 -84.01 39.23
C SER O 456 45.84 -84.37 39.56
N ASP O 457 45.23 -85.21 38.72
CA ASP O 457 43.84 -85.61 38.90
C ASP O 457 43.65 -86.65 40.00
N LEU O 458 44.73 -87.14 40.60
CA LEU O 458 44.64 -88.16 41.63
C LEU O 458 44.26 -87.61 42.99
N VAL O 459 44.49 -86.33 43.24
CA VAL O 459 44.14 -85.74 44.52
C VAL O 459 42.66 -85.43 44.52
N ARG O 460 42.12 -85.25 45.73
CA ARG O 460 40.72 -84.86 45.86
C ARG O 460 40.55 -83.41 45.43
N GLN O 461 39.52 -83.14 44.64
CA GLN O 461 39.28 -81.79 44.17
C GLN O 461 38.75 -80.92 45.30
N GLY O 462 39.31 -79.72 45.43
CA GLY O 462 38.77 -78.74 46.34
C GLY O 462 39.78 -78.08 47.25
N GLU O 463 40.88 -78.76 47.54
CA GLU O 463 41.89 -78.25 48.45
C GLU O 463 43.25 -78.28 47.77
N LEU O 464 43.83 -77.10 47.55
CA LEU O 464 45.17 -76.99 47.01
C LEU O 464 46.20 -77.34 48.06
N THR O 465 47.46 -77.42 47.63
CA THR O 465 48.55 -77.75 48.53
C THR O 465 49.82 -77.05 48.04
N ILE O 466 50.45 -76.30 48.92
CA ILE O 466 51.65 -75.54 48.58
C ILE O 466 52.84 -76.16 49.32
N ILE O 467 53.93 -76.36 48.60
CA ILE O 467 55.13 -76.99 49.12
C ILE O 467 56.29 -76.04 48.92
N ALA O 468 57.05 -75.77 49.98
CA ALA O 468 58.24 -74.94 49.88
C ALA O 468 59.43 -75.81 49.50
N ILE O 469 60.29 -75.26 48.65
CA ILE O 469 61.52 -75.94 48.25
C ILE O 469 62.67 -74.95 48.41
N PRO O 470 63.64 -75.21 49.29
CA PRO O 470 64.76 -74.29 49.44
C PRO O 470 65.78 -74.46 48.34
N GLN O 471 66.55 -73.39 48.11
CA GLN O 471 67.55 -73.43 47.06
C GLN O 471 68.82 -74.12 47.52
N GLN O 472 69.32 -73.74 48.70
CA GLN O 472 70.59 -74.27 49.17
C GLN O 472 70.40 -75.64 49.81
N ASP O 473 71.48 -76.43 49.79
CA ASP O 473 71.46 -77.75 50.37
C ASP O 473 71.57 -77.73 51.88
N ASN O 474 71.93 -76.60 52.47
CA ASN O 474 72.07 -76.48 53.92
C ASN O 474 70.73 -76.45 54.65
N TYR O 475 69.62 -76.40 53.93
CA TYR O 475 68.30 -76.43 54.52
C TYR O 475 67.42 -77.35 53.69
N LYS O 476 66.66 -78.20 54.35
CA LYS O 476 65.87 -79.20 53.66
C LYS O 476 64.50 -79.30 54.33
N THR O 477 63.45 -79.32 53.50
CA THR O 477 62.08 -79.43 53.98
C THR O 477 61.49 -80.79 53.65
N PHE O 478 61.51 -81.16 52.38
CA PHE O 478 61.06 -82.47 51.91
C PHE O 478 62.14 -83.05 51.03
N MET O 479 62.20 -84.37 50.99
CA MET O 479 63.15 -85.02 50.10
C MET O 479 62.58 -86.38 49.72
N PHE O 480 62.67 -86.71 48.44
CA PHE O 480 62.28 -88.01 47.94
C PHE O 480 63.53 -88.86 47.76
N TYR O 481 63.49 -90.08 48.29
CA TYR O 481 64.65 -90.96 48.29
C TYR O 481 64.32 -92.24 47.53
N PRO O 482 64.62 -92.31 46.24
CA PRO O 482 64.47 -93.58 45.53
C PRO O 482 65.70 -94.44 45.69
N TYR O 483 65.53 -95.66 46.23
CA TYR O 483 66.69 -96.50 46.47
C TYR O 483 67.01 -97.34 45.25
N THR O 484 66.10 -98.22 44.86
CA THR O 484 66.34 -99.06 43.70
C THR O 484 65.02 -99.55 43.13
N PHE O 485 65.08 -100.05 41.90
CA PHE O 485 63.94 -100.59 41.18
C PHE O 485 64.42 -101.91 40.58
N ASN O 486 64.05 -103.02 41.21
CA ASN O 486 64.58 -104.32 40.85
C ASN O 486 63.48 -105.20 40.28
N VAL O 487 63.72 -105.73 39.09
CA VAL O 487 62.82 -106.70 38.45
C VAL O 487 63.60 -107.99 38.24
N VAL O 488 62.91 -109.13 38.33
CA VAL O 488 63.44 -110.42 37.93
C VAL O 488 62.39 -111.10 37.06
N ASN O 489 62.83 -112.03 36.22
CA ASN O 489 61.93 -112.89 35.47
C ASN O 489 62.26 -114.33 35.83
N GLY O 490 61.43 -114.94 36.66
CA GLY O 490 61.76 -116.22 37.23
C GLY O 490 62.89 -116.07 38.24
N GLY O 491 64.07 -116.56 37.88
CA GLY O 491 65.25 -116.34 38.69
C GLY O 491 65.26 -117.03 40.03
N GLY O 492 64.47 -118.08 40.21
CA GLY O 492 64.42 -118.80 41.46
C GLY O 492 63.36 -118.32 42.42
N TYR O 493 62.85 -117.10 42.23
CA TYR O 493 61.78 -116.62 43.09
C TYR O 493 60.48 -117.32 42.73
N LEU O 494 59.84 -117.91 43.73
CA LEU O 494 58.59 -118.64 43.50
C LEU O 494 57.41 -117.68 43.62
N ASN O 495 56.21 -118.25 43.68
CA ASN O 495 54.99 -117.46 43.75
C ASN O 495 54.44 -117.48 45.18
N THR O 496 53.35 -116.76 45.37
CA THR O 496 52.63 -116.76 46.64
C THR O 496 51.34 -117.56 46.56
N ARG O 497 50.51 -117.29 45.56
CA ARG O 497 49.23 -117.99 45.43
C ARG O 497 49.43 -119.43 44.97
N ASN O 498 49.99 -119.60 43.77
CA ASN O 498 50.25 -120.94 43.23
C ASN O 498 51.73 -121.01 42.83
N PRO O 499 52.58 -121.62 43.66
CA PRO O 499 54.02 -121.58 43.39
C PRO O 499 54.47 -122.49 42.25
N ASN O 500 53.60 -123.36 41.74
CA ASN O 500 54.03 -124.37 40.78
C ASN O 500 54.27 -123.82 39.38
N VAL O 501 53.78 -122.63 39.08
CA VAL O 501 53.88 -122.05 37.75
C VAL O 501 54.98 -121.01 37.74
N PRO O 502 55.60 -120.70 36.60
CA PRO O 502 56.68 -119.70 36.57
C PRO O 502 56.17 -118.30 36.85
N ASN O 503 57.12 -117.40 37.12
CA ASN O 503 56.82 -116.12 37.74
C ASN O 503 57.64 -115.01 37.10
N MET O 504 57.16 -113.79 37.27
CA MET O 504 57.94 -112.59 37.04
C MET O 504 57.64 -111.62 38.17
N MET O 505 58.66 -110.97 38.69
CA MET O 505 58.57 -110.20 39.92
C MET O 505 59.22 -108.84 39.73
N MET O 506 58.68 -107.84 40.41
CA MET O 506 59.18 -106.48 40.31
C MET O 506 59.01 -105.80 41.65
N THR O 507 60.08 -105.16 42.14
CA THR O 507 60.00 -104.38 43.36
C THR O 507 60.63 -103.01 43.15
N ARG O 508 60.27 -102.09 44.04
CA ARG O 508 60.81 -100.73 43.99
C ARG O 508 60.76 -100.19 45.42
N ARG O 509 61.89 -100.25 46.11
CA ARG O 509 61.97 -99.76 47.48
C ARG O 509 62.50 -98.34 47.48
N TYR O 510 61.97 -97.53 48.38
CA TYR O 510 62.14 -96.08 48.37
C TYR O 510 61.58 -95.56 49.69
N THR O 511 61.84 -94.29 49.95
CA THR O 511 61.11 -93.56 50.98
C THR O 511 61.01 -92.10 50.59
N VAL O 512 60.08 -91.42 51.25
CA VAL O 512 59.94 -89.97 51.15
C VAL O 512 59.92 -89.45 52.58
N GLU O 513 60.61 -88.35 52.81
CA GLU O 513 60.80 -87.89 54.18
C GLU O 513 60.69 -86.37 54.28
N SER O 514 60.24 -85.93 55.45
CA SER O 514 60.07 -84.52 55.76
C SER O 514 60.95 -84.19 56.95
N PHE O 515 61.80 -83.18 56.79
CA PHE O 515 62.63 -82.71 57.89
C PHE O 515 61.94 -81.59 58.66
N VAL O 516 61.34 -80.64 57.96
CA VAL O 516 60.59 -79.57 58.59
C VAL O 516 59.32 -79.34 57.79
N PRO O 517 58.16 -79.27 58.42
CA PRO O 517 56.88 -79.24 57.69
C PRO O 517 56.39 -77.87 57.21
N ILE O 518 56.92 -77.40 56.08
CA ILE O 518 56.42 -76.17 55.47
C ILE O 518 55.45 -76.60 54.36
N ILE O 519 54.18 -76.69 54.71
CA ILE O 519 53.13 -77.09 53.79
C ILE O 519 51.85 -76.30 54.12
N GLY O 520 51.22 -75.76 53.08
CA GLY O 520 49.98 -75.04 53.26
C GLY O 520 48.85 -75.61 52.43
N ARG O 521 47.62 -75.49 52.93
CA ARG O 521 46.46 -76.08 52.25
C ARG O 521 45.41 -75.00 52.06
N ILE O 522 45.15 -74.67 50.79
CA ILE O 522 44.15 -73.66 50.45
C ILE O 522 42.86 -74.36 50.07
N THR O 523 41.78 -74.06 50.77
CA THR O 523 40.48 -74.65 50.49
C THR O 523 39.74 -73.82 49.46
N ILE O 524 39.31 -74.48 48.38
CA ILE O 524 38.54 -73.82 47.33
C ILE O 524 37.07 -74.17 47.55
N LYS O 525 36.29 -73.20 48.04
CA LYS O 525 34.91 -73.48 48.39
C LYS O 525 33.99 -73.24 47.20
N ASN O 526 33.07 -74.20 47.00
CA ASN O 526 32.03 -74.16 45.97
C ASN O 526 32.61 -74.04 44.57
N ASN O 527 33.40 -75.05 44.19
CA ASN O 527 33.91 -75.18 42.84
C ASN O 527 33.09 -76.16 42.00
N ASN O 528 31.80 -76.28 42.30
CA ASN O 528 30.95 -77.24 41.60
C ASN O 528 30.50 -76.76 40.23
N GLY O 529 30.92 -75.59 39.79
CA GLY O 529 30.45 -75.04 38.54
C GLY O 529 29.12 -74.32 38.63
N SER O 530 28.56 -74.17 39.83
CA SER O 530 27.27 -73.53 40.04
C SER O 530 27.40 -72.04 40.32
N VAL O 531 28.42 -71.38 39.76
CA VAL O 531 28.60 -69.96 39.97
C VAL O 531 27.49 -69.16 39.30
N TYR O 532 27.14 -69.54 38.08
CA TYR O 532 26.18 -68.77 37.29
C TYR O 532 24.76 -69.28 37.41
N ALA O 533 24.55 -70.44 38.01
CA ALA O 533 23.21 -70.93 38.31
C ALA O 533 22.78 -70.59 39.73
N ARG O 534 23.39 -69.59 40.35
CA ARG O 534 23.09 -69.24 41.73
C ARG O 534 21.86 -68.35 41.81
N MET P 81 68.67 -108.22 56.12
CA MET P 81 68.45 -109.42 56.92
C MET P 81 68.41 -109.05 58.40
N GLY P 82 67.76 -109.90 59.19
CA GLY P 82 67.58 -109.69 60.61
C GLY P 82 68.83 -109.61 61.46
N PRO P 83 69.59 -110.72 61.58
CA PRO P 83 70.74 -110.71 62.49
C PRO P 83 71.90 -109.85 62.04
N ILE P 84 71.88 -109.33 60.82
CA ILE P 84 72.86 -108.31 60.44
C ILE P 84 72.51 -107.01 61.16
N GLN P 85 73.46 -106.48 61.91
CA GLN P 85 73.22 -105.26 62.67
C GLN P 85 73.21 -104.06 61.72
N PRO P 86 72.18 -103.22 61.76
CA PRO P 86 72.12 -102.09 60.85
C PRO P 86 73.06 -100.97 61.28
N TYR P 87 73.68 -100.34 60.30
CA TYR P 87 74.59 -99.22 60.54
C TYR P 87 74.08 -98.02 59.77
N ALA P 88 73.97 -96.88 60.46
CA ALA P 88 73.45 -95.65 59.88
C ALA P 88 74.62 -94.76 59.51
N SER P 89 74.74 -94.45 58.22
CA SER P 89 75.81 -93.58 57.77
C SER P 89 75.49 -92.12 58.10
N LEU P 90 76.41 -91.23 57.73
CA LEU P 90 76.29 -89.82 58.04
C LEU P 90 76.40 -89.01 56.76
N SER P 91 75.32 -88.34 56.39
CA SER P 91 75.33 -87.52 55.18
C SER P 91 76.09 -86.23 55.44
N MET P 92 76.52 -85.61 54.36
CA MET P 92 77.47 -84.50 54.43
C MET P 92 76.91 -83.14 54.88
N PRO P 93 75.71 -82.68 54.46
CA PRO P 93 75.21 -81.42 55.02
C PRO P 93 74.79 -81.55 56.47
N ILE P 94 74.79 -80.40 57.16
CA ILE P 94 74.62 -80.33 58.60
C ILE P 94 73.24 -79.83 58.98
N LEU P 95 72.48 -79.25 58.03
CA LEU P 95 71.12 -78.75 58.22
C LEU P 95 71.07 -77.68 59.31
N VAL P 96 71.72 -76.56 59.00
CA VAL P 96 71.75 -75.43 59.91
C VAL P 96 70.36 -74.81 60.03
N LYS P 97 70.13 -74.12 61.14
CA LYS P 97 68.95 -73.29 61.25
C LYS P 97 69.19 -71.96 60.55
N LEU P 98 68.12 -71.20 60.38
CA LEU P 98 68.21 -69.87 59.78
C LEU P 98 67.22 -68.95 60.47
N TRP P 99 67.52 -67.66 60.42
CA TRP P 99 66.72 -66.64 61.08
C TRP P 99 66.44 -65.50 60.13
N ALA P 100 65.94 -64.39 60.66
CA ALA P 100 65.49 -63.29 59.82
C ALA P 100 66.65 -62.52 59.23
N ARG P 101 66.32 -61.69 58.24
CA ARG P 101 67.24 -60.73 57.68
C ARG P 101 67.07 -59.39 58.39
N LEU P 102 68.10 -58.57 58.31
CA LEU P 102 68.15 -57.29 59.03
C LEU P 102 68.33 -56.18 58.02
N ALA P 103 67.35 -55.27 57.96
CA ALA P 103 67.44 -54.09 57.10
C ALA P 103 67.11 -52.81 57.84
N LEU P 104 66.82 -52.89 59.14
CA LEU P 104 66.37 -51.75 59.90
C LEU P 104 67.52 -50.88 60.39
N THR P 105 68.77 -51.27 60.16
CA THR P 105 69.88 -50.39 60.46
C THR P 105 69.97 -49.23 59.49
N GLU P 106 69.37 -49.38 58.30
CA GLU P 106 69.23 -48.30 57.34
C GLU P 106 67.93 -47.52 57.54
N ALA P 107 67.02 -48.05 58.36
CA ALA P 107 65.75 -47.37 58.62
C ALA P 107 65.95 -46.06 59.38
N LEU P 108 66.78 -46.08 60.37
CA LEU P 108 66.98 -44.84 61.10
C LEU P 108 68.29 -44.17 60.68
N PRO P 109 68.37 -42.85 60.73
CA PRO P 109 69.63 -42.18 60.39
C PRO P 109 70.67 -42.38 61.48
N THR P 110 71.81 -42.95 61.09
CA THR P 110 72.86 -43.27 62.04
C THR P 110 73.99 -42.27 61.96
N GLN P 111 74.60 -42.02 63.11
CA GLN P 111 75.85 -41.26 63.19
C GLN P 111 76.57 -41.81 64.41
N VAL P 112 77.82 -42.25 64.21
CA VAL P 112 78.54 -42.93 65.28
C VAL P 112 78.88 -41.92 66.37
N ALA P 113 78.82 -42.38 67.62
CA ALA P 113 79.05 -41.49 68.73
C ALA P 113 80.47 -41.65 69.26
N ASN P 114 81.07 -40.52 69.60
CA ASN P 114 82.41 -40.52 70.17
C ASN P 114 82.40 -40.39 71.69
N LYS P 115 81.28 -40.00 72.28
CA LYS P 115 81.16 -39.85 73.71
C LYS P 115 79.93 -40.58 74.21
N PRO P 116 80.04 -41.26 75.36
CA PRO P 116 78.88 -41.98 75.89
C PRO P 116 77.83 -41.10 76.53
N ASN P 117 78.07 -39.80 76.66
CA ASN P 117 77.10 -38.90 77.25
C ASN P 117 77.26 -37.53 76.62
N PHE P 118 76.22 -37.05 75.96
CA PHE P 118 76.23 -35.72 75.36
C PHE P 118 74.81 -35.19 75.34
N THR P 119 74.69 -33.90 75.03
CA THR P 119 73.40 -33.22 75.03
C THR P 119 73.12 -32.57 73.69
N VAL P 120 71.83 -32.42 73.40
CA VAL P 120 71.39 -31.62 72.26
C VAL P 120 70.59 -30.44 72.81
N PRO P 121 70.83 -29.22 72.30
CA PRO P 121 69.94 -28.12 72.60
C PRO P 121 68.81 -28.05 71.58
N ILE P 122 67.70 -27.43 72.01
CA ILE P 122 66.62 -27.10 71.08
C ILE P 122 66.23 -25.65 71.28
N LEU P 123 66.44 -24.83 70.26
CA LEU P 123 66.21 -23.40 70.37
C LEU P 123 64.81 -23.06 69.89
N THR P 124 63.96 -22.63 70.82
CA THR P 124 62.61 -22.27 70.45
C THR P 124 62.37 -20.78 70.67
N PRO P 125 61.67 -20.11 69.75
CA PRO P 125 61.26 -18.73 69.99
C PRO P 125 59.99 -18.68 70.82
N TYR P 126 59.68 -17.49 71.31
CA TYR P 126 58.51 -17.29 72.14
C TYR P 126 57.84 -15.97 71.77
N VAL P 127 56.66 -15.76 72.34
CA VAL P 127 55.93 -14.51 72.17
C VAL P 127 55.14 -14.29 73.45
N VAL P 128 55.00 -13.02 73.84
CA VAL P 128 54.18 -12.64 74.98
C VAL P 128 52.90 -12.01 74.46
N ASP P 129 51.79 -12.28 75.15
CA ASP P 129 50.51 -11.74 74.74
C ASP P 129 50.27 -10.42 75.46
N ALA P 130 49.03 -9.92 75.39
CA ALA P 130 48.66 -8.71 76.12
C ALA P 130 48.68 -8.94 77.63
N ASP P 131 48.39 -10.15 78.08
CA ASP P 131 48.50 -10.48 79.50
C ASP P 131 49.96 -10.53 79.91
N GLY P 132 50.83 -11.07 79.06
CA GLY P 132 52.23 -11.25 79.39
C GLY P 132 52.64 -12.70 79.55
N ASN P 133 51.73 -13.65 79.38
CA ASN P 133 52.11 -15.06 79.40
C ASN P 133 52.86 -15.42 78.13
N LYS P 134 53.83 -16.31 78.26
CA LYS P 134 54.65 -16.69 77.12
C LYS P 134 53.97 -17.78 76.33
N HIS P 135 53.98 -17.63 75.00
CA HIS P 135 53.45 -18.61 74.08
C HIS P 135 54.54 -19.06 73.14
N ALA P 136 54.60 -20.36 72.87
CA ALA P 136 55.55 -20.86 71.89
C ALA P 136 55.11 -20.43 70.50
N LEU P 137 56.03 -19.85 69.75
CA LEU P 137 55.65 -19.05 68.59
C LEU P 137 55.14 -19.83 67.38
N PRO P 138 55.91 -20.73 66.73
CA PRO P 138 55.52 -21.16 65.37
C PRO P 138 54.31 -22.07 65.33
N GLU P 139 53.79 -22.48 66.48
CA GLU P 139 52.61 -23.32 66.57
C GLU P 139 51.41 -22.59 67.13
N SER P 140 51.55 -21.33 67.53
CA SER P 140 50.43 -20.53 67.94
C SER P 140 50.05 -19.47 66.94
N ILE P 141 50.78 -19.37 65.82
CA ILE P 141 50.46 -18.43 64.76
C ILE P 141 50.28 -19.20 63.46
N ASN P 142 49.93 -20.47 63.56
CA ASN P 142 49.45 -21.23 62.40
C ASN P 142 47.95 -21.11 62.24
N ASN P 143 47.34 -20.12 62.88
CA ASN P 143 45.91 -19.96 62.90
C ASN P 143 45.44 -19.05 61.79
N THR P 144 44.26 -19.31 61.25
CA THR P 144 43.61 -18.18 60.60
C THR P 144 43.00 -17.17 61.58
N PRO P 145 42.49 -17.52 62.83
CA PRO P 145 42.22 -16.43 63.79
C PRO P 145 43.50 -16.02 64.51
N GLU P 146 44.03 -14.86 64.14
CA GLU P 146 45.28 -14.36 64.72
C GLU P 146 44.94 -13.39 65.85
N THR P 147 44.56 -13.95 67.00
CA THR P 147 44.13 -13.16 68.13
C THR P 147 45.21 -13.00 69.19
N LEU P 148 46.48 -13.21 68.82
CA LEU P 148 47.60 -12.98 69.72
C LEU P 148 48.27 -11.65 69.48
N VAL P 149 48.50 -11.31 68.23
CA VAL P 149 49.14 -10.06 67.85
C VAL P 149 48.11 -9.19 67.14
N GLY P 150 48.49 -8.00 66.76
CA GLY P 150 47.57 -7.08 66.13
C GLY P 150 47.07 -6.03 67.12
N LEU P 151 46.36 -5.06 66.57
CA LEU P 151 45.92 -3.91 67.35
C LEU P 151 44.79 -4.28 68.29
N VAL P 152 44.51 -3.38 69.23
CA VAL P 152 43.52 -3.66 70.27
C VAL P 152 42.13 -3.41 69.73
N GLN P 153 41.25 -4.38 69.93
CA GLN P 153 39.86 -4.25 69.51
C GLN P 153 39.09 -3.45 70.56
N ILE P 154 38.35 -2.44 70.10
CA ILE P 154 37.52 -1.65 71.00
C ILE P 154 36.24 -2.42 71.28
N LYS P 155 35.47 -1.95 72.27
CA LYS P 155 34.19 -2.58 72.58
C LYS P 155 33.19 -2.33 71.45
N GLU P 156 32.30 -3.30 71.25
CA GLU P 156 31.43 -3.31 70.08
C GLU P 156 30.06 -2.71 70.36
N ASP P 157 29.46 -3.06 71.49
CA ASP P 157 28.10 -2.62 71.79
C ASP P 157 28.06 -1.14 72.10
N ILE P 158 27.19 -0.41 71.40
CA ILE P 158 26.88 0.98 71.70
C ILE P 158 25.38 1.12 71.79
N ALA P 159 24.89 1.52 72.94
CA ALA P 159 23.46 1.78 73.11
C ALA P 159 23.13 3.15 72.54
N VAL P 160 22.26 3.18 71.54
CA VAL P 160 21.95 4.41 70.82
C VAL P 160 20.48 4.72 71.12
N GLU P 161 20.09 4.50 72.38
CA GLU P 161 18.73 4.80 72.83
C GLU P 161 18.39 6.27 72.61
N GLY P 162 17.10 6.52 72.39
CA GLY P 162 16.64 7.82 71.97
C GLY P 162 16.93 8.15 70.52
N GLY P 163 17.38 7.18 69.73
CA GLY P 163 17.66 7.40 68.32
C GLY P 163 18.98 8.06 68.03
N LYS P 164 19.74 8.46 69.04
CA LYS P 164 20.98 9.19 68.83
C LYS P 164 21.86 9.02 70.06
N VAL P 165 23.15 9.33 69.90
CA VAL P 165 24.05 9.47 71.03
C VAL P 165 24.75 10.82 70.93
N THR P 166 25.09 11.35 72.09
CA THR P 166 25.81 12.61 72.20
C THR P 166 27.12 12.33 72.92
N ASP P 167 28.21 12.22 72.14
CA ASP P 167 29.58 12.02 72.63
C ASP P 167 29.72 10.73 73.42
N TYR P 168 29.54 9.61 72.73
CA TYR P 168 29.82 8.31 73.32
C TYR P 168 31.32 8.04 73.25
N ASP P 169 31.92 7.74 74.41
CA ASP P 169 33.34 7.44 74.47
C ASP P 169 33.59 6.05 73.91
N LEU P 170 34.50 5.96 72.94
CA LEU P 170 34.79 4.69 72.30
C LEU P 170 35.84 3.88 73.04
N PHE P 171 36.66 4.54 73.87
CA PHE P 171 37.69 3.82 74.64
C PHE P 171 37.10 3.45 76.00
N THR P 172 35.99 2.72 75.95
CA THR P 172 35.23 2.39 77.14
C THR P 172 35.42 0.91 77.45
N GLY P 173 35.80 0.62 78.69
CA GLY P 173 36.04 -0.73 79.12
C GLY P 173 37.41 -1.27 78.83
N LEU P 174 38.16 -0.63 77.94
CA LEU P 174 39.55 -1.01 77.72
C LEU P 174 40.40 -0.63 78.92
N LYS P 175 41.45 -1.41 79.17
CA LYS P 175 42.22 -1.25 80.38
C LYS P 175 43.23 -0.12 80.23
N GLU P 176 43.23 0.78 81.19
CA GLU P 176 44.03 2.00 81.12
C GLU P 176 45.49 1.70 81.39
N GLY P 177 46.36 2.23 80.53
CA GLY P 177 47.79 2.14 80.75
C GLY P 177 48.49 1.12 79.88
N LYS P 178 47.87 -0.04 79.67
CA LYS P 178 48.49 -1.08 78.86
C LYS P 178 47.85 -1.22 77.49
N GLU P 179 46.53 -1.11 77.39
CA GLU P 179 45.88 -1.17 76.09
C GLU P 179 45.70 0.21 75.49
N VAL P 180 45.21 1.15 76.28
CA VAL P 180 45.04 2.54 75.83
C VAL P 180 45.31 3.46 77.00
N ARG P 181 46.04 4.54 76.75
CA ARG P 181 46.19 5.63 77.70
C ARG P 181 45.35 6.81 77.23
N LYS P 182 44.49 7.31 78.10
CA LYS P 182 43.44 8.23 77.71
C LYS P 182 44.00 9.58 77.29
N GLY P 183 43.69 9.98 76.06
CA GLY P 183 44.12 11.26 75.55
C GLY P 183 45.53 11.31 75.03
N ILE P 184 46.09 10.19 74.58
CA ILE P 184 47.47 10.20 74.09
C ILE P 184 47.55 9.51 72.75
N ASP P 185 46.50 8.76 72.39
CA ASP P 185 46.50 8.00 71.15
C ASP P 185 45.13 8.09 70.49
N ARG P 186 45.14 8.15 69.17
CA ARG P 186 43.91 8.33 68.41
C ARG P 186 43.24 6.98 68.18
N LEU P 187 42.20 6.98 67.37
CA LEU P 187 41.58 5.77 66.86
C LEU P 187 41.95 5.64 65.40
N ASP P 188 41.92 4.41 64.89
CA ASP P 188 42.34 4.15 63.53
C ASP P 188 41.35 4.73 62.53
N ARG P 189 41.84 4.95 61.30
CA ARG P 189 41.00 5.41 60.22
C ARG P 189 40.38 4.26 59.43
N LYS P 190 40.33 3.07 60.02
CA LYS P 190 39.55 1.96 59.50
C LYS P 190 38.34 1.67 60.39
N PHE P 191 37.78 2.70 61.01
CA PHE P 191 36.60 2.53 61.81
C PHE P 191 35.39 2.32 60.92
N LYS P 192 34.58 1.32 61.27
CA LYS P 192 33.34 1.07 60.54
C LYS P 192 32.37 0.34 61.45
N ILE P 193 31.11 0.59 61.23
CA ILE P 193 30.08 -0.18 61.91
C ILE P 193 29.66 -1.32 60.98
N VAL P 194 29.48 -2.50 61.55
CA VAL P 194 29.19 -3.70 60.77
C VAL P 194 27.82 -4.26 61.08
N GLU P 195 27.08 -3.64 61.98
CA GLU P 195 25.88 -4.24 62.55
C GLU P 195 25.07 -3.18 63.27
N ALA P 196 23.76 -3.14 63.01
CA ALA P 196 22.90 -2.13 63.64
C ALA P 196 21.53 -2.73 63.88
N LYS P 197 20.90 -2.29 64.97
CA LYS P 197 19.59 -2.82 65.38
C LYS P 197 18.62 -1.66 65.54
N TRP P 198 17.61 -1.62 64.68
CA TRP P 198 16.53 -0.67 64.82
C TRP P 198 15.43 -1.28 65.70
N SER P 199 14.41 -0.48 65.99
CA SER P 199 13.39 -0.96 66.91
C SER P 199 12.38 -1.88 66.24
N ASP P 200 12.39 -2.00 64.91
CA ASP P 200 11.56 -2.97 64.22
C ASP P 200 12.39 -3.55 63.08
N SER P 201 13.10 -4.64 63.35
CA SER P 201 14.07 -5.16 62.40
C SER P 201 14.01 -6.68 62.43
N PHE P 202 14.92 -7.31 61.69
CA PHE P 202 14.96 -8.76 61.60
C PHE P 202 16.40 -9.18 61.29
N ASP P 203 16.75 -10.38 61.74
CA ASP P 203 18.17 -10.75 61.80
C ASP P 203 18.65 -11.43 60.52
N GLU P 204 17.92 -12.46 60.07
CA GLU P 204 18.22 -13.42 59.00
C GLU P 204 19.40 -14.36 59.33
N ARG P 205 20.05 -14.19 60.47
CA ARG P 205 20.94 -15.22 61.00
C ARG P 205 20.26 -16.05 62.07
N THR P 206 19.58 -15.40 63.00
CA THR P 206 18.47 -15.98 63.72
C THR P 206 17.19 -15.38 63.14
N SER P 207 16.05 -15.70 63.74
CA SER P 207 14.76 -15.23 63.24
C SER P 207 13.98 -14.61 64.39
N ALA P 208 14.23 -13.33 64.63
CA ALA P 208 13.54 -12.57 65.67
C ALA P 208 13.63 -11.09 65.31
N ALA P 209 13.27 -10.24 66.26
CA ALA P 209 13.36 -8.80 66.08
C ALA P 209 14.67 -8.31 66.71
N GLY P 210 15.76 -8.51 65.96
CA GLY P 210 17.06 -8.23 66.51
C GLY P 210 18.00 -7.45 65.62
N PHE P 211 19.19 -8.01 65.41
CA PHE P 211 20.34 -7.27 64.89
C PHE P 211 20.52 -7.53 63.40
N VAL P 212 20.73 -6.46 62.64
CA VAL P 212 20.79 -6.51 61.19
C VAL P 212 22.25 -6.44 60.75
N GLU P 213 22.78 -7.56 60.28
CA GLU P 213 24.15 -7.60 59.78
C GLU P 213 24.23 -6.83 58.46
N LEU P 214 24.98 -5.74 58.46
CA LEU P 214 25.13 -4.90 57.27
C LEU P 214 25.99 -5.64 56.27
N GLY P 215 25.34 -6.34 55.35
CA GLY P 215 26.07 -7.07 54.33
C GLY P 215 26.46 -6.19 53.15
N SER P 216 27.74 -5.85 53.07
CA SER P 216 28.36 -5.06 51.99
C SER P 216 27.73 -3.68 51.83
N ASN P 217 27.08 -3.16 52.87
CA ASN P 217 26.61 -1.79 52.93
C ASN P 217 27.00 -1.19 54.26
N VAL P 218 28.20 -1.54 54.74
CA VAL P 218 28.68 -1.02 56.00
C VAL P 218 29.03 0.44 55.85
N VAL P 219 29.06 1.14 56.98
CA VAL P 219 29.30 2.57 57.03
C VAL P 219 30.74 2.76 57.47
N LYS P 220 31.60 3.16 56.56
CA LYS P 220 33.02 3.33 56.87
C LYS P 220 33.31 4.79 57.20
N LEU P 221 34.48 5.01 57.80
CA LEU P 221 34.95 6.36 58.14
C LEU P 221 35.41 7.02 56.86
N GLN P 222 34.56 7.88 56.30
CA GLN P 222 34.88 8.56 55.06
C GLN P 222 35.74 9.78 55.30
N ASP P 223 35.84 10.64 54.28
CA ASP P 223 36.70 11.82 54.38
C ASP P 223 36.15 12.82 55.39
N ASN P 224 37.08 13.54 56.05
CA ASN P 224 36.82 14.41 57.20
C ASN P 224 36.14 13.65 58.34
N ASP P 225 36.49 12.37 58.48
CA ASP P 225 36.20 11.54 59.66
C ASP P 225 34.70 11.41 59.97
N THR P 226 33.87 11.48 58.95
CA THR P 226 32.43 11.35 59.13
C THR P 226 31.93 10.09 58.43
N LEU P 227 30.74 9.65 58.82
CA LEU P 227 30.21 8.38 58.36
C LEU P 227 28.76 8.58 57.97
N VAL P 228 28.46 8.50 56.67
CA VAL P 228 27.09 8.54 56.18
C VAL P 228 26.76 7.18 55.59
N GLY P 229 25.50 6.77 55.74
CA GLY P 229 25.09 5.46 55.27
C GLY P 229 23.60 5.33 55.09
N GLN P 230 23.18 4.75 53.98
CA GLN P 230 21.76 4.58 53.66
C GLN P 230 21.43 3.10 53.73
N ILE P 231 20.68 2.72 54.76
CA ILE P 231 20.43 1.31 55.07
C ILE P 231 18.98 0.98 54.75
N LYS P 232 18.78 -0.19 54.15
CA LYS P 232 17.47 -0.68 53.74
C LYS P 232 17.18 -1.99 54.48
N TYR P 233 17.33 -1.94 55.81
CA TYR P 233 17.24 -3.12 56.67
C TYR P 233 15.88 -3.80 56.57
N PRO P 234 15.85 -5.12 56.70
CA PRO P 234 14.56 -5.84 56.66
C PRO P 234 13.78 -5.62 57.94
N THR P 235 12.54 -5.14 57.78
CA THR P 235 11.66 -4.90 58.91
C THR P 235 11.03 -6.18 59.41
N ASN P 236 10.46 -6.97 58.50
CA ASN P 236 9.86 -8.25 58.85
C ASN P 236 10.59 -9.37 58.13
N GLY P 237 10.57 -10.55 58.73
CA GLY P 237 11.23 -11.69 58.11
C GLY P 237 10.50 -12.18 56.89
N ASP P 238 9.19 -12.39 57.01
CA ASP P 238 8.39 -12.83 55.87
C ASP P 238 7.74 -11.66 55.14
N GLY P 239 7.30 -10.64 55.89
CA GLY P 239 6.63 -9.51 55.25
C GLY P 239 7.58 -8.65 54.44
N GLU P 240 8.78 -8.41 54.99
CA GLU P 240 9.88 -7.70 54.32
C GLU P 240 9.46 -6.29 53.89
N VAL P 241 9.09 -5.50 54.88
CA VAL P 241 8.62 -4.14 54.62
C VAL P 241 9.77 -3.25 54.15
N GLU P 242 10.99 -3.53 54.65
CA GLU P 242 12.24 -2.89 54.24
C GLU P 242 12.19 -1.36 54.43
N THR P 243 12.07 -0.98 55.69
CA THR P 243 12.12 0.42 56.06
C THR P 243 13.53 0.94 55.79
N ASP P 244 13.61 2.17 55.29
CA ASP P 244 14.89 2.80 54.98
C ASP P 244 15.24 3.83 56.04
N THR P 245 16.49 3.79 56.50
CA THR P 245 16.95 4.74 57.50
C THR P 245 18.39 5.14 57.16
N ILE P 246 18.69 6.41 57.34
CA ILE P 246 19.97 6.98 56.98
C ILE P 246 20.78 7.18 58.24
N LEU P 247 22.10 7.05 58.13
CA LEU P 247 22.99 6.84 59.26
C LEU P 247 24.15 7.83 59.25
N GLY P 248 23.84 9.11 59.09
CA GLY P 248 24.88 10.12 59.07
C GLY P 248 25.42 10.41 60.47
N LYS P 249 26.75 10.39 60.59
CA LYS P 249 27.42 10.67 61.86
C LYS P 249 28.85 11.11 61.62
N VAL P 250 29.39 11.83 62.60
CA VAL P 250 30.78 12.27 62.60
C VAL P 250 31.48 11.55 63.74
N ASP P 251 32.80 11.41 63.61
CA ASP P 251 33.58 10.66 64.59
C ASP P 251 34.97 11.29 64.69
N VAL P 252 35.21 12.00 65.78
CA VAL P 252 36.53 12.59 66.02
C VAL P 252 37.50 11.47 66.39
N SER P 253 38.69 11.50 65.77
CA SER P 253 39.66 10.44 66.01
C SER P 253 40.33 10.59 67.37
N SER P 254 41.02 11.72 67.58
CA SER P 254 41.76 11.92 68.82
C SER P 254 40.85 12.17 70.01
N GLY P 255 39.62 12.59 69.79
CA GLY P 255 38.68 12.78 70.87
C GLY P 255 37.93 11.49 71.17
N GLU P 256 37.91 10.59 70.18
CA GLU P 256 37.24 9.27 70.21
C GLU P 256 35.78 9.33 70.69
N LEU P 257 35.05 10.32 70.21
CA LEU P 257 33.61 10.38 70.41
C LEU P 257 32.90 10.05 69.11
N THR P 258 32.02 9.06 69.15
CA THR P 258 31.13 8.83 68.03
C THR P 258 29.83 9.61 68.22
N LEU P 259 29.25 10.04 67.11
CA LEU P 259 28.11 10.94 67.15
C LEU P 259 26.95 10.40 66.35
N THR P 260 26.59 9.14 66.62
CA THR P 260 25.56 8.45 65.85
C THR P 260 24.21 9.13 66.02
N SER P 261 23.57 9.42 64.90
CA SER P 261 22.23 10.00 64.90
C SER P 261 21.51 9.50 63.66
N ALA P 262 20.59 8.57 63.85
CA ALA P 262 19.74 8.10 62.78
C ALA P 262 18.38 8.78 62.86
N SER P 263 17.75 8.93 61.70
CA SER P 263 16.53 9.71 61.59
C SER P 263 15.29 8.89 61.90
N GLY P 264 15.38 7.56 61.83
CA GLY P 264 14.29 6.71 62.23
C GLY P 264 14.42 6.39 63.70
N LYS P 265 14.62 5.12 64.05
CA LYS P 265 14.63 4.71 65.45
C LYS P 265 15.76 3.70 65.68
N LEU P 266 16.90 4.20 66.15
CA LEU P 266 18.01 3.32 66.47
C LEU P 266 17.93 2.87 67.92
N THR P 267 18.36 1.64 68.16
CA THR P 267 18.48 1.12 69.52
C THR P 267 19.92 0.79 69.86
N ASP P 268 20.57 -0.08 69.09
CA ASP P 268 21.94 -0.52 69.35
C ASP P 268 22.71 -0.54 68.04
N VAL P 269 24.01 -0.27 68.13
CA VAL P 269 24.90 -0.31 66.98
C VAL P 269 26.18 -1.01 67.40
N LYS P 270 26.57 -2.04 66.64
CA LYS P 270 27.84 -2.70 66.85
C LYS P 270 28.89 -2.13 65.91
N VAL P 271 30.06 -1.81 66.46
CA VAL P 271 31.13 -1.16 65.71
C VAL P 271 32.29 -2.14 65.57
N LYS P 272 33.29 -1.73 64.79
CA LYS P 272 34.49 -2.53 64.63
C LYS P 272 35.65 -1.58 64.31
N GLY P 273 36.44 -1.24 65.32
CA GLY P 273 37.57 -0.38 65.11
C GLY P 273 38.71 -0.76 66.03
N TYR P 274 39.92 -0.41 65.60
CA TYR P 274 41.11 -0.68 66.38
C TYR P 274 41.61 0.59 67.06
N VAL P 275 42.21 0.42 68.24
CA VAL P 275 42.98 1.49 68.85
C VAL P 275 44.28 1.63 68.07
N ALA P 276 44.58 2.85 67.62
CA ALA P 276 45.72 3.08 66.76
C ALA P 276 47.03 2.87 67.51
N SER P 277 48.02 2.36 66.79
CA SER P 277 49.36 2.14 67.30
C SER P 277 50.34 3.10 66.63
N GLU P 278 49.91 4.35 66.46
CA GLU P 278 50.80 5.40 65.99
C GLU P 278 51.91 5.64 67.00
N GLN P 279 51.56 5.61 68.28
CA GLN P 279 52.53 5.57 69.36
C GLN P 279 52.53 4.18 69.98
N HIS P 280 53.56 3.89 70.75
CA HIS P 280 53.56 2.68 71.56
C HIS P 280 52.53 2.82 72.66
N THR P 281 51.61 1.92 72.69
CA THR P 281 50.84 1.69 73.89
C THR P 281 50.81 0.20 74.23
N SER P 282 50.75 -0.64 73.21
CA SER P 282 50.80 -2.10 73.39
C SER P 282 51.42 -2.69 72.13
N ALA P 283 52.60 -3.27 72.28
CA ALA P 283 53.22 -4.05 71.22
C ALA P 283 53.60 -5.41 71.78
N THR P 284 53.81 -6.36 70.88
CA THR P 284 54.10 -7.73 71.27
C THR P 284 55.59 -8.00 71.16
N ASN P 285 56.19 -8.45 72.25
CA ASN P 285 57.60 -8.79 72.27
C ASN P 285 57.81 -10.26 71.94
N VAL P 286 59.02 -10.58 71.51
CA VAL P 286 59.41 -11.95 71.23
C VAL P 286 60.61 -12.29 72.12
N GLU P 287 60.70 -13.56 72.50
CA GLU P 287 61.74 -14.05 73.38
C GLU P 287 62.42 -15.26 72.74
N LEU P 288 63.23 -15.94 73.53
CA LEU P 288 63.86 -17.18 73.11
C LEU P 288 63.68 -18.22 74.21
N GLY P 289 64.06 -19.45 73.90
CA GLY P 289 63.96 -20.54 74.85
C GLY P 289 64.92 -21.65 74.49
N LEU P 290 65.70 -22.12 75.47
CA LEU P 290 66.80 -23.02 75.20
C LEU P 290 66.83 -24.17 76.21
N THR P 291 65.72 -24.87 76.35
CA THR P 291 65.78 -26.16 77.03
C THR P 291 66.63 -27.14 76.23
N ARG P 292 67.12 -28.17 76.92
CA ARG P 292 68.21 -28.97 76.42
C ARG P 292 67.95 -30.44 76.70
N LYS P 293 68.09 -31.28 75.69
CA LYS P 293 67.83 -32.71 75.82
C LYS P 293 69.15 -33.47 75.87
N ASP P 294 69.16 -34.56 76.63
CA ASP P 294 70.37 -35.31 76.94
C ASP P 294 70.34 -36.70 76.33
N VAL P 295 71.51 -37.19 75.95
CA VAL P 295 71.66 -38.52 75.37
C VAL P 295 72.69 -39.27 76.21
N VAL P 296 72.27 -40.41 76.78
CA VAL P 296 73.16 -41.27 77.55
C VAL P 296 73.26 -42.61 76.84
N ILE P 297 74.49 -43.10 76.70
CA ILE P 297 74.75 -44.38 76.06
C ILE P 297 74.99 -45.42 77.15
N ASP P 298 74.21 -46.48 77.12
CA ASP P 298 74.24 -47.52 78.12
C ASP P 298 75.48 -48.40 77.96
N THR P 299 75.79 -49.13 79.03
CA THR P 299 76.61 -50.33 78.90
C THR P 299 75.72 -51.46 78.40
N ALA P 300 76.34 -52.42 77.73
CA ALA P 300 75.57 -53.43 77.02
C ALA P 300 75.67 -54.78 77.71
N GLN P 301 74.99 -55.76 77.12
CA GLN P 301 75.01 -57.13 77.60
C GLN P 301 76.19 -57.86 77.00
N HIS P 302 76.77 -58.76 77.77
CA HIS P 302 77.94 -59.52 77.36
C HIS P 302 77.50 -60.84 76.76
N ILE P 303 77.69 -60.98 75.45
CA ILE P 303 77.42 -62.24 74.77
C ILE P 303 78.72 -63.06 74.82
N GLU P 304 78.70 -64.16 75.58
CA GLU P 304 79.90 -64.95 75.77
C GLU P 304 79.62 -66.41 75.45
N ALA P 305 80.69 -67.17 75.29
CA ALA P 305 80.62 -68.59 74.98
C ALA P 305 81.91 -69.27 75.40
N THR P 306 81.79 -70.36 76.14
CA THR P 306 82.96 -71.09 76.60
C THR P 306 83.49 -72.03 75.52
N VAL P 307 84.81 -72.19 75.48
CA VAL P 307 85.46 -73.09 74.53
C VAL P 307 86.30 -74.09 75.33
N PRO P 308 85.76 -75.23 75.73
CA PRO P 308 86.59 -76.25 76.37
C PRO P 308 87.39 -77.05 75.35
N LEU P 309 88.56 -77.50 75.77
CA LEU P 309 89.36 -78.36 74.91
C LEU P 309 88.80 -79.77 74.87
N GLU P 310 88.07 -80.18 75.91
CA GLU P 310 87.42 -81.47 75.91
C GLU P 310 86.17 -81.49 75.04
N VAL P 311 85.73 -80.34 74.54
CA VAL P 311 84.55 -80.25 73.70
C VAL P 311 84.91 -79.93 72.26
N ILE P 312 85.85 -79.00 72.05
CA ILE P 312 86.24 -78.60 70.71
C ILE P 312 87.01 -79.67 69.96
N GLN P 313 87.56 -80.66 70.66
CA GLN P 313 88.36 -81.67 69.98
C GLN P 313 87.52 -82.78 69.40
N ASP P 314 86.62 -83.35 70.20
CA ASP P 314 85.82 -84.47 69.71
C ASP P 314 84.72 -84.01 68.76
N MET P 315 84.16 -82.83 68.97
CA MET P 315 83.11 -82.34 68.09
C MET P 315 83.65 -81.91 66.74
N LYS P 316 84.94 -81.57 66.67
CA LYS P 316 85.62 -81.43 65.39
C LYS P 316 86.08 -82.76 64.84
N ALA P 317 86.18 -83.79 65.67
CA ALA P 317 86.62 -85.09 65.19
C ALA P 317 85.49 -85.85 64.51
N THR P 318 84.32 -85.90 65.16
CA THR P 318 83.23 -86.70 64.62
C THR P 318 82.45 -85.96 63.53
N TYR P 319 81.80 -84.86 63.89
CA TYR P 319 80.93 -84.16 62.95
C TYR P 319 81.67 -83.14 62.10
N ASP P 320 82.93 -82.86 62.41
CA ASP P 320 83.78 -81.87 61.71
C ASP P 320 83.14 -80.49 61.67
N ILE P 321 82.48 -80.13 62.75
CA ILE P 321 81.98 -78.77 62.91
C ILE P 321 82.95 -78.01 63.80
N ASP P 322 82.96 -76.69 63.66
CA ASP P 322 83.97 -75.90 64.33
C ASP P 322 83.43 -75.31 65.63
N GLY P 323 84.31 -75.18 66.62
CA GLY P 323 83.92 -74.61 67.89
C GLY P 323 84.12 -73.11 67.94
N VAL P 324 85.25 -72.63 67.43
CA VAL P 324 85.55 -71.21 67.45
C VAL P 324 84.90 -70.45 66.30
N ALA P 325 84.17 -71.14 65.42
CA ALA P 325 83.49 -70.50 64.31
C ALA P 325 81.98 -70.56 64.43
N ARG P 326 81.43 -71.72 64.77
CA ARG P 326 79.98 -71.85 64.92
C ARG P 326 79.46 -71.13 66.16
N LEU P 327 80.31 -70.89 67.16
CA LEU P 327 79.90 -70.09 68.30
C LEU P 327 80.21 -68.62 68.12
N SER P 328 81.21 -68.27 67.32
CA SER P 328 81.51 -66.87 67.08
C SER P 328 80.45 -66.23 66.18
N GLU P 329 80.01 -66.94 65.14
CA GLU P 329 79.00 -66.38 64.26
C GLU P 329 77.62 -66.41 64.90
N THR P 330 77.37 -67.39 65.78
CA THR P 330 76.16 -67.39 66.58
C THR P 330 76.11 -66.17 67.49
N MET P 331 77.24 -65.82 68.10
CA MET P 331 77.33 -64.60 68.88
C MET P 331 77.16 -63.37 68.01
N SER P 332 77.81 -63.36 66.85
CA SER P 332 77.82 -62.17 66.00
C SER P 332 76.46 -61.92 65.38
N GLN P 333 75.69 -62.97 65.13
CA GLN P 333 74.37 -62.81 64.54
C GLN P 333 73.26 -62.80 65.59
N LEU P 334 73.59 -63.01 66.86
CA LEU P 334 72.67 -62.71 67.93
C LEU P 334 72.74 -61.25 68.36
N SER P 335 73.96 -60.71 68.48
CA SER P 335 74.11 -59.30 68.80
C SER P 335 73.68 -58.41 67.65
N SER P 336 73.78 -58.90 66.41
CA SER P 336 73.28 -58.13 65.27
C SER P 336 71.77 -58.14 65.25
N GLN P 337 71.14 -59.25 65.61
CA GLN P 337 69.69 -59.28 65.69
C GLN P 337 69.18 -58.62 66.96
N LYS P 338 70.04 -58.43 67.96
CA LYS P 338 69.58 -57.81 69.19
C LYS P 338 69.32 -56.31 69.00
N VAL P 339 70.07 -55.66 68.11
CA VAL P 339 69.88 -54.23 67.92
C VAL P 339 68.62 -53.95 67.12
N ASP P 340 68.29 -54.81 66.16
CA ASP P 340 67.14 -54.58 65.30
C ASP P 340 65.84 -55.02 65.96
N LEU P 341 65.91 -55.90 66.95
CA LEU P 341 64.76 -56.13 67.81
C LEU P 341 64.51 -54.93 68.71
N ASP P 342 65.59 -54.29 69.18
CA ASP P 342 65.45 -53.13 70.03
C ASP P 342 64.92 -51.91 69.29
N ILE P 343 65.16 -51.84 67.98
CA ILE P 343 64.57 -50.76 67.19
C ILE P 343 63.06 -50.91 67.11
N ILE P 344 62.58 -52.14 66.93
CA ILE P 344 61.14 -52.38 66.90
C ILE P 344 60.52 -52.13 68.28
N GLU P 345 61.23 -52.53 69.33
CA GLU P 345 60.79 -52.23 70.70
C GLU P 345 60.83 -50.74 71.02
N PHE P 346 61.52 -49.93 70.22
CA PHE P 346 61.61 -48.49 70.41
C PHE P 346 60.43 -47.76 69.77
N LEU P 347 60.11 -48.09 68.53
CA LEU P 347 59.13 -47.33 67.76
C LEU P 347 57.70 -47.56 68.23
N ASP P 348 57.35 -48.78 68.63
CA ASP P 348 56.03 -49.01 69.19
C ASP P 348 55.89 -48.36 70.57
N HIS P 349 57.00 -48.25 71.30
CA HIS P 349 57.00 -47.45 72.51
C HIS P 349 56.95 -45.97 72.19
N GLU P 350 57.60 -45.54 71.11
CA GLU P 350 57.64 -44.13 70.79
C GLU P 350 56.33 -43.63 70.20
N TYR P 351 55.62 -44.48 69.47
CA TYR P 351 54.32 -44.07 68.93
C TYR P 351 53.29 -43.95 70.03
N LYS P 352 53.27 -44.91 70.96
CA LYS P 352 52.29 -44.86 72.04
C LYS P 352 52.58 -43.78 73.07
N GLU P 353 53.76 -43.16 73.01
CA GLU P 353 54.03 -41.97 73.82
C GLU P 353 53.26 -40.77 73.30
N THR P 354 53.04 -40.71 71.99
CA THR P 354 52.36 -39.58 71.35
C THR P 354 50.86 -39.55 71.60
N ASP P 355 50.27 -40.66 72.05
CA ASP P 355 48.81 -40.85 72.19
C ASP P 355 48.09 -40.58 70.86
N ALA P 356 48.43 -41.43 69.89
CA ALA P 356 47.60 -41.68 68.69
C ALA P 356 47.36 -40.43 67.85
N LYS P 357 48.44 -39.71 67.59
CA LYS P 357 48.30 -38.49 66.79
C LYS P 357 48.05 -38.81 65.33
N TYR P 358 48.83 -39.73 64.78
CA TYR P 358 48.66 -40.17 63.40
C TYR P 358 48.34 -41.65 63.42
N HIS P 359 47.06 -41.97 63.61
CA HIS P 359 46.58 -43.34 63.64
C HIS P 359 45.43 -43.43 62.64
N PHE P 360 45.77 -43.66 61.38
CA PHE P 360 44.81 -43.66 60.29
C PHE P 360 44.52 -45.10 59.92
N SER P 361 43.31 -45.56 60.23
CA SER P 361 42.95 -46.95 60.02
C SER P 361 42.71 -47.23 58.53
N PHE P 362 42.78 -48.51 58.18
CA PHE P 362 42.54 -48.97 56.82
C PHE P 362 41.93 -50.36 56.86
N ASP P 363 40.98 -50.60 55.98
CA ASP P 363 40.31 -51.89 55.91
C ASP P 363 40.68 -52.58 54.60
N VAL P 364 40.85 -53.88 54.66
CA VAL P 364 41.14 -54.68 53.47
C VAL P 364 39.82 -55.30 53.03
N PHE P 365 39.00 -55.67 54.00
CA PHE P 365 37.59 -55.94 53.79
C PHE P 365 37.00 -54.65 53.26
N PRO P 366 36.51 -54.62 52.01
CA PRO P 366 36.05 -53.35 51.45
C PRO P 366 34.76 -52.88 52.06
N HIS P 367 34.33 -51.67 51.67
CA HIS P 367 33.04 -51.19 52.12
C HIS P 367 31.93 -52.04 51.51
N SER P 368 30.79 -52.07 52.20
CA SER P 368 29.70 -52.94 51.77
C SER P 368 29.08 -52.45 50.47
N ASP P 369 29.17 -51.16 50.19
CA ASP P 369 28.85 -50.63 48.86
C ASP P 369 30.12 -50.35 48.07
N TYR P 370 30.94 -51.38 47.85
CA TYR P 370 32.07 -51.19 46.96
C TYR P 370 31.81 -51.73 45.57
N SER P 371 31.29 -52.95 45.47
CA SER P 371 30.75 -53.54 44.23
C SER P 371 31.80 -53.60 43.12
N ALA P 372 33.04 -53.89 43.48
CA ALA P 372 34.06 -54.12 42.47
C ALA P 372 35.05 -55.12 43.04
N HIS P 373 36.18 -55.25 42.38
CA HIS P 373 37.16 -56.24 42.78
C HIS P 373 37.90 -55.74 44.03
N PRO P 374 37.95 -56.54 45.10
CA PRO P 374 38.70 -56.11 46.30
C PRO P 374 40.20 -56.07 46.10
N LYS P 375 40.73 -56.63 45.03
CA LYS P 375 42.13 -56.43 44.68
C LYS P 375 42.40 -54.97 44.34
N ASP P 376 41.48 -54.33 43.62
CA ASP P 376 41.63 -52.93 43.28
C ASP P 376 41.22 -52.00 44.42
N TRP P 377 40.56 -52.52 45.45
CA TRP P 377 40.29 -51.74 46.65
C TRP P 377 41.56 -51.45 47.42
N LEU P 378 42.59 -52.28 47.25
CA LEU P 378 43.89 -52.14 47.90
C LEU P 378 44.71 -50.97 47.37
N GLU P 379 44.25 -50.28 46.32
CA GLU P 379 44.91 -49.04 45.94
C GLU P 379 44.62 -47.95 46.96
N GLY P 380 43.49 -48.05 47.67
CA GLY P 380 43.13 -47.06 48.67
C GLY P 380 44.06 -46.99 49.87
N LEU P 381 44.90 -48.01 50.06
CA LEU P 381 45.96 -47.92 51.06
C LEU P 381 46.96 -46.82 50.72
N ARG P 382 47.24 -46.62 49.44
CA ARG P 382 48.18 -45.58 49.02
C ARG P 382 47.66 -44.17 49.28
N GLU P 383 46.35 -44.00 49.43
CA GLU P 383 45.78 -42.70 49.77
C GLU P 383 45.37 -42.62 51.22
N VAL P 384 45.88 -43.52 52.06
CA VAL P 384 45.85 -43.35 53.50
C VAL P 384 47.29 -43.04 53.92
N ILE P 385 48.24 -43.64 53.22
CA ILE P 385 49.65 -43.29 53.40
C ILE P 385 49.90 -41.85 52.96
N ASP P 386 49.35 -41.47 51.81
CA ASP P 386 49.50 -40.10 51.33
C ASP P 386 48.72 -39.11 52.19
N HIS P 387 47.69 -39.58 52.87
CA HIS P 387 46.98 -38.72 53.82
C HIS P 387 47.73 -38.63 55.14
N THR P 388 48.40 -39.71 55.54
CA THR P 388 49.18 -39.69 56.76
C THR P 388 50.45 -38.87 56.60
N THR P 389 51.11 -39.00 55.45
CA THR P 389 52.34 -38.26 55.20
C THR P 389 52.10 -36.76 55.01
N GLN P 390 50.86 -36.34 54.84
CA GLN P 390 50.58 -34.93 54.63
C GLN P 390 50.18 -34.25 55.93
N SER P 391 49.49 -34.96 56.81
CA SER P 391 49.21 -34.40 58.13
C SER P 391 50.48 -34.25 58.95
N MET P 392 51.48 -35.10 58.72
CA MET P 392 52.76 -34.92 59.39
C MET P 392 53.52 -33.75 58.78
N LYS P 393 53.41 -33.55 57.48
CA LYS P 393 54.04 -32.40 56.83
C LYS P 393 53.26 -31.10 57.02
N ASN P 394 52.09 -31.15 57.65
CA ASN P 394 51.31 -29.96 57.90
C ASN P 394 51.48 -29.47 59.33
N ASP P 395 51.45 -30.39 60.28
CA ASP P 395 51.53 -30.02 61.68
C ASP P 395 52.95 -29.74 62.15
N TYR P 396 53.95 -30.11 61.37
CA TYR P 396 55.33 -29.92 61.76
C TYR P 396 56.14 -29.20 60.70
N LYS P 397 55.53 -28.91 59.55
CA LYS P 397 56.04 -27.98 58.54
C LYS P 397 57.37 -28.42 57.93
N LEU P 398 57.60 -29.73 57.84
CA LEU P 398 58.76 -30.24 57.14
C LEU P 398 58.47 -30.21 55.65
N TYR P 399 59.48 -29.84 54.86
CA TYR P 399 59.32 -29.76 53.42
C TYR P 399 60.44 -30.46 52.68
N ASP P 400 61.32 -31.17 53.39
CA ASP P 400 62.34 -32.00 52.75
C ASP P 400 62.48 -33.26 53.61
N VAL P 401 61.69 -34.29 53.29
CA VAL P 401 61.58 -35.46 54.15
C VAL P 401 61.84 -36.71 53.32
N GLN P 402 62.19 -37.80 54.01
CA GLN P 402 62.39 -39.12 53.42
C GLN P 402 61.56 -40.12 54.20
N PHE P 403 60.24 -39.89 54.21
CA PHE P 403 59.26 -40.75 54.86
C PHE P 403 59.48 -42.23 54.57
N VAL P 404 59.84 -42.99 55.59
CA VAL P 404 60.05 -44.42 55.44
C VAL P 404 58.89 -45.13 56.10
N ILE P 405 58.54 -46.29 55.57
CA ILE P 405 57.47 -47.11 56.09
C ILE P 405 58.08 -48.45 56.43
N VAL P 406 58.20 -48.74 57.72
CA VAL P 406 58.63 -50.05 58.18
C VAL P 406 57.37 -50.84 58.50
N GLY P 407 57.38 -52.12 58.15
CA GLY P 407 56.21 -52.94 58.36
C GLY P 407 56.49 -54.38 57.98
N ASN P 408 55.60 -55.25 58.44
CA ASN P 408 55.67 -56.67 58.13
C ASN P 408 55.47 -56.87 56.64
N PRO P 409 56.13 -57.85 56.02
CA PRO P 409 55.93 -58.03 54.58
C PRO P 409 54.71 -58.85 54.23
N LEU P 410 53.64 -58.68 55.00
CA LEU P 410 52.32 -59.15 54.68
C LEU P 410 51.37 -57.98 54.49
N ASP P 411 51.79 -56.80 54.93
CA ASP P 411 51.09 -55.56 54.71
C ASP P 411 51.81 -54.63 53.74
N VAL P 412 53.10 -54.86 53.49
CA VAL P 412 53.77 -54.11 52.43
C VAL P 412 53.42 -54.71 51.07
N ARG P 413 52.89 -55.94 51.04
CA ARG P 413 52.49 -56.56 49.79
C ARG P 413 51.27 -55.89 49.19
N LEU P 414 50.45 -55.26 50.04
CA LEU P 414 49.25 -54.59 49.57
C LEU P 414 49.54 -53.31 48.80
N ILE P 415 50.76 -52.80 48.87
CA ILE P 415 51.11 -51.53 48.23
C ILE P 415 51.37 -51.68 46.73
N PRO P 416 52.25 -52.56 46.23
CA PRO P 416 52.45 -52.58 44.77
C PRO P 416 51.32 -53.25 44.01
N ASN P 417 50.78 -54.35 44.54
CA ASN P 417 49.70 -55.15 43.92
C ASN P 417 50.06 -55.59 42.51
N VAL P 418 51.21 -56.23 42.38
CA VAL P 418 51.67 -56.67 41.07
C VAL P 418 50.90 -57.93 40.67
N SER P 419 50.74 -58.12 39.37
CA SER P 419 50.06 -59.29 38.84
C SER P 419 51.08 -60.41 38.62
N TRP P 420 50.66 -61.47 37.94
CA TRP P 420 51.48 -62.66 37.77
C TRP P 420 51.94 -62.76 36.33
N THR P 421 53.05 -63.44 36.11
CA THR P 421 53.61 -63.63 34.78
C THR P 421 53.96 -65.11 34.61
N PHE P 422 53.28 -65.77 33.68
CA PHE P 422 53.32 -67.21 33.57
C PHE P 422 54.29 -67.67 32.50
N ASN P 423 54.80 -68.89 32.67
CA ASN P 423 55.62 -69.58 31.68
C ASN P 423 55.47 -71.08 31.92
N GLY P 424 56.39 -71.87 31.37
CA GLY P 424 56.33 -73.31 31.57
C GLY P 424 56.81 -73.73 32.94
N GLY P 425 56.10 -74.71 33.50
CA GLY P 425 56.43 -75.25 34.81
C GLY P 425 57.36 -76.44 34.81
N ASP P 426 58.63 -76.21 34.49
CA ASP P 426 59.61 -77.29 34.36
C ASP P 426 60.66 -77.20 35.46
N ARG P 427 61.17 -78.37 35.87
CA ARG P 427 62.16 -78.41 36.94
C ARG P 427 63.53 -77.96 36.45
N ASN P 428 63.92 -78.34 35.23
CA ASN P 428 65.26 -78.07 34.73
C ASN P 428 65.51 -76.59 34.46
N ALA P 429 64.46 -75.79 34.32
CA ALA P 429 64.57 -74.33 34.21
C ALA P 429 63.77 -73.76 35.38
N ASP P 430 64.43 -73.65 36.54
CA ASP P 430 63.77 -73.24 37.77
C ASP P 430 64.48 -72.04 38.36
N ALA P 431 63.71 -71.10 38.89
CA ALA P 431 64.23 -69.88 39.47
C ALA P 431 63.80 -69.82 40.93
N TYR P 432 64.73 -70.11 41.84
CA TYR P 432 64.47 -70.12 43.27
C TYR P 432 64.51 -68.70 43.79
N SER P 433 63.47 -67.93 43.45
CA SER P 433 63.28 -66.52 43.82
C SER P 433 64.47 -65.66 43.37
N ASN P 434 64.65 -65.61 42.06
CA ASN P 434 65.71 -64.83 41.45
C ASN P 434 65.25 -63.46 40.99
N GLY P 435 64.01 -63.08 41.27
CA GLY P 435 63.51 -61.78 40.88
C GLY P 435 62.56 -61.17 41.88
N ILE P 436 62.58 -61.67 43.10
CA ILE P 436 61.68 -61.22 44.15
C ILE P 436 62.50 -60.38 45.13
N LYS P 437 62.29 -59.07 45.10
CA LYS P 437 62.83 -58.19 46.11
C LYS P 437 61.89 -57.04 46.46
N ILE P 438 60.72 -56.98 45.85
CA ILE P 438 59.83 -55.83 46.02
C ILE P 438 58.78 -56.08 47.08
N ASN P 439 58.88 -57.19 47.80
CA ASN P 439 58.07 -57.42 48.99
C ASN P 439 58.87 -57.18 50.26
N TYR P 440 60.10 -56.73 50.12
CA TYR P 440 60.99 -56.48 51.25
C TYR P 440 61.61 -55.09 51.22
N SER P 441 61.95 -54.58 50.05
CA SER P 441 62.67 -53.31 49.94
C SER P 441 62.25 -52.66 48.62
N LEU P 442 61.45 -51.61 48.72
CA LEU P 442 60.84 -51.00 47.55
C LEU P 442 61.16 -49.50 47.52
N GLY P 443 61.26 -48.95 46.32
CA GLY P 443 61.35 -47.51 46.17
C GLY P 443 60.07 -46.93 45.63
N ALA P 444 59.28 -46.28 46.49
CA ALA P 444 58.04 -45.66 46.09
C ALA P 444 58.21 -44.15 46.02
N ALA P 445 57.46 -43.51 45.12
CA ALA P 445 57.58 -42.07 44.94
C ALA P 445 56.21 -41.54 44.52
N SER P 446 55.45 -41.05 45.49
CA SER P 446 54.14 -40.48 45.24
C SER P 446 54.31 -39.02 44.79
N GLY P 447 53.21 -38.29 44.72
CA GLY P 447 53.28 -36.89 44.36
C GLY P 447 53.25 -35.97 45.56
N THR P 448 53.04 -36.55 46.75
CA THR P 448 53.01 -35.77 47.97
C THR P 448 54.23 -35.99 48.86
N ALA P 449 54.90 -37.13 48.73
CA ALA P 449 56.09 -37.45 49.50
C ALA P 449 56.82 -38.60 48.81
N ASN P 450 58.14 -38.58 48.89
CA ASN P 450 58.90 -39.74 48.46
C ASN P 450 58.89 -40.81 49.54
N TYR P 451 59.34 -42.00 49.19
CA TYR P 451 59.31 -43.11 50.12
C TYR P 451 60.53 -43.99 49.93
N ARG P 452 60.94 -44.62 51.03
CA ARG P 452 62.12 -45.48 51.08
C ARG P 452 61.73 -46.73 51.86
N ILE P 453 60.64 -47.35 51.44
CA ILE P 453 59.86 -48.26 52.28
C ILE P 453 60.58 -49.58 52.47
N ILE P 454 60.61 -50.06 53.72
CA ILE P 454 61.37 -51.24 54.13
C ILE P 454 60.40 -52.24 54.73
N GLY P 455 60.44 -53.48 54.25
CA GLY P 455 59.68 -54.57 54.82
C GLY P 455 60.60 -55.58 55.48
N SER P 456 60.24 -56.01 56.69
CA SER P 456 61.02 -56.98 57.42
C SER P 456 60.11 -57.75 58.36
N ASP P 457 60.35 -59.05 58.46
CA ASP P 457 59.43 -59.96 59.13
C ASP P 457 59.55 -59.94 60.65
N LEU P 458 60.46 -59.15 61.21
CA LEU P 458 60.64 -59.14 62.66
C LEU P 458 59.57 -58.34 63.38
N VAL P 459 58.82 -57.51 62.67
CA VAL P 459 57.74 -56.73 63.25
C VAL P 459 56.43 -57.47 63.01
N ARG P 460 55.52 -57.37 63.96
CA ARG P 460 54.26 -58.10 63.91
C ARG P 460 53.37 -57.56 62.79
N GLN P 461 52.67 -58.48 62.12
CA GLN P 461 51.73 -58.11 61.06
C GLN P 461 50.51 -57.44 61.67
N GLY P 462 50.07 -56.35 61.05
CA GLY P 462 48.83 -55.73 61.44
C GLY P 462 48.85 -54.22 61.42
N GLU P 463 50.03 -53.62 61.52
CA GLU P 463 50.15 -52.17 61.61
C GLU P 463 51.34 -51.72 60.78
N LEU P 464 51.11 -50.86 59.80
CA LEU P 464 52.20 -50.18 59.14
C LEU P 464 52.67 -49.00 59.99
N THR P 465 53.97 -48.74 59.94
CA THR P 465 54.57 -47.69 60.74
C THR P 465 55.26 -46.69 59.82
N ILE P 466 54.79 -45.45 59.83
CA ILE P 466 55.38 -44.38 59.03
C ILE P 466 56.39 -43.65 59.90
N ILE P 467 57.55 -43.33 59.33
CA ILE P 467 58.60 -42.64 60.06
C ILE P 467 59.20 -41.58 59.15
N ALA P 468 59.25 -40.35 59.62
CA ALA P 468 59.74 -39.23 58.83
C ALA P 468 61.20 -38.93 59.17
N ILE P 469 61.97 -38.58 58.14
CA ILE P 469 63.39 -38.31 58.28
C ILE P 469 63.70 -37.03 57.53
N PRO P 470 64.13 -35.96 58.19
CA PRO P 470 64.52 -34.74 57.47
C PRO P 470 65.87 -34.90 56.80
N GLN P 471 66.19 -33.95 55.93
CA GLN P 471 67.47 -33.94 55.25
C GLN P 471 68.39 -32.85 55.77
N GLN P 472 67.89 -31.93 56.59
CA GLN P 472 68.72 -30.92 57.20
C GLN P 472 69.17 -31.37 58.58
N ASP P 473 70.39 -31.00 58.95
CA ASP P 473 70.94 -31.35 60.25
C ASP P 473 70.41 -30.46 61.37
N ASN P 474 69.71 -29.38 61.03
CA ASN P 474 69.13 -28.47 62.00
C ASN P 474 67.77 -28.96 62.50
N TYR P 475 67.36 -30.17 62.15
CA TYR P 475 66.13 -30.74 62.66
C TYR P 475 66.28 -32.25 62.60
N LYS P 476 66.22 -32.91 63.74
CA LYS P 476 66.33 -34.35 63.81
C LYS P 476 65.12 -34.92 64.52
N THR P 477 64.68 -36.09 64.08
CA THR P 477 63.48 -36.72 64.60
C THR P 477 63.75 -38.06 65.25
N PHE P 478 64.55 -38.90 64.61
CA PHE P 478 65.00 -40.16 65.17
C PHE P 478 66.45 -40.34 64.79
N MET P 479 67.27 -40.79 65.74
CA MET P 479 68.67 -41.06 65.47
C MET P 479 69.06 -42.36 66.13
N PHE P 480 70.02 -43.04 65.52
CA PHE P 480 70.56 -44.29 66.03
C PHE P 480 72.04 -44.09 66.27
N TYR P 481 72.49 -44.26 67.51
CA TYR P 481 73.85 -43.97 67.90
C TYR P 481 74.60 -45.24 68.24
N PRO P 482 75.45 -45.75 67.37
CA PRO P 482 76.29 -46.88 67.73
C PRO P 482 77.57 -46.43 68.41
N TYR P 483 77.79 -46.80 69.66
CA TYR P 483 78.98 -46.34 70.34
C TYR P 483 80.19 -47.18 69.99
N THR P 484 80.17 -48.46 70.36
CA THR P 484 81.35 -49.29 70.21
C THR P 484 80.94 -50.75 70.08
N PHE P 485 81.91 -51.59 69.74
CA PHE P 485 81.66 -52.99 69.47
C PHE P 485 82.97 -53.73 69.76
N ASN P 486 83.04 -54.37 70.92
CA ASN P 486 84.28 -54.94 71.42
C ASN P 486 84.15 -56.45 71.60
N VAL P 487 85.19 -57.17 71.22
CA VAL P 487 85.27 -58.61 71.40
C VAL P 487 86.64 -58.92 72.00
N VAL P 488 86.66 -59.84 72.96
CA VAL P 488 87.89 -60.25 73.63
C VAL P 488 87.99 -61.77 73.61
N ASN P 489 89.19 -62.28 73.32
CA ASN P 489 89.45 -63.72 73.35
C ASN P 489 90.06 -64.06 74.71
N GLY P 490 89.17 -64.19 75.70
CA GLY P 490 89.61 -64.44 77.06
C GLY P 490 90.04 -63.16 77.74
N GLY P 491 91.25 -62.69 77.44
CA GLY P 491 91.77 -61.41 77.85
C GLY P 491 91.79 -61.10 79.33
N GLY P 492 91.66 -62.11 80.19
CA GLY P 492 91.46 -61.95 81.60
C GLY P 492 90.01 -62.03 82.03
N TYR P 493 89.09 -61.75 81.12
CA TYR P 493 87.67 -61.85 81.42
C TYR P 493 87.28 -63.31 81.57
N LEU P 494 86.81 -63.69 82.76
CA LEU P 494 86.46 -65.08 83.02
C LEU P 494 85.06 -65.38 82.50
N ASN P 495 84.55 -66.54 82.85
CA ASN P 495 83.19 -66.92 82.52
C ASN P 495 82.29 -66.61 83.72
N THR P 496 81.02 -66.98 83.62
CA THR P 496 80.02 -66.57 84.60
C THR P 496 79.59 -67.69 85.52
N ARG P 497 79.33 -68.89 85.00
CA ARG P 497 78.93 -70.00 85.84
C ARG P 497 80.00 -71.07 86.01
N ASN P 498 80.79 -71.35 84.98
CA ASN P 498 81.95 -72.22 85.10
C ASN P 498 83.16 -71.43 84.63
N PRO P 499 83.85 -70.77 85.55
CA PRO P 499 84.99 -69.93 85.16
C PRO P 499 86.30 -70.68 85.02
N ASN P 500 86.32 -71.99 85.26
CA ASN P 500 87.57 -72.75 85.16
C ASN P 500 88.01 -72.98 83.73
N VAL P 501 87.16 -72.66 82.76
CA VAL P 501 87.37 -73.01 81.36
C VAL P 501 87.42 -71.70 80.57
N PRO P 502 88.24 -71.59 79.53
CA PRO P 502 88.29 -70.33 78.78
C PRO P 502 87.01 -70.02 78.04
N ASN P 503 86.86 -68.75 77.68
CA ASN P 503 85.68 -68.29 76.97
C ASN P 503 86.03 -67.05 76.16
N MET P 504 85.24 -66.80 75.12
CA MET P 504 85.33 -65.58 74.35
C MET P 504 84.11 -64.72 74.66
N MET P 505 84.34 -63.42 74.87
CA MET P 505 83.31 -62.50 75.27
C MET P 505 83.15 -61.41 74.22
N MET P 506 81.92 -60.92 74.05
CA MET P 506 81.63 -59.93 73.03
C MET P 506 80.49 -59.05 73.52
N THR P 507 80.61 -57.75 73.24
CA THR P 507 79.58 -56.78 73.62
C THR P 507 79.48 -55.73 72.52
N ARG P 508 78.41 -54.94 72.60
CA ARG P 508 78.12 -53.95 71.55
C ARG P 508 77.27 -52.84 72.17
N ARG P 509 77.88 -51.69 72.43
CA ARG P 509 77.21 -50.58 73.09
C ARG P 509 76.61 -49.65 72.05
N TYR P 510 75.37 -49.22 72.29
CA TYR P 510 74.60 -48.43 71.35
C TYR P 510 73.43 -47.79 72.08
N THR P 511 72.83 -46.81 71.42
CA THR P 511 71.53 -46.31 71.86
C THR P 511 70.80 -45.75 70.64
N VAL P 512 69.49 -45.56 70.82
CA VAL P 512 68.63 -44.99 69.80
C VAL P 512 67.80 -43.89 70.47
N GLU P 513 67.70 -42.74 69.83
CA GLU P 513 67.12 -41.57 70.46
C GLU P 513 66.11 -40.90 69.56
N SER P 514 65.07 -40.35 70.20
CA SER P 514 63.98 -39.66 69.52
C SER P 514 63.90 -38.26 70.09
N PHE P 515 64.23 -37.25 69.28
CA PHE P 515 64.17 -35.88 69.75
C PHE P 515 62.74 -35.34 69.67
N VAL P 516 62.19 -35.26 68.47
CA VAL P 516 60.78 -34.96 68.28
C VAL P 516 60.12 -36.17 67.61
N PRO P 517 59.10 -36.77 68.22
CA PRO P 517 58.53 -38.04 67.72
C PRO P 517 57.40 -37.91 66.70
N ILE P 518 57.75 -37.69 65.43
CA ILE P 518 56.77 -37.74 64.36
C ILE P 518 56.78 -39.14 63.76
N ILE P 519 55.72 -39.90 64.02
CA ILE P 519 55.65 -41.30 63.62
C ILE P 519 54.19 -41.65 63.37
N GLY P 520 53.91 -42.25 62.21
CA GLY P 520 52.55 -42.56 61.84
C GLY P 520 52.25 -44.04 61.91
N ARG P 521 51.00 -44.38 62.22
CA ARG P 521 50.59 -45.76 62.36
C ARG P 521 49.34 -45.99 61.53
N ILE P 522 49.34 -47.06 60.74
CA ILE P 522 48.20 -47.41 59.90
C ILE P 522 47.74 -48.80 60.29
N THR P 523 46.59 -48.88 60.95
CA THR P 523 46.04 -50.14 61.43
C THR P 523 45.36 -50.83 60.27
N ILE P 524 46.11 -51.66 59.56
CA ILE P 524 45.59 -52.41 58.43
C ILE P 524 44.76 -53.57 59.00
N LYS P 525 43.44 -53.42 58.96
CA LYS P 525 42.56 -54.44 59.51
C LYS P 525 42.26 -55.52 58.49
N ASN P 526 42.06 -56.74 59.00
CA ASN P 526 41.56 -57.89 58.25
C ASN P 526 42.47 -58.25 57.07
N ASN P 527 43.75 -58.42 57.38
CA ASN P 527 44.74 -58.85 56.40
C ASN P 527 45.08 -60.33 56.56
N ASN P 528 44.14 -61.11 57.09
CA ASN P 528 44.38 -62.52 57.37
C ASN P 528 43.95 -63.42 56.22
N GLY P 529 43.87 -62.88 55.00
CA GLY P 529 43.58 -63.68 53.83
C GLY P 529 42.15 -64.14 53.67
N SER P 530 41.24 -63.75 54.56
CA SER P 530 39.84 -64.13 54.46
C SER P 530 39.01 -63.09 53.73
N VAL P 531 39.61 -62.34 52.82
CA VAL P 531 38.85 -61.39 52.01
C VAL P 531 37.96 -62.12 51.02
N TYR P 532 38.48 -63.20 50.45
CA TYR P 532 37.78 -63.97 49.43
C TYR P 532 37.14 -65.23 49.99
N ALA P 533 36.89 -65.26 51.30
CA ALA P 533 36.23 -66.39 51.92
C ALA P 533 35.16 -66.01 52.92
N ARG P 534 34.87 -64.72 53.08
CA ARG P 534 33.84 -64.28 54.01
C ARG P 534 32.46 -64.54 53.43
N MET Q 81 82.65 -45.33 85.27
CA MET Q 81 82.22 -46.25 86.31
C MET Q 81 81.26 -45.61 87.29
N GLY Q 82 81.23 -46.14 88.51
CA GLY Q 82 80.32 -45.70 89.53
C GLY Q 82 80.64 -44.33 90.11
N PRO Q 83 81.77 -44.21 90.83
CA PRO Q 83 82.10 -42.91 91.42
C PRO Q 83 82.50 -41.84 90.41
N ILE Q 84 82.87 -42.23 89.20
CA ILE Q 84 83.18 -41.24 88.17
C ILE Q 84 81.91 -40.56 87.73
N GLN Q 85 81.94 -39.22 87.66
CA GLN Q 85 80.83 -38.47 87.09
C GLN Q 85 81.11 -38.17 85.63
N PRO Q 86 80.35 -38.72 84.69
CA PRO Q 86 80.54 -38.34 83.29
C PRO Q 86 79.96 -36.96 82.99
N TYR Q 87 80.59 -36.30 82.02
CA TYR Q 87 80.23 -34.94 81.64
C TYR Q 87 79.42 -34.99 80.35
N ALA Q 88 78.21 -34.43 80.41
CA ALA Q 88 77.36 -34.38 79.23
C ALA Q 88 77.85 -33.29 78.30
N SER Q 89 78.40 -33.68 77.16
CA SER Q 89 79.01 -32.74 76.23
C SER Q 89 77.94 -32.00 75.45
N LEU Q 90 78.36 -31.17 74.50
CA LEU Q 90 77.46 -30.33 73.73
C LEU Q 90 77.65 -30.65 72.25
N SER Q 91 76.63 -31.24 71.65
CA SER Q 91 76.65 -31.53 70.22
C SER Q 91 76.51 -30.23 69.41
N MET Q 92 77.01 -30.27 68.19
CA MET Q 92 77.21 -29.05 67.40
C MET Q 92 75.94 -28.41 66.82
N PRO Q 93 74.99 -29.12 66.20
CA PRO Q 93 73.79 -28.41 65.70
C PRO Q 93 72.83 -28.06 66.83
N ILE Q 94 71.93 -27.13 66.53
CA ILE Q 94 71.16 -26.44 67.55
C ILE Q 94 69.67 -26.80 67.54
N LEU Q 95 69.19 -27.47 66.49
CA LEU Q 95 67.84 -28.04 66.40
C LEU Q 95 66.74 -26.98 66.55
N VAL Q 96 66.71 -26.10 65.57
CA VAL Q 96 65.77 -24.99 65.56
C VAL Q 96 64.39 -25.50 65.11
N LYS Q 97 63.33 -24.93 65.68
CA LYS Q 97 61.98 -25.24 65.24
C LYS Q 97 61.72 -24.69 63.85
N LEU Q 98 60.77 -25.29 63.15
CA LEU Q 98 60.55 -25.05 61.73
C LEU Q 98 59.37 -24.12 61.50
N TRP Q 99 59.51 -23.27 60.49
CA TRP Q 99 58.49 -22.30 60.11
C TRP Q 99 57.68 -22.82 58.93
N ALA Q 100 56.63 -22.09 58.60
CA ALA Q 100 55.82 -22.42 57.43
C ALA Q 100 56.40 -21.77 56.19
N ARG Q 101 55.88 -22.18 55.04
CA ARG Q 101 56.19 -21.54 53.76
C ARG Q 101 55.05 -20.61 53.40
N LEU Q 102 55.38 -19.50 52.77
CA LEU Q 102 54.45 -18.41 52.54
C LEU Q 102 54.30 -18.20 51.04
N ALA Q 103 53.07 -18.38 50.53
CA ALA Q 103 52.82 -18.20 49.11
C ALA Q 103 51.53 -17.44 48.84
N LEU Q 104 50.83 -16.97 49.87
CA LEU Q 104 49.60 -16.23 49.67
C LEU Q 104 49.83 -14.82 49.16
N THR Q 105 51.07 -14.31 49.20
CA THR Q 105 51.35 -13.00 48.63
C THR Q 105 51.32 -13.03 47.11
N GLU Q 106 51.53 -14.20 46.51
CA GLU Q 106 51.41 -14.36 45.07
C GLU Q 106 49.99 -14.69 44.63
N ALA Q 107 49.07 -14.86 45.58
CA ALA Q 107 47.67 -15.05 45.23
C ALA Q 107 47.07 -13.75 44.69
N LEU Q 108 47.08 -12.73 45.51
CA LEU Q 108 46.41 -11.50 45.15
C LEU Q 108 47.34 -10.56 44.40
N PRO Q 109 46.83 -9.80 43.43
CA PRO Q 109 47.69 -8.86 42.71
C PRO Q 109 48.05 -7.65 43.55
N THR Q 110 49.26 -7.15 43.33
CA THR Q 110 49.84 -6.11 44.17
C THR Q 110 50.26 -4.92 43.34
N GLN Q 111 49.60 -3.79 43.55
CA GLN Q 111 50.15 -2.49 43.22
C GLN Q 111 50.61 -1.87 44.53
N VAL Q 112 51.91 -1.57 44.63
CA VAL Q 112 52.43 -0.98 45.85
C VAL Q 112 51.92 0.45 45.98
N ALA Q 113 51.38 0.78 47.15
CA ALA Q 113 50.73 2.06 47.33
C ALA Q 113 51.76 3.15 47.61
N ASN Q 114 51.46 4.36 47.15
CA ASN Q 114 52.32 5.50 47.37
C ASN Q 114 51.70 6.56 48.25
N LYS Q 115 50.42 6.44 48.60
CA LYS Q 115 49.76 7.37 49.48
C LYS Q 115 48.88 6.54 50.41
N PRO Q 116 48.77 6.91 51.69
CA PRO Q 116 48.00 6.10 52.63
C PRO Q 116 46.50 6.22 52.47
N ASN Q 117 46.02 7.12 51.60
CA ASN Q 117 44.59 7.30 51.41
C ASN Q 117 44.38 7.81 50.00
N PHE Q 118 43.98 6.92 49.09
CA PHE Q 118 43.60 7.31 47.74
C PHE Q 118 42.24 6.71 47.42
N THR Q 119 41.66 7.16 46.30
CA THR Q 119 40.34 6.73 45.90
C THR Q 119 40.35 6.25 44.46
N VAL Q 120 39.39 5.38 44.15
CA VAL Q 120 39.11 5.00 42.77
C VAL Q 120 37.66 5.35 42.46
N PRO Q 121 37.37 5.97 41.31
CA PRO Q 121 35.98 6.22 40.93
C PRO Q 121 35.41 5.11 40.08
N ILE Q 122 34.16 4.76 40.34
CA ILE Q 122 33.45 3.76 39.55
C ILE Q 122 32.40 4.48 38.72
N LEU Q 123 32.27 4.09 37.46
CA LEU Q 123 31.41 4.76 36.51
C LEU Q 123 30.30 3.82 36.06
N THR Q 124 29.05 4.22 36.26
CA THR Q 124 27.91 3.42 35.86
C THR Q 124 26.88 4.28 35.13
N PRO Q 125 26.23 3.75 34.10
CA PRO Q 125 25.17 4.49 33.43
C PRO Q 125 23.80 4.16 34.03
N TYR Q 126 22.80 4.91 33.58
CA TYR Q 126 21.46 4.81 34.14
C TYR Q 126 20.42 4.97 33.03
N VAL Q 127 19.18 4.61 33.36
CA VAL Q 127 18.03 4.77 32.46
C VAL Q 127 16.84 5.24 33.29
N VAL Q 128 16.19 6.31 32.80
CA VAL Q 128 15.19 7.01 33.58
C VAL Q 128 13.80 6.41 33.44
N ASP Q 129 13.44 5.86 32.26
CA ASP Q 129 12.12 5.36 31.87
C ASP Q 129 11.07 6.50 31.79
N ALA Q 130 11.53 7.75 31.88
CA ALA Q 130 10.73 8.98 31.68
C ALA Q 130 9.53 9.07 32.61
N ASP Q 131 9.61 8.46 33.80
CA ASP Q 131 8.52 8.56 34.76
C ASP Q 131 9.03 8.77 36.18
N GLY Q 132 10.25 9.30 36.34
CA GLY Q 132 10.79 9.50 37.66
C GLY Q 132 12.11 8.82 37.91
N ASN Q 133 12.08 7.78 38.75
CA ASN Q 133 13.26 7.15 39.30
C ASN Q 133 14.10 6.47 38.22
N LYS Q 134 15.40 6.35 38.50
CA LYS Q 134 16.36 5.77 37.59
C LYS Q 134 16.54 4.29 37.90
N HIS Q 135 17.34 3.63 37.06
CA HIS Q 135 17.72 2.24 37.27
C HIS Q 135 19.16 2.08 36.83
N ALA Q 136 19.94 1.29 37.58
CA ALA Q 136 21.30 0.99 37.17
C ALA Q 136 21.28 0.15 35.91
N LEU Q 137 22.05 0.57 34.92
CA LEU Q 137 21.87 0.06 33.56
C LEU Q 137 22.27 -1.40 33.36
N PRO Q 138 23.54 -1.82 33.47
CA PRO Q 138 23.90 -3.14 32.95
C PRO Q 138 23.49 -4.31 33.83
N GLU Q 139 22.75 -4.06 34.92
CA GLU Q 139 22.12 -5.13 35.68
C GLU Q 139 20.65 -5.29 35.35
N SER Q 140 19.97 -4.24 34.92
CA SER Q 140 18.53 -4.27 34.74
C SER Q 140 18.12 -4.59 33.31
N ILE Q 141 19.09 -4.87 32.43
CA ILE Q 141 18.81 -5.25 31.04
C ILE Q 141 19.30 -6.69 30.93
N ASN Q 142 19.15 -7.44 32.02
CA ASN Q 142 19.57 -8.83 32.09
C ASN Q 142 18.43 -9.71 32.57
N ASN Q 143 17.25 -9.50 32.00
CA ASN Q 143 16.07 -10.24 32.41
C ASN Q 143 15.14 -10.44 31.22
N THR Q 144 14.26 -11.42 31.35
CA THR Q 144 13.31 -11.74 30.29
C THR Q 144 12.24 -10.69 30.00
N PRO Q 145 11.80 -9.80 30.94
CA PRO Q 145 10.98 -8.67 30.48
C PRO Q 145 11.83 -7.46 30.10
N GLU Q 146 11.58 -6.90 28.92
CA GLU Q 146 12.21 -5.66 28.50
C GLU Q 146 11.27 -4.50 28.79
N THR Q 147 10.98 -4.33 30.08
CA THR Q 147 10.03 -3.32 30.50
C THR Q 147 10.63 -1.92 30.48
N LEU Q 148 11.96 -1.82 30.45
CA LEU Q 148 12.62 -0.52 30.55
C LEU Q 148 12.55 0.23 29.23
N VAL Q 149 13.17 -0.32 28.18
CA VAL Q 149 13.19 0.32 26.88
C VAL Q 149 12.21 -0.43 25.98
N GLY Q 150 11.33 0.31 25.33
CA GLY Q 150 10.33 -0.28 24.47
C GLY Q 150 9.30 0.75 24.09
N LEU Q 151 8.47 0.39 23.12
CA LEU Q 151 7.43 1.30 22.67
C LEU Q 151 6.31 1.38 23.69
N VAL Q 152 5.57 2.49 23.64
CA VAL Q 152 4.52 2.75 24.64
C VAL Q 152 3.32 1.88 24.32
N GLN Q 153 3.06 0.90 25.18
CA GLN Q 153 1.98 -0.06 24.94
C GLN Q 153 0.63 0.57 25.23
N ILE Q 154 -0.33 0.31 24.35
CA ILE Q 154 -1.70 0.79 24.51
C ILE Q 154 -2.41 -0.04 25.56
N LYS Q 155 -3.58 0.40 25.98
CA LYS Q 155 -4.37 -0.37 26.93
C LYS Q 155 -4.94 -1.62 26.26
N GLU Q 156 -5.21 -2.63 27.08
CA GLU Q 156 -5.56 -3.95 26.56
C GLU Q 156 -7.08 -4.13 26.43
N ASP Q 157 -7.79 -3.97 27.53
CA ASP Q 157 -9.20 -4.35 27.58
C ASP Q 157 -10.07 -3.37 26.81
N ILE Q 158 -10.74 -3.85 25.78
CA ILE Q 158 -11.67 -3.07 24.98
C ILE Q 158 -13.04 -3.68 25.13
N ALA Q 159 -14.04 -2.86 25.44
CA ALA Q 159 -15.40 -3.33 25.59
C ALA Q 159 -16.12 -3.23 24.24
N VAL Q 160 -16.52 -4.39 23.70
CA VAL Q 160 -17.15 -4.47 22.39
C VAL Q 160 -18.58 -4.95 22.62
N GLU Q 161 -19.19 -4.48 23.70
CA GLU Q 161 -20.55 -4.87 24.06
C GLU Q 161 -21.54 -4.53 22.95
N GLY Q 162 -22.62 -5.31 22.89
CA GLY Q 162 -23.57 -5.19 21.81
C GLY Q 162 -23.14 -5.86 20.52
N GLY Q 163 -22.09 -6.68 20.56
CA GLY Q 163 -21.61 -7.37 19.38
C GLY Q 163 -20.72 -6.55 18.47
N LYS Q 164 -20.59 -5.24 18.73
CA LYS Q 164 -19.82 -4.38 17.85
C LYS Q 164 -19.43 -3.13 18.62
N VAL Q 165 -18.47 -2.40 18.07
CA VAL Q 165 -18.11 -1.07 18.57
C VAL Q 165 -17.69 -0.23 17.38
N THR Q 166 -18.02 1.05 17.43
CA THR Q 166 -17.71 1.96 16.32
C THR Q 166 -17.02 3.20 16.86
N ASP Q 167 -15.97 3.62 16.15
CA ASP Q 167 -15.20 4.83 16.43
C ASP Q 167 -14.63 4.81 17.85
N TYR Q 168 -14.06 3.68 18.23
CA TYR Q 168 -13.47 3.56 19.56
C TYR Q 168 -12.10 4.22 19.58
N ASP Q 169 -11.89 5.11 20.54
CA ASP Q 169 -10.59 5.74 20.70
C ASP Q 169 -9.62 4.75 21.32
N LEU Q 170 -8.53 4.45 20.61
CA LEU Q 170 -7.62 3.42 21.06
C LEU Q 170 -6.56 3.96 22.01
N PHE Q 171 -6.31 5.26 22.02
CA PHE Q 171 -5.31 5.85 22.89
C PHE Q 171 -5.87 6.26 24.24
N THR Q 172 -7.00 5.68 24.65
CA THR Q 172 -7.53 5.98 25.97
C THR Q 172 -6.70 5.29 27.04
N GLY Q 173 -6.79 5.82 28.26
CA GLY Q 173 -6.06 5.29 29.38
C GLY Q 173 -4.61 5.70 29.47
N LEU Q 174 -4.02 6.20 28.39
CA LEU Q 174 -2.63 6.63 28.42
C LEU Q 174 -2.49 7.98 29.10
N LYS Q 175 -1.34 8.20 29.72
CA LYS Q 175 -1.03 9.47 30.34
C LYS Q 175 -0.81 10.51 29.25
N GLU Q 176 -1.80 11.38 29.06
CA GLU Q 176 -1.76 12.33 27.96
C GLU Q 176 -0.75 13.43 28.26
N GLY Q 177 0.17 13.65 27.32
CA GLY Q 177 1.13 14.73 27.44
C GLY Q 177 2.56 14.25 27.35
N LYS Q 178 2.87 13.12 27.99
CA LYS Q 178 4.23 12.58 27.95
C LYS Q 178 4.30 11.14 27.47
N GLU Q 179 3.19 10.40 27.47
CA GLU Q 179 3.16 9.11 26.82
C GLU Q 179 2.65 9.22 25.40
N VAL Q 180 1.63 10.06 25.20
CA VAL Q 180 0.96 10.18 23.92
C VAL Q 180 0.45 11.61 23.77
N ARG Q 181 0.25 12.01 22.52
CA ARG Q 181 -0.32 13.31 22.19
C ARG Q 181 -1.38 13.10 21.13
N LYS Q 182 -2.66 13.18 21.53
CA LYS Q 182 -3.76 12.83 20.66
C LYS Q 182 -3.89 13.82 19.52
N GLY Q 183 -3.96 13.31 18.30
CA GLY Q 183 -3.99 14.15 17.12
C GLY Q 183 -2.63 14.61 16.65
N ILE Q 184 -1.55 14.08 17.21
CA ILE Q 184 -0.21 14.44 16.77
C ILE Q 184 0.52 13.20 16.31
N ASP Q 185 0.66 12.21 17.19
CA ASP Q 185 1.32 10.96 16.88
C ASP Q 185 0.29 9.86 16.65
N ARG Q 186 0.69 8.84 15.91
CA ARG Q 186 -0.21 7.81 15.42
C ARG Q 186 0.00 6.50 16.16
N LEU Q 187 -0.83 5.52 15.79
CA LEU Q 187 -0.63 4.14 16.22
C LEU Q 187 0.33 3.45 15.25
N ASP Q 188 1.17 2.58 15.79
CA ASP Q 188 2.08 1.82 14.94
C ASP Q 188 1.34 0.67 14.28
N ARG Q 189 1.86 0.21 13.15
CA ARG Q 189 1.22 -0.86 12.39
C ARG Q 189 1.67 -2.24 12.85
N LYS Q 190 1.73 -2.46 14.16
CA LYS Q 190 1.98 -3.76 14.75
C LYS Q 190 0.76 -4.23 15.53
N PHE Q 191 -0.39 -3.62 15.27
CA PHE Q 191 -1.59 -3.88 16.04
C PHE Q 191 -2.14 -5.26 15.74
N LYS Q 192 -2.46 -6.00 16.80
CA LYS Q 192 -3.04 -7.33 16.66
C LYS Q 192 -3.77 -7.67 17.95
N ILE Q 193 -4.74 -8.56 17.85
CA ILE Q 193 -5.52 -8.99 18.99
C ILE Q 193 -5.01 -10.33 19.46
N VAL Q 194 -4.69 -10.45 20.75
CA VAL Q 194 -4.18 -11.70 21.28
C VAL Q 194 -5.24 -12.50 22.03
N GLU Q 195 -6.33 -11.88 22.48
CA GLU Q 195 -7.36 -12.57 23.22
C GLU Q 195 -8.70 -11.95 22.90
N ALA Q 196 -9.75 -12.76 22.97
CA ALA Q 196 -11.11 -12.31 22.75
C ALA Q 196 -12.04 -13.04 23.71
N LYS Q 197 -13.28 -12.56 23.82
CA LYS Q 197 -14.24 -13.16 24.72
C LYS Q 197 -15.63 -12.94 24.15
N TRP Q 198 -16.25 -14.02 23.68
CA TRP Q 198 -17.62 -13.96 23.18
C TRP Q 198 -18.58 -14.16 24.35
N SER Q 199 -19.87 -14.24 24.05
CA SER Q 199 -20.87 -14.32 25.12
C SER Q 199 -20.86 -15.68 25.80
N ASP Q 200 -20.95 -16.75 25.01
CA ASP Q 200 -20.83 -18.11 25.53
C ASP Q 200 -19.52 -18.70 25.01
N SER Q 201 -18.45 -18.40 25.71
CA SER Q 201 -17.13 -18.88 25.34
C SER Q 201 -16.58 -19.73 26.48
N PHE Q 202 -15.33 -20.15 26.33
CA PHE Q 202 -14.66 -20.89 27.39
C PHE Q 202 -13.19 -20.48 27.42
N ASP Q 203 -12.64 -20.37 28.63
CA ASP Q 203 -11.29 -19.85 28.78
C ASP Q 203 -10.25 -20.88 28.32
N GLU Q 204 -10.41 -22.14 28.72
CA GLU Q 204 -9.49 -23.26 28.52
C GLU Q 204 -8.11 -23.02 29.14
N ARG Q 205 -7.97 -22.03 30.02
CA ARG Q 205 -6.86 -21.92 30.95
C ARG Q 205 -7.34 -22.11 32.38
N THR Q 206 -8.39 -21.40 32.75
CA THR Q 206 -9.27 -21.80 33.83
C THR Q 206 -10.53 -22.43 33.24
N SER Q 207 -11.26 -23.16 34.07
CA SER Q 207 -12.49 -23.82 33.63
C SER Q 207 -13.69 -22.91 33.85
N ALA Q 208 -13.72 -21.82 33.08
CA ALA Q 208 -14.78 -20.83 33.20
C ALA Q 208 -15.02 -20.18 31.86
N ALA Q 209 -16.18 -19.55 31.74
CA ALA Q 209 -16.54 -18.81 30.53
C ALA Q 209 -15.79 -17.49 30.54
N GLY Q 210 -14.58 -17.49 30.00
CA GLY Q 210 -13.76 -16.30 30.04
C GLY Q 210 -13.15 -15.92 28.71
N PHE Q 211 -11.97 -15.31 28.75
CA PHE Q 211 -11.29 -14.88 27.54
C PHE Q 211 -10.71 -16.07 26.79
N VAL Q 212 -10.79 -16.02 25.46
CA VAL Q 212 -10.31 -17.08 24.60
C VAL Q 212 -8.97 -16.65 24.02
N GLU Q 213 -7.94 -17.46 24.24
CA GLU Q 213 -6.66 -17.21 23.60
C GLU Q 213 -6.75 -17.53 22.11
N LEU Q 214 -6.12 -16.70 21.29
CA LEU Q 214 -6.04 -16.93 19.85
C LEU Q 214 -4.68 -17.56 19.57
N GLY Q 215 -4.65 -18.88 19.47
CA GLY Q 215 -3.42 -19.58 19.20
C GLY Q 215 -3.11 -19.66 17.72
N SER Q 216 -2.18 -18.79 17.28
CA SER Q 216 -1.69 -18.68 15.90
C SER Q 216 -2.78 -18.34 14.90
N ASN Q 217 -3.92 -17.83 15.36
CA ASN Q 217 -4.96 -17.30 14.49
C ASN Q 217 -5.32 -15.88 14.91
N VAL Q 218 -4.32 -15.13 15.39
CA VAL Q 218 -4.51 -13.75 15.77
C VAL Q 218 -4.80 -12.92 14.52
N VAL Q 219 -5.56 -11.84 14.71
CA VAL Q 219 -5.90 -10.96 13.60
C VAL Q 219 -4.83 -9.87 13.54
N LYS Q 220 -3.86 -10.08 12.66
CA LYS Q 220 -2.84 -9.07 12.43
C LYS Q 220 -3.41 -7.92 11.60
N LEU Q 221 -2.71 -6.79 11.64
CA LEU Q 221 -3.06 -5.65 10.81
C LEU Q 221 -2.71 -5.98 9.37
N GLN Q 222 -3.71 -6.22 8.54
CA GLN Q 222 -3.49 -6.58 7.15
C GLN Q 222 -3.32 -5.32 6.31
N ASP Q 223 -3.36 -5.46 4.99
CA ASP Q 223 -3.14 -4.35 4.09
C ASP Q 223 -4.30 -3.36 4.14
N ASN Q 224 -3.97 -2.09 3.94
CA ASN Q 224 -4.89 -0.94 4.05
C ASN Q 224 -5.58 -0.87 5.41
N ASP Q 225 -4.86 -1.31 6.45
CA ASP Q 225 -5.20 -1.11 7.86
C ASP Q 225 -6.55 -1.71 8.24
N THR Q 226 -6.92 -2.83 7.64
CA THR Q 226 -8.11 -3.57 8.04
C THR Q 226 -7.72 -4.93 8.58
N LEU Q 227 -8.61 -5.51 9.39
CA LEU Q 227 -8.33 -6.74 10.11
C LEU Q 227 -9.53 -7.66 10.03
N VAL Q 228 -9.37 -8.80 9.38
CA VAL Q 228 -10.42 -9.82 9.29
C VAL Q 228 -9.89 -11.09 9.92
N GLY Q 229 -10.81 -11.98 10.30
CA GLY Q 229 -10.41 -13.26 10.86
C GLY Q 229 -11.53 -14.25 11.01
N GLN Q 230 -11.32 -15.46 10.52
CA GLN Q 230 -12.25 -16.57 10.68
C GLN Q 230 -11.86 -17.31 11.95
N ILE Q 231 -12.54 -17.02 13.06
CA ILE Q 231 -12.10 -17.45 14.37
C ILE Q 231 -13.03 -18.54 14.88
N LYS Q 232 -12.45 -19.68 15.22
CA LYS Q 232 -13.14 -20.77 15.87
C LYS Q 232 -12.81 -20.73 17.36
N TYR Q 233 -13.83 -20.76 18.20
CA TYR Q 233 -13.58 -20.65 19.62
C TYR Q 233 -14.33 -21.73 20.38
N PRO Q 234 -13.74 -22.26 21.46
CA PRO Q 234 -14.44 -23.27 22.25
C PRO Q 234 -15.57 -22.65 23.06
N THR Q 235 -16.69 -23.36 23.10
CA THR Q 235 -17.88 -22.91 23.82
C THR Q 235 -17.91 -23.41 25.26
N ASN Q 236 -17.70 -24.71 25.45
CA ASN Q 236 -17.70 -25.29 26.79
C ASN Q 236 -16.40 -26.02 27.04
N GLY Q 237 -16.37 -26.83 28.10
CA GLY Q 237 -15.15 -27.46 28.54
C GLY Q 237 -14.99 -28.82 27.90
N ASP Q 238 -15.29 -29.89 28.66
CA ASP Q 238 -15.25 -31.23 28.11
C ASP Q 238 -16.27 -31.42 26.99
N GLY Q 239 -17.46 -30.85 27.15
CA GLY Q 239 -18.46 -30.92 26.10
C GLY Q 239 -18.34 -29.76 25.13
N GLU Q 240 -17.32 -29.80 24.26
CA GLU Q 240 -17.01 -28.71 23.34
C GLU Q 240 -18.14 -28.55 22.33
N VAL Q 241 -18.93 -27.49 22.48
CA VAL Q 241 -19.95 -27.22 21.48
C VAL Q 241 -19.33 -26.55 20.25
N GLU Q 242 -18.37 -25.65 20.49
CA GLU Q 242 -17.59 -24.95 19.46
C GLU Q 242 -18.48 -24.16 18.50
N THR Q 243 -19.07 -23.11 19.05
CA THR Q 243 -19.68 -22.09 18.22
C THR Q 243 -18.58 -21.31 17.50
N ASP Q 244 -18.90 -20.81 16.31
CA ASP Q 244 -17.97 -20.00 15.52
C ASP Q 244 -18.56 -18.61 15.32
N THR Q 245 -17.68 -17.62 15.27
CA THR Q 245 -18.08 -16.23 15.04
C THR Q 245 -16.92 -15.49 14.39
N ILE Q 246 -17.21 -14.75 13.32
CA ILE Q 246 -16.22 -14.02 12.55
C ILE Q 246 -16.21 -12.57 13.05
N LEU Q 247 -15.02 -12.05 13.32
CA LEU Q 247 -14.82 -10.62 13.50
C LEU Q 247 -14.03 -10.09 12.32
N GLY Q 248 -14.49 -8.98 11.76
CA GLY Q 248 -13.77 -8.31 10.70
C GLY Q 248 -13.91 -6.81 10.90
N LYS Q 249 -12.78 -6.11 10.78
CA LYS Q 249 -12.78 -4.74 11.24
C LYS Q 249 -11.66 -3.92 10.59
N VAL Q 250 -11.77 -2.60 10.77
CA VAL Q 250 -10.84 -1.63 10.23
C VAL Q 250 -10.49 -0.66 11.35
N ASP Q 251 -9.33 -0.02 11.21
CA ASP Q 251 -8.91 1.02 12.14
C ASP Q 251 -7.97 1.97 11.40
N VAL Q 252 -8.04 3.24 11.76
CA VAL Q 252 -7.18 4.24 11.14
C VAL Q 252 -5.99 4.50 12.04
N SER Q 253 -4.80 4.50 11.45
CA SER Q 253 -3.59 4.78 12.22
C SER Q 253 -3.53 6.25 12.60
N SER Q 254 -3.94 7.13 11.69
CA SER Q 254 -3.82 8.57 11.93
C SER Q 254 -4.84 9.04 12.96
N GLY Q 255 -6.04 8.50 12.92
CA GLY Q 255 -7.10 8.97 13.80
C GLY Q 255 -7.22 8.18 15.08
N GLU Q 256 -6.26 7.27 15.35
CA GLU Q 256 -6.19 6.29 16.44
C GLU Q 256 -7.53 5.67 16.81
N LEU Q 257 -8.32 5.32 15.80
CA LEU Q 257 -9.74 5.05 15.98
C LEU Q 257 -10.03 3.65 15.44
N THR Q 258 -10.34 2.72 16.34
CA THR Q 258 -10.75 1.41 15.89
C THR Q 258 -12.26 1.30 15.91
N LEU Q 259 -12.75 0.34 15.14
CA LEU Q 259 -14.17 0.03 15.10
C LEU Q 259 -14.29 -1.45 14.78
N THR Q 260 -14.91 -2.21 15.67
CA THR Q 260 -14.92 -3.66 15.60
C THR Q 260 -16.35 -4.13 15.37
N SER Q 261 -16.54 -5.11 14.50
CA SER Q 261 -17.85 -5.71 14.32
C SER Q 261 -17.71 -7.21 14.16
N ALA Q 262 -18.41 -7.94 15.02
CA ALA Q 262 -18.52 -9.39 14.91
C ALA Q 262 -19.83 -9.75 14.23
N SER Q 263 -19.84 -10.91 13.58
CA SER Q 263 -21.02 -11.40 12.90
C SER Q 263 -21.95 -12.18 13.82
N GLY Q 264 -21.64 -12.24 15.10
CA GLY Q 264 -22.51 -12.91 16.06
C GLY Q 264 -22.69 -12.07 17.31
N LYS Q 265 -22.43 -12.67 18.46
CA LYS Q 265 -22.50 -11.98 19.74
C LYS Q 265 -21.11 -11.95 20.36
N LEU Q 266 -20.72 -10.79 20.88
CA LEU Q 266 -19.40 -10.63 21.45
C LEU Q 266 -19.51 -9.69 22.65
N THR Q 267 -18.68 -9.95 23.66
CA THR Q 267 -18.69 -9.15 24.89
C THR Q 267 -17.57 -8.12 24.91
N ASP Q 268 -16.32 -8.57 24.83
CA ASP Q 268 -15.17 -7.70 24.94
C ASP Q 268 -13.97 -8.40 24.33
N VAL Q 269 -12.90 -7.64 24.12
CA VAL Q 269 -11.72 -8.16 23.45
C VAL Q 269 -10.48 -7.58 24.14
N LYS Q 270 -9.34 -8.22 23.91
CA LYS Q 270 -8.08 -7.85 24.54
C LYS Q 270 -7.03 -7.63 23.46
N VAL Q 271 -6.91 -6.38 23.01
CA VAL Q 271 -5.99 -6.00 21.95
C VAL Q 271 -4.57 -5.87 22.49
N LYS Q 272 -3.61 -5.73 21.58
CA LYS Q 272 -2.21 -5.57 21.99
C LYS Q 272 -1.49 -4.81 20.88
N GLY Q 273 -1.23 -3.52 21.12
CA GLY Q 273 -0.55 -2.69 20.14
C GLY Q 273 0.36 -1.69 20.82
N TYR Q 274 1.21 -1.08 19.99
CA TYR Q 274 2.19 -0.11 20.44
C TYR Q 274 1.92 1.25 19.81
N VAL Q 275 2.04 2.30 20.61
CA VAL Q 275 1.98 3.66 20.09
C VAL Q 275 3.24 3.92 19.27
N ALA Q 276 3.07 4.49 18.09
CA ALA Q 276 4.19 4.68 17.17
C ALA Q 276 5.16 5.73 17.68
N SER Q 277 6.44 5.49 17.41
CA SER Q 277 7.51 6.40 17.78
C SER Q 277 8.12 7.06 16.55
N GLU Q 278 7.30 7.23 15.50
CA GLU Q 278 7.73 7.97 14.33
C GLU Q 278 7.89 9.45 14.66
N GLN Q 279 6.97 9.99 15.45
CA GLN Q 279 7.08 11.34 15.95
C GLN Q 279 7.59 11.30 17.38
N HIS Q 280 8.56 12.16 17.69
CA HIS Q 280 9.38 12.04 18.88
C HIS Q 280 8.59 12.39 20.14
N THR Q 281 7.73 11.47 20.57
CA THR Q 281 6.85 11.76 21.70
C THR Q 281 7.51 11.42 23.02
N SER Q 282 8.08 10.22 23.13
CA SER Q 282 8.76 9.79 24.34
C SER Q 282 9.80 8.75 23.95
N ALA Q 283 10.91 8.73 24.69
CA ALA Q 283 11.98 7.79 24.43
C ALA Q 283 12.66 7.46 25.75
N THR Q 284 13.80 6.78 25.66
CA THR Q 284 14.60 6.44 26.83
C THR Q 284 15.85 7.31 26.85
N ASN Q 285 16.28 7.66 28.06
CA ASN Q 285 17.37 8.60 28.26
C ASN Q 285 18.45 7.95 29.11
N VAL Q 286 19.65 7.86 28.58
CA VAL Q 286 20.78 7.31 29.28
C VAL Q 286 21.51 8.42 30.02
N GLU Q 287 21.94 8.13 31.25
CA GLU Q 287 22.56 9.13 32.10
C GLU Q 287 23.76 8.53 32.81
N LEU Q 288 24.89 9.20 32.72
CA LEU Q 288 26.10 8.76 33.40
C LEU Q 288 26.00 9.04 34.89
N GLY Q 289 26.52 8.12 35.70
CA GLY Q 289 26.63 8.30 37.13
C GLY Q 289 28.00 7.89 37.62
N LEU Q 290 28.36 8.36 38.80
CA LEU Q 290 29.69 8.10 39.31
C LEU Q 290 29.70 8.20 40.82
N THR Q 291 30.31 7.20 41.45
CA THR Q 291 30.67 7.25 42.86
C THR Q 291 32.13 6.83 42.99
N ARG Q 292 32.65 6.90 44.20
CA ARG Q 292 34.06 6.62 44.43
C ARG Q 292 34.22 5.62 45.57
N LYS Q 293 35.32 4.88 45.53
CA LYS Q 293 35.66 3.90 46.55
C LYS Q 293 37.00 4.28 47.16
N ASP Q 294 37.05 4.35 48.49
CA ASP Q 294 38.22 4.83 49.21
C ASP Q 294 38.96 3.68 49.87
N VAL Q 295 40.28 3.78 49.90
CA VAL Q 295 41.11 2.84 50.64
C VAL Q 295 41.90 3.63 51.68
N VAL Q 296 42.14 3.00 52.81
CA VAL Q 296 42.89 3.62 53.90
C VAL Q 296 43.95 2.65 54.39
N ILE Q 297 45.16 3.15 54.63
CA ILE Q 297 46.22 2.32 55.16
C ILE Q 297 46.60 2.86 56.53
N ASP Q 298 46.02 2.29 57.58
CA ASP Q 298 46.27 2.78 58.93
C ASP Q 298 47.59 2.20 59.44
N THR Q 299 47.86 2.43 60.73
CA THR Q 299 49.04 1.85 61.34
C THR Q 299 48.80 0.40 61.71
N ALA Q 300 49.88 -0.38 61.77
CA ALA Q 300 49.83 -1.79 62.09
C ALA Q 300 50.59 -2.05 63.38
N GLN Q 301 50.53 -3.29 63.84
CA GLN Q 301 51.14 -3.66 65.10
C GLN Q 301 52.66 -3.75 64.96
N HIS Q 302 53.35 -3.48 66.06
CA HIS Q 302 54.81 -3.55 66.07
C HIS Q 302 55.28 -4.87 66.68
N ILE Q 303 56.39 -5.37 66.16
CA ILE Q 303 57.00 -6.58 66.65
C ILE Q 303 58.35 -6.19 67.21
N GLU Q 304 58.43 -6.02 68.52
CA GLU Q 304 59.64 -5.53 69.18
C GLU Q 304 60.34 -6.67 69.90
N ALA Q 305 61.56 -6.39 70.35
CA ALA Q 305 62.36 -7.39 71.04
C ALA Q 305 63.27 -6.67 72.02
N THR Q 306 63.02 -6.83 73.32
CA THR Q 306 63.91 -6.31 74.34
C THR Q 306 65.20 -7.11 74.32
N VAL Q 307 66.31 -6.44 74.06
CA VAL Q 307 67.60 -7.14 73.96
C VAL Q 307 68.58 -6.51 74.96
N PRO Q 308 68.66 -7.05 76.17
CA PRO Q 308 69.56 -6.47 77.18
C PRO Q 308 71.02 -6.80 76.94
N LEU Q 309 71.90 -6.26 77.77
CA LEU Q 309 73.32 -6.56 77.72
C LEU Q 309 73.70 -7.73 78.60
N GLU Q 310 72.91 -8.03 79.64
CA GLU Q 310 73.17 -9.16 80.50
C GLU Q 310 72.93 -10.51 79.82
N VAL Q 311 72.27 -10.53 78.67
CA VAL Q 311 71.90 -11.78 78.02
C VAL Q 311 72.64 -11.98 76.70
N ILE Q 312 73.17 -10.92 76.08
CA ILE Q 312 73.95 -11.08 74.85
C ILE Q 312 75.26 -11.78 75.16
N GLN Q 313 75.84 -11.51 76.33
CA GLN Q 313 77.10 -12.11 76.70
C GLN Q 313 76.99 -13.59 77.01
N ASP Q 314 75.89 -14.05 77.61
CA ASP Q 314 75.78 -15.47 77.91
C ASP Q 314 75.33 -16.31 76.72
N MET Q 315 74.49 -15.75 75.84
CA MET Q 315 74.11 -16.48 74.63
C MET Q 315 75.28 -16.63 73.68
N LYS Q 316 76.16 -15.63 73.62
CA LYS Q 316 77.32 -15.70 72.75
C LYS Q 316 78.41 -16.61 73.31
N ALA Q 317 78.57 -16.62 74.63
CA ALA Q 317 79.63 -17.43 75.22
C ALA Q 317 79.26 -18.89 75.39
N THR Q 318 78.10 -19.17 75.98
CA THR Q 318 77.76 -20.54 76.35
C THR Q 318 77.34 -21.36 75.14
N TYR Q 319 76.27 -20.94 74.46
CA TYR Q 319 75.71 -21.71 73.37
C TYR Q 319 76.06 -21.15 72.00
N ASP Q 320 76.93 -20.13 71.94
CA ASP Q 320 77.44 -19.54 70.70
C ASP Q 320 76.31 -18.97 69.84
N ILE Q 321 75.31 -18.39 70.49
CA ILE Q 321 74.16 -17.82 69.82
C ILE Q 321 74.37 -16.32 69.66
N ASP Q 322 74.26 -15.84 68.43
CA ASP Q 322 74.12 -14.41 68.17
C ASP Q 322 72.73 -14.04 68.67
N GLY Q 323 72.67 -13.27 69.74
CA GLY Q 323 71.39 -12.95 70.34
C GLY Q 323 70.56 -11.94 69.57
N VAL Q 324 71.19 -11.07 68.78
CA VAL Q 324 70.44 -10.06 68.03
C VAL Q 324 70.12 -10.49 66.61
N ALA Q 325 70.73 -11.58 66.12
CA ALA Q 325 70.36 -12.12 64.82
C ALA Q 325 69.19 -13.07 64.91
N ARG Q 326 69.21 -14.00 65.85
CA ARG Q 326 68.10 -14.91 66.06
C ARG Q 326 66.88 -14.22 66.64
N LEU Q 327 67.04 -13.04 67.23
CA LEU Q 327 65.88 -12.26 67.63
C LEU Q 327 65.36 -11.39 66.50
N SER Q 328 66.22 -11.04 65.54
CA SER Q 328 65.76 -10.30 64.37
C SER Q 328 65.09 -11.18 63.34
N GLU Q 329 65.37 -12.49 63.35
CA GLU Q 329 64.70 -13.40 62.44
C GLU Q 329 63.44 -14.01 63.02
N THR Q 330 63.29 -13.97 64.35
CA THR Q 330 62.00 -14.28 64.95
C THR Q 330 60.99 -13.20 64.64
N MET Q 331 61.43 -11.94 64.64
CA MET Q 331 60.54 -10.83 64.29
C MET Q 331 60.18 -10.86 62.81
N SER Q 332 61.18 -11.02 61.96
CA SER Q 332 60.98 -11.01 60.51
C SER Q 332 60.21 -12.22 60.00
N GLN Q 333 60.12 -13.29 60.79
CA GLN Q 333 59.29 -14.43 60.43
C GLN Q 333 58.01 -14.48 61.26
N LEU Q 334 57.76 -13.48 62.10
CA LEU Q 334 56.44 -13.24 62.64
C LEU Q 334 55.73 -12.13 61.88
N SER Q 335 56.45 -11.08 61.52
CA SER Q 335 55.87 -10.02 60.70
C SER Q 335 55.60 -10.48 59.27
N SER Q 336 56.28 -11.52 58.81
CA SER Q 336 55.93 -12.10 57.52
C SER Q 336 54.69 -12.95 57.60
N GLN Q 337 54.47 -13.61 58.73
CA GLN Q 337 53.27 -14.42 58.91
C GLN Q 337 52.04 -13.61 59.22
N LYS Q 338 52.18 -12.41 59.82
CA LYS Q 338 51.02 -11.56 60.03
C LYS Q 338 50.41 -11.04 58.73
N VAL Q 339 51.16 -11.08 57.62
CA VAL Q 339 50.59 -10.77 56.32
C VAL Q 339 49.61 -11.86 55.91
N ASP Q 340 50.07 -13.10 55.88
CA ASP Q 340 49.28 -14.20 55.35
C ASP Q 340 48.37 -14.83 56.38
N LEU Q 341 48.15 -14.18 57.52
CA LEU Q 341 46.99 -14.49 58.35
C LEU Q 341 45.95 -13.39 58.31
N ASP Q 342 46.34 -12.18 57.94
CA ASP Q 342 45.40 -11.12 57.63
C ASP Q 342 44.89 -11.19 56.20
N ILE Q 343 45.44 -12.08 55.39
CA ILE Q 343 44.87 -12.36 54.08
C ILE Q 343 43.71 -13.33 54.22
N ILE Q 344 43.91 -14.43 54.96
CA ILE Q 344 42.87 -15.44 55.14
C ILE Q 344 41.73 -14.89 55.99
N GLU Q 345 42.05 -14.04 56.96
CA GLU Q 345 41.00 -13.39 57.73
C GLU Q 345 40.25 -12.37 56.88
N PHE Q 346 40.91 -11.80 55.87
CA PHE Q 346 40.22 -10.90 54.96
C PHE Q 346 39.26 -11.66 54.06
N LEU Q 347 39.74 -12.75 53.45
CA LEU Q 347 38.92 -13.49 52.50
C LEU Q 347 37.78 -14.22 53.18
N ASP Q 348 37.98 -14.68 54.41
CA ASP Q 348 36.87 -15.26 55.17
C ASP Q 348 35.84 -14.20 55.53
N HIS Q 349 36.30 -13.00 55.91
CA HIS Q 349 35.36 -11.92 56.16
C HIS Q 349 34.74 -11.40 54.88
N GLU Q 350 35.48 -11.47 53.77
CA GLU Q 350 34.91 -11.05 52.50
C GLU Q 350 33.86 -12.03 52.00
N TYR Q 351 34.07 -13.33 52.24
CA TYR Q 351 33.11 -14.32 51.79
C TYR Q 351 31.80 -14.24 52.56
N LYS Q 352 31.88 -13.91 53.86
CA LYS Q 352 30.65 -13.78 54.65
C LYS Q 352 29.87 -12.53 54.25
N GLU Q 353 30.55 -11.54 53.66
CA GLU Q 353 29.85 -10.37 53.17
C GLU Q 353 29.09 -10.62 51.87
N THR Q 354 29.25 -11.79 51.26
CA THR Q 354 28.47 -12.15 50.07
C THR Q 354 27.22 -12.94 50.42
N ASP Q 355 27.04 -13.31 51.70
CA ASP Q 355 25.90 -14.11 52.20
C ASP Q 355 25.80 -15.46 51.47
N ALA Q 356 26.92 -16.19 51.48
CA ALA Q 356 27.02 -17.58 51.02
C ALA Q 356 26.59 -17.73 49.55
N LYS Q 357 27.12 -16.85 48.72
CA LYS Q 357 26.67 -16.74 47.34
C LYS Q 357 27.07 -17.95 46.51
N TYR Q 358 28.31 -18.41 46.66
CA TYR Q 358 28.85 -19.50 45.86
C TYR Q 358 29.38 -20.60 46.75
N HIS Q 359 28.57 -21.00 47.72
CA HIS Q 359 28.93 -22.07 48.65
C HIS Q 359 28.45 -23.39 48.07
N PHE Q 360 29.36 -24.16 47.49
CA PHE Q 360 29.03 -25.44 46.86
C PHE Q 360 29.84 -26.54 47.52
N SER Q 361 29.18 -27.32 48.36
CA SER Q 361 29.88 -28.34 49.14
C SER Q 361 30.14 -29.59 48.32
N PHE Q 362 31.30 -30.20 48.54
CA PHE Q 362 31.71 -31.42 47.87
C PHE Q 362 32.05 -32.47 48.91
N ASP Q 363 31.61 -33.69 48.69
CA ASP Q 363 31.87 -34.78 49.63
C ASP Q 363 33.00 -35.65 49.13
N VAL Q 364 33.80 -36.16 50.07
CA VAL Q 364 34.89 -37.06 49.76
C VAL Q 364 34.39 -38.48 49.98
N PHE Q 365 33.65 -38.69 51.07
CA PHE Q 365 32.92 -39.92 51.29
C PHE Q 365 31.91 -40.07 50.16
N PRO Q 366 32.04 -41.05 49.28
CA PRO Q 366 31.17 -41.11 48.12
C PRO Q 366 29.78 -41.55 48.48
N HIS Q 367 28.93 -41.56 47.47
CA HIS Q 367 27.52 -41.84 47.60
C HIS Q 367 27.32 -43.30 48.01
N SER Q 368 26.18 -43.56 48.66
CA SER Q 368 25.87 -44.93 49.06
C SER Q 368 25.64 -45.80 47.84
N ASP Q 369 24.87 -45.31 46.89
CA ASP Q 369 24.78 -45.91 45.56
C ASP Q 369 25.74 -45.23 44.60
N TYR Q 370 27.01 -45.15 45.01
CA TYR Q 370 28.09 -44.88 44.08
C TYR Q 370 28.79 -46.17 43.70
N SER Q 371 29.27 -46.91 44.69
CA SER Q 371 29.61 -48.33 44.59
C SER Q 371 30.69 -48.58 43.56
N ALA Q 372 31.76 -47.80 43.64
CA ALA Q 372 32.95 -48.02 42.84
C ALA Q 372 34.14 -47.60 43.70
N HIS Q 373 35.27 -47.40 43.07
CA HIS Q 373 36.47 -46.96 43.79
C HIS Q 373 36.29 -45.51 44.22
N PRO Q 374 36.47 -45.19 45.50
CA PRO Q 374 36.38 -43.79 45.94
C PRO Q 374 37.49 -42.90 45.42
N LYS Q 375 38.57 -43.46 44.89
CA LYS Q 375 39.63 -42.63 44.32
C LYS Q 375 39.17 -41.94 43.04
N ASP Q 376 38.39 -42.63 42.21
CA ASP Q 376 37.87 -42.00 41.00
C ASP Q 376 36.68 -41.10 41.30
N TRP Q 377 36.10 -41.20 42.49
CA TRP Q 377 35.04 -40.28 42.90
C TRP Q 377 35.59 -38.87 43.09
N LEU Q 378 36.87 -38.74 43.42
CA LEU Q 378 37.50 -37.44 43.63
C LEU Q 378 37.80 -36.70 42.33
N GLU Q 379 37.44 -37.26 41.18
CA GLU Q 379 37.42 -36.46 39.97
C GLU Q 379 36.29 -35.45 40.00
N GLY Q 380 35.19 -35.76 40.67
CA GLY Q 380 34.03 -34.90 40.74
C GLY Q 380 34.23 -33.57 41.44
N LEU Q 381 35.35 -33.41 42.16
CA LEU Q 381 35.72 -32.10 42.67
C LEU Q 381 36.04 -31.15 41.53
N ARG Q 382 36.61 -31.67 40.43
CA ARG Q 382 36.97 -30.83 39.31
C ARG Q 382 35.77 -30.29 38.54
N GLU Q 383 34.57 -30.83 38.74
CA GLU Q 383 33.40 -30.25 38.12
C GLU Q 383 32.45 -29.61 39.11
N VAL Q 384 32.78 -29.62 40.40
CA VAL Q 384 32.19 -28.65 41.31
C VAL Q 384 32.93 -27.33 41.23
N ILE Q 385 34.26 -27.40 41.14
CA ILE Q 385 35.09 -26.22 40.95
C ILE Q 385 34.77 -25.55 39.62
N ASP Q 386 34.63 -26.34 38.56
CA ASP Q 386 34.23 -25.82 37.26
C ASP Q 386 32.79 -25.32 37.24
N HIS Q 387 31.97 -25.71 38.22
CA HIS Q 387 30.61 -25.21 38.28
C HIS Q 387 30.56 -23.80 38.85
N THR Q 388 31.41 -23.49 39.84
CA THR Q 388 31.44 -22.14 40.39
C THR Q 388 32.00 -21.14 39.39
N THR Q 389 33.07 -21.52 38.71
CA THR Q 389 33.76 -20.61 37.80
C THR Q 389 32.85 -20.21 36.63
N GLN Q 390 32.07 -21.15 36.12
CA GLN Q 390 31.09 -20.79 35.11
C GLN Q 390 29.89 -20.05 35.71
N SER Q 391 29.61 -20.22 36.99
CA SER Q 391 28.56 -19.47 37.64
C SER Q 391 29.06 -18.14 38.20
N MET Q 392 30.37 -17.94 38.27
CA MET Q 392 30.93 -16.64 38.61
C MET Q 392 31.19 -15.79 37.39
N LYS Q 393 31.59 -16.38 36.28
CA LYS Q 393 31.69 -15.66 35.02
C LYS Q 393 30.33 -15.32 34.43
N ASN Q 394 29.25 -15.91 34.94
CA ASN Q 394 27.90 -15.60 34.50
C ASN Q 394 27.34 -14.36 35.19
N ASP Q 395 27.31 -14.36 36.52
CA ASP Q 395 26.67 -13.29 37.26
C ASP Q 395 27.48 -12.00 37.28
N TYR Q 396 28.76 -12.06 36.90
CA TYR Q 396 29.58 -10.86 36.84
C TYR Q 396 30.11 -10.58 35.43
N LYS Q 397 29.74 -11.41 34.46
CA LYS Q 397 29.84 -11.14 33.02
C LYS Q 397 31.27 -10.91 32.54
N LEU Q 398 32.26 -11.44 33.24
CA LEU Q 398 33.65 -11.23 32.87
C LEU Q 398 34.25 -12.50 32.30
N TYR Q 399 35.12 -12.34 31.31
CA TYR Q 399 35.68 -13.46 30.57
C TYR Q 399 37.18 -13.29 30.41
N ASP Q 400 37.83 -12.68 31.39
CA ASP Q 400 39.26 -12.38 31.29
C ASP Q 400 39.93 -12.76 32.60
N VAL Q 401 39.67 -13.99 33.05
CA VAL Q 401 39.85 -14.36 34.43
C VAL Q 401 41.11 -15.19 34.63
N GLN Q 402 41.56 -15.23 35.88
CA GLN Q 402 42.64 -16.08 36.37
C GLN Q 402 42.24 -16.64 37.74
N PHE Q 403 41.14 -17.40 37.75
CA PHE Q 403 40.60 -18.05 38.95
C PHE Q 403 41.66 -18.81 39.74
N VAL Q 404 41.92 -18.36 40.96
CA VAL Q 404 42.98 -18.89 41.81
C VAL Q 404 42.32 -19.59 42.99
N ILE Q 405 42.70 -20.84 43.22
CA ILE Q 405 42.17 -21.63 44.31
C ILE Q 405 43.23 -21.74 45.40
N VAL Q 406 42.98 -21.12 46.53
CA VAL Q 406 43.83 -21.29 47.69
C VAL Q 406 43.15 -22.29 48.62
N GLY Q 407 43.96 -23.10 49.30
CA GLY Q 407 43.41 -24.08 50.19
C GLY Q 407 44.51 -24.88 50.84
N ASN Q 408 44.10 -25.73 51.76
CA ASN Q 408 45.03 -26.58 52.48
C ASN Q 408 45.55 -27.67 51.53
N PRO Q 409 46.82 -28.05 51.65
CA PRO Q 409 47.31 -29.14 50.79
C PRO Q 409 46.99 -30.52 51.33
N LEU Q 410 45.83 -30.66 51.94
CA LEU Q 410 45.17 -31.92 52.20
C LEU Q 410 43.88 -32.03 51.40
N ASP Q 411 43.28 -30.89 51.05
CA ASP Q 411 42.20 -30.84 50.07
C ASP Q 411 42.70 -30.52 48.67
N VAL Q 412 43.86 -29.87 48.55
CA VAL Q 412 44.45 -29.61 47.24
C VAL Q 412 44.93 -30.91 46.61
N ARG Q 413 45.35 -31.88 47.44
CA ARG Q 413 45.78 -33.20 46.98
C ARG Q 413 44.67 -33.94 46.25
N LEU Q 414 43.40 -33.66 46.57
CA LEU Q 414 42.28 -34.28 45.91
C LEU Q 414 42.14 -33.85 44.45
N ILE Q 415 42.69 -32.71 44.08
CA ILE Q 415 42.49 -32.17 42.73
C ILE Q 415 43.28 -32.95 41.66
N PRO Q 416 44.64 -33.13 41.73
CA PRO Q 416 45.29 -33.79 40.59
C PRO Q 416 45.12 -35.30 40.58
N ASN Q 417 44.90 -35.89 41.76
CA ASN Q 417 44.74 -37.34 41.95
C ASN Q 417 45.90 -38.12 41.34
N VAL Q 418 47.12 -37.75 41.75
CA VAL Q 418 48.30 -38.35 41.16
C VAL Q 418 48.46 -39.79 41.65
N SER Q 419 49.07 -40.61 40.80
CA SER Q 419 49.30 -42.01 41.10
C SER Q 419 50.75 -42.22 41.52
N TRP Q 420 50.98 -43.31 42.25
CA TRP Q 420 52.32 -43.65 42.70
C TRP Q 420 53.11 -44.22 41.54
N THR Q 421 54.41 -43.93 41.51
CA THR Q 421 55.32 -44.55 40.56
C THR Q 421 56.45 -45.20 41.35
N PHE Q 422 56.56 -46.52 41.23
CA PHE Q 422 57.54 -47.27 41.98
C PHE Q 422 58.83 -47.41 41.21
N ASN Q 423 59.94 -47.41 41.93
CA ASN Q 423 61.27 -47.56 41.35
C ASN Q 423 61.99 -48.68 42.09
N GLY Q 424 63.21 -48.98 41.62
CA GLY Q 424 64.03 -49.97 42.28
C GLY Q 424 64.48 -49.48 43.64
N GLY Q 425 64.35 -50.34 44.64
CA GLY Q 425 64.60 -49.95 46.02
C GLY Q 425 66.03 -49.58 46.31
N ASP Q 426 66.28 -48.29 46.46
CA ASP Q 426 67.61 -47.77 46.75
C ASP Q 426 67.62 -47.33 48.21
N ARG Q 427 68.73 -47.64 48.89
CA ARG Q 427 68.88 -47.32 50.30
C ARG Q 427 69.70 -46.04 50.50
N ASN Q 428 70.80 -45.90 49.77
CA ASN Q 428 71.71 -44.78 49.99
C ASN Q 428 71.26 -43.54 49.23
N ALA Q 429 70.99 -43.68 47.93
CA ALA Q 429 70.59 -42.54 47.11
C ALA Q 429 69.07 -42.39 47.19
N ASP Q 430 68.61 -41.32 47.82
CA ASP Q 430 67.17 -41.11 48.00
C ASP Q 430 66.84 -39.63 47.84
N ALA Q 431 66.06 -39.32 46.81
CA ALA Q 431 65.55 -37.96 46.62
C ALA Q 431 64.53 -37.68 47.70
N TYR Q 432 64.79 -36.64 48.50
CA TYR Q 432 63.93 -36.37 49.66
C TYR Q 432 62.61 -35.75 49.21
N SER Q 433 62.66 -34.54 48.68
CA SER Q 433 61.47 -33.89 48.17
C SER Q 433 61.82 -33.17 46.87
N ASN Q 434 62.55 -33.85 46.00
CA ASN Q 434 63.01 -33.23 44.76
C ASN Q 434 61.86 -32.99 43.80
N GLY Q 435 61.05 -34.02 43.55
CA GLY Q 435 59.93 -33.87 42.67
C GLY Q 435 58.63 -33.49 43.34
N ILE Q 436 58.65 -33.22 44.63
CA ILE Q 436 57.42 -32.95 45.39
C ILE Q 436 57.16 -31.45 45.30
N LYS Q 437 56.35 -31.05 44.32
CA LYS Q 437 55.89 -29.67 44.25
C LYS Q 437 54.46 -29.52 43.77
N ILE Q 438 53.74 -30.61 43.52
CA ILE Q 438 52.42 -30.51 42.91
C ILE Q 438 51.33 -30.50 43.97
N ASN Q 439 51.73 -30.38 45.23
CA ASN Q 439 50.75 -30.27 46.30
C ASN Q 439 50.62 -28.86 46.84
N TYR Q 440 51.53 -27.96 46.51
CA TYR Q 440 51.46 -26.58 46.95
C TYR Q 440 51.32 -25.58 45.80
N SER Q 441 51.68 -25.96 44.59
CA SER Q 441 51.65 -25.03 43.46
C SER Q 441 51.28 -25.83 42.21
N LEU Q 442 50.04 -25.68 41.76
CA LEU Q 442 49.54 -26.41 40.60
C LEU Q 442 48.98 -25.45 39.57
N GLY Q 443 49.10 -25.83 38.30
CA GLY Q 443 48.80 -24.96 37.18
C GLY Q 443 47.67 -25.46 36.30
N ALA Q 444 46.57 -25.85 36.92
CA ALA Q 444 45.46 -26.50 36.22
C ALA Q 444 44.86 -25.61 35.13
N ALA Q 445 44.30 -26.25 34.10
CA ALA Q 445 43.72 -25.52 32.97
C ALA Q 445 42.54 -26.34 32.45
N SER Q 446 41.35 -26.02 32.93
CA SER Q 446 40.15 -26.74 32.55
C SER Q 446 39.63 -26.24 31.21
N GLY Q 447 38.42 -26.67 30.85
CA GLY Q 447 37.76 -26.14 29.67
C GLY Q 447 36.91 -24.93 29.92
N THR Q 448 36.77 -24.52 31.19
CA THR Q 448 36.00 -23.34 31.54
C THR Q 448 36.85 -22.16 31.96
N ALA Q 449 38.05 -22.42 32.50
CA ALA Q 449 39.00 -21.37 32.83
C ALA Q 449 40.37 -21.98 33.02
N ASN Q 450 41.38 -21.13 33.02
CA ASN Q 450 42.71 -21.48 33.47
C ASN Q 450 42.79 -21.24 34.97
N TYR Q 451 43.51 -22.11 35.67
CA TYR Q 451 43.54 -22.07 37.12
C TYR Q 451 44.96 -21.92 37.63
N ARG Q 452 45.05 -21.68 38.93
CA ARG Q 452 46.33 -21.61 39.62
C ARG Q 452 46.07 -21.99 41.08
N ILE Q 453 46.57 -23.14 41.49
CA ILE Q 453 46.33 -23.64 42.83
C ILE Q 453 47.49 -23.22 43.72
N ILE Q 454 47.17 -22.57 44.83
CA ILE Q 454 48.17 -22.16 45.81
C ILE Q 454 47.84 -22.93 47.08
N GLY Q 455 48.57 -24.02 47.32
CA GLY Q 455 48.39 -24.78 48.53
C GLY Q 455 49.20 -24.18 49.66
N SER Q 456 48.60 -24.11 50.84
CA SER Q 456 49.26 -23.57 52.01
C SER Q 456 48.60 -24.12 53.25
N ASP Q 457 49.41 -24.52 54.23
CA ASP Q 457 48.92 -25.21 55.42
C ASP Q 457 48.43 -24.26 56.51
N LEU Q 458 48.32 -22.96 56.21
CA LEU Q 458 47.87 -22.00 57.19
C LEU Q 458 46.36 -21.87 57.29
N VAL Q 459 45.64 -22.20 56.22
CA VAL Q 459 44.19 -22.16 56.26
C VAL Q 459 43.70 -23.35 57.08
N ARG Q 460 42.48 -23.27 57.58
CA ARG Q 460 41.90 -24.44 58.21
C ARG Q 460 41.47 -25.42 57.14
N GLN Q 461 41.80 -26.69 57.32
CA GLN Q 461 41.48 -27.69 56.32
C GLN Q 461 39.98 -27.98 56.31
N GLY Q 462 39.38 -27.91 55.13
CA GLY Q 462 37.96 -28.15 55.01
C GLY Q 462 37.27 -27.26 53.99
N GLU Q 463 37.94 -26.18 53.58
CA GLU Q 463 37.40 -25.29 52.56
C GLU Q 463 38.41 -25.13 51.44
N LEU Q 464 37.91 -24.75 50.27
CA LEU Q 464 38.68 -24.70 49.04
C LEU Q 464 38.37 -23.41 48.29
N THR Q 465 38.52 -22.28 48.98
CA THR Q 465 38.09 -20.97 48.46
C THR Q 465 38.76 -20.59 47.15
N ILE Q 466 37.99 -19.94 46.28
CA ILE Q 466 38.41 -19.59 44.92
C ILE Q 466 38.32 -18.08 44.76
N ILE Q 467 39.33 -17.50 44.10
CA ILE Q 467 39.44 -16.06 43.93
C ILE Q 467 39.59 -15.75 42.44
N ALA Q 468 38.74 -14.86 41.93
CA ALA Q 468 38.82 -14.44 40.54
C ALA Q 468 39.75 -13.25 40.40
N ILE Q 469 40.51 -13.23 39.31
CA ILE Q 469 41.42 -12.13 39.03
C ILE Q 469 41.25 -11.70 37.58
N PRO Q 470 40.80 -10.47 37.32
CA PRO Q 470 40.68 -10.01 35.93
C PRO Q 470 42.01 -9.47 35.40
N GLN Q 471 42.21 -9.62 34.11
CA GLN Q 471 43.44 -9.15 33.48
C GLN Q 471 43.38 -7.66 33.16
N GLN Q 472 42.22 -7.15 32.78
CA GLN Q 472 42.10 -5.76 32.38
C GLN Q 472 42.27 -4.84 33.59
N ASP Q 473 42.92 -3.71 33.35
CA ASP Q 473 43.25 -2.79 34.44
C ASP Q 473 42.03 -2.01 34.91
N ASN Q 474 40.95 -1.99 34.13
CA ASN Q 474 39.75 -1.27 34.54
C ASN Q 474 39.04 -1.99 35.67
N TYR Q 475 38.63 -3.22 35.45
CA TYR Q 475 37.91 -3.97 36.46
C TYR Q 475 38.88 -4.58 37.46
N LYS Q 476 38.64 -4.32 38.75
CA LYS Q 476 39.40 -4.92 39.83
C LYS Q 476 38.43 -5.46 40.87
N THR Q 477 38.78 -6.60 41.47
CA THR Q 477 37.95 -7.20 42.50
C THR Q 477 38.69 -7.52 43.79
N PHE Q 478 40.01 -7.68 43.75
CA PHE Q 478 40.80 -7.95 44.94
C PHE Q 478 42.19 -7.38 44.70
N MET Q 479 42.69 -6.60 45.65
CA MET Q 479 44.01 -6.01 45.49
C MET Q 479 44.70 -5.95 46.83
N PHE Q 480 45.97 -6.33 46.84
CA PHE Q 480 46.82 -6.24 48.01
C PHE Q 480 47.63 -4.95 47.92
N TYR Q 481 47.53 -4.12 48.95
CA TYR Q 481 48.18 -2.80 48.97
C TYR Q 481 49.20 -2.74 50.09
N PRO Q 482 50.46 -3.10 49.84
CA PRO Q 482 51.51 -2.87 50.84
C PRO Q 482 51.97 -1.43 50.77
N TYR Q 483 51.92 -0.73 51.90
CA TYR Q 483 52.38 0.64 51.92
C TYR Q 483 53.90 0.71 52.10
N THR Q 484 54.39 0.26 53.25
CA THR Q 484 55.81 0.36 53.55
C THR Q 484 56.16 -0.65 54.62
N PHE Q 485 57.46 -0.78 54.87
CA PHE Q 485 58.00 -1.72 55.85
C PHE Q 485 59.17 -1.03 56.54
N ASN Q 486 59.03 -0.78 57.84
CA ASN Q 486 59.99 0.04 58.56
C ASN Q 486 60.53 -0.70 59.78
N VAL Q 487 61.83 -0.55 60.00
CA VAL Q 487 62.53 -1.17 61.11
C VAL Q 487 63.48 -0.13 61.69
N VAL Q 488 63.52 -0.02 63.01
CA VAL Q 488 64.44 0.89 63.68
C VAL Q 488 65.42 0.07 64.50
N ASN Q 489 66.54 0.71 64.84
CA ASN Q 489 67.61 0.09 65.62
C ASN Q 489 67.94 1.05 66.75
N GLY Q 490 67.27 0.87 67.89
CA GLY Q 490 67.38 1.82 68.98
C GLY Q 490 66.57 3.07 68.68
N GLY Q 491 67.26 4.19 68.47
CA GLY Q 491 66.63 5.41 68.02
C GLY Q 491 65.69 6.08 69.00
N GLY Q 492 65.67 5.66 70.27
CA GLY Q 492 64.78 6.23 71.25
C GLY Q 492 63.35 5.70 71.21
N TYR Q 493 62.99 4.95 70.18
CA TYR Q 493 61.66 4.38 70.05
C TYR Q 493 61.58 3.23 71.04
N LEU Q 494 61.08 3.52 72.24
CA LEU Q 494 61.30 2.69 73.41
C LEU Q 494 60.45 1.43 73.37
N ASN Q 495 60.86 0.45 74.17
CA ASN Q 495 60.02 -0.69 74.52
C ASN Q 495 58.99 -0.26 75.58
N THR Q 496 58.27 -1.24 76.09
CA THR Q 496 57.34 -1.00 77.18
C THR Q 496 57.95 -1.23 78.56
N ARG Q 497 59.28 -1.30 78.67
CA ARG Q 497 59.90 -1.67 79.94
C ARG Q 497 60.74 -0.56 80.55
N ASN Q 498 61.82 -0.12 79.89
CA ASN Q 498 62.87 0.61 80.62
C ASN Q 498 63.90 1.20 79.67
N PRO Q 499 64.47 2.37 79.96
CA PRO Q 499 65.73 2.78 79.33
C PRO Q 499 66.98 2.09 79.89
N ASN Q 500 66.82 1.18 80.86
CA ASN Q 500 67.89 0.29 81.25
C ASN Q 500 68.07 -0.85 80.25
N VAL Q 501 67.07 -1.10 79.41
CA VAL Q 501 67.14 -2.13 78.38
C VAL Q 501 66.93 -1.49 77.01
N PRO Q 502 67.79 -1.75 76.04
CA PRO Q 502 67.56 -1.23 74.69
C PRO Q 502 66.55 -2.10 73.97
N ASN Q 503 66.12 -1.63 72.80
CA ASN Q 503 64.98 -2.24 72.12
C ASN Q 503 65.08 -1.99 70.63
N MET Q 504 64.83 -3.04 69.85
CA MET Q 504 64.63 -2.93 68.41
C MET Q 504 63.23 -3.45 68.09
N MET Q 505 62.57 -2.80 67.14
CA MET Q 505 61.22 -3.19 66.75
C MET Q 505 61.15 -3.30 65.23
N MET Q 506 59.94 -3.61 64.76
CA MET Q 506 59.70 -3.79 63.33
C MET Q 506 58.21 -3.62 63.08
N THR Q 507 57.87 -2.86 62.04
CA THR Q 507 56.48 -2.66 61.64
C THR Q 507 56.36 -2.85 60.14
N ARG Q 508 55.13 -3.04 59.69
CA ARG Q 508 54.86 -3.30 58.27
C ARG Q 508 53.49 -2.75 57.95
N ARG Q 509 53.45 -1.70 57.12
CA ARG Q 509 52.20 -1.03 56.78
C ARG Q 509 51.66 -1.62 55.49
N TYR Q 510 50.48 -2.21 55.57
CA TYR Q 510 49.80 -2.78 54.42
C TYR Q 510 48.30 -2.67 54.63
N THR Q 511 47.56 -2.89 53.55
CA THR Q 511 46.13 -3.13 53.63
C THR Q 511 45.73 -3.98 52.43
N VAL Q 512 44.53 -4.55 52.52
CA VAL Q 512 43.97 -5.33 51.44
C VAL Q 512 42.50 -4.94 51.30
N GLU Q 513 42.05 -4.74 50.07
CA GLU Q 513 40.73 -4.17 49.85
C GLU Q 513 40.09 -4.79 48.62
N SER Q 514 38.79 -5.02 48.71
CA SER Q 514 38.00 -5.62 47.64
C SER Q 514 36.99 -4.60 47.17
N PHE Q 515 37.09 -4.19 45.90
CA PHE Q 515 36.09 -3.30 45.34
C PHE Q 515 34.79 -4.03 45.04
N VAL Q 516 34.87 -5.28 44.58
CA VAL Q 516 33.69 -6.11 44.36
C VAL Q 516 34.03 -7.55 44.76
N PRO Q 517 33.21 -8.20 45.57
CA PRO Q 517 33.54 -9.55 46.05
C PRO Q 517 33.17 -10.64 45.04
N ILE Q 518 34.19 -11.23 44.42
CA ILE Q 518 34.00 -12.42 43.62
C ILE Q 518 34.76 -13.57 44.28
N ILE Q 519 34.09 -14.30 45.16
CA ILE Q 519 34.75 -15.34 45.94
C ILE Q 519 33.78 -16.50 46.16
N GLY Q 520 34.24 -17.70 45.85
CA GLY Q 520 33.44 -18.89 46.04
C GLY Q 520 34.17 -19.89 46.91
N ARG Q 521 33.39 -20.59 47.74
CA ARG Q 521 33.93 -21.47 48.76
C ARG Q 521 33.37 -22.88 48.58
N ILE Q 522 34.26 -23.87 48.55
CA ILE Q 522 33.89 -25.26 48.39
C ILE Q 522 34.09 -25.94 49.74
N THR Q 523 32.99 -26.44 50.33
CA THR Q 523 33.09 -27.15 51.59
C THR Q 523 33.46 -28.60 51.32
N ILE Q 524 34.73 -28.93 51.55
CA ILE Q 524 35.22 -30.30 51.32
C ILE Q 524 34.79 -31.12 52.53
N LYS Q 525 33.63 -31.75 52.40
CA LYS Q 525 33.07 -32.52 53.50
C LYS Q 525 33.76 -33.88 53.60
N ASN Q 526 34.04 -34.28 54.85
CA ASN Q 526 34.47 -35.64 55.21
C ASN Q 526 35.79 -36.03 54.56
N ASN Q 527 36.80 -35.18 54.76
CA ASN Q 527 38.16 -35.47 54.30
C ASN Q 527 39.07 -35.89 55.45
N ASN Q 528 38.56 -36.67 56.39
CA ASN Q 528 39.38 -37.06 57.53
C ASN Q 528 40.39 -38.13 57.13
N GLY Q 529 40.00 -39.05 56.26
CA GLY Q 529 40.85 -40.16 55.88
C GLY Q 529 40.27 -41.52 56.19
N SER Q 530 39.05 -41.60 56.72
CA SER Q 530 38.38 -42.86 57.01
C SER Q 530 37.51 -43.31 55.84
N VAL Q 531 37.90 -42.94 54.63
CA VAL Q 531 37.16 -43.34 53.43
C VAL Q 531 37.26 -44.85 53.24
N TYR Q 532 38.47 -45.38 53.37
CA TYR Q 532 38.70 -46.80 53.19
C TYR Q 532 38.64 -47.57 54.50
N ALA Q 533 38.12 -46.97 55.56
CA ALA Q 533 37.94 -47.68 56.82
C ALA Q 533 36.59 -47.40 57.46
N ARG Q 534 35.62 -46.88 56.70
CA ARG Q 534 34.31 -46.58 57.25
C ARG Q 534 33.49 -47.85 57.44
CA MET R 81 48.30 12.04 62.94
C MET R 81 46.80 12.12 63.07
N GLY R 82 46.34 12.27 64.30
CA GLY R 82 44.94 12.45 64.61
C GLY R 82 44.34 13.71 64.03
N PRO R 83 44.78 14.89 64.50
CA PRO R 83 44.29 16.16 63.91
C PRO R 83 44.98 16.52 62.61
N ILE R 84 44.88 15.63 61.63
CA ILE R 84 45.29 15.90 60.25
C ILE R 84 44.12 15.47 59.38
N GLN R 85 43.64 16.37 58.54
CA GLN R 85 42.54 16.02 57.65
C GLN R 85 43.05 15.07 56.56
N PRO R 86 42.50 13.86 56.46
CA PRO R 86 43.00 12.89 55.49
C PRO R 86 42.48 13.23 54.11
N TYR R 87 43.40 13.56 53.20
CA TYR R 87 43.05 13.91 51.83
C TYR R 87 43.13 12.66 50.99
N ALA R 88 41.99 12.18 50.53
CA ALA R 88 41.92 10.97 49.72
C ALA R 88 42.15 11.33 48.26
N SER R 89 43.31 10.96 47.73
CA SER R 89 43.68 11.31 46.37
C SER R 89 42.92 10.46 45.37
N LEU R 90 43.16 10.71 44.09
CA LEU R 90 42.46 10.03 43.01
C LEU R 90 43.45 9.13 42.25
N SER R 91 43.11 7.86 42.13
CA SER R 91 43.96 6.92 41.43
C SER R 91 43.67 6.92 39.93
N MET R 92 44.56 6.25 39.18
CA MET R 92 44.58 6.43 37.73
C MET R 92 43.43 5.72 37.00
N PRO R 93 43.23 4.39 37.12
CA PRO R 93 42.24 3.74 36.24
C PRO R 93 40.80 4.06 36.66
N ILE R 94 39.88 3.77 35.74
CA ILE R 94 38.56 4.41 35.74
C ILE R 94 37.44 3.48 36.20
N LEU R 95 37.69 2.17 36.30
CA LEU R 95 36.82 1.18 36.96
C LEU R 95 35.43 1.12 36.32
N VAL R 96 35.41 0.67 35.07
CA VAL R 96 34.19 0.61 34.29
C VAL R 96 33.27 -0.49 34.77
N LYS R 97 32.02 -0.46 34.32
CA LYS R 97 31.09 -1.56 34.50
C LYS R 97 31.37 -2.66 33.48
N LEU R 98 30.64 -3.77 33.58
CA LEU R 98 30.91 -4.92 32.74
C LEU R 98 29.62 -5.37 32.06
N TRP R 99 29.68 -5.48 30.73
CA TRP R 99 28.55 -5.93 29.94
C TRP R 99 28.72 -7.39 29.56
N ALA R 100 27.63 -7.99 29.09
CA ALA R 100 27.70 -9.33 28.54
C ALA R 100 28.19 -9.29 27.10
N ARG R 101 28.70 -10.41 26.62
CA ARG R 101 29.05 -10.54 25.22
C ARG R 101 27.85 -11.09 24.47
N LEU R 102 27.76 -10.74 23.19
CA LEU R 102 26.56 -10.97 22.40
C LEU R 102 26.90 -11.83 21.20
N ALA R 103 26.72 -13.15 21.36
CA ALA R 103 26.79 -14.09 20.25
C ALA R 103 25.43 -14.69 19.94
N LEU R 104 24.40 -14.29 20.67
CA LEU R 104 23.06 -14.85 20.50
C LEU R 104 22.35 -14.31 19.26
N THR R 105 22.83 -13.20 18.70
CA THR R 105 22.26 -12.70 17.45
C THR R 105 22.73 -13.48 16.24
N GLU R 106 23.67 -14.39 16.38
CA GLU R 106 24.10 -15.28 15.31
C GLU R 106 23.32 -16.59 15.31
N ALA R 107 22.27 -16.67 16.13
CA ALA R 107 21.46 -17.89 16.15
C ALA R 107 20.57 -17.97 14.93
N LEU R 108 19.66 -17.03 14.77
CA LEU R 108 18.72 -17.05 13.67
C LEU R 108 19.40 -16.54 12.40
N PRO R 109 19.00 -17.05 11.24
CA PRO R 109 19.57 -16.52 9.98
C PRO R 109 19.05 -15.12 9.70
N THR R 110 19.97 -14.22 9.36
CA THR R 110 19.64 -12.82 9.16
C THR R 110 19.81 -12.47 7.69
N GLN R 111 18.69 -12.24 7.03
CA GLN R 111 18.68 -11.62 5.71
C GLN R 111 18.25 -10.17 5.89
N VAL R 112 19.09 -9.25 5.43
CA VAL R 112 18.84 -7.82 5.65
C VAL R 112 17.68 -7.37 4.78
N ALA R 113 16.74 -6.65 5.39
CA ALA R 113 15.56 -6.22 4.67
C ALA R 113 15.88 -5.07 3.73
N ASN R 114 14.90 -4.75 2.89
CA ASN R 114 15.00 -3.59 2.01
C ASN R 114 13.71 -2.77 1.97
N LYS R 115 12.63 -3.24 2.59
CA LYS R 115 11.37 -2.55 2.58
C LYS R 115 10.70 -2.80 3.92
N PRO R 116 10.09 -1.77 4.53
CA PRO R 116 9.50 -1.95 5.86
C PRO R 116 8.23 -2.78 5.87
N ASN R 117 7.61 -2.99 4.72
CA ASN R 117 6.42 -3.84 4.65
C ASN R 117 6.52 -4.66 3.39
N PHE R 118 6.52 -5.98 3.54
CA PHE R 118 6.59 -6.89 2.41
C PHE R 118 5.96 -8.21 2.83
N THR R 119 5.65 -9.04 1.84
CA THR R 119 4.98 -10.31 2.09
C THR R 119 5.70 -11.43 1.37
N VAL R 120 5.36 -12.66 1.77
CA VAL R 120 5.91 -13.86 1.17
C VAL R 120 4.77 -14.85 1.00
N PRO R 121 4.65 -15.53 -0.14
CA PRO R 121 3.60 -16.52 -0.30
C PRO R 121 4.03 -17.90 0.18
N ILE R 122 3.04 -18.75 0.41
CA ILE R 122 3.25 -20.17 0.64
C ILE R 122 2.37 -20.95 -0.32
N LEU R 123 2.87 -22.07 -0.81
CA LEU R 123 2.17 -22.89 -1.79
C LEU R 123 1.78 -24.20 -1.12
N THR R 124 0.49 -24.40 -0.90
CA THR R 124 -0.01 -25.63 -0.28
C THR R 124 -0.98 -26.37 -1.20
N PRO R 125 -0.66 -27.59 -1.62
CA PRO R 125 -1.62 -28.36 -2.41
C PRO R 125 -2.73 -28.91 -1.54
N TYR R 126 -3.87 -29.17 -2.16
CA TYR R 126 -5.05 -29.64 -1.44
C TYR R 126 -5.64 -30.85 -2.14
N VAL R 127 -6.47 -31.59 -1.40
CA VAL R 127 -7.30 -32.64 -1.96
C VAL R 127 -8.73 -32.42 -1.50
N VAL R 128 -9.65 -32.29 -2.45
CA VAL R 128 -11.07 -32.21 -2.14
C VAL R 128 -11.58 -33.61 -1.85
N ASP R 129 -12.74 -33.71 -1.19
CA ASP R 129 -13.24 -35.00 -0.74
C ASP R 129 -14.67 -35.24 -1.20
N ALA R 130 -15.05 -34.61 -2.33
CA ALA R 130 -16.40 -34.59 -2.91
C ALA R 130 -17.44 -33.94 -1.98
N ASP R 131 -17.01 -33.28 -0.92
CA ASP R 131 -17.87 -32.49 -0.06
C ASP R 131 -17.46 -31.03 -0.07
N GLY R 132 -16.46 -30.66 -0.86
CA GLY R 132 -15.89 -29.34 -0.84
C GLY R 132 -14.79 -29.15 0.18
N ASN R 133 -14.69 -30.01 1.18
CA ASN R 133 -13.70 -29.85 2.24
C ASN R 133 -12.32 -30.25 1.76
N LYS R 134 -11.54 -29.27 1.31
CA LYS R 134 -10.17 -29.54 0.93
C LYS R 134 -9.31 -29.78 2.17
N HIS R 135 -8.43 -30.77 2.08
CA HIS R 135 -7.46 -31.04 3.13
C HIS R 135 -6.07 -30.72 2.60
N ALA R 136 -5.24 -30.12 3.47
CA ALA R 136 -3.87 -29.81 3.09
C ALA R 136 -3.11 -31.10 2.84
N LEU R 137 -2.39 -31.17 1.71
CA LEU R 137 -1.99 -32.48 1.19
C LEU R 137 -0.86 -33.13 1.99
N PRO R 138 0.35 -32.57 2.08
CA PRO R 138 1.47 -33.41 2.54
C PRO R 138 1.50 -33.63 4.05
N GLU R 139 0.47 -33.23 4.78
CA GLU R 139 0.31 -33.63 6.17
C GLU R 139 -0.79 -34.64 6.38
N SER R 140 -1.80 -34.66 5.50
CA SER R 140 -2.96 -35.52 5.68
C SER R 140 -2.76 -36.91 5.11
N ILE R 141 -1.61 -37.17 4.49
CA ILE R 141 -1.29 -38.52 4.02
C ILE R 141 -0.03 -38.98 4.74
N ASN R 142 0.17 -38.51 5.97
CA ASN R 142 1.29 -38.93 6.78
C ASN R 142 0.87 -39.83 7.94
N ASN R 143 -0.33 -40.39 7.88
CA ASN R 143 -0.84 -41.29 8.90
C ASN R 143 -1.30 -42.58 8.25
N THR R 144 -0.86 -43.71 8.80
CA THR R 144 -0.96 -45.01 8.12
C THR R 144 -2.37 -45.59 7.94
N PRO R 145 -3.38 -45.36 8.82
CA PRO R 145 -4.74 -45.74 8.42
C PRO R 145 -5.32 -44.79 7.39
N GLU R 146 -4.97 -45.01 6.13
CA GLU R 146 -5.30 -44.08 5.07
C GLU R 146 -6.74 -44.28 4.61
N THR R 147 -7.58 -43.25 4.81
CA THR R 147 -8.97 -43.30 4.40
C THR R 147 -9.39 -42.18 3.46
N LEU R 148 -8.51 -41.25 3.14
CA LEU R 148 -8.91 -40.09 2.34
C LEU R 148 -8.86 -40.42 0.84
N VAL R 149 -7.73 -40.90 0.36
CA VAL R 149 -7.58 -41.21 -1.05
C VAL R 149 -7.75 -42.71 -1.25
N GLY R 150 -7.88 -43.11 -2.51
CA GLY R 150 -8.09 -44.50 -2.87
C GLY R 150 -9.47 -44.70 -3.47
N LEU R 151 -9.80 -45.98 -3.69
CA LEU R 151 -11.08 -46.33 -4.26
C LEU R 151 -12.19 -46.13 -3.24
N VAL R 152 -13.41 -45.96 -3.75
CA VAL R 152 -14.58 -45.73 -2.90
C VAL R 152 -14.95 -47.04 -2.22
N GLN R 153 -14.82 -47.09 -0.91
CA GLN R 153 -15.11 -48.31 -0.18
C GLN R 153 -16.60 -48.47 0.01
N ILE R 154 -17.10 -49.68 -0.18
CA ILE R 154 -18.52 -50.00 -0.05
C ILE R 154 -18.87 -50.16 1.42
N LYS R 155 -20.16 -50.25 1.72
CA LYS R 155 -20.63 -50.46 3.08
C LYS R 155 -20.15 -51.78 3.65
N GLU R 156 -19.91 -51.82 4.95
CA GLU R 156 -19.29 -52.98 5.57
C GLU R 156 -20.31 -54.01 6.03
N ASP R 157 -21.34 -53.56 6.75
CA ASP R 157 -22.29 -54.48 7.38
C ASP R 157 -23.21 -55.08 6.34
N ILE R 158 -23.40 -56.39 6.42
CA ILE R 158 -24.42 -57.11 5.67
C ILE R 158 -25.20 -57.95 6.65
N ALA R 159 -26.52 -57.89 6.60
CA ALA R 159 -27.36 -58.72 7.46
C ALA R 159 -27.55 -60.07 6.78
N VAL R 160 -27.03 -61.13 7.40
CA VAL R 160 -27.09 -62.47 6.83
C VAL R 160 -27.98 -63.27 7.78
N GLU R 161 -29.00 -62.60 8.30
CA GLU R 161 -29.98 -63.23 9.17
C GLU R 161 -30.67 -64.40 8.47
N GLY R 162 -31.04 -65.40 9.25
CA GLY R 162 -31.59 -66.63 8.73
C GLY R 162 -30.56 -67.60 8.19
N GLY R 163 -29.28 -67.27 8.24
CA GLY R 163 -28.23 -68.12 7.76
C GLY R 163 -27.78 -67.84 6.35
N LYS R 164 -28.52 -67.03 5.61
CA LYS R 164 -28.18 -66.79 4.22
C LYS R 164 -28.73 -65.45 3.76
N VAL R 165 -28.03 -64.84 2.82
CA VAL R 165 -28.57 -63.71 2.07
C VAL R 165 -29.11 -64.23 0.75
N THR R 166 -30.02 -63.46 0.17
CA THR R 166 -30.62 -63.80 -1.12
C THR R 166 -30.58 -62.57 -2.00
N ASP R 167 -29.66 -62.57 -2.97
CA ASP R 167 -29.55 -61.55 -4.01
C ASP R 167 -29.29 -60.16 -3.42
N TYR R 168 -28.33 -60.08 -2.51
CA TYR R 168 -28.07 -58.83 -1.80
C TYR R 168 -27.27 -57.88 -2.68
N ASP R 169 -27.68 -56.62 -2.71
CA ASP R 169 -27.00 -55.60 -3.51
C ASP R 169 -26.02 -54.83 -2.65
N LEU R 170 -24.78 -54.74 -3.13
CA LEU R 170 -23.71 -54.09 -2.39
C LEU R 170 -23.81 -52.58 -2.41
N PHE R 171 -24.42 -52.00 -3.44
CA PHE R 171 -24.59 -50.55 -3.51
C PHE R 171 -25.83 -50.14 -2.72
N THR R 172 -25.68 -50.17 -1.40
CA THR R 172 -26.80 -50.02 -0.50
C THR R 172 -26.48 -48.89 0.49
N GLY R 173 -26.17 -47.73 -0.05
CA GLY R 173 -25.91 -46.56 0.77
C GLY R 173 -24.87 -45.64 0.17
N LEU R 174 -24.33 -46.03 -0.97
CA LEU R 174 -23.46 -45.12 -1.70
C LEU R 174 -24.29 -44.08 -2.43
N LYS R 175 -23.79 -42.85 -2.45
CA LYS R 175 -24.53 -41.74 -3.04
C LYS R 175 -24.55 -41.88 -4.56
N GLU R 176 -25.73 -41.71 -5.14
CA GLU R 176 -25.94 -42.01 -6.55
C GLU R 176 -25.35 -40.91 -7.42
N GLY R 177 -24.59 -41.30 -8.43
CA GLY R 177 -24.06 -40.36 -9.39
C GLY R 177 -22.75 -39.72 -8.99
N LYS R 178 -22.55 -39.49 -7.69
CA LYS R 178 -21.36 -38.79 -7.24
C LYS R 178 -20.17 -39.72 -7.14
N GLU R 179 -20.31 -40.84 -6.44
CA GLU R 179 -19.25 -41.84 -6.36
C GLU R 179 -19.51 -43.08 -7.19
N VAL R 180 -20.75 -43.33 -7.59
CA VAL R 180 -21.07 -44.52 -8.36
C VAL R 180 -22.27 -44.22 -9.25
N ARG R 181 -22.19 -44.66 -10.50
CA ARG R 181 -23.33 -44.62 -11.42
C ARG R 181 -23.79 -46.06 -11.60
N LYS R 182 -24.87 -46.43 -10.90
CA LYS R 182 -25.30 -47.81 -10.77
C LYS R 182 -25.79 -48.33 -12.11
N GLY R 183 -24.99 -49.20 -12.73
CA GLY R 183 -25.29 -49.70 -14.05
C GLY R 183 -24.11 -49.57 -14.98
N ILE R 184 -23.13 -48.75 -14.61
CA ILE R 184 -22.00 -48.47 -15.48
C ILE R 184 -20.73 -49.05 -14.87
N ASP R 185 -20.37 -48.62 -13.67
CA ASP R 185 -19.14 -49.09 -13.06
C ASP R 185 -19.39 -50.36 -12.25
N ARG R 186 -18.33 -51.13 -12.08
CA ARG R 186 -18.39 -52.50 -11.59
C ARG R 186 -17.75 -52.61 -10.21
N LEU R 187 -17.64 -53.85 -9.76
CA LEU R 187 -16.93 -54.16 -8.53
C LEU R 187 -15.43 -54.30 -8.78
N ASP R 188 -14.65 -54.01 -7.76
CA ASP R 188 -13.26 -54.41 -7.73
C ASP R 188 -13.21 -55.89 -7.40
N ARG R 189 -12.37 -56.63 -8.11
CA ARG R 189 -12.16 -58.03 -7.75
C ARG R 189 -10.98 -58.19 -6.79
N LYS R 190 -10.99 -57.34 -5.76
CA LYS R 190 -10.18 -57.47 -4.56
C LYS R 190 -11.11 -57.62 -3.36
N PHE R 191 -12.31 -58.11 -3.63
CA PHE R 191 -13.31 -58.33 -2.60
C PHE R 191 -12.85 -59.43 -1.65
N LYS R 192 -13.10 -59.22 -0.36
CA LYS R 192 -12.85 -60.22 0.66
C LYS R 192 -13.68 -59.86 1.87
N ILE R 193 -14.20 -60.85 2.55
CA ILE R 193 -14.84 -60.60 3.82
C ILE R 193 -13.79 -60.79 4.91
N VAL R 194 -13.87 -59.97 5.96
CA VAL R 194 -12.76 -59.87 6.90
C VAL R 194 -13.24 -60.12 8.32
N GLU R 195 -14.54 -60.04 8.54
CA GLU R 195 -15.06 -60.10 9.91
C GLU R 195 -16.46 -60.68 9.85
N ALA R 196 -16.58 -61.97 10.14
CA ALA R 196 -17.85 -62.65 10.18
C ALA R 196 -18.37 -62.67 11.61
N LYS R 197 -19.60 -63.16 11.77
CA LYS R 197 -20.22 -63.25 13.08
C LYS R 197 -21.30 -64.32 13.03
N TRP R 198 -21.15 -65.34 13.86
CA TRP R 198 -22.14 -66.40 13.93
C TRP R 198 -23.13 -66.10 15.05
N SER R 199 -23.99 -67.05 15.34
CA SER R 199 -24.89 -66.94 16.48
C SER R 199 -24.24 -67.39 17.78
N ASP R 200 -23.05 -67.98 17.71
CA ASP R 200 -22.39 -68.51 18.89
C ASP R 200 -20.89 -68.24 18.86
N SER R 201 -20.48 -67.18 18.19
CA SER R 201 -19.05 -66.89 18.04
C SER R 201 -18.51 -66.22 19.30
N PHE R 202 -17.21 -65.92 19.28
CA PHE R 202 -16.54 -65.24 20.39
C PHE R 202 -15.70 -64.12 19.82
N ASP R 203 -15.64 -63.00 20.55
CA ASP R 203 -15.12 -61.79 19.93
C ASP R 203 -13.60 -61.71 19.99
N GLU R 204 -13.00 -62.13 21.11
CA GLU R 204 -11.57 -62.19 21.49
C GLU R 204 -10.95 -60.80 21.66
N ARG R 205 -11.66 -59.74 21.28
CA ARG R 205 -11.38 -58.39 21.71
C ARG R 205 -12.44 -57.91 22.70
N THR R 206 -13.54 -58.63 22.81
CA THR R 206 -14.50 -58.50 23.89
C THR R 206 -14.75 -59.93 24.36
N SER R 207 -15.28 -60.12 25.57
CA SER R 207 -15.62 -61.45 26.04
C SER R 207 -17.10 -61.74 25.82
N ALA R 208 -17.63 -61.26 24.71
CA ALA R 208 -19.04 -61.41 24.38
C ALA R 208 -19.18 -62.08 23.02
N ALA R 209 -20.38 -62.58 22.75
CA ALA R 209 -20.67 -63.22 21.49
C ALA R 209 -20.85 -62.17 20.40
N GLY R 210 -19.75 -61.77 19.78
CA GLY R 210 -19.78 -60.75 18.74
C GLY R 210 -19.15 -61.27 17.47
N PHE R 211 -18.52 -60.36 16.75
CA PHE R 211 -17.87 -60.70 15.49
C PHE R 211 -16.57 -61.47 15.74
N VAL R 212 -15.92 -61.88 14.66
CA VAL R 212 -14.61 -62.50 14.76
C VAL R 212 -13.84 -62.20 13.48
N GLU R 213 -12.59 -61.80 13.63
CA GLU R 213 -11.75 -61.56 12.46
C GLU R 213 -11.24 -62.87 11.90
N LEU R 214 -10.69 -62.80 10.70
CA LEU R 214 -10.14 -63.96 10.00
C LEU R 214 -8.67 -63.72 9.73
N GLY R 215 -7.81 -64.37 10.50
CA GLY R 215 -6.38 -64.25 10.31
C GLY R 215 -5.86 -65.30 9.35
N SER R 216 -5.40 -64.85 8.19
CA SER R 216 -4.84 -65.61 7.06
C SER R 216 -5.87 -66.49 6.36
N ASN R 217 -7.11 -66.53 6.82
CA ASN R 217 -8.17 -67.29 6.18
C ASN R 217 -9.32 -66.36 5.81
N VAL R 218 -8.98 -65.22 5.20
CA VAL R 218 -10.01 -64.33 4.67
C VAL R 218 -10.67 -64.98 3.46
N VAL R 219 -11.98 -64.84 3.38
CA VAL R 219 -12.74 -65.46 2.28
C VAL R 219 -12.71 -64.45 1.14
N LYS R 220 -11.66 -64.54 0.33
CA LYS R 220 -11.47 -63.58 -0.74
C LYS R 220 -12.15 -64.07 -2.02
N LEU R 221 -11.94 -63.32 -3.09
CA LEU R 221 -12.60 -63.58 -4.36
C LEU R 221 -11.64 -64.31 -5.29
N GLN R 222 -11.93 -65.57 -5.55
CA GLN R 222 -11.15 -66.41 -6.43
C GLN R 222 -11.70 -66.31 -7.85
N ASP R 223 -11.35 -67.27 -8.71
CA ASP R 223 -11.88 -67.31 -10.07
C ASP R 223 -13.40 -67.47 -10.08
N ASN R 224 -14.03 -67.03 -11.18
CA ASN R 224 -15.48 -67.01 -11.40
C ASN R 224 -16.21 -66.09 -10.40
N ASP R 225 -15.44 -65.25 -9.68
CA ASP R 225 -15.93 -64.30 -8.68
C ASP R 225 -16.80 -64.98 -7.62
N THR R 226 -16.29 -66.09 -7.10
CA THR R 226 -16.96 -66.78 -6.01
C THR R 226 -16.09 -66.76 -4.76
N LEU R 227 -16.75 -66.93 -3.62
CA LEU R 227 -16.09 -66.94 -2.32
C LEU R 227 -16.27 -68.32 -1.71
N VAL R 228 -15.17 -68.94 -1.30
CA VAL R 228 -15.20 -70.20 -0.56
C VAL R 228 -14.27 -70.07 0.64
N GLY R 229 -14.69 -70.64 1.77
CA GLY R 229 -13.86 -70.57 2.94
C GLY R 229 -14.17 -71.63 3.98
N GLN R 230 -13.15 -72.37 4.41
CA GLN R 230 -13.27 -73.44 5.39
C GLN R 230 -12.96 -72.92 6.79
N ILE R 231 -13.35 -71.68 7.07
CA ILE R 231 -12.98 -71.02 8.31
C ILE R 231 -13.70 -71.66 9.49
N LYS R 232 -13.13 -71.47 10.67
CA LYS R 232 -13.57 -72.15 11.88
C LYS R 232 -13.54 -71.16 13.03
N TYR R 233 -14.64 -71.07 13.75
CA TYR R 233 -14.75 -69.95 14.66
C TYR R 233 -14.85 -70.43 16.10
N PRO R 234 -14.34 -69.67 17.06
CA PRO R 234 -14.40 -70.13 18.45
C PRO R 234 -15.69 -69.75 19.15
N THR R 235 -16.07 -70.61 20.08
CA THR R 235 -16.96 -70.27 21.18
C THR R 235 -16.06 -69.72 22.30
N ASN R 236 -16.53 -69.66 23.55
CA ASN R 236 -15.84 -69.00 24.68
C ASN R 236 -14.39 -69.45 24.87
N GLY R 237 -13.48 -68.48 24.78
CA GLY R 237 -12.05 -68.70 24.61
C GLY R 237 -11.35 -69.37 25.77
N ASP R 238 -11.95 -69.37 26.97
CA ASP R 238 -11.39 -70.13 28.07
C ASP R 238 -11.49 -71.64 27.81
N GLY R 239 -12.60 -72.07 27.22
CA GLY R 239 -12.76 -73.46 26.89
C GLY R 239 -12.07 -73.82 25.58
N GLU R 240 -12.04 -72.83 24.69
CA GLU R 240 -11.53 -73.05 23.31
C GLU R 240 -12.33 -74.21 22.74
N VAL R 241 -13.61 -73.95 22.49
CA VAL R 241 -14.49 -74.99 21.98
C VAL R 241 -14.25 -75.19 20.49
N GLU R 242 -14.18 -74.10 19.72
CA GLU R 242 -13.63 -74.05 18.37
C GLU R 242 -14.43 -74.96 17.42
N THR R 243 -15.66 -74.52 17.16
CA THR R 243 -16.51 -75.20 16.19
C THR R 243 -16.21 -74.68 14.78
N ASP R 244 -16.87 -75.28 13.79
CA ASP R 244 -16.58 -74.99 12.39
C ASP R 244 -17.88 -74.71 11.64
N THR R 245 -17.78 -73.83 10.64
CA THR R 245 -18.84 -73.61 9.68
C THR R 245 -18.21 -73.01 8.43
N ILE R 246 -18.39 -73.67 7.30
CA ILE R 246 -17.85 -73.24 6.03
C ILE R 246 -18.72 -72.12 5.47
N LEU R 247 -18.08 -71.12 4.87
CA LEU R 247 -18.78 -70.02 4.20
C LEU R 247 -18.50 -70.11 2.71
N GLY R 248 -19.56 -70.13 1.91
CA GLY R 248 -19.41 -70.17 0.47
C GLY R 248 -20.36 -69.24 -0.26
N LYS R 249 -19.82 -68.31 -1.04
CA LYS R 249 -20.62 -67.29 -1.71
C LYS R 249 -20.21 -67.16 -3.17
N VAL R 250 -21.04 -66.46 -3.93
CA VAL R 250 -20.70 -66.00 -5.26
C VAL R 250 -21.32 -64.63 -5.46
N ASP R 251 -20.64 -63.77 -6.21
CA ASP R 251 -21.13 -62.43 -6.49
C ASP R 251 -20.78 -62.06 -7.92
N VAL R 252 -21.63 -61.27 -8.53
CA VAL R 252 -21.36 -60.75 -9.86
C VAL R 252 -20.64 -59.41 -9.72
N SER R 253 -19.51 -59.26 -10.42
CA SER R 253 -18.75 -58.03 -10.34
C SER R 253 -19.44 -56.89 -11.06
N SER R 254 -20.26 -57.20 -12.06
CA SER R 254 -20.93 -56.15 -12.83
C SER R 254 -22.18 -55.65 -12.12
N GLY R 255 -23.14 -56.54 -11.89
CA GLY R 255 -24.42 -56.12 -11.33
C GLY R 255 -24.41 -55.86 -9.85
N GLU R 256 -23.36 -56.30 -9.15
CA GLU R 256 -23.19 -56.17 -7.69
C GLU R 256 -24.30 -56.86 -6.92
N LEU R 257 -24.35 -58.18 -7.06
CA LEU R 257 -25.29 -58.99 -6.30
C LEU R 257 -24.50 -60.05 -5.54
N THR R 258 -24.20 -59.78 -4.28
CA THR R 258 -23.54 -60.79 -3.47
C THR R 258 -24.57 -61.78 -2.95
N LEU R 259 -24.12 -63.02 -2.78
CA LEU R 259 -25.04 -64.13 -2.55
C LEU R 259 -24.29 -65.34 -2.01
N THR R 260 -24.65 -65.81 -0.81
CA THR R 260 -24.05 -67.04 -0.29
C THR R 260 -24.72 -68.26 -0.91
N SER R 261 -23.92 -69.28 -1.18
CA SER R 261 -24.41 -70.43 -1.94
C SER R 261 -23.99 -71.80 -1.41
N ALA R 262 -23.02 -71.91 -0.50
CA ALA R 262 -22.59 -73.22 -0.03
C ALA R 262 -23.07 -73.57 1.37
N SER R 263 -22.93 -72.66 2.34
CA SER R 263 -23.42 -72.90 3.70
C SER R 263 -23.60 -71.56 4.41
N GLY R 264 -23.73 -71.63 5.73
CA GLY R 264 -23.94 -70.48 6.57
C GLY R 264 -25.04 -70.71 7.59
N LYS R 265 -24.70 -70.60 8.87
CA LYS R 265 -25.64 -70.58 9.99
C LYS R 265 -25.37 -69.38 10.87
N LEU R 266 -25.00 -68.28 10.24
CA LEU R 266 -24.42 -67.11 10.89
C LEU R 266 -25.39 -65.94 10.84
N THR R 267 -24.96 -64.79 11.33
CA THR R 267 -25.82 -63.61 11.40
C THR R 267 -25.33 -62.44 10.57
N ASP R 268 -24.03 -62.14 10.59
CA ASP R 268 -23.56 -60.92 9.94
C ASP R 268 -22.16 -61.14 9.38
N VAL R 269 -21.84 -60.35 8.35
CA VAL R 269 -20.58 -60.44 7.61
C VAL R 269 -20.10 -59.03 7.33
N LYS R 270 -18.82 -58.75 7.60
CA LYS R 270 -18.20 -57.48 7.23
C LYS R 270 -17.22 -57.72 6.09
N VAL R 271 -17.32 -56.88 5.05
CA VAL R 271 -16.57 -57.06 3.82
C VAL R 271 -15.59 -55.91 3.62
N LYS R 272 -14.75 -56.02 2.60
CA LYS R 272 -13.77 -54.97 2.28
C LYS R 272 -13.75 -54.71 0.77
N GLY R 273 -14.92 -54.57 0.18
CA GLY R 273 -15.00 -54.27 -1.24
C GLY R 273 -14.73 -52.82 -1.54
N TYR R 274 -14.66 -52.50 -2.84
CA TYR R 274 -14.48 -51.13 -3.29
C TYR R 274 -15.36 -50.92 -4.52
N VAL R 275 -15.16 -49.79 -5.21
CA VAL R 275 -15.83 -49.49 -6.46
C VAL R 275 -14.77 -49.19 -7.50
N ALA R 276 -14.83 -49.90 -8.63
CA ALA R 276 -13.72 -49.91 -9.57
C ALA R 276 -13.57 -48.58 -10.29
N SER R 277 -12.33 -48.10 -10.35
CA SER R 277 -11.99 -46.87 -11.06
C SER R 277 -11.74 -47.10 -12.53
N GLU R 278 -12.14 -48.28 -13.05
CA GLU R 278 -12.10 -48.54 -14.47
C GLU R 278 -13.01 -47.59 -15.22
N GLN R 279 -14.31 -47.68 -14.97
CA GLN R 279 -15.23 -46.68 -15.47
C GLN R 279 -15.03 -45.40 -14.68
N HIS R 280 -14.68 -44.32 -15.38
CA HIS R 280 -14.18 -43.12 -14.73
C HIS R 280 -15.30 -42.36 -14.02
N THR R 281 -15.76 -42.89 -12.91
CA THR R 281 -16.88 -42.31 -12.19
C THR R 281 -16.43 -41.24 -11.20
N SER R 282 -15.46 -41.55 -10.35
CA SER R 282 -14.96 -40.58 -9.39
C SER R 282 -13.49 -40.80 -9.15
N ALA R 283 -12.82 -39.72 -8.74
CA ALA R 283 -11.40 -39.74 -8.47
C ALA R 283 -11.08 -38.59 -7.52
N THR R 284 -9.78 -38.39 -7.29
CA THR R 284 -9.31 -37.36 -6.37
C THR R 284 -8.74 -36.20 -7.16
N ASN R 285 -9.18 -34.98 -6.84
CA ASN R 285 -8.69 -33.78 -7.50
C ASN R 285 -7.72 -33.05 -6.58
N VAL R 286 -6.67 -32.50 -7.17
CA VAL R 286 -5.52 -31.98 -6.43
C VAL R 286 -5.29 -30.49 -6.67
N GLU R 287 -6.38 -29.74 -6.86
CA GLU R 287 -6.28 -28.33 -7.22
C GLU R 287 -5.61 -27.50 -6.13
N LEU R 288 -4.68 -26.64 -6.55
CA LEU R 288 -3.71 -26.01 -5.67
C LEU R 288 -4.35 -24.92 -4.81
N GLY R 289 -3.54 -24.36 -3.92
CA GLY R 289 -3.96 -23.27 -3.07
C GLY R 289 -2.77 -22.43 -2.68
N LEU R 290 -3.03 -21.18 -2.35
CA LEU R 290 -1.95 -20.25 -2.05
C LEU R 290 -2.49 -19.17 -1.12
N THR R 291 -1.62 -18.73 -0.21
CA THR R 291 -1.88 -17.57 0.62
C THR R 291 -0.54 -16.94 0.97
N ARG R 292 -0.59 -15.73 1.50
CA ARG R 292 0.61 -14.96 1.75
C ARG R 292 0.72 -14.60 3.23
N LYS R 293 1.95 -14.51 3.70
CA LYS R 293 2.27 -14.10 5.05
C LYS R 293 3.05 -12.78 4.98
N ASP R 294 2.62 -11.79 5.74
CA ASP R 294 3.15 -10.45 5.64
C ASP R 294 4.14 -10.15 6.75
N VAL R 295 5.16 -9.36 6.42
CA VAL R 295 6.16 -8.90 7.37
C VAL R 295 6.07 -7.38 7.46
N VAL R 296 5.96 -6.88 8.68
CA VAL R 296 5.90 -5.43 8.92
C VAL R 296 7.07 -5.06 9.83
N ILE R 297 7.91 -4.15 9.35
CA ILE R 297 9.10 -3.71 10.09
C ILE R 297 8.90 -2.23 10.38
N ASP R 298 8.40 -1.94 11.57
CA ASP R 298 7.96 -0.59 11.91
C ASP R 298 8.97 0.11 12.80
N THR R 299 8.58 1.28 13.31
CA THR R 299 9.45 2.12 14.11
C THR R 299 9.77 1.47 15.44
N ALA R 300 10.91 1.87 16.01
CA ALA R 300 11.33 1.37 17.31
C ALA R 300 11.60 2.51 18.27
N GLN R 301 12.15 2.20 19.43
CA GLN R 301 12.38 3.23 20.44
C GLN R 301 13.70 3.94 20.17
N HIS R 302 13.87 5.13 20.73
CA HIS R 302 15.07 5.92 20.59
C HIS R 302 15.85 5.92 21.90
N ILE R 303 17.16 6.04 21.79
CA ILE R 303 18.09 5.91 22.90
C ILE R 303 18.74 7.27 23.09
N GLU R 304 17.94 8.33 22.98
CA GLU R 304 18.41 9.70 23.07
C GLU R 304 19.14 9.99 24.38
N ALA R 305 20.07 10.94 24.32
CA ALA R 305 20.96 11.23 25.45
C ALA R 305 20.98 12.72 25.72
N THR R 306 20.36 13.13 26.82
CA THR R 306 20.39 14.52 27.27
C THR R 306 21.81 14.93 27.65
N VAL R 307 22.31 16.00 27.03
CA VAL R 307 23.67 16.45 27.33
C VAL R 307 23.77 17.98 27.32
N PRO R 308 23.86 18.60 28.49
CA PRO R 308 24.09 20.05 28.56
C PRO R 308 25.56 20.38 28.38
N LEU R 309 25.87 21.67 28.55
CA LEU R 309 27.22 22.18 28.29
C LEU R 309 28.15 22.03 29.49
N GLU R 310 27.66 22.31 30.70
CA GLU R 310 28.52 22.21 31.87
C GLU R 310 28.83 20.76 32.22
N VAL R 311 27.97 19.83 31.81
CA VAL R 311 28.22 18.42 32.09
C VAL R 311 29.37 17.90 31.23
N ILE R 312 29.54 18.43 30.03
CA ILE R 312 30.72 18.14 29.23
C ILE R 312 31.81 19.19 29.46
N GLN R 313 31.70 19.95 30.55
CA GLN R 313 32.76 20.89 30.93
C GLN R 313 33.43 20.50 32.23
N ASP R 314 32.67 20.17 33.27
CA ASP R 314 33.31 19.77 34.51
C ASP R 314 33.87 18.36 34.45
N MET R 315 33.19 17.46 33.74
CA MET R 315 33.68 16.09 33.59
C MET R 315 35.00 16.04 32.81
N LYS R 316 35.17 16.94 31.85
CA LYS R 316 36.46 17.08 31.19
C LYS R 316 37.52 17.61 32.15
N ALA R 317 37.11 18.49 33.07
CA ALA R 317 38.07 19.08 33.99
C ALA R 317 38.36 18.16 35.17
N THR R 318 37.32 17.63 35.81
CA THR R 318 37.50 16.90 37.06
C THR R 318 38.11 15.53 36.84
N TYR R 319 37.42 14.66 36.11
CA TYR R 319 37.86 13.28 35.93
C TYR R 319 38.49 13.04 34.56
N ASP R 320 38.39 14.00 33.65
CA ASP R 320 38.83 13.88 32.26
C ASP R 320 38.14 12.71 31.55
N ILE R 321 36.88 12.47 31.89
CA ILE R 321 36.04 11.55 31.14
C ILE R 321 35.18 12.37 30.20
N ASP R 322 35.08 11.92 28.96
CA ASP R 322 34.32 12.64 27.97
C ASP R 322 32.83 12.34 28.15
N GLY R 323 31.99 13.35 27.93
CA GLY R 323 30.56 13.18 28.07
C GLY R 323 29.90 12.59 26.84
N VAL R 324 30.19 13.17 25.67
CA VAL R 324 29.53 12.70 24.46
C VAL R 324 30.15 11.38 23.98
N ALA R 325 31.39 11.09 24.36
CA ALA R 325 31.97 9.81 23.98
C ALA R 325 31.50 8.66 24.85
N ARG R 326 31.40 8.88 26.17
CA ARG R 326 30.93 7.82 27.05
C ARG R 326 29.43 7.61 26.91
N LEU R 327 28.67 8.64 26.53
CA LEU R 327 27.26 8.44 26.27
C LEU R 327 27.04 7.73 24.94
N SER R 328 27.96 7.89 24.00
CA SER R 328 27.83 7.22 22.71
C SER R 328 28.03 5.71 22.85
N GLU R 329 29.06 5.31 23.58
CA GLU R 329 29.31 3.88 23.77
C GLU R 329 28.36 3.25 24.78
N THR R 330 27.63 4.05 25.56
CA THR R 330 26.56 3.52 26.39
C THR R 330 25.32 3.24 25.55
N MET R 331 25.00 4.14 24.61
CA MET R 331 23.87 3.95 23.72
C MET R 331 24.10 2.77 22.77
N SER R 332 25.31 2.67 22.23
CA SER R 332 25.62 1.60 21.28
C SER R 332 25.66 0.23 21.95
N GLN R 333 25.87 0.17 23.26
CA GLN R 333 25.80 -1.08 23.98
C GLN R 333 24.40 -1.40 24.47
N LEU R 334 23.59 -0.38 24.73
CA LEU R 334 22.21 -0.64 25.12
C LEU R 334 21.37 -1.10 23.94
N SER R 335 21.63 -0.54 22.76
CA SER R 335 20.88 -0.94 21.57
C SER R 335 21.22 -2.36 21.14
N SER R 336 22.47 -2.77 21.35
CA SER R 336 22.86 -4.12 20.93
C SER R 336 22.30 -5.16 21.89
N GLN R 337 22.19 -4.84 23.17
CA GLN R 337 21.54 -5.74 24.11
C GLN R 337 20.03 -5.65 24.04
N LYS R 338 19.50 -4.57 23.47
CA LYS R 338 18.08 -4.52 23.13
C LYS R 338 17.72 -5.57 22.08
N VAL R 339 18.63 -5.81 21.13
CA VAL R 339 18.40 -6.81 20.10
C VAL R 339 18.39 -8.21 20.71
N ASP R 340 19.46 -8.56 21.44
CA ASP R 340 19.60 -9.91 21.95
C ASP R 340 18.64 -10.21 23.10
N LEU R 341 18.03 -9.21 23.72
CA LEU R 341 16.94 -9.49 24.63
C LEU R 341 15.65 -9.74 23.89
N ASP R 342 15.50 -9.17 22.69
CA ASP R 342 14.28 -9.38 21.92
C ASP R 342 14.20 -10.77 21.34
N ILE R 343 15.36 -11.38 21.04
CA ILE R 343 15.37 -12.74 20.51
C ILE R 343 14.97 -13.74 21.60
N ILE R 344 15.35 -13.46 22.85
CA ILE R 344 15.04 -14.38 23.94
C ILE R 344 13.55 -14.34 24.27
N GLU R 345 12.97 -13.14 24.25
CA GLU R 345 11.52 -13.03 24.40
C GLU R 345 10.80 -13.59 23.18
N PHE R 346 11.44 -13.56 22.01
CA PHE R 346 10.86 -14.18 20.83
C PHE R 346 10.81 -15.69 20.98
N LEU R 347 11.94 -16.33 21.30
CA LEU R 347 11.99 -17.77 21.45
C LEU R 347 11.22 -18.27 22.67
N ASP R 348 11.05 -17.43 23.68
CA ASP R 348 10.09 -17.75 24.74
C ASP R 348 8.68 -17.77 24.19
N HIS R 349 8.35 -16.82 23.31
CA HIS R 349 6.99 -16.73 22.79
C HIS R 349 6.71 -17.83 21.79
N GLU R 350 7.69 -18.21 20.96
CA GLU R 350 7.46 -19.23 19.95
C GLU R 350 7.34 -20.62 20.56
N TYR R 351 8.11 -20.90 21.61
CA TYR R 351 7.97 -22.18 22.29
C TYR R 351 6.64 -22.26 23.03
N LYS R 352 6.13 -21.13 23.50
CA LYS R 352 4.79 -21.10 24.10
C LYS R 352 3.70 -21.35 23.08
N GLU R 353 3.96 -21.09 21.80
CA GLU R 353 2.98 -21.39 20.76
C GLU R 353 2.89 -22.87 20.45
N THR R 354 3.98 -23.61 20.61
CA THR R 354 3.96 -25.04 20.32
C THR R 354 3.36 -25.85 21.45
N ASP R 355 3.10 -25.22 22.61
CA ASP R 355 2.43 -25.83 23.76
C ASP R 355 3.18 -27.05 24.28
N ALA R 356 4.51 -26.91 24.37
CA ALA R 356 5.45 -27.92 24.87
C ALA R 356 5.34 -29.22 24.07
N LYS R 357 5.58 -29.12 22.77
CA LYS R 357 5.56 -30.28 21.91
C LYS R 357 6.83 -31.10 22.05
N TYR R 358 7.98 -30.47 21.82
CA TYR R 358 9.28 -31.13 21.93
C TYR R 358 9.91 -30.68 23.24
N HIS R 359 9.52 -31.35 24.32
CA HIS R 359 9.96 -30.96 25.66
C HIS R 359 10.30 -32.22 26.44
N PHE R 360 11.60 -32.50 26.55
CA PHE R 360 12.09 -33.62 27.34
C PHE R 360 13.07 -33.11 28.37
N SER R 361 12.94 -33.60 29.60
CA SER R 361 13.82 -33.18 30.68
C SER R 361 15.11 -33.99 30.65
N PHE R 362 16.04 -33.62 31.52
CA PHE R 362 17.27 -34.38 31.69
C PHE R 362 17.77 -34.12 33.11
N ASP R 363 17.89 -35.18 33.89
CA ASP R 363 18.28 -35.02 35.29
C ASP R 363 19.79 -35.14 35.41
N VAL R 364 20.42 -34.14 36.02
CA VAL R 364 21.84 -34.24 36.31
C VAL R 364 22.08 -35.22 37.45
N PHE R 365 21.17 -35.26 38.41
CA PHE R 365 21.18 -36.31 39.42
C PHE R 365 20.91 -37.65 38.74
N PRO R 366 21.80 -38.62 38.86
CA PRO R 366 21.57 -39.93 38.25
C PRO R 366 20.47 -40.68 38.98
N HIS R 367 20.03 -41.77 38.37
CA HIS R 367 19.02 -42.60 39.01
C HIS R 367 19.63 -43.31 40.22
N SER R 368 18.75 -43.79 41.10
CA SER R 368 19.22 -44.39 42.35
C SER R 368 19.95 -45.70 42.10
N ASP R 369 19.52 -46.45 41.09
CA ASP R 369 20.27 -47.63 40.67
C ASP R 369 21.16 -47.31 39.47
N TYR R 370 21.96 -46.25 39.60
CA TYR R 370 22.93 -45.93 38.56
C TYR R 370 24.33 -46.40 38.93
N SER R 371 24.80 -46.01 40.11
CA SER R 371 25.90 -46.68 40.81
C SER R 371 27.21 -46.61 40.03
N ALA R 372 27.55 -45.42 39.56
CA ALA R 372 28.81 -45.17 38.90
C ALA R 372 29.18 -43.71 39.07
N HIS R 373 30.19 -43.26 38.35
CA HIS R 373 30.76 -41.94 38.53
C HIS R 373 29.97 -40.92 37.72
N PRO R 374 29.36 -39.91 38.36
CA PRO R 374 28.42 -39.03 37.63
C PRO R 374 29.05 -38.09 36.60
N LYS R 375 30.35 -38.21 36.31
CA LYS R 375 30.93 -37.51 35.18
C LYS R 375 30.42 -38.02 33.84
N ASP R 376 30.06 -39.30 33.74
CA ASP R 376 29.57 -39.83 32.48
C ASP R 376 28.06 -39.91 32.38
N TRP R 377 27.33 -39.60 33.46
CA TRP R 377 25.88 -39.49 33.36
C TRP R 377 25.48 -38.28 32.53
N LEU R 378 26.34 -37.28 32.42
CA LEU R 378 26.11 -36.14 31.54
C LEU R 378 26.35 -36.45 30.08
N GLU R 379 26.79 -37.67 29.75
CA GLU R 379 26.72 -38.13 28.36
C GLU R 379 25.28 -38.28 27.93
N GLY R 380 24.40 -38.62 28.87
CA GLY R 380 22.98 -38.77 28.62
C GLY R 380 22.27 -37.50 28.18
N LEU R 381 22.90 -36.33 28.35
CA LEU R 381 22.35 -35.11 27.76
C LEU R 381 22.40 -35.15 26.26
N ARG R 382 23.48 -35.72 25.70
CA ARG R 382 23.60 -35.81 24.24
C ARG R 382 22.67 -36.85 23.65
N GLU R 383 22.12 -37.75 24.45
CA GLU R 383 21.14 -38.70 23.97
C GLU R 383 19.71 -38.19 24.13
N VAL R 384 19.54 -37.00 24.70
CA VAL R 384 18.25 -36.34 24.74
C VAL R 384 18.16 -35.26 23.66
N ILE R 385 19.26 -34.55 23.41
CA ILE R 385 19.27 -33.55 22.35
C ILE R 385 19.71 -34.17 21.05
N ASP R 386 19.78 -35.51 21.01
CA ASP R 386 19.65 -36.24 19.77
C ASP R 386 18.26 -36.84 19.61
N HIS R 387 17.54 -37.06 20.71
CA HIS R 387 16.16 -37.50 20.65
C HIS R 387 15.23 -36.37 20.26
N THR R 388 15.46 -35.18 20.80
CA THR R 388 14.65 -34.03 20.40
C THR R 388 14.98 -33.59 19.00
N THR R 389 16.25 -33.67 18.62
CA THR R 389 16.70 -33.33 17.28
C THR R 389 16.10 -34.24 16.23
N GLN R 390 15.92 -35.52 16.57
CA GLN R 390 15.34 -36.44 15.62
C GLN R 390 13.83 -36.31 15.56
N SER R 391 13.18 -36.12 16.71
CA SER R 391 11.73 -36.00 16.80
C SER R 391 11.19 -34.77 16.07
N MET R 392 12.02 -33.75 15.88
CA MET R 392 11.62 -32.59 15.08
C MET R 392 11.87 -32.79 13.60
N LYS R 393 12.92 -33.54 13.23
CA LYS R 393 13.10 -33.90 11.83
C LYS R 393 12.04 -34.86 11.33
N ASN R 394 11.43 -35.63 12.23
CA ASN R 394 10.37 -36.56 11.84
C ASN R 394 9.09 -35.81 11.49
N ASP R 395 8.54 -35.08 12.45
CA ASP R 395 7.21 -34.51 12.30
C ASP R 395 7.16 -33.33 11.36
N TYR R 396 8.31 -32.77 10.97
CA TYR R 396 8.34 -31.70 10.00
C TYR R 396 8.96 -32.12 8.68
N LYS R 397 9.34 -33.40 8.55
CA LYS R 397 9.81 -34.01 7.30
C LYS R 397 11.05 -33.32 6.73
N LEU R 398 11.83 -32.70 7.59
CA LEU R 398 12.92 -31.82 7.18
C LEU R 398 14.23 -32.58 7.35
N TYR R 399 14.95 -32.77 6.26
CA TYR R 399 16.17 -33.56 6.26
C TYR R 399 17.41 -32.77 5.90
N ASP R 400 17.31 -31.44 5.84
CA ASP R 400 18.47 -30.61 5.50
C ASP R 400 18.49 -29.44 6.50
N VAL R 401 19.08 -29.68 7.67
CA VAL R 401 19.04 -28.73 8.77
C VAL R 401 20.46 -28.51 9.28
N GLN R 402 20.70 -27.30 9.79
CA GLN R 402 21.71 -27.08 10.80
C GLN R 402 21.00 -26.67 12.08
N PHE R 403 21.15 -27.47 13.13
CA PHE R 403 20.55 -27.15 14.41
C PHE R 403 21.49 -26.25 15.20
N VAL R 404 20.91 -25.27 15.89
CA VAL R 404 21.66 -24.47 16.85
C VAL R 404 20.97 -24.59 18.20
N ILE R 405 21.77 -24.66 19.25
CA ILE R 405 21.27 -24.83 20.61
C ILE R 405 21.80 -23.65 21.41
N VAL R 406 20.99 -22.61 21.55
CA VAL R 406 21.37 -21.54 22.46
C VAL R 406 20.94 -21.93 23.87
N GLY R 407 21.73 -21.50 24.84
CA GLY R 407 21.47 -21.88 26.22
C GLY R 407 22.50 -21.28 27.14
N ASN R 408 22.22 -21.37 28.43
CA ASN R 408 23.11 -20.85 29.44
C ASN R 408 24.39 -21.69 29.49
N PRO R 409 25.57 -21.06 29.50
CA PRO R 409 26.83 -21.82 29.50
C PRO R 409 27.07 -22.63 30.76
N LEU R 410 26.29 -22.42 31.82
CA LEU R 410 26.25 -23.36 32.92
C LEU R 410 25.62 -24.69 32.52
N ASP R 411 24.82 -24.72 31.46
CA ASP R 411 24.24 -25.95 30.93
C ASP R 411 24.93 -26.45 29.68
N VAL R 412 25.55 -25.55 28.89
CA VAL R 412 26.36 -25.97 27.76
C VAL R 412 27.61 -26.70 28.21
N ARG R 413 28.07 -26.44 29.44
CA ARG R 413 29.23 -27.12 30.00
C ARG R 413 28.99 -28.62 30.17
N LEU R 414 27.73 -29.04 30.32
CA LEU R 414 27.42 -30.46 30.46
C LEU R 414 27.58 -31.23 29.15
N ILE R 415 27.70 -30.56 28.01
CA ILE R 415 27.80 -31.27 26.74
C ILE R 415 29.22 -31.83 26.49
N PRO R 416 30.33 -31.04 26.50
CA PRO R 416 31.59 -31.64 26.05
C PRO R 416 32.30 -32.50 27.09
N ASN R 417 32.24 -32.09 28.36
CA ASN R 417 32.83 -32.79 29.51
C ASN R 417 34.34 -33.02 29.32
N VAL R 418 35.04 -31.97 28.96
CA VAL R 418 36.47 -32.06 28.71
C VAL R 418 37.22 -32.12 30.02
N SER R 419 38.16 -33.05 30.12
CA SER R 419 38.92 -33.23 31.35
C SER R 419 39.98 -32.15 31.49
N TRP R 420 40.55 -32.07 32.69
CA TRP R 420 41.51 -31.03 33.03
C TRP R 420 42.90 -31.40 32.51
N THR R 421 43.77 -30.39 32.47
CA THR R 421 45.19 -30.61 32.25
C THR R 421 45.96 -29.77 33.25
N PHE R 422 47.22 -30.12 33.47
CA PHE R 422 48.01 -29.51 34.53
C PHE R 422 49.39 -29.15 34.02
N ASN R 423 49.94 -28.08 34.59
CA ASN R 423 51.35 -27.73 34.40
C ASN R 423 51.84 -27.04 35.67
N GLY R 424 52.96 -26.33 35.56
CA GLY R 424 53.49 -25.62 36.72
C GLY R 424 52.68 -24.37 37.03
N GLY R 425 52.43 -24.17 38.31
CA GLY R 425 51.60 -23.06 38.77
C GLY R 425 52.35 -21.79 39.06
N ASP R 426 53.09 -21.28 38.08
CA ASP R 426 53.80 -20.02 38.23
C ASP R 426 52.90 -18.85 37.87
N ARG R 427 53.36 -17.64 38.18
CA ARG R 427 52.65 -16.45 37.79
C ARG R 427 53.40 -15.58 36.79
N ASN R 428 54.69 -15.87 36.54
CA ASN R 428 55.40 -15.15 35.49
C ASN R 428 54.94 -15.57 34.11
N ALA R 429 54.39 -16.78 33.97
CA ALA R 429 53.83 -17.24 32.71
C ALA R 429 52.35 -17.52 32.88
N ASP R 430 51.65 -16.59 33.52
CA ASP R 430 50.22 -16.77 33.76
C ASP R 430 49.42 -16.57 32.48
N ALA R 431 48.29 -17.27 32.40
CA ALA R 431 47.44 -17.25 31.21
C ALA R 431 46.03 -16.86 31.64
N TYR R 432 45.62 -15.64 31.31
CA TYR R 432 44.34 -15.09 31.76
C TYR R 432 43.24 -15.52 30.81
N SER R 433 42.92 -16.83 30.85
CA SER R 433 41.84 -17.45 30.08
C SER R 433 41.99 -17.23 28.58
N ASN R 434 43.11 -17.73 28.04
CA ASN R 434 43.39 -17.55 26.63
C ASN R 434 42.69 -18.60 25.78
N GLY R 435 43.00 -19.87 26.01
CA GLY R 435 42.38 -20.93 25.25
C GLY R 435 41.09 -21.44 25.85
N ILE R 436 40.20 -20.51 26.19
CA ILE R 436 38.90 -20.84 26.77
C ILE R 436 37.85 -20.30 25.81
N LYS R 437 37.31 -21.18 24.97
CA LYS R 437 36.24 -20.79 24.06
C LYS R 437 35.11 -21.80 23.95
N ILE R 438 35.30 -23.03 24.44
CA ILE R 438 34.37 -24.12 24.13
C ILE R 438 33.10 -24.10 24.96
N ASN R 439 33.00 -23.19 25.93
CA ASN R 439 31.80 -23.12 26.74
C ASN R 439 30.84 -22.03 26.28
N TYR R 440 31.15 -21.37 25.16
CA TYR R 440 30.29 -20.31 24.66
C TYR R 440 29.94 -20.53 23.20
N SER R 441 30.81 -21.19 22.46
CA SER R 441 30.59 -21.45 21.05
C SER R 441 31.24 -22.77 20.70
N LEU R 442 30.46 -23.71 20.17
CA LEU R 442 30.97 -25.03 19.88
C LEU R 442 30.13 -25.67 18.78
N GLY R 443 30.79 -26.43 17.93
CA GLY R 443 30.11 -27.25 16.94
C GLY R 443 30.20 -28.71 17.36
N ALA R 444 29.13 -29.46 17.07
CA ALA R 444 29.03 -30.86 17.50
C ALA R 444 28.47 -31.67 16.35
N ALA R 445 29.35 -32.32 15.60
CA ALA R 445 28.94 -33.16 14.48
C ALA R 445 28.56 -34.54 15.02
N SER R 446 27.29 -34.69 15.39
CA SER R 446 26.79 -35.96 15.91
C SER R 446 26.45 -36.88 14.74
N GLY R 447 25.81 -38.00 15.05
CA GLY R 447 25.39 -38.94 14.03
C GLY R 447 24.01 -38.71 13.49
N THR R 448 23.22 -37.83 14.12
CA THR R 448 21.86 -37.55 13.67
C THR R 448 21.66 -36.16 13.11
N ALA R 449 22.54 -35.21 13.41
CA ALA R 449 22.50 -33.87 12.84
C ALA R 449 23.88 -33.24 12.98
N ASN R 450 23.95 -31.94 12.73
CA ASN R 450 25.13 -31.14 13.02
C ASN R 450 24.70 -29.97 13.88
N TYR R 451 25.30 -29.85 15.06
CA TYR R 451 24.91 -28.80 15.99
C TYR R 451 25.91 -27.65 15.97
N ARG R 452 25.41 -26.47 16.30
CA ARG R 452 26.21 -25.25 16.37
C ARG R 452 25.83 -24.51 17.64
N ILE R 453 25.96 -25.21 18.78
CA ILE R 453 25.49 -24.71 20.07
C ILE R 453 26.13 -23.38 20.46
N ILE R 454 25.39 -22.61 21.26
CA ILE R 454 25.74 -21.22 21.53
C ILE R 454 25.53 -20.97 23.03
N GLY R 455 26.55 -20.46 23.69
CA GLY R 455 26.46 -20.09 25.09
C GLY R 455 26.31 -18.59 25.24
N SER R 456 25.42 -18.18 26.13
CA SER R 456 25.18 -16.77 26.40
C SER R 456 24.63 -16.62 27.80
N ASP R 457 25.13 -15.62 28.53
CA ASP R 457 24.76 -15.44 29.93
C ASP R 457 23.34 -14.92 30.09
N LEU R 458 22.79 -14.28 29.06
CA LEU R 458 21.47 -13.66 29.16
C LEU R 458 20.35 -14.69 29.25
N VAL R 459 20.59 -15.91 28.78
CA VAL R 459 19.59 -16.97 28.89
C VAL R 459 19.47 -17.41 30.34
N ARG R 460 18.24 -17.59 30.80
CA ARG R 460 18.00 -18.15 32.13
C ARG R 460 18.55 -19.56 32.20
N GLN R 461 19.21 -19.89 33.31
CA GLN R 461 19.81 -21.20 33.43
C GLN R 461 18.76 -22.25 33.79
N GLY R 462 18.87 -23.41 33.15
CA GLY R 462 17.98 -24.51 33.43
C GLY R 462 17.33 -25.06 32.18
N GLU R 463 17.14 -24.20 31.18
CA GLU R 463 16.41 -24.56 29.98
C GLU R 463 17.36 -24.50 28.80
N LEU R 464 17.54 -25.62 28.11
CA LEU R 464 18.16 -25.59 26.80
C LEU R 464 17.08 -25.40 25.75
N THR R 465 17.43 -24.74 24.65
CA THR R 465 16.49 -24.52 23.56
C THR R 465 17.16 -24.83 22.25
N ILE R 466 16.46 -25.57 21.38
CA ILE R 466 16.99 -26.00 20.09
C ILE R 466 16.22 -25.30 18.98
N ILE R 467 16.95 -24.78 18.00
CA ILE R 467 16.39 -24.07 16.87
C ILE R 467 16.83 -24.78 15.60
N ALA R 468 15.87 -25.08 14.73
CA ALA R 468 16.17 -25.74 13.47
C ALA R 468 16.27 -24.71 12.36
N ILE R 469 17.41 -24.67 11.68
CA ILE R 469 17.62 -23.77 10.56
C ILE R 469 17.71 -24.62 9.29
N PRO R 470 16.71 -24.61 8.44
CA PRO R 470 16.78 -25.41 7.21
C PRO R 470 17.68 -24.74 6.17
N GLN R 471 18.37 -25.60 5.41
CA GLN R 471 19.26 -25.11 4.36
C GLN R 471 18.48 -24.57 3.17
N GLN R 472 17.30 -25.11 2.92
CA GLN R 472 16.54 -24.75 1.74
C GLN R 472 15.96 -23.35 1.86
N ASP R 473 16.07 -22.58 0.79
CA ASP R 473 15.44 -21.27 0.74
C ASP R 473 13.93 -21.37 0.51
N ASN R 474 13.43 -22.54 0.13
CA ASN R 474 12.01 -22.78 -0.02
C ASN R 474 11.34 -23.21 1.26
N TYR R 475 12.00 -23.03 2.41
CA TYR R 475 11.41 -23.35 3.70
C TYR R 475 12.14 -22.53 4.74
N LYS R 476 11.41 -21.71 5.48
CA LYS R 476 12.01 -20.86 6.51
C LYS R 476 11.24 -21.06 7.81
N THR R 477 11.98 -21.09 8.92
CA THR R 477 11.40 -21.30 10.24
C THR R 477 11.47 -20.03 11.08
N PHE R 478 12.66 -19.48 11.26
CA PHE R 478 12.87 -18.21 11.93
C PHE R 478 13.78 -17.36 11.06
N MET R 479 13.54 -16.06 11.03
CA MET R 479 14.42 -15.18 10.30
C MET R 479 14.45 -13.82 10.99
N PHE R 480 15.65 -13.24 11.06
CA PHE R 480 15.87 -11.94 11.66
C PHE R 480 16.04 -10.91 10.54
N TYR R 481 15.26 -9.85 10.59
CA TYR R 481 15.31 -8.80 9.56
C TYR R 481 15.80 -7.49 10.18
N PRO R 482 17.06 -7.14 10.05
CA PRO R 482 17.52 -5.80 10.45
C PRO R 482 17.28 -4.80 9.34
N TYR R 483 16.41 -3.82 9.60
CA TYR R 483 16.07 -2.87 8.55
C TYR R 483 17.13 -1.77 8.45
N THR R 484 17.27 -0.97 9.49
CA THR R 484 18.22 0.13 9.46
C THR R 484 18.65 0.48 10.87
N PHE R 485 19.71 1.29 10.95
CA PHE R 485 20.29 1.71 12.22
C PHE R 485 20.80 3.13 12.01
N ASN R 486 20.08 4.09 12.57
CA ASN R 486 20.34 5.50 12.30
C ASN R 486 20.60 6.24 13.61
N VAL R 487 21.63 7.08 13.60
CA VAL R 487 21.95 7.96 14.71
C VAL R 487 21.95 9.40 14.19
N VAL R 488 21.35 10.30 14.96
CA VAL R 488 21.22 11.70 14.60
C VAL R 488 21.80 12.54 15.74
N ASN R 489 23.06 12.93 15.59
CA ASN R 489 23.77 13.71 16.60
C ASN R 489 23.28 15.16 16.54
N GLY R 490 22.10 15.40 17.11
CA GLY R 490 21.53 16.73 17.13
C GLY R 490 20.97 17.12 15.78
N GLY R 491 20.56 18.39 15.68
CA GLY R 491 19.99 18.90 14.46
C GLY R 491 18.52 18.60 14.28
N GLY R 492 17.70 19.10 15.20
CA GLY R 492 16.25 19.08 14.99
C GLY R 492 15.47 18.28 16.01
N TYR R 493 15.96 17.09 16.37
CA TYR R 493 15.20 16.21 17.24
C TYR R 493 15.42 16.64 18.69
N LEU R 494 14.39 17.24 19.27
CA LEU R 494 14.49 17.69 20.64
C LEU R 494 14.34 16.53 21.62
N ASN R 495 14.56 16.83 22.89
CA ASN R 495 14.41 15.85 23.95
C ASN R 495 12.95 15.76 24.38
N THR R 496 12.67 14.78 25.24
CA THR R 496 11.35 14.61 25.82
C THR R 496 11.32 14.88 27.31
N ARG R 497 12.47 14.83 27.99
CA ARG R 497 12.53 15.19 29.40
C ARG R 497 12.75 16.69 29.58
N ASN R 498 13.87 17.19 29.08
CA ASN R 498 14.15 18.62 29.05
C ASN R 498 14.41 19.00 27.59
N PRO R 499 13.43 19.56 26.91
CA PRO R 499 13.58 19.79 25.47
C PRO R 499 14.44 21.01 25.11
N ASN R 500 15.18 21.56 26.05
CA ASN R 500 15.95 22.78 25.83
C ASN R 500 17.43 22.54 25.62
N VAL R 501 17.89 21.29 25.54
CA VAL R 501 19.32 21.00 25.47
C VAL R 501 19.62 20.19 24.21
N PRO R 502 20.79 20.33 23.60
CA PRO R 502 21.08 19.60 22.35
C PRO R 502 21.36 18.11 22.55
N ASN R 503 20.29 17.33 22.64
CA ASN R 503 20.44 15.90 22.85
C ASN R 503 20.69 15.19 21.54
N MET R 504 21.60 14.22 21.57
CA MET R 504 21.75 13.30 20.45
C MET R 504 20.67 12.24 20.52
N MET R 505 20.56 11.44 19.46
CA MET R 505 19.50 10.45 19.37
C MET R 505 19.93 9.35 18.42
N MET R 506 19.54 8.12 18.72
CA MET R 506 19.91 6.96 17.94
C MET R 506 18.76 5.98 17.90
N THR R 507 18.48 5.43 16.72
CA THR R 507 17.41 4.47 16.54
C THR R 507 17.91 3.26 15.76
N ARG R 508 17.15 2.17 15.89
CA ARG R 508 17.42 0.94 15.15
C ARG R 508 16.14 0.15 15.11
N ARG R 509 15.61 -0.08 13.91
CA ARG R 509 14.35 -0.79 13.74
C ARG R 509 14.60 -2.14 13.08
N TYR R 510 13.92 -3.16 13.58
CA TYR R 510 14.12 -4.54 13.15
C TYR R 510 12.88 -5.33 13.49
N THR R 511 12.72 -6.47 12.83
CA THR R 511 11.66 -7.41 13.20
C THR R 511 12.16 -8.81 12.94
N VAL R 512 11.91 -9.71 13.90
CA VAL R 512 12.14 -11.14 13.75
C VAL R 512 10.77 -11.81 13.71
N GLU R 513 10.59 -12.73 12.77
CA GLU R 513 9.31 -13.39 12.62
C GLU R 513 9.49 -14.87 12.37
N SER R 514 8.49 -15.65 12.79
CA SER R 514 8.50 -17.10 12.71
C SER R 514 7.44 -17.54 11.71
N PHE R 515 7.89 -18.18 10.63
CA PHE R 515 6.94 -18.73 9.66
C PHE R 515 6.33 -20.02 10.19
N VAL R 516 7.17 -20.98 10.59
CA VAL R 516 6.72 -22.20 11.22
C VAL R 516 7.57 -22.48 12.45
N PRO R 517 6.98 -22.68 13.62
CA PRO R 517 7.76 -22.78 14.88
C PRO R 517 8.35 -24.15 15.19
N ILE R 518 9.54 -24.42 14.67
CA ILE R 518 10.28 -25.61 15.04
C ILE R 518 11.24 -25.23 16.16
N ILE R 519 10.85 -25.56 17.39
CA ILE R 519 11.64 -25.21 18.57
C ILE R 519 11.42 -26.29 19.63
N GLY R 520 12.51 -26.76 20.23
CA GLY R 520 12.42 -27.74 21.29
C GLY R 520 13.16 -27.31 22.55
N ARG R 521 12.59 -27.58 23.72
CA ARG R 521 13.15 -27.12 24.97
C ARG R 521 13.52 -28.30 25.86
N ILE R 522 14.71 -28.26 26.46
CA ILE R 522 15.20 -29.29 27.36
C ILE R 522 15.27 -28.71 28.77
N THR R 523 14.54 -29.32 29.70
CA THR R 523 14.49 -28.84 31.07
C THR R 523 15.53 -29.62 31.88
N ILE R 524 16.72 -29.04 32.00
CA ILE R 524 17.79 -29.64 32.78
C ILE R 524 17.51 -29.42 34.25
N LYS R 525 17.35 -30.51 34.99
CA LYS R 525 16.98 -30.46 36.39
C LYS R 525 18.19 -30.71 37.28
N ASN R 526 18.21 -30.01 38.44
CA ASN R 526 19.19 -30.19 39.51
C ASN R 526 20.63 -29.95 39.03
N ASN R 527 20.86 -28.75 38.49
CA ASN R 527 22.19 -28.35 38.04
C ASN R 527 22.92 -27.51 39.08
N ASN R 528 22.46 -27.48 40.32
CA ASN R 528 23.04 -26.59 41.31
C ASN R 528 24.17 -27.25 42.10
N GLY R 529 25.10 -27.90 41.38
CA GLY R 529 26.34 -28.42 41.95
C GLY R 529 26.30 -29.43 43.06
N SER R 530 25.10 -29.83 43.49
CA SER R 530 24.95 -30.74 44.62
C SER R 530 24.81 -32.19 44.19
N VAL R 531 25.45 -32.57 43.08
CA VAL R 531 25.51 -33.96 42.67
C VAL R 531 26.29 -34.78 43.70
N TYR R 532 27.33 -34.19 44.26
CA TYR R 532 28.25 -34.90 45.14
C TYR R 532 27.97 -34.63 46.60
N ALA R 533 27.35 -33.51 46.93
CA ALA R 533 26.92 -33.27 48.31
C ALA R 533 25.74 -34.14 48.69
N ARG R 534 24.99 -34.64 47.71
CA ARG R 534 23.82 -35.47 47.97
C ARG R 534 24.21 -36.86 48.46
N MET S 81 4.32 6.89 7.57
CA MET S 81 3.35 7.88 8.02
C MET S 81 1.97 7.26 8.10
N GLY S 82 1.11 7.85 8.93
CA GLY S 82 -0.28 7.46 9.06
C GLY S 82 -1.09 7.45 7.78
N PRO S 83 -1.38 8.63 7.21
CA PRO S 83 -2.30 8.69 6.06
C PRO S 83 -1.71 8.23 4.74
N ILE S 84 -0.53 7.63 4.71
CA ILE S 84 0.03 7.05 3.50
C ILE S 84 -0.25 5.55 3.51
N GLN S 85 -0.87 5.06 2.46
CA GLN S 85 -1.32 3.68 2.41
C GLN S 85 -0.14 2.73 2.22
N PRO S 86 0.01 1.72 3.08
CA PRO S 86 1.17 0.83 2.99
C PRO S 86 1.02 -0.22 1.90
N TYR S 87 2.09 -0.43 1.16
CA TYR S 87 2.12 -1.38 0.06
C TYR S 87 3.06 -2.51 0.42
N ALA S 88 2.50 -3.66 0.75
CA ALA S 88 3.28 -4.85 1.04
C ALA S 88 3.82 -5.43 -0.26
N SER S 89 5.12 -5.31 -0.49
CA SER S 89 5.74 -5.84 -1.69
C SER S 89 5.89 -7.36 -1.56
N LEU S 90 6.43 -8.00 -2.59
CA LEU S 90 6.44 -9.46 -2.68
C LEU S 90 7.88 -9.96 -2.73
N SER S 91 8.30 -10.66 -1.69
CA SER S 91 9.62 -11.28 -1.68
C SER S 91 9.60 -12.54 -2.55
N MET S 92 10.79 -12.92 -3.00
CA MET S 92 10.92 -13.83 -4.14
C MET S 92 10.61 -15.31 -3.88
N PRO S 93 11.16 -16.02 -2.88
CA PRO S 93 10.90 -17.46 -2.79
C PRO S 93 9.48 -17.76 -2.32
N ILE S 94 8.99 -18.94 -2.72
CA ILE S 94 7.55 -19.22 -2.68
C ILE S 94 7.18 -20.18 -1.55
N LEU S 95 8.16 -20.75 -0.85
CA LEU S 95 8.00 -21.48 0.42
C LEU S 95 7.09 -22.71 0.26
N VAL S 96 7.59 -23.68 -0.51
CA VAL S 96 6.86 -24.92 -0.70
C VAL S 96 6.93 -25.78 0.56
N LYS S 97 5.89 -26.59 0.76
CA LYS S 97 5.87 -27.55 1.85
C LYS S 97 6.84 -28.69 1.58
N LEU S 98 7.03 -29.53 2.60
CA LEU S 98 8.06 -30.56 2.57
C LEU S 98 7.44 -31.95 2.53
N TRP S 99 8.11 -32.84 1.82
CA TRP S 99 7.61 -34.18 1.59
C TRP S 99 8.47 -35.20 2.31
N ALA S 100 7.86 -36.31 2.69
CA ALA S 100 8.57 -37.39 3.35
C ALA S 100 9.43 -38.12 2.33
N ARG S 101 10.73 -38.15 2.56
CA ARG S 101 11.61 -38.94 1.71
C ARG S 101 11.39 -40.42 1.99
N LEU S 102 10.98 -41.16 0.97
CA LEU S 102 10.51 -42.52 1.11
C LEU S 102 11.63 -43.51 0.78
N ALA S 103 11.61 -44.65 1.48
CA ALA S 103 12.55 -45.73 1.19
C ALA S 103 11.91 -47.10 1.33
N LEU S 104 10.59 -47.18 1.45
CA LEU S 104 9.90 -48.45 1.65
C LEU S 104 9.90 -49.33 0.40
N THR S 105 10.18 -48.75 -0.78
CA THR S 105 10.20 -49.55 -2.00
C THR S 105 11.37 -50.51 -2.05
N GLU S 106 12.45 -50.22 -1.32
CA GLU S 106 13.60 -51.12 -1.27
C GLU S 106 13.46 -52.19 -0.21
N ALA S 107 12.41 -52.16 0.59
CA ALA S 107 12.20 -53.19 1.61
C ALA S 107 11.85 -54.52 0.97
N LEU S 108 10.78 -54.57 0.27
CA LEU S 108 10.31 -55.79 -0.36
C LEU S 108 10.95 -55.94 -1.74
N PRO S 109 11.19 -57.17 -2.20
CA PRO S 109 11.77 -57.34 -3.53
C PRO S 109 10.73 -57.11 -4.61
N THR S 110 11.16 -56.51 -5.71
CA THR S 110 10.26 -56.13 -6.77
C THR S 110 10.21 -57.20 -7.85
N GLN S 111 9.04 -57.40 -8.42
CA GLN S 111 8.85 -58.29 -9.56
C GLN S 111 7.80 -57.63 -10.44
N VAL S 112 8.22 -57.06 -11.56
CA VAL S 112 7.29 -56.40 -12.47
C VAL S 112 6.44 -57.48 -13.15
N ALA S 113 5.13 -57.31 -13.09
CA ALA S 113 4.22 -58.35 -13.55
C ALA S 113 3.74 -58.05 -14.95
N ASN S 114 3.76 -59.07 -15.80
CA ASN S 114 3.24 -58.96 -17.15
C ASN S 114 1.78 -59.37 -17.24
N LYS S 115 1.23 -59.93 -16.18
CA LYS S 115 -0.16 -60.35 -16.14
C LYS S 115 -0.84 -59.73 -14.93
N PRO S 116 -2.10 -59.28 -15.07
CA PRO S 116 -2.79 -58.69 -13.93
C PRO S 116 -3.38 -59.70 -12.97
N ASN S 117 -3.26 -60.99 -13.25
CA ASN S 117 -3.85 -62.03 -12.42
C ASN S 117 -3.13 -63.34 -12.70
N PHE S 118 -2.48 -63.89 -11.69
CA PHE S 118 -1.82 -65.18 -11.84
C PHE S 118 -1.90 -65.94 -10.53
N THR S 119 -1.41 -67.17 -10.56
CA THR S 119 -1.34 -68.01 -9.38
C THR S 119 0.06 -68.62 -9.28
N VAL S 120 0.40 -69.05 -8.09
CA VAL S 120 1.68 -69.72 -7.86
C VAL S 120 1.42 -70.94 -6.96
N PRO S 121 1.91 -72.11 -7.32
CA PRO S 121 1.68 -73.29 -6.49
C PRO S 121 2.62 -73.36 -5.32
N ILE S 122 2.26 -74.18 -4.33
CA ILE S 122 3.14 -74.53 -3.23
C ILE S 122 3.10 -76.04 -3.04
N LEU S 123 4.24 -76.64 -2.78
CA LEU S 123 4.38 -78.08 -2.71
C LEU S 123 4.70 -78.52 -1.28
N THR S 124 3.97 -79.52 -0.81
CA THR S 124 4.23 -80.02 0.55
C THR S 124 4.05 -81.52 0.67
N PRO S 125 5.06 -82.23 1.14
CA PRO S 125 4.95 -83.69 1.30
C PRO S 125 4.28 -84.03 2.62
N TYR S 126 4.03 -85.33 2.83
CA TYR S 126 3.27 -85.79 3.98
C TYR S 126 3.79 -87.16 4.43
N VAL S 127 3.28 -87.61 5.59
CA VAL S 127 3.46 -88.98 6.08
C VAL S 127 2.13 -89.44 6.61
N VAL S 128 1.66 -90.61 6.14
CA VAL S 128 0.28 -91.02 6.42
C VAL S 128 0.16 -91.80 7.72
N ASP S 129 1.22 -91.82 8.54
CA ASP S 129 1.19 -92.14 9.97
C ASP S 129 0.93 -93.63 10.26
N ALA S 130 0.72 -94.47 9.24
CA ALA S 130 0.42 -95.90 9.34
C ALA S 130 -0.85 -96.23 10.13
N ASP S 131 -1.73 -95.25 10.36
CA ASP S 131 -3.05 -95.53 10.93
C ASP S 131 -4.11 -94.62 10.32
N GLY S 132 -3.89 -94.16 9.09
CA GLY S 132 -4.84 -93.27 8.47
C GLY S 132 -4.29 -91.95 8.00
N ASN S 133 -4.67 -90.87 8.69
CA ASN S 133 -4.47 -89.52 8.20
C ASN S 133 -3.01 -89.08 8.26
N LYS S 134 -2.74 -87.89 7.73
CA LYS S 134 -1.40 -87.46 7.40
C LYS S 134 -1.03 -86.17 8.12
N HIS S 135 0.27 -85.98 8.29
CA HIS S 135 0.86 -84.75 8.81
C HIS S 135 1.83 -84.18 7.79
N ALA S 136 1.99 -82.86 7.83
CA ALA S 136 2.92 -82.20 6.92
C ALA S 136 4.36 -82.62 7.24
N LEU S 137 5.15 -82.88 6.19
CA LEU S 137 6.44 -83.55 6.41
C LEU S 137 7.48 -82.67 7.09
N PRO S 138 7.98 -81.58 6.50
CA PRO S 138 9.27 -81.04 6.95
C PRO S 138 9.21 -80.30 8.28
N GLU S 139 8.06 -80.26 8.94
CA GLU S 139 7.94 -79.63 10.24
C GLU S 139 7.42 -80.56 11.32
N SER S 140 6.87 -81.72 10.95
CA SER S 140 6.51 -82.70 11.96
C SER S 140 7.70 -83.54 12.39
N ILE S 141 8.68 -83.75 11.51
CA ILE S 141 9.94 -84.33 11.95
C ILE S 141 10.92 -83.21 12.30
N ASN S 142 10.80 -82.69 13.51
CA ASN S 142 11.81 -81.79 14.05
C ASN S 142 12.12 -82.04 15.50
N ASN S 143 11.74 -83.19 16.05
CA ASN S 143 11.59 -83.34 17.48
C ASN S 143 12.29 -84.60 17.98
N THR S 144 12.95 -84.46 19.10
CA THR S 144 13.56 -85.61 19.74
C THR S 144 12.55 -86.64 20.26
N PRO S 145 11.33 -86.27 20.78
CA PRO S 145 10.39 -87.40 20.90
C PRO S 145 9.51 -87.52 19.67
N GLU S 146 10.08 -88.00 18.58
CA GLU S 146 9.32 -88.29 17.37
C GLU S 146 8.71 -89.68 17.50
N THR S 147 7.47 -89.85 17.04
CA THR S 147 6.82 -91.15 17.08
C THR S 147 6.02 -91.46 15.83
N LEU S 148 6.16 -90.65 14.78
CA LEU S 148 5.42 -90.91 13.55
C LEU S 148 6.04 -92.08 12.79
N VAL S 149 7.36 -92.08 12.66
CA VAL S 149 8.07 -93.13 11.93
C VAL S 149 8.86 -93.95 12.94
N GLY S 150 9.50 -95.01 12.47
CA GLY S 150 10.21 -95.92 13.34
C GLY S 150 9.43 -97.21 13.57
N LEU S 151 10.08 -98.14 14.26
CA LEU S 151 9.52 -99.47 14.43
C LEU S 151 8.42 -99.48 15.49
N VAL S 152 7.85 -100.65 15.69
CA VAL S 152 6.77 -100.82 16.65
C VAL S 152 7.37 -101.17 18.01
N GLN S 153 6.90 -100.49 19.05
CA GLN S 153 7.36 -100.77 20.40
C GLN S 153 6.54 -101.92 20.97
N ILE S 154 7.22 -102.94 21.49
CA ILE S 154 6.52 -103.98 22.23
C ILE S 154 6.14 -103.45 23.61
N LYS S 155 5.27 -104.21 24.28
CA LYS S 155 4.83 -103.77 25.61
C LYS S 155 5.91 -104.04 26.65
N GLU S 156 5.89 -103.22 27.70
CA GLU S 156 7.03 -103.15 28.61
C GLU S 156 6.95 -104.21 29.70
N ASP S 157 5.89 -104.19 30.49
CA ASP S 157 5.84 -105.00 31.71
C ASP S 157 5.52 -106.46 31.40
N ILE S 158 6.11 -107.35 32.21
CA ILE S 158 5.96 -108.79 32.06
C ILE S 158 5.80 -109.39 33.45
N ALA S 159 4.68 -110.06 33.70
CA ALA S 159 4.45 -110.68 35.00
C ALA S 159 5.32 -111.93 35.14
N VAL S 160 6.29 -111.88 36.05
CA VAL S 160 7.22 -112.97 36.29
C VAL S 160 6.95 -113.43 37.72
N GLU S 161 5.69 -113.44 38.10
CA GLU S 161 5.30 -113.95 39.41
C GLU S 161 5.70 -115.42 39.55
N GLY S 162 6.09 -115.82 40.75
CA GLY S 162 6.66 -117.12 40.98
C GLY S 162 8.13 -117.23 40.67
N GLY S 163 8.77 -116.16 40.22
CA GLY S 163 10.18 -116.16 39.89
C GLY S 163 10.50 -116.51 38.45
N LYS S 164 9.54 -117.07 37.71
CA LYS S 164 9.77 -117.51 36.34
C LYS S 164 8.44 -117.62 35.63
N VAL S 165 8.44 -117.36 34.33
CA VAL S 165 7.30 -117.68 33.48
C VAL S 165 7.84 -118.22 32.16
N THR S 166 7.19 -119.26 31.66
CA THR S 166 7.65 -119.96 30.48
C THR S 166 6.79 -119.61 29.28
N ASP S 167 7.44 -119.42 28.13
CA ASP S 167 6.82 -119.27 26.82
C ASP S 167 5.89 -118.06 26.76
N TYR S 168 6.24 -117.01 27.49
CA TYR S 168 5.44 -115.79 27.52
C TYR S 168 5.64 -115.03 26.21
N ASP S 169 4.54 -114.81 25.50
CA ASP S 169 4.59 -114.09 24.23
C ASP S 169 4.76 -112.59 24.46
N LEU S 170 5.63 -111.96 23.68
CA LEU S 170 5.86 -110.54 23.85
C LEU S 170 4.98 -109.70 22.95
N PHE S 171 4.26 -110.32 22.03
CA PHE S 171 3.36 -109.58 21.14
C PHE S 171 1.94 -109.60 21.68
N THR S 172 1.78 -109.24 22.94
CA THR S 172 0.47 -109.06 23.53
C THR S 172 0.22 -107.57 23.65
N GLY S 173 -1.03 -107.16 23.47
CA GLY S 173 -1.38 -105.76 23.46
C GLY S 173 -1.22 -105.08 22.11
N LEU S 174 -0.33 -105.57 21.27
CA LEU S 174 -0.23 -105.07 19.91
C LEU S 174 -1.42 -105.55 19.11
N LYS S 175 -2.06 -104.64 18.38
CA LYS S 175 -3.21 -105.00 17.58
C LYS S 175 -2.79 -105.82 16.37
N GLU S 176 -3.59 -106.83 16.03
CA GLU S 176 -3.24 -107.73 14.95
C GLU S 176 -3.45 -107.07 13.60
N GLY S 177 -2.72 -107.57 12.61
CA GLY S 177 -2.87 -107.08 11.26
C GLY S 177 -1.96 -105.91 10.94
N LYS S 178 -2.18 -104.78 11.60
CA LYS S 178 -1.43 -103.57 11.25
C LYS S 178 -0.02 -103.60 11.82
N GLU S 179 0.11 -103.70 13.14
CA GLU S 179 1.43 -103.68 13.76
C GLU S 179 2.16 -105.00 13.56
N VAL S 180 1.50 -106.10 13.89
CA VAL S 180 2.13 -107.42 13.92
C VAL S 180 1.21 -108.42 13.24
N ARG S 181 1.80 -109.33 12.46
CA ARG S 181 1.10 -110.50 11.95
C ARG S 181 1.65 -111.72 12.70
N LYS S 182 0.81 -112.34 13.52
CA LYS S 182 1.28 -113.36 14.46
C LYS S 182 1.76 -114.60 13.73
N GLY S 183 2.92 -115.09 14.14
CA GLY S 183 3.53 -116.23 13.49
C GLY S 183 4.22 -115.94 12.19
N ILE S 184 4.42 -114.67 11.85
CA ILE S 184 5.06 -114.28 10.60
C ILE S 184 6.31 -113.45 10.85
N ASP S 185 6.18 -112.32 11.51
CA ASP S 185 7.32 -111.43 11.75
C ASP S 185 8.01 -111.78 13.07
N ARG S 186 9.30 -111.48 13.11
CA ARG S 186 10.13 -111.83 14.25
C ARG S 186 10.40 -110.60 15.11
N LEU S 187 10.92 -110.85 16.30
CA LEU S 187 11.36 -109.79 17.19
C LEU S 187 12.81 -109.48 16.89
N ASP S 188 13.15 -108.19 16.89
CA ASP S 188 14.47 -107.79 16.43
C ASP S 188 15.54 -108.09 17.47
N ARG S 189 16.79 -108.01 17.04
CA ARG S 189 17.93 -108.32 17.88
C ARG S 189 18.44 -107.10 18.65
N LYS S 190 17.61 -106.07 18.80
CA LYS S 190 17.87 -104.96 19.72
C LYS S 190 17.01 -105.11 20.96
N PHE S 191 16.85 -106.35 21.42
CA PHE S 191 16.05 -106.61 22.62
C PHE S 191 16.92 -106.50 23.85
N LYS S 192 16.39 -105.82 24.87
CA LYS S 192 17.06 -105.72 26.15
C LYS S 192 16.03 -105.39 27.21
N ILE S 193 16.33 -105.79 28.44
CA ILE S 193 15.53 -105.37 29.58
C ILE S 193 16.23 -104.18 30.20
N VAL S 194 15.44 -103.27 30.76
CA VAL S 194 15.97 -101.99 31.21
C VAL S 194 15.59 -101.76 32.66
N GLU S 195 14.79 -102.66 33.21
CA GLU S 195 14.15 -102.40 34.49
C GLU S 195 13.65 -103.72 35.06
N ALA S 196 13.76 -103.86 36.38
CA ALA S 196 13.31 -105.09 37.03
C ALA S 196 12.86 -104.77 38.44
N LYS S 197 12.00 -105.62 38.97
CA LYS S 197 11.52 -105.48 40.34
C LYS S 197 11.45 -106.84 41.00
N TRP S 198 12.18 -106.99 42.10
CA TRP S 198 12.10 -108.15 42.96
C TRP S 198 11.10 -107.86 44.07
N SER S 199 10.88 -108.84 44.96
CA SER S 199 9.91 -108.61 46.02
C SER S 199 10.45 -107.74 47.15
N ASP S 200 11.75 -107.52 47.22
CA ASP S 200 12.33 -106.60 48.20
C ASP S 200 13.27 -105.67 47.43
N SER S 201 12.71 -104.61 46.89
CA SER S 201 13.43 -103.73 45.98
C SER S 201 13.48 -102.31 46.52
N PHE S 202 14.34 -101.51 45.90
CA PHE S 202 14.40 -100.08 46.19
C PHE S 202 14.86 -99.37 44.92
N ASP S 203 14.05 -98.42 44.47
CA ASP S 203 14.21 -97.88 43.12
C ASP S 203 15.12 -96.67 43.04
N GLU S 204 15.36 -95.97 44.16
CA GLU S 204 16.19 -94.77 44.32
C GLU S 204 15.84 -93.63 43.35
N ARG S 205 14.67 -93.66 42.72
CA ARG S 205 14.05 -92.49 42.12
C ARG S 205 12.87 -92.01 42.95
N THR S 206 11.97 -92.92 43.32
CA THR S 206 11.11 -92.75 44.48
C THR S 206 11.81 -93.40 45.67
N SER S 207 11.11 -93.59 46.78
CA SER S 207 11.67 -94.31 47.92
C SER S 207 10.61 -95.28 48.43
N ALA S 208 10.58 -96.47 47.83
CA ALA S 208 9.63 -97.53 48.17
C ALA S 208 10.14 -98.82 47.54
N ALA S 209 9.31 -99.85 47.56
CA ALA S 209 9.61 -101.11 46.88
C ALA S 209 9.31 -100.92 45.39
N GLY S 210 10.23 -100.24 44.72
CA GLY S 210 10.05 -99.81 43.35
C GLY S 210 10.79 -100.69 42.37
N PHE S 211 11.23 -100.08 41.27
CA PHE S 211 11.81 -100.81 40.15
C PHE S 211 13.29 -100.47 40.05
N VAL S 212 14.13 -101.49 40.05
CA VAL S 212 15.57 -101.29 39.97
C VAL S 212 15.92 -100.92 38.54
N GLU S 213 16.33 -99.68 38.32
CA GLU S 213 16.78 -99.24 37.00
C GLU S 213 18.17 -99.78 36.77
N LEU S 214 18.32 -100.67 35.79
CA LEU S 214 19.62 -101.22 35.44
C LEU S 214 20.35 -100.17 34.61
N GLY S 215 21.08 -99.29 35.29
CA GLY S 215 21.84 -98.27 34.59
C GLY S 215 23.20 -98.77 34.16
N SER S 216 23.41 -98.84 32.84
CA SER S 216 24.65 -99.27 32.17
C SER S 216 25.03 -100.72 32.46
N ASN S 217 24.15 -101.51 33.07
CA ASN S 217 24.31 -102.94 33.22
C ASN S 217 23.06 -103.63 32.73
N VAL S 218 22.52 -103.15 31.60
CA VAL S 218 21.33 -103.73 31.00
C VAL S 218 21.62 -105.14 30.50
N VAL S 219 20.58 -105.95 30.43
CA VAL S 219 20.69 -107.33 29.99
C VAL S 219 20.28 -107.32 28.53
N LYS S 220 21.26 -107.17 27.65
CA LYS S 220 21.01 -107.07 26.22
C LYS S 220 21.20 -108.42 25.55
N LEU S 221 20.57 -108.58 24.39
CA LEU S 221 20.46 -109.87 23.71
C LEU S 221 21.81 -110.29 23.15
N GLN S 222 22.39 -111.34 23.75
CA GLN S 222 23.68 -111.83 23.32
C GLN S 222 23.50 -112.89 22.24
N ASP S 223 24.59 -113.60 21.91
CA ASP S 223 24.54 -114.68 20.95
C ASP S 223 23.75 -115.86 21.51
N ASN S 224 23.24 -116.69 20.58
CA ASN S 224 22.28 -117.78 20.81
C ASN S 224 20.94 -117.25 21.38
N ASP S 225 20.72 -115.93 21.27
CA ASP S 225 19.54 -115.23 21.78
C ASP S 225 19.29 -115.52 23.26
N THR S 226 20.33 -115.46 24.07
CA THR S 226 20.18 -115.69 25.50
C THR S 226 20.54 -114.41 26.26
N LEU S 227 20.12 -114.38 27.52
CA LEU S 227 20.28 -113.22 28.38
C LEU S 227 20.88 -113.68 29.68
N VAL S 228 21.98 -113.03 30.09
CA VAL S 228 22.60 -113.30 31.38
C VAL S 228 22.92 -111.97 32.03
N GLY S 229 22.86 -111.95 33.36
CA GLY S 229 23.13 -110.71 34.06
C GLY S 229 23.46 -110.87 35.53
N GLN S 230 24.56 -110.27 35.94
CA GLN S 230 24.92 -110.16 37.35
C GLN S 230 24.36 -108.85 37.87
N ILE S 231 23.28 -108.92 38.64
CA ILE S 231 22.53 -107.74 39.03
C ILE S 231 22.57 -107.61 40.55
N LYS S 232 23.02 -106.46 41.02
CA LYS S 232 22.95 -106.09 42.43
C LYS S 232 21.79 -105.11 42.59
N TYR S 233 20.77 -105.51 43.34
CA TYR S 233 19.64 -104.65 43.53
C TYR S 233 19.55 -104.20 44.98
N PRO S 234 19.41 -102.89 45.24
CA PRO S 234 19.32 -102.42 46.62
C PRO S 234 17.98 -102.75 47.24
N THR S 235 18.02 -103.21 48.49
CA THR S 235 16.81 -103.56 49.21
C THR S 235 16.20 -102.36 49.94
N ASN S 236 16.99 -101.70 50.76
CA ASN S 236 16.55 -100.50 51.47
C ASN S 236 17.58 -99.41 51.28
N GLY S 237 17.11 -98.18 51.01
CA GLY S 237 18.02 -97.07 50.81
C GLY S 237 18.79 -96.70 52.06
N ASP S 238 18.17 -96.86 53.23
CA ASP S 238 18.92 -96.66 54.48
C ASP S 238 19.71 -97.89 54.88
N GLY S 239 19.21 -99.08 54.56
CA GLY S 239 19.88 -100.31 54.95
C GLY S 239 21.07 -100.64 54.08
N GLU S 240 20.92 -100.44 52.77
CA GLU S 240 21.94 -100.67 51.75
C GLU S 240 22.43 -102.13 51.79
N VAL S 241 21.49 -103.03 51.48
CA VAL S 241 21.75 -104.46 51.57
C VAL S 241 22.42 -104.97 50.29
N GLU S 242 21.88 -104.59 49.13
CA GLU S 242 22.40 -104.90 47.80
C GLU S 242 22.49 -106.41 47.58
N THR S 243 21.32 -107.05 47.60
CA THR S 243 21.21 -108.46 47.29
C THR S 243 21.51 -108.69 45.80
N ASP S 244 22.06 -109.85 45.50
CA ASP S 244 22.41 -110.22 44.12
C ASP S 244 21.50 -111.32 43.63
N THR S 245 21.26 -111.32 42.31
CA THR S 245 20.43 -112.34 41.67
C THR S 245 20.80 -112.42 40.20
N ILE S 246 21.06 -113.63 39.72
CA ILE S 246 21.37 -113.87 38.32
C ILE S 246 20.08 -113.90 37.52
N LEU S 247 20.18 -113.64 36.21
CA LEU S 247 19.04 -113.71 35.31
C LEU S 247 19.38 -114.65 34.16
N GLY S 248 19.12 -115.94 34.36
CA GLY S 248 19.22 -116.89 33.27
C GLY S 248 17.97 -116.78 32.42
N LYS S 249 18.15 -116.46 31.14
CA LYS S 249 17.01 -116.10 30.31
C LYS S 249 17.35 -116.35 28.85
N VAL S 250 16.48 -117.08 28.16
CA VAL S 250 16.57 -117.27 26.72
C VAL S 250 15.22 -116.88 26.12
N ASP S 251 15.26 -116.36 24.90
CA ASP S 251 14.06 -115.98 24.19
C ASP S 251 14.22 -116.30 22.71
N VAL S 252 13.16 -116.81 22.12
CA VAL S 252 13.18 -117.20 20.71
C VAL S 252 12.63 -116.05 19.88
N SER S 253 13.33 -115.72 18.79
CA SER S 253 12.92 -114.61 17.95
C SER S 253 11.70 -114.98 17.11
N SER S 254 11.82 -116.02 16.30
CA SER S 254 10.74 -116.43 15.41
C SER S 254 9.56 -117.04 16.17
N GLY S 255 9.77 -117.47 17.41
CA GLY S 255 8.68 -117.96 18.22
C GLY S 255 8.04 -116.85 19.04
N GLU S 256 8.72 -115.70 19.09
CA GLU S 256 8.43 -114.51 19.91
C GLU S 256 7.94 -114.86 21.33
N LEU S 257 8.71 -115.70 21.98
CA LEU S 257 8.43 -116.16 23.34
C LEU S 257 9.63 -115.81 24.23
N THR S 258 9.43 -115.92 25.54
CA THR S 258 10.54 -115.74 26.49
C THR S 258 10.53 -116.87 27.49
N LEU S 259 11.71 -117.40 27.78
CA LEU S 259 11.94 -118.32 28.88
C LEU S 259 12.76 -117.55 29.90
N THR S 260 12.11 -117.12 30.98
CA THR S 260 12.79 -116.34 32.00
C THR S 260 12.93 -117.15 33.27
N SER S 261 13.96 -116.80 34.05
CA SER S 261 14.28 -117.49 35.28
C SER S 261 15.23 -116.61 36.09
N ALA S 262 15.06 -116.63 37.39
CA ALA S 262 16.00 -116.01 38.31
C ALA S 262 16.27 -116.97 39.45
N SER S 263 17.49 -116.88 40.01
CA SER S 263 17.83 -117.73 41.13
C SER S 263 17.13 -117.32 42.42
N GLY S 264 16.60 -116.11 42.49
CA GLY S 264 15.94 -115.67 43.70
C GLY S 264 14.45 -115.45 43.56
N LYS S 265 14.01 -114.20 43.67
CA LYS S 265 12.60 -113.87 43.83
C LYS S 265 12.21 -112.71 42.90
N LEU S 266 11.87 -113.03 41.66
CA LEU S 266 11.40 -112.00 40.74
C LEU S 266 9.91 -111.78 40.91
N THR S 267 9.47 -110.56 40.62
CA THR S 267 8.05 -110.25 40.55
C THR S 267 7.64 -109.85 39.15
N ASP S 268 8.30 -108.84 38.55
CA ASP S 268 8.04 -108.45 37.17
C ASP S 268 9.25 -107.71 36.62
N VAL S 269 9.33 -107.71 35.29
CA VAL S 269 10.44 -107.10 34.57
C VAL S 269 9.85 -106.20 33.48
N LYS S 270 10.57 -105.13 33.16
CA LYS S 270 10.22 -104.27 32.05
C LYS S 270 11.26 -104.44 30.95
N VAL S 271 10.79 -104.74 29.74
CA VAL S 271 11.66 -104.98 28.60
C VAL S 271 11.44 -103.89 27.57
N LYS S 272 12.40 -103.73 26.68
CA LYS S 272 12.37 -102.68 25.67
C LYS S 272 12.94 -103.26 24.37
N GLY S 273 12.04 -103.72 23.50
CA GLY S 273 12.44 -104.25 22.21
C GLY S 273 11.48 -103.79 21.13
N TYR S 274 11.86 -104.05 19.89
CA TYR S 274 11.06 -103.66 18.75
C TYR S 274 10.52 -104.90 18.03
N VAL S 275 9.72 -104.65 17.00
CA VAL S 275 9.30 -105.67 16.05
C VAL S 275 10.12 -105.45 14.79
N ALA S 276 10.80 -106.50 14.33
CA ALA S 276 11.68 -106.38 13.18
C ALA S 276 10.85 -106.20 11.91
N SER S 277 11.50 -105.65 10.89
CA SER S 277 10.79 -105.26 9.67
C SER S 277 11.57 -105.66 8.44
N GLU S 278 12.18 -106.86 8.45
CA GLU S 278 12.73 -107.38 7.21
C GLU S 278 11.61 -107.84 6.28
N GLN S 279 10.48 -108.25 6.85
CA GLN S 279 9.24 -108.41 6.11
C GLN S 279 8.22 -107.40 6.62
N HIS S 280 7.39 -106.89 5.72
CA HIS S 280 6.51 -105.79 6.08
C HIS S 280 5.32 -106.27 6.90
N THR S 281 4.92 -105.44 7.84
CA THR S 281 3.60 -105.57 8.45
C THR S 281 2.95 -104.19 8.38
N SER S 282 3.79 -103.16 8.47
CA SER S 282 3.38 -101.78 8.31
C SER S 282 4.61 -100.98 7.95
N ALA S 283 4.38 -99.77 7.43
CA ALA S 283 5.43 -98.82 7.13
C ALA S 283 4.80 -97.45 7.08
N THR S 284 5.61 -96.44 6.79
CA THR S 284 5.14 -95.06 6.71
C THR S 284 5.26 -94.60 5.27
N ASN S 285 4.11 -94.41 4.61
CA ASN S 285 4.09 -93.94 3.24
C ASN S 285 4.17 -92.43 3.20
N VAL S 286 4.78 -91.91 2.15
CA VAL S 286 4.83 -90.48 1.92
C VAL S 286 4.03 -90.15 0.67
N GLU S 287 3.46 -88.95 0.65
CA GLU S 287 2.69 -88.50 -0.50
C GLU S 287 2.78 -86.99 -0.59
N LEU S 288 2.58 -86.48 -1.79
CA LEU S 288 2.67 -85.05 -2.05
C LEU S 288 1.28 -84.42 -2.08
N GLY S 289 1.23 -83.15 -1.73
CA GLY S 289 0.03 -82.36 -1.90
C GLY S 289 0.40 -81.00 -2.45
N LEU S 290 -0.59 -80.32 -3.02
CA LEU S 290 -0.32 -79.03 -3.65
C LEU S 290 -1.58 -78.18 -3.61
N THR S 291 -1.42 -76.94 -3.18
CA THR S 291 -2.40 -75.89 -3.37
C THR S 291 -1.73 -74.75 -4.12
N ARG S 292 -2.52 -73.72 -4.43
CA ARG S 292 -2.00 -72.56 -5.15
C ARG S 292 -2.40 -71.28 -4.43
N LYS S 293 -1.56 -70.27 -4.56
CA LYS S 293 -1.79 -68.95 -3.99
C LYS S 293 -2.06 -67.97 -5.12
N ASP S 294 -3.12 -67.18 -4.99
CA ASP S 294 -3.57 -66.30 -6.06
C ASP S 294 -3.03 -64.89 -5.87
N VAL S 295 -2.76 -64.22 -6.98
CA VAL S 295 -2.31 -62.83 -6.99
C VAL S 295 -3.24 -62.06 -7.89
N VAL S 296 -3.93 -61.06 -7.33
CA VAL S 296 -4.88 -60.27 -8.09
C VAL S 296 -4.39 -58.83 -8.10
N ILE S 297 -3.76 -58.44 -9.20
CA ILE S 297 -3.49 -57.03 -9.44
C ILE S 297 -4.75 -56.39 -10.01
N ASP S 298 -5.13 -55.24 -9.46
CA ASP S 298 -6.34 -54.55 -9.89
C ASP S 298 -6.03 -53.10 -10.21
N THR S 299 -6.98 -52.43 -10.88
CA THR S 299 -6.88 -51.00 -11.11
C THR S 299 -6.97 -50.23 -9.79
N ALA S 300 -6.35 -49.07 -9.77
CA ALA S 300 -6.27 -48.24 -8.59
C ALA S 300 -6.89 -46.88 -8.89
N GLN S 301 -6.86 -46.01 -7.87
CA GLN S 301 -7.54 -44.73 -7.95
C GLN S 301 -6.82 -43.78 -8.89
N HIS S 302 -7.59 -43.05 -9.69
CA HIS S 302 -7.03 -42.03 -10.55
C HIS S 302 -6.77 -40.76 -9.76
N ILE S 303 -5.73 -40.04 -10.14
CA ILE S 303 -5.35 -38.79 -9.49
C ILE S 303 -5.64 -37.67 -10.48
N GLU S 304 -6.79 -37.05 -10.35
CA GLU S 304 -7.25 -36.06 -11.31
C GLU S 304 -6.75 -34.67 -10.97
N ALA S 305 -6.71 -33.82 -11.98
CA ALA S 305 -6.29 -32.44 -11.80
C ALA S 305 -6.92 -31.60 -12.91
N THR S 306 -7.91 -30.79 -12.56
CA THR S 306 -8.48 -29.89 -13.55
C THR S 306 -7.51 -28.75 -13.87
N VAL S 307 -7.36 -28.45 -15.15
CA VAL S 307 -6.45 -27.41 -15.61
C VAL S 307 -7.22 -26.44 -16.50
N PRO S 308 -7.80 -25.37 -15.97
CA PRO S 308 -8.40 -24.35 -16.84
C PRO S 308 -7.32 -23.52 -17.51
N LEU S 309 -7.76 -22.75 -18.50
CA LEU S 309 -6.81 -21.98 -19.31
C LEU S 309 -6.41 -20.69 -18.61
N GLU S 310 -7.38 -19.94 -18.11
CA GLU S 310 -7.11 -18.67 -17.44
C GLU S 310 -6.59 -18.86 -16.03
N VAL S 311 -6.83 -20.02 -15.42
CA VAL S 311 -6.31 -20.28 -14.08
C VAL S 311 -4.80 -20.42 -14.12
N ILE S 312 -4.28 -21.18 -15.07
CA ILE S 312 -2.82 -21.26 -15.25
C ILE S 312 -2.26 -20.06 -15.98
N GLN S 313 -3.10 -19.16 -16.47
CA GLN S 313 -2.64 -17.89 -16.99
C GLN S 313 -2.58 -16.81 -15.91
N ASP S 314 -3.38 -16.94 -14.86
CA ASP S 314 -3.30 -15.99 -13.76
C ASP S 314 -2.07 -16.22 -12.89
N MET S 315 -1.72 -17.48 -12.65
CA MET S 315 -0.55 -17.77 -11.82
C MET S 315 0.74 -17.46 -12.55
N LYS S 316 0.76 -17.59 -13.88
CA LYS S 316 1.96 -17.31 -14.63
C LYS S 316 2.27 -15.82 -14.66
N ALA S 317 1.23 -14.98 -14.63
CA ALA S 317 1.45 -13.54 -14.64
C ALA S 317 1.66 -12.99 -13.24
N THR S 318 0.94 -13.50 -12.24
CA THR S 318 1.04 -12.95 -10.90
C THR S 318 2.28 -13.45 -10.16
N TYR S 319 2.37 -14.76 -9.95
CA TYR S 319 3.41 -15.33 -9.09
C TYR S 319 4.48 -16.08 -9.85
N ASP S 320 4.39 -16.16 -11.19
CA ASP S 320 5.28 -16.95 -12.05
C ASP S 320 5.31 -18.42 -11.64
N ILE S 321 4.16 -18.98 -11.26
CA ILE S 321 4.05 -20.40 -11.05
C ILE S 321 3.74 -21.08 -12.37
N ASP S 322 4.49 -22.13 -12.69
CA ASP S 322 4.07 -23.01 -13.77
C ASP S 322 2.91 -23.85 -13.26
N GLY S 323 1.72 -23.62 -13.84
CA GLY S 323 0.49 -24.20 -13.31
C GLY S 323 0.39 -25.70 -13.45
N VAL S 324 1.14 -26.29 -14.36
CA VAL S 324 1.10 -27.73 -14.56
C VAL S 324 2.26 -28.45 -13.89
N ALA S 325 3.44 -27.81 -13.79
CA ALA S 325 4.58 -28.47 -13.18
C ALA S 325 4.38 -28.64 -11.67
N ARG S 326 3.78 -27.65 -11.03
CA ARG S 326 3.44 -27.78 -9.62
C ARG S 326 2.18 -28.58 -9.40
N LEU S 327 1.46 -28.96 -10.46
CA LEU S 327 0.37 -29.91 -10.35
C LEU S 327 0.77 -31.33 -10.70
N SER S 328 1.62 -31.50 -11.71
CA SER S 328 2.05 -32.84 -12.08
C SER S 328 2.94 -33.45 -11.02
N GLU S 329 3.95 -32.71 -10.56
CA GLU S 329 4.85 -33.21 -9.53
C GLU S 329 4.20 -33.25 -8.15
N THR S 330 3.04 -32.62 -7.99
CA THR S 330 2.21 -32.92 -6.83
C THR S 330 1.53 -34.27 -6.98
N MET S 331 1.01 -34.57 -8.18
CA MET S 331 0.37 -35.85 -8.44
C MET S 331 1.33 -37.01 -8.35
N SER S 332 2.58 -36.79 -8.77
CA SER S 332 3.57 -37.86 -8.70
C SER S 332 3.97 -38.15 -7.26
N GLN S 333 4.02 -37.13 -6.42
CA GLN S 333 4.35 -37.35 -5.01
C GLN S 333 3.19 -37.95 -4.25
N LEU S 334 1.95 -37.62 -4.64
CA LEU S 334 0.80 -38.23 -3.99
C LEU S 334 0.65 -39.69 -4.41
N SER S 335 1.01 -40.00 -5.65
CA SER S 335 1.00 -41.38 -6.10
C SER S 335 2.10 -42.19 -5.45
N SER S 336 3.29 -41.60 -5.28
CA SER S 336 4.42 -42.35 -4.73
C SER S 336 4.25 -42.59 -3.24
N GLN S 337 3.73 -41.61 -2.51
CA GLN S 337 3.48 -41.82 -1.08
C GLN S 337 2.29 -42.73 -0.83
N LYS S 338 1.41 -42.89 -1.81
CA LYS S 338 0.33 -43.86 -1.70
C LYS S 338 0.85 -45.29 -1.77
N VAL S 339 1.94 -45.52 -2.50
CA VAL S 339 2.55 -46.85 -2.60
C VAL S 339 3.10 -47.28 -1.25
N ASP S 340 3.93 -46.44 -0.64
CA ASP S 340 4.64 -46.83 0.56
C ASP S 340 3.77 -46.79 1.80
N LEU S 341 2.65 -46.07 1.76
CA LEU S 341 1.67 -46.23 2.82
C LEU S 341 1.02 -47.60 2.76
N ASP S 342 0.82 -48.12 1.55
CA ASP S 342 0.24 -49.46 1.40
C ASP S 342 1.22 -50.54 1.83
N ILE S 343 2.52 -50.27 1.77
CA ILE S 343 3.51 -51.22 2.27
C ILE S 343 3.44 -51.27 3.79
N ILE S 344 3.32 -50.10 4.44
CA ILE S 344 3.18 -50.05 5.88
C ILE S 344 1.81 -50.56 6.31
N GLU S 345 0.76 -50.34 5.51
CA GLU S 345 -0.53 -50.96 5.79
C GLU S 345 -0.50 -52.47 5.59
N PHE S 346 0.43 -52.97 4.78
CA PHE S 346 0.57 -54.40 4.57
C PHE S 346 1.19 -55.08 5.78
N LEU S 347 2.30 -54.53 6.29
CA LEU S 347 3.14 -55.25 7.24
C LEU S 347 2.45 -55.40 8.60
N ASP S 348 1.77 -54.35 9.07
CA ASP S 348 1.05 -54.52 10.33
C ASP S 348 -0.18 -55.39 10.17
N HIS S 349 -0.66 -55.60 8.95
CA HIS S 349 -1.71 -56.55 8.69
C HIS S 349 -1.18 -57.97 8.56
N GLU S 350 -0.01 -58.14 7.95
CA GLU S 350 0.59 -59.47 7.90
C GLU S 350 1.23 -59.87 9.21
N TYR S 351 1.59 -58.91 10.07
CA TYR S 351 2.00 -59.27 11.42
C TYR S 351 0.80 -59.68 12.25
N LYS S 352 -0.35 -59.06 12.00
CA LYS S 352 -1.54 -59.34 12.78
C LYS S 352 -2.10 -60.73 12.49
N GLU S 353 -1.94 -61.21 11.25
CA GLU S 353 -2.36 -62.57 10.92
C GLU S 353 -1.35 -63.62 11.36
N THR S 354 -0.13 -63.22 11.73
CA THR S 354 0.83 -64.14 12.30
C THR S 354 0.53 -64.45 13.76
N ASP S 355 -0.29 -63.60 14.40
CA ASP S 355 -0.75 -63.74 15.78
C ASP S 355 0.42 -63.75 16.77
N ALA S 356 1.33 -62.79 16.57
CA ALA S 356 2.42 -62.45 17.50
C ALA S 356 3.36 -63.64 17.72
N LYS S 357 3.87 -64.19 16.63
CA LYS S 357 4.80 -65.31 16.76
C LYS S 357 6.18 -64.84 17.20
N TYR S 358 6.62 -63.69 16.69
CA TYR S 358 7.92 -63.13 17.01
C TYR S 358 7.69 -61.74 17.61
N HIS S 359 7.54 -61.69 18.93
CA HIS S 359 7.22 -60.46 19.63
C HIS S 359 8.16 -60.25 20.81
N PHE S 360 9.45 -60.36 20.55
CA PHE S 360 10.46 -60.11 21.58
C PHE S 360 10.52 -58.61 21.87
N SER S 361 10.32 -58.24 23.12
CA SER S 361 10.31 -56.84 23.51
C SER S 361 11.73 -56.35 23.81
N PHE S 362 11.84 -55.06 24.08
CA PHE S 362 13.09 -54.46 24.51
C PHE S 362 12.75 -53.19 25.27
N ASP S 363 13.40 -52.99 26.42
CA ASP S 363 13.13 -51.83 27.26
C ASP S 363 14.29 -50.86 27.16
N VAL S 364 13.98 -49.60 26.88
CA VAL S 364 15.01 -48.56 26.90
C VAL S 364 15.33 -48.18 28.33
N PHE S 365 14.32 -48.19 29.19
CA PHE S 365 14.52 -48.13 30.63
C PHE S 365 15.28 -49.40 31.02
N PRO S 366 16.50 -49.30 31.53
CA PRO S 366 17.26 -50.51 31.87
C PRO S 366 16.66 -51.19 33.10
N HIS S 367 17.03 -52.45 33.27
CA HIS S 367 16.59 -53.20 34.44
C HIS S 367 17.19 -52.58 35.70
N SER S 368 16.48 -52.77 36.82
CA SER S 368 16.84 -52.07 38.04
C SER S 368 18.18 -52.56 38.60
N ASP S 369 18.57 -53.78 38.31
CA ASP S 369 19.94 -54.19 38.62
C ASP S 369 20.87 -54.10 37.41
N TYR S 370 20.86 -52.99 36.68
CA TYR S 370 21.84 -52.79 35.62
C TYR S 370 23.02 -51.97 36.12
N SER S 371 22.73 -50.78 36.68
CA SER S 371 23.69 -49.96 37.41
C SER S 371 24.92 -49.61 36.59
N ALA S 372 24.68 -49.13 35.38
CA ALA S 372 25.73 -48.63 34.52
C ALA S 372 25.11 -47.59 33.60
N HIS S 373 25.85 -47.20 32.57
CA HIS S 373 25.39 -46.13 31.71
C HIS S 373 24.34 -46.64 30.74
N PRO S 374 23.17 -46.02 30.67
CA PRO S 374 22.10 -46.53 29.78
C PRO S 374 22.39 -46.39 28.30
N LYS S 375 23.40 -45.63 27.90
CA LYS S 375 23.81 -45.65 26.50
C LYS S 375 24.46 -46.99 26.15
N ASP S 376 25.12 -47.61 27.12
CA ASP S 376 25.63 -48.96 26.92
C ASP S 376 24.55 -50.02 27.07
N TRP S 377 23.41 -49.67 27.67
CA TRP S 377 22.30 -50.61 27.76
C TRP S 377 21.68 -50.88 26.41
N LEU S 378 21.77 -49.93 25.47
CA LEU S 378 21.18 -50.06 24.15
C LEU S 378 22.00 -50.92 23.21
N GLU S 379 23.00 -51.64 23.71
CA GLU S 379 23.54 -52.82 23.07
C GLU S 379 22.68 -54.06 23.35
N GLY S 380 21.54 -53.86 24.03
CA GLY S 380 20.58 -54.90 24.26
C GLY S 380 19.61 -55.08 23.12
N LEU S 381 19.47 -54.03 22.30
CA LEU S 381 18.61 -54.12 21.14
C LEU S 381 19.21 -55.02 20.07
N ARG S 382 20.54 -55.06 19.98
CA ARG S 382 21.19 -55.91 18.99
C ARG S 382 21.11 -57.39 19.35
N GLU S 383 20.99 -57.72 20.63
CA GLU S 383 20.90 -59.11 21.03
C GLU S 383 19.46 -59.58 21.21
N VAL S 384 18.49 -58.69 21.00
CA VAL S 384 17.12 -59.12 20.79
C VAL S 384 16.88 -59.39 19.31
N ILE S 385 17.45 -58.55 18.45
CA ILE S 385 17.32 -58.73 17.01
C ILE S 385 18.02 -60.01 16.56
N ASP S 386 19.23 -60.25 17.05
CA ASP S 386 19.93 -61.48 16.69
C ASP S 386 19.30 -62.69 17.35
N HIS S 387 18.55 -62.49 18.44
CA HIS S 387 17.72 -63.57 18.97
C HIS S 387 16.45 -63.74 18.15
N THR S 388 16.01 -62.68 17.48
CA THR S 388 14.80 -62.77 16.67
C THR S 388 15.06 -63.48 15.35
N THR S 389 16.13 -63.09 14.66
CA THR S 389 16.40 -63.69 13.35
C THR S 389 16.85 -65.14 13.47
N GLN S 390 17.52 -65.51 14.55
CA GLN S 390 17.84 -66.91 14.78
C GLN S 390 16.62 -67.74 15.14
N SER S 391 15.54 -67.10 15.61
CA SER S 391 14.26 -67.77 15.74
C SER S 391 13.54 -67.88 14.41
N MET S 392 13.87 -67.03 13.45
CA MET S 392 13.28 -67.11 12.13
C MET S 392 14.00 -68.09 11.22
N LYS S 393 15.29 -68.32 11.44
CA LYS S 393 16.03 -69.35 10.72
C LYS S 393 15.94 -70.69 11.40
N ASN S 394 15.09 -70.84 12.41
CA ASN S 394 14.91 -72.10 13.09
C ASN S 394 13.50 -72.66 13.02
N ASP S 395 12.51 -71.84 12.68
CA ASP S 395 11.15 -72.32 12.49
C ASP S 395 10.79 -72.45 11.02
N TYR S 396 11.64 -71.95 10.13
CA TYR S 396 11.42 -72.10 8.71
C TYR S 396 12.62 -72.69 7.99
N LYS S 397 13.70 -72.98 8.71
CA LYS S 397 14.85 -73.78 8.24
C LYS S 397 15.52 -73.18 7.01
N LEU S 398 15.47 -71.85 6.88
CA LEU S 398 16.06 -71.17 5.74
C LEU S 398 17.33 -70.46 6.18
N TYR S 399 18.33 -70.48 5.31
CA TYR S 399 19.68 -70.08 5.71
C TYR S 399 20.35 -69.08 4.77
N ASP S 400 19.84 -68.87 3.56
CA ASP S 400 20.35 -67.83 2.67
C ASP S 400 19.38 -66.65 2.70
N VAL S 401 19.49 -65.84 3.75
CA VAL S 401 18.56 -64.75 3.98
C VAL S 401 19.38 -63.46 3.99
N GLN S 402 18.72 -62.37 3.62
CA GLN S 402 19.26 -61.03 3.90
C GLN S 402 18.13 -60.23 4.53
N PHE S 403 18.10 -60.20 5.85
CA PHE S 403 17.02 -59.55 6.58
C PHE S 403 17.03 -58.06 6.36
N VAL S 404 15.85 -57.46 6.40
CA VAL S 404 15.69 -56.02 6.44
C VAL S 404 14.89 -55.69 7.68
N ILE S 405 15.21 -54.55 8.30
CA ILE S 405 14.49 -54.07 9.47
C ILE S 405 13.98 -52.69 9.12
N VAL S 406 12.67 -52.51 9.18
CA VAL S 406 12.05 -51.21 8.94
C VAL S 406 11.55 -50.67 10.27
N GLY S 407 11.84 -49.40 10.52
CA GLY S 407 11.38 -48.76 11.75
C GLY S 407 11.42 -47.26 11.61
N ASN S 408 10.83 -46.62 12.61
CA ASN S 408 10.90 -45.17 12.74
C ASN S 408 12.37 -44.77 12.91
N PRO S 409 12.84 -43.66 12.32
CA PRO S 409 14.26 -43.34 12.44
C PRO S 409 14.61 -42.64 13.74
N LEU S 410 13.98 -43.09 14.81
CA LEU S 410 14.18 -42.67 16.18
C LEU S 410 14.30 -43.85 17.12
N ASP S 411 13.73 -45.00 16.76
CA ASP S 411 13.99 -46.26 17.40
C ASP S 411 15.12 -47.03 16.75
N VAL S 412 15.44 -46.73 15.49
CA VAL S 412 16.64 -47.32 14.88
C VAL S 412 17.88 -46.57 15.31
N ARG S 413 17.72 -45.39 15.91
CA ARG S 413 18.84 -44.65 16.48
C ARG S 413 19.49 -45.39 17.64
N LEU S 414 18.76 -46.30 18.29
CA LEU S 414 19.33 -47.09 19.36
C LEU S 414 20.28 -48.15 18.86
N ILE S 415 20.27 -48.46 17.57
CA ILE S 415 21.14 -49.51 17.03
C ILE S 415 22.60 -49.07 16.91
N PRO S 416 22.98 -47.95 16.22
CA PRO S 416 24.42 -47.70 16.06
C PRO S 416 25.09 -47.17 17.31
N ASN S 417 24.39 -46.31 18.07
CA ASN S 417 24.88 -45.67 19.30
C ASN S 417 26.19 -44.93 19.06
N VAL S 418 26.21 -44.10 18.01
CA VAL S 418 27.43 -43.41 17.64
C VAL S 418 27.71 -42.27 18.61
N SER S 419 28.99 -42.06 18.91
CA SER S 419 29.39 -40.97 19.78
C SER S 419 29.47 -39.67 19.00
N TRP S 420 29.50 -38.56 19.73
CA TRP S 420 29.53 -37.27 19.09
C TRP S 420 30.94 -36.91 18.66
N THR S 421 31.05 -35.84 17.89
CA THR S 421 32.36 -35.37 17.43
C THR S 421 32.33 -33.84 17.40
N PHE S 422 33.19 -33.23 18.19
CA PHE S 422 33.22 -31.78 18.31
C PHE S 422 34.32 -31.20 17.43
N ASN S 423 34.05 -30.03 16.85
CA ASN S 423 34.99 -29.44 15.92
C ASN S 423 35.17 -27.94 16.10
N GLY S 424 34.44 -27.31 17.02
CA GLY S 424 34.53 -25.88 17.19
C GLY S 424 33.93 -25.13 16.02
N GLY S 425 32.64 -25.31 15.80
CA GLY S 425 31.99 -24.78 14.64
C GLY S 425 31.64 -23.31 14.76
N ASP S 426 31.27 -22.74 13.62
CA ASP S 426 30.88 -21.34 13.52
C ASP S 426 29.99 -21.18 12.29
N ARG S 427 29.64 -19.93 11.97
CA ARG S 427 28.69 -19.69 10.90
C ARG S 427 29.29 -19.89 9.52
N ASN S 428 30.57 -19.55 9.32
CA ASN S 428 31.14 -19.69 7.99
C ASN S 428 31.42 -21.15 7.64
N ALA S 429 31.73 -21.96 8.65
CA ALA S 429 31.93 -23.40 8.45
C ALA S 429 30.63 -24.07 8.89
N ASP S 430 29.67 -24.13 7.97
CA ASP S 430 28.33 -24.57 8.28
C ASP S 430 27.99 -25.77 7.42
N ALA S 431 27.77 -26.92 8.05
CA ALA S 431 27.45 -28.16 7.37
C ALA S 431 26.02 -28.54 7.72
N TYR S 432 25.09 -28.12 6.87
CA TYR S 432 23.66 -28.37 7.07
C TYR S 432 23.39 -29.84 6.75
N SER S 433 23.62 -30.69 7.76
CA SER S 433 23.40 -32.14 7.71
C SER S 433 24.15 -32.77 6.53
N ASN S 434 25.46 -32.60 6.53
CA ASN S 434 26.27 -32.99 5.38
C ASN S 434 26.46 -34.51 5.34
N GLY S 435 27.11 -35.07 6.35
CA GLY S 435 27.40 -36.49 6.33
C GLY S 435 26.52 -37.30 7.25
N ILE S 436 25.25 -36.93 7.34
CA ILE S 436 24.31 -37.60 8.23
C ILE S 436 23.34 -38.38 7.34
N LYS S 437 23.55 -39.69 7.28
CA LYS S 437 22.63 -40.58 6.61
C LYS S 437 22.41 -41.90 7.33
N ILE S 438 23.12 -42.14 8.43
CA ILE S 438 23.13 -43.45 9.07
C ILE S 438 21.98 -43.61 10.04
N ASN S 439 21.15 -42.60 10.21
CA ASN S 439 19.94 -42.74 11.00
C ASN S 439 18.75 -43.13 10.14
N TYR S 440 18.92 -43.21 8.82
CA TYR S 440 17.85 -43.54 7.89
C TYR S 440 18.10 -44.82 7.11
N SER S 441 19.36 -45.14 6.81
CA SER S 441 19.67 -46.32 6.01
C SER S 441 21.07 -46.79 6.36
N LEU S 442 21.17 -47.98 6.93
CA LEU S 442 22.45 -48.50 7.38
C LEU S 442 22.46 -50.02 7.24
N GLY S 443 23.62 -50.57 6.92
CA GLY S 443 23.77 -52.00 6.79
C GLY S 443 24.56 -52.61 7.92
N ALA S 444 23.99 -53.59 8.61
CA ALA S 444 24.61 -54.21 9.77
C ALA S 444 24.91 -55.66 9.45
N ALA S 445 26.11 -56.10 9.81
CA ALA S 445 26.57 -57.46 9.50
C ALA S 445 26.92 -58.16 10.81
N SER S 446 25.92 -58.76 11.45
CA SER S 446 26.12 -59.45 12.71
C SER S 446 26.71 -60.83 12.46
N GLY S 447 26.91 -61.59 13.53
CA GLY S 447 27.28 -62.98 13.40
C GLY S 447 26.13 -63.93 13.23
N THR S 448 24.91 -63.44 13.46
CA THR S 448 23.71 -64.23 13.29
C THR S 448 23.17 -64.15 11.88
N ALA S 449 23.19 -62.96 11.28
CA ALA S 449 22.66 -62.74 9.94
C ALA S 449 23.29 -61.47 9.37
N ASN S 450 22.75 -61.02 8.24
CA ASN S 450 23.08 -59.72 7.68
C ASN S 450 21.82 -58.85 7.69
N TYR S 451 22.01 -57.55 7.64
CA TYR S 451 20.90 -56.62 7.76
C TYR S 451 21.06 -55.48 6.77
N ARG S 452 19.93 -54.93 6.35
CA ARG S 452 19.86 -53.81 5.41
C ARG S 452 18.85 -52.80 5.95
N ILE S 453 19.09 -52.37 7.19
CA ILE S 453 18.10 -51.64 7.99
C ILE S 453 17.71 -50.32 7.34
N ILE S 454 16.40 -50.08 7.25
CA ILE S 454 15.85 -48.91 6.60
C ILE S 454 15.01 -48.16 7.63
N GLY S 455 15.32 -46.89 7.83
CA GLY S 455 14.54 -46.02 8.68
C GLY S 455 13.71 -45.07 7.83
N SER S 456 12.46 -44.89 8.21
CA SER S 456 11.56 -43.99 7.49
C SER S 456 10.50 -43.49 8.46
N ASP S 457 10.20 -42.21 8.38
CA ASP S 457 9.35 -41.57 9.39
C ASP S 457 7.86 -41.79 9.15
N LEU S 458 7.50 -42.48 8.07
CA LEU S 458 6.08 -42.71 7.81
C LEU S 458 5.51 -43.77 8.74
N VAL S 459 6.33 -44.70 9.21
CA VAL S 459 5.84 -45.72 10.11
C VAL S 459 5.74 -45.14 11.52
N ARG S 460 4.79 -45.66 12.30
CA ARG S 460 4.58 -45.18 13.66
C ARG S 460 5.75 -45.55 14.55
N GLN S 461 6.10 -44.63 15.45
CA GLN S 461 7.18 -44.87 16.38
C GLN S 461 6.74 -45.83 17.47
N GLY S 462 7.60 -46.77 17.81
CA GLY S 462 7.33 -47.66 18.92
C GLY S 462 7.61 -49.12 18.66
N GLU S 463 7.78 -49.49 17.39
CA GLU S 463 7.98 -50.87 17.01
C GLU S 463 9.23 -50.98 16.14
N LEU S 464 9.61 -52.22 15.85
CA LEU S 464 10.69 -52.50 14.91
C LEU S 464 10.31 -53.76 14.15
N THR S 465 9.97 -53.61 12.87
CA THR S 465 9.50 -54.71 12.06
C THR S 465 10.67 -55.32 11.30
N ILE S 466 10.83 -56.64 11.44
CA ILE S 466 11.90 -57.37 10.77
C ILE S 466 11.27 -58.24 9.69
N ILE S 467 11.81 -58.15 8.48
CA ILE S 467 11.30 -58.87 7.32
C ILE S 467 12.43 -59.72 6.76
N ALA S 468 12.16 -61.00 6.54
CA ALA S 468 13.14 -61.91 5.97
C ALA S 468 13.03 -61.91 4.45
N ILE S 469 14.16 -61.83 3.78
CA ILE S 469 14.23 -61.86 2.32
C ILE S 469 15.11 -63.03 1.91
N PRO S 470 14.53 -64.08 1.34
CA PRO S 470 15.33 -65.24 0.94
C PRO S 470 16.07 -64.97 -0.35
N GLN S 471 17.14 -65.72 -0.56
CA GLN S 471 18.02 -65.47 -1.70
C GLN S 471 17.48 -66.11 -2.97
N GLN S 472 17.18 -67.41 -2.92
CA GLN S 472 16.82 -68.14 -4.12
C GLN S 472 15.40 -67.80 -4.56
N ASP S 473 15.12 -68.08 -5.83
CA ASP S 473 13.80 -67.81 -6.40
C ASP S 473 12.76 -68.83 -6.00
N ASN S 474 13.18 -69.98 -5.46
CA ASN S 474 12.25 -71.03 -5.07
C ASN S 474 11.37 -70.58 -3.91
N TYR S 475 11.99 -70.13 -2.83
CA TYR S 475 11.27 -69.78 -1.62
C TYR S 475 11.04 -68.28 -1.59
N LYS S 476 9.76 -67.87 -1.63
CA LYS S 476 9.39 -66.48 -1.51
C LYS S 476 8.45 -66.30 -0.34
N THR S 477 8.55 -65.15 0.32
CA THR S 477 7.71 -64.84 1.46
C THR S 477 7.05 -63.47 1.37
N PHE S 478 7.65 -62.52 0.69
CA PHE S 478 7.09 -61.19 0.49
C PHE S 478 7.50 -60.67 -0.87
N MET S 479 6.57 -60.07 -1.58
CA MET S 479 6.86 -59.62 -2.93
C MET S 479 6.06 -58.36 -3.24
N PHE S 480 6.73 -57.41 -3.89
CA PHE S 480 6.10 -56.19 -4.38
C PHE S 480 5.89 -56.35 -5.88
N TYR S 481 4.65 -56.12 -6.33
CA TYR S 481 4.24 -56.39 -7.70
C TYR S 481 3.78 -55.11 -8.37
N PRO S 482 4.68 -54.34 -8.98
CA PRO S 482 4.25 -53.14 -9.72
C PRO S 482 3.80 -53.50 -11.12
N TYR S 483 2.58 -53.10 -11.47
CA TYR S 483 2.05 -53.47 -12.78
C TYR S 483 2.26 -52.38 -13.82
N THR S 484 1.66 -51.22 -13.62
CA THR S 484 1.60 -50.19 -14.63
C THR S 484 1.72 -48.81 -14.00
N PHE S 485 1.89 -47.82 -14.87
CA PHE S 485 1.95 -46.42 -14.46
C PHE S 485 1.52 -45.61 -15.67
N ASN S 486 0.27 -45.15 -15.66
CA ASN S 486 -0.32 -44.49 -16.81
C ASN S 486 -0.55 -43.02 -16.53
N VAL S 487 -0.11 -42.18 -17.45
CA VAL S 487 -0.32 -40.75 -17.40
C VAL S 487 -0.99 -40.31 -18.69
N VAL S 488 -2.00 -39.45 -18.59
CA VAL S 488 -2.71 -38.91 -19.74
C VAL S 488 -2.79 -37.40 -19.62
N ASN S 489 -2.50 -36.70 -20.71
CA ASN S 489 -2.66 -35.24 -20.78
C ASN S 489 -4.01 -34.87 -21.37
N GLY S 490 -5.07 -35.41 -20.79
CA GLY S 490 -6.40 -35.28 -21.37
C GLY S 490 -6.74 -36.51 -22.19
N GLY S 491 -6.80 -36.37 -23.50
CA GLY S 491 -6.99 -37.51 -24.37
C GLY S 491 -8.36 -38.14 -24.31
N GLY S 492 -9.39 -37.38 -23.94
CA GLY S 492 -10.73 -37.90 -23.87
C GLY S 492 -11.19 -38.30 -22.49
N TYR S 493 -10.36 -38.15 -21.47
CA TYR S 493 -10.73 -38.46 -20.10
C TYR S 493 -11.27 -37.19 -19.46
N LEU S 494 -12.57 -37.15 -19.22
CA LEU S 494 -13.16 -36.01 -18.55
C LEU S 494 -12.82 -36.02 -17.07
N ASN S 495 -13.12 -34.91 -16.41
CA ASN S 495 -13.03 -34.86 -14.96
C ASN S 495 -14.28 -35.45 -14.33
N THR S 496 -14.41 -35.27 -13.02
CA THR S 496 -15.56 -35.79 -12.29
C THR S 496 -16.40 -34.69 -11.67
N ARG S 497 -15.76 -33.65 -11.15
CA ARG S 497 -16.50 -32.49 -10.67
C ARG S 497 -16.83 -31.53 -11.80
N ASN S 498 -15.86 -31.30 -12.69
CA ASN S 498 -15.98 -30.29 -13.73
C ASN S 498 -15.66 -30.93 -15.07
N PRO S 499 -16.64 -31.55 -15.72
CA PRO S 499 -16.36 -32.27 -16.97
C PRO S 499 -16.05 -31.36 -18.15
N ASN S 500 -16.29 -30.06 -18.04
CA ASN S 500 -16.26 -29.17 -19.18
C ASN S 500 -14.90 -28.56 -19.46
N VAL S 501 -13.87 -28.92 -18.69
CA VAL S 501 -12.57 -28.26 -18.78
C VAL S 501 -11.51 -29.32 -19.07
N PRO S 502 -10.38 -28.91 -19.69
CA PRO S 502 -9.30 -29.87 -19.95
C PRO S 502 -8.68 -30.41 -18.67
N ASN S 503 -7.96 -31.52 -18.82
CA ASN S 503 -7.82 -32.48 -17.75
C ASN S 503 -6.41 -33.05 -17.68
N MET S 504 -6.09 -33.64 -16.53
CA MET S 504 -4.83 -34.35 -16.33
C MET S 504 -5.04 -35.41 -15.27
N MET S 505 -4.73 -36.67 -15.59
CA MET S 505 -5.05 -37.79 -14.73
C MET S 505 -3.84 -38.71 -14.57
N MET S 506 -3.60 -39.15 -13.34
CA MET S 506 -2.51 -40.04 -13.01
C MET S 506 -3.05 -41.31 -12.37
N THR S 507 -2.51 -42.46 -12.75
CA THR S 507 -2.87 -43.71 -12.11
C THR S 507 -1.69 -44.67 -12.16
N ARG S 508 -1.73 -45.66 -11.28
CA ARG S 508 -0.66 -46.66 -11.16
C ARG S 508 -1.21 -47.86 -10.41
N ARG S 509 -1.07 -49.05 -10.98
CA ARG S 509 -1.62 -50.27 -10.41
C ARG S 509 -0.51 -51.14 -9.84
N TYR S 510 -0.78 -51.73 -8.68
CA TYR S 510 0.19 -52.58 -8.00
C TYR S 510 -0.54 -53.48 -7.03
N THR S 511 0.19 -54.43 -6.47
CA THR S 511 -0.26 -55.17 -5.29
C THR S 511 0.95 -55.65 -4.52
N VAL S 512 0.72 -56.00 -3.26
CA VAL S 512 1.71 -56.59 -2.38
C VAL S 512 1.16 -57.91 -1.87
N GLU S 513 2.01 -58.92 -1.79
CA GLU S 513 1.55 -60.25 -1.47
C GLU S 513 2.47 -60.90 -0.46
N SER S 514 1.87 -61.77 0.37
CA SER S 514 2.58 -62.48 1.44
C SER S 514 2.33 -63.96 1.25
N PHE S 515 3.31 -64.68 0.72
CA PHE S 515 3.13 -66.11 0.49
C PHE S 515 3.22 -66.90 1.78
N VAL S 516 4.18 -66.56 2.64
CA VAL S 516 4.26 -67.12 3.99
C VAL S 516 4.72 -66.01 4.92
N PRO S 517 4.05 -65.78 6.05
CA PRO S 517 4.39 -64.63 6.90
C PRO S 517 5.62 -64.89 7.75
N ILE S 518 6.74 -64.28 7.37
CA ILE S 518 7.92 -64.21 8.22
C ILE S 518 8.11 -62.77 8.65
N ILE S 519 7.54 -62.40 9.78
CA ILE S 519 7.60 -61.00 10.21
C ILE S 519 7.72 -60.94 11.72
N GLY S 520 8.67 -60.15 12.22
CA GLY S 520 8.93 -60.04 13.63
C GLY S 520 8.86 -58.60 14.08
N ARG S 521 8.20 -58.37 15.21
CA ARG S 521 7.98 -57.04 15.73
C ARG S 521 8.64 -56.91 17.09
N ILE S 522 9.54 -55.94 17.23
CA ILE S 522 10.26 -55.70 18.47
C ILE S 522 9.55 -54.55 19.18
N THR S 523 8.87 -54.87 20.28
CA THR S 523 8.15 -53.86 21.05
C THR S 523 9.16 -53.08 21.89
N ILE S 524 9.58 -51.93 21.37
CA ILE S 524 10.46 -51.05 22.13
C ILE S 524 9.63 -50.25 23.11
N LYS S 525 9.92 -50.40 24.40
CA LYS S 525 9.17 -49.73 25.44
C LYS S 525 9.95 -48.57 26.02
N ASN S 526 9.22 -47.49 26.30
CA ASN S 526 9.72 -46.29 26.99
C ASN S 526 10.86 -45.64 26.23
N ASN S 527 10.70 -45.47 24.92
CA ASN S 527 11.63 -44.71 24.11
C ASN S 527 11.02 -43.34 23.85
N ASN S 528 11.14 -42.46 24.86
CA ASN S 528 10.71 -41.08 24.68
C ASN S 528 11.76 -40.10 25.17
N GLY S 529 13.00 -40.55 25.36
CA GLY S 529 14.06 -39.71 25.88
C GLY S 529 14.02 -39.48 27.37
N SER S 530 13.05 -40.05 28.08
CA SER S 530 12.93 -39.86 29.52
C SER S 530 13.67 -40.91 30.33
N VAL S 531 14.67 -41.57 29.73
CA VAL S 531 15.43 -42.56 30.46
C VAL S 531 16.46 -41.90 31.38
N TYR S 532 16.86 -40.67 31.09
CA TYR S 532 17.75 -39.93 31.98
C TYR S 532 17.02 -38.98 32.90
N ALA S 533 15.72 -38.76 32.69
CA ALA S 533 14.96 -37.82 33.50
C ALA S 533 13.95 -38.51 34.40
N ARG S 534 13.98 -39.84 34.47
CA ARG S 534 13.04 -40.57 35.30
C ARG S 534 13.41 -40.46 36.77
N MET T 81 3.02 75.23 4.76
CA MET T 81 1.73 75.86 4.89
C MET T 81 0.72 74.95 5.56
N GLY T 82 -0.54 75.35 5.48
CA GLY T 82 -1.64 74.63 6.07
C GLY T 82 -1.90 73.25 5.49
N PRO T 83 -2.34 73.17 4.23
CA PRO T 83 -2.71 71.86 3.67
C PRO T 83 -1.53 70.94 3.41
N ILE T 84 -0.32 71.46 3.30
CA ILE T 84 0.84 70.63 2.99
C ILE T 84 1.23 69.84 4.23
N GLN T 85 1.13 68.51 4.14
CA GLN T 85 1.40 67.67 5.28
C GLN T 85 2.91 67.59 5.54
N PRO T 86 3.36 67.78 6.78
CA PRO T 86 4.80 67.77 7.05
C PRO T 86 5.36 66.36 7.18
N TYR T 87 6.57 66.19 6.66
CA TYR T 87 7.27 64.91 6.69
C TYR T 87 8.47 65.01 7.62
N ALA T 88 8.43 64.23 8.70
CA ALA T 88 9.47 64.23 9.71
C ALA T 88 10.59 63.29 9.25
N SER T 89 11.74 63.85 8.94
CA SER T 89 12.85 63.08 8.38
C SER T 89 13.57 62.31 9.49
N LEU T 90 14.70 61.68 9.15
CA LEU T 90 15.43 60.84 10.08
C LEU T 90 16.88 61.32 10.13
N SER T 91 17.31 61.75 11.31
CA SER T 91 18.70 62.14 11.53
C SER T 91 19.55 60.89 11.70
N MET T 92 20.76 60.96 11.16
CA MET T 92 21.67 59.82 11.08
C MET T 92 22.20 59.26 12.41
N PRO T 93 22.56 60.05 13.45
CA PRO T 93 22.96 59.41 14.72
C PRO T 93 21.80 58.71 15.42
N ILE T 94 22.16 57.79 16.30
CA ILE T 94 21.23 56.79 16.80
C ILE T 94 20.91 56.94 18.29
N LEU T 95 21.73 57.68 19.05
CA LEU T 95 21.50 58.05 20.45
C LEU T 95 21.34 56.82 21.36
N VAL T 96 22.43 56.08 21.50
CA VAL T 96 22.44 54.95 22.43
C VAL T 96 22.42 55.46 23.87
N LYS T 97 22.07 54.56 24.78
CA LYS T 97 22.25 54.81 26.20
C LYS T 97 23.63 54.35 26.63
N LEU T 98 24.06 54.80 27.79
CA LEU T 98 25.43 54.62 28.24
C LEU T 98 25.51 53.69 29.42
N TRP T 99 26.65 53.01 29.53
CA TRP T 99 26.89 52.01 30.56
C TRP T 99 27.95 52.49 31.54
N ALA T 100 27.94 51.88 32.72
CA ALA T 100 28.97 52.16 33.71
C ALA T 100 30.28 51.48 33.30
N ARG T 101 31.37 52.21 33.43
CA ARG T 101 32.68 51.61 33.18
C ARG T 101 33.05 50.69 34.34
N LEU T 102 33.94 49.74 34.05
CA LEU T 102 34.15 48.58 34.92
C LEU T 102 35.58 48.54 35.40
N ALA T 103 35.75 48.60 36.72
CA ALA T 103 37.09 48.52 37.31
C ALA T 103 37.14 47.63 38.55
N LEU T 104 36.03 47.02 38.97
CA LEU T 104 36.03 46.23 40.20
C LEU T 104 36.73 44.90 40.03
N THR T 105 36.92 44.44 38.79
CA THR T 105 37.72 43.24 38.56
C THR T 105 39.20 43.44 38.88
N GLU T 106 39.67 44.69 38.81
CA GLU T 106 41.05 44.99 39.17
C GLU T 106 41.26 45.04 40.67
N ALA T 107 40.19 45.04 41.46
CA ALA T 107 40.34 45.14 42.91
C ALA T 107 40.87 43.84 43.50
N LEU T 108 40.10 42.77 43.36
CA LEU T 108 40.49 41.51 43.99
C LEU T 108 41.57 40.82 43.17
N PRO T 109 42.56 40.22 43.82
CA PRO T 109 43.58 39.47 43.08
C PRO T 109 42.99 38.18 42.55
N THR T 110 43.26 37.89 41.28
CA THR T 110 42.57 36.83 40.59
C THR T 110 43.55 35.81 40.03
N GLN T 111 43.01 34.61 39.81
CA GLN T 111 43.73 33.54 39.15
C GLN T 111 42.66 32.61 38.59
N VAL T 112 42.82 32.22 37.32
CA VAL T 112 41.80 31.40 36.67
C VAL T 112 41.84 30.00 37.26
N ALA T 113 40.68 29.36 37.33
CA ALA T 113 40.59 28.03 37.90
C ALA T 113 40.51 27.01 36.79
N ASN T 114 41.31 25.96 36.89
CA ASN T 114 41.30 24.89 35.90
C ASN T 114 40.44 23.72 36.32
N LYS T 115 39.90 23.73 37.53
CA LYS T 115 38.99 22.71 38.00
C LYS T 115 37.83 23.39 38.69
N PRO T 116 36.60 22.90 38.51
CA PRO T 116 35.44 23.54 39.13
C PRO T 116 35.29 23.26 40.61
N ASN T 117 36.13 22.39 41.18
CA ASN T 117 36.08 22.12 42.61
C ASN T 117 37.47 21.76 43.08
N PHE T 118 37.95 22.44 44.12
CA PHE T 118 39.22 22.10 44.72
C PHE T 118 39.23 22.58 46.16
N THR T 119 40.16 22.04 46.94
CA THR T 119 40.40 22.45 48.32
C THR T 119 41.80 23.02 48.43
N VAL T 120 41.98 23.85 49.46
CA VAL T 120 43.30 24.37 49.81
C VAL T 120 43.48 24.11 51.30
N PRO T 121 44.64 23.61 51.73
CA PRO T 121 44.82 23.33 53.16
C PRO T 121 45.36 24.54 53.91
N ILE T 122 45.11 24.55 55.21
CA ILE T 122 45.79 25.47 56.11
C ILE T 122 46.72 24.63 56.99
N LEU T 123 47.59 25.30 57.72
CA LEU T 123 48.59 24.62 58.54
C LEU T 123 48.78 25.41 59.83
N THR T 124 48.10 24.97 60.88
CA THR T 124 48.24 25.64 62.17
C THR T 124 48.94 24.73 63.16
N PRO T 125 49.76 25.27 64.06
CA PRO T 125 50.34 24.46 65.13
C PRO T 125 49.50 24.54 66.38
N TYR T 126 49.75 23.60 67.29
CA TYR T 126 49.02 23.51 68.54
C TYR T 126 50.00 23.30 69.68
N VAL T 127 49.59 23.75 70.87
CA VAL T 127 50.31 23.48 72.11
C VAL T 127 49.33 22.82 73.08
N VAL T 128 49.74 21.70 73.67
CA VAL T 128 48.82 20.81 74.38
C VAL T 128 48.46 21.30 75.77
N ASP T 129 48.92 22.48 76.19
CA ASP T 129 48.60 23.19 77.44
C ASP T 129 49.16 22.45 78.68
N ALA T 130 49.85 21.32 78.50
CA ALA T 130 50.45 20.47 79.54
C ALA T 130 49.44 19.93 80.55
N ASP T 131 48.13 19.99 80.27
CA ASP T 131 47.14 19.34 81.10
C ASP T 131 45.98 18.80 80.27
N GLY T 132 46.22 18.46 79.01
CA GLY T 132 45.12 18.04 78.17
C GLY T 132 45.00 18.73 76.82
N ASN T 133 43.94 19.54 76.67
CA ASN T 133 43.48 20.02 75.38
C ASN T 133 44.49 20.97 74.73
N LYS T 134 44.40 21.06 73.41
CA LYS T 134 45.31 21.85 72.60
C LYS T 134 44.89 23.32 72.60
N HIS T 135 45.72 24.15 71.97
CA HIS T 135 45.46 25.58 71.81
C HIS T 135 46.08 26.03 70.50
N ALA T 136 45.34 26.86 69.75
CA ALA T 136 45.86 27.41 68.52
C ALA T 136 47.02 28.35 68.82
N LEU T 137 48.15 28.12 68.16
CA LEU T 137 49.39 28.69 68.67
C LEU T 137 49.54 30.19 68.41
N PRO T 138 49.53 30.74 67.18
CA PRO T 138 49.84 32.18 67.08
C PRO T 138 48.61 33.05 67.31
N GLU T 139 47.80 32.68 68.29
CA GLU T 139 46.70 33.43 68.86
C GLU T 139 46.76 33.46 70.38
N SER T 140 47.15 32.35 71.02
CA SER T 140 47.14 32.25 72.47
C SER T 140 48.40 32.78 73.11
N ILE T 141 49.41 33.11 72.32
CA ILE T 141 50.62 33.74 72.86
C ILE T 141 50.71 35.15 72.31
N ASN T 142 49.56 35.75 72.06
CA ASN T 142 49.49 37.16 71.74
C ASN T 142 48.88 37.98 72.86
N ASN T 143 48.57 37.34 73.99
CA ASN T 143 48.16 38.03 75.20
C ASN T 143 49.32 38.08 76.18
N THR T 144 49.24 39.03 77.10
CA THR T 144 50.32 39.21 78.07
C THR T 144 50.41 38.13 79.15
N PRO T 145 49.37 37.87 79.99
CA PRO T 145 49.64 37.02 81.16
C PRO T 145 49.41 35.54 80.86
N GLU T 146 50.17 35.01 79.91
CA GLU T 146 49.93 33.65 79.43
C GLU T 146 50.47 32.62 80.42
N THR T 147 49.59 31.71 80.82
CA THR T 147 49.99 30.57 81.66
C THR T 147 50.12 29.30 80.82
N LEU T 148 50.98 29.37 79.81
CA LEU T 148 51.10 28.24 78.89
C LEU T 148 52.52 27.72 78.74
N VAL T 149 53.53 28.58 78.78
CA VAL T 149 54.89 28.16 78.52
C VAL T 149 55.73 28.07 79.79
N GLY T 150 55.47 28.93 80.78
CA GLY T 150 56.30 29.00 81.96
C GLY T 150 56.22 27.78 82.86
N LEU T 151 57.12 27.76 83.83
CA LEU T 151 57.30 26.60 84.70
C LEU T 151 56.14 26.46 85.68
N VAL T 152 56.13 25.35 86.39
CA VAL T 152 55.05 25.01 87.31
C VAL T 152 55.15 25.89 88.54
N GLN T 153 54.12 26.70 88.79
CA GLN T 153 54.07 27.49 90.01
C GLN T 153 53.74 26.57 91.18
N ILE T 154 54.28 26.90 92.35
CA ILE T 154 54.16 25.99 93.49
C ILE T 154 52.77 26.09 94.10
N LYS T 155 52.50 27.24 94.71
CA LYS T 155 51.33 27.53 95.53
C LYS T 155 51.53 28.97 95.98
N GLU T 156 50.50 29.56 96.59
CA GLU T 156 50.65 30.86 97.21
C GLU T 156 50.52 30.78 98.72
N ASP T 157 49.39 30.31 99.25
CA ASP T 157 49.07 30.47 100.66
C ASP T 157 49.86 29.48 101.51
N ILE T 158 50.65 30.00 102.43
CA ILE T 158 51.36 29.21 103.44
C ILE T 158 50.91 29.76 104.78
N ALA T 159 50.01 29.06 105.46
CA ALA T 159 49.51 29.51 106.75
C ALA T 159 50.47 29.01 107.83
N VAL T 160 51.14 29.93 108.50
CA VAL T 160 52.07 29.57 109.57
C VAL T 160 51.38 29.79 110.90
N GLU T 161 51.80 29.03 111.91
CA GLU T 161 51.14 29.03 113.21
C GLU T 161 52.13 29.54 114.24
N GLY T 162 51.64 30.41 115.12
CA GLY T 162 52.54 31.11 116.01
C GLY T 162 53.32 32.13 115.20
N GLY T 163 54.59 31.85 114.94
CA GLY T 163 55.37 32.70 114.06
C GLY T 163 56.28 31.90 113.17
N LYS T 164 56.10 30.59 113.14
CA LYS T 164 57.05 29.73 112.46
C LYS T 164 56.39 28.42 112.06
N VAL T 165 56.90 27.82 111.00
CA VAL T 165 56.63 26.43 110.66
C VAL T 165 57.93 25.73 110.31
N THR T 166 58.08 24.53 110.85
CA THR T 166 59.10 23.58 110.41
C THR T 166 58.41 22.43 109.72
N ASP T 167 59.22 21.63 109.00
CA ASP T 167 58.78 20.42 108.32
C ASP T 167 57.69 20.68 107.29
N TYR T 168 57.71 21.85 106.64
CA TYR T 168 56.69 22.21 105.67
C TYR T 168 57.13 21.76 104.28
N ASP T 169 56.44 20.77 103.74
CA ASP T 169 56.63 20.37 102.36
C ASP T 169 56.04 21.43 101.44
N LEU T 170 56.87 22.01 100.58
CA LEU T 170 56.38 23.08 99.72
C LEU T 170 55.57 22.55 98.55
N PHE T 171 55.91 21.35 98.05
CA PHE T 171 55.23 20.78 96.89
C PHE T 171 53.90 20.16 97.30
N THR T 172 52.97 21.02 97.69
CA THR T 172 51.67 20.60 98.21
C THR T 172 50.59 21.06 97.24
N GLY T 173 49.74 20.12 96.82
CA GLY T 173 48.72 20.40 95.85
C GLY T 173 49.14 20.22 94.41
N LEU T 174 50.44 20.11 94.15
CA LEU T 174 50.91 19.86 92.80
C LEU T 174 50.66 18.42 92.41
N LYS T 175 50.35 18.21 91.13
CA LYS T 175 49.96 16.89 90.68
C LYS T 175 51.15 15.97 90.53
N GLU T 176 50.97 14.72 90.97
CA GLU T 176 52.03 13.73 90.90
C GLU T 176 52.29 13.30 89.47
N GLY T 177 53.57 13.09 89.15
CA GLY T 177 53.94 12.51 87.88
C GLY T 177 53.95 13.48 86.72
N LYS T 178 52.80 14.10 86.43
CA LYS T 178 52.71 15.00 85.30
C LYS T 178 53.38 16.34 85.58
N GLU T 179 53.51 16.71 86.86
CA GLU T 179 54.12 17.98 87.23
C GLU T 179 55.36 17.81 88.08
N VAL T 180 55.27 17.07 89.17
CA VAL T 180 56.37 16.96 90.12
C VAL T 180 56.46 15.50 90.59
N ARG T 181 57.69 15.08 90.89
CA ARG T 181 57.97 13.75 91.38
C ARG T 181 58.79 13.90 92.66
N LYS T 182 58.15 13.67 93.81
CA LYS T 182 58.71 14.03 95.11
C LYS T 182 59.96 13.20 95.42
N GLY T 183 61.04 13.90 95.73
CA GLY T 183 62.31 13.26 95.95
C GLY T 183 63.17 13.12 94.71
N ILE T 184 62.71 13.60 93.57
CA ILE T 184 63.44 13.45 92.32
C ILE T 184 63.82 14.82 91.78
N ASP T 185 62.82 15.64 91.44
CA ASP T 185 63.10 16.97 90.91
C ASP T 185 63.01 18.01 92.02
N ARG T 186 63.76 19.08 91.86
CA ARG T 186 64.03 20.04 92.91
C ARG T 186 63.28 21.34 92.69
N LEU T 187 63.22 22.14 93.75
CA LEU T 187 62.69 23.48 93.65
C LEU T 187 63.72 24.39 92.99
N ASP T 188 63.24 25.48 92.39
CA ASP T 188 64.11 26.30 91.56
C ASP T 188 64.56 27.54 92.33
N ARG T 189 65.71 28.08 91.93
CA ARG T 189 66.37 29.11 92.73
C ARG T 189 65.94 30.53 92.33
N LYS T 190 64.64 30.71 92.13
CA LYS T 190 64.00 32.02 91.96
C LYS T 190 62.91 32.18 92.99
N PHE T 191 63.18 31.69 94.20
CA PHE T 191 62.19 31.77 95.26
C PHE T 191 62.04 33.19 95.76
N LYS T 192 60.81 33.53 96.10
CA LYS T 192 60.49 34.87 96.57
C LYS T 192 59.33 34.77 97.53
N ILE T 193 59.07 35.86 98.23
CA ILE T 193 57.86 36.03 99.01
C ILE T 193 57.31 37.39 98.68
N VAL T 194 56.11 37.44 98.13
CA VAL T 194 55.55 38.69 97.62
C VAL T 194 54.54 39.31 98.55
N GLU T 195 53.91 38.52 99.42
CA GLU T 195 52.92 39.03 100.35
C GLU T 195 53.15 38.35 101.68
N ALA T 196 52.74 39.01 102.77
CA ALA T 196 52.87 38.43 104.10
C ALA T 196 51.87 39.10 105.02
N LYS T 197 50.91 38.35 105.52
CA LYS T 197 49.90 38.88 106.42
C LYS T 197 50.31 38.62 107.86
N TRP T 198 50.46 39.69 108.64
CA TRP T 198 50.78 39.56 110.05
C TRP T 198 49.50 39.38 110.86
N SER T 199 49.66 39.33 112.18
CA SER T 199 48.48 39.31 113.03
C SER T 199 47.83 40.68 113.14
N ASP T 200 48.57 41.73 112.82
CA ASP T 200 48.05 43.10 112.88
C ASP T 200 48.53 43.91 111.69
N SER T 201 48.48 43.31 110.51
CA SER T 201 48.96 43.99 109.31
C SER T 201 47.87 44.89 108.74
N PHE T 202 48.14 45.50 107.60
CA PHE T 202 47.17 46.33 106.90
C PHE T 202 47.33 46.11 105.41
N ASP T 203 46.21 46.14 104.67
CA ASP T 203 46.22 45.59 103.33
C ASP T 203 46.85 46.53 102.31
N GLU T 204 46.42 47.81 102.31
CA GLU T 204 46.79 48.92 101.42
C GLU T 204 46.18 48.75 100.02
N ARG T 205 45.60 47.60 99.73
CA ARG T 205 44.76 47.44 98.55
C ARG T 205 43.29 47.54 98.90
N THR T 206 42.85 46.83 99.92
CA THR T 206 41.65 47.19 100.65
C THR T 206 42.07 47.96 101.90
N SER T 207 41.13 48.21 102.79
CA SER T 207 41.41 48.88 104.05
C SER T 207 41.27 47.93 105.23
N ALA T 208 41.66 46.69 105.05
CA ALA T 208 41.51 45.65 106.06
C ALA T 208 42.87 45.18 106.53
N ALA T 209 42.85 44.21 107.45
CA ALA T 209 44.09 43.63 107.98
C ALA T 209 44.47 42.44 107.12
N GLY T 210 45.03 42.74 105.95
CA GLY T 210 45.41 41.70 105.02
C GLY T 210 46.90 41.63 104.77
N PHE T 211 47.27 41.24 103.56
CA PHE T 211 48.68 41.08 103.21
C PHE T 211 49.29 42.43 102.88
N VAL T 212 50.61 42.50 102.94
CA VAL T 212 51.33 43.70 102.54
C VAL T 212 52.08 43.43 101.24
N GLU T 213 52.02 44.39 100.32
CA GLU T 213 52.79 44.31 99.10
C GLU T 213 54.25 44.63 99.42
N LEU T 214 55.16 43.82 98.87
CA LEU T 214 56.58 44.05 99.06
C LEU T 214 57.16 44.53 97.74
N GLY T 215 57.40 45.82 97.63
CA GLY T 215 57.98 46.39 96.43
C GLY T 215 59.43 46.74 96.64
N SER T 216 60.32 46.00 95.96
CA SER T 216 61.78 46.05 96.12
C SER T 216 62.22 45.77 97.55
N ASN T 217 61.41 45.05 98.33
CA ASN T 217 61.82 44.52 99.61
C ASN T 217 61.28 43.11 99.78
N VAL T 218 61.09 42.39 98.67
CA VAL T 218 60.82 40.97 98.72
C VAL T 218 62.04 40.26 99.27
N VAL T 219 61.82 39.13 99.94
CA VAL T 219 62.91 38.33 100.46
C VAL T 219 63.26 37.27 99.41
N LYS T 220 64.33 37.53 98.67
CA LYS T 220 64.73 36.64 97.59
C LYS T 220 65.74 35.62 98.09
N LEU T 221 65.98 34.61 97.27
CA LEU T 221 66.84 33.50 97.68
C LEU T 221 68.29 33.93 97.55
N GLN T 222 68.93 34.19 98.68
CA GLN T 222 70.33 34.59 98.71
C GLN T 222 71.20 33.33 98.68
N ASP T 223 72.50 33.52 98.93
CA ASP T 223 73.41 32.38 98.92
C ASP T 223 73.19 31.52 100.16
N ASN T 224 73.63 30.25 100.04
CA ASN T 224 73.35 29.16 100.97
C ASN T 224 71.84 28.94 101.15
N ASP T 225 71.05 29.31 100.13
CA ASP T 225 69.62 29.03 100.03
C ASP T 225 68.82 29.58 101.20
N THR T 226 69.17 30.79 101.63
CA THR T 226 68.58 31.42 102.81
C THR T 226 67.67 32.57 102.41
N LEU T 227 66.71 32.86 103.29
CA LEU T 227 65.77 33.96 103.08
C LEU T 227 65.70 34.77 104.36
N VAL T 228 66.31 35.94 104.35
CA VAL T 228 66.26 36.86 105.48
C VAL T 228 65.80 38.22 104.95
N GLY T 229 65.13 38.98 105.81
CA GLY T 229 64.68 40.29 105.40
C GLY T 229 63.98 41.08 106.47
N GLN T 230 64.37 42.34 106.60
CA GLN T 230 63.84 43.27 107.58
C GLN T 230 62.88 44.20 106.86
N ILE T 231 61.58 43.93 107.00
CA ILE T 231 60.55 44.68 106.29
C ILE T 231 59.59 45.29 107.29
N LYS T 232 59.14 46.49 106.99
CA LYS T 232 58.28 47.28 107.86
C LYS T 232 56.86 47.22 107.30
N TYR T 233 55.94 46.72 108.08
CA TYR T 233 54.59 46.64 107.56
C TYR T 233 53.69 47.67 108.24
N PRO T 234 52.76 48.25 107.49
CA PRO T 234 51.76 49.12 108.13
C PRO T 234 50.77 48.31 108.94
N THR T 235 50.42 48.85 110.11
CA THR T 235 49.37 48.27 110.94
C THR T 235 48.06 49.03 110.82
N ASN T 236 48.10 50.34 110.95
CA ASN T 236 46.96 51.19 110.69
C ASN T 236 47.15 51.91 109.37
N GLY T 237 46.06 52.10 108.65
CA GLY T 237 46.11 52.85 107.41
C GLY T 237 46.29 54.32 107.67
N ASP T 238 45.30 54.94 108.30
CA ASP T 238 45.41 56.32 108.75
C ASP T 238 46.09 56.31 110.12
N GLY T 239 47.35 56.74 110.14
CA GLY T 239 48.15 56.70 111.34
C GLY T 239 49.53 56.18 111.01
N GLU T 240 49.58 55.24 110.05
CA GLU T 240 50.78 54.60 109.47
C GLU T 240 51.86 54.31 110.52
N VAL T 241 51.50 53.53 111.54
CA VAL T 241 52.39 53.38 112.68
C VAL T 241 53.59 52.49 112.35
N GLU T 242 53.47 51.64 111.32
CA GLU T 242 54.58 50.98 110.63
C GLU T 242 55.43 50.13 111.56
N THR T 243 54.79 49.08 112.08
CA THR T 243 55.49 48.14 112.94
C THR T 243 56.50 47.33 112.12
N ASP T 244 57.69 47.18 112.67
CA ASP T 244 58.77 46.48 112.00
C ASP T 244 58.91 45.06 112.54
N THR T 245 59.21 44.13 111.63
CA THR T 245 59.44 42.74 112.01
C THR T 245 60.34 42.10 110.97
N ILE T 246 61.44 41.51 111.42
CA ILE T 246 62.35 40.78 110.55
C ILE T 246 61.88 39.34 110.47
N LEU T 247 62.15 38.69 109.35
CA LEU T 247 61.88 37.27 109.16
C LEU T 247 63.08 36.63 108.50
N GLY T 248 63.64 35.64 109.16
CA GLY T 248 64.77 34.90 108.63
C GLY T 248 64.45 33.44 108.57
N LYS T 249 64.74 32.83 107.41
CA LYS T 249 64.36 31.45 107.21
C LYS T 249 65.28 30.85 106.17
N VAL T 250 65.30 29.52 106.13
CA VAL T 250 66.06 28.79 105.12
C VAL T 250 65.10 27.85 104.42
N ASP T 251 65.41 27.52 103.17
CA ASP T 251 64.69 26.47 102.47
C ASP T 251 65.69 25.71 101.63
N VAL T 252 65.45 24.42 101.47
CA VAL T 252 66.38 23.58 100.74
C VAL T 252 65.89 23.40 99.30
N SER T 253 66.85 23.31 98.39
CA SER T 253 66.51 23.09 96.99
C SER T 253 66.12 21.64 96.74
N SER T 254 66.87 20.69 97.29
CA SER T 254 66.66 19.29 96.99
C SER T 254 65.40 18.76 97.68
N GLY T 255 65.30 18.94 98.99
CA GLY T 255 64.27 18.28 99.76
C GLY T 255 62.96 19.04 99.92
N GLU T 256 62.73 20.01 99.01
CA GLU T 256 61.55 20.88 98.90
C GLU T 256 61.00 21.41 100.23
N LEU T 257 61.89 21.75 101.15
CA LEU T 257 61.52 21.95 102.54
C LEU T 257 61.87 23.37 102.97
N THR T 258 60.86 24.14 103.35
CA THR T 258 61.06 25.48 103.89
C THR T 258 61.02 25.45 105.42
N LEU T 259 61.67 26.45 106.01
CA LEU T 259 61.89 26.53 107.47
C LEU T 259 61.52 27.91 107.95
N THR T 260 60.30 28.34 107.65
CA THR T 260 59.80 29.69 107.94
C THR T 260 59.84 29.98 109.44
N SER T 261 60.40 31.14 109.80
CA SER T 261 60.45 31.60 111.18
C SER T 261 60.46 33.12 111.20
N ALA T 262 59.44 33.71 111.82
CA ALA T 262 59.42 35.14 112.08
C ALA T 262 60.04 35.40 113.45
N SER T 263 59.88 36.62 113.95
CA SER T 263 60.44 36.98 115.25
C SER T 263 59.36 37.24 116.29
N GLY T 264 58.46 38.17 116.03
CA GLY T 264 57.36 38.38 116.96
C GLY T 264 56.21 37.46 116.68
N LYS T 265 55.66 37.56 115.47
CA LYS T 265 54.49 36.82 115.05
C LYS T 265 54.38 36.95 113.54
N LEU T 266 53.57 36.08 112.95
CA LEU T 266 53.25 36.07 111.52
C LEU T 266 52.14 35.05 111.34
N THR T 267 51.26 35.29 110.36
CA THR T 267 50.20 34.35 110.07
C THR T 267 50.32 33.69 108.71
N ASP T 268 50.38 34.47 107.64
CA ASP T 268 50.27 33.93 106.29
C ASP T 268 51.39 34.44 105.41
N VAL T 269 51.82 33.59 104.48
CA VAL T 269 52.89 33.88 103.53
C VAL T 269 52.37 33.58 102.14
N LYS T 270 52.78 34.41 101.17
CA LYS T 270 52.54 34.13 99.76
C LYS T 270 53.86 34.15 99.01
N VAL T 271 54.09 33.14 98.17
CA VAL T 271 55.39 32.91 97.56
C VAL T 271 55.26 32.87 96.04
N LYS T 272 56.41 32.93 95.36
CA LYS T 272 56.50 32.96 93.91
C LYS T 272 57.61 32.03 93.45
N GLY T 273 57.56 30.76 93.87
CA GLY T 273 58.52 29.78 93.45
C GLY T 273 58.10 29.03 92.19
N TYR T 274 59.07 28.33 91.59
CA TYR T 274 58.82 27.43 90.48
C TYR T 274 59.51 26.10 90.74
N VAL T 275 59.06 25.07 90.03
CA VAL T 275 59.73 23.78 90.03
C VAL T 275 60.80 23.80 88.93
N ALA T 276 62.02 23.43 89.29
CA ALA T 276 63.11 23.39 88.33
C ALA T 276 62.89 22.29 87.29
N SER T 277 63.42 22.52 86.11
CA SER T 277 63.26 21.58 85.00
C SER T 277 64.61 21.16 84.46
N GLU T 278 65.64 21.18 85.30
CA GLU T 278 66.91 20.57 84.91
C GLU T 278 66.75 19.06 84.81
N GLN T 279 65.90 18.48 85.65
CA GLN T 279 65.48 17.09 85.52
C GLN T 279 64.16 17.08 84.76
N HIS T 280 64.15 16.42 83.62
CA HIS T 280 63.11 16.61 82.60
C HIS T 280 61.78 15.98 83.00
N THR T 281 61.10 16.58 83.97
CA THR T 281 59.83 16.04 84.43
C THR T 281 58.68 16.47 83.53
N SER T 282 58.45 17.77 83.43
CA SER T 282 57.33 18.30 82.65
C SER T 282 57.86 19.31 81.64
N ALA T 283 57.15 19.41 80.51
CA ALA T 283 57.48 20.36 79.47
C ALA T 283 56.21 20.70 78.71
N THR T 284 56.35 21.34 77.56
CA THR T 284 55.21 21.74 76.73
C THR T 284 55.37 21.08 75.37
N ASN T 285 54.47 20.15 75.05
CA ASN T 285 54.46 19.52 73.75
C ASN T 285 53.78 20.45 72.75
N VAL T 286 54.50 20.82 71.70
CA VAL T 286 53.91 21.59 70.61
C VAL T 286 53.51 20.62 69.50
N GLU T 287 52.25 20.69 69.08
CA GLU T 287 51.67 19.75 68.14
C GLU T 287 51.36 20.46 66.82
N LEU T 288 51.19 19.66 65.77
CA LEU T 288 50.88 20.17 64.44
C LEU T 288 49.44 19.83 64.08
N GLY T 289 48.85 20.62 63.18
CA GLY T 289 47.48 20.40 62.79
C GLY T 289 47.26 20.88 61.36
N LEU T 290 46.15 20.44 60.79
CA LEU T 290 45.88 20.76 59.39
C LEU T 290 44.37 20.74 59.17
N THR T 291 43.92 21.55 58.21
CA THR T 291 42.51 21.69 57.88
C THR T 291 42.43 22.24 56.47
N ARG T 292 41.59 21.63 55.63
CA ARG T 292 41.38 22.10 54.28
C ARG T 292 40.09 22.92 54.21
N LYS T 293 40.06 23.84 53.27
CA LYS T 293 38.89 24.67 53.00
C LYS T 293 38.56 24.57 51.52
N ASP T 294 37.29 24.34 51.20
CA ASP T 294 36.90 24.00 49.84
C ASP T 294 36.65 25.25 48.99
N VAL T 295 36.75 25.06 47.68
CA VAL T 295 36.31 26.05 46.71
C VAL T 295 35.50 25.29 45.67
N VAL T 296 34.24 25.67 45.49
CA VAL T 296 33.36 25.05 44.52
C VAL T 296 32.83 26.15 43.59
N ILE T 297 32.78 25.86 42.30
CA ILE T 297 32.42 26.86 41.30
C ILE T 297 31.01 26.56 40.80
N ASP T 298 30.13 27.55 40.95
CA ASP T 298 28.73 27.46 40.55
C ASP T 298 28.62 27.43 39.03
N THR T 299 27.53 26.85 38.55
CA THR T 299 27.07 27.00 37.18
C THR T 299 26.13 28.21 37.17
N ALA T 300 26.56 29.28 36.53
CA ALA T 300 25.90 30.58 36.68
C ALA T 300 24.71 30.68 35.73
N GLN T 301 24.08 31.86 35.72
CA GLN T 301 22.89 32.11 34.94
C GLN T 301 23.24 32.38 33.48
N HIS T 302 22.39 31.89 32.57
CA HIS T 302 22.54 32.17 31.15
C HIS T 302 21.84 33.47 30.78
N ILE T 303 22.50 34.25 29.94
CA ILE T 303 21.92 35.46 29.36
C ILE T 303 21.62 35.12 27.90
N GLU T 304 20.35 35.00 27.58
CA GLU T 304 19.94 34.61 26.24
C GLU T 304 19.22 35.77 25.55
N ALA T 305 19.04 35.63 24.24
CA ALA T 305 18.38 36.66 23.44
C ALA T 305 17.82 36.00 22.20
N THR T 306 16.50 36.14 22.00
CA THR T 306 15.89 35.62 20.78
C THR T 306 16.31 36.45 19.58
N VAL T 307 16.39 35.81 18.42
CA VAL T 307 16.71 36.52 17.18
C VAL T 307 15.85 35.97 16.03
N PRO T 308 14.63 36.44 15.88
CA PRO T 308 13.81 36.01 14.74
C PRO T 308 14.26 36.69 13.46
N LEU T 309 14.08 35.98 12.35
CA LEU T 309 14.62 36.44 11.06
C LEU T 309 13.85 37.64 10.54
N GLU T 310 12.54 37.68 10.76
CA GLU T 310 11.71 38.78 10.32
C GLU T 310 11.94 40.06 11.13
N VAL T 311 12.37 39.94 12.39
CA VAL T 311 12.68 41.11 13.18
C VAL T 311 14.02 41.71 12.77
N ILE T 312 14.96 40.89 12.32
CA ILE T 312 16.25 41.41 11.86
C ILE T 312 16.20 41.66 10.36
N GLN T 313 15.02 41.48 9.76
CA GLN T 313 14.86 41.79 8.35
C GLN T 313 14.50 43.25 8.13
N ASP T 314 13.61 43.79 8.96
CA ASP T 314 13.19 45.18 8.77
C ASP T 314 14.06 46.15 9.54
N MET T 315 14.61 45.75 10.69
CA MET T 315 15.54 46.61 11.40
C MET T 315 16.88 46.73 10.68
N LYS T 316 17.22 45.78 9.83
CA LYS T 316 18.30 46.00 8.88
C LYS T 316 17.91 46.97 7.78
N ALA T 317 16.61 47.08 7.49
CA ALA T 317 16.14 47.91 6.39
C ALA T 317 15.65 49.27 6.85
N THR T 318 14.87 49.33 7.93
CA THR T 318 14.27 50.59 8.34
C THR T 318 15.30 51.50 8.99
N TYR T 319 15.87 51.06 10.12
CA TYR T 319 16.80 51.87 10.88
C TYR T 319 18.25 51.50 10.63
N ASP T 320 18.51 50.42 9.89
CA ASP T 320 19.85 49.87 9.64
C ASP T 320 20.57 49.55 10.94
N ILE T 321 19.83 49.05 11.93
CA ILE T 321 20.43 48.56 13.16
C ILE T 321 20.61 47.05 13.04
N ASP T 322 21.77 46.57 13.45
CA ASP T 322 22.09 45.17 13.35
C ASP T 322 21.46 44.45 14.53
N GLY T 323 20.54 43.52 14.26
CA GLY T 323 19.88 42.82 15.34
C GLY T 323 20.76 41.82 16.06
N VAL T 324 21.63 41.12 15.32
CA VAL T 324 22.45 40.08 15.93
C VAL T 324 23.69 40.67 16.60
N ALA T 325 24.03 41.92 16.33
CA ALA T 325 25.15 42.57 17.02
C ALA T 325 24.69 43.41 18.20
N ARG T 326 23.60 44.17 18.07
CA ARG T 326 23.13 44.99 19.18
C ARG T 326 22.57 44.14 20.31
N LEU T 327 22.08 42.94 20.00
CA LEU T 327 21.74 42.00 21.07
C LEU T 327 22.95 41.25 21.59
N SER T 328 24.04 41.22 20.83
CA SER T 328 25.26 40.57 21.30
C SER T 328 25.96 41.43 22.34
N GLU T 329 26.12 42.72 22.07
CA GLU T 329 26.77 43.60 23.04
C GLU T 329 25.86 43.95 24.20
N THR T 330 24.55 43.75 24.08
CA THR T 330 23.67 43.93 25.22
C THR T 330 23.86 42.82 26.23
N MET T 331 23.96 41.57 25.77
CA MET T 331 24.30 40.48 26.67
C MET T 331 25.73 40.59 27.18
N SER T 332 26.65 41.03 26.32
CA SER T 332 28.04 41.16 26.71
C SER T 332 28.27 42.29 27.71
N GLN T 333 27.38 43.27 27.77
CA GLN T 333 27.48 44.32 28.78
C GLN T 333 26.58 44.08 29.97
N LEU T 334 25.68 43.11 29.90
CA LEU T 334 24.94 42.66 31.08
C LEU T 334 25.69 41.57 31.82
N SER T 335 26.40 40.70 31.11
CA SER T 335 27.24 39.72 31.77
C SER T 335 28.44 40.38 32.45
N SER T 336 29.05 41.36 31.78
CA SER T 336 30.22 42.02 32.32
C SER T 336 29.92 42.95 33.48
N GLN T 337 28.66 43.36 33.64
CA GLN T 337 28.27 44.14 34.80
C GLN T 337 27.83 43.27 35.97
N LYS T 338 27.21 42.12 35.67
CA LYS T 338 26.81 41.20 36.72
C LYS T 338 28.01 40.58 37.42
N VAL T 339 29.13 40.42 36.71
CA VAL T 339 30.33 39.91 37.36
C VAL T 339 30.94 40.98 38.26
N ASP T 340 30.64 42.26 38.01
CA ASP T 340 31.10 43.31 38.91
C ASP T 340 30.14 43.58 40.05
N LEU T 341 28.84 43.37 39.86
CA LEU T 341 27.93 43.45 40.99
C LEU T 341 28.21 42.32 41.98
N ASP T 342 28.40 41.09 41.49
CA ASP T 342 28.68 39.95 42.37
C ASP T 342 29.99 40.08 43.13
N ILE T 343 30.88 40.98 42.71
CA ILE T 343 31.97 41.38 43.60
C ILE T 343 31.44 42.22 44.75
N ILE T 344 30.58 43.20 44.44
CA ILE T 344 30.17 44.18 45.44
C ILE T 344 29.24 43.56 46.47
N GLU T 345 28.33 42.69 46.04
CA GLU T 345 27.50 42.04 47.05
C GLU T 345 28.25 40.96 47.81
N PHE T 346 29.41 40.52 47.33
CA PHE T 346 30.23 39.61 48.10
C PHE T 346 30.90 40.34 49.27
N LEU T 347 31.38 41.56 49.04
CA LEU T 347 32.07 42.31 50.09
C LEU T 347 31.10 42.77 51.18
N ASP T 348 29.88 43.16 50.81
CA ASP T 348 28.88 43.47 51.82
C ASP T 348 28.46 42.21 52.57
N HIS T 349 28.45 41.07 51.89
CA HIS T 349 28.22 39.82 52.58
C HIS T 349 29.41 39.41 53.44
N GLU T 350 30.62 39.70 52.98
CA GLU T 350 31.80 39.32 53.76
C GLU T 350 32.00 40.22 54.97
N TYR T 351 31.66 41.50 54.85
CA TYR T 351 31.82 42.40 55.98
C TYR T 351 30.76 42.13 57.05
N LYS T 352 29.62 41.57 56.66
CA LYS T 352 28.52 41.40 57.60
C LYS T 352 28.80 40.30 58.61
N GLU T 353 29.37 39.18 58.16
CA GLU T 353 29.72 38.10 59.08
C GLU T 353 30.88 38.48 60.00
N THR T 354 31.69 39.45 59.61
CA THR T 354 32.73 39.99 60.47
C THR T 354 32.14 40.76 61.65
N ASP T 355 30.94 41.31 61.47
CA ASP T 355 30.15 42.01 62.50
C ASP T 355 30.90 43.24 63.03
N ALA T 356 31.26 44.12 62.08
CA ALA T 356 31.73 45.48 62.35
C ALA T 356 33.00 45.51 63.21
N LYS T 357 33.95 44.64 62.87
CA LYS T 357 35.22 44.62 63.58
C LYS T 357 36.08 45.82 63.21
N TYR T 358 35.90 46.37 62.02
CA TYR T 358 36.68 47.52 61.59
C TYR T 358 35.76 48.62 61.07
N HIS T 359 34.57 48.73 61.63
CA HIS T 359 33.67 49.83 61.30
C HIS T 359 34.16 51.09 61.97
N PHE T 360 34.60 52.06 61.17
CA PHE T 360 35.15 53.31 61.69
C PHE T 360 34.48 54.46 60.97
N SER T 361 33.64 55.20 61.70
CA SER T 361 32.80 56.21 61.11
C SER T 361 33.60 57.46 60.75
N PHE T 362 32.94 58.37 60.05
CA PHE T 362 33.53 59.64 59.62
C PHE T 362 32.38 60.61 59.39
N ASP T 363 32.71 61.90 59.37
CA ASP T 363 31.70 62.91 59.10
C ASP T 363 32.29 63.96 58.17
N VAL T 364 31.44 64.48 57.28
CA VAL T 364 31.83 65.60 56.44
C VAL T 364 31.29 66.92 56.98
N PHE T 365 30.07 66.92 57.55
CA PHE T 365 29.61 68.00 58.40
C PHE T 365 30.56 68.04 59.58
N PRO T 366 31.40 69.06 59.70
CA PRO T 366 32.45 69.02 60.71
C PRO T 366 31.88 69.24 62.09
N HIS T 367 32.78 69.15 63.05
CA HIS T 367 32.43 69.28 64.45
C HIS T 367 31.98 70.71 64.74
N SER T 368 31.14 70.85 65.79
CA SER T 368 30.69 72.18 66.20
C SER T 368 31.86 73.03 66.67
N ASP T 369 32.88 72.41 67.24
CA ASP T 369 34.17 73.05 67.47
C ASP T 369 35.19 72.62 66.43
N TYR T 370 34.91 72.91 65.17
CA TYR T 370 35.95 72.89 64.17
C TYR T 370 36.41 74.30 63.86
N SER T 371 35.47 75.20 63.53
CA SER T 371 35.68 76.63 63.42
C SER T 371 36.77 76.98 62.41
N ALA T 372 36.81 76.24 61.32
CA ALA T 372 37.73 76.50 60.22
C ALA T 372 37.06 76.05 58.93
N HIS T 373 37.82 75.96 57.87
CA HIS T 373 37.26 75.67 56.57
C HIS T 373 36.98 74.18 56.43
N PRO T 374 35.76 73.79 56.07
CA PRO T 374 35.44 72.35 56.00
C PRO T 374 36.11 71.60 54.86
N LYS T 375 36.72 72.29 53.90
CA LYS T 375 37.53 71.60 52.90
C LYS T 375 38.78 71.00 53.54
N ASP T 376 39.41 71.72 54.46
CA ASP T 376 40.59 71.20 55.12
C ASP T 376 40.25 70.18 56.20
N TRP T 377 38.97 70.09 56.57
CA TRP T 377 38.52 69.04 57.48
C TRP T 377 38.58 67.66 56.84
N LEU T 378 38.64 67.59 55.51
CA LEU T 378 38.71 66.34 54.77
C LEU T 378 40.09 65.70 54.78
N GLU T 379 41.09 66.31 55.41
CA GLU T 379 42.33 65.59 55.69
C GLU T 379 42.11 64.50 56.71
N GLY T 380 41.09 64.65 57.56
CA GLY T 380 40.74 63.63 58.53
C GLY T 380 40.33 62.30 57.93
N LEU T 381 39.79 62.31 56.71
CA LEU T 381 39.49 61.06 56.03
C LEU T 381 40.76 60.31 55.66
N ARG T 382 41.86 61.03 55.46
CA ARG T 382 43.16 60.39 55.24
C ARG T 382 43.75 59.82 56.53
N GLU T 383 43.12 60.06 57.68
CA GLU T 383 43.54 59.47 58.94
C GLU T 383 42.73 58.22 59.28
N VAL T 384 41.41 58.26 59.08
CA VAL T 384 40.56 57.14 59.45
C VAL T 384 40.86 55.93 58.58
N ILE T 385 41.28 56.16 57.33
CA ILE T 385 41.80 55.07 56.51
C ILE T 385 43.09 54.53 57.10
N ASP T 386 44.00 55.43 57.49
CA ASP T 386 45.27 55.02 58.05
C ASP T 386 45.13 54.43 59.44
N HIS T 387 44.07 54.78 60.17
CA HIS T 387 43.77 54.10 61.41
C HIS T 387 43.15 52.73 61.19
N THR T 388 42.32 52.59 60.16
CA THR T 388 41.73 51.29 59.85
C THR T 388 42.76 50.33 59.28
N THR T 389 43.68 50.86 58.47
CA THR T 389 44.75 50.07 57.90
C THR T 389 45.67 49.52 58.99
N GLN T 390 46.08 50.38 59.91
CA GLN T 390 46.99 49.96 60.97
C GLN T 390 46.30 49.07 61.99
N SER T 391 44.99 49.20 62.15
CA SER T 391 44.27 48.29 63.05
C SER T 391 44.06 46.91 62.43
N MET T 392 44.33 46.75 61.15
CA MET T 392 44.26 45.44 60.50
C MET T 392 45.61 44.82 60.25
N LYS T 393 46.69 45.61 60.29
CA LYS T 393 48.04 45.06 60.28
C LYS T 393 48.49 44.66 61.67
N ASN T 394 47.65 44.82 62.67
CA ASN T 394 47.96 44.47 64.04
C ASN T 394 47.21 43.23 64.52
N ASP T 395 45.93 43.12 64.20
CA ASP T 395 45.17 41.95 64.64
C ASP T 395 45.49 40.71 63.82
N TYR T 396 45.98 40.87 62.59
CA TYR T 396 46.34 39.75 61.75
C TYR T 396 47.84 39.59 61.59
N LYS T 397 48.63 40.49 62.19
CA LYS T 397 50.08 40.43 62.25
C LYS T 397 50.71 40.38 60.86
N LEU T 398 50.13 41.15 59.94
CA LEU T 398 50.47 41.08 58.54
C LEU T 398 51.21 42.36 58.14
N TYR T 399 52.41 42.20 57.59
CA TYR T 399 53.25 43.33 57.20
C TYR T 399 53.69 43.23 55.74
N ASP T 400 52.87 42.63 54.89
CA ASP T 400 53.22 42.41 53.49
C ASP T 400 52.01 42.76 52.63
N VAL T 401 51.41 43.92 52.90
CA VAL T 401 50.11 44.26 52.38
C VAL T 401 50.23 45.25 51.22
N GLN T 402 49.17 45.35 50.44
CA GLN T 402 48.85 46.53 49.66
C GLN T 402 47.34 46.67 49.67
N PHE T 403 46.85 47.74 50.28
CA PHE T 403 45.42 47.91 50.48
C PHE T 403 44.78 48.54 49.25
N VAL T 404 43.52 48.20 49.03
CA VAL T 404 42.70 48.83 47.99
C VAL T 404 41.51 49.49 48.68
N ILE T 405 41.15 50.67 48.19
CA ILE T 405 40.09 51.47 48.78
C ILE T 405 39.02 51.63 47.70
N VAL T 406 38.00 50.80 47.75
CA VAL T 406 36.93 50.85 46.75
C VAL T 406 35.75 51.61 47.35
N GLY T 407 35.07 52.36 46.51
CA GLY T 407 33.97 53.18 46.96
C GLY T 407 33.49 54.10 45.86
N ASN T 408 32.47 54.87 46.19
CA ASN T 408 31.83 55.74 45.23
C ASN T 408 32.74 56.92 44.89
N PRO T 409 32.77 57.36 43.62
CA PRO T 409 33.53 58.56 43.28
C PRO T 409 32.96 59.84 43.88
N LEU T 410 31.70 59.84 44.33
CA LEU T 410 31.21 60.94 45.14
C LEU T 410 31.85 60.96 46.52
N ASP T 411 32.30 59.80 47.00
CA ASP T 411 32.91 59.71 48.33
C ASP T 411 34.42 59.57 48.30
N VAL T 412 35.00 58.99 47.24
CA VAL T 412 36.45 58.89 47.17
C VAL T 412 37.06 60.18 46.60
N ARG T 413 36.22 61.13 46.19
CA ARG T 413 36.66 62.47 45.83
C ARG T 413 37.34 63.20 46.99
N LEU T 414 36.98 62.87 48.23
CA LEU T 414 37.54 63.54 49.39
C LEU T 414 38.96 63.13 49.71
N ILE T 415 39.47 62.07 49.08
CA ILE T 415 40.82 61.59 49.40
C ILE T 415 41.90 62.49 48.79
N PRO T 416 41.88 62.90 47.49
CA PRO T 416 42.90 63.86 47.05
C PRO T 416 42.61 65.27 47.52
N ASN T 417 41.35 65.69 47.39
CA ASN T 417 40.86 67.03 47.76
C ASN T 417 41.63 68.12 47.02
N VAL T 418 41.64 68.02 45.70
CA VAL T 418 42.47 68.86 44.85
C VAL T 418 41.73 70.17 44.56
N SER T 419 42.49 71.26 44.39
CA SER T 419 41.95 72.57 44.07
C SER T 419 41.67 72.67 42.57
N TRP T 420 41.32 73.86 42.11
CA TRP T 420 41.01 74.12 40.71
C TRP T 420 42.16 74.91 40.09
N THR T 421 42.46 74.63 38.83
CA THR T 421 43.32 75.50 38.04
C THR T 421 42.47 76.16 36.96
N PHE T 422 42.76 77.43 36.69
CA PHE T 422 41.96 78.24 35.79
C PHE T 422 42.74 78.58 34.53
N ASN T 423 41.99 78.89 33.46
CA ASN T 423 42.57 79.33 32.20
C ASN T 423 41.50 80.08 31.42
N GLY T 424 41.83 80.44 30.19
CA GLY T 424 40.89 81.11 29.33
C GLY T 424 39.82 80.19 28.78
N GLY T 425 38.56 80.50 29.05
CA GLY T 425 37.46 79.66 28.62
C GLY T 425 37.03 79.88 27.19
N ASP T 426 37.84 79.43 26.24
CA ASP T 426 37.48 79.49 24.83
C ASP T 426 36.90 78.15 24.40
N ARG T 427 36.52 78.07 23.12
CA ARG T 427 35.97 76.84 22.57
C ARG T 427 36.87 76.18 21.54
N ASN T 428 37.90 76.88 21.06
CA ASN T 428 38.83 76.26 20.12
C ASN T 428 39.74 75.26 20.81
N ALA T 429 39.97 75.44 22.11
CA ALA T 429 40.84 74.58 22.89
C ALA T 429 40.04 73.84 23.96
N ASP T 430 38.89 73.32 23.57
CA ASP T 430 38.00 72.66 24.53
C ASP T 430 38.52 71.27 24.87
N ALA T 431 38.38 70.89 26.14
CA ALA T 431 38.96 69.65 26.66
C ALA T 431 37.87 68.84 27.35
N TYR T 432 37.22 67.95 26.60
CA TYR T 432 36.12 67.13 27.10
C TYR T 432 36.68 66.06 28.02
N SER T 433 36.99 66.47 29.26
CA SER T 433 37.51 65.61 30.33
C SER T 433 38.78 64.89 29.90
N ASN T 434 39.78 65.67 29.51
CA ASN T 434 41.00 65.12 28.93
C ASN T 434 42.05 64.75 29.97
N GLY T 435 41.81 65.03 31.24
CA GLY T 435 42.78 64.69 32.26
C GLY T 435 42.11 64.24 33.54
N ILE T 436 40.80 64.01 33.48
CA ILE T 436 40.01 63.66 34.65
C ILE T 436 40.14 62.15 34.86
N LYS T 437 41.02 61.78 35.80
CA LYS T 437 41.14 60.39 36.20
C LYS T 437 41.25 60.17 37.70
N ILE T 438 41.63 61.20 38.47
CA ILE T 438 41.92 61.00 39.89
C ILE T 438 40.69 60.77 40.74
N ASN T 439 39.50 60.97 40.19
CA ASN T 439 38.29 60.65 40.93
C ASN T 439 37.88 59.20 40.78
N TYR T 440 38.63 58.41 40.00
CA TYR T 440 38.28 57.03 39.72
C TYR T 440 39.37 56.03 40.04
N SER T 441 40.65 56.40 39.87
CA SER T 441 41.73 55.46 40.10
C SER T 441 42.99 56.23 40.43
N LEU T 442 43.54 56.01 41.62
CA LEU T 442 44.65 56.81 42.10
C LEU T 442 45.43 56.00 43.12
N GLY T 443 46.76 56.05 43.03
CA GLY T 443 47.63 55.32 43.93
C GLY T 443 48.20 56.23 44.99
N ALA T 444 47.72 56.06 46.22
CA ALA T 444 48.22 56.81 47.36
C ALA T 444 49.33 56.03 48.04
N ALA T 445 50.18 56.75 48.77
CA ALA T 445 51.29 56.15 49.52
C ALA T 445 51.38 56.89 50.85
N SER T 446 50.71 56.35 51.86
CA SER T 446 50.75 56.94 53.19
C SER T 446 51.99 56.46 53.93
N GLY T 447 52.06 56.75 55.22
CA GLY T 447 53.12 56.25 56.07
C GLY T 447 52.81 54.94 56.74
N THR T 448 51.57 54.45 56.65
CA THR T 448 51.18 53.19 57.27
C THR T 448 51.12 52.04 56.27
N ALA T 449 50.67 52.29 55.05
CA ALA T 449 50.70 51.30 53.98
C ALA T 449 50.49 52.02 52.66
N ASN T 450 50.99 51.40 51.59
CA ASN T 450 50.66 51.85 50.25
C ASN T 450 49.21 51.54 49.95
N TYR T 451 48.60 52.36 49.10
CA TYR T 451 47.19 52.20 48.76
C TYR T 451 47.02 52.17 47.25
N ARG T 452 45.80 51.83 46.84
CA ARG T 452 45.36 52.01 45.46
C ARG T 452 43.85 52.14 45.49
N ILE T 453 43.35 53.36 45.40
CA ILE T 453 41.92 53.59 45.49
C ILE T 453 41.27 53.23 44.16
N ILE T 454 39.99 52.86 44.23
CA ILE T 454 39.21 52.47 43.06
C ILE T 454 37.86 53.14 43.18
N GLY T 455 37.52 53.96 42.18
CA GLY T 455 36.25 54.63 42.19
C GLY T 455 35.32 54.15 41.10
N SER T 456 34.25 53.45 41.49
CA SER T 456 33.22 53.00 40.56
C SER T 456 31.87 53.41 41.11
N ASP T 457 31.00 53.90 40.24
CA ASP T 457 29.71 54.42 40.68
C ASP T 457 28.70 53.33 41.02
N LEU T 458 29.03 52.07 40.76
CA LEU T 458 28.11 50.99 41.13
C LEU T 458 28.10 50.76 42.62
N VAL T 459 29.17 51.15 43.32
CA VAL T 459 29.20 51.08 44.76
C VAL T 459 28.23 52.11 45.33
N ARG T 460 27.46 51.69 46.33
CA ARG T 460 26.49 52.58 46.95
C ARG T 460 27.20 53.70 47.70
N GLN T 461 26.80 54.94 47.40
CA GLN T 461 27.41 56.09 48.04
C GLN T 461 27.00 56.16 49.50
N GLY T 462 27.97 56.51 50.36
CA GLY T 462 27.77 56.53 51.79
C GLY T 462 28.69 55.62 52.57
N GLU T 463 29.69 55.01 51.92
CA GLU T 463 30.61 54.13 52.62
C GLU T 463 31.94 54.07 51.87
N LEU T 464 32.92 53.46 52.52
CA LEU T 464 34.19 53.12 51.88
C LEU T 464 34.60 51.74 52.37
N THR T 465 35.29 51.00 51.52
CA THR T 465 35.63 49.61 51.81
C THR T 465 37.13 49.41 51.65
N ILE T 466 37.77 48.94 52.71
CA ILE T 466 39.21 48.71 52.73
C ILE T 466 39.46 47.21 52.69
N ILE T 467 40.38 46.77 51.83
CA ILE T 467 40.62 45.36 51.59
C ILE T 467 42.12 45.15 51.44
N ALA T 468 42.67 44.16 52.15
CA ALA T 468 44.09 43.86 52.08
C ALA T 468 44.38 42.81 51.01
N ILE T 469 45.53 42.95 50.37
CA ILE T 469 46.02 41.98 49.39
C ILE T 469 47.45 41.62 49.77
N PRO T 470 47.70 40.46 50.37
CA PRO T 470 49.08 40.08 50.72
C PRO T 470 49.89 39.73 49.49
N GLN T 471 51.16 40.14 49.51
CA GLN T 471 52.07 39.86 48.41
C GLN T 471 52.46 38.40 48.35
N GLN T 472 52.62 37.75 49.50
CA GLN T 472 53.07 36.37 49.53
C GLN T 472 51.98 35.43 49.05
N ASP T 473 52.41 34.38 48.34
CA ASP T 473 51.47 33.36 47.86
C ASP T 473 50.93 32.51 48.99
N ASN T 474 51.60 32.49 50.14
CA ASN T 474 51.16 31.66 51.25
C ASN T 474 49.87 32.18 51.87
N TYR T 475 49.89 33.40 52.38
CA TYR T 475 48.67 33.98 52.91
C TYR T 475 47.80 34.47 51.77
N LYS T 476 46.47 34.35 51.95
CA LYS T 476 45.51 34.74 50.94
C LYS T 476 44.25 35.22 51.64
N THR T 477 43.84 36.46 51.39
CA THR T 477 42.65 37.03 52.00
C THR T 477 41.42 36.85 51.13
N PHE T 478 41.46 37.40 49.92
CA PHE T 478 40.37 37.29 48.96
C PHE T 478 40.94 36.82 47.64
N MET T 479 40.17 36.04 46.90
CA MET T 479 40.58 35.67 45.56
C MET T 479 39.35 35.51 44.68
N PHE T 480 39.44 36.05 43.47
CA PHE T 480 38.37 35.96 42.48
C PHE T 480 38.74 34.87 41.49
N TYR T 481 37.87 33.88 41.33
CA TYR T 481 38.15 32.74 40.48
C TYR T 481 37.23 32.76 39.26
N PRO T 482 37.70 33.17 38.11
CA PRO T 482 36.91 33.01 36.90
C PRO T 482 37.13 31.63 36.28
N TYR T 483 36.05 30.91 36.01
CA TYR T 483 36.20 29.56 35.49
C TYR T 483 36.16 29.55 33.96
N THR T 484 35.05 29.97 33.37
CA THR T 484 34.90 29.89 31.93
C THR T 484 33.90 30.92 31.47
N PHE T 485 33.83 31.09 30.15
CA PHE T 485 32.94 32.05 29.50
C PHE T 485 32.31 31.37 28.30
N ASN T 486 31.08 30.91 28.44
CA ASN T 486 30.43 30.06 27.46
C ASN T 486 29.40 30.85 26.67
N VAL T 487 29.59 30.92 25.35
CA VAL T 487 28.57 31.41 24.44
C VAL T 487 28.28 30.31 23.43
N VAL T 488 27.07 30.33 22.89
CA VAL T 488 26.67 29.42 21.83
C VAL T 488 26.15 30.23 20.65
N ASN T 489 26.27 29.66 19.47
CA ASN T 489 25.71 30.26 18.25
C ASN T 489 24.33 29.70 17.95
N GLY T 490 23.46 29.71 18.96
CA GLY T 490 22.10 29.21 18.80
C GLY T 490 21.96 27.72 18.59
N GLY T 491 23.03 26.94 18.82
CA GLY T 491 22.97 25.54 18.51
C GLY T 491 22.39 24.67 19.61
N GLY T 492 21.13 24.28 19.45
CA GLY T 492 20.53 23.30 20.33
C GLY T 492 19.80 23.90 21.53
N TYR T 493 20.38 24.93 22.14
CA TYR T 493 19.83 25.50 23.36
C TYR T 493 18.61 26.33 23.03
N LEU T 494 17.45 25.92 23.51
CA LEU T 494 16.21 26.61 23.22
C LEU T 494 16.00 27.79 24.16
N ASN T 495 15.18 28.73 23.70
CA ASN T 495 14.77 29.85 24.53
C ASN T 495 13.78 29.38 25.59
N THR T 496 13.69 30.15 26.67
CA THR T 496 12.81 29.79 27.78
C THR T 496 11.41 30.37 27.58
N ARG T 497 11.32 31.64 27.19
CA ARG T 497 10.02 32.29 27.08
C ARG T 497 9.28 31.84 25.83
N ASN T 498 9.89 32.01 24.66
CA ASN T 498 9.31 31.47 23.43
C ASN T 498 10.27 30.45 22.85
N PRO T 499 10.03 29.16 23.02
CA PRO T 499 11.00 28.15 22.56
C PRO T 499 11.01 27.93 21.06
N ASN T 500 10.03 28.44 20.32
CA ASN T 500 9.92 28.09 18.90
C ASN T 500 10.93 28.86 18.05
N VAL T 501 11.24 30.09 18.43
CA VAL T 501 12.14 30.96 17.67
C VAL T 501 13.59 30.65 18.04
N PRO T 502 14.56 30.92 17.17
CA PRO T 502 15.97 30.71 17.55
C PRO T 502 16.46 31.77 18.51
N ASN T 503 17.40 31.37 19.35
CA ASN T 503 17.97 32.30 20.32
C ASN T 503 19.43 31.95 20.56
N MET T 504 20.24 32.99 20.76
CA MET T 504 21.61 32.81 21.21
C MET T 504 21.64 32.80 22.74
N MET T 505 22.81 32.55 23.30
CA MET T 505 22.92 32.36 24.74
C MET T 505 24.36 32.61 25.17
N MET T 506 24.51 33.20 26.36
CA MET T 506 25.83 33.50 26.90
C MET T 506 25.77 33.35 28.41
N THR T 507 26.72 32.60 28.97
CA THR T 507 26.87 32.50 30.41
C THR T 507 28.35 32.60 30.76
N ARG T 508 28.61 32.85 32.05
CA ARG T 508 29.97 33.10 32.52
C ARG T 508 30.10 32.49 33.90
N ARG T 509 30.88 31.41 34.01
CA ARG T 509 31.00 30.68 35.27
C ARG T 509 32.20 31.19 36.05
N TYR T 510 31.98 31.48 37.33
CA TYR T 510 32.99 32.05 38.20
C TYR T 510 32.57 31.86 39.63
N THR T 511 33.50 32.10 40.54
CA THR T 511 33.18 32.26 41.96
C THR T 511 34.22 33.17 42.58
N VAL T 512 33.86 33.73 43.72
CA VAL T 512 34.76 34.54 44.52
C VAL T 512 34.61 34.09 45.97
N GLU T 513 35.74 33.98 46.68
CA GLU T 513 35.74 33.36 47.98
C GLU T 513 36.81 34.00 48.86
N SER T 514 36.53 34.00 50.16
CA SER T 514 37.39 34.62 51.16
C SER T 514 37.95 33.55 52.07
N PHE T 515 39.27 33.42 52.12
CA PHE T 515 39.87 32.53 53.10
C PHE T 515 39.90 33.18 54.47
N VAL T 516 40.47 34.38 54.57
CA VAL T 516 40.40 35.18 55.79
C VAL T 516 39.78 36.53 55.46
N PRO T 517 38.80 36.98 56.22
CA PRO T 517 38.10 38.25 55.90
C PRO T 517 38.72 39.50 56.52
N ILE T 518 39.79 39.99 55.88
CA ILE T 518 40.39 41.28 56.25
C ILE T 518 39.64 42.33 55.42
N ILE T 519 38.65 42.95 56.02
CA ILE T 519 37.85 43.96 55.35
C ILE T 519 37.40 45.00 56.37
N GLY T 520 37.29 46.24 55.93
CA GLY T 520 36.91 47.33 56.82
C GLY T 520 35.99 48.30 56.12
N ARG T 521 35.13 48.93 56.90
CA ARG T 521 34.06 49.78 56.38
C ARG T 521 34.14 51.16 57.02
N ILE T 522 34.27 52.18 56.19
CA ILE T 522 34.30 53.57 56.64
C ILE T 522 32.96 54.21 56.31
N THR T 523 32.19 54.56 57.32
CA THR T 523 30.87 55.16 57.10
C THR T 523 31.04 56.66 56.99
N ILE T 524 30.97 57.18 55.77
CA ILE T 524 31.06 58.61 55.54
C ILE T 524 29.66 59.20 55.72
N LYS T 525 29.50 60.08 56.70
CA LYS T 525 28.21 60.63 57.05
C LYS T 525 28.06 62.05 56.51
N ASN T 526 26.84 62.34 56.02
CA ASN T 526 26.43 63.67 55.56
C ASN T 526 27.31 64.19 54.42
N ASN T 527 27.44 63.37 53.37
CA ASN T 527 28.12 63.78 52.15
C ASN T 527 27.13 64.24 51.09
N ASN T 528 26.01 64.81 51.51
CA ASN T 528 24.96 65.23 50.58
C ASN T 528 25.26 66.56 49.90
N GLY T 529 26.42 67.15 50.14
CA GLY T 529 26.79 68.40 49.52
C GLY T 529 26.22 69.64 50.17
N SER T 530 25.44 69.48 51.24
CA SER T 530 24.83 70.61 51.93
C SER T 530 25.64 71.07 53.13
N VAL T 531 26.97 70.91 53.08
CA VAL T 531 27.80 71.32 54.20
C VAL T 531 27.93 72.83 54.26
N TYR T 532 27.87 73.51 53.11
CA TYR T 532 27.95 74.96 53.11
C TYR T 532 26.58 75.61 53.21
N ALA T 533 25.52 74.91 52.82
CA ALA T 533 24.17 75.44 52.90
C ALA T 533 23.46 75.07 54.19
N ARG T 534 24.18 74.53 55.17
CA ARG T 534 23.54 74.14 56.41
C ARG T 534 23.29 75.34 57.31
N MET U 81 27.17 16.68 36.08
CA MET U 81 25.76 16.77 36.38
C MET U 81 25.54 16.55 37.88
N GLY U 82 24.31 16.22 38.24
CA GLY U 82 23.93 15.96 39.61
C GLY U 82 24.56 14.73 40.26
N PRO U 83 24.21 13.53 39.82
CA PRO U 83 24.64 12.31 40.55
C PRO U 83 26.10 11.93 40.35
N ILE U 84 26.88 12.73 39.64
CA ILE U 84 28.31 12.53 39.56
C ILE U 84 28.94 13.11 40.82
N GLN U 85 29.68 12.29 41.54
CA GLN U 85 30.22 12.70 42.82
C GLN U 85 31.38 13.66 42.62
N PRO U 86 31.38 14.82 43.28
CA PRO U 86 32.47 15.79 43.08
C PRO U 86 33.72 15.42 43.87
N TYR U 87 34.87 15.54 43.23
CA TYR U 87 36.16 15.28 43.87
C TYR U 87 36.94 16.58 43.89
N ALA U 88 37.14 17.15 45.07
CA ALA U 88 37.81 18.43 45.22
C ALA U 88 39.31 18.21 45.29
N SER U 89 40.05 18.80 44.33
CA SER U 89 41.47 18.58 44.22
C SER U 89 42.24 19.36 45.29
N LEU U 90 43.56 19.29 45.22
CA LEU U 90 44.45 19.90 46.21
C LEU U 90 45.34 20.90 45.52
N SER U 91 45.13 22.18 45.80
CA SER U 91 45.98 23.24 45.28
C SER U 91 47.25 23.37 46.12
N MET U 92 48.28 23.93 45.50
CA MET U 92 49.66 23.78 45.98
C MET U 92 50.05 24.58 47.23
N PRO U 93 49.76 25.88 47.40
CA PRO U 93 50.22 26.57 48.61
C PRO U 93 49.42 26.15 49.84
N ILE U 94 50.09 26.12 50.99
CA ILE U 94 49.57 25.44 52.17
C ILE U 94 49.03 26.43 53.20
N LEU U 95 49.07 27.74 52.91
CA LEU U 95 48.43 28.82 53.69
C LEU U 95 48.92 28.83 55.15
N VAL U 96 50.20 29.15 55.32
CA VAL U 96 50.79 29.12 56.65
C VAL U 96 50.23 30.27 57.49
N LYS U 97 50.30 30.07 58.81
CA LYS U 97 49.83 31.08 59.75
C LYS U 97 50.80 32.26 59.79
N LEU U 98 50.34 33.36 60.37
CA LEU U 98 51.10 34.60 60.40
C LEU U 98 51.67 34.83 61.79
N TRP U 99 52.98 34.98 61.87
CA TRP U 99 53.67 35.21 63.13
C TRP U 99 54.03 36.68 63.27
N ALA U 100 54.05 37.15 64.50
CA ALA U 100 54.36 38.55 64.77
C ALA U 100 55.85 38.81 64.55
N ARG U 101 56.16 39.96 63.96
CA ARG U 101 57.54 40.38 63.90
C ARG U 101 57.98 40.87 65.27
N LEU U 102 59.28 40.80 65.52
CA LEU U 102 59.82 41.00 66.85
C LEU U 102 60.94 42.02 66.82
N ALA U 103 60.83 43.03 67.67
CA ALA U 103 61.89 44.02 67.81
C ALA U 103 62.13 44.40 69.27
N LEU U 104 61.50 43.72 70.22
CA LEU U 104 61.62 44.08 71.62
C LEU U 104 62.93 43.63 72.25
N THR U 105 63.72 42.83 71.55
CA THR U 105 65.04 42.47 72.05
C THR U 105 65.99 43.65 72.06
N GLU U 106 65.78 44.63 71.17
CA GLU U 106 66.61 45.81 71.13
C GLU U 106 66.11 46.94 72.02
N ALA U 107 65.01 46.72 72.73
CA ALA U 107 64.61 47.68 73.75
C ALA U 107 65.55 47.61 74.94
N LEU U 108 65.63 46.47 75.59
CA LEU U 108 66.49 46.34 76.74
C LEU U 108 67.92 46.03 76.30
N PRO U 109 68.92 46.66 76.91
CA PRO U 109 70.31 46.38 76.53
C PRO U 109 70.77 45.04 77.06
N THR U 110 71.48 44.31 76.21
CA THR U 110 71.82 42.91 76.45
C THR U 110 73.32 42.74 76.60
N GLN U 111 73.72 42.09 77.70
CA GLN U 111 75.07 41.55 77.82
C GLN U 111 74.94 40.06 78.08
N VAL U 112 75.63 39.26 77.28
CA VAL U 112 75.56 37.81 77.43
C VAL U 112 76.26 37.40 78.72
N ALA U 113 75.60 36.56 79.50
CA ALA U 113 76.17 36.15 80.76
C ALA U 113 77.17 35.02 80.55
N ASN U 114 78.07 34.87 81.51
CA ASN U 114 79.04 33.77 81.51
C ASN U 114 78.92 32.87 82.72
N LYS U 115 78.27 33.32 83.78
CA LYS U 115 78.06 32.53 84.97
C LYS U 115 76.60 32.72 85.37
N PRO U 116 75.93 31.66 85.85
CA PRO U 116 74.49 31.75 86.07
C PRO U 116 74.07 32.37 87.39
N ASN U 117 75.00 32.74 88.26
CA ASN U 117 74.60 33.26 89.57
C ASN U 117 75.47 34.42 90.00
N PHE U 118 75.85 35.29 89.07
CA PHE U 118 76.78 36.36 89.42
C PHE U 118 76.05 37.49 90.15
N THR U 119 76.83 38.28 90.89
CA THR U 119 76.33 39.42 91.64
C THR U 119 76.99 40.71 91.18
N VAL U 120 76.41 41.82 91.61
CA VAL U 120 76.95 43.14 91.32
C VAL U 120 76.81 43.99 92.58
N PRO U 121 77.83 44.75 92.96
CA PRO U 121 77.69 45.63 94.13
C PRO U 121 77.10 46.97 93.71
N ILE U 122 76.61 47.70 94.72
CA ILE U 122 76.18 49.08 94.55
C ILE U 122 76.85 49.93 95.62
N LEU U 123 77.67 50.88 95.20
CA LEU U 123 78.43 51.71 96.11
C LEU U 123 77.63 52.97 96.45
N THR U 124 77.41 53.22 97.73
CA THR U 124 76.72 54.42 98.14
C THR U 124 77.42 55.08 99.33
N PRO U 125 77.54 56.41 99.31
CA PRO U 125 78.04 57.12 100.49
C PRO U 125 76.93 57.37 101.50
N TYR U 126 77.33 57.91 102.66
CA TYR U 126 76.41 58.12 103.75
C TYR U 126 76.83 59.35 104.55
N VAL U 127 75.98 59.79 105.37
CA VAL U 127 76.27 60.81 106.36
C VAL U 127 75.61 60.40 107.66
N VAL U 128 76.41 60.33 108.73
CA VAL U 128 75.92 59.81 110.01
C VAL U 128 75.29 60.90 110.89
N ASP U 129 75.63 62.17 110.67
CA ASP U 129 75.16 63.39 111.33
C ASP U 129 75.00 63.35 112.85
N ALA U 130 75.86 62.59 113.53
CA ALA U 130 76.16 62.67 114.95
C ALA U 130 74.99 62.34 115.88
N ASP U 131 73.95 61.64 115.41
CA ASP U 131 73.00 61.06 116.35
C ASP U 131 72.61 59.65 115.91
N GLY U 132 73.54 58.86 115.67
CA GLY U 132 73.15 57.50 115.30
C GLY U 132 72.94 57.27 113.82
N ASN U 133 71.68 57.38 113.39
CA ASN U 133 71.23 56.92 112.08
C ASN U 133 71.93 57.63 110.93
N LYS U 134 72.03 56.93 109.82
CA LYS U 134 72.75 57.40 108.64
C LYS U 134 71.77 57.74 107.53
N HIS U 135 72.20 58.65 106.66
CA HIS U 135 71.39 59.11 105.54
C HIS U 135 72.21 58.99 104.26
N ALA U 136 71.61 58.42 103.23
CA ALA U 136 72.29 58.30 101.94
C ALA U 136 72.49 59.69 101.33
N LEU U 137 73.63 59.86 100.68
CA LEU U 137 74.07 61.22 100.38
C LEU U 137 73.32 61.92 99.25
N PRO U 138 73.26 61.42 98.00
CA PRO U 138 72.67 62.27 96.94
C PRO U 138 71.16 62.38 97.02
N GLU U 139 70.51 61.65 97.91
CA GLU U 139 69.08 61.88 98.14
C GLU U 139 68.87 63.10 99.05
N SER U 140 69.52 63.12 100.21
CA SER U 140 69.18 64.09 101.25
C SER U 140 69.67 65.49 100.96
N ILE U 141 70.56 65.67 100.00
CA ILE U 141 71.07 67.00 99.67
C ILE U 141 70.51 67.48 98.33
N ASN U 142 69.46 66.85 97.80
CA ASN U 142 68.73 67.37 96.66
C ASN U 142 67.43 67.99 97.19
N ASN U 143 67.59 69.14 97.85
CA ASN U 143 66.51 69.85 98.52
C ASN U 143 66.99 71.23 98.88
N THR U 144 66.07 72.18 98.88
CA THR U 144 66.47 73.52 99.32
C THR U 144 66.58 73.68 100.84
N PRO U 145 65.58 73.27 101.69
CA PRO U 145 65.77 73.63 103.10
C PRO U 145 66.45 72.53 103.90
N GLU U 146 67.69 72.20 103.54
CA GLU U 146 68.32 71.06 104.19
C GLU U 146 68.91 71.47 105.53
N THR U 147 68.89 70.53 106.47
CA THR U 147 69.47 70.71 107.80
C THR U 147 70.56 69.69 108.08
N LEU U 148 71.13 69.10 107.03
CA LEU U 148 72.05 67.98 107.20
C LEU U 148 73.50 68.45 107.25
N VAL U 149 73.89 69.30 106.32
CA VAL U 149 75.25 69.82 106.30
C VAL U 149 75.21 71.29 106.69
N GLY U 150 75.63 71.59 107.91
CA GLY U 150 75.62 72.96 108.37
C GLY U 150 75.96 73.01 109.85
N LEU U 151 76.08 74.23 110.34
CA LEU U 151 76.43 74.45 111.73
C LEU U 151 75.21 74.27 112.62
N VAL U 152 75.47 74.07 113.90
CA VAL U 152 74.40 73.79 114.87
C VAL U 152 73.65 75.08 115.16
N GLN U 153 72.37 75.11 114.80
CA GLN U 153 71.53 76.24 115.13
C GLN U 153 71.28 76.30 116.63
N ILE U 154 71.01 77.51 117.12
CA ILE U 154 70.95 77.72 118.56
C ILE U 154 69.60 77.28 119.10
N LYS U 155 68.56 78.05 118.74
CA LYS U 155 67.22 77.96 119.30
C LYS U 155 66.40 79.04 118.61
N GLU U 156 65.10 79.06 118.86
CA GLU U 156 64.26 80.10 118.28
C GLU U 156 63.67 81.03 119.34
N ASP U 157 62.90 80.50 120.29
CA ASP U 157 62.12 81.35 121.17
C ASP U 157 62.98 81.90 122.30
N ILE U 158 62.90 83.22 122.48
CA ILE U 158 63.57 83.90 123.58
C ILE U 158 62.50 84.69 124.31
N ALA U 159 62.18 84.29 125.53
CA ALA U 159 61.15 84.97 126.31
C ALA U 159 61.72 86.24 126.92
N VAL U 160 61.15 87.37 126.55
CA VAL U 160 61.58 88.68 127.05
C VAL U 160 60.45 89.24 127.89
N GLU U 161 60.63 89.25 129.21
CA GLU U 161 59.51 89.50 130.11
C GLU U 161 59.06 90.96 130.12
N GLY U 162 59.97 91.91 129.92
CA GLY U 162 59.61 93.31 130.06
C GLY U 162 60.28 94.21 129.05
N GLY U 163 60.61 93.67 127.89
CA GLY U 163 61.34 94.42 126.88
C GLY U 163 62.83 94.40 127.05
N LYS U 164 63.33 93.72 128.09
CA LYS U 164 64.77 93.59 128.29
C LYS U 164 65.06 92.25 128.96
N VAL U 165 66.18 91.66 128.58
CA VAL U 165 66.73 90.53 129.29
C VAL U 165 68.06 90.96 129.88
N THR U 166 68.50 90.21 130.88
CA THR U 166 69.78 90.46 131.53
C THR U 166 70.62 89.19 131.45
N ASP U 167 71.51 89.16 130.45
CA ASP U 167 72.49 88.09 130.20
C ASP U 167 71.78 86.75 129.96
N TYR U 168 71.07 86.70 128.84
CA TYR U 168 70.34 85.49 128.49
C TYR U 168 71.30 84.40 127.99
N ASP U 169 71.11 83.19 128.51
CA ASP U 169 71.88 82.02 128.11
C ASP U 169 71.41 81.64 126.71
N LEU U 170 72.25 81.91 125.71
CA LEU U 170 71.90 81.52 124.35
C LEU U 170 72.04 80.02 124.17
N PHE U 171 73.16 79.44 124.60
CA PHE U 171 73.43 78.01 124.38
C PHE U 171 72.57 77.19 125.35
N THR U 172 71.28 77.15 125.06
CA THR U 172 70.29 76.56 125.95
C THR U 172 69.53 75.48 125.18
N GLY U 173 69.37 74.33 125.79
CA GLY U 173 68.77 73.19 125.15
C GLY U 173 69.75 72.33 124.38
N LEU U 174 70.85 72.91 123.91
CA LEU U 174 71.91 72.12 123.30
C LEU U 174 72.62 71.31 124.36
N LYS U 175 72.77 70.02 124.11
CA LYS U 175 73.42 69.14 125.07
C LYS U 175 74.93 69.31 124.99
N GLU U 176 75.58 69.19 126.14
CA GLU U 176 77.00 69.47 126.23
C GLU U 176 77.82 68.23 125.90
N GLY U 177 78.80 68.38 125.01
CA GLY U 177 79.73 67.32 124.73
C GLY U 177 79.88 67.01 123.25
N LYS U 178 78.78 67.04 122.51
CA LYS U 178 78.82 66.73 121.09
C LYS U 178 78.20 67.80 120.22
N GLU U 179 77.46 68.74 120.77
CA GLU U 179 76.96 69.89 120.02
C GLU U 179 77.73 71.16 120.35
N VAL U 180 77.89 71.46 121.64
CA VAL U 180 78.63 72.64 122.08
C VAL U 180 79.50 72.23 123.26
N ARG U 181 80.62 72.93 123.41
CA ARG U 181 81.48 72.79 124.59
C ARG U 181 81.52 74.14 125.28
N LYS U 182 80.74 74.28 126.35
CA LYS U 182 80.51 75.56 127.01
C LYS U 182 81.80 76.04 127.67
N GLY U 183 82.41 77.07 127.10
CA GLY U 183 83.69 77.56 127.54
C GLY U 183 84.81 77.39 126.53
N ILE U 184 84.55 76.81 125.35
CA ILE U 184 85.59 76.60 124.36
C ILE U 184 85.24 77.33 123.07
N ASP U 185 84.11 76.96 122.48
CA ASP U 185 83.74 77.48 121.17
C ASP U 185 82.81 78.69 121.29
N ARG U 186 82.95 79.60 120.35
CA ARG U 186 82.29 80.90 120.41
C ARG U 186 80.94 80.84 119.71
N LEU U 187 80.32 82.00 119.56
CA LEU U 187 79.15 82.18 118.71
C LEU U 187 79.62 82.71 117.37
N ASP U 188 78.82 82.47 116.33
CA ASP U 188 79.21 82.94 115.00
C ASP U 188 78.93 84.42 114.84
N ARG U 189 79.64 85.03 113.90
CA ARG U 189 79.33 86.39 113.45
C ARG U 189 78.39 86.37 112.25
N LYS U 190 77.32 85.60 112.40
CA LYS U 190 76.19 85.53 111.47
C LYS U 190 74.90 85.66 112.26
N PHE U 191 75.01 86.07 113.53
CA PHE U 191 73.85 86.18 114.39
C PHE U 191 72.93 87.29 113.91
N LYS U 192 71.65 86.95 113.78
CA LYS U 192 70.63 87.91 113.40
C LYS U 192 69.31 87.44 113.99
N ILE U 193 68.39 88.35 114.14
CA ILE U 193 67.03 87.96 114.47
C ILE U 193 66.20 88.10 113.20
N VAL U 194 65.22 87.22 113.04
CA VAL U 194 64.46 87.18 111.81
C VAL U 194 63.00 87.44 112.10
N GLU U 195 62.57 87.12 113.31
CA GLU U 195 61.20 87.38 113.75
C GLU U 195 61.24 88.04 115.11
N ALA U 196 60.15 88.72 115.44
CA ALA U 196 59.99 89.32 116.75
C ALA U 196 58.51 89.38 117.07
N LYS U 197 58.20 89.58 118.34
CA LYS U 197 56.81 89.55 118.81
C LYS U 197 56.65 90.64 119.86
N TRP U 198 56.05 91.76 119.47
CA TRP U 198 55.69 92.79 120.42
C TRP U 198 54.39 92.42 121.11
N SER U 199 53.98 93.23 122.07
CA SER U 199 52.78 92.92 122.84
C SER U 199 51.50 93.23 122.06
N ASP U 200 51.59 94.11 121.06
CA ASP U 200 50.47 94.34 120.14
C ASP U 200 51.01 94.35 118.70
N SER U 201 51.13 93.15 118.13
CA SER U 201 51.70 93.01 116.80
C SER U 201 50.89 92.01 116.01
N PHE U 202 50.53 92.38 114.79
CA PHE U 202 49.69 91.55 113.94
C PHE U 202 50.57 90.61 113.13
N ASP U 203 50.15 89.35 113.05
CA ASP U 203 51.02 88.33 112.49
C ASP U 203 50.95 88.28 110.97
N GLU U 204 49.76 88.53 110.42
CA GLU U 204 49.45 88.66 108.98
C GLU U 204 49.51 87.32 108.25
N ARG U 205 49.95 86.25 108.91
CA ARG U 205 49.91 84.91 108.36
C ARG U 205 49.08 83.95 109.19
N THR U 206 49.08 84.11 110.51
CA THR U 206 47.99 83.55 111.29
C THR U 206 46.84 84.55 111.41
N SER U 207 47.08 85.79 110.97
CA SER U 207 46.11 86.89 110.97
C SER U 207 45.55 87.16 112.36
N ALA U 208 46.43 87.17 113.35
CA ALA U 208 46.05 87.42 114.73
C ALA U 208 47.22 88.10 115.43
N ALA U 209 47.05 88.32 116.74
CA ALA U 209 48.09 88.95 117.56
C ALA U 209 49.18 87.92 117.81
N GLY U 210 50.21 87.96 116.98
CA GLY U 210 51.30 87.01 117.10
C GLY U 210 52.66 87.62 116.82
N PHE U 211 53.52 86.86 116.14
CA PHE U 211 54.87 87.31 115.83
C PHE U 211 54.83 88.32 114.68
N VAL U 212 56.02 88.75 114.27
CA VAL U 212 56.20 89.55 113.06
C VAL U 212 57.42 89.01 112.35
N GLU U 213 57.23 88.45 111.15
CA GLU U 213 58.37 88.13 110.30
C GLU U 213 58.87 89.43 109.70
N LEU U 214 59.80 90.05 110.39
CA LEU U 214 60.43 91.26 109.90
C LEU U 214 61.41 90.91 108.78
N GLY U 215 61.22 91.54 107.62
CA GLY U 215 62.06 91.28 106.48
C GLY U 215 62.57 92.59 105.91
N SER U 216 63.74 92.49 105.25
CA SER U 216 64.53 93.58 104.65
C SER U 216 65.09 94.57 105.67
N ASN U 217 64.82 94.37 106.97
CA ASN U 217 65.39 95.18 108.03
C ASN U 217 65.78 94.28 109.20
N VAL U 218 66.41 93.14 108.89
CA VAL U 218 66.79 92.20 109.92
C VAL U 218 67.94 92.77 110.75
N VAL U 219 67.86 92.58 112.05
CA VAL U 219 68.85 93.13 112.97
C VAL U 219 70.02 92.18 112.95
N LYS U 220 70.94 92.43 112.03
CA LYS U 220 72.12 91.59 111.89
C LYS U 220 73.23 92.07 112.82
N LEU U 221 74.25 91.25 112.97
CA LEU U 221 75.36 91.55 113.87
C LEU U 221 76.25 92.60 113.21
N GLN U 222 76.18 93.83 113.71
CA GLN U 222 77.00 94.91 113.19
C GLN U 222 78.38 94.86 113.84
N ASP U 223 79.15 95.93 113.67
CA ASP U 223 80.48 96.01 114.27
C ASP U 223 80.39 96.11 115.78
N ASN U 224 81.44 95.61 116.45
CA ASN U 224 81.57 95.54 117.91
C ASN U 224 80.45 94.71 118.54
N ASP U 225 79.91 93.76 117.77
CA ASP U 225 78.86 92.82 118.18
C ASP U 225 77.64 93.54 118.73
N THR U 226 77.25 94.61 118.05
CA THR U 226 76.10 95.41 118.42
C THR U 226 74.95 95.08 117.48
N LEU U 227 73.77 94.93 118.03
CA LEU U 227 72.57 94.62 117.27
C LEU U 227 71.60 95.77 117.47
N VAL U 228 71.51 96.67 116.50
CA VAL U 228 70.60 97.79 116.63
C VAL U 228 69.83 97.93 115.32
N GLY U 229 68.59 98.40 115.44
CA GLY U 229 67.77 98.62 114.27
C GLY U 229 66.49 99.35 114.59
N GLN U 230 66.21 100.42 113.84
CA GLN U 230 64.95 101.13 113.98
C GLN U 230 63.90 100.44 113.12
N ILE U 231 62.92 99.81 113.76
CA ILE U 231 62.03 98.93 113.04
C ILE U 231 60.59 99.29 113.36
N LYS U 232 59.71 99.10 112.37
CA LYS U 232 58.29 99.38 112.49
C LYS U 232 57.53 98.08 112.31
N TYR U 233 56.55 97.83 113.18
CA TYR U 233 55.80 96.60 113.13
C TYR U 233 54.31 96.90 113.02
N PRO U 234 53.55 96.12 112.27
CA PRO U 234 52.11 96.40 112.09
C PRO U 234 51.34 96.05 113.35
N THR U 235 50.64 97.04 113.90
CA THR U 235 49.83 96.80 115.10
C THR U 235 48.55 96.07 114.73
N ASN U 236 47.81 96.59 113.76
CA ASN U 236 46.52 96.03 113.40
C ASN U 236 46.56 95.20 112.13
N GLY U 237 47.58 95.37 111.31
CA GLY U 237 47.71 94.59 110.08
C GLY U 237 46.91 95.14 108.93
N ASP U 238 45.61 94.87 108.95
CA ASP U 238 44.69 95.44 107.93
C ASP U 238 44.27 96.80 108.48
N GLY U 239 44.90 97.88 108.00
CA GLY U 239 44.64 99.19 108.62
C GLY U 239 45.53 99.32 109.84
N GLU U 240 46.82 99.03 109.67
CA GLU U 240 47.77 99.00 110.82
C GLU U 240 48.15 100.40 111.30
N VAL U 241 48.55 100.50 112.56
CA VAL U 241 49.06 101.80 113.09
C VAL U 241 50.57 101.83 112.79
N GLU U 242 51.15 100.69 112.41
CA GLU U 242 52.60 100.59 112.08
C GLU U 242 53.42 101.23 113.20
N THR U 243 53.21 100.78 114.44
CA THR U 243 53.96 101.32 115.57
C THR U 243 55.47 101.06 115.37
N ASP U 244 56.27 102.04 115.81
CA ASP U 244 57.72 101.95 115.74
C ASP U 244 58.30 101.61 117.11
N THR U 245 59.44 100.90 117.11
CA THR U 245 60.14 100.54 118.34
C THR U 245 61.60 100.26 118.02
N ILE U 246 62.51 100.89 118.76
CA ILE U 246 63.95 100.66 118.60
C ILE U 246 64.32 99.32 119.26
N LEU U 247 65.44 98.76 118.82
CA LEU U 247 65.84 97.41 119.19
C LEU U 247 67.33 97.36 119.54
N GLY U 248 67.75 98.21 120.47
CA GLY U 248 69.14 98.19 120.93
C GLY U 248 69.46 96.89 121.65
N LYS U 249 70.54 96.24 121.23
CA LYS U 249 70.90 94.91 121.68
C LYS U 249 72.42 94.75 121.58
N VAL U 250 72.97 93.93 122.46
CA VAL U 250 74.39 93.60 122.42
C VAL U 250 74.56 92.16 122.90
N ASP U 251 75.59 91.50 122.40
CA ASP U 251 75.87 90.11 122.73
C ASP U 251 77.36 89.87 122.65
N VAL U 252 77.87 88.99 123.50
CA VAL U 252 79.27 88.61 123.46
C VAL U 252 79.41 87.31 122.67
N SER U 253 80.34 87.31 121.71
CA SER U 253 80.52 86.13 120.88
C SER U 253 81.23 85.01 121.62
N SER U 254 82.19 85.35 122.48
CA SER U 254 82.93 84.33 123.21
C SER U 254 82.08 83.73 124.33
N GLY U 255 81.55 84.59 125.19
CA GLY U 255 80.84 84.15 126.35
C GLY U 255 79.37 83.85 126.16
N GLU U 256 78.87 83.85 124.91
CA GLU U 256 77.51 83.43 124.49
C GLU U 256 76.35 84.14 125.22
N LEU U 257 76.58 85.21 125.97
CA LEU U 257 75.45 85.94 126.53
C LEU U 257 74.96 86.99 125.54
N THR U 258 73.68 87.32 125.65
CA THR U 258 73.08 88.41 124.90
C THR U 258 72.35 89.34 125.85
N LEU U 259 71.95 90.49 125.34
CA LEU U 259 71.44 91.59 126.17
C LEU U 259 70.54 92.44 125.29
N THR U 260 69.23 92.34 125.49
CA THR U 260 68.29 93.06 124.66
C THR U 260 67.66 94.24 125.40
N SER U 261 67.11 95.16 124.61
CA SER U 261 66.46 96.34 125.15
C SER U 261 65.55 96.92 124.08
N ALA U 262 64.35 97.31 124.48
CA ALA U 262 63.43 97.96 123.56
C ALA U 262 62.63 99.00 124.32
N SER U 263 62.55 100.20 123.76
CA SER U 263 61.81 101.28 124.40
C SER U 263 60.31 101.03 124.40
N GLY U 264 59.82 100.20 123.48
CA GLY U 264 58.41 99.88 123.44
C GLY U 264 58.08 98.71 124.33
N LYS U 265 57.50 97.66 123.75
CA LYS U 265 57.01 96.51 124.51
C LYS U 265 57.32 95.21 123.77
N LEU U 266 58.48 94.63 124.06
CA LEU U 266 58.80 93.33 123.50
C LEU U 266 58.25 92.22 124.37
N THR U 267 57.88 91.12 123.74
CA THR U 267 57.56 89.91 124.48
C THR U 267 58.44 88.74 124.08
N ASP U 268 58.48 88.40 122.80
CA ASP U 268 59.26 87.28 122.29
C ASP U 268 60.14 87.75 121.15
N VAL U 269 61.33 87.18 121.06
CA VAL U 269 62.25 87.41 119.95
C VAL U 269 62.67 86.06 119.40
N LYS U 270 62.69 85.94 118.07
CA LYS U 270 63.13 84.72 117.41
C LYS U 270 64.43 85.02 116.67
N VAL U 271 65.49 84.28 117.02
CA VAL U 271 66.81 84.56 116.48
C VAL U 271 67.24 83.45 115.53
N LYS U 272 68.39 83.65 114.88
CA LYS U 272 68.92 82.65 113.96
C LYS U 272 70.44 82.76 114.01
N GLY U 273 71.07 81.89 114.79
CA GLY U 273 72.51 81.90 114.91
C GLY U 273 73.05 80.49 114.95
N TYR U 274 74.38 80.38 114.97
CA TYR U 274 75.06 79.10 114.90
C TYR U 274 76.20 79.02 115.91
N VAL U 275 76.55 77.79 116.29
CA VAL U 275 77.78 77.56 117.03
C VAL U 275 78.94 77.39 116.04
N ALA U 276 80.06 78.03 116.36
CA ALA U 276 81.17 78.19 115.43
C ALA U 276 81.88 76.87 115.15
N SER U 277 82.85 76.93 114.23
CA SER U 277 83.50 75.72 113.76
C SER U 277 85.01 75.81 113.74
N GLU U 278 85.60 76.92 114.16
CA GLU U 278 87.06 76.96 114.29
C GLU U 278 87.51 76.11 115.48
N GLN U 279 86.68 76.00 116.50
CA GLN U 279 86.86 75.01 117.56
C GLN U 279 86.03 73.79 117.20
N HIS U 280 86.68 72.64 117.10
CA HIS U 280 86.01 71.39 116.70
C HIS U 280 85.21 70.81 117.85
N THR U 281 83.89 70.97 117.79
CA THR U 281 82.97 70.25 118.65
C THR U 281 82.13 69.25 117.88
N SER U 282 81.60 69.65 116.73
CA SER U 282 80.87 68.75 115.86
C SER U 282 81.24 69.06 114.41
N ALA U 283 81.00 68.08 113.55
CA ALA U 283 81.20 68.23 112.12
C ALA U 283 80.30 67.22 111.42
N THR U 284 80.26 67.29 110.10
CA THR U 284 79.54 66.33 109.28
C THR U 284 80.50 65.24 108.83
N ASN U 285 80.14 63.99 109.10
CA ASN U 285 81.00 62.85 108.79
C ASN U 285 80.42 62.06 107.64
N VAL U 286 81.18 61.98 106.55
CA VAL U 286 80.81 61.14 105.42
C VAL U 286 81.56 59.83 105.53
N GLU U 287 81.00 58.78 104.95
CA GLU U 287 81.60 57.46 104.91
C GLU U 287 81.01 56.69 103.73
N LEU U 288 81.39 55.44 103.59
CA LEU U 288 80.94 54.61 102.49
C LEU U 288 80.11 53.44 102.99
N GLY U 289 79.11 53.07 102.19
CA GLY U 289 78.37 51.85 102.41
C GLY U 289 78.42 51.01 101.16
N LEU U 290 78.11 49.72 101.32
CA LEU U 290 78.21 48.80 100.20
C LEU U 290 77.30 47.61 100.43
N THR U 291 76.49 47.31 99.43
CA THR U 291 75.72 46.07 99.40
C THR U 291 75.69 45.57 97.96
N ARG U 292 75.27 44.33 97.80
CA ARG U 292 75.34 43.67 96.50
C ARG U 292 73.96 43.21 96.06
N LYS U 293 73.73 43.27 94.76
CA LYS U 293 72.52 42.78 94.13
C LYS U 293 72.86 41.56 93.29
N ASP U 294 72.04 40.52 93.39
CA ASP U 294 72.31 39.25 92.76
C ASP U 294 71.57 39.08 91.43
N VAL U 295 72.19 38.35 90.52
CA VAL U 295 71.59 37.97 89.25
C VAL U 295 71.70 36.46 89.13
N VAL U 296 70.58 35.76 89.24
CA VAL U 296 70.56 34.31 89.13
C VAL U 296 69.73 33.92 87.92
N ILE U 297 70.30 33.07 87.06
CA ILE U 297 69.65 32.62 85.84
C ILE U 297 69.38 31.14 86.01
N ASP U 298 68.10 30.76 86.08
CA ASP U 298 67.80 29.37 86.32
C ASP U 298 67.50 28.61 85.03
N THR U 299 67.11 27.36 85.22
CA THR U 299 66.67 26.50 84.14
C THR U 299 65.23 26.83 83.78
N ALA U 300 64.99 27.14 82.52
CA ALA U 300 63.68 27.49 82.02
C ALA U 300 63.00 26.27 81.41
N GLN U 301 61.79 26.47 80.91
CA GLN U 301 61.00 25.37 80.37
C GLN U 301 61.53 24.93 79.02
N HIS U 302 61.50 23.62 78.78
CA HIS U 302 61.91 23.06 77.52
C HIS U 302 60.73 23.06 76.55
N ILE U 303 60.99 23.49 75.31
CA ILE U 303 60.00 23.41 74.25
C ILE U 303 60.33 22.17 73.42
N GLU U 304 59.47 21.16 73.50
CA GLU U 304 59.76 19.90 72.84
C GLU U 304 58.56 19.46 72.03
N ALA U 305 58.84 18.65 71.01
CA ALA U 305 57.81 18.16 70.10
C ALA U 305 58.09 16.70 69.82
N THR U 306 57.09 15.84 70.05
CA THR U 306 57.24 14.43 69.75
C THR U 306 57.24 14.18 68.25
N VAL U 307 58.00 13.17 67.83
CA VAL U 307 58.07 12.77 66.43
C VAL U 307 57.84 11.27 66.38
N PRO U 308 56.62 10.80 66.12
CA PRO U 308 56.43 9.38 65.84
C PRO U 308 56.91 9.03 64.45
N LEU U 309 57.17 7.74 64.24
CA LEU U 309 57.72 7.26 62.98
C LEU U 309 56.68 7.28 61.87
N GLU U 310 55.48 6.82 62.17
CA GLU U 310 54.42 6.59 61.20
C GLU U 310 53.58 7.82 60.94
N VAL U 311 54.00 8.96 61.48
CA VAL U 311 53.37 10.23 61.14
C VAL U 311 54.25 11.07 60.21
N ILE U 312 55.55 10.80 60.12
CA ILE U 312 56.41 11.56 59.23
C ILE U 312 56.18 11.12 57.79
N GLN U 313 56.09 9.81 57.57
CA GLN U 313 55.83 9.29 56.23
C GLN U 313 54.42 9.58 55.77
N ASP U 314 53.48 9.84 56.68
CA ASP U 314 52.15 10.23 56.27
C ASP U 314 52.15 11.64 55.69
N MET U 315 52.71 12.60 56.42
CA MET U 315 52.77 13.96 55.93
C MET U 315 53.73 14.11 54.75
N LYS U 316 54.73 13.24 54.64
CA LYS U 316 55.64 13.31 53.50
C LYS U 316 54.96 12.83 52.23
N ALA U 317 54.15 11.78 52.32
CA ALA U 317 53.52 11.21 51.14
C ALA U 317 52.25 11.95 50.76
N THR U 318 51.41 12.30 51.73
CA THR U 318 50.10 12.87 51.42
C THR U 318 50.22 14.32 50.99
N TYR U 319 50.77 15.17 51.84
CA TYR U 319 50.73 16.61 51.64
C TYR U 319 52.06 17.20 51.21
N ASP U 320 53.14 16.41 51.19
CA ASP U 320 54.52 16.88 51.11
C ASP U 320 54.79 17.90 52.22
N ILE U 321 54.75 17.43 53.45
CA ILE U 321 55.09 18.23 54.61
C ILE U 321 56.31 17.61 55.27
N ASP U 322 57.36 18.42 55.42
CA ASP U 322 58.53 18.03 56.20
C ASP U 322 58.10 18.14 57.65
N GLY U 323 57.72 17.00 58.24
CA GLY U 323 57.09 16.99 59.54
C GLY U 323 58.01 17.34 60.70
N VAL U 324 59.31 17.16 60.53
CA VAL U 324 60.25 17.48 61.60
C VAL U 324 60.75 18.92 61.50
N ALA U 325 60.93 19.43 60.28
CA ALA U 325 61.35 20.82 60.12
C ALA U 325 60.20 21.79 60.39
N ARG U 326 58.96 21.39 60.07
CA ARG U 326 57.81 22.22 60.42
C ARG U 326 57.59 22.26 61.92
N LEU U 327 58.02 21.24 62.64
CA LEU U 327 58.04 21.30 64.09
C LEU U 327 59.30 22.00 64.61
N SER U 328 60.38 21.99 63.84
CA SER U 328 61.60 22.68 64.27
C SER U 328 61.47 24.19 64.13
N GLU U 329 60.86 24.65 63.04
CA GLU U 329 60.63 26.08 62.84
C GLU U 329 59.37 26.57 63.54
N THR U 330 58.78 25.74 64.39
CA THR U 330 57.74 26.16 65.31
C THR U 330 58.24 26.31 66.72
N MET U 331 59.11 25.40 67.18
CA MET U 331 59.81 25.61 68.45
C MET U 331 60.76 26.79 68.36
N SER U 332 61.37 27.00 67.18
CA SER U 332 62.23 28.16 66.97
C SER U 332 61.45 29.45 66.81
N GLN U 333 60.12 29.39 66.77
CA GLN U 333 59.30 30.58 66.78
C GLN U 333 58.56 30.79 68.09
N LEU U 334 58.18 29.72 68.79
CA LEU U 334 57.57 29.87 70.11
C LEU U 334 58.59 30.36 71.12
N SER U 335 59.86 30.00 70.95
CA SER U 335 60.89 30.45 71.87
C SER U 335 61.15 31.94 71.69
N SER U 336 61.09 32.43 70.45
CA SER U 336 61.28 33.85 70.21
C SER U 336 60.10 34.67 70.72
N GLN U 337 58.89 34.12 70.67
CA GLN U 337 57.74 34.82 71.22
C GLN U 337 57.70 34.75 72.74
N LYS U 338 58.41 33.79 73.33
CA LYS U 338 58.42 33.70 74.78
C LYS U 338 59.33 34.74 75.41
N VAL U 339 60.44 35.09 74.75
CA VAL U 339 61.38 36.03 75.34
C VAL U 339 60.86 37.46 75.23
N ASP U 340 59.95 37.70 74.29
CA ASP U 340 59.43 39.05 74.11
C ASP U 340 58.08 39.25 74.78
N LEU U 341 57.33 38.17 75.01
CA LEU U 341 56.19 38.28 75.91
C LEU U 341 56.64 38.51 77.34
N ASP U 342 57.77 37.90 77.71
CA ASP U 342 58.27 38.03 79.07
C ASP U 342 58.78 39.43 79.37
N ILE U 343 59.24 40.17 78.36
CA ILE U 343 59.65 41.55 78.57
C ILE U 343 58.44 42.41 78.92
N ILE U 344 57.34 42.24 78.19
CA ILE U 344 56.10 42.96 78.51
C ILE U 344 55.53 42.48 79.84
N GLU U 345 55.74 41.20 80.17
CA GLU U 345 55.37 40.73 81.49
C GLU U 345 56.28 41.29 82.57
N PHE U 346 57.46 41.78 82.20
CA PHE U 346 58.40 42.35 83.13
C PHE U 346 58.23 43.86 83.26
N LEU U 347 58.03 44.56 82.13
CA LEU U 347 57.91 46.01 82.16
C LEU U 347 56.61 46.45 82.81
N ASP U 348 55.52 45.72 82.58
CA ASP U 348 54.27 46.05 83.24
C ASP U 348 54.32 45.71 84.73
N HIS U 349 55.09 44.71 85.11
CA HIS U 349 55.24 44.40 86.53
C HIS U 349 56.19 45.39 87.20
N GLU U 350 57.26 45.78 86.51
CA GLU U 350 58.21 46.73 87.09
C GLU U 350 57.61 48.12 87.21
N TYR U 351 56.73 48.51 86.30
CA TYR U 351 55.99 49.76 86.46
C TYR U 351 54.96 49.68 87.57
N LYS U 352 54.43 48.49 87.84
CA LYS U 352 53.37 48.32 88.82
C LYS U 352 53.83 48.62 90.23
N GLU U 353 55.09 48.36 90.53
CA GLU U 353 55.60 48.58 91.88
C GLU U 353 56.05 50.01 92.14
N THR U 354 56.25 50.82 91.09
CA THR U 354 56.62 52.22 91.30
C THR U 354 55.44 53.10 91.63
N ASP U 355 54.22 52.55 91.62
CA ASP U 355 52.99 53.21 92.06
C ASP U 355 52.68 54.47 91.24
N ALA U 356 52.91 54.37 89.93
CA ALA U 356 52.58 55.38 88.93
C ALA U 356 53.28 56.72 89.23
N LYS U 357 54.61 56.68 89.20
CA LYS U 357 55.38 57.89 89.38
C LYS U 357 55.26 58.78 88.16
N TYR U 358 55.69 58.30 87.00
CA TYR U 358 55.62 59.06 85.76
C TYR U 358 54.42 58.56 84.94
N HIS U 359 53.24 58.97 85.38
CA HIS U 359 51.99 58.60 84.70
C HIS U 359 51.36 59.89 84.19
N PHE U 360 51.75 60.29 82.99
CA PHE U 360 51.23 61.49 82.36
C PHE U 360 50.29 61.09 81.24
N SER U 361 49.05 61.56 81.32
CA SER U 361 48.04 61.16 80.35
C SER U 361 48.12 62.04 79.10
N PHE U 362 47.50 61.54 78.03
CA PHE U 362 47.34 62.30 76.80
C PHE U 362 45.96 61.96 76.24
N ASP U 363 45.32 62.94 75.62
CA ASP U 363 44.03 62.73 74.99
C ASP U 363 44.13 63.01 73.50
N VAL U 364 43.63 62.07 72.71
CA VAL U 364 43.57 62.25 71.26
C VAL U 364 42.37 63.12 70.89
N PHE U 365 41.26 62.98 71.60
CA PHE U 365 40.19 63.97 71.57
C PHE U 365 40.73 65.31 72.03
N PRO U 366 40.67 66.34 71.20
CA PRO U 366 41.12 67.67 71.64
C PRO U 366 40.14 68.24 72.65
N HIS U 367 40.55 69.35 73.27
CA HIS U 367 39.70 70.00 74.23
C HIS U 367 38.52 70.66 73.51
N SER U 368 37.51 71.04 74.31
CA SER U 368 36.29 71.62 73.76
C SER U 368 36.56 72.93 73.05
N ASP U 369 37.43 73.77 73.60
CA ASP U 369 37.83 74.99 72.94
C ASP U 369 39.13 74.80 72.17
N TYR U 370 39.15 73.80 71.29
CA TYR U 370 40.32 73.68 70.43
C TYR U 370 40.13 74.42 69.11
N SER U 371 39.07 74.08 68.37
CA SER U 371 38.61 74.82 67.19
C SER U 371 39.68 74.93 66.11
N ALA U 372 40.31 73.81 65.81
CA ALA U 372 41.26 73.71 64.70
C ALA U 372 41.25 72.26 64.24
N HIS U 373 42.22 71.90 63.40
CA HIS U 373 42.27 70.56 62.86
C HIS U 373 42.76 69.58 63.91
N PRO U 374 41.99 68.52 64.20
CA PRO U 374 42.41 67.57 65.24
C PRO U 374 43.59 66.70 64.86
N LYS U 375 44.05 66.73 63.61
CA LYS U 375 45.34 66.12 63.30
C LYS U 375 46.48 66.94 63.87
N ASP U 376 46.33 68.27 63.90
CA ASP U 376 47.36 69.15 64.44
C ASP U 376 47.45 69.07 65.96
N TRP U 377 46.41 68.58 66.62
CA TRP U 377 46.45 68.34 68.05
C TRP U 377 47.43 67.22 68.42
N LEU U 378 47.69 66.29 67.49
CA LEU U 378 48.59 65.18 67.77
C LEU U 378 50.06 65.60 67.83
N GLU U 379 50.37 66.85 67.47
CA GLU U 379 51.66 67.42 67.80
C GLU U 379 51.89 67.49 69.31
N GLY U 380 50.81 67.69 70.07
CA GLY U 380 50.88 67.75 71.52
C GLY U 380 51.26 66.45 72.20
N LEU U 381 51.27 65.32 71.49
CA LEU U 381 51.82 64.10 72.05
C LEU U 381 53.32 64.22 72.27
N ARG U 382 54.00 64.95 71.39
CA ARG U 382 55.45 65.12 71.50
C ARG U 382 55.82 65.94 72.72
N GLU U 383 54.90 66.76 73.24
CA GLU U 383 55.22 67.56 74.40
C GLU U 383 55.02 66.80 75.69
N VAL U 384 54.08 65.86 75.71
CA VAL U 384 53.95 64.97 76.87
C VAL U 384 55.10 63.97 76.92
N ILE U 385 55.70 63.65 75.77
CA ILE U 385 56.92 62.84 75.77
C ILE U 385 58.06 63.58 76.45
N ASP U 386 58.31 64.82 76.01
CA ASP U 386 59.38 65.63 76.58
C ASP U 386 59.09 66.07 78.01
N HIS U 387 57.82 66.11 78.40
CA HIS U 387 57.53 66.39 79.80
C HIS U 387 57.72 65.15 80.66
N THR U 388 57.49 63.97 80.09
CA THR U 388 57.78 62.74 80.82
C THR U 388 59.29 62.50 80.87
N THR U 389 59.98 62.86 79.79
CA THR U 389 61.42 62.67 79.71
C THR U 389 62.17 63.53 80.72
N GLN U 390 61.85 64.83 80.77
CA GLN U 390 62.57 65.72 81.67
C GLN U 390 62.17 65.50 83.12
N SER U 391 60.96 64.99 83.37
CA SER U 391 60.60 64.60 84.72
C SER U 391 61.35 63.35 85.17
N MET U 392 61.82 62.54 84.23
CA MET U 392 62.64 61.37 84.55
C MET U 392 64.12 61.71 84.55
N LYS U 393 64.48 62.96 84.29
CA LYS U 393 65.84 63.41 84.47
C LYS U 393 66.00 64.42 85.60
N ASN U 394 64.90 64.96 86.11
CA ASN U 394 64.92 65.82 87.28
C ASN U 394 64.67 65.06 88.57
N ASP U 395 64.57 63.74 88.50
CA ASP U 395 64.42 62.93 89.68
C ASP U 395 65.44 61.80 89.77
N TYR U 396 66.16 61.52 88.69
CA TYR U 396 67.25 60.55 88.72
C TYR U 396 68.57 61.17 88.32
N LYS U 397 68.55 62.44 87.89
CA LYS U 397 69.74 63.27 87.67
C LYS U 397 70.66 62.69 86.60
N LEU U 398 70.10 61.95 85.65
CA LEU U 398 70.85 61.26 84.63
C LEU U 398 70.78 62.10 83.35
N TYR U 399 71.93 62.55 82.87
CA TYR U 399 72.00 63.43 81.71
C TYR U 399 72.61 62.75 80.48
N ASP U 400 72.62 61.42 80.45
CA ASP U 400 73.25 60.68 79.36
C ASP U 400 72.39 59.44 79.11
N VAL U 401 71.35 59.59 78.27
CA VAL U 401 70.28 58.60 78.15
C VAL U 401 69.97 58.40 76.67
N GLN U 402 69.40 57.23 76.34
CA GLN U 402 68.88 56.88 75.02
C GLN U 402 67.45 56.33 75.19
N PHE U 403 66.56 57.17 75.74
CA PHE U 403 65.15 56.84 75.97
C PHE U 403 64.47 56.15 74.79
N VAL U 404 64.07 54.91 74.97
CA VAL U 404 63.29 54.21 73.94
C VAL U 404 61.84 54.24 74.38
N ILE U 405 60.94 54.31 73.41
CA ILE U 405 59.52 54.36 73.67
C ILE U 405 58.91 53.15 72.98
N VAL U 406 58.67 52.09 73.73
CA VAL U 406 58.01 50.91 73.21
C VAL U 406 56.51 51.12 73.38
N GLY U 407 55.74 50.65 72.40
CA GLY U 407 54.31 50.82 72.43
C GLY U 407 53.68 50.12 71.25
N ASN U 408 52.36 49.97 71.33
CA ASN U 408 51.61 49.40 70.23
C ASN U 408 51.62 50.39 69.07
N PRO U 409 51.85 49.93 67.83
CA PRO U 409 52.04 50.89 66.74
C PRO U 409 50.75 51.42 66.15
N LEU U 410 49.77 51.66 67.02
CA LEU U 410 48.60 52.48 66.75
C LEU U 410 48.70 53.80 67.47
N ASP U 411 49.59 53.90 68.45
CA ASP U 411 49.94 55.13 69.14
C ASP U 411 51.30 55.66 68.71
N VAL U 412 52.19 54.77 68.23
CA VAL U 412 53.44 55.20 67.65
C VAL U 412 53.20 55.95 66.35
N ARG U 413 52.11 55.63 65.66
CA ARG U 413 51.72 56.32 64.43
C ARG U 413 51.39 57.79 64.69
N LEU U 414 50.91 58.10 65.90
CA LEU U 414 50.56 59.48 66.24
C LEU U 414 51.76 60.40 66.35
N ILE U 415 52.96 59.84 66.54
CA ILE U 415 54.16 60.66 66.78
C ILE U 415 54.65 61.36 65.51
N PRO U 416 54.98 60.67 64.35
CA PRO U 416 55.58 61.43 63.26
C PRO U 416 54.60 62.29 62.47
N ASN U 417 53.34 61.82 62.34
CA ASN U 417 52.25 62.50 61.64
C ASN U 417 52.64 62.84 60.19
N VAL U 418 52.90 61.79 59.44
CA VAL U 418 53.40 61.91 58.08
C VAL U 418 52.21 62.07 57.13
N SER U 419 52.37 62.89 56.10
CA SER U 419 51.31 63.19 55.15
C SER U 419 51.25 62.12 54.06
N TRP U 420 50.15 62.13 53.32
CA TRP U 420 49.97 61.24 52.19
C TRP U 420 50.60 61.84 50.94
N THR U 421 51.09 60.98 50.06
CA THR U 421 51.46 61.38 48.70
C THR U 421 50.72 60.50 47.71
N PHE U 422 50.56 61.01 46.49
CA PHE U 422 49.70 60.36 45.51
C PHE U 422 50.47 60.13 44.22
N ASN U 423 50.07 59.09 43.50
CA ASN U 423 50.64 58.76 42.19
C ASN U 423 49.59 57.98 41.42
N GLY U 424 49.97 57.53 40.22
CA GLY U 424 49.04 56.81 39.36
C GLY U 424 48.79 55.38 39.80
N GLY U 425 47.54 55.07 40.11
CA GLY U 425 47.20 53.73 40.59
C GLY U 425 47.01 52.76 39.45
N ASP U 426 47.74 51.64 39.52
CA ASP U 426 47.64 50.58 38.54
C ASP U 426 48.14 49.28 39.16
N ARG U 427 47.65 48.16 38.63
CA ARG U 427 48.01 46.86 39.20
C ARG U 427 49.42 46.43 38.80
N ASN U 428 49.84 46.78 37.57
CA ASN U 428 51.14 46.32 37.09
C ASN U 428 52.30 47.02 37.79
N ALA U 429 52.15 48.30 38.12
CA ALA U 429 53.13 49.05 38.89
C ALA U 429 52.59 49.14 40.31
N ASP U 430 52.92 48.14 41.13
CA ASP U 430 52.37 48.03 42.47
C ASP U 430 53.49 47.80 43.47
N ALA U 431 53.35 48.42 44.65
CA ALA U 431 54.32 48.31 45.72
C ALA U 431 53.62 47.77 46.96
N TYR U 432 54.07 46.61 47.43
CA TYR U 432 53.47 45.96 48.60
C TYR U 432 54.28 46.36 49.83
N SER U 433 53.97 47.55 50.36
CA SER U 433 54.64 48.16 51.50
C SER U 433 56.15 48.24 51.27
N ASN U 434 56.52 48.81 50.13
CA ASN U 434 57.92 48.81 49.71
C ASN U 434 58.77 49.77 50.51
N GLY U 435 58.17 50.79 51.13
CA GLY U 435 58.96 51.77 51.85
C GLY U 435 58.40 52.12 53.20
N ILE U 436 57.38 51.39 53.65
CA ILE U 436 56.74 51.68 54.93
C ILE U 436 57.54 50.99 56.03
N LYS U 437 58.19 51.80 56.88
CA LYS U 437 58.83 51.31 58.09
C LYS U 437 58.59 52.20 59.30
N ILE U 438 58.22 53.46 59.13
CA ILE U 438 58.26 54.44 60.21
C ILE U 438 57.12 54.31 61.20
N ASN U 439 56.21 53.37 60.99
CA ASN U 439 55.24 53.04 62.01
C ASN U 439 55.75 52.01 63.00
N TYR U 440 56.95 51.48 62.78
CA TYR U 440 57.51 50.41 63.59
C TYR U 440 58.84 50.76 64.22
N SER U 441 59.71 51.48 63.51
CA SER U 441 61.02 51.86 64.01
C SER U 441 61.31 53.28 63.56
N LEU U 442 61.59 54.17 64.51
CA LEU U 442 61.74 55.59 64.18
C LEU U 442 62.72 56.23 65.14
N GLY U 443 63.73 56.91 64.58
CA GLY U 443 64.73 57.61 65.35
C GLY U 443 64.39 59.06 65.65
N ALA U 444 63.49 59.29 66.60
CA ALA U 444 63.14 60.65 66.98
C ALA U 444 64.29 61.32 67.73
N ALA U 445 64.48 62.62 67.48
CA ALA U 445 65.56 63.38 68.11
C ALA U 445 65.00 64.74 68.51
N SER U 446 64.52 64.84 69.75
CA SER U 446 63.87 66.05 70.23
C SER U 446 64.91 67.04 70.72
N GLY U 447 64.45 68.10 71.40
CA GLY U 447 65.35 69.05 72.00
C GLY U 447 65.75 68.71 73.42
N THR U 448 65.09 67.73 74.05
CA THR U 448 65.43 67.32 75.39
C THR U 448 66.04 65.94 75.49
N ALA U 449 65.93 65.12 74.44
CA ALA U 449 66.48 63.77 74.46
C ALA U 449 66.65 63.30 73.02
N ASN U 450 67.20 62.10 72.90
CA ASN U 450 67.19 61.36 71.65
C ASN U 450 66.43 60.06 71.85
N TYR U 451 65.56 59.73 70.90
CA TYR U 451 64.64 58.61 71.06
C TYR U 451 64.91 57.55 70.02
N ARG U 452 64.58 56.31 70.39
CA ARG U 452 64.69 55.15 69.52
C ARG U 452 63.39 54.34 69.67
N ILE U 453 62.27 55.01 69.39
CA ILE U 453 60.94 54.44 69.63
C ILE U 453 60.72 53.16 68.82
N ILE U 454 59.92 52.27 69.38
CA ILE U 454 59.77 50.90 68.89
C ILE U 454 58.29 50.57 68.88
N GLY U 455 57.76 50.20 67.72
CA GLY U 455 56.37 49.80 67.62
C GLY U 455 56.21 48.34 67.32
N SER U 456 55.49 47.62 68.18
CA SER U 456 55.21 46.20 67.96
C SER U 456 53.94 45.83 68.68
N ASP U 457 53.05 45.16 67.97
CA ASP U 457 51.66 44.90 68.32
C ASP U 457 51.47 43.90 69.43
N LEU U 458 52.47 43.37 70.12
CA LEU U 458 52.19 42.43 71.20
C LEU U 458 51.69 43.10 72.47
N VAL U 459 51.91 44.40 72.60
CA VAL U 459 51.52 45.13 73.78
C VAL U 459 50.15 45.75 73.54
N ARG U 460 49.34 45.85 74.61
CA ARG U 460 48.00 46.42 74.55
C ARG U 460 48.05 47.86 74.07
N GLN U 461 47.14 48.20 73.17
CA GLN U 461 47.06 49.56 72.67
C GLN U 461 46.49 50.49 73.73
N GLY U 462 47.12 51.65 73.89
CA GLY U 462 46.65 52.63 74.84
C GLY U 462 47.73 53.13 75.77
N GLU U 463 48.86 52.43 75.82
CA GLU U 463 49.97 52.80 76.66
C GLU U 463 51.20 53.04 75.80
N LEU U 464 52.07 53.94 76.28
CA LEU U 464 53.22 54.39 75.52
C LEU U 464 54.45 54.39 76.42
N THR U 465 54.72 53.24 77.04
CA THR U 465 55.76 53.05 78.04
C THR U 465 57.15 53.46 77.53
N ILE U 466 57.79 54.36 78.29
CA ILE U 466 59.12 54.88 77.97
C ILE U 466 60.15 54.22 78.89
N ILE U 467 61.28 53.82 78.30
CA ILE U 467 62.35 53.13 79.00
C ILE U 467 63.62 53.93 78.85
N ALA U 468 64.28 54.22 79.97
CA ALA U 468 65.53 54.98 79.96
C ALA U 468 66.72 54.06 79.96
N ILE U 469 67.70 54.35 79.12
CA ILE U 469 68.91 53.54 78.99
C ILE U 469 70.13 54.45 79.12
N PRO U 470 70.97 54.27 80.14
CA PRO U 470 72.16 55.10 80.25
C PRO U 470 73.24 54.64 79.29
N GLN U 471 74.23 55.51 79.09
CA GLN U 471 75.41 55.18 78.29
C GLN U 471 76.58 54.75 79.15
N GLN U 472 76.71 55.32 80.35
CA GLN U 472 77.78 54.94 81.24
C GLN U 472 77.55 53.54 81.79
N ASP U 473 78.61 52.75 81.83
CA ASP U 473 78.50 51.38 82.33
C ASP U 473 78.34 51.33 83.84
N ASN U 474 78.58 52.43 84.53
CA ASN U 474 78.36 52.47 85.98
C ASN U 474 76.88 52.39 86.30
N TYR U 475 76.10 53.37 85.85
CA TYR U 475 74.67 53.35 86.10
C TYR U 475 73.98 52.35 85.18
N LYS U 476 72.99 51.66 85.72
CA LYS U 476 72.29 50.61 84.99
C LYS U 476 70.85 50.57 85.43
N THR U 477 69.92 50.62 84.47
CA THR U 477 68.50 50.61 84.75
C THR U 477 67.87 49.24 84.51
N PHE U 478 67.99 48.73 83.29
CA PHE U 478 67.46 47.42 82.94
C PHE U 478 68.52 46.65 82.16
N MET U 479 68.52 45.34 82.32
CA MET U 479 69.48 44.50 81.62
C MET U 479 68.81 43.21 81.18
N PHE U 480 69.22 42.73 80.01
CA PHE U 480 68.78 41.44 79.50
C PHE U 480 69.97 40.50 79.50
N TYR U 481 69.80 39.33 80.10
CA TYR U 481 70.88 38.37 80.28
C TYR U 481 70.57 37.05 79.61
N PRO U 482 70.96 36.85 78.35
CA PRO U 482 70.78 35.53 77.72
C PRO U 482 71.93 34.61 78.12
N TYR U 483 71.62 33.56 78.88
CA TYR U 483 72.68 32.67 79.34
C TYR U 483 73.10 31.71 78.24
N THR U 484 72.19 30.83 77.80
CA THR U 484 72.55 29.85 76.79
C THR U 484 71.30 29.45 76.02
N PHE U 485 71.55 28.76 74.90
CA PHE U 485 70.49 28.28 74.01
C PHE U 485 70.95 26.94 73.46
N ASN U 486 70.33 25.86 73.90
CA ASN U 486 70.75 24.52 73.54
C ASN U 486 69.57 23.72 73.00
N VAL U 487 69.83 22.93 71.97
CA VAL U 487 68.86 22.00 71.44
C VAL U 487 69.43 20.60 71.52
N VAL U 488 68.54 19.62 71.65
CA VAL U 488 68.95 18.21 71.67
C VAL U 488 68.17 17.48 70.59
N ASN U 489 68.71 16.33 70.20
CA ASN U 489 68.07 15.47 69.20
C ASN U 489 68.16 14.04 69.74
N GLY U 490 67.06 13.56 70.32
CA GLY U 490 67.08 12.30 71.02
C GLY U 490 67.87 12.44 72.31
N GLY U 491 69.04 11.82 72.36
CA GLY U 491 69.96 11.99 73.46
C GLY U 491 69.48 11.47 74.80
N GLY U 492 68.56 10.51 74.81
CA GLY U 492 68.03 9.96 76.03
C GLY U 492 66.98 10.79 76.71
N TYR U 493 66.76 12.03 76.27
CA TYR U 493 65.75 12.90 76.88
C TYR U 493 64.38 12.44 76.43
N LEU U 494 63.65 11.76 77.31
CA LEU U 494 62.34 11.26 76.95
C LEU U 494 61.32 12.39 76.94
N ASN U 495 60.18 12.11 76.34
CA ASN U 495 59.06 13.03 76.40
C ASN U 495 58.36 12.90 77.75
N THR U 496 57.54 13.89 78.07
CA THR U 496 56.94 13.94 79.39
C THR U 496 55.65 13.14 79.47
N ARG U 497 54.81 13.20 78.43
CA ARG U 497 53.56 12.46 78.43
C ARG U 497 53.68 11.09 77.76
N ASN U 498 54.39 11.02 76.62
CA ASN U 498 54.56 9.78 75.88
C ASN U 498 56.06 9.48 75.77
N PRO U 499 56.64 8.80 76.75
CA PRO U 499 58.09 8.56 76.73
C PRO U 499 58.54 7.55 75.70
N ASN U 500 57.62 6.80 75.09
CA ASN U 500 58.00 5.66 74.26
C ASN U 500 58.40 6.04 72.84
N VAL U 501 58.49 7.32 72.51
CA VAL U 501 58.76 7.76 71.15
C VAL U 501 59.99 8.68 71.17
N PRO U 502 60.66 8.93 70.05
CA PRO U 502 61.76 9.91 70.07
C PRO U 502 61.25 11.33 70.27
N ASN U 503 62.20 12.22 70.58
CA ASN U 503 61.90 13.55 71.09
C ASN U 503 62.84 14.55 70.46
N MET U 504 62.51 15.83 70.60
CA MET U 504 63.32 16.92 70.05
C MET U 504 63.03 18.18 70.84
N MET U 505 63.97 18.59 71.70
CA MET U 505 63.74 19.69 72.63
C MET U 505 64.46 20.95 72.20
N MET U 506 64.01 22.07 72.74
CA MET U 506 64.66 23.36 72.58
C MET U 506 64.70 24.06 73.93
N THR U 507 65.88 24.54 74.30
CA THR U 507 66.09 25.18 75.59
C THR U 507 66.69 26.56 75.38
N ARG U 508 66.12 27.56 76.07
CA ARG U 508 66.81 28.82 76.27
C ARG U 508 66.51 29.29 77.68
N ARG U 509 67.53 29.81 78.35
CA ARG U 509 67.39 30.28 79.72
C ARG U 509 67.96 31.69 79.81
N TYR U 510 67.18 32.59 80.39
CA TYR U 510 67.49 34.01 80.40
C TYR U 510 66.98 34.60 81.70
N THR U 511 67.30 35.88 81.91
CA THR U 511 66.61 36.65 82.93
C THR U 511 66.62 38.12 82.53
N VAL U 512 65.61 38.84 83.00
CA VAL U 512 65.57 40.28 82.93
C VAL U 512 65.73 40.81 84.34
N GLU U 513 66.52 41.87 84.50
CA GLU U 513 66.77 42.39 85.83
C GLU U 513 66.73 43.91 85.81
N SER U 514 66.21 44.47 86.89
CA SER U 514 66.06 45.91 87.06
C SER U 514 66.79 46.32 88.31
N PHE U 515 67.92 47.01 88.15
CA PHE U 515 68.62 47.56 89.29
C PHE U 515 67.86 48.75 89.86
N VAL U 516 67.64 49.77 89.04
CA VAL U 516 66.74 50.86 89.40
C VAL U 516 65.76 51.05 88.25
N PRO U 517 64.46 51.11 88.51
CA PRO U 517 63.50 51.26 87.40
C PRO U 517 63.27 52.72 87.02
N ILE U 518 63.65 53.08 85.80
CA ILE U 518 63.24 54.37 85.26
C ILE U 518 62.24 54.08 84.15
N ILE U 519 60.97 54.06 84.50
CA ILE U 519 59.91 53.68 83.58
C ILE U 519 58.73 54.62 83.77
N GLY U 520 58.22 55.15 82.67
CA GLY U 520 57.03 55.97 82.70
C GLY U 520 56.15 55.68 81.52
N ARG U 521 54.87 55.39 81.76
CA ARG U 521 53.96 55.11 80.67
C ARG U 521 52.97 56.25 80.51
N ILE U 522 52.48 56.39 79.29
CA ILE U 522 51.57 57.45 78.90
C ILE U 522 50.27 56.79 78.48
N THR U 523 49.22 56.97 79.29
CA THR U 523 47.93 56.43 78.91
C THR U 523 47.30 57.35 77.86
N ILE U 524 46.87 56.76 76.76
CA ILE U 524 46.33 57.51 75.63
C ILE U 524 44.84 57.21 75.55
N LYS U 525 44.03 58.26 75.63
CA LYS U 525 42.60 58.09 75.69
C LYS U 525 41.96 58.40 74.33
N ASN U 526 40.95 57.61 73.99
CA ASN U 526 40.09 57.77 72.82
C ASN U 526 40.90 57.74 71.52
N ASN U 527 41.59 56.63 71.30
CA ASN U 527 42.34 56.40 70.07
C ASN U 527 41.64 55.35 69.20
N ASN U 528 40.31 55.36 69.21
CA ASN U 528 39.54 54.45 68.39
C ASN U 528 39.21 55.03 67.02
N GLY U 529 39.79 56.18 66.67
CA GLY U 529 39.51 56.80 65.40
C GLY U 529 38.19 57.50 65.30
N SER U 530 37.51 57.75 66.42
CA SER U 530 36.25 58.48 66.42
C SER U 530 36.46 59.97 66.68
N VAL U 531 37.61 60.51 66.31
CA VAL U 531 37.88 61.92 66.57
C VAL U 531 37.23 62.81 65.51
N TYR U 532 37.05 62.29 64.30
CA TYR U 532 36.32 63.02 63.27
C TYR U 532 34.88 62.56 63.14
N ALA U 533 34.36 61.80 64.10
CA ALA U 533 33.04 61.22 63.99
C ALA U 533 32.18 61.47 65.21
N ARG U 534 32.68 62.19 66.20
CA ARG U 534 31.94 62.44 67.42
C ARG U 534 30.91 63.54 67.21
N MET V 81 72.54 22.02 90.28
CA MET V 81 71.81 20.93 90.91
C MET V 81 71.51 21.37 92.35
N GLY V 82 70.72 20.58 93.06
CA GLY V 82 70.38 20.82 94.45
C GLY V 82 71.54 20.83 95.42
N PRO V 83 72.23 19.70 95.61
CA PRO V 83 73.28 19.66 96.65
C PRO V 83 74.54 20.44 96.31
N ILE V 84 74.67 20.97 95.10
CA ILE V 84 75.79 21.84 94.79
C ILE V 84 75.50 23.23 95.34
N GLN V 85 76.36 23.71 96.23
CA GLN V 85 76.17 25.04 96.80
C GLN V 85 76.54 26.10 95.77
N PRO V 86 75.66 27.06 95.49
CA PRO V 86 75.92 28.01 94.40
C PRO V 86 76.85 29.13 94.84
N TYR V 87 77.97 29.27 94.15
CA TYR V 87 78.89 30.37 94.39
C TYR V 87 78.53 31.54 93.48
N ALA V 88 78.54 32.74 94.05
CA ALA V 88 78.14 33.95 93.35
C ALA V 88 79.37 34.76 92.99
N SER V 89 79.52 35.06 91.71
CA SER V 89 80.69 35.79 91.22
C SER V 89 80.53 37.28 91.50
N LEU V 90 81.42 38.09 90.94
CA LEU V 90 81.43 39.52 91.18
C LEU V 90 81.74 40.24 89.88
N SER V 91 80.73 40.91 89.32
CA SER V 91 80.92 41.65 88.09
C SER V 91 81.59 42.99 88.36
N MET V 92 82.29 43.49 87.35
CA MET V 92 83.29 44.55 87.51
C MET V 92 82.78 45.98 87.75
N PRO V 93 81.70 46.48 87.12
CA PRO V 93 81.27 47.85 87.47
C PRO V 93 80.64 47.92 88.86
N ILE V 94 80.84 49.05 89.53
CA ILE V 94 80.50 49.18 90.95
C ILE V 94 79.11 49.77 91.16
N LEU V 95 78.49 50.31 90.11
CA LEU V 95 77.10 50.81 90.12
C LEU V 95 76.90 51.92 91.15
N VAL V 96 77.56 53.04 90.87
CA VAL V 96 77.57 54.20 91.75
C VAL V 96 76.22 54.90 91.75
N LYS V 97 76.02 55.81 92.70
CA LYS V 97 74.90 56.72 92.68
C LYS V 97 75.14 57.83 91.67
N LEU V 98 74.16 58.72 91.55
CA LEU V 98 74.21 59.79 90.56
C LEU V 98 74.06 61.14 91.24
N TRP V 99 74.88 62.10 90.82
CA TRP V 99 74.94 63.42 91.41
C TRP V 99 74.37 64.44 90.43
N ALA V 100 74.10 65.63 90.97
CA ALA V 100 73.38 66.64 90.21
C ALA V 100 74.32 67.43 89.30
N ARG V 101 73.77 68.45 88.67
CA ARG V 101 74.51 69.34 87.78
C ARG V 101 74.88 70.62 88.52
N LEU V 102 76.07 71.13 88.26
CA LEU V 102 76.57 72.34 88.91
C LEU V 102 76.58 73.46 87.89
N ALA V 103 75.59 74.34 87.97
CA ALA V 103 75.46 75.43 87.01
C ALA V 103 75.18 76.79 87.62
N LEU V 104 74.72 76.87 88.86
CA LEU V 104 74.18 78.13 89.34
C LEU V 104 75.24 79.01 89.99
N THR V 105 76.42 78.48 90.28
CA THR V 105 77.53 79.35 90.66
C THR V 105 78.00 80.18 89.48
N GLU V 106 77.78 79.67 88.26
CA GLU V 106 78.06 80.39 87.04
C GLU V 106 77.07 81.54 86.81
N ALA V 107 75.92 81.51 87.47
CA ALA V 107 74.93 82.57 87.29
C ALA V 107 75.40 83.89 87.90
N LEU V 108 75.58 83.90 89.21
CA LEU V 108 75.90 85.13 89.92
C LEU V 108 77.34 85.55 89.69
N PRO V 109 77.64 86.84 89.66
CA PRO V 109 79.03 87.28 89.50
C PRO V 109 79.81 87.04 90.79
N THR V 110 80.99 86.45 90.64
CA THR V 110 81.83 86.08 91.77
C THR V 110 83.12 86.89 91.71
N GLN V 111 83.27 87.85 92.61
CA GLN V 111 84.55 88.48 92.87
C GLN V 111 85.08 87.91 94.18
N VAL V 112 86.33 87.45 94.14
CA VAL V 112 86.89 86.72 95.27
C VAL V 112 87.14 87.69 96.43
N ALA V 113 86.97 87.20 97.65
CA ALA V 113 87.15 88.03 98.82
C ALA V 113 88.58 87.93 99.32
N ASN V 114 89.00 88.95 100.06
CA ASN V 114 90.33 88.99 100.63
C ASN V 114 90.33 89.18 102.14
N LYS V 115 89.31 89.81 102.70
CA LYS V 115 89.14 89.93 104.13
C LYS V 115 87.78 89.38 104.53
N PRO V 116 87.69 88.66 105.65
CA PRO V 116 86.41 88.06 106.05
C PRO V 116 85.38 89.02 106.60
N ASN V 117 85.66 90.33 106.62
CA ASN V 117 84.67 91.31 107.06
C ASN V 117 85.02 92.63 106.40
N PHE V 118 84.13 93.13 105.54
CA PHE V 118 84.36 94.40 104.88
C PHE V 118 83.02 95.06 104.59
N THR V 119 83.07 96.33 104.21
CA THR V 119 81.89 97.11 103.86
C THR V 119 82.05 97.69 102.46
N VAL V 120 80.99 98.35 102.00
CA VAL V 120 81.02 99.09 100.75
C VAL V 120 79.99 100.22 100.86
N PRO V 121 80.35 101.46 100.53
CA PRO V 121 79.42 102.57 100.76
C PRO V 121 78.56 102.91 99.56
N ILE V 122 77.32 103.30 99.86
CA ILE V 122 76.40 103.87 98.89
C ILE V 122 76.25 105.35 99.20
N LEU V 123 75.80 106.12 98.22
CA LEU V 123 75.53 107.54 98.45
C LEU V 123 74.25 107.93 97.75
N THR V 124 73.33 108.54 98.48
CA THR V 124 72.06 108.96 97.94
C THR V 124 71.93 110.47 98.04
N PRO V 125 71.71 111.17 96.94
CA PRO V 125 71.43 112.61 97.03
C PRO V 125 70.02 112.88 97.51
N TYR V 126 69.65 114.15 97.70
CA TYR V 126 68.40 114.45 98.37
C TYR V 126 67.83 115.78 97.90
N VAL V 127 66.65 116.11 98.43
CA VAL V 127 65.97 117.39 98.24
C VAL V 127 65.34 117.77 99.56
N VAL V 128 65.59 119.01 100.00
CA VAL V 128 65.15 119.45 101.32
C VAL V 128 63.70 119.90 101.36
N ASP V 129 62.96 119.79 100.25
CA ASP V 129 61.51 119.93 100.12
C ASP V 129 61.01 121.36 100.36
N ALA V 130 61.89 122.31 100.71
CA ALA V 130 61.61 123.73 100.94
C ALA V 130 60.57 123.98 102.04
N ASP V 131 60.31 123.00 102.91
CA ASP V 131 59.53 123.22 104.12
C ASP V 131 60.07 122.38 105.27
N GLY V 132 61.37 122.13 105.29
CA GLY V 132 61.93 121.24 106.28
C GLY V 132 62.56 119.97 105.75
N ASN V 133 61.84 118.85 105.91
CA ASN V 133 62.40 117.51 105.87
C ASN V 133 62.86 117.11 104.46
N LYS V 134 63.39 115.90 104.37
CA LYS V 134 64.24 115.47 103.28
C LYS V 134 63.52 114.45 102.41
N HIS V 135 63.95 114.36 101.15
CA HIS V 135 63.34 113.46 100.19
C HIS V 135 64.42 112.85 99.30
N ALA V 136 64.34 111.55 99.07
CA ALA V 136 65.30 110.87 98.20
C ALA V 136 65.15 111.35 96.76
N LEU V 137 66.28 111.73 96.16
CA LEU V 137 66.22 112.52 94.93
C LEU V 137 65.91 111.75 93.65
N PRO V 138 66.61 110.66 93.26
CA PRO V 138 66.28 110.04 91.95
C PRO V 138 64.96 109.29 91.96
N GLU V 139 64.31 109.18 93.11
CA GLU V 139 63.05 108.46 93.22
C GLU V 139 61.86 109.40 93.20
N SER V 140 61.86 110.40 94.08
CA SER V 140 60.72 111.31 94.18
C SER V 140 60.62 112.21 92.96
N ILE V 141 61.72 112.49 92.29
CA ILE V 141 61.70 113.14 90.98
C ILE V 141 61.72 112.00 89.95
N ASN V 142 60.53 111.46 89.68
CA ASN V 142 60.37 110.49 88.58
C ASN V 142 59.06 110.63 87.82
N ASN V 143 58.17 111.53 88.20
CA ASN V 143 56.77 111.41 87.82
C ASN V 143 56.33 112.61 87.00
N THR V 144 55.12 112.53 86.47
CA THR V 144 54.51 113.74 85.92
C THR V 144 53.94 114.65 87.02
N PRO V 145 53.10 114.16 88.01
CA PRO V 145 52.57 115.22 88.91
C PRO V 145 53.56 115.63 89.99
N GLU V 146 54.58 116.37 89.58
CA GLU V 146 55.69 116.74 90.45
C GLU V 146 55.39 118.06 91.14
N THR V 147 55.55 118.08 92.47
CA THR V 147 55.22 119.26 93.25
C THR V 147 56.33 119.72 94.18
N LEU V 148 57.49 119.06 94.19
CA LEU V 148 58.53 119.42 95.13
C LEU V 148 59.33 120.63 94.64
N VAL V 149 60.01 120.47 93.51
CA VAL V 149 60.80 121.55 92.93
C VAL V 149 59.93 122.33 91.95
N GLY V 150 60.02 123.65 92.01
CA GLY V 150 59.19 124.52 91.22
C GLY V 150 58.89 125.77 92.00
N LEU V 151 58.37 126.77 91.30
CA LEU V 151 58.01 128.02 91.95
C LEU V 151 56.80 127.82 92.85
N VAL V 152 56.75 128.59 93.93
CA VAL V 152 55.62 128.51 94.84
C VAL V 152 54.41 129.14 94.16
N GLN V 153 53.30 128.40 94.14
CA GLN V 153 52.11 128.84 93.44
C GLN V 153 51.23 129.66 94.36
N ILE V 154 50.63 130.72 93.81
CA ILE V 154 49.71 131.55 94.55
C ILE V 154 48.39 130.80 94.74
N LYS V 155 47.52 131.33 95.59
CA LYS V 155 46.23 130.69 95.82
C LYS V 155 45.35 130.81 94.58
N GLU V 156 44.57 129.76 94.33
CA GLU V 156 43.79 129.68 93.09
C GLU V 156 42.56 130.59 93.14
N ASP V 157 41.68 130.35 94.10
CA ASP V 157 40.37 130.99 94.11
C ASP V 157 40.47 132.44 94.53
N ILE V 158 39.84 133.32 93.74
CA ILE V 158 39.74 134.74 94.05
C ILE V 158 38.28 135.11 93.99
N ALA V 159 37.65 135.28 95.14
CA ALA V 159 36.23 135.61 95.20
C ALA V 159 36.03 137.08 94.85
N VAL V 160 35.36 137.32 93.73
CA VAL V 160 35.12 138.68 93.24
C VAL V 160 33.68 139.03 93.60
N GLU V 161 33.49 140.16 94.26
CA GLU V 161 32.17 140.52 94.77
C GLU V 161 31.52 141.54 93.85
N GLY V 162 30.39 141.17 93.25
CA GLY V 162 29.67 142.09 92.40
C GLY V 162 30.30 142.34 91.06
N GLY V 163 31.14 141.41 90.59
CA GLY V 163 31.74 141.56 89.28
C GLY V 163 33.00 142.39 89.24
N LYS V 164 33.50 142.86 90.38
CA LYS V 164 34.71 143.67 90.41
C LYS V 164 35.32 143.61 91.79
N VAL V 165 36.66 143.72 91.86
CA VAL V 165 37.33 143.96 93.12
C VAL V 165 38.13 145.26 92.99
N THR V 166 38.49 145.81 94.14
CA THR V 166 39.33 146.99 94.23
C THR V 166 40.63 146.58 94.89
N ASP V 167 41.64 146.28 94.06
CA ASP V 167 43.02 146.01 94.48
C ASP V 167 43.11 144.80 95.41
N TYR V 168 42.78 143.63 94.87
CA TYR V 168 42.91 142.40 95.65
C TYR V 168 44.36 141.96 95.71
N ASP V 169 44.79 141.54 96.90
CA ASP V 169 46.16 141.08 97.11
C ASP V 169 46.27 139.61 96.74
N LEU V 170 47.09 139.31 95.75
CA LEU V 170 47.23 137.93 95.28
C LEU V 170 47.99 137.06 96.27
N PHE V 171 48.84 137.65 97.10
CA PHE V 171 49.72 136.87 97.97
C PHE V 171 49.07 136.61 99.33
N THR V 172 47.85 136.09 99.29
CA THR V 172 47.09 135.77 100.49
C THR V 172 47.19 134.28 100.74
N GLY V 173 47.36 133.90 102.01
CA GLY V 173 47.49 132.52 102.40
C GLY V 173 48.91 132.02 102.42
N LEU V 174 49.80 132.63 101.64
CA LEU V 174 51.21 132.25 101.68
C LEU V 174 51.86 132.79 102.95
N LYS V 175 52.75 132.00 103.53
CA LYS V 175 53.40 132.39 104.76
C LYS V 175 54.45 133.47 104.48
N GLU V 176 54.56 134.41 105.42
CA GLU V 176 55.48 135.52 105.27
C GLU V 176 56.92 135.05 105.48
N GLY V 177 57.82 135.54 104.64
CA GLY V 177 59.23 135.33 104.84
C GLY V 177 59.85 134.16 104.09
N LYS V 178 59.40 132.95 104.38
CA LYS V 178 60.10 131.78 103.86
C LYS V 178 59.77 131.47 102.40
N GLU V 179 58.58 131.81 101.93
CA GLU V 179 58.27 131.67 100.52
C GLU V 179 57.91 132.97 99.83
N VAL V 180 57.54 134.01 100.58
CA VAL V 180 57.30 135.33 100.01
C VAL V 180 57.70 136.38 101.03
N ARG V 181 58.48 137.35 100.59
CA ARG V 181 58.85 138.51 101.40
C ARG V 181 58.11 139.71 100.83
N LYS V 182 57.14 140.21 101.59
CA LYS V 182 56.19 141.19 101.07
C LYS V 182 56.85 142.52 100.78
N GLY V 183 56.64 143.02 99.56
CA GLY V 183 57.28 144.23 99.11
C GLY V 183 58.63 144.04 98.47
N ILE V 184 59.12 142.81 98.38
CA ILE V 184 60.41 142.52 97.77
C ILE V 184 60.26 141.75 96.47
N ASP V 185 59.65 140.57 96.52
CA ASP V 185 59.50 139.77 95.32
C ASP V 185 58.22 140.16 94.58
N ARG V 186 58.12 139.69 93.35
CA ARG V 186 57.06 140.09 92.44
C ARG V 186 56.35 138.86 91.89
N LEU V 187 55.17 139.10 91.35
CA LEU V 187 54.45 138.06 90.62
C LEU V 187 55.15 137.75 89.31
N ASP V 188 54.98 136.53 88.84
CA ASP V 188 55.55 136.12 87.58
C ASP V 188 54.73 136.66 86.42
N ARG V 189 55.31 136.64 85.24
CA ARG V 189 54.61 137.05 84.04
C ARG V 189 53.92 135.88 83.33
N LYS V 190 53.90 134.69 83.93
CA LYS V 190 53.06 133.59 83.48
C LYS V 190 51.71 133.55 84.19
N PHE V 191 51.25 134.68 84.70
CA PHE V 191 49.96 134.73 85.36
C PHE V 191 48.84 134.60 84.35
N LYS V 192 47.83 133.81 84.68
CA LYS V 192 46.66 133.65 83.83
C LYS V 192 45.53 133.12 84.69
N ILE V 193 44.31 133.30 84.18
CA ILE V 193 43.12 132.73 84.82
C ILE V 193 42.67 131.55 83.97
N VAL V 194 42.16 130.51 84.63
CA VAL V 194 41.88 129.27 83.94
C VAL V 194 40.44 128.83 84.18
N GLU V 195 39.84 129.32 85.26
CA GLU V 195 38.50 128.92 85.65
C GLU V 195 37.75 130.14 86.13
N ALA V 196 36.72 130.54 85.39
CA ALA V 196 35.88 131.65 85.79
C ALA V 196 34.49 131.12 86.08
N LYS V 197 33.76 131.81 86.97
CA LYS V 197 32.41 131.41 87.32
C LYS V 197 31.55 132.66 87.39
N TRP V 198 30.73 132.87 86.35
CA TRP V 198 29.70 133.88 86.43
C TRP V 198 28.53 133.35 87.25
N SER V 199 27.53 134.21 87.46
CA SER V 199 26.36 133.79 88.20
C SER V 199 25.52 132.80 87.40
N ASP V 200 25.30 133.08 86.12
CA ASP V 200 24.51 132.20 85.27
C ASP V 200 25.40 131.30 84.42
N SER V 201 26.24 130.52 85.08
CA SER V 201 27.18 129.66 84.37
C SER V 201 26.73 128.21 84.40
N PHE V 202 27.55 127.35 83.79
CA PHE V 202 27.29 125.92 83.75
C PHE V 202 28.62 125.19 83.65
N ASP V 203 28.78 124.14 84.44
CA ASP V 203 30.10 123.55 84.67
C ASP V 203 30.60 122.78 83.45
N GLU V 204 29.80 121.82 82.98
CA GLU V 204 30.06 120.79 81.96
C GLU V 204 31.07 119.73 82.40
N ARG V 205 31.68 119.88 83.58
CA ARG V 205 32.31 118.75 84.24
C ARG V 205 31.32 118.04 85.15
N THR V 206 30.47 118.79 85.83
CA THR V 206 29.21 118.31 86.35
C THR V 206 28.08 119.09 85.67
N SER V 207 26.85 118.68 85.96
CA SER V 207 25.68 119.34 85.38
C SER V 207 25.08 120.34 86.36
N ALA V 208 25.85 121.38 86.66
CA ALA V 208 25.40 122.41 87.59
C ALA V 208 26.05 123.73 87.22
N ALA V 209 25.69 124.77 87.97
CA ALA V 209 26.23 126.10 87.74
C ALA V 209 27.56 126.25 88.46
N GLY V 210 28.62 126.58 87.72
CA GLY V 210 29.93 126.70 88.32
C GLY V 210 31.01 127.15 87.37
N PHE V 211 32.17 126.51 87.45
CA PHE V 211 33.34 126.97 86.73
C PHE V 211 33.33 126.45 85.30
N VAL V 212 33.72 127.32 84.37
CA VAL V 212 33.79 126.95 82.96
C VAL V 212 35.25 126.71 82.59
N GLU V 213 35.50 125.59 81.91
CA GLU V 213 36.86 125.22 81.53
C GLU V 213 37.27 126.08 80.34
N LEU V 214 37.99 127.16 80.62
CA LEU V 214 38.52 128.02 79.57
C LEU V 214 39.58 127.28 78.79
N GLY V 215 39.29 126.96 77.54
CA GLY V 215 40.21 126.20 76.72
C GLY V 215 40.61 126.93 75.47
N SER V 216 41.91 127.21 75.34
CA SER V 216 42.52 128.05 74.29
C SER V 216 41.89 129.44 74.21
N ASN V 217 41.30 129.91 75.31
CA ASN V 217 40.79 131.27 75.43
C ASN V 217 41.08 131.82 76.81
N VAL V 218 42.09 131.28 77.49
CA VAL V 218 42.44 131.72 78.84
C VAL V 218 42.95 133.14 78.80
N VAL V 219 42.63 133.90 79.83
CA VAL V 219 42.98 135.31 79.89
C VAL V 219 44.37 135.39 80.50
N LYS V 220 45.36 135.59 79.64
CA LYS V 220 46.76 135.68 80.05
C LYS V 220 47.24 137.11 79.91
N LEU V 221 48.48 137.36 80.35
CA LEU V 221 49.03 138.70 80.41
C LEU V 221 49.45 139.17 79.02
N GLN V 222 48.89 140.29 78.59
CA GLN V 222 49.32 140.97 77.38
C GLN V 222 50.36 142.02 77.74
N ASP V 223 50.68 142.90 76.80
CA ASP V 223 51.67 143.94 77.04
C ASP V 223 51.16 144.98 78.03
N ASN V 224 52.10 145.68 78.67
CA ASN V 224 51.86 146.68 79.71
C ASN V 224 51.07 146.13 80.90
N ASP V 225 51.28 144.83 81.17
CA ASP V 225 50.71 144.12 82.32
C ASP V 225 49.18 144.18 82.37
N THR V 226 48.54 144.13 81.20
CA THR V 226 47.08 144.14 81.16
C THR V 226 46.54 142.73 80.98
N LEU V 227 45.23 142.60 81.17
CA LEU V 227 44.59 141.28 81.21
C LEU V 227 43.19 141.46 80.63
N VAL V 228 43.06 141.24 79.33
CA VAL V 228 41.80 141.46 78.62
C VAL V 228 41.27 140.11 78.15
N GLY V 229 39.97 139.88 78.38
CA GLY V 229 39.38 138.61 78.05
C GLY V 229 38.01 138.71 77.39
N GLN V 230 37.79 137.92 76.36
CA GLN V 230 36.53 137.85 75.63
C GLN V 230 36.03 136.42 75.71
N ILE V 231 35.16 136.15 76.68
CA ILE V 231 34.75 134.80 76.99
C ILE V 231 33.28 134.62 76.65
N LYS V 232 32.95 133.45 76.11
CA LYS V 232 31.63 133.12 75.59
C LYS V 232 31.10 131.86 76.28
N TYR V 233 31.10 131.89 77.61
CA TYR V 233 30.70 130.78 78.46
C TYR V 233 29.26 130.34 78.20
N PRO V 234 28.93 129.08 78.43
CA PRO V 234 27.55 128.61 78.29
C PRO V 234 26.76 128.81 79.58
N THR V 235 25.49 129.20 79.40
CA THR V 235 24.60 129.42 80.52
C THR V 235 23.94 128.13 80.98
N ASN V 236 23.34 127.39 80.05
CA ASN V 236 22.68 126.13 80.35
C ASN V 236 23.29 125.03 79.49
N GLY V 237 23.69 123.94 80.13
CA GLY V 237 24.33 122.84 79.43
C GLY V 237 23.41 122.07 78.51
N ASP V 238 22.10 122.15 78.73
CA ASP V 238 21.12 121.67 77.76
C ASP V 238 20.52 122.78 76.93
N GLY V 239 20.73 124.04 77.32
CA GLY V 239 20.20 125.15 76.59
C GLY V 239 21.13 125.64 75.49
N GLU V 240 22.44 125.50 75.72
CA GLU V 240 23.51 125.98 74.84
C GLU V 240 23.33 127.47 74.53
N VAL V 241 23.11 128.24 75.58
CA VAL V 241 22.77 129.66 75.43
C VAL V 241 23.98 130.46 74.97
N GLU V 242 25.16 130.14 75.51
CA GLU V 242 26.45 130.68 75.07
C GLU V 242 26.52 132.20 75.23
N THR V 243 26.44 132.64 76.49
CA THR V 243 26.43 134.06 76.81
C THR V 243 27.85 134.61 76.76
N ASP V 244 27.97 135.85 76.27
CA ASP V 244 29.25 136.54 76.17
C ASP V 244 29.42 137.53 77.33
N THR V 245 30.66 137.64 77.81
CA THR V 245 31.03 138.65 78.80
C THR V 245 32.51 138.98 78.59
N ILE V 246 32.84 140.26 78.75
CA ILE V 246 34.20 140.76 78.58
C ILE V 246 34.85 140.91 79.95
N LEU V 247 36.09 140.43 80.06
CA LEU V 247 36.89 140.54 81.29
C LEU V 247 38.03 141.51 81.05
N GLY V 248 37.79 142.78 81.35
CA GLY V 248 38.85 143.76 81.34
C GLY V 248 39.52 143.83 82.70
N LYS V 249 40.80 143.51 82.77
CA LYS V 249 41.52 143.47 84.03
C LYS V 249 42.89 144.08 83.86
N VAL V 250 43.42 144.65 84.95
CA VAL V 250 44.83 144.99 85.04
C VAL V 250 45.35 144.42 86.35
N ASP V 251 46.60 144.01 86.33
CA ASP V 251 47.30 143.61 87.54
C ASP V 251 48.75 144.05 87.45
N VAL V 252 49.33 144.36 88.59
CA VAL V 252 50.69 144.87 88.65
C VAL V 252 51.62 143.79 89.19
N SER V 253 52.86 143.80 88.70
CA SER V 253 53.83 142.82 89.17
C SER V 253 54.51 143.29 90.43
N SER V 254 54.81 144.58 90.53
CA SER V 254 55.53 145.10 91.68
C SER V 254 54.64 145.14 92.92
N GLY V 255 53.48 145.79 92.81
CA GLY V 255 52.55 145.90 93.91
C GLY V 255 51.70 144.70 94.21
N GLU V 256 51.86 143.63 93.41
CA GLU V 256 51.17 142.32 93.51
C GLU V 256 49.65 142.45 93.68
N LEU V 257 49.07 143.44 93.00
CA LEU V 257 47.67 143.79 93.16
C LEU V 257 46.93 143.59 91.84
N THR V 258 45.76 142.96 91.90
CA THR V 258 44.95 142.74 90.72
C THR V 258 43.70 143.63 90.73
N LEU V 259 43.05 143.75 89.58
CA LEU V 259 41.88 144.60 89.45
C LEU V 259 40.91 143.91 88.49
N THR V 260 39.83 143.38 89.04
CA THR V 260 38.85 142.65 88.24
C THR V 260 37.73 143.56 87.81
N SER V 261 37.25 143.35 86.58
CA SER V 261 36.09 144.09 86.08
C SER V 261 35.43 143.27 85.00
N ALA V 262 34.13 143.02 85.15
CA ALA V 262 33.33 142.33 84.15
C ALA V 262 32.13 143.19 83.79
N SER V 263 31.74 143.14 82.52
CA SER V 263 30.55 143.86 82.07
C SER V 263 29.28 143.25 82.63
N GLY V 264 29.26 141.95 82.85
CA GLY V 264 28.11 141.30 83.45
C GLY V 264 28.19 141.17 84.96
N LYS V 265 28.21 139.95 85.45
CA LYS V 265 28.32 139.67 86.88
C LYS V 265 29.17 138.42 87.10
N LEU V 266 30.22 138.56 87.90
CA LEU V 266 31.08 137.45 88.27
C LEU V 266 30.91 137.10 89.73
N THR V 267 31.33 135.89 90.09
CA THR V 267 31.29 135.38 91.45
C THR V 267 32.68 135.07 91.99
N ASP V 268 33.49 134.31 91.25
CA ASP V 268 34.90 134.18 91.56
C ASP V 268 35.65 133.89 90.27
N VAL V 269 36.95 133.63 90.42
CA VAL V 269 37.81 133.20 89.33
C VAL V 269 39.00 132.46 89.93
N LYS V 270 39.37 131.34 89.31
CA LYS V 270 40.54 130.58 89.75
C LYS V 270 41.71 130.97 88.87
N VAL V 271 42.66 131.68 89.46
CA VAL V 271 43.84 132.15 88.76
C VAL V 271 44.95 131.12 88.89
N LYS V 272 45.97 131.26 88.06
CA LYS V 272 47.13 130.35 88.08
C LYS V 272 48.39 131.19 87.87
N GLY V 273 49.02 131.57 88.98
CA GLY V 273 50.21 132.40 88.92
C GLY V 273 51.26 131.92 89.90
N TYR V 274 52.48 132.39 89.68
CA TYR V 274 53.64 131.99 90.46
C TYR V 274 54.34 133.20 91.05
N VAL V 275 55.03 132.99 92.16
CA VAL V 275 55.93 134.00 92.71
C VAL V 275 57.23 133.94 91.94
N ALA V 276 57.59 135.05 91.29
CA ALA V 276 58.77 135.06 90.43
C ALA V 276 60.05 135.03 91.26
N SER V 277 60.91 134.06 90.98
CA SER V 277 62.16 133.92 91.70
C SER V 277 63.32 134.62 91.01
N GLU V 278 63.14 135.90 90.68
CA GLU V 278 64.28 136.69 90.23
C GLU V 278 65.19 137.02 91.40
N GLN V 279 64.61 137.23 92.57
CA GLN V 279 65.34 137.37 93.81
C GLN V 279 65.17 136.09 94.63
N HIS V 280 66.18 135.77 95.41
CA HIS V 280 66.14 134.61 96.28
C HIS V 280 65.13 134.82 97.40
N THR V 281 64.07 134.03 97.40
CA THR V 281 63.15 134.01 98.52
C THR V 281 62.96 132.57 98.96
N SER V 282 63.05 131.66 98.00
CA SER V 282 63.02 130.24 98.26
C SER V 282 63.66 129.53 97.08
N ALA V 283 64.30 128.40 97.38
CA ALA V 283 64.90 127.55 96.36
C ALA V 283 64.91 126.13 96.89
N THR V 284 65.61 125.24 96.19
CA THR V 284 65.73 123.85 96.59
C THR V 284 67.19 123.55 96.86
N ASN V 285 67.49 123.01 98.04
CA ASN V 285 68.84 122.60 98.37
C ASN V 285 68.98 121.10 98.25
N VAL V 286 69.94 120.66 97.46
CA VAL V 286 70.28 119.25 97.42
C VAL V 286 71.40 119.00 98.42
N GLU V 287 71.35 117.83 99.07
CA GLU V 287 72.37 117.44 100.01
C GLU V 287 72.64 115.96 99.83
N LEU V 288 73.83 115.53 100.22
CA LEU V 288 74.26 114.16 100.05
C LEU V 288 74.11 113.39 101.35
N GLY V 289 73.88 112.08 101.21
CA GLY V 289 73.93 111.16 102.32
C GLY V 289 74.86 110.01 102.00
N LEU V 290 75.09 109.17 103.00
CA LEU V 290 75.97 108.03 102.82
C LEU V 290 75.60 106.95 103.82
N THR V 291 75.72 105.70 103.40
CA THR V 291 75.49 104.55 104.26
C THR V 291 76.27 103.39 103.67
N ARG V 292 76.99 102.65 104.52
CA ARG V 292 77.73 101.49 104.06
C ARG V 292 76.98 100.21 104.38
N LYS V 293 77.33 99.15 103.68
CA LYS V 293 76.67 97.85 103.81
C LYS V 293 77.71 96.82 104.25
N ASP V 294 77.49 96.23 105.42
CA ASP V 294 78.49 95.34 106.00
C ASP V 294 78.39 93.95 105.40
N VAL V 295 79.54 93.42 104.98
CA VAL V 295 79.64 92.07 104.45
C VAL V 295 80.51 91.28 105.39
N VAL V 296 79.95 90.24 106.01
CA VAL V 296 80.68 89.37 106.92
C VAL V 296 80.71 87.97 106.34
N ILE V 297 81.89 87.35 106.40
CA ILE V 297 82.12 86.02 105.85
C ILE V 297 82.60 85.14 106.98
N ASP V 298 81.83 84.11 107.29
CA ASP V 298 82.10 83.30 108.46
C ASP V 298 82.52 81.89 108.06
N THR V 299 83.02 81.15 109.05
CA THR V 299 83.45 79.77 108.82
C THR V 299 82.26 78.86 108.60
N ALA V 300 82.50 77.77 107.88
CA ALA V 300 81.45 76.81 107.54
C ALA V 300 81.71 75.49 108.27
N GLN V 301 80.81 74.55 108.06
CA GLN V 301 80.93 73.23 108.68
C GLN V 301 81.98 72.42 107.95
N HIS V 302 82.83 71.73 108.71
CA HIS V 302 83.86 70.90 108.12
C HIS V 302 83.27 69.56 107.70
N ILE V 303 83.56 69.16 106.48
CA ILE V 303 83.21 67.82 106.02
C ILE V 303 84.31 66.87 106.48
N GLU V 304 83.93 65.68 106.92
CA GLU V 304 84.87 64.80 107.59
C GLU V 304 84.69 63.36 107.13
N ALA V 305 85.80 62.62 107.11
CA ALA V 305 85.78 61.18 106.82
C ALA V 305 86.96 60.55 107.54
N THR V 306 86.67 59.79 108.59
CA THR V 306 87.72 59.06 109.30
C THR V 306 88.21 57.89 108.46
N VAL V 307 89.51 57.65 108.49
CA VAL V 307 90.12 56.62 107.67
C VAL V 307 90.93 55.63 108.53
N PRO V 308 90.30 54.64 109.13
CA PRO V 308 91.06 53.60 109.85
C PRO V 308 91.80 52.71 108.86
N LEU V 309 92.82 52.03 109.38
CA LEU V 309 93.58 51.10 108.56
C LEU V 309 92.90 49.75 108.42
N GLU V 310 92.03 49.39 109.37
CA GLU V 310 91.30 48.13 109.30
C GLU V 310 90.23 48.11 108.21
N VAL V 311 89.89 49.27 107.62
CA VAL V 311 88.92 49.33 106.55
C VAL V 311 89.54 49.78 105.23
N ILE V 312 90.85 50.01 105.21
CA ILE V 312 91.51 50.33 103.95
C ILE V 312 92.05 49.08 103.28
N GLN V 313 92.77 48.25 104.02
CA GLN V 313 93.26 46.99 103.47
C GLN V 313 92.15 46.00 103.19
N ASP V 314 91.01 46.14 103.86
CA ASP V 314 89.87 45.27 103.57
C ASP V 314 89.22 45.66 102.25
N MET V 315 88.88 46.93 102.09
CA MET V 315 88.16 47.38 100.91
C MET V 315 89.05 47.55 99.70
N LYS V 316 90.36 47.34 99.82
CA LYS V 316 91.26 47.29 98.68
C LYS V 316 91.52 45.86 98.22
N ALA V 317 91.62 44.92 99.15
CA ALA V 317 91.83 43.53 98.75
C ALA V 317 90.54 42.91 98.22
N THR V 318 89.40 43.25 98.80
CA THR V 318 88.15 42.59 98.44
C THR V 318 87.57 43.12 97.14
N TYR V 319 87.22 44.40 97.11
CA TYR V 319 86.50 44.97 95.99
C TYR V 319 87.37 45.86 95.10
N ASP V 320 88.65 46.06 95.46
CA ASP V 320 89.57 47.00 94.82
C ASP V 320 88.97 48.41 94.79
N ILE V 321 88.47 48.84 95.94
CA ILE V 321 87.95 50.19 96.13
C ILE V 321 89.02 50.97 96.89
N ASP V 322 89.50 52.04 96.28
CA ASP V 322 90.40 52.95 96.99
C ASP V 322 89.58 53.81 97.93
N GLY V 323 89.66 53.53 99.23
CA GLY V 323 88.79 54.18 100.19
C GLY V 323 89.10 55.64 100.44
N VAL V 324 90.29 56.09 100.08
CA VAL V 324 90.65 57.49 100.32
C VAL V 324 90.43 58.36 99.09
N ALA V 325 90.10 57.78 97.94
CA ALA V 325 89.67 58.58 96.80
C ALA V 325 88.16 58.61 96.65
N ARG V 326 87.47 57.55 97.05
CA ARG V 326 86.01 57.54 97.08
C ARG V 326 85.44 58.29 98.26
N LEU V 327 86.29 58.81 99.15
CA LEU V 327 85.88 59.74 100.18
C LEU V 327 86.42 61.14 99.96
N SER V 328 87.53 61.28 99.25
CA SER V 328 88.00 62.60 98.87
C SER V 328 87.11 63.20 97.79
N GLU V 329 86.78 62.42 96.77
CA GLU V 329 85.91 62.88 95.70
C GLU V 329 84.43 62.80 96.06
N THR V 330 84.11 62.42 97.28
CA THR V 330 82.77 62.55 97.83
C THR V 330 82.59 63.86 98.59
N MET V 331 83.62 64.30 99.30
CA MET V 331 83.59 65.62 99.94
C MET V 331 83.50 66.72 98.91
N SER V 332 84.28 66.61 97.83
CA SER V 332 84.33 67.64 96.80
C SER V 332 83.06 67.73 95.98
N GLN V 333 82.15 66.77 96.10
CA GLN V 333 80.82 66.89 95.53
C GLN V 333 79.75 67.22 96.56
N LEU V 334 79.94 66.84 97.83
CA LEU V 334 79.02 67.29 98.86
C LEU V 334 79.19 68.77 99.13
N SER V 335 80.44 69.25 99.18
CA SER V 335 80.67 70.67 99.41
C SER V 335 80.24 71.50 98.21
N SER V 336 80.47 70.99 97.00
CA SER V 336 80.10 71.74 95.81
C SER V 336 78.59 71.73 95.58
N GLN V 337 77.89 70.78 96.17
CA GLN V 337 76.43 70.85 96.17
C GLN V 337 75.91 71.76 97.28
N LYS V 338 76.60 71.78 98.42
CA LYS V 338 76.15 72.57 99.57
C LYS V 338 76.23 74.06 99.28
N VAL V 339 77.24 74.50 98.53
CA VAL V 339 77.31 75.88 98.09
C VAL V 339 76.20 76.21 97.10
N ASP V 340 75.66 75.21 96.42
CA ASP V 340 74.61 75.41 95.43
C ASP V 340 73.22 75.36 96.03
N LEU V 341 73.05 74.70 97.16
CA LEU V 341 71.81 74.73 97.91
C LEU V 341 71.62 76.03 98.68
N ASP V 342 72.69 76.82 98.83
CA ASP V 342 72.60 78.09 99.54
C ASP V 342 72.30 79.25 98.61
N ILE V 343 72.71 79.15 97.35
CA ILE V 343 72.31 80.16 96.36
C ILE V 343 70.81 80.11 96.14
N ILE V 344 70.24 78.90 96.08
CA ILE V 344 68.81 78.77 95.89
C ILE V 344 68.06 79.15 97.16
N GLU V 345 68.65 78.88 98.33
CA GLU V 345 68.08 79.40 99.56
C GLU V 345 68.23 80.91 99.66
N PHE V 346 69.23 81.48 99.00
CA PHE V 346 69.41 82.93 99.00
C PHE V 346 68.32 83.61 98.18
N LEU V 347 68.12 83.18 96.93
CA LEU V 347 67.12 83.79 96.07
C LEU V 347 65.71 83.49 96.51
N ASP V 348 65.51 82.42 97.30
CA ASP V 348 64.26 82.25 98.02
C ASP V 348 64.09 83.39 99.03
N HIS V 349 65.11 83.62 99.86
CA HIS V 349 65.01 84.62 100.91
C HIS V 349 65.01 86.02 100.34
N GLU V 350 65.66 86.23 99.21
CA GLU V 350 65.73 87.56 98.62
C GLU V 350 64.43 87.98 97.96
N TYR V 351 63.74 87.05 97.28
CA TYR V 351 62.46 87.39 96.67
C TYR V 351 61.41 87.68 97.73
N LYS V 352 61.45 86.96 98.85
CA LYS V 352 60.56 87.28 99.96
C LYS V 352 60.99 88.57 100.65
N GLU V 353 62.27 88.91 100.58
CA GLU V 353 62.72 90.22 101.06
C GLU V 353 62.20 91.33 100.15
N THR V 354 62.11 91.03 98.85
CA THR V 354 61.56 91.98 97.88
C THR V 354 60.05 92.17 98.08
N ASP V 355 59.37 91.12 98.56
CA ASP V 355 57.94 91.10 98.90
C ASP V 355 57.07 91.42 97.67
N ALA V 356 57.17 90.50 96.70
CA ALA V 356 56.20 90.35 95.60
C ALA V 356 56.13 91.59 94.71
N LYS V 357 57.25 92.29 94.55
CA LYS V 357 57.26 93.46 93.69
C LYS V 357 57.25 93.06 92.22
N TYR V 358 57.74 91.87 91.90
CA TYR V 358 57.79 91.37 90.53
C TYR V 358 57.29 89.92 90.55
N HIS V 359 55.98 89.74 90.42
CA HIS V 359 55.33 88.44 90.50
C HIS V 359 54.37 88.27 89.33
N PHE V 360 54.84 88.52 88.12
CA PHE V 360 53.97 88.42 86.95
C PHE V 360 53.78 86.97 86.59
N SER V 361 52.52 86.55 86.48
CA SER V 361 52.17 85.13 86.42
C SER V 361 52.14 84.65 84.97
N PHE V 362 51.85 83.35 84.79
CA PHE V 362 51.73 82.72 83.49
C PHE V 362 50.92 81.44 83.66
N ASP V 363 50.23 81.04 82.60
CA ASP V 363 49.47 79.81 82.63
C ASP V 363 49.79 78.96 81.42
N VAL V 364 50.14 77.70 81.65
CA VAL V 364 50.32 76.76 80.55
C VAL V 364 48.98 76.39 79.94
N PHE V 365 47.96 76.21 80.78
CA PHE V 365 46.58 76.09 80.34
C PHE V 365 46.19 77.36 79.62
N PRO V 366 45.86 77.32 78.33
CA PRO V 366 45.43 78.53 77.64
C PRO V 366 44.07 78.98 78.14
N HIS V 367 43.77 80.25 77.88
CA HIS V 367 42.50 80.82 78.31
C HIS V 367 41.35 80.17 77.54
N SER V 368 40.16 80.22 78.14
CA SER V 368 39.02 79.50 77.61
C SER V 368 38.45 80.10 76.33
N ASP V 369 39.02 81.20 75.83
CA ASP V 369 38.75 81.70 74.49
C ASP V 369 39.99 81.69 73.62
N TYR V 370 40.91 80.77 73.83
CA TYR V 370 42.10 80.77 72.99
C TYR V 370 41.83 80.12 71.64
N SER V 371 41.47 78.83 71.66
CA SER V 371 41.04 78.06 70.49
C SER V 371 42.10 78.03 69.38
N ALA V 372 43.28 77.56 69.75
CA ALA V 372 44.32 77.23 68.80
C ALA V 372 45.22 76.18 69.45
N HIS V 373 46.38 75.95 68.87
CA HIS V 373 47.26 74.90 69.38
C HIS V 373 47.98 75.40 70.64
N PRO V 374 47.88 74.68 71.76
CA PRO V 374 48.51 75.15 73.00
C PRO V 374 50.03 75.11 72.99
N LYS V 375 50.67 74.52 71.98
CA LYS V 375 52.11 74.71 71.82
C LYS V 375 52.47 76.12 71.40
N ASP V 376 51.54 76.84 70.77
CA ASP V 376 51.76 78.24 70.42
C ASP V 376 51.35 79.20 71.53
N TRP V 377 50.60 78.72 72.52
CA TRP V 377 50.33 79.54 73.69
C TRP V 377 51.57 79.72 74.54
N LEU V 378 52.55 78.83 74.40
CA LEU V 378 53.80 78.88 75.15
C LEU V 378 54.71 80.03 74.72
N GLU V 379 54.34 80.78 73.68
CA GLU V 379 55.05 82.00 73.30
C GLU V 379 54.69 83.16 74.19
N GLY V 380 53.70 82.99 75.07
CA GLY V 380 53.37 84.03 76.02
C GLY V 380 54.40 84.15 77.12
N LEU V 381 55.08 83.05 77.44
CA LEU V 381 56.16 83.09 78.41
C LEU V 381 57.34 83.91 77.92
N ARG V 382 57.53 84.02 76.61
CA ARG V 382 58.50 84.94 76.05
C ARG V 382 58.02 86.37 76.02
N GLU V 383 56.78 86.65 76.43
CA GLU V 383 56.32 88.02 76.61
C GLU V 383 56.15 88.41 78.05
N VAL V 384 55.85 87.47 78.95
CA VAL V 384 55.86 87.78 80.37
C VAL V 384 57.28 87.99 80.88
N ILE V 385 58.26 87.25 80.33
CA ILE V 385 59.67 87.50 80.65
C ILE V 385 60.07 88.90 80.22
N ASP V 386 59.70 89.29 79.01
CA ASP V 386 60.00 90.63 78.52
C ASP V 386 59.15 91.71 79.19
N HIS V 387 58.13 91.33 79.94
CA HIS V 387 57.35 92.31 80.68
C HIS V 387 57.93 92.61 82.05
N THR V 388 58.49 91.61 82.75
CA THR V 388 59.22 91.92 83.97
C THR V 388 60.51 92.66 83.67
N THR V 389 61.14 92.33 82.54
CA THR V 389 62.43 92.90 82.18
C THR V 389 62.32 94.40 81.94
N GLN V 390 61.35 94.82 81.14
CA GLN V 390 61.13 96.26 80.96
C GLN V 390 60.52 96.90 82.19
N SER V 391 59.94 96.11 83.10
CA SER V 391 59.48 96.66 84.36
C SER V 391 60.62 96.88 85.34
N MET V 392 61.69 96.09 85.25
CA MET V 392 62.86 96.34 86.07
C MET V 392 63.72 97.46 85.53
N LYS V 393 63.83 97.59 84.20
CA LYS V 393 64.58 98.70 83.64
C LYS V 393 63.85 100.03 83.78
N ASN V 394 62.59 100.03 84.18
CA ASN V 394 61.86 101.25 84.44
C ASN V 394 62.04 101.73 85.87
N ASP V 395 61.93 100.82 86.84
CA ASP V 395 61.96 101.24 88.23
C ASP V 395 63.38 101.52 88.71
N TYR V 396 64.31 100.61 88.42
CA TYR V 396 65.67 100.78 88.87
C TYR V 396 66.55 101.52 87.87
N LYS V 397 65.97 101.96 86.76
CA LYS V 397 66.54 102.94 85.82
C LYS V 397 67.83 102.47 85.16
N LEU V 398 68.14 101.19 85.24
CA LEU V 398 69.31 100.63 84.59
C LEU V 398 69.05 100.42 83.11
N TYR V 399 70.08 100.61 82.31
CA TYR V 399 69.97 100.48 80.87
C TYR V 399 71.07 99.65 80.26
N ASP V 400 72.02 99.15 81.06
CA ASP V 400 73.12 98.33 80.56
C ASP V 400 73.24 97.15 81.52
N VAL V 401 72.44 96.10 81.26
CA VAL V 401 72.28 94.95 82.14
C VAL V 401 72.11 93.71 81.27
N GLN V 402 72.73 92.61 81.68
CA GLN V 402 72.38 91.29 81.15
C GLN V 402 71.67 90.49 82.24
N PHE V 403 70.55 89.89 81.88
CA PHE V 403 69.72 89.13 82.81
C PHE V 403 70.11 87.66 82.79
N VAL V 404 69.75 86.94 83.84
CA VAL V 404 69.81 85.48 83.87
C VAL V 404 68.44 84.96 84.29
N ILE V 405 68.01 83.88 83.66
CA ILE V 405 66.74 83.24 84.02
C ILE V 405 67.03 81.90 84.65
N VAL V 406 66.96 81.82 85.97
CA VAL V 406 67.23 80.59 86.69
C VAL V 406 65.91 79.88 86.93
N GLY V 407 65.82 78.62 86.49
CA GLY V 407 64.61 77.85 86.69
C GLY V 407 64.85 76.38 86.43
N ASN V 408 63.81 75.60 86.72
CA ASN V 408 63.82 74.17 86.49
C ASN V 408 63.89 73.89 84.99
N PRO V 409 64.57 72.80 84.58
CA PRO V 409 64.54 72.42 83.16
C PRO V 409 63.19 71.89 82.71
N LEU V 410 62.30 71.56 83.65
CA LEU V 410 60.93 71.28 83.27
C LEU V 410 60.19 72.55 82.86
N ASP V 411 60.68 73.72 83.30
CA ASP V 411 60.05 74.99 82.99
C ASP V 411 60.81 75.80 81.95
N VAL V 412 62.14 75.67 81.88
CA VAL V 412 62.89 76.41 80.87
C VAL V 412 62.79 75.76 79.50
N ARG V 413 62.24 74.54 79.43
CA ARG V 413 61.94 73.91 78.15
C ARG V 413 60.89 74.69 77.37
N LEU V 414 60.01 75.41 78.09
CA LEU V 414 58.96 76.19 77.45
C LEU V 414 59.50 77.44 76.76
N ILE V 415 60.75 77.81 76.99
CA ILE V 415 61.29 79.03 76.39
C ILE V 415 61.65 78.82 74.92
N PRO V 416 62.45 77.79 74.48
CA PRO V 416 62.65 77.65 73.04
C PRO V 416 61.44 77.08 72.34
N ASN V 417 60.78 76.11 72.99
CA ASN V 417 59.66 75.34 72.46
C ASN V 417 59.99 74.72 71.10
N VAL V 418 61.14 74.07 71.05
CA VAL V 418 61.66 73.57 69.78
C VAL V 418 60.88 72.34 69.34
N SER V 419 60.78 72.13 68.03
CA SER V 419 60.10 70.98 67.49
C SER V 419 61.05 69.79 67.39
N TRP V 420 60.56 68.69 66.83
CA TRP V 420 61.31 67.46 66.77
C TRP V 420 61.99 67.30 65.41
N THR V 421 62.73 66.21 65.27
CA THR V 421 63.35 65.85 64.01
C THR V 421 63.55 64.34 64.01
N PHE V 422 63.04 63.66 63.00
CA PHE V 422 63.04 62.21 62.95
C PHE V 422 64.05 61.70 61.95
N ASN V 423 64.53 60.48 62.19
CA ASN V 423 65.38 59.77 61.25
C ASN V 423 65.16 58.28 61.45
N GLY V 424 66.06 57.46 60.89
CA GLY V 424 66.01 56.03 61.13
C GLY V 424 66.59 55.68 62.49
N GLY V 425 65.94 54.74 63.17
CA GLY V 425 66.35 54.31 64.48
C GLY V 425 66.95 52.91 64.43
N ASP V 426 68.11 52.76 65.06
CA ASP V 426 68.81 51.48 65.10
C ASP V 426 69.76 51.47 66.30
N ARG V 427 70.16 50.25 66.70
CA ARG V 427 70.99 50.09 67.89
C ARG V 427 72.39 50.65 67.71
N ASN V 428 73.01 50.43 66.54
CA ASN V 428 74.41 50.76 66.37
C ASN V 428 74.66 52.25 66.17
N ALA V 429 73.63 53.03 65.85
CA ALA V 429 73.84 54.44 65.55
C ALA V 429 72.95 55.34 66.39
N ASP V 430 72.85 55.06 67.69
CA ASP V 430 72.11 55.91 68.60
C ASP V 430 73.05 56.91 69.28
N ALA V 431 72.56 58.10 69.53
CA ALA V 431 73.34 59.16 70.17
C ALA V 431 72.76 59.40 71.55
N TYR V 432 73.45 58.93 72.59
CA TYR V 432 72.95 58.97 73.95
C TYR V 432 72.99 60.42 74.45
N SER V 433 71.99 61.19 74.03
CA SER V 433 71.83 62.62 74.33
C SER V 433 73.10 63.40 73.95
N ASN V 434 73.46 63.32 72.68
CA ASN V 434 74.70 63.94 72.22
C ASN V 434 74.54 65.44 72.06
N GLY V 435 73.48 65.88 71.40
CA GLY V 435 73.30 67.29 71.14
C GLY V 435 72.26 67.93 72.04
N ILE V 436 72.12 67.41 73.26
CA ILE V 436 71.11 67.89 74.20
C ILE V 436 71.79 68.84 75.16
N LYS V 437 71.65 70.14 74.91
CA LYS V 437 72.09 71.16 75.85
C LYS V 437 71.10 72.29 76.05
N ILE V 438 70.18 72.53 75.12
CA ILE V 438 69.35 73.73 75.14
C ILE V 438 68.29 73.73 76.21
N ASN V 439 68.10 72.63 76.92
CA ASN V 439 67.21 72.61 78.07
C ASN V 439 67.95 72.93 79.37
N TYR V 440 69.24 73.21 79.29
CA TYR V 440 69.99 73.52 80.50
C TYR V 440 70.75 74.84 80.42
N SER V 441 71.33 75.16 79.28
CA SER V 441 72.14 76.37 79.13
C SER V 441 71.91 76.94 77.75
N LEU V 442 71.26 78.11 77.68
CA LEU V 442 70.90 78.71 76.41
C LEU V 442 70.97 80.22 76.56
N GLY V 443 71.31 80.88 75.46
CA GLY V 443 71.37 82.33 75.47
C GLY V 443 70.38 82.97 74.53
N ALA V 444 69.40 83.65 75.09
CA ALA V 444 68.42 84.38 74.29
C ALA V 444 68.91 85.81 74.05
N ALA V 445 68.33 86.44 73.03
CA ALA V 445 68.58 87.85 72.76
C ALA V 445 67.26 88.45 72.30
N SER V 446 66.48 88.96 73.25
CA SER V 446 65.15 89.45 72.92
C SER V 446 65.25 90.88 72.38
N GLY V 447 64.10 91.51 72.21
CA GLY V 447 64.09 92.90 71.80
C GLY V 447 64.30 93.87 72.93
N THR V 448 64.13 93.43 74.16
CA THR V 448 64.24 94.32 75.32
C THR V 448 65.51 94.12 76.12
N ALA V 449 66.13 92.94 76.08
CA ALA V 449 67.38 92.70 76.80
C ALA V 449 68.08 91.52 76.14
N ASN V 450 69.12 91.03 76.82
CA ASN V 450 69.75 89.76 76.51
C ASN V 450 69.59 88.85 77.72
N TYR V 451 69.69 87.55 77.49
CA TYR V 451 69.39 86.59 78.54
C TYR V 451 70.45 85.50 78.57
N ARG V 452 70.58 84.87 79.73
CA ARG V 452 71.54 83.82 79.98
C ARG V 452 70.85 82.71 80.78
N ILE V 453 69.74 82.20 80.24
CA ILE V 453 68.86 81.27 80.95
C ILE V 453 69.60 80.00 81.38
N ILE V 454 69.21 79.46 82.53
CA ILE V 454 69.98 78.43 83.22
C ILE V 454 69.01 77.36 83.72
N GLY V 455 69.24 76.12 83.32
CA GLY V 455 68.43 75.00 83.76
C GLY V 455 69.16 74.17 84.81
N SER V 456 68.45 73.87 85.89
CA SER V 456 69.06 73.15 87.01
C SER V 456 67.96 72.46 87.80
N ASP V 457 68.05 71.15 87.96
CA ASP V 457 67.02 70.37 88.62
C ASP V 457 67.09 70.45 90.13
N LEU V 458 68.04 71.20 90.69
CA LEU V 458 68.12 71.39 92.12
C LEU V 458 67.07 72.36 92.65
N VAL V 459 66.44 73.14 91.78
CA VAL V 459 65.43 74.08 92.20
C VAL V 459 64.08 73.36 92.19
N ARG V 460 63.11 73.97 92.86
CA ARG V 460 61.75 73.46 92.80
C ARG V 460 61.09 73.94 91.53
N GLN V 461 60.44 73.02 90.82
CA GLN V 461 59.73 73.38 89.60
C GLN V 461 58.44 74.12 89.94
N GLY V 462 58.13 75.14 89.15
CA GLY V 462 56.90 75.88 89.32
C GLY V 462 57.10 77.37 89.27
N GLU V 463 58.37 77.80 89.32
CA GLU V 463 58.72 79.21 89.30
C GLU V 463 59.74 79.47 88.21
N LEU V 464 60.11 80.74 88.07
CA LEU V 464 61.14 81.16 87.13
C LEU V 464 61.75 82.43 87.69
N THR V 465 62.98 82.34 88.21
CA THR V 465 63.61 83.48 88.85
C THR V 465 64.46 84.27 87.86
N ILE V 466 64.36 85.59 87.96
CA ILE V 466 65.04 86.51 87.05
C ILE V 466 65.93 87.41 87.89
N ILE V 467 67.23 87.39 87.62
CA ILE V 467 68.21 88.20 88.32
C ILE V 467 68.83 89.17 87.33
N ALA V 468 68.99 90.42 87.75
CA ALA V 468 69.69 91.42 86.95
C ALA V 468 71.15 91.46 87.36
N ILE V 469 72.03 91.47 86.36
CA ILE V 469 73.47 91.55 86.56
C ILE V 469 73.99 92.75 85.78
N PRO V 470 74.20 93.88 86.45
CA PRO V 470 74.68 95.06 85.74
C PRO V 470 76.18 94.98 85.47
N GLN V 471 76.58 95.54 84.34
CA GLN V 471 77.96 95.44 83.89
C GLN V 471 78.87 96.37 84.67
N GLN V 472 78.51 97.65 84.73
CA GLN V 472 79.35 98.63 85.42
C GLN V 472 79.25 98.43 86.92
N ASP V 473 80.41 98.44 87.59
CA ASP V 473 80.51 98.01 88.98
C ASP V 473 80.21 99.11 89.98
N ASN V 474 79.83 100.30 89.54
CA ASN V 474 79.30 101.30 90.48
C ASN V 474 77.97 100.85 91.05
N TYR V 475 77.19 100.11 90.28
CA TYR V 475 75.92 99.55 90.71
C TYR V 475 76.07 98.04 90.83
N LYS V 476 75.45 97.48 91.88
CA LYS V 476 75.71 96.10 92.24
C LYS V 476 74.47 95.51 92.87
N THR V 477 73.91 94.46 92.23
CA THR V 477 72.70 93.82 92.74
C THR V 477 73.02 92.59 93.60
N PHE V 478 73.69 91.61 93.02
CA PHE V 478 73.97 90.34 93.68
C PHE V 478 75.42 89.99 93.46
N MET V 479 76.09 89.54 94.51
CA MET V 479 77.50 89.20 94.41
C MET V 479 77.79 87.96 95.24
N PHE V 480 78.63 87.09 94.73
CA PHE V 480 79.09 85.90 95.42
C PHE V 480 80.52 86.11 95.89
N TYR V 481 80.80 85.77 97.14
CA TYR V 481 82.12 85.94 97.76
C TYR V 481 82.65 84.60 98.23
N PRO V 482 83.50 83.94 97.45
CA PRO V 482 84.19 82.75 97.95
C PRO V 482 85.47 83.10 98.69
N TYR V 483 85.55 82.80 99.98
CA TYR V 483 86.72 83.22 100.74
C TYR V 483 87.89 82.27 100.51
N THR V 484 87.75 81.01 100.90
CA THR V 484 88.88 80.09 100.85
C THR V 484 88.36 78.67 100.69
N PHE V 485 89.32 77.74 100.56
CA PHE V 485 89.00 76.32 100.39
C PHE V 485 90.17 75.55 101.00
N ASN V 486 90.01 75.12 102.24
CA ASN V 486 91.11 74.57 103.02
C ASN V 486 90.89 73.09 103.29
N VAL V 487 91.89 72.27 102.96
CA VAL V 487 91.88 70.85 103.27
C VAL V 487 93.04 70.54 104.20
N VAL V 488 92.83 69.61 105.11
CA VAL V 488 93.89 69.02 105.95
C VAL V 488 93.67 67.52 105.97
N ASN V 489 94.74 66.77 106.22
CA ASN V 489 94.67 65.34 106.51
C ASN V 489 95.41 65.08 107.82
N GLY V 490 94.66 64.92 108.90
CA GLY V 490 95.26 64.86 110.21
C GLY V 490 95.76 66.22 110.62
N GLY V 491 97.07 66.36 110.79
CA GLY V 491 97.66 67.62 111.18
C GLY V 491 97.23 68.09 112.55
N GLY V 492 96.86 67.17 113.44
CA GLY V 492 96.29 67.52 114.72
C GLY V 492 94.79 67.72 114.73
N TYR V 493 94.16 67.92 113.57
CA TYR V 493 92.72 68.10 113.50
C TYR V 493 92.06 66.73 113.66
N LEU V 494 91.96 66.31 114.92
CA LEU V 494 91.46 64.99 115.23
C LEU V 494 89.95 64.92 115.08
N ASN V 495 89.43 63.71 115.18
CA ASN V 495 88.04 63.44 114.88
C ASN V 495 87.12 63.89 116.01
N THR V 496 85.82 63.93 115.71
CA THR V 496 84.83 64.40 116.66
C THR V 496 83.93 63.30 117.22
N ARG V 497 83.85 62.14 116.56
CA ARG V 497 83.05 61.04 117.08
C ARG V 497 83.87 59.87 117.57
N ASN V 498 84.96 59.52 116.90
CA ASN V 498 85.94 58.56 117.42
C ASN V 498 87.32 59.14 117.17
N PRO V 499 87.89 59.82 118.16
CA PRO V 499 89.12 60.59 117.91
C PRO V 499 90.37 59.74 117.77
N ASN V 500 90.30 58.45 118.09
CA ASN V 500 91.49 57.61 118.13
C ASN V 500 92.06 57.29 116.76
N VAL V 501 91.29 57.48 115.69
CA VAL V 501 91.69 57.06 114.35
C VAL V 501 91.87 58.30 113.48
N PRO V 502 92.74 58.27 112.46
CA PRO V 502 92.96 59.48 111.66
C PRO V 502 91.77 59.81 110.77
N ASN V 503 91.76 61.03 110.26
CA ASN V 503 90.66 61.53 109.47
C ASN V 503 91.16 62.57 108.48
N MET V 504 90.22 63.10 107.69
CA MET V 504 90.51 64.17 106.74
C MET V 504 89.42 65.23 106.88
N MET V 505 89.68 66.39 106.28
CA MET V 505 88.74 67.49 106.39
C MET V 505 88.74 68.34 105.13
N MET V 506 87.57 68.89 104.83
CA MET V 506 87.41 69.91 103.81
C MET V 506 86.53 71.00 104.38
N THR V 507 86.94 72.25 104.22
CA THR V 507 86.18 73.39 104.69
C THR V 507 86.36 74.53 103.71
N ARG V 508 85.25 75.13 103.29
CA ARG V 508 85.28 76.31 102.44
C ARG V 508 84.36 77.36 103.03
N ARG V 509 84.92 78.53 103.31
CA ARG V 509 84.12 79.65 103.80
C ARG V 509 83.69 80.51 102.63
N TYR V 510 82.46 81.02 102.70
CA TYR V 510 81.85 81.80 101.64
C TYR V 510 80.61 82.47 102.19
N THR V 511 80.19 83.54 101.52
CA THR V 511 78.93 84.18 101.81
C THR V 511 78.48 84.96 100.58
N VAL V 512 77.28 84.65 100.11
CA VAL V 512 76.67 85.37 99.00
C VAL V 512 75.80 86.48 99.59
N GLU V 513 75.86 87.67 98.99
CA GLU V 513 75.14 88.81 99.53
C GLU V 513 74.50 89.63 98.41
N SER V 514 73.68 90.59 98.83
CA SER V 514 72.84 91.37 97.93
C SER V 514 72.72 92.78 98.46
N PHE V 515 73.07 93.77 97.64
CA PHE V 515 72.95 95.16 98.07
C PHE V 515 71.57 95.70 97.73
N VAL V 516 71.16 95.61 96.47
CA VAL V 516 69.82 96.00 96.04
C VAL V 516 69.15 94.81 95.36
N PRO V 517 67.99 94.37 95.84
CA PRO V 517 67.33 93.15 95.32
C PRO V 517 66.46 93.32 94.07
N ILE V 518 67.09 93.28 92.91
CA ILE V 518 66.35 93.24 91.65
C ILE V 518 66.20 91.76 91.30
N ILE V 519 65.11 91.17 91.77
CA ILE V 519 64.83 89.75 91.55
C ILE V 519 63.37 89.62 91.15
N GLY V 520 63.11 88.93 90.06
CA GLY V 520 61.76 88.73 89.58
C GLY V 520 61.42 87.26 89.44
N ARG V 521 60.27 86.89 89.99
CA ARG V 521 59.81 85.51 90.00
C ARG V 521 58.53 85.41 89.18
N ILE V 522 58.56 84.56 88.16
CA ILE V 522 57.40 84.28 87.31
C ILE V 522 56.85 82.93 87.73
N THR V 523 55.68 82.91 88.34
CA THR V 523 55.03 81.66 88.66
C THR V 523 54.44 81.05 87.39
N ILE V 524 54.43 79.73 87.31
CA ILE V 524 53.91 79.01 86.16
C ILE V 524 52.84 78.06 86.67
N LYS V 525 51.60 78.31 86.32
CA LYS V 525 50.49 77.51 86.79
C LYS V 525 50.18 76.41 85.79
N ASN V 526 49.77 75.25 86.32
CA ASN V 526 49.27 74.10 85.56
C ASN V 526 50.32 73.57 84.58
N ASN V 527 51.51 73.28 85.10
CA ASN V 527 52.58 72.72 84.29
C ASN V 527 52.85 71.27 84.65
N ASN V 528 51.83 70.55 85.11
CA ASN V 528 52.00 69.13 85.42
C ASN V 528 51.61 68.26 84.23
N GLY V 529 52.11 68.61 83.04
CA GLY V 529 51.91 67.86 81.81
C GLY V 529 50.49 67.58 81.36
N SER V 530 49.51 68.26 81.93
CA SER V 530 48.10 67.93 81.72
C SER V 530 47.38 68.97 80.85
N VAL V 531 48.11 69.65 79.97
CA VAL V 531 47.46 70.58 79.07
C VAL V 531 46.75 69.82 77.94
N TYR V 532 47.28 68.67 77.55
CA TYR V 532 46.65 67.82 76.53
C TYR V 532 45.88 66.66 77.15
N ALA V 533 45.43 66.81 78.39
CA ALA V 533 44.65 65.78 79.03
C ALA V 533 43.50 66.31 79.86
N ARG V 534 43.24 67.61 79.84
CA ARG V 534 42.14 68.19 80.59
C ARG V 534 40.83 67.98 79.85
N MET W 81 88.98 84.60 115.91
CA MET W 81 88.59 83.98 117.17
C MET W 81 87.65 84.92 117.92
N GLY W 82 87.25 84.50 119.12
CA GLY W 82 86.26 85.21 119.91
C GLY W 82 86.66 86.59 120.38
N PRO W 83 87.63 86.69 121.28
CA PRO W 83 87.97 88.00 121.86
C PRO W 83 88.66 88.97 120.92
N ILE W 84 89.06 88.53 119.72
CA ILE W 84 89.57 89.47 118.73
C ILE W 84 88.41 90.28 118.19
N GLN W 85 88.50 91.60 118.33
CA GLN W 85 87.45 92.47 117.80
C GLN W 85 87.57 92.54 116.28
N PRO W 86 86.50 92.29 115.54
CA PRO W 86 86.61 92.27 114.08
C PRO W 86 86.62 93.67 113.50
N TYR W 87 87.47 93.85 112.49
CA TYR W 87 87.59 95.13 111.81
C TYR W 87 87.00 95.01 110.41
N ALA W 88 86.05 95.89 110.11
CA ALA W 88 85.38 95.90 108.82
C ALA W 88 86.03 96.94 107.92
N SER W 89 86.68 96.48 106.86
CA SER W 89 87.25 97.39 105.88
C SER W 89 86.14 97.97 104.99
N LEU W 90 86.52 98.80 104.04
CA LEU W 90 85.56 99.33 103.07
C LEU W 90 86.07 99.04 101.66
N SER W 91 85.14 98.69 100.77
CA SER W 91 85.48 98.40 99.39
C SER W 91 85.45 99.67 98.55
N MET W 92 86.45 99.80 97.68
CA MET W 92 86.72 101.02 96.91
C MET W 92 85.64 101.43 95.90
N PRO W 93 84.96 100.52 95.12
CA PRO W 93 83.90 101.00 94.23
C PRO W 93 82.65 101.46 94.95
N ILE W 94 82.64 102.74 95.33
CA ILE W 94 81.54 103.33 96.08
C ILE W 94 80.26 103.30 95.24
N LEU W 95 79.16 102.90 95.86
CA LEU W 95 77.91 102.66 95.14
C LEU W 95 77.14 103.95 94.93
N VAL W 96 76.40 104.01 93.82
CA VAL W 96 75.63 105.18 93.44
C VAL W 96 74.19 104.77 93.22
N LYS W 97 73.31 105.77 93.20
CA LYS W 97 71.98 105.60 92.66
C LYS W 97 72.04 105.77 91.14
N LEU W 98 70.97 105.39 90.47
CA LEU W 98 70.94 105.41 89.01
C LEU W 98 69.90 106.40 88.52
N TRP W 99 70.21 107.05 87.41
CA TRP W 99 69.42 108.14 86.88
C TRP W 99 68.76 107.75 85.57
N ALA W 100 67.59 108.31 85.33
CA ALA W 100 66.85 108.03 84.11
C ALA W 100 67.51 108.75 82.94
N ARG W 101 68.05 107.97 81.99
CA ARG W 101 68.58 108.56 80.77
C ARG W 101 67.44 109.12 79.95
N LEU W 102 67.58 110.37 79.53
CA LEU W 102 66.47 111.14 78.99
C LEU W 102 66.67 111.43 77.51
N ALA W 103 65.56 111.44 76.77
CA ALA W 103 65.57 111.76 75.35
C ALA W 103 64.39 112.62 74.96
N LEU W 104 63.73 113.25 75.92
CA LEU W 104 62.49 113.97 75.67
C LEU W 104 62.72 115.38 75.14
N THR W 105 63.96 115.87 75.15
CA THR W 105 64.21 117.24 74.70
C THR W 105 64.11 117.40 73.20
N GLU W 106 64.21 116.28 72.45
CA GLU W 106 64.08 116.30 71.00
C GLU W 106 62.73 115.74 70.56
N ALA W 107 61.78 115.62 71.49
CA ALA W 107 60.41 115.33 71.10
C ALA W 107 59.76 116.54 70.45
N LEU W 108 60.29 117.73 70.69
CA LEU W 108 59.75 118.98 70.20
C LEU W 108 60.83 119.74 69.46
N PRO W 109 60.49 120.53 68.43
CA PRO W 109 61.51 121.31 67.74
C PRO W 109 61.95 122.50 68.58
N THR W 110 63.26 122.71 68.65
CA THR W 110 63.86 123.66 69.57
C THR W 110 64.49 124.81 68.82
N GLN W 111 64.01 126.02 69.09
CA GLN W 111 64.68 127.25 68.66
C GLN W 111 65.05 128.02 69.90
N VAL W 112 66.32 128.37 70.03
CA VAL W 112 66.77 129.13 71.19
C VAL W 112 66.27 130.56 71.07
N ALA W 113 65.72 131.08 72.15
CA ALA W 113 65.15 132.42 72.14
C ALA W 113 66.22 133.46 72.42
N ASN W 114 65.95 134.68 71.94
CA ASN W 114 66.84 135.80 72.17
C ASN W 114 66.18 136.91 72.97
N LYS W 115 64.88 136.87 73.15
CA LYS W 115 64.14 137.79 74.00
C LYS W 115 63.32 137.00 74.99
N PRO W 116 63.05 137.56 76.16
CA PRO W 116 62.10 136.90 77.09
C PRO W 116 60.65 137.15 76.75
N ASN W 117 60.36 137.91 75.70
CA ASN W 117 58.99 138.24 75.33
C ASN W 117 58.97 138.58 73.85
N PHE W 118 58.23 137.79 73.06
CA PHE W 118 58.06 138.09 71.65
C PHE W 118 56.69 137.62 71.20
N THR W 119 56.29 138.05 70.00
CA THR W 119 54.99 137.72 69.44
C THR W 119 55.16 136.98 68.11
N VAL W 120 54.17 136.17 67.78
CA VAL W 120 54.03 135.58 66.45
C VAL W 120 52.73 136.09 65.85
N PRO W 121 52.74 136.62 64.63
CA PRO W 121 51.48 137.06 64.00
C PRO W 121 50.84 135.96 63.17
N ILE W 122 49.55 135.71 63.43
CA ILE W 122 48.78 134.76 62.66
C ILE W 122 48.02 135.54 61.59
N LEU W 123 48.23 135.17 60.33
CA LEU W 123 47.61 135.86 59.20
C LEU W 123 46.39 135.08 58.76
N THR W 124 45.21 135.60 59.07
CA THR W 124 44.03 134.86 58.69
C THR W 124 43.16 135.64 57.72
N PRO W 125 42.60 134.99 56.70
CA PRO W 125 41.63 135.65 55.84
C PRO W 125 40.23 135.57 56.42
N TYR W 126 39.36 136.43 55.90
CA TYR W 126 37.96 136.43 56.29
C TYR W 126 37.09 136.59 55.06
N VAL W 127 35.83 136.21 55.18
CA VAL W 127 34.81 136.55 54.21
C VAL W 127 33.72 137.33 54.96
N VAL W 128 33.19 138.37 54.34
CA VAL W 128 32.29 139.25 55.05
C VAL W 128 30.82 138.96 54.72
N ASP W 129 30.58 138.18 53.65
CA ASP W 129 29.27 137.72 53.14
C ASP W 129 28.22 138.84 52.99
N ALA W 130 28.69 140.08 52.81
CA ALA W 130 27.87 141.27 52.49
C ALA W 130 26.74 141.51 53.50
N ASP W 131 26.96 141.12 54.76
CA ASP W 131 25.92 141.22 55.77
C ASP W 131 26.48 141.66 57.12
N GLY W 132 27.57 142.43 57.11
CA GLY W 132 28.13 142.86 58.38
C GLY W 132 29.16 141.91 58.92
N ASN W 133 28.71 140.98 59.77
CA ASN W 133 29.58 140.04 60.47
C ASN W 133 30.35 139.16 59.50
N LYS W 134 31.57 138.78 59.91
CA LYS W 134 32.50 138.06 59.06
C LYS W 134 32.58 136.60 59.48
N HIS W 135 33.38 135.84 58.73
CA HIS W 135 33.59 134.43 58.99
C HIS W 135 35.03 134.07 58.67
N ALA W 136 35.59 133.17 59.48
CA ALA W 136 36.95 132.68 59.22
C ALA W 136 36.95 131.88 57.92
N LEU W 137 37.90 132.19 57.04
CA LEU W 137 37.75 131.70 55.67
C LEU W 137 38.07 130.23 55.49
N PRO W 138 39.29 129.69 55.79
CA PRO W 138 39.48 128.26 55.50
C PRO W 138 39.01 127.37 56.63
N GLU W 139 37.87 127.70 57.21
CA GLU W 139 37.15 126.87 58.17
C GLU W 139 35.65 126.82 57.90
N SER W 140 35.04 127.90 57.43
CA SER W 140 33.61 127.95 57.20
C SER W 140 33.22 127.51 55.80
N ILE W 141 34.19 127.08 54.99
CA ILE W 141 33.91 126.52 53.68
C ILE W 141 34.32 125.05 53.61
N ASN W 142 34.38 124.39 54.75
CA ASN W 142 34.72 122.97 54.81
C ASN W 142 33.51 122.10 55.10
N ASN W 143 32.31 122.65 54.96
CA ASN W 143 31.08 121.88 55.05
C ASN W 143 30.34 122.02 53.72
N THR W 144 29.89 120.88 53.19
CA THR W 144 29.21 120.90 51.90
C THR W 144 27.85 121.60 51.91
N PRO W 145 26.98 121.54 52.97
CA PRO W 145 25.83 122.45 52.97
C PRO W 145 26.24 123.91 53.18
N GLU W 146 26.76 124.51 52.11
CA GLU W 146 27.34 125.85 52.14
C GLU W 146 26.28 126.88 51.73
N THR W 147 26.39 128.07 52.31
CA THR W 147 25.42 129.13 52.07
C THR W 147 26.04 130.43 51.62
N LEU W 148 27.24 130.77 52.11
CA LEU W 148 27.86 132.08 51.91
C LEU W 148 28.19 132.39 50.44
N VAL W 149 29.11 131.64 49.86
CA VAL W 149 29.54 131.91 48.49
C VAL W 149 28.51 131.33 47.53
N GLY W 150 28.11 132.14 46.56
CA GLY W 150 27.11 131.70 45.61
C GLY W 150 26.04 132.75 45.40
N LEU W 151 25.20 132.55 44.39
CA LEU W 151 24.21 133.54 44.01
C LEU W 151 23.07 133.59 45.04
N VAL W 152 22.26 134.62 44.92
CA VAL W 152 21.16 134.84 45.85
C VAL W 152 20.02 133.90 45.51
N GLN W 153 19.40 133.34 46.54
CA GLN W 153 18.24 132.47 46.34
C GLN W 153 17.00 133.32 46.07
N ILE W 154 15.94 132.65 45.66
CA ILE W 154 14.62 133.23 45.59
C ILE W 154 13.77 132.54 46.64
N LYS W 155 12.69 133.20 47.07
CA LYS W 155 11.74 132.60 48.00
C LYS W 155 11.13 131.35 47.38
N GLU W 156 11.08 130.27 48.17
CA GLU W 156 10.78 128.95 47.64
C GLU W 156 9.30 128.80 47.31
N ASP W 157 8.43 129.02 48.29
CA ASP W 157 7.01 128.74 48.11
C ASP W 157 6.36 129.78 47.22
N ILE W 158 5.51 129.32 46.31
CA ILE W 158 4.69 130.16 45.46
C ILE W 158 3.26 129.68 45.58
N ALA W 159 2.38 130.55 46.08
CA ALA W 159 0.98 130.20 46.25
C ALA W 159 0.28 130.37 44.91
N VAL W 160 -0.09 129.24 44.28
CA VAL W 160 -0.76 129.28 42.99
C VAL W 160 -2.23 128.98 43.18
N GLU W 161 -3.07 130.00 43.11
CA GLU W 161 -4.49 129.83 43.33
C GLU W 161 -5.20 129.58 42.00
N GLY W 162 -5.99 128.52 41.95
CA GLY W 162 -6.73 128.21 40.74
C GLY W 162 -5.90 127.64 39.62
N GLY W 163 -4.71 127.12 39.92
CA GLY W 163 -3.86 126.54 38.90
C GLY W 163 -3.17 127.53 38.00
N LYS W 164 -3.20 128.82 38.32
CA LYS W 164 -2.58 129.82 37.49
C LYS W 164 -2.28 131.05 38.33
N VAL W 165 -1.10 131.64 38.11
CA VAL W 165 -0.80 132.97 38.61
C VAL W 165 -0.49 133.86 37.41
N THR W 166 -1.05 135.06 37.42
CA THR W 166 -0.90 135.99 36.32
C THR W 166 0.17 137.00 36.71
N ASP W 167 1.39 136.77 36.20
CA ASP W 167 2.57 137.63 36.43
C ASP W 167 2.91 137.75 37.91
N TYR W 168 3.17 136.60 38.53
CA TYR W 168 3.60 136.59 39.92
C TYR W 168 5.05 137.04 40.00
N ASP W 169 5.30 138.12 40.72
CA ASP W 169 6.65 138.66 40.83
C ASP W 169 7.52 137.73 41.67
N LEU W 170 8.62 137.26 41.07
CA LEU W 170 9.52 136.35 41.78
C LEU W 170 10.28 137.07 42.88
N PHE W 171 10.55 138.36 42.71
CA PHE W 171 11.37 139.10 43.64
C PHE W 171 10.53 139.62 44.81
N THR W 172 10.02 138.68 45.58
CA THR W 172 9.15 138.97 46.72
C THR W 172 9.83 138.50 48.00
N GLY W 173 9.91 139.39 48.98
CA GLY W 173 10.59 139.10 50.22
C GLY W 173 12.08 139.36 50.21
N LEU W 174 12.70 139.46 49.04
CA LEU W 174 14.11 139.79 48.95
C LEU W 174 14.31 141.27 49.29
N LYS W 175 15.46 141.58 49.89
CA LYS W 175 15.72 142.95 50.31
C LYS W 175 16.21 143.77 49.13
N GLU W 176 15.49 144.84 48.84
CA GLU W 176 15.80 145.71 47.71
C GLU W 176 17.05 146.55 48.03
N GLY W 177 18.02 146.51 47.13
CA GLY W 177 19.21 147.33 47.25
C GLY W 177 20.47 146.57 47.58
N LYS W 178 20.37 145.62 48.52
CA LYS W 178 21.52 144.81 48.90
C LYS W 178 21.49 143.42 48.31
N GLU W 179 20.31 142.94 47.93
CA GLU W 179 20.19 141.67 47.22
C GLU W 179 19.76 141.84 45.78
N VAL W 180 18.93 142.83 45.49
CA VAL W 180 18.35 142.99 44.17
C VAL W 180 18.02 144.46 43.95
N ARG W 181 18.30 144.95 42.74
CA ARG W 181 17.85 146.25 42.29
C ARG W 181 16.80 145.99 41.22
N LYS W 182 15.54 146.24 41.57
CA LYS W 182 14.41 145.82 40.75
C LYS W 182 14.37 146.59 39.44
N GLY W 183 14.35 145.84 38.33
CA GLY W 183 14.39 146.43 37.01
C GLY W 183 15.78 146.62 36.46
N ILE W 184 16.81 146.08 37.11
CA ILE W 184 18.17 146.29 36.65
C ILE W 184 18.82 144.94 36.39
N ASP W 185 18.81 144.06 37.38
CA ASP W 185 19.41 142.75 37.25
C ASP W 185 18.38 141.72 36.77
N ARG W 186 18.85 140.79 35.95
CA ARG W 186 17.99 139.77 35.35
C ARG W 186 18.03 138.49 36.20
N LEU W 187 17.22 137.52 35.80
CA LEU W 187 17.17 136.23 36.49
C LEU W 187 18.19 135.28 35.86
N ASP W 188 18.51 134.23 36.60
CA ASP W 188 19.35 133.17 36.09
C ASP W 188 18.59 132.40 35.01
N ARG W 189 19.34 131.83 34.07
CA ARG W 189 18.74 130.91 33.11
C ARG W 189 18.83 129.48 33.60
N LYS W 190 19.35 129.25 34.81
CA LYS W 190 19.28 127.96 35.48
C LYS W 190 18.05 127.85 36.37
N PHE W 191 16.99 128.58 36.05
CA PHE W 191 15.76 128.50 36.83
C PHE W 191 15.07 127.17 36.59
N LYS W 192 14.54 126.60 37.65
CA LYS W 192 13.76 125.38 37.57
C LYS W 192 12.91 125.27 38.81
N ILE W 193 11.88 124.44 38.74
CA ILE W 193 11.13 124.07 39.92
C ILE W 193 11.55 122.67 40.33
N VAL W 194 11.46 122.38 41.62
CA VAL W 194 11.90 121.09 42.15
C VAL W 194 10.80 120.40 42.95
N GLU W 195 9.71 121.10 43.25
CA GLU W 195 8.65 120.51 44.04
C GLU W 195 7.34 121.15 43.63
N ALA W 196 6.27 120.38 43.74
CA ALA W 196 4.94 120.87 43.42
C ALA W 196 3.96 120.25 44.39
N LYS W 197 2.77 120.83 44.44
CA LYS W 197 1.71 120.32 45.30
C LYS W 197 0.38 120.58 44.62
N TRP W 198 -0.29 119.52 44.20
CA TRP W 198 -1.65 119.63 43.71
C TRP W 198 -2.61 119.48 44.88
N SER W 199 -3.91 119.60 44.62
CA SER W 199 -4.85 119.60 45.73
C SER W 199 -5.16 118.21 46.26
N ASP W 200 -4.58 117.16 45.67
CA ASP W 200 -4.75 115.81 46.20
C ASP W 200 -3.43 115.05 46.18
N SER W 201 -2.30 115.75 46.18
CA SER W 201 -0.99 115.13 46.02
C SER W 201 -0.59 114.43 47.31
N PHE W 202 -0.59 113.10 47.31
CA PHE W 202 0.06 112.37 48.38
C PHE W 202 1.54 112.63 48.31
N ASP W 203 2.15 112.98 49.45
CA ASP W 203 3.51 113.50 49.42
C ASP W 203 4.55 112.43 49.11
N GLU W 204 4.20 111.15 49.32
CA GLU W 204 5.02 109.94 49.15
C GLU W 204 6.32 109.95 49.93
N ARG W 205 6.48 110.92 50.82
CA ARG W 205 7.72 111.16 51.54
C ARG W 205 7.53 111.06 53.05
N THR W 206 6.55 111.77 53.61
CA THR W 206 6.38 111.78 55.07
C THR W 206 5.07 111.13 55.49
N SER W 207 3.92 111.72 55.18
CA SER W 207 2.70 111.13 55.72
C SER W 207 1.49 111.07 54.80
N ALA W 208 1.20 112.15 54.09
CA ALA W 208 -0.17 112.42 53.71
C ALA W 208 -0.20 113.39 52.53
N ALA W 209 -1.34 114.03 52.32
CA ALA W 209 -1.51 115.04 51.29
C ALA W 209 -0.54 116.20 51.47
N GLY W 210 0.41 116.33 50.54
CA GLY W 210 1.43 117.36 50.65
C GLY W 210 2.15 117.61 49.35
N PHE W 211 3.47 117.81 49.43
CA PHE W 211 4.27 118.20 48.28
C PHE W 211 4.87 116.98 47.60
N VAL W 212 4.97 117.04 46.28
CA VAL W 212 5.55 115.97 45.50
C VAL W 212 6.92 116.41 45.00
N GLU W 213 7.96 115.71 45.41
CA GLU W 213 9.29 115.95 44.87
C GLU W 213 9.35 115.42 43.45
N LEU W 214 9.86 116.23 42.53
CA LEU W 214 9.94 115.83 41.14
C LEU W 214 11.26 115.10 40.92
N GLY W 215 11.17 113.79 40.76
CA GLY W 215 12.37 112.99 40.58
C GLY W 215 12.73 112.78 39.12
N SER W 216 13.80 113.43 38.69
CA SER W 216 14.35 113.42 37.32
C SER W 216 13.36 113.91 36.28
N ASN W 217 12.32 114.64 36.69
CA ASN W 217 11.40 115.32 35.80
C ASN W 217 11.16 116.73 36.30
N VAL W 218 12.21 117.35 36.82
CA VAL W 218 12.13 118.74 37.25
C VAL W 218 11.89 119.62 36.04
N VAL W 219 11.08 120.64 36.22
CA VAL W 219 10.62 121.46 35.09
C VAL W 219 11.65 122.56 34.94
N LYS W 220 12.64 122.30 34.09
CA LYS W 220 13.70 123.25 33.86
C LYS W 220 13.27 124.29 32.82
N LEU W 221 14.01 125.39 32.78
CA LEU W 221 13.75 126.45 31.83
C LEU W 221 14.35 126.04 30.48
N GLN W 222 13.50 125.76 29.51
CA GLN W 222 13.94 125.36 28.18
C GLN W 222 14.26 126.62 27.36
N ASP W 223 14.44 126.45 26.05
CA ASP W 223 14.73 127.58 25.19
C ASP W 223 13.50 128.48 25.05
N ASN W 224 13.76 129.76 24.76
CA ASN W 224 12.77 130.84 24.74
C ASN W 224 12.04 130.98 26.09
N ASP W 225 12.74 130.64 27.17
CA ASP W 225 12.33 130.91 28.56
C ASP W 225 10.98 130.29 28.91
N THR W 226 10.72 129.09 28.38
CA THR W 226 9.49 128.39 28.67
C THR W 226 9.78 127.19 29.56
N LEU W 227 8.74 126.73 30.26
CA LEU W 227 8.87 125.62 31.20
C LEU W 227 7.64 124.74 31.05
N VAL W 228 7.83 123.56 30.44
CA VAL W 228 6.76 122.59 30.28
C VAL W 228 7.22 121.26 30.86
N GLY W 229 6.24 120.42 31.18
CA GLY W 229 6.54 119.05 31.57
C GLY W 229 5.33 118.30 32.10
N GLN W 230 5.15 117.07 31.63
CA GLN W 230 4.06 116.21 32.08
C GLN W 230 4.50 115.54 33.38
N ILE W 231 3.81 115.86 34.47
CA ILE W 231 4.23 115.41 35.79
C ILE W 231 3.20 114.45 36.32
N LYS W 232 3.62 113.21 36.56
CA LYS W 232 2.78 112.19 37.16
C LYS W 232 2.90 112.26 38.66
N TYR W 233 1.80 112.58 39.35
CA TYR W 233 1.91 112.66 40.79
C TYR W 233 1.01 111.64 41.45
N PRO W 234 1.50 110.96 42.49
CA PRO W 234 0.67 109.97 43.20
C PRO W 234 -0.41 110.66 44.04
N THR W 235 -1.66 110.26 43.82
CA THR W 235 -2.78 110.83 44.55
C THR W 235 -2.91 110.20 45.94
N ASN W 236 -2.66 108.91 46.05
CA ASN W 236 -2.77 108.19 47.31
C ASN W 236 -1.57 107.28 47.46
N GLY W 237 -1.13 107.08 48.69
CA GLY W 237 -0.02 106.18 48.93
C GLY W 237 -0.41 104.72 48.76
N ASP W 238 -1.30 104.25 49.64
CA ASP W 238 -1.77 102.88 49.56
C ASP W 238 -2.76 102.73 48.42
N GLY W 239 -2.27 102.40 47.24
CA GLY W 239 -3.12 102.25 46.07
C GLY W 239 -2.49 102.85 44.84
N GLU W 240 -1.72 103.93 45.04
CA GLU W 240 -0.98 104.67 44.01
C GLU W 240 -1.86 105.00 42.81
N VAL W 241 -2.84 105.87 43.11
CA VAL W 241 -3.87 106.23 42.15
C VAL W 241 -3.26 106.92 40.94
N GLU W 242 -2.37 107.89 41.18
CA GLU W 242 -1.45 108.44 40.18
C GLU W 242 -2.19 109.04 38.99
N THR W 243 -2.83 110.17 39.23
CA THR W 243 -3.34 110.94 38.11
C THR W 243 -2.22 111.79 37.53
N ASP W 244 -2.46 112.33 36.34
CA ASP W 244 -1.45 113.06 35.59
C ASP W 244 -1.95 114.48 35.31
N THR W 245 -1.06 115.45 35.42
CA THR W 245 -1.42 116.83 35.15
C THR W 245 -0.19 117.58 34.68
N ILE W 246 -0.25 118.14 33.48
CA ILE W 246 0.85 118.94 32.97
C ILE W 246 0.81 120.33 33.61
N LEU W 247 1.94 121.03 33.57
CA LEU W 247 2.01 122.42 33.95
C LEU W 247 2.84 123.15 32.91
N GLY W 248 2.28 124.22 32.34
CA GLY W 248 2.93 124.99 31.31
C GLY W 248 3.28 126.37 31.82
N LYS W 249 4.55 126.73 31.67
CA LYS W 249 5.04 127.99 32.20
C LYS W 249 5.86 128.72 31.15
N VAL W 250 5.69 130.04 31.10
CA VAL W 250 6.67 130.94 30.53
C VAL W 250 7.00 131.94 31.62
N ASP W 251 8.18 132.54 31.54
CA ASP W 251 8.58 133.60 32.46
C ASP W 251 9.62 134.48 31.79
N VAL W 252 9.54 135.76 32.04
CA VAL W 252 10.46 136.72 31.45
C VAL W 252 11.69 136.82 32.35
N SER W 253 12.87 136.82 31.74
CA SER W 253 14.10 136.92 32.53
C SER W 253 14.35 138.34 33.01
N SER W 254 13.83 139.34 32.29
CA SER W 254 14.10 140.73 32.63
C SER W 254 13.02 141.37 33.50
N GLY W 255 11.80 140.84 33.50
CA GLY W 255 10.76 141.36 34.35
C GLY W 255 10.54 140.49 35.57
N GLU W 256 10.97 139.22 35.45
CA GLU W 256 10.97 138.21 36.51
C GLU W 256 9.56 137.97 37.07
N LEU W 257 8.67 137.59 36.18
CA LEU W 257 7.33 137.18 36.57
C LEU W 257 7.05 135.83 35.94
N THR W 258 6.59 134.88 36.76
CA THR W 258 6.25 133.56 36.27
C THR W 258 4.79 133.54 35.85
N LEU W 259 4.49 132.77 34.82
CA LEU W 259 3.16 132.68 34.24
C LEU W 259 2.76 131.22 34.29
N THR W 260 1.89 130.86 35.23
CA THR W 260 1.54 129.48 35.49
C THR W 260 0.30 129.07 34.71
N SER W 261 0.38 127.93 34.05
CA SER W 261 -0.80 127.29 33.47
C SER W 261 -0.79 125.83 33.88
N ALA W 262 -1.79 125.41 34.63
CA ALA W 262 -1.92 124.03 35.09
C ALA W 262 -3.29 123.50 34.72
N SER W 263 -3.31 122.51 33.83
CA SER W 263 -4.56 121.90 33.37
C SER W 263 -5.09 120.98 34.45
N GLY W 264 -5.76 121.59 35.43
CA GLY W 264 -6.20 120.86 36.60
C GLY W 264 -6.20 121.72 37.84
N LYS W 265 -5.51 121.29 38.90
CA LYS W 265 -5.54 122.00 40.17
C LYS W 265 -4.16 122.00 40.85
N LEU W 266 -3.35 122.99 40.50
CA LEU W 266 -2.12 123.24 41.24
C LEU W 266 -2.43 124.08 42.46
N THR W 267 -1.67 123.86 43.54
CA THR W 267 -1.78 124.71 44.72
C THR W 267 -0.50 125.45 45.00
N ASP W 268 0.61 124.76 45.22
CA ASP W 268 1.88 125.38 45.56
C ASP W 268 2.96 124.84 44.64
N VAL W 269 3.99 125.66 44.41
CA VAL W 269 5.16 125.28 43.62
C VAL W 269 6.39 125.80 44.34
N LYS W 270 7.37 124.93 44.60
CA LYS W 270 8.63 125.32 45.21
C LYS W 270 9.70 125.39 44.14
N VAL W 271 10.01 126.61 43.70
CA VAL W 271 11.00 126.85 42.65
C VAL W 271 12.41 126.84 43.23
N LYS W 272 13.40 126.81 42.36
CA LYS W 272 14.80 126.94 42.77
C LYS W 272 15.53 127.71 41.67
N GLY W 273 15.65 129.02 41.85
CA GLY W 273 16.33 129.86 40.89
C GLY W 273 17.28 130.82 41.60
N TYR W 274 18.05 131.54 40.79
CA TYR W 274 19.04 132.47 41.30
C TYR W 274 18.83 133.84 40.69
N VAL W 275 19.17 134.87 41.45
CA VAL W 275 19.28 136.21 40.89
C VAL W 275 20.62 136.32 40.18
N ALA W 276 20.57 136.58 38.87
CA ALA W 276 21.78 136.51 38.06
C ALA W 276 22.70 137.68 38.36
N SER W 277 23.96 137.36 38.66
CA SER W 277 24.95 138.37 38.99
C SER W 277 25.80 138.68 37.76
N GLU W 278 25.14 139.23 36.74
CA GLU W 278 25.83 139.92 35.67
C GLU W 278 25.74 141.43 35.82
N GLN W 279 24.57 141.93 36.18
CA GLN W 279 24.48 143.27 36.77
C GLN W 279 25.03 143.18 38.19
N HIS W 280 26.17 143.85 38.42
CA HIS W 280 26.95 143.64 39.64
C HIS W 280 26.22 144.29 40.81
N THR W 281 25.26 143.55 41.35
CA THR W 281 24.43 144.04 42.45
C THR W 281 24.98 143.64 43.79
N SER W 282 25.22 142.35 43.99
CA SER W 282 25.74 141.83 45.24
C SER W 282 26.77 140.77 44.96
N ALA W 283 27.74 140.65 45.84
CA ALA W 283 28.82 139.68 45.70
C ALA W 283 29.39 139.39 47.08
N THR W 284 30.56 138.76 47.12
CA THR W 284 31.20 138.37 48.36
C THR W 284 32.57 139.00 48.43
N ASN W 285 32.75 139.88 49.40
CA ASN W 285 34.03 140.52 49.66
C ASN W 285 34.88 139.64 50.56
N VAL W 286 36.19 139.76 50.42
CA VAL W 286 37.13 139.16 51.36
C VAL W 286 37.98 140.28 51.96
N GLU W 287 38.29 140.14 53.24
CA GLU W 287 39.15 141.07 53.95
C GLU W 287 40.07 140.27 54.85
N LEU W 288 41.29 140.76 55.01
CA LEU W 288 42.28 140.05 55.82
C LEU W 288 42.01 140.24 57.31
N GLY W 289 42.84 139.63 58.13
CA GLY W 289 42.74 139.75 59.57
C GLY W 289 44.03 139.30 60.20
N LEU W 290 44.40 139.90 61.32
CA LEU W 290 45.68 139.58 61.94
C LEU W 290 45.61 139.90 63.41
N THR W 291 46.02 138.95 64.23
CA THR W 291 46.31 139.17 65.63
C THR W 291 47.62 138.47 65.97
N ARG W 292 48.08 138.64 67.20
CA ARG W 292 49.37 138.12 67.59
C ARG W 292 49.25 137.25 68.83
N LYS W 293 50.11 136.25 68.91
CA LYS W 293 50.18 135.36 70.06
C LYS W 293 51.51 135.62 70.76
N ASP W 294 51.44 135.86 72.07
CA ASP W 294 52.60 136.30 72.83
C ASP W 294 53.27 135.12 73.52
N VAL W 295 54.59 135.05 73.39
CA VAL W 295 55.39 134.02 74.03
C VAL W 295 56.27 134.71 75.05
N VAL W 296 55.91 134.59 76.33
CA VAL W 296 56.68 135.18 77.42
C VAL W 296 57.48 134.08 78.10
N ILE W 297 58.67 134.41 78.56
CA ILE W 297 59.59 133.46 79.18
C ILE W 297 59.84 133.92 80.60
N ASP W 298 59.46 133.10 81.56
CA ASP W 298 59.51 133.47 82.97
C ASP W 298 60.87 133.16 83.58
N THR W 299 60.94 133.25 84.89
CA THR W 299 62.12 132.91 85.67
C THR W 299 61.91 131.54 86.28
N ALA W 300 62.89 130.66 86.13
CA ALA W 300 62.78 129.31 86.65
C ALA W 300 63.23 129.26 88.11
N GLN W 301 63.15 128.08 88.69
CA GLN W 301 63.57 127.86 90.07
C GLN W 301 65.05 127.57 90.12
N HIS W 302 65.73 128.16 91.10
CA HIS W 302 67.16 127.94 91.28
C HIS W 302 67.40 126.64 92.05
N ILE W 303 68.28 125.82 91.54
CA ILE W 303 68.80 124.68 92.29
C ILE W 303 70.09 125.11 92.96
N GLU W 304 70.24 124.80 94.24
CA GLU W 304 71.40 125.24 94.98
C GLU W 304 71.86 124.13 95.91
N ALA W 305 73.07 124.30 96.45
CA ALA W 305 73.65 123.34 97.38
C ALA W 305 74.66 124.05 98.24
N THR W 306 74.49 123.99 99.55
CA THR W 306 75.42 124.61 100.47
C THR W 306 76.74 123.86 100.50
N VAL W 307 77.83 124.61 100.49
CA VAL W 307 79.16 124.01 100.61
C VAL W 307 79.91 124.55 101.82
N PRO W 308 79.70 123.97 103.00
CA PRO W 308 80.50 124.34 104.17
C PRO W 308 81.96 123.93 104.06
N LEU W 309 82.77 124.30 105.05
CA LEU W 309 84.13 123.79 105.12
C LEU W 309 84.24 122.60 106.06
N GLU W 310 83.28 122.44 106.96
CA GLU W 310 83.27 121.36 107.92
C GLU W 310 82.84 120.01 107.33
N VAL W 311 82.49 119.96 106.04
CA VAL W 311 82.06 118.72 105.40
C VAL W 311 82.95 118.34 104.22
N ILE W 312 83.63 119.30 103.61
CA ILE W 312 84.49 118.94 102.48
C ILE W 312 85.84 118.45 102.98
N GLN W 313 86.20 118.76 104.21
CA GLN W 313 87.46 118.29 104.77
C GLN W 313 87.42 116.78 105.00
N ASP W 314 86.39 116.29 105.69
CA ASP W 314 86.35 114.88 106.06
C ASP W 314 85.96 113.99 104.89
N MET W 315 85.10 114.47 103.99
CA MET W 315 84.70 113.66 102.84
C MET W 315 85.84 113.46 101.88
N LYS W 316 86.70 114.46 101.71
CA LYS W 316 87.95 114.26 100.99
C LYS W 316 88.94 113.41 101.77
N ALA W 317 88.80 113.35 103.09
CA ALA W 317 89.70 112.57 103.93
C ALA W 317 89.28 111.11 104.01
N THR W 318 88.04 110.86 104.44
CA THR W 318 87.62 109.49 104.72
C THR W 318 87.34 108.72 103.44
N TYR W 319 86.35 109.17 102.67
CA TYR W 319 85.86 108.42 101.53
C TYR W 319 86.47 108.85 100.20
N ASP W 320 87.27 109.92 100.20
CA ASP W 320 87.73 110.60 98.99
C ASP W 320 86.56 110.95 98.08
N ILE W 321 85.61 111.69 98.63
CA ILE W 321 84.45 112.17 97.91
C ILE W 321 84.65 113.66 97.64
N ASP W 322 84.62 114.02 96.36
CA ASP W 322 84.65 115.43 95.97
C ASP W 322 83.29 116.00 96.32
N GLY W 323 83.26 116.92 97.27
CA GLY W 323 81.98 117.47 97.70
C GLY W 323 81.40 118.44 96.69
N VAL W 324 82.25 119.26 96.07
CA VAL W 324 81.77 120.29 95.14
C VAL W 324 81.65 119.79 93.72
N ALA W 325 81.79 118.48 93.49
CA ALA W 325 81.47 117.91 92.19
C ALA W 325 80.41 116.84 92.25
N ARG W 326 80.29 116.13 93.37
CA ARG W 326 79.15 115.25 93.60
C ARG W 326 77.90 116.03 93.99
N LEU W 327 78.01 117.33 94.22
CA LEU W 327 76.87 118.22 94.35
C LEU W 327 76.63 119.03 93.09
N SER W 328 77.69 119.44 92.39
CA SER W 328 77.52 120.23 91.18
C SER W 328 77.05 119.39 90.01
N GLU W 329 77.48 118.14 89.93
CA GLU W 329 76.94 117.20 88.95
C GLU W 329 75.73 116.45 89.47
N THR W 330 75.12 116.95 90.53
CA THR W 330 73.81 116.51 91.02
C THR W 330 72.73 117.55 90.78
N MET W 331 73.05 118.83 91.00
CA MET W 331 72.17 119.90 90.55
C MET W 331 72.07 119.95 89.03
N SER W 332 73.12 119.52 88.33
CA SER W 332 73.08 119.46 86.88
C SER W 332 72.26 118.30 86.36
N GLN W 333 71.77 117.42 87.23
CA GLN W 333 70.88 116.35 86.84
C GLN W 333 69.46 116.52 87.35
N LEU W 334 69.27 117.20 88.48
CA LEU W 334 67.92 117.55 88.88
C LEU W 334 67.35 118.65 87.98
N SER W 335 68.20 119.59 87.56
CA SER W 335 67.73 120.61 86.63
C SER W 335 67.55 120.04 85.24
N SER W 336 68.37 119.07 84.84
CA SER W 336 68.24 118.46 83.53
C SER W 336 67.03 117.53 83.47
N GLN W 337 66.55 117.07 84.62
CA GLN W 337 65.33 116.26 84.65
C GLN W 337 64.10 117.09 84.92
N LYS W 338 64.26 118.30 85.46
CA LYS W 338 63.13 119.19 85.66
C LYS W 338 62.59 119.70 84.34
N VAL W 339 63.43 119.79 83.31
CA VAL W 339 63.00 120.33 82.03
C VAL W 339 62.14 119.31 81.28
N ASP W 340 62.32 118.02 81.58
CA ASP W 340 61.52 117.01 80.91
C ASP W 340 60.20 116.75 81.63
N LEU W 341 60.18 116.87 82.95
CA LEU W 341 58.93 116.77 83.68
C LEU W 341 58.05 117.99 83.46
N ASP W 342 58.63 119.09 83.00
CA ASP W 342 57.84 120.21 82.49
C ASP W 342 57.33 119.95 81.08
N ILE W 343 58.04 119.17 80.28
CA ILE W 343 57.59 118.83 78.93
C ILE W 343 56.37 117.94 78.99
N ILE W 344 56.36 116.95 79.88
CA ILE W 344 55.24 116.03 79.96
C ILE W 344 54.01 116.72 80.55
N GLU W 345 54.20 117.50 81.62
CA GLU W 345 53.09 118.26 82.17
C GLU W 345 52.60 119.36 81.23
N PHE W 346 53.44 119.79 80.30
CA PHE W 346 52.93 120.63 79.22
C PHE W 346 52.00 119.84 78.32
N LEU W 347 52.43 118.66 77.88
CA LEU W 347 51.64 117.87 76.95
C LEU W 347 50.40 117.28 77.62
N ASP W 348 50.45 116.99 78.91
CA ASP W 348 49.21 116.62 79.59
C ASP W 348 48.29 117.81 79.76
N HIS W 349 48.83 119.02 79.81
CA HIS W 349 47.97 120.19 79.89
C HIS W 349 47.33 120.50 78.54
N GLU W 350 48.14 120.49 77.46
CA GLU W 350 47.63 120.86 76.15
C GLU W 350 46.68 119.83 75.59
N TYR W 351 46.77 118.59 76.04
CA TYR W 351 45.76 117.60 75.67
C TYR W 351 44.42 117.91 76.29
N LYS W 352 44.40 118.38 77.55
CA LYS W 352 43.14 118.73 78.18
C LYS W 352 42.63 120.10 77.75
N GLU W 353 43.40 120.85 76.97
CA GLU W 353 42.86 122.02 76.29
C GLU W 353 42.12 121.66 75.01
N THR W 354 42.43 120.51 74.42
CA THR W 354 41.63 119.99 73.32
C THR W 354 40.46 119.16 73.82
N ASP W 355 40.34 119.00 75.14
CA ASP W 355 39.30 118.25 75.88
C ASP W 355 38.94 116.92 75.22
N ALA W 356 39.96 116.06 75.10
CA ALA W 356 39.84 114.68 74.63
C ALA W 356 39.25 114.59 73.23
N LYS W 357 39.84 115.36 72.31
CA LYS W 357 39.38 115.32 70.93
C LYS W 357 39.86 114.06 70.23
N TYR W 358 41.11 113.67 70.43
CA TYR W 358 41.72 112.56 69.73
C TYR W 358 42.05 111.43 70.68
N HIS W 359 41.12 111.12 71.58
CA HIS W 359 41.31 110.06 72.56
C HIS W 359 40.72 108.77 72.00
N PHE W 360 41.58 107.84 71.60
CA PHE W 360 41.18 106.56 71.05
C PHE W 360 41.80 105.44 71.86
N SER W 361 40.97 104.56 72.39
CA SER W 361 41.40 103.56 73.35
C SER W 361 42.03 102.36 72.66
N PHE W 362 42.59 101.46 73.47
CA PHE W 362 43.14 100.19 73.03
C PHE W 362 43.10 99.22 74.20
N ASP W 363 43.10 97.93 73.90
CA ASP W 363 43.06 96.91 74.95
C ASP W 363 44.08 95.85 74.64
N VAL W 364 45.06 95.68 75.53
CA VAL W 364 46.07 94.63 75.37
C VAL W 364 45.44 93.26 75.54
N PHE W 365 44.46 93.15 76.43
CA PHE W 365 43.61 91.97 76.46
C PHE W 365 42.85 91.91 75.15
N PRO W 366 42.87 90.79 74.44
CA PRO W 366 42.12 90.71 73.19
C PRO W 366 40.63 90.67 73.46
N HIS W 367 39.90 90.71 72.37
CA HIS W 367 38.45 90.63 72.43
C HIS W 367 38.01 89.26 72.93
N SER W 368 36.76 89.20 73.41
CA SER W 368 36.27 87.95 73.97
C SER W 368 36.15 86.87 72.92
N ASP W 369 35.57 87.18 71.77
CA ASP W 369 35.63 86.27 70.64
C ASP W 369 36.78 86.66 69.70
N TYR W 370 37.98 86.82 70.25
CA TYR W 370 39.10 87.00 69.34
C TYR W 370 39.66 85.67 68.90
N SER W 371 39.96 84.79 69.86
CA SER W 371 40.22 83.36 69.64
C SER W 371 41.44 83.12 68.76
N ALA W 372 42.51 83.85 69.00
CA ALA W 372 43.81 83.54 68.41
C ALA W 372 44.87 83.97 69.40
N HIS W 373 46.10 84.08 68.92
CA HIS W 373 47.21 84.42 69.78
C HIS W 373 47.10 85.88 70.23
N PRO W 374 47.17 86.15 71.54
CA PRO W 374 47.16 87.55 72.01
C PRO W 374 48.36 88.36 71.57
N LYS W 375 49.45 87.72 71.15
CA LYS W 375 50.61 88.46 70.67
C LYS W 375 50.32 89.15 69.34
N ASP W 376 49.55 88.52 68.46
CA ASP W 376 49.19 89.15 67.19
C ASP W 376 48.03 90.11 67.32
N TRP W 377 47.36 90.15 68.47
CA TRP W 377 46.40 91.20 68.75
C TRP W 377 47.08 92.54 68.98
N LEU W 378 48.37 92.53 69.31
CA LEU W 378 49.15 93.76 69.44
C LEU W 378 49.50 94.38 68.10
N GLU W 379 49.20 93.72 66.99
CA GLU W 379 49.33 94.37 65.69
C GLU W 379 48.29 95.46 65.51
N GLY W 380 47.19 95.39 66.26
CA GLY W 380 46.16 96.40 66.18
C GLY W 380 46.57 97.75 66.72
N LEU W 381 47.59 97.79 67.57
CA LEU W 381 48.05 99.07 68.11
C LEU W 381 48.67 99.93 67.02
N ARG W 382 49.33 99.33 66.04
CA ARG W 382 49.86 100.10 64.93
C ARG W 382 48.79 100.51 63.94
N GLU W 383 47.56 100.02 64.09
CA GLU W 383 46.44 100.53 63.32
C GLU W 383 45.83 101.76 63.97
N VAL W 384 45.66 101.75 65.29
CA VAL W 384 45.00 102.86 65.99
C VAL W 384 45.88 104.10 65.93
N ILE W 385 47.21 103.93 65.88
CA ILE W 385 48.10 105.05 65.63
C ILE W 385 47.82 105.66 64.27
N ASP W 386 47.63 104.81 63.25
CA ASP W 386 47.28 105.30 61.93
C ASP W 386 45.87 105.86 61.85
N HIS W 387 45.02 105.59 62.83
CA HIS W 387 43.68 106.15 62.78
C HIS W 387 43.64 107.56 63.34
N THR W 388 44.46 107.86 64.36
CA THR W 388 44.51 109.23 64.85
C THR W 388 45.22 110.14 63.86
N THR W 389 46.35 109.68 63.32
CA THR W 389 47.19 110.52 62.48
C THR W 389 46.49 110.85 61.16
N GLN W 390 45.71 109.92 60.63
CA GLN W 390 44.89 110.25 59.47
C GLN W 390 43.73 111.16 59.87
N SER W 391 43.22 111.02 61.08
CA SER W 391 42.24 111.98 61.59
C SER W 391 42.88 113.28 62.04
N MET W 392 44.20 113.30 62.25
CA MET W 392 44.89 114.54 62.52
C MET W 392 45.14 115.33 61.25
N LYS W 393 45.39 114.67 60.12
CA LYS W 393 45.55 115.32 58.84
C LYS W 393 44.22 115.58 58.15
N ASN W 394 43.11 115.53 58.89
CA ASN W 394 41.78 115.78 58.36
C ASN W 394 41.19 117.07 58.91
N ASP W 395 41.24 117.26 60.22
CA ASP W 395 40.66 118.46 60.81
C ASP W 395 41.56 119.66 60.72
N TYR W 396 42.87 119.46 60.75
CA TYR W 396 43.82 120.56 60.62
C TYR W 396 44.48 120.61 59.25
N LYS W 397 44.23 119.59 58.41
CA LYS W 397 44.38 119.66 56.95
C LYS W 397 45.83 119.87 56.51
N LEU W 398 46.77 119.47 57.36
CA LEU W 398 48.18 119.62 57.07
C LEU W 398 48.76 118.28 56.64
N TYR W 399 49.61 118.31 55.62
CA TYR W 399 49.96 117.10 54.89
C TYR W 399 51.42 116.71 54.92
N ASP W 400 52.33 117.59 55.34
CA ASP W 400 53.76 117.28 55.32
C ASP W 400 54.25 117.37 56.76
N VAL W 401 54.10 116.28 57.50
CA VAL W 401 54.18 116.26 58.96
C VAL W 401 55.15 115.17 59.36
N GLN W 402 55.85 115.40 60.48
CA GLN W 402 56.44 114.31 61.24
C GLN W 402 55.61 114.09 62.49
N PHE W 403 55.38 112.83 62.84
CA PHE W 403 54.66 112.47 64.05
C PHE W 403 55.64 111.79 64.99
N VAL W 404 55.81 112.34 66.17
CA VAL W 404 56.57 111.69 67.22
C VAL W 404 55.57 111.13 68.23
N ILE W 405 55.93 109.98 68.81
CA ILE W 405 55.09 109.31 69.78
C ILE W 405 55.91 109.08 71.03
N VAL W 406 55.54 109.76 72.11
CA VAL W 406 56.18 109.54 73.40
C VAL W 406 55.33 108.54 74.17
N GLY W 407 55.98 107.77 75.04
CA GLY W 407 55.28 106.74 75.78
C GLY W 407 56.24 105.94 76.61
N ASN W 408 55.69 105.29 77.62
CA ASN W 408 56.46 104.40 78.47
C ASN W 408 56.97 103.23 77.63
N PRO W 409 58.24 102.82 77.80
CA PRO W 409 58.73 101.64 77.08
C PRO W 409 58.06 100.33 77.47
N LEU W 410 57.28 100.31 78.54
CA LEU W 410 56.34 99.22 78.76
C LEU W 410 55.22 99.20 77.72
N ASP W 411 54.95 100.33 77.06
CA ASP W 411 53.96 100.41 76.01
C ASP W 411 54.55 100.56 74.61
N VAL W 412 55.74 101.16 74.49
CA VAL W 412 56.42 101.22 73.20
C VAL W 412 56.97 99.85 72.81
N ARG W 413 57.08 98.93 73.77
CA ARG W 413 57.44 97.55 73.47
C ARG W 413 56.38 96.86 72.61
N LEU W 414 55.12 97.28 72.71
CA LEU W 414 54.04 96.63 71.98
C LEU W 414 54.12 96.88 70.48
N ILE W 415 54.68 98.01 70.07
CA ILE W 415 54.63 98.44 68.67
C ILE W 415 55.48 97.58 67.74
N PRO W 416 56.83 97.35 67.95
CA PRO W 416 57.55 96.58 66.92
C PRO W 416 57.28 95.09 66.98
N ASN W 417 56.98 94.57 68.18
CA ASN W 417 56.54 93.19 68.44
C ASN W 417 57.57 92.18 67.93
N VAL W 418 58.74 92.23 68.57
CA VAL W 418 59.93 91.52 68.10
C VAL W 418 59.99 90.14 68.75
N SER W 419 60.39 89.15 67.96
CA SER W 419 60.58 87.78 68.44
C SER W 419 61.97 87.62 69.05
N TRP W 420 62.37 86.38 69.31
CA TRP W 420 63.63 86.08 69.98
C TRP W 420 64.56 85.34 69.02
N THR W 421 65.86 85.38 69.31
CA THR W 421 66.88 84.83 68.42
C THR W 421 67.96 84.05 69.18
N PHE W 422 67.52 83.04 69.95
CA PHE W 422 68.33 82.20 70.84
C PHE W 422 69.67 81.71 70.31
N ASN W 423 70.64 81.53 71.21
CA ASN W 423 71.94 80.97 70.86
C ASN W 423 72.51 80.25 72.07
N GLY W 424 73.76 79.78 71.94
CA GLY W 424 74.45 79.06 72.99
C GLY W 424 75.14 79.94 74.00
N GLY W 425 74.37 80.46 74.97
CA GLY W 425 74.86 81.41 75.96
C GLY W 425 76.05 80.99 76.81
N ASP W 426 77.17 81.68 76.59
CA ASP W 426 78.43 81.43 77.27
C ASP W 426 78.70 82.52 78.32
N ARG W 427 79.91 82.53 78.86
CA ARG W 427 80.33 83.57 79.79
C ARG W 427 81.13 84.68 79.13
N ASN W 428 82.04 84.34 78.22
CA ASN W 428 82.96 85.36 77.69
C ASN W 428 82.26 86.32 76.73
N ALA W 429 81.31 85.82 75.94
CA ALA W 429 80.54 86.66 75.04
C ALA W 429 79.22 86.99 75.73
N ASP W 430 79.31 87.88 76.70
CA ASP W 430 78.15 88.35 77.45
C ASP W 430 77.88 89.80 77.04
N ALA W 431 76.94 89.97 76.12
CA ALA W 431 76.55 91.30 75.66
C ALA W 431 75.57 91.86 76.67
N TYR W 432 76.05 92.72 77.57
CA TYR W 432 75.20 93.33 78.58
C TYR W 432 74.32 94.40 77.94
N SER W 433 73.20 93.95 77.36
CA SER W 433 72.26 94.77 76.60
C SER W 433 72.95 95.54 75.48
N ASN W 434 73.84 94.86 74.76
CA ASN W 434 74.52 95.45 73.63
C ASN W 434 73.66 95.28 72.39
N GLY W 435 73.35 96.40 71.73
CA GLY W 435 72.53 96.39 70.55
C GLY W 435 71.05 96.53 70.80
N ILE W 436 70.64 96.67 72.04
CA ILE W 436 69.23 96.79 72.40
C ILE W 436 68.91 98.28 72.52
N LYS W 437 68.17 98.80 71.54
CA LYS W 437 67.76 100.20 71.55
C LYS W 437 66.33 100.43 71.10
N ILE W 438 65.67 99.43 70.49
CA ILE W 438 64.38 99.66 69.84
C ILE W 438 63.22 99.82 70.81
N ASN W 439 63.44 99.56 72.09
CA ASN W 439 62.39 99.83 73.06
C ASN W 439 62.39 101.29 73.50
N TYR W 440 63.39 102.07 73.12
CA TYR W 440 63.46 103.47 73.51
C TYR W 440 63.41 104.39 72.30
N SER W 441 64.25 104.19 71.31
CA SER W 441 64.30 105.04 70.12
C SER W 441 64.07 104.16 68.91
N LEU W 442 62.96 104.39 68.21
CA LEU W 442 62.60 103.57 67.06
C LEU W 442 61.88 104.44 66.05
N GLY W 443 62.09 104.13 64.78
CA GLY W 443 61.47 104.88 63.70
C GLY W 443 60.62 103.97 62.85
N ALA W 444 59.39 104.41 62.58
CA ALA W 444 58.45 103.66 61.79
C ALA W 444 58.11 104.43 60.52
N ALA W 445 57.58 103.70 59.54
CA ALA W 445 57.20 104.32 58.26
C ALA W 445 55.96 103.57 57.77
N SER W 446 54.80 104.11 58.09
CA SER W 446 53.54 103.48 57.74
C SER W 446 53.09 103.95 56.35
N GLY W 447 51.87 103.63 55.98
CA GLY W 447 51.27 104.23 54.81
C GLY W 447 50.52 105.50 55.10
N THR W 448 50.22 105.75 56.37
CA THR W 448 49.50 106.96 56.77
C THR W 448 50.44 108.14 56.94
N ALA W 449 51.54 107.94 57.68
CA ALA W 449 52.57 108.95 57.88
C ALA W 449 53.81 108.27 58.44
N ASN W 450 54.93 108.99 58.41
CA ASN W 450 56.13 108.50 59.06
C ASN W 450 56.05 108.72 60.56
N TYR W 451 56.82 107.92 61.30
CA TYR W 451 56.77 107.98 62.75
C TYR W 451 58.19 107.97 63.31
N ARG W 452 58.34 108.62 64.46
CA ARG W 452 59.63 108.80 65.12
C ARG W 452 59.45 108.54 66.62
N ILE W 453 58.92 107.36 66.96
CA ILE W 453 58.42 107.09 68.31
C ILE W 453 59.56 107.11 69.32
N ILE W 454 59.23 107.53 70.55
CA ILE W 454 60.20 107.85 71.58
C ILE W 454 59.76 107.16 72.86
N GLY W 455 60.64 106.34 73.42
CA GLY W 455 60.30 105.65 74.65
C GLY W 455 61.24 106.01 75.79
N SER W 456 60.69 106.58 76.85
CA SER W 456 61.45 106.85 78.07
C SER W 456 60.50 106.83 79.24
N ASP W 457 60.93 106.21 80.33
CA ASP W 457 60.05 105.82 81.42
C ASP W 457 59.63 106.95 82.35
N LEU W 458 59.98 108.21 82.03
CA LEU W 458 59.54 109.31 82.88
C LEU W 458 58.04 109.54 82.75
N VAL W 459 57.51 109.36 81.55
CA VAL W 459 56.07 109.42 81.32
C VAL W 459 55.44 108.14 81.87
N ARG W 460 54.18 108.21 82.26
CA ARG W 460 53.51 107.09 82.88
C ARG W 460 53.24 105.98 81.87
N GLN W 461 52.85 104.83 82.40
CA GLN W 461 52.46 103.67 81.60
C GLN W 461 50.96 103.66 81.45
N GLY W 462 50.49 103.38 80.23
CA GLY W 462 49.07 103.28 79.97
C GLY W 462 48.56 104.18 78.88
N GLU W 463 49.37 105.09 78.36
CA GLU W 463 48.94 106.05 77.35
C GLU W 463 50.10 106.37 76.43
N LEU W 464 49.88 106.20 75.13
CA LEU W 464 50.76 106.84 74.17
C LEU W 464 50.31 108.29 73.99
N THR W 465 51.17 109.07 73.32
CA THR W 465 50.84 110.46 73.04
C THR W 465 51.51 110.86 71.74
N ILE W 466 50.71 111.34 70.79
CA ILE W 466 51.19 111.64 69.44
C ILE W 466 51.22 113.15 69.25
N ILE W 467 52.35 113.66 68.78
CA ILE W 467 52.58 115.07 68.56
C ILE W 467 52.83 115.30 67.09
N ALA W 468 52.17 116.29 66.51
CA ALA W 468 52.33 116.62 65.09
C ALA W 468 53.40 117.69 64.94
N ILE W 469 54.45 117.38 64.20
CA ILE W 469 55.56 118.30 64.00
C ILE W 469 55.65 118.68 62.54
N PRO W 470 55.19 119.86 62.14
CA PRO W 470 55.24 120.25 60.74
C PRO W 470 56.66 120.57 60.31
N GLN W 471 56.84 120.64 58.99
CA GLN W 471 58.14 120.90 58.38
C GLN W 471 58.31 122.34 57.96
N GLN W 472 57.26 122.95 57.43
CA GLN W 472 57.31 124.36 57.06
C GLN W 472 57.39 125.23 58.31
N ASP W 473 58.08 126.36 58.18
CA ASP W 473 58.21 127.27 59.30
C ASP W 473 56.99 128.16 59.49
N ASN W 474 56.08 128.19 58.51
CA ASN W 474 54.89 129.02 58.63
C ASN W 474 53.92 128.44 59.65
N TYR W 475 53.67 127.14 59.57
CA TYR W 475 52.81 126.48 60.54
C TYR W 475 53.65 125.95 61.69
N LYS W 476 53.17 126.14 62.92
CA LYS W 476 53.86 125.64 64.11
C LYS W 476 52.83 125.15 65.10
N THR W 477 53.06 123.95 65.64
CA THR W 477 52.17 123.36 66.64
C THR W 477 52.75 123.51 68.05
N PHE W 478 53.96 123.01 68.25
CA PHE W 478 54.64 123.07 69.54
C PHE W 478 56.09 123.48 69.30
N MET W 479 56.57 124.42 70.10
CA MET W 479 57.94 124.88 69.99
C MET W 479 58.57 124.94 71.37
N PHE W 480 59.78 124.40 71.49
CA PHE W 480 60.55 124.48 72.72
C PHE W 480 61.46 125.70 72.64
N TYR W 481 61.42 126.54 73.68
CA TYR W 481 62.15 127.81 73.70
C TYR W 481 63.07 127.86 74.90
N PRO W 482 64.32 127.40 74.75
CA PRO W 482 65.31 127.59 75.83
C PRO W 482 65.83 129.01 75.79
N TYR W 483 65.67 129.74 76.90
CA TYR W 483 66.18 131.11 76.93
C TYR W 483 67.67 131.11 77.26
N THR W 484 68.03 130.70 78.47
CA THR W 484 69.42 130.68 78.90
C THR W 484 69.57 129.75 80.09
N PHE W 485 70.82 129.51 80.47
CA PHE W 485 71.16 128.61 81.56
C PHE W 485 72.42 129.18 82.20
N ASN W 486 72.29 129.67 83.44
CA ASN W 486 73.39 130.33 84.13
C ASN W 486 73.64 129.67 85.47
N VAL W 487 74.90 129.54 85.83
CA VAL W 487 75.32 129.01 87.11
C VAL W 487 76.28 130.01 87.73
N VAL W 488 76.16 130.21 89.04
CA VAL W 488 77.02 131.11 89.79
C VAL W 488 77.79 130.30 90.82
N ASN W 489 79.10 130.48 90.85
CA ASN W 489 79.97 129.74 91.76
C ASN W 489 80.20 130.56 93.03
N GLY W 490 79.11 130.82 93.74
CA GLY W 490 79.19 131.70 94.89
C GLY W 490 79.36 133.14 94.45
N GLY W 491 79.72 133.99 95.42
CA GLY W 491 79.96 135.38 95.11
C GLY W 491 78.70 136.14 94.77
N GLY W 492 77.86 136.42 95.75
CA GLY W 492 76.55 136.97 95.45
C GLY W 492 75.42 136.32 96.20
N TYR W 493 74.57 135.58 95.48
CA TYR W 493 73.34 135.02 96.01
C TYR W 493 73.59 134.11 97.21
N LEU W 494 72.78 134.27 98.25
CA LEU W 494 72.93 133.55 99.49
C LEU W 494 72.11 132.26 99.46
N ASN W 495 71.95 131.65 100.63
CA ASN W 495 71.08 130.50 100.81
C ASN W 495 69.79 130.95 101.48
N THR W 496 68.77 130.08 101.43
CA THR W 496 67.53 130.31 102.15
C THR W 496 67.36 129.43 103.38
N ARG W 497 68.08 128.30 103.46
CA ARG W 497 68.00 127.46 104.65
C ARG W 497 68.90 127.98 105.75
N ASN W 498 70.21 128.00 105.50
CA ASN W 498 71.19 128.55 106.42
C ASN W 498 72.09 129.48 105.62
N PRO W 499 71.81 130.78 105.61
CA PRO W 499 72.51 131.69 104.69
C PRO W 499 73.93 132.03 105.10
N ASN W 500 74.42 131.55 106.24
CA ASN W 500 75.78 131.84 106.66
C ASN W 500 76.83 131.01 105.94
N VAL W 501 76.41 130.11 105.04
CA VAL W 501 77.28 129.13 104.41
C VAL W 501 77.34 129.45 102.92
N PRO W 502 78.50 129.38 102.27
CA PRO W 502 78.56 129.58 100.82
C PRO W 502 77.85 128.45 100.08
N ASN W 503 77.48 128.76 98.84
CA ASN W 503 76.70 127.79 98.06
C ASN W 503 76.89 128.03 96.57
N MET W 504 76.79 126.95 95.80
CA MET W 504 76.61 127.03 94.36
C MET W 504 75.13 127.20 94.06
N MET W 505 74.83 127.65 92.84
CA MET W 505 73.44 127.90 92.47
C MET W 505 73.29 127.77 90.97
N MET W 506 72.34 126.95 90.54
CA MET W 506 72.10 126.68 89.13
C MET W 506 70.69 127.09 88.76
N THR W 507 70.54 127.78 87.63
CA THR W 507 69.24 128.22 87.15
C THR W 507 69.18 128.04 85.64
N ARG W 508 68.15 127.35 85.17
CA ARG W 508 67.95 127.10 83.74
C ARG W 508 66.54 127.55 83.38
N ARG W 509 66.41 128.74 82.82
CA ARG W 509 65.11 129.30 82.48
C ARG W 509 64.82 129.13 81.00
N TYR W 510 63.53 128.97 80.70
CA TYR W 510 63.02 128.53 79.41
C TYR W 510 61.51 128.60 79.49
N THR W 511 60.86 128.35 78.36
CA THR W 511 59.45 128.01 78.34
C THR W 511 59.17 127.20 77.09
N VAL W 512 57.99 126.58 77.06
CA VAL W 512 57.53 125.82 75.91
C VAL W 512 56.05 126.14 75.71
N GLU W 513 55.67 126.43 74.46
CA GLU W 513 54.34 126.94 74.20
C GLU W 513 53.71 126.22 73.01
N SER W 514 52.39 126.26 72.98
CA SER W 514 51.57 125.60 71.97
C SER W 514 50.78 126.66 71.22
N PHE W 515 51.09 126.85 69.94
CA PHE W 515 50.33 127.78 69.13
C PHE W 515 48.97 127.18 68.76
N VAL W 516 48.98 126.05 68.06
CA VAL W 516 47.77 125.27 67.82
C VAL W 516 48.04 123.84 68.29
N PRO W 517 47.19 123.28 69.15
CA PRO W 517 47.50 121.95 69.69
C PRO W 517 46.99 120.80 68.84
N ILE W 518 47.90 120.00 68.30
CA ILE W 518 47.53 118.76 67.63
C ILE W 518 48.13 117.61 68.42
N ILE W 519 47.36 117.05 69.34
CA ILE W 519 47.87 116.05 70.28
C ILE W 519 46.79 115.00 70.50
N GLY W 520 47.18 113.73 70.47
CA GLY W 520 46.25 112.65 70.66
C GLY W 520 46.78 111.69 71.70
N ARG W 521 45.85 111.06 72.41
CA ARG W 521 46.17 110.23 73.57
C ARG W 521 45.55 108.87 73.38
N ILE W 522 46.39 107.86 73.16
CA ILE W 522 45.93 106.50 72.95
C ILE W 522 45.95 105.79 74.30
N THR W 523 44.78 105.70 74.93
CA THR W 523 44.65 104.97 76.18
C THR W 523 44.85 103.49 75.95
N ILE W 524 45.82 102.91 76.67
CA ILE W 524 46.19 101.52 76.51
C ILE W 524 45.82 100.82 77.81
N LYS W 525 44.81 99.95 77.75
CA LYS W 525 44.23 99.34 78.93
C LYS W 525 44.74 97.91 79.10
N ASN W 526 44.88 97.50 80.37
CA ASN W 526 45.26 96.15 80.78
C ASN W 526 46.60 95.73 80.22
N ASN W 527 47.60 96.60 80.36
CA ASN W 527 48.97 96.28 79.97
C ASN W 527 49.77 95.71 81.15
N ASN W 528 49.10 95.12 82.13
CA ASN W 528 49.77 94.65 83.34
C ASN W 528 50.55 93.35 83.14
N GLY W 529 50.42 92.69 81.99
CA GLY W 529 51.12 91.47 81.74
C GLY W 529 50.37 90.21 82.14
N SER W 530 49.12 90.33 82.56
CA SER W 530 48.28 89.19 82.90
C SER W 530 47.46 88.70 81.72
N VAL W 531 47.89 88.99 80.50
CA VAL W 531 47.13 88.55 79.33
C VAL W 531 47.37 87.07 79.06
N TYR W 532 48.53 86.55 79.45
CA TYR W 532 48.80 85.12 79.36
C TYR W 532 48.59 84.42 80.69
N ALA W 533 47.90 85.06 81.63
CA ALA W 533 47.68 84.47 82.94
C ALA W 533 46.27 84.71 83.46
N ARG W 534 45.38 85.28 82.67
CA ARG W 534 44.03 85.56 83.12
C ARG W 534 43.18 84.30 83.10
N MET X 81 62.02 142.35 85.46
CA MET X 81 61.89 143.22 86.62
C MET X 81 60.47 143.74 86.71
N GLY X 82 60.01 144.03 87.94
CA GLY X 82 58.66 144.47 88.20
C GLY X 82 58.27 145.77 87.53
N PRO X 83 58.85 146.91 87.97
CA PRO X 83 58.51 148.22 87.38
C PRO X 83 59.27 148.52 86.09
N ILE X 84 59.34 147.55 85.20
CA ILE X 84 59.90 147.73 83.87
C ILE X 84 58.87 147.20 82.88
N GLN X 85 58.38 148.06 82.00
CA GLN X 85 57.34 147.64 81.07
C GLN X 85 57.92 146.72 80.02
N PRO X 86 57.38 145.51 79.87
CA PRO X 86 57.97 144.55 78.92
C PRO X 86 57.58 144.90 77.49
N TYR X 87 58.55 144.75 76.58
CA TYR X 87 58.32 144.99 75.17
C TYR X 87 58.47 143.66 74.42
N ALA X 88 57.44 143.31 73.68
CA ALA X 88 57.36 142.03 72.98
C ALA X 88 57.64 142.28 71.51
N SER X 89 58.83 141.88 71.06
CA SER X 89 59.23 142.13 69.69
C SER X 89 58.48 141.20 68.73
N LEU X 90 58.63 141.48 67.44
CA LEU X 90 57.91 140.78 66.39
C LEU X 90 58.84 139.75 65.77
N SER X 91 58.60 138.47 66.07
CA SER X 91 59.34 137.40 65.41
C SER X 91 58.85 137.27 63.98
N MET X 92 59.78 137.22 63.05
CA MET X 92 59.55 137.49 61.63
C MET X 92 58.74 136.45 60.83
N PRO X 93 58.93 135.08 60.99
CA PRO X 93 58.10 134.16 60.20
C PRO X 93 56.63 134.19 60.59
N ILE X 94 55.80 134.70 59.69
CA ILE X 94 54.41 134.99 59.98
C ILE X 94 53.58 133.73 59.82
N LEU X 95 52.70 133.49 60.80
CA LEU X 95 51.93 132.26 60.80
C LEU X 95 50.74 132.37 59.86
N VAL X 96 50.32 131.24 59.30
CA VAL X 96 49.32 131.20 58.26
C VAL X 96 48.35 130.06 58.55
N LYS X 97 47.13 130.20 58.05
CA LYS X 97 46.17 129.11 58.07
C LYS X 97 46.34 128.24 56.85
N LEU X 98 45.91 126.98 56.97
CA LEU X 98 46.22 125.96 55.97
C LEU X 98 44.95 125.56 55.21
N TRP X 99 45.10 125.41 53.90
CA TRP X 99 44.01 125.04 53.02
C TRP X 99 43.94 123.53 52.86
N ALA X 100 42.78 123.06 52.39
CA ALA X 100 42.62 121.65 52.07
C ALA X 100 43.13 121.38 50.66
N ARG X 101 43.32 120.10 50.36
CA ARG X 101 43.78 119.69 49.05
C ARG X 101 42.60 119.55 48.09
N LEU X 102 42.84 119.89 46.84
CA LEU X 102 41.81 119.89 45.81
C LEU X 102 42.16 118.84 44.77
N ALA X 103 41.53 117.67 44.88
CA ALA X 103 41.77 116.58 43.93
C ALA X 103 40.48 116.03 43.36
N LEU X 104 39.43 116.84 43.26
CA LEU X 104 38.14 116.36 42.78
C LEU X 104 37.82 116.79 41.37
N THR X 105 38.54 117.78 40.82
CA THR X 105 38.32 118.20 39.45
C THR X 105 38.77 117.16 38.44
N GLU X 106 39.67 116.26 38.82
CA GLU X 106 40.13 115.19 37.94
C GLU X 106 39.30 113.92 38.09
N ALA X 107 38.38 113.87 39.04
CA ALA X 107 37.46 112.75 39.13
C ALA X 107 36.46 112.79 37.97
N LEU X 108 35.67 113.85 37.90
CA LEU X 108 34.72 113.99 36.81
C LEU X 108 35.47 114.33 35.52
N PRO X 109 35.05 113.77 34.38
CA PRO X 109 35.74 114.08 33.13
C PRO X 109 35.37 115.47 32.63
N THR X 110 36.40 116.22 32.24
CA THR X 110 36.24 117.64 31.90
C THR X 110 36.43 117.83 30.41
N GLN X 111 35.40 118.35 29.76
CA GLN X 111 35.52 118.91 28.42
C GLN X 111 35.17 120.38 28.54
N VAL X 112 36.06 121.24 28.02
CA VAL X 112 35.86 122.68 28.13
C VAL X 112 34.72 123.08 27.19
N ALA X 113 33.95 124.08 27.61
CA ALA X 113 32.80 124.51 26.83
C ALA X 113 33.09 125.82 26.12
N ASN X 114 32.70 125.89 24.85
CA ASN X 114 32.84 127.11 24.08
C ASN X 114 31.58 127.95 24.04
N LYS X 115 30.43 127.34 24.21
CA LYS X 115 29.19 128.09 24.20
C LYS X 115 28.48 127.93 25.53
N PRO X 116 27.81 128.99 26.02
CA PRO X 116 27.17 128.90 27.34
C PRO X 116 25.91 128.05 27.33
N ASN X 117 25.24 127.94 26.19
CA ASN X 117 24.02 127.16 26.08
C ASN X 117 24.12 126.26 24.87
N PHE X 118 24.09 124.95 25.10
CA PHE X 118 24.15 123.99 24.01
C PHE X 118 23.33 122.77 24.40
N THR X 119 22.95 122.00 23.38
CA THR X 119 22.15 120.80 23.57
C THR X 119 22.92 119.59 23.05
N VAL X 120 22.46 118.41 23.47
CA VAL X 120 23.02 117.17 23.00
C VAL X 120 21.86 116.21 22.75
N PRO X 121 21.87 115.44 21.68
CA PRO X 121 20.76 114.51 21.43
C PRO X 121 20.98 113.17 22.11
N ILE X 122 19.89 112.40 22.20
CA ILE X 122 19.94 111.00 22.60
C ILE X 122 19.06 110.22 21.64
N LEU X 123 19.51 109.03 21.26
CA LEU X 123 18.87 108.25 20.19
C LEU X 123 18.37 106.93 20.77
N THR X 124 17.06 106.84 20.99
CA THR X 124 16.46 105.68 21.63
C THR X 124 15.52 104.98 20.66
N PRO X 125 15.72 103.70 20.37
CA PRO X 125 14.75 102.97 19.56
C PRO X 125 13.54 102.56 20.38
N TYR X 126 12.51 102.12 19.68
CA TYR X 126 11.26 101.73 20.32
C TYR X 126 10.66 100.51 19.62
N VAL X 127 9.59 100.00 20.21
CA VAL X 127 8.65 99.11 19.53
C VAL X 127 7.26 99.72 19.67
N VAL X 128 6.30 99.10 18.99
CA VAL X 128 4.95 99.69 18.92
C VAL X 128 3.91 98.92 19.71
N ASP X 129 4.22 97.71 20.18
CA ASP X 129 3.33 96.80 20.90
C ASP X 129 2.06 96.44 20.13
N ALA X 130 2.06 96.63 18.80
CA ALA X 130 0.99 96.34 17.85
C ALA X 130 -0.31 97.11 18.09
N ASP X 131 -0.33 98.05 19.04
CA ASP X 131 -1.55 98.79 19.33
C ASP X 131 -1.32 100.28 19.59
N GLY X 132 -0.08 100.76 19.58
CA GLY X 132 0.13 102.19 19.61
C GLY X 132 1.11 102.75 20.63
N ASN X 133 1.15 102.19 21.83
CA ASN X 133 2.06 102.71 22.85
C ASN X 133 3.47 102.24 22.56
N LYS X 134 4.45 103.05 22.98
CA LYS X 134 5.84 102.78 22.67
C LYS X 134 6.57 102.27 23.90
N HIS X 135 7.41 101.26 23.69
CA HIS X 135 8.27 100.70 24.71
C HIS X 135 9.72 100.88 24.26
N ALA X 136 10.56 101.38 25.16
CA ALA X 136 11.96 101.61 24.81
C ALA X 136 12.67 100.28 24.57
N LEU X 137 13.54 100.25 23.57
CA LEU X 137 14.00 98.97 23.07
C LEU X 137 15.05 98.29 23.96
N PRO X 138 16.22 98.88 24.32
CA PRO X 138 17.15 98.11 25.15
C PRO X 138 16.84 98.23 26.63
N GLU X 139 15.56 98.19 26.99
CA GLU X 139 15.13 98.24 28.37
C GLU X 139 14.11 97.14 28.62
N SER X 140 13.34 96.79 27.60
CA SER X 140 12.24 95.85 27.75
C SER X 140 12.56 94.46 27.23
N ILE X 141 13.72 94.27 26.61
CA ILE X 141 14.12 92.95 26.14
C ILE X 141 15.28 92.45 27.01
N ASN X 142 15.31 92.91 28.25
CA ASN X 142 16.32 92.48 29.21
C ASN X 142 15.80 91.45 30.21
N ASN X 143 14.57 91.61 30.69
CA ASN X 143 14.00 90.67 31.63
C ASN X 143 13.42 89.47 30.89
N THR X 144 13.65 88.27 31.42
CA THR X 144 13.49 87.05 30.62
C THR X 144 12.07 86.62 30.21
N PRO X 145 10.99 86.78 31.00
CA PRO X 145 9.67 86.43 30.45
C PRO X 145 9.08 87.56 29.62
N GLU X 146 9.62 87.75 28.42
CA GLU X 146 9.21 88.84 27.56
C GLU X 146 7.94 88.48 26.81
N THR X 147 7.19 89.53 26.43
CA THR X 147 6.01 89.36 25.61
C THR X 147 6.04 90.19 24.34
N LEU X 148 6.98 91.11 24.19
CA LEU X 148 6.92 92.08 23.10
C LEU X 148 7.27 91.44 21.76
N VAL X 149 8.44 90.82 21.68
CA VAL X 149 8.85 90.14 20.47
C VAL X 149 8.41 88.68 20.58
N GLY X 150 7.74 88.19 19.54
CA GLY X 150 7.25 86.83 19.55
C GLY X 150 5.91 86.74 18.85
N LEU X 151 5.53 85.51 18.54
CA LEU X 151 4.29 85.26 17.81
C LEU X 151 3.08 85.50 18.71
N VAL X 152 1.93 85.68 18.06
CA VAL X 152 0.71 85.99 18.79
C VAL X 152 0.20 84.72 19.49
N GLN X 153 0.10 84.78 20.80
CA GLN X 153 -0.32 83.62 21.57
C GLN X 153 -1.84 83.55 21.62
N ILE X 154 -2.37 82.34 21.41
CA ILE X 154 -3.80 82.10 21.39
C ILE X 154 -4.35 82.06 22.81
N LYS X 155 -5.67 82.03 22.94
CA LYS X 155 -6.31 81.91 24.24
C LYS X 155 -5.97 80.57 24.88
N GLU X 156 -5.96 80.56 26.22
CA GLU X 156 -5.40 79.44 26.97
C GLU X 156 -6.46 78.42 27.37
N ASP X 157 -7.48 78.86 28.10
CA ASP X 157 -8.46 77.95 28.69
C ASP X 157 -9.41 77.43 27.61
N ILE X 158 -9.47 76.11 27.46
CA ILE X 158 -10.37 75.45 26.54
C ILE X 158 -11.34 74.61 27.35
N ALA X 159 -12.64 74.80 27.11
CA ALA X 159 -13.68 74.20 27.92
C ALA X 159 -14.03 72.81 27.39
N VAL X 160 -13.65 71.77 28.14
CA VAL X 160 -13.73 70.39 27.66
C VAL X 160 -14.72 69.63 28.54
N GLU X 161 -15.81 70.28 28.93
CA GLU X 161 -16.83 69.59 29.73
C GLU X 161 -17.47 68.48 28.92
N GLY X 162 -17.68 67.33 29.58
CA GLY X 162 -18.11 66.12 28.92
C GLY X 162 -16.99 65.19 28.54
N GLY X 163 -15.74 65.61 28.68
CA GLY X 163 -14.62 64.78 28.33
C GLY X 163 -14.11 64.96 26.92
N LYS X 164 -14.76 65.80 26.12
CA LYS X 164 -14.38 66.00 24.74
C LYS X 164 -14.91 67.34 24.24
N VAL X 165 -14.27 67.87 23.21
CA VAL X 165 -14.81 69.02 22.50
C VAL X 165 -15.14 68.57 21.09
N THR X 166 -16.12 69.25 20.50
CA THR X 166 -16.58 68.96 19.15
C THR X 166 -16.25 70.17 18.29
N ASP X 167 -15.05 70.14 17.70
CA ASP X 167 -14.52 71.17 16.80
C ASP X 167 -14.47 72.54 17.47
N TYR X 168 -13.60 72.64 18.48
CA TYR X 168 -13.37 73.91 19.15
C TYR X 168 -12.46 74.78 18.30
N ASP X 169 -12.88 76.02 18.04
CA ASP X 169 -12.05 76.96 17.30
C ASP X 169 -11.07 77.63 18.26
N LEU X 170 -9.80 77.67 17.88
CA LEU X 170 -8.77 78.19 18.76
C LEU X 170 -8.59 79.70 18.64
N PHE X 171 -9.14 80.33 17.62
CA PHE X 171 -8.98 81.78 17.47
C PHE X 171 -10.15 82.52 18.10
N THR X 172 -10.42 82.20 19.36
CA THR X 172 -11.51 82.78 20.11
C THR X 172 -10.95 83.82 21.07
N GLY X 173 -11.50 85.03 21.03
CA GLY X 173 -11.02 86.11 21.86
C GLY X 173 -9.95 86.97 21.23
N LEU X 174 -9.54 86.66 20.00
CA LEU X 174 -8.60 87.49 19.28
C LEU X 174 -9.37 88.49 18.42
N LYS X 175 -8.82 89.70 18.33
CA LYS X 175 -9.44 90.73 17.50
C LYS X 175 -9.21 90.40 16.02
N GLU X 176 -10.29 90.48 15.25
CA GLU X 176 -10.24 90.10 13.84
C GLU X 176 -9.49 91.14 13.02
N GLY X 177 -8.55 90.67 12.21
CA GLY X 177 -7.78 91.53 11.33
C GLY X 177 -6.50 92.08 11.93
N LYS X 178 -6.53 92.38 13.22
CA LYS X 178 -5.37 93.00 13.85
C LYS X 178 -4.28 91.97 14.12
N GLU X 179 -4.64 90.85 14.74
CA GLU X 179 -3.66 89.79 15.00
C GLU X 179 -3.90 88.52 14.20
N VAL X 180 -5.12 88.28 13.75
CA VAL X 180 -5.43 87.09 12.98
C VAL X 180 -6.40 87.47 11.85
N ARG X 181 -6.10 87.03 10.64
CA ARG X 181 -7.00 87.16 9.50
C ARG X 181 -7.61 85.79 9.26
N LYS X 182 -8.85 85.61 9.74
CA LYS X 182 -9.44 84.29 9.87
C LYS X 182 -9.67 83.64 8.51
N GLY X 183 -9.28 82.38 8.38
CA GLY X 183 -9.33 81.67 7.14
C GLY X 183 -8.15 81.92 6.23
N ILE X 184 -7.22 82.79 6.61
CA ILE X 184 -6.09 83.11 5.76
C ILE X 184 -4.76 82.67 6.38
N ASP X 185 -4.54 82.89 7.66
CA ASP X 185 -3.34 82.41 8.32
C ASP X 185 -3.64 81.17 9.15
N ARG X 186 -2.61 80.39 9.42
CA ARG X 186 -2.75 79.08 10.04
C ARG X 186 -2.14 79.08 11.43
N LEU X 187 -2.35 77.96 12.12
CA LEU X 187 -1.70 77.69 13.39
C LEU X 187 -0.23 77.33 13.16
N ASP X 188 0.51 77.15 14.24
CA ASP X 188 1.91 76.78 14.10
C ASP X 188 2.04 75.28 13.86
N ARG X 189 3.27 74.79 13.97
CA ARG X 189 3.53 73.37 14.14
C ARG X 189 4.11 73.06 15.51
N LYS X 190 4.27 74.08 16.36
CA LYS X 190 4.82 73.92 17.70
C LYS X 190 3.73 73.88 18.77
N PHE X 191 2.53 73.42 18.40
CA PHE X 191 1.41 73.43 19.32
C PHE X 191 1.55 72.33 20.36
N LYS X 192 1.20 72.66 21.59
CA LYS X 192 1.19 71.71 22.70
C LYS X 192 0.31 72.28 23.79
N ILE X 193 -0.21 71.39 24.62
CA ILE X 193 -0.86 71.81 25.85
C ILE X 193 0.19 71.74 26.93
N VAL X 194 -0.02 72.48 28.01
CA VAL X 194 0.99 72.54 29.06
C VAL X 194 0.43 71.97 30.35
N GLU X 195 -0.87 72.10 30.55
CA GLU X 195 -1.50 71.59 31.76
C GLU X 195 -2.98 71.37 31.51
N ALA X 196 -3.52 70.35 32.15
CA ALA X 196 -4.93 70.02 32.07
C ALA X 196 -5.47 69.90 33.48
N LYS X 197 -6.75 69.61 33.59
CA LYS X 197 -7.37 69.41 34.90
C LYS X 197 -8.51 68.43 34.73
N TRP X 198 -8.48 67.36 35.52
CA TRP X 198 -9.53 66.35 35.46
C TRP X 198 -10.54 66.64 36.57
N SER X 199 -11.50 65.72 36.74
CA SER X 199 -12.51 65.94 37.77
C SER X 199 -11.97 65.65 39.17
N ASP X 200 -10.99 64.76 39.28
CA ASP X 200 -10.33 64.46 40.55
C ASP X 200 -8.83 64.61 40.33
N SER X 201 -8.33 65.83 40.43
CA SER X 201 -6.96 66.13 40.11
C SER X 201 -6.36 67.03 41.19
N PHE X 202 -5.08 66.78 41.49
CA PHE X 202 -4.36 67.59 42.46
C PHE X 202 -3.39 68.51 41.74
N ASP X 203 -3.22 69.70 42.30
CA ASP X 203 -2.61 70.80 41.57
C ASP X 203 -1.14 71.03 41.86
N GLU X 204 -0.65 70.60 43.03
CA GLU X 204 0.71 70.74 43.56
C GLU X 204 1.21 72.18 43.64
N ARG X 205 0.34 73.18 43.42
CA ARG X 205 0.73 74.58 43.51
C ARG X 205 -0.09 75.34 44.52
N THR X 206 -1.42 75.24 44.47
CA THR X 206 -2.26 75.80 45.51
C THR X 206 -2.72 74.74 46.50
N SER X 207 -2.34 73.48 46.29
CA SER X 207 -2.50 72.37 47.23
C SER X 207 -3.95 72.07 47.61
N ALA X 208 -4.89 72.42 46.74
CA ALA X 208 -6.28 71.99 46.95
C ALA X 208 -6.78 71.07 45.85
N ALA X 209 -6.79 71.54 44.61
CA ALA X 209 -7.32 70.85 43.43
C ALA X 209 -7.07 71.76 42.24
N GLY X 210 -7.37 71.25 41.04
CA GLY X 210 -7.38 72.05 39.84
C GLY X 210 -6.37 71.54 38.81
N PHE X 211 -5.62 72.46 38.23
CA PHE X 211 -4.81 72.17 37.06
C PHE X 211 -3.57 71.38 37.43
N VAL X 212 -3.24 70.41 36.60
CA VAL X 212 -2.07 69.56 36.79
C VAL X 212 -1.01 70.05 35.82
N GLU X 213 -0.05 70.81 36.33
CA GLU X 213 1.09 71.25 35.54
C GLU X 213 1.97 70.05 35.25
N LEU X 214 1.85 69.50 34.04
CA LEU X 214 2.59 68.32 33.64
C LEU X 214 3.81 68.76 32.83
N GLY X 215 4.98 68.29 33.22
CA GLY X 215 6.21 68.69 32.59
C GLY X 215 6.96 67.49 32.04
N SER X 216 7.61 67.70 30.91
CA SER X 216 8.35 66.70 30.12
C SER X 216 7.49 65.56 29.62
N ASN X 217 6.16 65.70 29.68
CA ASN X 217 5.22 64.75 29.09
C ASN X 217 4.10 65.50 28.39
N VAL X 218 4.43 66.67 27.82
CA VAL X 218 3.43 67.45 27.11
C VAL X 218 3.08 66.75 25.80
N VAL X 219 1.82 66.85 25.41
CA VAL X 219 1.38 66.29 24.14
C VAL X 219 1.80 67.27 23.06
N LYS X 220 2.82 66.90 22.29
CA LYS X 220 3.29 67.78 21.24
C LYS X 220 2.53 67.51 19.96
N LEU X 221 2.64 68.45 19.02
CA LEU X 221 2.02 68.29 17.71
C LEU X 221 2.84 67.30 16.91
N GLN X 222 2.35 66.07 16.83
CA GLN X 222 3.06 65.01 16.12
C GLN X 222 2.80 65.12 14.63
N ASP X 223 3.22 64.11 13.88
CA ASP X 223 3.03 64.11 12.43
C ASP X 223 1.57 63.93 12.09
N ASN X 224 1.18 64.49 10.94
CA ASN X 224 -0.20 64.59 10.46
C ASN X 224 -1.11 65.30 11.46
N ASP X 225 -0.52 66.23 12.22
CA ASP X 225 -1.23 67.22 13.05
C ASP X 225 -2.11 66.58 14.11
N THR X 226 -1.66 65.50 14.74
CA THR X 226 -2.38 64.88 15.82
C THR X 226 -1.54 64.87 17.09
N LEU X 227 -2.22 64.70 18.23
CA LEU X 227 -1.56 64.72 19.53
C LEU X 227 -2.02 63.52 20.34
N VAL X 228 -1.08 62.71 20.80
CA VAL X 228 -1.36 61.59 21.68
C VAL X 228 -0.41 61.65 22.87
N GLY X 229 -0.85 61.07 23.99
CA GLY X 229 0.02 60.99 25.14
C GLY X 229 -0.64 60.50 26.42
N GLN X 230 0.02 59.60 27.12
CA GLN X 230 -0.51 59.02 28.35
C GLN X 230 -0.14 59.91 29.53
N ILE X 231 -1.14 60.36 30.27
CA ILE X 231 -0.96 61.28 31.39
C ILE X 231 -1.31 60.57 32.68
N LYS X 232 -0.48 60.78 33.70
CA LYS X 232 -0.61 60.11 34.99
C LYS X 232 -0.82 61.14 36.09
N TYR X 233 -1.80 62.03 35.90
CA TYR X 233 -2.06 63.15 36.80
C TYR X 233 -2.35 62.66 38.21
N PRO X 234 -1.83 63.34 39.24
CA PRO X 234 -2.07 62.91 40.62
C PRO X 234 -3.46 63.30 41.08
N THR X 235 -4.17 62.35 41.69
CA THR X 235 -5.51 62.63 42.21
C THR X 235 -5.45 63.42 43.51
N ASN X 236 -4.74 62.89 44.49
CA ASN X 236 -4.52 63.59 45.76
C ASN X 236 -3.06 63.97 45.88
N GLY X 237 -2.76 64.83 46.85
CA GLY X 237 -1.37 65.22 47.07
C GLY X 237 -0.67 64.32 48.05
N ASP X 238 -1.33 64.00 49.17
CA ASP X 238 -0.75 63.07 50.16
C ASP X 238 -0.69 61.66 49.55
N GLY X 239 -1.84 61.07 49.22
CA GLY X 239 -1.89 59.71 48.66
C GLY X 239 -1.39 59.65 47.23
N GLU X 240 -1.52 60.75 46.48
CA GLU X 240 -1.06 60.81 45.06
C GLU X 240 -1.62 59.64 44.26
N VAL X 241 -2.90 59.32 44.42
CA VAL X 241 -3.54 58.13 43.76
C VAL X 241 -3.13 58.01 42.28
N GLU X 242 -2.79 59.12 41.62
CA GLU X 242 -2.39 59.11 40.19
C GLU X 242 -3.32 58.26 39.31
N THR X 243 -4.53 58.77 39.15
CA THR X 243 -5.43 58.23 38.13
C THR X 243 -4.81 58.43 36.75
N ASP X 244 -4.86 57.38 35.94
CA ASP X 244 -4.26 57.36 34.62
C ASP X 244 -5.32 57.65 33.56
N THR X 245 -5.03 58.59 32.66
CA THR X 245 -5.93 58.92 31.56
C THR X 245 -5.10 59.40 30.38
N ILE X 246 -5.47 58.96 29.18
CA ILE X 246 -4.77 59.33 27.96
C ILE X 246 -5.49 60.52 27.32
N LEU X 247 -4.77 61.25 26.47
CA LEU X 247 -5.36 62.27 25.61
C LEU X 247 -4.95 61.97 24.18
N GLY X 248 -5.86 61.35 23.43
CA GLY X 248 -5.72 61.24 21.99
C GLY X 248 -6.61 62.27 21.33
N LYS X 249 -6.03 63.06 20.44
CA LYS X 249 -6.75 64.17 19.84
C LYS X 249 -6.11 64.50 18.50
N VAL X 250 -6.78 65.39 17.77
CA VAL X 250 -6.28 65.90 16.49
C VAL X 250 -6.66 67.37 16.41
N ASP X 251 -5.96 68.11 15.55
CA ASP X 251 -6.34 69.46 15.20
C ASP X 251 -5.89 69.74 13.78
N VAL X 252 -6.52 70.73 13.15
CA VAL X 252 -6.17 71.15 11.80
C VAL X 252 -5.56 72.54 11.86
N SER X 253 -4.45 72.72 11.15
CA SER X 253 -3.72 73.99 11.22
C SER X 253 -4.47 75.09 10.49
N SER X 254 -4.69 74.93 9.19
CA SER X 254 -5.35 75.97 8.42
C SER X 254 -6.84 76.05 8.69
N GLY X 255 -7.44 75.00 9.27
CA GLY X 255 -8.84 75.02 9.59
C GLY X 255 -9.10 75.55 10.98
N GLU X 256 -8.03 75.60 11.78
CA GLU X 256 -7.98 76.03 13.19
C GLU X 256 -9.11 75.46 14.05
N LEU X 257 -9.33 74.15 13.94
CA LEU X 257 -10.20 73.47 14.90
C LEU X 257 -9.36 72.68 15.87
N THR X 258 -10.05 72.00 16.80
CA THR X 258 -9.41 71.18 17.82
C THR X 258 -10.43 70.14 18.28
N LEU X 259 -9.98 68.88 18.36
CA LEU X 259 -10.83 67.74 18.64
C LEU X 259 -10.30 66.96 19.82
N THR X 260 -10.12 67.67 20.94
CA THR X 260 -9.71 67.09 22.22
C THR X 260 -10.65 65.97 22.64
N SER X 261 -10.07 64.82 22.98
CA SER X 261 -10.81 63.65 23.41
C SER X 261 -10.06 62.95 24.53
N ALA X 262 -10.79 62.62 25.60
CA ALA X 262 -10.21 61.96 26.76
C ALA X 262 -10.96 60.67 27.03
N SER X 263 -10.22 59.64 27.44
CA SER X 263 -10.85 58.37 27.78
C SER X 263 -11.55 58.41 29.12
N GLY X 264 -11.23 59.38 29.97
CA GLY X 264 -11.82 59.44 31.29
C GLY X 264 -12.69 60.66 31.52
N LYS X 265 -12.30 61.50 32.49
CA LYS X 265 -13.11 62.63 32.95
C LYS X 265 -12.27 63.91 32.93
N LEU X 266 -12.16 64.52 31.76
CA LEU X 266 -11.40 65.75 31.60
C LEU X 266 -12.33 66.95 31.73
N THR X 267 -11.83 68.03 32.33
CA THR X 267 -12.64 69.21 32.55
C THR X 267 -12.21 70.37 31.65
N ASP X 268 -10.94 70.77 31.70
CA ASP X 268 -10.45 71.82 30.83
C ASP X 268 -8.97 71.60 30.56
N VAL X 269 -8.46 72.29 29.55
CA VAL X 269 -7.09 72.14 29.08
C VAL X 269 -6.52 73.52 28.80
N LYS X 270 -5.35 73.80 29.37
CA LYS X 270 -4.60 75.01 29.05
C LYS X 270 -3.55 74.67 28.02
N VAL X 271 -3.51 75.43 26.93
CA VAL X 271 -2.61 75.18 25.82
C VAL X 271 -1.60 76.32 25.71
N LYS X 272 -0.63 76.12 24.82
CA LYS X 272 0.33 77.17 24.47
C LYS X 272 0.59 77.04 22.97
N GLY X 273 -0.19 77.78 22.19
CA GLY X 273 -0.08 77.76 20.74
C GLY X 273 0.05 79.16 20.20
N TYR X 274 0.72 79.29 19.07
CA TYR X 274 1.01 80.57 18.45
C TYR X 274 0.38 80.63 17.08
N VAL X 275 -0.29 81.74 16.78
CA VAL X 275 -0.73 82.00 15.42
C VAL X 275 0.50 82.21 14.55
N ALA X 276 0.66 81.36 13.54
CA ALA X 276 1.90 81.35 12.78
C ALA X 276 2.01 82.58 11.89
N SER X 277 3.20 83.16 11.86
CA SER X 277 3.47 84.32 11.01
C SER X 277 3.90 83.88 9.62
N GLU X 278 3.08 83.03 9.00
CA GLU X 278 3.28 82.67 7.61
C GLU X 278 3.06 83.88 6.71
N GLN X 279 1.85 84.40 6.70
CA GLN X 279 1.57 85.66 6.06
C GLN X 279 1.51 86.76 7.11
N HIS X 280 1.68 88.00 6.65
CA HIS X 280 1.75 89.13 7.56
C HIS X 280 0.37 89.45 8.11
N THR X 281 0.21 89.28 9.42
CA THR X 281 -0.98 89.76 10.08
C THR X 281 -0.54 90.59 11.28
N SER X 282 0.61 90.23 11.85
CA SER X 282 1.23 91.03 12.90
C SER X 282 2.73 90.82 12.86
N ALA X 283 3.46 91.92 12.79
CA ALA X 283 4.91 91.88 12.97
C ALA X 283 5.28 92.88 14.05
N THR X 284 6.57 93.05 14.29
CA THR X 284 7.05 94.06 15.21
C THR X 284 7.60 95.22 14.41
N ASN X 285 7.18 96.43 14.75
CA ASN X 285 7.70 97.64 14.12
C ASN X 285 8.64 98.33 15.08
N VAL X 286 9.83 98.67 14.59
CA VAL X 286 10.80 99.45 15.36
C VAL X 286 10.88 100.85 14.76
N GLU X 287 10.63 101.85 15.58
CA GLU X 287 10.78 103.23 15.17
C GLU X 287 12.01 103.80 15.86
N LEU X 288 12.24 105.10 15.70
CA LEU X 288 13.52 105.68 16.11
C LEU X 288 13.22 107.03 16.76
N GLY X 289 13.04 107.01 18.08
CA GLY X 289 12.80 108.24 18.81
C GLY X 289 14.08 109.02 19.07
N LEU X 290 13.90 110.30 19.37
CA LEU X 290 15.02 111.18 19.64
C LEU X 290 14.53 112.36 20.46
N THR X 291 15.25 112.66 21.54
CA THR X 291 15.05 113.87 22.31
C THR X 291 16.40 114.52 22.55
N ARG X 292 16.37 115.71 23.15
CA ARG X 292 17.60 116.45 23.43
C ARG X 292 17.64 116.85 24.89
N LYS X 293 18.85 116.89 25.43
CA LYS X 293 19.09 117.43 26.77
C LYS X 293 19.92 118.70 26.63
N ASP X 294 19.53 119.73 27.37
CA ASP X 294 20.15 121.04 27.27
C ASP X 294 21.12 121.28 28.42
N VAL X 295 22.21 121.98 28.13
CA VAL X 295 23.16 122.41 29.14
C VAL X 295 23.14 123.93 29.18
N VAL X 296 22.89 124.49 30.36
CA VAL X 296 22.88 125.95 30.52
C VAL X 296 24.02 126.32 31.46
N ILE X 297 24.99 127.07 30.94
CA ILE X 297 26.03 127.65 31.76
C ILE X 297 25.71 129.13 31.93
N ASP X 298 25.53 129.56 33.16
CA ASP X 298 25.20 130.95 33.41
C ASP X 298 26.22 131.54 34.38
N THR X 299 26.01 132.79 34.76
CA THR X 299 26.98 133.51 35.57
C THR X 299 26.99 132.98 37.00
N ALA X 300 28.16 133.08 37.62
CA ALA X 300 28.34 132.68 39.02
C ALA X 300 28.66 133.92 39.85
N GLN X 301 28.81 133.73 41.15
CA GLN X 301 29.01 134.84 42.07
C GLN X 301 30.41 135.40 41.91
N HIS X 302 30.50 136.72 41.93
CA HIS X 302 31.79 137.40 41.90
C HIS X 302 32.41 137.39 43.29
N ILE X 303 33.75 137.28 43.33
CA ILE X 303 34.51 137.57 44.53
C ILE X 303 35.40 138.75 44.23
N GLU X 304 35.55 139.65 45.21
CA GLU X 304 36.24 140.90 44.96
C GLU X 304 36.78 141.41 46.30
N ALA X 305 37.64 142.42 46.22
CA ALA X 305 38.43 142.83 47.37
C ALA X 305 38.74 144.31 47.35
N THR X 306 38.22 145.04 48.33
CA THR X 306 38.46 146.47 48.44
C THR X 306 39.91 146.72 48.83
N VAL X 307 40.58 147.59 48.09
CA VAL X 307 41.99 147.90 48.34
C VAL X 307 42.22 149.40 48.54
N PRO X 308 41.81 149.97 49.67
CA PRO X 308 42.02 151.40 49.88
C PRO X 308 43.47 151.69 50.24
N LEU X 309 43.91 152.90 49.87
CA LEU X 309 45.29 153.31 50.07
C LEU X 309 45.65 153.48 51.55
N GLU X 310 44.66 153.74 52.39
CA GLU X 310 44.85 153.83 53.83
C GLU X 310 45.06 152.48 54.50
N VAL X 311 45.00 151.37 53.76
CA VAL X 311 45.18 150.02 54.28
C VAL X 311 46.45 149.38 53.74
N ILE X 312 46.74 149.58 52.46
CA ILE X 312 47.91 148.96 51.85
C ILE X 312 49.20 149.63 52.31
N GLN X 313 49.13 150.89 52.73
CA GLN X 313 50.32 151.61 53.16
C GLN X 313 50.84 151.09 54.51
N ASP X 314 49.97 151.05 55.51
CA ASP X 314 50.41 150.68 56.85
C ASP X 314 50.67 149.18 56.96
N MET X 315 49.91 148.36 56.23
CA MET X 315 50.16 146.92 56.24
C MET X 315 51.48 146.57 55.57
N LYS X 316 51.93 147.38 54.62
CA LYS X 316 53.27 147.20 54.07
C LYS X 316 54.32 147.70 55.05
N ALA X 317 54.04 148.79 55.76
CA ALA X 317 55.05 149.38 56.63
C ALA X 317 55.20 148.61 57.93
N THR X 318 54.10 148.15 58.52
CA THR X 318 54.17 147.54 59.84
C THR X 318 54.70 146.13 59.78
N TYR X 319 54.00 145.25 59.08
CA TYR X 319 54.30 143.82 59.08
C TYR X 319 55.05 143.35 57.85
N ASP X 320 55.14 144.17 56.81
CA ASP X 320 55.67 143.81 55.48
C ASP X 320 54.94 142.59 54.92
N ILE X 321 53.63 142.71 54.79
CA ILE X 321 52.83 141.77 54.03
C ILE X 321 52.16 142.54 52.91
N ASP X 322 52.20 141.98 51.70
CA ASP X 322 51.60 142.64 50.55
C ASP X 322 50.09 142.52 50.61
N GLY X 323 49.40 143.64 50.40
CA GLY X 323 47.96 143.61 50.38
C GLY X 323 47.42 142.98 49.10
N VAL X 324 47.86 143.49 47.95
CA VAL X 324 47.33 143.01 46.67
C VAL X 324 47.84 141.63 46.29
N ALA X 325 48.72 141.03 47.09
CA ALA X 325 49.00 139.60 46.96
C ALA X 325 48.16 138.77 47.92
N ARG X 326 48.09 139.13 49.20
CA ARG X 326 47.28 138.37 50.14
C ARG X 326 45.78 138.56 49.95
N LEU X 327 45.35 139.50 49.13
CA LEU X 327 43.97 139.48 48.65
C LEU X 327 43.83 138.66 47.38
N SER X 328 44.90 138.53 46.59
CA SER X 328 44.84 137.81 45.33
C SER X 328 44.91 136.29 45.52
N GLU X 329 45.96 135.80 46.18
CA GLU X 329 46.08 134.36 46.39
C GLU X 329 45.09 133.82 47.41
N THR X 330 44.39 134.68 48.15
CA THR X 330 43.25 134.23 48.92
C THR X 330 42.04 134.01 48.02
N MET X 331 41.78 134.96 47.10
CA MET X 331 40.66 134.82 46.18
C MET X 331 40.86 133.69 45.19
N SER X 332 42.10 133.43 44.79
CA SER X 332 42.38 132.27 43.94
C SER X 332 42.14 130.95 44.64
N GLN X 333 42.17 130.92 45.97
CA GLN X 333 41.91 129.71 46.73
C GLN X 333 40.49 129.65 47.27
N LEU X 334 39.72 130.74 47.18
CA LEU X 334 38.32 130.66 47.53
C LEU X 334 37.46 130.24 46.34
N SER X 335 37.81 130.72 45.14
CA SER X 335 37.08 130.31 43.94
C SER X 335 37.36 128.86 43.60
N SER X 336 38.59 128.40 43.83
CA SER X 336 38.92 127.03 43.48
C SER X 336 38.46 126.05 44.56
N GLN X 337 38.08 126.55 45.73
CA GLN X 337 37.51 125.69 46.76
C GLN X 337 36.00 125.55 46.57
N LYS X 338 35.34 126.61 46.11
CA LYS X 338 33.92 126.56 45.81
C LYS X 338 33.62 125.64 44.63
N VAL X 339 34.58 125.42 43.75
CA VAL X 339 34.44 124.42 42.70
C VAL X 339 34.36 123.03 43.31
N ASP X 340 35.30 122.69 44.19
CA ASP X 340 35.31 121.35 44.80
C ASP X 340 34.22 121.20 45.84
N LEU X 341 33.73 122.31 46.41
CA LEU X 341 32.61 122.20 47.33
C LEU X 341 31.29 122.00 46.62
N ASP X 342 31.23 122.31 45.33
CA ASP X 342 30.03 122.09 44.54
C ASP X 342 29.95 120.68 43.97
N ILE X 343 31.10 120.04 43.76
CA ILE X 343 31.11 118.68 43.22
C ILE X 343 30.56 117.70 44.25
N ILE X 344 30.90 117.91 45.53
CA ILE X 344 30.38 117.04 46.58
C ILE X 344 28.89 117.23 46.78
N GLU X 345 28.41 118.47 46.64
CA GLU X 345 26.96 118.70 46.66
C GLU X 345 26.30 118.10 45.44
N PHE X 346 27.00 118.09 44.30
CA PHE X 346 26.45 117.47 43.10
C PHE X 346 26.34 115.96 43.27
N LEU X 347 27.41 115.32 43.73
CA LEU X 347 27.38 113.88 43.94
C LEU X 347 26.57 113.48 45.17
N ASP X 348 26.24 114.42 46.05
CA ASP X 348 25.21 114.15 47.04
C ASP X 348 23.84 114.15 46.38
N HIS X 349 23.59 115.12 45.50
CA HIS X 349 22.28 115.27 44.90
C HIS X 349 21.96 114.16 43.90
N GLU X 350 22.99 113.58 43.28
CA GLU X 350 22.71 112.56 42.28
C GLU X 350 22.44 111.19 42.89
N TYR X 351 23.14 110.84 43.98
CA TYR X 351 22.82 109.61 44.69
C TYR X 351 21.44 109.70 45.33
N LYS X 352 21.08 110.89 45.81
CA LYS X 352 19.74 111.09 46.35
C LYS X 352 18.67 111.01 45.27
N GLU X 353 19.04 111.29 44.01
CA GLU X 353 18.08 111.21 42.92
C GLU X 353 17.82 109.78 42.48
N THR X 354 18.76 108.87 42.71
CA THR X 354 18.56 107.48 42.32
C THR X 354 17.77 106.68 43.35
N ASP X 355 17.47 107.27 44.51
CA ASP X 355 16.73 106.64 45.61
C ASP X 355 17.43 105.37 46.08
N ALA X 356 18.76 105.47 46.25
CA ALA X 356 19.60 104.52 46.96
C ALA X 356 19.58 103.13 46.31
N LYS X 357 19.88 103.11 45.01
CA LYS X 357 19.87 101.84 44.28
C LYS X 357 21.10 101.00 44.61
N TYR X 358 22.28 101.60 44.61
CA TYR X 358 23.53 100.88 44.81
C TYR X 358 24.10 101.14 46.20
N HIS X 359 23.25 101.30 47.21
CA HIS X 359 23.70 101.59 48.56
C HIS X 359 23.95 100.29 49.30
N PHE X 360 25.21 100.00 49.58
CA PHE X 360 25.59 98.83 50.35
C PHE X 360 26.27 99.26 51.63
N SER X 361 26.49 98.29 52.52
CA SER X 361 26.97 98.58 53.85
C SER X 361 28.20 97.73 54.16
N PHE X 362 29.15 98.35 54.85
CA PHE X 362 30.31 97.67 55.38
C PHE X 362 30.32 97.84 56.90
N ASP X 363 31.08 96.98 57.57
CA ASP X 363 31.26 97.10 59.01
C ASP X 363 32.71 96.82 59.34
N VAL X 364 33.39 97.82 59.90
CA VAL X 364 34.75 97.61 60.38
C VAL X 364 34.74 96.75 61.63
N PHE X 365 33.67 96.83 62.41
CA PHE X 365 33.43 95.86 63.46
C PHE X 365 33.14 94.52 62.79
N PRO X 366 33.91 93.48 63.05
CA PRO X 366 33.61 92.18 62.46
C PRO X 366 32.39 91.56 63.12
N HIS X 367 31.94 90.46 62.53
CA HIS X 367 30.80 89.76 63.09
C HIS X 367 31.21 89.06 64.38
N SER X 368 30.20 88.69 65.18
CA SER X 368 30.46 88.06 66.47
C SER X 368 31.13 86.71 66.30
N ASP X 369 30.76 85.98 65.26
CA ASP X 369 31.46 84.76 64.89
C ASP X 369 32.50 85.01 63.81
N TYR X 370 33.36 86.02 63.97
CA TYR X 370 34.46 86.17 63.03
C TYR X 370 35.74 85.60 63.58
N SER X 371 36.12 86.04 64.78
CA SER X 371 37.05 85.32 65.65
C SER X 371 38.46 85.21 65.04
N ALA X 372 38.92 86.29 64.44
CA ALA X 372 40.28 86.37 63.94
C ALA X 372 40.73 87.82 64.05
N HIS X 373 41.82 88.15 63.38
CA HIS X 373 42.40 89.48 63.54
C HIS X 373 41.65 90.49 62.67
N PRO X 374 41.13 91.58 63.25
CA PRO X 374 40.31 92.52 62.48
C PRO X 374 41.07 93.34 61.44
N LYS X 375 42.39 93.24 61.36
CA LYS X 375 43.09 93.85 60.24
C LYS X 375 42.83 93.14 58.93
N ASP X 376 42.58 91.83 58.98
CA ASP X 376 42.24 91.06 57.80
C ASP X 376 40.76 91.09 57.48
N TRP X 377 39.93 91.55 58.42
CA TRP X 377 38.52 91.79 58.13
C TRP X 377 38.33 92.95 57.17
N LEU X 378 39.32 93.83 57.07
CA LEU X 378 39.29 94.96 56.15
C LEU X 378 39.46 94.55 54.71
N GLU X 379 39.83 93.31 54.43
CA GLU X 379 39.83 92.78 53.08
C GLU X 379 38.44 92.73 52.47
N GLY X 380 37.41 92.55 53.32
CA GLY X 380 36.03 92.49 52.84
C GLY X 380 35.49 93.78 52.28
N LEU X 381 36.18 94.90 52.52
CA LEU X 381 35.77 96.15 51.88
C LEU X 381 36.06 96.12 50.39
N ARG X 382 37.11 95.40 49.98
CA ARG X 382 37.42 95.27 48.57
C ARG X 382 36.44 94.36 47.84
N GLU X 383 35.67 93.57 48.56
CA GLU X 383 34.70 92.69 47.92
C GLU X 383 33.29 93.24 47.93
N VAL X 384 32.98 94.15 48.85
CA VAL X 384 31.74 94.88 48.77
C VAL X 384 31.86 96.04 47.79
N ILE X 385 33.09 96.46 47.45
CA ILE X 385 33.28 97.39 46.35
C ILE X 385 33.05 96.67 45.02
N ASP X 386 33.66 95.49 44.87
CA ASP X 386 33.50 94.71 43.64
C ASP X 386 32.08 94.18 43.49
N HIS X 387 31.33 94.06 44.58
CA HIS X 387 29.94 93.66 44.48
C HIS X 387 29.09 94.75 43.85
N THR X 388 29.29 96.00 44.26
CA THR X 388 28.56 97.10 43.63
C THR X 388 29.26 97.63 42.39
N THR X 389 30.46 97.15 42.10
CA THR X 389 31.08 97.48 40.82
C THR X 389 30.48 96.66 39.71
N GLN X 390 30.45 95.33 39.87
CA GLN X 390 29.85 94.45 38.88
C GLN X 390 28.34 94.64 38.79
N SER X 391 27.68 95.01 39.88
CA SER X 391 26.25 95.26 39.82
C SER X 391 25.91 96.56 39.10
N MET X 392 26.87 97.46 38.94
CA MET X 392 26.64 98.64 38.11
C MET X 392 26.89 98.32 36.64
N LYS X 393 27.77 97.36 36.36
CA LYS X 393 27.96 96.91 35.00
C LYS X 393 26.84 95.98 34.53
N ASN X 394 26.02 95.48 35.44
CA ASN X 394 24.95 94.56 35.08
C ASN X 394 23.66 95.26 34.71
N ASP X 395 23.37 96.42 35.30
CA ASP X 395 22.14 97.14 35.00
C ASP X 395 22.32 98.16 33.88
N TYR X 396 23.43 98.88 33.86
CA TYR X 396 23.67 99.86 32.82
C TYR X 396 24.46 99.28 31.66
N LYS X 397 24.79 97.98 31.72
CA LYS X 397 25.33 97.20 30.60
C LYS X 397 26.67 97.73 30.10
N LEU X 398 27.42 98.38 30.97
CA LEU X 398 28.75 98.87 30.62
C LEU X 398 29.74 97.73 30.68
N TYR X 399 30.63 97.67 29.69
CA TYR X 399 31.76 96.75 29.71
C TYR X 399 33.07 97.50 29.55
N ASP X 400 33.07 98.79 29.85
CA ASP X 400 34.22 99.65 29.60
C ASP X 400 34.08 100.86 30.53
N VAL X 401 34.80 100.82 31.66
CA VAL X 401 34.56 101.74 32.77
C VAL X 401 35.88 102.14 33.41
N GLN X 402 35.84 103.23 34.17
CA GLN X 402 36.93 103.68 35.02
C GLN X 402 36.36 104.12 36.37
N PHE X 403 35.72 103.17 37.05
CA PHE X 403 35.15 103.35 38.39
C PHE X 403 36.12 104.06 39.34
N VAL X 404 35.71 105.24 39.84
CA VAL X 404 36.49 105.96 40.83
C VAL X 404 35.75 105.94 42.15
N ILE X 405 36.51 105.85 43.25
CA ILE X 405 35.98 105.57 44.58
C ILE X 405 36.34 106.73 45.49
N VAL X 406 36.15 107.96 44.99
CA VAL X 406 36.38 109.18 45.77
C VAL X 406 35.66 109.14 47.11
N GLY X 407 36.41 109.38 48.17
CA GLY X 407 35.86 109.33 49.51
C GLY X 407 36.85 109.91 50.51
N ASN X 408 36.44 109.86 51.77
CA ASN X 408 37.25 110.43 52.84
C ASN X 408 38.48 109.57 53.09
N PRO X 409 39.68 110.17 53.18
CA PRO X 409 40.91 109.38 53.27
C PRO X 409 41.10 108.66 54.59
N LEU X 410 40.25 108.91 55.58
CA LEU X 410 40.17 108.00 56.71
C LEU X 410 39.61 106.65 56.29
N ASP X 411 38.72 106.63 55.29
CA ASP X 411 38.11 105.41 54.79
C ASP X 411 38.78 104.86 53.55
N VAL X 412 39.49 105.68 52.79
CA VAL X 412 40.33 105.18 51.71
C VAL X 412 41.55 104.44 52.28
N ARG X 413 41.89 104.68 53.55
CA ARG X 413 42.97 103.99 54.23
C ARG X 413 42.72 102.49 54.33
N LEU X 414 41.45 102.08 54.43
CA LEU X 414 41.12 100.67 54.58
C LEU X 414 41.32 99.87 53.28
N ILE X 415 41.47 100.53 52.15
CA ILE X 415 41.59 99.81 50.87
C ILE X 415 42.97 99.17 50.70
N PRO X 416 44.14 99.87 50.83
CA PRO X 416 45.39 99.12 50.62
C PRO X 416 45.83 98.29 51.82
N ASN X 417 45.45 98.74 53.02
CA ASN X 417 45.69 98.04 54.29
C ASN X 417 47.17 97.74 54.51
N VAL X 418 48.01 98.73 54.27
CA VAL X 418 49.46 98.54 54.23
C VAL X 418 49.98 98.44 55.66
N SER X 419 50.79 97.43 55.93
CA SER X 419 51.40 97.24 57.22
C SER X 419 52.62 98.16 57.37
N TRP X 420 53.09 98.27 58.61
CA TRP X 420 54.17 99.18 58.94
C TRP X 420 55.52 98.61 58.50
N THR X 421 56.48 99.51 58.29
CA THR X 421 57.88 99.14 58.20
C THR X 421 58.64 99.97 59.23
N PHE X 422 59.66 99.36 59.82
CA PHE X 422 60.45 99.99 60.85
C PHE X 422 61.86 100.22 60.34
N ASN X 423 62.47 101.32 60.78
CA ASN X 423 63.87 101.59 60.51
C ASN X 423 64.52 102.02 61.82
N GLY X 424 65.82 102.31 61.74
CA GLY X 424 66.52 102.86 62.88
C GLY X 424 66.03 104.26 63.15
N GLY X 425 65.57 104.52 64.36
CA GLY X 425 64.96 105.80 64.63
C GLY X 425 66.01 106.85 64.90
N ASP X 426 66.33 107.62 63.88
CA ASP X 426 67.31 108.68 63.99
C ASP X 426 66.58 110.01 64.11
N ARG X 427 67.34 111.07 64.23
CA ARG X 427 66.81 112.38 64.60
C ARG X 427 67.08 113.44 63.55
N ASN X 428 68.31 113.52 63.05
CA ASN X 428 68.64 114.35 61.91
C ASN X 428 68.36 113.67 60.58
N ALA X 429 68.00 112.40 60.60
CA ALA X 429 67.60 111.65 59.41
C ALA X 429 66.08 111.59 59.29
N ASP X 430 65.41 112.67 59.66
CA ASP X 430 63.96 112.74 59.61
C ASP X 430 63.47 112.80 58.17
N ALA X 431 62.22 112.40 57.97
CA ALA X 431 61.60 112.38 56.64
C ALA X 431 60.13 112.77 56.83
N TYR X 432 59.83 114.03 56.54
CA TYR X 432 58.50 114.59 56.81
C TYR X 432 57.55 114.17 55.71
N SER X 433 57.13 112.91 55.79
CA SER X 433 56.17 112.27 54.88
C SER X 433 56.65 112.33 53.42
N ASN X 434 57.77 111.66 53.17
CA ASN X 434 58.35 111.66 51.84
C ASN X 434 57.57 110.74 50.89
N GLY X 435 57.51 109.45 51.23
CA GLY X 435 56.83 108.49 50.39
C GLY X 435 55.40 108.23 50.82
N ILE X 436 54.75 109.25 51.37
CA ILE X 436 53.38 109.14 51.83
C ILE X 436 52.48 109.74 50.74
N LYS X 437 51.95 108.89 49.88
CA LYS X 437 50.98 109.34 48.89
C LYS X 437 49.85 108.35 48.66
N ILE X 438 49.87 107.18 49.30
CA ILE X 438 48.98 106.08 48.93
C ILE X 438 47.72 106.07 49.79
N ASN X 439 47.45 107.19 50.46
CA ASN X 439 46.21 107.36 51.19
C ASN X 439 45.40 108.52 50.63
N TYR X 440 45.81 109.07 49.50
CA TYR X 440 45.11 110.20 48.89
C TYR X 440 44.87 109.95 47.41
N SER X 441 45.72 109.13 46.80
CA SER X 441 45.62 108.87 45.36
C SER X 441 46.25 107.51 45.09
N LEU X 442 45.42 106.51 44.83
CA LEU X 442 45.88 105.14 44.64
C LEU X 442 45.16 104.55 43.43
N GLY X 443 45.89 103.74 42.66
CA GLY X 443 45.32 103.07 41.50
C GLY X 443 45.23 101.59 41.76
N ALA X 444 44.03 101.04 41.58
CA ALA X 444 43.78 99.64 41.84
C ALA X 444 43.34 98.95 40.56
N ALA X 445 43.46 97.62 40.56
CA ALA X 445 43.04 96.81 39.41
C ALA X 445 42.53 95.49 39.95
N SER X 446 41.23 95.40 40.15
CA SER X 446 40.61 94.19 40.67
C SER X 446 40.29 93.24 39.52
N GLY X 447 39.51 92.20 39.79
CA GLY X 447 39.10 91.30 38.73
C GLY X 447 37.89 91.77 37.95
N THR X 448 37.16 92.75 38.47
CA THR X 448 35.92 93.19 37.84
C THR X 448 36.04 94.54 37.14
N ALA X 449 36.80 95.48 37.69
CA ALA X 449 37.08 96.75 37.01
C ALA X 449 38.35 97.36 37.57
N ASN X 450 38.89 98.31 36.83
CA ASN X 450 39.99 99.12 37.31
C ASN X 450 39.47 100.22 38.22
N TYR X 451 40.38 100.82 38.98
CA TYR X 451 40.00 101.85 39.94
C TYR X 451 41.02 102.97 39.95
N ARG X 452 40.54 104.16 40.30
CA ARG X 452 41.34 105.36 40.42
C ARG X 452 40.94 106.07 41.71
N ILE X 453 41.01 105.35 42.82
CA ILE X 453 40.51 105.84 44.10
C ILE X 453 41.30 107.08 44.54
N ILE X 454 40.59 108.04 45.12
CA ILE X 454 41.19 109.31 45.52
C ILE X 454 40.59 109.74 46.85
N GLY X 455 41.38 110.44 47.64
CA GLY X 455 40.96 110.87 48.96
C GLY X 455 41.09 112.36 49.12
N SER X 456 40.15 112.93 49.87
CA SER X 456 40.16 114.35 50.20
C SER X 456 39.37 114.57 51.46
N ASP X 457 39.87 115.43 52.34
CA ASP X 457 39.25 115.66 53.64
C ASP X 457 37.95 116.45 53.57
N LEU X 458 37.56 116.94 52.39
CA LEU X 458 36.36 117.75 52.29
C LEU X 458 35.09 116.92 52.42
N VAL X 459 35.09 115.69 51.94
CA VAL X 459 33.94 114.80 52.03
C VAL X 459 33.94 114.14 53.41
N ARG X 460 32.77 114.00 54.00
CA ARG X 460 32.64 113.51 55.36
C ARG X 460 33.03 112.04 55.46
N GLN X 461 33.51 111.65 56.62
CA GLN X 461 33.95 110.28 56.84
C GLN X 461 32.75 109.38 57.07
N GLY X 462 32.70 108.27 56.34
CA GLY X 462 31.67 107.27 56.55
C GLY X 462 31.15 106.67 55.27
N GLU X 463 31.33 107.38 54.15
CA GLU X 463 30.79 106.95 52.87
C GLU X 463 31.90 106.81 51.85
N LEU X 464 31.60 106.07 50.78
CA LEU X 464 32.49 105.94 49.64
C LEU X 464 31.66 106.10 48.37
N THR X 465 31.80 107.23 47.70
CA THR X 465 31.06 107.51 46.50
C THR X 465 31.75 106.86 45.31
N ILE X 466 31.00 106.10 44.53
CA ILE X 466 31.54 105.35 43.39
C ILE X 466 30.95 105.92 42.12
N ILE X 467 31.82 106.35 41.21
CA ILE X 467 31.42 106.99 39.96
C ILE X 467 32.07 106.24 38.81
N ALA X 468 31.26 105.83 37.83
CA ALA X 468 31.77 105.18 36.62
C ALA X 468 32.08 106.24 35.57
N ILE X 469 33.16 106.02 34.83
CA ILE X 469 33.56 106.90 33.73
C ILE X 469 33.80 106.04 32.50
N PRO X 470 32.98 106.17 31.46
CA PRO X 470 33.14 105.34 30.27
C PRO X 470 34.05 105.96 29.24
N GLN X 471 34.79 105.11 28.55
CA GLN X 471 35.65 105.50 27.42
C GLN X 471 34.89 105.42 26.10
N GLN X 472 33.76 106.09 26.04
CA GLN X 472 33.04 106.29 24.79
C GLN X 472 32.63 107.75 24.72
N ASP X 473 32.89 108.37 23.57
CA ASP X 473 32.34 109.69 23.33
C ASP X 473 30.82 109.66 23.18
N ASN X 474 30.26 108.52 22.79
CA ASN X 474 28.81 108.33 22.77
C ASN X 474 28.23 108.37 24.17
N TYR X 475 28.58 107.42 25.01
CA TYR X 475 27.94 107.30 26.31
C TYR X 475 28.51 108.33 27.28
N LYS X 476 27.63 108.90 28.10
CA LYS X 476 28.00 109.95 29.04
C LYS X 476 27.13 109.86 30.27
N THR X 477 27.75 109.91 31.45
CA THR X 477 27.04 109.82 32.71
C THR X 477 27.24 111.03 33.61
N PHE X 478 28.47 111.54 33.73
CA PHE X 478 28.76 112.74 34.51
C PHE X 478 29.75 113.58 33.72
N MET X 479 29.52 114.89 33.70
CA MET X 479 30.41 115.79 32.98
C MET X 479 30.60 117.07 33.79
N PHE X 480 31.83 117.56 33.78
CA PHE X 480 32.17 118.85 34.37
C PHE X 480 32.52 119.79 33.22
N TYR X 481 31.76 120.88 33.08
CA TYR X 481 31.92 121.82 31.98
C TYR X 481 32.43 123.14 32.52
N PRO X 482 33.73 123.41 32.48
CA PRO X 482 34.22 124.72 32.88
C PRO X 482 34.20 125.72 31.72
N TYR X 483 33.42 126.80 31.87
CA TYR X 483 33.30 127.75 30.77
C TYR X 483 34.47 128.72 30.75
N THR X 484 34.60 129.55 31.78
CA THR X 484 35.52 130.66 31.72
C THR X 484 36.08 130.95 33.11
N PHE X 485 37.08 131.83 33.15
CA PHE X 485 37.73 132.25 34.38
C PHE X 485 38.17 133.70 34.19
N ASN X 486 37.34 134.63 34.66
CA ASN X 486 37.54 136.05 34.41
C ASN X 486 38.13 136.73 35.64
N VAL X 487 39.25 137.42 35.43
CA VAL X 487 40.07 137.99 36.50
C VAL X 487 40.21 139.49 36.23
N VAL X 488 39.18 140.08 35.64
CA VAL X 488 39.20 141.45 35.12
C VAL X 488 39.37 142.45 36.26
N ASN X 489 40.54 143.07 36.32
CA ASN X 489 40.90 144.03 37.35
C ASN X 489 40.57 145.45 36.87
N GLY X 490 41.08 146.44 37.58
CA GLY X 490 40.82 147.83 37.24
C GLY X 490 39.56 148.35 37.89
N GLY X 491 39.39 149.67 37.78
CA GLY X 491 38.26 150.34 38.39
C GLY X 491 37.03 150.39 37.50
N GLY X 492 36.90 149.44 36.58
CA GLY X 492 35.68 149.38 35.78
C GLY X 492 34.48 148.95 36.60
N TYR X 493 34.59 147.80 37.26
CA TYR X 493 33.52 147.30 38.11
C TYR X 493 33.67 147.86 39.51
N LEU X 494 32.62 148.50 40.01
CA LEU X 494 32.65 149.05 41.35
C LEU X 494 32.39 147.96 42.38
N ASN X 495 32.55 148.32 43.64
CA ASN X 495 32.21 147.44 44.74
C ASN X 495 30.69 147.47 44.96
N THR X 496 30.20 146.50 45.73
CA THR X 496 28.80 146.49 46.13
C THR X 496 28.57 146.95 47.56
N ARG X 497 29.57 146.91 48.42
CA ARG X 497 29.38 147.36 49.80
C ARG X 497 29.79 148.81 49.99
N ASN X 498 31.06 149.12 49.73
CA ASN X 498 31.53 150.50 49.72
C ASN X 498 32.01 150.84 48.32
N PRO X 499 31.18 151.47 47.50
CA PRO X 499 31.57 151.72 46.11
C PRO X 499 32.60 152.81 45.93
N ASN X 500 32.91 153.57 46.99
CA ASN X 500 33.83 154.70 46.85
C ASN X 500 35.27 154.24 46.68
N VAL X 501 35.67 153.17 47.37
CA VAL X 501 37.03 152.66 47.30
C VAL X 501 37.18 151.82 46.05
N PRO X 502 38.38 151.59 45.53
CA PRO X 502 38.55 150.65 44.42
C PRO X 502 38.48 149.21 44.91
N ASN X 503 38.38 148.30 43.95
CA ASN X 503 38.33 146.88 44.26
C ASN X 503 38.77 146.06 43.05
N MET X 504 39.24 144.84 43.33
CA MET X 504 39.57 143.87 42.30
C MET X 504 38.29 143.12 41.91
N MET X 505 38.42 142.06 41.11
CA MET X 505 37.27 141.25 40.69
C MET X 505 37.77 139.90 40.18
N MET X 506 37.01 138.86 40.48
CA MET X 506 37.31 137.52 39.99
C MET X 506 36.02 136.72 39.94
N THR X 507 35.81 136.02 38.83
CA THR X 507 34.71 135.07 38.74
C THR X 507 35.09 133.95 37.78
N ARG X 508 34.45 132.80 37.97
CA ARG X 508 34.59 131.69 37.06
C ARG X 508 33.22 131.07 36.85
N ARG X 509 32.97 130.64 35.62
CA ARG X 509 31.69 130.06 35.24
C ARG X 509 31.89 128.61 34.87
N TYR X 510 31.11 127.73 35.50
CA TYR X 510 31.20 126.30 35.28
C TYR X 510 29.81 125.71 35.39
N THR X 511 29.66 124.47 34.93
CA THR X 511 28.49 123.69 35.30
C THR X 511 28.89 122.23 35.40
N VAL X 512 28.11 121.50 36.18
CA VAL X 512 28.21 120.05 36.27
C VAL X 512 26.93 119.47 35.72
N GLU X 513 27.04 118.32 35.07
CA GLU X 513 25.90 117.72 34.37
C GLU X 513 25.85 116.24 34.63
N SER X 514 24.65 115.74 34.91
CA SER X 514 24.39 114.32 35.02
C SER X 514 23.45 113.93 33.89
N PHE X 515 23.98 113.23 32.89
CA PHE X 515 23.14 112.72 31.82
C PHE X 515 22.38 111.48 32.28
N VAL X 516 23.09 110.50 32.82
CA VAL X 516 22.45 109.35 33.48
C VAL X 516 23.20 109.07 34.79
N PRO X 517 22.50 109.01 35.92
CA PRO X 517 23.19 108.89 37.21
C PRO X 517 23.62 107.46 37.50
N ILE X 518 24.92 107.21 37.41
CA ILE X 518 25.51 105.93 37.78
C ILE X 518 26.39 106.20 39.00
N ILE X 519 25.82 106.01 40.18
CA ILE X 519 26.52 106.40 41.41
C ILE X 519 26.09 105.47 42.54
N GLY X 520 27.07 104.96 43.28
CA GLY X 520 26.79 104.11 44.41
C GLY X 520 27.59 104.53 45.62
N ARG X 521 26.93 104.51 46.77
CA ARG X 521 27.51 104.97 48.03
C ARG X 521 27.55 103.82 49.02
N ILE X 522 28.74 103.34 49.31
CA ILE X 522 28.93 102.31 50.32
C ILE X 522 29.11 103.01 51.66
N THR X 523 28.14 102.85 52.57
CA THR X 523 28.33 103.36 53.91
C THR X 523 29.30 102.46 54.65
N ILE X 524 30.10 103.06 55.53
CA ILE X 524 31.07 102.33 56.34
C ILE X 524 30.69 102.57 57.79
N LYS X 525 30.42 101.49 58.51
CA LYS X 525 29.90 101.58 59.87
C LYS X 525 31.02 101.31 60.87
N ASN X 526 31.05 102.14 61.92
CA ASN X 526 32.00 102.06 63.05
C ASN X 526 33.45 102.16 62.58
N ASN X 527 33.76 103.29 61.94
CA ASN X 527 35.14 103.62 61.61
C ASN X 527 35.76 104.56 62.63
N ASN X 528 35.25 104.58 63.85
CA ASN X 528 35.74 105.47 64.89
C ASN X 528 36.93 104.90 65.65
N GLY X 529 37.61 103.90 65.10
CA GLY X 529 38.83 103.38 65.67
C GLY X 529 38.68 102.55 66.93
N SER X 530 37.45 102.30 67.37
CA SER X 530 37.21 101.55 68.61
C SER X 530 37.01 100.06 68.36
N VAL X 531 37.62 99.51 67.31
CA VAL X 531 37.48 98.08 67.05
C VAL X 531 38.30 97.28 68.07
N TYR X 532 39.48 97.75 68.44
CA TYR X 532 40.22 97.14 69.55
C TYR X 532 39.94 97.87 70.86
N ALA X 533 38.67 98.14 71.14
CA ALA X 533 38.30 98.75 72.41
C ALA X 533 37.08 98.13 73.05
N ARG X 534 36.22 97.47 72.29
CA ARG X 534 34.97 96.92 72.81
C ARG X 534 35.22 95.58 73.51
N MET Y 81 22.60 138.09 28.56
CA MET Y 81 21.76 139.28 28.72
C MET Y 81 20.29 138.88 28.70
N GLY Y 82 19.46 139.70 29.34
CA GLY Y 82 18.04 139.45 29.46
C GLY Y 82 17.26 139.38 28.16
N PRO Y 83 17.12 140.51 27.47
CA PRO Y 83 16.30 140.53 26.24
C PRO Y 83 16.92 139.82 25.06
N ILE Y 84 18.21 139.46 25.12
CA ILE Y 84 18.79 138.62 24.08
C ILE Y 84 18.22 137.21 24.22
N GLN Y 85 17.63 136.72 23.13
CA GLN Y 85 17.01 135.40 23.17
C GLN Y 85 18.08 134.32 23.16
N PRO Y 86 18.03 133.35 24.06
CA PRO Y 86 19.09 132.33 24.13
C PRO Y 86 18.95 131.33 22.99
N TYR Y 87 20.07 130.93 22.42
CA TYR Y 87 20.11 129.94 21.35
C TYR Y 87 21.01 128.79 21.79
N ALA Y 88 20.41 127.63 21.99
CA ALA Y 88 21.13 126.44 22.41
C ALA Y 88 21.62 125.71 21.16
N SER Y 89 22.93 125.59 21.01
CA SER Y 89 23.50 124.91 19.86
C SER Y 89 23.41 123.40 20.04
N LEU Y 90 23.90 122.67 19.04
CA LEU Y 90 23.80 121.22 19.00
C LEU Y 90 25.21 120.63 19.00
N SER Y 91 25.59 120.01 20.10
CA SER Y 91 26.89 119.37 20.18
C SER Y 91 26.89 118.07 19.37
N MET Y 92 28.09 117.57 19.10
CA MET Y 92 28.29 116.57 18.06
C MET Y 92 27.80 115.15 18.37
N PRO Y 93 28.21 114.47 19.46
CA PRO Y 93 27.88 113.03 19.55
C PRO Y 93 26.44 112.77 19.92
N ILE Y 94 25.91 111.64 19.43
CA ILE Y 94 24.47 111.40 19.43
C ILE Y 94 23.99 110.67 20.68
N LEU Y 95 24.92 110.15 21.50
CA LEU Y 95 24.65 109.57 22.83
C LEU Y 95 23.68 108.38 22.74
N VAL Y 96 24.18 107.31 22.12
CA VAL Y 96 23.40 106.09 21.92
C VAL Y 96 23.18 105.36 23.25
N LYS Y 97 22.24 104.42 23.24
CA LYS Y 97 22.00 103.56 24.40
C LYS Y 97 22.76 102.26 24.23
N LEU Y 98 23.08 101.61 25.35
CA LEU Y 98 24.00 100.49 25.36
C LEU Y 98 23.25 99.17 25.39
N TRP Y 99 23.68 98.23 24.55
CA TRP Y 99 23.11 96.90 24.51
C TRP Y 99 23.84 96.00 25.50
N ALA Y 100 23.51 94.72 25.52
CA ALA Y 100 24.13 93.75 26.42
C ALA Y 100 25.10 92.86 25.65
N ARG Y 101 25.97 92.21 26.40
CA ARG Y 101 26.93 91.29 25.80
C ARG Y 101 26.24 89.98 25.45
N LEU Y 102 26.55 89.46 24.27
CA LEU Y 102 25.91 88.24 23.76
C LEU Y 102 26.98 87.19 23.47
N ALA Y 103 27.36 86.44 24.50
CA ALA Y 103 28.17 85.24 24.35
C ALA Y 103 27.42 84.02 24.84
N LEU Y 104 26.13 84.15 25.10
CA LEU Y 104 25.32 83.10 25.70
C LEU Y 104 25.03 81.96 24.74
N THR Y 105 25.14 82.19 23.43
CA THR Y 105 24.91 81.14 22.45
C THR Y 105 26.06 80.16 22.32
N GLU Y 106 27.14 80.32 23.08
CA GLU Y 106 28.20 79.33 23.16
C GLU Y 106 27.92 78.25 24.18
N ALA Y 107 26.87 78.42 24.98
CA ALA Y 107 26.55 77.45 26.04
C ALA Y 107 25.98 76.15 25.51
N LEU Y 108 25.61 76.08 24.23
CA LEU Y 108 24.98 74.91 23.67
C LEU Y 108 25.63 74.62 22.33
N PRO Y 109 25.79 73.35 21.96
CA PRO Y 109 26.39 73.04 20.67
C PRO Y 109 25.39 73.30 19.54
N THR Y 110 25.84 74.04 18.54
CA THR Y 110 24.97 74.47 17.45
C THR Y 110 25.20 73.60 16.23
N GLN Y 111 24.23 72.75 15.93
CA GLN Y 111 24.19 72.01 14.68
C GLN Y 111 23.20 72.69 13.76
N VAL Y 112 23.62 73.00 12.54
CA VAL Y 112 22.75 73.70 11.61
C VAL Y 112 21.74 72.73 11.04
N ALA Y 113 20.49 73.16 10.95
CA ALA Y 113 19.43 72.31 10.43
C ALA Y 113 19.21 72.57 8.95
N ASN Y 114 18.72 71.55 8.26
CA ASN Y 114 18.47 71.68 6.83
C ASN Y 114 16.98 71.52 6.55
N LYS Y 115 16.32 70.69 7.33
CA LYS Y 115 14.89 70.46 7.17
C LYS Y 115 14.14 70.90 8.41
N PRO Y 116 12.98 71.55 8.26
CA PRO Y 116 12.29 72.10 9.42
C PRO Y 116 11.65 71.06 10.31
N ASN Y 117 11.51 69.82 9.86
CA ASN Y 117 10.94 68.75 10.66
C ASN Y 117 11.76 67.49 10.47
N PHE Y 118 12.42 67.05 11.53
CA PHE Y 118 13.20 65.82 11.49
C PHE Y 118 13.13 65.17 12.86
N THR Y 119 13.51 63.89 12.91
CA THR Y 119 13.39 63.09 14.12
C THR Y 119 14.74 62.49 14.49
N VAL Y 120 14.93 62.27 15.78
CA VAL Y 120 16.07 61.52 16.28
C VAL Y 120 15.53 60.21 16.85
N PRO Y 121 16.19 59.09 16.64
CA PRO Y 121 15.80 57.86 17.35
C PRO Y 121 16.60 57.67 18.62
N ILE Y 122 16.03 56.91 19.56
CA ILE Y 122 16.75 56.48 20.74
C ILE Y 122 16.55 54.98 20.89
N LEU Y 123 17.58 54.29 21.34
CA LEU Y 123 17.61 52.83 21.36
C LEU Y 123 17.94 52.36 22.76
N THR Y 124 16.94 51.85 23.47
CA THR Y 124 17.09 51.42 24.86
C THR Y 124 16.91 49.92 24.95
N PRO Y 125 17.88 49.17 25.47
CA PRO Y 125 17.69 47.74 25.69
C PRO Y 125 16.80 47.49 26.90
N TYR Y 126 16.41 46.23 27.07
CA TYR Y 126 15.57 45.83 28.18
C TYR Y 126 15.96 44.43 28.64
N VAL Y 127 15.46 44.07 29.81
CA VAL Y 127 15.39 42.68 30.26
C VAL Y 127 13.93 42.37 30.54
N VAL Y 128 13.65 41.08 30.76
CA VAL Y 128 12.28 40.60 30.79
C VAL Y 128 11.87 40.07 32.15
N ASP Y 129 12.76 40.14 33.16
CA ASP Y 129 12.51 39.85 34.57
C ASP Y 129 12.21 38.36 34.84
N ALA Y 130 12.14 37.53 33.79
CA ALA Y 130 11.90 36.07 33.82
C ALA Y 130 10.58 35.67 34.47
N ASP Y 131 9.65 36.61 34.69
CA ASP Y 131 8.28 36.26 35.02
C ASP Y 131 7.28 37.21 34.36
N GLY Y 132 7.61 37.71 33.17
CA GLY Y 132 6.70 38.64 32.51
C GLY Y 132 7.30 39.96 32.14
N ASN Y 133 6.92 41.00 32.90
CA ASN Y 133 7.13 42.41 32.63
C ASN Y 133 8.59 42.77 32.36
N LYS Y 134 8.78 43.89 31.69
CA LYS Y 134 10.10 44.31 31.21
C LYS Y 134 10.59 45.58 31.90
N HIS Y 135 11.89 45.63 32.15
CA HIS Y 135 12.55 46.75 32.81
C HIS Y 135 13.66 47.28 31.92
N ALA Y 136 13.88 48.59 32.00
CA ALA Y 136 14.98 49.21 31.24
C ALA Y 136 16.31 48.80 31.84
N LEU Y 137 17.27 48.52 30.97
CA LEU Y 137 18.44 47.77 31.40
C LEU Y 137 19.46 48.58 32.21
N PRO Y 138 20.07 49.67 31.73
CA PRO Y 138 21.21 50.22 32.48
C PRO Y 138 20.83 51.01 33.71
N GLU Y 139 19.54 51.18 33.99
CA GLU Y 139 19.08 51.82 35.21
C GLU Y 139 18.42 50.84 36.16
N SER Y 140 18.58 49.55 35.94
CA SER Y 140 18.12 48.57 36.90
C SER Y 140 19.21 47.60 37.33
N ILE Y 141 20.43 47.76 36.85
CA ILE Y 141 21.54 46.91 37.25
C ILE Y 141 22.66 47.78 37.81
N ASN Y 142 22.30 48.96 38.31
CA ASN Y 142 23.24 49.81 39.02
C ASN Y 142 23.18 49.64 40.53
N ASN Y 143 22.50 48.61 41.02
CA ASN Y 143 22.21 48.52 42.45
C ASN Y 143 23.02 47.42 43.12
N THR Y 144 23.21 47.56 44.41
CA THR Y 144 23.68 46.42 45.18
C THR Y 144 22.58 45.38 45.38
N PRO Y 145 21.35 45.68 45.90
CA PRO Y 145 20.48 44.51 46.10
C PRO Y 145 19.72 44.13 44.83
N GLU Y 146 20.45 43.58 43.87
CA GLU Y 146 19.88 43.22 42.58
C GLU Y 146 19.14 41.89 42.71
N THR Y 147 17.86 41.90 42.39
CA THR Y 147 17.01 40.71 42.49
C THR Y 147 16.33 40.38 41.17
N LEU Y 148 17.00 40.67 40.06
CA LEU Y 148 16.44 40.37 38.74
C LEU Y 148 17.26 39.30 38.02
N VAL Y 149 18.56 39.53 37.83
CA VAL Y 149 19.42 38.59 37.13
C VAL Y 149 20.09 37.70 38.16
N GLY Y 150 19.92 36.39 38.01
CA GLY Y 150 20.54 35.45 38.92
C GLY Y 150 19.74 34.17 38.97
N LEU Y 151 20.27 33.21 39.71
CA LEU Y 151 19.60 31.92 39.86
C LEU Y 151 18.39 32.06 40.77
N VAL Y 152 17.50 31.08 40.68
CA VAL Y 152 16.29 31.09 41.49
C VAL Y 152 16.66 30.66 42.90
N GLN Y 153 16.48 31.57 43.85
CA GLN Y 153 16.75 31.25 45.25
C GLN Y 153 15.60 30.44 45.83
N ILE Y 154 15.94 29.38 46.55
CA ILE Y 154 14.95 28.50 47.15
C ILE Y 154 14.37 29.15 48.40
N LYS Y 155 13.33 28.54 48.95
CA LYS Y 155 12.72 29.01 50.19
C LYS Y 155 13.71 28.92 51.35
N GLU Y 156 13.64 29.89 52.25
CA GLU Y 156 14.60 30.04 53.34
C GLU Y 156 14.30 29.13 54.52
N ASP Y 157 13.10 29.24 55.08
CA ASP Y 157 12.78 28.58 56.34
C ASP Y 157 12.49 27.10 56.14
N ILE Y 158 13.01 26.29 57.06
CA ILE Y 158 12.72 24.86 57.13
C ILE Y 158 12.39 24.54 58.57
N ALA Y 159 11.11 24.27 58.84
CA ALA Y 159 10.67 23.95 60.20
C ALA Y 159 11.15 22.54 60.56
N VAL Y 160 12.23 22.45 61.34
CA VAL Y 160 12.82 21.17 61.70
C VAL Y 160 12.18 20.73 63.01
N GLU Y 161 11.21 19.83 62.91
CA GLU Y 161 10.49 19.35 64.08
C GLU Y 161 11.29 18.23 64.75
N GLY Y 162 11.47 18.35 66.07
CA GLY Y 162 12.09 17.31 66.85
C GLY Y 162 13.58 17.16 66.65
N GLY Y 163 14.25 18.21 66.19
CA GLY Y 163 15.68 18.16 66.00
C GLY Y 163 16.14 17.48 64.73
N LYS Y 164 15.24 16.86 63.98
CA LYS Y 164 15.61 16.13 62.78
C LYS Y 164 14.40 16.00 61.88
N VAL Y 165 14.56 16.36 60.62
CA VAL Y 165 13.56 16.07 59.60
C VAL Y 165 14.19 15.15 58.57
N THR Y 166 13.41 14.19 58.10
CA THR Y 166 13.87 13.23 57.11
C THR Y 166 13.14 13.48 55.80
N ASP Y 167 13.94 13.62 54.73
CA ASP Y 167 13.47 13.84 53.36
C ASP Y 167 12.58 15.08 53.26
N TYR Y 168 13.17 16.23 53.58
CA TYR Y 168 12.47 17.49 53.40
C TYR Y 168 12.72 18.02 52.00
N ASP Y 169 11.65 18.36 51.29
CA ASP Y 169 11.76 18.85 49.93
C ASP Y 169 12.24 20.28 49.92
N LEU Y 170 13.29 20.55 49.14
CA LEU Y 170 13.81 21.90 49.05
C LEU Y 170 13.14 22.72 47.96
N PHE Y 171 12.54 22.07 46.97
CA PHE Y 171 11.91 22.80 45.87
C PHE Y 171 10.43 23.02 46.20
N THR Y 172 10.20 23.54 47.40
CA THR Y 172 8.87 23.71 47.96
C THR Y 172 8.48 25.17 47.90
N GLY Y 173 7.28 25.45 47.43
CA GLY Y 173 6.81 26.81 47.28
C GLY Y 173 7.25 27.49 46.00
N LEU Y 174 8.21 26.93 45.28
CA LEU Y 174 8.57 27.49 43.99
C LEU Y 174 7.55 27.06 42.94
N LYS Y 175 7.53 27.80 41.83
CA LYS Y 175 6.51 27.59 40.81
C LYS Y 175 6.94 26.44 39.91
N GLU Y 176 6.11 25.40 39.87
CA GLU Y 176 6.31 24.29 38.94
C GLU Y 176 6.13 24.81 37.52
N GLY Y 177 7.17 24.74 36.72
CA GLY Y 177 7.16 25.43 35.44
C GLY Y 177 8.36 26.32 35.26
N LYS Y 178 8.13 27.64 35.28
CA LYS Y 178 9.20 28.60 35.00
C LYS Y 178 10.27 28.59 36.09
N GLU Y 179 9.88 28.43 37.34
CA GLU Y 179 10.85 28.52 38.43
C GLU Y 179 11.59 27.20 38.62
N VAL Y 180 10.86 26.10 38.73
CA VAL Y 180 11.45 24.78 38.93
C VAL Y 180 10.67 23.76 38.12
N ARG Y 181 11.38 22.79 37.56
CA ARG Y 181 10.76 21.63 36.93
C ARG Y 181 11.26 20.40 37.67
N LYS Y 182 10.38 19.83 38.50
CA LYS Y 182 10.76 18.72 39.36
C LYS Y 182 10.98 17.46 38.55
N GLY Y 183 11.95 16.66 38.99
CA GLY Y 183 12.36 15.48 38.27
C GLY Y 183 13.35 15.73 37.15
N ILE Y 184 13.64 17.00 36.83
CA ILE Y 184 14.57 17.37 35.78
C ILE Y 184 15.72 18.19 36.32
N ASP Y 185 15.42 19.27 37.04
CA ASP Y 185 16.43 20.19 37.51
C ASP Y 185 16.88 19.83 38.94
N ARG Y 186 18.13 20.17 39.24
CA ARG Y 186 18.79 19.77 40.48
C ARG Y 186 19.19 20.98 41.31
N LEU Y 187 19.32 20.77 42.61
CA LEU Y 187 19.83 21.80 43.50
C LEU Y 187 21.31 21.98 43.27
N ASP Y 188 21.74 23.23 43.21
CA ASP Y 188 23.15 23.51 43.02
C ASP Y 188 23.94 23.22 44.29
N ARG Y 189 25.25 23.03 44.12
CA ARG Y 189 26.15 22.73 45.22
C ARG Y 189 26.64 23.97 45.96
N LYS Y 190 26.15 25.16 45.61
CA LYS Y 190 26.41 26.34 46.41
C LYS Y 190 25.31 26.56 47.45
N PHE Y 191 25.02 25.51 48.19
CA PHE Y 191 24.02 25.49 49.24
C PHE Y 191 24.74 25.57 50.58
N LYS Y 192 24.14 26.27 51.54
CA LYS Y 192 24.75 26.40 52.84
C LYS Y 192 23.68 26.68 53.88
N ILE Y 193 24.09 26.60 55.14
CA ILE Y 193 23.25 26.94 56.28
C ILE Y 193 23.75 28.27 56.82
N VAL Y 194 22.90 29.29 56.81
CA VAL Y 194 23.30 30.61 57.25
C VAL Y 194 22.74 31.00 58.60
N GLU Y 195 21.70 30.34 59.08
CA GLU Y 195 20.97 30.85 60.25
C GLU Y 195 20.18 29.71 60.86
N ALA Y 196 20.54 29.29 62.05
CA ALA Y 196 19.82 28.24 62.75
C ALA Y 196 19.17 28.81 64.00
N LYS Y 197 18.30 28.01 64.61
CA LYS Y 197 17.62 28.42 65.83
C LYS Y 197 17.25 27.19 66.63
N TRP Y 198 17.76 27.11 67.86
CA TRP Y 198 17.46 26.01 68.77
C TRP Y 198 16.34 26.43 69.71
N SER Y 199 15.90 25.50 70.55
CA SER Y 199 14.82 25.80 71.48
C SER Y 199 15.29 26.57 72.71
N ASP Y 200 16.60 26.63 72.96
CA ASP Y 200 17.14 27.39 74.06
C ASP Y 200 18.13 28.45 73.57
N SER Y 201 18.02 28.84 72.31
CA SER Y 201 18.97 29.74 71.70
C SER Y 201 18.71 31.18 72.13
N PHE Y 202 19.62 32.08 71.73
CA PHE Y 202 19.43 33.51 71.87
C PHE Y 202 19.79 34.15 70.54
N ASP Y 203 19.08 35.24 70.22
CA ASP Y 203 19.19 35.80 68.87
C ASP Y 203 20.51 36.55 68.67
N GLU Y 204 20.82 37.48 69.59
CA GLU Y 204 22.00 38.34 69.66
C GLU Y 204 22.08 39.39 68.54
N ARG Y 205 21.17 39.36 67.57
CA ARG Y 205 20.90 40.51 66.72
C ARG Y 205 19.76 41.33 67.30
N THR Y 206 18.66 40.67 67.62
CA THR Y 206 17.71 41.16 68.60
C THR Y 206 18.03 40.54 69.96
N SER Y 207 17.42 41.09 71.00
CA SER Y 207 17.62 40.57 72.35
C SER Y 207 16.48 39.64 72.74
N ALA Y 208 16.42 38.50 72.06
CA ALA Y 208 15.35 37.53 72.26
C ALA Y 208 15.90 36.13 72.05
N ALA Y 209 15.03 35.14 72.23
CA ALA Y 209 15.39 33.74 72.02
C ALA Y 209 15.01 33.35 70.59
N GLY Y 210 15.80 33.84 69.65
CA GLY Y 210 15.49 33.60 68.24
C GLY Y 210 16.59 32.89 67.48
N PHE Y 211 16.93 33.42 66.32
CA PHE Y 211 17.85 32.78 65.40
C PHE Y 211 19.30 33.18 65.69
N VAL Y 212 20.20 32.22 65.59
CA VAL Y 212 21.62 32.51 65.61
C VAL Y 212 22.08 32.75 64.19
N GLU Y 213 22.57 33.94 63.92
CA GLU Y 213 23.22 34.24 62.65
C GLU Y 213 24.58 33.56 62.67
N LEU Y 214 24.70 32.45 61.95
CA LEU Y 214 25.93 31.67 61.93
C LEU Y 214 26.98 32.43 61.15
N GLY Y 215 27.89 33.09 61.87
CA GLY Y 215 28.96 33.84 61.26
C GLY Y 215 30.26 33.07 61.30
N SER Y 216 30.82 32.82 60.11
CA SER Y 216 32.10 32.10 59.88
C SER Y 216 32.08 30.67 60.42
N ASN Y 217 30.89 30.12 60.68
CA ASN Y 217 30.74 28.71 61.03
C ASN Y 217 29.54 28.15 60.28
N VAL Y 218 29.38 28.60 59.03
CA VAL Y 218 28.26 28.16 58.21
C VAL Y 218 28.43 26.70 57.85
N VAL Y 219 27.33 25.97 57.78
CA VAL Y 219 27.35 24.55 57.47
C VAL Y 219 27.16 24.46 55.96
N LYS Y 220 28.26 24.42 55.22
CA LYS Y 220 28.26 24.39 53.78
C LYS Y 220 28.61 23.00 53.27
N LEU Y 221 28.38 22.78 51.98
CA LEU Y 221 28.59 21.45 51.39
C LEU Y 221 30.07 21.07 51.36
N GLN Y 222 30.29 19.77 51.34
CA GLN Y 222 31.62 19.19 51.39
C GLN Y 222 31.63 18.03 50.40
N ASP Y 223 32.63 17.17 50.51
CA ASP Y 223 32.65 15.94 49.74
C ASP Y 223 31.52 15.02 50.18
N ASN Y 224 31.06 14.19 49.23
CA ASN Y 224 29.92 13.28 49.35
C ASN Y 224 28.61 14.00 49.62
N ASP Y 225 28.56 15.31 49.33
CA ASP Y 225 27.38 16.17 49.46
C ASP Y 225 26.79 16.14 50.87
N THR Y 226 27.65 16.11 51.87
CA THR Y 226 27.20 16.12 53.26
C THR Y 226 27.31 17.52 53.84
N LEU Y 227 26.85 17.66 55.08
CA LEU Y 227 26.81 18.94 55.76
C LEU Y 227 27.07 18.69 57.24
N VAL Y 228 28.27 19.02 57.71
CA VAL Y 228 28.67 18.80 59.09
C VAL Y 228 29.13 20.12 59.70
N GLY Y 229 29.35 20.10 61.02
CA GLY Y 229 29.91 21.25 61.69
C GLY Y 229 29.46 21.44 63.12
N GLN Y 230 30.40 21.77 64.00
CA GLN Y 230 30.09 22.10 65.39
C GLN Y 230 29.70 23.56 65.49
N ILE Y 231 28.59 23.83 66.16
CA ILE Y 231 28.04 25.18 66.26
C ILE Y 231 27.98 25.57 67.74
N LYS Y 232 28.52 26.74 68.06
CA LYS Y 232 28.51 27.28 69.41
C LYS Y 232 27.42 28.34 69.48
N TYR Y 233 26.20 27.91 69.80
CA TYR Y 233 25.20 28.97 69.86
C TYR Y 233 25.06 29.49 71.29
N PRO Y 234 24.82 30.79 71.46
CA PRO Y 234 24.58 31.32 72.80
C PRO Y 234 23.22 30.91 73.33
N THR Y 235 23.16 30.68 74.63
CA THR Y 235 21.91 30.36 75.31
C THR Y 235 21.20 31.62 75.79
N ASN Y 236 21.93 32.56 76.37
CA ASN Y 236 21.35 33.78 76.90
C ASN Y 236 22.28 34.94 76.60
N GLY Y 237 21.69 36.12 76.40
CA GLY Y 237 22.48 37.29 76.05
C GLY Y 237 23.37 37.77 77.17
N ASP Y 238 22.90 37.71 78.41
CA ASP Y 238 23.74 37.99 79.57
C ASP Y 238 24.17 36.73 80.30
N GLY Y 239 23.57 35.59 79.99
CA GLY Y 239 23.99 34.33 80.58
C GLY Y 239 25.26 33.81 79.93
N GLU Y 240 25.22 33.69 78.61
CA GLU Y 240 26.32 33.17 77.77
C GLU Y 240 26.76 31.79 78.23
N VAL Y 241 25.82 30.84 78.16
CA VAL Y 241 26.15 29.48 78.53
C VAL Y 241 26.88 28.77 77.39
N GLU Y 242 26.54 29.13 76.15
CA GLU Y 242 27.17 28.62 74.92
C GLU Y 242 27.05 27.10 74.82
N THR Y 243 25.80 26.64 74.69
CA THR Y 243 25.54 25.22 74.48
C THR Y 243 26.07 24.80 73.11
N ASP Y 244 26.71 23.64 73.07
CA ASP Y 244 27.29 23.11 71.84
C ASP Y 244 26.34 22.09 71.24
N THR Y 245 26.03 22.26 69.96
CA THR Y 245 25.23 21.31 69.22
C THR Y 245 25.79 21.24 67.80
N ILE Y 246 25.83 20.03 67.25
CA ILE Y 246 26.35 19.82 65.92
C ILE Y 246 25.19 19.63 64.96
N LEU Y 247 25.50 19.72 63.66
CA LEU Y 247 24.51 19.53 62.61
C LEU Y 247 25.00 18.42 61.70
N GLY Y 248 24.51 17.21 61.92
CA GLY Y 248 24.76 16.12 61.01
C GLY Y 248 23.71 16.13 59.93
N LYS Y 249 24.11 16.31 58.68
CA LYS Y 249 23.14 16.41 57.60
C LYS Y 249 23.68 15.70 56.37
N VAL Y 250 22.80 15.11 55.58
CA VAL Y 250 23.13 14.71 54.23
C VAL Y 250 22.14 15.39 53.29
N ASP Y 251 22.64 15.77 52.11
CA ASP Y 251 21.82 16.44 51.12
C ASP Y 251 22.06 15.75 49.79
N VAL Y 252 20.98 15.37 49.13
CA VAL Y 252 21.08 14.84 47.77
C VAL Y 252 20.76 15.95 46.79
N SER Y 253 21.55 16.02 45.71
CA SER Y 253 21.43 17.13 44.77
C SER Y 253 20.31 16.88 43.77
N SER Y 254 20.41 15.78 43.02
CA SER Y 254 19.40 15.48 42.01
C SER Y 254 18.08 15.08 42.64
N GLY Y 255 18.15 14.40 43.79
CA GLY Y 255 16.94 14.03 44.50
C GLY Y 255 16.29 15.18 45.23
N GLU Y 256 17.07 16.22 45.54
CA GLU Y 256 16.70 17.51 46.14
C GLU Y 256 16.02 17.40 47.51
N LEU Y 257 16.20 16.28 48.25
CA LEU Y 257 15.77 16.17 49.63
C LEU Y 257 16.90 16.54 50.58
N THR Y 258 16.53 17.16 51.69
CA THR Y 258 17.47 17.48 52.76
C THR Y 258 17.09 16.67 53.99
N LEU Y 259 18.05 15.92 54.51
CA LEU Y 259 17.86 15.06 55.67
C LEU Y 259 18.78 15.56 56.77
N THR Y 260 18.21 16.19 57.79
CA THR Y 260 18.99 16.79 58.87
C THR Y 260 18.89 15.97 60.14
N SER Y 261 19.81 16.27 61.05
CA SER Y 261 19.87 15.63 62.36
C SER Y 261 20.70 16.51 63.27
N ALA Y 262 20.20 16.66 64.38
CA ALA Y 262 20.88 17.45 65.40
C ALA Y 262 20.86 16.68 66.72
N SER Y 263 21.99 16.67 67.41
CA SER Y 263 22.11 15.91 68.64
C SER Y 263 21.31 16.54 69.77
N GLY Y 264 21.13 17.85 69.75
CA GLY Y 264 20.35 18.52 70.77
C GLY Y 264 18.90 18.69 70.38
N LYS Y 265 18.46 19.95 70.23
CA LYS Y 265 17.06 20.25 69.94
C LYS Y 265 16.98 21.40 68.93
N LEU Y 266 16.92 21.04 67.65
CA LEU Y 266 16.68 22.04 66.63
C LEU Y 266 15.20 22.40 66.60
N THR Y 267 14.91 23.62 66.17
CA THR Y 267 13.54 24.06 65.98
C THR Y 267 13.26 24.41 64.53
N ASP Y 268 14.15 25.16 63.88
CA ASP Y 268 14.10 25.38 62.45
C ASP Y 268 15.49 25.78 61.98
N VAL Y 269 15.60 26.16 60.71
CA VAL Y 269 16.87 26.55 60.12
C VAL Y 269 16.57 27.46 58.96
N LYS Y 270 17.55 28.25 58.54
CA LYS Y 270 17.42 29.12 57.38
C LYS Y 270 18.57 28.81 56.44
N VAL Y 271 18.23 28.56 55.18
CA VAL Y 271 19.19 28.10 54.19
C VAL Y 271 19.39 29.18 53.13
N LYS Y 272 20.40 28.96 52.28
CA LYS Y 272 20.65 29.80 51.12
C LYS Y 272 21.04 28.84 50.00
N GLY Y 273 20.06 28.46 49.19
CA GLY Y 273 20.29 27.53 48.12
C GLY Y 273 19.74 28.05 46.81
N TYR Y 274 20.36 27.62 45.73
CA TYR Y 274 20.00 28.06 44.39
C TYR Y 274 19.60 26.86 43.54
N VAL Y 275 18.45 26.98 42.88
CA VAL Y 275 18.07 26.03 41.84
C VAL Y 275 19.01 26.23 40.68
N ALA Y 276 19.75 25.18 40.33
CA ALA Y 276 20.84 25.30 39.37
C ALA Y 276 20.33 25.55 37.97
N SER Y 277 21.07 26.36 37.22
CA SER Y 277 20.70 26.60 35.83
C SER Y 277 21.44 25.66 34.89
N GLU Y 278 21.34 24.36 35.19
CA GLU Y 278 21.89 23.34 34.29
C GLU Y 278 21.04 23.24 33.03
N GLN Y 279 19.77 22.93 33.21
CA GLN Y 279 18.81 22.95 32.13
C GLN Y 279 18.06 24.27 32.13
N HIS Y 280 17.53 24.65 30.98
CA HIS Y 280 16.87 25.95 30.86
C HIS Y 280 15.52 25.95 31.56
N THR Y 281 15.51 25.96 32.88
CA THR Y 281 14.27 26.19 33.58
C THR Y 281 13.87 27.65 33.49
N SER Y 282 14.84 28.54 33.67
CA SER Y 282 14.62 29.97 33.49
C SER Y 282 15.97 30.63 33.26
N ALA Y 283 16.09 31.36 32.17
CA ALA Y 283 17.20 32.28 31.95
C ALA Y 283 16.64 33.69 31.83
N THR Y 284 17.52 34.64 31.57
CA THR Y 284 17.11 36.03 31.39
C THR Y 284 17.25 36.40 29.92
N ASN Y 285 16.18 36.91 29.34
CA ASN Y 285 16.13 37.31 27.94
C ASN Y 285 16.27 38.81 27.85
N VAL Y 286 17.11 39.28 26.94
CA VAL Y 286 17.19 40.70 26.66
C VAL Y 286 16.47 41.00 25.35
N GLU Y 287 16.02 42.24 25.22
CA GLU Y 287 15.31 42.66 24.01
C GLU Y 287 15.50 44.15 23.84
N LEU Y 288 15.47 44.60 22.60
CA LEU Y 288 15.71 45.99 22.28
C LEU Y 288 14.41 46.79 22.41
N GLY Y 289 14.44 48.01 21.91
CA GLY Y 289 13.31 48.91 21.98
C GLY Y 289 13.70 50.24 21.40
N LEU Y 290 12.76 50.92 20.74
CA LEU Y 290 13.10 52.16 20.06
C LEU Y 290 11.95 53.14 20.19
N THR Y 291 12.29 54.42 20.17
CA THR Y 291 11.35 55.52 20.27
C THR Y 291 11.98 56.66 19.51
N ARG Y 292 11.16 57.44 18.79
CA ARG Y 292 11.68 58.58 18.06
C ARG Y 292 11.23 59.88 18.70
N LYS Y 293 12.15 60.84 18.78
CA LYS Y 293 11.89 62.16 19.30
C LYS Y 293 11.96 63.16 18.15
N ASP Y 294 10.91 63.94 17.97
CA ASP Y 294 10.76 64.81 16.81
C ASP Y 294 11.27 66.21 17.10
N VAL Y 295 11.88 66.83 16.09
CA VAL Y 295 12.33 68.21 16.16
C VAL Y 295 11.57 69.00 15.11
N VAL Y 296 10.83 70.00 15.54
CA VAL Y 296 10.10 70.88 14.64
C VAL Y 296 10.73 72.27 14.68
N ILE Y 297 10.68 72.97 13.55
CA ILE Y 297 11.17 74.34 13.44
C ILE Y 297 10.06 75.16 12.80
N ASP Y 298 9.36 75.93 13.62
CA ASP Y 298 8.29 76.75 13.10
C ASP Y 298 8.83 78.13 12.71
N THR Y 299 8.01 78.87 11.98
CA THR Y 299 8.37 80.22 11.57
C THR Y 299 8.34 81.16 12.78
N ALA Y 300 9.27 82.10 12.80
CA ALA Y 300 9.41 83.00 13.92
C ALA Y 300 8.73 84.33 13.61
N GLN Y 301 8.87 85.30 14.51
CA GLN Y 301 8.25 86.59 14.33
C GLN Y 301 9.08 87.44 13.38
N HIS Y 302 8.41 88.23 12.56
CA HIS Y 302 9.08 89.12 11.62
C HIS Y 302 9.42 90.43 12.31
N ILE Y 303 10.66 90.87 12.13
CA ILE Y 303 11.09 92.20 12.55
C ILE Y 303 11.14 93.09 11.32
N GLU Y 304 10.47 94.22 11.36
CA GLU Y 304 10.41 95.07 10.18
C GLU Y 304 10.23 96.53 10.57
N ALA Y 305 10.89 97.41 9.82
CA ALA Y 305 10.81 98.85 10.02
C ALA Y 305 10.40 99.53 8.73
N THR Y 306 9.57 100.56 8.86
CA THR Y 306 9.06 101.29 7.71
C THR Y 306 9.95 102.49 7.41
N VAL Y 307 10.12 102.79 6.13
CA VAL Y 307 11.08 103.81 5.68
C VAL Y 307 10.43 104.87 4.79
N PRO Y 308 9.69 105.82 5.35
CA PRO Y 308 9.19 106.94 4.53
C PRO Y 308 10.33 107.85 4.15
N LEU Y 309 10.34 108.29 2.88
CA LEU Y 309 11.49 109.04 2.40
C LEU Y 309 11.52 110.49 2.86
N GLU Y 310 10.48 110.95 3.56
CA GLU Y 310 10.45 112.30 4.13
C GLU Y 310 10.81 112.32 5.60
N VAL Y 311 11.05 111.15 6.20
CA VAL Y 311 11.74 111.09 7.48
C VAL Y 311 13.15 110.53 7.33
N ILE Y 312 13.49 109.99 6.16
CA ILE Y 312 14.90 109.76 5.85
C ILE Y 312 15.57 111.08 5.52
N GLN Y 313 14.92 111.92 4.72
CA GLN Y 313 15.50 113.20 4.33
C GLN Y 313 15.49 114.21 5.47
N ASP Y 314 14.54 114.08 6.42
CA ASP Y 314 14.54 115.00 7.55
C ASP Y 314 15.67 114.70 8.51
N MET Y 315 15.86 113.43 8.85
CA MET Y 315 16.91 113.07 9.79
C MET Y 315 18.29 113.14 9.16
N LYS Y 316 18.39 113.05 7.84
CA LYS Y 316 19.68 113.24 7.20
C LYS Y 316 20.05 114.72 7.16
N ALA Y 317 19.09 115.59 6.92
CA ALA Y 317 19.39 117.02 6.83
C ALA Y 317 19.61 117.64 8.20
N THR Y 318 18.89 117.19 9.22
CA THR Y 318 18.95 117.85 10.51
C THR Y 318 20.09 117.33 11.38
N TYR Y 319 20.10 116.02 11.63
CA TYR Y 319 21.06 115.42 12.55
C TYR Y 319 22.12 114.57 11.88
N ASP Y 320 22.14 114.51 10.54
CA ASP Y 320 23.02 113.63 9.76
C ASP Y 320 22.89 112.17 10.19
N ILE Y 321 21.67 111.74 10.49
CA ILE Y 321 21.41 110.38 10.91
C ILE Y 321 21.05 109.55 9.69
N ASP Y 322 21.85 108.51 9.44
CA ASP Y 322 21.52 107.50 8.44
C ASP Y 322 20.38 106.70 9.05
N GLY Y 323 19.14 107.06 8.69
CA GLY Y 323 17.99 106.42 9.29
C GLY Y 323 17.76 105.01 8.83
N VAL Y 324 18.06 104.72 7.55
CA VAL Y 324 17.83 103.39 7.01
C VAL Y 324 18.83 102.38 7.55
N ALA Y 325 20.07 102.79 7.84
CA ALA Y 325 21.04 101.87 8.42
C ALA Y 325 21.20 102.05 9.92
N ARG Y 326 20.37 102.86 10.55
CA ARG Y 326 20.26 102.81 12.00
C ARG Y 326 19.16 101.88 12.46
N LEU Y 327 18.10 101.74 11.67
CA LEU Y 327 17.09 100.75 11.98
C LEU Y 327 17.55 99.35 11.62
N SER Y 328 18.39 99.21 10.59
CA SER Y 328 18.83 97.89 10.17
C SER Y 328 19.80 97.28 11.18
N GLU Y 329 20.64 98.11 11.79
CA GLU Y 329 21.53 97.66 12.85
C GLU Y 329 20.88 97.71 14.21
N THR Y 330 19.59 98.00 14.26
CA THR Y 330 18.75 97.88 15.45
C THR Y 330 17.94 96.60 15.45
N MET Y 331 17.43 96.19 14.29
CA MET Y 331 16.76 94.89 14.19
C MET Y 331 17.75 93.76 14.38
N SER Y 332 18.97 93.92 13.88
CA SER Y 332 19.98 92.88 14.04
C SER Y 332 20.43 92.77 15.48
N GLN Y 333 20.39 93.86 16.24
CA GLN Y 333 20.65 93.82 17.67
C GLN Y 333 19.40 93.49 18.46
N LEU Y 334 18.24 93.43 17.81
CA LEU Y 334 17.03 92.94 18.45
C LEU Y 334 16.81 91.46 18.20
N SER Y 335 17.18 90.97 17.02
CA SER Y 335 17.06 89.54 16.75
C SER Y 335 18.10 88.73 17.51
N SER Y 336 19.30 89.28 17.69
CA SER Y 336 20.35 88.55 18.38
C SER Y 336 20.05 88.45 19.87
N GLN Y 337 19.47 89.50 20.45
CA GLN Y 337 19.03 89.42 21.84
C GLN Y 337 17.78 88.56 21.97
N LYS Y 338 17.00 88.43 20.90
CA LYS Y 338 15.87 87.51 20.91
C LYS Y 338 16.34 86.06 20.95
N VAL Y 339 17.47 85.76 20.32
CA VAL Y 339 17.99 84.40 20.30
C VAL Y 339 18.50 84.00 21.67
N ASP Y 340 19.39 84.81 22.25
CA ASP Y 340 20.02 84.46 23.51
C ASP Y 340 19.09 84.64 24.69
N LEU Y 341 17.97 85.35 24.54
CA LEU Y 341 16.94 85.28 25.56
C LEU Y 341 16.23 83.94 25.51
N ASP Y 342 15.96 83.43 24.30
CA ASP Y 342 15.25 82.17 24.13
C ASP Y 342 16.02 80.97 24.64
N ILE Y 343 17.33 81.09 24.84
CA ILE Y 343 18.07 80.05 25.54
C ILE Y 343 17.69 80.06 27.02
N ILE Y 344 17.46 81.24 27.59
CA ILE Y 344 17.28 81.36 29.03
C ILE Y 344 15.94 80.80 29.47
N GLU Y 345 14.86 81.13 28.76
CA GLU Y 345 13.57 80.53 29.09
C GLU Y 345 13.53 79.05 28.77
N PHE Y 346 14.38 78.59 27.86
CA PHE Y 346 14.52 77.16 27.63
C PHE Y 346 15.15 76.48 28.83
N LEU Y 347 16.32 76.96 29.27
CA LEU Y 347 17.02 76.37 30.41
C LEU Y 347 16.27 76.57 31.72
N ASP Y 348 15.35 77.54 31.80
CA ASP Y 348 14.44 77.58 32.93
C ASP Y 348 13.45 76.43 32.87
N HIS Y 349 13.06 76.00 31.67
CA HIS Y 349 11.93 75.09 31.55
C HIS Y 349 12.31 73.67 31.93
N GLU Y 350 13.36 73.13 31.34
CA GLU Y 350 13.68 71.73 31.60
C GLU Y 350 14.29 71.50 32.96
N TYR Y 351 14.80 72.53 33.63
CA TYR Y 351 15.13 72.36 35.03
C TYR Y 351 13.85 72.20 35.86
N LYS Y 352 12.80 72.90 35.49
CA LYS Y 352 11.50 72.67 36.11
C LYS Y 352 10.89 71.34 35.68
N GLU Y 353 11.34 70.77 34.57
CA GLU Y 353 10.85 69.47 34.16
C GLU Y 353 11.41 68.35 35.03
N THR Y 354 12.69 68.45 35.40
CA THR Y 354 13.36 67.37 36.11
C THR Y 354 13.00 67.29 37.58
N ASP Y 355 12.19 68.22 38.09
CA ASP Y 355 11.77 68.30 39.50
C ASP Y 355 12.98 68.42 40.42
N ALA Y 356 13.98 69.21 39.97
CA ALA Y 356 15.19 69.55 40.72
C ALA Y 356 15.97 68.31 41.14
N LYS Y 357 16.41 67.54 40.15
CA LYS Y 357 17.23 66.37 40.44
C LYS Y 357 18.63 66.78 40.87
N TYR Y 358 19.10 67.94 40.45
CA TYR Y 358 20.39 68.48 40.86
C TYR Y 358 20.15 69.93 41.32
N HIS Y 359 19.78 70.07 42.58
CA HIS Y 359 19.55 71.39 43.17
C HIS Y 359 20.30 71.41 44.49
N PHE Y 360 21.56 71.81 44.44
CA PHE Y 360 22.42 71.88 45.61
C PHE Y 360 22.65 73.35 45.94
N SER Y 361 22.16 73.78 47.09
CA SER Y 361 22.28 75.16 47.50
C SER Y 361 23.67 75.45 48.04
N PHE Y 362 24.11 76.69 47.87
CA PHE Y 362 25.34 77.19 48.48
C PHE Y 362 25.02 78.51 49.15
N ASP Y 363 25.53 78.69 50.36
CA ASP Y 363 25.29 79.89 51.12
C ASP Y 363 26.56 80.75 51.13
N VAL Y 364 26.38 82.05 50.99
CA VAL Y 364 27.51 82.96 51.04
C VAL Y 364 27.75 83.44 52.47
N PHE Y 365 26.68 83.62 53.24
CA PHE Y 365 26.77 83.74 54.68
C PHE Y 365 27.35 82.44 55.23
N PRO Y 366 28.52 82.47 55.87
CA PRO Y 366 29.08 81.23 56.40
C PRO Y 366 28.30 80.76 57.60
N HIS Y 367 28.56 79.56 58.23
CA HIS Y 367 27.84 79.00 59.36
C HIS Y 367 28.36 79.61 60.66
N SER Y 368 27.59 79.40 61.73
CA SER Y 368 27.86 80.05 63.01
C SER Y 368 29.21 79.65 63.59
N ASP Y 369 29.60 78.40 63.39
CA ASP Y 369 30.94 77.96 63.78
C ASP Y 369 31.88 77.93 62.57
N TYR Y 370 32.03 79.09 61.92
CA TYR Y 370 33.08 79.20 60.90
C TYR Y 370 34.31 79.92 61.44
N SER Y 371 34.13 81.15 61.92
CA SER Y 371 35.17 81.91 62.64
C SER Y 371 36.45 82.10 61.82
N ALA Y 372 36.21 82.48 60.54
CA ALA Y 372 37.37 82.79 59.72
C ALA Y 372 36.95 83.84 58.70
N HIS Y 373 37.79 84.05 57.72
CA HIS Y 373 37.54 85.11 56.75
C HIS Y 373 36.47 84.65 55.76
N PRO Y 374 35.38 85.41 55.60
CA PRO Y 374 34.27 84.97 54.75
C PRO Y 374 34.59 84.93 53.27
N LYS Y 375 35.71 85.50 52.82
CA LYS Y 375 36.15 85.27 51.46
C LYS Y 375 36.60 83.83 51.27
N ASP Y 376 37.28 83.26 52.25
CA ASP Y 376 37.77 81.90 52.14
C ASP Y 376 36.64 80.87 52.20
N TRP Y 377 35.47 81.28 52.70
CA TRP Y 377 34.28 80.46 52.64
C TRP Y 377 33.77 80.33 51.20
N LEU Y 378 34.11 81.27 50.32
CA LEU Y 378 33.69 81.19 48.93
C LEU Y 378 34.53 80.21 48.11
N GLU Y 379 35.59 79.63 48.70
CA GLU Y 379 36.20 78.44 48.10
C GLU Y 379 35.21 77.27 48.07
N GLY Y 380 34.30 77.21 49.04
CA GLY Y 380 33.34 76.14 49.13
C GLY Y 380 32.30 76.12 48.03
N LEU Y 381 32.21 77.17 47.22
CA LEU Y 381 31.37 77.09 46.03
C LEU Y 381 31.94 76.12 45.01
N ARG Y 382 33.27 76.02 44.93
CA ARG Y 382 33.90 75.09 44.00
C ARG Y 382 33.78 73.64 44.43
N GLU Y 383 33.29 73.36 45.64
CA GLU Y 383 33.01 72.00 46.05
C GLU Y 383 31.54 71.63 46.00
N VAL Y 384 30.63 72.61 46.01
CA VAL Y 384 29.25 72.33 45.69
C VAL Y 384 29.07 72.14 44.20
N ILE Y 385 29.90 72.79 43.38
CA ILE Y 385 29.91 72.55 41.95
C ILE Y 385 30.36 71.13 41.64
N ASP Y 386 31.48 70.70 42.22
CA ASP Y 386 32.01 69.37 41.94
C ASP Y 386 31.20 68.27 42.59
N HIS Y 387 30.49 68.56 43.68
CA HIS Y 387 29.55 67.58 44.19
C HIS Y 387 28.33 67.47 43.31
N THR Y 388 27.89 68.58 42.70
CA THR Y 388 26.81 68.53 41.73
C THR Y 388 27.28 67.88 40.44
N THR Y 389 28.53 68.13 40.06
CA THR Y 389 29.08 67.57 38.83
C THR Y 389 29.19 66.06 38.91
N GLN Y 390 29.71 65.55 40.03
CA GLN Y 390 29.86 64.11 40.19
C GLN Y 390 28.51 63.39 40.33
N SER Y 391 27.49 64.09 40.83
CA SER Y 391 26.17 63.48 40.87
C SER Y 391 25.56 63.38 39.48
N MET Y 392 25.98 64.21 38.54
CA MET Y 392 25.53 64.11 37.16
C MET Y 392 26.39 63.21 36.30
N LYS Y 393 27.45 62.63 36.88
CA LYS Y 393 28.21 61.59 36.20
C LYS Y 393 28.00 60.23 36.84
N ASN Y 394 27.22 60.15 37.91
CA ASN Y 394 26.89 58.88 38.53
C ASN Y 394 25.50 58.40 38.18
N ASP Y 395 24.58 59.31 37.89
CA ASP Y 395 23.24 58.91 37.47
C ASP Y 395 23.12 58.75 35.97
N TYR Y 396 24.08 59.27 35.21
CA TYR Y 396 24.01 59.21 33.76
C TYR Y 396 25.20 58.51 33.13
N LYS Y 397 26.26 58.22 33.90
CA LYS Y 397 27.33 57.28 33.53
C LYS Y 397 28.12 57.73 32.31
N LEU Y 398 28.14 59.03 32.05
CA LEU Y 398 28.90 59.58 30.95
C LEU Y 398 30.14 60.28 31.48
N TYR Y 399 31.24 60.19 30.73
CA TYR Y 399 32.55 60.56 31.24
C TYR Y 399 33.34 61.44 30.26
N ASP Y 400 32.69 62.07 29.30
CA ASP Y 400 33.35 62.82 28.24
C ASP Y 400 32.73 64.20 28.10
N VAL Y 401 32.63 64.91 29.21
CA VAL Y 401 31.69 66.02 29.31
C VAL Y 401 32.48 67.33 29.32
N GLN Y 402 31.77 68.42 29.02
CA GLN Y 402 32.29 69.78 29.01
C GLN Y 402 31.30 70.67 29.76
N PHE Y 403 31.08 70.37 31.04
CA PHE Y 403 30.17 71.11 31.91
C PHE Y 403 30.42 72.61 31.84
N VAL Y 404 29.47 73.34 31.32
CA VAL Y 404 29.56 74.80 31.30
C VAL Y 404 28.74 75.32 32.47
N ILE Y 405 29.19 76.43 33.03
CA ILE Y 405 28.54 77.06 34.16
C ILE Y 405 28.05 78.41 33.66
N VAL Y 406 26.78 78.49 33.31
CA VAL Y 406 26.20 79.77 32.91
C VAL Y 406 25.48 80.34 34.12
N GLY Y 407 25.58 81.65 34.29
CA GLY Y 407 25.04 82.30 35.46
C GLY Y 407 25.40 83.78 35.45
N ASN Y 408 24.83 84.48 36.42
CA ASN Y 408 25.05 85.91 36.55
C ASN Y 408 26.50 86.18 36.91
N PRO Y 409 27.11 87.23 36.36
CA PRO Y 409 28.52 87.52 36.68
C PRO Y 409 28.74 88.02 38.09
N LEU Y 410 27.69 88.36 38.84
CA LEU Y 410 27.82 88.52 40.28
C LEU Y 410 28.16 87.19 40.93
N ASP Y 411 27.55 86.10 40.46
CA ASP Y 411 27.80 84.80 41.02
C ASP Y 411 28.97 84.10 40.36
N VAL Y 412 29.31 84.48 39.13
CA VAL Y 412 30.53 83.99 38.50
C VAL Y 412 31.74 84.59 39.22
N ARG Y 413 31.59 85.79 39.77
CA ARG Y 413 32.65 86.45 40.54
C ARG Y 413 33.04 85.67 41.79
N LEU Y 414 32.11 84.87 42.34
CA LEU Y 414 32.42 84.12 43.55
C LEU Y 414 33.35 82.94 43.29
N ILE Y 415 33.55 82.55 42.04
CA ILE Y 415 34.40 81.40 41.73
C ILE Y 415 35.90 81.73 41.79
N PRO Y 416 36.47 82.73 41.04
CA PRO Y 416 37.93 82.82 41.02
C PRO Y 416 38.54 83.44 42.27
N ASN Y 417 37.86 84.44 42.84
CA ASN Y 417 38.29 85.17 44.03
C ASN Y 417 39.68 85.80 43.86
N VAL Y 418 39.85 86.50 42.74
CA VAL Y 418 41.13 87.11 42.42
C VAL Y 418 41.31 88.37 43.27
N SER Y 419 42.46 88.48 43.92
CA SER Y 419 42.76 89.59 44.81
C SER Y 419 43.00 90.88 44.01
N TRP Y 420 43.11 91.98 44.74
CA TRP Y 420 43.32 93.27 44.12
C TRP Y 420 44.80 93.50 43.86
N THR Y 421 45.09 94.23 42.78
CA THR Y 421 46.46 94.60 42.43
C THR Y 421 46.53 96.11 42.35
N PHE Y 422 47.41 96.71 43.15
CA PHE Y 422 47.52 98.16 43.24
C PHE Y 422 48.71 98.67 42.43
N ASN Y 423 48.60 99.93 42.02
CA ASN Y 423 49.71 100.66 41.40
C ASN Y 423 49.51 102.14 41.68
N GLY Y 424 50.32 102.97 41.02
CA GLY Y 424 50.26 104.40 41.25
C GLY Y 424 49.04 105.00 40.59
N GLY Y 425 48.20 105.68 41.37
CA GLY Y 425 47.01 106.31 40.81
C GLY Y 425 47.36 107.59 40.06
N ASP Y 426 46.88 107.66 38.82
CA ASP Y 426 47.11 108.81 37.96
C ASP Y 426 46.00 108.83 36.90
N ARG Y 427 46.19 109.64 35.87
CA ARG Y 427 45.24 109.71 34.78
C ARG Y 427 45.87 109.61 33.40
N ASN Y 428 47.18 109.87 33.27
CA ASN Y 428 47.84 109.65 31.99
C ASN Y 428 48.00 108.17 31.69
N ALA Y 429 48.07 107.32 32.71
CA ALA Y 429 48.18 105.88 32.57
C ALA Y 429 46.84 105.21 32.85
N ASP Y 430 45.77 105.85 32.40
CA ASP Y 430 44.42 105.36 32.67
C ASP Y 430 44.11 104.14 31.81
N ALA Y 431 43.54 103.11 32.43
CA ALA Y 431 43.19 101.87 31.75
C ALA Y 431 41.70 101.64 31.98
N TYR Y 432 40.89 101.91 30.95
CA TYR Y 432 39.44 101.83 31.06
C TYR Y 432 39.00 100.38 30.91
N SER Y 433 39.14 99.63 32.01
CA SER Y 433 38.84 98.19 32.09
C SER Y 433 39.57 97.39 31.01
N ASN Y 434 40.89 97.45 31.04
CA ASN Y 434 41.69 96.81 30.00
C ASN Y 434 41.71 95.31 30.17
N GLY Y 435 42.24 94.82 31.30
CA GLY Y 435 42.45 93.40 31.46
C GLY Y 435 41.36 92.66 32.20
N ILE Y 436 40.14 93.15 32.13
CA ILE Y 436 39.01 92.49 32.77
C ILE Y 436 38.29 91.65 31.72
N LYS Y 437 38.42 90.33 31.85
CA LYS Y 437 37.60 89.40 31.09
C LYS Y 437 37.15 88.21 31.91
N ILE Y 438 37.70 87.99 33.10
CA ILE Y 438 37.55 86.73 33.82
C ILE Y 438 36.33 86.75 34.72
N ASN Y 439 35.46 87.74 34.54
CA ASN Y 439 34.16 87.74 35.19
C ASN Y 439 33.04 87.44 34.22
N TYR Y 440 33.37 87.12 32.97
CA TYR Y 440 32.36 86.87 31.95
C TYR Y 440 32.61 85.55 31.24
N SER Y 441 33.88 85.15 31.12
CA SER Y 441 34.22 83.92 30.42
C SER Y 441 35.56 83.43 30.93
N LEU Y 442 35.58 82.26 31.55
CA LEU Y 442 36.82 81.71 32.07
C LEU Y 442 36.72 80.20 32.11
N GLY Y 443 37.87 79.54 31.97
CA GLY Y 443 37.94 78.10 32.05
C GLY Y 443 38.40 77.67 33.43
N ALA Y 444 38.09 76.41 33.76
CA ALA Y 444 38.39 75.90 35.09
C ALA Y 444 38.58 74.40 34.99
N ALA Y 445 39.82 73.93 35.09
CA ALA Y 445 40.11 72.50 35.06
C ALA Y 445 40.15 72.00 36.49
N SER Y 446 39.03 71.50 36.97
CA SER Y 446 38.94 70.97 38.33
C SER Y 446 39.49 69.55 38.37
N GLY Y 447 39.31 68.87 39.49
CA GLY Y 447 39.72 67.50 39.59
C GLY Y 447 38.73 66.48 39.11
N THR Y 448 37.45 66.86 39.01
CA THR Y 448 36.42 65.95 38.56
C THR Y 448 35.85 66.31 37.18
N ALA Y 449 36.16 67.49 36.65
CA ALA Y 449 35.59 67.90 35.39
C ALA Y 449 36.47 68.96 34.75
N ASN Y 450 36.02 69.46 33.61
CA ASN Y 450 36.60 70.64 32.97
C ASN Y 450 35.45 71.61 32.72
N TYR Y 451 35.69 72.90 32.96
CA TYR Y 451 34.61 73.86 32.94
C TYR Y 451 34.88 74.97 31.93
N ARG Y 452 33.79 75.57 31.46
CA ARG Y 452 33.81 76.66 30.50
C ARG Y 452 32.82 77.73 30.95
N ILE Y 453 33.01 78.21 32.18
CA ILE Y 453 32.11 79.15 32.87
C ILE Y 453 31.83 80.37 32.02
N ILE Y 454 30.55 80.73 31.92
CA ILE Y 454 30.07 81.81 31.07
C ILE Y 454 29.23 82.76 31.93
N GLY Y 455 29.62 84.03 31.96
CA GLY Y 455 28.88 85.05 32.66
C GLY Y 455 28.23 86.01 31.66
N SER Y 456 26.92 86.21 31.84
CA SER Y 456 26.17 87.12 30.99
C SER Y 456 25.17 87.89 31.84
N ASP Y 457 24.91 89.14 31.45
CA ASP Y 457 24.08 90.01 32.28
C ASP Y 457 22.61 89.67 32.21
N LEU Y 458 22.19 88.91 31.20
CA LEU Y 458 20.76 88.71 30.96
C LEU Y 458 20.13 87.73 31.93
N VAL Y 459 20.88 86.73 32.37
CA VAL Y 459 20.35 85.72 33.28
C VAL Y 459 20.19 86.34 34.67
N ARG Y 460 19.14 85.93 35.37
CA ARG Y 460 18.85 86.44 36.70
C ARG Y 460 19.96 86.07 37.69
N GLN Y 461 20.08 86.90 38.72
CA GLN Y 461 21.07 86.66 39.77
C GLN Y 461 20.46 85.79 40.86
N GLY Y 462 21.32 85.03 41.52
CA GLY Y 462 20.90 84.11 42.55
C GLY Y 462 20.85 82.67 42.15
N GLU Y 463 21.34 82.33 40.94
CA GLU Y 463 21.32 80.96 40.47
C GLU Y 463 22.65 80.68 39.77
N LEU Y 464 22.89 79.41 39.50
CA LEU Y 464 24.02 78.98 38.70
C LEU Y 464 23.62 77.70 37.99
N THR Y 465 23.67 77.71 36.66
CA THR Y 465 23.18 76.61 35.85
C THR Y 465 24.34 75.82 35.27
N ILE Y 466 24.32 74.51 35.50
CA ILE Y 466 25.33 73.59 34.97
C ILE Y 466 24.70 72.83 33.81
N ILE Y 467 25.38 72.81 32.67
CA ILE Y 467 24.88 72.15 31.47
C ILE Y 467 25.92 71.14 31.01
N ALA Y 468 25.53 69.88 30.92
CA ALA Y 468 26.44 68.83 30.51
C ALA Y 468 26.48 68.75 28.99
N ILE Y 469 27.69 68.76 28.42
CA ILE Y 469 27.88 68.70 26.97
C ILE Y 469 28.76 67.50 26.64
N PRO Y 470 28.22 66.43 26.09
CA PRO Y 470 29.03 65.24 25.80
C PRO Y 470 29.93 65.46 24.59
N GLN Y 471 30.90 64.55 24.45
CA GLN Y 471 31.88 64.63 23.38
C GLN Y 471 31.48 63.83 22.16
N GLN Y 472 30.99 62.61 22.35
CA GLN Y 472 30.63 61.75 21.24
C GLN Y 472 29.25 62.13 20.70
N ASP Y 473 29.02 61.79 19.43
CA ASP Y 473 27.76 62.13 18.78
C ASP Y 473 26.65 61.16 19.10
N ASN Y 474 26.95 60.03 19.73
CA ASN Y 474 25.93 59.04 20.09
C ASN Y 474 25.18 59.40 21.36
N TYR Y 475 25.37 60.60 21.88
CA TYR Y 475 24.64 61.06 23.05
C TYR Y 475 24.54 62.58 22.96
N LYS Y 476 23.34 63.10 23.08
CA LYS Y 476 23.10 64.53 22.98
C LYS Y 476 22.13 64.93 24.07
N THR Y 477 22.52 65.91 24.88
CA THR Y 477 21.65 66.43 25.92
C THR Y 477 20.88 67.66 25.44
N PHE Y 478 21.60 68.66 24.95
CA PHE Y 478 21.00 69.87 24.42
C PHE Y 478 21.67 70.20 23.11
N MET Y 479 20.90 70.83 22.21
CA MET Y 479 21.44 71.22 20.92
C MET Y 479 20.67 72.43 20.42
N PHE Y 480 21.40 73.39 19.86
CA PHE Y 480 20.81 74.57 19.26
C PHE Y 480 20.71 74.38 17.75
N TYR Y 481 19.55 74.72 17.20
CA TYR Y 481 19.22 74.46 15.80
C TYR Y 481 18.85 75.75 15.10
N PRO Y 482 19.82 76.44 14.50
CA PRO Y 482 19.51 77.62 13.69
C PRO Y 482 19.13 77.21 12.27
N TYR Y 483 17.88 77.47 11.89
CA TYR Y 483 17.43 77.02 10.58
C TYR Y 483 17.91 77.95 9.48
N THR Y 484 17.46 79.20 9.49
CA THR Y 484 17.81 80.14 8.43
C THR Y 484 17.66 81.57 8.94
N PHE Y 485 18.20 82.50 8.16
CA PHE Y 485 18.21 83.92 8.49
C PHE Y 485 17.87 84.70 7.24
N ASN Y 486 16.70 85.32 7.21
CA ASN Y 486 16.15 85.90 6.00
C ASN Y 486 16.04 87.41 6.14
N VAL Y 487 16.56 88.13 5.15
CA VAL Y 487 16.48 89.58 5.06
C VAL Y 487 15.95 89.94 3.68
N VAL Y 488 14.82 90.65 3.64
CA VAL Y 488 14.24 91.12 2.39
C VAL Y 488 13.99 92.62 2.49
N ASN Y 489 14.23 93.34 1.41
CA ASN Y 489 14.01 94.78 1.35
C ASN Y 489 12.77 95.03 0.50
N GLY Y 490 11.61 95.00 1.14
CA GLY Y 490 10.36 95.15 0.42
C GLY Y 490 10.04 93.92 -0.39
N GLY Y 491 10.17 94.02 -1.72
CA GLY Y 491 9.95 92.88 -2.60
C GLY Y 491 8.53 92.40 -2.66
N GLY Y 492 7.56 93.26 -2.33
CA GLY Y 492 6.17 92.90 -2.27
C GLY Y 492 5.65 92.73 -0.86
N TYR Y 493 6.55 92.55 0.11
CA TYR Y 493 6.14 92.42 1.50
C TYR Y 493 5.72 93.78 2.04
N LEU Y 494 4.47 93.87 2.49
CA LEU Y 494 3.94 95.14 2.96
C LEU Y 494 4.20 95.29 4.46
N ASN Y 495 3.57 96.29 5.06
CA ASN Y 495 3.67 96.57 6.48
C ASN Y 495 2.37 96.20 7.17
N THR Y 496 2.47 95.97 8.47
CA THR Y 496 1.30 95.56 9.25
C THR Y 496 0.31 96.71 9.44
N ARG Y 497 0.76 97.80 10.05
CA ARG Y 497 -0.14 98.88 10.42
C ARG Y 497 -0.17 100.02 9.41
N ASN Y 498 0.77 100.06 8.46
CA ASN Y 498 0.80 101.12 7.46
C ASN Y 498 1.33 100.57 6.15
N PRO Y 499 0.48 99.88 5.39
CA PRO Y 499 0.98 99.19 4.18
C PRO Y 499 1.27 100.11 3.01
N ASN Y 500 0.88 101.39 3.06
CA ASN Y 500 1.10 102.31 1.95
C ASN Y 500 2.56 102.75 1.82
N VAL Y 501 3.39 102.45 2.81
CA VAL Y 501 4.74 102.99 2.93
C VAL Y 501 5.70 101.84 2.64
N PRO Y 502 6.89 102.08 2.10
CA PRO Y 502 7.85 100.98 1.90
C PRO Y 502 8.31 100.35 3.20
N ASN Y 503 9.04 99.25 3.06
CA ASN Y 503 9.34 98.39 4.18
C ASN Y 503 10.65 97.65 3.94
N MET Y 504 11.34 97.35 5.04
CA MET Y 504 12.46 96.42 5.05
C MET Y 504 12.22 95.41 6.16
N MET Y 505 12.64 94.16 5.94
CA MET Y 505 12.18 93.08 6.79
C MET Y 505 13.32 92.11 7.09
N MET Y 506 13.29 91.56 8.30
CA MET Y 506 14.28 90.61 8.74
C MET Y 506 13.61 89.59 9.64
N THR Y 507 13.91 88.31 9.41
CA THR Y 507 13.39 87.26 10.28
C THR Y 507 14.45 86.17 10.41
N ARG Y 508 14.29 85.35 11.46
CA ARG Y 508 15.24 84.28 11.73
C ARG Y 508 14.50 83.21 12.52
N ARG Y 509 14.28 82.06 11.90
CA ARG Y 509 13.58 80.95 12.54
C ARG Y 509 14.59 79.93 13.03
N TYR Y 510 14.33 79.37 14.21
CA TYR Y 510 15.26 78.46 14.86
C TYR Y 510 14.49 77.66 15.89
N THR Y 511 15.17 76.69 16.50
CA THR Y 511 14.64 76.01 17.67
C THR Y 511 15.79 75.49 18.50
N VAL Y 512 15.46 75.07 19.72
CA VAL Y 512 16.40 74.42 20.62
C VAL Y 512 15.63 73.37 21.40
N GLU Y 513 16.22 72.19 21.58
CA GLU Y 513 15.48 71.08 22.14
C GLU Y 513 16.35 70.24 23.06
N SER Y 514 15.70 69.59 24.01
CA SER Y 514 16.33 68.82 25.07
C SER Y 514 16.01 67.34 24.85
N PHE Y 515 16.99 66.58 24.37
CA PHE Y 515 16.79 65.14 24.22
C PHE Y 515 16.77 64.45 25.57
N VAL Y 516 17.86 64.57 26.34
CA VAL Y 516 17.89 64.14 27.72
C VAL Y 516 18.33 65.32 28.58
N PRO Y 517 17.60 65.69 29.63
CA PRO Y 517 17.98 66.86 30.42
C PRO Y 517 18.99 66.51 31.50
N ILE Y 518 20.21 67.02 31.35
CA ILE Y 518 21.20 67.00 32.42
C ILE Y 518 21.52 68.44 32.78
N ILE Y 519 20.81 68.99 33.76
CA ILE Y 519 20.95 70.39 34.12
C ILE Y 519 20.95 70.51 35.63
N GLY Y 520 21.96 71.20 36.17
CA GLY Y 520 22.09 71.39 37.60
C GLY Y 520 21.88 72.85 37.95
N ARG Y 521 21.43 73.09 39.18
CA ARG Y 521 21.09 74.43 39.63
C ARG Y 521 21.68 74.67 41.02
N ILE Y 522 22.63 75.59 41.10
CA ILE Y 522 23.25 75.97 42.37
C ILE Y 522 22.55 77.23 42.86
N THR Y 523 21.67 77.07 43.84
CA THR Y 523 21.01 78.23 44.43
C THR Y 523 22.00 78.91 45.36
N ILE Y 524 22.57 80.02 44.89
CA ILE Y 524 23.49 80.80 45.70
C ILE Y 524 22.68 81.73 46.60
N LYS Y 525 22.77 81.52 47.89
CA LYS Y 525 21.91 82.17 48.86
C LYS Y 525 22.66 83.32 49.52
N ASN Y 526 21.93 84.44 49.73
CA ASN Y 526 22.40 85.63 50.43
C ASN Y 526 23.65 86.21 49.79
N ASN Y 527 23.50 86.65 48.53
CA ASN Y 527 24.59 87.26 47.78
C ASN Y 527 24.39 88.76 47.60
N ASN Y 528 23.57 89.38 48.43
CA ASN Y 528 23.22 90.79 48.23
C ASN Y 528 24.16 91.73 48.96
N GLY Y 529 25.47 91.50 48.81
CA GLY Y 529 26.52 92.32 49.40
C GLY Y 529 26.51 92.54 50.90
N SER Y 530 25.72 91.77 51.64
CA SER Y 530 25.48 92.03 53.05
C SER Y 530 26.20 91.02 53.94
N VAL Y 531 27.31 90.46 53.46
CA VAL Y 531 28.11 89.56 54.27
C VAL Y 531 28.77 90.32 55.40
N TYR Y 532 29.33 91.49 55.10
CA TYR Y 532 30.07 92.30 56.05
C TYR Y 532 29.22 93.39 56.67
N ALA Y 533 27.92 93.14 56.83
CA ALA Y 533 27.05 94.12 57.46
C ALA Y 533 26.05 93.47 58.40
N ARG Y 534 26.23 92.21 58.76
CA ARG Y 534 25.31 91.52 59.66
C ARG Y 534 25.51 91.99 61.10
N MET Z 81 -35.88 164.16 -89.50
CA MET Z 81 -37.06 165.00 -89.44
C MET Z 81 -38.24 164.30 -88.81
N GLY Z 82 -39.44 164.71 -89.22
CA GLY Z 82 -40.67 164.15 -88.71
C GLY Z 82 -40.95 162.72 -89.17
N PRO Z 83 -41.25 162.53 -90.46
CA PRO Z 83 -41.69 161.19 -90.90
C PRO Z 83 -40.58 160.16 -91.01
N ILE Z 84 -39.31 160.57 -90.93
CA ILE Z 84 -38.23 159.59 -90.95
C ILE Z 84 -38.20 158.87 -89.62
N GLN Z 85 -38.36 157.55 -89.65
CA GLN Z 85 -38.45 156.84 -88.38
C GLN Z 85 -37.06 156.67 -87.77
N PRO Z 86 -36.94 156.76 -86.44
CA PRO Z 86 -35.62 156.70 -85.83
C PRO Z 86 -35.12 155.28 -85.62
N TYR Z 87 -33.95 154.99 -86.19
CA TYR Z 87 -33.30 153.70 -85.99
C TYR Z 87 -32.20 153.86 -84.94
N ALA Z 88 -32.34 153.14 -83.84
CA ALA Z 88 -31.37 153.19 -82.75
C ALA Z 88 -30.30 152.12 -82.96
N SER Z 89 -29.04 152.54 -82.94
CA SER Z 89 -27.93 151.63 -83.16
C SER Z 89 -27.63 150.86 -81.87
N LEU Z 90 -26.49 150.15 -81.85
CA LEU Z 90 -26.14 149.30 -80.72
C LEU Z 90 -24.73 149.64 -80.26
N SER Z 91 -24.61 150.05 -78.99
CA SER Z 91 -23.31 150.34 -78.41
C SER Z 91 -22.62 149.05 -77.97
N MET Z 92 -21.42 148.82 -78.50
CA MET Z 92 -20.75 147.53 -78.39
C MET Z 92 -20.20 147.15 -77.00
N PRO Z 93 -19.66 148.07 -76.15
CA PRO Z 93 -19.32 147.63 -74.79
C PRO Z 93 -20.55 147.46 -73.91
N ILE Z 94 -21.15 146.28 -73.94
CA ILE Z 94 -22.40 146.04 -73.24
C ILE Z 94 -22.16 146.02 -71.73
N LEU Z 95 -23.09 146.63 -70.99
CA LEU Z 95 -22.89 146.88 -69.57
C LEU Z 95 -23.11 145.62 -68.76
N VAL Z 96 -22.30 145.45 -67.73
CA VAL Z 96 -22.39 144.28 -66.86
C VAL Z 96 -22.76 144.73 -65.46
N LYS Z 97 -23.10 143.76 -64.61
CA LYS Z 97 -23.22 143.98 -63.18
C LYS Z 97 -21.91 143.61 -62.50
N LEU Z 98 -21.72 144.13 -61.30
CA LEU Z 98 -20.48 143.94 -60.56
C LEU Z 98 -20.81 143.31 -59.21
N TRP Z 99 -20.44 142.04 -59.04
CA TRP Z 99 -20.64 141.42 -57.75
C TRP Z 99 -19.50 141.77 -56.81
N ALA Z 100 -19.65 141.39 -55.55
CA ALA Z 100 -18.74 141.82 -54.50
C ALA Z 100 -17.40 141.10 -54.60
N ARG Z 101 -16.43 141.59 -53.85
CA ARG Z 101 -15.09 141.04 -53.83
C ARG Z 101 -14.95 140.09 -52.65
N LEU Z 102 -14.29 138.97 -52.88
CA LEU Z 102 -14.25 137.87 -51.92
C LEU Z 102 -12.87 137.73 -51.30
N ALA Z 103 -12.79 137.87 -49.98
CA ALA Z 103 -11.53 137.68 -49.27
C ALA Z 103 -11.70 136.95 -47.95
N LEU Z 104 -12.90 136.50 -47.61
CA LEU Z 104 -13.14 135.84 -46.33
C LEU Z 104 -12.66 134.40 -46.29
N THR Z 105 -12.32 133.82 -47.44
CA THR Z 105 -11.71 132.49 -47.45
C THR Z 105 -10.29 132.51 -46.91
N GLU Z 106 -9.64 133.67 -46.93
CA GLU Z 106 -8.32 133.83 -46.35
C GLU Z 106 -8.34 134.00 -44.84
N ALA Z 107 -9.53 134.16 -44.24
CA ALA Z 107 -9.61 134.35 -42.80
C ALA Z 107 -9.31 133.05 -42.06
N LEU Z 108 -10.11 132.04 -42.28
CA LEU Z 108 -9.94 130.81 -41.52
C LEU Z 108 -8.84 129.95 -42.12
N PRO Z 109 -8.09 129.23 -41.29
CA PRO Z 109 -7.14 128.26 -41.83
C PRO Z 109 -7.88 127.10 -42.48
N THR Z 110 -7.22 126.48 -43.46
CA THR Z 110 -7.93 125.59 -44.36
C THR Z 110 -7.03 124.44 -44.78
N GLN Z 111 -7.43 123.22 -44.43
CA GLN Z 111 -6.83 122.01 -44.96
C GLN Z 111 -7.97 121.20 -45.58
N VAL Z 112 -7.77 120.76 -46.82
CA VAL Z 112 -8.83 120.07 -47.54
C VAL Z 112 -9.06 118.69 -46.94
N ALA Z 113 -10.32 118.27 -46.93
CA ALA Z 113 -10.69 116.97 -46.37
C ALA Z 113 -10.48 115.91 -47.44
N ASN Z 114 -9.65 114.92 -47.12
CA ASN Z 114 -9.48 113.78 -48.02
C ASN Z 114 -10.53 112.71 -47.80
N LYS Z 115 -11.39 112.87 -46.79
CA LYS Z 115 -12.49 111.97 -46.52
C LYS Z 115 -13.68 112.82 -46.13
N PRO Z 116 -14.90 112.40 -46.47
CA PRO Z 116 -16.09 113.17 -46.09
C PRO Z 116 -16.51 113.01 -44.64
N ASN Z 117 -15.79 112.21 -43.85
CA ASN Z 117 -16.14 112.01 -42.45
C ASN Z 117 -14.90 111.60 -41.68
N PHE Z 118 -14.58 112.33 -40.62
CA PHE Z 118 -13.53 111.93 -39.71
C PHE Z 118 -13.83 112.50 -38.33
N THR Z 119 -12.97 112.16 -37.37
CA THR Z 119 -13.11 112.61 -35.99
C THR Z 119 -11.80 113.21 -35.51
N VAL Z 120 -11.90 113.98 -34.43
CA VAL Z 120 -10.72 114.49 -33.73
C VAL Z 120 -10.82 114.06 -32.27
N PRO Z 121 -9.74 113.61 -31.66
CA PRO Z 121 -9.77 113.35 -30.22
C PRO Z 121 -9.31 114.58 -29.44
N ILE Z 122 -9.77 114.64 -28.18
CA ILE Z 122 -9.30 115.67 -27.27
C ILE Z 122 -8.90 115.03 -25.95
N LEU Z 123 -7.64 115.20 -25.56
CA LEU Z 123 -7.13 114.66 -24.32
C LEU Z 123 -7.32 115.66 -23.19
N THR Z 124 -7.95 115.23 -22.11
CA THR Z 124 -8.08 116.12 -20.95
C THR Z 124 -7.78 115.37 -19.65
N PRO Z 125 -6.87 115.88 -18.83
CA PRO Z 125 -6.58 115.26 -17.54
C PRO Z 125 -7.63 115.65 -16.49
N TYR Z 126 -7.51 115.01 -15.33
CA TYR Z 126 -8.48 115.21 -14.26
C TYR Z 126 -7.78 115.15 -12.91
N VAL Z 127 -8.51 115.53 -11.87
CA VAL Z 127 -8.16 115.23 -10.48
C VAL Z 127 -9.41 114.70 -9.80
N VAL Z 128 -9.21 113.90 -8.76
CA VAL Z 128 -10.31 113.12 -8.21
C VAL Z 128 -10.99 113.75 -6.99
N ASP Z 129 -10.36 114.74 -6.33
CA ASP Z 129 -10.89 115.49 -5.19
C ASP Z 129 -11.11 114.61 -3.95
N ALA Z 130 -10.63 113.35 -3.98
CA ALA Z 130 -10.71 112.35 -2.90
C ALA Z 130 -12.14 112.08 -2.42
N ASP Z 131 -13.14 112.30 -3.26
CA ASP Z 131 -14.51 111.94 -2.89
C ASP Z 131 -15.29 111.38 -4.09
N GLY Z 132 -14.60 110.86 -5.10
CA GLY Z 132 -15.27 110.29 -6.25
C GLY Z 132 -15.42 111.21 -7.45
N ASN Z 133 -16.10 112.34 -7.28
CA ASN Z 133 -16.37 113.21 -8.42
C ASN Z 133 -15.11 113.93 -8.87
N LYS Z 134 -14.92 114.00 -10.19
CA LYS Z 134 -13.69 114.54 -10.75
C LYS Z 134 -13.93 115.88 -11.42
N HIS Z 135 -12.85 116.64 -11.57
CA HIS Z 135 -12.89 117.94 -12.20
C HIS Z 135 -11.81 117.99 -13.27
N ALA Z 136 -12.04 118.82 -14.28
CA ALA Z 136 -11.07 118.98 -15.36
C ALA Z 136 -9.84 119.70 -14.84
N LEU Z 137 -8.67 119.21 -15.22
CA LEU Z 137 -7.45 119.67 -14.58
C LEU Z 137 -6.97 121.05 -15.02
N PRO Z 138 -6.73 121.38 -16.28
CA PRO Z 138 -6.11 122.67 -16.57
C PRO Z 138 -7.06 123.86 -16.50
N GLU Z 139 -8.29 123.66 -16.04
CA GLU Z 139 -9.23 124.75 -15.84
C GLU Z 139 -9.48 125.05 -14.38
N SER Z 140 -9.54 124.04 -13.52
CA SER Z 140 -10.00 124.23 -12.15
C SER Z 140 -8.86 124.54 -11.18
N ILE Z 141 -7.67 124.82 -11.69
CA ILE Z 141 -6.58 125.28 -10.84
C ILE Z 141 -6.11 126.64 -11.34
N ASN Z 142 -7.05 127.42 -11.87
CA ASN Z 142 -6.75 128.77 -12.31
C ASN Z 142 -7.40 129.83 -11.45
N ASN Z 143 -8.01 129.44 -10.33
CA ASN Z 143 -8.65 130.38 -9.42
C ASN Z 143 -7.86 130.47 -8.13
N THR Z 144 -8.15 131.52 -7.36
CA THR Z 144 -7.34 131.79 -6.16
C THR Z 144 -7.64 130.86 -4.97
N PRO Z 145 -8.92 130.60 -4.53
CA PRO Z 145 -9.08 129.57 -3.49
C PRO Z 145 -9.08 128.18 -4.10
N GLU Z 146 -8.01 127.44 -3.87
CA GLU Z 146 -7.77 126.17 -4.54
C GLU Z 146 -7.76 125.06 -3.50
N THR Z 147 -8.94 124.55 -3.16
CA THR Z 147 -9.08 123.48 -2.19
C THR Z 147 -9.21 122.13 -2.90
N LEU Z 148 -8.23 121.82 -3.75
CA LEU Z 148 -8.23 120.53 -4.44
C LEU Z 148 -7.01 119.70 -4.09
N VAL Z 149 -5.80 120.24 -4.25
CA VAL Z 149 -4.59 119.46 -4.11
C VAL Z 149 -3.80 119.85 -2.86
N GLY Z 150 -4.37 120.69 -2.01
CA GLY Z 150 -3.73 121.01 -0.76
C GLY Z 150 -3.93 119.94 0.29
N LEU Z 151 -3.10 119.98 1.33
CA LEU Z 151 -3.14 119.01 2.41
C LEU Z 151 -4.47 119.09 3.16
N VAL Z 152 -4.87 117.96 3.75
CA VAL Z 152 -6.15 117.87 4.42
C VAL Z 152 -6.10 118.69 5.71
N GLN Z 153 -7.13 119.50 5.92
CA GLN Z 153 -7.15 120.47 7.00
C GLN Z 153 -8.04 119.99 8.13
N ILE Z 154 -7.58 120.20 9.36
CA ILE Z 154 -8.31 119.81 10.55
C ILE Z 154 -9.43 120.80 10.78
N LYS Z 155 -10.35 120.47 11.70
CA LYS Z 155 -11.44 121.38 12.04
C LYS Z 155 -10.91 122.63 12.72
N GLU Z 156 -11.47 123.78 12.35
CA GLU Z 156 -10.92 125.05 12.80
C GLU Z 156 -11.36 125.37 14.22
N ASP Z 157 -12.66 125.26 14.50
CA ASP Z 157 -13.21 125.71 15.77
C ASP Z 157 -12.87 124.72 16.88
N ILE Z 158 -12.32 125.24 17.97
CA ILE Z 158 -11.98 124.44 19.16
C ILE Z 158 -12.48 125.22 20.37
N ALA Z 159 -13.46 124.67 21.08
CA ALA Z 159 -13.94 125.31 22.30
C ALA Z 159 -12.98 124.99 23.44
N VAL Z 160 -12.51 126.03 24.13
CA VAL Z 160 -11.53 125.84 25.20
C VAL Z 160 -12.14 126.31 26.50
N GLU Z 161 -13.45 126.07 26.66
CA GLU Z 161 -14.25 126.59 27.76
C GLU Z 161 -13.69 126.21 29.12
N GLY Z 162 -13.88 127.10 30.09
CA GLY Z 162 -13.21 126.99 31.36
C GLY Z 162 -11.80 127.55 31.36
N GLY Z 163 -11.35 128.10 30.25
CA GLY Z 163 -10.02 128.67 30.15
C GLY Z 163 -8.96 127.73 29.63
N LYS Z 164 -9.28 126.45 29.45
CA LYS Z 164 -8.27 125.46 29.08
C LYS Z 164 -8.94 124.23 28.51
N VAL Z 165 -8.15 123.43 27.80
CA VAL Z 165 -8.52 122.06 27.48
C VAL Z 165 -7.52 121.12 28.13
N THR Z 166 -7.98 119.90 28.37
CA THR Z 166 -7.14 118.82 28.89
C THR Z 166 -7.09 117.76 27.79
N ASP Z 167 -6.09 117.88 26.91
CA ASP Z 167 -5.86 116.98 25.78
C ASP Z 167 -7.06 116.92 24.84
N TYR Z 168 -7.35 118.06 24.23
CA TYR Z 168 -8.36 118.12 23.19
C TYR Z 168 -7.80 117.54 21.91
N ASP Z 169 -8.54 116.61 21.32
CA ASP Z 169 -8.07 115.93 20.12
C ASP Z 169 -8.13 116.86 18.91
N LEU Z 170 -7.05 116.89 18.14
CA LEU Z 170 -6.94 117.74 16.97
C LEU Z 170 -7.41 117.04 15.70
N PHE Z 171 -7.96 115.84 15.81
CA PHE Z 171 -8.47 115.11 14.67
C PHE Z 171 -9.98 114.93 14.72
N THR Z 172 -10.66 115.67 15.58
CA THR Z 172 -12.10 115.54 15.72
C THR Z 172 -12.81 116.15 14.51
N GLY Z 173 -13.67 115.36 13.88
CA GLY Z 173 -14.39 115.82 12.71
C GLY Z 173 -13.90 115.17 11.43
N LEU Z 174 -12.59 114.97 11.33
CA LEU Z 174 -12.03 114.28 10.18
C LEU Z 174 -12.38 112.80 10.27
N LYS Z 175 -13.13 112.30 9.29
CA LYS Z 175 -13.59 110.92 9.35
C LYS Z 175 -12.46 109.96 8.98
N GLU Z 176 -12.60 108.73 9.46
CA GLU Z 176 -11.54 107.74 9.34
C GLU Z 176 -11.36 107.27 7.91
N GLY Z 177 -10.22 106.63 7.66
CA GLY Z 177 -9.99 106.01 6.37
C GLY Z 177 -9.23 106.89 5.39
N LYS Z 178 -9.95 107.53 4.49
CA LYS Z 178 -9.34 108.26 3.39
C LYS Z 178 -8.72 109.58 3.79
N GLU Z 179 -8.95 110.06 5.01
CA GLU Z 179 -8.37 111.32 5.46
C GLU Z 179 -7.30 111.11 6.53
N VAL Z 180 -7.66 110.45 7.62
CA VAL Z 180 -6.77 110.30 8.77
C VAL Z 180 -6.89 108.88 9.29
N ARG Z 181 -5.79 108.36 9.84
CA ARG Z 181 -5.78 107.06 10.48
C ARG Z 181 -5.32 107.24 11.91
N LYS Z 182 -6.22 107.00 12.86
CA LYS Z 182 -5.99 107.33 14.27
C LYS Z 182 -4.87 106.48 14.84
N GLY Z 183 -3.77 107.13 15.18
CA GLY Z 183 -2.61 106.45 15.71
C GLY Z 183 -1.57 106.06 14.69
N ILE Z 184 -1.66 106.57 13.47
CA ILE Z 184 -0.70 106.26 12.41
C ILE Z 184 -0.05 107.52 11.88
N ASP Z 185 -0.83 108.44 11.32
CA ASP Z 185 -0.26 109.65 10.77
C ASP Z 185 -0.18 110.74 11.84
N ARG Z 186 0.49 111.83 11.49
CA ARG Z 186 0.79 112.87 12.46
C ARG Z 186 0.31 114.22 11.95
N LEU Z 187 0.20 115.16 12.89
CA LEU Z 187 -0.08 116.54 12.57
C LEU Z 187 1.24 117.25 12.27
N ASP Z 188 1.20 118.20 11.34
CA ASP Z 188 2.44 118.75 10.83
C ASP Z 188 2.91 119.93 11.68
N ARG Z 189 4.11 120.42 11.38
CA ARG Z 189 4.71 121.52 12.12
C ARG Z 189 4.30 122.89 11.60
N LYS Z 190 3.39 122.94 10.63
CA LYS Z 190 2.82 124.21 10.18
C LYS Z 190 1.56 124.57 10.95
N PHE Z 191 1.35 123.97 12.11
CA PHE Z 191 0.22 124.29 12.94
C PHE Z 191 0.39 125.68 13.56
N LYS Z 192 -0.70 126.43 13.58
CA LYS Z 192 -0.76 127.69 14.30
C LYS Z 192 -2.22 128.00 14.58
N ILE Z 193 -2.45 128.89 15.52
CA ILE Z 193 -3.77 129.42 15.75
C ILE Z 193 -3.85 130.78 15.08
N VAL Z 194 -5.04 131.13 14.59
CA VAL Z 194 -5.25 132.36 13.85
C VAL Z 194 -6.23 133.28 14.55
N GLU Z 195 -7.30 132.73 15.10
CA GLU Z 195 -8.32 133.54 15.71
C GLU Z 195 -8.66 132.99 17.08
N ALA Z 196 -9.11 133.88 17.96
CA ALA Z 196 -9.43 133.49 19.32
C ALA Z 196 -10.52 134.42 19.84
N LYS Z 197 -11.20 133.99 20.89
CA LYS Z 197 -12.27 134.79 21.46
C LYS Z 197 -12.30 134.59 22.97
N TRP Z 198 -12.34 135.70 23.70
CA TRP Z 198 -12.43 135.68 25.14
C TRP Z 198 -13.85 136.04 25.57
N SER Z 199 -14.12 135.91 26.86
CA SER Z 199 -15.46 136.19 27.36
C SER Z 199 -15.76 137.68 27.43
N ASP Z 200 -14.77 138.54 27.23
CA ASP Z 200 -14.94 139.99 27.18
C ASP Z 200 -14.21 140.55 25.97
N SER Z 201 -14.35 139.88 24.84
CA SER Z 201 -13.58 140.19 23.65
C SER Z 201 -14.33 141.18 22.76
N PHE Z 202 -13.71 141.53 21.64
CA PHE Z 202 -14.34 142.39 20.65
C PHE Z 202 -13.88 141.97 19.27
N ASP Z 203 -14.80 141.97 18.31
CA ASP Z 203 -14.53 141.33 17.02
C ASP Z 203 -13.75 142.25 16.08
N GLU Z 204 -14.14 143.52 16.01
CA GLU Z 204 -13.54 144.58 15.21
C GLU Z 204 -13.60 144.35 13.71
N ARG Z 205 -14.36 143.36 13.24
CA ARG Z 205 -14.78 143.28 11.84
C ARG Z 205 -16.29 143.41 11.74
N THR Z 206 -17.03 142.55 12.43
CA THR Z 206 -18.44 142.75 12.71
C THR Z 206 -18.48 143.10 14.19
N SER Z 207 -18.57 144.39 14.50
CA SER Z 207 -18.16 144.94 15.79
C SER Z 207 -19.11 144.49 16.89
N ALA Z 208 -18.71 143.43 17.59
CA ALA Z 208 -19.44 142.86 18.71
C ALA Z 208 -18.45 142.01 19.50
N ALA Z 209 -18.96 141.37 20.56
CA ALA Z 209 -18.12 140.52 21.40
C ALA Z 209 -17.87 139.21 20.66
N GLY Z 210 -16.77 139.17 19.91
CA GLY Z 210 -16.50 138.01 19.07
C GLY Z 210 -15.05 137.62 18.95
N PHE Z 211 -14.62 137.37 17.71
CA PHE Z 211 -13.34 136.74 17.43
C PHE Z 211 -12.28 137.79 17.10
N VAL Z 212 -11.05 137.51 17.52
CA VAL Z 212 -9.94 138.46 17.34
C VAL Z 212 -8.97 137.89 16.33
N GLU Z 213 -8.84 138.57 15.20
CA GLU Z 213 -7.78 138.24 14.25
C GLU Z 213 -6.42 138.57 14.84
N LEU Z 214 -5.44 137.73 14.53
CA LEU Z 214 -4.08 137.92 15.00
C LEU Z 214 -3.20 138.24 13.80
N GLY Z 215 -2.62 139.43 13.80
CA GLY Z 215 -1.76 139.85 12.73
C GLY Z 215 -0.33 140.04 13.21
N SER Z 216 0.59 139.22 12.67
CA SER Z 216 2.00 139.10 13.09
C SER Z 216 2.16 138.83 14.58
N ASN Z 217 1.16 138.21 15.20
CA ASN Z 217 1.27 137.72 16.58
C ASN Z 217 0.59 136.37 16.71
N VAL Z 218 0.51 135.62 15.61
CA VAL Z 218 -0.06 134.29 15.65
C VAL Z 218 0.86 133.35 16.43
N VAL Z 219 0.28 132.33 17.01
CA VAL Z 219 1.00 131.43 17.90
C VAL Z 219 1.35 130.20 17.09
N LYS Z 220 2.59 130.12 16.64
CA LYS Z 220 3.08 129.01 15.83
C LYS Z 220 4.12 128.22 16.62
N LEU Z 221 4.29 126.95 16.25
CA LEU Z 221 5.17 126.05 16.96
C LEU Z 221 6.62 126.46 16.80
N GLN Z 222 7.31 126.70 17.91
CA GLN Z 222 8.67 127.20 17.88
C GLN Z 222 9.71 126.09 17.98
N ASP Z 223 9.72 125.35 19.07
CA ASP Z 223 10.65 124.23 19.24
C ASP Z 223 10.11 123.30 20.31
N ASN Z 224 10.39 122.01 20.14
CA ASN Z 224 9.94 120.92 21.01
C ASN Z 224 8.42 120.89 21.15
N ASP Z 225 7.74 121.30 20.07
CA ASP Z 225 6.28 121.38 19.97
C ASP Z 225 5.65 122.28 21.04
N THR Z 226 6.39 123.28 21.51
CA THR Z 226 5.81 124.25 22.43
C THR Z 226 5.12 125.36 21.65
N LEU Z 227 4.05 125.88 22.23
CA LEU Z 227 3.13 126.76 21.53
C LEU Z 227 2.80 127.97 22.41
N VAL Z 228 3.85 128.60 22.94
CA VAL Z 228 3.65 129.74 23.84
C VAL Z 228 3.30 130.97 23.02
N GLY Z 229 2.34 131.75 23.52
CA GLY Z 229 1.93 132.96 22.85
C GLY Z 229 1.46 134.01 23.84
N GLN Z 230 1.69 135.27 23.49
CA GLN Z 230 1.33 136.39 24.34
C GLN Z 230 0.77 137.48 23.44
N ILE Z 231 -0.53 137.73 23.52
CA ILE Z 231 -1.19 138.65 22.61
C ILE Z 231 -2.04 139.64 23.39
N LYS Z 232 -2.46 140.69 22.69
CA LYS Z 232 -3.24 141.78 23.25
C LYS Z 232 -4.56 141.87 22.50
N TYR Z 233 -5.66 141.60 23.20
CA TYR Z 233 -6.91 141.65 22.48
C TYR Z 233 -7.73 142.87 22.91
N PRO Z 234 -8.39 143.55 21.96
CA PRO Z 234 -9.22 144.69 22.33
C PRO Z 234 -10.52 144.23 22.97
N THR Z 235 -10.89 144.88 24.07
CA THR Z 235 -12.14 144.56 24.77
C THR Z 235 -13.30 145.39 24.25
N ASN Z 236 -13.08 146.68 24.08
CA ASN Z 236 -14.12 147.59 23.61
C ASN Z 236 -13.73 148.16 22.25
N GLY Z 237 -14.74 148.53 21.47
CA GLY Z 237 -14.51 149.14 20.18
C GLY Z 237 -14.12 150.60 20.28
N ASP Z 238 -15.00 151.40 20.88
CA ASP Z 238 -14.71 152.83 21.02
C ASP Z 238 -13.76 153.10 22.16
N GLY Z 239 -13.95 152.42 23.30
CA GLY Z 239 -13.16 152.67 24.47
C GLY Z 239 -11.77 152.10 24.40
N GLU Z 240 -11.65 150.91 23.80
CA GLU Z 240 -10.40 150.16 23.64
C GLU Z 240 -9.75 149.89 24.99
N VAL Z 241 -10.46 149.10 25.79
CA VAL Z 241 -9.98 148.73 27.12
C VAL Z 241 -8.71 147.89 27.02
N GLU Z 242 -8.67 146.97 26.05
CA GLU Z 242 -7.45 146.29 25.59
C GLU Z 242 -6.80 145.48 26.72
N THR Z 243 -7.49 144.41 27.08
CA THR Z 243 -6.97 143.46 28.04
C THR Z 243 -5.87 142.61 27.39
N ASP Z 244 -4.84 142.29 28.18
CA ASP Z 244 -3.82 141.33 27.76
C ASP Z 244 -4.14 139.97 28.33
N THR Z 245 -3.82 138.92 27.56
CA THR Z 245 -3.96 137.54 28.03
C THR Z 245 -2.90 136.72 27.31
N ILE Z 246 -2.29 135.78 28.03
CA ILE Z 246 -1.15 135.01 27.59
C ILE Z 246 -1.58 133.57 27.37
N LEU Z 247 -1.07 132.96 26.29
CA LEU Z 247 -1.52 131.65 25.84
C LEU Z 247 -0.45 130.59 26.12
N GLY Z 248 -0.50 130.01 27.31
CA GLY Z 248 0.26 128.81 27.57
C GLY Z 248 -0.38 127.66 26.85
N LYS Z 249 0.32 127.08 25.88
CA LYS Z 249 -0.27 126.08 25.01
C LYS Z 249 0.82 125.12 24.57
N VAL Z 250 0.47 123.84 24.46
CA VAL Z 250 1.37 122.83 23.92
C VAL Z 250 0.52 121.79 23.21
N ASP Z 251 1.06 121.22 22.14
CA ASP Z 251 0.42 120.11 21.46
C ASP Z 251 1.48 119.07 21.15
N VAL Z 252 1.03 117.86 20.86
CA VAL Z 252 1.91 116.73 20.60
C VAL Z 252 1.78 116.34 19.14
N SER Z 253 2.90 116.03 18.49
CA SER Z 253 2.89 115.56 17.11
C SER Z 253 2.90 114.04 17.01
N SER Z 254 2.52 113.35 18.08
CA SER Z 254 2.48 111.89 18.10
C SER Z 254 1.08 111.36 18.34
N GLY Z 255 0.38 111.86 19.36
CA GLY Z 255 -0.99 111.46 19.62
C GLY Z 255 -1.96 112.50 19.13
N GLU Z 256 -1.42 113.69 18.80
CA GLU Z 256 -2.13 114.79 18.16
C GLU Z 256 -3.29 115.31 19.02
N LEU Z 257 -2.91 115.81 20.20
CA LEU Z 257 -3.84 116.44 21.12
C LEU Z 257 -3.24 117.76 21.60
N THR Z 258 -4.07 118.80 21.64
CA THR Z 258 -3.64 120.12 22.09
C THR Z 258 -4.01 120.33 23.55
N LEU Z 259 -3.23 121.17 24.23
CA LEU Z 259 -3.23 121.22 25.69
C LEU Z 259 -3.13 122.66 26.19
N THR Z 260 -4.02 123.53 25.71
CA THR Z 260 -3.95 124.94 26.03
C THR Z 260 -4.33 125.23 27.49
N SER Z 261 -3.95 126.42 27.94
CA SER Z 261 -4.51 127.07 29.13
C SER Z 261 -4.18 128.55 29.07
N ALA Z 262 -5.19 129.40 29.08
CA ALA Z 262 -4.98 130.83 29.11
C ALA Z 262 -5.05 131.32 30.55
N SER Z 263 -4.27 132.35 30.85
CA SER Z 263 -4.30 132.94 32.19
C SER Z 263 -5.59 133.69 32.45
N GLY Z 264 -6.19 134.26 31.41
CA GLY Z 264 -7.44 134.98 31.56
C GLY Z 264 -8.65 134.10 31.38
N LYS Z 265 -9.57 134.51 30.50
CA LYS Z 265 -10.87 133.84 30.30
C LYS Z 265 -11.09 133.55 28.81
N LEU Z 266 -10.50 132.38 28.28
CA LEU Z 266 -10.86 132.02 26.91
C LEU Z 266 -12.27 131.42 26.86
N THR Z 267 -12.81 131.37 25.64
CA THR Z 267 -14.02 130.62 25.37
C THR Z 267 -13.81 129.58 24.29
N ASP Z 268 -13.23 129.96 23.17
CA ASP Z 268 -12.88 129.03 22.10
C ASP Z 268 -11.74 129.64 21.29
N VAL Z 269 -11.26 128.87 20.32
CA VAL Z 269 -10.10 129.27 19.54
C VAL Z 269 -10.24 128.67 18.14
N LYS Z 270 -9.60 129.30 17.16
CA LYS Z 270 -9.63 128.82 15.79
C LYS Z 270 -8.21 128.46 15.38
N VAL Z 271 -7.96 127.34 14.94
CA VAL Z 271 -6.63 126.87 14.61
C VAL Z 271 -6.52 126.70 13.10
N LYS Z 272 -5.27 126.61 12.64
CA LYS Z 272 -4.96 126.42 11.22
C LYS Z 272 -3.92 125.31 11.16
N GLY Z 273 -4.37 124.07 11.08
CA GLY Z 273 -3.47 122.94 11.08
C GLY Z 273 -3.84 121.97 9.98
N TYR Z 274 -2.81 121.27 9.50
CA TYR Z 274 -3.01 120.22 8.52
C TYR Z 274 -2.69 118.87 9.16
N VAL Z 275 -2.99 117.81 8.42
CA VAL Z 275 -2.51 116.48 8.75
C VAL Z 275 -1.37 116.18 7.80
N ALA Z 276 -0.21 115.86 8.36
CA ALA Z 276 0.99 115.71 7.57
C ALA Z 276 0.90 114.48 6.67
N SER Z 277 1.33 114.65 5.42
CA SER Z 277 1.35 113.53 4.48
C SER Z 277 2.67 112.78 4.57
N GLU Z 278 3.08 112.45 5.79
CA GLU Z 278 4.20 111.56 5.99
C GLU Z 278 3.74 110.11 5.88
N GLN Z 279 2.85 109.68 6.77
CA GLN Z 279 2.22 108.39 6.60
C GLN Z 279 1.19 108.51 5.49
N HIS Z 280 1.48 107.88 4.35
CA HIS Z 280 0.81 108.19 3.09
C HIS Z 280 -0.63 107.73 3.11
N THR Z 281 -1.52 108.62 3.52
CA THR Z 281 -2.92 108.31 3.74
C THR Z 281 -3.83 108.91 2.69
N SER Z 282 -3.54 110.13 2.24
CA SER Z 282 -4.34 110.79 1.23
C SER Z 282 -3.42 111.54 0.29
N ALA Z 283 -3.61 111.34 -1.01
CA ALA Z 283 -2.84 112.02 -2.03
C ALA Z 283 -3.80 112.53 -3.09
N THR Z 284 -3.25 113.21 -4.09
CA THR Z 284 -4.02 113.72 -5.22
C THR Z 284 -3.81 112.78 -6.40
N ASN Z 285 -4.88 112.17 -6.87
CA ASN Z 285 -4.81 111.25 -7.99
C ASN Z 285 -5.24 111.96 -9.27
N VAL Z 286 -4.44 111.79 -10.31
CA VAL Z 286 -4.77 112.32 -11.63
C VAL Z 286 -5.01 111.15 -12.58
N GLU Z 287 -5.80 111.41 -13.61
CA GLU Z 287 -6.07 110.43 -14.64
C GLU Z 287 -6.44 111.16 -15.92
N LEU Z 288 -6.37 110.45 -17.03
CA LEU Z 288 -6.61 111.04 -18.33
C LEU Z 288 -8.10 111.01 -18.65
N GLY Z 289 -8.44 111.31 -19.89
CA GLY Z 289 -9.82 111.31 -20.33
C GLY Z 289 -9.88 111.76 -21.77
N LEU Z 290 -10.77 111.15 -22.56
CA LEU Z 290 -10.80 111.45 -23.99
C LEU Z 290 -12.22 111.35 -24.47
N THR Z 291 -12.73 112.44 -25.02
CA THR Z 291 -13.92 112.43 -25.86
C THR Z 291 -13.49 112.76 -27.28
N ARG Z 292 -14.45 112.75 -28.19
CA ARG Z 292 -14.14 112.99 -29.58
C ARG Z 292 -15.20 113.89 -30.20
N LYS Z 293 -14.77 114.62 -31.23
CA LYS Z 293 -15.66 115.49 -31.98
C LYS Z 293 -15.66 115.03 -33.43
N ASP Z 294 -16.84 114.92 -34.02
CA ASP Z 294 -17.00 114.40 -35.37
C ASP Z 294 -17.08 115.54 -36.38
N VAL Z 295 -16.69 115.22 -37.61
CA VAL Z 295 -16.74 116.16 -38.73
C VAL Z 295 -17.50 115.48 -39.86
N VAL Z 296 -18.60 116.08 -40.29
CA VAL Z 296 -19.45 115.51 -41.33
C VAL Z 296 -19.54 116.51 -42.49
N ILE Z 297 -19.57 116.00 -43.71
CA ILE Z 297 -19.68 116.83 -44.92
C ILE Z 297 -20.87 116.33 -45.71
N ASP Z 298 -21.92 117.14 -45.79
CA ASP Z 298 -23.11 116.79 -46.53
C ASP Z 298 -22.91 117.23 -47.98
N THR Z 299 -23.92 117.07 -48.83
CA THR Z 299 -23.87 117.55 -50.20
C THR Z 299 -24.58 118.90 -50.28
N ALA Z 300 -24.11 119.74 -51.19
CA ALA Z 300 -24.69 121.05 -51.39
C ALA Z 300 -25.62 121.04 -52.60
N GLN Z 301 -26.53 122.01 -52.62
CA GLN Z 301 -27.48 122.13 -53.71
C GLN Z 301 -26.76 122.59 -54.97
N HIS Z 302 -27.05 121.94 -56.08
CA HIS Z 302 -26.32 122.18 -57.31
C HIS Z 302 -26.77 123.49 -57.95
N ILE Z 303 -26.00 123.92 -58.95
CA ILE Z 303 -26.32 125.13 -59.69
C ILE Z 303 -26.66 124.75 -61.13
N GLU Z 304 -27.95 124.61 -61.41
CA GLU Z 304 -28.39 124.26 -62.75
C GLU Z 304 -28.27 125.45 -63.68
N ALA Z 305 -27.95 125.16 -64.94
CA ALA Z 305 -27.93 126.18 -65.99
C ALA Z 305 -28.41 125.50 -67.27
N THR Z 306 -29.70 125.62 -67.55
CA THR Z 306 -30.24 125.06 -68.77
C THR Z 306 -29.75 125.85 -69.99
N VAL Z 307 -29.55 125.13 -71.09
CA VAL Z 307 -29.03 125.74 -72.30
C VAL Z 307 -29.62 125.07 -73.54
N PRO Z 308 -30.63 125.67 -74.15
CA PRO Z 308 -31.16 125.11 -75.41
C PRO Z 308 -30.34 125.54 -76.60
N LEU Z 309 -30.74 125.11 -77.80
CA LEU Z 309 -30.09 125.53 -79.02
C LEU Z 309 -30.74 126.76 -79.63
N GLU Z 310 -32.00 127.03 -79.31
CA GLU Z 310 -32.72 128.18 -79.84
C GLU Z 310 -32.26 129.49 -79.23
N VAL Z 311 -31.46 129.47 -78.17
CA VAL Z 311 -30.95 130.70 -77.58
C VAL Z 311 -29.45 130.89 -77.76
N ILE Z 312 -28.71 129.85 -78.14
CA ILE Z 312 -27.28 130.03 -78.37
C ILE Z 312 -27.05 130.58 -79.78
N GLN Z 313 -27.84 130.14 -80.75
CA GLN Z 313 -27.73 130.70 -82.10
C GLN Z 313 -28.23 132.14 -82.17
N ASP Z 314 -29.11 132.52 -81.26
CA ASP Z 314 -29.65 133.88 -81.28
C ASP Z 314 -28.71 134.86 -80.59
N MET Z 315 -28.20 134.50 -79.42
CA MET Z 315 -27.36 135.42 -78.67
C MET Z 315 -25.98 135.55 -79.31
N LYS Z 316 -25.52 134.52 -80.03
CA LYS Z 316 -24.27 134.66 -80.76
C LYS Z 316 -24.45 135.55 -81.99
N ALA Z 317 -25.66 135.60 -82.53
CA ALA Z 317 -25.87 136.37 -83.75
C ALA Z 317 -26.29 137.81 -83.45
N THR Z 318 -27.15 138.00 -82.46
CA THR Z 318 -27.70 139.32 -82.22
C THR Z 318 -26.70 140.21 -81.49
N TYR Z 319 -26.31 139.83 -80.28
CA TYR Z 319 -25.42 140.64 -79.46
C TYR Z 319 -24.01 140.07 -79.35
N ASP Z 320 -23.71 138.98 -80.05
CA ASP Z 320 -22.44 138.24 -79.97
C ASP Z 320 -22.14 137.78 -78.55
N ILE Z 321 -23.18 137.44 -77.80
CA ILE Z 321 -23.06 136.99 -76.43
C ILE Z 321 -22.82 135.48 -76.45
N ASP Z 322 -21.68 135.05 -75.92
CA ASP Z 322 -21.44 133.62 -75.76
C ASP Z 322 -22.27 133.10 -74.59
N GLY Z 323 -23.46 132.57 -74.89
CA GLY Z 323 -24.41 132.17 -73.86
C GLY Z 323 -23.96 131.02 -72.99
N VAL Z 324 -22.97 130.26 -73.40
CA VAL Z 324 -22.40 129.23 -72.55
C VAL Z 324 -21.40 129.82 -71.58
N ALA Z 325 -20.51 130.68 -72.08
CA ALA Z 325 -19.47 131.26 -71.23
C ALA Z 325 -20.04 132.24 -70.22
N ARG Z 326 -20.99 133.07 -70.63
CA ARG Z 326 -21.63 134.00 -69.70
C ARG Z 326 -22.54 133.30 -68.70
N LEU Z 327 -22.91 132.05 -68.95
CA LEU Z 327 -23.58 131.24 -67.95
C LEU Z 327 -22.61 130.42 -67.12
N SER Z 328 -21.45 130.09 -67.67
CA SER Z 328 -20.46 129.33 -66.91
C SER Z 328 -19.76 130.22 -65.89
N GLU Z 329 -19.35 131.42 -66.30
CA GLU Z 329 -18.66 132.31 -65.37
C GLU Z 329 -19.62 132.94 -64.35
N THR Z 330 -20.92 133.01 -64.66
CA THR Z 330 -21.89 133.47 -63.69
C THR Z 330 -22.11 132.45 -62.59
N MET Z 331 -22.06 131.17 -62.92
CA MET Z 331 -22.17 130.11 -61.91
C MET Z 331 -20.97 130.08 -60.99
N SER Z 332 -19.80 130.49 -61.47
CA SER Z 332 -18.65 130.63 -60.59
C SER Z 332 -18.81 131.78 -59.62
N GLN Z 333 -19.54 132.83 -60.02
CA GLN Z 333 -19.84 133.91 -59.11
C GLN Z 333 -20.80 133.45 -58.02
N LEU Z 334 -21.87 132.74 -58.41
CA LEU Z 334 -22.88 132.33 -57.44
C LEU Z 334 -22.38 131.22 -56.52
N SER Z 335 -21.46 130.39 -57.01
CA SER Z 335 -20.89 129.37 -56.15
C SER Z 335 -19.92 129.98 -55.15
N SER Z 336 -19.02 130.85 -55.62
CA SER Z 336 -18.00 131.40 -54.75
C SER Z 336 -18.54 132.45 -53.79
N GLN Z 337 -19.60 133.15 -54.14
CA GLN Z 337 -20.23 134.04 -53.17
C GLN Z 337 -21.06 133.27 -52.16
N LYS Z 338 -21.44 132.03 -52.47
CA LYS Z 338 -22.20 131.24 -51.51
C LYS Z 338 -21.32 130.71 -50.39
N VAL Z 339 -20.04 130.45 -50.68
CA VAL Z 339 -19.15 129.96 -49.62
C VAL Z 339 -18.78 131.09 -48.67
N ASP Z 340 -18.87 132.34 -49.11
CA ASP Z 340 -18.54 133.47 -48.25
C ASP Z 340 -19.76 134.00 -47.49
N LEU Z 341 -20.96 133.77 -47.99
CA LEU Z 341 -22.15 134.03 -47.19
C LEU Z 341 -22.39 132.92 -46.17
N ASP Z 342 -21.71 131.79 -46.32
CA ASP Z 342 -21.82 130.73 -45.33
C ASP Z 342 -20.81 130.87 -44.21
N ILE Z 343 -19.68 131.52 -44.47
CA ILE Z 343 -18.72 131.82 -43.41
C ILE Z 343 -19.31 132.86 -42.46
N ILE Z 344 -19.90 133.92 -43.02
CA ILE Z 344 -20.48 135.00 -42.23
C ILE Z 344 -21.66 134.50 -41.40
N GLU Z 345 -22.45 133.59 -41.97
CA GLU Z 345 -23.53 132.99 -41.20
C GLU Z 345 -22.99 132.03 -40.15
N PHE Z 346 -21.82 131.45 -40.40
CA PHE Z 346 -21.21 130.57 -39.40
C PHE Z 346 -20.66 131.37 -38.23
N LEU Z 347 -19.95 132.47 -38.52
CA LEU Z 347 -19.41 133.31 -37.46
C LEU Z 347 -20.48 134.07 -36.72
N ASP Z 348 -21.63 134.31 -37.34
CA ASP Z 348 -22.75 134.87 -36.60
C ASP Z 348 -23.36 133.82 -35.67
N HIS Z 349 -23.45 132.58 -36.13
CA HIS Z 349 -24.02 131.52 -35.31
C HIS Z 349 -23.08 131.14 -34.18
N GLU Z 350 -21.76 131.22 -34.41
CA GLU Z 350 -20.82 130.85 -33.37
C GLU Z 350 -20.76 131.87 -32.26
N TYR Z 351 -20.97 133.14 -32.57
CA TYR Z 351 -21.00 134.16 -31.54
C TYR Z 351 -22.24 134.04 -30.66
N LYS Z 352 -23.33 133.51 -31.21
CA LYS Z 352 -24.49 133.22 -30.38
C LYS Z 352 -24.28 132.01 -29.49
N GLU Z 353 -23.28 131.18 -29.79
CA GLU Z 353 -22.98 130.03 -28.94
C GLU Z 353 -22.16 130.43 -27.73
N THR Z 354 -21.35 131.47 -27.84
CA THR Z 354 -20.58 131.93 -26.67
C THR Z 354 -21.42 132.74 -25.72
N ASP Z 355 -22.62 133.18 -26.14
CA ASP Z 355 -23.58 133.93 -25.35
C ASP Z 355 -22.98 135.24 -24.82
N ALA Z 356 -22.41 136.01 -25.75
CA ALA Z 356 -21.87 137.35 -25.53
C ALA Z 356 -20.79 137.36 -24.45
N LYS Z 357 -19.80 136.48 -24.63
CA LYS Z 357 -18.69 136.41 -23.68
C LYS Z 357 -17.77 137.62 -23.83
N TYR Z 358 -17.45 137.98 -25.06
CA TYR Z 358 -16.59 139.12 -25.35
C TYR Z 358 -17.38 140.10 -26.20
N HIS Z 359 -18.16 140.94 -25.54
CA HIS Z 359 -18.95 141.98 -26.19
C HIS Z 359 -18.52 143.32 -25.63
N PHE Z 360 -17.80 144.09 -26.43
CA PHE Z 360 -17.19 145.34 -25.98
C PHE Z 360 -17.49 146.42 -27.01
N SER Z 361 -18.55 147.19 -26.76
CA SER Z 361 -18.98 148.19 -27.71
C SER Z 361 -18.04 149.40 -27.68
N PHE Z 362 -18.17 150.25 -28.69
CA PHE Z 362 -17.30 151.40 -28.84
C PHE Z 362 -18.08 152.48 -29.57
N ASP Z 363 -18.48 153.52 -28.87
CA ASP Z 363 -19.23 154.61 -29.47
C ASP Z 363 -18.30 155.49 -30.29
N VAL Z 364 -18.74 155.85 -31.50
CA VAL Z 364 -17.99 156.82 -32.28
C VAL Z 364 -18.39 158.23 -31.86
N PHE Z 365 -19.61 158.40 -31.39
CA PHE Z 365 -19.98 159.62 -30.68
C PHE Z 365 -19.20 159.64 -29.38
N PRO Z 366 -18.36 160.64 -29.13
CA PRO Z 366 -17.56 160.64 -27.91
C PRO Z 366 -18.42 160.93 -26.69
N HIS Z 367 -17.78 160.85 -25.53
CA HIS Z 367 -18.46 161.21 -24.30
C HIS Z 367 -18.69 162.72 -24.28
N SER Z 368 -19.62 163.14 -23.42
CA SER Z 368 -20.05 164.54 -23.39
C SER Z 368 -18.92 165.47 -22.96
N ASP Z 369 -18.11 165.03 -22.00
CA ASP Z 369 -16.94 165.80 -21.58
C ASP Z 369 -15.68 165.26 -22.26
N TYR Z 370 -15.70 165.23 -23.58
CA TYR Z 370 -14.49 164.92 -24.34
C TYR Z 370 -13.81 166.19 -24.83
N SER Z 371 -14.55 167.02 -25.56
CA SER Z 371 -14.20 168.41 -25.85
C SER Z 371 -12.89 168.52 -26.64
N ALA Z 372 -12.71 167.63 -27.60
CA ALA Z 372 -11.55 167.67 -28.48
C ALA Z 372 -11.98 167.16 -29.84
N HIS Z 373 -11.01 166.89 -30.69
CA HIS Z 373 -11.29 166.54 -32.07
C HIS Z 373 -11.79 165.11 -32.17
N PRO Z 374 -12.99 164.87 -32.70
CA PRO Z 374 -13.56 163.53 -32.71
C PRO Z 374 -12.97 162.58 -33.75
N LYS Z 375 -11.91 162.97 -34.44
CA LYS Z 375 -11.18 162.03 -35.28
C LYS Z 375 -10.09 161.31 -34.52
N ASP Z 376 -9.48 161.97 -33.53
CA ASP Z 376 -8.52 161.30 -32.66
C ASP Z 376 -9.18 160.53 -31.53
N TRP Z 377 -10.52 160.63 -31.40
CA TRP Z 377 -11.26 159.75 -30.53
C TRP Z 377 -11.27 158.31 -31.05
N LEU Z 378 -11.02 158.12 -32.35
CA LEU Z 378 -10.94 156.81 -32.98
C LEU Z 378 -9.65 156.06 -32.66
N GLU Z 379 -8.74 156.66 -31.88
CA GLU Z 379 -7.63 155.88 -31.32
C GLU Z 379 -8.14 154.86 -30.31
N GLY Z 380 -9.26 155.17 -29.66
CA GLY Z 380 -9.86 154.26 -28.68
C GLY Z 380 -10.40 152.98 -29.26
N LEU Z 381 -10.58 152.91 -30.58
CA LEU Z 381 -10.88 151.63 -31.20
C LEU Z 381 -9.67 150.70 -31.12
N ARG Z 382 -8.45 151.24 -31.25
CA ARG Z 382 -7.25 150.43 -31.26
C ARG Z 382 -6.90 149.84 -29.90
N GLU Z 383 -7.56 150.24 -28.83
CA GLU Z 383 -7.31 149.63 -27.53
C GLU Z 383 -8.56 148.98 -26.95
N VAL Z 384 -9.74 149.28 -27.48
CA VAL Z 384 -10.90 148.44 -27.19
C VAL Z 384 -10.70 147.09 -27.86
N ILE Z 385 -10.15 147.09 -29.07
CA ILE Z 385 -9.76 145.85 -29.75
C ILE Z 385 -8.69 145.12 -28.96
N ASP Z 386 -7.68 145.86 -28.49
CA ASP Z 386 -6.62 145.26 -27.68
C ASP Z 386 -7.11 144.82 -26.31
N HIS Z 387 -8.25 145.33 -25.85
CA HIS Z 387 -8.82 144.84 -24.61
C HIS Z 387 -9.45 143.47 -24.78
N THR Z 388 -10.20 143.26 -25.87
CA THR Z 388 -10.79 141.95 -26.12
C THR Z 388 -9.74 140.94 -26.53
N THR Z 389 -8.72 141.39 -27.26
CA THR Z 389 -7.63 140.54 -27.70
C THR Z 389 -6.89 139.94 -26.50
N GLN Z 390 -6.61 140.76 -25.50
CA GLN Z 390 -5.94 140.26 -24.31
C GLN Z 390 -6.90 139.47 -23.43
N SER Z 391 -8.18 139.83 -23.41
CA SER Z 391 -9.15 139.10 -22.60
C SER Z 391 -9.42 137.70 -23.13
N MET Z 392 -9.14 137.45 -24.40
CA MET Z 392 -9.23 136.10 -24.95
C MET Z 392 -7.89 135.38 -24.93
N LYS Z 393 -6.79 136.08 -24.70
CA LYS Z 393 -5.54 135.41 -24.40
C LYS Z 393 -5.42 135.09 -22.92
N ASN Z 394 -6.31 135.62 -22.09
CA ASN Z 394 -6.29 135.37 -20.66
C ASN Z 394 -7.20 134.23 -20.26
N ASP Z 395 -8.37 134.13 -20.87
CA ASP Z 395 -9.29 133.07 -20.54
C ASP Z 395 -9.01 131.77 -21.27
N TYR Z 396 -8.13 131.79 -22.28
CA TYR Z 396 -7.80 130.58 -23.00
C TYR Z 396 -6.31 130.25 -22.99
N LYS Z 397 -5.47 131.10 -22.39
CA LYS Z 397 -4.11 130.77 -21.97
C LYS Z 397 -3.20 130.42 -23.14
N LEU Z 398 -3.51 130.96 -24.31
CA LEU Z 398 -2.71 130.71 -25.51
C LEU Z 398 -2.01 132.00 -25.90
N TYR Z 399 -0.76 131.87 -26.35
CA TYR Z 399 0.10 133.03 -26.55
C TYR Z 399 0.74 133.05 -27.93
N ASP Z 400 0.18 132.33 -28.90
CA ASP Z 400 0.82 132.21 -30.21
C ASP Z 400 -0.20 132.43 -31.32
N VAL Z 401 -0.92 133.53 -31.24
CA VAL Z 401 -2.11 133.75 -32.06
C VAL Z 401 -1.78 134.72 -33.19
N GLN Z 402 -2.57 134.62 -34.26
CA GLN Z 402 -2.55 135.54 -35.40
C GLN Z 402 -3.99 136.02 -35.59
N PHE Z 403 -4.50 136.68 -34.54
CA PHE Z 403 -5.81 137.34 -34.52
C PHE Z 403 -6.12 138.08 -35.82
N VAL Z 404 -7.25 137.75 -36.43
CA VAL Z 404 -7.73 138.46 -37.59
C VAL Z 404 -9.02 139.16 -37.21
N ILE Z 405 -9.31 140.25 -37.91
CA ILE Z 405 -10.50 141.05 -37.66
C ILE Z 405 -11.25 141.17 -38.98
N VAL Z 406 -12.46 140.64 -39.01
CA VAL Z 406 -13.33 140.78 -40.16
C VAL Z 406 -14.42 141.78 -39.82
N GLY Z 407 -14.85 142.52 -40.83
CA GLY Z 407 -15.88 143.52 -40.60
C GLY Z 407 -16.10 144.34 -41.85
N ASN Z 408 -17.07 145.23 -41.77
CA ASN Z 408 -17.38 146.12 -42.87
C ASN Z 408 -16.24 147.11 -43.06
N PRO Z 409 -15.80 147.36 -44.31
CA PRO Z 409 -14.75 148.37 -44.53
C PRO Z 409 -15.19 149.79 -44.22
N LEU Z 410 -16.48 150.03 -44.00
CA LEU Z 410 -16.90 151.28 -43.37
C LEU Z 410 -16.40 151.36 -41.93
N ASP Z 411 -16.27 150.23 -41.25
CA ASP Z 411 -15.80 150.19 -39.87
C ASP Z 411 -14.35 149.78 -39.74
N VAL Z 412 -13.75 149.18 -40.77
CA VAL Z 412 -12.31 149.00 -40.82
C VAL Z 412 -11.62 150.34 -41.07
N ARG Z 413 -12.33 151.31 -41.65
CA ARG Z 413 -11.79 152.63 -41.94
C ARG Z 413 -11.37 153.37 -40.67
N LEU Z 414 -12.02 153.09 -39.54
CA LEU Z 414 -11.69 153.77 -38.30
C LEU Z 414 -10.40 153.28 -37.67
N ILE Z 415 -9.85 152.16 -38.11
CA ILE Z 415 -8.63 151.63 -37.51
C ILE Z 415 -7.39 152.43 -37.95
N PRO Z 416 -7.06 152.61 -39.28
CA PRO Z 416 -5.78 153.29 -39.56
C PRO Z 416 -5.86 154.79 -39.39
N ASN Z 417 -7.04 155.36 -39.70
CA ASN Z 417 -7.34 156.79 -39.52
C ASN Z 417 -6.35 157.69 -40.25
N VAL Z 418 -6.19 157.43 -41.53
CA VAL Z 418 -5.14 158.03 -42.33
C VAL Z 418 -5.60 159.37 -42.87
N SER Z 419 -4.76 160.39 -42.71
CA SER Z 419 -5.05 161.72 -43.23
C SER Z 419 -4.84 161.76 -44.74
N TRP Z 420 -5.32 162.84 -45.35
CA TRP Z 420 -5.29 162.97 -46.79
C TRP Z 420 -3.96 163.56 -47.25
N THR Z 421 -3.69 163.40 -48.54
CA THR Z 421 -2.71 164.19 -49.24
C THR Z 421 -3.44 165.02 -50.28
N PHE Z 422 -2.70 165.85 -51.00
CA PHE Z 422 -3.29 166.69 -52.03
C PHE Z 422 -2.32 166.84 -53.19
N ASN Z 423 -2.86 167.15 -54.37
CA ASN Z 423 -2.06 167.33 -55.56
C ASN Z 423 -2.84 168.20 -56.54
N GLY Z 424 -2.25 168.41 -57.71
CA GLY Z 424 -2.94 169.11 -58.78
C GLY Z 424 -3.76 168.17 -59.64
N GLY Z 425 -5.08 168.23 -59.47
CA GLY Z 425 -5.96 167.29 -60.14
C GLY Z 425 -6.49 167.77 -61.47
N ASP Z 426 -5.90 167.29 -62.57
CA ASP Z 426 -6.39 167.53 -63.91
C ASP Z 426 -6.97 166.25 -64.49
N ARG Z 427 -7.32 166.28 -65.77
CA ARG Z 427 -7.94 165.13 -66.41
C ARG Z 427 -6.96 163.97 -66.55
N ASN Z 428 -5.73 164.25 -66.95
CA ASN Z 428 -4.75 163.18 -67.15
C ASN Z 428 -3.91 162.92 -65.91
N ALA Z 429 -4.59 162.77 -64.76
CA ALA Z 429 -3.93 162.28 -63.56
C ALA Z 429 -4.87 161.39 -62.76
N ASP Z 430 -5.90 160.83 -63.40
CA ASP Z 430 -6.90 160.05 -62.67
C ASP Z 430 -6.33 158.70 -62.27
N ALA Z 431 -5.78 158.62 -61.07
CA ALA Z 431 -5.32 157.36 -60.51
C ALA Z 431 -6.55 156.63 -59.99
N TYR Z 432 -7.09 155.75 -60.82
CA TYR Z 432 -8.34 155.07 -60.54
C TYR Z 432 -8.10 153.99 -59.49
N SER Z 433 -8.05 154.43 -58.23
CA SER Z 433 -7.90 153.59 -57.05
C SER Z 433 -6.63 152.73 -57.11
N ASN Z 434 -5.49 153.41 -57.19
CA ASN Z 434 -4.20 152.73 -57.16
C ASN Z 434 -3.71 152.52 -55.74
N GLY Z 435 -3.57 153.60 -54.98
CA GLY Z 435 -3.07 153.50 -53.63
C GLY Z 435 -4.09 153.07 -52.60
N ILE Z 436 -5.37 153.37 -52.84
CA ILE Z 436 -6.37 153.15 -51.81
C ILE Z 436 -6.75 151.67 -51.79
N LYS Z 437 -6.05 150.93 -50.93
CA LYS Z 437 -6.30 149.51 -50.70
C LYS Z 437 -6.30 149.14 -49.23
N ILE Z 438 -5.91 150.05 -48.33
CA ILE Z 438 -5.81 149.73 -46.92
C ILE Z 438 -7.15 149.60 -46.23
N ASN Z 439 -8.24 149.98 -46.90
CA ASN Z 439 -9.56 149.88 -46.31
C ASN Z 439 -10.10 148.46 -46.34
N TYR Z 440 -9.43 147.54 -47.03
CA TYR Z 440 -9.90 146.18 -47.20
C TYR Z 440 -8.96 145.13 -46.63
N SER Z 441 -7.65 145.28 -46.84
CA SER Z 441 -6.68 144.27 -46.44
C SER Z 441 -5.48 144.99 -45.82
N LEU Z 442 -5.34 144.86 -44.50
CA LEU Z 442 -4.31 145.56 -43.75
C LEU Z 442 -3.72 144.64 -42.70
N GLY Z 443 -2.41 144.71 -42.51
CA GLY Z 443 -1.77 143.97 -41.45
C GLY Z 443 -1.24 144.86 -40.35
N ALA Z 444 -1.88 144.82 -39.19
CA ALA Z 444 -1.46 145.64 -38.07
C ALA Z 444 -0.54 144.85 -37.14
N ALA Z 445 0.12 145.57 -36.24
CA ALA Z 445 0.99 144.94 -35.24
C ALA Z 445 0.93 145.78 -33.98
N SER Z 446 0.05 145.39 -33.05
CA SER Z 446 -0.12 146.12 -31.81
C SER Z 446 0.94 145.69 -30.81
N GLY Z 447 0.79 146.15 -29.56
CA GLY Z 447 1.68 145.70 -28.51
C GLY Z 447 1.27 144.41 -27.85
N THR Z 448 0.00 144.02 -28.00
CA THR Z 448 -0.51 142.80 -27.37
C THR Z 448 -0.61 141.62 -28.31
N ALA Z 449 -0.81 141.87 -29.61
CA ALA Z 449 -0.87 140.82 -30.61
C ALA Z 449 -0.66 141.43 -31.99
N ASN Z 450 -0.41 140.58 -32.96
CA ASN Z 450 -0.43 141.00 -34.35
C ASN Z 450 -1.85 140.93 -34.90
N TYR Z 451 -2.05 141.50 -36.08
CA TYR Z 451 -3.37 141.53 -36.69
C TYR Z 451 -3.25 141.36 -38.19
N ARG Z 452 -4.30 140.79 -38.76
CA ARG Z 452 -4.42 140.60 -40.20
C ARG Z 452 -5.85 140.98 -40.62
N ILE Z 453 -6.24 142.20 -40.27
CA ILE Z 453 -7.62 142.65 -40.43
C ILE Z 453 -8.06 142.61 -41.90
N ILE Z 454 -9.36 142.36 -42.09
CA ILE Z 454 -9.92 142.06 -43.41
C ILE Z 454 -11.23 142.81 -43.53
N GLY Z 455 -11.35 143.64 -44.56
CA GLY Z 455 -12.59 144.34 -44.83
C GLY Z 455 -13.28 143.77 -46.04
N SER Z 456 -14.58 143.51 -45.93
CA SER Z 456 -15.37 142.94 -47.01
C SER Z 456 -16.79 143.45 -46.89
N ASP Z 457 -17.33 143.96 -48.00
CA ASP Z 457 -18.62 144.65 -47.98
C ASP Z 457 -19.80 143.73 -47.76
N LEU Z 458 -19.62 142.42 -47.76
CA LEU Z 458 -20.70 141.50 -47.47
C LEU Z 458 -21.08 141.52 -45.99
N VAL Z 459 -20.16 141.89 -45.12
CA VAL Z 459 -20.41 141.91 -43.69
C VAL Z 459 -21.33 143.08 -43.38
N ARG Z 460 -22.35 142.82 -42.55
CA ARG Z 460 -23.27 143.87 -42.14
C ARG Z 460 -22.54 144.89 -41.28
N GLN Z 461 -22.79 146.17 -41.57
CA GLN Z 461 -22.06 147.23 -40.90
C GLN Z 461 -22.53 147.40 -39.47
N GLY Z 462 -21.58 147.64 -38.57
CA GLY Z 462 -21.91 147.94 -37.19
C GLY Z 462 -21.18 147.08 -36.17
N GLU Z 463 -20.73 145.91 -36.58
CA GLU Z 463 -20.08 144.96 -35.67
C GLU Z 463 -18.75 144.53 -36.26
N LEU Z 464 -17.67 144.71 -35.50
CA LEU Z 464 -16.43 144.04 -35.84
C LEU Z 464 -16.45 142.63 -35.25
N THR Z 465 -15.51 141.80 -35.69
CA THR Z 465 -15.46 140.42 -35.23
C THR Z 465 -14.03 139.93 -35.28
N ILE Z 466 -13.55 139.41 -34.16
CA ILE Z 466 -12.16 138.97 -34.02
C ILE Z 466 -12.15 137.44 -33.95
N ILE Z 467 -11.30 136.83 -34.79
CA ILE Z 467 -11.12 135.39 -34.84
C ILE Z 467 -9.69 135.09 -34.40
N ALA Z 468 -9.53 134.10 -33.53
CA ALA Z 468 -8.20 133.66 -33.12
C ALA Z 468 -7.71 132.56 -34.07
N ILE Z 469 -6.40 132.55 -34.31
CA ILE Z 469 -5.77 131.49 -35.10
C ILE Z 469 -4.50 131.05 -34.38
N PRO Z 470 -4.46 129.87 -33.78
CA PRO Z 470 -3.21 129.38 -33.18
C PRO Z 470 -2.27 128.84 -34.23
N GLN Z 471 -0.97 128.91 -33.94
CA GLN Z 471 0.02 128.42 -34.90
C GLN Z 471 0.23 126.92 -34.77
N GLN Z 472 0.17 126.41 -33.55
CA GLN Z 472 0.41 124.98 -33.31
C GLN Z 472 -0.72 124.14 -33.88
N ASP Z 473 -0.35 123.05 -34.54
CA ASP Z 473 -1.32 122.19 -35.19
C ASP Z 473 -2.12 121.38 -34.19
N ASN Z 474 -1.63 121.23 -32.96
CA ASN Z 474 -2.32 120.47 -31.93
C ASN Z 474 -3.30 121.32 -31.13
N TYR Z 475 -3.77 122.43 -31.70
CA TYR Z 475 -4.84 123.21 -31.10
C TYR Z 475 -5.52 123.99 -32.21
N LYS Z 476 -6.78 123.67 -32.48
CA LYS Z 476 -7.54 124.35 -33.50
C LYS Z 476 -8.78 124.96 -32.88
N THR Z 477 -9.26 126.04 -33.50
CA THR Z 477 -10.48 126.70 -33.03
C THR Z 477 -11.48 126.94 -34.16
N PHE Z 478 -11.02 127.11 -35.40
CA PHE Z 478 -11.89 127.38 -36.52
C PHE Z 478 -11.22 126.85 -37.78
N MET Z 479 -11.72 125.76 -38.33
CA MET Z 479 -11.11 125.16 -39.51
C MET Z 479 -12.16 125.06 -40.61
N PHE Z 480 -11.72 125.32 -41.85
CA PHE Z 480 -12.58 125.29 -43.02
C PHE Z 480 -12.17 124.13 -43.90
N TYR Z 481 -13.10 123.22 -44.18
CA TYR Z 481 -12.82 122.02 -44.95
C TYR Z 481 -13.54 122.06 -46.30
N PRO Z 482 -12.87 122.41 -47.38
CA PRO Z 482 -13.48 122.27 -48.70
C PRO Z 482 -13.26 120.87 -49.27
N TYR Z 483 -14.34 120.10 -49.43
CA TYR Z 483 -14.18 118.71 -49.83
C TYR Z 483 -13.96 118.58 -51.33
N THR Z 484 -14.95 118.95 -52.13
CA THR Z 484 -14.89 118.76 -53.58
C THR Z 484 -15.54 119.93 -54.29
N PHE Z 485 -15.19 120.08 -55.56
CA PHE Z 485 -15.77 121.07 -56.46
C PHE Z 485 -15.77 120.46 -57.85
N ASN Z 486 -16.95 120.12 -58.35
CA ASN Z 486 -17.06 119.32 -59.55
C ASN Z 486 -18.01 119.95 -60.56
N VAL Z 487 -17.67 119.77 -61.83
CA VAL Z 487 -18.54 120.14 -62.94
C VAL Z 487 -18.87 118.88 -63.73
N VAL Z 488 -20.00 118.94 -64.44
CA VAL Z 488 -20.41 117.88 -65.33
C VAL Z 488 -20.59 118.46 -66.73
N ASN Z 489 -20.67 117.57 -67.72
CA ASN Z 489 -20.87 117.95 -69.12
C ASN Z 489 -21.97 117.06 -69.69
N GLY Z 490 -23.22 117.50 -69.55
CA GLY Z 490 -24.33 116.65 -69.90
C GLY Z 490 -24.45 115.53 -68.89
N GLY Z 491 -24.04 114.33 -69.28
CA GLY Z 491 -23.93 113.21 -68.35
C GLY Z 491 -25.23 112.68 -67.80
N GLY Z 492 -26.36 112.98 -68.44
CA GLY Z 492 -27.64 112.53 -67.95
C GLY Z 492 -28.21 113.33 -66.80
N TYR Z 493 -27.48 114.31 -66.28
CA TYR Z 493 -27.97 115.12 -65.18
C TYR Z 493 -28.97 116.12 -65.74
N LEU Z 494 -30.25 115.74 -65.72
CA LEU Z 494 -31.29 116.55 -66.31
C LEU Z 494 -31.59 117.77 -65.44
N ASN Z 495 -32.03 118.83 -66.10
CA ASN Z 495 -32.55 119.99 -65.40
C ASN Z 495 -33.86 119.63 -64.69
N THR Z 496 -34.10 120.29 -63.57
CA THR Z 496 -35.30 119.99 -62.80
C THR Z 496 -36.54 120.64 -63.41
N ARG Z 497 -36.40 121.83 -63.97
CA ARG Z 497 -37.55 122.52 -64.54
C ARG Z 497 -37.94 121.91 -65.90
N ASN Z 498 -37.04 121.95 -66.86
CA ASN Z 498 -37.29 121.36 -68.17
C ASN Z 498 -36.22 120.32 -68.47
N PRO Z 499 -36.50 119.03 -68.30
CA PRO Z 499 -35.47 118.02 -68.55
C PRO Z 499 -35.25 117.65 -70.00
N ASN Z 500 -36.12 118.10 -70.92
CA ASN Z 500 -36.00 117.73 -72.31
C ASN Z 500 -34.80 118.41 -72.97
N VAL Z 501 -34.59 119.68 -72.64
CA VAL Z 501 -33.45 120.43 -73.18
C VAL Z 501 -32.18 120.01 -72.47
N PRO Z 502 -30.99 120.17 -73.05
CA PRO Z 502 -29.76 119.82 -72.34
C PRO Z 502 -29.49 120.80 -71.21
N ASN Z 503 -28.59 120.38 -70.32
CA ASN Z 503 -28.41 121.07 -69.04
C ASN Z 503 -26.99 120.84 -68.54
N MET Z 504 -26.36 121.92 -68.08
CA MET Z 504 -25.06 121.84 -67.43
C MET Z 504 -25.22 122.18 -65.95
N MET Z 505 -24.27 121.70 -65.15
CA MET Z 505 -24.46 121.68 -63.71
C MET Z 505 -23.10 121.62 -63.02
N MET Z 506 -23.04 122.19 -61.82
CA MET Z 506 -21.83 122.11 -61.01
C MET Z 506 -22.22 122.28 -59.54
N THR Z 507 -21.34 121.78 -58.68
CA THR Z 507 -21.57 121.84 -57.25
C THR Z 507 -20.25 121.99 -56.52
N ARG Z 508 -20.34 122.23 -55.22
CA ARG Z 508 -19.15 122.43 -54.40
C ARG Z 508 -19.46 121.95 -52.99
N ARG Z 509 -18.76 120.92 -52.54
CA ARG Z 509 -18.99 120.31 -51.25
C ARG Z 509 -17.96 120.82 -50.27
N TYR Z 510 -18.42 121.33 -49.13
CA TYR Z 510 -17.54 121.89 -48.13
C TYR Z 510 -18.27 121.92 -46.79
N THR Z 511 -17.50 122.05 -45.73
CA THR Z 511 -18.07 122.40 -44.44
C THR Z 511 -17.05 123.21 -43.66
N VAL Z 512 -17.54 123.92 -42.65
CA VAL Z 512 -16.69 124.69 -41.75
C VAL Z 512 -17.19 124.44 -40.34
N GLU Z 513 -16.26 124.31 -39.40
CA GLU Z 513 -16.62 123.91 -38.04
C GLU Z 513 -15.74 124.61 -37.03
N SER Z 514 -16.16 124.51 -35.77
CA SER Z 514 -15.52 125.20 -34.66
C SER Z 514 -15.26 124.21 -33.55
N PHE Z 515 -14.00 124.09 -33.14
CA PHE Z 515 -13.66 123.22 -32.03
C PHE Z 515 -13.85 123.95 -30.70
N VAL Z 516 -13.24 125.12 -30.57
CA VAL Z 516 -13.49 125.98 -29.42
C VAL Z 516 -13.80 127.38 -29.94
N PRO Z 517 -14.88 128.00 -29.49
CA PRO Z 517 -15.26 129.30 -30.07
C PRO Z 517 -14.56 130.50 -29.44
N ILE Z 518 -13.35 130.82 -29.90
CA ILE Z 518 -12.73 132.07 -29.51
C ILE Z 518 -13.13 133.14 -30.51
N ILE Z 519 -14.13 133.94 -30.16
CA ILE Z 519 -14.66 134.95 -31.06
C ILE Z 519 -15.20 136.12 -30.23
N GLY Z 520 -14.86 137.34 -30.64
CA GLY Z 520 -15.36 138.55 -30.01
C GLY Z 520 -16.12 139.41 -30.99
N ARG Z 521 -16.76 140.44 -30.43
CA ARG Z 521 -17.56 141.35 -31.26
C ARG Z 521 -17.49 142.74 -30.67
N ILE Z 522 -16.83 143.66 -31.36
CA ILE Z 522 -16.84 145.08 -31.00
C ILE Z 522 -18.01 145.74 -31.70
N THR Z 523 -18.95 146.24 -30.92
CA THR Z 523 -20.15 146.88 -31.46
C THR Z 523 -19.84 148.33 -31.75
N ILE Z 524 -19.53 148.64 -33.00
CA ILE Z 524 -19.34 150.03 -33.41
C ILE Z 524 -20.69 150.72 -33.41
N LYS Z 525 -20.80 151.79 -32.62
CA LYS Z 525 -22.07 152.46 -32.42
C LYS Z 525 -22.01 153.87 -32.99
N ASN Z 526 -23.06 154.24 -33.73
CA ASN Z 526 -23.22 155.55 -34.38
C ASN Z 526 -22.07 155.83 -35.35
N ASN Z 527 -21.89 154.92 -36.31
CA ASN Z 527 -20.96 155.11 -37.42
C ASN Z 527 -21.69 155.49 -38.70
N ASN Z 528 -22.77 156.26 -38.59
CA ASN Z 528 -23.53 156.71 -39.75
C ASN Z 528 -23.01 158.02 -40.33
N GLY Z 529 -21.82 158.45 -39.92
CA GLY Z 529 -21.28 159.71 -40.40
C GLY Z 529 -21.91 160.94 -39.79
N SER Z 530 -22.68 160.79 -38.72
CA SER Z 530 -23.38 161.90 -38.10
C SER Z 530 -22.62 162.48 -36.91
N VAL Z 531 -21.33 162.17 -36.77
CA VAL Z 531 -20.56 162.70 -35.66
C VAL Z 531 -20.20 164.17 -35.89
N TYR Z 532 -20.19 164.63 -37.13
CA TYR Z 532 -19.86 166.01 -37.43
C TYR Z 532 -21.09 166.89 -37.64
N ALA Z 533 -22.24 166.30 -37.88
CA ALA Z 533 -23.44 167.06 -38.19
C ALA Z 533 -24.48 167.04 -37.08
N ARG Z 534 -24.18 166.43 -35.94
CA ARG Z 534 -25.13 166.36 -34.85
C ARG Z 534 -25.25 167.70 -34.14
N MET AA 81 -24.73 107.00 -49.45
CA MET AA 81 -26.18 107.10 -49.44
C MET AA 81 -26.72 106.55 -48.11
N GLY AA 82 -28.04 106.53 -47.99
CA GLY AA 82 -28.75 106.04 -46.81
C GLY AA 82 -28.39 104.66 -46.30
N PRO AA 83 -28.51 103.61 -47.14
CA PRO AA 83 -28.18 102.26 -46.67
C PRO AA 83 -26.71 102.05 -46.34
N ILE AA 84 -25.79 102.85 -46.89
CA ILE AA 84 -24.39 102.66 -46.58
C ILE AA 84 -24.06 103.41 -45.29
N GLN AA 85 -23.59 102.68 -44.28
CA GLN AA 85 -23.28 103.21 -42.97
C GLN AA 85 -22.06 104.12 -43.03
N PRO AA 86 -22.11 105.30 -42.41
CA PRO AA 86 -20.94 106.17 -42.40
C PRO AA 86 -19.88 105.68 -41.44
N TYR AA 87 -18.63 105.95 -41.77
CA TYR AA 87 -17.49 105.54 -40.95
C TYR AA 87 -16.63 106.78 -40.69
N ALA AA 88 -16.77 107.33 -39.49
CA ALA AA 88 -15.98 108.49 -39.09
C ALA AA 88 -14.56 108.04 -38.79
N SER AA 89 -13.60 108.50 -39.60
CA SER AA 89 -12.21 108.10 -39.43
C SER AA 89 -11.56 108.91 -38.32
N LEU AA 90 -10.24 108.77 -38.18
CA LEU AA 90 -9.50 109.41 -37.10
C LEU AA 90 -8.38 110.23 -37.71
N SER AA 91 -8.40 111.54 -37.47
CA SER AA 91 -7.41 112.42 -38.04
C SER AA 91 -6.12 112.39 -37.22
N MET AA 92 -5.13 113.15 -37.70
CA MET AA 92 -3.78 113.05 -37.14
C MET AA 92 -3.62 113.69 -35.75
N PRO AA 93 -3.81 115.01 -35.55
CA PRO AA 93 -3.33 115.60 -34.30
C PRO AA 93 -4.25 115.35 -33.12
N ILE AA 94 -3.71 115.54 -31.92
CA ILE AA 94 -4.31 115.02 -30.70
C ILE AA 94 -5.12 116.07 -29.94
N LEU AA 95 -4.97 117.35 -30.27
CA LEU AA 95 -5.70 118.48 -29.68
C LEU AA 95 -5.52 118.55 -28.17
N VAL AA 96 -4.28 118.82 -27.77
CA VAL AA 96 -3.95 118.91 -26.35
C VAL AA 96 -4.44 120.26 -25.80
N LYS AA 97 -4.84 120.25 -24.53
CA LYS AA 97 -5.26 121.47 -23.85
C LYS AA 97 -4.06 122.36 -23.54
N LEU AA 98 -4.33 123.57 -23.04
CA LEU AA 98 -3.33 124.61 -22.91
C LEU AA 98 -3.21 125.08 -21.47
N TRP AA 99 -1.98 125.17 -20.98
CA TRP AA 99 -1.69 125.55 -19.61
C TRP AA 99 -1.22 127.00 -19.54
N ALA AA 100 -1.34 127.59 -18.35
CA ALA AA 100 -0.88 128.95 -18.15
C ALA AA 100 0.64 128.96 -17.99
N ARG AA 101 1.29 129.91 -18.65
CA ARG AA 101 2.72 130.07 -18.48
C ARG AA 101 3.01 130.67 -17.12
N LEU AA 102 4.22 130.42 -16.63
CA LEU AA 102 4.58 130.73 -15.25
C LEU AA 102 5.81 131.63 -15.21
N ALA AA 103 5.71 132.73 -14.46
CA ALA AA 103 6.86 133.60 -14.25
C ALA AA 103 6.90 134.14 -12.82
N LEU AA 104 6.12 133.57 -11.91
CA LEU AA 104 6.03 134.13 -10.56
C LEU AA 104 7.18 133.66 -9.67
N THR AA 105 7.78 132.52 -9.98
CA THR AA 105 8.95 132.08 -9.23
C THR AA 105 10.18 132.93 -9.54
N GLU AA 106 10.19 133.62 -10.68
CA GLU AA 106 11.25 134.56 -10.97
C GLU AA 106 11.09 135.85 -10.16
N ALA AA 107 9.87 136.14 -9.70
CA ALA AA 107 9.62 137.40 -9.01
C ALA AA 107 10.24 137.40 -7.61
N LEU AA 108 9.83 136.47 -6.76
CA LEU AA 108 10.34 136.46 -5.40
C LEU AA 108 11.75 135.86 -5.37
N PRO AA 109 12.62 136.33 -4.47
CA PRO AA 109 14.00 135.82 -4.45
C PRO AA 109 14.07 134.46 -3.79
N THR AA 110 14.72 133.52 -4.47
CA THR AA 110 14.72 132.11 -4.07
C THR AA 110 16.14 131.69 -3.72
N GLN AA 111 16.40 131.45 -2.44
CA GLN AA 111 17.60 130.76 -2.01
C GLN AA 111 17.21 129.37 -1.51
N VAL AA 112 17.86 128.34 -2.08
CA VAL AA 112 17.50 126.97 -1.78
C VAL AA 112 17.88 126.62 -0.34
N ALA AA 113 16.94 126.01 0.37
CA ALA AA 113 17.20 125.68 1.76
C ALA AA 113 17.95 124.35 1.85
N ASN AA 114 18.55 124.13 3.02
CA ASN AA 114 19.25 122.89 3.30
C ASN AA 114 18.83 122.25 4.61
N LYS AA 115 17.95 122.88 5.37
CA LYS AA 115 17.41 122.33 6.59
C LYS AA 115 15.90 122.47 6.58
N PRO AA 116 15.17 121.48 7.10
CA PRO AA 116 13.71 121.61 7.19
C PRO AA 116 13.24 122.55 8.28
N ASN AA 117 14.14 123.04 9.12
CA ASN AA 117 13.78 123.97 10.20
C ASN AA 117 15.05 124.71 10.59
N PHE AA 118 15.03 126.04 10.46
CA PHE AA 118 16.18 126.84 10.85
C PHE AA 118 15.70 128.22 11.29
N THR AA 119 16.64 129.07 11.68
CA THR AA 119 16.35 130.34 12.33
C THR AA 119 17.19 131.46 11.74
N VAL AA 120 16.60 132.65 11.70
CA VAL AA 120 17.29 133.87 11.31
C VAL AA 120 17.18 134.86 12.46
N PRO AA 121 18.29 135.34 13.01
CA PRO AA 121 18.21 136.30 14.13
C PRO AA 121 18.19 137.75 13.69
N ILE AA 122 17.23 138.51 14.19
CA ILE AA 122 17.16 139.94 13.96
C ILE AA 122 17.63 140.65 15.22
N LEU AA 123 18.03 141.91 15.06
CA LEU AA 123 18.72 142.66 16.12
C LEU AA 123 18.20 144.09 16.14
N THR AA 124 17.48 144.45 17.20
CA THR AA 124 16.91 145.78 17.34
C THR AA 124 17.50 146.47 18.57
N PRO AA 125 18.09 147.65 18.42
CA PRO AA 125 18.55 148.42 19.57
C PRO AA 125 17.37 149.09 20.28
N TYR AA 126 17.65 149.71 21.42
CA TYR AA 126 16.60 150.22 22.28
C TYR AA 126 17.06 151.50 22.97
N VAL AA 127 16.13 152.09 23.71
CA VAL AA 127 16.42 153.14 24.68
C VAL AA 127 15.80 152.71 26.00
N VAL AA 128 15.85 153.61 26.98
CA VAL AA 128 15.42 153.25 28.33
C VAL AA 128 14.29 154.11 28.86
N ASP AA 129 14.13 155.36 28.38
CA ASP AA 129 13.09 156.31 28.77
C ASP AA 129 13.19 156.70 30.26
N ALA AA 130 14.33 156.37 30.91
CA ALA AA 130 14.65 156.64 32.31
C ALA AA 130 13.61 156.09 33.30
N ASP AA 131 12.81 155.09 32.91
CA ASP AA 131 11.86 154.48 33.83
C ASP AA 131 11.77 152.97 33.69
N GLY AA 132 12.50 152.36 32.77
CA GLY AA 132 12.38 150.95 32.50
C GLY AA 132 11.59 150.59 31.27
N ASN AA 133 11.03 151.57 30.57
CA ASN AA 133 10.26 151.33 29.36
C ASN AA 133 11.19 151.44 28.16
N LYS AA 134 11.38 150.34 27.45
CA LYS AA 134 12.22 150.37 26.26
C LYS AA 134 11.40 150.75 25.04
N HIS AA 135 12.01 151.53 24.18
CA HIS AA 135 11.48 151.83 22.85
C HIS AA 135 12.54 151.48 21.83
N ALA AA 136 12.13 150.82 20.76
CA ALA AA 136 13.09 150.38 19.75
C ALA AA 136 13.64 151.57 18.98
N LEU AA 137 14.91 151.49 18.58
CA LEU AA 137 15.69 152.70 18.39
C LEU AA 137 15.41 153.44 17.08
N PRO AA 138 15.50 152.83 15.89
CA PRO AA 138 15.25 153.64 14.69
C PRO AA 138 13.79 153.91 14.40
N GLU AA 139 12.86 153.44 15.24
CA GLU AA 139 11.44 153.68 15.06
C GLU AA 139 10.87 154.58 16.14
N SER AA 140 11.73 155.32 16.85
CA SER AA 140 11.29 156.32 17.79
C SER AA 140 11.95 157.67 17.54
N ILE AA 141 12.91 157.74 16.61
CA ILE AA 141 13.60 158.98 16.30
C ILE AA 141 13.20 159.29 14.86
N ASN AA 142 11.94 158.98 14.53
CA ASN AA 142 11.36 159.30 13.23
C ASN AA 142 10.15 160.22 13.36
N ASN AA 143 9.87 160.73 14.55
CA ASN AA 143 8.87 161.75 14.76
C ASN AA 143 9.56 162.98 15.30
N THR AA 144 9.34 164.13 14.65
CA THR AA 144 10.09 165.36 14.88
C THR AA 144 10.01 165.93 16.31
N PRO AA 145 8.96 165.68 17.12
CA PRO AA 145 9.22 165.91 18.55
C PRO AA 145 9.96 164.73 19.20
N GLU AA 146 11.28 164.73 19.05
CA GLU AA 146 12.12 163.68 19.63
C GLU AA 146 12.32 163.97 21.11
N THR AA 147 11.28 163.67 21.90
CA THR AA 147 11.28 163.99 23.31
C THR AA 147 12.05 162.99 24.17
N LEU AA 148 12.40 161.82 23.62
CA LEU AA 148 13.11 160.83 24.41
C LEU AA 148 14.56 161.24 24.61
N VAL AA 149 15.31 161.39 23.54
CA VAL AA 149 16.68 161.88 23.63
C VAL AA 149 16.64 163.39 23.80
N GLY AA 150 17.21 163.87 24.88
CA GLY AA 150 17.23 165.30 25.16
C GLY AA 150 17.32 165.56 26.65
N LEU AA 151 17.69 166.78 26.99
CA LEU AA 151 17.87 167.15 28.39
C LEU AA 151 16.52 167.33 29.07
N VAL AA 152 16.56 167.37 30.40
CA VAL AA 152 15.34 167.46 31.18
C VAL AA 152 14.80 168.88 31.12
N GLN AA 153 13.54 169.02 30.74
CA GLN AA 153 12.90 170.32 30.70
C GLN AA 153 12.36 170.66 32.08
N ILE AA 154 12.49 171.93 32.46
CA ILE AA 154 12.02 172.41 33.74
C ILE AA 154 10.52 172.63 33.68
N LYS AA 155 9.90 172.89 34.83
CA LYS AA 155 8.47 173.17 34.90
C LYS AA 155 8.12 174.42 34.10
N GLU AA 156 7.01 174.36 33.37
CA GLU AA 156 6.70 175.38 32.39
C GLU AA 156 6.13 176.64 33.03
N ASP AA 157 4.99 176.51 33.69
CA ASP AA 157 4.26 177.68 34.17
C ASP AA 157 4.87 178.23 35.46
N ILE AA 158 4.71 179.55 35.65
CA ILE AA 158 5.21 180.25 36.83
C ILE AA 158 4.15 181.26 37.26
N ALA AA 159 3.76 181.22 38.52
CA ALA AA 159 2.86 182.20 39.10
C ALA AA 159 3.65 183.44 39.48
N VAL AA 160 3.26 184.59 38.94
CA VAL AA 160 3.98 185.85 39.14
C VAL AA 160 3.04 186.80 39.85
N GLU AA 161 2.28 186.27 40.81
CA GLU AA 161 1.39 187.08 41.66
C GLU AA 161 2.16 188.22 42.32
N GLY AA 162 1.61 189.42 42.18
CA GLY AA 162 2.25 190.64 42.68
C GLY AA 162 3.03 191.40 41.65
N GLY AA 163 3.07 190.94 40.39
CA GLY AA 163 3.92 191.54 39.39
C GLY AA 163 5.39 191.20 39.54
N LYS AA 164 5.74 190.33 40.46
CA LYS AA 164 7.13 190.00 40.76
C LYS AA 164 7.15 188.71 41.56
N VAL AA 165 8.10 187.85 41.26
CA VAL AA 165 8.33 186.70 42.13
C VAL AA 165 9.41 187.10 43.12
N THR AA 166 9.46 186.41 44.25
CA THR AA 166 10.46 186.68 45.27
C THR AA 166 11.22 185.36 45.48
N ASP AA 167 12.30 185.20 44.72
CA ASP AA 167 13.23 184.08 44.80
C ASP AA 167 12.50 182.75 44.56
N TYR AA 168 11.97 182.62 43.36
CA TYR AA 168 11.19 181.44 42.99
C TYR AA 168 12.12 180.29 42.61
N ASP AA 169 11.80 179.09 43.08
CA ASP AA 169 12.62 177.91 42.82
C ASP AA 169 12.24 177.33 41.47
N LEU AA 170 13.19 177.34 40.53
CA LEU AA 170 12.93 176.80 39.21
C LEU AA 170 12.96 175.27 39.18
N PHE AA 171 13.61 174.65 40.15
CA PHE AA 171 13.69 173.19 40.19
C PHE AA 171 12.57 172.59 41.03
N THR AA 172 11.34 172.99 40.72
CA THR AA 172 10.17 172.51 41.42
C THR AA 172 9.40 171.54 40.52
N GLY AA 173 8.75 170.56 41.14
CA GLY AA 173 7.97 169.60 40.40
C GLY AA 173 8.76 168.54 39.68
N LEU AA 174 10.08 168.47 39.89
CA LEU AA 174 10.90 167.44 39.30
C LEU AA 174 11.08 166.30 40.30
N LYS AA 175 11.51 165.15 39.77
CA LYS AA 175 11.77 163.98 40.59
C LYS AA 175 13.22 164.01 41.05
N GLU AA 176 13.42 163.99 42.36
CA GLU AA 176 14.75 164.13 42.94
C GLU AA 176 15.53 162.82 42.79
N GLY AA 177 16.77 162.93 42.32
CA GLY AA 177 17.64 161.79 42.24
C GLY AA 177 17.90 161.31 40.83
N LYS AA 178 16.86 161.31 40.01
CA LYS AA 178 16.97 160.82 38.64
C LYS AA 178 16.79 161.90 37.59
N GLU AA 179 16.12 163.00 37.91
CA GLU AA 179 16.05 164.15 37.02
C GLU AA 179 16.94 165.29 37.47
N VAL AA 180 17.11 165.47 38.77
CA VAL AA 180 17.91 166.56 39.31
C VAL AA 180 18.50 166.11 40.64
N ARG AA 181 19.77 166.43 40.84
CA ARG AA 181 20.44 166.23 42.12
C ARG AA 181 20.58 167.61 42.75
N LYS AA 182 19.69 167.92 43.70
CA LYS AA 182 19.50 169.26 44.23
C LYS AA 182 20.73 169.83 44.89
N GLY AA 183 21.31 170.86 44.29
CA GLY AA 183 22.54 171.45 44.75
C GLY AA 183 23.78 170.95 44.06
N ILE AA 184 23.65 170.09 43.06
CA ILE AA 184 24.78 169.50 42.36
C ILE AA 184 24.80 169.92 40.89
N ASP AA 185 23.68 169.72 40.19
CA ASP AA 185 23.58 170.14 38.80
C ASP AA 185 22.83 171.46 38.71
N ARG AA 186 23.12 172.20 37.65
CA ARG AA 186 22.68 173.57 37.50
C ARG AA 186 21.62 173.69 36.41
N LEU AA 187 20.93 174.83 36.41
CA LEU AA 187 20.12 175.22 35.28
C LEU AA 187 21.02 175.56 34.10
N ASP AA 188 20.58 175.20 32.90
CA ASP AA 188 21.39 175.42 31.73
C ASP AA 188 21.37 176.90 31.33
N ARG AA 189 22.31 177.27 30.47
CA ARG AA 189 22.43 178.64 30.01
C ARG AA 189 21.67 178.90 28.72
N LYS AA 190 20.83 177.96 28.29
CA LYS AA 190 19.90 178.18 27.19
C LYS AA 190 18.52 178.56 27.69
N PHE AA 191 18.45 179.17 28.87
CA PHE AA 191 17.19 179.52 29.48
C PHE AA 191 16.60 180.73 28.79
N LYS AA 192 15.29 180.67 28.51
CA LYS AA 192 14.56 181.80 27.97
C LYS AA 192 13.09 181.61 28.32
N ILE AA 193 12.36 182.70 28.39
CA ILE AA 193 10.92 182.61 28.52
C ILE AA 193 10.34 182.80 27.13
N VAL AA 194 9.19 182.18 26.89
CA VAL AA 194 8.57 182.22 25.58
C VAL AA 194 7.16 182.77 25.61
N GLU AA 195 6.45 182.71 26.73
CA GLU AA 195 5.12 183.26 26.82
C GLU AA 195 4.98 184.02 28.12
N ALA AA 196 4.12 185.03 28.09
CA ALA AA 196 3.85 185.83 29.29
C ALA AA 196 2.37 186.17 29.28
N LYS AA 197 1.85 186.49 30.45
CA LYS AA 197 0.42 186.77 30.57
C LYS AA 197 0.26 187.93 31.55
N TRP AA 198 0.06 189.13 31.01
CA TRP AA 198 -0.28 190.26 31.85
C TRP AA 198 -1.74 190.18 32.26
N SER AA 199 -2.12 191.06 33.18
CA SER AA 199 -3.50 191.09 33.64
C SER AA 199 -4.43 191.85 32.70
N ASP AA 200 -3.93 192.30 31.54
CA ASP AA 200 -4.76 192.95 30.54
C ASP AA 200 -4.42 192.48 29.13
N SER AA 201 -3.61 191.45 28.99
CA SER AA 201 -3.11 191.03 27.69
C SER AA 201 -4.16 190.21 26.95
N PHE AA 202 -4.13 190.34 25.62
CA PHE AA 202 -4.98 189.54 24.75
C PHE AA 202 -4.14 188.48 24.06
N ASP AA 203 -4.80 187.39 23.68
CA ASP AA 203 -4.09 186.21 23.19
C ASP AA 203 -3.55 186.42 21.78
N GLU AA 204 -4.43 186.76 20.83
CA GLU AA 204 -4.17 186.77 19.37
C GLU AA 204 -3.73 185.39 18.86
N ARG AA 205 -4.10 184.35 19.59
CA ARG AA 205 -3.97 182.96 19.16
C ARG AA 205 -5.33 182.33 19.41
N THR AA 206 -6.01 182.83 20.44
CA THR AA 206 -7.42 182.65 20.67
C THR AA 206 -8.06 184.02 20.80
N SER AA 207 -9.39 184.04 20.87
CA SER AA 207 -10.12 185.30 21.06
C SER AA 207 -10.50 185.47 22.53
N ALA AA 208 -9.48 185.61 23.38
CA ALA AA 208 -9.69 185.74 24.80
C ALA AA 208 -8.54 186.54 25.40
N ALA AA 209 -8.61 186.74 26.71
CA ALA AA 209 -7.57 187.44 27.46
C ALA AA 209 -6.70 186.40 28.16
N GLY AA 210 -5.47 186.25 27.70
CA GLY AA 210 -4.60 185.23 28.26
C GLY AA 210 -3.14 185.45 27.95
N PHE AA 211 -2.43 184.38 27.60
CA PHE AA 211 -1.00 184.43 27.36
C PHE AA 211 -0.68 185.17 26.06
N VAL AA 212 0.57 185.57 25.93
CA VAL AA 212 1.07 186.23 24.73
C VAL AA 212 2.31 185.49 24.29
N GLU AA 213 2.27 184.93 23.09
CA GLU AA 213 3.47 184.35 22.50
C GLU AA 213 4.41 185.47 22.09
N LEU AA 214 5.65 185.40 22.57
CA LEU AA 214 6.65 186.41 22.25
C LEU AA 214 7.27 186.04 20.91
N GLY AA 215 6.76 186.65 19.85
CA GLY AA 215 7.25 186.35 18.51
C GLY AA 215 8.51 187.11 18.18
N SER AA 216 9.65 186.40 18.19
CA SER AA 216 10.98 186.91 17.85
C SER AA 216 11.40 188.07 18.75
N ASN AA 217 10.84 188.14 19.96
CA ASN AA 217 11.27 189.10 20.97
C ASN AA 217 11.30 188.43 22.33
N VAL AA 218 11.60 187.13 22.36
CA VAL AA 218 11.78 186.41 23.62
C VAL AA 218 12.99 186.97 24.34
N VAL AA 219 12.91 187.03 25.66
CA VAL AA 219 14.05 187.42 26.47
C VAL AA 219 14.80 186.15 26.82
N LYS AA 220 16.12 186.17 26.65
CA LYS AA 220 16.94 185.01 26.91
C LYS AA 220 18.01 185.35 27.93
N LEU AA 221 18.71 184.31 28.39
CA LEU AA 221 19.72 184.48 29.42
C LEU AA 221 20.94 185.17 28.81
N GLN AA 222 21.10 186.46 29.08
CA GLN AA 222 22.27 187.20 28.64
C GLN AA 222 23.42 186.96 29.63
N ASP AA 223 24.47 187.77 29.53
CA ASP AA 223 25.55 187.69 30.49
C ASP AA 223 25.09 188.20 31.85
N ASN AA 224 25.81 187.78 32.89
CA ASN AA 224 25.52 188.00 34.31
C ASN AA 224 24.17 187.40 34.73
N ASP AA 225 23.68 186.42 33.96
CA ASP AA 225 22.50 185.61 34.25
C ASP AA 225 21.24 186.46 34.46
N THR AA 226 21.06 187.43 33.56
CA THR AA 226 19.89 188.30 33.63
C THR AA 226 19.16 188.24 32.29
N LEU AA 227 17.85 188.53 32.34
CA LEU AA 227 16.98 188.54 31.17
C LEU AA 227 16.32 189.91 31.13
N VAL AA 228 16.79 190.76 30.22
CA VAL AA 228 16.26 192.10 30.08
C VAL AA 228 15.47 192.16 28.78
N GLY AA 229 14.40 192.96 28.78
CA GLY AA 229 13.66 193.18 27.55
C GLY AA 229 12.32 193.86 27.73
N GLN AA 230 12.00 194.78 26.83
CA GLN AA 230 10.71 195.45 26.83
C GLN AA 230 9.81 194.76 25.82
N ILE AA 231 8.56 194.50 26.22
CA ILE AA 231 7.64 193.72 25.42
C ILE AA 231 6.38 194.53 25.17
N LYS AA 232 6.04 194.72 23.90
CA LYS AA 232 4.77 195.31 23.52
C LYS AA 232 3.76 194.18 23.33
N TYR AA 233 2.72 194.18 24.17
CA TYR AA 233 1.73 193.14 24.05
C TYR AA 233 0.37 193.71 23.66
N PRO AA 234 -0.38 193.01 22.82
CA PRO AA 234 -1.73 193.49 22.45
C PRO AA 234 -2.68 193.43 23.63
N THR AA 235 -3.23 194.59 23.98
CA THR AA 235 -4.13 194.67 25.13
C THR AA 235 -5.51 194.10 24.78
N ASN AA 236 -6.08 194.54 23.67
CA ASN AA 236 -7.41 194.15 23.26
C ASN AA 236 -7.35 193.49 21.90
N GLY AA 237 -8.32 192.61 21.64
CA GLY AA 237 -8.38 191.93 20.37
C GLY AA 237 -8.77 192.85 19.23
N ASP AA 238 -9.57 193.88 19.52
CA ASP AA 238 -9.93 194.88 18.53
C ASP AA 238 -9.37 196.26 18.84
N GLY AA 239 -8.73 196.44 20.00
CA GLY AA 239 -8.19 197.72 20.37
C GLY AA 239 -6.83 198.00 19.77
N GLU AA 240 -5.97 196.97 19.76
CA GLU AA 240 -4.57 197.05 19.31
C GLU AA 240 -3.83 198.16 20.04
N VAL AA 241 -3.98 198.18 21.37
CA VAL AA 241 -3.44 199.27 22.18
C VAL AA 241 -1.93 199.17 22.29
N GLU AA 242 -1.39 197.94 22.32
CA GLU AA 242 0.05 197.65 22.36
C GLU AA 242 0.71 198.28 23.59
N THR AA 243 0.27 197.84 24.76
CA THR AA 243 0.86 198.30 26.00
C THR AA 243 2.26 197.70 26.15
N ASP AA 244 3.21 198.53 26.58
CA ASP AA 244 4.58 198.09 26.77
C ASP AA 244 4.85 197.87 28.25
N THR AA 245 5.59 196.82 28.57
CA THR AA 245 6.02 196.56 29.93
C THR AA 245 7.37 195.87 29.88
N ILE AA 246 8.36 196.47 30.54
CA ILE AA 246 9.71 195.92 30.53
C ILE AA 246 9.78 194.68 31.42
N LEU AA 247 10.77 193.85 31.16
CA LEU AA 247 10.98 192.60 31.91
C LEU AA 247 12.40 192.59 32.44
N GLY AA 248 12.58 192.98 33.70
CA GLY AA 248 13.86 192.93 34.36
C GLY AA 248 13.97 191.67 35.19
N LYS AA 249 14.97 190.87 34.88
CA LYS AA 249 15.19 189.60 35.56
C LYS AA 249 16.61 189.52 36.10
N VAL AA 250 16.82 188.56 37.00
CA VAL AA 250 18.15 188.04 37.27
C VAL AA 250 17.96 186.57 37.67
N ASP AA 251 18.94 185.75 37.29
CA ASP AA 251 18.92 184.33 37.60
C ASP AA 251 20.22 183.97 38.28
N VAL AA 252 20.37 182.69 38.60
CA VAL AA 252 21.65 182.12 38.97
C VAL AA 252 21.66 180.67 38.52
N SER AA 253 22.70 180.29 37.77
CA SER AA 253 22.75 178.97 37.19
C SER AA 253 23.05 177.92 38.24
N SER AA 254 24.20 178.04 38.91
CA SER AA 254 24.59 177.07 39.92
C SER AA 254 23.70 177.15 41.16
N GLY AA 255 23.07 178.30 41.39
CA GLY AA 255 22.16 178.49 42.48
C GLY AA 255 20.72 178.22 42.17
N GLU AA 256 20.37 178.04 40.88
CA GLU AA 256 19.10 177.49 40.37
C GLU AA 256 17.85 178.25 40.83
N LEU AA 257 18.01 179.49 41.29
CA LEU AA 257 16.89 180.31 41.74
C LEU AA 257 16.73 181.49 40.79
N THR AA 258 15.50 181.96 40.65
CA THR AA 258 15.18 183.03 39.72
C THR AA 258 14.63 184.25 40.44
N LEU AA 259 14.51 185.34 39.69
CA LEU AA 259 13.98 186.59 40.23
C LEU AA 259 13.35 187.39 39.10
N THR AA 260 12.14 187.87 39.33
CA THR AA 260 11.32 188.50 38.29
C THR AA 260 10.83 189.85 38.79
N SER AA 261 10.96 190.88 37.95
CA SER AA 261 10.36 192.18 38.23
C SER AA 261 9.92 192.80 36.91
N ALA AA 262 8.66 193.24 36.86
CA ALA AA 262 8.13 193.98 35.74
C ALA AA 262 7.41 195.21 36.24
N SER AA 263 7.57 196.32 35.53
CA SER AA 263 7.02 197.60 35.95
C SER AA 263 5.50 197.66 35.87
N GLY AA 264 4.89 196.87 35.00
CA GLY AA 264 3.45 196.88 34.87
C GLY AA 264 2.78 195.87 35.79
N LYS AA 265 2.04 194.93 35.21
CA LYS AA 265 1.31 193.93 35.99
C LYS AA 265 1.44 192.56 35.32
N LEU AA 266 2.43 191.79 35.77
CA LEU AA 266 2.53 190.41 35.33
C LEU AA 266 1.57 189.54 36.12
N THR AA 267 1.10 188.47 35.49
CA THR AA 267 0.40 187.42 36.22
C THR AA 267 1.09 186.08 36.07
N ASP AA 268 1.31 185.62 34.84
CA ASP AA 268 1.95 184.34 34.58
C ASP AA 268 3.07 184.52 33.58
N VAL AA 269 4.05 183.62 33.65
CA VAL AA 269 5.19 183.59 32.72
C VAL AA 269 5.48 182.13 32.40
N LYS AA 270 5.56 181.80 31.12
CA LYS AA 270 5.88 180.44 30.68
C LYS AA 270 7.34 180.40 30.26
N VAL AA 271 8.17 179.84 31.13
CA VAL AA 271 9.59 179.73 30.84
C VAL AA 271 9.85 178.49 29.99
N LYS AA 272 11.05 178.43 29.40
CA LYS AA 272 11.49 177.29 28.60
C LYS AA 272 12.98 177.09 28.88
N GLY AA 273 13.30 176.26 29.86
CA GLY AA 273 14.66 176.06 30.28
C GLY AA 273 14.97 174.60 30.49
N TYR AA 274 16.26 174.30 30.50
CA TYR AA 274 16.77 172.95 30.63
C TYR AA 274 17.59 172.82 31.91
N VAL AA 275 17.97 171.59 32.22
CA VAL AA 275 18.91 171.29 33.29
C VAL AA 275 20.19 170.81 32.64
N ALA AA 276 21.29 171.52 32.90
CA ALA AA 276 22.54 171.26 32.21
C ALA AA 276 23.14 169.95 32.70
N SER AA 277 23.42 169.05 31.77
CA SER AA 277 23.97 167.74 32.10
C SER AA 277 25.49 167.75 31.97
N GLU AA 278 26.13 168.64 32.70
CA GLU AA 278 27.58 168.57 32.87
C GLU AA 278 27.95 167.64 34.00
N GLN AA 279 27.16 167.65 35.07
CA GLN AA 279 27.23 166.61 36.08
C GLN AA 279 26.40 165.44 35.61
N HIS AA 280 26.99 164.25 35.57
CA HIS AA 280 26.40 163.09 34.93
C HIS AA 280 25.23 162.53 35.73
N THR AA 281 24.15 163.30 35.86
CA THR AA 281 23.00 162.86 36.63
C THR AA 281 22.16 161.86 35.87
N SER AA 282 21.75 162.22 34.64
CA SER AA 282 20.98 161.33 33.81
C SER AA 282 21.45 161.46 32.37
N ALA AA 283 21.23 160.40 31.60
CA ALA AA 283 21.59 160.38 30.19
C ALA AA 283 20.66 159.42 29.48
N THR AA 284 20.97 159.12 28.23
CA THR AA 284 20.22 158.15 27.45
C THR AA 284 21.04 156.87 27.32
N ASN AA 285 20.54 155.79 27.91
CA ASN AA 285 21.20 154.50 27.83
C ASN AA 285 20.59 153.69 26.70
N VAL AA 286 21.45 153.20 25.80
CA VAL AA 286 21.01 152.34 24.71
C VAL AA 286 21.52 150.93 24.99
N GLU AA 287 20.74 149.95 24.54
CA GLU AA 287 21.10 148.54 24.70
C GLU AA 287 20.70 147.82 23.41
N LEU AA 288 20.70 146.50 23.48
CA LEU AA 288 20.45 145.67 22.31
C LEU AA 288 19.28 144.73 22.60
N GLY AA 289 18.91 143.95 21.59
CA GLY AA 289 17.80 143.03 21.71
C GLY AA 289 17.74 142.11 20.50
N LEU AA 290 17.56 140.82 20.73
CA LEU AA 290 17.63 139.84 19.66
C LEU AA 290 16.47 138.88 19.76
N THR AA 291 15.77 138.71 18.64
CA THR AA 291 14.75 137.69 18.51
C THR AA 291 15.02 136.93 17.22
N ARG AA 292 14.74 135.63 17.22
CA ARG AA 292 14.99 134.81 16.06
C ARG AA 292 13.70 134.58 15.29
N LYS AA 293 13.85 134.30 13.99
CA LYS AA 293 12.74 133.99 13.11
C LYS AA 293 12.56 132.48 13.03
N ASP AA 294 11.33 132.05 12.80
CA ASP AA 294 10.99 130.63 12.76
C ASP AA 294 10.49 130.27 11.35
N VAL AA 295 11.36 129.68 10.55
CA VAL AA 295 10.98 129.10 9.27
C VAL AA 295 11.08 127.59 9.39
N VAL AA 296 9.98 126.90 9.09
CA VAL AA 296 9.93 125.45 9.11
C VAL AA 296 9.34 124.98 7.77
N ILE AA 297 10.00 124.00 7.17
CA ILE AA 297 9.57 123.47 5.88
C ILE AA 297 8.93 122.11 6.11
N ASP AA 298 7.66 122.00 5.74
CA ASP AA 298 6.92 120.77 5.93
C ASP AA 298 6.68 120.08 4.60
N THR AA 299 6.34 118.79 4.69
CA THR AA 299 5.97 118.03 3.52
C THR AA 299 4.66 118.53 2.95
N ALA AA 300 4.53 118.46 1.63
CA ALA AA 300 3.31 118.78 0.93
C ALA AA 300 2.68 117.49 0.42
N GLN AA 301 1.48 117.60 -0.15
CA GLN AA 301 0.75 116.43 -0.59
C GLN AA 301 1.35 115.87 -1.88
N HIS AA 302 1.40 114.55 -1.95
CA HIS AA 302 1.95 113.88 -3.11
C HIS AA 302 0.96 113.92 -4.26
N ILE AA 303 1.49 114.08 -5.46
CA ILE AA 303 0.71 113.95 -6.68
C ILE AA 303 1.02 112.60 -7.28
N GLU AA 304 0.04 111.71 -7.29
CA GLU AA 304 0.24 110.34 -7.75
C GLU AA 304 -0.73 110.00 -8.85
N ALA AA 305 -0.47 108.92 -9.55
CA ALA AA 305 -1.23 108.52 -10.72
C ALA AA 305 -1.21 107.00 -10.83
N THR AA 306 -2.38 106.37 -10.69
CA THR AA 306 -2.47 104.92 -10.80
C THR AA 306 -2.23 104.48 -12.25
N VAL AA 307 -1.44 103.42 -12.41
CA VAL AA 307 -1.04 102.92 -13.72
C VAL AA 307 -1.39 101.44 -13.78
N PRO AA 308 -2.51 101.08 -14.40
CA PRO AA 308 -2.81 99.67 -14.63
C PRO AA 308 -2.13 99.16 -15.92
N LEU AA 309 -2.34 97.88 -16.20
CA LEU AA 309 -1.66 97.23 -17.31
C LEU AA 309 -2.35 97.49 -18.63
N GLU AA 310 -3.64 97.16 -18.71
CA GLU AA 310 -4.41 97.30 -19.92
C GLU AA 310 -4.79 98.74 -20.22
N VAL AA 311 -4.69 99.63 -19.22
CA VAL AA 311 -4.85 101.06 -19.49
C VAL AA 311 -3.73 101.57 -20.38
N ILE AA 312 -2.49 101.20 -20.06
CA ILE AA 312 -1.39 101.66 -20.91
C ILE AA 312 -1.25 100.75 -22.13
N GLN AA 313 -2.01 99.66 -22.19
CA GLN AA 313 -1.93 98.79 -23.35
C GLN AA 313 -2.91 99.21 -24.45
N ASP AA 314 -4.15 99.51 -24.09
CA ASP AA 314 -5.13 99.83 -25.12
C ASP AA 314 -4.96 101.24 -25.66
N MET AA 315 -4.54 102.19 -24.82
CA MET AA 315 -4.28 103.55 -25.29
C MET AA 315 -3.08 103.58 -26.22
N LYS AA 316 -2.07 102.75 -25.95
CA LYS AA 316 -0.98 102.58 -26.89
C LYS AA 316 -1.45 101.91 -28.17
N ALA AA 317 -2.42 101.03 -28.07
CA ALA AA 317 -2.93 100.33 -29.26
C ALA AA 317 -3.90 101.21 -30.04
N THR AA 318 -4.94 101.72 -29.37
CA THR AA 318 -6.00 102.43 -30.08
C THR AA 318 -5.54 103.81 -30.53
N TYR AA 319 -5.19 104.68 -29.58
CA TYR AA 319 -4.92 106.07 -29.87
C TYR AA 319 -3.43 106.39 -29.95
N ASP AA 320 -2.56 105.40 -29.72
CA ASP AA 320 -1.11 105.57 -29.62
C ASP AA 320 -0.71 106.62 -28.59
N ILE AA 321 -1.43 106.68 -27.48
CA ILE AA 321 -1.10 107.56 -26.38
C ILE AA 321 -0.24 106.80 -25.39
N ASP AA 322 0.95 107.31 -25.12
CA ASP AA 322 1.79 106.75 -24.07
C ASP AA 322 1.16 107.12 -22.73
N GLY AA 323 0.70 106.11 -22.00
CA GLY AA 323 -0.05 106.34 -20.77
C GLY AA 323 0.79 106.88 -19.63
N VAL AA 324 2.07 106.53 -19.58
CA VAL AA 324 2.92 106.97 -18.48
C VAL AA 324 3.71 108.23 -18.81
N ALA AA 325 3.86 108.55 -20.10
CA ALA AA 325 4.49 109.82 -20.46
C ALA AA 325 3.49 110.95 -20.40
N ARG AA 326 2.26 110.71 -20.84
CA ARG AA 326 1.20 111.70 -20.68
C ARG AA 326 0.68 111.78 -19.24
N LEU AA 327 1.16 110.93 -18.34
CA LEU AA 327 0.85 111.06 -16.93
C LEU AA 327 1.94 111.78 -16.15
N SER AA 328 3.21 111.58 -16.51
CA SER AA 328 4.30 112.29 -15.86
C SER AA 328 4.28 113.78 -16.20
N GLU AA 329 3.88 114.11 -17.42
CA GLU AA 329 3.81 115.51 -17.82
C GLU AA 329 2.63 116.24 -17.19
N THR AA 330 1.49 115.57 -17.04
CA THR AA 330 0.34 116.26 -16.46
C THR AA 330 0.43 116.35 -14.93
N MET AA 331 1.40 115.68 -14.32
CA MET AA 331 1.69 115.90 -12.91
C MET AA 331 2.70 117.01 -12.70
N SER AA 332 3.61 117.20 -13.66
CA SER AA 332 4.58 118.28 -13.54
C SER AA 332 3.93 119.64 -13.70
N GLN AA 333 2.90 119.73 -14.54
CA GLN AA 333 2.15 120.98 -14.66
C GLN AA 333 1.30 121.23 -13.44
N LEU AA 334 0.79 120.16 -12.81
CA LEU AA 334 0.00 120.35 -11.60
C LEU AA 334 0.86 120.75 -10.42
N SER AA 335 2.10 120.24 -10.36
CA SER AA 335 3.01 120.66 -9.30
C SER AA 335 3.48 122.09 -9.51
N SER AA 336 3.74 122.46 -10.77
CA SER AA 336 4.21 123.81 -11.05
C SER AA 336 3.12 124.85 -10.87
N GLN AA 337 1.86 124.48 -11.08
CA GLN AA 337 0.75 125.39 -10.84
C GLN AA 337 0.21 125.30 -9.43
N LYS AA 338 0.85 124.52 -8.55
CA LYS AA 338 0.59 124.62 -7.13
C LYS AA 338 1.54 125.58 -6.44
N VAL AA 339 2.73 125.77 -7.01
CA VAL AA 339 3.66 126.77 -6.50
C VAL AA 339 3.10 128.16 -6.69
N ASP AA 340 2.69 128.48 -7.92
CA ASP AA 340 2.27 129.83 -8.26
C ASP AA 340 0.84 130.14 -7.87
N LEU AA 341 0.14 129.20 -7.24
CA LEU AA 341 -1.08 129.55 -6.52
C LEU AA 341 -0.84 129.69 -5.03
N ASP AA 342 0.25 129.13 -4.51
CA ASP AA 342 0.63 129.41 -3.15
C ASP AA 342 1.38 130.73 -3.04
N ILE AA 343 2.04 131.17 -4.12
CA ILE AA 343 2.60 132.51 -4.14
C ILE AA 343 1.50 133.55 -4.14
N ILE AA 344 0.47 133.34 -4.96
CA ILE AA 344 -0.64 134.28 -5.06
C ILE AA 344 -1.44 134.32 -3.76
N GLU AA 345 -1.68 133.16 -3.15
CA GLU AA 345 -2.38 133.14 -1.88
C GLU AA 345 -1.53 133.67 -0.74
N PHE AA 346 -0.20 133.72 -0.91
CA PHE AA 346 0.65 134.33 0.09
C PHE AA 346 0.51 135.84 0.10
N LEU AA 347 0.68 136.46 -1.07
CA LEU AA 347 0.57 137.91 -1.19
C LEU AA 347 -0.86 138.39 -0.97
N ASP AA 348 -1.86 137.53 -1.22
CA ASP AA 348 -3.21 137.83 -0.80
C ASP AA 348 -3.32 137.86 0.72
N HIS AA 349 -2.59 137.00 1.41
CA HIS AA 349 -2.66 136.91 2.86
C HIS AA 349 -1.80 137.94 3.55
N GLU AA 350 -0.58 138.18 3.06
CA GLU AA 350 0.33 139.09 3.77
C GLU AA 350 -0.03 140.54 3.55
N TYR AA 351 -0.65 140.87 2.41
CA TYR AA 351 -1.21 142.21 2.26
C TYR AA 351 -2.39 142.42 3.19
N LYS AA 352 -3.15 141.36 3.46
CA LYS AA 352 -4.24 141.45 4.43
C LYS AA 352 -3.70 141.62 5.84
N GLU AA 353 -2.51 141.08 6.11
CA GLU AA 353 -1.87 141.33 7.40
C GLU AA 353 -1.28 142.72 7.46
N THR AA 354 -0.92 143.29 6.31
CA THR AA 354 -0.44 144.68 6.25
C THR AA 354 -1.55 145.66 6.60
N ASP AA 355 -2.80 145.31 6.26
CA ASP AA 355 -4.02 146.04 6.60
C ASP AA 355 -4.01 147.46 6.05
N ALA AA 356 -3.97 147.53 4.71
CA ALA AA 356 -4.25 148.74 3.92
C ALA AA 356 -3.26 149.87 4.21
N LYS AA 357 -2.00 149.52 4.48
CA LYS AA 357 -1.00 150.55 4.70
C LYS AA 357 -0.57 151.19 3.39
N TYR AA 358 -0.69 150.47 2.27
CA TYR AA 358 -0.27 150.97 0.98
C TYR AA 358 -1.34 150.68 -0.06
N HIS AA 359 -2.60 150.95 0.28
CA HIS AA 359 -3.71 150.70 -0.61
C HIS AA 359 -4.09 152.00 -1.29
N PHE AA 360 -3.56 152.21 -2.49
CA PHE AA 360 -3.95 153.35 -3.31
C PHE AA 360 -4.78 152.86 -4.48
N SER AA 361 -5.37 153.80 -5.21
CA SER AA 361 -6.33 153.47 -6.24
C SER AA 361 -5.98 154.16 -7.54
N PHE AA 362 -6.66 153.74 -8.60
CA PHE AA 362 -6.55 154.38 -9.91
C PHE AA 362 -7.83 154.09 -10.66
N ASP AA 363 -8.31 155.09 -11.39
CA ASP AA 363 -9.51 154.95 -12.19
C ASP AA 363 -9.16 155.03 -13.66
N VAL AA 364 -9.66 154.07 -14.43
CA VAL AA 364 -9.52 154.14 -15.88
C VAL AA 364 -10.53 155.13 -16.45
N PHE AA 365 -11.73 155.21 -15.86
CA PHE AA 365 -12.66 156.28 -16.16
C PHE AA 365 -12.04 157.58 -15.68
N PRO AA 366 -11.83 158.57 -16.55
CA PRO AA 366 -11.23 159.83 -16.10
C PRO AA 366 -12.23 160.65 -15.28
N HIS AA 367 -11.71 161.73 -14.70
CA HIS AA 367 -12.57 162.63 -13.96
C HIS AA 367 -13.48 163.40 -14.90
N SER AA 368 -14.52 164.01 -14.32
CA SER AA 368 -15.51 164.71 -15.11
C SER AA 368 -14.93 165.96 -15.78
N ASP AA 369 -14.03 166.65 -15.08
CA ASP AA 369 -13.33 167.79 -15.67
C ASP AA 369 -11.99 167.37 -16.24
N TYR AA 370 -11.95 166.31 -17.05
CA TYR AA 370 -10.70 165.97 -17.74
C TYR AA 370 -10.69 166.55 -19.15
N SER AA 371 -11.64 166.14 -19.98
CA SER AA 371 -11.89 166.67 -21.32
C SER AA 371 -10.67 166.55 -22.23
N ALA AA 372 -10.16 165.33 -22.33
CA ALA AA 372 -9.07 165.01 -23.25
C ALA AA 372 -9.17 163.52 -23.57
N HIS AA 373 -8.12 162.98 -24.15
CA HIS AA 373 -8.15 161.60 -24.63
C HIS AA 373 -7.92 160.64 -23.47
N PRO AA 374 -8.75 159.60 -23.31
CA PRO AA 374 -8.54 158.66 -22.20
C PRO AA 374 -7.32 157.77 -22.34
N LYS AA 375 -6.70 157.68 -23.54
CA LYS AA 375 -5.44 156.98 -23.63
C LYS AA 375 -4.30 157.78 -23.01
N ASP AA 376 -4.49 159.10 -22.88
CA ASP AA 376 -3.54 159.91 -22.14
C ASP AA 376 -3.84 159.97 -20.65
N TRP AA 377 -5.02 159.50 -20.23
CA TRP AA 377 -5.29 159.36 -18.81
C TRP AA 377 -4.51 158.22 -18.19
N LEU AA 378 -4.08 157.25 -19.00
CA LEU AA 378 -3.33 156.11 -18.52
C LEU AA 378 -1.86 156.43 -18.24
N GLU AA 379 -1.43 157.68 -18.45
CA GLU AA 379 -0.16 158.13 -17.88
C GLU AA 379 -0.29 158.37 -16.39
N GLY AA 380 -1.52 158.42 -15.87
CA GLY AA 380 -1.77 158.65 -14.47
C GLY AA 380 -1.77 157.37 -13.65
N LEU AA 381 -1.24 156.29 -14.22
CA LEU AA 381 -0.97 155.12 -13.42
C LEU AA 381 0.42 155.20 -12.81
N ARG AA 382 1.38 155.72 -13.54
CA ARG AA 382 2.73 155.91 -13.04
C ARG AA 382 2.83 157.05 -12.04
N GLU AA 383 1.82 157.92 -11.94
CA GLU AA 383 1.75 158.84 -10.82
C GLU AA 383 1.25 158.15 -9.56
N VAL AA 384 0.70 156.95 -9.68
CA VAL AA 384 0.29 156.15 -8.53
C VAL AA 384 1.26 154.99 -8.30
N ILE AA 385 1.89 154.49 -9.36
CA ILE AA 385 2.97 153.51 -9.22
C ILE AA 385 4.13 154.12 -8.47
N ASP AA 386 4.51 155.35 -8.83
CA ASP AA 386 5.60 156.04 -8.16
C ASP AA 386 5.18 156.71 -6.87
N HIS AA 387 3.90 156.64 -6.50
CA HIS AA 387 3.46 157.18 -5.22
C HIS AA 387 3.50 156.14 -4.11
N THR AA 388 3.21 154.88 -4.43
CA THR AA 388 3.41 153.81 -3.45
C THR AA 388 4.89 153.61 -3.18
N THR AA 389 5.70 153.70 -4.23
CA THR AA 389 7.14 153.44 -4.14
C THR AA 389 7.83 154.42 -3.21
N GLN AA 390 7.57 155.72 -3.40
CA GLN AA 390 8.17 156.71 -2.52
C GLN AA 390 7.47 156.78 -1.17
N SER AA 391 6.31 156.16 -1.03
CA SER AA 391 5.75 156.00 0.31
C SER AA 391 6.25 154.74 0.99
N MET AA 392 6.81 153.79 0.22
CA MET AA 392 7.41 152.61 0.82
C MET AA 392 8.82 152.86 1.29
N LYS AA 393 9.58 153.70 0.60
CA LYS AA 393 10.93 154.06 1.00
C LYS AA 393 10.96 155.20 2.01
N ASN AA 394 9.83 155.49 2.65
CA ASN AA 394 9.76 156.48 3.71
C ASN AA 394 9.39 155.87 5.05
N ASP AA 395 8.45 154.93 5.08
CA ASP AA 395 8.10 154.26 6.31
C ASP AA 395 9.02 153.09 6.62
N TYR AA 396 9.84 152.68 5.66
CA TYR AA 396 10.86 151.67 5.90
C TYR AA 396 12.27 152.14 5.61
N LYS AA 397 12.41 153.27 4.90
CA LYS AA 397 13.67 154.04 4.81
C LYS AA 397 14.80 153.25 4.16
N LEU AA 398 14.46 152.31 3.28
CA LEU AA 398 15.46 151.57 2.54
C LEU AA 398 15.57 152.16 1.13
N TYR AA 399 16.80 152.16 0.61
CA TYR AA 399 17.08 152.89 -0.62
C TYR AA 399 17.74 152.03 -1.69
N ASP AA 400 17.68 150.69 -1.56
CA ASP AA 400 18.30 149.80 -2.52
C ASP AA 400 17.29 148.77 -3.02
N VAL AA 401 16.11 149.22 -3.43
CA VAL AA 401 15.04 148.32 -3.79
C VAL AA 401 15.18 147.87 -5.24
N GLN AA 402 14.47 146.80 -5.57
CA GLN AA 402 14.35 146.28 -6.92
C GLN AA 402 12.87 145.92 -7.13
N PHE AA 403 12.01 146.92 -6.88
CA PHE AA 403 10.55 146.82 -6.89
C PHE AA 403 9.99 146.08 -8.09
N VAL AA 404 9.26 145.01 -7.83
CA VAL AA 404 8.60 144.26 -8.88
C VAL AA 404 7.09 144.46 -8.76
N ILE AA 405 6.42 144.40 -9.90
CA ILE AA 405 4.98 144.57 -9.97
C ILE AA 405 4.45 143.31 -10.65
N VAL AA 406 3.86 142.41 -9.86
CA VAL AA 406 3.18 141.26 -10.42
C VAL AA 406 1.68 141.58 -10.46
N GLY AA 407 1.03 141.21 -11.56
CA GLY AA 407 -0.36 141.57 -11.74
C GLY AA 407 -0.90 140.93 -13.00
N ASN AA 408 -2.22 141.06 -13.14
CA ASN AA 408 -2.91 140.53 -14.30
C ASN AA 408 -2.47 141.27 -15.56
N PRO AA 409 -2.28 140.59 -16.69
CA PRO AA 409 -1.81 141.31 -17.88
C PRO AA 409 -2.94 141.96 -18.66
N LEU AA 410 -3.91 142.50 -17.94
CA LEU AA 410 -4.97 143.34 -18.49
C LEU AA 410 -5.06 144.65 -17.75
N ASP AA 411 -4.70 144.68 -16.48
CA ASP AA 411 -4.46 145.90 -15.75
C ASP AA 411 -3.04 146.41 -15.92
N VAL AA 412 -2.07 145.53 -16.18
CA VAL AA 412 -0.70 145.99 -16.36
C VAL AA 412 -0.43 146.33 -17.81
N ARG AA 413 -1.39 146.08 -18.71
CA ARG AA 413 -1.31 146.54 -20.08
C ARG AA 413 -1.32 148.06 -20.19
N LEU AA 414 -1.90 148.74 -19.20
CA LEU AA 414 -1.99 150.20 -19.20
C LEU AA 414 -0.65 150.90 -19.02
N ILE AA 415 0.39 150.19 -18.60
CA ILE AA 415 1.66 150.83 -18.27
C ILE AA 415 2.44 151.29 -19.50
N PRO AA 416 2.78 150.45 -20.53
CA PRO AA 416 3.61 150.98 -21.61
C PRO AA 416 2.85 151.87 -22.59
N ASN AA 417 1.59 151.50 -22.89
CA ASN AA 417 0.69 152.20 -23.81
C ASN AA 417 1.34 152.38 -25.19
N VAL AA 418 1.64 151.25 -25.80
CA VAL AA 418 2.30 151.23 -27.09
C VAL AA 418 1.24 151.32 -28.17
N SER AA 419 1.43 152.24 -29.11
CA SER AA 419 0.51 152.41 -30.23
C SER AA 419 0.72 151.30 -31.26
N TRP AA 420 -0.05 151.38 -32.34
CA TRP AA 420 -0.07 150.30 -33.32
C TRP AA 420 0.99 150.53 -34.40
N THR AA 421 1.19 149.50 -35.22
CA THR AA 421 2.10 149.58 -36.35
C THR AA 421 1.51 148.77 -37.49
N PHE AA 422 1.39 149.38 -38.66
CA PHE AA 422 0.64 148.80 -39.77
C PHE AA 422 1.57 148.40 -40.91
N ASN AA 423 1.15 147.37 -41.65
CA ASN AA 423 1.84 146.91 -42.84
C ASN AA 423 0.84 146.20 -43.75
N GLY AA 424 1.35 145.63 -44.84
CA GLY AA 424 0.50 144.91 -45.78
C GLY AA 424 0.39 143.42 -45.48
N GLY AA 425 -0.36 143.05 -44.45
CA GLY AA 425 -0.40 141.67 -44.01
C GLY AA 425 -1.27 140.79 -44.91
N ASP AA 426 -0.85 139.54 -45.04
CA ASP AA 426 -1.58 138.52 -45.79
C ASP AA 426 -1.17 137.16 -45.24
N ARG AA 427 -1.55 136.09 -45.94
CA ARG AA 427 -1.17 134.75 -45.50
C ARG AA 427 0.31 134.48 -45.68
N ASN AA 428 0.98 135.22 -46.56
CA ASN AA 428 2.42 135.07 -46.71
C ASN AA 428 3.17 135.60 -45.49
N ALA AA 429 2.80 136.80 -45.04
CA ALA AA 429 3.44 137.41 -43.87
C ALA AA 429 2.59 137.15 -42.63
N ASP AA 430 2.59 135.89 -42.20
CA ASP AA 430 1.86 135.45 -41.02
C ASP AA 430 2.84 135.36 -39.86
N ALA AA 431 2.83 136.38 -39.01
CA ALA AA 431 3.69 136.44 -37.83
C ALA AA 431 2.83 136.09 -36.63
N TYR AA 432 2.76 134.79 -36.31
CA TYR AA 432 1.93 134.30 -35.22
C TYR AA 432 2.56 134.71 -33.90
N SER AA 433 2.16 135.88 -33.39
CA SER AA 433 2.65 136.45 -32.12
C SER AA 433 4.17 136.58 -32.09
N ASN AA 434 4.75 137.00 -33.22
CA ASN AA 434 6.19 137.22 -33.33
C ASN AA 434 6.48 138.58 -32.73
N GLY AA 435 7.02 138.59 -31.52
CA GLY AA 435 7.55 139.81 -30.95
C GLY AA 435 6.79 140.37 -29.78
N ILE AA 436 5.70 139.73 -29.38
CA ILE AA 436 4.88 140.21 -28.27
C ILE AA 436 5.44 139.64 -26.98
N LYS AA 437 6.01 140.51 -26.15
CA LYS AA 437 6.43 140.16 -24.80
C LYS AA 437 6.08 141.20 -23.76
N ILE AA 438 5.81 142.45 -24.15
CA ILE AA 438 5.73 143.56 -23.20
C ILE AA 438 4.46 143.56 -22.37
N ASN AA 439 3.51 142.69 -22.67
CA ASN AA 439 2.35 142.58 -21.79
C ASN AA 439 2.57 141.58 -20.67
N TYR AA 440 3.66 140.82 -20.72
CA TYR AA 440 3.95 139.80 -19.71
C TYR AA 440 5.22 140.12 -18.93
N SER AA 441 6.34 140.32 -19.61
CA SER AA 441 7.60 140.65 -18.97
C SER AA 441 8.02 142.04 -19.41
N LEU AA 442 8.44 142.86 -18.46
CA LEU AA 442 8.72 144.25 -18.75
C LEU AA 442 9.66 144.82 -17.70
N GLY AA 443 10.63 145.61 -18.15
CA GLY AA 443 11.50 146.29 -17.21
C GLY AA 443 11.39 147.81 -17.34
N ALA AA 444 10.83 148.44 -16.32
CA ALA AA 444 10.70 149.89 -16.30
C ALA AA 444 11.76 150.50 -15.40
N ALA AA 445 12.01 151.79 -15.62
CA ALA AA 445 13.04 152.50 -14.86
C ALA AA 445 12.58 153.95 -14.70
N SER AA 446 11.95 154.23 -13.58
CA SER AA 446 11.39 155.54 -13.31
C SER AA 446 12.44 156.44 -12.67
N GLY AA 447 12.01 157.59 -12.15
CA GLY AA 447 12.89 158.47 -11.42
C GLY AA 447 12.91 158.26 -9.93
N THR AA 448 12.04 157.39 -9.41
CA THR AA 448 12.05 157.05 -7.99
C THR AA 448 12.69 155.70 -7.72
N ALA AA 449 12.42 154.70 -8.55
CA ALA AA 449 13.02 153.38 -8.40
C ALA AA 449 12.98 152.66 -9.73
N ASN AA 450 13.87 151.69 -9.86
CA ASN AA 450 13.81 150.78 -11.01
C ASN AA 450 12.66 149.79 -10.81
N TYR AA 451 12.32 149.09 -11.89
CA TYR AA 451 11.16 148.21 -11.85
C TYR AA 451 11.43 146.94 -12.64
N ARG AA 452 10.72 145.88 -12.27
CA ARG AA 452 10.72 144.63 -13.04
C ARG AA 452 9.27 144.14 -13.05
N ILE AA 453 8.56 144.49 -14.10
CA ILE AA 453 7.12 144.24 -14.21
C ILE AA 453 6.89 142.81 -14.66
N ILE AA 454 6.05 142.09 -13.93
CA ILE AA 454 5.70 140.71 -14.25
C ILE AA 454 4.20 140.66 -14.50
N GLY AA 455 3.79 140.12 -15.64
CA GLY AA 455 2.39 139.95 -15.97
C GLY AA 455 2.05 138.48 -16.12
N SER AA 456 1.01 138.05 -15.43
CA SER AA 456 0.61 136.64 -15.48
C SER AA 456 -0.87 136.54 -15.16
N ASP AA 457 -1.57 135.69 -15.90
CA ASP AA 457 -3.02 135.64 -15.90
C ASP AA 457 -3.59 134.83 -14.75
N LEU AA 458 -2.77 134.32 -13.85
CA LEU AA 458 -3.30 133.55 -12.73
C LEU AA 458 -3.95 134.45 -11.68
N VAL AA 459 -3.39 135.64 -11.47
CA VAL AA 459 -3.95 136.56 -10.50
C VAL AA 459 -5.18 137.22 -11.09
N ARG AA 460 -6.21 137.38 -10.26
CA ARG AA 460 -7.49 137.92 -10.69
C ARG AA 460 -7.35 139.37 -11.13
N GLN AA 461 -7.95 139.70 -12.27
CA GLN AA 461 -7.90 141.05 -12.80
C GLN AA 461 -8.71 142.00 -11.92
N GLY AA 462 -8.15 143.18 -11.66
CA GLY AA 462 -8.85 144.18 -10.87
C GLY AA 462 -7.94 144.96 -9.94
N GLU AA 463 -6.75 144.42 -9.66
CA GLU AA 463 -5.81 145.04 -8.74
C GLU AA 463 -4.40 144.85 -9.26
N LEU AA 464 -3.45 145.51 -8.60
CA LEU AA 464 -2.03 145.34 -8.84
C LEU AA 464 -1.37 145.02 -7.50
N THR AA 465 -0.10 144.61 -7.56
CA THR AA 465 0.65 144.29 -6.36
C THR AA 465 2.09 144.72 -6.56
N ILE AA 466 2.70 145.28 -5.52
CA ILE AA 466 4.07 145.78 -5.57
C ILE AA 466 4.86 145.15 -4.43
N ILE AA 467 5.98 144.52 -4.77
CA ILE AA 467 6.81 143.78 -3.82
C ILE AA 467 8.17 144.44 -3.73
N ALA AA 468 8.70 144.55 -2.52
CA ALA AA 468 9.99 145.17 -2.26
C ALA AA 468 11.08 144.10 -2.20
N ILE AA 469 12.14 144.27 -2.98
CA ILE AA 469 13.27 143.38 -3.00
C ILE AA 469 14.54 144.18 -2.70
N PRO AA 470 15.09 144.05 -1.49
CA PRO AA 470 16.34 144.74 -1.18
C PRO AA 470 17.54 143.92 -1.58
N GLN AA 471 18.60 144.59 -2.04
CA GLN AA 471 19.83 143.90 -2.38
C GLN AA 471 20.82 143.87 -1.21
N GLN AA 472 20.34 143.49 -0.03
CA GLN AA 472 21.19 143.29 1.13
C GLN AA 472 20.78 141.98 1.79
N ASP AA 473 21.78 141.17 2.17
CA ASP AA 473 21.47 139.93 2.84
C ASP AA 473 21.06 140.13 4.28
N ASN AA 474 21.40 141.27 4.88
CA ASN AA 474 21.04 141.54 6.27
C ASN AA 474 19.64 142.10 6.43
N TYR AA 475 18.89 142.25 5.35
CA TYR AA 475 17.52 142.74 5.40
C TYR AA 475 16.72 142.05 4.32
N LYS AA 476 15.77 141.22 4.70
CA LYS AA 476 14.97 140.44 3.77
C LYS AA 476 13.50 140.75 3.97
N THR AA 477 12.78 140.96 2.86
CA THR AA 477 11.35 141.25 2.88
C THR AA 477 10.52 139.99 2.67
N PHE AA 478 10.69 139.34 1.51
CA PHE AA 478 10.00 138.10 1.20
C PHE AA 478 11.02 137.09 0.69
N MET AA 479 10.85 135.84 1.09
CA MET AA 479 11.79 134.80 0.69
C MET AA 479 11.06 133.51 0.38
N PHE AA 480 11.37 132.94 -0.77
CA PHE AA 480 10.82 131.66 -1.20
C PHE AA 480 11.89 130.59 -1.02
N TYR AA 481 11.54 129.50 -0.36
CA TYR AA 481 12.51 128.46 -0.01
C TYR AA 481 12.14 127.13 -0.65
N PRO AA 482 12.76 126.77 -1.77
CA PRO AA 482 12.55 125.41 -2.30
C PRO AA 482 13.42 124.41 -1.56
N TYR AA 483 12.81 123.37 -1.00
CA TYR AA 483 13.56 122.38 -0.24
C TYR AA 483 13.97 121.21 -1.11
N THR AA 484 12.99 120.47 -1.65
CA THR AA 484 13.31 119.26 -2.39
C THR AA 484 12.20 118.98 -3.39
N PHE AA 485 12.51 118.11 -4.34
CA PHE AA 485 11.57 117.71 -5.39
C PHE AA 485 11.81 116.23 -5.66
N ASN AA 486 11.01 115.37 -5.04
CA ASN AA 486 11.20 113.94 -5.09
C ASN AA 486 10.12 113.29 -5.93
N VAL AA 487 10.53 112.43 -6.86
CA VAL AA 487 9.64 111.56 -7.59
C VAL AA 487 9.96 110.12 -7.23
N VAL AA 488 8.91 109.30 -7.08
CA VAL AA 488 9.05 107.88 -6.79
C VAL AA 488 8.10 107.13 -7.73
N ASN AA 489 8.66 106.48 -8.74
CA ASN AA 489 7.86 105.66 -9.64
C ASN AA 489 7.71 104.27 -9.01
N GLY AA 490 6.56 104.02 -8.38
CA GLY AA 490 6.35 102.80 -7.65
C GLY AA 490 7.19 102.76 -6.40
N GLY AA 491 8.19 101.88 -6.38
CA GLY AA 491 9.20 101.86 -5.34
C GLY AA 491 8.73 101.46 -3.95
N GLY AA 492 7.56 100.88 -3.82
CA GLY AA 492 7.08 100.48 -2.51
C GLY AA 492 5.90 101.30 -2.04
N TYR AA 493 5.75 102.50 -2.60
CA TYR AA 493 4.64 103.35 -2.24
C TYR AA 493 3.36 102.89 -2.93
N LEU AA 494 2.26 102.87 -2.19
CA LEU AA 494 0.99 102.40 -2.71
C LEU AA 494 0.19 103.57 -3.28
N ASN AA 495 -1.09 103.32 -3.56
CA ASN AA 495 -2.04 104.37 -3.89
C ASN AA 495 -3.04 104.49 -2.74
N THR AA 496 -3.80 105.59 -2.74
CA THR AA 496 -4.63 105.88 -1.57
C THR AA 496 -6.03 105.29 -1.70
N ARG AA 497 -6.58 105.22 -2.90
CA ARG AA 497 -7.94 104.71 -3.03
C ARG AA 497 -8.00 103.35 -3.69
N ASN AA 498 -6.98 102.98 -4.44
CA ASN AA 498 -6.90 101.67 -5.09
C ASN AA 498 -5.48 101.17 -4.96
N PRO AA 499 -5.16 100.48 -3.86
CA PRO AA 499 -3.77 100.08 -3.62
C PRO AA 499 -3.31 98.89 -4.44
N ASN AA 500 -4.21 98.19 -5.15
CA ASN AA 500 -3.86 96.92 -5.76
C ASN AA 500 -3.09 97.05 -7.07
N VAL AA 501 -2.62 98.23 -7.42
CA VAL AA 501 -2.15 98.52 -8.77
C VAL AA 501 -0.96 99.46 -8.66
N PRO AA 502 0.10 99.31 -9.48
CA PRO AA 502 1.25 100.20 -9.36
C PRO AA 502 0.94 101.63 -9.74
N ASN AA 503 1.54 102.57 -9.01
CA ASN AA 503 1.34 103.98 -9.26
C ASN AA 503 2.66 104.73 -9.09
N MET AA 504 2.89 105.68 -9.99
CA MET AA 504 3.98 106.63 -9.81
C MET AA 504 3.54 107.74 -8.86
N MET AA 505 4.51 108.45 -8.32
CA MET AA 505 4.24 109.42 -7.27
C MET AA 505 5.34 110.46 -7.24
N MET AA 506 4.97 111.72 -7.05
CA MET AA 506 5.95 112.78 -6.88
C MET AA 506 5.39 113.85 -5.96
N THR AA 507 6.30 114.61 -5.36
CA THR AA 507 5.93 115.73 -4.49
C THR AA 507 7.08 116.71 -4.45
N ARG AA 508 6.80 117.90 -3.91
CA ARG AA 508 7.83 118.90 -3.67
C ARG AA 508 7.54 119.57 -2.34
N ARG AA 509 8.61 119.88 -1.61
CA ARG AA 509 8.50 120.53 -0.32
C ARG AA 509 9.11 121.92 -0.42
N TYR AA 510 8.42 122.89 0.17
CA TYR AA 510 8.80 124.29 0.07
C TYR AA 510 8.04 125.09 1.09
N THR AA 511 8.52 126.30 1.36
CA THR AA 511 7.72 127.32 2.01
C THR AA 511 8.17 128.68 1.52
N VAL AA 512 7.28 129.65 1.65
CA VAL AA 512 7.57 131.04 1.34
C VAL AA 512 7.30 131.85 2.60
N GLU AA 513 8.17 132.84 2.86
CA GLU AA 513 8.18 133.47 4.16
C GLU AA 513 8.22 135.00 4.04
N SER AA 514 7.73 135.64 5.09
CA SER AA 514 7.61 137.09 5.15
C SER AA 514 8.23 137.53 6.47
N PHE AA 515 9.48 138.02 6.41
CA PHE AA 515 10.13 138.53 7.60
C PHE AA 515 9.49 139.85 8.03
N VAL AA 516 9.53 140.86 7.16
CA VAL AA 516 8.76 142.08 7.34
C VAL AA 516 7.98 142.33 6.06
N PRO AA 517 6.68 142.58 6.11
CA PRO AA 517 5.90 142.76 4.88
C PRO AA 517 5.96 144.18 4.35
N ILE AA 518 6.57 144.34 3.18
CA ILE AA 518 6.48 145.59 2.43
C ILE AA 518 5.77 145.29 1.12
N ILE AA 519 4.45 145.43 1.10
CA ILE AA 519 3.62 145.07 -0.04
C ILE AA 519 2.52 146.10 -0.18
N GLY AA 520 2.23 146.48 -1.42
CA GLY AA 520 1.17 147.45 -1.66
C GLY AA 520 0.33 147.04 -2.85
N ARG AA 521 -0.96 147.36 -2.76
CA ARG AA 521 -1.94 146.96 -3.75
C ARG AA 521 -2.58 148.20 -4.36
N ILE AA 522 -2.57 148.29 -5.68
CA ILE AA 522 -3.18 149.40 -6.40
C ILE AA 522 -4.46 148.90 -7.06
N THR AA 523 -5.59 149.45 -6.64
CA THR AA 523 -6.90 149.00 -7.08
C THR AA 523 -7.26 149.72 -8.38
N ILE AA 524 -7.19 149.00 -9.49
CA ILE AA 524 -7.64 149.56 -10.75
C ILE AA 524 -9.16 149.49 -10.81
N LYS AA 525 -9.80 150.62 -11.09
CA LYS AA 525 -11.25 150.71 -11.11
C LYS AA 525 -11.73 150.93 -12.55
N ASN AA 526 -12.80 150.20 -12.90
CA ASN AA 526 -13.49 150.33 -14.18
C ASN AA 526 -12.58 150.05 -15.37
N ASN AA 527 -11.76 149.00 -15.25
CA ASN AA 527 -10.97 148.49 -16.36
C ASN AA 527 -11.71 147.39 -17.12
N ASN AA 528 -13.04 147.44 -17.12
CA ASN AA 528 -13.81 146.44 -17.85
C ASN AA 528 -13.64 146.60 -19.35
N GLY AA 529 -13.65 147.83 -19.85
CA GLY AA 529 -13.41 148.08 -21.25
C GLY AA 529 -14.37 149.08 -21.85
N SER AA 530 -15.28 149.59 -21.04
CA SER AA 530 -16.31 150.53 -21.50
C SER AA 530 -15.90 151.98 -21.32
N VAL AA 531 -14.60 152.28 -21.37
CA VAL AA 531 -14.16 153.65 -21.14
C VAL AA 531 -14.40 154.50 -22.38
N TYR AA 532 -14.53 153.87 -23.54
CA TYR AA 532 -14.91 154.59 -24.74
C TYR AA 532 -16.39 154.44 -25.07
N ALA AA 533 -17.04 153.40 -24.54
CA ALA AA 533 -18.47 153.24 -24.68
C ALA AA 533 -19.23 153.88 -23.54
N ARG AA 534 -18.56 154.64 -22.70
CA ARG AA 534 -19.19 155.31 -21.56
C ARG AA 534 -20.06 156.47 -22.03
N THR BA 3 38.58 -42.46 62.19
CA THR BA 3 39.24 -41.25 62.68
C THR BA 3 38.62 -40.01 62.06
N THR BA 4 38.67 -38.90 62.79
CA THR BA 4 38.11 -37.65 62.31
C THR BA 4 39.10 -36.50 62.42
N ASN BA 5 38.61 -35.28 62.18
CA ASN BA 5 39.35 -34.06 62.41
C ASN BA 5 38.51 -33.08 63.20
N TYR BA 6 37.73 -33.59 64.15
CA TYR BA 6 36.93 -32.76 65.03
C TYR BA 6 36.87 -33.41 66.40
N PHE BA 7 37.36 -32.72 67.42
CA PHE BA 7 37.48 -33.27 68.76
C PHE BA 7 36.87 -32.33 69.79
N LYS BA 8 36.06 -32.88 70.68
CA LYS BA 8 35.53 -32.12 71.81
C LYS BA 8 36.47 -32.34 72.99
N VAL BA 9 37.23 -31.30 73.34
CA VAL BA 9 38.29 -31.42 74.33
C VAL BA 9 37.97 -30.60 75.57
N LYS BA 10 38.85 -30.65 76.55
CA LYS BA 10 38.73 -29.86 77.77
C LYS BA 10 40.07 -29.18 78.02
N LEU BA 11 40.17 -27.91 77.66
CA LEU BA 11 41.41 -27.15 77.87
C LEU BA 11 41.51 -26.73 79.33
N LEU BA 12 42.72 -26.83 79.88
CA LEU BA 12 42.91 -26.59 81.31
C LEU BA 12 44.07 -25.64 81.59
N ASP BA 13 44.51 -24.88 80.61
CA ASP BA 13 45.38 -23.74 80.86
C ASP BA 13 44.55 -22.46 80.84
N GLU BA 14 45.04 -21.43 81.51
CA GLU BA 14 44.29 -20.20 81.69
C GLU BA 14 45.05 -18.98 81.19
N LYS BA 15 45.97 -19.17 80.24
CA LYS BA 15 46.74 -18.04 79.78
C LYS BA 15 45.92 -17.18 78.83
N LEU BA 16 45.65 -17.73 77.64
CA LEU BA 16 44.71 -17.21 76.66
C LEU BA 16 44.54 -18.29 75.61
N ILE BA 17 43.32 -18.72 75.34
CA ILE BA 17 43.09 -19.74 74.32
C ILE BA 17 43.32 -19.10 72.96
N PRO BA 18 44.27 -19.59 72.18
CA PRO BA 18 44.42 -19.12 70.80
C PRO BA 18 43.40 -19.86 69.93
N PHE BA 19 43.43 -19.56 68.63
CA PHE BA 19 42.59 -20.19 67.60
C PHE BA 19 41.10 -19.92 67.84
N LEU BA 20 40.76 -18.90 68.62
CA LEU BA 20 39.38 -18.61 69.01
C LEU BA 20 39.15 -17.10 68.88
N GLY BA 21 38.04 -16.62 69.41
CA GLY BA 21 37.69 -15.23 69.31
C GLY BA 21 38.38 -14.36 70.36
N LEU BA 22 37.96 -13.10 70.41
CA LEU BA 22 38.50 -12.17 71.39
C LEU BA 22 38.05 -12.54 72.80
N GLY BA 23 38.91 -12.28 73.77
CA GLY BA 23 38.65 -12.82 75.09
C GLY BA 23 38.90 -14.32 75.08
N GLU BA 24 38.10 -15.03 75.90
CA GLU BA 24 38.13 -16.49 76.02
C GLU BA 24 39.52 -16.98 76.41
N ARG BA 25 39.89 -16.65 77.64
CA ARG BA 25 41.23 -16.92 78.13
C ARG BA 25 41.34 -18.04 79.15
N GLY BA 26 40.25 -18.38 79.85
CA GLY BA 26 40.33 -19.26 80.98
C GLY BA 26 40.46 -20.72 80.62
N PRO BA 27 40.36 -21.60 81.62
CA PRO BA 27 40.28 -23.05 81.35
C PRO BA 27 38.88 -23.41 80.85
N ARG BA 28 38.79 -23.68 79.55
CA ARG BA 28 37.50 -23.89 78.91
C ARG BA 28 37.31 -25.35 78.56
N GLU BA 29 36.06 -25.79 78.68
CA GLU BA 29 35.65 -27.14 78.30
C GLU BA 29 34.68 -27.06 77.13
N ASN BA 30 34.41 -28.24 76.56
CA ASN BA 30 33.54 -28.41 75.38
C ASN BA 30 34.02 -27.57 74.21
N VAL BA 31 35.33 -27.53 74.01
CA VAL BA 31 35.94 -26.67 73.00
C VAL BA 31 36.22 -27.54 71.77
N ILE BA 32 35.33 -27.46 70.79
CA ILE BA 32 35.42 -28.31 69.61
C ILE BA 32 36.53 -27.78 68.72
N LEU BA 33 37.58 -28.59 68.53
CA LEU BA 33 38.75 -28.20 67.77
C LEU BA 33 38.92 -29.09 66.55
N SER BA 34 39.72 -28.60 65.61
CA SER BA 34 40.12 -29.39 64.45
C SER BA 34 41.28 -30.30 64.81
N SER BA 35 41.71 -31.11 63.85
CA SER BA 35 42.92 -31.91 64.05
C SER BA 35 44.17 -31.07 63.79
N ASN BA 36 44.10 -30.16 62.82
CA ASN BA 36 45.13 -29.16 62.65
C ASN BA 36 45.19 -28.21 63.84
N ASP BA 37 44.06 -28.01 64.49
CA ASP BA 37 43.99 -27.19 65.69
C ASP BA 37 44.62 -27.89 66.87
N LEU BA 38 44.20 -29.13 67.12
CA LEU BA 38 44.58 -29.85 68.33
C LEU BA 38 46.06 -30.20 68.35
N ALA BA 39 46.64 -30.52 67.19
CA ALA BA 39 48.06 -30.83 67.14
C ALA BA 39 48.93 -29.59 67.24
N SER BA 40 48.34 -28.39 67.11
CA SER BA 40 49.04 -27.15 67.37
C SER BA 40 48.82 -26.65 68.79
N LEU BA 41 48.15 -27.42 69.63
CA LEU BA 41 48.06 -27.13 71.05
C LEU BA 41 48.75 -28.17 71.91
N LYS BA 42 48.68 -29.45 71.52
CA LYS BA 42 49.49 -30.48 72.16
C LYS BA 42 50.97 -30.19 71.97
N GLN BA 43 51.35 -29.68 70.80
CA GLN BA 43 52.71 -29.27 70.55
C GLN BA 43 53.06 -27.96 71.25
N ALA BA 44 52.06 -27.14 71.56
CA ALA BA 44 52.28 -25.84 72.18
C ALA BA 44 52.37 -25.90 73.69
N GLY BA 45 52.54 -27.09 74.25
CA GLY BA 45 52.67 -27.21 75.69
C GLY BA 45 51.40 -26.95 76.46
N TRP BA 46 50.26 -27.35 75.91
CA TRP BA 46 48.99 -27.16 76.59
C TRP BA 46 48.54 -28.47 77.24
N THR BA 47 47.81 -28.34 78.33
CA THR BA 47 47.27 -29.49 79.04
C THR BA 47 45.88 -29.80 78.52
N VAL BA 48 45.78 -29.99 77.22
CA VAL BA 48 44.49 -30.27 76.59
C VAL BA 48 44.17 -31.74 76.79
N THR BA 49 43.05 -32.00 77.46
CA THR BA 49 42.67 -33.35 77.88
C THR BA 49 41.20 -33.59 77.58
N ASP BA 50 40.74 -34.79 77.97
CA ASP BA 50 39.41 -35.32 77.64
C ASP BA 50 39.15 -35.25 76.13
N VAL BA 51 40.12 -35.74 75.36
CA VAL BA 51 40.00 -35.73 73.90
C VAL BA 51 39.00 -36.80 73.49
N GLN BA 52 37.86 -36.36 72.97
CA GLN BA 52 36.85 -37.25 72.46
C GLN BA 52 36.63 -36.97 70.98
N PRO BA 53 36.67 -37.98 70.12
CA PRO BA 53 36.38 -37.74 68.71
C PRO BA 53 34.90 -37.49 68.50
N LEU BA 54 34.58 -36.79 67.42
CA LEU BA 54 33.22 -36.35 67.18
C LEU BA 54 32.69 -36.93 65.87
N PRO BA 55 31.38 -37.17 65.76
CA PRO BA 55 30.86 -37.85 64.56
C PRO BA 55 30.87 -36.99 63.32
N GLU BA 56 31.76 -37.29 62.39
CA GLU BA 56 31.80 -36.65 61.09
C GLU BA 56 31.12 -37.48 60.01
N THR BA 57 30.73 -38.71 60.33
CA THR BA 57 29.99 -39.60 59.43
C THR BA 57 28.55 -39.70 59.90
N GLY BA 58 27.64 -39.09 59.16
CA GLY BA 58 26.23 -39.33 59.39
C GLY BA 58 25.56 -39.85 58.14
N LYS BA 59 26.27 -40.66 57.37
CA LYS BA 59 25.77 -41.07 56.07
C LYS BA 59 24.73 -42.17 56.22
N ILE BA 60 23.88 -42.28 55.19
CA ILE BA 60 22.84 -43.30 55.12
C ILE BA 60 23.26 -44.31 54.06
N LYS BA 61 23.19 -45.59 54.40
CA LYS BA 61 23.55 -46.66 53.45
C LYS BA 61 22.30 -47.06 52.66
N TYR BA 62 21.88 -46.14 51.80
CA TYR BA 62 20.63 -46.27 51.07
C TYR BA 62 20.64 -45.32 49.88
N ASP BA 63 20.07 -45.78 48.77
CA ASP BA 63 19.90 -44.91 47.60
C ASP BA 63 18.90 -43.81 47.91
N ARG BA 64 19.08 -42.65 47.27
CA ARG BA 64 18.33 -41.47 47.68
C ARG BA 64 16.90 -41.49 47.15
N ARG BA 65 16.75 -41.43 45.83
CA ARG BA 65 15.43 -41.23 45.22
C ARG BA 65 14.82 -42.59 44.91
N THR BA 66 14.20 -43.17 45.93
CA THR BA 66 13.53 -44.45 45.79
C THR BA 66 12.04 -44.25 45.56
N VAL BA 67 11.43 -45.24 44.93
CA VAL BA 67 9.99 -45.26 44.67
C VAL BA 67 9.41 -46.41 45.48
N TYR BA 68 8.43 -46.10 46.32
CA TYR BA 68 7.79 -47.10 47.16
C TYR BA 68 6.34 -47.22 46.78
N PHE BA 69 6.00 -48.31 46.08
CA PHE BA 69 4.62 -48.53 45.66
C PHE BA 69 3.81 -49.04 46.84
N LYS BA 70 2.86 -48.25 47.29
CA LYS BA 70 2.07 -48.53 48.48
C LYS BA 70 0.69 -49.01 48.08
N SER BA 71 0.23 -50.10 48.68
CA SER BA 71 -1.10 -50.61 48.41
C SER BA 71 -2.11 -49.94 49.33
N GLU BA 72 -3.37 -50.37 49.24
CA GLU BA 72 -4.40 -49.82 50.10
C GLU BA 72 -4.29 -50.39 51.51
N GLY BA 73 -4.49 -51.71 51.63
CA GLY BA 73 -4.33 -52.37 52.92
C GLY BA 73 -2.88 -52.48 53.30
N GLU BA 74 -2.47 -51.72 54.31
CA GLU BA 74 -1.07 -51.64 54.73
C GLU BA 74 -1.02 -51.85 56.24
N THR BA 75 -0.74 -53.08 56.65
CA THR BA 75 -0.52 -53.41 58.05
C THR BA 75 0.96 -53.70 58.24
N GLY BA 76 1.63 -52.87 59.02
CA GLY BA 76 3.06 -52.98 59.19
C GLY BA 76 3.79 -52.53 57.94
N LYS BA 77 4.46 -53.48 57.27
CA LYS BA 77 5.23 -53.26 56.05
C LYS BA 77 6.30 -52.18 56.26
N PHE BA 78 7.13 -52.39 57.26
CA PHE BA 78 8.17 -51.42 57.61
C PHE BA 78 9.28 -51.45 56.58
N ILE BA 79 9.64 -50.29 56.05
CA ILE BA 79 10.79 -50.17 55.17
C ILE BA 79 12.03 -49.96 56.03
N ASN BA 80 13.06 -50.80 55.81
CA ASN BA 80 14.26 -50.79 56.61
C ASN BA 80 15.31 -49.95 55.91
N VAL BA 81 15.84 -48.95 56.60
CA VAL BA 81 16.84 -48.02 56.06
C VAL BA 81 18.13 -48.24 56.82
N PRO BA 82 19.21 -48.68 56.18
CA PRO BA 82 20.49 -48.84 56.85
C PRO BA 82 21.24 -47.52 56.96
N PHE BA 83 21.81 -47.29 58.13
CA PHE BA 83 22.56 -46.07 58.40
C PHE BA 83 23.68 -46.40 59.37
N TYR BA 84 24.70 -45.54 59.39
CA TYR BA 84 25.83 -45.77 60.28
C TYR BA 84 26.46 -44.44 60.66
N ILE BA 85 26.73 -44.27 61.94
CA ILE BA 85 27.48 -43.13 62.46
C ILE BA 85 28.75 -43.69 63.06
N ASN BA 86 29.87 -43.54 62.34
CA ASN BA 86 31.06 -44.34 62.59
C ASN BA 86 31.81 -44.00 63.89
N PRO BA 87 32.43 -42.81 64.05
CA PRO BA 87 33.50 -42.71 65.04
C PRO BA 87 33.01 -42.38 66.45
N VAL BA 88 31.89 -42.96 66.87
CA VAL BA 88 31.27 -42.73 68.18
C VAL BA 88 30.42 -43.94 68.50
N ASP BA 89 30.20 -44.16 69.79
CA ASP BA 89 29.21 -45.14 70.22
C ASP BA 89 28.11 -44.54 71.08
N ALA BA 90 28.46 -43.79 72.13
CA ALA BA 90 27.45 -43.15 72.97
C ALA BA 90 28.09 -41.96 73.66
N ARG BA 91 27.77 -40.75 73.21
CA ARG BA 91 28.30 -39.53 73.81
C ARG BA 91 27.16 -38.56 74.08
N ASP BA 92 27.50 -37.31 74.39
CA ASP BA 92 26.47 -36.30 74.57
C ASP BA 92 26.04 -35.70 73.25
N VAL BA 93 26.83 -35.87 72.20
CA VAL BA 93 26.44 -35.34 70.89
C VAL BA 93 25.50 -36.28 70.15
N LEU BA 94 25.52 -37.57 70.49
CA LEU BA 94 24.61 -38.50 69.82
C LEU BA 94 23.20 -38.38 70.33
N GLY BA 95 22.99 -37.68 71.45
CA GLY BA 95 21.63 -37.31 71.83
C GLY BA 95 21.10 -36.16 70.99
N LEU BA 96 21.97 -35.49 70.24
CA LEU BA 96 21.56 -34.37 69.40
C LEU BA 96 21.29 -34.80 67.96
N LEU BA 97 21.85 -35.93 67.52
CA LEU BA 97 21.62 -36.38 66.15
C LEU BA 97 20.18 -36.86 65.99
N LYS BA 98 19.47 -36.29 65.01
CA LYS BA 98 18.05 -36.52 64.86
C LYS BA 98 17.75 -37.05 63.48
N PHE BA 99 16.94 -38.11 63.43
CA PHE BA 99 16.26 -38.53 62.22
C PHE BA 99 14.94 -37.76 62.12
N ASP BA 100 14.44 -37.63 60.90
CA ASP BA 100 13.19 -36.91 60.68
C ASP BA 100 12.60 -37.34 59.34
N LEU BA 101 11.29 -37.47 59.30
CA LEU BA 101 10.58 -37.83 58.07
C LEU BA 101 9.85 -36.59 57.57
N ILE BA 102 10.57 -35.77 56.79
CA ILE BA 102 10.01 -34.53 56.28
C ILE BA 102 9.13 -34.85 55.08
N LYS BA 103 7.85 -34.46 55.17
CA LYS BA 103 6.97 -34.52 54.01
C LYS BA 103 7.24 -33.32 53.12
N LEU BA 104 7.74 -33.57 51.91
CA LEU BA 104 8.29 -32.49 51.09
C LEU BA 104 7.20 -31.64 50.45
N SER BA 105 5.94 -32.05 50.59
CA SER BA 105 4.84 -31.28 50.01
C SER BA 105 4.63 -29.97 50.76
N ASP BA 106 4.64 -30.02 52.10
CA ASP BA 106 4.37 -28.84 52.92
C ASP BA 106 5.44 -28.60 53.97
N LYS BA 107 6.52 -29.38 53.95
CA LYS BA 107 7.70 -29.23 54.82
C LYS BA 107 7.32 -29.32 56.30
N SER BA 108 6.80 -30.48 56.68
CA SER BA 108 6.50 -30.79 58.07
C SER BA 108 6.89 -32.23 58.34
N VAL BA 109 7.43 -32.49 59.53
CA VAL BA 109 7.90 -33.82 59.87
C VAL BA 109 6.70 -34.70 60.20
N VAL BA 110 6.82 -35.99 59.87
CA VAL BA 110 5.82 -36.96 60.30
C VAL BA 110 6.16 -37.52 61.67
N LYS BA 111 7.37 -38.04 61.82
CA LYS BA 111 7.89 -38.43 63.12
C LYS BA 111 9.40 -38.30 63.09
N THR BA 112 9.98 -38.13 64.28
CA THR BA 112 11.42 -37.94 64.43
C THR BA 112 11.99 -39.03 65.33
N TYR BA 113 13.24 -39.38 65.07
CA TYR BA 113 13.96 -40.34 65.88
C TYR BA 113 15.31 -39.78 66.26
N THR BA 114 15.77 -40.12 67.45
CA THR BA 114 17.14 -39.82 67.86
C THR BA 114 18.04 -40.95 67.40
N ALA BA 115 19.18 -40.59 66.81
CA ALA BA 115 20.04 -41.56 66.13
C ALA BA 115 20.79 -42.48 67.08
N LYS BA 116 20.78 -42.21 68.39
CA LYS BA 116 21.46 -43.08 69.34
C LYS BA 116 20.50 -44.07 70.01
N ASP BA 117 19.20 -43.91 69.85
CA ASP BA 117 18.24 -44.87 70.36
C ASP BA 117 17.79 -45.90 69.31
N ILE BA 118 18.07 -45.64 68.04
CA ILE BA 118 17.73 -46.59 66.98
C ILE BA 118 18.76 -47.71 67.05
N LYS BA 119 18.38 -48.83 67.65
CA LYS BA 119 19.31 -49.93 67.84
C LYS BA 119 19.54 -50.68 66.53
N SER BA 120 20.65 -51.42 66.48
CA SER BA 120 21.07 -52.32 65.41
C SER BA 120 21.33 -51.62 64.08
N GLU BA 121 21.41 -50.28 64.07
CA GLU BA 121 21.77 -49.47 62.90
C GLU BA 121 20.82 -49.67 61.72
N ILE BA 122 19.56 -50.00 62.00
CA ILE BA 122 18.54 -50.23 60.98
C ILE BA 122 17.31 -49.43 61.38
N LEU BA 123 16.90 -48.52 60.51
CA LEU BA 123 15.73 -47.68 60.77
C LEU BA 123 14.53 -48.29 60.09
N SER BA 124 13.57 -48.74 60.89
CA SER BA 124 12.35 -49.37 60.39
C SER BA 124 11.26 -48.31 60.32
N LEU BA 125 11.19 -47.63 59.19
CA LEU BA 125 10.14 -46.62 58.99
C LEU BA 125 8.81 -47.32 58.73
N PRO BA 126 7.77 -47.00 59.49
CA PRO BA 126 6.44 -47.50 59.14
C PRO BA 126 5.91 -46.80 57.90
N THR BA 127 5.13 -47.53 57.12
CA THR BA 127 4.45 -46.96 55.96
C THR BA 127 2.95 -46.87 56.15
N SER BA 128 2.46 -47.11 57.37
CA SER BA 128 1.04 -46.91 57.64
C SER BA 128 0.68 -45.43 57.71
N ASP BA 129 1.66 -44.56 57.95
CA ASP BA 129 1.42 -43.13 58.03
C ASP BA 129 1.82 -42.38 56.77
N LEU BA 130 2.49 -43.04 55.83
CA LEU BA 130 2.90 -42.37 54.60
C LEU BA 130 1.69 -42.13 53.69
N GLU BA 131 1.74 -41.03 52.97
CA GLU BA 131 0.67 -40.63 52.06
C GLU BA 131 1.08 -40.87 50.62
N VAL BA 132 0.08 -40.97 49.77
CA VAL BA 132 0.26 -41.41 48.40
C VAL BA 132 0.53 -40.20 47.51
N ASN BA 133 1.44 -40.39 46.55
CA ASN BA 133 1.83 -39.38 45.54
C ASN BA 133 2.40 -38.13 46.17
N GLU BA 134 3.09 -38.28 47.30
CA GLU BA 134 3.72 -37.17 48.01
C GLU BA 134 5.15 -37.56 48.34
N GLU BA 135 6.09 -36.73 47.94
CA GLU BA 135 7.50 -37.03 48.16
C GLU BA 135 7.89 -36.80 49.61
N TYR BA 136 8.79 -37.64 50.11
CA TYR BA 136 9.25 -37.54 51.49
C TYR BA 136 10.75 -37.32 51.53
N GLU BA 137 11.25 -37.05 52.74
CA GLU BA 137 12.67 -36.83 52.97
C GLU BA 137 13.05 -37.39 54.32
N LEU BA 138 14.19 -38.08 54.37
CA LEU BA 138 14.73 -38.63 55.60
C LEU BA 138 16.13 -38.09 55.80
N LYS BA 139 16.31 -37.26 56.81
CA LYS BA 139 17.53 -36.47 56.97
C LYS BA 139 18.28 -36.88 58.23
N LEU BA 140 19.54 -36.45 58.31
CA LEU BA 140 20.38 -36.60 59.49
C LEU BA 140 20.82 -35.23 60.00
N TYR BA 141 19.87 -34.31 60.08
CA TYR BA 141 20.21 -32.94 60.42
C TYR BA 141 20.50 -32.80 61.91
N PHE BA 142 21.52 -32.04 62.22
CA PHE BA 142 21.64 -31.51 63.56
C PHE BA 142 20.67 -30.34 63.71
N PRO BA 143 20.00 -30.23 64.85
CA PRO BA 143 19.14 -29.06 65.09
C PRO BA 143 19.99 -27.79 65.23
N LYS BA 144 19.35 -26.66 64.95
CA LYS BA 144 20.08 -25.39 64.96
C LYS BA 144 20.45 -24.95 66.38
N ASP BA 145 19.79 -25.49 67.40
CA ASP BA 145 20.13 -25.21 68.79
C ASP BA 145 21.07 -26.25 69.38
N ALA BA 146 21.87 -26.91 68.56
CA ALA BA 146 22.86 -27.86 69.06
C ALA BA 146 24.25 -27.25 69.16
N SER BA 147 24.56 -26.29 68.30
CA SER BA 147 25.87 -25.65 68.25
C SER BA 147 26.05 -24.59 69.35
N GLU BA 148 25.02 -24.33 70.15
CA GLU BA 148 25.10 -23.24 71.12
C GLU BA 148 25.95 -23.58 72.33
N ASN BA 149 26.00 -24.85 72.72
CA ASN BA 149 26.60 -25.25 73.98
C ASN BA 149 28.07 -25.63 73.85
N TYR BA 150 28.73 -25.25 72.75
CA TYR BA 150 30.10 -25.64 72.51
C TYR BA 150 30.87 -24.46 71.94
N ASP BA 151 32.17 -24.41 72.21
CA ASP BA 151 33.03 -23.35 71.72
C ASP BA 151 33.76 -23.87 70.48
N ILE BA 152 33.14 -23.70 69.33
CA ILE BA 152 33.69 -24.20 68.09
C ILE BA 152 34.74 -23.21 67.58
N ALA BA 153 35.91 -23.73 67.22
CA ALA BA 153 37.03 -22.91 66.77
C ALA BA 153 37.08 -22.82 65.25
N ILE BA 154 36.17 -22.06 64.66
CA ILE BA 154 36.08 -21.92 63.21
C ILE BA 154 36.34 -20.47 62.81
N SER BA 155 36.28 -20.22 61.50
CA SER BA 155 36.35 -18.89 60.94
C SER BA 155 34.94 -18.34 60.79
N GLU BA 156 34.80 -17.21 60.09
CA GLU BA 156 33.48 -16.70 59.75
C GLU BA 156 32.84 -17.56 58.66
N GLY BA 157 33.56 -17.82 57.58
CA GLY BA 157 32.94 -18.45 56.45
C GLY BA 157 33.14 -19.93 56.38
N HIS BA 158 33.73 -20.53 57.41
CA HIS BA 158 33.88 -21.97 57.45
C HIS BA 158 32.63 -22.60 58.02
N LYS BA 159 32.47 -23.90 57.76
CA LYS BA 159 31.32 -24.66 58.23
C LYS BA 159 31.71 -25.40 59.50
N ASN BA 160 30.99 -25.14 60.58
CA ASN BA 160 31.20 -25.90 61.81
C ASN BA 160 30.65 -27.31 61.66
N LEU BA 161 30.89 -28.13 62.69
CA LEU BA 161 30.56 -29.55 62.61
C LEU BA 161 29.05 -29.78 62.53
N PHE BA 162 28.28 -29.05 63.34
CA PHE BA 162 26.84 -29.24 63.35
C PHE BA 162 26.18 -28.72 62.08
N GLU BA 163 26.80 -27.75 61.41
CA GLU BA 163 26.34 -27.30 60.10
C GLU BA 163 26.86 -28.17 58.97
N ARG BA 164 27.61 -29.23 59.27
CA ARG BA 164 28.32 -29.97 58.24
C ARG BA 164 27.68 -31.32 57.92
N VAL BA 165 27.53 -32.18 58.92
CA VAL BA 165 27.15 -33.56 58.66
C VAL BA 165 25.64 -33.64 58.53
N LYS BA 166 25.19 -34.18 57.40
CA LYS BA 166 23.79 -34.46 57.11
C LYS BA 166 23.77 -35.36 55.88
N ASP BA 167 22.68 -36.10 55.73
CA ASP BA 167 22.46 -36.93 54.56
C ASP BA 167 20.97 -37.14 54.39
N SER BA 168 20.47 -36.96 53.17
CA SER BA 168 19.04 -36.98 52.92
C SER BA 168 18.72 -37.93 51.77
N VAL BA 169 17.69 -38.74 51.95
CA VAL BA 169 17.16 -39.59 50.89
C VAL BA 169 15.74 -39.11 50.59
N PHE BA 170 15.18 -39.62 49.48
CA PHE BA 170 13.90 -39.14 48.98
C PHE BA 170 12.98 -40.33 48.71
N ILE BA 171 11.96 -40.49 49.54
CA ILE BA 171 11.01 -41.59 49.42
C ILE BA 171 9.82 -41.10 48.62
N LYS BA 172 9.59 -41.70 47.46
CA LYS BA 172 8.39 -41.45 46.67
C LYS BA 172 7.38 -42.54 46.95
N VAL BA 173 6.24 -42.16 47.51
CA VAL BA 173 5.20 -43.11 47.90
C VAL BA 173 4.01 -42.90 46.98
N LYS BA 174 3.79 -43.82 46.07
CA LYS BA 174 2.68 -43.75 45.11
C LYS BA 174 1.87 -45.04 45.17
N GLU BA 175 0.84 -45.10 44.34
CA GLU BA 175 0.00 -46.29 44.27
C GLU BA 175 0.74 -47.43 43.58
N TYR BA 176 0.29 -48.65 43.87
CA TYR BA 176 0.90 -49.83 43.26
C TYR BA 176 0.40 -50.00 41.82
N GLY BA 177 -0.91 -50.18 41.66
CA GLY BA 177 -1.47 -50.34 40.33
C GLY BA 177 -1.14 -51.70 39.76
N LYS BA 178 -0.76 -51.72 38.47
CA LYS BA 178 -0.35 -52.90 37.72
C LYS BA 178 -1.46 -53.95 37.73
N PHE BA 179 -2.52 -53.62 36.98
CA PHE BA 179 -3.73 -54.44 36.98
C PHE BA 179 -3.48 -55.78 36.30
N THR BA 180 -4.45 -56.67 36.46
CA THR BA 180 -4.44 -57.99 35.83
C THR BA 180 -5.56 -58.05 34.79
N GLY BA 181 -5.19 -58.09 33.53
CA GLY BA 181 -6.18 -58.04 32.47
C GLY BA 181 -5.54 -58.08 31.11
N ARG BA 182 -6.38 -58.37 30.11
CA ARG BA 182 -5.97 -58.37 28.72
C ARG BA 182 -6.41 -57.12 27.96
N LEU BA 183 -7.04 -56.16 28.66
CA LEU BA 183 -7.55 -54.91 28.10
C LEU BA 183 -8.56 -55.18 26.97
N VAL BA 184 -9.68 -55.78 27.35
CA VAL BA 184 -10.73 -56.03 26.38
C VAL BA 184 -11.48 -54.73 26.08
N GLN BA 185 -12.11 -54.70 24.91
CA GLN BA 185 -12.95 -53.57 24.56
C GLN BA 185 -14.28 -53.66 25.28
N LEU BA 186 -15.03 -52.57 25.26
CA LEU BA 186 -16.34 -52.53 25.88
C LEU BA 186 -17.45 -52.20 24.89
N GLN BA 187 -17.12 -51.73 23.70
CA GLN BA 187 -18.13 -51.32 22.73
C GLN BA 187 -17.50 -51.37 21.35
N GLN BA 188 -18.11 -52.13 20.45
CA GLN BA 188 -17.73 -52.09 19.05
C GLN BA 188 -18.48 -50.96 18.34
N ASP BA 189 -17.96 -50.60 17.17
CA ASP BA 189 -18.54 -49.61 16.25
C ASP BA 189 -18.70 -48.26 16.93
N ILE BA 190 -17.56 -47.69 17.31
CA ILE BA 190 -17.53 -46.41 18.01
C ILE BA 190 -17.83 -45.30 17.02
N ASN BA 191 -19.01 -44.70 17.14
CA ASN BA 191 -19.41 -43.56 16.33
C ASN BA 191 -19.61 -42.36 17.25
N VAL BA 192 -18.89 -41.28 16.98
CA VAL BA 192 -18.95 -40.10 17.81
C VAL BA 192 -19.36 -38.91 16.95
N LEU BA 193 -19.82 -37.86 17.62
CA LEU BA 193 -20.22 -36.64 16.94
C LEU BA 193 -18.99 -35.83 16.52
N LYS BA 194 -19.23 -34.66 15.94
CA LYS BA 194 -18.15 -33.88 15.34
C LYS BA 194 -17.30 -33.21 16.40
N GLU BA 195 -17.92 -32.43 17.29
CA GLU BA 195 -17.20 -31.72 18.34
C GLU BA 195 -17.70 -32.25 19.68
N SER BA 196 -16.98 -33.24 20.21
CA SER BA 196 -17.37 -33.87 21.46
C SER BA 196 -16.13 -34.47 22.11
N ALA BA 197 -16.33 -35.11 23.26
CA ALA BA 197 -15.25 -35.73 24.02
C ALA BA 197 -15.73 -37.06 24.58
N LEU BA 198 -14.92 -38.09 24.40
CA LEU BA 198 -15.28 -39.46 24.79
C LEU BA 198 -14.33 -39.98 25.85
N PRO BA 199 -14.81 -40.32 27.04
CA PRO BA 199 -13.91 -40.84 28.08
C PRO BA 199 -13.52 -42.28 27.82
N LEU BA 200 -12.38 -42.67 28.38
CA LEU BA 200 -11.86 -44.01 28.16
C LEU BA 200 -12.55 -45.06 29.01
N ASP BA 201 -13.25 -44.68 30.07
CA ASP BA 201 -13.89 -45.64 30.95
C ASP BA 201 -15.22 -46.16 30.40
N LYS BA 202 -15.62 -45.75 29.20
CA LYS BA 202 -16.83 -46.27 28.58
C LYS BA 202 -16.57 -46.90 27.23
N ILE BA 203 -15.30 -47.10 26.87
CA ILE BA 203 -14.96 -47.66 25.56
C ILE BA 203 -14.10 -48.90 25.75
N LEU BA 204 -13.39 -48.98 26.87
CA LEU BA 204 -12.49 -50.10 27.10
C LEU BA 204 -12.55 -50.53 28.55
N GLY BA 205 -12.38 -51.82 28.78
CA GLY BA 205 -12.27 -52.38 30.11
C GLY BA 205 -11.08 -53.32 30.19
N TYR BA 206 -11.09 -54.24 31.16
CA TYR BA 206 -10.03 -55.21 31.28
C TYR BA 206 -10.61 -56.48 31.88
N LYS BA 207 -10.17 -57.62 31.37
CA LYS BA 207 -10.71 -58.91 31.77
C LYS BA 207 -9.85 -59.48 32.89
N ASP BA 208 -10.37 -59.40 34.12
CA ASP BA 208 -9.65 -59.87 35.29
C ASP BA 208 -9.46 -61.38 35.24
N PHE BA 209 -8.26 -61.82 35.61
CA PHE BA 209 -7.88 -63.22 35.44
C PHE BA 209 -8.32 -64.12 36.58
N ASP BA 210 -8.56 -63.56 37.77
CA ASP BA 210 -9.09 -64.36 38.87
C ASP BA 210 -10.52 -64.79 38.59
N THR BA 211 -11.42 -63.81 38.45
CA THR BA 211 -12.75 -64.03 37.92
C THR BA 211 -12.96 -63.14 36.71
N LYS BA 212 -13.54 -63.70 35.65
CA LYS BA 212 -13.54 -63.04 34.35
C LYS BA 212 -14.59 -61.93 34.34
N GLU BA 213 -14.21 -60.80 34.91
CA GLU BA 213 -15.05 -59.62 34.97
C GLU BA 213 -14.61 -58.60 33.94
N VAL BA 214 -15.57 -57.82 33.44
CA VAL BA 214 -15.33 -56.93 32.31
C VAL BA 214 -15.51 -55.50 32.84
N THR BA 215 -15.10 -55.28 34.09
CA THR BA 215 -15.24 -53.98 34.70
C THR BA 215 -14.30 -52.97 34.03
N PRO BA 216 -14.73 -51.73 33.81
CA PRO BA 216 -13.90 -50.77 33.10
C PRO BA 216 -12.80 -50.20 33.98
N VAL BA 217 -12.00 -49.33 33.39
CA VAL BA 217 -10.92 -48.66 34.11
C VAL BA 217 -11.45 -47.41 34.79
N ALA BA 218 -12.08 -47.59 35.95
CA ALA BA 218 -12.60 -46.44 36.70
C ALA BA 218 -11.53 -45.81 37.56
N LYS BA 219 -10.76 -46.63 38.26
CA LYS BA 219 -9.67 -46.18 39.13
C LYS BA 219 -8.46 -45.74 38.31
N GLU BA 220 -7.99 -44.52 38.59
CA GLU BA 220 -7.21 -43.73 37.63
C GLU BA 220 -5.70 -43.96 37.70
N ASN BA 221 -5.20 -44.57 38.77
CA ASN BA 221 -3.78 -44.91 38.88
C ASN BA 221 -3.35 -46.03 37.94
N LEU BA 222 -4.27 -46.58 37.13
CA LEU BA 222 -3.94 -47.51 36.07
C LEU BA 222 -3.78 -46.83 34.72
N LEU BA 223 -4.27 -45.60 34.57
CA LEU BA 223 -4.33 -44.95 33.28
C LEU BA 223 -2.97 -44.48 32.79
N GLN BA 224 -2.01 -44.26 33.69
CA GLN BA 224 -0.70 -43.79 33.27
C GLN BA 224 0.12 -44.87 32.58
N LEU BA 225 -0.24 -46.14 32.78
CA LEU BA 225 0.41 -47.21 32.05
C LEU BA 225 -0.19 -47.43 30.66
N LEU BA 226 -1.29 -46.76 30.35
CA LEU BA 226 -1.98 -46.90 29.07
C LEU BA 226 -1.51 -45.79 28.14
N SER BA 227 -0.61 -46.13 27.22
CA SER BA 227 -0.09 -45.17 26.25
C SER BA 227 -1.04 -45.15 25.06
N VAL BA 228 -2.04 -44.27 25.14
CA VAL BA 228 -3.04 -44.17 24.08
C VAL BA 228 -2.42 -43.46 22.88
N ASN BA 229 -2.60 -44.04 21.70
CA ASN BA 229 -2.01 -43.51 20.47
C ASN BA 229 -3.10 -43.42 19.41
N VAL BA 230 -3.32 -42.22 18.90
CA VAL BA 230 -4.30 -42.00 17.85
C VAL BA 230 -3.59 -42.08 16.50
N SER BA 231 -4.39 -42.27 15.45
CA SER BA 231 -3.83 -42.38 14.11
C SER BA 231 -3.37 -41.03 13.59
N ASP BA 232 -4.29 -40.08 13.50
CA ASP BA 232 -4.01 -38.75 12.99
C ASP BA 232 -4.03 -37.77 14.14
N GLU BA 233 -3.08 -36.84 14.15
CA GLU BA 233 -3.01 -35.85 15.21
C GLU BA 233 -4.09 -34.79 15.05
N SER BA 234 -4.42 -34.42 13.81
CA SER BA 234 -5.34 -33.31 13.59
C SER BA 234 -6.79 -33.72 13.80
N TYR BA 235 -7.12 -35.01 13.68
CA TYR BA 235 -8.49 -35.45 13.84
C TYR BA 235 -8.91 -35.51 15.30
N ALA BA 236 -8.18 -36.28 16.11
CA ALA BA 236 -8.47 -36.42 17.52
C ALA BA 236 -7.18 -36.27 18.32
N ARG BA 237 -7.33 -36.16 19.63
CA ARG BA 237 -6.20 -35.96 20.51
C ARG BA 237 -6.56 -36.48 21.90
N TYR BA 238 -5.68 -37.25 22.50
CA TYR BA 238 -5.93 -37.82 23.82
C TYR BA 238 -5.45 -36.86 24.90
N GLN BA 239 -6.36 -36.43 25.77
CA GLN BA 239 -5.97 -35.66 26.94
C GLN BA 239 -5.29 -36.56 27.95
N ALA BA 240 -4.13 -36.15 28.45
CA ALA BA 240 -3.38 -36.97 29.39
C ALA BA 240 -3.83 -36.74 30.82
N ASP BA 241 -4.15 -35.49 31.17
CA ASP BA 241 -4.63 -35.18 32.52
C ASP BA 241 -6.00 -35.81 32.77
N LYS BA 242 -6.87 -35.79 31.77
CA LYS BA 242 -8.11 -36.53 31.82
C LYS BA 242 -7.89 -37.89 31.16
N ASN BA 243 -8.98 -38.59 30.88
CA ASN BA 243 -8.94 -39.84 30.13
C ASN BA 243 -9.89 -39.75 28.94
N ARG BA 244 -9.86 -38.62 28.25
CA ARG BA 244 -10.79 -38.35 27.16
C ARG BA 244 -10.04 -38.14 25.86
N LEU BA 245 -10.74 -38.38 24.76
CA LEU BA 245 -10.27 -38.04 23.42
C LEU BA 245 -10.99 -36.78 22.96
N LEU BA 246 -10.30 -35.99 22.14
CA LEU BA 246 -10.78 -34.66 21.77
C LEU BA 246 -11.06 -34.61 20.28
N PHE BA 247 -12.33 -34.75 19.89
CA PHE BA 247 -12.69 -34.83 18.49
C PHE BA 247 -12.85 -33.43 17.91
N PHE BA 248 -11.97 -33.09 16.97
CA PHE BA 248 -11.96 -31.78 16.36
C PHE BA 248 -12.88 -31.74 15.14
N SER BA 249 -12.72 -30.69 14.32
CA SER BA 249 -13.63 -30.44 13.21
C SER BA 249 -13.52 -31.48 12.10
N LYS BA 250 -12.34 -32.07 11.91
CA LYS BA 250 -12.17 -33.10 10.90
C LYS BA 250 -12.90 -34.37 11.28
N THR BA 251 -13.62 -34.95 10.33
CA THR BA 251 -14.41 -36.16 10.54
C THR BA 251 -13.95 -37.27 9.60
N GLY BA 252 -14.03 -38.50 10.07
CA GLY BA 252 -13.62 -39.64 9.28
C GLY BA 252 -13.23 -40.80 10.15
N GLU BA 253 -12.41 -41.69 9.59
CA GLU BA 253 -11.90 -42.87 10.28
C GLU BA 253 -10.63 -42.51 11.03
N ILE BA 254 -10.53 -42.99 12.27
CA ILE BA 254 -9.29 -42.90 13.05
C ILE BA 254 -9.05 -44.23 13.73
N LEU BA 255 -7.78 -44.56 13.92
CA LEU BA 255 -7.37 -45.74 14.66
C LEU BA 255 -6.76 -45.28 15.98
N VAL BA 256 -7.36 -45.72 17.09
CA VAL BA 256 -6.91 -45.35 18.43
C VAL BA 256 -6.27 -46.59 19.03
N LYS BA 257 -4.95 -46.58 19.16
CA LYS BA 257 -4.18 -47.73 19.60
C LYS BA 257 -3.84 -47.59 21.07
N VAL BA 258 -4.53 -48.35 21.92
CA VAL BA 258 -4.27 -48.33 23.35
C VAL BA 258 -3.28 -49.45 23.68
N ILE BA 259 -2.15 -49.08 24.28
CA ILE BA 259 -1.07 -50.02 24.56
C ILE BA 259 -0.80 -50.00 26.05
N GLU BA 260 -0.82 -51.19 26.66
CA GLU BA 260 -0.38 -51.38 28.04
C GLU BA 260 1.01 -52.00 28.02
N ARG BA 261 1.93 -51.41 28.79
CA ARG BA 261 3.33 -51.77 28.71
C ARG BA 261 3.73 -52.95 29.60
N SER BA 262 2.96 -53.24 30.65
CA SER BA 262 3.38 -54.26 31.61
C SER BA 262 3.21 -55.67 31.05
N ILE BA 263 1.97 -56.04 30.75
CA ILE BA 263 1.69 -57.37 30.20
C ILE BA 263 1.88 -57.31 28.69
N GLN BA 264 2.45 -58.37 28.13
CA GLN BA 264 2.70 -58.43 26.71
C GLN BA 264 1.40 -58.57 25.93
N ASP BA 265 1.37 -57.94 24.75
CA ASP BA 265 0.30 -58.02 23.76
C ASP BA 265 -1.04 -57.51 24.33
N ASN BA 266 -1.03 -56.23 24.67
CA ASN BA 266 -2.26 -55.51 25.00
C ASN BA 266 -2.55 -54.42 23.97
N ILE BA 267 -2.21 -54.69 22.71
CA ILE BA 267 -2.47 -53.73 21.64
C ILE BA 267 -3.96 -53.77 21.33
N VAL BA 268 -4.69 -52.73 21.73
CA VAL BA 268 -6.12 -52.62 21.52
C VAL BA 268 -6.35 -51.58 20.43
N ASN BA 269 -7.21 -51.91 19.48
CA ASN BA 269 -7.45 -51.05 18.32
C ASN BA 269 -8.93 -50.70 18.25
N PHE BA 270 -9.23 -49.41 18.22
CA PHE BA 270 -10.59 -48.92 18.07
C PHE BA 270 -10.73 -48.23 16.72
N ASN BA 271 -11.73 -48.66 15.95
CA ASN BA 271 -12.06 -48.00 14.70
C ASN BA 271 -13.18 -47.00 15.00
N ILE BA 272 -12.81 -45.75 15.20
CA ILE BA 272 -13.74 -44.70 15.58
C ILE BA 272 -14.12 -43.89 14.35
N ARG BA 273 -15.42 -43.72 14.14
CA ARG BA 273 -15.93 -42.91 13.03
C ARG BA 273 -16.46 -41.60 13.58
N ILE BA 274 -15.85 -40.50 13.16
CA ILE BA 274 -16.33 -39.17 13.50
C ILE BA 274 -17.31 -38.72 12.44
N LEU BA 275 -18.46 -38.21 12.86
CA LEU BA 275 -19.51 -37.84 11.94
C LEU BA 275 -20.17 -36.53 12.38
N ASP BA 276 -20.77 -35.84 11.40
CA ASP BA 276 -21.30 -34.50 11.60
C ASP BA 276 -22.69 -34.55 12.23
N GLU BA 277 -23.37 -33.41 12.22
CA GLU BA 277 -24.75 -33.33 12.68
C GLU BA 277 -25.71 -33.93 11.66
N GLU BA 278 -25.61 -33.50 10.41
CA GLU BA 278 -26.52 -33.99 9.36
C GLU BA 278 -25.97 -35.21 8.62
N THR BA 279 -24.89 -35.82 9.11
CA THR BA 279 -24.54 -37.16 8.67
C THR BA 279 -25.51 -38.19 9.27
N ILE BA 280 -26.14 -37.85 10.39
CA ILE BA 280 -27.11 -38.77 10.98
C ILE BA 280 -28.42 -38.74 10.22
N GLN BA 281 -28.93 -37.54 9.90
CA GLN BA 281 -30.31 -37.44 9.43
C GLN BA 281 -30.48 -37.90 7.98
N ASN BA 282 -29.42 -37.92 7.17
CA ASN BA 282 -29.59 -38.37 5.80
C ASN BA 282 -29.57 -39.90 5.70
N GLU BA 283 -29.22 -40.58 6.79
CA GLU BA 283 -29.20 -42.04 6.79
C GLU BA 283 -30.11 -42.64 7.86
N ILE BA 284 -30.80 -41.83 8.65
CA ILE BA 284 -31.79 -42.37 9.57
C ILE BA 284 -33.05 -42.81 8.82
N ASP BA 285 -33.29 -42.26 7.62
CA ASP BA 285 -34.46 -42.65 6.84
C ASP BA 285 -34.22 -43.93 6.06
N LYS BA 286 -32.99 -44.15 5.57
CA LYS BA 286 -32.65 -45.33 4.80
C LYS BA 286 -32.27 -46.52 5.68
N LYS BA 287 -32.59 -46.46 6.98
CA LYS BA 287 -32.65 -47.61 7.88
C LYS BA 287 -31.27 -48.22 8.10
N ILE BA 288 -30.31 -47.36 8.39
CA ILE BA 288 -28.96 -47.78 8.78
C ILE BA 288 -28.91 -47.65 10.29
N GLU BA 289 -29.21 -48.74 11.00
CA GLU BA 289 -29.37 -48.71 12.44
C GLU BA 289 -28.05 -49.04 13.11
N TYR BA 290 -27.48 -48.05 13.80
CA TYR BA 290 -26.28 -48.22 14.61
C TYR BA 290 -26.31 -47.18 15.71
N SER BA 291 -25.34 -47.26 16.61
CA SER BA 291 -25.32 -46.40 17.79
C SER BA 291 -24.26 -45.33 17.68
N VAL BA 292 -24.58 -44.13 18.19
CA VAL BA 292 -23.67 -43.00 18.24
C VAL BA 292 -23.57 -42.56 19.69
N TYR BA 293 -22.35 -42.32 20.17
CA TYR BA 293 -22.11 -41.97 21.55
C TYR BA 293 -22.70 -40.60 21.89
N ASP BA 294 -23.49 -40.56 22.97
CA ASP BA 294 -24.11 -39.32 23.42
C ASP BA 294 -23.36 -38.82 24.64
N PRO BA 295 -22.66 -37.68 24.56
CA PRO BA 295 -21.77 -37.27 25.65
C PRO BA 295 -22.48 -36.65 26.84
N LYS BA 296 -23.77 -36.33 26.72
CA LYS BA 296 -24.46 -35.70 27.85
C LYS BA 296 -24.81 -36.70 28.94
N ASP BA 297 -24.89 -38.00 28.60
CA ASP BA 297 -25.25 -39.02 29.58
C ASP BA 297 -24.32 -40.21 29.60
N GLY BA 298 -23.44 -40.39 28.61
CA GLY BA 298 -22.43 -41.41 28.62
C GLY BA 298 -22.83 -42.70 27.93
N LYS BA 299 -24.13 -43.02 27.89
CA LYS BA 299 -24.56 -44.24 27.23
C LYS BA 299 -24.66 -44.07 25.73
N PHE BA 300 -24.41 -45.17 25.02
CA PHE BA 300 -24.49 -45.17 23.56
C PHE BA 300 -25.94 -45.28 23.13
N GLU BA 301 -26.38 -44.36 22.28
CA GLU BA 301 -27.76 -44.31 21.82
C GLU BA 301 -27.81 -44.43 20.30
N SER BA 302 -28.93 -44.97 19.80
CA SER BA 302 -29.15 -45.14 18.37
C SER BA 302 -30.19 -44.18 17.82
N ILE BA 303 -31.37 -44.10 18.44
CA ILE BA 303 -32.38 -43.14 18.04
C ILE BA 303 -32.80 -42.31 19.25
N THR CA 3 8.20 -62.31 27.15
CA THR CA 3 7.94 -63.45 26.28
C THR CA 3 8.72 -64.68 26.74
N THR CA 4 8.16 -65.86 26.47
CA THR CA 4 8.80 -67.11 26.87
C THR CA 4 8.89 -68.09 25.72
N ASN CA 5 9.29 -69.31 26.04
CA ASN CA 5 9.29 -70.42 25.09
C ASN CA 5 8.61 -71.62 25.73
N TYR CA 6 7.56 -71.38 26.52
CA TYR CA 6 6.79 -72.45 27.12
C TYR CA 6 5.34 -72.01 27.18
N PHE CA 7 4.45 -72.76 26.53
CA PHE CA 7 3.04 -72.39 26.41
C PHE CA 7 2.15 -73.55 26.80
N LYS CA 8 1.15 -73.27 27.63
CA LYS CA 8 0.11 -74.25 27.96
C LYS CA 8 -1.04 -74.06 26.99
N VAL CA 9 -1.19 -75.00 26.06
CA VAL CA 9 -2.14 -74.84 24.97
C VAL CA 9 -3.26 -75.88 25.08
N LYS CA 10 -4.21 -75.83 24.15
CA LYS CA 10 -5.29 -76.79 24.07
C LYS CA 10 -5.38 -77.28 22.63
N LEU CA 11 -4.83 -78.45 22.36
CA LEU CA 11 -4.87 -79.03 21.02
C LEU CA 11 -6.25 -79.62 20.76
N LEU CA 12 -6.75 -79.41 19.54
CA LEU CA 12 -8.12 -79.82 19.22
C LEU CA 12 -8.22 -80.61 17.92
N ASP CA 13 -7.11 -81.14 17.43
CA ASP CA 13 -7.14 -82.15 16.38
C ASP CA 13 -6.96 -83.53 17.01
N GLU CA 14 -7.47 -84.55 16.33
CA GLU CA 14 -7.49 -85.90 16.87
C GLU CA 14 -6.77 -86.89 15.97
N LYS CA 15 -5.83 -86.43 15.15
CA LYS CA 15 -5.16 -87.35 14.25
C LYS CA 15 -4.13 -88.18 15.00
N LEU CA 16 -3.06 -87.52 15.43
CA LEU CA 16 -2.04 -88.05 16.33
C LEU CA 16 -1.17 -86.87 16.73
N ILE CA 17 -1.04 -86.60 18.03
CA ILE CA 17 -0.19 -85.50 18.47
C ILE CA 17 1.26 -85.89 18.23
N PRO CA 18 2.01 -85.15 17.42
CA PRO CA 18 3.44 -85.40 17.31
C PRO CA 18 4.14 -84.71 18.47
N PHE CA 19 5.47 -84.82 18.48
CA PHE CA 19 6.36 -84.20 19.47
C PHE CA 19 6.09 -84.73 20.89
N LEU CA 20 5.46 -85.89 21.02
CA LEU CA 20 5.07 -86.45 22.31
C LEU CA 20 5.42 -87.94 22.31
N GLY CA 21 4.91 -88.66 23.30
CA GLY CA 21 5.21 -90.07 23.44
C GLY CA 21 4.34 -90.94 22.56
N LEU CA 22 4.44 -92.25 22.79
CA LEU CA 22 3.65 -93.22 22.04
C LEU CA 22 2.18 -93.12 22.46
N GLY CA 23 1.29 -93.38 21.50
CA GLY CA 23 -0.10 -93.08 21.76
C GLY CA 23 -0.31 -91.58 21.73
N GLU CA 24 -1.25 -91.13 22.58
CA GLU CA 24 -1.59 -89.70 22.76
C GLU CA 24 -1.99 -89.05 21.44
N ARG CA 25 -3.14 -89.49 20.94
CA ARG CA 25 -3.61 -89.10 19.62
C ARG CA 25 -4.78 -88.13 19.62
N GLY CA 26 -5.56 -88.07 20.71
CA GLY CA 26 -6.81 -87.34 20.68
C GLY CA 26 -6.66 -85.84 20.80
N PRO CA 27 -7.78 -85.14 20.96
CA PRO CA 27 -7.75 -83.71 21.27
C PRO CA 27 -7.36 -83.51 22.75
N ARG CA 28 -6.13 -83.07 22.96
CA ARG CA 28 -5.57 -82.99 24.30
C ARG CA 28 -5.46 -81.54 24.75
N GLU CA 29 -5.70 -81.32 26.03
CA GLU CA 29 -5.55 -80.02 26.66
C GLU CA 29 -4.42 -80.08 27.68
N ASN CA 30 -4.04 -78.89 28.17
CA ASN CA 30 -2.94 -78.69 29.13
C ASN CA 30 -1.63 -79.28 28.60
N VAL CA 31 -1.37 -79.07 27.32
CA VAL CA 31 -0.22 -79.67 26.65
C VAL CA 31 0.87 -78.62 26.59
N ILE CA 32 1.81 -78.70 27.53
CA ILE CA 32 2.86 -77.69 27.64
C ILE CA 32 3.86 -77.89 26.51
N LEU CA 33 3.98 -76.92 25.63
CA LEU CA 33 4.83 -77.00 24.45
C LEU CA 33 5.91 -75.94 24.50
N SER CA 34 6.95 -76.16 23.70
CA SER CA 34 8.00 -75.15 23.51
C SER CA 34 7.55 -74.13 22.47
N SER CA 35 8.41 -73.13 22.23
CA SER CA 35 8.13 -72.20 21.15
C SER CA 35 8.57 -72.78 19.81
N ASN CA 36 9.67 -73.54 19.80
CA ASN CA 36 10.03 -74.34 18.64
C ASN CA 36 8.99 -75.41 18.36
N ASP CA 37 8.33 -75.89 19.41
CA ASP CA 37 7.27 -76.87 19.26
C ASP CA 37 6.02 -76.25 18.67
N LEU CA 38 5.57 -75.14 19.26
CA LEU CA 38 4.29 -74.54 18.92
C LEU CA 38 4.28 -73.97 17.50
N ALA CA 39 5.39 -73.40 17.06
CA ALA CA 39 5.47 -72.87 15.71
C ALA CA 39 5.58 -73.96 14.67
N SER CA 40 5.87 -75.19 15.07
CA SER CA 40 5.83 -76.33 14.16
C SER CA 40 4.49 -77.07 14.22
N LEU CA 41 3.52 -76.53 14.95
CA LEU CA 41 2.15 -77.03 14.90
C LEU CA 41 1.18 -76.02 14.31
N LYS CA 42 1.36 -74.73 14.61
CA LYS CA 42 0.62 -73.68 13.91
C LYS CA 42 0.91 -73.71 12.43
N GLN CA 43 2.17 -73.98 12.06
CA GLN CA 43 2.53 -74.12 10.66
C GLN CA 43 2.05 -75.44 10.08
N ALA CA 44 1.83 -76.45 10.92
CA ALA CA 44 1.41 -77.77 10.46
C ALA CA 44 -0.09 -77.92 10.29
N GLY CA 45 -0.82 -76.81 10.26
CA GLY CA 45 -2.24 -76.87 10.06
C GLY CA 45 -3.02 -77.44 11.22
N TRP CA 46 -2.59 -77.15 12.44
CA TRP CA 46 -3.28 -77.62 13.62
C TRP CA 46 -4.14 -76.51 14.21
N THR CA 47 -5.23 -76.92 14.85
CA THR CA 47 -6.13 -75.97 15.50
C THR CA 47 -5.72 -75.82 16.96
N VAL CA 48 -4.46 -75.46 17.17
CA VAL CA 48 -3.94 -75.30 18.53
C VAL CA 48 -4.37 -73.94 19.06
N THR CA 49 -5.12 -73.97 20.15
CA THR CA 49 -5.75 -72.78 20.71
C THR CA 49 -5.56 -72.73 22.21
N ASP CA 50 -6.13 -71.69 22.83
CA ASP CA 50 -5.94 -71.34 24.24
C ASP CA 50 -4.45 -71.22 24.58
N VAL CA 51 -3.73 -70.48 23.75
CA VAL CA 51 -2.30 -70.31 23.95
C VAL CA 51 -2.09 -69.37 25.13
N GLN CA 52 -1.55 -69.90 26.22
CA GLN CA 52 -1.23 -69.12 27.40
C GLN CA 52 0.27 -69.22 27.66
N PRO CA 53 0.97 -68.11 27.83
CA PRO CA 53 2.39 -68.19 28.18
C PRO CA 53 2.57 -68.63 29.62
N LEU CA 54 3.73 -69.23 29.88
CA LEU CA 54 3.97 -69.84 31.18
C LEU CA 54 5.15 -69.17 31.87
N PRO CA 55 5.17 -69.13 33.22
CA PRO CA 55 6.23 -68.38 33.91
C PRO CA 55 7.60 -69.04 33.86
N GLU CA 56 8.50 -68.47 33.07
CA GLU CA 56 9.88 -68.91 33.02
C GLU CA 56 10.79 -68.05 33.89
N THR CA 57 10.28 -66.96 34.44
CA THR CA 57 11.00 -66.08 35.36
C THR CA 57 10.46 -66.28 36.77
N GLY CA 58 11.24 -66.92 37.62
CA GLY CA 58 10.92 -66.94 39.03
C GLY CA 58 12.05 -66.36 39.86
N LYS CA 59 12.72 -65.35 39.33
CA LYS CA 59 13.91 -64.85 39.97
C LYS CA 59 13.57 -63.96 41.15
N ILE CA 60 14.52 -63.83 42.07
CA ILE CA 60 14.41 -62.99 43.25
C ILE CA 60 15.32 -61.80 43.06
N LYS CA 61 14.79 -60.60 43.31
CA LYS CA 61 15.57 -59.38 43.18
C LYS CA 61 16.24 -59.07 44.52
N TYR CA 62 17.22 -59.91 44.86
CA TYR CA 62 17.86 -59.86 46.16
C TYR CA 62 19.18 -60.62 46.08
N ASP CA 63 20.19 -60.13 46.78
CA ASP CA 63 21.45 -60.83 46.90
C ASP CA 63 21.28 -62.11 47.70
N ARG CA 64 22.09 -63.12 47.39
CA ARG CA 64 21.83 -64.46 47.92
C ARG CA 64 22.29 -64.58 49.37
N ARG CA 65 23.61 -64.49 49.60
CA ARG CA 65 24.17 -64.81 50.91
C ARG CA 65 24.25 -63.54 51.74
N THR CA 66 23.13 -63.20 52.37
CA THR CA 66 23.04 -62.04 53.24
C THR CA 66 23.24 -62.44 54.68
N VAL CA 67 23.70 -61.48 55.47
CA VAL CA 67 23.88 -61.65 56.91
C VAL CA 67 22.88 -60.74 57.61
N TYR CA 68 22.06 -61.31 58.47
CA TYR CA 68 21.05 -60.55 59.19
C TYR CA 68 21.35 -60.61 60.68
N PHE CA 69 21.87 -59.51 61.23
CA PHE CA 69 22.19 -59.45 62.64
C PHE CA 69 20.91 -59.25 63.43
N LYS CA 70 20.54 -60.25 64.23
CA LYS CA 70 19.29 -60.25 64.96
C LYS CA 70 19.57 -59.95 66.43
N SER CA 71 18.78 -59.04 67.00
CA SER CA 71 18.91 -58.72 68.41
C SER CA 71 18.06 -59.66 69.26
N GLU CA 72 18.03 -59.42 70.56
CA GLU CA 72 17.22 -60.26 71.44
C GLU CA 72 15.74 -59.87 71.33
N GLY CA 73 15.42 -58.64 71.72
CA GLY CA 73 14.06 -58.14 71.58
C GLY CA 73 13.73 -57.86 70.14
N GLU CA 74 12.87 -58.69 69.55
CA GLU CA 74 12.52 -58.60 68.14
C GLU CA 74 11.00 -58.59 68.02
N THR CA 75 10.42 -57.40 67.89
CA THR CA 75 8.99 -57.25 67.63
C THR CA 75 8.82 -56.75 66.21
N GLY CA 76 8.21 -57.58 65.37
CA GLY CA 76 8.10 -57.25 63.96
C GLY CA 76 9.42 -57.40 63.26
N LYS CA 77 9.98 -56.28 62.80
CA LYS CA 77 11.25 -56.20 62.07
C LYS CA 77 11.25 -57.11 60.84
N PHE CA 78 10.25 -56.92 59.99
CA PHE CA 78 10.10 -57.76 58.80
C PHE CA 78 11.16 -57.39 57.77
N ILE CA 79 11.87 -58.40 57.27
CA ILE CA 79 12.81 -58.21 56.18
C ILE CA 79 12.06 -58.33 54.87
N ASN CA 80 12.18 -57.32 54.00
CA ASN CA 80 11.44 -57.26 52.75
C ASN CA 80 12.31 -57.81 51.63
N VAL CA 81 11.79 -58.80 50.93
CA VAL CA 81 12.50 -59.47 49.84
C VAL CA 81 11.78 -59.16 48.55
N PRO CA 82 12.40 -58.46 47.59
CA PRO CA 82 11.76 -58.20 46.30
C PRO CA 82 11.89 -59.38 45.35
N PHE CA 83 10.79 -59.69 44.67
CA PHE CA 83 10.73 -60.80 43.74
C PHE CA 83 9.78 -60.43 42.62
N TYR CA 84 9.93 -61.11 41.48
CA TYR CA 84 9.06 -60.83 40.36
C TYR CA 84 8.92 -62.09 39.50
N ILE CA 85 7.68 -62.40 39.13
CA ILE CA 85 7.38 -63.46 38.18
C ILE CA 85 6.75 -62.79 36.97
N ASN CA 86 7.53 -62.66 35.90
CA ASN CA 86 7.22 -61.72 34.82
C ASN CA 86 6.02 -62.12 33.95
N PRO CA 87 6.06 -63.22 33.15
CA PRO CA 87 5.14 -63.28 32.02
C PRO CA 87 3.78 -63.87 32.34
N VAL CA 88 3.23 -63.55 33.51
CA VAL CA 88 1.95 -64.06 33.99
C VAL CA 88 1.41 -63.06 35.00
N ASP CA 89 0.09 -63.05 35.18
CA ASP CA 89 -0.51 -62.31 36.27
C ASP CA 89 -1.33 -63.20 37.20
N ALA CA 90 -2.23 -64.02 36.69
CA ALA CA 90 -3.02 -64.93 37.53
C ALA CA 90 -3.49 -66.09 36.67
N ARG CA 91 -2.89 -67.26 36.83
CA ARG CA 91 -3.27 -68.45 36.07
C ARG CA 91 -3.42 -69.61 37.04
N ASP CA 92 -3.55 -70.82 36.50
CA ASP CA 92 -3.62 -71.99 37.34
C ASP CA 92 -2.24 -72.47 37.78
N VAL CA 93 -1.19 -72.03 37.09
CA VAL CA 93 0.16 -72.42 37.47
C VAL CA 93 0.71 -71.55 38.59
N LEU CA 94 0.19 -70.34 38.75
CA LEU CA 94 0.67 -69.48 39.82
C LEU CA 94 0.13 -69.90 41.17
N GLY CA 95 -0.88 -70.77 41.20
CA GLY CA 95 -1.25 -71.40 42.45
C GLY CA 95 -0.29 -72.49 42.86
N LEU CA 96 0.59 -72.90 41.95
CA LEU CA 96 1.58 -73.93 42.24
C LEU CA 96 2.91 -73.36 42.67
N LEU CA 97 3.21 -72.11 42.32
CA LEU CA 97 4.49 -71.51 42.70
C LEU CA 97 4.51 -71.25 44.20
N LYS CA 98 5.53 -71.77 44.87
CA LYS CA 98 5.59 -71.76 46.32
C LYS CA 98 6.86 -71.08 46.80
N PHE CA 99 6.71 -70.18 47.75
CA PHE CA 99 7.82 -69.71 48.57
C PHE CA 99 7.98 -70.66 49.75
N ASP CA 100 9.17 -70.69 50.31
CA ASP CA 100 9.45 -71.56 51.46
C ASP CA 100 10.67 -71.04 52.18
N LEU CA 101 10.64 -71.12 53.50
CA LEU CA 101 11.78 -70.71 54.33
C LEU CA 101 12.43 -71.97 54.89
N ILE CA 102 13.35 -72.54 54.13
CA ILE CA 102 14.02 -73.77 54.51
C ILE CA 102 15.11 -73.43 55.51
N LYS CA 103 15.04 -74.02 56.70
CA LYS CA 103 16.13 -73.94 57.66
C LYS CA 103 17.20 -74.95 57.26
N LEU CA 104 18.38 -74.45 56.89
CA LEU CA 104 19.38 -75.30 56.24
C LEU CA 104 20.08 -76.23 57.23
N SER CA 105 19.84 -76.05 58.53
CA SER CA 105 20.47 -76.89 59.54
C SER CA 105 19.91 -78.32 59.49
N ASP CA 106 18.59 -78.44 59.40
CA ASP CA 106 17.95 -79.76 59.43
C ASP CA 106 16.99 -79.96 58.28
N LYS CA 107 16.93 -79.03 57.33
CA LYS CA 107 16.16 -79.12 56.09
C LYS CA 107 14.66 -79.30 56.37
N SER CA 108 14.09 -78.30 57.04
CA SER CA 108 12.65 -78.23 57.30
C SER CA 108 12.20 -76.80 57.11
N VAL CA 109 11.01 -76.63 56.54
CA VAL CA 109 10.49 -75.31 56.26
C VAL CA 109 9.97 -74.68 57.55
N VAL CA 110 10.11 -73.35 57.65
CA VAL CA 110 9.50 -72.63 58.76
C VAL CA 110 8.08 -72.23 58.41
N LYS CA 111 7.91 -71.54 57.28
CA LYS CA 111 6.59 -71.26 56.74
C LYS CA 111 6.70 -71.14 55.24
N THR CA 112 5.58 -71.39 54.56
CA THR CA 112 5.52 -71.36 53.11
C THR CA 112 4.49 -70.34 52.65
N TYR CA 113 4.75 -69.76 51.48
CA TYR CA 113 3.84 -68.81 50.86
C TYR CA 113 3.60 -69.20 49.42
N THR CA 114 2.39 -68.96 48.94
CA THR CA 114 2.10 -69.10 47.52
C THR CA 114 2.42 -67.78 46.84
N ALA CA 115 3.09 -67.87 45.69
CA ALA CA 115 3.66 -66.69 45.05
C ALA CA 115 2.62 -65.81 44.37
N LYS CA 116 1.37 -66.26 44.26
CA LYS CA 116 0.33 -65.43 43.66
C LYS CA 116 -0.53 -64.71 44.71
N ASP CA 117 -0.39 -65.06 45.98
CA ASP CA 117 -1.09 -64.34 47.04
C ASP CA 117 -0.23 -63.27 47.70
N ILE CA 118 1.09 -63.28 47.47
CA ILE CA 118 1.97 -62.26 48.02
C ILE CA 118 1.78 -61.01 47.17
N LYS CA 119 1.01 -60.07 47.67
CA LYS CA 119 0.69 -58.87 46.91
C LYS CA 119 1.89 -57.92 46.89
N SER CA 120 1.87 -57.02 45.90
CA SER CA 120 2.81 -55.92 45.69
C SER CA 120 4.24 -56.37 45.42
N GLU CA 121 4.46 -57.66 45.13
CA GLU CA 121 5.75 -58.24 44.73
C GLU CA 121 6.83 -58.02 45.79
N ILE CA 122 6.45 -57.94 47.06
CA ILE CA 122 7.39 -57.73 48.16
C ILE CA 122 7.07 -58.76 49.24
N LEU CA 123 8.04 -59.60 49.57
CA LEU CA 123 7.86 -60.64 50.56
C LEU CA 123 8.39 -60.14 51.89
N SER CA 124 7.49 -59.97 52.85
CA SER CA 124 7.84 -59.47 54.18
C SER CA 124 8.02 -60.67 55.11
N LEU CA 125 9.23 -61.20 55.15
CA LEU CA 125 9.53 -62.31 56.04
C LEU CA 125 9.64 -61.82 57.47
N PRO CA 126 8.89 -62.39 58.40
CA PRO CA 126 9.10 -62.07 59.81
C PRO CA 126 10.40 -62.66 60.31
N THR CA 127 11.04 -61.96 61.24
CA THR CA 127 12.24 -62.46 61.90
C THR CA 127 11.99 -62.82 63.35
N SER CA 128 10.74 -62.83 63.79
CA SER CA 128 10.44 -63.29 65.14
C SER CA 128 10.57 -64.80 65.27
N ASP CA 129 10.51 -65.54 64.16
CA ASP CA 129 10.63 -66.98 64.16
C ASP CA 129 12.01 -67.48 63.75
N LEU CA 130 12.87 -66.59 63.25
CA LEU CA 130 14.20 -67.00 62.83
C LEU CA 130 15.08 -67.30 64.03
N GLU CA 131 15.97 -68.27 63.87
CA GLU CA 131 16.87 -68.69 64.93
C GLU CA 131 18.28 -68.20 64.65
N VAL CA 132 19.06 -68.14 65.71
CA VAL CA 132 20.36 -67.49 65.68
C VAL CA 132 21.43 -68.50 65.29
N ASN CA 133 22.39 -68.05 64.48
CA ASN CA 133 23.55 -68.83 64.03
C ASN CA 133 23.14 -70.05 63.21
N GLU CA 134 22.04 -69.94 62.49
CA GLU CA 134 21.53 -71.04 61.66
C GLU CA 134 21.20 -70.46 60.29
N GLU CA 135 21.76 -71.07 59.26
CA GLU CA 135 21.56 -70.58 57.90
C GLU CA 135 20.18 -70.95 57.38
N TYR CA 136 19.59 -70.06 56.59
CA TYR CA 136 18.26 -70.28 56.03
C TYR CA 136 18.32 -70.26 54.51
N GLU CA 137 17.19 -70.62 53.91
CA GLU CA 137 17.06 -70.64 52.46
C GLU CA 137 15.65 -70.22 52.07
N LEU CA 138 15.55 -69.37 51.06
CA LEU CA 138 14.27 -68.92 50.53
C LEU CA 138 14.22 -69.25 49.05
N LYS CA 139 13.35 -70.18 48.67
CA LYS CA 139 13.37 -70.78 47.35
C LYS CA 139 12.09 -70.44 46.58
N LEU CA 140 12.14 -70.65 45.27
CA LEU CA 140 10.99 -70.55 44.38
C LEU CA 140 10.69 -71.89 43.72
N TYR CA 141 10.71 -72.96 44.50
CA TYR CA 141 10.60 -74.29 43.94
C TYR CA 141 9.16 -74.58 43.53
N PHE CA 142 9.02 -75.21 42.39
CA PHE CA 142 7.77 -75.90 42.11
C PHE CA 142 7.75 -77.22 42.88
N PRO CA 143 6.61 -77.60 43.45
CA PRO CA 143 6.52 -78.91 44.10
C PRO CA 143 6.61 -80.03 43.06
N LYS CA 144 7.02 -81.20 43.54
CA LYS CA 144 7.23 -82.32 42.63
C LYS CA 144 5.92 -82.89 42.10
N ASP CA 145 4.79 -82.61 42.77
CA ASP CA 145 3.48 -83.03 42.31
C ASP CA 145 2.78 -81.96 41.50
N ALA CA 146 3.53 -81.05 40.86
CA ALA CA 146 2.94 -80.05 40.00
C ALA CA 146 3.00 -80.43 38.53
N SER CA 147 4.00 -81.20 38.13
CA SER CA 147 4.19 -81.62 36.74
C SER CA 147 3.28 -82.76 36.33
N GLU CA 148 2.47 -83.30 37.25
CA GLU CA 148 1.69 -84.50 36.95
C GLU CA 148 0.48 -84.20 36.08
N ASN CA 149 -0.10 -83.00 36.20
CA ASN CA 149 -1.37 -82.69 35.58
C ASN CA 149 -1.24 -82.07 34.20
N TYR CA 150 -0.07 -82.18 33.58
CA TYR CA 150 0.17 -81.54 32.29
C TYR CA 150 0.94 -82.50 31.39
N ASP CA 151 0.72 -82.37 30.09
CA ASP CA 151 1.42 -83.21 29.11
C ASP CA 151 2.59 -82.41 28.55
N ILE CA 152 3.72 -82.52 29.21
CA ILE CA 152 4.91 -81.76 28.81
C ILE CA 152 5.59 -82.48 27.68
N ALA CA 153 5.92 -81.74 26.61
CA ALA CA 153 6.53 -82.31 25.42
C ALA CA 153 8.05 -82.16 25.46
N ILE CA 154 8.72 -82.97 26.28
CA ILE CA 154 10.16 -82.92 26.44
C ILE CA 154 10.79 -84.24 26.00
N SER CA 155 12.11 -84.30 26.09
CA SER CA 155 12.88 -85.52 25.85
C SER CA 155 13.05 -86.27 27.18
N GLU CA 156 13.90 -87.29 27.19
CA GLU CA 156 14.26 -87.94 28.44
C GLU CA 156 15.18 -87.06 29.29
N GLY CA 157 16.23 -86.54 28.67
CA GLY CA 157 17.24 -85.86 29.45
C GLY CA 157 17.09 -84.36 29.48
N HIS CA 158 16.01 -83.84 28.92
CA HIS CA 158 15.75 -82.41 28.99
C HIS CA 158 15.04 -82.07 30.30
N LYS CA 159 15.10 -80.79 30.65
CA LYS CA 159 14.48 -80.30 31.87
C LYS CA 159 13.12 -79.70 31.51
N ASN CA 160 12.06 -80.21 32.11
CA ASN CA 160 10.75 -79.61 31.94
C ASN CA 160 10.67 -78.30 32.71
N LEU CA 161 9.54 -77.61 32.54
CA LEU CA 161 9.38 -76.26 33.09
C LEU CA 161 9.36 -76.26 34.60
N PHE CA 162 8.64 -77.21 35.21
CA PHE CA 162 8.54 -77.26 36.66
C PHE CA 162 9.84 -77.68 37.31
N GLU CA 163 10.67 -78.44 36.59
CA GLU CA 163 12.01 -78.77 37.07
C GLU CA 163 13.03 -77.68 36.76
N ARG CA 164 12.61 -76.57 36.15
CA ARG CA 164 13.55 -75.59 35.63
C ARG CA 164 13.63 -74.33 36.49
N VAL CA 165 12.51 -73.65 36.70
CA VAL CA 165 12.54 -72.32 37.30
C VAL CA 165 12.59 -72.47 38.82
N LYS CA 166 13.60 -71.86 39.42
CA LYS CA 166 13.80 -71.76 40.86
C LYS CA 166 14.87 -70.71 41.09
N ASP CA 167 14.87 -70.14 42.30
CA ASP CA 167 15.89 -69.20 42.71
C ASP CA 167 15.97 -69.21 44.22
N SER CA 168 17.17 -69.29 44.76
CA SER CA 168 17.36 -69.47 46.20
C SER CA 168 18.34 -68.43 46.73
N VAL CA 169 17.99 -67.82 47.86
CA VAL CA 169 18.89 -66.94 48.58
C VAL CA 169 19.21 -67.58 49.93
N PHE CA 170 20.19 -67.02 50.62
CA PHE CA 170 20.70 -67.61 51.85
C PHE CA 170 20.75 -66.57 52.95
N ILE CA 171 19.86 -66.69 53.93
CA ILE CA 171 19.78 -65.74 55.03
C ILE CA 171 20.59 -66.30 56.20
N LYS CA 172 21.64 -65.59 56.59
CA LYS CA 172 22.41 -65.92 57.79
C LYS CA 172 21.92 -65.04 58.93
N VAL CA 173 21.38 -65.68 59.97
CA VAL CA 173 20.80 -64.98 61.10
C VAL CA 173 21.69 -65.25 62.31
N LYS CA 174 22.46 -64.24 62.73
CA LYS CA 174 23.35 -64.35 63.86
C LYS CA 174 23.07 -63.23 64.85
N GLU CA 175 23.84 -63.22 65.94
CA GLU CA 175 23.70 -62.18 66.95
C GLU CA 175 24.23 -60.85 66.44
N TYR CA 176 23.75 -59.77 67.05
CA TYR CA 176 24.20 -58.44 66.67
C TYR CA 176 25.58 -58.15 67.27
N GLY CA 177 25.66 -58.16 68.60
CA GLY CA 177 26.92 -57.90 69.26
C GLY CA 177 27.30 -56.44 69.18
N LYS CA 178 28.58 -56.19 68.90
CA LYS CA 178 29.17 -54.85 68.72
C LYS CA 178 28.95 -54.01 69.98
N PHE CA 179 29.69 -54.39 71.02
CA PHE CA 179 29.53 -53.78 72.34
C PHE CA 179 30.00 -52.33 72.34
N THR CA 180 29.68 -51.64 73.42
CA THR CA 180 30.10 -50.27 73.65
C THR CA 180 31.07 -50.24 74.83
N GLY CA 181 32.33 -49.97 74.56
CA GLY CA 181 33.33 -50.02 75.60
C GLY CA 181 34.71 -49.69 75.06
N ARG CA 182 35.61 -49.41 75.99
CA ARG CA 182 37.00 -49.13 75.69
C ARG CA 182 37.92 -50.32 75.97
N LEU CA 183 37.35 -51.45 76.40
CA LEU CA 183 38.06 -52.68 76.76
C LEU CA 183 39.09 -52.43 77.87
N VAL CA 184 38.58 -52.08 79.03
CA VAL CA 184 39.47 -51.85 80.17
C VAL CA 184 39.92 -53.19 80.74
N GLN CA 185 41.05 -53.17 81.43
CA GLN CA 185 41.53 -54.36 82.11
C GLN CA 185 40.75 -54.58 83.39
N LEU CA 186 40.90 -55.77 83.96
CA LEU CA 186 40.24 -56.10 85.22
C LEU CA 186 41.20 -56.45 86.32
N GLN CA 187 42.47 -56.70 86.01
CA GLN CA 187 43.45 -57.13 87.00
C GLN CA 187 44.83 -56.78 86.49
N GLN CA 188 45.58 -56.01 87.26
CA GLN CA 188 46.98 -55.79 86.97
C GLN CA 188 47.82 -56.90 87.58
N ASP CA 189 49.06 -57.01 87.09
CA ASP CA 189 50.09 -57.93 87.58
C ASP CA 189 49.62 -59.39 87.49
N ILE CA 190 49.38 -59.81 86.24
CA ILE CA 190 48.87 -61.15 85.97
C ILE CA 190 50.01 -62.14 86.18
N ASN CA 191 49.92 -62.94 87.23
CA ASN CA 191 50.88 -64.01 87.51
C ASN CA 191 50.14 -65.34 87.47
N VAL CA 192 50.60 -66.24 86.61
CA VAL CA 192 49.95 -67.53 86.44
C VAL CA 192 50.96 -68.63 86.72
N LEU CA 193 50.44 -69.82 86.96
CA LEU CA 193 51.28 -70.98 87.22
C LEU CA 193 51.86 -71.51 85.91
N LYS CA 194 52.61 -72.61 86.02
CA LYS CA 194 53.35 -73.12 84.87
C LYS CA 194 52.43 -73.80 83.86
N GLU CA 195 51.66 -74.78 84.29
CA GLU CA 195 50.75 -75.51 83.41
C GLU CA 195 49.34 -75.24 83.90
N SER CA 196 48.69 -74.26 83.30
CA SER CA 196 47.35 -73.86 83.69
C SER CA 196 46.66 -73.18 82.52
N ALA CA 197 45.42 -72.76 82.74
CA ALA CA 197 44.64 -72.08 81.73
C ALA CA 197 43.86 -70.93 82.36
N LEU CA 198 43.91 -69.77 81.72
CA LEU CA 198 43.32 -68.55 82.27
C LEU CA 198 42.23 -68.04 81.33
N PRO CA 199 40.98 -67.95 81.78
CA PRO CA 199 39.92 -67.45 80.91
C PRO CA 199 39.97 -65.94 80.76
N LEU CA 200 39.40 -65.46 79.66
CA LEU CA 200 39.44 -64.03 79.36
C LEU CA 200 38.42 -63.23 80.15
N ASP CA 201 37.40 -63.87 80.71
CA ASP CA 201 36.37 -63.15 81.43
C ASP CA 201 36.77 -62.78 82.85
N LYS CA 202 37.99 -63.07 83.27
CA LYS CA 202 38.48 -62.67 84.57
C LYS CA 202 39.74 -61.83 84.49
N ILE CA 203 40.11 -61.37 83.30
CA ILE CA 203 41.33 -60.59 83.15
C ILE CA 203 41.00 -59.27 82.46
N LEU CA 204 39.91 -59.24 81.70
CA LEU CA 204 39.56 -58.03 80.96
C LEU CA 204 38.05 -57.82 80.99
N GLY CA 205 37.65 -56.55 81.01
CA GLY CA 205 36.25 -56.19 80.90
C GLY CA 205 36.08 -55.09 79.86
N TYR CA 206 35.00 -54.33 79.96
CA TYR CA 206 34.77 -53.23 79.04
C TYR CA 206 33.97 -52.17 79.77
N LYS CA 207 34.32 -50.91 79.54
CA LYS CA 207 33.71 -49.79 80.24
C LYS CA 207 32.54 -49.27 79.41
N ASP CA 208 31.33 -49.59 79.83
CA ASP CA 208 30.13 -49.18 79.11
C ASP CA 208 29.97 -47.67 79.15
N PHE CA 209 29.57 -47.10 78.01
CA PHE CA 209 29.56 -45.65 77.86
C PHE CA 209 28.28 -45.01 78.37
N ASP CA 210 27.18 -45.76 78.42
CA ASP CA 210 25.95 -45.20 78.99
C ASP CA 210 26.10 -44.98 80.49
N THR CA 211 26.35 -46.05 81.24
CA THR CA 211 26.78 -45.98 82.62
C THR CA 211 28.10 -46.72 82.77
N LYS CA 212 29.03 -46.12 83.50
CA LYS CA 212 30.42 -46.58 83.49
C LYS CA 212 30.55 -47.82 84.36
N GLU CA 213 30.18 -48.95 83.77
CA GLU CA 213 30.25 -50.25 84.43
C GLU CA 213 31.45 -51.03 83.90
N VAL CA 214 32.01 -51.88 84.75
CA VAL CA 214 33.27 -52.54 84.47
C VAL CA 214 32.95 -54.04 84.39
N THR CA 215 31.76 -54.36 83.88
CA THR CA 215 31.34 -55.75 83.76
C THR CA 215 32.20 -56.48 82.73
N PRO CA 216 32.59 -57.73 82.99
CA PRO CA 216 33.48 -58.45 82.06
C PRO CA 216 32.72 -58.95 80.85
N VAL CA 217 33.48 -59.59 79.96
CA VAL CA 217 32.92 -60.17 78.75
C VAL CA 217 32.41 -61.58 79.04
N ALA CA 218 31.20 -61.68 79.61
CA ALA CA 218 30.62 -62.97 79.90
C ALA CA 218 29.90 -63.55 78.70
N LYS CA 219 29.12 -62.72 78.00
CA LYS CA 219 28.38 -63.10 76.81
C LYS CA 219 29.31 -63.23 75.60
N GLU CA 220 29.23 -64.37 74.93
CA GLU CA 220 30.33 -64.89 74.11
C GLU CA 220 30.29 -64.45 72.66
N ASN CA 221 29.16 -63.92 72.18
CA ASN CA 221 29.07 -63.37 70.83
C ASN CA 221 29.86 -62.07 70.64
N LEU CA 222 30.53 -61.58 71.67
CA LEU CA 222 31.45 -60.46 71.55
C LEU CA 222 32.88 -60.91 71.39
N LEU CA 223 33.19 -62.17 71.69
CA LEU CA 223 34.57 -62.63 71.74
C LEU CA 223 35.18 -62.81 70.35
N GLN CA 224 34.37 -63.00 69.32
CA GLN CA 224 34.91 -63.19 67.98
C GLN CA 224 35.47 -61.90 67.38
N LEU CA 225 35.07 -60.75 67.91
CA LEU CA 225 35.66 -59.49 67.49
C LEU CA 225 36.96 -59.19 68.21
N LEU CA 226 37.33 -59.98 69.21
CA LEU CA 226 38.54 -59.76 70.00
C LEU CA 226 39.64 -60.64 69.41
N SER CA 227 40.53 -60.04 68.64
CA SER CA 227 41.66 -60.76 68.05
C SER CA 227 42.79 -60.76 69.06
N VAL CA 228 42.82 -61.78 69.91
CA VAL CA 228 43.83 -61.90 70.94
C VAL CA 228 45.15 -62.33 70.31
N ASN CA 229 46.22 -61.61 70.65
CA ASN CA 229 47.53 -61.86 70.08
C ASN CA 229 48.55 -61.98 71.21
N VAL CA 230 49.23 -63.11 71.28
CA VAL CA 230 50.25 -63.34 72.28
C VAL CA 230 51.60 -62.96 71.67
N SER CA 231 52.58 -62.75 72.56
CA SER CA 231 53.91 -62.36 72.11
C SER CA 231 54.64 -63.54 71.49
N ASP CA 232 54.85 -64.60 72.26
CA ASP CA 232 55.55 -65.78 71.81
C ASP CA 232 54.56 -66.91 71.61
N GLU CA 233 54.73 -67.65 70.53
CA GLU CA 233 53.84 -68.77 70.25
C GLU CA 233 54.11 -69.96 71.16
N SER CA 234 55.37 -70.19 71.51
CA SER CA 234 55.72 -71.39 72.27
C SER CA 234 55.39 -71.25 73.75
N TYR CA 235 55.30 -70.03 74.27
CA TYR CA 235 55.02 -69.84 75.68
C TYR CA 235 53.55 -70.06 76.01
N ALA CA 236 52.67 -69.31 75.35
CA ALA CA 236 51.23 -69.41 75.56
C ALA CA 236 50.54 -69.46 74.23
N ARG CA 237 49.24 -69.78 74.26
CA ARG CA 237 48.44 -69.92 73.06
C ARG CA 237 46.98 -69.68 73.41
N TYR CA 238 46.31 -68.85 72.61
CA TYR CA 238 44.91 -68.53 72.86
C TYR CA 238 44.00 -69.53 72.17
N GLN CA 239 43.18 -70.22 72.95
CA GLN CA 239 42.15 -71.08 72.37
C GLN CA 239 41.05 -70.22 71.77
N ALA CA 240 40.67 -70.52 70.52
CA ALA CA 240 39.65 -69.72 69.85
C ALA CA 240 38.25 -70.23 70.15
N ASP CA 241 38.07 -71.55 70.27
CA ASP CA 241 36.77 -72.12 70.60
C ASP CA 241 36.37 -71.75 72.03
N LYS CA 242 37.32 -71.78 72.95
CA LYS CA 242 37.11 -71.26 74.29
C LYS CA 242 37.57 -69.81 74.32
N ASN CA 243 37.70 -69.25 75.52
CA ASN CA 243 38.25 -67.92 75.72
C ASN CA 243 39.40 -67.99 76.71
N ARG CA 244 40.25 -68.99 76.57
CA ARG CA 244 41.32 -69.25 77.51
C ARG CA 244 42.67 -69.15 76.83
N LEU CA 245 43.70 -68.87 77.62
CA LEU CA 245 45.08 -68.94 77.20
C LEU CA 245 45.70 -70.22 77.74
N LEU CA 246 46.65 -70.77 77.01
CA LEU CA 246 47.19 -72.10 77.30
C LEU CA 246 48.67 -71.99 77.67
N PHE CA 247 48.97 -71.98 78.97
CA PHE CA 247 50.33 -71.76 79.42
C PHE CA 247 51.10 -73.07 79.40
N PHE CA 248 52.12 -73.14 78.55
CA PHE CA 248 52.92 -74.35 78.38
C PHE CA 248 54.10 -74.35 79.36
N SER CA 249 55.07 -75.22 79.10
CA SER CA 249 56.16 -75.46 80.03
C SER CA 249 57.11 -74.28 80.15
N LYS CA 250 57.25 -73.49 79.09
CA LYS CA 250 58.10 -72.30 79.14
C LYS CA 250 57.50 -71.24 80.04
N THR CA 251 58.34 -70.65 80.89
CA THR CA 251 57.92 -69.63 81.84
C THR CA 251 58.70 -68.34 81.62
N GLY CA 252 58.04 -67.21 81.85
CA GLY CA 252 58.68 -65.93 81.67
C GLY CA 252 57.65 -64.84 81.40
N GLU CA 253 58.12 -63.77 80.76
CA GLU CA 253 57.28 -62.63 80.40
C GLU CA 253 56.64 -62.88 79.04
N ILE CA 254 55.36 -62.58 78.93
CA ILE CA 254 54.65 -62.58 77.65
C ILE CA 254 53.79 -61.34 77.57
N LEU CA 255 53.60 -60.84 76.35
CA LEU CA 255 52.72 -59.73 76.07
C LEU CA 255 51.49 -60.26 75.32
N VAL CA 256 50.32 -60.09 75.90
CA VAL CA 256 49.07 -60.56 75.32
C VAL CA 256 48.31 -59.34 74.83
N LYS CA 257 48.25 -59.15 73.52
CA LYS CA 257 47.68 -57.96 72.91
C LYS CA 257 46.25 -58.27 72.46
N VAL CA 258 45.27 -57.74 73.19
CA VAL CA 258 43.87 -57.92 72.84
C VAL CA 258 43.43 -56.73 72.01
N ILE CA 259 42.94 -56.98 70.81
CA ILE CA 259 42.56 -55.94 69.86
C ILE CA 259 41.11 -56.11 69.49
N GLU CA 260 40.33 -55.04 69.65
CA GLU CA 260 38.96 -54.99 69.16
C GLU CA 260 38.94 -54.15 67.88
N ARG CA 261 38.31 -54.69 66.83
CA ARG CA 261 38.39 -54.11 65.50
C ARG CA 261 37.35 -53.02 65.24
N SER CA 262 36.24 -53.00 65.97
CA SER CA 262 35.16 -52.07 65.65
C SER CA 262 35.50 -50.65 66.07
N ILE CA 263 35.68 -50.43 67.37
CA ILE CA 263 36.02 -49.11 67.87
C ILE CA 263 37.52 -48.92 67.78
N GLN CA 264 37.94 -47.71 67.41
CA GLN CA 264 39.35 -47.42 67.27
C GLN CA 264 40.04 -47.38 68.62
N ASP CA 265 41.30 -47.83 68.63
CA ASP CA 265 42.22 -47.79 69.78
C ASP CA 265 41.67 -48.58 70.98
N ASN CA 266 41.53 -49.88 70.76
CA ASN CA 266 41.27 -50.82 71.84
C ASN CA 266 42.43 -51.78 72.02
N ILE CA 267 43.65 -51.30 71.82
CA ILE CA 267 44.83 -52.12 71.99
C ILE CA 267 45.08 -52.27 73.49
N VAL CA 268 44.81 -53.46 74.01
CA VAL CA 268 44.96 -53.77 75.43
C VAL CA 268 46.19 -54.66 75.58
N ASN CA 269 47.04 -54.35 76.54
CA ASN CA 269 48.30 -55.07 76.72
C ASN CA 269 48.36 -55.63 78.13
N PHE CA 270 48.57 -56.93 78.23
CA PHE CA 270 48.74 -57.62 79.50
C PHE CA 270 50.17 -58.11 79.63
N ASN CA 271 50.82 -57.75 80.73
CA ASN CA 271 52.14 -58.27 81.05
C ASN CA 271 51.94 -59.46 81.97
N ILE CA 272 51.94 -60.66 81.40
CA ILE CA 272 51.69 -61.88 82.15
C ILE CA 272 53.00 -62.55 82.47
N ARG CA 273 53.19 -62.91 83.74
CA ARG CA 273 54.38 -63.61 84.20
C ARG CA 273 54.01 -65.07 84.49
N ILE CA 274 54.63 -65.98 83.75
CA ILE CA 274 54.46 -67.40 83.99
C ILE CA 274 55.54 -67.85 84.97
N LEU CA 275 55.14 -68.60 85.99
CA LEU CA 275 56.07 -69.00 87.04
C LEU CA 275 55.81 -70.43 87.46
N ASP CA 276 56.84 -71.06 88.01
CA ASP CA 276 56.83 -72.49 88.31
C ASP CA 276 56.14 -72.75 89.65
N GLU CA 277 56.29 -73.97 90.16
CA GLU CA 277 55.78 -74.34 91.47
C GLU CA 277 56.65 -73.76 92.57
N GLU CA 278 57.97 -73.98 92.50
CA GLU CA 278 58.89 -73.50 93.52
C GLU CA 278 59.45 -72.12 93.23
N THR CA 279 58.93 -71.43 92.21
CA THR CA 279 59.18 -69.99 92.11
C THR CA 279 58.40 -69.23 93.17
N ILE CA 280 57.31 -69.82 93.67
CA ILE CA 280 56.54 -69.16 94.72
C ILE CA 280 57.25 -69.29 96.07
N GLN CA 281 57.72 -70.49 96.41
CA GLN CA 281 58.14 -70.75 97.78
C GLN CA 281 59.50 -70.13 98.13
N ASN CA 282 60.34 -69.82 97.13
CA ASN CA 282 61.62 -69.21 97.46
C ASN CA 282 61.49 -67.71 97.67
N GLU CA 283 60.33 -67.13 97.36
CA GLU CA 283 60.11 -65.71 97.57
C GLU CA 283 58.93 -65.41 98.48
N ILE CA 284 58.24 -66.44 98.99
CA ILE CA 284 57.21 -66.18 99.99
C ILE CA 284 57.84 -65.85 101.34
N ASP CA 285 59.09 -66.25 101.57
CA ASP CA 285 59.74 -65.95 102.84
C ASP CA 285 60.34 -64.55 102.84
N LYS CA 286 60.84 -64.08 101.70
CA LYS CA 286 61.44 -62.75 101.60
C LYS CA 286 60.41 -61.66 101.34
N LYS CA 287 59.12 -61.95 101.56
CA LYS CA 287 58.06 -60.96 101.74
C LYS CA 287 57.80 -60.17 100.45
N ILE CA 288 57.69 -60.90 99.36
CA ILE CA 288 57.30 -60.34 98.07
C ILE CA 288 55.82 -60.67 97.89
N GLU CA 289 54.95 -59.75 98.31
CA GLU CA 289 53.53 -60.01 98.38
C GLU CA 289 52.86 -59.57 97.07
N TYR CA 290 52.37 -60.55 96.31
CA TYR CA 290 51.59 -60.30 95.11
C TYR CA 290 50.66 -61.48 94.90
N SER CA 291 49.79 -61.37 93.90
CA SER CA 291 48.76 -62.37 93.68
C SER CA 291 49.08 -63.24 92.47
N VAL CA 292 48.74 -64.52 92.58
CA VAL CA 292 48.89 -65.50 91.51
C VAL CA 292 47.53 -66.11 91.25
N TYR CA 293 47.15 -66.22 89.97
CA TYR CA 293 45.84 -66.72 89.59
C TYR CA 293 45.69 -68.20 89.95
N ASP CA 294 44.60 -68.53 90.65
CA ASP CA 294 44.30 -69.88 91.04
C ASP CA 294 43.20 -70.43 90.13
N PRO CA 295 43.49 -71.43 89.29
CA PRO CA 295 42.51 -71.84 88.27
C PRO CA 295 41.40 -72.72 88.81
N LYS CA 296 41.50 -73.23 90.03
CA LYS CA 296 40.45 -74.10 90.55
C LYS CA 296 39.22 -73.33 90.98
N ASP CA 297 39.35 -72.04 91.28
CA ASP CA 297 38.22 -71.24 91.72
C ASP CA 297 38.05 -69.92 90.98
N GLY CA 298 39.04 -69.48 90.20
CA GLY CA 298 38.92 -68.31 89.36
C GLY CA 298 39.40 -67.02 90.00
N LYS CA 299 39.34 -66.91 91.31
CA LYS CA 299 39.78 -65.69 91.98
C LYS CA 299 41.29 -65.66 92.15
N PHE CA 300 41.85 -64.45 92.12
CA PHE CA 300 43.28 -64.26 92.29
C PHE CA 300 43.63 -64.33 93.77
N GLU CA 301 44.59 -65.17 94.11
CA GLU CA 301 44.99 -65.36 95.50
C GLU CA 301 46.46 -65.05 95.68
N SER CA 302 46.82 -64.64 96.89
CA SER CA 302 48.20 -64.30 97.23
C SER CA 302 48.85 -65.33 98.14
N ILE CA 303 48.20 -65.67 99.24
CA ILE CA 303 48.69 -66.72 100.14
C ILE CA 303 47.61 -67.77 100.34
N THR DA 3 47.78 89.81 88.24
CA THR DA 3 48.49 90.98 88.72
C THR DA 3 48.05 92.23 87.97
N THR DA 4 48.11 93.38 88.65
CA THR DA 4 47.70 94.65 88.05
C THR DA 4 48.76 95.72 88.20
N ASN DA 5 48.39 96.94 87.85
CA ASN DA 5 49.21 98.12 88.08
C ASN DA 5 48.38 99.21 88.73
N TYR DA 6 47.47 98.82 89.62
CA TYR DA 6 46.65 99.76 90.37
C TYR DA 6 46.40 99.19 91.75
N PHE DA 7 46.85 99.92 92.78
CA PHE DA 7 46.78 99.44 94.16
C PHE DA 7 46.16 100.49 95.06
N LYS DA 8 45.22 100.06 95.89
CA LYS DA 8 44.64 100.92 96.92
C LYS DA 8 45.45 100.71 98.21
N VAL DA 9 46.25 101.70 98.57
CA VAL DA 9 47.19 101.56 99.67
C VAL DA 9 46.82 102.48 100.81
N LYS DA 10 47.59 102.42 101.89
CA LYS DA 10 47.42 103.30 103.05
C LYS DA 10 48.78 103.89 103.40
N LEU DA 11 49.01 105.13 102.98
CA LEU DA 11 50.28 105.80 103.28
C LEU DA 11 50.27 106.30 104.71
N LEU DA 12 51.40 106.15 105.39
CA LEU DA 12 51.48 106.46 106.81
C LEU DA 12 52.67 107.34 107.17
N ASP DA 13 53.27 108.01 106.20
CA ASP DA 13 54.20 109.09 106.47
C ASP DA 13 53.48 110.42 106.29
N GLU DA 14 53.98 111.45 106.96
CA GLU DA 14 53.32 112.74 107.00
C GLU DA 14 54.23 113.86 106.51
N LYS DA 15 55.21 113.55 105.67
CA LYS DA 15 56.12 114.59 105.23
C LYS DA 15 55.46 115.45 104.15
N LEU DA 16 55.27 114.85 102.97
CA LEU DA 16 54.48 115.38 101.87
C LEU DA 16 54.33 114.24 100.87
N ILE DA 17 53.10 113.89 100.51
CA ILE DA 17 52.89 112.84 99.53
C ILE DA 17 53.31 113.37 98.16
N PRO DA 18 54.29 112.77 97.51
CA PRO DA 18 54.60 113.13 96.13
C PRO DA 18 53.62 112.42 95.21
N PHE DA 19 53.81 112.64 93.90
CA PHE DA 19 53.02 112.01 92.82
C PHE DA 19 51.54 112.40 92.89
N LEU DA 20 51.20 113.49 93.59
CA LEU DA 20 49.83 113.91 93.80
C LEU DA 20 49.74 115.41 93.57
N GLY DA 21 48.62 116.01 93.96
CA GLY DA 21 48.40 117.42 93.74
C GLY DA 21 49.05 118.29 94.81
N LEU DA 22 48.72 119.58 94.75
CA LEU DA 22 49.24 120.53 95.73
C LEU DA 22 48.62 120.28 97.10
N GLY DA 23 49.40 120.54 98.14
CA GLY DA 23 48.97 120.11 99.46
C GLY DA 23 49.10 118.60 99.56
N GLU DA 24 48.17 117.99 100.32
CA GLU DA 24 48.06 116.55 100.52
C GLU DA 24 49.36 115.97 101.07
N ARG DA 25 49.64 116.34 102.32
CA ARG DA 25 50.91 116.02 102.96
C ARG DA 25 50.82 114.96 104.04
N GLY DA 26 49.64 114.75 104.64
CA GLY DA 26 49.54 113.93 105.82
C GLY DA 26 49.59 112.44 105.56
N PRO DA 27 49.32 111.64 106.59
CA PRO DA 27 49.15 110.19 106.39
C PRO DA 27 47.78 109.90 105.77
N ARG DA 28 47.80 109.55 104.49
CA ARG DA 28 46.57 109.41 103.73
C ARG DA 28 46.28 107.94 103.45
N GLU DA 29 45.00 107.60 103.46
CA GLU DA 29 44.53 106.27 103.11
C GLU DA 29 43.69 106.34 101.85
N ASN DA 30 43.38 105.16 101.31
CA ASN DA 30 42.62 104.98 100.07
C ASN DA 30 43.28 105.71 98.90
N VAL DA 31 44.61 105.63 98.83
CA VAL DA 31 45.38 106.38 97.85
C VAL DA 31 45.70 105.43 96.71
N ILE DA 32 44.92 105.51 95.64
CA ILE DA 32 45.05 104.58 94.52
C ILE DA 32 46.30 104.97 93.71
N LEU DA 33 47.28 104.08 93.68
CA LEU DA 33 48.56 104.33 93.03
C LEU DA 33 48.77 103.36 91.88
N SER DA 34 49.69 103.72 91.00
CA SER DA 34 50.13 102.84 89.94
C SER DA 34 51.19 101.87 90.46
N SER DA 35 51.65 100.97 89.59
CA SER DA 35 52.76 100.10 89.96
C SER DA 35 54.08 100.82 89.79
N ASN DA 36 54.18 101.67 88.77
CA ASN DA 36 55.31 102.59 88.65
C ASN DA 36 55.33 103.59 89.79
N ASP DA 37 54.16 103.92 90.31
CA ASP DA 37 54.04 104.82 91.45
C ASP DA 37 54.49 104.15 92.73
N LEU DA 38 53.94 102.96 93.00
CA LEU DA 38 54.15 102.29 94.28
C LEU DA 38 55.59 101.84 94.47
N ALA DA 39 56.24 101.40 93.39
CA ALA DA 39 57.64 100.98 93.50
C ALA DA 39 58.58 102.16 93.63
N SER DA 40 58.11 103.37 93.37
CA SER DA 40 58.89 104.58 93.64
C SER DA 40 58.57 105.20 94.98
N LEU DA 41 57.75 104.53 95.79
CA LEU DA 41 57.55 104.90 97.19
C LEU DA 41 58.07 103.87 98.16
N LYS DA 42 57.93 102.58 97.84
CA LYS DA 42 58.60 101.53 98.61
C LYS DA 42 60.11 101.70 98.57
N GLN DA 43 60.62 102.10 97.40
CA GLN DA 43 62.04 102.39 97.28
C GLN DA 43 62.42 103.71 97.93
N ALA DA 44 61.47 104.63 98.11
CA ALA DA 44 61.73 105.94 98.66
C ALA DA 44 61.66 105.97 100.19
N GLY DA 45 61.68 104.82 100.83
CA GLY DA 45 61.66 104.77 102.28
C GLY DA 45 60.34 105.18 102.89
N TRP DA 46 59.23 104.81 102.25
CA TRP DA 46 57.92 105.14 102.79
C TRP DA 46 57.31 103.92 103.45
N THR DA 47 56.49 104.17 104.46
CA THR DA 47 55.80 103.11 105.17
C THR DA 47 54.44 102.87 104.53
N VAL DA 48 54.46 102.61 103.22
CA VAL DA 48 53.23 102.38 102.48
C VAL DA 48 52.75 100.95 102.73
N THR DA 49 51.56 100.83 103.29
CA THR DA 49 51.04 99.54 103.74
C THR DA 49 49.58 99.39 103.32
N ASP DA 50 48.99 98.26 103.71
CA ASP DA 50 47.66 97.82 103.27
C ASP DA 50 47.56 97.81 101.75
N VAL DA 51 48.56 97.19 101.11
CA VAL DA 51 48.59 97.12 99.66
C VAL DA 51 47.55 96.12 99.20
N GLN DA 52 46.51 96.60 98.54
CA GLN DA 52 45.47 95.75 97.98
C GLN DA 52 45.43 95.96 96.47
N PRO DA 53 45.48 94.90 95.68
CA PRO DA 53 45.34 95.08 94.23
C PRO DA 53 43.91 95.42 93.85
N LEU DA 54 43.76 96.08 92.71
CA LEU DA 54 42.47 96.60 92.30
C LEU DA 54 42.04 95.98 90.99
N PRO DA 55 40.72 95.83 90.76
CA PRO DA 55 40.27 95.12 89.55
C PRO DA 55 40.46 95.89 88.26
N GLU DA 56 41.42 95.47 87.45
CA GLU DA 56 41.63 96.03 86.13
C GLU DA 56 41.00 95.18 85.03
N THR DA 57 40.48 94.01 85.38
CA THR DA 57 39.77 93.13 84.47
C THR DA 57 38.28 93.16 84.78
N GLY DA 58 37.50 93.80 83.92
CA GLY DA 58 36.06 93.68 84.02
C GLY DA 58 35.48 93.13 82.74
N LYS DA 59 36.19 92.22 82.09
CA LYS DA 59 35.79 91.77 80.77
C LYS DA 59 34.65 90.76 80.86
N ILE DA 60 33.91 90.64 79.76
CA ILE DA 60 32.80 89.70 79.64
C ILE DA 60 33.24 88.61 78.68
N LYS DA 61 33.03 87.35 79.09
CA LYS DA 61 33.39 86.21 78.25
C LYS DA 61 32.20 85.85 77.35
N TYR DA 62 31.95 86.75 76.40
CA TYR DA 62 30.77 86.66 75.55
C TYR DA 62 30.97 87.52 74.32
N ASP DA 63 30.48 87.06 73.18
CA ASP DA 63 30.49 87.85 71.96
C ASP DA 63 29.56 89.05 72.10
N ARG DA 64 29.90 90.14 71.43
CA ARG DA 64 29.20 91.41 71.69
C ARG DA 64 27.84 91.46 71.02
N ARG DA 65 27.82 91.45 69.68
CA ARG DA 65 26.59 91.72 68.94
C ARG DA 65 25.90 90.38 68.63
N THR DA 66 25.15 89.92 69.62
CA THR DA 66 24.39 88.68 69.48
C THR DA 66 22.95 88.98 69.09
N VAL DA 67 22.33 88.00 68.44
CA VAL DA 67 20.93 88.06 68.05
C VAL DA 67 20.17 87.02 68.85
N TYR DA 68 19.14 87.45 69.57
CA TYR DA 68 18.35 86.55 70.40
C TYR DA 68 16.93 86.51 69.87
N PHE DA 69 16.58 85.43 69.20
CA PHE DA 69 15.24 85.28 68.66
C PHE DA 69 14.28 84.91 69.78
N LYS DA 70 13.36 85.80 70.09
CA LYS DA 70 12.44 85.64 71.19
C LYS DA 70 11.06 85.25 70.67
N SER DA 71 10.47 84.23 71.28
CA SER DA 71 9.13 83.80 70.92
C SER DA 71 8.09 84.60 71.68
N GLU DA 72 6.81 84.26 71.49
CA GLU DA 72 5.75 84.95 72.21
C GLU DA 72 5.67 84.45 73.65
N GLY DA 73 5.36 83.16 73.83
CA GLY DA 73 5.33 82.57 75.14
C GLY DA 73 6.73 82.38 75.68
N GLU DA 74 7.09 83.17 76.69
CA GLU DA 74 8.45 83.16 77.25
C GLU DA 74 8.33 83.04 78.76
N THR DA 75 8.47 81.82 79.27
CA THR DA 75 8.52 81.57 80.70
C THR DA 75 9.95 81.18 81.06
N GLY DA 76 10.60 82.02 81.85
CA GLY DA 76 12.00 81.79 82.17
C GLY DA 76 12.88 82.12 80.98
N LYS DA 77 13.53 81.08 80.43
CA LYS DA 77 14.45 81.17 79.28
C LYS DA 77 15.57 82.18 79.55
N PHE DA 78 16.28 81.98 80.65
CA PHE DA 78 17.35 82.88 81.04
C PHE DA 78 18.55 82.69 80.14
N ILE DA 79 19.05 83.79 79.59
CA ILE DA 79 20.29 83.77 78.82
C ILE DA 79 21.47 83.94 79.79
N ASN DA 80 22.42 83.02 79.72
CA ASN DA 80 23.54 82.99 80.64
C ASN DA 80 24.72 83.70 80.01
N VAL DA 81 25.25 84.71 80.70
CA VAL DA 81 26.37 85.52 80.22
C VAL DA 81 27.56 85.25 81.12
N PRO DA 82 28.66 84.69 80.60
CA PRO DA 82 29.85 84.47 81.42
C PRO DA 82 30.70 85.74 81.53
N PHE DA 83 31.17 86.00 82.74
CA PHE DA 83 31.98 87.18 83.03
C PHE DA 83 32.97 86.82 84.12
N TYR DA 84 34.04 87.60 84.20
CA TYR DA 84 35.05 87.35 85.21
C TYR DA 84 35.75 88.64 85.57
N ILE DA 85 35.91 88.88 86.88
CA ILE DA 85 36.69 89.99 87.39
C ILE DA 85 37.85 89.37 88.16
N ASN DA 86 39.03 89.38 87.55
CA ASN DA 86 40.14 88.52 87.97
C ASN DA 86 40.77 88.89 89.31
N PRO DA 87 41.46 90.04 89.47
CA PRO DA 87 42.44 90.12 90.56
C PRO DA 87 41.85 90.56 91.89
N VAL DA 88 40.65 90.10 92.23
CA VAL DA 88 39.94 90.46 93.44
C VAL DA 88 38.96 89.34 93.75
N ASP DA 89 38.59 89.22 95.01
CA ASP DA 89 37.49 88.34 95.40
C ASP DA 89 36.36 89.07 96.10
N ALA DA 90 36.66 89.85 97.14
CA ALA DA 90 35.63 90.62 97.84
C ALA DA 90 36.29 91.80 98.52
N ARG DA 91 36.11 93.01 97.98
CA ARG DA 91 36.68 94.21 98.56
C ARG DA 91 35.60 95.28 98.65
N ASP DA 92 36.01 96.51 98.95
CA ASP DA 92 35.06 97.61 98.96
C ASP DA 92 34.80 98.16 97.56
N VAL DA 93 35.68 97.86 96.61
CA VAL DA 93 35.46 98.34 95.24
C VAL DA 93 34.53 97.43 94.46
N LEU DA 94 34.41 96.17 94.87
CA LEU DA 94 33.50 95.27 94.16
C LEU DA 94 32.05 95.53 94.52
N GLY DA 95 31.80 96.30 95.57
CA GLY DA 95 30.45 96.80 95.79
C GLY DA 95 30.08 97.93 94.84
N LEU DA 96 31.08 98.49 94.15
CA LEU DA 96 30.84 99.57 93.21
C LEU DA 96 30.69 99.08 91.78
N LEU DA 97 31.18 97.89 91.46
CA LEU DA 97 31.06 97.37 90.09
C LEU DA 97 29.61 96.99 89.82
N LYS DA 98 29.05 97.55 88.74
CA LYS DA 98 27.64 97.42 88.45
C LYS DA 98 27.43 96.82 87.08
N PHE DA 99 26.55 95.83 87.01
CA PHE DA 99 25.95 95.39 85.76
C PHE DA 99 24.72 96.25 85.49
N ASP DA 100 24.35 96.34 84.22
CA ASP DA 100 23.20 97.13 83.82
C ASP DA 100 22.71 96.66 82.46
N LEU DA 101 21.39 96.63 82.29
CA LEU DA 101 20.80 96.25 81.02
C LEU DA 101 20.22 97.51 80.37
N ILE DA 102 21.06 98.22 79.64
CA ILE DA 102 20.67 99.47 79.00
C ILE DA 102 19.88 99.15 77.73
N LYS DA 103 18.65 99.63 77.67
CA LYS DA 103 17.87 99.56 76.43
C LYS DA 103 18.33 100.68 75.51
N LEU DA 104 18.93 100.32 74.38
CA LEU DA 104 19.64 101.30 73.56
C LEU DA 104 18.68 102.19 72.77
N SER DA 105 17.39 101.89 72.79
CA SER DA 105 16.41 102.71 72.07
C SER DA 105 16.24 104.07 72.72
N ASP DA 106 16.11 104.10 74.05
CA ASP DA 106 15.86 105.34 74.76
C ASP DA 106 16.84 105.56 75.92
N LYS DA 107 17.85 104.71 76.05
CA LYS DA 107 18.94 104.83 77.03
C LYS DA 107 18.43 104.86 78.46
N SER DA 108 17.77 103.77 78.86
CA SER DA 108 17.31 103.56 80.21
C SER DA 108 17.56 102.11 80.60
N VAL DA 109 17.96 101.90 81.84
CA VAL DA 109 18.27 100.55 82.31
C VAL DA 109 16.98 99.78 82.56
N VAL DA 110 17.03 98.47 82.32
CA VAL DA 110 15.91 97.61 82.69
C VAL DA 110 16.08 97.13 84.12
N LYS DA 111 17.22 96.51 84.42
CA LYS DA 111 17.58 96.17 85.78
C LYS DA 111 19.09 96.18 85.90
N THR DA 112 19.57 96.39 87.13
CA THR DA 112 20.99 96.47 87.43
C THR DA 112 21.37 95.41 88.43
N TYR DA 113 22.62 94.95 88.33
CA TYR DA 113 23.18 93.98 89.25
C TYR DA 113 24.53 94.47 89.74
N THR DA 114 24.83 94.16 90.99
CA THR DA 114 26.17 94.39 91.52
C THR DA 114 27.03 93.16 91.21
N ALA DA 115 28.24 93.40 90.74
CA ALA DA 115 29.07 92.33 90.21
C ALA DA 115 29.66 91.42 91.27
N LYS DA 116 29.54 91.76 92.55
CA LYS DA 116 30.05 90.91 93.61
C LYS DA 116 28.96 90.04 94.24
N ASP DA 117 27.69 90.29 93.92
CA ASP DA 117 26.61 89.42 94.39
C ASP DA 117 26.19 88.39 93.36
N ILE DA 118 26.61 88.53 92.11
CA ILE DA 118 26.30 87.55 91.07
C ILE DA 118 27.22 86.36 91.30
N LYS DA 119 26.71 85.31 91.93
CA LYS DA 119 27.52 84.16 92.27
C LYS DA 119 27.80 83.32 91.04
N SER DA 120 28.85 82.50 91.15
CA SER DA 120 29.31 81.50 90.17
C SER DA 120 29.75 82.09 88.84
N GLU DA 121 29.95 83.42 88.76
CA GLU DA 121 30.48 84.13 87.59
C GLU DA 121 29.63 83.92 86.34
N ILE DA 122 28.33 83.71 86.51
CA ILE DA 122 27.40 83.49 85.40
C ILE DA 122 26.20 84.40 85.62
N LEU DA 123 25.95 85.29 84.66
CA LEU DA 123 24.84 86.23 84.75
C LEU DA 123 23.65 85.67 83.99
N SER DA 124 22.59 85.35 84.71
CA SER DA 124 21.39 84.77 84.12
C SER DA 124 20.40 85.90 83.89
N LEU DA 125 20.49 86.53 82.72
CA LEU DA 125 19.55 87.58 82.37
C LEU DA 125 18.21 86.98 82.00
N PRO DA 126 17.12 87.42 82.64
CA PRO DA 126 15.80 87.00 82.17
C PRO DA 126 15.45 87.67 80.85
N THR DA 127 14.69 86.94 80.03
CA THR DA 127 14.18 87.48 78.77
C THR DA 127 12.68 87.71 78.82
N SER DA 128 12.06 87.58 79.98
CA SER DA 128 10.64 87.90 80.10
C SER DA 128 10.39 89.40 80.05
N ASP DA 129 11.41 90.21 80.34
CA ASP DA 129 11.29 91.66 80.33
C ASP DA 129 11.87 92.30 79.07
N LEU DA 130 12.56 91.53 78.24
CA LEU DA 130 13.14 92.09 77.02
C LEU DA 130 12.05 92.36 75.99
N GLU DA 131 12.27 93.42 75.21
CA GLU DA 131 11.32 93.83 74.18
C GLU DA 131 11.85 93.47 72.81
N VAL DA 132 10.94 93.40 71.86
CA VAL DA 132 11.22 92.86 70.54
C VAL DA 132 11.67 93.99 69.63
N ASN DA 133 12.65 93.68 68.77
CA ASN DA 133 13.21 94.58 67.76
C ASN DA 133 13.83 95.83 68.37
N GLU DA 134 14.38 95.70 69.57
CA GLU DA 134 15.03 96.80 70.28
C GLU DA 134 16.38 96.32 70.78
N GLU DA 135 17.44 97.05 70.43
CA GLU DA 135 18.78 96.65 70.81
C GLU DA 135 19.04 96.95 72.28
N TYR DA 136 19.82 96.09 72.92
CA TYR DA 136 20.13 96.23 74.33
C TYR DA 136 21.64 96.34 74.52
N GLU DA 137 22.04 96.64 75.75
CA GLU DA 137 23.44 96.77 76.11
C GLU DA 137 23.65 96.28 77.53
N LEU DA 138 24.71 95.50 77.72
CA LEU DA 138 25.08 94.99 79.03
C LEU DA 138 26.50 95.44 79.34
N LYS DA 139 26.65 96.32 80.32
CA LYS DA 139 27.90 97.02 80.56
C LYS DA 139 28.48 96.64 81.91
N LEU DA 140 29.76 96.97 82.10
CA LEU DA 140 30.48 96.84 83.36
C LEU DA 140 30.97 98.19 83.85
N TYR DA 141 30.09 99.19 83.78
CA TYR DA 141 30.51 100.55 84.08
C TYR DA 141 30.66 100.76 85.57
N PHE DA 142 31.71 101.46 85.94
CA PHE DA 142 31.72 102.06 87.26
C PHE DA 142 30.84 103.31 87.26
N PRO DA 143 30.07 103.54 88.31
CA PRO DA 143 29.30 104.78 88.39
C PRO DA 143 30.22 105.98 88.55
N LYS DA 144 29.72 107.15 88.14
CA LYS DA 144 30.54 108.35 88.17
C LYS DA 144 30.79 108.84 89.58
N ASP DA 145 30.00 108.41 90.57
CA ASP DA 145 30.22 108.77 91.96
C ASP DA 145 31.01 107.69 92.71
N ALA DA 146 31.83 106.92 92.00
CA ALA DA 146 32.69 105.93 92.65
C ALA DA 146 34.11 106.45 92.86
N SER DA 147 34.58 107.32 91.98
CA SER DA 147 35.93 107.86 92.05
C SER DA 147 36.09 108.96 93.09
N GLU DA 148 35.02 109.36 93.78
CA GLU DA 148 35.08 110.50 94.68
C GLU DA 148 35.78 110.17 95.99
N ASN DA 149 35.69 108.93 96.45
CA ASN DA 149 36.14 108.56 97.79
C ASN DA 149 37.57 108.06 97.82
N TYR DA 150 38.36 108.32 96.78
CA TYR DA 150 39.71 107.81 96.70
C TYR DA 150 40.63 108.91 96.15
N ASP DA 151 41.89 108.87 96.57
CA ASP DA 151 42.89 109.83 96.10
C ASP DA 151 43.69 109.18 94.97
N ILE DA 152 43.19 109.34 93.76
CA ILE DA 152 43.83 108.71 92.60
C ILE DA 152 45.00 109.58 92.15
N ALA DA 153 46.16 108.96 91.95
CA ALA DA 153 47.38 109.66 91.57
C ALA DA 153 47.58 109.65 90.06
N ILE DA 154 46.79 110.44 89.34
CA ILE DA 154 46.86 110.50 87.89
C ILE DA 154 47.26 111.90 87.44
N SER DA 155 47.36 112.06 86.12
CA SER DA 155 47.60 113.35 85.49
C SER DA 155 46.26 114.01 85.17
N GLU DA 156 46.28 115.08 84.40
CA GLU DA 156 45.05 115.67 83.89
C GLU DA 156 44.44 114.80 82.79
N GLY DA 157 45.25 114.42 81.82
CA GLY DA 157 44.69 113.78 80.65
C GLY DA 157 44.78 112.27 80.69
N HIS DA 158 45.21 111.71 81.80
CA HIS DA 158 45.23 110.26 81.94
C HIS DA 158 43.88 109.76 82.41
N LYS DA 159 43.65 108.46 82.21
CA LYS DA 159 42.41 107.82 82.59
C LYS DA 159 42.61 107.13 83.93
N ASN DA 160 41.81 107.51 84.93
CA ASN DA 160 41.84 106.82 86.20
C ASN DA 160 41.19 105.45 86.07
N LEU DA 161 41.26 104.68 87.16
CA LEU DA 161 40.82 103.28 87.13
C LEU DA 161 39.32 103.16 86.91
N PHE DA 162 38.53 103.99 87.60
CA PHE DA 162 37.08 103.91 87.48
C PHE DA 162 36.59 104.40 86.12
N GLU DA 163 37.36 105.27 85.47
CA GLU DA 163 37.06 105.67 84.09
C GLU DA 163 37.62 104.70 83.06
N ARG DA 164 38.26 103.62 83.49
CA ARG DA 164 39.00 102.75 82.57
C ARG DA 164 38.29 101.45 82.28
N VAL DA 165 37.97 100.66 83.30
CA VAL DA 165 37.51 99.30 83.08
C VAL DA 165 36.02 99.33 82.80
N LYS DA 166 35.64 98.76 81.66
CA LYS DA 166 34.26 98.56 81.23
C LYS DA 166 34.29 97.59 80.06
N ASP DA 167 33.16 96.92 79.84
CA ASP DA 167 33.00 96.04 78.70
C ASP DA 167 31.51 95.94 78.39
N SER DA 168 31.15 96.07 77.12
CA SER DA 168 29.76 96.15 76.72
C SER DA 168 29.47 95.16 75.60
N VAL DA 169 28.36 94.43 75.72
CA VAL DA 169 27.87 93.57 74.66
C VAL DA 169 26.54 94.13 74.19
N PHE DA 170 26.05 93.59 73.06
CA PHE DA 170 24.87 94.13 72.40
C PHE DA 170 23.89 93.00 72.10
N ILE DA 171 22.78 92.98 72.83
CA ILE DA 171 21.78 91.93 72.67
C ILE DA 171 20.71 92.47 71.72
N LYS DA 172 20.53 91.81 70.58
CA LYS DA 172 19.44 92.11 69.66
C LYS DA 172 18.32 91.11 69.91
N VAL DA 173 17.17 91.61 70.31
CA VAL DA 173 16.02 90.77 70.65
C VAL DA 173 14.95 91.01 69.60
N LYS DA 174 14.75 90.04 68.71
CA LYS DA 174 13.75 90.15 67.66
C LYS DA 174 12.84 88.92 67.70
N GLU DA 175 11.89 88.89 66.77
CA GLU DA 175 10.97 87.77 66.67
C GLU DA 175 11.68 86.54 66.13
N TYR DA 176 11.11 85.37 66.44
CA TYR DA 176 11.68 84.11 65.95
C TYR DA 176 11.31 83.89 64.50
N GLY DA 177 10.01 83.81 64.20
CA GLY DA 177 9.58 83.60 62.83
C GLY DA 177 9.85 82.19 62.38
N LYS DA 178 10.36 82.06 61.14
CA LYS DA 178 10.75 80.81 60.49
C LYS DA 178 9.54 79.84 60.44
N PHE DA 179 8.60 80.21 59.57
CA PHE DA 179 7.34 79.49 59.49
C PHE DA 179 7.54 78.09 58.91
N THR DA 180 6.49 77.28 59.02
CA THR DA 180 6.45 75.93 58.47
C THR DA 180 5.44 75.89 57.33
N GLY DA 181 5.94 75.75 56.11
CA GLY DA 181 5.05 75.79 54.96
C GLY DA 181 5.82 75.63 53.67
N ARG DA 182 5.07 75.35 52.61
CA ARG DA 182 5.61 75.22 51.26
C ARG DA 182 5.35 76.46 50.41
N LEU DA 183 4.74 77.50 50.97
CA LEU DA 183 4.37 78.75 50.31
C LEU DA 183 3.47 78.50 49.10
N VAL DA 184 2.27 78.01 49.39
CA VAL DA 184 1.31 77.78 48.32
C VAL DA 184 0.69 79.10 47.88
N GLN DA 185 0.19 79.11 46.65
CA GLN DA 185 -0.51 80.28 46.16
C GLN DA 185 -1.93 80.32 46.75
N LEU DA 186 -2.57 81.46 46.59
CA LEU DA 186 -3.93 81.64 47.07
C LEU DA 186 -4.91 81.99 45.96
N GLN DA 187 -4.43 82.36 44.78
CA GLN DA 187 -5.30 82.79 43.69
C GLN DA 187 -4.55 82.61 42.39
N GLN DA 188 -5.12 81.84 41.48
CA GLN DA 188 -4.60 81.76 40.12
C GLN DA 188 -5.18 82.89 39.28
N ASP DA 189 -4.52 83.14 38.15
CA ASP DA 189 -4.93 84.11 37.11
C ASP DA 189 -5.05 85.52 37.70
N ILE DA 190 -3.91 86.01 38.16
CA ILE DA 190 -3.84 87.32 38.80
C ILE DA 190 -3.96 88.39 37.72
N ASN DA 191 -5.09 89.09 37.70
CA ASN DA 191 -5.32 90.21 36.78
C ASN DA 191 -5.51 91.46 37.60
N VAL DA 192 -4.67 92.47 37.35
CA VAL DA 192 -4.72 93.71 38.11
C VAL DA 192 -4.95 94.87 37.15
N LEU DA 193 -5.38 96.00 37.71
CA LEU DA 193 -5.61 97.20 36.93
C LEU DA 193 -4.29 97.88 36.60
N LYS DA 194 -4.39 99.03 35.92
CA LYS DA 194 -3.19 99.69 35.41
C LYS DA 194 -2.39 100.36 36.52
N GLU DA 195 -3.03 101.24 37.29
CA GLU DA 195 -2.37 101.95 38.37
C GLU DA 195 -3.03 101.53 39.67
N SER DA 196 -2.45 100.54 40.33
CA SER DA 196 -3.01 100.01 41.56
C SER DA 196 -1.90 99.36 42.37
N ALA DA 197 -2.26 98.83 43.53
CA ALA DA 197 -1.32 98.16 44.42
C ALA DA 197 -1.95 96.92 45.00
N LEU DA 198 -1.21 95.82 44.96
CA LEU DA 198 -1.72 94.51 45.39
C LEU DA 198 -0.93 93.98 46.56
N PRO DA 199 -1.54 93.75 47.72
CA PRO DA 199 -0.80 93.24 48.87
C PRO DA 199 -0.50 91.76 48.73
N LEU DA 200 0.55 91.31 49.43
CA LEU DA 200 0.97 89.93 49.33
C LEU DA 200 0.12 88.98 50.16
N ASP DA 201 -0.64 89.49 51.12
CA ASP DA 201 -1.45 88.63 51.97
C ASP DA 201 -2.75 88.18 51.33
N LYS DA 202 -3.00 88.53 50.07
CA LYS DA 202 -4.18 88.08 49.36
C LYS DA 202 -3.83 87.35 48.07
N ILE DA 203 -2.56 87.02 47.86
CA ILE DA 203 -2.15 86.36 46.63
C ILE DA 203 -1.40 85.08 46.97
N LEU DA 204 -0.81 85.01 48.17
CA LEU DA 204 -0.03 83.85 48.54
C LEU DA 204 -0.27 83.51 50.01
N GLY DA 205 -0.23 82.22 50.32
CA GLY DA 205 -0.29 81.74 51.67
C GLY DA 205 0.80 80.73 51.94
N TYR DA 206 0.61 79.87 52.94
CA TYR DA 206 1.58 78.83 53.23
C TYR DA 206 0.84 77.66 53.83
N LYS DA 207 1.24 76.45 53.42
CA LYS DA 207 0.55 75.23 53.84
C LYS DA 207 1.26 74.68 55.07
N ASP DA 208 0.62 74.87 56.24
CA ASP DA 208 1.19 74.42 57.50
C ASP DA 208 1.26 72.90 57.55
N PHE DA 209 2.38 72.39 58.07
CA PHE DA 209 2.66 70.96 58.00
C PHE DA 209 2.03 70.17 59.14
N ASP DA 210 1.73 70.81 60.27
CA ASP DA 210 1.04 70.13 61.36
C ASP DA 210 -0.39 69.79 60.94
N THR DA 211 -1.19 70.82 60.67
CA THR DA 211 -2.48 70.66 60.02
C THR DA 211 -2.49 71.50 58.75
N LYS DA 212 -3.01 70.93 57.66
CA LYS DA 212 -2.83 71.50 56.32
C LYS DA 212 -3.78 72.67 56.16
N GLU DA 213 -3.37 73.81 56.70
CA GLU DA 213 -4.12 75.05 56.62
C GLU DA 213 -3.49 75.97 55.58
N VAL DA 214 -4.33 76.79 54.95
CA VAL DA 214 -3.92 77.58 53.80
C VAL DA 214 -4.03 79.05 54.23
N THR DA 215 -3.73 79.31 55.50
CA THR DA 215 -3.82 80.67 56.02
C THR DA 215 -2.73 81.55 55.40
N PRO DA 216 -3.05 82.80 55.07
CA PRO DA 216 -2.08 83.66 54.40
C PRO DA 216 -1.03 84.19 55.36
N VAL DA 217 -0.10 84.97 54.80
CA VAL DA 217 0.95 85.59 55.59
C VAL DA 217 0.46 86.93 56.14
N ALA DA 218 -0.30 86.86 57.25
CA ALA DA 218 -0.80 88.09 57.86
C ALA DA 218 0.23 88.70 58.81
N LYS DA 219 0.87 87.86 59.62
CA LYS DA 219 1.89 88.28 60.57
C LYS DA 219 3.21 88.57 59.85
N GLU DA 220 3.76 89.77 60.11
CA GLU DA 220 4.68 90.45 59.20
C GLU DA 220 6.14 90.11 59.44
N ASN DA 221 6.48 89.53 60.59
CA ASN DA 221 7.86 89.09 60.85
C ASN DA 221 8.29 87.88 60.03
N LEU DA 222 7.42 87.35 59.16
CA LEU DA 222 7.78 86.34 58.19
C LEU DA 222 8.12 86.92 56.83
N LEU DA 223 7.74 88.18 56.57
CA LEU DA 223 7.87 88.74 55.24
C LEU DA 223 9.30 89.08 54.87
N GLN DA 224 10.18 89.29 55.86
CA GLN DA 224 11.57 89.63 55.54
C GLN DA 224 12.35 88.45 55.00
N LEU DA 225 11.88 87.22 55.23
CA LEU DA 225 12.50 86.06 54.62
C LEU DA 225 12.03 85.81 53.20
N LEU DA 226 11.02 86.54 52.74
CA LEU DA 226 10.45 86.37 51.41
C LEU DA 226 11.10 87.38 50.48
N SER DA 227 12.05 86.92 49.67
CA SER DA 227 12.75 87.78 48.71
C SER DA 227 11.92 87.80 47.43
N VAL DA 228 10.99 88.75 47.35
CA VAL DA 228 10.12 88.85 46.19
C VAL DA 228 10.90 89.44 45.02
N ASN DA 229 10.79 88.80 43.86
CA ASN DA 229 11.53 89.21 42.68
C ASN DA 229 10.57 89.32 41.51
N VAL DA 230 10.49 90.49 40.91
CA VAL DA 230 9.64 90.71 39.76
C VAL DA 230 10.48 90.52 38.50
N SER DA 231 9.77 90.31 37.38
CA SER DA 231 10.45 90.07 36.11
C SER DA 231 11.07 91.36 35.58
N ASP DA 232 10.24 92.37 35.34
CA ASP DA 232 10.68 93.64 34.78
C ASP DA 232 10.61 94.69 35.87
N GLU DA 233 11.64 95.53 35.94
CA GLU DA 233 11.68 96.59 36.94
C GLU DA 233 10.72 97.72 36.61
N SER DA 234 10.54 98.03 35.33
CA SER DA 234 9.74 99.18 34.96
C SER DA 234 8.25 98.90 35.03
N TYR DA 235 7.84 97.64 34.95
CA TYR DA 235 6.41 97.31 34.99
C TYR DA 235 5.85 97.37 36.40
N ALA DA 236 6.43 96.61 37.32
CA ALA DA 236 5.99 96.57 38.70
C ALA DA 236 7.20 96.67 39.61
N ARG DA 237 6.93 96.88 40.90
CA ARG DA 237 8.00 97.03 41.89
C ARG DA 237 7.45 96.64 43.24
N TYR DA 238 8.20 95.84 43.99
CA TYR DA 238 7.77 95.37 45.30
C TYR DA 238 8.22 96.36 46.37
N GLN DA 239 7.27 96.91 47.12
CA GLN DA 239 7.61 97.73 48.27
C GLN DA 239 8.11 96.83 49.39
N ALA DA 240 9.25 97.20 49.99
CA ALA DA 240 9.83 96.37 51.04
C ALA DA 240 9.27 96.73 52.41
N ASP DA 241 9.02 98.01 52.66
CA ASP DA 241 8.43 98.43 53.93
C ASP DA 241 7.00 97.93 54.07
N LYS DA 242 6.23 97.96 52.99
CA LYS DA 242 4.94 97.32 52.96
C LYS DA 242 5.11 95.91 52.39
N ASN DA 243 4.00 95.27 52.04
CA ASN DA 243 4.01 93.99 51.37
C ASN DA 243 3.21 94.06 50.08
N ARG DA 244 3.38 95.15 49.34
CA ARG DA 244 2.58 95.41 48.15
C ARG DA 244 3.47 95.49 46.92
N LEU DA 245 2.87 95.24 45.77
CA LEU DA 245 3.50 95.46 44.47
C LEU DA 245 2.94 96.74 43.87
N LEU DA 246 3.76 97.43 43.08
CA LEU DA 246 3.42 98.76 42.60
C LEU DA 246 3.30 98.73 41.08
N PHE DA 247 2.07 98.66 40.57
CA PHE DA 247 1.84 98.52 39.15
C PHE DA 247 1.86 99.89 38.48
N PHE DA 248 2.84 100.12 37.62
CA PHE DA 248 3.03 101.38 36.95
C PHE DA 248 2.24 101.40 35.64
N SER DA 249 2.56 102.38 34.78
CA SER DA 249 1.78 102.63 33.57
C SER DA 249 1.92 101.53 32.53
N LYS DA 250 3.06 100.84 32.51
CA LYS DA 250 3.25 99.74 31.58
C LYS DA 250 2.37 98.55 31.95
N THR DA 251 1.71 97.98 30.94
CA THR DA 251 0.81 96.84 31.14
C THR DA 251 1.26 95.65 30.32
N GLY DA 252 1.04 94.45 30.85
CA GLY DA 252 1.44 93.24 30.16
C GLY DA 252 1.65 92.10 31.14
N GLU DA 253 2.44 91.13 30.70
CA GLU DA 253 2.78 89.96 31.50
C GLU DA 253 4.00 90.26 32.37
N ILE DA 254 3.95 89.87 33.64
CA ILE DA 254 5.09 89.91 34.53
C ILE DA 254 5.17 88.60 35.30
N LEU DA 255 6.38 88.20 35.64
CA LEU DA 255 6.61 87.04 36.49
C LEU DA 255 7.13 87.53 37.84
N VAL DA 256 6.39 87.20 38.89
CA VAL DA 256 6.73 87.62 40.25
C VAL DA 256 7.21 86.38 40.98
N LYS DA 257 8.51 86.30 41.24
CA LYS DA 257 9.13 85.12 41.82
C LYS DA 257 9.34 85.33 43.31
N VAL DA 258 8.51 84.68 44.13
CA VAL DA 258 8.63 84.76 45.57
C VAL DA 258 9.49 83.59 46.05
N ILE DA 259 10.57 83.92 46.75
CA ILE DA 259 11.55 82.92 47.19
C ILE DA 259 11.67 83.00 48.70
N GLU DA 260 11.50 81.86 49.37
CA GLU DA 260 11.78 81.73 50.79
C GLU DA 260 13.11 81.00 50.96
N ARG DA 261 13.99 81.57 51.78
CA ARG DA 261 15.36 81.10 51.86
C ARG DA 261 15.57 79.96 52.85
N SER DA 262 14.69 79.79 53.83
CA SER DA 262 14.93 78.79 54.88
C SER DA 262 14.70 77.38 54.37
N ILE DA 263 13.47 77.08 53.99
CA ILE DA 263 13.14 75.74 53.48
C ILE DA 263 13.49 75.69 51.99
N GLN DA 264 14.02 74.56 51.55
CA GLN DA 264 14.41 74.40 50.16
C GLN DA 264 13.18 74.30 49.27
N ASP DA 265 13.32 74.87 48.06
CA ASP DA 265 12.33 74.81 46.97
C ASP DA 265 11.00 75.44 47.37
N ASN DA 266 11.07 76.74 47.64
CA ASN DA 266 9.89 77.57 47.81
C ASN DA 266 9.79 78.61 46.69
N ILE DA 267 10.21 78.24 45.48
CA ILE DA 267 10.14 79.15 44.35
C ILE DA 267 8.70 79.19 43.89
N VAL DA 268 8.03 80.31 44.15
CA VAL DA 268 6.62 80.51 43.80
C VAL DA 268 6.59 81.50 42.64
N ASN DA 269 5.80 81.18 41.62
CA ASN DA 269 5.75 81.98 40.40
C ASN DA 269 4.32 82.43 40.15
N PHE DA 270 4.13 83.74 40.03
CA PHE DA 270 2.83 84.33 39.72
C PHE DA 270 2.88 84.93 38.32
N ASN DA 271 1.93 84.54 37.47
CA ASN DA 271 1.77 85.14 36.15
C ASN DA 271 0.72 86.23 36.29
N ILE DA 272 1.17 87.47 36.45
CA ILE DA 272 0.29 88.60 36.69
C ILE DA 272 0.11 89.35 35.38
N ARG DA 273 -1.15 89.62 35.02
CA ARG DA 273 -1.48 90.38 33.83
C ARG DA 273 -1.96 91.76 34.24
N ILE DA 274 -1.23 92.79 33.83
CA ILE DA 274 -1.62 94.16 34.05
C ILE DA 274 -2.46 94.62 32.86
N LEU DA 275 -3.60 95.25 33.15
CA LEU DA 275 -4.53 95.64 32.10
C LEU DA 275 -5.11 97.02 32.39
N ASP DA 276 -5.55 97.69 31.33
CA ASP DA 276 -5.99 99.07 31.40
C ASP DA 276 -7.44 99.16 31.89
N GLU DA 277 -8.02 100.35 31.75
CA GLU DA 277 -9.43 100.56 32.06
C GLU DA 277 -10.33 99.97 30.98
N GLU DA 278 -10.08 100.31 29.72
CA GLU DA 278 -10.90 99.83 28.61
C GLU DA 278 -10.40 98.53 28.00
N THR DA 279 -9.42 97.87 28.63
CA THR DA 279 -9.13 96.48 28.30
C THR DA 279 -10.23 95.57 28.85
N ILE DA 280 -10.94 96.02 29.88
CA ILE DA 280 -12.04 95.22 30.43
C ILE DA 280 -13.26 95.30 29.52
N GLN DA 281 -13.64 96.51 29.09
CA GLN DA 281 -14.95 96.69 28.47
C GLN DA 281 -15.02 96.16 27.04
N ASN DA 282 -13.89 96.00 26.36
CA ASN DA 282 -13.96 95.48 24.99
C ASN DA 282 -14.05 93.95 24.98
N GLU DA 283 -13.87 93.31 26.13
CA GLU DA 283 -13.96 91.86 26.22
C GLU DA 283 -15.01 91.40 27.21
N ILE DA 284 -15.73 92.31 27.89
CA ILE DA 284 -16.84 91.89 28.73
C ILE DA 284 -18.05 91.51 27.88
N ASP DA 285 -18.12 92.00 26.64
CA ASP DA 285 -19.23 91.65 25.77
C ASP DA 285 -19.02 90.31 25.08
N LYS DA 286 -17.77 89.98 24.74
CA LYS DA 286 -17.47 88.72 24.07
C LYS DA 286 -17.26 87.56 25.03
N LYS DA 287 -17.71 87.73 26.29
CA LYS DA 287 -17.95 86.64 27.25
C LYS DA 287 -16.64 85.93 27.64
N ILE DA 288 -15.65 86.74 27.98
CA ILE DA 288 -14.39 86.26 28.54
C ILE DA 288 -14.47 86.47 30.03
N GLU DA 289 -14.92 85.45 30.75
CA GLU DA 289 -15.23 85.59 32.17
C GLU DA 289 -14.01 85.20 32.99
N TYR DA 290 -13.43 86.19 33.68
CA TYR DA 290 -12.34 85.96 34.61
C TYR DA 290 -12.38 87.09 35.65
N SER DA 291 -11.52 86.98 36.65
CA SER DA 291 -11.55 87.91 37.78
C SER DA 291 -10.40 88.89 37.71
N VAL DA 292 -10.67 90.13 38.13
CA VAL DA 292 -9.69 91.20 38.21
C VAL DA 292 -9.70 91.72 39.64
N TYR DA 293 -8.50 91.89 40.22
CA TYR DA 293 -8.38 92.31 41.61
C TYR DA 293 -8.90 93.73 41.81
N ASP DA 294 -9.77 93.91 42.79
CA ASP DA 294 -10.33 95.21 43.12
C ASP DA 294 -9.66 95.73 44.38
N PRO DA 295 -8.87 96.80 44.30
CA PRO DA 295 -8.06 97.22 45.46
C PRO DA 295 -8.84 97.96 46.53
N LYS DA 296 -10.08 98.37 46.27
CA LYS DA 296 -10.82 99.11 47.28
C LYS DA 296 -11.36 98.21 48.37
N ASP DA 297 -11.51 96.91 48.11
CA ASP DA 297 -12.04 95.98 49.10
C ASP DA 297 -11.22 94.72 49.29
N GLY DA 298 -10.26 94.43 48.40
CA GLY DA 298 -9.34 93.33 48.57
C GLY DA 298 -9.78 92.03 47.91
N LYS DA 299 -11.08 91.82 47.74
CA LYS DA 299 -11.55 90.58 47.13
C LYS DA 299 -11.49 90.67 45.60
N PHE DA 300 -11.26 89.51 44.98
CA PHE DA 300 -11.19 89.43 43.54
C PHE DA 300 -12.60 89.41 42.96
N GLU DA 301 -12.88 90.30 42.02
CA GLU DA 301 -14.19 90.41 41.42
C GLU DA 301 -14.11 90.21 39.91
N SER DA 302 -15.22 89.74 39.33
CA SER DA 302 -15.31 89.48 37.90
C SER DA 302 -16.20 90.49 37.19
N ILE DA 303 -17.42 90.69 37.68
CA ILE DA 303 -18.32 91.69 37.13
C ILE DA 303 -18.78 92.63 38.24
N THR EA 3 19.50 70.16 51.39
CA THR EA 3 19.24 68.98 50.55
C THR EA 3 19.86 67.73 51.15
N THR EA 4 19.24 66.58 50.89
CA THR EA 4 19.73 65.31 51.43
C THR EA 4 19.87 64.26 50.34
N ASN EA 5 20.14 63.03 50.76
CA ASN EA 5 20.12 61.87 49.89
C ASN EA 5 19.30 60.76 50.51
N TYR EA 6 18.20 61.13 51.17
CA TYR EA 6 17.28 60.16 51.75
C TYR EA 6 15.87 60.72 51.65
N PHE EA 7 14.99 59.99 50.94
CA PHE EA 7 13.64 60.46 50.67
C PHE EA 7 12.62 59.39 51.02
N LYS EA 8 11.58 59.79 51.72
CA LYS EA 8 10.44 58.92 52.00
C LYS EA 8 9.40 59.14 50.90
N VAL EA 9 9.27 58.15 50.01
CA VAL EA 9 8.45 58.31 48.83
C VAL EA 9 7.25 57.37 48.87
N LYS EA 10 6.41 57.44 47.86
CA LYS EA 10 5.26 56.55 47.71
C LYS EA 10 5.26 56.00 46.30
N LEU EA 11 5.75 54.77 46.15
CA LEU EA 11 5.79 54.11 44.85
C LEU EA 11 4.40 53.60 44.48
N LEU EA 12 4.03 53.78 43.21
CA LEU EA 12 2.68 53.46 42.78
C LEU EA 12 2.65 52.59 41.51
N ASP EA 13 3.76 51.95 41.17
CA ASP EA 13 3.74 50.88 40.18
C ASP EA 13 3.74 49.54 40.90
N GLU EA 14 3.24 48.52 40.22
CA GLU EA 14 3.05 47.21 40.83
C GLU EA 14 3.77 46.11 40.06
N LYS EA 15 4.82 46.45 39.33
CA LYS EA 15 5.50 45.42 38.55
C LYS EA 15 6.38 44.57 39.44
N LEU EA 16 7.46 45.17 39.94
CA LEU EA 16 8.33 44.63 40.98
C LEU EA 16 9.24 45.77 41.40
N ILE EA 17 9.28 46.10 42.68
CA ILE EA 17 10.16 47.16 43.15
C ILE EA 17 11.60 46.65 43.08
N PRO EA 18 12.47 47.27 42.31
CA PRO EA 18 13.88 46.92 42.36
C PRO EA 18 14.52 47.61 43.55
N PHE EA 19 15.84 47.41 43.71
CA PHE EA 19 16.66 48.03 44.75
C PHE EA 19 16.23 47.61 46.15
N LEU EA 20 15.49 46.51 46.28
CA LEU EA 20 14.92 46.05 47.55
C LEU EA 20 15.15 44.55 47.66
N GLY EA 21 14.50 43.94 48.64
CA GLY EA 21 14.66 42.51 48.89
C GLY EA 21 13.81 41.65 47.97
N LEU EA 22 13.79 40.36 48.28
CA LEU EA 22 12.99 39.42 47.50
C LEU EA 22 11.51 39.64 47.77
N GLY EA 23 10.70 39.39 46.73
CA GLY EA 23 9.31 39.81 46.83
C GLY EA 23 9.24 41.32 46.71
N GLU EA 24 8.26 41.90 47.42
CA GLU EA 24 8.01 43.35 47.50
C GLU EA 24 7.81 43.94 46.11
N ARG EA 25 6.67 43.56 45.52
CA ARG EA 25 6.38 43.91 44.14
C ARG EA 25 5.28 44.97 43.97
N GLY EA 26 4.41 45.15 44.96
CA GLY EA 26 3.23 45.96 44.77
C GLY EA 26 3.48 47.44 44.82
N PRO EA 27 2.41 48.24 44.82
CA PRO EA 27 2.54 49.67 45.06
C PRO EA 27 2.79 49.95 46.55
N ARG EA 28 4.03 50.30 46.87
CA ARG EA 28 4.46 50.42 48.25
C ARG EA 28 4.64 51.89 48.63
N GLU EA 29 4.29 52.20 49.87
CA GLU EA 29 4.49 53.52 50.44
C GLU EA 29 5.50 53.44 51.57
N ASN EA 30 5.93 54.63 52.03
CA ASN EA 30 6.93 54.80 53.08
C ASN EA 30 8.24 54.09 52.73
N VAL EA 31 8.64 54.19 51.47
CA VAL EA 31 9.79 53.47 50.95
C VAL EA 31 10.97 54.44 50.96
N ILE EA 32 11.81 54.34 51.99
CA ILE EA 32 12.92 55.27 52.15
C ILE EA 32 14.01 54.92 51.15
N LEU EA 33 14.28 55.84 50.22
CA LEU EA 33 15.24 55.62 49.15
C LEU EA 33 16.39 56.60 49.25
N SER EA 34 17.49 56.26 48.57
CA SER EA 34 18.61 57.16 48.44
C SER EA 34 18.36 58.15 47.30
N SER EA 35 19.32 59.06 47.10
CA SER EA 35 19.23 59.95 45.94
C SER EA 35 19.74 59.25 44.70
N ASN EA 36 20.77 58.42 44.84
CA ASN EA 36 21.18 57.53 43.77
C ASN EA 36 20.10 56.51 43.44
N ASP EA 37 19.29 56.16 44.44
CA ASP EA 37 18.18 55.25 44.24
C ASP EA 37 17.04 55.92 43.49
N LEU EA 38 16.63 57.09 43.97
CA LEU EA 38 15.44 57.77 43.46
C LEU EA 38 15.62 58.25 42.02
N ALA EA 39 16.82 58.70 41.68
CA ALA EA 39 17.06 59.14 40.31
C ALA EA 39 17.19 57.98 39.34
N SER EA 40 17.34 56.76 39.84
CA SER EA 40 17.29 55.57 38.99
C SER EA 40 15.91 54.94 38.95
N LEU EA 41 14.91 55.59 39.55
CA LEU EA 41 13.52 55.20 39.38
C LEU EA 41 12.69 56.24 38.65
N LYS EA 42 12.95 57.52 38.89
CA LYS EA 42 12.36 58.58 38.07
C LYS EA 42 12.80 58.44 36.62
N GLN EA 43 14.06 58.06 36.41
CA GLN EA 43 14.54 57.80 35.06
C GLN EA 43 14.02 56.48 34.51
N ALA EA 44 13.63 55.55 35.37
CA ALA EA 44 13.16 54.24 34.94
C ALA EA 44 11.69 54.19 34.63
N GLY EA 45 11.05 55.35 34.46
CA GLY EA 45 9.64 55.38 34.11
C GLY EA 45 8.71 54.95 35.22
N TRP EA 46 9.05 55.28 36.47
CA TRP EA 46 8.20 54.93 37.59
C TRP EA 46 7.39 56.13 38.04
N THR EA 47 6.21 55.86 38.58
CA THR EA 47 5.34 56.91 39.07
C THR EA 47 5.61 57.12 40.56
N VAL EA 48 6.86 57.39 40.88
CA VAL EA 48 7.26 57.59 42.26
C VAL EA 48 6.89 59.01 42.68
N THR EA 49 6.04 59.11 43.69
CA THR EA 49 5.46 60.37 44.11
C THR EA 49 5.50 60.51 45.63
N ASP EA 50 4.95 61.62 46.12
CA ASP EA 50 5.03 62.05 47.52
C ASP EA 50 6.48 62.06 48.00
N VAL EA 51 7.34 62.70 47.22
CA VAL EA 51 8.76 62.77 47.55
C VAL EA 51 8.92 63.77 48.70
N GLN EA 52 9.31 63.27 49.87
CA GLN EA 52 9.57 64.10 51.02
C GLN EA 52 11.02 63.90 51.44
N PRO EA 53 11.79 64.96 51.62
CA PRO EA 53 13.16 64.79 52.12
C PRO EA 53 13.16 64.43 53.59
N LEU EA 54 14.23 63.77 54.01
CA LEU EA 54 14.30 63.22 55.36
C LEU EA 54 15.46 63.84 56.12
N PRO EA 55 15.35 63.97 57.46
CA PRO EA 55 16.39 64.67 58.22
C PRO EA 55 17.69 63.91 58.34
N GLU EA 56 18.72 64.36 57.62
CA GLU EA 56 20.06 63.82 57.74
C GLU EA 56 20.95 64.66 58.66
N THR EA 57 20.46 65.82 59.09
CA THR EA 57 21.16 66.69 60.03
C THR EA 57 20.47 66.63 61.38
N GLY EA 58 21.11 65.98 62.34
CA GLY EA 58 20.65 66.07 63.72
C GLY EA 58 21.74 66.62 64.62
N LYS EA 59 22.54 67.54 64.11
CA LYS EA 59 23.70 67.99 64.84
C LYS EA 59 23.31 68.99 65.93
N ILE EA 60 24.18 69.08 66.93
CA ILE EA 60 24.01 70.00 68.05
C ILE EA 60 25.03 71.12 67.89
N LYS EA 61 24.58 72.37 68.02
CA LYS EA 61 25.47 73.52 67.90
C LYS EA 61 26.03 73.85 69.29
N TYR EA 62 26.90 72.97 69.76
CA TYR EA 62 27.41 73.03 71.12
C TYR EA 62 28.67 72.18 71.22
N ASP EA 63 29.63 72.65 71.99
CA ASP EA 63 30.82 71.86 72.28
C ASP EA 63 30.46 70.64 73.13
N ARG EA 64 31.22 69.56 72.94
CA ARG EA 64 30.80 68.28 73.53
C ARG EA 64 31.11 68.21 75.02
N ARG EA 65 32.39 68.23 75.38
CA ARG EA 65 32.80 67.94 76.75
C ARG EA 65 32.90 69.26 77.51
N THR EA 66 31.76 69.71 78.01
CA THR EA 66 31.68 70.92 78.79
C THR EA 66 31.70 70.60 80.29
N VAL EA 67 32.15 71.57 81.07
CA VAL EA 67 32.17 71.47 82.52
C VAL EA 67 31.20 72.50 83.06
N TYR EA 68 30.25 72.05 83.87
CA TYR EA 68 29.23 72.92 84.43
C TYR EA 68 29.38 72.94 85.94
N PHE EA 69 29.93 74.02 86.47
CA PHE EA 69 30.11 74.15 87.91
C PHE EA 69 28.78 74.50 88.56
N LYS EA 70 28.26 73.57 89.36
CA LYS EA 70 26.95 73.71 89.97
C LYS EA 70 27.10 74.08 91.44
N SER EA 71 26.34 75.08 91.88
CA SER EA 71 26.35 75.48 93.28
C SER EA 71 25.35 74.66 94.07
N GLU EA 72 25.21 74.98 95.35
CA GLU EA 72 24.26 74.26 96.19
C GLU EA 72 22.84 74.75 95.91
N GLY EA 73 22.57 76.02 96.19
CA GLY EA 73 21.28 76.61 95.89
C GLY EA 73 21.11 76.82 94.40
N GLU EA 74 20.25 76.03 93.78
CA GLU EA 74 20.05 76.06 92.34
C GLU EA 74 18.55 76.17 92.06
N THR EA 75 18.09 77.38 91.81
CA THR EA 75 16.71 77.63 91.40
C THR EA 75 16.72 78.06 89.94
N GLY EA 76 16.13 77.23 89.09
CA GLY EA 76 16.18 77.47 87.66
C GLY EA 76 17.56 77.18 87.11
N LYS EA 77 18.24 78.23 86.64
CA LYS EA 77 19.58 78.17 86.04
C LYS EA 77 19.62 77.18 84.87
N PHE EA 78 18.74 77.39 83.92
CA PHE EA 78 18.64 76.51 82.76
C PHE EA 78 19.82 76.72 81.83
N ILE EA 79 20.50 75.64 81.47
CA ILE EA 79 21.55 75.68 80.46
C ILE EA 79 20.91 75.54 79.09
N ASN EA 80 21.21 76.48 78.19
CA ASN EA 80 20.60 76.53 76.87
C ASN EA 80 21.53 75.84 75.88
N VAL EA 81 21.01 74.84 75.17
CA VAL EA 81 21.77 74.06 74.20
C VAL EA 81 21.20 74.34 72.83
N PRO EA 82 21.97 74.93 71.90
CA PRO EA 82 21.48 75.16 70.54
C PRO EA 82 21.60 73.92 69.68
N PHE EA 83 20.55 73.66 68.91
CA PHE EA 83 20.50 72.50 68.04
C PHE EA 83 19.69 72.86 66.81
N TYR EA 84 19.90 72.10 65.73
CA TYR EA 84 19.16 72.37 64.51
C TYR EA 84 19.01 71.08 63.71
N ILE EA 85 17.80 70.84 63.22
CA ILE EA 85 17.51 69.75 62.32
C ILE EA 85 17.06 70.39 61.01
N ASN EA 86 17.95 70.40 60.02
CA ASN EA 86 17.82 71.28 58.86
C ASN EA 86 16.68 70.93 57.90
N PRO EA 87 16.72 69.79 57.17
CA PRO EA 87 15.90 69.71 55.95
C PRO EA 87 14.48 69.25 56.16
N VAL EA 88 13.85 69.69 57.25
CA VAL EA 88 12.49 69.31 57.63
C VAL EA 88 11.93 70.40 58.52
N ASP EA 89 10.61 70.51 58.55
CA ASP EA 89 9.95 71.37 59.54
C ASP EA 89 8.99 70.60 60.44
N ALA EA 90 8.07 69.82 59.87
CA ALA EA 90 7.14 69.03 60.68
C ALA EA 90 6.65 67.86 59.83
N ARG EA 91 7.15 66.66 60.13
CA ARG EA 91 6.75 65.45 59.40
C ARG EA 91 6.41 64.37 60.40
N ASP EA 92 6.24 63.14 59.91
CA ASP EA 92 5.99 62.02 60.81
C ASP EA 92 7.28 61.48 61.41
N VAL EA 93 8.43 61.80 60.81
CA VAL EA 93 9.70 61.33 61.35
C VAL EA 93 10.20 62.21 62.47
N LEU EA 94 9.77 63.48 62.51
CA LEU EA 94 10.21 64.37 63.58
C LEU EA 94 9.50 64.08 64.89
N GLY EA 95 8.42 63.28 64.86
CA GLY EA 95 7.88 62.75 66.09
C GLY EA 95 8.71 61.63 66.66
N LEU EA 96 9.64 61.09 65.87
CA LEU EA 96 10.50 60.01 66.32
C LEU EA 96 11.84 60.51 66.84
N LEU EA 97 12.27 61.71 66.46
CA LEU EA 97 13.54 62.23 66.94
C LEU EA 97 13.45 62.59 68.41
N LYS EA 98 14.34 62.03 69.22
CA LYS EA 98 14.26 62.13 70.66
C LYS EA 98 15.53 62.74 71.23
N PHE EA 99 15.37 63.71 72.11
CA PHE EA 99 16.42 64.14 73.02
C PHE EA 99 16.38 63.26 74.26
N ASP EA 100 17.52 63.17 74.94
CA ASP EA 100 17.60 62.36 76.15
C ASP EA 100 18.79 62.83 76.96
N LEU EA 101 18.63 62.83 78.28
CA LEU EA 101 19.70 63.20 79.20
C LEU EA 101 20.18 61.93 79.90
N ILE EA 102 21.13 61.26 79.25
CA ILE EA 102 21.66 60.00 79.78
C ILE EA 102 22.67 60.32 80.86
N LYS EA 103 22.43 59.81 82.07
CA LYS EA 103 23.43 59.87 83.13
C LYS EA 103 24.45 58.77 82.90
N LEU EA 104 25.69 59.14 82.62
CA LEU EA 104 26.67 58.18 82.13
C LEU EA 104 27.20 57.28 83.23
N SER EA 105 26.85 57.55 84.49
CA SER EA 105 27.31 56.72 85.60
C SER EA 105 26.65 55.35 85.58
N ASP EA 106 25.33 55.32 85.36
CA ASP EA 106 24.59 54.07 85.40
C ASP EA 106 23.73 53.84 84.16
N LYS EA 107 23.85 54.72 83.16
CA LYS EA 107 23.19 54.62 81.85
C LYS EA 107 21.67 54.57 81.98
N SER EA 108 21.11 55.64 82.54
CA SER EA 108 19.67 55.83 82.64
C SER EA 108 19.35 57.29 82.33
N VAL EA 109 18.24 57.48 81.61
CA VAL EA 109 17.86 58.86 81.18
C VAL EA 109 17.18 59.61 82.32
N VAL EA 110 17.51 60.90 82.46
CA VAL EA 110 16.86 61.74 83.46
C VAL EA 110 15.51 62.21 82.95
N LYS EA 111 15.51 62.85 81.78
CA LYS EA 111 14.27 63.19 81.09
C LYS EA 111 14.54 63.21 79.60
N THR EA 112 13.47 63.00 78.83
CA THR EA 112 13.56 62.95 77.38
C THR EA 112 12.67 64.01 76.76
N TYR EA 113 13.08 64.50 75.59
CA TYR EA 113 12.31 65.47 74.84
C TYR EA 113 12.20 65.01 73.39
N THR EA 114 11.06 65.31 72.79
CA THR EA 114 10.89 65.11 71.36
C THR EA 114 11.39 66.36 70.64
N ALA EA 115 12.16 66.15 69.56
CA ALA EA 115 12.88 67.23 68.92
C ALA EA 115 11.99 68.15 68.10
N LYS EA 116 10.73 67.79 67.88
CA LYS EA 116 9.82 68.66 67.14
C LYS EA 116 8.93 69.50 68.05
N ASP EA 117 8.91 69.23 69.35
CA ASP EA 117 8.17 70.06 70.29
C ASP EA 117 9.04 71.09 70.98
N ILE EA 118 10.37 70.97 70.89
CA ILE EA 118 11.27 71.95 71.47
C ILE EA 118 11.27 73.15 70.53
N LYS EA 119 10.52 74.19 70.90
CA LYS EA 119 10.38 75.36 70.05
C LYS EA 119 11.65 76.21 70.09
N SER EA 120 11.80 77.06 69.07
CA SER EA 120 12.85 78.06 68.89
C SER EA 120 14.25 77.49 68.80
N GLU EA 121 14.39 76.17 68.61
CA GLU EA 121 15.67 75.47 68.38
C GLU EA 121 16.66 75.68 69.52
N ILE EA 122 16.17 75.87 70.74
CA ILE EA 122 17.00 76.06 71.92
C ILE EA 122 16.49 75.14 73.01
N LEU EA 123 17.35 74.25 73.48
CA LEU EA 123 17.00 73.28 74.51
C LEU EA 123 17.42 73.82 75.87
N SER EA 124 16.46 74.12 76.71
CA SER EA 124 16.71 74.67 78.04
C SER EA 124 16.70 73.53 79.04
N LEU EA 125 17.85 72.91 79.23
CA LEU EA 125 17.98 71.83 80.21
C LEU EA 125 17.98 72.41 81.62
N PRO EA 126 17.10 71.95 82.50
CA PRO EA 126 17.20 72.35 83.90
C PRO EA 126 18.39 71.68 84.56
N THR EA 127 18.99 72.40 85.51
CA THR EA 127 20.08 71.85 86.32
C THR EA 127 19.66 71.59 87.75
N SER EA 128 18.38 71.71 88.06
CA SER EA 128 17.91 71.35 89.40
C SER EA 128 17.91 69.85 89.62
N ASP EA 129 17.89 69.05 88.55
CA ASP EA 129 17.90 67.61 88.65
C ASP EA 129 19.26 66.99 88.40
N LEU EA 130 20.24 67.78 87.95
CA LEU EA 130 21.57 67.24 87.69
C LEU EA 130 22.29 66.95 89.00
N GLU EA 131 23.11 65.90 88.97
CA GLU EA 131 23.86 65.48 90.14
C GLU EA 131 25.33 65.85 89.98
N VAL EA 132 26.01 65.92 91.11
CA VAL EA 132 27.35 66.47 91.18
C VAL EA 132 28.37 65.37 90.96
N ASN EA 133 29.44 65.68 90.23
CA ASN EA 133 30.58 64.80 89.93
C ASN EA 133 30.15 63.57 89.17
N GLU EA 134 29.13 63.71 88.32
CA GLU EA 134 28.62 62.61 87.50
C GLU EA 134 28.47 63.11 86.07
N GLU EA 135 29.08 62.40 85.13
CA GLU EA 135 29.06 62.83 83.74
C GLU EA 135 27.71 62.52 83.11
N TYR EA 136 27.27 63.40 82.21
CA TYR EA 136 25.99 63.26 81.54
C TYR EA 136 26.21 63.18 80.03
N GLU EA 137 25.12 62.87 79.32
CA GLU EA 137 25.13 62.78 77.88
C GLU EA 137 23.80 63.27 77.33
N LEU EA 138 23.87 64.05 76.27
CA LEU EA 138 22.69 64.57 75.58
C LEU EA 138 22.77 64.15 74.12
N LYS EA 139 21.86 63.26 73.71
CA LYS EA 139 21.96 62.59 72.43
C LYS EA 139 20.79 62.97 71.53
N LEU EA 140 20.95 62.68 70.23
CA LEU EA 140 19.90 62.81 69.22
C LEU EA 140 19.57 61.46 68.62
N TYR EA 141 19.43 60.44 69.45
CA TYR EA 141 19.26 59.09 68.95
C TYR EA 141 17.86 58.87 68.41
N PHE EA 142 17.77 58.18 67.30
CA PHE EA 142 16.51 57.58 66.93
C PHE EA 142 16.30 56.32 67.76
N PRO EA 143 15.09 56.06 68.24
CA PRO EA 143 14.83 54.80 68.93
C PRO EA 143 14.92 53.63 67.98
N LYS EA 144 15.21 52.46 68.56
CA LYS EA 144 15.40 51.26 67.74
C LYS EA 144 14.11 50.76 67.11
N ASP EA 145 12.95 51.17 67.64
CA ASP EA 145 11.66 50.81 67.07
C ASP EA 145 11.13 51.90 66.13
N ALA EA 146 12.01 52.69 65.54
CA ALA EA 146 11.59 53.69 64.56
C ALA EA 146 11.76 53.20 63.13
N SER EA 147 12.73 52.34 62.87
CA SER EA 147 13.02 51.83 61.54
C SER EA 147 12.07 50.72 61.10
N GLU EA 148 11.14 50.31 61.96
CA GLU EA 148 10.29 49.16 61.64
C GLU EA 148 9.19 49.49 60.65
N ASN EA 149 8.71 50.73 60.63
CA ASN EA 149 7.53 51.11 59.87
C ASN EA 149 7.85 51.63 58.48
N TYR EA 150 9.06 51.39 57.98
CA TYR EA 150 9.48 51.93 56.70
C TYR EA 150 10.26 50.86 55.95
N ASP EA 151 10.19 50.92 54.61
CA ASP EA 151 10.89 49.97 53.75
C ASP EA 151 12.17 50.65 53.28
N ILE EA 152 13.23 50.49 54.06
CA ILE EA 152 14.50 51.14 53.75
C ILE EA 152 15.24 50.30 52.72
N ALA EA 153 15.72 50.94 51.66
CA ALA EA 153 16.41 50.26 50.57
C ALA EA 153 17.92 50.29 50.76
N ILE EA 154 18.43 49.50 51.68
CA ILE EA 154 19.85 49.45 51.98
C ILE EA 154 20.41 48.07 51.69
N SER EA 155 21.71 47.91 51.92
CA SER EA 155 22.39 46.62 51.83
C SER EA 155 22.37 45.95 53.20
N GLU EA 156 23.13 44.87 53.36
CA GLU EA 156 23.32 44.27 54.67
C GLU EA 156 24.21 45.13 55.55
N GLY EA 157 25.36 45.53 55.03
CA GLY EA 157 26.34 46.18 55.87
C GLY EA 157 26.31 47.68 55.80
N HIS EA 158 25.33 48.24 55.11
CA HIS EA 158 25.19 49.69 55.07
C HIS EA 158 24.38 50.16 56.27
N LYS EA 159 24.51 51.45 56.57
CA LYS EA 159 23.80 52.07 57.68
C LYS EA 159 22.56 52.75 57.16
N ASN EA 160 21.40 52.35 57.68
CA ASN EA 160 20.17 53.03 57.33
C ASN EA 160 20.11 54.39 58.02
N LEU EA 161 19.07 55.16 57.70
CA LEU EA 161 18.97 56.55 58.15
C LEU EA 161 18.79 56.63 59.66
N PHE EA 162 17.94 55.79 60.23
CA PHE EA 162 17.69 55.84 61.66
C PHE EA 162 18.88 55.35 62.47
N GLU EA 163 19.73 54.50 61.89
CA GLU EA 163 20.97 54.09 62.51
C GLU EA 163 22.10 55.09 62.26
N ARG EA 164 21.83 56.18 61.54
CA ARG EA 164 22.90 57.07 61.07
C ARG EA 164 23.00 58.36 61.86
N VAL EA 165 21.92 59.13 61.92
CA VAL EA 165 22.00 60.49 62.45
C VAL EA 165 21.88 60.43 63.96
N LYS EA 166 22.88 61.00 64.64
CA LYS EA 166 22.94 61.18 66.08
C LYS EA 166 24.07 62.15 66.37
N ASP EA 167 23.99 62.79 67.53
CA ASP EA 167 25.05 63.68 68.00
C ASP EA 167 24.96 63.76 69.51
N SER EA 168 26.10 63.62 70.18
CA SER EA 168 26.14 63.52 71.63
C SER EA 168 27.13 64.52 72.20
N VAL EA 169 26.72 65.22 73.25
CA VAL EA 169 27.61 66.08 74.02
C VAL EA 169 27.74 65.50 75.42
N PHE EA 170 28.71 66.02 76.18
CA PHE EA 170 29.05 65.46 77.49
C PHE EA 170 29.07 66.57 78.53
N ILE EA 171 28.08 66.57 79.42
CA ILE EA 171 27.97 67.59 80.45
C ILE EA 171 28.61 67.05 81.72
N LYS EA 172 29.68 67.70 82.19
CA LYS EA 172 30.29 67.39 83.47
C LYS EA 172 29.76 68.37 84.50
N VAL EA 173 29.07 67.85 85.51
CA VAL EA 173 28.45 68.65 86.55
C VAL EA 173 29.19 68.39 87.84
N LYS EA 174 29.99 69.37 88.28
CA LYS EA 174 30.75 69.26 89.52
C LYS EA 174 30.47 70.46 90.41
N GLU EA 175 31.12 70.47 91.56
CA GLU EA 175 30.98 71.58 92.50
C GLU EA 175 31.66 72.84 91.97
N TYR EA 176 31.20 73.98 92.47
CA TYR EA 176 31.80 75.25 92.07
C TYR EA 176 33.12 75.48 92.80
N GLY EA 177 33.07 75.54 94.12
CA GLY EA 177 34.28 75.74 94.90
C GLY EA 177 34.78 77.16 94.77
N LYS EA 178 36.10 77.31 94.61
CA LYS EA 178 36.81 78.58 94.42
C LYS EA 178 36.54 79.51 95.61
N PHE EA 179 37.14 79.15 96.74
CA PHE EA 179 36.90 79.83 97.99
C PHE EA 179 37.49 81.24 97.96
N THR EA 180 37.11 82.03 98.97
CA THR EA 180 37.61 83.37 99.17
C THR EA 180 38.46 83.40 100.45
N GLY EA 181 39.77 83.57 100.28
CA GLY EA 181 40.65 83.50 101.42
C GLY EA 181 42.10 83.70 101.01
N ARG EA 182 42.93 83.97 102.01
CA ARG EA 182 44.36 84.11 101.83
C ARG EA 182 45.13 82.88 102.28
N LEU EA 183 44.44 81.83 102.71
CA LEU EA 183 45.01 80.57 103.21
C LEU EA 183 45.94 80.82 104.40
N VAL EA 184 45.35 81.28 105.49
CA VAL EA 184 46.14 81.50 106.69
C VAL EA 184 46.43 80.17 107.38
N GLN EA 185 47.48 80.15 108.18
CA GLN EA 185 47.80 78.98 108.97
C GLN EA 185 46.87 78.90 110.18
N LEU EA 186 46.87 77.74 110.82
CA LEU EA 186 46.08 77.53 112.01
C LEU EA 186 46.89 77.18 113.24
N GLN EA 187 48.16 76.82 113.07
CA GLN EA 187 48.99 76.39 114.18
C GLN EA 187 50.45 76.59 113.78
N GLN EA 188 51.17 77.35 114.58
CA GLN EA 188 52.61 77.45 114.43
C GLN EA 188 53.29 76.31 115.18
N ASP EA 189 54.56 76.09 114.83
CA ASP EA 189 55.46 75.12 115.47
C ASP EA 189 54.88 73.70 115.41
N ILE EA 190 54.73 73.22 114.17
CA ILE EA 190 54.15 71.91 113.93
C ILE EA 190 55.18 70.84 114.30
N ASN EA 191 54.92 70.13 115.39
CA ASN EA 191 55.76 69.01 115.81
C ASN EA 191 54.93 67.74 115.78
N VAL EA 192 55.39 66.76 115.01
CA VAL EA 192 54.66 65.51 114.84
C VAL EA 192 55.55 64.35 115.29
N LEU EA 193 54.90 63.22 115.54
CA LEU EA 193 55.63 62.02 115.94
C LEU EA 193 56.28 61.36 114.73
N LYS EA 194 56.93 60.23 114.97
CA LYS EA 194 57.74 59.59 113.94
C LYS EA 194 56.87 58.93 112.87
N GLU EA 195 55.98 58.03 113.28
CA GLU EA 195 55.10 57.32 112.35
C GLU EA 195 53.68 57.72 112.67
N SER EA 196 53.18 58.71 111.95
CA SER EA 196 51.83 59.22 112.19
C SER EA 196 51.33 59.89 110.92
N ALA EA 197 50.11 60.41 110.99
CA ALA EA 197 49.49 61.08 109.86
C ALA EA 197 48.75 62.32 110.35
N LEU EA 198 48.96 63.43 109.66
CA LEU EA 198 48.41 64.73 110.07
C LEU EA 198 47.46 65.27 109.01
N PRO EA 199 46.18 65.47 109.32
CA PRO EA 199 45.25 66.00 108.32
C PRO EA 199 45.45 67.48 108.09
N LEU EA 200 45.03 67.94 106.91
CA LEU EA 200 45.21 69.33 106.55
C LEU EA 200 44.19 70.26 107.17
N ASP EA 201 43.07 69.73 107.66
CA ASP EA 201 42.03 70.57 108.23
C ASP EA 201 42.32 71.00 109.67
N LYS EA 202 43.48 70.64 110.22
CA LYS EA 202 43.86 71.08 111.55
C LYS EA 202 45.18 71.83 111.55
N ILE EA 203 45.71 72.17 110.39
CA ILE EA 203 47.00 72.85 110.31
C ILE EA 203 46.84 74.15 109.53
N LEU EA 204 45.84 74.23 108.66
CA LEU EA 204 45.65 75.40 107.82
C LEU EA 204 44.17 75.72 107.69
N GLY EA 205 43.88 77.01 107.60
CA GLY EA 205 42.54 77.48 107.32
C GLY EA 205 42.55 78.51 106.22
N TYR EA 206 41.53 79.35 106.16
CA TYR EA 206 41.48 80.42 105.16
C TYR EA 206 40.69 81.58 105.75
N LYS EA 207 41.17 82.79 105.49
CA LYS EA 207 40.58 83.99 106.07
C LYS EA 207 39.56 84.55 105.08
N ASP EA 208 38.28 84.34 105.39
CA ASP EA 208 37.19 84.79 104.53
C ASP EA 208 37.15 86.31 104.48
N PHE EA 209 36.92 86.84 103.28
CA PHE EA 209 37.04 88.28 103.05
C PHE EA 209 35.77 89.04 103.38
N ASP EA 210 34.61 88.39 103.37
CA ASP EA 210 33.38 89.06 103.78
C ASP EA 210 33.40 89.36 105.27
N THR EA 211 33.49 88.33 106.09
CA THR EA 211 33.78 88.45 107.51
C THR EA 211 35.02 87.62 107.83
N LYS EA 212 35.93 88.19 108.61
CA LYS EA 212 37.27 87.64 108.78
C LYS EA 212 37.20 86.44 109.72
N GLU EA 213 36.80 85.31 109.16
CA GLU EA 213 36.70 84.05 109.88
C GLU EA 213 37.89 83.16 109.53
N VAL EA 214 38.29 82.32 110.48
CA VAL EA 214 39.52 81.54 110.36
C VAL EA 214 39.08 80.08 110.33
N THR EA 215 37.94 79.81 109.71
CA THR EA 215 37.41 78.45 109.64
C THR EA 215 38.31 77.59 108.74
N PRO EA 216 38.56 76.34 109.10
CA PRO EA 216 39.47 75.51 108.31
C PRO EA 216 38.82 74.99 107.05
N VAL EA 217 39.60 74.24 106.27
CA VAL EA 217 39.11 73.63 105.05
C VAL EA 217 38.46 72.28 105.36
N ALA EA 218 37.21 72.32 105.82
CA ALA EA 218 36.50 71.08 106.12
C ALA EA 218 35.86 70.49 104.87
N LYS EA 219 35.22 71.34 104.06
CA LYS EA 219 34.57 70.93 102.82
C LYS EA 219 35.60 70.67 101.72
N GLU EA 220 35.50 69.48 101.11
CA GLU EA 220 36.62 68.83 100.44
C GLU EA 220 36.76 69.19 98.97
N ASN EA 221 35.73 69.77 98.35
CA ASN EA 221 35.82 70.24 96.97
C ASN EA 221 36.72 71.45 96.79
N LEU EA 222 37.33 71.97 97.85
CA LEU EA 222 38.34 73.00 97.77
C LEU EA 222 39.76 72.44 97.78
N LEU EA 223 39.91 71.19 98.18
CA LEU EA 223 41.25 70.61 98.39
C LEU EA 223 41.98 70.32 97.10
N GLN EA 224 41.25 70.12 95.99
CA GLN EA 224 41.91 69.81 94.73
C GLN EA 224 42.62 71.01 94.13
N LEU EA 225 42.26 72.23 94.55
CA LEU EA 225 42.99 73.40 94.11
C LEU EA 225 44.24 73.65 94.95
N LEU EA 226 44.44 72.90 96.03
CA LEU EA 226 45.59 73.08 96.92
C LEU EA 226 46.66 72.08 96.50
N SER EA 227 47.67 72.57 95.80
CA SER EA 227 48.79 71.73 95.36
C SER EA 227 49.82 71.70 96.49
N VAL EA 228 49.67 70.74 97.38
CA VAL EA 228 50.57 70.61 98.52
C VAL EA 228 51.90 70.06 98.05
N ASN EA 229 52.99 70.69 98.46
CA ASN EA 229 54.33 70.31 98.04
C ASN EA 229 55.22 70.20 99.26
N VAL EA 230 55.79 69.02 99.47
CA VAL EA 230 56.70 68.79 100.59
C VAL EA 230 58.12 69.02 100.11
N SER EA 231 59.02 69.22 101.07
CA SER EA 231 60.41 69.47 100.74
C SER EA 231 61.10 68.21 100.26
N ASP EA 232 61.14 67.18 101.10
CA ASP EA 232 61.80 65.93 100.80
C ASP EA 232 60.74 64.86 100.56
N GLU EA 233 60.96 64.04 99.54
CA GLU EA 233 60.01 62.98 99.23
C GLU EA 233 60.09 61.84 100.22
N SER EA 234 61.29 61.52 100.72
CA SER EA 234 61.46 60.36 101.57
C SER EA 234 61.00 60.61 103.00
N TYR EA 235 60.97 61.86 103.44
CA TYR EA 235 60.55 62.16 104.81
C TYR EA 235 59.05 62.08 104.99
N ALA EA 236 58.30 62.85 104.21
CA ALA EA 236 56.86 62.87 104.28
C ALA EA 236 56.29 62.78 102.88
N ARG EA 237 54.97 62.57 102.80
CA ARG EA 237 54.29 62.42 101.53
C ARG EA 237 52.83 62.80 101.71
N TYR EA 238 52.30 63.61 100.80
CA TYR EA 238 50.91 64.06 100.90
C TYR EA 238 50.01 63.07 100.17
N GLN EA 239 49.05 62.50 100.89
CA GLN EA 239 48.02 61.68 100.25
C GLN EA 239 47.06 62.58 99.50
N ALA EA 240 46.78 62.24 98.24
CA ALA EA 240 45.90 63.06 97.43
C ALA EA 240 44.44 62.69 97.62
N ASP EA 241 44.14 61.39 97.77
CA ASP EA 241 42.77 60.95 98.01
C ASP EA 241 42.27 61.42 99.36
N LYS EA 242 43.11 61.39 100.38
CA LYS EA 242 42.81 62.00 101.65
C LYS EA 242 43.38 63.41 101.66
N ASN EA 243 43.43 64.04 102.83
CA ASN EA 243 44.07 65.33 103.03
C ASN EA 243 45.12 65.24 104.13
N ARG EA 244 45.89 64.16 104.12
CA ARG EA 244 46.84 63.89 105.19
C ARG EA 244 48.26 63.84 104.63
N LEU EA 245 49.21 64.09 105.53
CA LEU EA 245 50.63 63.89 105.25
C LEU EA 245 51.09 62.60 105.91
N LEU EA 246 52.06 61.94 105.31
CA LEU EA 246 52.46 60.59 105.73
C LEU EA 246 53.90 60.63 106.24
N PHE EA 247 54.07 60.69 107.55
CA PHE EA 247 55.39 60.83 108.14
C PHE EA 247 56.06 59.47 108.27
N PHE EA 248 57.14 59.27 107.53
CA PHE EA 248 57.85 58.01 107.52
C PHE EA 248 58.91 57.98 108.60
N SER EA 249 59.83 57.01 108.50
CA SER EA 249 60.81 56.75 109.55
C SER EA 249 61.84 57.87 109.70
N LYS EA 250 62.14 58.58 108.62
CA LYS EA 250 63.09 59.70 108.69
C LYS EA 250 62.48 60.86 109.46
N THR EA 251 63.28 61.43 110.36
CA THR EA 251 62.85 62.53 111.21
C THR EA 251 63.75 63.75 111.00
N GLY EA 252 63.16 64.94 111.10
CA GLY EA 252 63.91 66.16 110.92
C GLY EA 252 63.01 67.30 110.49
N GLU EA 253 63.63 68.29 109.84
CA GLU EA 253 62.92 69.46 109.33
C GLU EA 253 62.39 69.17 107.93
N ILE EA 254 61.16 69.57 107.67
CA ILE EA 254 60.59 69.54 106.33
C ILE EA 254 59.84 70.83 106.09
N LEU EA 255 59.82 71.26 104.84
CA LEU EA 255 59.04 72.42 104.42
C LEU EA 255 57.87 71.94 103.56
N VAL EA 256 56.66 72.23 104.01
CA VAL EA 256 55.44 71.82 103.33
C VAL EA 256 54.84 73.07 102.70
N LYS EA 257 54.92 73.17 101.38
CA LYS EA 257 54.51 74.37 100.65
C LYS EA 257 53.12 74.14 100.08
N VAL EA 258 52.12 74.77 100.67
CA VAL EA 258 50.74 74.68 100.19
C VAL EA 258 50.49 75.86 99.26
N ILE EA 259 50.10 75.56 98.02
CA ILE EA 259 49.90 76.57 97.00
C ILE EA 259 48.47 76.49 96.48
N GLU EA 260 47.77 77.62 96.50
CA GLU EA 260 46.46 77.75 95.87
C GLU EA 260 46.63 78.49 94.55
N ARG EA 261 46.07 77.94 93.48
CA ARG EA 261 46.33 78.44 92.14
C ARG EA 261 45.42 79.58 91.71
N SER EA 262 44.23 79.72 92.32
CA SER EA 262 43.28 80.71 91.83
C SER EA 262 43.69 82.13 92.21
N ILE EA 263 43.76 82.40 93.51
CA ILE EA 263 44.14 83.73 93.98
C ILE EA 263 45.66 83.80 94.03
N GLN EA 264 46.21 84.95 93.64
CA GLN EA 264 47.65 85.13 93.62
C GLN EA 264 48.21 85.20 95.04
N ASP EA 265 49.42 84.65 95.21
CA ASP EA 265 50.22 84.70 96.43
C ASP EA 265 49.50 84.03 97.61
N ASN EA 266 49.27 82.73 97.45
CA ASN EA 266 48.82 81.89 98.55
C ASN EA 266 49.88 80.85 98.90
N ILE EA 267 51.15 81.23 98.79
CA ILE EA 267 52.25 80.33 99.14
C ILE EA 267 52.33 80.26 100.66
N VAL EA 268 51.92 79.12 101.22
CA VAL EA 268 51.90 78.90 102.66
C VAL EA 268 53.02 77.92 102.97
N ASN EA 269 53.81 78.23 104.00
CA ASN EA 269 54.98 77.44 104.35
C ASN EA 269 54.86 76.96 105.78
N PHE EA 270 54.95 75.65 105.97
CA PHE EA 270 54.93 75.04 107.30
C PHE EA 270 56.30 74.44 107.59
N ASN EA 271 56.87 74.83 108.73
CA ASN EA 271 58.11 74.23 109.21
C ASN EA 271 57.72 73.12 110.18
N ILE EA 272 57.69 71.89 109.68
CA ILE EA 272 57.26 70.74 110.45
C ILE EA 272 58.49 69.99 110.95
N ARG EA 273 58.51 69.69 112.25
CA ARG EA 273 59.59 68.93 112.86
C ARG EA 273 59.08 67.54 113.19
N ILE EA 274 59.69 66.54 112.57
CA ILE EA 274 59.39 65.14 112.88
C ILE EA 274 60.32 64.68 113.97
N LEU EA 275 59.76 64.03 114.99
CA LEU EA 275 60.55 63.63 116.15
C LEU EA 275 60.13 62.24 116.61
N ASP EA 276 61.06 61.57 117.30
CA ASP EA 276 60.90 60.17 117.69
C ASP EA 276 60.06 60.05 118.95
N GLU EA 277 60.05 58.85 119.53
CA GLU EA 277 59.40 58.61 120.81
C GLU EA 277 60.20 59.19 121.96
N GLU EA 278 61.49 58.86 122.04
CA GLU EA 278 62.34 59.33 123.12
C GLU EA 278 63.05 60.64 122.81
N THR EA 279 62.68 61.32 121.72
CA THR EA 279 63.06 62.71 121.56
C THR EA 279 62.25 63.60 122.50
N ILE EA 280 61.06 63.13 122.91
CA ILE EA 280 60.25 63.89 123.84
C ILE EA 280 60.81 63.81 125.26
N GLN EA 281 61.14 62.59 125.71
CA GLN EA 281 61.41 62.39 127.14
C GLN EA 281 62.77 62.93 127.57
N ASN EA 282 63.73 63.11 126.66
CA ASN EA 282 65.02 63.64 127.08
C ASN EA 282 64.99 65.16 127.20
N GLU EA 283 63.91 65.80 126.74
CA GLU EA 283 63.79 67.25 126.85
C GLU EA 283 62.55 67.69 127.61
N ILE EA 284 61.74 66.76 128.10
CA ILE EA 284 60.64 67.14 128.97
C ILE EA 284 61.14 67.51 130.37
N ASP EA 285 62.33 67.03 130.75
CA ASP EA 285 62.88 67.36 132.06
C ASP EA 285 63.60 68.71 132.05
N LYS EA 286 64.24 69.07 130.93
CA LYS EA 286 64.94 70.33 130.83
C LYS EA 286 64.04 71.50 130.40
N LYS EA 287 62.72 71.31 130.51
CA LYS EA 287 61.72 72.38 130.52
C LYS EA 287 61.66 73.11 129.18
N ILE EA 288 61.60 72.32 128.11
CA ILE EA 288 61.39 72.83 126.76
C ILE EA 288 59.91 72.60 126.45
N GLU EA 289 59.08 73.61 126.73
CA GLU EA 289 57.63 73.46 126.66
C GLU EA 289 57.14 73.87 125.27
N TYR EA 290 56.64 72.89 124.53
CA TYR EA 290 56.02 73.12 123.23
C TYR EA 290 55.01 72.00 123.00
N SER EA 291 54.27 72.10 121.90
CA SER EA 291 53.18 71.18 121.63
C SER EA 291 53.54 70.21 120.52
N VAL EA 292 53.09 68.97 120.66
CA VAL EA 292 53.27 67.92 119.66
C VAL EA 292 51.90 67.39 119.29
N TYR EA 293 51.64 67.24 117.99
CA TYR EA 293 50.33 66.81 117.51
C TYR EA 293 50.03 65.38 117.93
N ASP EA 294 48.86 65.18 118.52
CA ASP EA 294 48.41 63.86 118.96
C ASP EA 294 47.38 63.35 117.98
N PRO EA 295 47.66 62.29 117.22
CA PRO EA 295 46.75 61.89 116.14
C PRO EA 295 45.52 61.12 116.59
N LYS EA 296 45.46 60.69 117.85
CA LYS EA 296 44.31 59.93 118.30
C LYS EA 296 43.11 60.81 118.56
N ASP EA 297 43.31 62.10 118.80
CA ASP EA 297 42.20 63.01 119.08
C ASP EA 297 42.22 64.29 118.26
N GLY EA 298 43.31 64.61 117.57
CA GLY EA 298 43.37 65.72 116.66
C GLY EA 298 43.88 67.02 117.27
N LYS EA 299 43.72 67.22 118.57
CA LYS EA 299 44.18 68.44 119.20
C LYS EA 299 45.66 68.36 119.53
N PHE EA 300 46.31 69.53 119.48
CA PHE EA 300 47.72 69.62 119.79
C PHE EA 300 47.93 69.63 121.30
N GLU EA 301 48.77 68.73 121.79
CA GLU EA 301 49.02 68.59 123.22
C GLU EA 301 50.49 68.81 123.52
N SER EA 302 50.77 69.27 124.75
CA SER EA 302 52.12 69.52 125.21
C SER EA 302 52.60 68.50 126.24
N ILE EA 303 51.81 68.28 127.28
CA ILE EA 303 52.13 67.26 128.28
C ILE EA 303 50.95 66.31 128.42
#